data_6OLG
#
_entry.id   6OLG
#
_cell.length_a   1
_cell.length_b   1
_cell.length_c   1
_cell.angle_alpha   90
_cell.angle_beta   90
_cell.angle_gamma   90
#
_symmetry.space_group_name_H-M   'P 1'
#
loop_
_entity.id
_entity.type
_entity.pdbx_description
1 polymer '60S ribosomal protein L8'
2 polymer '40S ribosomal protein SA'
3 polymer '60S ribosomal protein L3'
4 polymer '40S ribosomal protein S3a'
5 polymer '60S ribosomal protein L4'
6 polymer '40S ribosomal protein S2'
7 polymer '5.8S ribosomal RNA'
8 polymer '5S ribosomal RNA'
9 polymer '60S ribosomal protein L5'
10 polymer '60S ribosomal protein L6'
11 polymer '60S ribosomal protein L7'
12 polymer '60S ribosomal protein L7a'
13 polymer '60S ribosomal protein L9'
14 polymer '60S ribosomal protein L10'
15 polymer '60S ribosomal protein L11'
16 polymer '60S acidic ribosomal protein P0'
17 polymer '60S ribosomal protein L13'
18 polymer '60S ribosomal protein L14'
19 polymer '60S ribosomal protein L15'
20 polymer '60S ribosomal protein L13a'
21 polymer '60S ribosomal protein L17'
22 polymer '60S ribosomal protein L18'
23 polymer '60S ribosomal protein L19'
24 polymer '60S ribosomal protein L18a'
25 polymer '60S ribosomal protein L21'
26 polymer '60S ribosomal protein L22'
27 polymer '60S ribosomal protein L23'
28 polymer '60S ribosomal protein L24'
29 polymer '60S ribosomal protein L23a'
30 polymer '60S ribosomal protein L26'
31 polymer '60S ribosomal protein L27'
32 polymer '60S ribosomal protein L27a'
33 polymer '60S ribosomal protein L29'
34 polymer '60S ribosomal protein L30'
35 polymer '60S ribosomal protein L31'
36 polymer '60S ribosomal protein L32'
37 polymer '60S ribosomal protein L35a'
38 polymer '60S ribosomal protein L34'
39 polymer '60S ribosomal protein L35'
40 polymer '60S ribosomal protein L36'
41 polymer '60S ribosomal protein L37'
42 polymer '60S ribosomal protein L38'
43 polymer '60S ribosomal protein L39'
44 polymer '60S ribosomal protein L40'
45 polymer '60S ribosomal protein L41'
46 polymer '60S ribosomal protein L36a'
47 polymer '60S ribosomal protein L37a'
48 polymer '60S ribosomal protein L12'
49 polymer '60S ribosomal protein L28'
50 polymer '60S ribosomal protein L10a'
51 polymer '28S ribosomal RNA'
52 polymer '18S ribosomal RNA'
53 polymer '40S ribosomal protein S3'
54 polymer '40S ribosomal protein S4, Y isoform 1'
55 polymer '40S ribosomal protein S5'
56 polymer '40S ribosomal protein S6'
57 polymer '40S ribosomal protein S7'
58 polymer '40S ribosomal protein S8'
59 polymer '40S ribosomal protein S9'
60 polymer '40S ribosomal protein S10'
61 polymer '40S ribosomal protein S11'
62 polymer '40S ribosomal protein S12'
63 polymer '40S ribosomal protein S13'
64 polymer '40S ribosomal protein S14'
65 polymer '40S ribosomal protein S15'
66 polymer '40S ribosomal protein S16'
67 polymer '40S ribosomal protein S17'
68 polymer '40S ribosomal protein S18'
69 polymer '40S ribosomal protein S19'
70 polymer '40S ribosomal protein S20'
71 polymer '40S ribosomal protein S21'
72 polymer '40S ribosomal protein S15a'
73 polymer '40S ribosomal protein S23'
74 polymer '40S ribosomal protein S24'
75 polymer '40S ribosomal protein S25'
76 polymer '40S ribosomal protein S26'
77 polymer '40S ribosomal protein S27'
78 polymer '40S ribosomal protein S28'
79 polymer '40S ribosomal protein S29'
80 polymer '40S ribosomal protein S30'
81 polymer '40S ribosomal protein S27a'
82 polymer 'Receptor of activated protein C kinase 1'
83 polymer tRNA
84 polymer mRNA
85 polymer Cadherin-1
86 non-polymer 'MAGNESIUM ION'
87 non-polymer 'ZINC ION'
88 non-polymer N-(3-chloropyridin-2-yl)-N-[(3R)-piperidin-3-yl]-4-(3H-[1,2,3]triazolo[4,5-b]pyridin-3-yl)benzamide
#
loop_
_entity_poly.entity_id
_entity_poly.type
_entity_poly.pdbx_seq_one_letter_code
_entity_poly.pdbx_strand_id
1 'polypeptide(L)'
;MGRVIRGQRKGAGSVFRAHVKHRKGAARLRAVDFAERHGYIKGIVKDIIHDPGRGAPLAKVVFRDPYRFKKRTELFIAAE
GIHTGQFVYCGKKAQLNIGNVLPVGTMPEGTIVCCLEEKPGDRGKLARASGNYATVISHNPETKKTRVKLPSGSKKVISS
ANRAVVGVVAGGGRIDKPILKAGRAYHKYKAKRNCWPRVRGVAMNPVEHPFGGGNHQHIGKPSTIRRDAPAGRKVGLIAA
RRTGRLRGTKTVQEKEN
;
AA
2 'polypeptide(L)'
;LDVLQMKEEDVLKFLAAGTHLGGTNLDFQMEQYIYKRKSDGIYIINLKRTWEKLLLAARAIVAIENPADVSVISSRNTGQ
RAVLKFAAATGATPIAGRFTPGTFTNQIQAAFREPRLLVVTDPRADHQPLTEASYVNLPTIALCNTDSPLRYVDIAIPCN
NKGAHSVGLMWWMLAREVLRMRGTISREHPWEVMPDLYFYRDPEEIEKEEQAAAE
;
BA
3 'polypeptide(L)'
;SHRKFSAPRHGSLGFLPRKRSSRHRGKVKSFPKDDPSKPVHLTAFLGYKAGMTHIVREVDRPGSKVNKKEVVEAVTIVET
PPMVVVGIVGYVETPRGLRTFKTVFAEHISDECKRRFYKNWHKSKKKAFTKYCKKWQDEDGKKQLEKDFSSMKKYCQVIR
VIAHTQMRLLPLRQKKAHLMEIQVNGGTVAEKLDWARERLEQQVPVNQVFGQDEMIDVIGVTKGKGYKGVTSRWHTKKLP
RKTHRGLRKVACIGAWHPARVAFSVARAGQKGYHHRTEINKKIYKIGQGYLIKDGKLIKNNASTDYDLSDKSINPLGGFV
HYGEVTNDFVMLKGCVVGTKKRVLTLRKSLLVQTKRRALEKIDLKFIDTTSKFGHGRFQTMEEKKAFMGPLKKD
;
AB
4 'polypeptide(L)'
;VDPFSKKDWYDVKAPAMFNIRNIGKTLVTRTQGTKIASDGLKGRVFEVSLADLQNDEVAFRKFKLITEDVQGKNCLTNFH
GMDLTRDKMCSMVKKWQTMIEAHVDVKTTDGYLLRLFCVGFTKKRNNQIRKTSYAQHQQVRQIRKKMMEIMTREVQTNDL
KEVVNKLIPDSIGKDIEKACQSIYPLHDVFVRKVKMLKKPKFELGKLMELHG
;
BB
5 'polypeptide(L)'
;CARPLISVYSEKGESSGKNVTLPAVFKAPIRPDIVNFVHTNLRKNNRQPYAVSELAGHQTSAESWGTGRAVARIPRVRGG
GTHRSGQGAFGNMCRGGRMFAPTKTWRRWHRRVNTTQKRYAICSALAASALPALVMSKGHRIEEVPELPLVVEDKVEGYK
KTKEAVLLLKKLKAWNDIKKVYASQRMRAGKGKMRNRRRIQRRGPCIIYNEDNGIIKAFRNIPGITLLNVSKLNILKLAP
GGHVGRFCIWTESAFRKLDELYGTWRKAASLKSNYNLPMHKMINTDLSRILKSPEIQRALRAPRKKIHRRVLKKNPLKNL
RIMLKLNPYAKTMRRNTILRQARNHKLRVDKAAAAAAALQAKS
;
AC
6 'polypeptide(L)'
;DKEWMPVTKLGRLVKDMKIKSLEEIYLFSLPIKESEIIDFFLGASLKDEVLKIMPVQKQTRAGQRTRFKAFVAIGDYNGH
VGLGVKCSKEVATAIRGAIILAKLSIVPVRRGYWGNKIGKPHTVPCKVTGRCGSVLVRLIPAPRGTGIVSAPVPKKLLMM
AGIDDCYTSARGCTATLGNFAKATFDAISKTYSYLTPDLWKETVFTKSPYQEFTDHLVKTHT
;
BC
7 'polyribonucleotide'
;CGACUCUUAGCGGUGGAUCACUCGGCUCGUGCGUCGAUGAAGAACGCAGCUAGCUGCGAGAAUUAAUGUGAAUUGCAGGA
CACAUUGAUCAUCGACACUUCGAACGCACUUGCGGCCCCGGGUUCCUCCCGGGGCUACGCCUGUCUGAGCGUCGCUU
;
A3
8 'polyribonucleotide'
;GUCUACGGCCAUACCACCCUGAACGCGCCCGAUCUCGUCUGAUCUCGGAAGCUAAGCAGGGUCGGGCCUGGUUAGUACUU
GGAUGGGAGACCGCCUGGGAAUACCGGGUGCUGUAGGCU
;
A4
9 'polypeptide(L)'
;VKVVKNKAYFKRYQVKFRRRREGKTDYYARKRLVIQDKNKYNTPKYRMIVRVTNRDIICQIAYARIEGDMIVCAAYAHEL
PKYGVKVGLTNYAAAYCTGLLLARRLLNRFGMDKIYEGQVEVTGDEYNVESIDGQPGAFTCYLDAGLARTTTGNKVFGAL
KGAVDGGLSIPHSTKRFPGYDSESKEFNAEVHRKHIMGQNVADYMRYLMEEDEDAYKKQFSQYIKNSVTPDMMEEMYKKA
HAAIRENPVYEKKPKKEVKKKRWNRPKMSLAQKKDRVAQKKASFLRAQERAAES
;
AD
10 'polypeptide(L)'
;PVGGDKNGGTRVVKLRKMPRYYPTEDVPRKLLSHGKKPFSQHVRKLRASITPGTILIILTGRHRGKRVVFLKQLASGLLL
VTGPLVLNRVPLRRTHQKFVIATSTKIDISNVKIPKHLTDAYFKKKKLRKPRHQEGEIFDTEKEKYEITEQRKIDQKAVD
SQILPKIKAIPQLQGYLRSVFALTNGIYPHKLVF
;
AE
11 'polypeptide(L)'
;PETLKKKRRNFAELKIKRLRKKFAQKMLRKARRKLIYEKAKHYHKEYRQMYRTEIRMARMARKAGNFYVPAEPKLAFVIR
IRGINGVSPKVRKVLQLLRLRQIFNGTFVKLNKASINMLRIVEPYIAWGYPNLKSVNELIYKRGYGKINKKRIALTDNAL
IARSLGKYGIICMEDLIHEIYTVGKRFKEANNFLWPFKLSSPRGGMKKKTTHFVEGGDAGNREDQINRLIRRMN
;
AF
12 'polypeptide(L)'
;NPLFEKRPKNFGIGQDIQPKRDLTRFVKWPRYIRLQRQRAILYKRLKVPPAINQFTQALDRQTATQLLKLAHKYRPETKQ
EKKQRLLARAEKKAAGKGDVPTKRPPVLRAGVNTVTTLVENKKAQLVVIAHDVDPIELVVFLPALCRKMGVPYCIIKGKA
RLGRLVHRKTCTTVAFTQVNSEDKGALAKLVEAIRTNYNDRYDEIRRHWGGNVLGPKSVARIAKLEKAKAKELA
;
AG
13 'polypeptide(L)'
;MKTILSNQTVDIPENVDITLKGRTVIVKGPRGTLRRDFNHINVELSLLGKKKKRLRVDKWWGNRKELATVRTICSHVQNM
IKGVTLGFRYKMRSVYAHFPINVVIQENGSLVEIRNFLGEKYIRRVRMRPGVACSVSQAQKDELILEGNDIELVSNSAAL
IQQATTVKNKDIRKFLDGIYVSEKGTVQQAD
;
AH
14 'polypeptide(L)'
;RRPARCYRYCKNKPYPKSRFCRGVPDAKIRIFDLGRKKAKVDEFPLCGHMVSDEYEQLSSEALEAARICANKYMVKSCGK
DGFHIRVRLHPFHVIRINKMLSCAGADRLQTGMRGAFGKPQGTVARVHIGQVIMSIRTKLQNKEHVIEALRRAKFKFPGR
QKIHISKKWGFTKFNADEFEDMVAEKRLIPDGCGVKYIPNRGPLDKWRALH
;
AI
15 'polypeptide(L)'
;ENPMRELRIRKLCLNICVGESGDRLTRAAKVLEQLTGQTPVFSKARYTVRSFGIRRNEKIAVHCTVRGAKAEEILEKGLK
VREYELRKNNFSDTGNFGFGIQEHIDLGIKYDPSIGIYGLDFYVVLGRPGFSIADKKRRTGCIGAKHRISKEEAMRWFQQ
KYDGIILPG
;
AJ
16 'polypeptide(L)'
;MPREDRATWKSNYFLKIIQLLDDYPKCFIVGADNVGSKQMQQIRMSLRGKAVVLMGKNTMMRKAIRGHLENNPALEKLLP
HIRGNVGFVFTKEDLTEIRDMLLANKVPA
;
AK
17 'polypeptide(L)'
;APSRNGMVLKPHFHKDWQRRVATWFNQPARKIRRRKARQAKARRIAPRPASGPIRPIVRCPTVRYHTKVRAGRGFSLEEL
RVAGIHKKVARTIGISVDPRRRNKSTESLQANVQRLKEYRSKLILFPRKPSAPKKGDSSAEELKLATQLTGPVMPVRNVY
KKEKARVITEEEKNFKAFASLRMARANARLFGIRAKRAKEAAEQD
;
AL
18 'polypeptide(L)'
;VFRRFVEVGRVAYVSFGPHAGKLVAIVDVIDQNRALVDGPCTQVRRQAMPFKCMQLTDFILKFPHSAHQKYVRQAWQKAD
INTKWAATRWAKKIEARERKAKMTDFDRFKVMKAKKMRNRIIKNEVKKLQKAALLKASP
;
AM
19 'polypeptide(L)'
;GAYKYIQELWRKKQSDVMRFLLRVRCWQYRQLSALHRAPRPTRPDKARRLGYKAKQGYVIYRIRVRRGGRKRPVPKGATY
GKPVHHGVNQLKFARSLQSVAEERAGRHCGALRVLNSYWVGEDSTYKFFEVILIDPFHKAIRRNPDTQWITKPVHKHREM
RGLTSAGRKSRGLGKGHKFHHTIGGSRRAAWRRRNTLQLHRYR
;
AN
20 'polypeptide(L)'
;QVLVLDGRGHLLGRLAAIVAKQVLLGRKVVVVRCEGINISGNFYRNKLKYLAFLRKRMNTNPSRGPYHFRAPSRIFWRTV
RGMLPHKTKRGQAALDRLKVFDGIPPPYDKKKRMVVPAALKVVRLKPTRKFAYLGRLAHEVGWKYQAVTATLEEKRKEKA
KIHYRKKKQLMRLRKQAEKNVEKKIDKYTEVLKTH
;
AO
21 'polypeptide(L)'
;VRYSLDPENPTKSCKSRGSNLRVHFKNTRETAQAIKGMHIRKATKYLKDVTLQKQCVPFRRYNGGVGRCAQAKQWGWTQG
RWPKKSAEFLLHMLKNAESNAELKGLDVDSLVIEHIQVNKAPKMRRRTYRAHGRINPYMSSPCHIEMILTEKE
;
AP
22 'polypeptide(L)'
;GVDIRHNKDRKVRRKEPKSQDIYLRLLVKLYRFLARRTNSTFNQVVLKRLFMSRTNRPPLSLSRMIRKMKLPGRENKTAV
VVGTITDDVRVQEVPKLKVCALRVTSRARSRILRAGGKILTFDQLALDSPKGCGTVLLSGPRKGREVYRHFGKAPGTPHS
HTKPYVRSKGRKFERARGRRASRGYKN
;
AQ
23 'polypeptide(L)'
;SMLRLQKRLASSVLRCGKKKVWLDPNETNEIANANSRQQIRKLIKDGLIIRKPVTVHSRARCRKNTLARRKGRHMGIGKR
KGTANARMPEKVTWMRRMRILRRLLRRYRESKKIDRHMYHSLYLKVKGNVFKNKRILMEHIHKLKADKARKKLLADQAEA
RRSKTKEARKRREERLQAKKE
;
AR
24 'polypeptide(L)'
;MKASGTLREYKVVGRCLPTPKCHTPPLYRMRIFAPNHVVAKSRFWYFVSQLKKMKKSSGEIVYCGQVFEKSPLRVKNFGI
WLRYDSRSGTHNMYREYRDLTTAGAVTQCYRDMGARHRARAHSIQIMKVEEIAASKCRRPAVKQFHDSKIKFPLPHRVLR
RQHKPRFTTKRPNTF
;
AS
25 'polypeptide(L)'
;TNTKGKRRGTRYMFSRPFRKHGVVPLATYMRIYKKGDIVDIKGMGTVQKGMPHKCYHGKTGRVYNVTQHAVGIVVNKQVK
GKILAKRINVRIEHIKHSKSRDSFLKRVKENDQKKKEAKEKGTWVQLKRQPAPPREAHFVRTNGKEPELLEPIPYEF
;
AT
26 'polypeptide(L)'
;VLKFTLDCTHPVEDGIMDAANFEQFLQERIKVNGKAGNLGGGVVTIERSKSKITVTSEVPFSKRYLKYLTKKYLKKNNLR
DWLRVVANSKESYELRYFQ
;
AU
27 'polypeptide(L)'
;AKFRISLGLPVGAVINCADNTGAKNLYIISVKGIKGRLNRLPAAGVGDMVMATVKKGKPELRKKVHPAVVIRQRKSYRRK
DGVFLYFEDNAGVIVNNKGEMKGSAITGPVAKECADLWPRIASNAGSIA
;
AV
28 'polypeptide(L)'
;KVELCSFSGYKIYPGHGRRYARTDGKVFQFLNAKCESAFLSKRNPRQINWTVLYRRKHKKGQSEEIQKKRTRRAVKFQRA
ITGASLADIMAKRNQKPEVRKAQREQAIRAAKEAKKAKQAS
;
AW
29 'polypeptide(L)'
;KIRTSPTFRRPKTLRLRRQPKYPRKSAPRRNKLDHYAIIKFPLTTESAMKKIEDNNTLVFIVDVKANKHQIKQAVKKLYD
IDVAKVNTLIRPDGEKKAYVRLAPDYDALDVANKIGI
;
AX
30 'polypeptide(L)'
;MKFNPFVTSDRSKNRKRHFNAPSHIRRKIMSSPLSKELRQKYNVRSMPIRKDDEVQVVRGHYKGQQIGKVVQVYRKKYVI
YIERVQREKANGTTVHVGIHPSKVVITRLKLDKDRKKILERKAKSRQ
;
AY
31 'polypeptide(L)'
;KFMKPGKVVLVLAGRYSGRKAVIVKNIDDGTSDRPYSHALVAGIDRYPRKVTAAMGKKKIAKRSKIKSFVKVYNYNHLMP
TRYSVDIPLDKTVVNKDVFRDPALKRKARREAKVKFEERYKTGKNKWFFQKLRF
;
AZ
32 'polypeptide(L)'
;PSRLRKTRKLRGHVSHGHGRIGKHRKHPGGRGNAGGLHHHRINFDKYHPGYFGKVGMKHYHLKRNQSFCPTVNLDKLWTL
VSEQTRVNAAKNKTGAAPIIDVVRSGYYKVLGKGKLPKQPVIVKAKFFSRRAEEKIKSVGGACVLVA
;
Aa
33 'polypeptide(L)'
;AKSKNHTTHNQSRKWHRNGIKKPRSQRYESLKGVDPKFLRNMRFAKKHNKKGLKKMQANNAKAMSARAEAIKALVKPKEV
KPKIPKGVSRKLDRLAYIAHPKLGKRARARIAKGLRLCRPK
;
Ab
34 'polypeptide(L)'
;TKKSLESINSRLQLVMKSGKYVLGYKQTLKMIRQGKAKLVILANNCPALRKSEIEYYAMLAKTGVHHYSGNNIELGTACG
KYYRVCTLAIIDPGDSDIIRSMP
;
Ac
35 'polypeptide(L)'
;NEVVTREYTINIHKRIHGVGFKKRAPRALKEIRKFAMKEMGTPDVRIDTRLNKAVWAKGIRNVPYRIRVRLSRKRNEDED
SPNKLYTLVTYVPVTTFKNLQTVNVD
;
Ad
36 'polypeptide(L)'
;AALRPLVKPKIVKKRTKKFIRHQSDRYVKIKRNWRKPRGIDNRVRRRFKGQILMPNIGYGSNKKTKHMLPSGFRKFLVHN
VKELEVLLMCNKSYCAEIAHNVSSKNRKAIVERAAQLAIRVTNPNARLR
;
Ae
37 'polypeptide(L)'
;SGRLWSKAIFAGYKRGLRNQREHTALLKIEGVYARDETEFYLGKRCAYVYKAKNNTVTPGGKPNKTRVIWGKVTRAHGNS
GMVRAKFRSNLPAKAIGHRIRVMLYPSRI
;
Af
38 'polypeptide(L)'
;VQRLTYRRRLSYNTASNKTRLSRTPGNRIVYLYTKKVGKAPKSACGVCPGRLRGVRAVRPKVLMRLSKTKKHVSRAYGGS
MCAKCVRDRIKRAFLIEEQKIVVKVLKAQAQSQK
;
Ag
39 'polypeptide(L)'
;AKIKARDLRGKKKEELLKQLDDLKVELSQLRVAKVTGGAASKLSKIRVVRKSIARVLTVINQTQKENLRKFYKGKKYKPL
DLRPKKTRAMRRRLNKHEENLKTKKQQRKERLYPLRKYAVKA
;
Ah
40 'polypeptide(L)'
;YPMAVGLNKGHKVTKNVSKPRHSRRRGRLTKHTKFVRDMIREVCGFAPYERRAMELLKVSKDKRALKFIKKRVGTHIRAK
RKREELSNVLAAMRKAA
;
Ai
41 'polypeptide(L)'
;TKGTSSFGKRRNKTHTLCRRCGSKAYHLQKSTCGKCGYPAKRKRKYNWSAKAKRRNTTGTGRMRHLKIVYRRFRHGFREG
TTPK
;
Aj
42 'polypeptide(L)' PRKIEEIKDFLLTARRKDAKSVKIKKNKDNVKFKVRCSRYLYTLVITDKEKAEKLKQSLPPGLAVKELK Ak
43 'polypeptide(L)' SSHKTFRIKRFLAKKQKQNRPIPQWIRMKTGNKIRYNSKRRHWRRTKLGL Al
44 'polypeptide(L)' IEPSLRQLAQKYNCDKMICRKCYARLHPRAVNCRKKKCGHTNNLRPKKKV Am
45 'polypeptide(L)' MRAKWRKKRMRRLKRKRRKMRQRSK An
46 'polypeptide(L)'
;VNVPKTRRTFCKKCGKHQPHKVTQYKKGKDSLYAQGKRRYDRKQSGYGGQTKPIFRKKAKTTKKIVLRLECVEPNCRSKR
MLAIKRCKHFELGGDKKRKGQVIQF
;
Ao
47 'polypeptide(L)'
;AKRTKKVGIVGKYGTRYGASLRKMVKKIEISQHAKYTCSFCGKTKMKRRAVGIWHCGSCMKTVAGGAWTYNTTSAVTVKS
AIRRLKELKDQ
;
Ap
48 'polypeptide(L)'
;PNEIKVVYLRCTGGEVGATSALAPKIGPLGLSPKKVGDDIAKATGDWKGLRITVKLTIQNRQAQIEVVPSASALIIKALK
EPPRDRKKQKNIKHSGNITFDEIVNIARQMRHRSLARELSGTIKEILGTAQSVGCNVD
;
Aq
49 'polypeptide(L)'
;SAHLQWMVVRNCSSFLIKRNKQTYSTEPNNLKARNSFRYNGLIHRKTVGVEPAADGKGVVVVIKRRSGQRKPATSYVRTT
INKNARATLSSIRHMIRKNKYRPDLRMAAIRRASAILRSQKP
;
At
50 'polypeptide(L)'
;MSSKVSRDTLYEAVREVLHGNQRKRRKFLETVELQISLKNYDPQKDKRFSGTVRLKSTPRPKFSVCVLGDQQHCDEAKAV
DIPHMDIEALKKLNKNKKLVKKLAKKYDAFLASESLIKQIPRILGPGLNKAGKFPSLLTHNENMVAKVDEVKSTIKFQMK
KVLCLAVAVGHVKMTDDELVYNIHLAVNFLVSLLKKNWQNVRALYIKSTMGKPQRLY
;
Au
51 'polyribonucleotide'
;CGCGACCUCAGAUCAGACGUGGCGACCCGCUGAAUUUAAGCAUAUUAGUCAGCGGAGGAAAAGAAACUAACCAGGAUUCC
CUCAGUAACGGCGAGUGAACAGGGAAGAGCCCAGCGCCGAAUCCCCGCCCCGCGGGGCGCGGGACAUGUGGCGUACGGAA
GACCCGCUCCCCGGCGCCGCUCGUGGGGGGCCCAAGUCCUUCUGAUCGAGGCCCAGCCCGUGGACGGUGUGAGGCCGGUA
GCGGCCCCCGGCGCGCGCCCGGGUCUUCCCGGAGUCGGGUUGCUUGGGAAUGCAGCCCAAAGCGGGUGGUAAACUCCAUC
UAAGGCUAAAUACCGGCACGAGACCGAUAGUCAACAAGUACCGUAAGGGAAAGUUGAAAAGAACUUUGAAGAGAGAGUUC
AAGAGGGCGUGAAACCGUUAAGAGGUAAACGGGUGGGGUCCGCGCAGUCCGCCCGGAGGAUUCAACCCGGCGGCGGGUCC
GGCCGUGUCGGCGGCCCGGCGGAUCUUUCCCGCCCCCGGGGUCGGCGGGGGACCGUCCCCCGGACCGGCGACCGGCCGCC
GCCGGGCGCAUUUCCAGGCGGUGCGCCGCGACCGGCUCCGGGACGGCUGGGAAGGCCCGGCGGGGAAGGUGGCUCGGGGC
CCCCGAGUGUUACAGCCCCCCCGGCAGCAGCACUCGCCGAAUCCCGGGGCCGAGGGAGCGAGACCCGUCGCCGCGCUCUC
CCCCCUGGGGGGGCCGGGCCACCCCUCCCACGGCGCGACCGCUCUCCCAGGGGGCGGGGCGGACUGUCCCCAGUGCGCCC
CGGGCGGGUCGCGCCGUCGGGCCCGGGGGGCCACGCGCGCGUCCCGGGACGGCGGAGCGAGCGCACGGGGUCGGCGGCGA
CGUCGGCUACCCACCCGACCCGUCUUGAAACACGGACCAAGGAGUCUAACACGUGCGCGAGUCGGGGGCUCGCACGAAAG
CCGCCGUGGCGCAAUGAAGGUGAAGGCCGGCGCGCUCGCCGGCCGAGGUGGGAUCCCGAGGCCUCUCCAGUCCGCCGAGG
GGCACCACCGGCCCGUCUCGCCCGCCGCGCCGGGGAGGUGGAGCACGAGCGCACGUGUUAGGACCCGAAAGAUGGUGAAC
UAUGCCUGGGCAGGGCGAAGCCAGAGGAAACUCUGGUGGAGGUCCGUAGCGGUCCUGACGUGCAAAUCGGUCGUCCGACC
UGGGUAUAGGGGCGAAAGACUAAUCGAACCAUCUAGUAGCUGGUUCCCUCCGAAGUUUCCCUCAGGAUAGCUGGCGCUCU
CGCCCACGCAGUUUUAUCCGGUAAAGCGAAUGAUUAGAGGUCUUGGGGCCGAAACGAUCUCAACCUAUUCUCAAACUUUA
AAUGGGUAAGAAGCCCGGCUCGCUGGCGUGGAGCCGGGGUGGAAUGCGAGUGCCUAGUGGGCCACUUUUGGUAAGCAGAA
CUGGCGCUGCGGGAUGAACCGAACGCCGGGUUAAGGCGCCCGAUGCCGACGCUCAUCAGACCCCAGAAAAGGUGUUGGUU
GAUAUAGACAGCAGGACGGUGGCCAUGGAAGUCGGAAUCCGCUAAGGAGUGUGUAACAACUCACCUGCCGAAUCAACUAG
CCCUGAAAAUGGAUGGCGCUGGAGCGUCGGGCCCAUACCCGGCCGUCGCCGGCCUACGCCGCGACGAGUAGGAGGGCCGC
UGCGGUGAGCCUUGAAGCCUAGGGCGCGGGCCCGGGUGGAGCCGCCGCAGGUGCAGAUCUUGGUGGUAGUAGCAAAUAUU
CAAACGAGAACUUUGAAGGCCGAAGUGGAGAAGGGUUCCAUGUGAACAGCAGUUGAACAUGGGUCAGUCGGUCCUGAGAG
AUGGGCGAGCGCCGUUCCGAAGGGACGGGCGAUGGCCUCCGUUGCCCUCGGCCGAUCGAAAGGGAGUCGGGUUCAGAUCC
CCGAAUCCGGAGUGGCGGAGAUGGGCGCCGCGAGGCGUCCAGUGCGGUAACGCGACCGAUCCCGGAGAAGCCGGCGGGAG
CCCCGGGGAGAGUUCUCUUUUCUUUGUGAAGGGCAGGGCGCCCUGGAAUGGGUUCGCCCCGAGAGAGGGGCCCGUGCCUU
GGAAAGCGUCGCGGUUCCGGCGGCGUCCGGUGAGCUCUCGCUGGCCCUUGAAAAUCCGGGGGAGAGGGUGUAAAUCUCGC
GCCGGGCCGUACCCAUAUCCGCAGCAGGUCUCCAAGGUGAACAGCCUCUGGCAUGUUGGAACAAUGUAGGUAAGGGAAGU
CGGCAAGCCGGAUCCGUAACUUCGGGAUAAGGAUUGGCUCUAAGGGCUGGCAGCCGACUUAGAACUGGUGCGGACCAGGG
GAAUCCGACUGUUUAAUUAAAACAAAGCAUCGCGAAGGCCCGCGGCGGGUGUUGACGCGAUGUGAUUUCUGCCCAGUGCU
CUGAAUGUCAAAGUGAAGAAAUUCAAUGAAGCGCGGGUAAACGGCGGGAGUAACUAUGACUCUCUUAAGGUAGCCAAAUG
CCUCGUCAUCUAAUUAGUGACGCGCAUGAAUGGAUGAACGAGAUUCCCACUGUCCCUACCUACUAUCCAGCGAAACCACA
GCCAAGGGAACGGGCUUGGCGGAAUCAGCGGGGAAAGAAGACCCUGUUGAGCUUGACUCUAGUCUGGCACGGUGAAGAGA
CAUGAGAGGUGUAGAAUAAGUGGGAGGCCCGGGCCGCCGGUGAAAUACCACUACUCUGAUCGUUUUUUCACUGACCCGGU
GAGGCGGGGGGGCGAGCCCGAGGGGCUCUCGCUUCUGGCGCCAAGCGCCCGCCCGGCCGGGCGCGACCCGCUCCGGGGAC
AGUGCCAGGUGGGGAGUUUGACUGGGGCGGUACACCUGUCAAACGGUAACGCAGGUGUCCUAAGGCGAGCUCAGGGAGGA
CAGAAACCUCCCGUGGAGCAGAAGGGCAAAAGCUCGCUUGAUCUUGAUUUUCAGUACGAAUACAGACCGUGAAAGCGGGG
CCUCACGAUCCUUCUGACCUUUUGGGUUUUAAGCAGGAGGUGUCAGAAAAGUUACCACAGGGAUAACUGGCUUGUGGCGG
CCAAGCGUUCAUAGCGACGUCGCUUUUUGAUCCUUCGAUGUCGGCUCUUCCUAUCAUUGUGAAGCAGAAUUCGCCAAGCG
UUGGAUUGUUCACCCACUAAUAGGGAACGUGAGCUGGGUUUAGACCGUCGUGAGACAGGUUAGUUUUACCCUACUGAUGA
UGUGUUGUUGCCAUGGUAAUCCUGCUCAGUACGAGAGGAACCGCAGGUUCAGACAUUUGGUGUAUGUGCUUGGCUGAGGA
GCCAAUGGGGCGAAGCUACCAUCUGUGGGAUUAUGACUGAACGCCUCUAAGUCAGAAUCCCGCCCAGGCGGAACGAUACG
GCAGCGCCGCGGAGCCUCGGUUGGCCUCGGAUAGCCGGUCCGGGGUCCGGUGCGGAGUGCCCUUCGUCCUGGGAAACGGG
GCGCGGCCGGAAAGGCGGCCGCCCCCUCGCCCGUCACGCACCGCACGUUCGUGGGGAACCUGGCGCUAAACCAUUCGUAG
ACGACCUGCUUCUGGGUCGGGGUUUCGUACGUAGCAGAGCAGCUCCCUCGCUGCGAUCUAUUGAAAGUCAGCCCUCGACA
CAAGGGUUUGUC
;
A2
52 'polyribonucleotide'
;UACCUGGUUGAUCCUGCCAGUAGCAUAUGCUUGUCUCAAAGAUUAAGCCAUGCAUGUCUAAGUACGCACGGCCGGUACAG
UGAAACUGCGAAUGGCUCAUUAAAUCAGUUAUGGUUCCUUUGGUCGACUUGGAUAACUGUGGUAAUUCUAGAGCUAAUAC
AUGCCGACGGGCGCUGACCCCCUUCGCGGGGGGGAUGCGUGCAUUUAUCAGAUCAAAACCAACCCGGGCUUUGGUGACUC
UAGAUAACCUCGGGCCGAUCGCACGCCCCCCGUGGCGGCGACGACCCAUUCGAACGUCUGCCCUAUCAACUUUCGAUGGU
AGUCGCCGUGCCUACCAUGGUGACCACGGGUGACGGGGAAUCAGGGUUCGAUUCCGGAGAGGGAGCCUGAGAAACGGCUA
CCACAUCCAAGGAAGGCAGCAGGCGCGCAAAUUACCCACUCCCGACCCGGGGAGGUAGUGACGAAAAAUAACAAUACAGG
ACUCUUUCGAGGCCCUGUAAUUGGAAUGAGUCCACUUUAAAUCCUUUAACGAGGAUCCAUUGGAGGGCAAGUCUGGUGCC
AGCAGCCGCGGUAAUUCCAGCUCCAAUAGCGUAUAUUAAAGUUGCUGCAGUUAAAAAGCUCGUAGUUGGAUCUUGGGAGC
GGCCCCUUGCCUCUCGCCCGAAGCGUUUACUUUGAAAAAAUUAGAGUGUUCAAAGCAGGCCCGAGCCGCCUGGAUACCGC
AGCUAGGAAUAAUGGAAUAGGACCGCGGUUCUAUUUUGUUGGUUUUCGGAACUGAGGCCAUGAUUAAGAGGGACGGCCGG
GGGCAUUCGUAUUGCGCCGCUAGAGGUGAAAUUCUUGGACCGGCGCAAGACGGACCAGAGCGAAAGCAUUUGCCAAGAAU
GUUUUCAUUAAUCAAGAACGAAAGUCGGAGGUUCGAAGACGAUCAGAUACCGUCGUAGUUCCGACCAUAAACGAUGCCGA
CCGGCGAUGCGGCGGCGUUAUUCCCAUGACCCGCCGGGCAGCUUCCGGGAAACCAAAGUCUUUGGGUUCCGGGGGGAGUA
UGGUUGCAAAGCUGAAACUUAAAGGAAUUGACGGAAGGGCACCACCAGGAGUGGAGCCUGCGGCUUAAUUUGACUCAACA
CGGGAAACCUCACCCGGCCCGGACACGGACAGGAUUGACAGAUUGAUAGCUCUUUCUCGAUUCCGUGGGUGGUGGUGCAU
GGCCGUUCUUAGUUGGUGGAGCGAUUUGUCUGGUUAAUUCCGAUAACGAACGAGACUCUGGCAUGCUAACUAGUUACGCG
ACCCCCGAGCGGUAACUUCUUAGAGGGACAAGUGGCGUUCAGCCACCCGAGAUUGAGCAAUAACAGGUCUGUGAUGCCCU
UAGAUGUCCGGGGCUGCACGCGCGCUACACUGACUGGCUCAGCGUGUGCCUACCCUACGCCGGCAGGCGCGGGUAACCCG
UUGAACCCCAUUCGUGAUGGGGAUCGGGGAUUGCAAUUAUUCCCCAUGAACGAGGAAUUCCCAGUAAGUGCGGGUCAUAA
GCUUGCGUUGAUUAAGUCCCUGCCCUUUGUACACACCGCCCGUCGCUACUACCGAUUGGAUGGUUUAGUGAGGCCCUCGG
AUCGGCCCCGCCGUGGCGGAGCGCUGAGAAGACGGUCGAACUUGACUAUCUAGAGGAAGUAAAAGUCGUAACAAGGUUUC
CGUAGGUGAACCUGCGGAAGGAUCAUUA
;
B1
53 'polypeptide(L)'
;AVQISKKRKFVADGIFKAELNEFLTRELAEDGYSGVEVRVTPTRTEIIILATRTQNVLGEKGRRIRELTAVVQKRFGFPE
GSVELYAEKVATRGLCAIAQAESLRYKLLGGLAVRRACYGVLRFIMESGAKGCEVVVSGKLRGQRAKSMKFVDGLMIHSG
DPVNYYVDTAVRHVLLRQGVLGIKVKIMLPWDPTGKIGPKKPLPDHVSIVEPKDEILPTT
;
BD
54 'polypeptide(L)'
;ARGPKKHLKRVAAPKHWMLDKLTGVFAPRPSTGPHKLRECLPLIVFLRNRLKYALTGDEVKKICMQRFIKIDGKVRVDVT
YPAGFMDVISIEKTGEHFRLVYDTKGRFAVHRITVEEAKYKLCKVRKITVGVKGIPHLVTHDARTIRYPDPVIKVNDTVQ
IDLGTGKIINFIKFDTGNLCMVIGGANLGRVGVITNRERHPGSFDVVHVKDANGNSFATRLSNIFVIGNGNKPWISLPRG
KGIRLTVAEERDKRLAT
;
BE
55 'polypeptide(L)'
;PDIKLFGKWSTDDVQINDISLQDYIAVKEKYAKYLPHSAGRYAAKRFRKAQCPIVERLTNSMMMHGRNNGKKLMTVRIVK
HAFEIIHLLTGENPLQVLVNAIINSGPREDSTRIGRAGTVRRQAVDVSPLRRVNQAIWLLCTGAREAAFRNIKTIAECLA
DELINAAKGSSNSYAIKKKDELERVAKSNR
;
BF
56 'polypeptide(L)'
;MKLNISFPATGCQKLIEVDDERKLRTFYEKRMATEVAADALGEEWKGYVVRISGGNDKQGFPMKQGVLTHGRVRLLLSKG
HSCYRPRRTGERKRKSVRGCIVDANLSVLNLVIVKKGEKDIPGLTDTTVPRRLGPKRASRIRKLFNLSKEDDVRQYVVRK
PLNKEGKKPRTKAPKIQRLVTPRVLQHKRRRIALKKQRTKKNKEEAAEYAKLLAKRMKEAKEKRQEQIAKRR
;
BG
57 'polypeptide(L)'
;NGEKPDEFESGISQALLELEMNSDLKAQLRELNITAAKEIEVGGGRKAIIIFVPVPQLKSFQKIQVRLVRELEKKFSGKH
VVFIAQRRILPKPTRKSRTKNKQKRPRSRTLTAVHDAILEDLVFPSEIVGKRIRVKLDGSRLIKVHLDKAQQNNVEHKVE
TFSGVYKKLTGKDVNFEFPEFQL
;
BH
58 'polypeptide(L)'
;GISRDNWHKRRKTGGKRKPYHKKRKYELGRPAANTKIGPRRIHTVRVRGGNKKYRALRLDVGNFSWGSECCTRKTRIIDV
VYNASNNELVRTKTLVKNCIVLIDSTPYRQWYESHYALPLGRKKGAKLTPEEEEILNKKRSKKIQKKYDERKKNAKISSL
LEEQFQQGKLLACIASRPGQCGRADGYVLEGKELEFYLRKIKARKGK
;
BI
59 'polypeptide(L)'
;PVARSWVCRKTYVTPRRPFEKSRLDQELKLIGEYGLRNKREVWRVKFTLAKIRKAARELLTLDEKDPRRLFEGNALLRRL
VRIGVLDEGKMKLDYILGLKIEDFLERRLQTQVFKLGLAKSIHHARVLIRQRHIRVRKQVVNIPSFIVRLDSQKHIDFSL
RSPYGGGRPGRVKRKNAKK
;
BJ
60 'polypeptide(L)'
;MLMPKKNRIAIYELLFKEGVMVAKKDVHMPKHPELADKNVPNLHVMKAMQSLKSRGYVKEQFAWRHFYWYLTNEGIQYLR
DYLHLPPEIVPATLRRSR
;
BK
61 'polypeptide(L)'
;TERAYQKQPTIFQNKKRVLLGETGKEKLPRYYKNIGLGFKTPKEAIEGTYIDKKCPFTGNVSIRGRILSGVVTKMKMQRT
IVIRRDYLHYIRKYNRFEKRHKNMSVHLSPCFRDVQIGDIVTVGECRPLSKTVRFNVLKVTKAAGTKKQFQKF
;
BL
62 'polypeptide(L)'
;VMDVNTALQEVLKTALIHDGLARGIREAAKALDKRQAHLCVLASNCDEPMYVKLVEALCAEHQINLIKVDDNKKLGEWVG
LCKIDREGKPRKVVGCSCVVVKDYGKESQAKDVIEEYFKC
;
BM
63 'polypeptide(L)'
;GRMHAPGKGLSQSALPYRRSVPTWLKLTSDDVKEQIYKLAKKGLTPSQIGVILRDSHGVAQVRFVTGNKILRILKSKGLA
PDLPEDLYHLIKKAVAVRKHLERNRKDKDAKFRLILIESRIHRLARYYKTKRVLPPNWKYESSTASALV
;
BN
64 'polypeptide(L)'
;SLGPQVAEGENVFGVCHIFASFNDTFVHVTDLSGKETICRVTGGMKVKADRDESSPYAAMLAAQDVAQRCKELGITALHI
KLRATGGNRTKTPGPGAQSALRALARSGMKIGRIEDVTPIPSDSTRRKGGRRGRRL
;
BO
65 'polypeptide(L)'
;FRKFTYRGVDLDQLLDMSYEQLMQLYSARQRRRLNRGLRRKQHSLLKRLRKAKKEAPPMEKPEVVKTHLRDMIILPEMVG
SMVGVYNGKTFNQVEIKPEMIGHYLGEFSITYKPVKHGRP
;
BP
66 'polypeptide(L)'
;QSVQVFGRKKTATAVAHCKRGNGLIKVNGRPLEMIEPRTLQYKLLEPVLLLGKERFAGVDIRVRVKGGGHVAQIYAIRQS
ISKALVAYYQKYVDEASKKEIKDILIQYDRTLLVADPRRCESKKFGGPGARARYQKSYR
;
BQ
67 'polypeptide(L)'
;GRVRTKTVKKAARVIIEKYYTRLGNDFHTNKRVCEEIAIIPSKKLRNKIAGYVTHLMKRIQRGPVRGISIKLQEEERERR
DNYVPEVSALDQEIIEVDPDTKEMLKLLDFGSLSNLQVTQPTVGM
;
BR
68 'polypeptide(L)'
;VIPEKFQHILRVLNTNIDGRRKIAFAITAIKGVGRRYAHVVLRKADIDLTKRAGELTEDEVERVITIMQNPRQYKIPDWF
LNRQKDVKDGKYSQVLANGLDNKLREDLERLKKIRAHRGLRHFWGLRVRGQHTKTTGRR
;
BS
69 'polypeptide(L)'
;PGVTVKDVNQQEFVRALAAFLKKSGKLKVPEWVDTVKLAKHKELAPYDENWFYTRAASTARHLYLRGGAGVGSMTKIYGG
RQRNGVMPSHFSRGSKSVARRVLQALEGLKMVEKDQDGGRKLTPQGQRDLDRIAGQVAAANKK
;
BT
70 'polypeptide(L)'
;IRITLTSRNVKSLEKVCADLIRGAKEKNLKVKGPVRMPTKTLRITTRKTPCGEGSKTWDRFQMRIHKRLIDLHSPSEIVK
QITSISIEPGVEVEVTI
;
BU
71 'polypeptide(L)'
;MQNDAGEFVDLYVPRKCSASNRIIGAKDHASIQMNVAEVDKVTGRFNGQFKTYAICGAIRRMGESDDSILRLAKADGIVS
K
;
BV
72 'polypeptide(L)'
;VRMNVLADALKSINNAEKRGKRQVLIRPCSKVIVRFLTVMMKHGYIGEFEIIDDHRAGKIVVNLTGRLNKCGVISPRFDV
QLKDLEKWQNNLLPSRQFGFIVLTTSAGIMDHEEARRKHTGGKILGFFF
;
BW
73 'polypeptide(L)'
;GKCRGLRTARKLRSHRRDQKWHDKQYKKAHLGTALKANPFGGASHAKGIVLEKVGVEAKQPNSAIRKCVRVQLIKNGKKI
TAFVPNDGCLNFIEENDEVLVAGFGRKGHAVGDIPGVRFKVVKVANVSLLALYKGKKER
;
BX
74 'polypeptide(L)'
;TVTIRTRKFMTNRLLQRKQMVIDVLHPGKATVPKTEIREKLAKMYKTTPDVIFVFGFRTHFGGGKTTGFGMIYDSLDYAK
KNEPKHRLARHGLYEKKKTSRKQRKERKNRMKKVRGTAKANVGAG
;
BY
75 'polypeptide(L)'
;GKAKKKKWSKGKVRDKLNNLVLFDKATYDKLCKEVPNYKLITPAVVSERLKIRGSLARAALQELLSKGLIKLVSKHRAQV
IYTRNT
;
BZ
76 'polypeptide(L)'
;TKKRRNNGRAKKGRGHVQPIRCTNCARCVPKDKAIKKFVIRNIVEAAAVRDISEASVFDAYVLPKLYVKLHYCVSCAIHS
KVVRNRSREARKDRTPP
;
Ba
77 'polypeptide(L)' AKDLLHPSPEEEKRKHKKKRLVQSPNSYFMDVKCPGCYKITTVFSHAQTVVLCVGCSTVLCQPTGGKARLTEGCSFRRKQ Bb
78 'polypeptide(L)' QPIKLARVTKVLGRTGSQGQCTQVRVEFMDDTSRSIIRNVKGPVREGDVLTLLESEREARRL Bc
79 'polypeptide(L)' QLYWSHPRKFGQGSRSCRVCSNRHGLIRKYGLNMCRQCFRQYAKDIGFIKL Bd
80 'polypeptide(L)' HGSLARAGKVRGQTPKVAKQEKKKKKTGRAKRRMQYNRRFVNVVPTFGKKKGPNA Be
81 'polypeptide(L)' KRKKKSYTTPKKNKHKRKKVKLAVLKYYKVDENGKISRLRRECPSDECGAGVFMASHFDRHYCGKCCLTYCFN Bf
82 'polypeptide(L)'
;TEQMTLRGTLKGHNGWVTQIATTPQFPDMILSASRDKTIIMWKLTRDETNYGIPQRALRGHSHFVSDVVISSDGQFALSG
SWDGTLRLWDLTTGTTTRRFVGHTKDVLSVAFSSDNRQIVSGSRDKTIKLWNTLGVCKYTVQDESHSEWVSCVRFSPNSS
NPIIVSCGWDKLVKVWNLANCKLKTNHIGHTGYLNTVTVSPDGSLCASGGKDGQAMLWDLNEGKHLYTLDGGDIINALCF
SPNRYWLCAATGPSIKIWDLEGKIIVDELKQEVISTSSKAEPPQCTSLAWSADGQTLFAGYTDNLVRVWQVTIG
;
Bg
83 'polyribonucleotide' GCCCGGAUAGCUCAGUCGGUAGAGCAGGGGAUUGAAAAUCCCCGUGUCCUUGGUUCGAUUCCGAGUCCGGGCACCA Bv
84 'polyribonucleotide' UUUUUUUUUUUUUUUU Bx
85 'polypeptide(L)' GVCRKAAQPEEAGLQIPAILGILGGILALLILILLLLLF A
#
# COMPACT_ATOMS: atom_id res chain seq x y z
N GLY A 2 -8.42 22.43 -28.56
CA GLY A 2 -9.44 22.49 -27.53
C GLY A 2 -9.96 23.88 -27.29
N ARG A 3 -10.63 24.07 -26.16
CA ARG A 3 -11.18 25.37 -25.83
C ARG A 3 -10.04 26.28 -25.36
N VAL A 4 -10.29 27.59 -25.33
CA VAL A 4 -9.27 28.53 -24.92
C VAL A 4 -9.12 28.51 -23.41
N ILE A 5 -7.87 28.46 -22.94
CA ILE A 5 -7.59 28.37 -21.51
C ILE A 5 -7.89 29.69 -20.81
N ARG A 6 -7.81 29.67 -19.48
CA ARG A 6 -8.11 30.86 -18.68
C ARG A 6 -7.06 31.96 -18.88
N GLY A 7 -5.83 31.56 -19.23
CA GLY A 7 -4.78 32.55 -19.35
C GLY A 7 -4.95 33.45 -20.55
N GLN A 8 -5.46 32.91 -21.65
CA GLN A 8 -5.46 33.67 -22.89
C GLN A 8 -6.61 34.65 -22.97
N ARG A 9 -7.57 34.58 -22.06
CA ARG A 9 -8.72 35.47 -22.16
C ARG A 9 -8.37 36.87 -21.67
N LYS A 10 -7.24 37.02 -20.96
CA LYS A 10 -6.83 38.33 -20.48
C LYS A 10 -6.49 39.27 -21.62
N GLY A 11 -6.05 38.73 -22.75
CA GLY A 11 -5.70 39.57 -23.88
C GLY A 11 -6.91 40.14 -24.58
N ALA A 12 -8.09 39.57 -24.34
CA ALA A 12 -9.30 40.10 -24.94
C ALA A 12 -9.71 41.40 -24.28
N GLY A 13 -9.67 41.45 -22.96
CA GLY A 13 -10.09 42.63 -22.25
C GLY A 13 -11.58 42.87 -22.25
N SER A 14 -12.38 41.81 -22.36
CA SER A 14 -13.82 42.00 -22.29
C SER A 14 -14.29 42.11 -20.85
N VAL A 15 -13.87 41.17 -20.00
CA VAL A 15 -14.17 41.22 -18.58
C VAL A 15 -12.93 41.21 -17.72
N PHE A 16 -11.77 41.60 -18.24
CA PHE A 16 -10.57 41.65 -17.44
C PHE A 16 -9.91 43.01 -17.46
N ARG A 17 -10.67 44.07 -17.67
CA ARG A 17 -10.10 45.40 -17.59
C ARG A 17 -10.02 45.83 -16.13
N ALA A 18 -9.20 46.84 -15.86
CA ALA A 18 -9.13 47.39 -14.52
C ALA A 18 -10.40 48.16 -14.21
N HIS A 19 -10.89 48.02 -12.98
CA HIS A 19 -12.15 48.63 -12.57
C HIS A 19 -11.87 50.10 -12.26
N VAL A 20 -11.77 50.87 -13.34
CA VAL A 20 -11.02 52.11 -13.32
C VAL A 20 -11.91 53.34 -13.18
N LYS A 21 -13.16 53.18 -12.74
CA LYS A 21 -14.02 54.36 -12.58
C LYS A 21 -13.62 55.18 -11.36
N HIS A 22 -13.63 54.57 -10.18
CA HIS A 22 -13.54 55.35 -8.95
C HIS A 22 -12.14 55.86 -8.64
N ARG A 23 -11.15 55.57 -9.48
CA ARG A 23 -9.81 56.08 -9.21
C ARG A 23 -9.73 57.57 -9.51
N LYS A 24 -8.80 58.25 -8.83
CA LYS A 24 -8.74 59.70 -8.92
C LYS A 24 -7.88 60.15 -10.08
N GLY A 25 -6.75 59.49 -10.28
CA GLY A 25 -5.85 59.87 -11.35
C GLY A 25 -4.53 59.15 -11.22
N ALA A 26 -3.75 59.20 -12.30
CA ALA A 26 -2.45 58.56 -12.32
C ALA A 26 -1.47 59.38 -11.50
N ALA A 27 -0.75 58.71 -10.60
CA ALA A 27 0.14 59.39 -9.68
C ALA A 27 1.44 59.75 -10.39
N ARG A 28 1.53 60.96 -10.90
CA ARG A 28 2.71 61.39 -11.63
C ARG A 28 3.39 62.54 -10.91
N LEU A 29 4.65 62.76 -11.24
CA LEU A 29 5.38 63.95 -10.82
C LEU A 29 5.05 65.11 -11.74
N ARG A 30 5.69 66.25 -11.49
CA ARG A 30 5.60 67.36 -12.42
C ARG A 30 6.32 67.00 -13.71
N ALA A 31 5.68 67.31 -14.84
CA ALA A 31 6.39 67.35 -16.10
C ALA A 31 7.51 68.37 -16.03
N VAL A 32 8.75 67.90 -16.26
CA VAL A 32 9.93 68.68 -15.91
C VAL A 32 10.09 69.86 -16.87
N ASP A 33 10.33 71.04 -16.29
CA ASP A 33 10.41 72.29 -17.02
C ASP A 33 11.57 73.10 -16.45
N PHE A 34 11.53 74.42 -16.70
CA PHE A 34 12.63 75.32 -16.37
C PHE A 34 12.94 75.35 -14.88
N ALA A 35 11.90 75.40 -14.05
CA ALA A 35 12.10 75.65 -12.63
C ALA A 35 12.72 74.44 -11.94
N GLU A 36 12.31 73.24 -12.33
CA GLU A 36 12.84 72.06 -11.64
C GLU A 36 14.20 71.67 -12.17
N ARG A 37 14.69 72.32 -13.22
CA ARG A 37 16.04 72.02 -13.66
C ARG A 37 17.00 73.15 -13.31
N HIS A 38 16.48 74.34 -13.00
CA HIS A 38 17.34 75.48 -12.71
C HIS A 38 17.12 76.12 -11.35
N GLY A 39 16.33 75.50 -10.49
CA GLY A 39 16.07 76.12 -9.20
C GLY A 39 15.29 75.20 -8.30
N TYR A 40 14.28 75.78 -7.67
CA TYR A 40 13.31 75.01 -6.89
C TYR A 40 12.01 75.79 -6.84
N ILE A 41 10.90 75.08 -6.70
CA ILE A 41 9.59 75.71 -6.68
C ILE A 41 8.77 75.15 -5.53
N LYS A 42 8.06 76.04 -4.84
CA LYS A 42 7.36 75.68 -3.61
C LYS A 42 6.04 74.98 -3.95
N GLY A 43 5.61 74.09 -3.08
CA GLY A 43 4.31 73.44 -3.24
C GLY A 43 3.68 73.08 -1.91
N ILE A 44 2.36 73.28 -1.83
CA ILE A 44 1.56 72.93 -0.68
C ILE A 44 0.92 71.58 -0.97
N VAL A 45 0.88 70.69 0.02
CA VAL A 45 0.02 69.53 -0.03
C VAL A 45 -1.34 69.93 0.52
N LYS A 46 -2.40 69.64 -0.24
CA LYS A 46 -3.73 70.01 0.22
C LYS A 46 -4.28 68.94 1.16
N ASP A 47 -4.30 67.70 0.70
CA ASP A 47 -4.72 66.59 1.54
C ASP A 47 -4.11 65.31 1.02
N ILE A 48 -4.43 64.22 1.69
CA ILE A 48 -4.19 62.88 1.19
C ILE A 48 -5.51 62.14 1.18
N ILE A 49 -5.67 61.23 0.24
CA ILE A 49 -6.90 60.48 0.04
C ILE A 49 -6.53 59.04 -0.24
N HIS A 50 -7.51 58.17 -0.24
CA HIS A 50 -7.27 56.75 -0.54
C HIS A 50 -7.59 56.50 -2.00
N ASP A 51 -6.56 56.29 -2.78
CA ASP A 51 -6.75 55.92 -4.16
C ASP A 51 -7.17 54.46 -4.23
N PRO A 52 -8.38 54.16 -4.70
CA PRO A 52 -8.91 52.79 -4.56
C PRO A 52 -8.23 51.80 -5.50
N GLY A 53 -7.87 50.66 -4.93
CA GLY A 53 -7.13 49.66 -5.67
C GLY A 53 -5.63 49.83 -5.49
N ARG A 54 -5.24 50.95 -4.91
CA ARG A 54 -3.84 51.25 -4.64
C ARG A 54 -3.63 51.20 -3.13
N GLY A 55 -2.58 50.51 -2.70
CA GLY A 55 -2.28 50.49 -1.28
C GLY A 55 -1.63 51.78 -0.81
N ALA A 56 -1.04 52.51 -1.73
CA ALA A 56 -0.41 53.75 -1.30
C ALA A 56 -1.47 54.81 -1.09
N PRO A 57 -1.34 55.62 -0.05
CA PRO A 57 -2.16 56.82 0.04
C PRO A 57 -1.67 57.85 -0.96
N LEU A 58 -2.60 58.67 -1.43
CA LEU A 58 -2.35 59.52 -2.58
C LEU A 58 -2.48 60.98 -2.15
N ALA A 59 -1.40 61.74 -2.32
CA ALA A 59 -1.36 63.13 -1.88
C ALA A 59 -1.75 64.04 -3.03
N LYS A 60 -2.41 65.15 -2.71
CA LYS A 60 -2.83 66.12 -3.70
C LYS A 60 -2.07 67.42 -3.46
N VAL A 61 -0.97 67.60 -4.19
CA VAL A 61 -0.05 68.70 -3.98
C VAL A 61 -0.35 69.76 -5.02
N VAL A 62 -0.56 71.00 -4.57
CA VAL A 62 -0.87 72.11 -5.44
C VAL A 62 0.41 72.88 -5.72
N PHE A 63 0.54 73.41 -6.92
CA PHE A 63 1.71 74.15 -7.36
C PHE A 63 1.30 75.51 -7.91
N ARG A 64 2.23 76.45 -7.92
CA ARG A 64 2.01 77.70 -8.62
C ARG A 64 2.67 77.65 -9.97
N ASP A 65 1.96 78.06 -11.00
CA ASP A 65 2.43 77.91 -12.37
C ASP A 65 3.12 79.19 -12.80
N PRO A 66 4.40 79.14 -13.17
CA PRO A 66 5.12 80.41 -13.41
C PRO A 66 4.82 81.05 -14.74
N TYR A 67 3.85 80.56 -15.50
CA TYR A 67 3.63 81.10 -16.84
C TYR A 67 2.25 81.70 -16.99
N ARG A 68 1.25 81.07 -16.39
CA ARG A 68 -0.11 81.55 -16.42
C ARG A 68 -0.54 81.79 -14.99
N PHE A 69 -1.28 82.87 -14.78
CA PHE A 69 -1.76 83.20 -13.45
C PHE A 69 -2.84 82.21 -13.06
N LYS A 70 -2.42 81.09 -12.49
CA LYS A 70 -3.29 79.94 -12.25
C LYS A 70 -2.55 78.95 -11.37
N LYS A 71 -3.29 78.32 -10.46
CA LYS A 71 -2.75 77.25 -9.62
C LYS A 71 -2.99 75.92 -10.31
N ARG A 72 -1.98 75.08 -10.33
CA ARG A 72 -2.09 73.74 -10.90
C ARG A 72 -2.03 72.71 -9.79
N THR A 73 -2.68 71.58 -10.02
CA THR A 73 -2.88 70.55 -9.01
C THR A 73 -2.35 69.23 -9.54
N GLU A 74 -1.43 68.63 -8.81
CA GLU A 74 -0.85 67.36 -9.20
C GLU A 74 -1.12 66.33 -8.13
N LEU A 75 -0.75 65.09 -8.42
CA LEU A 75 -1.07 63.95 -7.59
C LEU A 75 0.20 63.15 -7.36
N PHE A 76 0.80 63.32 -6.18
CA PHE A 76 2.03 62.64 -5.84
C PHE A 76 1.73 61.41 -4.99
N ILE A 77 2.63 60.44 -5.01
CA ILE A 77 2.55 59.36 -4.06
C ILE A 77 3.03 59.87 -2.70
N ALA A 78 2.19 59.71 -1.69
CA ALA A 78 2.48 60.27 -0.38
C ALA A 78 3.62 59.53 0.30
N ALA A 79 4.76 60.20 0.40
CA ALA A 79 5.88 59.68 1.16
C ALA A 79 5.52 59.64 2.64
N GLU A 80 6.11 58.68 3.35
CA GLU A 80 5.79 58.47 4.75
C GLU A 80 6.24 59.64 5.60
N GLY A 81 5.26 60.29 6.24
CA GLY A 81 5.57 61.33 7.19
C GLY A 81 5.29 62.74 6.73
N ILE A 82 4.48 62.93 5.70
CA ILE A 82 4.03 64.26 5.32
C ILE A 82 2.61 64.44 5.83
N HIS A 83 2.18 65.69 5.90
CA HIS A 83 0.90 66.05 6.48
C HIS A 83 0.44 67.38 5.90
N THR A 84 -0.87 67.60 5.95
CA THR A 84 -1.49 68.74 5.29
C THR A 84 -1.01 70.05 5.89
N GLY A 85 -0.27 70.80 5.11
CA GLY A 85 0.38 71.99 5.57
C GLY A 85 1.89 71.97 5.49
N GLN A 86 2.49 70.79 5.34
CA GLN A 86 3.91 70.76 5.06
C GLN A 86 4.17 71.19 3.62
N PHE A 87 5.13 72.09 3.45
CA PHE A 87 5.52 72.54 2.12
C PHE A 87 6.38 71.47 1.46
N VAL A 88 6.17 71.27 0.17
CA VAL A 88 6.92 70.32 -0.63
C VAL A 88 7.81 71.11 -1.57
N TYR A 89 9.11 70.89 -1.48
CA TYR A 89 10.09 71.62 -2.26
C TYR A 89 10.67 70.72 -3.33
N CYS A 90 10.59 71.17 -4.58
CA CYS A 90 11.02 70.37 -5.70
C CYS A 90 11.78 71.22 -6.69
N GLY A 91 12.83 70.66 -7.23
CA GLY A 91 13.74 71.34 -8.14
C GLY A 91 15.14 70.78 -7.98
N LYS A 92 16.08 71.40 -8.70
CA LYS A 92 17.45 70.91 -8.74
C LYS A 92 18.14 71.08 -7.39
N LYS A 93 18.28 72.31 -6.92
CA LYS A 93 18.99 72.60 -5.70
C LYS A 93 18.09 72.60 -4.48
N ALA A 94 16.98 71.86 -4.53
CA ALA A 94 16.08 71.77 -3.39
C ALA A 94 16.73 71.00 -2.26
N GLN A 95 16.46 71.44 -1.03
CA GLN A 95 17.09 70.82 0.12
C GLN A 95 16.42 69.49 0.42
N LEU A 96 17.15 68.59 1.06
CA LEU A 96 16.78 67.19 1.16
C LEU A 96 16.08 66.92 2.49
N ASN A 97 14.77 66.73 2.43
CA ASN A 97 14.00 66.18 3.55
C ASN A 97 12.98 65.22 2.98
N ILE A 98 12.12 64.71 3.86
CA ILE A 98 11.06 63.80 3.42
C ILE A 98 10.02 64.57 2.61
N GLY A 99 9.72 64.07 1.43
CA GLY A 99 8.76 64.71 0.56
C GLY A 99 9.37 65.57 -0.51
N ASN A 100 10.63 65.96 -0.37
CA ASN A 100 11.28 66.85 -1.31
C ASN A 100 11.81 66.08 -2.50
N VAL A 101 11.08 66.12 -3.60
CA VAL A 101 11.45 65.39 -4.80
C VAL A 101 12.52 66.19 -5.54
N LEU A 102 13.67 65.56 -5.74
CA LEU A 102 14.85 66.25 -6.25
C LEU A 102 15.68 65.25 -7.06
N PRO A 103 16.47 65.72 -8.04
CA PRO A 103 17.22 64.79 -8.88
C PRO A 103 18.29 64.04 -8.12
N VAL A 104 18.67 62.87 -8.65
CA VAL A 104 19.57 61.99 -7.92
C VAL A 104 21.01 62.47 -7.98
N GLY A 105 21.31 63.43 -8.86
CA GLY A 105 22.67 63.95 -8.92
C GLY A 105 23.02 64.80 -7.73
N THR A 106 22.01 65.36 -7.07
CA THR A 106 22.25 66.19 -5.89
C THR A 106 22.52 65.33 -4.67
N MET A 107 21.78 64.23 -4.52
CA MET A 107 21.80 63.48 -3.29
C MET A 107 23.09 62.64 -3.16
N PRO A 108 23.59 62.45 -1.94
CA PRO A 108 24.77 61.62 -1.77
C PRO A 108 24.38 60.16 -1.79
N GLU A 109 25.39 59.30 -1.92
CA GLU A 109 25.13 57.87 -1.91
C GLU A 109 24.75 57.41 -0.52
N GLY A 110 23.84 56.44 -0.47
CA GLY A 110 23.17 56.09 0.76
C GLY A 110 21.82 56.72 0.94
N THR A 111 21.39 57.56 0.00
CA THR A 111 20.08 58.20 0.10
C THR A 111 19.00 57.19 -0.26
N ILE A 112 17.93 57.21 0.53
CA ILE A 112 16.84 56.26 0.40
C ILE A 112 15.64 56.98 -0.18
N VAL A 113 15.29 56.67 -1.42
CA VAL A 113 14.24 57.39 -2.14
C VAL A 113 13.14 56.42 -2.54
N CYS A 114 12.14 56.97 -3.23
CA CYS A 114 11.07 56.19 -3.85
C CYS A 114 10.46 57.03 -4.95
N CYS A 115 9.69 56.35 -5.81
CA CYS A 115 8.93 56.97 -6.92
C CYS A 115 9.85 57.74 -7.87
N LEU A 116 10.73 57.02 -8.55
CA LEU A 116 11.70 57.64 -9.42
C LEU A 116 11.38 57.39 -10.89
N GLU A 117 12.11 58.09 -11.75
CA GLU A 117 11.97 57.92 -13.19
C GLU A 117 13.07 57.01 -13.72
N GLU A 118 12.72 56.11 -14.63
CA GLU A 118 13.74 55.36 -15.35
C GLU A 118 14.52 56.26 -16.28
N LYS A 119 13.85 56.78 -17.29
CA LYS A 119 14.40 57.76 -18.21
C LYS A 119 13.97 59.13 -17.74
N PRO A 120 14.82 60.15 -17.88
CA PRO A 120 14.48 61.45 -17.31
C PRO A 120 13.33 62.12 -18.04
N GLY A 121 12.18 62.19 -17.35
CA GLY A 121 11.03 62.88 -17.88
C GLY A 121 9.81 62.03 -18.15
N ASP A 122 9.60 60.93 -17.44
CA ASP A 122 8.36 60.18 -17.57
C ASP A 122 7.55 60.09 -16.28
N ARG A 123 7.88 60.93 -15.31
CA ARG A 123 6.97 61.28 -14.20
C ARG A 123 6.68 60.09 -13.28
N GLY A 124 7.70 59.29 -13.00
CA GLY A 124 7.63 58.30 -11.94
C GLY A 124 7.26 56.89 -12.36
N LYS A 125 8.23 55.99 -12.37
CA LYS A 125 7.94 54.60 -12.68
C LYS A 125 8.39 53.63 -11.58
N LEU A 126 9.61 53.77 -11.09
CA LEU A 126 10.20 52.75 -10.23
C LEU A 126 9.86 52.98 -8.76
N ALA A 127 9.66 51.86 -8.05
CA ALA A 127 9.47 51.82 -6.59
C ALA A 127 8.28 52.66 -6.14
N ARG A 128 7.09 52.27 -6.55
CA ARG A 128 5.90 53.05 -6.25
C ARG A 128 4.95 52.34 -5.30
N ALA A 129 5.12 51.04 -5.07
CA ALA A 129 4.14 50.29 -4.30
C ALA A 129 4.27 50.61 -2.82
N SER A 130 3.32 50.09 -2.04
CA SER A 130 3.18 50.51 -0.66
C SER A 130 4.28 49.92 0.21
N GLY A 131 5.10 50.82 0.78
CA GLY A 131 6.12 50.43 1.72
C GLY A 131 7.44 50.06 1.12
N ASN A 132 7.86 50.73 0.05
CA ASN A 132 9.08 50.35 -0.66
C ASN A 132 9.99 51.54 -0.84
N TYR A 133 11.20 51.26 -1.31
CA TYR A 133 12.23 52.28 -1.47
C TYR A 133 13.34 51.74 -2.36
N ALA A 134 13.88 52.64 -3.17
CA ALA A 134 15.12 52.42 -3.87
C ALA A 134 16.23 53.08 -3.08
N THR A 135 17.47 52.67 -3.35
CA THR A 135 18.63 53.21 -2.64
C THR A 135 19.69 53.63 -3.64
N VAL A 136 20.27 54.82 -3.42
CA VAL A 136 21.14 55.45 -4.41
C VAL A 136 22.59 55.25 -4.01
N ILE A 137 23.42 54.76 -4.96
CA ILE A 137 24.83 54.50 -4.73
C ILE A 137 25.65 54.84 -5.96
N SER A 138 26.94 55.10 -5.71
CA SER A 138 28.03 55.05 -6.70
C SER A 138 27.88 55.99 -7.88
N HIS A 139 27.96 57.30 -7.66
CA HIS A 139 27.84 58.29 -8.73
C HIS A 139 29.09 58.28 -9.59
N ASN A 140 28.91 58.49 -10.89
CA ASN A 140 29.99 58.82 -11.83
C ASN A 140 29.80 60.29 -12.18
N PRO A 141 30.82 61.13 -11.96
CA PRO A 141 30.69 62.55 -12.35
C PRO A 141 30.57 62.76 -13.84
N GLU A 142 31.53 62.29 -14.62
CA GLU A 142 31.43 62.33 -16.08
C GLU A 142 30.51 61.19 -16.52
N THR A 143 29.75 61.44 -17.59
CA THR A 143 28.77 60.50 -18.15
C THR A 143 27.75 60.13 -17.09
N LYS A 144 26.82 61.05 -16.82
CA LYS A 144 26.05 61.11 -15.58
C LYS A 144 25.17 59.89 -15.38
N LYS A 145 25.69 58.89 -14.67
CA LYS A 145 24.98 57.66 -14.39
C LYS A 145 25.12 57.35 -12.91
N THR A 146 24.24 56.50 -12.38
CA THR A 146 24.14 56.24 -10.96
C THR A 146 23.60 54.83 -10.76
N ARG A 147 24.14 54.09 -9.80
CA ARG A 147 23.57 52.78 -9.49
C ARG A 147 22.50 52.94 -8.43
N VAL A 148 21.46 52.12 -8.50
CA VAL A 148 20.43 52.09 -7.48
C VAL A 148 20.12 50.63 -7.17
N LYS A 149 19.78 50.38 -5.91
CA LYS A 149 19.19 49.11 -5.50
C LYS A 149 17.69 49.26 -5.54
N LEU A 150 17.03 48.36 -6.27
CA LEU A 150 15.57 48.28 -6.33
C LEU A 150 15.06 47.46 -5.15
N PRO A 151 13.75 47.51 -4.84
CA PRO A 151 13.24 46.70 -3.72
C PRO A 151 13.35 45.19 -3.90
N SER A 152 13.52 44.71 -5.12
CA SER A 152 13.78 43.28 -5.28
C SER A 152 15.20 42.93 -4.87
N GLY A 153 16.17 43.63 -5.45
CA GLY A 153 17.57 43.27 -5.30
C GLY A 153 18.30 43.52 -6.59
N SER A 154 17.57 43.97 -7.61
CA SER A 154 18.19 44.37 -8.87
C SER A 154 18.99 45.66 -8.67
N LYS A 155 20.26 45.60 -9.05
CA LYS A 155 21.10 46.78 -9.07
C LYS A 155 21.14 47.34 -10.48
N LYS A 156 20.58 48.54 -10.65
CA LYS A 156 20.35 49.11 -11.96
C LYS A 156 21.12 50.40 -12.12
N VAL A 157 21.77 50.57 -13.27
CA VAL A 157 22.42 51.82 -13.62
C VAL A 157 21.44 52.66 -14.41
N ILE A 158 21.25 53.91 -14.00
CA ILE A 158 20.32 54.83 -14.65
C ILE A 158 21.01 56.15 -14.87
N SER A 159 20.34 57.02 -15.61
CA SER A 159 20.83 58.38 -15.83
C SER A 159 20.69 59.18 -14.55
N SER A 160 21.37 60.31 -14.49
CA SER A 160 21.37 61.09 -13.26
C SER A 160 20.48 62.32 -13.36
N ALA A 161 19.86 62.53 -14.52
CA ALA A 161 19.00 63.69 -14.67
C ALA A 161 17.57 63.42 -14.22
N ASN A 162 17.26 62.21 -13.80
CA ASN A 162 15.89 61.90 -13.44
C ASN A 162 15.63 62.15 -11.95
N ARG A 163 14.36 62.25 -11.60
CA ARG A 163 13.95 62.78 -10.33
C ARG A 163 13.28 61.72 -9.47
N ALA A 164 13.31 61.92 -8.15
CA ALA A 164 12.78 60.96 -7.20
C ALA A 164 12.38 61.70 -5.93
N VAL A 165 11.34 61.23 -5.26
CA VAL A 165 10.91 61.80 -4.00
C VAL A 165 11.62 61.04 -2.89
N VAL A 166 11.88 61.72 -1.78
CA VAL A 166 12.82 61.22 -0.78
C VAL A 166 12.06 60.70 0.43
N GLY A 167 12.30 59.44 0.79
CA GLY A 167 11.67 58.74 1.88
C GLY A 167 11.22 57.38 1.42
N VAL A 168 10.20 56.87 2.10
CA VAL A 168 9.55 55.64 1.67
C VAL A 168 8.09 55.94 1.39
N VAL A 169 7.51 55.14 0.50
CA VAL A 169 6.08 55.21 0.24
C VAL A 169 5.32 54.78 1.48
N ALA A 170 4.39 55.63 1.92
CA ALA A 170 3.63 55.35 3.13
C ALA A 170 2.73 54.14 2.95
N GLY A 171 2.46 53.46 4.06
CA GLY A 171 1.62 52.28 4.03
C GLY A 171 2.37 50.98 4.14
N GLY A 172 3.53 50.97 4.75
CA GLY A 172 4.30 49.76 4.87
C GLY A 172 3.71 48.81 5.88
N GLY A 173 4.18 47.56 5.80
CA GLY A 173 3.68 46.53 6.68
C GLY A 173 2.31 46.00 6.31
N ARG A 174 1.84 46.27 5.08
CA ARG A 174 0.48 45.98 4.71
C ARG A 174 0.22 44.47 4.64
N ILE A 175 1.26 43.70 4.31
CA ILE A 175 1.10 42.25 4.30
C ILE A 175 1.20 41.64 5.69
N ASP A 176 1.30 42.45 6.74
CA ASP A 176 1.42 41.87 8.08
C ASP A 176 0.08 41.43 8.64
N LYS A 177 -1.05 41.76 7.98
CA LYS A 177 -2.28 41.17 8.50
C LYS A 177 -2.77 40.11 7.55
N PRO A 178 -3.06 38.92 8.03
CA PRO A 178 -3.77 37.96 7.21
C PRO A 178 -5.17 38.46 6.91
N ILE A 179 -5.61 38.25 5.68
CA ILE A 179 -6.93 38.66 5.24
C ILE A 179 -7.99 37.91 6.02
N LEU A 180 -7.71 36.63 6.29
CA LEU A 180 -8.29 35.81 7.36
C LEU A 180 -9.72 35.36 7.07
N LYS A 181 -10.36 35.94 6.06
CA LYS A 181 -11.65 35.42 5.62
C LYS A 181 -11.80 35.80 4.16
N ALA A 182 -12.70 35.09 3.47
CA ALA A 182 -12.76 35.21 2.02
C ALA A 182 -13.30 36.57 1.59
N GLY A 183 -14.12 37.19 2.42
CA GLY A 183 -14.87 38.35 1.98
C GLY A 183 -14.01 39.59 1.81
N ARG A 184 -12.98 39.73 2.63
CA ARG A 184 -12.13 40.90 2.51
C ARG A 184 -11.23 40.78 1.29
N ALA A 185 -10.82 39.55 0.97
CA ALA A 185 -10.11 39.33 -0.29
C ALA A 185 -11.03 39.57 -1.47
N TYR A 186 -12.31 39.24 -1.32
CA TYR A 186 -13.29 39.49 -2.37
C TYR A 186 -13.46 40.98 -2.60
N HIS A 187 -13.49 41.77 -1.53
CA HIS A 187 -13.61 43.22 -1.70
C HIS A 187 -12.34 43.80 -2.30
N LYS A 188 -11.18 43.24 -1.92
CA LYS A 188 -9.91 43.69 -2.50
C LYS A 188 -9.85 43.47 -3.99
N TYR A 189 -10.14 42.25 -4.44
CA TYR A 189 -10.05 42.01 -5.88
C TYR A 189 -11.27 42.52 -6.63
N LYS A 190 -12.38 42.78 -5.93
CA LYS A 190 -13.48 43.49 -6.57
C LYS A 190 -13.10 44.94 -6.80
N ALA A 191 -12.25 45.50 -5.95
CA ALA A 191 -11.72 46.82 -6.23
C ALA A 191 -10.71 46.77 -7.37
N LYS A 192 -9.88 45.73 -7.42
CA LYS A 192 -8.85 45.75 -8.46
C LYS A 192 -9.33 45.25 -9.83
N ARG A 193 -9.63 43.95 -9.96
CA ARG A 193 -9.93 43.33 -11.25
C ARG A 193 -10.36 41.89 -11.03
N ASN A 194 -11.02 41.32 -12.03
CA ASN A 194 -11.58 39.97 -11.91
C ASN A 194 -10.46 38.93 -12.00
N CYS A 195 -9.94 38.55 -10.84
CA CYS A 195 -8.91 37.52 -10.78
C CYS A 195 -9.03 36.61 -9.56
N TRP A 196 -10.18 36.60 -8.89
CA TRP A 196 -10.29 35.77 -7.69
C TRP A 196 -10.16 34.27 -7.89
N PRO A 197 -11.24 33.52 -7.65
CA PRO A 197 -11.40 32.08 -7.73
C PRO A 197 -10.48 31.40 -8.74
N ARG A 198 -9.23 31.19 -8.35
CA ARG A 198 -8.26 30.55 -9.22
C ARG A 198 -8.40 29.04 -9.09
N VAL A 199 -8.94 28.41 -10.12
CA VAL A 199 -9.14 26.97 -10.13
C VAL A 199 -7.84 26.25 -10.44
N ARG A 200 -7.62 25.12 -9.76
CA ARG A 200 -6.40 24.35 -9.96
C ARG A 200 -6.35 23.66 -11.32
N GLY A 201 -5.62 24.27 -12.26
CA GLY A 201 -5.50 23.68 -13.58
C GLY A 201 -5.47 22.17 -13.56
N VAL A 202 -5.26 21.58 -12.37
CA VAL A 202 -5.45 20.14 -12.23
C VAL A 202 -6.92 19.82 -12.13
N ALA A 203 -7.68 20.69 -11.46
CA ALA A 203 -9.08 20.39 -11.21
C ALA A 203 -9.92 20.56 -12.46
N MET A 204 -9.56 21.53 -13.31
CA MET A 204 -10.39 21.74 -14.49
C MET A 204 -10.13 20.69 -15.57
N ASN A 205 -10.94 20.74 -16.63
CA ASN A 205 -11.11 19.63 -17.57
C ASN A 205 -10.12 19.71 -18.74
N PRO A 206 -9.84 18.57 -19.44
CA PRO A 206 -8.71 18.55 -20.38
C PRO A 206 -8.82 19.44 -21.60
N VAL A 207 -10.02 19.86 -21.98
CA VAL A 207 -10.13 20.79 -23.09
C VAL A 207 -9.95 22.22 -22.64
N GLU A 208 -9.72 22.39 -21.35
CA GLU A 208 -9.74 23.73 -20.78
C GLU A 208 -8.38 24.13 -20.24
N HIS A 209 -7.52 23.16 -19.96
CA HIS A 209 -6.22 23.46 -19.41
C HIS A 209 -5.31 22.33 -19.82
N PRO A 210 -4.00 22.57 -19.98
CA PRO A 210 -3.12 21.47 -20.36
C PRO A 210 -2.86 20.46 -19.27
N PHE A 211 -3.25 20.74 -18.02
CA PHE A 211 -2.93 19.82 -16.95
C PHE A 211 -4.04 18.84 -16.65
N GLY A 212 -5.26 19.33 -16.51
CA GLY A 212 -6.27 18.59 -15.78
C GLY A 212 -6.87 17.46 -16.59
N GLY A 213 -7.68 16.69 -15.89
CA GLY A 213 -8.26 15.47 -16.42
C GLY A 213 -7.59 14.24 -15.83
N GLY A 214 -8.08 13.09 -16.26
CA GLY A 214 -7.61 11.87 -15.64
C GLY A 214 -8.46 11.50 -14.45
N ASN A 215 -8.27 10.27 -13.97
CA ASN A 215 -9.11 9.79 -12.88
C ASN A 215 -8.71 10.42 -11.56
N HIS A 216 -7.42 10.60 -11.34
CA HIS A 216 -6.93 11.25 -10.14
C HIS A 216 -6.53 12.68 -10.46
N GLN A 217 -6.52 13.51 -9.42
CA GLN A 217 -6.03 14.86 -9.53
C GLN A 217 -4.51 14.82 -9.60
N HIS A 218 -3.98 14.58 -10.78
CA HIS A 218 -2.53 14.60 -10.94
C HIS A 218 -2.19 15.23 -12.27
N ILE A 219 -1.02 15.86 -12.30
CA ILE A 219 -0.60 16.57 -13.50
C ILE A 219 -0.21 15.59 -14.60
N GLY A 220 0.79 14.76 -14.35
CA GLY A 220 1.17 13.74 -15.31
C GLY A 220 2.22 14.23 -16.29
N LYS A 221 2.49 15.52 -16.26
CA LYS A 221 3.46 16.17 -17.12
C LYS A 221 4.42 16.92 -16.22
N PRO A 222 5.62 17.24 -16.70
CA PRO A 222 6.49 18.11 -15.91
C PRO A 222 5.92 19.52 -15.86
N SER A 223 5.90 20.09 -14.66
CA SER A 223 5.23 21.38 -14.48
C SER A 223 6.16 22.56 -14.71
N THR A 224 7.34 22.34 -15.27
CA THR A 224 8.19 23.44 -15.68
C THR A 224 8.29 23.46 -17.19
N ILE A 225 7.79 24.54 -17.79
CA ILE A 225 7.64 24.61 -19.24
C ILE A 225 8.45 25.79 -19.76
N ARG A 226 9.20 25.54 -20.83
CA ARG A 226 10.18 26.47 -21.36
C ARG A 226 9.54 27.74 -21.90
N ARG A 227 10.38 28.72 -22.25
CA ARG A 227 9.87 30.01 -22.69
C ARG A 227 9.65 30.02 -24.21
N ASP A 228 10.26 29.08 -24.92
CA ASP A 228 10.03 28.99 -26.36
C ASP A 228 8.69 28.34 -26.66
N ALA A 229 8.05 27.75 -25.67
CA ALA A 229 6.74 27.12 -25.77
C ALA A 229 5.69 28.15 -26.15
N PRO A 230 4.68 27.77 -26.93
CA PRO A 230 3.77 28.78 -27.47
C PRO A 230 2.72 29.20 -26.46
N ALA A 231 1.81 30.04 -26.92
CA ALA A 231 0.76 30.56 -26.05
C ALA A 231 -0.26 29.48 -25.73
N GLY A 232 -0.69 29.44 -24.47
CA GLY A 232 -1.62 28.43 -24.05
C GLY A 232 -0.89 27.26 -23.44
N ARG A 233 0.42 27.24 -23.63
CA ARG A 233 1.22 26.15 -23.10
C ARG A 233 1.91 26.54 -21.81
N LYS A 234 2.29 27.80 -21.67
CA LYS A 234 3.04 28.28 -20.51
C LYS A 234 2.10 28.31 -19.32
N VAL A 235 1.89 27.14 -18.73
CA VAL A 235 1.15 27.02 -17.50
C VAL A 235 2.10 26.42 -16.48
N GLY A 236 1.74 26.55 -15.20
CA GLY A 236 2.62 26.09 -14.16
C GLY A 236 3.83 27.00 -14.05
N LEU A 237 4.95 26.41 -13.68
CA LEU A 237 6.19 27.16 -13.62
C LEU A 237 6.64 27.54 -15.02
N ILE A 238 7.04 28.79 -15.18
CA ILE A 238 7.33 29.34 -16.49
C ILE A 238 8.83 29.57 -16.58
N ALA A 239 9.53 28.63 -17.24
CA ALA A 239 10.97 28.69 -17.49
C ALA A 239 11.77 28.82 -16.21
N ALA A 240 11.47 27.95 -15.26
CA ALA A 240 12.08 28.03 -13.94
C ALA A 240 13.53 27.58 -14.00
N ARG A 241 14.45 28.47 -13.60
CA ARG A 241 15.86 28.11 -13.62
C ARG A 241 16.22 27.22 -12.43
N ARG A 242 15.34 27.16 -11.44
CA ARG A 242 15.42 26.17 -10.38
C ARG A 242 14.02 26.02 -9.81
N THR A 243 13.86 25.10 -8.87
CA THR A 243 12.61 24.99 -8.13
C THR A 243 12.88 24.38 -6.77
N GLY A 244 11.81 24.02 -6.08
CA GLY A 244 11.92 23.54 -4.72
C GLY A 244 12.01 24.69 -3.74
N ARG A 245 12.21 24.34 -2.47
CA ARG A 245 12.25 25.36 -1.44
C ARG A 245 13.61 26.05 -1.46
N LEU A 246 13.62 27.33 -1.11
CA LEU A 246 14.79 28.17 -1.31
C LEU A 246 15.95 27.82 -0.39
N ARG A 247 17.07 28.51 -0.64
CA ARG A 247 18.36 28.23 -0.03
C ARG A 247 19.27 29.41 -0.37
N GLY A 248 20.09 29.84 0.60
CA GLY A 248 20.86 31.06 0.38
C GLY A 248 19.93 32.27 0.42
N THR A 249 20.33 33.37 -0.22
CA THR A 249 19.42 34.49 -0.36
C THR A 249 18.74 34.37 -1.71
N LYS A 250 19.39 34.74 -2.82
CA LYS A 250 19.04 34.24 -4.13
C LYS A 250 20.32 34.03 -4.93
N THR A 251 21.23 34.99 -4.78
CA THR A 251 22.53 35.10 -5.45
C THR A 251 22.40 34.93 -6.96
N VAL A 252 21.78 35.90 -7.63
CA VAL A 252 21.69 35.95 -9.08
C VAL A 252 22.48 37.16 -9.56
N GLN A 253 23.46 36.91 -10.45
CA GLN A 253 24.23 38.00 -11.03
C GLN A 253 23.72 38.34 -12.42
N LEU B 1 68.76 50.86 88.86
CA LEU B 1 69.83 50.15 88.20
C LEU B 1 71.13 50.94 88.35
N ASP B 2 71.35 51.89 87.43
CA ASP B 2 72.22 53.06 87.58
C ASP B 2 73.72 52.73 87.54
N VAL B 3 74.09 51.44 87.51
CA VAL B 3 75.50 51.10 87.36
C VAL B 3 75.71 50.22 86.14
N LEU B 4 74.67 49.51 85.73
CA LEU B 4 74.75 48.71 84.51
C LEU B 4 74.33 49.50 83.29
N GLN B 5 74.15 50.81 83.44
CA GLN B 5 73.69 51.65 82.34
C GLN B 5 74.81 51.81 81.32
N MET B 6 74.46 52.24 80.12
CA MET B 6 75.41 52.24 79.00
C MET B 6 76.45 53.34 79.17
N LYS B 7 77.63 53.10 78.60
CA LYS B 7 78.70 54.09 78.54
C LYS B 7 79.01 54.42 77.09
N GLU B 8 79.82 55.46 76.89
CA GLU B 8 80.07 55.97 75.55
C GLU B 8 80.98 55.04 74.75
N GLU B 9 81.80 54.24 75.43
CA GLU B 9 82.63 53.26 74.76
C GLU B 9 81.79 52.18 74.10
N ASP B 10 80.69 51.80 74.75
CA ASP B 10 79.78 50.80 74.21
C ASP B 10 79.14 51.28 72.92
N VAL B 11 78.55 52.48 72.95
CA VAL B 11 77.87 52.98 71.75
C VAL B 11 78.86 53.37 70.68
N LEU B 12 80.11 53.70 71.06
CA LEU B 12 81.15 53.93 70.06
C LEU B 12 81.46 52.64 69.33
N LYS B 13 81.57 51.53 70.05
CA LYS B 13 81.82 50.24 69.40
C LYS B 13 80.61 49.78 68.60
N PHE B 14 79.39 50.08 69.08
CA PHE B 14 78.19 49.72 68.33
C PHE B 14 78.12 50.47 67.00
N LEU B 15 78.35 51.78 67.02
CA LEU B 15 78.29 52.54 65.79
C LEU B 15 79.47 52.20 64.88
N ALA B 16 80.60 51.77 65.46
CA ALA B 16 81.72 51.32 64.64
C ALA B 16 81.41 50.01 63.95
N ALA B 17 80.65 49.13 64.61
CA ALA B 17 80.29 47.87 63.98
C ALA B 17 79.19 48.07 62.93
N GLY B 18 78.17 48.85 63.26
CA GLY B 18 77.06 49.02 62.37
C GLY B 18 75.81 48.25 62.73
N THR B 19 75.56 48.05 64.03
CA THR B 19 74.39 47.30 64.46
C THR B 19 73.12 48.14 64.46
N HIS B 20 73.24 49.45 64.26
CA HIS B 20 72.08 50.33 64.42
C HIS B 20 71.13 50.20 63.24
N LEU B 21 71.66 49.96 62.05
CA LEU B 21 70.81 49.72 60.89
C LEU B 21 70.32 48.27 60.93
N GLY B 22 69.33 47.96 60.12
CA GLY B 22 68.81 46.62 60.04
C GLY B 22 68.31 46.25 58.67
N GLY B 23 67.37 45.32 58.59
CA GLY B 23 66.76 44.95 57.33
C GLY B 23 65.67 45.91 56.93
N THR B 24 64.90 45.49 55.93
CA THR B 24 63.84 46.32 55.38
C THR B 24 62.45 45.88 55.81
N ASN B 25 62.32 44.73 56.47
CA ASN B 25 61.03 44.17 56.82
C ASN B 25 60.92 44.02 58.33
N LEU B 26 59.70 44.11 58.84
CA LEU B 26 59.46 43.95 60.26
C LEU B 26 58.60 42.74 60.55
N ASP B 27 58.92 42.07 61.65
CA ASP B 27 57.97 41.21 62.35
C ASP B 27 57.08 42.13 63.16
N PHE B 28 55.81 41.74 63.31
CA PHE B 28 54.86 42.60 64.02
C PHE B 28 55.14 42.62 65.51
N GLN B 29 55.85 41.61 66.01
CA GLN B 29 56.26 41.62 67.41
C GLN B 29 57.62 42.28 67.59
N MET B 30 58.23 42.70 66.49
CA MET B 30 59.48 43.46 66.53
C MET B 30 59.26 44.96 66.43
N GLU B 31 58.04 45.43 66.63
CA GLU B 31 57.78 46.86 66.51
C GLU B 31 58.34 47.63 67.69
N GLN B 32 58.32 47.02 68.88
CA GLN B 32 58.57 47.76 70.11
C GLN B 32 60.06 48.05 70.30
N TYR B 33 60.93 47.38 69.55
CA TYR B 33 62.37 47.58 69.75
C TYR B 33 62.88 48.67 68.83
N ILE B 34 62.34 48.73 67.61
CA ILE B 34 62.96 49.48 66.54
C ILE B 34 62.41 50.89 66.58
N TYR B 35 63.10 51.86 65.97
CA TYR B 35 62.74 53.25 66.26
C TYR B 35 62.17 53.97 65.05
N LYS B 36 62.92 54.06 63.96
CA LYS B 36 62.49 54.99 62.91
C LYS B 36 62.89 54.44 61.55
N ARG B 37 62.09 54.80 60.55
CA ARG B 37 62.42 54.57 59.15
C ARG B 37 63.54 55.51 58.73
N LYS B 38 64.27 55.12 57.68
CA LYS B 38 65.38 55.91 57.18
C LYS B 38 65.17 56.33 55.73
N SER B 39 66.08 57.16 55.22
CA SER B 39 65.99 57.66 53.85
C SER B 39 66.19 56.56 52.81
N ASP B 40 66.99 55.56 53.15
CA ASP B 40 67.26 54.46 52.23
C ASP B 40 66.40 53.24 52.53
N GLY B 41 65.20 53.48 53.04
CA GLY B 41 64.28 52.40 53.38
C GLY B 41 64.95 51.43 54.33
N ILE B 42 65.51 51.97 55.41
CA ILE B 42 66.21 51.15 56.39
C ILE B 42 65.77 51.54 57.79
N TYR B 43 65.44 50.54 58.60
CA TYR B 43 64.82 50.75 59.90
C TYR B 43 65.90 50.71 60.97
N ILE B 44 66.01 51.79 61.75
CA ILE B 44 67.07 51.91 62.74
C ILE B 44 66.61 51.36 64.09
N ILE B 45 67.32 50.38 64.59
CA ILE B 45 67.12 49.85 65.93
C ILE B 45 67.69 50.84 66.92
N ASN B 46 67.04 51.01 68.07
CA ASN B 46 67.63 51.81 69.11
C ASN B 46 68.79 51.06 69.78
N LEU B 47 69.46 51.75 70.68
CA LEU B 47 70.47 51.11 71.49
C LEU B 47 70.04 51.03 72.95
N LYS B 48 69.10 51.88 73.35
CA LYS B 48 68.63 51.96 74.73
C LYS B 48 67.93 50.67 75.14
N ARG B 49 66.99 50.20 74.32
CA ARG B 49 66.33 48.93 74.63
C ARG B 49 67.16 47.75 74.15
N THR B 50 68.13 48.02 73.26
CA THR B 50 69.03 46.95 72.82
C THR B 50 69.92 46.49 73.97
N TRP B 51 70.40 47.44 74.78
CA TRP B 51 71.20 47.07 75.94
C TRP B 51 70.36 46.34 76.99
N GLU B 52 69.06 46.64 77.05
CA GLU B 52 68.20 46.08 78.09
C GLU B 52 68.01 44.58 77.90
N LYS B 53 67.81 44.15 76.65
CA LYS B 53 67.66 42.73 76.39
C LYS B 53 68.97 41.99 76.56
N LEU B 54 70.09 42.66 76.27
CA LEU B 54 71.39 42.06 76.52
C LEU B 54 71.63 41.89 78.02
N LEU B 55 71.13 42.85 78.80
CA LEU B 55 71.23 42.78 80.25
C LEU B 55 70.42 41.62 80.80
N LEU B 56 69.17 41.49 80.34
CA LEU B 56 68.33 40.39 80.82
C LEU B 56 68.85 39.04 80.36
N ALA B 57 69.38 38.96 79.13
CA ALA B 57 69.95 37.71 78.65
C ALA B 57 71.17 37.32 79.45
N ALA B 58 71.97 38.31 79.85
CA ALA B 58 73.11 38.02 80.71
C ALA B 58 72.66 37.52 82.08
N ARG B 59 71.61 38.12 82.64
CA ARG B 59 71.10 37.67 83.93
C ARG B 59 70.56 36.25 83.85
N ALA B 60 69.90 35.92 82.74
CA ALA B 60 69.37 34.57 82.57
C ALA B 60 70.48 33.55 82.37
N ILE B 61 71.58 33.94 81.72
CA ILE B 61 72.69 33.02 81.55
C ILE B 61 73.44 32.83 82.86
N VAL B 62 73.55 33.86 83.68
CA VAL B 62 74.22 33.70 84.97
C VAL B 62 73.30 32.94 85.94
N ALA B 63 71.99 32.91 85.65
CA ALA B 63 71.02 32.25 86.52
C ALA B 63 71.23 30.74 86.61
N ILE B 64 71.53 30.07 85.49
CA ILE B 64 71.89 28.66 85.53
C ILE B 64 73.26 28.51 86.15
N GLU B 65 73.39 27.55 87.07
CA GLU B 65 74.60 27.44 87.89
C GLU B 65 75.73 26.77 87.12
N ASN B 66 75.51 25.55 86.66
CA ASN B 66 76.54 24.81 85.95
C ASN B 66 76.61 25.30 84.51
N PRO B 67 77.70 25.96 84.10
CA PRO B 67 77.69 26.63 82.79
C PRO B 67 77.73 25.67 81.62
N ALA B 68 78.10 24.40 81.88
CA ALA B 68 78.02 23.36 80.86
C ALA B 68 76.58 23.09 80.42
N ASP B 69 75.58 23.44 81.25
CA ASP B 69 74.21 23.32 80.79
C ASP B 69 73.83 24.41 79.80
N VAL B 70 74.64 25.46 79.68
CA VAL B 70 74.44 26.48 78.65
C VAL B 70 74.84 25.87 77.32
N SER B 71 73.87 25.69 76.42
CA SER B 71 74.14 25.19 75.09
C SER B 71 73.96 26.32 74.09
N VAL B 72 74.96 26.48 73.22
CA VAL B 72 75.05 27.60 72.31
C VAL B 72 75.17 27.06 70.89
N ILE B 73 74.33 27.57 69.98
CA ILE B 73 74.28 27.11 68.60
C ILE B 73 74.49 28.30 67.68
N SER B 74 75.23 28.10 66.59
CA SER B 74 75.09 28.93 65.40
C SER B 74 75.25 28.02 64.20
N SER B 75 74.36 28.16 63.22
CA SER B 75 74.47 27.33 62.03
C SER B 75 75.34 27.98 60.97
N ARG B 76 75.12 29.26 60.71
CA ARG B 76 75.83 29.94 59.63
C ARG B 76 77.25 30.33 60.04
N ASN B 77 78.12 30.39 59.04
CA ASN B 77 79.55 30.52 59.26
C ASN B 77 79.99 31.87 59.78
N THR B 78 79.06 32.84 59.88
CA THR B 78 79.35 34.02 60.68
C THR B 78 79.52 33.66 62.15
N GLY B 79 78.48 33.11 62.76
CA GLY B 79 78.55 32.81 64.18
C GLY B 79 79.23 31.51 64.50
N GLN B 80 79.53 30.69 63.47
CA GLN B 80 80.33 29.49 63.70
C GLN B 80 81.71 29.83 64.23
N ARG B 81 82.25 30.98 63.85
CA ARG B 81 83.49 31.47 64.42
C ARG B 81 83.31 31.86 65.89
N ALA B 82 82.19 32.51 66.22
CA ALA B 82 82.07 33.16 67.52
C ALA B 82 81.70 32.16 68.61
N VAL B 83 80.89 31.16 68.27
CA VAL B 83 80.31 30.28 69.29
C VAL B 83 81.38 29.43 69.96
N LEU B 84 82.35 28.97 69.17
CA LEU B 84 83.39 28.07 69.67
C LEU B 84 84.27 28.77 70.71
N LYS B 85 84.53 30.06 70.51
CA LYS B 85 85.31 30.79 71.50
C LYS B 85 84.44 31.28 72.66
N PHE B 86 83.16 31.59 72.39
CA PHE B 86 82.26 32.02 73.44
C PHE B 86 82.00 30.91 74.45
N ALA B 87 82.01 29.65 73.99
CA ALA B 87 81.72 28.54 74.88
C ALA B 87 82.82 28.33 75.90
N ALA B 88 84.07 28.32 75.44
CA ALA B 88 85.20 28.24 76.37
C ALA B 88 85.39 29.53 77.13
N ALA B 89 84.82 30.63 76.63
CA ALA B 89 84.92 31.90 77.33
C ALA B 89 84.20 31.90 78.67
N THR B 90 83.04 31.24 78.77
CA THR B 90 82.50 31.11 80.12
C THR B 90 82.41 29.68 80.64
N GLY B 91 81.54 28.83 80.10
CA GLY B 91 81.61 27.42 80.39
C GLY B 91 80.90 26.55 79.40
N ALA B 92 80.40 27.15 78.32
CA ALA B 92 79.23 26.64 77.62
C ALA B 92 79.60 25.46 76.72
N THR B 93 78.56 24.87 76.14
CA THR B 93 78.71 23.68 75.33
C THR B 93 78.53 24.06 73.87
N PRO B 94 79.58 24.05 73.06
CA PRO B 94 79.46 24.53 71.69
C PRO B 94 78.91 23.46 70.76
N ILE B 95 78.00 23.88 69.89
CA ILE B 95 77.54 23.02 68.81
C ILE B 95 77.29 23.86 67.55
N ALA B 96 78.22 23.78 66.62
CA ALA B 96 78.14 24.46 65.34
C ALA B 96 78.15 23.43 64.23
N GLY B 97 78.24 23.91 63.00
CA GLY B 97 78.18 23.03 61.84
C GLY B 97 76.76 22.55 61.60
N ARG B 98 76.66 21.29 61.21
CA ARG B 98 75.34 20.70 61.09
C ARG B 98 74.79 20.40 62.48
N PHE B 99 73.52 20.77 62.69
CA PHE B 99 72.89 20.69 64.00
C PHE B 99 72.61 19.26 64.45
N THR B 100 72.55 18.30 63.51
CA THR B 100 72.17 16.90 63.72
C THR B 100 70.80 16.84 64.38
N PRO B 101 69.70 16.99 63.60
CA PRO B 101 68.34 16.93 64.14
C PRO B 101 68.08 15.66 64.92
N GLY B 102 67.31 15.77 65.99
CA GLY B 102 67.33 14.75 67.01
C GLY B 102 68.45 14.91 68.00
N THR B 103 68.88 16.15 68.26
CA THR B 103 69.91 16.37 69.26
C THR B 103 69.34 16.17 70.66
N PHE B 104 68.11 16.62 70.87
CA PHE B 104 67.55 16.66 72.21
C PHE B 104 66.46 15.63 72.46
N THR B 105 65.99 14.92 71.42
CA THR B 105 64.75 14.17 71.58
C THR B 105 65.00 12.68 71.83
N ASN B 106 65.68 12.00 70.91
CA ASN B 106 65.91 10.57 71.02
C ASN B 106 67.19 10.31 71.79
N GLN B 107 67.27 9.15 72.43
CA GLN B 107 68.41 8.88 73.31
C GLN B 107 69.19 7.65 72.93
N ILE B 108 68.96 7.10 71.74
CA ILE B 108 69.78 5.97 71.30
C ILE B 108 71.16 6.46 70.88
N GLN B 109 71.28 7.74 70.55
CA GLN B 109 72.54 8.23 70.03
C GLN B 109 73.34 8.84 71.18
N ALA B 110 74.64 8.56 71.16
CA ALA B 110 75.61 9.02 72.17
C ALA B 110 75.69 10.54 72.11
N ALA B 111 75.56 11.16 70.92
CA ALA B 111 75.56 12.61 70.82
C ALA B 111 74.24 13.16 71.31
N PHE B 112 74.06 13.21 72.63
CA PHE B 112 72.80 13.63 73.23
C PHE B 112 73.10 14.62 74.34
N ARG B 113 72.28 15.68 74.43
CA ARG B 113 72.47 16.72 75.42
C ARG B 113 71.14 17.00 76.12
N GLU B 114 71.23 17.44 77.39
CA GLU B 114 70.08 17.82 78.19
C GLU B 114 70.32 19.22 78.75
N PRO B 115 70.15 20.25 77.95
CA PRO B 115 70.47 21.60 78.41
C PRO B 115 69.32 22.20 79.21
N ARG B 116 69.61 23.32 79.86
CA ARG B 116 68.57 24.10 80.51
C ARG B 116 68.41 25.49 79.91
N LEU B 117 69.18 25.84 78.88
CA LEU B 117 69.07 27.13 78.22
C LEU B 117 69.75 27.06 76.87
N LEU B 118 69.19 27.76 75.89
CA LEU B 118 69.71 27.74 74.53
C LEU B 118 69.90 29.16 74.05
N VAL B 119 71.04 29.42 73.39
CA VAL B 119 71.28 30.69 72.72
C VAL B 119 71.63 30.41 71.27
N VAL B 120 70.91 31.05 70.35
CA VAL B 120 71.11 30.85 68.92
C VAL B 120 71.51 32.16 68.28
N THR B 121 71.84 32.12 66.99
CA THR B 121 72.23 33.32 66.28
C THR B 121 71.11 33.84 65.39
N ASP B 122 70.58 32.99 64.53
CA ASP B 122 69.57 33.40 63.57
C ASP B 122 68.43 32.40 63.61
N PRO B 123 67.20 32.82 63.91
CA PRO B 123 66.09 31.86 64.00
C PRO B 123 65.71 31.24 62.67
N ARG B 124 65.77 32.02 61.59
CA ARG B 124 65.41 31.50 60.27
C ARG B 124 66.46 30.53 59.76
N ALA B 125 67.70 30.67 60.23
CA ALA B 125 68.74 29.67 59.97
C ALA B 125 68.72 28.53 60.97
N ASP B 126 68.09 28.73 62.12
CA ASP B 126 67.94 27.72 63.15
C ASP B 126 66.48 27.35 63.37
N HIS B 127 65.74 27.14 62.28
CA HIS B 127 64.35 26.70 62.38
C HIS B 127 64.22 25.34 63.09
N GLN B 128 65.25 24.52 63.06
CA GLN B 128 65.19 23.21 63.69
C GLN B 128 65.40 23.19 65.21
N PRO B 129 66.41 23.87 65.81
CA PRO B 129 66.54 23.79 67.27
C PRO B 129 65.41 24.48 68.04
N LEU B 130 64.85 25.55 67.47
CA LEU B 130 63.69 26.18 68.07
C LEU B 130 62.49 25.24 68.09
N THR B 131 62.38 24.40 67.06
CA THR B 131 61.33 23.40 67.05
C THR B 131 61.63 22.30 68.06
N GLU B 132 62.91 21.95 68.23
CA GLU B 132 63.25 20.88 69.17
C GLU B 132 63.17 21.35 70.61
N ALA B 133 63.07 22.66 70.83
CA ALA B 133 62.96 23.17 72.19
C ALA B 133 61.64 22.75 72.85
N SER B 134 60.57 22.66 72.05
CA SER B 134 59.22 22.56 72.61
C SER B 134 58.94 21.18 73.16
N TYR B 135 59.78 20.20 72.83
CA TYR B 135 59.60 18.88 73.41
C TYR B 135 60.32 18.79 74.74
N VAL B 136 61.46 19.46 74.88
CA VAL B 136 62.39 19.19 75.97
C VAL B 136 62.43 20.33 76.98
N ASN B 137 61.51 21.32 76.86
CA ASN B 137 61.25 22.32 77.92
C ASN B 137 62.48 23.18 78.20
N LEU B 138 62.94 23.89 77.18
CA LEU B 138 64.09 24.75 77.40
C LEU B 138 63.82 26.11 76.80
N PRO B 139 64.28 27.19 77.44
CA PRO B 139 63.97 28.52 76.93
C PRO B 139 64.84 28.88 75.74
N THR B 140 64.73 30.13 75.32
CA THR B 140 65.40 30.60 74.13
C THR B 140 65.82 32.06 74.29
N ILE B 141 67.11 32.32 74.12
CA ILE B 141 67.64 33.65 73.93
C ILE B 141 68.14 33.74 72.49
N ALA B 142 67.58 34.66 71.72
CA ALA B 142 67.84 34.69 70.29
C ALA B 142 68.23 36.09 69.84
N LEU B 143 69.29 36.14 69.04
CA LEU B 143 69.81 37.39 68.50
C LEU B 143 68.97 37.73 67.28
N CYS B 144 67.82 38.35 67.52
CA CYS B 144 66.83 38.48 66.47
C CYS B 144 67.10 39.71 65.61
N ASN B 145 66.80 39.57 64.33
CA ASN B 145 67.02 40.61 63.35
C ASN B 145 65.77 41.48 63.33
N THR B 146 65.66 42.33 62.31
CA THR B 146 64.47 43.17 62.17
C THR B 146 63.37 42.41 61.45
N ASP B 147 63.72 41.48 60.57
CA ASP B 147 62.77 40.69 59.83
C ASP B 147 62.76 39.23 60.26
N SER B 148 62.94 38.97 61.55
CA SER B 148 62.97 37.56 61.93
C SER B 148 61.73 37.20 62.73
N PRO B 149 61.08 36.08 62.40
CA PRO B 149 59.93 35.64 63.19
C PRO B 149 60.33 35.23 64.60
N LEU B 150 59.35 35.25 65.49
CA LEU B 150 59.60 35.09 66.92
C LEU B 150 58.92 33.88 67.52
N ARG B 151 58.78 32.80 66.76
CA ARG B 151 58.17 31.60 67.30
C ARG B 151 59.17 30.85 68.17
N TYR B 152 58.70 30.41 69.34
CA TYR B 152 59.49 29.75 70.39
C TYR B 152 60.70 30.58 70.79
N VAL B 153 60.53 31.88 70.93
CA VAL B 153 61.60 32.77 71.36
C VAL B 153 61.15 33.44 72.65
N ASP B 154 61.99 33.33 73.69
CA ASP B 154 61.61 33.93 74.96
C ASP B 154 62.22 35.31 75.13
N ILE B 155 63.54 35.43 75.02
CA ILE B 155 64.21 36.72 75.13
C ILE B 155 64.86 37.03 73.79
N ALA B 156 64.40 38.10 73.15
CA ALA B 156 64.86 38.47 71.82
C ALA B 156 65.71 39.73 71.94
N ILE B 157 66.92 39.67 71.41
CA ILE B 157 67.83 40.80 71.45
C ILE B 157 67.80 41.47 70.09
N PRO B 158 67.38 42.73 69.99
CA PRO B 158 67.29 43.38 68.67
C PRO B 158 68.67 43.81 68.20
N CYS B 159 68.95 43.52 66.92
CA CYS B 159 70.27 43.73 66.34
C CYS B 159 70.18 43.53 64.84
N ASN B 160 71.32 43.70 64.19
CA ASN B 160 71.50 43.24 62.82
C ASN B 160 72.51 42.11 62.86
N ASN B 161 72.18 40.99 62.22
CA ASN B 161 73.11 39.88 62.18
C ASN B 161 73.39 39.39 60.76
N LYS B 162 73.23 40.24 59.75
CA LYS B 162 73.76 39.90 58.44
C LYS B 162 75.28 40.01 58.43
N GLY B 163 75.80 41.21 58.70
CA GLY B 163 77.23 41.44 58.72
C GLY B 163 77.89 40.76 59.91
N ALA B 164 79.12 40.28 59.70
CA ALA B 164 79.79 39.48 60.72
C ALA B 164 80.25 40.33 61.88
N HIS B 165 80.50 41.62 61.65
CA HIS B 165 81.06 42.49 62.68
C HIS B 165 80.07 42.71 63.81
N SER B 166 78.79 42.91 63.49
CA SER B 166 77.78 43.12 64.51
C SER B 166 77.53 41.83 65.31
N VAL B 167 77.57 40.69 64.62
CA VAL B 167 77.47 39.40 65.28
C VAL B 167 78.59 39.23 66.30
N GLY B 168 79.82 39.49 65.87
CA GLY B 168 80.95 39.31 66.76
C GLY B 168 80.95 40.28 67.92
N LEU B 169 80.50 41.52 67.67
CA LEU B 169 80.42 42.50 68.74
C LEU B 169 79.39 42.09 69.77
N MET B 170 78.27 41.52 69.33
CA MET B 170 77.26 41.06 70.28
C MET B 170 77.73 39.88 71.10
N TRP B 171 78.40 38.91 70.47
CA TRP B 171 78.89 37.77 71.24
C TRP B 171 79.97 38.20 72.22
N TRP B 172 80.83 39.13 71.80
CA TRP B 172 81.86 39.68 72.67
C TRP B 172 81.25 40.38 73.87
N MET B 173 80.24 41.22 73.63
CA MET B 173 79.68 42.01 74.70
C MET B 173 78.81 41.16 75.61
N LEU B 174 78.20 40.11 75.06
CA LEU B 174 77.40 39.22 75.89
C LEU B 174 78.29 38.43 76.83
N ALA B 175 79.42 37.92 76.33
CA ALA B 175 80.38 37.24 77.20
C ALA B 175 80.97 38.19 78.22
N ARG B 176 81.22 39.42 77.77
CA ARG B 176 81.75 40.49 78.59
C ARG B 176 80.80 40.82 79.74
N GLU B 177 79.50 40.73 79.49
CA GLU B 177 78.54 41.06 80.53
C GLU B 177 78.31 39.87 81.46
N VAL B 178 78.30 38.65 80.90
CA VAL B 178 78.06 37.45 81.69
C VAL B 178 79.21 37.20 82.65
N LEU B 179 80.44 37.41 82.22
CA LEU B 179 81.57 37.15 83.11
C LEU B 179 81.67 38.21 84.20
N ARG B 180 81.23 39.44 83.91
CA ARG B 180 81.20 40.43 84.97
C ARG B 180 80.09 40.15 85.97
N MET B 181 78.94 39.65 85.50
CA MET B 181 77.90 39.28 86.44
C MET B 181 78.28 38.06 87.25
N ARG B 182 79.12 37.18 86.70
CA ARG B 182 79.73 36.15 87.52
C ARG B 182 80.66 36.76 88.55
N GLY B 183 81.39 37.80 88.15
CA GLY B 183 82.32 38.48 89.04
C GLY B 183 83.78 38.25 88.72
N THR B 184 84.14 38.01 87.46
CA THR B 184 85.56 37.85 87.13
C THR B 184 86.29 39.18 87.19
N ILE B 185 85.89 40.14 86.37
CA ILE B 185 86.47 41.47 86.36
C ILE B 185 85.37 42.45 86.77
N SER B 186 85.73 43.48 87.54
CA SER B 186 84.76 44.48 87.95
C SER B 186 84.33 45.35 86.77
N ARG B 187 83.35 46.21 87.04
CA ARG B 187 82.74 46.99 85.98
C ARG B 187 83.67 48.08 85.45
N GLU B 188 84.37 48.77 86.35
CA GLU B 188 85.21 49.92 85.98
C GLU B 188 86.60 49.40 85.61
N HIS B 189 86.66 48.61 84.53
CA HIS B 189 87.89 48.07 83.97
C HIS B 189 87.55 47.51 82.60
N PRO B 190 88.39 47.71 81.59
CA PRO B 190 88.08 47.14 80.27
C PRO B 190 88.30 45.64 80.25
N TRP B 191 87.62 44.98 79.33
CA TRP B 191 87.73 43.54 79.20
C TRP B 191 88.99 43.19 78.43
N GLU B 192 89.60 42.07 78.81
CA GLU B 192 91.02 41.87 78.50
C GLU B 192 91.26 41.31 77.10
N VAL B 193 90.22 41.14 76.29
CA VAL B 193 90.39 40.56 74.96
C VAL B 193 89.63 41.41 73.95
N MET B 194 90.04 41.33 72.69
CA MET B 194 89.50 42.22 71.66
C MET B 194 88.64 41.45 70.67
N PRO B 195 87.48 41.99 70.31
CA PRO B 195 86.57 41.25 69.43
C PRO B 195 86.97 41.21 67.96
N ASP B 196 87.91 40.34 67.62
CA ASP B 196 88.09 39.89 66.24
C ASP B 196 88.06 38.37 66.14
N LEU B 197 88.64 37.68 67.14
CA LEU B 197 88.28 36.32 67.52
C LEU B 197 86.80 36.08 67.37
N TYR B 198 86.02 36.91 68.04
CA TYR B 198 84.58 36.76 68.04
C TYR B 198 83.98 37.21 66.72
N PHE B 199 84.67 38.09 65.98
CA PHE B 199 84.14 38.47 64.67
C PHE B 199 84.18 37.32 63.69
N TYR B 200 85.25 37.18 62.92
CA TYR B 200 85.29 36.06 61.98
C TYR B 200 86.34 36.19 60.89
N ARG B 201 87.20 35.17 60.81
CA ARG B 201 88.25 35.14 59.80
C ARG B 201 87.79 34.34 58.60
N ASP B 202 87.82 34.97 57.43
CA ASP B 202 87.41 34.33 56.18
C ASP B 202 88.60 33.67 55.50
N PRO B 203 88.62 33.72 54.16
CA PRO B 203 89.74 33.14 53.41
C PRO B 203 91.04 33.76 53.90
N GLU B 204 91.86 32.97 54.58
CA GLU B 204 93.14 33.42 55.12
C GLU B 204 93.96 34.17 54.08
N GLU B 205 93.99 33.63 52.86
CA GLU B 205 94.74 34.26 51.78
C GLU B 205 94.91 35.75 52.04
N ILE B 206 93.81 36.46 52.35
CA ILE B 206 93.96 37.89 52.60
C ILE B 206 94.53 38.12 54.00
N GLU B 207 94.36 37.15 54.91
CA GLU B 207 95.00 37.24 56.23
C GLU B 207 96.53 37.21 56.11
N LYS B 208 97.05 36.20 55.43
CA LYS B 208 98.49 36.10 55.21
C LYS B 208 98.98 37.10 54.18
N GLU B 209 98.09 37.70 53.39
CA GLU B 209 98.44 38.87 52.60
C GLU B 209 98.75 40.06 53.50
N GLU B 210 97.90 40.28 54.51
CA GLU B 210 98.19 41.29 55.53
C GLU B 210 99.48 40.98 56.29
N GLN B 211 99.71 39.70 56.58
CA GLN B 211 100.96 39.28 57.23
C GLN B 211 102.17 39.54 56.33
N ALA B 212 102.03 39.26 55.03
CA ALA B 212 103.13 39.43 54.09
C ALA B 212 103.44 40.90 53.85
N ALA B 213 102.43 41.76 53.87
CA ALA B 213 102.68 43.19 53.81
C ALA B 213 103.26 43.71 55.12
N ALA B 214 102.91 43.10 56.26
CA ALA B 214 103.40 43.51 57.56
C ALA B 214 104.64 42.75 58.01
N GLU B 215 105.31 42.01 57.12
CA GLU B 215 106.60 41.38 57.42
C GLU B 215 107.66 42.41 57.79
N SER C 1 -39.71 -19.41 -6.88
CA SER C 1 -39.75 -20.85 -7.02
C SER C 1 -39.22 -21.45 -5.75
N HIS C 2 -40.02 -22.32 -5.13
CA HIS C 2 -39.82 -22.82 -3.77
C HIS C 2 -39.78 -21.60 -2.85
N ARG C 3 -40.97 -21.13 -2.45
CA ARG C 3 -41.21 -19.80 -1.86
C ARG C 3 -40.36 -19.47 -0.63
N LYS C 4 -39.59 -20.44 -0.11
CA LYS C 4 -38.54 -20.37 0.91
C LYS C 4 -39.15 -20.26 2.31
N PHE C 5 -40.44 -19.98 2.38
CA PHE C 5 -41.16 -19.92 3.63
C PHE C 5 -42.60 -20.32 3.37
N SER C 6 -42.91 -21.58 3.61
CA SER C 6 -44.20 -22.15 3.25
C SER C 6 -45.26 -21.61 4.20
N ALA C 7 -46.32 -21.06 3.64
CA ALA C 7 -47.39 -20.49 4.43
C ALA C 7 -48.63 -21.33 4.25
N PRO C 8 -49.46 -21.43 5.28
CA PRO C 8 -50.80 -21.98 5.08
C PRO C 8 -51.61 -21.05 4.21
N ARG C 9 -52.20 -21.63 3.17
CA ARG C 9 -52.82 -20.84 2.12
C ARG C 9 -54.12 -20.23 2.62
N HIS C 10 -54.32 -18.95 2.30
CA HIS C 10 -55.45 -18.17 2.80
C HIS C 10 -56.79 -18.68 2.28
N GLY C 11 -57.83 -18.51 3.08
CA GLY C 11 -59.17 -18.90 2.69
C GLY C 11 -59.32 -20.39 2.55
N SER C 12 -60.47 -20.81 2.06
CA SER C 12 -60.69 -22.19 1.70
C SER C 12 -61.21 -22.27 0.29
N LEU C 13 -60.70 -23.23 -0.47
CA LEU C 13 -61.13 -23.36 -1.85
C LEU C 13 -62.47 -24.08 -1.94
N GLY C 14 -62.93 -24.66 -0.83
CA GLY C 14 -64.20 -25.36 -0.85
C GLY C 14 -65.39 -24.42 -0.88
N PHE C 15 -65.20 -23.18 -0.47
CA PHE C 15 -66.27 -22.20 -0.46
C PHE C 15 -66.14 -21.20 -1.59
N LEU C 16 -65.42 -21.56 -2.65
CA LEU C 16 -64.99 -20.65 -3.70
C LEU C 16 -66.10 -19.91 -4.47
N PRO C 17 -67.22 -20.54 -4.90
CA PRO C 17 -68.23 -19.71 -5.56
C PRO C 17 -68.95 -18.79 -4.58
N ARG C 18 -68.25 -17.74 -4.17
CA ARG C 18 -68.77 -16.77 -3.23
C ARG C 18 -69.77 -15.90 -3.96
N LYS C 19 -70.97 -15.79 -3.41
CA LYS C 19 -72.07 -15.37 -4.24
C LYS C 19 -73.21 -14.98 -3.32
N ARG C 20 -73.93 -13.93 -3.71
CA ARG C 20 -75.23 -13.69 -3.11
C ARG C 20 -76.11 -14.89 -3.39
N SER C 21 -76.78 -15.39 -2.36
CA SER C 21 -77.54 -16.61 -2.53
C SER C 21 -78.78 -16.33 -3.37
N SER C 22 -79.25 -17.38 -4.06
CA SER C 22 -80.44 -17.23 -4.89
C SER C 22 -81.70 -17.06 -4.06
N ARG C 23 -81.61 -17.38 -2.77
CA ARG C 23 -82.72 -17.36 -1.84
C ARG C 23 -82.19 -16.84 -0.51
N HIS C 24 -82.97 -15.99 0.15
CA HIS C 24 -82.47 -15.44 1.41
C HIS C 24 -83.00 -16.24 2.58
N ARG C 25 -84.12 -16.92 2.42
CA ARG C 25 -84.46 -17.99 3.33
C ARG C 25 -83.50 -19.14 3.11
N GLY C 26 -82.81 -19.54 4.18
CA GLY C 26 -81.79 -20.56 4.05
C GLY C 26 -82.34 -21.94 3.81
N LYS C 27 -82.22 -22.46 2.59
CA LYS C 27 -82.82 -23.75 2.32
C LYS C 27 -81.97 -24.87 2.90
N VAL C 28 -82.56 -26.04 3.02
CA VAL C 28 -81.91 -27.20 3.60
C VAL C 28 -81.39 -28.04 2.45
N LYS C 29 -80.07 -28.29 2.45
CA LYS C 29 -79.49 -29.10 1.38
C LYS C 29 -79.85 -30.57 1.53
N SER C 30 -79.98 -31.05 2.77
CA SER C 30 -80.31 -32.43 3.03
C SER C 30 -80.85 -32.58 4.44
N PHE C 31 -81.87 -33.42 4.56
CA PHE C 31 -82.46 -33.79 5.84
C PHE C 31 -81.86 -35.13 6.26
N PRO C 32 -81.81 -35.43 7.56
CA PRO C 32 -81.14 -36.66 7.99
C PRO C 32 -81.92 -37.90 7.61
N LYS C 33 -81.20 -39.01 7.47
CA LYS C 33 -81.80 -40.22 6.94
C LYS C 33 -82.74 -40.88 7.95
N ASP C 34 -83.93 -41.21 7.47
CA ASP C 34 -84.98 -41.76 8.30
C ASP C 34 -84.70 -43.22 8.63
N ASP C 35 -85.38 -43.69 9.68
CA ASP C 35 -85.47 -45.11 9.98
C ASP C 35 -86.94 -45.44 10.24
N PRO C 36 -87.36 -46.67 9.91
CA PRO C 36 -88.75 -47.04 10.23
C PRO C 36 -88.97 -47.39 11.68
N SER C 37 -87.94 -47.36 12.52
CA SER C 37 -88.10 -47.75 13.91
C SER C 37 -88.65 -46.61 14.75
N LYS C 38 -88.17 -45.39 14.52
CA LYS C 38 -88.56 -44.27 15.35
C LYS C 38 -90.02 -43.88 15.08
N PRO C 39 -90.69 -43.30 16.06
CA PRO C 39 -92.02 -42.74 15.80
C PRO C 39 -91.94 -41.49 14.94
N VAL C 40 -93.10 -41.02 14.51
CA VAL C 40 -93.17 -39.99 13.48
C VAL C 40 -92.88 -38.62 14.10
N HIS C 41 -92.00 -37.86 13.45
CA HIS C 41 -91.56 -36.57 13.96
C HIS C 41 -91.21 -35.66 12.79
N LEU C 42 -90.87 -34.41 13.09
CA LEU C 42 -90.37 -33.47 12.10
C LEU C 42 -88.88 -33.27 12.30
N THR C 43 -88.26 -32.48 11.42
CA THR C 43 -86.83 -32.22 11.50
C THR C 43 -86.44 -30.77 11.24
N ALA C 44 -87.39 -29.83 11.15
CA ALA C 44 -86.97 -28.49 10.80
C ALA C 44 -87.88 -27.45 11.43
N PHE C 45 -87.39 -26.22 11.44
CA PHE C 45 -88.19 -25.05 11.79
C PHE C 45 -87.66 -23.81 11.09
N LEU C 46 -88.52 -22.81 11.07
CA LEU C 46 -88.12 -21.44 10.78
C LEU C 46 -87.93 -20.71 12.09
N GLY C 47 -87.07 -19.69 12.06
CA GLY C 47 -86.81 -18.91 13.24
C GLY C 47 -86.43 -17.51 12.82
N TYR C 48 -86.37 -16.62 13.79
CA TYR C 48 -86.04 -15.23 13.55
C TYR C 48 -85.04 -14.78 14.60
N LYS C 49 -83.87 -14.36 14.17
CA LYS C 49 -82.80 -14.02 15.10
C LYS C 49 -83.11 -12.71 15.79
N ALA C 50 -83.05 -12.71 17.11
CA ALA C 50 -83.42 -11.53 17.88
C ALA C 50 -82.25 -10.84 18.55
N GLY C 51 -81.51 -11.54 19.42
CA GLY C 51 -80.46 -10.89 20.16
C GLY C 51 -79.66 -11.92 20.93
N MET C 52 -78.66 -11.42 21.65
CA MET C 52 -77.73 -12.27 22.37
C MET C 52 -77.63 -11.84 23.82
N THR C 53 -77.55 -12.79 24.74
CA THR C 53 -77.45 -12.50 26.18
C THR C 53 -76.44 -13.42 26.82
N HIS C 54 -76.08 -13.12 28.07
CA HIS C 54 -75.23 -14.02 28.83
C HIS C 54 -76.08 -15.08 29.53
N ILE C 55 -75.41 -16.16 29.93
CA ILE C 55 -75.96 -17.15 30.85
C ILE C 55 -74.88 -17.54 31.83
N VAL C 56 -75.12 -17.37 33.11
CA VAL C 56 -74.26 -17.93 34.14
C VAL C 56 -74.69 -19.37 34.32
N ARG C 57 -73.75 -20.29 34.16
CA ARG C 57 -74.10 -21.70 34.00
C ARG C 57 -73.22 -22.60 34.86
N GLU C 58 -73.87 -23.53 35.56
CA GLU C 58 -73.17 -24.60 36.26
C GLU C 58 -72.74 -25.66 35.25
N VAL C 59 -71.53 -26.22 35.46
CA VAL C 59 -70.92 -27.13 34.50
C VAL C 59 -70.56 -28.43 35.19
N ASP C 60 -71.17 -29.54 34.75
CA ASP C 60 -70.81 -30.87 35.23
C ASP C 60 -69.94 -31.61 34.20
N ARG C 61 -68.72 -31.11 34.01
CA ARG C 61 -67.78 -31.76 33.12
C ARG C 61 -66.53 -32.14 33.90
N PRO C 62 -66.44 -33.37 34.40
CA PRO C 62 -65.32 -33.74 35.26
C PRO C 62 -64.05 -33.93 34.45
N GLY C 63 -62.92 -34.00 35.18
CA GLY C 63 -61.64 -34.07 34.54
C GLY C 63 -61.21 -32.76 33.90
N SER C 64 -61.80 -31.65 34.30
CA SER C 64 -61.47 -30.35 33.75
C SER C 64 -61.12 -29.40 34.90
N LYS C 65 -60.59 -28.24 34.55
CA LYS C 65 -60.22 -27.25 35.55
C LYS C 65 -61.40 -26.35 35.87
N VAL C 66 -62.53 -26.61 35.22
CA VAL C 66 -63.74 -25.81 35.44
C VAL C 66 -64.91 -26.67 35.90
N ASN C 67 -64.63 -27.61 36.80
CA ASN C 67 -65.69 -28.48 37.32
C ASN C 67 -66.29 -27.89 38.59
N LYS C 68 -67.62 -27.77 38.60
CA LYS C 68 -68.33 -27.23 39.74
C LYS C 68 -68.04 -25.75 39.98
N LYS C 69 -67.87 -24.97 38.90
CA LYS C 69 -67.78 -23.53 39.00
C LYS C 69 -68.71 -22.88 38.01
N GLU C 70 -68.81 -21.56 38.07
CA GLU C 70 -69.67 -20.82 37.17
C GLU C 70 -68.92 -20.47 35.89
N VAL C 71 -69.61 -20.64 34.76
CA VAL C 71 -69.07 -20.27 33.46
C VAL C 71 -70.12 -19.46 32.72
N VAL C 72 -69.74 -18.25 32.29
CA VAL C 72 -70.62 -17.37 31.53
C VAL C 72 -70.41 -17.67 30.06
N GLU C 73 -71.48 -17.90 29.32
CA GLU C 73 -71.38 -18.21 27.91
C GLU C 73 -72.27 -17.29 27.09
N ALA C 74 -71.74 -16.84 25.96
CA ALA C 74 -72.50 -16.02 25.02
C ALA C 74 -73.54 -16.88 24.32
N VAL C 75 -74.78 -16.39 24.30
CA VAL C 75 -75.94 -17.19 23.95
C VAL C 75 -76.92 -16.33 23.16
N THR C 76 -77.33 -16.81 21.98
CA THR C 76 -78.34 -16.14 21.19
C THR C 76 -79.73 -16.62 21.58
N ILE C 77 -80.72 -15.82 21.20
CA ILE C 77 -82.13 -16.10 21.47
C ILE C 77 -82.90 -15.91 20.17
N VAL C 78 -83.59 -16.95 19.73
CA VAL C 78 -84.28 -16.94 18.44
C VAL C 78 -85.77 -17.09 18.68
N GLU C 79 -86.55 -16.15 18.17
CA GLU C 79 -88.00 -16.17 18.34
C GLU C 79 -88.62 -17.05 17.27
N THR C 80 -89.38 -18.05 17.69
CA THR C 80 -89.97 -19.04 16.80
C THR C 80 -91.46 -19.17 17.08
N PRO C 81 -92.33 -18.47 16.36
CA PRO C 81 -93.76 -18.73 16.50
C PRO C 81 -94.11 -20.10 15.96
N PRO C 82 -95.23 -20.68 16.39
CA PRO C 82 -95.55 -22.05 15.96
C PRO C 82 -95.93 -22.11 14.49
N MET C 83 -95.68 -23.27 13.89
CA MET C 83 -95.76 -23.43 12.44
C MET C 83 -97.10 -24.00 12.01
N VAL C 84 -97.79 -23.31 11.11
CA VAL C 84 -99.07 -23.77 10.60
C VAL C 84 -98.83 -24.67 9.40
N VAL C 85 -99.25 -25.92 9.51
CA VAL C 85 -99.05 -26.92 8.46
C VAL C 85 -100.04 -26.62 7.33
N VAL C 86 -99.56 -26.57 6.08
CA VAL C 86 -100.46 -26.32 4.97
C VAL C 86 -100.47 -27.49 3.98
N GLY C 87 -99.31 -27.90 3.48
CA GLY C 87 -99.34 -28.79 2.34
C GLY C 87 -98.47 -30.02 2.52
N ILE C 88 -98.72 -31.00 1.65
CA ILE C 88 -98.04 -32.29 1.66
C ILE C 88 -97.48 -32.52 0.27
N VAL C 89 -96.20 -32.87 0.19
CA VAL C 89 -95.51 -33.13 -1.07
C VAL C 89 -94.83 -34.48 -0.98
N GLY C 90 -95.08 -35.34 -1.96
CA GLY C 90 -94.45 -36.65 -2.05
C GLY C 90 -93.26 -36.63 -2.99
N TYR C 91 -92.34 -37.56 -2.80
CA TYR C 91 -91.14 -37.67 -3.61
C TYR C 91 -90.89 -39.11 -3.99
N VAL C 92 -90.39 -39.32 -5.22
CA VAL C 92 -90.17 -40.65 -5.75
C VAL C 92 -88.67 -40.82 -5.99
N GLU C 93 -88.13 -41.96 -5.55
CA GLU C 93 -86.79 -42.37 -5.93
C GLU C 93 -86.73 -42.61 -7.44
N THR C 94 -85.77 -41.97 -8.09
CA THR C 94 -85.57 -42.11 -9.52
C THR C 94 -84.15 -42.55 -9.74
N PRO C 95 -83.80 -43.04 -10.94
CA PRO C 95 -82.38 -43.19 -11.26
C PRO C 95 -81.69 -41.89 -11.62
N ARG C 96 -82.37 -40.75 -11.53
CA ARG C 96 -81.71 -39.45 -11.66
C ARG C 96 -81.80 -38.61 -10.38
N GLY C 97 -82.41 -39.14 -9.32
CA GLY C 97 -82.56 -38.38 -8.09
C GLY C 97 -83.91 -38.56 -7.44
N LEU C 98 -84.45 -37.50 -6.86
CA LEU C 98 -85.80 -37.50 -6.32
C LEU C 98 -86.68 -36.63 -7.18
N ARG C 99 -87.88 -37.10 -7.49
CA ARG C 99 -88.82 -36.30 -8.27
C ARG C 99 -90.04 -35.96 -7.43
N THR C 100 -90.46 -34.70 -7.52
CA THR C 100 -91.69 -34.24 -6.89
C THR C 100 -92.88 -34.93 -7.54
N PHE C 101 -93.64 -35.71 -6.77
CA PHE C 101 -94.68 -36.52 -7.40
C PHE C 101 -95.92 -35.68 -7.70
N LYS C 102 -96.59 -35.19 -6.68
CA LYS C 102 -97.68 -34.22 -6.83
C LYS C 102 -97.89 -33.54 -5.49
N THR C 103 -98.38 -32.30 -5.57
CA THR C 103 -98.53 -31.46 -4.39
C THR C 103 -100.00 -31.32 -4.05
N VAL C 104 -100.31 -31.49 -2.77
CA VAL C 104 -101.66 -31.29 -2.26
C VAL C 104 -101.59 -30.23 -1.18
N PHE C 105 -102.39 -29.18 -1.33
CA PHE C 105 -102.50 -28.16 -0.30
C PHE C 105 -103.83 -28.31 0.41
N ALA C 106 -103.96 -27.61 1.54
CA ALA C 106 -105.07 -27.86 2.44
C ALA C 106 -106.37 -27.23 1.95
N GLU C 107 -107.38 -27.31 2.81
CA GLU C 107 -108.72 -26.87 2.44
C GLU C 107 -108.84 -25.36 2.52
N HIS C 108 -108.08 -24.72 3.41
CA HIS C 108 -108.05 -23.28 3.53
C HIS C 108 -106.60 -22.82 3.58
N ILE C 109 -106.32 -21.69 2.93
CA ILE C 109 -104.99 -21.10 2.86
C ILE C 109 -105.09 -19.66 3.34
N SER C 110 -104.26 -19.30 4.31
CA SER C 110 -104.40 -18.01 4.95
C SER C 110 -103.78 -16.89 4.10
N ASP C 111 -104.04 -15.67 4.55
CA ASP C 111 -103.64 -14.48 3.80
C ASP C 111 -102.14 -14.31 3.78
N GLU C 112 -101.45 -14.83 4.80
CA GLU C 112 -99.99 -14.76 4.82
C GLU C 112 -99.38 -15.61 3.71
N CYS C 113 -99.91 -16.82 3.52
CA CYS C 113 -99.44 -17.65 2.43
C CYS C 113 -99.80 -17.06 1.07
N LYS C 114 -101.00 -16.48 0.96
CA LYS C 114 -101.37 -15.85 -0.31
C LYS C 114 -100.49 -14.65 -0.60
N ARG C 115 -100.06 -13.94 0.44
CA ARG C 115 -99.13 -12.83 0.24
C ARG C 115 -97.75 -13.33 -0.12
N ARG C 116 -97.43 -14.58 0.27
CA ARG C 116 -96.18 -15.16 -0.21
C ARG C 116 -96.28 -15.53 -1.69
N PHE C 117 -97.43 -16.06 -2.11
CA PHE C 117 -97.58 -16.43 -3.51
C PHE C 117 -97.59 -15.23 -4.44
N TYR C 118 -98.13 -14.10 -3.99
CA TYR C 118 -98.13 -12.91 -4.85
C TYR C 118 -96.87 -12.09 -4.66
N LYS C 119 -96.70 -11.09 -5.53
CA LYS C 119 -95.65 -10.10 -5.32
C LYS C 119 -96.21 -8.81 -4.77
N ASN C 120 -97.17 -8.21 -5.47
CA ASN C 120 -97.76 -6.94 -5.08
C ASN C 120 -99.17 -7.20 -4.57
N TRP C 121 -99.30 -7.38 -3.26
CA TRP C 121 -100.60 -7.65 -2.65
C TRP C 121 -101.54 -6.46 -2.82
N HIS C 122 -100.98 -5.26 -2.90
CA HIS C 122 -101.78 -4.07 -3.15
C HIS C 122 -102.38 -4.10 -4.54
N LYS C 123 -101.67 -4.67 -5.50
CA LYS C 123 -102.17 -4.71 -6.87
C LYS C 123 -103.00 -5.95 -7.13
N SER C 124 -102.73 -7.03 -6.39
CA SER C 124 -103.30 -8.31 -6.73
C SER C 124 -104.76 -8.41 -6.31
N LYS C 125 -105.51 -9.22 -7.05
CA LYS C 125 -106.93 -9.37 -6.75
C LYS C 125 -107.22 -10.58 -5.90
N LYS C 126 -106.22 -11.10 -5.16
CA LYS C 126 -106.31 -12.15 -4.14
C LYS C 126 -106.72 -13.49 -4.76
N LYS C 127 -106.64 -13.63 -6.08
CA LYS C 127 -107.36 -14.72 -6.74
C LYS C 127 -106.62 -16.05 -6.65
N ALA C 128 -105.47 -16.10 -5.99
CA ALA C 128 -104.74 -17.35 -5.85
C ALA C 128 -105.50 -18.30 -4.92
N PHE C 129 -105.64 -19.54 -5.37
CA PHE C 129 -106.26 -20.66 -4.69
C PHE C 129 -107.72 -20.40 -4.36
N THR C 130 -108.57 -20.16 -5.34
CA THR C 130 -110.01 -20.24 -5.10
C THR C 130 -110.59 -21.51 -5.70
N LYS C 131 -110.20 -21.84 -6.93
CA LYS C 131 -110.69 -23.03 -7.59
C LYS C 131 -110.18 -24.30 -6.91
N TYR C 132 -108.99 -24.22 -6.31
CA TYR C 132 -108.45 -25.36 -5.59
C TYR C 132 -109.25 -25.64 -4.31
N CYS C 133 -109.60 -24.58 -3.58
CA CYS C 133 -110.45 -24.77 -2.41
C CYS C 133 -111.86 -25.20 -2.81
N LYS C 134 -112.29 -24.80 -4.00
CA LYS C 134 -113.56 -25.28 -4.51
C LYS C 134 -113.50 -26.77 -4.85
N LYS C 135 -112.33 -27.24 -5.30
CA LYS C 135 -112.12 -28.68 -5.50
C LYS C 135 -112.17 -29.44 -4.19
N TRP C 136 -111.59 -28.88 -3.13
CA TRP C 136 -111.78 -29.45 -1.80
C TRP C 136 -113.24 -29.42 -1.37
N GLN C 137 -113.97 -28.37 -1.75
CA GLN C 137 -115.33 -28.20 -1.23
C GLN C 137 -116.30 -29.17 -1.87
N ASP C 138 -116.29 -29.27 -3.20
CA ASP C 138 -117.28 -30.08 -3.90
C ASP C 138 -117.01 -31.57 -3.70
N GLU C 139 -118.03 -32.39 -3.93
CA GLU C 139 -117.90 -33.82 -3.70
C GLU C 139 -117.19 -34.51 -4.88
N ASP C 140 -117.44 -34.03 -6.10
CA ASP C 140 -116.77 -34.61 -7.26
C ASP C 140 -115.29 -34.23 -7.27
N GLY C 141 -114.95 -33.11 -6.65
CA GLY C 141 -113.55 -32.79 -6.47
C GLY C 141 -112.86 -33.71 -5.49
N LYS C 142 -113.57 -34.11 -4.43
CA LYS C 142 -112.97 -34.95 -3.40
C LYS C 142 -112.62 -36.34 -3.92
N LYS C 143 -113.44 -36.87 -4.84
CA LYS C 143 -113.17 -38.17 -5.44
C LYS C 143 -111.87 -38.17 -6.22
N GLN C 144 -111.60 -37.08 -6.94
CA GLN C 144 -110.31 -36.94 -7.61
C GLN C 144 -109.23 -36.57 -6.62
N LEU C 145 -109.61 -36.03 -5.46
CA LEU C 145 -108.63 -35.62 -4.48
C LEU C 145 -108.23 -36.80 -3.60
N GLU C 146 -109.19 -37.66 -3.27
CA GLU C 146 -108.87 -38.82 -2.43
C GLU C 146 -108.16 -39.90 -3.22
N LYS C 147 -108.18 -39.80 -4.54
CA LYS C 147 -107.41 -40.72 -5.37
C LYS C 147 -105.92 -40.42 -5.26
N ASP C 148 -105.58 -39.17 -4.93
CA ASP C 148 -104.16 -38.79 -4.85
C ASP C 148 -103.49 -39.39 -3.62
N PHE C 149 -104.19 -39.39 -2.48
CA PHE C 149 -103.57 -39.93 -1.27
C PHE C 149 -103.47 -41.44 -1.31
N SER C 150 -104.32 -42.07 -2.13
CA SER C 150 -104.15 -43.50 -2.36
C SER C 150 -102.90 -43.78 -3.17
N SER C 151 -102.61 -42.92 -4.15
CA SER C 151 -101.41 -43.11 -4.95
C SER C 151 -100.17 -42.69 -4.17
N MET C 152 -100.31 -41.69 -3.30
CA MET C 152 -99.15 -41.16 -2.59
C MET C 152 -98.61 -42.16 -1.58
N LYS C 153 -99.48 -43.01 -1.03
CA LYS C 153 -99.04 -44.06 -0.13
C LYS C 153 -98.23 -45.12 -0.87
N LYS C 154 -98.50 -45.28 -2.16
CA LYS C 154 -98.02 -46.47 -2.85
C LYS C 154 -96.57 -46.33 -3.27
N TYR C 155 -96.20 -45.18 -3.81
CA TYR C 155 -94.94 -45.11 -4.54
C TYR C 155 -93.83 -44.41 -3.77
N CYS C 156 -94.19 -43.40 -2.98
CA CYS C 156 -93.20 -42.44 -2.50
C CYS C 156 -92.35 -43.00 -1.38
N GLN C 157 -91.08 -42.60 -1.38
CA GLN C 157 -90.22 -42.78 -0.21
C GLN C 157 -90.41 -41.64 0.76
N VAL C 158 -90.17 -40.42 0.28
CA VAL C 158 -90.03 -39.24 1.12
C VAL C 158 -91.29 -38.41 1.02
N ILE C 159 -91.85 -38.01 2.16
CA ILE C 159 -92.93 -37.05 2.23
C ILE C 159 -92.42 -35.82 2.97
N ARG C 160 -92.49 -34.67 2.30
CA ARG C 160 -92.14 -33.39 2.92
C ARG C 160 -93.40 -32.56 3.10
N VAL C 161 -93.47 -31.89 4.24
CA VAL C 161 -94.65 -31.16 4.66
C VAL C 161 -94.38 -29.67 4.50
N ILE C 162 -95.28 -28.96 3.82
CA ILE C 162 -95.15 -27.53 3.61
C ILE C 162 -95.87 -26.81 4.74
N ALA C 163 -95.16 -25.90 5.40
CA ALA C 163 -95.69 -25.11 6.48
C ALA C 163 -95.25 -23.67 6.31
N HIS C 164 -95.68 -22.81 7.23
CA HIS C 164 -95.28 -21.42 7.23
C HIS C 164 -95.35 -20.82 8.63
N THR C 165 -94.73 -19.66 8.77
CA THR C 165 -94.73 -18.88 10.00
C THR C 165 -95.94 -17.96 10.09
N GLN C 166 -96.35 -17.68 11.31
CA GLN C 166 -97.36 -16.68 11.57
C GLN C 166 -96.69 -15.33 11.73
N MET C 167 -96.91 -14.44 10.78
CA MET C 167 -96.31 -13.11 10.86
C MET C 167 -97.14 -12.15 11.69
N ARG C 168 -98.34 -12.55 12.12
CA ARG C 168 -99.16 -11.66 12.93
C ARG C 168 -98.60 -11.53 14.34
N LEU C 169 -97.90 -12.55 14.82
CA LEU C 169 -97.39 -12.49 16.19
C LEU C 169 -96.08 -11.72 16.27
N LEU C 170 -95.32 -11.68 15.18
CA LEU C 170 -93.99 -11.14 15.21
C LEU C 170 -94.02 -9.61 15.15
N PRO C 171 -93.03 -8.96 15.76
CA PRO C 171 -92.97 -7.49 15.65
C PRO C 171 -92.28 -7.00 14.40
N LEU C 172 -92.10 -7.85 13.40
CA LEU C 172 -91.53 -7.43 12.14
C LEU C 172 -92.51 -6.58 11.33
N ARG C 173 -92.05 -6.11 10.18
CA ARG C 173 -92.94 -5.37 9.30
C ARG C 173 -93.32 -6.21 8.09
N GLN C 174 -92.65 -7.36 7.92
CA GLN C 174 -92.63 -8.10 6.66
C GLN C 174 -93.99 -8.63 6.20
N LYS C 175 -94.74 -9.29 7.10
CA LYS C 175 -96.10 -9.80 6.87
C LYS C 175 -96.19 -10.88 5.78
N LYS C 176 -95.08 -11.35 5.22
CA LYS C 176 -95.09 -12.50 4.34
C LYS C 176 -94.61 -13.71 5.11
N ALA C 177 -95.37 -14.79 5.03
CA ALA C 177 -94.99 -16.05 5.63
C ALA C 177 -93.96 -16.72 4.74
N HIS C 178 -92.90 -17.22 5.35
CA HIS C 178 -91.93 -18.01 4.60
C HIS C 178 -92.38 -19.47 4.57
N LEU C 179 -92.29 -20.09 3.40
CA LEU C 179 -92.67 -21.47 3.23
C LEU C 179 -91.44 -22.35 3.32
N MET C 180 -91.62 -23.59 3.74
CA MET C 180 -90.53 -24.56 3.83
C MET C 180 -91.02 -25.92 3.37
N GLU C 181 -90.05 -26.78 3.10
CA GLU C 181 -90.29 -28.21 3.08
C GLU C 181 -89.65 -28.82 4.32
N ILE C 182 -90.39 -29.68 5.00
CA ILE C 182 -89.92 -30.30 6.23
C ILE C 182 -90.07 -31.80 6.08
N GLN C 183 -88.97 -32.50 5.90
CA GLN C 183 -89.04 -33.93 5.66
C GLN C 183 -89.34 -34.68 6.94
N VAL C 184 -90.40 -35.49 6.89
CA VAL C 184 -90.84 -36.30 8.01
C VAL C 184 -90.00 -37.58 8.01
N ASN C 185 -89.16 -37.74 9.02
CA ASN C 185 -88.32 -38.92 9.14
C ASN C 185 -88.88 -39.95 10.09
N GLY C 186 -90.19 -40.14 10.10
CA GLY C 186 -90.79 -41.18 10.91
C GLY C 186 -90.68 -42.54 10.25
N GLY C 187 -91.70 -43.35 10.51
CA GLY C 187 -91.66 -44.74 10.07
C GLY C 187 -92.12 -44.88 8.63
N THR C 188 -93.05 -45.80 8.41
CA THR C 188 -93.52 -46.17 7.08
C THR C 188 -94.36 -45.02 6.49
N VAL C 189 -94.43 -45.00 5.16
CA VAL C 189 -95.08 -43.92 4.40
C VAL C 189 -96.54 -43.80 4.76
N ALA C 190 -97.19 -44.92 5.09
CA ALA C 190 -98.61 -44.92 5.42
C ALA C 190 -98.88 -44.12 6.69
N GLU C 191 -98.15 -44.40 7.77
CA GLU C 191 -98.41 -43.63 8.99
C GLU C 191 -97.84 -42.23 8.90
N LYS C 192 -96.82 -42.00 8.06
CA LYS C 192 -96.36 -40.63 7.87
C LYS C 192 -97.43 -39.76 7.19
N LEU C 193 -98.09 -40.33 6.18
CA LEU C 193 -99.13 -39.58 5.48
C LEU C 193 -100.38 -39.44 6.34
N ASP C 194 -100.69 -40.46 7.14
CA ASP C 194 -101.80 -40.32 8.08
C ASP C 194 -101.51 -39.26 9.13
N TRP C 195 -100.25 -39.15 9.55
CA TRP C 195 -99.86 -38.11 10.49
C TRP C 195 -100.02 -36.73 9.89
N ALA C 196 -99.62 -36.59 8.62
CA ALA C 196 -99.70 -35.29 7.97
C ALA C 196 -101.15 -34.88 7.69
N ARG C 197 -101.98 -35.81 7.20
CA ARG C 197 -103.38 -35.47 6.96
C ARG C 197 -104.14 -35.27 8.26
N GLU C 198 -103.68 -35.90 9.34
CA GLU C 198 -104.29 -35.67 10.64
C GLU C 198 -103.92 -34.29 11.16
N ARG C 199 -102.73 -33.80 10.82
CA ARG C 199 -102.31 -32.52 11.33
C ARG C 199 -102.24 -31.42 10.27
N LEU C 200 -103.01 -31.53 9.20
CA LEU C 200 -103.19 -30.38 8.32
C LEU C 200 -103.91 -29.25 9.05
N GLU C 201 -103.50 -28.02 8.72
CA GLU C 201 -104.08 -26.78 9.23
C GLU C 201 -104.01 -26.66 10.75
N GLN C 202 -103.09 -27.38 11.37
CA GLN C 202 -102.85 -27.25 12.80
C GLN C 202 -101.54 -26.51 13.03
N GLN C 203 -101.40 -25.99 14.23
CA GLN C 203 -100.15 -25.36 14.62
C GLN C 203 -99.23 -26.41 15.22
N VAL C 204 -97.94 -26.25 14.97
CA VAL C 204 -96.91 -27.14 15.48
C VAL C 204 -96.02 -26.30 16.38
N PRO C 205 -96.06 -26.53 17.69
CA PRO C 205 -95.17 -25.80 18.58
C PRO C 205 -93.74 -26.31 18.46
N VAL C 206 -92.80 -25.52 18.98
CA VAL C 206 -91.40 -25.89 18.92
C VAL C 206 -91.11 -27.00 19.93
N ASN C 207 -91.85 -27.02 21.04
CA ASN C 207 -91.63 -28.01 22.07
C ASN C 207 -92.11 -29.38 21.62
N GLN C 208 -92.95 -29.43 20.60
CA GLN C 208 -93.45 -30.72 20.12
C GLN C 208 -92.41 -31.41 19.25
N VAL C 209 -91.49 -30.65 18.65
CA VAL C 209 -90.51 -31.26 17.76
C VAL C 209 -89.13 -31.31 18.41
N PHE C 210 -88.62 -30.17 18.87
CA PHE C 210 -87.31 -30.14 19.50
C PHE C 210 -87.42 -30.56 20.95
N GLY C 211 -86.28 -30.65 21.62
CA GLY C 211 -86.23 -30.90 23.04
C GLY C 211 -85.01 -30.23 23.63
N GLN C 212 -84.95 -30.12 24.96
CA GLN C 212 -83.78 -29.53 25.58
C GLN C 212 -82.58 -30.44 25.44
N ASP C 213 -81.39 -29.82 25.48
CA ASP C 213 -80.09 -30.51 25.47
C ASP C 213 -79.86 -31.29 24.18
N GLU C 214 -80.56 -30.91 23.12
CA GLU C 214 -80.44 -31.57 21.83
C GLU C 214 -79.54 -30.74 20.92
N MET C 215 -78.46 -31.35 20.48
CA MET C 215 -77.47 -30.66 19.66
C MET C 215 -78.00 -30.56 18.24
N ILE C 216 -78.32 -29.34 17.82
CA ILE C 216 -79.18 -29.06 16.66
C ILE C 216 -78.55 -27.96 15.82
N ASP C 217 -78.47 -28.19 14.51
CA ASP C 217 -77.68 -27.34 13.65
C ASP C 217 -78.50 -26.20 13.08
N VAL C 218 -77.82 -25.11 12.76
CA VAL C 218 -78.45 -23.88 12.29
C VAL C 218 -78.02 -23.63 10.86
N ILE C 219 -78.97 -23.30 9.99
CA ILE C 219 -78.70 -22.97 8.60
C ILE C 219 -79.33 -21.63 8.31
N GLY C 220 -78.51 -20.68 7.87
CA GLY C 220 -79.04 -19.37 7.57
C GLY C 220 -78.23 -18.68 6.50
N VAL C 221 -78.41 -17.37 6.42
CA VAL C 221 -77.66 -16.52 5.50
C VAL C 221 -76.89 -15.52 6.33
N THR C 222 -75.62 -15.30 5.99
CA THR C 222 -74.72 -14.48 6.78
C THR C 222 -75.07 -13.00 6.72
N LYS C 223 -74.23 -12.19 7.37
CA LYS C 223 -74.36 -10.75 7.27
C LYS C 223 -74.08 -10.28 5.85
N GLY C 224 -74.48 -9.04 5.58
CA GLY C 224 -74.08 -8.36 4.37
C GLY C 224 -73.02 -7.33 4.69
N LYS C 225 -71.90 -7.41 3.97
CA LYS C 225 -70.88 -6.39 4.08
C LYS C 225 -70.53 -5.76 2.75
N GLY C 226 -71.25 -6.09 1.69
CA GLY C 226 -71.07 -5.41 0.43
C GLY C 226 -69.79 -5.80 -0.29
N TYR C 227 -69.61 -5.18 -1.46
CA TYR C 227 -68.49 -5.51 -2.33
C TYR C 227 -67.22 -4.91 -1.78
N LYS C 228 -66.48 -5.72 -1.02
CA LYS C 228 -65.29 -5.23 -0.35
C LYS C 228 -64.04 -5.81 -1.00
N GLY C 229 -62.90 -5.43 -0.46
CA GLY C 229 -61.65 -5.69 -1.13
C GLY C 229 -61.01 -6.99 -0.70
N VAL C 230 -59.76 -7.14 -1.12
CA VAL C 230 -59.06 -8.42 -0.97
C VAL C 230 -58.67 -8.63 0.48
N THR C 231 -58.14 -7.60 1.14
CA THR C 231 -57.65 -7.75 2.51
C THR C 231 -58.80 -7.98 3.48
N SER C 232 -59.99 -7.50 3.15
CA SER C 232 -61.11 -7.77 4.04
C SER C 232 -61.87 -9.02 3.62
N ARG C 233 -61.67 -9.49 2.39
CA ARG C 233 -62.32 -10.74 2.01
C ARG C 233 -61.51 -11.94 2.45
N TRP C 234 -60.29 -12.06 1.99
CA TRP C 234 -59.53 -13.29 2.17
C TRP C 234 -58.55 -13.22 3.33
N HIS C 235 -58.53 -12.12 4.09
CA HIS C 235 -57.62 -11.89 5.22
C HIS C 235 -56.15 -12.00 4.82
N THR C 236 -55.84 -11.48 3.64
CA THR C 236 -54.46 -11.49 3.17
C THR C 236 -53.69 -10.36 3.85
N LYS C 237 -52.38 -10.36 3.64
CA LYS C 237 -51.52 -9.42 4.34
C LYS C 237 -51.36 -8.13 3.55
N LYS C 238 -51.33 -7.01 4.25
CA LYS C 238 -51.06 -5.72 3.64
C LYS C 238 -49.63 -5.66 3.14
N LEU C 239 -49.45 -4.98 2.02
CA LEU C 239 -48.13 -4.60 1.57
C LEU C 239 -47.62 -3.47 2.47
N PRO C 240 -46.31 -3.27 2.57
CA PRO C 240 -45.80 -2.19 3.43
C PRO C 240 -46.08 -0.81 2.85
N ARG C 241 -45.57 0.20 3.56
CA ARG C 241 -45.94 1.59 3.29
C ARG C 241 -45.43 2.05 1.93
N LYS C 242 -44.22 1.66 1.55
CA LYS C 242 -43.52 2.29 0.44
C LYS C 242 -44.10 1.93 -0.93
N THR C 243 -45.20 1.20 -0.97
CA THR C 243 -45.73 0.75 -2.25
C THR C 243 -46.52 1.86 -2.95
N HIS C 244 -45.96 2.32 -4.07
CA HIS C 244 -46.68 3.06 -5.08
C HIS C 244 -47.85 2.23 -5.58
N ARG C 245 -48.96 2.91 -5.88
CA ARG C 245 -50.20 2.31 -6.38
C ARG C 245 -50.80 1.28 -5.43
N GLY C 246 -51.04 1.68 -4.18
CA GLY C 246 -51.84 0.80 -3.34
C GLY C 246 -51.14 0.07 -2.22
N LEU C 247 -51.86 -0.16 -1.13
CA LEU C 247 -51.29 -0.91 -0.02
C LEU C 247 -52.04 -2.21 0.19
N ARG C 248 -53.24 -2.33 -0.37
CA ARG C 248 -54.11 -3.47 -0.15
C ARG C 248 -54.39 -4.17 -1.47
N LYS C 249 -53.48 -5.05 -1.87
CA LYS C 249 -53.65 -5.82 -3.09
C LYS C 249 -53.07 -7.20 -2.86
N VAL C 250 -53.07 -8.01 -3.93
CA VAL C 250 -52.22 -9.18 -4.01
C VAL C 250 -51.09 -8.82 -4.96
N ALA C 251 -49.85 -9.04 -4.53
CA ALA C 251 -48.72 -8.55 -5.28
C ALA C 251 -48.50 -9.35 -6.55
N CYS C 252 -48.83 -10.64 -6.52
CA CYS C 252 -48.64 -11.51 -7.67
C CYS C 252 -49.83 -12.46 -7.77
N ILE C 253 -50.53 -12.41 -8.90
CA ILE C 253 -51.64 -13.32 -9.10
C ILE C 253 -51.14 -14.69 -9.54
N GLY C 254 -50.35 -14.74 -10.60
CA GLY C 254 -49.88 -16.02 -11.08
C GLY C 254 -48.53 -15.85 -11.71
N ALA C 255 -47.95 -16.98 -12.09
CA ALA C 255 -46.66 -16.96 -12.77
C ALA C 255 -46.85 -16.64 -14.25
N TRP C 256 -45.78 -16.85 -15.02
CA TRP C 256 -45.88 -16.61 -16.45
C TRP C 256 -46.61 -17.75 -17.14
N HIS C 257 -46.07 -18.96 -17.05
CA HIS C 257 -46.30 -19.96 -18.09
C HIS C 257 -47.69 -20.58 -18.04
N PRO C 258 -48.32 -20.79 -16.89
CA PRO C 258 -49.78 -20.84 -16.94
C PRO C 258 -50.25 -19.43 -17.21
N ALA C 259 -50.63 -19.18 -18.47
CA ALA C 259 -50.98 -17.82 -18.89
C ALA C 259 -52.47 -17.58 -18.70
N ARG C 260 -52.93 -17.92 -17.50
CA ARG C 260 -54.31 -17.82 -17.08
C ARG C 260 -54.28 -17.50 -15.60
N VAL C 261 -55.23 -16.69 -15.17
CA VAL C 261 -55.42 -16.41 -13.76
C VAL C 261 -56.02 -17.66 -13.15
N ALA C 262 -55.30 -18.31 -12.25
CA ALA C 262 -55.81 -19.50 -11.61
C ALA C 262 -56.94 -19.15 -10.67
N PHE C 263 -57.84 -20.11 -10.45
CA PHE C 263 -59.04 -19.86 -9.67
C PHE C 263 -58.73 -19.75 -8.18
N SER C 264 -57.58 -20.27 -7.76
CA SER C 264 -57.27 -20.28 -6.33
C SER C 264 -56.85 -18.89 -5.83
N VAL C 265 -56.61 -17.96 -6.74
CA VAL C 265 -56.02 -16.68 -6.37
C VAL C 265 -57.07 -15.80 -5.72
N ALA C 266 -56.72 -15.23 -4.57
CA ALA C 266 -57.60 -14.34 -3.83
C ALA C 266 -57.86 -13.06 -4.62
N ARG C 267 -59.14 -12.73 -4.78
CA ARG C 267 -59.55 -11.52 -5.48
C ARG C 267 -60.73 -10.88 -4.76
N ALA C 268 -61.17 -9.76 -5.30
CA ALA C 268 -62.21 -8.97 -4.64
C ALA C 268 -63.56 -9.64 -4.77
N GLY C 269 -63.80 -10.67 -3.95
CA GLY C 269 -65.08 -11.33 -3.93
C GLY C 269 -65.96 -10.66 -2.89
N GLN C 270 -67.24 -10.55 -3.23
CA GLN C 270 -68.21 -9.91 -2.34
C GLN C 270 -68.34 -10.65 -1.02
N LYS C 271 -67.99 -9.98 0.05
CA LYS C 271 -67.99 -10.55 1.38
C LYS C 271 -69.41 -10.65 1.89
N GLY C 272 -69.75 -11.81 2.44
CA GLY C 272 -70.99 -11.94 3.16
C GLY C 272 -72.16 -12.31 2.28
N TYR C 273 -73.32 -12.33 2.93
CA TYR C 273 -74.62 -12.73 2.36
C TYR C 273 -74.57 -14.10 1.71
N HIS C 274 -73.77 -14.99 2.23
CA HIS C 274 -73.68 -16.35 1.72
C HIS C 274 -74.67 -17.24 2.45
N HIS C 275 -75.01 -18.35 1.82
CA HIS C 275 -75.74 -19.41 2.48
C HIS C 275 -74.70 -20.24 3.23
N ARG C 276 -74.84 -20.35 4.55
CA ARG C 276 -73.84 -21.03 5.35
C ARG C 276 -74.49 -21.87 6.43
N THR C 277 -73.83 -22.97 6.78
CA THR C 277 -74.30 -23.88 7.82
C THR C 277 -73.23 -23.99 8.90
N GLU C 278 -73.67 -24.03 10.14
CA GLU C 278 -72.80 -24.31 11.26
C GLU C 278 -73.35 -25.50 12.02
N ILE C 279 -72.49 -26.49 12.27
CA ILE C 279 -72.90 -27.79 12.77
C ILE C 279 -72.65 -27.79 14.28
N ASN C 280 -73.40 -28.63 14.99
CA ASN C 280 -73.16 -28.99 16.39
C ASN C 280 -73.30 -27.83 17.38
N LYS C 281 -74.47 -27.23 17.46
CA LYS C 281 -74.75 -26.25 18.50
C LYS C 281 -75.85 -26.77 19.41
N LYS C 282 -75.81 -26.36 20.68
CA LYS C 282 -76.67 -26.93 21.70
C LYS C 282 -77.79 -25.96 22.04
N ILE C 283 -78.96 -26.50 22.37
CA ILE C 283 -80.10 -25.69 22.78
C ILE C 283 -80.19 -25.72 24.30
N TYR C 284 -80.13 -24.55 24.93
CA TYR C 284 -80.25 -24.50 26.38
C TYR C 284 -81.69 -24.53 26.84
N LYS C 285 -82.51 -23.59 26.37
CA LYS C 285 -83.87 -23.52 26.86
C LYS C 285 -84.82 -23.33 25.71
N ILE C 286 -85.85 -24.17 25.68
CA ILE C 286 -87.00 -24.00 24.83
C ILE C 286 -88.11 -23.47 25.71
N GLY C 287 -88.42 -22.19 25.57
CA GLY C 287 -89.33 -21.53 26.47
C GLY C 287 -90.54 -20.99 25.73
N GLN C 288 -91.67 -21.04 26.43
CA GLN C 288 -92.89 -20.39 25.98
C GLN C 288 -92.93 -19.01 26.60
N GLY C 289 -93.87 -18.18 26.15
CA GLY C 289 -93.99 -16.84 26.65
C GLY C 289 -95.38 -16.28 26.45
N TYR C 290 -95.76 -15.40 27.39
CA TYR C 290 -96.96 -14.56 27.31
C TYR C 290 -98.23 -15.39 27.19
N LEU C 291 -98.53 -16.10 28.27
CA LEU C 291 -99.61 -17.07 28.33
C LEU C 291 -100.92 -16.34 28.67
N ILE C 292 -102.00 -17.07 28.95
CA ILE C 292 -103.34 -16.49 29.05
C ILE C 292 -103.48 -15.58 30.27
N LYS C 293 -104.56 -14.79 30.29
CA LYS C 293 -104.62 -13.61 31.15
C LYS C 293 -105.45 -13.81 32.42
N ASP C 294 -105.84 -15.04 32.73
CA ASP C 294 -106.46 -15.35 34.02
C ASP C 294 -105.53 -15.07 35.19
N GLY C 295 -104.39 -15.74 35.24
CA GLY C 295 -103.24 -15.13 35.88
C GLY C 295 -102.88 -13.98 34.97
N LYS C 296 -102.74 -12.77 35.55
CA LYS C 296 -102.95 -11.47 34.88
C LYS C 296 -102.25 -11.34 33.52
N LEU C 297 -100.92 -11.43 33.47
CA LEU C 297 -100.16 -11.66 32.27
C LEU C 297 -98.82 -12.21 32.72
N ILE C 298 -98.64 -13.52 32.69
CA ILE C 298 -97.48 -14.13 33.33
C ILE C 298 -96.32 -14.03 32.34
N LYS C 299 -95.18 -13.56 32.83
CA LYS C 299 -94.02 -13.41 31.97
C LYS C 299 -93.08 -14.59 32.14
N ASN C 300 -92.49 -14.73 33.34
CA ASN C 300 -91.81 -15.94 33.83
C ASN C 300 -90.77 -16.51 32.87
N ASN C 301 -90.05 -15.63 32.18
CA ASN C 301 -89.02 -16.07 31.26
C ASN C 301 -87.69 -15.49 31.70
N ALA C 302 -86.63 -16.24 31.38
CA ALA C 302 -85.31 -16.09 32.00
C ALA C 302 -85.38 -16.09 33.51
N SER C 303 -86.29 -16.87 34.08
CA SER C 303 -86.45 -17.04 35.51
C SER C 303 -85.99 -18.44 35.88
N THR C 304 -84.79 -18.52 36.41
CA THR C 304 -84.15 -19.80 36.70
C THR C 304 -84.52 -20.31 38.07
N ASP C 305 -83.81 -21.34 38.51
CA ASP C 305 -84.04 -21.88 39.84
C ASP C 305 -83.42 -20.99 40.90
N TYR C 306 -82.40 -20.22 40.53
CA TYR C 306 -81.65 -19.47 41.52
C TYR C 306 -82.04 -18.00 41.52
N ASP C 307 -82.76 -17.56 40.49
CA ASP C 307 -83.15 -16.16 40.43
C ASP C 307 -84.54 -15.96 41.03
N LEU C 308 -85.47 -16.87 40.70
CA LEU C 308 -86.80 -17.00 41.31
C LEU C 308 -87.69 -15.77 41.12
N SER C 309 -87.36 -14.89 40.20
CA SER C 309 -88.02 -13.59 40.10
C SER C 309 -88.67 -13.43 38.73
N ASP C 310 -89.69 -12.58 38.68
CA ASP C 310 -90.36 -12.28 37.42
C ASP C 310 -89.44 -11.50 36.50
N LYS C 311 -89.47 -11.85 35.23
CA LYS C 311 -88.55 -11.34 34.23
C LYS C 311 -89.10 -11.78 32.89
N SER C 312 -88.67 -11.11 31.83
CA SER C 312 -89.03 -11.53 30.49
C SER C 312 -87.78 -11.93 29.73
N ILE C 313 -87.97 -12.34 28.48
CA ILE C 313 -86.84 -12.66 27.63
C ILE C 313 -86.07 -11.41 27.29
N ASN C 314 -86.79 -10.35 26.95
CA ASN C 314 -86.19 -9.19 26.33
C ASN C 314 -85.42 -8.35 27.34
N PRO C 315 -84.37 -7.68 26.90
CA PRO C 315 -83.64 -6.82 27.82
C PRO C 315 -84.43 -5.59 28.18
N LEU C 316 -84.06 -4.99 29.30
CA LEU C 316 -84.71 -3.80 29.78
C LEU C 316 -84.45 -2.65 28.84
N GLY C 317 -85.50 -2.24 28.13
CA GLY C 317 -85.36 -1.35 27.00
C GLY C 317 -85.48 -2.02 25.66
N GLY C 318 -85.82 -3.30 25.62
CA GLY C 318 -86.04 -4.02 24.38
C GLY C 318 -84.76 -4.38 23.67
N PHE C 319 -84.89 -5.37 22.78
CA PHE C 319 -83.78 -5.77 21.93
C PHE C 319 -83.40 -4.66 20.96
N VAL C 320 -82.20 -4.76 20.44
CA VAL C 320 -81.70 -3.77 19.50
C VAL C 320 -82.17 -4.20 18.11
N HIS C 321 -82.85 -3.27 17.41
CA HIS C 321 -83.31 -3.42 16.03
C HIS C 321 -84.39 -4.49 15.84
N TYR C 322 -84.83 -5.15 16.91
CA TYR C 322 -85.76 -6.23 16.64
C TYR C 322 -87.15 -6.00 17.20
N GLY C 323 -87.27 -5.88 18.52
CA GLY C 323 -88.59 -5.74 19.09
C GLY C 323 -88.73 -6.48 20.40
N GLU C 324 -89.90 -7.09 20.57
CA GLU C 324 -90.45 -7.36 21.89
C GLU C 324 -91.00 -8.78 21.97
N VAL C 325 -90.12 -9.79 21.84
CA VAL C 325 -90.41 -11.22 21.70
C VAL C 325 -91.53 -11.73 22.61
N THR C 326 -92.54 -12.37 22.01
CA THR C 326 -93.73 -12.84 22.73
C THR C 326 -93.97 -14.33 22.57
N ASN C 327 -93.18 -15.02 21.78
CA ASN C 327 -93.54 -16.35 21.32
C ASN C 327 -92.58 -17.38 21.89
N ASP C 328 -92.72 -18.61 21.41
CA ASP C 328 -91.78 -19.66 21.73
C ASP C 328 -90.40 -19.27 21.23
N PHE C 329 -89.41 -19.45 22.08
CA PHE C 329 -88.07 -19.00 21.75
C PHE C 329 -87.06 -20.09 22.09
N VAL C 330 -86.09 -20.23 21.21
CA VAL C 330 -85.04 -21.24 21.32
C VAL C 330 -83.79 -20.51 21.79
N MET C 331 -83.08 -21.11 22.73
CA MET C 331 -81.95 -20.47 23.37
C MET C 331 -80.66 -21.18 22.96
N LEU C 332 -79.95 -20.62 21.98
CA LEU C 332 -78.86 -21.31 21.30
C LEU C 332 -77.50 -20.88 21.82
N LYS C 333 -76.57 -21.82 21.85
CA LYS C 333 -75.21 -21.54 22.32
C LYS C 333 -74.42 -20.78 21.26
N GLY C 334 -73.62 -19.84 21.70
CA GLY C 334 -72.58 -19.32 20.82
C GLY C 334 -73.07 -18.20 19.95
N CYS C 335 -72.51 -18.12 18.75
CA CYS C 335 -72.85 -17.08 17.80
C CYS C 335 -73.47 -17.72 16.57
N VAL C 336 -74.64 -17.21 16.19
CA VAL C 336 -75.47 -17.82 15.17
C VAL C 336 -75.38 -16.96 13.92
N VAL C 337 -75.32 -17.61 12.76
CA VAL C 337 -75.24 -16.96 11.46
C VAL C 337 -76.38 -15.98 11.25
N GLY C 338 -76.06 -14.76 10.87
CA GLY C 338 -77.05 -13.84 10.34
C GLY C 338 -77.20 -12.59 11.20
N THR C 339 -77.80 -11.57 10.59
CA THR C 339 -78.04 -10.29 11.22
C THR C 339 -79.27 -10.37 12.11
N LYS C 340 -79.67 -9.21 12.62
CA LYS C 340 -80.92 -9.14 13.35
C LYS C 340 -82.07 -9.18 12.35
N LYS C 341 -83.23 -9.63 12.81
CA LYS C 341 -84.44 -9.79 12.00
C LYS C 341 -84.24 -10.74 10.82
N ARG C 342 -83.36 -11.72 10.97
CA ARG C 342 -82.97 -12.61 9.89
C ARG C 342 -83.62 -13.97 10.08
N VAL C 343 -84.08 -14.55 8.97
CA VAL C 343 -84.71 -15.87 9.01
C VAL C 343 -83.65 -16.94 9.16
N LEU C 344 -83.84 -17.81 10.13
CA LEU C 344 -83.00 -18.97 10.36
C LEU C 344 -83.80 -20.23 10.07
N THR C 345 -83.10 -21.32 9.81
CA THR C 345 -83.72 -22.63 9.70
C THR C 345 -83.00 -23.61 10.60
N LEU C 346 -83.76 -24.24 11.48
CA LEU C 346 -83.21 -25.10 12.51
C LEU C 346 -83.42 -26.54 12.07
N ARG C 347 -82.35 -27.32 12.07
CA ARG C 347 -82.36 -28.68 11.54
C ARG C 347 -81.82 -29.65 12.57
N LYS C 348 -82.49 -30.80 12.70
CA LYS C 348 -81.94 -31.88 13.52
C LYS C 348 -80.63 -32.36 12.93
N SER C 349 -79.65 -32.57 13.78
CA SER C 349 -78.31 -32.94 13.33
C SER C 349 -78.32 -34.37 12.77
N LEU C 350 -77.51 -34.57 11.74
CA LEU C 350 -77.56 -35.84 11.01
C LEU C 350 -76.57 -36.85 11.59
N LEU C 351 -75.94 -36.52 12.70
CA LEU C 351 -74.88 -37.35 13.26
C LEU C 351 -75.37 -38.05 14.52
N VAL C 352 -74.72 -39.17 14.83
CA VAL C 352 -74.88 -39.86 16.09
C VAL C 352 -73.60 -39.65 16.89
N GLN C 353 -73.71 -39.04 18.06
CA GLN C 353 -72.54 -38.65 18.83
C GLN C 353 -72.85 -38.74 20.31
N THR C 354 -71.83 -39.05 21.11
CA THR C 354 -71.93 -38.80 22.53
C THR C 354 -70.87 -37.79 22.98
N LYS C 355 -69.60 -38.15 22.85
CA LYS C 355 -68.43 -37.26 22.90
C LYS C 355 -68.18 -36.56 24.24
N ARG C 356 -69.11 -36.71 25.20
CA ARG C 356 -69.15 -35.99 26.48
C ARG C 356 -69.07 -34.47 26.27
N ARG C 357 -69.57 -33.97 25.15
CA ARG C 357 -69.88 -32.55 25.07
C ARG C 357 -71.33 -32.36 24.66
N ALA C 358 -71.90 -33.35 23.98
CA ALA C 358 -73.33 -33.52 23.93
C ALA C 358 -73.74 -34.39 25.10
N LEU C 359 -75.06 -34.50 25.30
CA LEU C 359 -75.70 -35.35 26.30
C LEU C 359 -75.32 -34.97 27.72
N GLU C 360 -75.43 -33.70 28.07
CA GLU C 360 -75.34 -33.25 29.46
C GLU C 360 -76.61 -32.56 29.87
N LYS C 361 -77.12 -32.93 31.05
CA LYS C 361 -78.11 -32.10 31.72
C LYS C 361 -77.46 -30.77 32.07
N ILE C 362 -78.23 -29.69 31.97
CA ILE C 362 -77.71 -28.35 32.16
C ILE C 362 -78.51 -27.67 33.26
N ASP C 363 -77.98 -26.56 33.77
CA ASP C 363 -78.67 -25.70 34.71
C ASP C 363 -78.38 -24.26 34.39
N LEU C 364 -79.40 -23.51 34.00
CA LEU C 364 -79.29 -22.08 33.86
C LEU C 364 -79.37 -21.52 35.28
N LYS C 365 -78.42 -20.68 35.66
CA LYS C 365 -78.53 -20.03 36.95
C LYS C 365 -79.04 -18.62 36.82
N PHE C 366 -78.63 -17.91 35.78
CA PHE C 366 -78.80 -16.47 35.74
C PHE C 366 -78.70 -15.99 34.31
N ILE C 367 -79.75 -15.34 33.85
CA ILE C 367 -79.81 -14.79 32.50
C ILE C 367 -80.01 -13.30 32.61
N ASP C 368 -79.02 -12.53 32.18
CA ASP C 368 -79.09 -11.09 32.31
C ASP C 368 -79.99 -10.49 31.25
N THR C 369 -80.78 -9.49 31.64
CA THR C 369 -81.58 -8.70 30.72
C THR C 369 -81.25 -7.22 30.83
N THR C 370 -79.98 -6.88 31.00
CA THR C 370 -79.55 -5.50 31.09
C THR C 370 -79.69 -4.82 29.74
N SER C 371 -79.69 -3.49 29.76
CA SER C 371 -79.97 -2.73 28.55
C SER C 371 -78.87 -2.89 27.51
N LYS C 372 -79.23 -3.49 26.39
CA LYS C 372 -78.27 -3.69 25.31
C LYS C 372 -77.98 -2.39 24.57
N PHE C 373 -78.89 -1.44 24.64
CA PHE C 373 -78.77 -0.16 23.97
C PHE C 373 -77.85 0.71 24.81
N GLY C 374 -76.54 0.49 24.68
CA GLY C 374 -75.63 1.10 25.63
C GLY C 374 -75.20 0.09 26.67
N HIS C 375 -74.54 0.58 27.72
CA HIS C 375 -74.06 -0.26 28.80
C HIS C 375 -75.17 -0.43 29.83
N GLY C 376 -75.49 -1.68 30.16
CA GLY C 376 -76.58 -1.99 31.06
C GLY C 376 -76.13 -1.96 32.51
N ARG C 377 -76.95 -1.34 33.35
CA ARG C 377 -76.73 -1.33 34.78
C ARG C 377 -77.80 -2.06 35.56
N PHE C 378 -79.06 -1.90 35.17
CA PHE C 378 -80.19 -2.35 35.96
C PHE C 378 -80.92 -3.44 35.19
N GLN C 379 -81.34 -4.48 35.89
CA GLN C 379 -81.82 -5.67 35.20
C GLN C 379 -83.34 -5.70 35.14
N THR C 380 -84.01 -5.35 36.23
CA THR C 380 -85.46 -5.23 36.22
C THR C 380 -85.85 -3.80 36.56
N MET C 381 -86.96 -3.37 35.95
CA MET C 381 -87.45 -2.00 36.15
C MET C 381 -87.77 -1.72 37.60
N GLU C 382 -88.27 -2.74 38.31
CA GLU C 382 -88.50 -2.64 39.74
C GLU C 382 -87.21 -2.37 40.48
N GLU C 383 -86.12 -3.05 40.10
CA GLU C 383 -84.83 -2.83 40.72
C GLU C 383 -84.31 -1.42 40.41
N LYS C 384 -84.53 -0.95 39.19
CA LYS C 384 -84.03 0.37 38.80
C LYS C 384 -84.74 1.47 39.56
N LYS C 385 -86.08 1.39 39.65
CA LYS C 385 -86.82 2.41 40.36
C LYS C 385 -86.62 2.30 41.87
N ALA C 386 -86.37 1.08 42.37
CA ALA C 386 -86.06 0.91 43.77
C ALA C 386 -84.67 1.44 44.10
N PHE C 387 -83.78 1.44 43.11
CA PHE C 387 -82.44 1.94 43.35
C PHE C 387 -82.41 3.46 43.30
N MET C 388 -83.05 4.06 42.30
CA MET C 388 -82.88 5.49 42.10
C MET C 388 -83.93 6.29 42.85
N GLY C 389 -85.17 5.81 42.90
CA GLY C 389 -86.22 6.51 43.61
C GLY C 389 -87.01 7.42 42.71
N PRO C 390 -87.57 8.48 43.28
CA PRO C 390 -88.32 9.44 42.47
C PRO C 390 -87.39 10.35 41.70
N LEU C 391 -87.95 11.06 40.71
CA LEU C 391 -87.21 12.00 39.89
C LEU C 391 -88.07 13.23 39.62
N LYS C 392 -87.65 14.03 38.64
CA LYS C 392 -88.52 15.12 38.18
C LYS C 392 -89.65 14.61 37.30
N LYS C 393 -89.59 13.34 36.87
CA LYS C 393 -90.69 12.78 36.11
C LYS C 393 -91.90 12.49 37.00
N ASP C 394 -91.72 12.56 38.32
CA ASP C 394 -92.79 12.27 39.26
C ASP C 394 -93.10 13.48 40.13
N VAL D 1 57.06 29.50 -27.71
CA VAL D 1 56.86 30.93 -27.84
C VAL D 1 57.83 31.66 -26.93
N ASP D 2 57.95 31.17 -25.67
CA ASP D 2 58.83 31.68 -24.62
C ASP D 2 58.57 33.17 -24.39
N PRO D 3 57.48 33.54 -23.70
CA PRO D 3 57.02 34.94 -23.71
C PRO D 3 57.94 35.92 -23.01
N PHE D 4 58.97 35.45 -22.30
CA PHE D 4 59.94 36.39 -21.74
C PHE D 4 60.97 36.82 -22.76
N SER D 5 60.90 36.27 -23.97
CA SER D 5 61.59 36.89 -25.11
C SER D 5 60.85 38.14 -25.55
N LYS D 6 59.55 38.23 -25.23
CA LYS D 6 58.74 39.31 -25.74
C LYS D 6 58.64 40.46 -24.76
N LYS D 7 58.67 40.18 -23.45
CA LYS D 7 58.28 41.17 -22.46
C LYS D 7 59.28 42.32 -22.37
N ASP D 8 58.74 43.53 -22.27
CA ASP D 8 59.51 44.75 -22.41
C ASP D 8 59.91 45.28 -21.05
N TRP D 9 61.06 45.95 -21.01
CA TRP D 9 61.67 46.42 -19.78
C TRP D 9 61.54 47.93 -19.66
N TYR D 10 60.92 48.39 -18.58
CA TYR D 10 60.91 49.80 -18.24
C TYR D 10 61.65 50.00 -16.93
N ASP D 11 62.10 51.23 -16.70
CA ASP D 11 62.64 51.58 -15.39
C ASP D 11 61.64 52.41 -14.59
N VAL D 12 61.72 52.29 -13.28
CA VAL D 12 60.75 52.87 -12.36
C VAL D 12 61.39 54.05 -11.67
N LYS D 13 60.95 55.25 -12.04
CA LYS D 13 61.46 56.46 -11.44
C LYS D 13 60.60 56.87 -10.25
N ALA D 14 61.24 57.13 -9.13
CA ALA D 14 60.53 57.57 -7.94
C ALA D 14 60.16 59.04 -8.08
N PRO D 15 59.18 59.53 -7.30
CA PRO D 15 58.94 60.96 -7.28
C PRO D 15 59.99 61.68 -6.45
N ALA D 16 59.75 62.98 -6.25
CA ALA D 16 60.77 63.88 -5.74
C ALA D 16 61.21 63.60 -4.31
N MET D 17 62.26 64.30 -3.90
CA MET D 17 62.66 64.63 -2.53
C MET D 17 63.06 63.45 -1.64
N PHE D 18 63.11 62.21 -2.15
CA PHE D 18 63.52 61.12 -1.27
C PHE D 18 64.99 61.18 -0.87
N ASN D 19 65.89 60.69 -1.71
CA ASN D 19 67.16 61.36 -1.98
C ASN D 19 67.51 61.10 -3.43
N ILE D 20 67.28 59.86 -3.85
CA ILE D 20 67.54 59.38 -5.20
C ILE D 20 66.24 58.80 -5.71
N ARG D 21 66.10 58.66 -7.02
CA ARG D 21 64.79 58.37 -7.58
C ARG D 21 64.74 57.10 -8.42
N ASN D 22 65.65 56.16 -8.23
CA ASN D 22 65.61 54.91 -8.99
C ASN D 22 65.08 53.80 -8.08
N ILE D 23 63.82 53.41 -8.29
CA ILE D 23 63.25 52.32 -7.51
C ILE D 23 63.75 50.99 -8.01
N GLY D 24 63.59 50.73 -9.31
CA GLY D 24 63.90 49.43 -9.87
C GLY D 24 63.38 49.37 -11.29
N LYS D 25 63.17 48.15 -11.76
CA LYS D 25 62.68 47.93 -13.13
C LYS D 25 61.64 46.83 -13.15
N THR D 26 60.68 46.95 -14.07
CA THR D 26 59.54 46.04 -14.17
C THR D 26 59.44 45.44 -15.57
N LEU D 27 58.36 44.74 -15.83
CA LEU D 27 58.22 44.12 -17.14
C LEU D 27 56.79 43.73 -17.51
N VAL D 28 56.32 44.28 -18.61
CA VAL D 28 54.98 43.99 -19.10
C VAL D 28 55.13 43.13 -20.34
N THR D 29 54.07 43.06 -21.14
CA THR D 29 54.13 42.28 -22.37
C THR D 29 54.71 43.16 -23.46
N ARG D 30 53.86 43.58 -24.39
CA ARG D 30 54.26 44.45 -25.49
C ARG D 30 53.02 45.06 -26.13
N THR D 31 53.08 46.34 -26.43
CA THR D 31 51.95 47.04 -27.04
C THR D 31 51.59 46.32 -28.33
N GLN D 32 50.55 45.50 -28.26
CA GLN D 32 50.13 44.71 -29.42
C GLN D 32 48.64 44.79 -29.77
N GLY D 33 48.31 45.70 -30.68
CA GLY D 33 46.94 45.85 -31.17
C GLY D 33 46.08 46.63 -30.20
N THR D 34 45.13 45.92 -29.59
CA THR D 34 44.27 46.54 -28.59
C THR D 34 45.02 46.78 -27.30
N LYS D 35 45.85 45.82 -26.89
CA LYS D 35 46.63 45.95 -25.68
C LYS D 35 47.74 46.99 -25.85
N ILE D 36 47.51 48.18 -25.31
CA ILE D 36 48.51 49.23 -25.28
C ILE D 36 49.43 48.92 -24.10
N ALA D 37 50.69 49.34 -24.22
CA ALA D 37 51.68 48.98 -23.19
C ALA D 37 51.46 49.78 -21.91
N SER D 38 50.84 50.95 -22.03
CA SER D 38 50.76 51.87 -20.89
C SER D 38 49.58 51.56 -19.99
N ASP D 39 48.86 50.46 -20.25
CA ASP D 39 47.63 50.21 -19.50
C ASP D 39 47.92 49.65 -18.11
N GLY D 40 48.71 48.58 -18.03
CA GLY D 40 49.00 47.99 -16.72
C GLY D 40 49.96 48.84 -15.90
N LEU D 41 50.73 49.70 -16.58
CA LEU D 41 51.58 50.66 -15.88
C LEU D 41 50.73 51.66 -15.11
N LYS D 42 49.53 51.94 -15.60
CA LYS D 42 48.65 52.86 -14.90
C LYS D 42 48.05 52.21 -13.65
N GLY D 43 48.16 50.88 -13.55
CA GLY D 43 47.53 50.19 -12.44
C GLY D 43 48.49 49.66 -11.39
N ARG D 44 49.76 49.42 -11.76
CA ARG D 44 50.71 48.82 -10.83
C ARG D 44 51.03 49.74 -9.65
N VAL D 45 51.46 49.11 -8.54
CA VAL D 45 51.87 49.82 -7.34
C VAL D 45 53.26 49.35 -6.96
N PHE D 46 53.82 49.92 -5.89
CA PHE D 46 55.14 49.55 -5.40
C PHE D 46 55.19 49.63 -3.88
N GLU D 47 55.77 48.60 -3.28
CA GLU D 47 55.94 48.49 -1.84
C GLU D 47 57.43 48.53 -1.57
N VAL D 48 57.93 49.67 -1.09
CA VAL D 48 59.36 49.73 -0.82
C VAL D 48 59.68 50.55 0.42
N SER D 49 60.43 49.95 1.33
CA SER D 49 60.79 50.62 2.57
C SER D 49 61.99 51.52 2.33
N LEU D 50 62.46 52.20 3.39
CA LEU D 50 63.47 53.23 3.26
C LEU D 50 64.90 52.69 3.31
N ALA D 51 65.84 53.61 3.54
CA ALA D 51 67.30 53.44 3.56
C ALA D 51 67.88 53.21 2.17
N ASP D 52 67.04 53.26 1.14
CA ASP D 52 67.47 53.26 -0.25
C ASP D 52 66.78 54.39 -0.99
N LEU D 53 65.65 54.86 -0.45
CA LEU D 53 65.01 56.06 -0.97
C LEU D 53 65.49 57.29 -0.22
N GLN D 54 65.24 57.32 1.08
CA GLN D 54 65.49 58.54 1.86
C GLN D 54 66.92 58.64 2.37
N ASN D 55 67.78 57.68 2.01
CA ASN D 55 69.21 57.68 2.32
C ASN D 55 69.46 57.74 3.83
N ASP D 56 69.21 56.61 4.50
CA ASP D 56 69.46 56.34 5.92
C ASP D 56 68.55 57.18 6.82
N GLU D 57 67.25 57.02 6.64
CA GLU D 57 66.24 57.22 7.67
C GLU D 57 66.07 55.86 8.35
N VAL D 58 64.95 55.72 9.06
CA VAL D 58 64.59 54.45 9.68
C VAL D 58 64.38 53.37 8.62
N ALA D 59 64.68 52.12 8.97
CA ALA D 59 64.65 51.03 8.00
C ALA D 59 63.22 50.58 7.74
N PHE D 60 62.37 50.68 8.75
CA PHE D 60 60.94 50.38 8.65
C PHE D 60 60.20 51.58 8.05
N ARG D 61 58.87 51.62 8.21
CA ARG D 61 57.97 52.61 7.60
C ARG D 61 58.03 52.52 6.08
N LYS D 62 57.50 51.42 5.53
CA LYS D 62 57.39 51.22 4.09
C LYS D 62 56.59 52.33 3.42
N PHE D 63 56.78 52.46 2.12
CA PHE D 63 55.97 53.36 1.30
C PHE D 63 55.32 52.61 0.15
N LYS D 64 54.12 53.06 -0.20
CA LYS D 64 53.35 52.49 -1.28
C LYS D 64 53.22 53.56 -2.36
N LEU D 65 53.47 53.18 -3.60
CA LEU D 65 53.56 54.12 -4.70
C LEU D 65 52.63 53.66 -5.83
N ILE D 66 51.94 54.59 -6.46
CA ILE D 66 51.05 54.27 -7.57
C ILE D 66 51.63 54.85 -8.83
N THR D 67 51.83 54.01 -9.84
CA THR D 67 52.54 54.45 -11.02
C THR D 67 51.60 55.28 -11.89
N GLU D 68 51.83 56.59 -11.91
CA GLU D 68 50.97 57.58 -12.55
C GLU D 68 50.88 57.34 -14.04
N ASP D 69 51.99 57.52 -14.76
CA ASP D 69 52.06 57.16 -16.16
C ASP D 69 53.50 56.83 -16.53
N VAL D 70 53.74 56.70 -17.81
CA VAL D 70 55.07 56.42 -18.35
C VAL D 70 55.48 57.61 -19.20
N GLN D 71 56.79 57.87 -19.28
CA GLN D 71 57.30 59.02 -19.99
C GLN D 71 58.64 58.68 -20.63
N GLY D 72 58.59 58.27 -21.91
CA GLY D 72 59.78 57.94 -22.67
C GLY D 72 60.60 56.82 -22.08
N LYS D 73 59.99 55.65 -21.94
CA LYS D 73 60.47 54.41 -21.31
C LYS D 73 60.61 54.52 -19.80
N ASN D 74 60.43 55.72 -19.23
CA ASN D 74 60.48 55.94 -17.79
C ASN D 74 59.06 55.95 -17.27
N CYS D 75 58.72 55.02 -16.38
CA CYS D 75 57.44 55.07 -15.72
C CYS D 75 57.60 55.79 -14.38
N LEU D 76 56.78 56.83 -14.20
CA LEU D 76 56.87 57.69 -13.03
C LEU D 76 55.70 57.38 -12.12
N THR D 77 55.95 57.48 -10.82
CA THR D 77 54.94 57.17 -9.82
C THR D 77 54.69 58.34 -8.88
N ASN D 78 53.45 58.43 -8.42
CA ASN D 78 52.99 59.36 -7.39
C ASN D 78 52.85 58.60 -6.08
N PHE D 79 52.78 59.34 -4.98
CA PHE D 79 52.60 58.75 -3.66
C PHE D 79 51.22 58.10 -3.55
N HIS D 80 51.18 56.90 -2.96
CA HIS D 80 49.91 56.23 -2.71
C HIS D 80 49.64 55.97 -1.24
N GLY D 81 50.57 55.32 -0.54
CA GLY D 81 50.29 54.90 0.83
C GLY D 81 51.57 54.74 1.59
N MET D 82 51.44 54.60 2.90
CA MET D 82 52.56 54.41 3.79
C MET D 82 52.17 53.48 4.92
N ASP D 83 52.93 52.40 5.08
CA ASP D 83 52.63 51.37 6.05
C ASP D 83 53.89 51.05 6.84
N LEU D 84 53.71 50.30 7.93
CA LEU D 84 54.83 49.78 8.70
C LEU D 84 55.00 48.29 8.45
N THR D 85 56.23 47.83 8.64
CA THR D 85 56.53 46.43 8.45
C THR D 85 55.95 45.61 9.60
N ARG D 86 55.68 44.33 9.33
CA ARG D 86 55.00 43.47 10.29
C ARG D 86 55.88 43.20 11.51
N ASP D 87 57.19 43.10 11.30
CA ASP D 87 58.08 42.81 12.42
C ASP D 87 58.19 44.01 13.37
N LYS D 88 58.31 45.22 12.82
CA LYS D 88 58.35 46.43 13.64
C LYS D 88 57.01 46.67 14.33
N MET D 89 55.91 46.39 13.63
CA MET D 89 54.60 46.64 14.21
C MET D 89 54.27 45.64 15.31
N CYS D 90 54.67 44.38 15.12
CA CYS D 90 54.37 43.37 16.12
C CYS D 90 55.38 43.41 17.25
N SER D 91 56.53 44.05 17.02
CA SER D 91 57.37 44.45 18.13
C SER D 91 56.78 45.68 18.80
N MET D 92 57.36 46.03 19.94
CA MET D 92 56.96 47.15 20.80
C MET D 92 55.51 47.07 21.26
N VAL D 93 54.90 45.90 21.22
CA VAL D 93 53.65 45.62 21.92
C VAL D 93 54.01 44.77 23.12
N LYS D 94 54.24 45.42 24.24
CA LYS D 94 54.71 44.73 25.43
C LYS D 94 53.49 44.44 26.28
N LYS D 95 53.57 43.37 27.08
CA LYS D 95 52.45 42.88 27.86
C LYS D 95 51.92 43.89 28.87
N TRP D 96 52.78 44.74 29.42
CA TRP D 96 52.33 45.65 30.47
C TRP D 96 52.49 47.10 30.05
N GLN D 97 52.07 47.41 28.82
CA GLN D 97 51.88 48.79 28.40
C GLN D 97 50.41 49.01 28.06
N THR D 98 50.07 50.16 27.49
CA THR D 98 48.67 50.40 27.13
C THR D 98 48.57 51.00 25.74
N MET D 99 48.19 50.17 24.77
CA MET D 99 48.20 50.59 23.38
C MET D 99 47.03 51.52 23.09
N ILE D 100 47.33 52.65 22.44
CA ILE D 100 46.36 53.71 22.22
C ILE D 100 46.26 53.96 20.72
N GLU D 101 45.04 53.94 20.20
CA GLU D 101 44.76 54.06 18.77
C GLU D 101 44.20 55.44 18.46
N ALA D 102 44.34 55.86 17.21
CA ALA D 102 43.67 57.06 16.71
C ALA D 102 43.56 56.96 15.20
N HIS D 103 42.50 57.56 14.66
CA HIS D 103 42.32 57.57 13.21
C HIS D 103 41.48 58.76 12.81
N VAL D 104 41.83 59.36 11.67
CA VAL D 104 41.13 60.55 11.22
C VAL D 104 41.23 60.68 9.70
N ASP D 105 40.10 61.05 9.08
CA ASP D 105 40.03 61.46 7.69
C ASP D 105 40.32 62.95 7.64
N VAL D 106 41.07 63.40 6.64
CA VAL D 106 41.49 64.78 6.55
C VAL D 106 41.79 65.12 5.09
N LYS D 107 41.36 66.30 4.65
CA LYS D 107 41.57 66.76 3.30
C LYS D 107 42.79 67.67 3.26
N THR D 108 43.57 67.59 2.19
CA THR D 108 44.72 68.46 2.03
C THR D 108 44.30 69.82 1.50
N THR D 109 45.30 70.62 1.10
CA THR D 109 45.01 71.90 0.46
C THR D 109 44.37 71.68 -0.90
N ASP D 110 44.96 70.81 -1.72
CA ASP D 110 44.39 70.43 -3.00
C ASP D 110 43.32 69.35 -2.81
N GLY D 111 42.92 68.74 -3.93
CA GLY D 111 41.79 67.83 -3.93
C GLY D 111 42.00 66.46 -3.31
N TYR D 112 43.16 66.21 -2.74
CA TYR D 112 43.44 64.96 -2.04
C TYR D 112 42.75 64.97 -0.68
N LEU D 113 42.04 63.88 -0.38
CA LEU D 113 41.57 63.60 0.96
C LEU D 113 42.11 62.23 1.34
N LEU D 114 42.65 62.12 2.55
CA LEU D 114 43.38 60.95 2.97
C LEU D 114 43.08 60.62 4.43
N ARG D 115 43.17 59.34 4.75
CA ARG D 115 42.95 58.84 6.09
C ARG D 115 44.30 58.47 6.69
N LEU D 116 44.55 58.92 7.92
CA LEU D 116 45.79 58.54 8.58
C LEU D 116 45.50 58.17 10.03
N PHE D 117 46.39 57.36 10.57
CA PHE D 117 46.19 56.65 11.82
C PHE D 117 47.24 57.10 12.82
N CYS D 118 47.21 56.49 14.01
CA CYS D 118 48.18 56.79 15.05
C CYS D 118 48.19 55.69 16.09
N VAL D 119 49.39 55.33 16.53
CA VAL D 119 49.59 54.34 17.58
C VAL D 119 50.46 54.97 18.67
N GLY D 120 50.14 54.67 19.91
CA GLY D 120 50.94 55.16 21.03
C GLY D 120 50.98 54.14 22.14
N PHE D 121 51.93 54.31 23.04
CA PHE D 121 52.15 53.39 24.15
C PHE D 121 52.54 54.16 25.39
N THR D 122 52.30 53.57 26.55
CA THR D 122 52.80 54.15 27.79
C THR D 122 54.29 53.87 27.93
N LYS D 123 54.86 54.36 29.02
CA LYS D 123 56.30 54.23 29.25
C LYS D 123 56.57 54.03 30.72
N LYS D 124 57.37 53.02 31.03
CA LYS D 124 57.95 52.91 32.36
C LYS D 124 58.92 54.06 32.57
N ARG D 125 58.52 55.01 33.40
CA ARG D 125 59.42 56.03 33.88
C ARG D 125 60.52 55.38 34.73
N ASN D 126 61.71 55.97 34.68
CA ASN D 126 62.82 55.51 35.49
C ASN D 126 62.50 55.63 36.98
N ASN D 127 63.16 54.79 37.79
CA ASN D 127 62.94 54.65 39.23
C ASN D 127 61.48 54.31 39.54
N GLN D 128 61.09 53.09 39.17
CA GLN D 128 59.71 52.65 39.27
C GLN D 128 59.65 51.21 39.77
N ILE D 129 58.77 50.97 40.74
CA ILE D 129 58.58 49.61 41.24
C ILE D 129 57.26 49.04 40.73
N ARG D 130 56.22 49.87 40.67
CA ARG D 130 54.91 49.41 40.20
C ARG D 130 54.99 49.07 38.71
N LYS D 131 54.94 47.78 38.41
CA LYS D 131 55.36 47.28 37.11
C LYS D 131 54.24 47.36 36.08
N THR D 132 53.08 47.87 36.48
CA THR D 132 51.94 47.87 35.58
C THR D 132 51.98 49.06 34.62
N SER D 133 51.89 50.28 35.16
CA SER D 133 51.86 51.55 34.41
C SER D 133 50.72 51.59 33.39
N TYR D 134 49.49 51.64 33.90
CA TYR D 134 48.33 51.82 33.04
C TYR D 134 47.85 53.27 33.09
N ALA D 135 46.89 53.59 32.23
CA ALA D 135 46.30 54.91 32.22
C ALA D 135 44.83 54.84 32.66
N GLN D 136 44.36 55.94 33.25
CA GLN D 136 43.03 56.03 33.85
C GLN D 136 41.91 56.18 32.84
N HIS D 137 42.21 56.08 31.54
CA HIS D 137 41.32 56.06 30.38
C HIS D 137 40.68 57.41 30.08
N GLN D 138 40.68 58.34 31.03
CA GLN D 138 40.21 59.67 30.73
C GLN D 138 41.33 60.50 30.12
N GLN D 139 42.57 60.22 30.53
CA GLN D 139 43.71 60.77 29.81
C GLN D 139 43.79 60.16 28.41
N VAL D 140 43.29 58.94 28.25
CA VAL D 140 43.29 58.31 26.93
C VAL D 140 42.27 58.97 26.01
N ARG D 141 41.10 59.29 26.55
CA ARG D 141 40.13 60.05 25.75
C ARG D 141 40.59 61.48 25.51
N GLN D 142 41.37 62.04 26.44
CA GLN D 142 42.01 63.33 26.23
C GLN D 142 43.03 63.26 25.09
N ILE D 143 43.83 62.19 25.08
CA ILE D 143 44.96 62.18 24.17
C ILE D 143 44.53 61.73 22.78
N ARG D 144 43.39 61.04 22.67
CA ARG D 144 42.85 60.80 21.33
C ARG D 144 42.35 62.08 20.70
N LYS D 145 41.76 62.98 21.50
CA LYS D 145 41.43 64.31 21.01
C LYS D 145 42.69 65.09 20.64
N LYS D 146 43.75 64.92 21.42
CA LYS D 146 45.00 65.63 21.15
C LYS D 146 45.63 65.15 19.84
N MET D 147 45.69 63.83 19.65
CA MET D 147 46.36 63.27 18.48
C MET D 147 45.50 63.39 17.23
N MET D 148 44.18 63.51 17.41
CA MET D 148 43.35 63.84 16.25
C MET D 148 43.45 65.32 15.93
N GLU D 149 43.70 66.15 16.95
CA GLU D 149 43.71 67.59 16.76
C GLU D 149 44.96 68.05 16.03
N ILE D 150 46.12 67.50 16.39
CA ILE D 150 47.39 67.99 15.84
C ILE D 150 47.56 67.55 14.38
N MET D 151 47.05 66.35 14.05
CA MET D 151 47.15 65.87 12.68
C MET D 151 46.33 66.72 11.72
N THR D 152 45.24 67.28 12.21
CA THR D 152 44.42 68.17 11.36
C THR D 152 45.17 69.44 10.99
N ARG D 153 46.09 69.90 11.84
CA ARG D 153 46.80 71.12 11.48
C ARG D 153 48.09 70.81 10.73
N GLU D 154 48.64 69.59 10.86
CA GLU D 154 49.77 69.26 9.98
C GLU D 154 49.32 68.76 8.62
N VAL D 155 48.03 68.43 8.45
CA VAL D 155 47.61 67.94 7.15
C VAL D 155 46.64 68.90 6.48
N GLN D 156 45.68 69.44 7.24
CA GLN D 156 44.54 70.17 6.67
C GLN D 156 44.96 71.43 5.95
N THR D 157 45.96 72.14 6.48
CA THR D 157 46.54 73.24 5.75
C THR D 157 48.00 72.93 5.46
N ASN D 158 48.18 72.14 4.40
CA ASN D 158 49.45 71.68 3.82
C ASN D 158 49.12 70.95 2.53
N ASP D 159 50.11 70.80 1.65
CA ASP D 159 49.93 69.91 0.51
C ASP D 159 50.87 68.72 0.60
N LEU D 160 50.88 67.90 -0.45
CA LEU D 160 51.40 66.54 -0.35
C LEU D 160 52.91 66.50 -0.18
N LYS D 161 53.65 67.38 -0.87
CA LYS D 161 55.09 67.42 -0.70
C LYS D 161 55.47 67.77 0.73
N GLU D 162 54.74 68.71 1.33
CA GLU D 162 55.01 69.07 2.71
C GLU D 162 54.57 67.99 3.70
N VAL D 163 53.49 67.25 3.41
CA VAL D 163 53.12 66.23 4.39
C VAL D 163 54.03 65.00 4.28
N VAL D 164 54.57 64.74 3.08
CA VAL D 164 55.57 63.67 2.98
C VAL D 164 56.87 64.12 3.62
N ASN D 165 57.20 65.41 3.51
CA ASN D 165 58.38 65.93 4.19
C ASN D 165 58.20 65.99 5.70
N LYS D 166 56.96 66.03 6.17
CA LYS D 166 56.70 65.84 7.59
C LYS D 166 56.82 64.37 7.98
N LEU D 167 56.47 63.47 7.05
CA LEU D 167 56.54 62.04 7.34
C LEU D 167 57.96 61.49 7.25
N ILE D 168 58.89 62.26 6.70
CA ILE D 168 60.28 61.79 6.65
C ILE D 168 60.92 61.68 8.04
N PRO D 169 60.95 62.72 8.89
CA PRO D 169 61.55 62.52 10.21
C PRO D 169 60.55 62.10 11.28
N ASP D 170 59.29 61.85 10.88
CA ASP D 170 58.13 61.78 11.76
C ASP D 170 58.06 63.00 12.66
N SER D 171 57.93 64.18 12.04
CA SER D 171 57.78 65.42 12.78
C SER D 171 56.44 65.47 13.50
N ILE D 172 55.44 64.78 12.96
CA ILE D 172 54.16 64.62 13.66
C ILE D 172 54.36 63.84 14.95
N GLY D 173 55.15 62.76 14.88
CA GLY D 173 55.41 61.96 16.07
C GLY D 173 56.24 62.71 17.10
N LYS D 174 57.26 63.43 16.65
CA LYS D 174 58.09 64.20 17.58
C LYS D 174 57.31 65.38 18.16
N ASP D 175 56.31 65.86 17.43
CA ASP D 175 55.50 66.95 17.95
C ASP D 175 54.49 66.44 18.97
N ILE D 176 53.90 65.27 18.73
CA ILE D 176 52.96 64.68 19.67
C ILE D 176 53.70 64.23 20.94
N GLU D 177 54.92 63.72 20.79
CA GLU D 177 55.72 63.34 21.95
C GLU D 177 56.08 64.56 22.79
N LYS D 178 56.27 65.72 22.15
CA LYS D 178 56.55 66.93 22.90
C LYS D 178 55.30 67.46 23.58
N ALA D 179 54.17 67.49 22.87
CA ALA D 179 52.95 68.09 23.42
C ALA D 179 52.25 67.13 24.39
N CYS D 180 52.68 65.88 24.41
CA CYS D 180 52.08 64.85 25.24
C CYS D 180 52.51 64.91 26.69
N GLN D 181 53.61 65.62 26.97
CA GLN D 181 54.36 65.44 28.21
C GLN D 181 53.56 65.85 29.43
N SER D 182 52.68 66.84 29.29
CA SER D 182 51.93 67.32 30.43
C SER D 182 50.83 66.35 30.82
N ILE D 183 50.39 65.50 29.88
CA ILE D 183 49.32 64.56 30.19
C ILE D 183 49.88 63.22 30.65
N TYR D 184 50.71 62.60 29.83
CA TYR D 184 51.31 61.34 30.25
C TYR D 184 52.65 61.18 29.52
N PRO D 185 53.58 60.40 30.06
CA PRO D 185 54.78 60.07 29.27
C PRO D 185 54.55 58.99 28.23
N LEU D 186 53.96 59.30 27.08
CA LEU D 186 53.93 58.33 25.98
C LEU D 186 55.30 57.99 25.42
N HIS D 187 55.35 56.87 24.68
CA HIS D 187 56.60 56.35 24.13
C HIS D 187 56.31 55.65 22.81
N ASP D 188 57.27 55.74 21.88
CA ASP D 188 57.22 55.17 20.53
C ASP D 188 56.03 55.66 19.72
N VAL D 189 55.85 56.97 19.61
CA VAL D 189 54.72 57.53 18.86
C VAL D 189 55.00 57.38 17.37
N PHE D 190 54.04 56.83 16.63
CA PHE D 190 54.11 56.74 15.18
C PHE D 190 52.73 56.98 14.58
N VAL D 191 52.68 57.15 13.27
CA VAL D 191 51.40 57.31 12.59
C VAL D 191 50.93 55.97 12.02
N ARG D 192 51.87 55.05 11.82
CA ARG D 192 51.68 53.62 11.58
C ARG D 192 51.05 53.28 10.23
N LYS D 193 50.34 54.21 9.61
CA LYS D 193 49.60 53.97 8.37
C LYS D 193 49.00 55.28 7.88
N VAL D 194 49.11 55.53 6.58
CA VAL D 194 48.28 56.53 5.92
C VAL D 194 47.96 56.01 4.52
N LYS D 195 46.67 56.05 4.16
CA LYS D 195 46.27 55.52 2.87
C LYS D 195 45.22 56.42 2.25
N MET D 196 45.22 56.48 0.93
CA MET D 196 44.33 57.34 0.16
C MET D 196 42.98 56.67 0.02
N LEU D 197 41.93 57.47 -0.13
CA LEU D 197 40.64 56.92 -0.50
C LEU D 197 40.12 57.50 -1.81
N LYS D 198 40.42 58.77 -2.09
CA LYS D 198 40.02 59.40 -3.34
C LYS D 198 41.11 60.32 -3.87
N LYS D 199 41.48 60.11 -5.13
CA LYS D 199 42.44 60.96 -5.81
C LYS D 199 41.65 62.00 -6.60
N PRO D 200 42.05 63.27 -6.61
CA PRO D 200 41.26 64.27 -7.34
C PRO D 200 41.30 64.14 -8.86
N LYS D 201 42.48 64.07 -9.46
CA LYS D 201 42.63 64.22 -10.90
C LYS D 201 44.01 63.68 -11.29
N PHE D 202 44.16 63.34 -12.57
CA PHE D 202 45.43 62.81 -13.08
C PHE D 202 46.56 63.82 -12.92
N GLU D 203 46.41 64.99 -13.54
CA GLU D 203 47.25 66.18 -13.31
C GLU D 203 48.74 65.98 -13.58
N LEU D 204 49.08 65.74 -14.84
CA LEU D 204 50.49 65.63 -15.22
C LEU D 204 51.21 66.96 -15.08
N GLY D 205 50.47 68.07 -15.12
CA GLY D 205 51.06 69.35 -14.76
C GLY D 205 51.49 69.40 -13.30
N LYS D 206 50.67 68.84 -12.41
CA LYS D 206 51.07 68.72 -11.01
C LYS D 206 52.20 67.71 -10.85
N LEU D 207 52.30 66.75 -11.76
CA LEU D 207 53.41 65.81 -11.71
C LEU D 207 54.73 66.48 -12.09
N MET D 208 54.69 67.30 -13.13
CA MET D 208 55.87 68.06 -13.52
C MET D 208 56.20 69.12 -12.48
N GLU D 209 55.19 69.62 -11.76
CA GLU D 209 55.43 70.54 -10.66
C GLU D 209 56.05 69.83 -9.47
N LEU D 210 55.68 68.56 -9.26
CA LEU D 210 56.37 67.73 -8.28
C LEU D 210 57.83 67.55 -8.64
N HIS D 211 58.14 67.42 -9.92
CA HIS D 211 59.54 67.32 -10.31
C HIS D 211 60.28 68.64 -10.19
N GLY D 212 59.92 69.63 -11.01
CA GLY D 212 60.58 70.91 -11.01
C GLY D 212 60.21 71.79 -12.19
N CYS E 1 -38.20 -1.44 -119.17
CA CYS E 1 -38.97 -0.41 -118.49
C CYS E 1 -40.10 0.08 -119.38
N ALA E 2 -41.34 -0.03 -118.91
CA ALA E 2 -42.51 0.39 -119.65
C ALA E 2 -42.84 1.83 -119.31
N ARG E 3 -42.77 2.70 -120.31
CA ARG E 3 -43.00 4.13 -120.12
C ARG E 3 -44.19 4.53 -120.98
N PRO E 4 -45.37 4.65 -120.37
CA PRO E 4 -46.56 5.04 -121.14
C PRO E 4 -46.64 6.54 -121.30
N LEU E 5 -47.60 6.97 -122.11
CA LEU E 5 -47.88 8.39 -122.26
C LEU E 5 -48.95 8.81 -121.26
N ILE E 6 -49.02 10.12 -121.01
CA ILE E 6 -50.08 10.72 -120.22
C ILE E 6 -50.62 11.91 -120.98
N SER E 7 -51.95 11.97 -121.14
CA SER E 7 -52.57 13.08 -121.83
C SER E 7 -52.85 14.24 -120.89
N VAL E 8 -52.45 15.44 -121.30
CA VAL E 8 -52.59 16.64 -120.48
C VAL E 8 -54.03 17.11 -120.56
N TYR E 9 -54.69 17.16 -119.41
CA TYR E 9 -56.06 17.64 -119.31
C TYR E 9 -56.06 19.16 -119.29
N SER E 10 -56.93 19.76 -120.09
CA SER E 10 -57.05 21.21 -120.10
C SER E 10 -57.82 21.67 -118.88
N GLU E 11 -57.88 23.00 -118.71
CA GLU E 11 -58.53 23.59 -117.55
C GLU E 11 -60.03 23.35 -117.57
N LYS E 12 -60.60 23.09 -118.74
CA LYS E 12 -62.00 22.69 -118.79
C LYS E 12 -62.16 21.25 -118.35
N GLY E 13 -61.12 20.44 -118.48
CA GLY E 13 -61.19 19.05 -118.08
C GLY E 13 -61.09 18.11 -119.25
N GLU E 14 -60.93 18.66 -120.45
CA GLU E 14 -60.81 17.84 -121.64
C GLU E 14 -59.34 17.61 -121.99
N SER E 15 -59.03 16.38 -122.41
CA SER E 15 -57.68 16.05 -122.81
C SER E 15 -57.27 16.81 -124.05
N SER E 16 -56.13 17.48 -123.97
CA SER E 16 -55.60 18.19 -125.13
C SER E 16 -54.75 17.28 -125.99
N GLY E 17 -54.17 17.85 -127.03
CA GLY E 17 -53.26 17.07 -127.87
C GLY E 17 -51.89 16.92 -127.26
N LYS E 18 -51.58 17.76 -126.27
CA LYS E 18 -50.26 17.76 -125.66
C LYS E 18 -50.08 16.52 -124.78
N ASN E 19 -49.01 15.79 -125.01
CA ASN E 19 -48.72 14.59 -124.24
C ASN E 19 -47.29 14.66 -123.73
N VAL E 20 -47.10 14.28 -122.47
CA VAL E 20 -45.78 14.23 -121.85
C VAL E 20 -45.51 12.78 -121.47
N THR E 21 -44.32 12.29 -121.82
CA THR E 21 -43.92 10.95 -121.48
C THR E 21 -43.73 10.85 -119.98
N LEU E 22 -44.19 9.74 -119.40
CA LEU E 22 -44.10 9.52 -117.97
C LEU E 22 -42.66 9.39 -117.51
N PRO E 23 -42.24 10.16 -116.51
CA PRO E 23 -40.87 10.01 -116.01
C PRO E 23 -40.72 8.77 -115.16
N ALA E 24 -39.45 8.37 -114.94
CA ALA E 24 -39.16 7.07 -114.34
C ALA E 24 -39.37 7.05 -112.84
N VAL E 25 -39.60 8.21 -112.22
CA VAL E 25 -39.90 8.27 -110.79
C VAL E 25 -41.22 7.57 -110.50
N PHE E 26 -42.13 7.56 -111.47
CA PHE E 26 -43.38 6.82 -111.31
C PHE E 26 -43.21 5.36 -111.68
N LYS E 27 -41.97 4.88 -111.81
CA LYS E 27 -41.65 3.48 -111.99
C LYS E 27 -40.64 3.02 -110.94
N ALA E 28 -40.12 3.95 -110.13
CA ALA E 28 -39.25 3.69 -108.99
C ALA E 28 -39.85 2.67 -108.01
N PRO E 29 -39.02 2.01 -107.19
CA PRO E 29 -39.58 1.05 -106.23
C PRO E 29 -40.28 1.70 -105.07
N ILE E 30 -41.10 0.91 -104.38
CA ILE E 30 -42.00 1.39 -103.34
C ILE E 30 -41.64 0.72 -102.03
N ARG E 31 -41.23 1.50 -101.03
CA ARG E 31 -40.66 0.97 -99.79
C ARG E 31 -41.33 1.62 -98.59
N PRO E 32 -42.31 0.94 -97.99
CA PRO E 32 -43.01 1.54 -96.84
C PRO E 32 -42.15 1.56 -95.59
N ASP E 33 -41.16 0.68 -95.47
CA ASP E 33 -40.20 0.75 -94.37
C ASP E 33 -39.46 2.07 -94.39
N ILE E 34 -38.93 2.44 -95.55
CA ILE E 34 -38.10 3.62 -95.64
C ILE E 34 -38.95 4.87 -95.58
N VAL E 35 -40.17 4.82 -96.12
CA VAL E 35 -41.09 5.96 -95.98
C VAL E 35 -41.48 6.16 -94.51
N ASN E 36 -41.77 5.06 -93.80
CA ASN E 36 -42.19 5.17 -92.41
C ASN E 36 -41.03 5.62 -91.52
N PHE E 37 -39.84 5.11 -91.81
CA PHE E 37 -38.64 5.46 -91.05
C PHE E 37 -38.30 6.95 -91.21
N VAL E 38 -38.27 7.42 -92.45
CA VAL E 38 -37.88 8.81 -92.67
C VAL E 38 -39.00 9.75 -92.23
N HIS E 39 -40.25 9.31 -92.34
CA HIS E 39 -41.37 10.11 -91.83
C HIS E 39 -41.30 10.26 -90.32
N THR E 40 -40.93 9.19 -89.62
CA THR E 40 -40.76 9.25 -88.18
C THR E 40 -39.66 10.21 -87.79
N ASN E 41 -38.51 10.15 -88.48
CA ASN E 41 -37.41 10.99 -88.06
C ASN E 41 -37.62 12.45 -88.43
N LEU E 42 -38.36 12.73 -89.50
CA LEU E 42 -38.63 14.13 -89.80
C LEU E 42 -39.70 14.71 -88.88
N ARG E 43 -40.66 13.88 -88.44
CA ARG E 43 -41.56 14.34 -87.40
C ARG E 43 -40.82 14.59 -86.09
N LYS E 44 -39.76 13.83 -85.83
CA LYS E 44 -38.94 14.16 -84.66
C LYS E 44 -38.21 15.47 -84.84
N ASN E 45 -37.81 15.79 -86.08
CA ASN E 45 -37.21 17.10 -86.34
C ASN E 45 -38.18 18.26 -86.19
N ASN E 46 -39.49 18.03 -86.31
CA ASN E 46 -40.43 19.14 -86.21
C ASN E 46 -41.05 19.38 -84.83
N ARG E 47 -40.24 19.73 -83.85
CA ARG E 47 -40.74 20.00 -82.50
C ARG E 47 -39.80 20.86 -81.68
N GLN E 48 -40.29 21.36 -80.55
CA GLN E 48 -39.50 22.22 -79.67
C GLN E 48 -39.09 21.48 -78.40
N PRO E 49 -38.15 22.06 -77.64
CA PRO E 49 -37.63 21.53 -76.39
C PRO E 49 -38.71 20.99 -75.47
N TYR E 50 -39.75 21.79 -75.24
CA TYR E 50 -40.94 21.47 -74.41
C TYR E 50 -40.75 21.40 -72.89
N ALA E 51 -41.78 21.91 -72.21
CA ALA E 51 -41.91 22.00 -70.75
C ALA E 51 -40.97 21.18 -69.86
N VAL E 52 -39.85 21.80 -69.52
CA VAL E 52 -38.84 21.22 -68.68
C VAL E 52 -38.99 21.97 -67.37
N SER E 53 -38.87 21.26 -66.25
CA SER E 53 -38.97 21.93 -64.96
C SER E 53 -37.87 22.98 -64.79
N GLU E 54 -36.60 22.57 -64.91
CA GLU E 54 -35.38 23.40 -65.12
C GLU E 54 -35.04 24.14 -63.82
N LEU E 55 -35.93 24.18 -62.85
CA LEU E 55 -35.63 24.86 -61.60
C LEU E 55 -35.91 23.87 -60.49
N ALA E 56 -35.37 24.17 -59.33
CA ALA E 56 -35.52 23.32 -58.17
C ALA E 56 -36.99 23.17 -57.76
N GLY E 57 -37.31 22.02 -57.18
CA GLY E 57 -38.43 21.89 -56.27
C GLY E 57 -37.84 21.98 -54.88
N HIS E 58 -36.54 22.24 -54.87
CA HIS E 58 -35.71 22.43 -53.69
C HIS E 58 -35.66 23.89 -53.26
N GLN E 59 -36.70 24.66 -53.59
CA GLN E 59 -36.80 26.00 -53.03
C GLN E 59 -36.98 25.94 -51.52
N THR E 60 -37.65 24.90 -51.04
CA THR E 60 -37.75 24.64 -49.62
C THR E 60 -36.40 24.21 -49.06
N SER E 61 -36.17 24.55 -47.79
CA SER E 61 -35.05 23.99 -47.05
C SER E 61 -35.55 22.82 -46.22
N ALA E 62 -34.67 21.86 -45.96
CA ALA E 62 -35.15 20.62 -45.34
C ALA E 62 -34.05 19.88 -44.59
N GLU E 63 -34.48 19.18 -43.54
CA GLU E 63 -33.66 18.22 -42.82
C GLU E 63 -34.53 17.06 -42.38
N SER E 64 -33.88 15.95 -42.01
CA SER E 64 -34.60 14.81 -41.46
C SER E 64 -34.75 14.98 -39.95
N TRP E 65 -35.50 14.07 -39.31
CA TRP E 65 -35.57 14.12 -37.86
C TRP E 65 -34.72 13.01 -37.25
N GLY E 66 -34.69 11.84 -37.89
CA GLY E 66 -33.87 10.73 -37.41
C GLY E 66 -34.68 9.53 -36.95
N THR E 67 -34.02 8.71 -36.14
CA THR E 67 -34.63 7.49 -35.62
C THR E 67 -35.69 7.80 -34.57
N GLY E 68 -35.45 8.82 -33.76
CA GLY E 68 -36.47 9.37 -32.90
C GLY E 68 -37.44 10.19 -33.72
N ARG E 69 -38.51 10.69 -33.10
CA ARG E 69 -39.64 11.32 -33.79
C ARG E 69 -40.27 10.40 -34.83
N ALA E 70 -41.02 9.40 -34.38
CA ALA E 70 -41.29 8.08 -34.97
C ALA E 70 -41.46 8.09 -36.48
N VAL E 71 -42.05 9.11 -37.09
CA VAL E 71 -42.74 9.03 -38.39
C VAL E 71 -41.94 8.46 -39.57
N ALA E 72 -40.87 9.11 -40.00
CA ALA E 72 -40.20 8.69 -41.21
C ALA E 72 -38.78 9.19 -41.25
N ARG E 73 -38.12 8.97 -42.38
CA ARG E 73 -36.78 9.50 -42.57
C ARG E 73 -36.69 10.38 -43.80
N ILE E 74 -37.81 10.82 -44.35
CA ILE E 74 -37.81 11.82 -45.43
C ILE E 74 -37.31 13.13 -44.85
N PRO E 75 -36.63 13.98 -45.62
CA PRO E 75 -36.44 15.37 -45.18
C PRO E 75 -37.78 16.08 -44.97
N ARG E 76 -37.77 17.05 -44.08
CA ARG E 76 -38.98 17.75 -43.69
C ARG E 76 -38.66 19.24 -43.66
N VAL E 77 -39.65 20.07 -43.96
CA VAL E 77 -39.46 21.50 -43.86
C VAL E 77 -39.50 21.92 -42.39
N ARG E 78 -38.70 22.91 -42.03
CA ARG E 78 -38.56 23.34 -40.65
C ARG E 78 -39.19 24.71 -40.46
N GLY E 79 -40.06 24.81 -39.46
CA GLY E 79 -40.76 26.04 -39.21
C GLY E 79 -41.74 25.86 -38.08
N GLY E 80 -42.91 26.46 -38.24
CA GLY E 80 -43.97 26.33 -37.26
C GLY E 80 -45.14 27.20 -37.63
N GLY E 81 -46.27 26.91 -37.00
CA GLY E 81 -47.44 27.75 -37.14
C GLY E 81 -48.18 27.57 -38.45
N THR E 82 -47.52 27.94 -39.55
CA THR E 82 -48.03 27.62 -40.86
C THR E 82 -48.08 26.12 -41.05
N HIS E 83 -49.22 25.59 -41.50
CA HIS E 83 -49.43 24.16 -41.43
C HIS E 83 -48.82 23.40 -42.60
N ARG E 84 -47.78 23.95 -43.23
CA ARG E 84 -46.91 23.12 -44.04
C ARG E 84 -45.73 22.64 -43.21
N SER E 85 -45.51 23.26 -42.04
CA SER E 85 -44.34 22.94 -41.22
C SER E 85 -44.43 21.54 -40.65
N GLY E 86 -43.64 20.64 -41.23
CA GLY E 86 -43.68 19.24 -40.88
C GLY E 86 -44.26 18.33 -41.93
N GLN E 87 -44.49 18.84 -43.14
CA GLN E 87 -44.96 18.01 -44.23
C GLN E 87 -43.78 17.35 -44.92
N GLY E 88 -44.05 16.71 -46.05
CA GLY E 88 -43.01 16.05 -46.80
C GLY E 88 -42.25 16.99 -47.72
N ALA E 89 -40.93 17.01 -47.58
CA ALA E 89 -40.09 17.87 -48.40
C ALA E 89 -39.80 17.21 -49.74
N PHE E 90 -38.78 17.72 -50.43
CA PHE E 90 -38.42 17.29 -51.76
C PHE E 90 -38.07 15.79 -51.81
N GLY E 91 -38.33 15.20 -52.96
CA GLY E 91 -38.38 13.77 -53.12
C GLY E 91 -39.43 13.50 -54.15
N ASN E 92 -39.76 12.23 -54.42
CA ASN E 92 -40.77 11.90 -55.40
C ASN E 92 -42.11 11.67 -54.74
N MET E 93 -42.13 10.93 -53.64
CA MET E 93 -43.35 10.44 -53.04
C MET E 93 -44.07 11.48 -52.19
N CYS E 94 -43.67 12.74 -52.29
CA CYS E 94 -44.23 13.77 -51.43
C CYS E 94 -45.04 14.77 -52.23
N ARG E 95 -45.75 15.62 -51.48
CA ARG E 95 -46.53 16.70 -52.05
C ARG E 95 -45.63 17.88 -52.36
N GLY E 96 -45.59 18.28 -53.62
CA GLY E 96 -44.81 19.43 -54.00
C GLY E 96 -43.32 19.19 -53.95
N GLY E 97 -42.92 18.01 -54.39
CA GLY E 97 -41.52 17.71 -54.60
C GLY E 97 -41.22 17.65 -56.08
N ARG E 98 -39.95 17.45 -56.41
CA ARG E 98 -39.57 17.33 -57.79
C ARG E 98 -40.04 15.99 -58.35
N MET E 99 -40.37 15.98 -59.62
CA MET E 99 -40.59 14.71 -60.30
C MET E 99 -39.27 13.96 -60.38
N PHE E 100 -39.40 12.64 -60.49
CA PHE E 100 -38.25 11.76 -60.68
C PHE E 100 -37.47 12.10 -61.94
N ALA E 101 -36.14 12.26 -61.76
CA ALA E 101 -35.07 12.44 -62.73
C ALA E 101 -35.53 13.36 -63.85
N PRO E 102 -35.78 14.62 -63.56
CA PRO E 102 -36.75 15.41 -64.33
C PRO E 102 -36.27 15.67 -65.75
N THR E 103 -37.23 16.04 -66.60
CA THR E 103 -36.94 16.36 -67.99
C THR E 103 -35.92 17.48 -68.06
N LYS E 104 -35.03 17.39 -69.03
CA LYS E 104 -33.98 18.38 -69.18
C LYS E 104 -33.99 18.87 -70.63
N THR E 105 -33.70 20.15 -70.79
CA THR E 105 -33.87 20.79 -72.09
C THR E 105 -32.81 20.38 -73.10
N TRP E 106 -31.82 19.59 -72.69
CA TRP E 106 -30.86 19.04 -73.64
C TRP E 106 -31.17 17.62 -74.05
N ARG E 107 -32.44 17.24 -74.09
CA ARG E 107 -32.80 15.94 -74.64
C ARG E 107 -32.54 15.95 -76.14
N ARG E 108 -32.18 14.80 -76.69
CA ARG E 108 -31.83 14.69 -78.11
C ARG E 108 -33.12 14.71 -78.92
N TRP E 109 -33.55 15.92 -79.29
CA TRP E 109 -34.83 16.04 -79.98
C TRP E 109 -34.68 15.69 -81.45
N HIS E 110 -33.88 16.46 -82.16
CA HIS E 110 -33.77 16.34 -83.60
C HIS E 110 -32.99 15.09 -83.98
N ARG E 111 -33.31 14.52 -85.13
CA ARG E 111 -32.61 13.34 -85.61
C ARG E 111 -32.16 13.60 -87.03
N ARG E 112 -31.04 13.00 -87.41
CA ARG E 112 -30.49 13.18 -88.75
C ARG E 112 -30.76 11.93 -89.57
N VAL E 113 -31.16 12.13 -90.83
CA VAL E 113 -31.32 11.05 -91.78
C VAL E 113 -30.32 11.30 -92.91
N ASN E 114 -29.83 10.23 -93.53
CA ASN E 114 -28.96 10.39 -94.69
C ASN E 114 -29.72 11.02 -95.85
N THR E 115 -29.00 11.79 -96.65
CA THR E 115 -29.66 12.49 -97.77
C THR E 115 -30.08 11.52 -98.85
N THR E 116 -29.36 10.41 -99.02
CA THR E 116 -29.77 9.44 -100.01
C THR E 116 -31.06 8.74 -99.60
N GLN E 117 -31.26 8.52 -98.31
CA GLN E 117 -32.54 7.97 -97.87
C GLN E 117 -33.64 9.01 -97.92
N LYS E 118 -33.29 10.28 -97.69
CA LYS E 118 -34.27 11.36 -97.84
C LYS E 118 -34.78 11.46 -99.27
N ARG E 119 -33.89 11.24 -100.24
CA ARG E 119 -34.31 11.28 -101.63
C ARG E 119 -35.00 9.98 -102.04
N TYR E 120 -34.55 8.86 -101.46
CA TYR E 120 -35.15 7.57 -101.73
C TYR E 120 -36.61 7.54 -101.30
N ALA E 121 -36.90 8.18 -100.17
CA ALA E 121 -38.27 8.18 -99.67
C ALA E 121 -39.16 9.05 -100.54
N ILE E 122 -38.61 10.14 -101.09
CA ILE E 122 -39.37 10.97 -102.02
C ILE E 122 -39.69 10.19 -103.28
N CYS E 123 -38.70 9.45 -103.80
CA CYS E 123 -38.92 8.64 -104.99
C CYS E 123 -39.94 7.53 -104.73
N SER E 124 -39.89 6.93 -103.54
CA SER E 124 -40.84 5.87 -103.21
C SER E 124 -42.24 6.42 -103.04
N ALA E 125 -42.38 7.61 -102.46
CA ALA E 125 -43.71 8.18 -102.27
C ALA E 125 -44.31 8.62 -103.60
N LEU E 126 -43.50 9.21 -104.48
CA LEU E 126 -44.01 9.56 -105.80
C LEU E 126 -44.35 8.32 -106.61
N ALA E 127 -43.61 7.24 -106.42
CA ALA E 127 -43.93 6.01 -107.14
C ALA E 127 -45.20 5.37 -106.59
N ALA E 128 -45.44 5.51 -105.30
CA ALA E 128 -46.67 4.97 -104.72
C ALA E 128 -47.87 5.84 -105.06
N SER E 129 -47.63 7.10 -105.41
CA SER E 129 -48.74 7.99 -105.78
C SER E 129 -49.26 7.69 -107.18
N ALA E 130 -48.58 6.83 -107.93
CA ALA E 130 -48.97 6.59 -109.32
C ALA E 130 -49.98 5.46 -109.44
N LEU E 131 -49.99 4.55 -108.49
CA LEU E 131 -50.86 3.39 -108.60
C LEU E 131 -52.24 3.72 -108.05
N PRO E 132 -53.33 3.35 -108.72
CA PRO E 132 -54.65 3.75 -108.25
C PRO E 132 -55.13 2.98 -107.05
N ALA E 133 -54.69 1.73 -106.90
CA ALA E 133 -55.18 0.91 -105.80
C ALA E 133 -54.52 1.29 -104.49
N LEU E 134 -53.38 1.96 -104.55
CA LEU E 134 -52.75 2.43 -103.33
C LEU E 134 -53.48 3.64 -102.76
N VAL E 135 -53.84 4.59 -103.63
CA VAL E 135 -54.28 5.88 -103.14
C VAL E 135 -55.74 5.82 -102.72
N MET E 136 -56.52 4.94 -103.36
CA MET E 136 -57.86 4.67 -102.84
C MET E 136 -57.78 3.93 -101.51
N SER E 137 -56.70 3.20 -101.28
CA SER E 137 -56.55 2.49 -100.02
C SER E 137 -55.93 3.38 -98.95
N LYS E 138 -55.77 4.67 -99.24
CA LYS E 138 -55.50 5.60 -98.17
C LYS E 138 -56.78 6.30 -97.72
N GLY E 139 -57.63 6.70 -98.67
CA GLY E 139 -58.85 7.36 -98.27
C GLY E 139 -59.28 8.54 -99.11
N HIS E 140 -58.60 8.78 -100.22
CA HIS E 140 -59.06 9.82 -101.13
C HIS E 140 -60.23 9.33 -101.97
N ARG E 141 -60.78 10.22 -102.79
CA ARG E 141 -61.92 9.88 -103.64
C ARG E 141 -61.52 10.06 -105.11
N ILE E 142 -61.12 8.96 -105.75
CA ILE E 142 -60.62 8.99 -107.11
C ILE E 142 -61.55 8.11 -107.95
N GLU E 143 -62.80 7.97 -107.53
CA GLU E 143 -63.68 7.03 -108.21
C GLU E 143 -64.15 7.58 -109.54
N GLU E 144 -64.50 8.85 -109.60
CA GLU E 144 -64.93 9.47 -110.84
C GLU E 144 -63.91 10.45 -111.38
N VAL E 145 -62.64 10.28 -111.06
CA VAL E 145 -61.57 11.17 -111.49
C VAL E 145 -60.90 10.55 -112.71
N PRO E 146 -60.55 11.36 -113.71
CA PRO E 146 -59.89 10.93 -114.96
C PRO E 146 -58.67 10.07 -114.68
N GLU E 147 -57.53 10.46 -115.24
CA GLU E 147 -56.28 9.72 -115.07
C GLU E 147 -55.73 9.88 -113.67
N LEU E 148 -54.88 8.95 -113.25
CA LEU E 148 -54.28 8.98 -111.92
C LEU E 148 -53.35 10.18 -111.78
N PRO E 149 -52.17 10.12 -112.40
CA PRO E 149 -51.25 11.26 -112.32
C PRO E 149 -51.82 12.44 -113.10
N LEU E 150 -52.61 13.27 -112.44
CA LEU E 150 -53.22 14.42 -113.09
C LEU E 150 -52.20 15.47 -113.50
N VAL E 151 -52.37 16.02 -114.70
CA VAL E 151 -51.47 17.03 -115.22
C VAL E 151 -52.21 18.10 -116.01
N VAL E 152 -52.53 19.22 -115.35
CA VAL E 152 -53.25 20.30 -116.00
C VAL E 152 -52.30 21.20 -116.80
N GLU E 153 -52.87 22.17 -117.51
CA GLU E 153 -52.11 23.08 -118.33
C GLU E 153 -51.40 24.13 -117.48
N ASP E 154 -50.46 24.84 -118.10
CA ASP E 154 -49.75 25.91 -117.42
C ASP E 154 -50.58 27.19 -117.34
N LYS E 155 -51.80 27.19 -117.86
CA LYS E 155 -52.70 28.31 -117.64
C LYS E 155 -53.21 28.35 -116.21
N VAL E 156 -53.07 27.26 -115.48
CA VAL E 156 -53.58 27.17 -114.11
C VAL E 156 -52.78 28.07 -113.18
N GLU E 157 -51.45 28.02 -113.29
CA GLU E 157 -50.58 28.63 -112.28
C GLU E 157 -50.55 30.15 -112.36
N GLY E 158 -51.26 30.75 -113.30
CA GLY E 158 -51.42 32.18 -113.34
C GLY E 158 -52.73 32.71 -112.81
N TYR E 159 -53.43 31.92 -111.99
CA TYR E 159 -54.70 32.34 -111.42
C TYR E 159 -54.54 33.50 -110.45
N LYS E 160 -55.62 34.25 -110.26
CA LYS E 160 -55.65 35.36 -109.30
C LYS E 160 -56.85 35.30 -108.36
N LYS E 161 -57.94 34.66 -108.76
CA LYS E 161 -59.16 34.59 -107.98
C LYS E 161 -59.43 33.13 -107.66
N THR E 162 -60.09 32.87 -106.52
CA THR E 162 -60.22 31.49 -106.07
C THR E 162 -61.50 30.84 -106.62
N LYS E 163 -62.38 31.63 -107.23
CA LYS E 163 -63.58 31.03 -107.81
C LYS E 163 -63.23 30.22 -109.05
N GLU E 164 -62.24 30.68 -109.80
CA GLU E 164 -61.70 29.88 -110.90
C GLU E 164 -61.05 28.61 -110.37
N ALA E 165 -60.48 28.67 -109.16
CA ALA E 165 -59.86 27.49 -108.56
C ALA E 165 -60.90 26.45 -108.19
N VAL E 166 -62.00 26.90 -107.60
CA VAL E 166 -63.10 25.98 -107.25
C VAL E 166 -63.72 25.40 -108.52
N LEU E 167 -63.83 26.22 -109.57
CA LEU E 167 -64.34 25.74 -110.85
C LEU E 167 -63.42 24.69 -111.46
N LEU E 168 -62.11 24.89 -111.36
CA LEU E 168 -61.15 23.91 -111.86
C LEU E 168 -61.24 22.59 -111.13
N LEU E 169 -61.35 22.64 -109.79
CA LEU E 169 -61.43 21.39 -109.04
C LEU E 169 -62.76 20.69 -109.28
N LYS E 170 -63.85 21.44 -109.48
CA LYS E 170 -65.13 20.82 -109.78
C LYS E 170 -65.12 20.15 -111.14
N LYS E 171 -64.43 20.74 -112.12
CA LYS E 171 -64.41 20.10 -113.43
C LYS E 171 -63.36 19.00 -113.49
N LEU E 172 -62.39 19.00 -112.58
CA LEU E 172 -61.47 17.88 -112.50
C LEU E 172 -61.96 16.80 -111.57
N LYS E 173 -63.14 16.99 -110.97
CA LYS E 173 -63.86 16.00 -110.17
C LYS E 173 -63.14 15.62 -108.89
N ALA E 174 -62.20 16.43 -108.42
CA ALA E 174 -61.67 16.28 -107.07
C ALA E 174 -62.50 17.05 -106.05
N TRP E 175 -63.57 17.70 -106.49
CA TRP E 175 -64.39 18.48 -105.57
C TRP E 175 -65.18 17.56 -104.64
N ASN E 176 -65.39 16.32 -105.06
CA ASN E 176 -65.93 15.32 -104.14
C ASN E 176 -64.95 15.06 -103.00
N ASP E 177 -63.66 15.05 -103.30
CA ASP E 177 -62.65 14.87 -102.25
C ASP E 177 -62.57 16.09 -101.34
N ILE E 178 -62.74 17.29 -101.91
CA ILE E 178 -62.79 18.49 -101.07
C ILE E 178 -64.05 18.48 -100.21
N LYS E 179 -65.14 17.94 -100.75
CA LYS E 179 -66.40 17.87 -100.02
C LYS E 179 -66.29 16.90 -98.85
N LYS E 180 -65.47 15.86 -99.00
CA LYS E 180 -65.20 14.99 -97.85
C LYS E 180 -64.45 15.72 -96.75
N VAL E 181 -63.50 16.59 -97.11
CA VAL E 181 -62.74 17.32 -96.11
C VAL E 181 -63.62 18.35 -95.40
N TYR E 182 -64.54 18.97 -96.14
CA TYR E 182 -65.57 19.78 -95.52
C TYR E 182 -66.48 18.97 -94.61
N ALA E 183 -66.73 17.72 -94.97
CA ALA E 183 -67.60 16.88 -94.14
C ALA E 183 -66.92 16.49 -92.85
N SER E 184 -65.61 16.35 -92.87
CA SER E 184 -64.86 15.92 -91.69
C SER E 184 -63.82 16.96 -91.30
N GLN E 185 -64.25 17.97 -90.56
CA GLN E 185 -63.32 18.89 -89.91
C GLN E 185 -63.78 19.11 -88.47
N ARG E 186 -64.03 18.02 -87.78
CA ARG E 186 -64.55 18.01 -86.41
C ARG E 186 -63.55 18.55 -85.40
N MET E 187 -64.04 18.74 -84.19
CA MET E 187 -63.21 19.20 -83.08
C MET E 187 -62.28 18.07 -82.62
N ARG E 188 -61.08 18.45 -82.18
CA ARG E 188 -60.12 17.51 -81.61
C ARG E 188 -60.70 16.80 -80.40
N ALA E 189 -60.40 15.50 -80.29
CA ALA E 189 -60.70 14.75 -79.08
C ALA E 189 -59.46 14.71 -78.21
N GLY E 190 -59.64 14.99 -76.92
CA GLY E 190 -58.53 14.88 -75.99
C GLY E 190 -58.21 16.16 -75.26
N LYS E 191 -57.02 16.15 -74.64
CA LYS E 191 -56.59 17.28 -73.82
C LYS E 191 -55.91 18.33 -74.69
N GLY E 192 -55.72 18.03 -75.97
CA GLY E 192 -55.07 18.95 -76.88
C GLY E 192 -55.89 20.16 -77.26
N LYS E 193 -57.16 20.22 -76.84
CA LYS E 193 -57.99 21.38 -77.13
C LYS E 193 -57.53 22.61 -76.36
N MET E 194 -56.83 22.41 -75.24
CA MET E 194 -56.39 23.54 -74.45
C MET E 194 -55.24 24.27 -75.11
N ARG E 195 -54.31 23.52 -75.69
CA ARG E 195 -53.08 24.09 -76.24
C ARG E 195 -53.13 24.30 -77.76
N ASN E 196 -54.09 25.14 -78.16
CA ASN E 196 -54.09 25.86 -79.44
C ASN E 196 -54.29 24.97 -80.65
N ARG E 197 -54.70 23.72 -80.47
CA ARG E 197 -54.81 22.77 -81.58
C ARG E 197 -56.17 22.09 -81.50
N ARG E 198 -57.16 22.70 -82.15
CA ARG E 198 -58.56 22.36 -81.91
C ARG E 198 -59.23 21.65 -83.08
N ARG E 199 -58.85 21.93 -84.32
CA ARG E 199 -59.54 21.35 -85.46
C ARG E 199 -58.74 20.19 -86.06
N ILE E 200 -59.23 18.98 -85.83
CA ILE E 200 -58.89 17.84 -86.66
C ILE E 200 -59.36 18.16 -88.07
N GLN E 201 -58.47 17.96 -89.04
CA GLN E 201 -58.82 18.24 -90.42
C GLN E 201 -57.95 17.36 -91.31
N ARG E 202 -58.59 16.58 -92.16
CA ARG E 202 -57.90 15.58 -92.94
C ARG E 202 -57.26 16.22 -94.16
N ARG E 203 -56.27 15.55 -94.74
CA ARG E 203 -55.50 16.14 -95.82
C ARG E 203 -56.11 15.79 -97.17
N GLY E 204 -56.15 16.78 -98.06
CA GLY E 204 -56.71 16.58 -99.38
C GLY E 204 -55.65 16.49 -100.45
N PRO E 205 -56.00 16.89 -101.67
CA PRO E 205 -55.05 16.80 -102.78
C PRO E 205 -53.95 17.82 -102.66
N CYS E 206 -52.75 17.43 -103.07
CA CYS E 206 -51.61 18.33 -103.11
C CYS E 206 -51.32 18.73 -104.55
N ILE E 207 -51.30 20.04 -104.80
CA ILE E 207 -51.01 20.58 -106.11
C ILE E 207 -49.54 20.91 -106.19
N ILE E 208 -48.87 20.32 -107.17
CA ILE E 208 -47.43 20.48 -107.32
C ILE E 208 -47.20 21.29 -108.59
N TYR E 209 -46.29 22.25 -108.50
CA TYR E 209 -46.09 23.24 -109.55
C TYR E 209 -44.64 23.69 -109.50
N ASN E 210 -44.20 24.40 -110.53
CA ASN E 210 -42.98 25.17 -110.48
C ASN E 210 -43.24 26.57 -111.01
N GLU E 211 -42.25 27.46 -110.80
CA GLU E 211 -42.28 28.86 -111.27
C GLU E 211 -43.50 29.59 -110.70
N ASP E 212 -43.45 29.86 -109.40
CA ASP E 212 -44.56 30.47 -108.67
C ASP E 212 -44.98 31.80 -109.28
N ASN E 213 -46.27 31.91 -109.57
CA ASN E 213 -46.80 33.03 -110.33
C ASN E 213 -48.10 33.55 -109.72
N GLY E 214 -48.52 32.97 -108.60
CA GLY E 214 -49.78 33.32 -108.00
C GLY E 214 -50.74 32.18 -107.80
N ILE E 215 -50.27 30.93 -107.86
CA ILE E 215 -51.16 29.81 -107.63
C ILE E 215 -51.37 29.61 -106.13
N ILE E 216 -50.46 30.13 -105.32
CA ILE E 216 -50.55 30.03 -103.87
C ILE E 216 -51.69 30.92 -103.36
N LYS E 217 -51.80 32.12 -103.94
CA LYS E 217 -52.89 33.02 -103.58
C LYS E 217 -54.23 32.45 -104.00
N ALA E 218 -54.27 31.70 -105.09
CA ALA E 218 -55.52 31.13 -105.56
C ALA E 218 -55.94 29.94 -104.70
N PHE E 219 -55.10 28.93 -104.62
CA PHE E 219 -55.46 27.69 -103.94
C PHE E 219 -55.34 27.77 -102.42
N ARG E 220 -54.89 28.90 -101.86
CA ARG E 220 -54.43 28.93 -100.47
C ARG E 220 -55.48 28.60 -99.41
N ASN E 221 -56.69 29.13 -99.51
CA ASN E 221 -57.61 28.94 -98.40
C ASN E 221 -58.77 27.99 -98.68
N ILE E 222 -58.66 27.20 -99.74
CA ILE E 222 -59.52 26.02 -99.90
C ILE E 222 -59.08 25.07 -98.80
N PRO E 223 -59.99 24.55 -97.98
CA PRO E 223 -59.55 23.84 -96.78
C PRO E 223 -59.05 22.44 -97.10
N GLY E 224 -58.11 21.98 -96.29
CA GLY E 224 -57.53 20.66 -96.45
C GLY E 224 -56.57 20.51 -97.60
N ILE E 225 -56.30 21.57 -98.34
CA ILE E 225 -55.53 21.46 -99.57
C ILE E 225 -54.06 21.69 -99.23
N THR E 226 -53.18 21.24 -100.11
CA THR E 226 -51.75 21.40 -99.93
C THR E 226 -51.16 21.98 -101.19
N LEU E 227 -50.41 23.06 -101.04
CA LEU E 227 -49.76 23.69 -102.18
C LEU E 227 -48.26 23.64 -101.95
N LEU E 228 -47.51 23.18 -102.96
CA LEU E 228 -46.17 22.66 -102.72
C LEU E 228 -45.35 22.66 -104.00
N ASN E 229 -44.12 23.18 -103.93
CA ASN E 229 -43.26 23.43 -105.08
C ASN E 229 -42.55 22.14 -105.52
N VAL E 230 -41.88 22.20 -106.67
CA VAL E 230 -41.17 21.02 -107.18
C VAL E 230 -39.77 20.92 -106.61
N SER E 231 -38.99 21.99 -106.69
CA SER E 231 -37.58 21.89 -106.29
C SER E 231 -37.43 21.79 -104.77
N LYS E 232 -38.51 22.02 -104.04
CA LYS E 232 -38.52 21.87 -102.59
C LYS E 232 -39.66 20.93 -102.19
N LEU E 233 -39.39 19.63 -102.24
CA LEU E 233 -40.39 18.62 -101.93
C LEU E 233 -40.38 18.30 -100.44
N ASN E 234 -41.45 17.68 -99.96
CA ASN E 234 -41.56 17.29 -98.56
C ASN E 234 -42.09 15.87 -98.47
N ILE E 235 -41.44 15.06 -97.65
CA ILE E 235 -42.03 13.77 -97.31
C ILE E 235 -43.21 13.97 -96.36
N LEU E 236 -43.15 15.04 -95.56
CA LEU E 236 -44.23 15.35 -94.64
C LEU E 236 -45.46 15.88 -95.38
N LYS E 237 -45.29 16.25 -96.64
CA LYS E 237 -46.47 16.63 -97.43
C LYS E 237 -46.84 15.53 -98.41
N LEU E 238 -45.86 14.80 -98.95
CA LEU E 238 -46.18 13.80 -99.98
C LEU E 238 -46.63 12.48 -99.37
N ALA E 239 -46.39 12.27 -98.08
CA ALA E 239 -46.92 11.11 -97.38
C ALA E 239 -47.25 11.50 -95.94
N PRO E 240 -48.37 12.20 -95.74
CA PRO E 240 -48.73 12.59 -94.37
C PRO E 240 -49.22 11.41 -93.56
N GLY E 241 -48.65 11.26 -92.37
CA GLY E 241 -49.00 10.16 -91.51
C GLY E 241 -48.16 8.92 -91.72
N GLY E 242 -47.14 8.98 -92.56
CA GLY E 242 -46.28 7.83 -92.74
C GLY E 242 -46.87 6.74 -93.59
N HIS E 243 -48.03 6.97 -94.19
CA HIS E 243 -48.60 6.03 -95.14
C HIS E 243 -48.31 6.56 -96.53
N VAL E 244 -47.98 5.66 -97.44
CA VAL E 244 -47.64 6.03 -98.80
C VAL E 244 -48.92 6.33 -99.56
N GLY E 245 -48.79 7.03 -100.68
CA GLY E 245 -49.93 7.17 -101.56
C GLY E 245 -50.86 8.32 -101.26
N ARG E 246 -50.36 9.56 -101.30
CA ARG E 246 -51.23 10.72 -101.26
C ARG E 246 -51.55 11.14 -102.69
N PHE E 247 -52.82 11.42 -102.95
CA PHE E 247 -53.27 11.92 -104.24
C PHE E 247 -52.62 13.25 -104.55
N CYS E 248 -52.30 13.47 -105.82
CA CYS E 248 -51.56 14.65 -106.22
C CYS E 248 -52.09 15.15 -107.56
N ILE E 249 -51.94 16.45 -107.78
CA ILE E 249 -52.28 17.09 -109.05
C ILE E 249 -51.05 17.85 -109.52
N TRP E 250 -50.63 17.57 -110.75
CA TRP E 250 -49.40 18.14 -111.27
C TRP E 250 -49.68 19.31 -112.20
N THR E 251 -48.64 19.77 -112.86
CA THR E 251 -48.69 20.86 -113.82
C THR E 251 -47.76 20.47 -114.96
N GLU E 252 -47.88 21.15 -116.12
CA GLU E 252 -47.13 20.75 -117.31
C GLU E 252 -45.63 20.93 -117.10
N SER E 253 -45.21 22.13 -116.69
CA SER E 253 -43.77 22.40 -116.56
C SER E 253 -43.17 21.61 -115.41
N ALA E 254 -43.94 21.41 -114.34
CA ALA E 254 -43.52 20.56 -113.23
C ALA E 254 -43.34 19.12 -113.67
N PHE E 255 -44.30 18.62 -114.44
CA PHE E 255 -44.31 17.21 -114.81
C PHE E 255 -43.28 16.93 -115.89
N ARG E 256 -42.85 17.97 -116.59
CA ARG E 256 -41.70 17.83 -117.48
C ARG E 256 -40.40 17.97 -116.70
N LYS E 257 -40.41 18.76 -115.63
CA LYS E 257 -39.17 19.04 -114.92
C LYS E 257 -38.76 17.88 -114.01
N LEU E 258 -39.71 16.98 -113.70
CA LEU E 258 -39.40 15.81 -112.87
C LEU E 258 -38.29 14.94 -113.45
N ASP E 259 -38.32 14.67 -114.75
CA ASP E 259 -37.33 13.77 -115.33
C ASP E 259 -35.98 14.48 -115.49
N GLU E 260 -35.99 15.81 -115.52
CA GLU E 260 -34.73 16.53 -115.41
C GLU E 260 -34.20 16.46 -114.00
N LEU E 261 -35.09 16.42 -113.02
CA LEU E 261 -34.67 16.62 -111.63
C LEU E 261 -34.23 15.30 -111.00
N TYR E 262 -34.74 14.17 -111.49
CA TYR E 262 -34.30 12.89 -110.95
C TYR E 262 -33.71 11.94 -111.98
N GLY E 263 -33.86 12.23 -113.26
CA GLY E 263 -33.24 11.41 -114.28
C GLY E 263 -34.02 10.13 -114.56
N THR E 264 -33.45 9.35 -115.46
CA THR E 264 -33.93 8.01 -115.75
C THR E 264 -32.89 7.09 -115.13
N TRP E 265 -33.02 5.78 -115.32
CA TRP E 265 -31.96 4.88 -114.88
C TRP E 265 -30.79 4.91 -115.86
N ARG E 266 -31.00 5.45 -117.05
CA ARG E 266 -29.94 5.43 -118.04
C ARG E 266 -29.03 6.64 -117.93
N LYS E 267 -29.60 7.83 -117.73
CA LYS E 267 -28.80 9.03 -117.53
C LYS E 267 -28.96 9.53 -116.11
N ALA E 268 -27.92 10.19 -115.63
CA ALA E 268 -27.95 10.70 -114.27
C ALA E 268 -28.83 11.94 -114.17
N ALA E 269 -29.12 12.32 -112.93
CA ALA E 269 -29.87 13.54 -112.66
C ALA E 269 -28.98 14.73 -112.96
N SER E 270 -29.53 15.74 -113.63
CA SER E 270 -28.70 16.88 -114.02
C SER E 270 -28.71 17.97 -112.95
N LEU E 271 -29.85 18.20 -112.32
CA LEU E 271 -29.95 19.29 -111.35
C LEU E 271 -29.34 18.87 -110.01
N LYS E 272 -29.59 17.63 -109.59
CA LYS E 272 -28.97 17.07 -108.39
C LYS E 272 -27.71 16.34 -108.84
N SER E 273 -26.60 16.58 -108.13
CA SER E 273 -25.28 16.35 -108.72
C SER E 273 -24.94 14.88 -108.82
N ASN E 274 -24.86 14.19 -107.69
CA ASN E 274 -24.26 12.87 -107.64
C ASN E 274 -25.33 11.77 -107.64
N TYR E 275 -26.59 12.14 -107.82
CA TYR E 275 -27.70 11.26 -107.51
C TYR E 275 -28.21 10.55 -108.74
N ASN E 276 -28.31 9.23 -108.66
CA ASN E 276 -29.00 8.44 -109.65
C ASN E 276 -30.32 7.97 -109.09
N LEU E 277 -31.14 7.37 -109.93
CA LEU E 277 -32.31 6.69 -109.44
C LEU E 277 -31.90 5.41 -108.70
N PRO E 278 -32.75 4.90 -107.82
CA PRO E 278 -32.38 3.71 -107.05
C PRO E 278 -32.32 2.44 -107.87
N MET E 279 -31.61 1.46 -107.32
CA MET E 279 -31.60 0.10 -107.84
C MET E 279 -32.98 -0.53 -107.67
N HIS E 280 -33.28 -1.53 -108.48
CA HIS E 280 -34.60 -2.15 -108.50
C HIS E 280 -34.43 -3.65 -108.25
N LYS E 281 -35.15 -4.17 -107.25
CA LYS E 281 -34.79 -5.46 -106.66
C LYS E 281 -35.32 -6.63 -107.48
N MET E 282 -36.63 -6.68 -107.72
CA MET E 282 -37.24 -7.69 -108.59
C MET E 282 -37.71 -6.98 -109.84
N ILE E 283 -37.29 -7.49 -111.01
CA ILE E 283 -37.54 -6.76 -112.24
C ILE E 283 -38.99 -6.88 -112.67
N ASN E 284 -39.49 -8.11 -112.82
CA ASN E 284 -40.91 -8.34 -113.02
C ASN E 284 -41.40 -9.22 -111.89
N THR E 285 -42.54 -8.84 -111.31
CA THR E 285 -42.88 -9.26 -109.97
C THR E 285 -44.34 -9.68 -109.80
N ASP E 286 -45.06 -9.94 -110.89
CA ASP E 286 -46.36 -10.60 -110.80
C ASP E 286 -46.10 -12.05 -110.44
N LEU E 287 -46.26 -12.36 -109.16
CA LEU E 287 -45.90 -13.67 -108.64
C LEU E 287 -46.80 -14.76 -109.21
N SER E 288 -48.05 -14.43 -109.47
CA SER E 288 -48.95 -15.37 -110.12
C SER E 288 -48.49 -15.66 -111.54
N ARG E 289 -48.01 -14.64 -112.25
CA ARG E 289 -47.49 -14.84 -113.60
C ARG E 289 -46.24 -15.71 -113.58
N ILE E 290 -45.36 -15.49 -112.60
CA ILE E 290 -44.13 -16.28 -112.51
C ILE E 290 -44.45 -17.73 -112.19
N LEU E 291 -45.38 -17.97 -111.26
CA LEU E 291 -45.67 -19.34 -110.88
C LEU E 291 -46.49 -20.07 -111.93
N LYS E 292 -47.25 -19.34 -112.73
CA LYS E 292 -48.02 -20.00 -113.78
C LYS E 292 -47.41 -19.79 -115.16
N SER E 293 -46.15 -19.38 -115.23
CA SER E 293 -45.40 -19.50 -116.46
C SER E 293 -44.88 -20.95 -116.60
N PRO E 294 -44.71 -21.44 -117.83
CA PRO E 294 -44.39 -22.86 -118.00
C PRO E 294 -42.98 -23.26 -117.57
N GLU E 295 -42.06 -22.30 -117.42
CA GLU E 295 -40.68 -22.64 -117.08
C GLU E 295 -40.58 -23.17 -115.66
N ILE E 296 -41.44 -22.71 -114.76
CA ILE E 296 -41.48 -23.25 -113.41
C ILE E 296 -42.24 -24.57 -113.38
N GLN E 297 -43.43 -24.60 -114.00
CA GLN E 297 -44.30 -25.76 -113.94
C GLN E 297 -43.78 -26.94 -114.73
N ARG E 298 -42.76 -26.75 -115.57
CA ARG E 298 -42.01 -27.90 -116.08
C ARG E 298 -41.29 -28.61 -114.94
N ALA E 299 -40.78 -27.85 -113.97
CA ALA E 299 -39.88 -28.38 -112.95
C ALA E 299 -40.53 -28.45 -111.58
N LEU E 300 -41.80 -28.76 -111.51
CA LEU E 300 -42.43 -28.94 -110.21
C LEU E 300 -42.67 -30.42 -109.95
N ARG E 301 -42.70 -30.78 -108.66
CA ARG E 301 -42.85 -32.19 -108.30
C ARG E 301 -44.22 -32.74 -108.69
N ALA E 302 -45.26 -32.35 -107.95
CA ALA E 302 -46.65 -32.79 -108.09
C ALA E 302 -47.49 -32.07 -107.05
N PRO E 303 -48.75 -31.84 -107.29
CA PRO E 303 -49.63 -31.40 -106.19
C PRO E 303 -50.03 -32.55 -105.28
N ARG E 304 -49.44 -32.61 -104.09
CA ARG E 304 -49.77 -33.67 -103.14
C ARG E 304 -50.86 -33.19 -102.18
N LYS E 305 -52.05 -33.75 -102.33
CA LYS E 305 -53.21 -33.16 -101.67
C LYS E 305 -54.02 -34.13 -100.81
N LYS E 306 -53.62 -35.38 -100.67
CA LYS E 306 -54.30 -36.28 -99.73
C LYS E 306 -53.96 -35.85 -98.30
N ILE E 307 -54.97 -35.82 -97.44
CA ILE E 307 -54.81 -35.21 -96.13
C ILE E 307 -54.08 -36.15 -95.17
N HIS E 308 -54.50 -37.43 -95.15
CA HIS E 308 -53.93 -38.48 -94.30
C HIS E 308 -54.00 -38.14 -92.81
N ARG E 309 -55.23 -38.15 -92.29
CA ARG E 309 -55.45 -37.76 -90.90
C ARG E 309 -55.10 -38.88 -89.94
N ARG E 310 -55.45 -38.67 -88.68
CA ARG E 310 -55.15 -39.64 -87.63
C ARG E 310 -56.05 -40.87 -87.75
N VAL E 311 -55.42 -42.04 -87.69
CA VAL E 311 -56.14 -43.31 -87.70
C VAL E 311 -56.24 -43.79 -86.26
N LEU E 312 -57.46 -44.09 -85.82
CA LEU E 312 -57.63 -44.64 -84.49
C LEU E 312 -57.14 -46.08 -84.45
N LYS E 313 -56.29 -46.39 -83.48
CA LYS E 313 -55.75 -47.73 -83.36
C LYS E 313 -56.81 -48.64 -82.74
N LYS E 314 -57.56 -49.32 -83.61
CA LYS E 314 -58.40 -50.42 -83.19
C LYS E 314 -57.49 -51.56 -82.78
N ASN E 315 -57.94 -52.39 -81.86
CA ASN E 315 -57.05 -53.31 -81.17
C ASN E 315 -57.06 -54.68 -81.84
N PRO E 316 -55.94 -55.15 -82.37
CA PRO E 316 -55.87 -56.56 -82.76
C PRO E 316 -55.91 -57.44 -81.52
N LEU E 317 -56.37 -58.69 -81.73
CA LEU E 317 -56.70 -59.71 -80.73
C LEU E 317 -57.89 -59.35 -79.87
N LYS E 318 -58.48 -58.18 -80.10
CA LYS E 318 -59.71 -57.81 -79.42
C LYS E 318 -60.90 -57.92 -80.37
N ASN E 319 -60.71 -57.52 -81.61
CA ASN E 319 -61.68 -57.82 -82.67
C ASN E 319 -60.97 -58.59 -83.76
N LEU E 320 -61.72 -58.94 -84.79
CA LEU E 320 -61.14 -59.50 -85.99
C LEU E 320 -60.91 -58.36 -86.98
N ARG E 321 -60.48 -58.72 -88.19
CA ARG E 321 -60.41 -57.93 -89.42
C ARG E 321 -59.28 -56.90 -89.40
N ILE E 322 -58.84 -56.48 -88.21
CA ILE E 322 -57.61 -55.73 -88.13
C ILE E 322 -56.46 -56.69 -87.95
N MET E 323 -56.72 -57.78 -87.22
CA MET E 323 -55.85 -58.95 -87.26
C MET E 323 -55.71 -59.48 -88.68
N LEU E 324 -56.77 -59.42 -89.49
CA LEU E 324 -56.65 -59.87 -90.87
C LEU E 324 -55.83 -58.91 -91.71
N LYS E 325 -56.00 -57.60 -91.49
CA LYS E 325 -55.24 -56.62 -92.24
C LYS E 325 -53.75 -56.68 -91.89
N LEU E 326 -53.44 -57.03 -90.65
CA LEU E 326 -52.03 -57.13 -90.27
C LEU E 326 -51.47 -58.52 -90.51
N ASN E 327 -52.35 -59.51 -90.63
CA ASN E 327 -51.94 -60.91 -90.79
C ASN E 327 -53.08 -61.66 -91.44
N PRO E 328 -53.02 -61.88 -92.74
CA PRO E 328 -54.13 -62.60 -93.40
C PRO E 328 -54.16 -64.09 -93.09
N TYR E 329 -53.12 -64.62 -92.45
CA TYR E 329 -53.09 -66.03 -92.07
C TYR E 329 -53.99 -66.32 -90.88
N ALA E 330 -54.41 -65.26 -90.18
CA ALA E 330 -55.05 -65.43 -88.87
C ALA E 330 -56.41 -66.10 -88.97
N LYS E 331 -57.11 -65.90 -90.08
CA LYS E 331 -58.42 -66.54 -90.22
C LYS E 331 -58.28 -68.04 -90.44
N THR E 332 -57.28 -68.45 -91.22
CA THR E 332 -57.01 -69.87 -91.40
C THR E 332 -56.60 -70.52 -90.09
N MET E 333 -55.75 -69.85 -89.32
CA MET E 333 -55.29 -70.44 -88.07
C MET E 333 -56.41 -70.48 -87.04
N ARG E 334 -57.31 -69.50 -87.06
CA ARG E 334 -58.39 -69.50 -86.09
C ARG E 334 -59.47 -70.51 -86.46
N ARG E 335 -59.74 -70.70 -87.76
CA ARG E 335 -60.73 -71.71 -88.12
C ARG E 335 -60.18 -73.11 -87.87
N ASN E 336 -58.85 -73.28 -87.97
CA ASN E 336 -58.25 -74.54 -87.55
C ASN E 336 -58.44 -74.77 -86.06
N THR E 337 -58.26 -73.72 -85.25
CA THR E 337 -58.44 -73.85 -83.80
C THR E 337 -59.88 -74.18 -83.44
N ILE E 338 -60.84 -73.55 -84.12
CA ILE E 338 -62.25 -73.81 -83.81
C ILE E 338 -62.65 -75.22 -84.21
N LEU E 339 -62.14 -75.70 -85.37
CA LEU E 339 -62.42 -77.07 -85.76
C LEU E 339 -61.79 -78.08 -84.81
N ARG E 340 -60.58 -77.80 -84.32
CA ARG E 340 -59.97 -78.65 -83.31
C ARG E 340 -60.80 -78.72 -82.04
N GLN E 341 -61.28 -77.57 -81.56
CA GLN E 341 -62.02 -77.54 -80.31
C GLN E 341 -63.35 -78.26 -80.43
N ALA E 342 -64.08 -78.04 -81.54
CA ALA E 342 -65.37 -78.70 -81.73
C ALA E 342 -65.19 -80.21 -81.90
N ARG E 343 -64.15 -80.60 -82.63
CA ARG E 343 -63.88 -82.01 -82.89
C ARG E 343 -63.52 -82.75 -81.60
N ASN E 344 -62.60 -82.20 -80.81
CA ASN E 344 -62.21 -82.85 -79.58
C ASN E 344 -63.33 -82.82 -78.55
N HIS E 345 -64.17 -81.79 -78.58
CA HIS E 345 -65.32 -81.76 -77.69
C HIS E 345 -66.31 -82.85 -78.01
N LYS E 346 -66.58 -83.07 -79.30
CA LYS E 346 -67.47 -84.15 -79.69
C LYS E 346 -66.90 -85.51 -79.32
N LEU E 347 -65.59 -85.69 -79.51
CA LEU E 347 -64.98 -86.99 -79.19
C LEU E 347 -64.95 -87.26 -77.69
N ARG E 348 -64.71 -86.24 -76.87
CA ARG E 348 -64.69 -86.46 -75.43
C ARG E 348 -66.08 -86.66 -74.86
N VAL E 349 -67.08 -85.90 -75.35
CA VAL E 349 -68.45 -86.10 -74.88
C VAL E 349 -68.97 -87.46 -75.30
N ASP E 350 -68.58 -87.93 -76.48
CA ASP E 350 -68.96 -89.26 -76.93
C ASP E 350 -68.30 -90.33 -76.07
N LYS E 351 -67.01 -90.14 -75.73
CA LYS E 351 -66.29 -91.10 -74.91
C LYS E 351 -66.87 -91.16 -73.50
N ALA E 352 -67.36 -90.04 -72.99
CA ALA E 352 -67.96 -90.04 -71.65
C ALA E 352 -69.35 -90.69 -71.68
N ALA E 353 -70.17 -90.30 -72.66
CA ALA E 353 -71.55 -90.74 -72.69
C ALA E 353 -71.68 -92.22 -73.04
N ALA E 354 -70.72 -92.75 -73.82
CA ALA E 354 -70.72 -94.17 -74.14
C ALA E 354 -70.50 -95.01 -72.89
N ALA E 355 -69.48 -94.67 -72.09
CA ALA E 355 -69.20 -95.42 -70.87
C ALA E 355 -70.28 -95.20 -69.83
N ALA E 356 -70.88 -94.01 -69.79
CA ALA E 356 -71.91 -93.72 -68.80
C ALA E 356 -73.19 -94.49 -69.09
N ALA E 357 -73.63 -94.51 -70.36
CA ALA E 357 -74.81 -95.28 -70.72
C ALA E 357 -74.53 -96.77 -70.61
N ALA E 358 -73.28 -97.20 -70.84
CA ALA E 358 -72.92 -98.59 -70.65
C ALA E 358 -73.02 -98.99 -69.17
N LEU E 359 -72.57 -98.12 -68.27
CA LEU E 359 -72.67 -98.41 -66.84
C LEU E 359 -74.12 -98.42 -66.36
N GLN E 360 -74.94 -97.48 -66.83
CA GLN E 360 -76.32 -97.44 -66.37
C GLN E 360 -77.13 -98.59 -66.94
N ALA E 361 -76.88 -98.97 -68.19
CA ALA E 361 -77.57 -100.12 -68.76
C ALA E 361 -77.08 -101.42 -68.14
N LYS E 362 -75.82 -101.45 -67.68
CA LYS E 362 -75.29 -102.66 -67.07
C LYS E 362 -75.77 -102.82 -65.63
N SER E 363 -75.99 -101.70 -64.94
CA SER E 363 -76.53 -101.75 -63.58
C SER E 363 -78.02 -102.07 -63.62
N ASP F 1 65.67 -8.59 87.57
CA ASP F 1 66.99 -8.83 88.13
C ASP F 1 68.04 -7.89 87.54
N LYS F 2 67.84 -7.49 86.29
CA LYS F 2 68.81 -6.73 85.53
C LYS F 2 68.83 -5.28 86.00
N GLU F 3 69.97 -4.63 85.81
CA GLU F 3 70.18 -3.32 86.39
C GLU F 3 69.43 -2.26 85.56
N TRP F 4 69.26 -1.09 86.16
CA TRP F 4 68.30 -0.12 85.65
C TRP F 4 68.85 0.65 84.45
N MET F 5 70.18 0.75 84.34
CA MET F 5 70.94 1.33 83.23
C MET F 5 70.57 2.78 82.98
N PRO F 6 71.02 3.71 83.80
CA PRO F 6 70.52 5.08 83.72
C PRO F 6 71.06 5.84 82.53
N VAL F 7 70.28 6.83 82.09
CA VAL F 7 70.70 7.84 81.13
C VAL F 7 69.86 9.07 81.47
N THR F 8 70.06 10.18 80.74
CA THR F 8 69.12 11.32 80.59
C THR F 8 68.77 12.04 81.89
N LYS F 9 69.60 11.84 82.93
CA LYS F 9 69.82 12.76 84.05
C LYS F 9 68.64 12.89 85.02
N LEU F 10 67.43 12.65 84.51
CA LEU F 10 66.27 12.55 85.38
C LEU F 10 66.29 11.20 86.06
N GLY F 11 66.75 10.18 85.35
CA GLY F 11 66.88 8.87 85.94
C GLY F 11 68.02 8.80 86.94
N ARG F 12 69.05 9.62 86.76
CA ARG F 12 70.11 9.70 87.76
C ARG F 12 69.59 10.38 89.02
N LEU F 13 68.69 11.37 88.86
CA LEU F 13 67.97 11.89 90.03
C LEU F 13 67.12 10.81 90.69
N VAL F 14 66.49 9.95 89.89
CA VAL F 14 65.66 8.87 90.43
C VAL F 14 66.50 7.87 91.21
N LYS F 15 67.67 7.52 90.65
CA LYS F 15 68.53 6.55 91.34
C LYS F 15 69.16 7.15 92.58
N ASP F 16 69.37 8.47 92.61
CA ASP F 16 69.77 9.09 93.87
C ASP F 16 68.59 9.35 94.80
N MET F 17 67.35 9.06 94.36
CA MET F 17 66.13 9.08 95.15
C MET F 17 65.84 10.50 95.63
N LYS F 18 66.26 11.50 94.85
CA LYS F 18 66.20 12.87 95.34
C LYS F 18 64.88 13.52 94.97
N ILE F 19 64.15 12.95 94.02
CA ILE F 19 62.79 13.35 93.74
C ILE F 19 61.87 12.40 94.50
N LYS F 20 61.00 12.96 95.34
CA LYS F 20 60.22 12.15 96.26
C LYS F 20 59.15 11.35 95.53
N SER F 21 58.20 12.03 94.89
CA SER F 21 57.06 11.39 94.27
C SER F 21 56.96 11.84 92.82
N LEU F 22 55.98 11.27 92.12
CA LEU F 22 55.78 11.60 90.72
C LEU F 22 55.10 12.94 90.57
N GLU F 23 54.55 13.46 91.67
CA GLU F 23 53.91 14.78 91.65
C GLU F 23 54.93 15.89 91.41
N GLU F 24 56.17 15.68 91.84
CA GLU F 24 57.22 16.65 91.57
C GLU F 24 57.54 16.73 90.08
N ILE F 25 57.39 15.63 89.36
CA ILE F 25 57.61 15.66 87.93
C ILE F 25 56.41 16.30 87.23
N TYR F 26 55.20 16.04 87.74
CA TYR F 26 54.04 16.65 87.11
C TYR F 26 53.86 18.12 87.50
N LEU F 27 54.62 18.61 88.50
CA LEU F 27 54.61 20.05 88.77
C LEU F 27 55.22 20.84 87.62
N PHE F 28 56.28 20.32 87.03
CA PHE F 28 57.00 21.06 86.00
C PHE F 28 56.82 20.48 84.62
N SER F 29 56.10 19.36 84.50
CA SER F 29 55.81 18.70 83.23
C SER F 29 57.07 18.36 82.45
N LEU F 30 58.05 17.79 83.16
CA LEU F 30 59.28 17.37 82.53
C LEU F 30 59.01 16.20 81.61
N PRO F 31 59.68 16.10 80.47
CA PRO F 31 59.44 14.98 79.56
C PRO F 31 60.02 13.69 80.11
N ILE F 32 59.14 12.73 80.32
CA ILE F 32 59.50 11.40 80.80
C ILE F 32 59.97 10.61 79.59
N LYS F 33 61.10 9.91 79.72
CA LYS F 33 61.59 9.08 78.63
C LYS F 33 61.68 7.60 78.94
N GLU F 34 62.27 7.20 80.05
CA GLU F 34 62.40 5.79 80.34
C GLU F 34 61.19 5.29 81.11
N SER F 35 60.88 4.00 80.95
CA SER F 35 59.62 3.46 81.44
C SER F 35 59.68 3.09 82.92
N GLU F 36 60.80 2.57 83.42
CA GLU F 36 60.79 2.03 84.78
C GLU F 36 60.98 3.13 85.83
N ILE F 37 61.07 4.39 85.39
CA ILE F 37 60.99 5.53 86.30
C ILE F 37 59.68 5.47 87.08
N ILE F 38 58.57 5.20 86.38
CA ILE F 38 57.31 5.13 87.08
C ILE F 38 57.18 3.80 87.81
N ASP F 39 57.99 2.80 87.46
CA ASP F 39 58.04 1.59 88.29
C ASP F 39 58.70 1.88 89.62
N PHE F 40 59.74 2.72 89.62
CA PHE F 40 60.38 3.10 90.88
C PHE F 40 59.49 4.02 91.69
N PHE F 41 58.69 4.86 91.03
CA PHE F 41 57.79 5.72 91.79
C PHE F 41 56.50 4.99 92.17
N LEU F 42 56.17 3.91 91.49
CA LEU F 42 54.93 3.17 91.73
C LEU F 42 55.21 1.70 91.53
N GLY F 43 55.27 0.94 92.61
CA GLY F 43 55.42 -0.50 92.53
C GLY F 43 54.11 -1.25 92.43
N ALA F 44 52.98 -0.55 92.45
CA ALA F 44 51.67 -1.18 92.39
C ALA F 44 50.87 -0.64 91.23
N SER F 45 51.54 -0.40 90.10
CA SER F 45 50.89 0.05 88.88
C SER F 45 50.80 -1.04 87.82
N LEU F 46 50.86 -2.31 88.21
CA LEU F 46 50.81 -3.42 87.28
C LEU F 46 49.41 -3.64 86.71
N LYS F 47 48.41 -3.01 87.34
CA LYS F 47 47.01 -3.21 86.98
C LYS F 47 46.70 -2.70 85.58
N ASP F 48 46.48 -3.62 84.64
CA ASP F 48 46.28 -3.24 83.25
C ASP F 48 45.28 -4.16 82.59
N GLU F 49 44.82 -3.75 81.41
CA GLU F 49 44.12 -4.65 80.50
C GLU F 49 44.51 -4.31 79.07
N VAL F 50 44.73 -5.33 78.27
CA VAL F 50 44.73 -5.16 76.83
C VAL F 50 43.30 -4.87 76.39
N LEU F 51 43.10 -3.69 75.81
CA LEU F 51 41.77 -3.32 75.34
C LEU F 51 41.38 -4.11 74.11
N LYS F 52 42.17 -4.00 73.05
CA LYS F 52 41.87 -4.70 71.81
C LYS F 52 43.17 -4.87 71.03
N ILE F 53 43.28 -6.01 70.36
CA ILE F 53 44.34 -6.27 69.41
C ILE F 53 43.69 -6.47 68.05
N MET F 54 44.01 -5.62 67.09
CA MET F 54 43.39 -5.73 65.78
C MET F 54 44.46 -5.78 64.70
N PRO F 55 44.24 -6.52 63.61
CA PRO F 55 45.22 -6.55 62.54
C PRO F 55 45.04 -5.39 61.59
N VAL F 56 46.14 -4.93 61.01
CA VAL F 56 46.10 -4.01 59.88
C VAL F 56 46.89 -4.64 58.76
N GLN F 57 46.49 -4.36 57.52
CA GLN F 57 47.07 -4.98 56.35
C GLN F 57 47.71 -3.93 55.46
N LYS F 58 48.89 -4.24 54.95
CA LYS F 58 49.56 -3.42 53.96
C LYS F 58 49.62 -4.20 52.66
N GLN F 59 49.00 -3.68 51.62
CA GLN F 59 48.96 -4.39 50.35
C GLN F 59 50.28 -4.19 49.62
N THR F 60 51.10 -5.22 49.63
CA THR F 60 52.44 -5.16 49.06
C THR F 60 52.45 -6.02 47.79
N ARG F 61 53.58 -6.04 47.10
CA ARG F 61 53.66 -6.47 45.71
C ARG F 61 53.30 -7.95 45.54
N ALA F 62 53.66 -8.78 46.50
CA ALA F 62 53.28 -10.18 46.44
C ALA F 62 51.98 -10.48 47.16
N GLY F 63 51.93 -10.28 48.46
CA GLY F 63 50.72 -10.51 49.22
C GLY F 63 50.56 -9.46 50.27
N GLN F 64 49.50 -9.58 51.06
CA GLN F 64 49.24 -8.65 52.14
C GLN F 64 50.22 -8.88 53.29
N ARG F 65 50.94 -7.84 53.68
CA ARG F 65 51.76 -7.87 54.87
C ARG F 65 50.89 -7.57 56.08
N THR F 66 50.86 -8.51 57.02
CA THR F 66 50.07 -8.36 58.22
C THR F 66 50.95 -7.84 59.35
N ARG F 67 50.35 -7.08 60.23
CA ARG F 67 50.97 -6.58 61.44
C ARG F 67 49.86 -6.16 62.39
N PHE F 68 50.08 -6.43 63.66
CA PHE F 68 49.04 -6.34 64.68
C PHE F 68 49.22 -5.07 65.49
N LYS F 69 48.10 -4.51 65.92
CA LYS F 69 48.04 -3.22 66.59
C LYS F 69 47.40 -3.48 67.94
N ALA F 70 48.18 -3.30 69.01
CA ALA F 70 47.78 -3.65 70.36
C ALA F 70 47.50 -2.40 71.17
N PHE F 71 46.41 -2.44 71.92
CA PHE F 71 46.01 -1.35 72.81
C PHE F 71 46.12 -1.85 74.24
N VAL F 72 46.88 -1.13 75.07
CA VAL F 72 47.04 -1.51 76.46
C VAL F 72 46.74 -0.31 77.34
N ALA F 73 45.82 -0.49 78.29
CA ALA F 73 45.50 0.56 79.24
C ALA F 73 45.92 0.12 80.62
N ILE F 74 46.86 0.84 81.22
CA ILE F 74 47.37 0.57 82.55
C ILE F 74 46.85 1.64 83.49
N GLY F 75 46.90 1.35 84.79
CA GLY F 75 46.47 2.36 85.73
C GLY F 75 46.71 1.93 87.15
N ASP F 76 47.19 2.89 87.94
CA ASP F 76 47.08 2.83 89.38
C ASP F 76 45.68 3.29 89.72
N TYR F 77 45.09 2.78 90.78
CA TYR F 77 43.72 3.16 91.09
C TYR F 77 43.65 4.42 91.95
N ASN F 78 44.74 5.16 92.10
CA ASN F 78 44.71 6.40 92.84
C ASN F 78 44.44 7.60 91.95
N GLY F 79 44.48 7.42 90.64
CA GLY F 79 44.24 8.54 89.74
C GLY F 79 45.33 8.71 88.69
N HIS F 80 46.11 7.67 88.47
CA HIS F 80 47.12 7.68 87.41
C HIS F 80 46.79 6.60 86.40
N VAL F 81 46.69 6.95 85.12
CA VAL F 81 46.44 5.97 84.07
C VAL F 81 47.28 6.27 82.85
N GLY F 82 47.61 5.22 82.12
CA GLY F 82 48.33 5.38 80.87
C GLY F 82 47.69 4.53 79.79
N LEU F 83 47.80 5.01 78.55
CA LEU F 83 47.24 4.32 77.39
C LEU F 83 48.33 4.19 76.34
N GLY F 84 48.47 3.01 75.78
CA GLY F 84 49.52 2.74 74.83
C GLY F 84 49.00 2.04 73.59
N VAL F 85 49.33 2.60 72.43
CA VAL F 85 49.05 2.02 71.14
C VAL F 85 50.38 1.60 70.52
N LYS F 86 50.49 0.35 70.09
CA LYS F 86 51.72 -0.08 69.46
C LYS F 86 51.43 -1.08 68.36
N CYS F 87 51.97 -0.81 67.17
CA CYS F 87 51.82 -1.70 66.03
C CYS F 87 53.16 -2.39 65.76
N SER F 88 53.11 -3.70 65.60
CA SER F 88 54.31 -4.48 65.34
C SER F 88 53.88 -5.80 64.71
N LYS F 89 54.87 -6.56 64.23
CA LYS F 89 54.53 -7.75 63.44
C LYS F 89 54.30 -8.96 64.32
N GLU F 90 54.36 -8.82 65.64
CA GLU F 90 54.19 -9.92 66.56
C GLU F 90 53.29 -9.51 67.72
N VAL F 91 52.54 -10.49 68.25
CA VAL F 91 51.60 -10.21 69.34
C VAL F 91 52.34 -9.84 70.62
N ALA F 92 53.31 -10.69 71.02
CA ALA F 92 54.02 -10.45 72.27
C ALA F 92 54.87 -9.19 72.18
N THR F 93 55.45 -8.94 71.02
CA THR F 93 56.21 -7.71 70.80
C THR F 93 55.32 -6.49 70.88
N ALA F 94 54.13 -6.54 70.26
CA ALA F 94 53.25 -5.39 70.28
C ALA F 94 52.65 -5.17 71.67
N ILE F 95 52.43 -6.23 72.42
CA ILE F 95 51.90 -6.09 73.77
C ILE F 95 52.95 -5.49 74.71
N ARG F 96 54.20 -5.95 74.62
CA ARG F 96 55.26 -5.36 75.42
C ARG F 96 55.50 -3.90 75.05
N GLY F 97 55.45 -3.58 73.75
CA GLY F 97 55.63 -2.21 73.32
C GLY F 97 54.49 -1.31 73.76
N ALA F 98 53.26 -1.84 73.74
CA ALA F 98 52.12 -1.03 74.13
C ALA F 98 52.09 -0.82 75.64
N ILE F 99 52.57 -1.81 76.39
CA ILE F 99 52.76 -1.63 77.83
C ILE F 99 53.76 -0.52 78.10
N ILE F 100 54.91 -0.54 77.39
CA ILE F 100 55.94 0.47 77.63
C ILE F 100 55.47 1.86 77.21
N LEU F 101 54.68 1.94 76.13
CA LEU F 101 54.16 3.24 75.71
C LEU F 101 53.08 3.75 76.67
N ALA F 102 52.31 2.86 77.29
CA ALA F 102 51.38 3.31 78.32
C ALA F 102 52.11 3.78 79.57
N LYS F 103 53.20 3.07 79.93
CA LYS F 103 54.07 3.51 81.03
C LYS F 103 54.64 4.89 80.76
N LEU F 104 54.97 5.17 79.51
CA LEU F 104 55.43 6.50 79.14
C LEU F 104 54.32 7.54 79.17
N SER F 105 53.12 7.19 78.72
CA SER F 105 52.06 8.17 78.62
C SER F 105 51.12 8.17 79.82
N ILE F 106 51.57 7.71 80.98
CA ILE F 106 50.78 7.86 82.20
C ILE F 106 50.66 9.33 82.59
N VAL F 107 49.46 9.75 82.97
CA VAL F 107 49.14 11.14 83.36
C VAL F 107 48.21 11.12 84.57
N PRO F 108 48.23 12.15 85.44
CA PRO F 108 47.34 12.12 86.60
C PRO F 108 45.94 12.55 86.24
N VAL F 109 45.00 12.27 87.14
CA VAL F 109 43.58 12.57 86.96
C VAL F 109 43.09 13.39 88.14
N ARG F 110 42.52 14.56 87.86
CA ARG F 110 41.87 15.36 88.89
C ARG F 110 40.53 14.72 89.24
N ARG F 111 40.21 14.69 90.53
CA ARG F 111 38.97 14.07 91.00
C ARG F 111 38.27 15.01 91.96
N GLY F 112 37.04 15.42 91.62
CA GLY F 112 36.30 16.36 92.43
C GLY F 112 35.06 15.76 93.06
N TYR F 113 34.12 16.61 93.49
CA TYR F 113 32.92 16.17 94.17
C TYR F 113 31.70 16.45 93.31
N TRP F 114 30.59 15.79 93.66
CA TRP F 114 29.35 16.01 92.92
C TRP F 114 28.74 17.37 93.25
N GLY F 115 29.08 17.93 94.40
CA GLY F 115 28.38 19.10 94.86
C GLY F 115 28.29 19.19 96.38
N ASN F 116 28.70 18.14 97.07
CA ASN F 116 28.82 18.17 98.52
C ASN F 116 30.26 17.78 98.88
N LYS F 117 30.83 18.48 99.85
CA LYS F 117 32.29 18.49 99.99
C LYS F 117 32.82 17.31 100.81
N ILE F 118 31.92 16.51 101.41
CA ILE F 118 32.13 15.71 102.62
C ILE F 118 33.47 14.97 102.73
N GLY F 119 33.86 14.25 101.68
CA GLY F 119 35.21 13.71 101.72
C GLY F 119 35.53 12.58 100.77
N LYS F 120 36.83 12.44 100.43
CA LYS F 120 37.41 11.40 99.61
C LYS F 120 36.73 11.31 98.25
N PRO F 121 37.11 12.20 97.31
CA PRO F 121 36.33 12.40 96.08
C PRO F 121 36.13 11.17 95.22
N HIS F 122 35.14 11.26 94.35
CA HIS F 122 34.57 10.11 93.67
C HIS F 122 34.25 10.38 92.20
N THR F 123 34.45 11.60 91.71
CA THR F 123 33.99 11.94 90.38
C THR F 123 34.85 13.02 89.77
N VAL F 124 34.55 13.32 88.51
CA VAL F 124 35.24 14.34 87.74
C VAL F 124 34.94 15.72 88.33
N PRO F 125 35.81 16.73 88.16
CA PRO F 125 35.53 18.01 88.80
C PRO F 125 34.44 18.80 88.12
N CYS F 126 34.18 18.53 86.84
CA CYS F 126 33.17 19.24 86.09
C CYS F 126 32.86 18.45 84.84
N LYS F 127 31.97 18.99 84.02
CA LYS F 127 31.70 18.40 82.73
C LYS F 127 32.87 18.68 81.80
N VAL F 128 33.76 17.71 81.65
CA VAL F 128 34.90 17.84 80.75
C VAL F 128 34.57 17.16 79.44
N THR F 129 35.31 17.51 78.40
CA THR F 129 35.12 16.93 77.07
C THR F 129 36.46 16.46 76.54
N GLY F 130 36.40 15.46 75.69
CA GLY F 130 37.59 14.98 74.99
C GLY F 130 37.23 14.60 73.58
N ARG F 131 38.15 14.87 72.66
CA ARG F 131 37.88 14.66 71.25
C ARG F 131 39.07 14.02 70.57
N CYS F 132 38.80 12.99 69.77
CA CYS F 132 39.81 12.29 68.99
C CYS F 132 39.19 11.78 67.72
N GLY F 133 39.46 12.46 66.61
CA GLY F 133 38.84 12.08 65.36
C GLY F 133 37.46 12.69 65.25
N SER F 134 36.43 11.85 65.23
CA SER F 134 35.05 12.32 65.26
C SER F 134 34.33 11.90 66.52
N VAL F 135 35.07 11.44 67.51
CA VAL F 135 34.50 10.94 68.74
C VAL F 135 34.56 12.07 69.77
N LEU F 136 33.41 12.44 70.30
CA LEU F 136 33.35 13.33 71.45
C LEU F 136 32.88 12.53 72.65
N VAL F 137 33.72 12.49 73.68
CA VAL F 137 33.39 11.84 74.94
C VAL F 137 33.22 12.93 75.97
N ARG F 138 32.03 12.99 76.57
CA ARG F 138 31.71 14.01 77.55
C ARG F 138 31.53 13.36 78.90
N LEU F 139 32.27 13.82 79.89
CA LEU F 139 32.23 13.30 81.25
C LEU F 139 31.53 14.31 82.15
N ILE F 140 30.46 13.86 82.80
CA ILE F 140 29.59 14.69 83.63
C ILE F 140 29.70 14.14 85.05
N PRO F 141 29.77 14.98 86.08
CA PRO F 141 29.81 14.47 87.45
C PRO F 141 28.54 13.75 87.84
N ALA F 142 28.67 12.81 88.76
CA ALA F 142 27.58 11.93 89.14
C ALA F 142 27.45 11.92 90.65
N PRO F 143 26.26 11.65 91.18
CA PRO F 143 26.10 11.53 92.63
C PRO F 143 26.84 10.34 93.20
N ARG F 144 26.92 10.32 94.52
CA ARG F 144 27.79 9.38 95.22
C ARG F 144 27.24 7.96 95.14
N GLY F 145 28.12 7.01 94.82
CA GLY F 145 27.74 5.63 94.71
C GLY F 145 26.90 5.27 93.51
N THR F 146 26.85 6.14 92.49
CA THR F 146 26.05 5.87 91.30
C THR F 146 26.66 4.74 90.47
N GLY F 147 27.97 4.66 90.43
CA GLY F 147 28.64 3.82 89.47
C GLY F 147 28.94 4.62 88.22
N ILE F 148 29.54 3.95 87.25
CA ILE F 148 29.90 4.57 85.97
C ILE F 148 29.00 3.99 84.90
N VAL F 149 28.13 4.81 84.34
CA VAL F 149 27.21 4.37 83.30
C VAL F 149 27.80 4.73 81.94
N SER F 150 28.41 3.73 81.29
CA SER F 150 29.14 3.98 80.06
C SER F 150 29.34 2.68 79.31
N ALA F 151 30.01 2.79 78.16
CA ALA F 151 30.45 1.64 77.38
C ALA F 151 31.49 0.85 78.17
N PRO F 152 31.68 -0.45 77.86
CA PRO F 152 32.61 -1.26 78.67
C PRO F 152 34.08 -0.82 78.63
N VAL F 153 34.59 -0.38 77.49
CA VAL F 153 35.98 0.06 77.40
C VAL F 153 36.26 1.33 78.21
N PRO F 154 35.49 2.43 78.12
CA PRO F 154 35.78 3.53 79.04
C PRO F 154 35.27 3.28 80.44
N LYS F 155 34.41 2.29 80.64
CA LYS F 155 34.10 1.85 82.00
C LYS F 155 35.34 1.24 82.64
N LYS F 156 36.09 0.45 81.86
CA LYS F 156 37.36 -0.07 82.35
C LYS F 156 38.37 1.04 82.57
N LEU F 157 38.42 2.00 81.65
CA LEU F 157 39.41 3.08 81.74
C LEU F 157 39.13 4.00 82.93
N LEU F 158 37.86 4.31 83.17
CA LEU F 158 37.52 5.13 84.32
C LEU F 158 37.52 4.32 85.60
N MET F 159 37.41 2.99 85.49
CA MET F 159 37.58 2.15 86.67
C MET F 159 39.03 2.13 87.10
N MET F 160 39.95 2.23 86.14
CA MET F 160 41.35 2.41 86.46
C MET F 160 41.69 3.83 86.88
N ALA F 161 40.98 4.83 86.38
CA ALA F 161 41.32 6.22 86.66
C ALA F 161 40.83 6.73 88.00
N GLY F 162 40.44 5.85 88.92
CA GLY F 162 40.03 6.26 90.25
C GLY F 162 38.67 6.93 90.31
N ILE F 163 37.93 6.97 89.21
CA ILE F 163 36.58 7.51 89.18
C ILE F 163 35.66 6.38 89.61
N ASP F 164 34.80 6.65 90.59
CA ASP F 164 33.80 5.66 90.95
C ASP F 164 32.45 5.98 90.32
N ASP F 165 32.15 7.26 90.13
CA ASP F 165 30.84 7.71 89.70
C ASP F 165 31.02 8.72 88.58
N CYS F 166 30.35 8.48 87.46
CA CYS F 166 30.46 9.38 86.31
C CYS F 166 29.28 9.14 85.38
N TYR F 167 28.87 10.19 84.68
CA TYR F 167 27.96 10.05 83.55
C TYR F 167 28.74 10.31 82.28
N THR F 168 28.47 9.55 81.23
CA THR F 168 29.16 9.73 79.97
C THR F 168 28.16 9.99 78.87
N SER F 169 28.60 10.72 77.85
CA SER F 169 27.80 10.96 76.66
C SER F 169 28.72 10.93 75.43
N ALA F 170 28.62 9.87 74.65
CA ALA F 170 29.47 9.74 73.47
C ALA F 170 28.77 10.26 72.22
N ARG F 171 29.56 10.65 71.23
CA ARG F 171 29.05 10.92 69.89
C ARG F 171 30.10 10.56 68.86
N GLY F 172 29.70 9.79 67.85
CA GLY F 172 30.58 9.50 66.74
C GLY F 172 30.67 8.01 66.47
N CYS F 173 31.69 7.59 65.73
CA CYS F 173 31.96 6.16 65.58
C CYS F 173 32.49 5.68 66.92
N THR F 174 31.58 5.18 67.74
CA THR F 174 31.99 4.57 69.00
C THR F 174 32.50 3.15 68.76
N ALA F 175 32.29 2.62 67.55
CA ALA F 175 32.72 1.26 67.23
C ALA F 175 34.23 1.12 67.19
N THR F 176 34.95 2.22 66.96
CA THR F 176 36.40 2.16 66.81
C THR F 176 37.10 2.54 68.11
N LEU F 177 37.73 1.55 68.74
CA LEU F 177 38.37 1.79 70.03
C LEU F 177 39.64 2.60 69.86
N GLY F 178 40.23 2.56 68.65
CA GLY F 178 41.47 3.27 68.40
C GLY F 178 41.33 4.78 68.52
N ASN F 179 40.13 5.29 68.24
CA ASN F 179 39.89 6.70 68.53
C ASN F 179 39.14 6.88 69.83
N PHE F 180 38.33 5.89 70.22
CA PHE F 180 37.45 6.09 71.36
C PHE F 180 38.23 6.10 72.68
N ALA F 181 39.21 5.19 72.81
CA ALA F 181 40.02 5.14 74.02
C ALA F 181 40.91 6.37 74.13
N LYS F 182 41.43 6.85 72.99
CA LYS F 182 42.24 8.07 73.01
C LYS F 182 41.40 9.30 73.31
N ALA F 183 40.13 9.29 72.92
CA ALA F 183 39.24 10.39 73.26
C ALA F 183 38.97 10.43 74.75
N THR F 184 38.69 9.27 75.35
CA THR F 184 38.48 9.21 76.80
C THR F 184 39.77 9.59 77.54
N PHE F 185 40.91 9.22 76.99
CA PHE F 185 42.20 9.57 77.57
C PHE F 185 42.45 11.07 77.54
N ASP F 186 42.13 11.72 76.42
CA ASP F 186 42.32 13.16 76.33
C ASP F 186 41.34 13.89 77.27
N ALA F 187 40.13 13.33 77.42
CA ALA F 187 39.16 13.89 78.35
C ALA F 187 39.66 13.86 79.78
N ILE F 188 40.25 12.74 80.20
CA ILE F 188 40.72 12.67 81.58
C ILE F 188 42.08 13.34 81.72
N SER F 189 42.73 13.66 80.60
CA SER F 189 43.97 14.42 80.69
C SER F 189 43.71 15.92 80.80
N LYS F 190 42.56 16.38 80.32
CA LYS F 190 42.30 17.82 80.37
C LYS F 190 41.83 18.30 81.75
N THR F 191 41.72 17.39 82.73
CA THR F 191 41.07 17.74 83.98
C THR F 191 41.92 18.67 84.83
N TYR F 192 43.24 18.52 84.80
CA TYR F 192 44.08 19.50 85.48
C TYR F 192 44.28 20.74 84.63
N SER F 193 44.06 20.64 83.32
CA SER F 193 44.20 21.81 82.47
C SER F 193 43.02 22.75 82.62
N TYR F 194 41.86 22.25 83.00
CA TYR F 194 40.66 23.07 83.12
C TYR F 194 40.68 23.84 84.43
N LEU F 195 40.53 25.17 84.34
CA LEU F 195 40.53 26.04 85.51
C LEU F 195 39.30 25.87 86.38
N THR F 196 39.41 26.38 87.59
CA THR F 196 38.42 26.20 88.64
C THR F 196 38.53 27.35 89.62
N PRO F 197 37.40 27.87 90.11
CA PRO F 197 37.44 29.04 90.98
C PRO F 197 37.83 28.74 92.42
N ASP F 198 38.39 27.58 92.67
CA ASP F 198 39.10 27.36 93.93
C ASP F 198 40.59 27.13 93.73
N LEU F 199 41.09 27.39 92.53
CA LEU F 199 42.51 27.24 92.23
C LEU F 199 43.05 28.52 91.65
N TRP F 200 42.67 29.64 92.26
CA TRP F 200 43.10 30.96 91.80
C TRP F 200 44.35 31.47 92.51
N LYS F 201 44.70 30.85 93.63
CA LYS F 201 45.88 31.26 94.38
C LYS F 201 47.14 31.29 93.52
N GLU F 202 47.94 32.33 93.68
CA GLU F 202 49.18 32.47 92.92
C GLU F 202 50.15 31.35 93.26
N THR F 203 50.92 30.91 92.28
CA THR F 203 51.89 29.83 92.47
C THR F 203 53.03 30.17 93.44
N VAL F 204 53.61 29.13 94.02
CA VAL F 204 54.71 29.31 94.96
C VAL F 204 56.06 29.26 94.23
N PHE F 205 56.15 28.47 93.17
CA PHE F 205 57.36 28.20 92.39
C PHE F 205 58.48 27.65 93.25
N THR F 206 58.32 26.44 93.77
CA THR F 206 59.45 25.74 94.36
C THR F 206 60.52 25.45 93.30
N LYS F 207 61.72 25.12 93.78
CA LYS F 207 62.90 25.04 92.93
C LYS F 207 62.81 23.88 91.96
N SER F 208 63.58 23.98 90.88
CA SER F 208 63.68 22.90 89.91
C SER F 208 64.33 21.69 90.57
N PRO F 209 64.04 20.47 90.12
CA PRO F 209 64.87 19.33 90.54
C PRO F 209 66.30 19.46 90.07
N TYR F 210 66.52 20.09 88.90
CA TYR F 210 67.87 20.30 88.39
C TYR F 210 68.65 21.26 89.28
N GLN F 211 68.09 22.42 89.59
CA GLN F 211 68.79 23.36 90.44
C GLN F 211 68.78 22.92 91.89
N GLU F 212 67.84 22.05 92.26
CA GLU F 212 67.80 21.55 93.62
C GLU F 212 68.89 20.51 93.85
N PHE F 213 69.20 19.72 92.84
CA PHE F 213 70.23 18.70 93.01
C PHE F 213 71.30 18.80 91.93
N THR F 214 71.75 20.03 91.67
CA THR F 214 72.85 20.27 90.73
C THR F 214 74.11 19.49 91.10
N ASP F 215 74.40 19.38 92.40
CA ASP F 215 75.63 18.74 92.87
C ASP F 215 75.65 17.26 92.51
N HIS F 216 74.51 16.58 92.62
CA HIS F 216 74.40 15.21 92.13
C HIS F 216 74.59 15.15 90.62
N LEU F 217 74.07 16.14 89.88
CA LEU F 217 74.19 16.12 88.43
C LEU F 217 75.63 16.37 88.00
N VAL F 218 76.32 17.27 88.69
CA VAL F 218 77.72 17.54 88.42
C VAL F 218 78.58 16.33 88.75
N LYS F 219 78.30 15.67 89.88
CA LYS F 219 79.14 14.53 90.26
C LYS F 219 78.81 13.29 89.43
N THR F 220 77.62 13.23 88.85
CA THR F 220 77.30 12.08 88.00
C THR F 220 77.81 12.28 86.58
N HIS F 221 77.81 13.51 86.07
CA HIS F 221 78.50 13.74 84.80
C HIS F 221 80.01 13.61 84.96
N THR F 222 80.53 14.01 86.12
CA THR F 222 81.95 13.96 86.40
C THR F 222 82.30 12.84 87.37
N VAL I 1 26.52 -66.43 -29.07
CA VAL I 1 26.79 -65.41 -28.07
C VAL I 1 27.49 -64.21 -28.72
N LYS I 2 28.02 -64.42 -29.92
CA LYS I 2 28.85 -63.39 -30.54
C LYS I 2 28.00 -62.31 -31.19
N VAL I 3 27.30 -62.69 -32.26
CA VAL I 3 26.44 -61.75 -32.98
C VAL I 3 25.03 -62.31 -33.09
N VAL I 4 24.20 -61.62 -33.86
CA VAL I 4 22.81 -62.05 -34.05
C VAL I 4 22.64 -62.76 -35.38
N LYS I 5 23.75 -63.29 -35.91
CA LYS I 5 23.75 -64.00 -37.18
C LYS I 5 23.08 -63.24 -38.32
N ASN I 6 22.26 -63.95 -39.09
CA ASN I 6 21.56 -63.37 -40.22
C ASN I 6 20.35 -64.22 -40.62
N LYS I 7 19.14 -63.70 -40.45
CA LYS I 7 17.96 -64.48 -40.83
C LYS I 7 17.06 -63.72 -41.79
N ALA I 8 16.70 -62.47 -41.48
CA ALA I 8 15.90 -61.68 -42.39
C ALA I 8 16.77 -60.99 -43.42
N TYR I 9 18.09 -61.05 -43.21
CA TYR I 9 19.08 -60.58 -44.17
C TYR I 9 18.89 -61.23 -45.54
N PHE I 10 18.62 -62.53 -45.55
CA PHE I 10 18.35 -63.22 -46.80
C PHE I 10 17.01 -62.80 -47.39
N LYS I 11 16.03 -62.52 -46.53
CA LYS I 11 14.69 -62.25 -47.04
C LYS I 11 14.60 -60.84 -47.58
N ARG I 12 15.53 -59.98 -47.20
CA ARG I 12 15.56 -58.61 -47.69
C ARG I 12 16.72 -58.39 -48.67
N TYR I 13 17.58 -59.38 -48.85
CA TYR I 13 18.78 -59.20 -49.66
C TYR I 13 18.44 -59.07 -51.15
N GLN I 14 18.91 -57.99 -51.75
CA GLN I 14 18.95 -57.86 -53.21
C GLN I 14 20.26 -58.46 -53.69
N VAL I 15 20.21 -59.24 -54.76
CA VAL I 15 21.43 -59.50 -55.49
C VAL I 15 21.82 -58.22 -56.23
N LYS I 16 23.12 -58.04 -56.46
CA LYS I 16 23.57 -56.86 -57.19
C LYS I 16 23.04 -56.87 -58.61
N PHE I 17 23.58 -57.76 -59.44
CA PHE I 17 23.26 -57.84 -60.85
C PHE I 17 24.05 -59.03 -61.36
N ARG I 18 23.65 -59.64 -62.48
CA ARG I 18 24.27 -60.89 -62.89
C ARG I 18 25.71 -60.68 -63.34
N ARG I 19 25.96 -59.63 -64.10
CA ARG I 19 27.32 -59.36 -64.53
C ARG I 19 28.14 -58.74 -63.40
N ARG I 20 27.46 -58.11 -62.44
CA ARG I 20 28.19 -57.38 -61.40
C ARG I 20 28.68 -58.32 -60.31
N ARG I 21 27.94 -59.41 -60.05
CA ARG I 21 28.42 -60.38 -59.08
C ARG I 21 29.62 -61.15 -59.59
N GLU I 22 29.67 -61.43 -60.89
CA GLU I 22 30.89 -61.95 -61.47
C GLU I 22 31.96 -60.87 -61.50
N GLY I 23 31.55 -59.61 -61.62
CA GLY I 23 32.52 -58.55 -61.67
C GLY I 23 33.16 -58.46 -63.03
N LYS I 24 32.40 -58.07 -64.04
CA LYS I 24 32.99 -57.88 -65.36
C LYS I 24 32.63 -56.56 -66.00
N THR I 25 31.62 -55.86 -65.50
CA THR I 25 31.22 -54.56 -66.00
C THR I 25 31.17 -53.57 -64.86
N ASP I 26 30.59 -52.40 -65.12
CA ASP I 26 30.25 -51.47 -64.06
C ASP I 26 28.84 -50.92 -64.18
N TYR I 27 28.34 -50.82 -65.41
CA TYR I 27 27.08 -50.26 -65.89
C TYR I 27 27.00 -48.75 -65.78
N TYR I 28 27.89 -48.13 -65.01
CA TYR I 28 27.87 -46.69 -64.88
C TYR I 28 28.60 -46.05 -66.05
N ALA I 29 29.42 -46.84 -66.73
CA ALA I 29 29.99 -46.39 -68.00
C ALA I 29 29.29 -47.06 -69.17
N ARG I 30 28.71 -48.23 -68.94
CA ARG I 30 27.98 -48.91 -70.00
C ARG I 30 26.70 -48.15 -70.34
N LYS I 31 26.13 -47.44 -69.37
CA LYS I 31 24.92 -46.67 -69.61
C LYS I 31 25.25 -45.38 -70.39
N ARG I 32 26.52 -45.13 -70.66
CA ARG I 32 26.86 -44.02 -71.54
C ARG I 32 27.61 -44.49 -72.79
N LEU I 33 28.08 -45.73 -72.79
CA LEU I 33 28.67 -46.28 -74.01
C LEU I 33 27.62 -46.88 -74.92
N VAL I 34 26.66 -47.59 -74.35
CA VAL I 34 25.71 -48.37 -75.13
C VAL I 34 24.69 -47.48 -75.81
N ILE I 35 24.13 -46.53 -75.10
CA ILE I 35 22.84 -45.95 -75.45
C ILE I 35 22.99 -44.92 -76.55
N GLN I 36 22.30 -45.15 -77.65
CA GLN I 36 22.22 -44.19 -78.74
C GLN I 36 21.14 -43.16 -78.41
N ASP I 37 21.41 -41.90 -78.71
CA ASP I 37 20.41 -40.85 -78.52
C ASP I 37 19.23 -41.08 -79.45
N LYS I 38 18.05 -40.64 -79.02
CA LYS I 38 16.84 -41.09 -79.69
C LYS I 38 16.56 -40.32 -80.96
N ASN I 39 17.36 -39.30 -81.26
CA ASN I 39 17.16 -38.55 -82.49
C ASN I 39 17.55 -39.36 -83.72
N LYS I 40 18.25 -40.48 -83.53
CA LYS I 40 18.74 -41.22 -84.68
C LYS I 40 17.99 -42.53 -84.84
N TYR I 41 17.38 -43.01 -83.76
CA TYR I 41 16.31 -44.01 -83.68
C TYR I 41 16.70 -45.43 -84.01
N ASN I 42 17.74 -45.64 -84.81
CA ASN I 42 18.09 -47.00 -85.20
C ASN I 42 19.57 -47.20 -85.33
N THR I 43 20.31 -46.13 -85.57
CA THR I 43 21.69 -46.25 -85.98
C THR I 43 22.53 -46.60 -84.78
N PRO I 44 23.07 -47.81 -84.71
CA PRO I 44 23.66 -48.28 -83.46
C PRO I 44 25.02 -47.64 -83.19
N LYS I 45 25.37 -47.57 -81.92
CA LYS I 45 26.65 -47.04 -81.50
C LYS I 45 27.62 -48.19 -81.29
N TYR I 46 28.64 -48.26 -82.12
CA TYR I 46 29.57 -49.38 -82.14
C TYR I 46 30.62 -49.21 -81.04
N ARG I 47 30.78 -50.26 -80.24
CA ARG I 47 31.77 -50.32 -79.18
C ARG I 47 32.91 -51.20 -79.63
N MET I 48 34.14 -50.72 -79.49
CA MET I 48 35.31 -51.56 -79.66
C MET I 48 35.70 -52.06 -78.30
N ILE I 49 35.48 -53.35 -78.08
CA ILE I 49 35.75 -54.01 -76.82
C ILE I 49 37.13 -54.62 -76.93
N VAL I 50 38.06 -54.15 -76.10
CA VAL I 50 39.39 -54.71 -76.04
C VAL I 50 39.62 -55.22 -74.64
N ARG I 51 39.80 -56.52 -74.50
CA ARG I 51 39.98 -57.13 -73.21
C ARG I 51 41.33 -57.82 -73.14
N VAL I 52 42.08 -57.51 -72.09
CA VAL I 52 43.38 -58.09 -71.83
C VAL I 52 43.20 -59.28 -70.93
N THR I 53 43.61 -60.46 -71.39
CA THR I 53 43.64 -61.63 -70.56
C THR I 53 45.04 -62.20 -70.60
N ASN I 54 45.41 -62.91 -69.54
CA ASN I 54 46.65 -63.65 -69.55
C ASN I 54 46.61 -64.67 -70.68
N ARG I 55 47.68 -64.65 -71.48
CA ARG I 55 47.93 -65.44 -72.70
C ARG I 55 47.12 -64.97 -73.91
N ASP I 56 46.21 -64.00 -73.77
CA ASP I 56 45.40 -63.67 -74.94
C ASP I 56 44.74 -62.30 -74.80
N ILE I 57 44.77 -61.52 -75.87
CA ILE I 57 43.98 -60.30 -75.91
C ILE I 57 42.85 -60.51 -76.89
N ILE I 58 41.76 -59.78 -76.68
CA ILE I 58 40.52 -59.96 -77.42
C ILE I 58 40.09 -58.61 -77.94
N CYS I 59 40.02 -58.48 -79.27
CA CYS I 59 39.51 -57.28 -79.92
C CYS I 59 38.22 -57.63 -80.64
N GLN I 60 37.13 -57.01 -80.22
CA GLN I 60 35.82 -57.23 -80.81
C GLN I 60 35.22 -55.87 -81.13
N ILE I 61 34.35 -55.83 -82.13
CA ILE I 61 33.44 -54.71 -82.32
C ILE I 61 32.04 -55.23 -82.15
N ALA I 62 31.29 -54.63 -81.25
CA ALA I 62 29.91 -55.02 -81.02
C ALA I 62 29.03 -53.78 -81.12
N TYR I 63 27.72 -54.02 -81.10
CA TYR I 63 26.76 -52.96 -80.86
C TYR I 63 25.64 -53.55 -80.01
N ALA I 64 24.65 -52.72 -79.73
CA ALA I 64 23.65 -53.07 -78.73
C ALA I 64 22.26 -53.19 -79.35
N ARG I 65 21.54 -54.21 -78.94
CA ARG I 65 20.12 -54.35 -79.24
C ARG I 65 19.42 -54.85 -77.98
N ILE I 66 18.09 -54.82 -78.02
CA ILE I 66 17.31 -55.11 -76.81
C ILE I 66 17.35 -56.60 -76.49
N GLU I 67 17.54 -57.45 -77.50
CA GLU I 67 17.71 -58.87 -77.22
C GLU I 67 19.08 -59.15 -76.64
N GLY I 68 20.07 -58.34 -77.00
CA GLY I 68 21.41 -58.53 -76.52
C GLY I 68 22.38 -57.77 -77.38
N ASP I 69 23.66 -57.96 -77.09
CA ASP I 69 24.70 -57.35 -77.90
C ASP I 69 24.98 -58.20 -79.13
N MET I 70 25.16 -57.51 -80.25
CA MET I 70 25.42 -58.14 -81.54
C MET I 70 26.83 -57.80 -81.96
N ILE I 71 27.69 -58.82 -82.07
CA ILE I 71 29.08 -58.62 -82.42
C ILE I 71 29.20 -58.67 -83.93
N VAL I 72 29.74 -57.59 -84.51
CA VAL I 72 29.90 -57.54 -85.95
C VAL I 72 31.13 -58.31 -86.38
N CYS I 73 32.27 -58.04 -85.75
CA CYS I 73 33.54 -58.61 -86.18
C CYS I 73 34.44 -58.78 -84.98
N ALA I 74 35.19 -59.87 -84.93
CA ALA I 74 36.03 -60.20 -83.78
C ALA I 74 37.36 -60.76 -84.25
N ALA I 75 38.42 -60.41 -83.53
CA ALA I 75 39.77 -60.90 -83.83
C ALA I 75 40.50 -61.17 -82.53
N TYR I 76 41.23 -62.29 -82.49
CA TYR I 76 41.82 -62.78 -81.26
C TYR I 76 43.33 -62.85 -81.41
N ALA I 77 44.02 -62.93 -80.27
CA ALA I 77 45.47 -62.87 -80.28
C ALA I 77 46.12 -64.15 -80.76
N HIS I 78 45.48 -65.30 -80.56
CA HIS I 78 46.10 -66.55 -80.94
C HIS I 78 45.98 -66.84 -82.44
N GLU I 79 45.31 -65.97 -83.19
CA GLU I 79 45.27 -66.13 -84.64
C GLU I 79 46.58 -65.70 -85.27
N LEU I 80 47.37 -64.90 -84.56
CA LEU I 80 48.59 -64.31 -85.13
C LEU I 80 49.69 -65.29 -85.54
N PRO I 81 49.87 -66.49 -84.94
CA PRO I 81 50.81 -67.44 -85.57
C PRO I 81 50.42 -67.92 -86.96
N LYS I 82 49.17 -67.74 -87.38
CA LYS I 82 48.85 -67.98 -88.78
C LYS I 82 49.30 -66.82 -89.65
N TYR I 83 49.54 -65.66 -89.05
CA TYR I 83 50.01 -64.49 -89.78
C TYR I 83 51.52 -64.32 -89.72
N GLY I 84 52.18 -65.01 -88.81
CA GLY I 84 53.62 -64.90 -88.72
C GLY I 84 54.14 -64.29 -87.44
N VAL I 85 53.29 -64.00 -86.47
CA VAL I 85 53.73 -63.63 -85.13
C VAL I 85 53.71 -64.92 -84.31
N LYS I 86 54.88 -65.53 -84.16
CA LYS I 86 54.95 -66.86 -83.55
C LYS I 86 54.73 -66.79 -82.05
N VAL I 87 55.44 -65.90 -81.37
CA VAL I 87 55.35 -65.75 -79.93
C VAL I 87 55.35 -64.27 -79.60
N GLY I 88 55.05 -63.97 -78.35
CA GLY I 88 54.71 -62.62 -77.96
C GLY I 88 53.23 -62.31 -78.04
N LEU I 89 52.39 -63.11 -77.39
CA LEU I 89 50.96 -63.05 -77.66
C LEU I 89 50.30 -61.91 -76.90
N THR I 90 50.89 -61.48 -75.80
CA THR I 90 50.31 -60.40 -75.01
C THR I 90 51.23 -59.19 -74.91
N ASN I 91 52.08 -58.92 -75.89
CA ASN I 91 52.85 -57.71 -75.75
C ASN I 91 52.15 -56.54 -76.45
N TYR I 92 52.74 -55.35 -76.30
CA TYR I 92 52.18 -54.15 -76.90
C TYR I 92 52.23 -54.25 -78.42
N ALA I 93 53.21 -54.96 -78.94
CA ALA I 93 53.26 -55.25 -80.36
C ALA I 93 52.09 -56.12 -80.79
N ALA I 94 51.70 -57.10 -79.96
CA ALA I 94 50.52 -57.89 -80.29
C ALA I 94 49.26 -57.06 -80.16
N ALA I 95 49.27 -56.05 -79.29
CA ALA I 95 48.10 -55.17 -79.18
C ALA I 95 47.91 -54.36 -80.45
N TYR I 96 48.98 -53.72 -80.93
CA TYR I 96 48.94 -52.99 -82.19
C TYR I 96 48.62 -53.92 -83.35
N CYS I 97 49.14 -55.14 -83.29
CA CYS I 97 48.94 -56.12 -84.34
C CYS I 97 47.48 -56.56 -84.43
N THR I 98 46.86 -56.79 -83.28
CA THR I 98 45.48 -57.25 -83.26
C THR I 98 44.52 -56.13 -83.63
N GLY I 99 44.85 -54.90 -83.24
CA GLY I 99 44.04 -53.76 -83.68
C GLY I 99 44.08 -53.57 -85.18
N LEU I 100 45.28 -53.71 -85.78
CA LEU I 100 45.41 -53.62 -87.23
C LEU I 100 44.66 -54.74 -87.94
N LEU I 101 44.75 -55.96 -87.41
CA LEU I 101 44.01 -57.09 -87.96
C LEU I 101 42.50 -56.87 -87.89
N LEU I 102 42.02 -56.33 -86.77
CA LEU I 102 40.58 -56.15 -86.60
C LEU I 102 40.06 -55.09 -87.53
N ALA I 103 40.82 -54.00 -87.72
CA ALA I 103 40.38 -52.95 -88.64
C ALA I 103 40.37 -53.45 -90.08
N ARG I 104 41.41 -54.19 -90.47
CA ARG I 104 41.45 -54.72 -91.83
C ARG I 104 40.35 -55.75 -92.06
N ARG I 105 40.00 -56.52 -91.03
CA ARG I 105 38.98 -57.56 -91.21
C ARG I 105 37.60 -56.95 -91.32
N LEU I 106 37.32 -55.92 -90.53
CA LEU I 106 36.03 -55.22 -90.65
C LEU I 106 35.90 -54.54 -92.00
N LEU I 107 36.98 -53.87 -92.45
CA LEU I 107 36.90 -53.18 -93.73
C LEU I 107 36.85 -54.16 -94.91
N ASN I 108 37.40 -55.36 -94.71
CA ASN I 108 37.28 -56.36 -95.76
C ASN I 108 35.88 -56.95 -95.80
N ARG I 109 35.22 -57.06 -94.64
CA ARG I 109 33.84 -57.52 -94.64
C ARG I 109 32.92 -56.49 -95.28
N PHE I 110 33.19 -55.20 -95.06
CA PHE I 110 32.30 -54.18 -95.63
C PHE I 110 32.73 -53.79 -97.04
N GLY I 111 33.89 -54.27 -97.49
CA GLY I 111 34.32 -54.00 -98.85
C GLY I 111 35.05 -52.68 -99.03
N MET I 112 35.36 -51.95 -97.96
CA MET I 112 36.03 -50.67 -98.07
C MET I 112 37.53 -50.83 -97.79
N ASP I 113 38.14 -51.74 -98.53
CA ASP I 113 39.59 -51.99 -98.38
C ASP I 113 40.40 -51.00 -99.19
N LYS I 114 40.01 -50.80 -100.45
CA LYS I 114 40.86 -50.10 -101.41
C LYS I 114 40.92 -48.61 -101.10
N ILE I 115 39.80 -48.04 -100.74
CA ILE I 115 39.78 -46.71 -100.15
C ILE I 115 40.00 -46.85 -98.66
N TYR I 116 40.35 -45.74 -98.00
CA TYR I 116 40.68 -45.65 -96.59
C TYR I 116 41.81 -46.59 -96.21
N GLU I 117 42.97 -46.41 -96.85
CA GLU I 117 44.12 -47.25 -96.54
C GLU I 117 44.67 -46.93 -95.16
N GLY I 118 44.56 -45.68 -94.74
CA GLY I 118 45.00 -45.30 -93.41
C GLY I 118 46.48 -44.98 -93.33
N GLN I 119 47.22 -45.85 -92.65
CA GLN I 119 48.65 -45.65 -92.43
C GLN I 119 49.39 -46.96 -92.68
N VAL I 120 50.49 -46.89 -93.42
CA VAL I 120 51.27 -48.09 -93.69
C VAL I 120 52.58 -48.06 -92.93
N GLU I 121 53.38 -47.01 -93.12
CA GLU I 121 54.59 -46.79 -92.36
C GLU I 121 54.23 -46.46 -90.93
N VAL I 122 54.59 -47.33 -89.99
CA VAL I 122 54.24 -47.18 -88.60
C VAL I 122 55.07 -46.05 -88.01
N THR I 123 54.40 -44.96 -87.64
CA THR I 123 55.07 -43.81 -87.04
C THR I 123 54.62 -43.51 -85.63
N GLY I 124 53.37 -43.84 -85.28
CA GLY I 124 52.86 -43.44 -83.98
C GLY I 124 52.42 -42.00 -83.89
N ASP I 125 52.02 -41.38 -85.00
CA ASP I 125 51.63 -40.00 -85.02
C ASP I 125 50.20 -39.82 -84.53
N GLU I 126 49.70 -38.59 -84.67
CA GLU I 126 48.31 -38.29 -84.33
C GLU I 126 47.44 -38.45 -85.57
N TYR I 127 47.54 -39.60 -86.25
CA TYR I 127 46.92 -39.77 -87.55
C TYR I 127 45.43 -40.07 -87.37
N ASN I 128 44.62 -39.04 -87.55
CA ASN I 128 43.18 -39.25 -87.48
C ASN I 128 42.60 -39.39 -88.88
N VAL I 129 41.67 -40.32 -89.03
CA VAL I 129 41.16 -40.68 -90.35
C VAL I 129 40.16 -39.63 -90.81
N GLU I 130 40.42 -39.06 -91.97
CA GLU I 130 39.52 -38.12 -92.61
C GLU I 130 38.59 -38.87 -93.54
N SER I 131 37.33 -38.46 -93.55
CA SER I 131 36.37 -39.02 -94.49
C SER I 131 36.64 -38.45 -95.88
N ILE I 132 36.36 -39.24 -96.91
CA ILE I 132 36.53 -38.77 -98.28
C ILE I 132 35.18 -38.51 -98.90
N ASP I 133 34.97 -37.28 -99.36
CA ASP I 133 33.72 -36.91 -100.00
C ASP I 133 33.61 -37.59 -101.36
N GLY I 134 32.38 -37.92 -101.75
CA GLY I 134 32.15 -38.70 -102.94
C GLY I 134 32.35 -40.19 -102.75
N GLN I 135 32.43 -40.67 -101.52
CA GLN I 135 32.67 -42.05 -101.17
C GLN I 135 31.86 -42.38 -99.94
N PRO I 136 31.64 -43.67 -99.63
CA PRO I 136 31.00 -44.03 -98.37
C PRO I 136 31.80 -43.60 -97.16
N GLY I 137 31.08 -43.18 -96.12
CA GLY I 137 31.70 -42.61 -94.94
C GLY I 137 32.48 -43.60 -94.13
N ALA I 138 33.36 -43.07 -93.29
CA ALA I 138 34.26 -43.92 -92.52
C ALA I 138 33.53 -44.57 -91.36
N PHE I 139 34.01 -45.73 -90.96
CA PHE I 139 33.43 -46.41 -89.81
C PHE I 139 33.84 -45.68 -88.54
N THR I 140 32.87 -45.35 -87.71
CA THR I 140 33.11 -44.65 -86.46
C THR I 140 32.79 -45.60 -85.31
N CYS I 141 33.65 -45.65 -84.31
CA CYS I 141 33.50 -46.58 -83.20
C CYS I 141 34.05 -45.92 -81.95
N TYR I 142 33.69 -46.45 -80.79
CA TYR I 142 34.11 -45.86 -79.53
C TYR I 142 34.68 -46.92 -78.60
N LEU I 143 35.74 -46.57 -77.87
CA LEU I 143 36.46 -47.54 -77.06
C LEU I 143 35.63 -48.02 -75.87
N ASP I 144 36.00 -49.20 -75.36
CA ASP I 144 35.63 -49.63 -74.02
C ASP I 144 36.89 -50.19 -73.38
N ALA I 145 37.50 -49.42 -72.47
CA ALA I 145 38.67 -49.92 -71.76
C ALA I 145 38.29 -51.00 -70.75
N GLY I 146 37.02 -51.04 -70.36
CA GLY I 146 36.57 -52.00 -69.39
C GLY I 146 36.86 -51.56 -67.97
N LEU I 147 37.08 -52.55 -67.12
CA LEU I 147 37.40 -52.25 -65.72
C LEU I 147 38.87 -51.89 -65.57
N ALA I 148 39.67 -52.15 -66.59
CA ALA I 148 41.10 -51.87 -66.50
C ALA I 148 41.36 -50.38 -66.52
N ARG I 149 42.33 -49.95 -65.72
CA ARG I 149 42.56 -48.53 -65.53
C ARG I 149 43.32 -47.95 -66.71
N THR I 150 42.83 -46.83 -67.23
CA THR I 150 43.46 -46.15 -68.34
C THR I 150 44.68 -45.39 -67.83
N THR I 151 45.85 -45.99 -67.96
CA THR I 151 47.11 -45.36 -67.60
C THR I 151 48.00 -45.42 -68.82
N THR I 152 48.86 -44.40 -68.99
CA THR I 152 49.70 -44.27 -70.18
C THR I 152 50.60 -45.49 -70.33
N GLY I 153 50.34 -46.26 -71.36
CA GLY I 153 50.99 -47.52 -71.53
C GLY I 153 50.09 -48.72 -71.36
N ASN I 154 48.81 -48.51 -71.09
CA ASN I 154 47.85 -49.61 -71.11
C ASN I 154 47.66 -50.02 -72.56
N LYS I 155 47.77 -51.33 -72.82
CA LYS I 155 47.84 -51.78 -74.22
C LYS I 155 46.47 -51.86 -74.87
N VAL I 156 45.40 -51.50 -74.15
CA VAL I 156 44.15 -51.19 -74.82
C VAL I 156 44.32 -49.99 -75.75
N PHE I 157 45.21 -49.06 -75.38
CA PHE I 157 45.55 -47.97 -76.27
C PHE I 157 46.43 -48.44 -77.42
N GLY I 158 47.21 -49.49 -77.23
CA GLY I 158 47.94 -50.07 -78.34
C GLY I 158 47.02 -50.71 -79.35
N ALA I 159 45.99 -51.41 -78.87
CA ALA I 159 44.96 -51.93 -79.76
C ALA I 159 44.22 -50.81 -80.46
N LEU I 160 44.02 -49.69 -79.75
CA LEU I 160 43.45 -48.50 -80.36
C LEU I 160 44.31 -47.99 -81.49
N LYS I 161 45.62 -47.90 -81.27
CA LYS I 161 46.50 -47.36 -82.30
C LYS I 161 46.57 -48.30 -83.50
N GLY I 162 46.49 -49.60 -83.24
CA GLY I 162 46.39 -50.57 -84.33
C GLY I 162 45.15 -50.39 -85.18
N ALA I 163 44.00 -50.22 -84.53
CA ALA I 163 42.77 -50.01 -85.28
C ALA I 163 42.77 -48.66 -86.01
N VAL I 164 43.42 -47.65 -85.43
CA VAL I 164 43.41 -46.33 -86.05
C VAL I 164 44.29 -46.30 -87.27
N ASP I 165 45.47 -46.94 -87.19
CA ASP I 165 46.30 -47.07 -88.38
C ASP I 165 45.69 -48.02 -89.39
N GLY I 166 44.82 -48.92 -88.93
CA GLY I 166 44.06 -49.73 -89.87
C GLY I 166 43.01 -48.93 -90.60
N GLY I 167 42.49 -47.87 -89.97
CA GLY I 167 41.58 -47.01 -90.68
C GLY I 167 40.19 -46.91 -90.10
N LEU I 168 40.08 -46.96 -88.78
CA LEU I 168 38.82 -46.75 -88.09
C LEU I 168 38.81 -45.36 -87.49
N SER I 169 37.72 -44.63 -87.70
CA SER I 169 37.60 -43.26 -87.21
C SER I 169 37.20 -43.33 -85.75
N ILE I 170 38.19 -43.43 -84.86
CA ILE I 170 37.95 -43.54 -83.44
C ILE I 170 38.51 -42.28 -82.77
N PRO I 171 37.72 -41.55 -81.99
CA PRO I 171 38.24 -40.33 -81.36
C PRO I 171 39.16 -40.66 -80.19
N HIS I 172 40.31 -40.01 -80.18
CA HIS I 172 41.33 -40.31 -79.17
C HIS I 172 42.22 -39.10 -79.02
N SER I 173 42.73 -38.92 -77.80
CA SER I 173 43.72 -37.91 -77.51
C SER I 173 45.04 -38.61 -77.26
N THR I 174 46.14 -37.94 -77.57
CA THR I 174 47.42 -38.61 -77.65
C THR I 174 48.05 -38.87 -76.29
N LYS I 175 47.51 -38.31 -75.20
CA LYS I 175 48.30 -38.24 -73.99
C LYS I 175 48.21 -39.52 -73.16
N ARG I 176 47.54 -40.55 -73.65
CA ARG I 176 47.57 -41.82 -72.93
C ARG I 176 48.34 -42.87 -73.70
N PHE I 177 48.90 -42.51 -74.85
CA PHE I 177 49.82 -43.42 -75.50
C PHE I 177 51.12 -43.48 -74.71
N PRO I 178 51.79 -44.62 -74.69
CA PRO I 178 53.08 -44.70 -74.01
C PRO I 178 54.15 -43.88 -74.72
N GLY I 179 55.19 -43.56 -73.98
CA GLY I 179 56.20 -42.64 -74.45
C GLY I 179 55.87 -41.19 -74.23
N TYR I 180 54.65 -40.87 -73.83
CA TYR I 180 54.25 -39.51 -73.51
C TYR I 180 54.89 -39.07 -72.22
N ASP I 181 55.62 -37.95 -72.26
CA ASP I 181 56.23 -37.38 -71.08
C ASP I 181 55.13 -36.78 -70.22
N SER I 182 55.14 -37.12 -68.93
CA SER I 182 54.04 -36.72 -68.06
C SER I 182 54.31 -35.37 -67.41
N GLU I 183 55.57 -35.07 -67.10
CA GLU I 183 55.90 -33.78 -66.52
C GLU I 183 55.83 -32.68 -67.56
N SER I 184 56.67 -32.74 -68.58
CA SER I 184 56.62 -31.83 -69.71
C SER I 184 55.59 -32.36 -70.69
N LYS I 185 54.62 -31.52 -71.07
CA LYS I 185 53.39 -32.05 -71.64
C LYS I 185 53.50 -32.32 -73.14
N GLU I 186 54.71 -32.31 -73.69
CA GLU I 186 54.89 -32.67 -75.09
C GLU I 186 54.78 -34.18 -75.26
N PHE I 187 54.51 -34.60 -76.49
CA PHE I 187 54.48 -36.01 -76.84
C PHE I 187 55.60 -36.33 -77.81
N ASN I 188 56.22 -37.49 -77.63
CA ASN I 188 57.31 -37.96 -78.48
C ASN I 188 56.77 -39.09 -79.34
N ALA I 189 56.87 -38.93 -80.66
CA ALA I 189 56.35 -39.95 -81.56
C ALA I 189 57.35 -41.09 -81.72
N GLU I 190 58.64 -40.78 -81.63
CA GLU I 190 59.67 -41.78 -81.91
C GLU I 190 59.73 -42.83 -80.83
N VAL I 191 59.51 -42.43 -79.56
CA VAL I 191 59.51 -43.38 -78.47
C VAL I 191 58.32 -44.32 -78.57
N HIS I 192 57.16 -43.78 -78.94
CA HIS I 192 55.97 -44.61 -79.09
C HIS I 192 56.10 -45.52 -80.31
N ARG I 193 56.80 -45.06 -81.34
CA ARG I 193 57.05 -45.90 -82.52
C ARG I 193 57.96 -47.07 -82.16
N LYS I 194 59.02 -46.78 -81.39
CA LYS I 194 59.90 -47.82 -80.87
C LYS I 194 59.14 -48.81 -79.99
N HIS I 195 58.19 -48.30 -79.22
CA HIS I 195 57.45 -49.16 -78.31
C HIS I 195 56.46 -50.04 -79.07
N ILE I 196 55.92 -49.52 -80.18
CA ILE I 196 55.06 -50.34 -81.04
C ILE I 196 55.87 -51.44 -81.72
N MET I 197 57.01 -51.07 -82.30
CA MET I 197 57.82 -52.06 -83.00
C MET I 197 58.50 -53.03 -82.03
N GLY I 198 58.47 -52.71 -80.74
CA GLY I 198 58.81 -53.70 -79.74
C GLY I 198 60.27 -53.77 -79.40
N GLN I 199 60.96 -52.63 -79.37
CA GLN I 199 62.37 -52.66 -79.03
C GLN I 199 62.56 -52.59 -77.52
N ASN I 200 61.45 -52.49 -76.77
CA ASN I 200 61.53 -52.62 -75.32
C ASN I 200 61.98 -54.02 -74.91
N VAL I 201 61.39 -55.06 -75.50
CA VAL I 201 61.81 -56.42 -75.17
C VAL I 201 63.15 -56.72 -75.82
N ALA I 202 63.49 -56.00 -76.89
CA ALA I 202 64.82 -56.12 -77.48
C ALA I 202 65.89 -55.61 -76.52
N ASP I 203 65.66 -54.43 -75.95
CA ASP I 203 66.57 -53.88 -74.97
C ASP I 203 66.61 -54.73 -73.72
N TYR I 204 65.49 -55.33 -73.35
CA TYR I 204 65.48 -56.13 -72.13
C TYR I 204 66.11 -57.49 -72.36
N MET I 205 66.05 -58.02 -73.58
CA MET I 205 66.80 -59.23 -73.88
C MET I 205 68.30 -58.96 -73.91
N ARG I 206 68.72 -57.83 -74.49
CA ARG I 206 70.15 -57.48 -74.45
C ARG I 206 70.60 -57.23 -73.02
N TYR I 207 69.74 -56.64 -72.21
CA TYR I 207 70.05 -56.39 -70.81
C TYR I 207 70.19 -57.69 -70.03
N LEU I 208 69.33 -58.68 -70.30
CA LEU I 208 69.46 -59.95 -69.62
C LEU I 208 70.67 -60.74 -70.12
N MET I 209 70.97 -60.66 -71.42
CA MET I 209 72.11 -61.38 -71.96
C MET I 209 73.43 -60.76 -71.53
N GLU I 210 73.41 -59.48 -71.15
CA GLU I 210 74.59 -58.92 -70.51
C GLU I 210 74.67 -59.26 -69.03
N GLU I 211 73.56 -59.07 -68.30
CA GLU I 211 73.62 -59.18 -66.85
C GLU I 211 73.62 -60.64 -66.40
N ASP I 212 72.57 -61.39 -66.70
CA ASP I 212 72.43 -62.71 -66.12
C ASP I 212 71.76 -63.65 -67.11
N GLU I 213 72.48 -64.70 -67.47
CA GLU I 213 71.93 -65.76 -68.32
C GLU I 213 71.03 -66.72 -67.56
N ASP I 214 71.07 -66.71 -66.23
CA ASP I 214 70.14 -67.52 -65.45
C ASP I 214 68.70 -67.05 -65.63
N ALA I 215 68.48 -65.73 -65.57
CA ALA I 215 67.13 -65.21 -65.83
C ALA I 215 66.76 -65.35 -67.30
N TYR I 216 67.75 -65.25 -68.18
CA TYR I 216 67.49 -65.36 -69.62
C TYR I 216 67.12 -66.79 -70.00
N LYS I 217 67.53 -67.76 -69.19
CA LYS I 217 67.04 -69.11 -69.38
C LYS I 217 65.82 -69.38 -68.49
N LYS I 218 65.57 -68.50 -67.52
CA LYS I 218 64.37 -68.65 -66.70
C LYS I 218 63.13 -68.24 -67.47
N GLN I 219 63.02 -66.97 -67.82
CA GLN I 219 61.98 -66.54 -68.73
C GLN I 219 62.57 -66.57 -70.14
N PHE I 220 61.73 -66.23 -71.12
CA PHE I 220 62.02 -66.20 -72.55
C PHE I 220 62.36 -67.58 -73.09
N SER I 221 61.95 -68.62 -72.39
CA SER I 221 62.26 -69.97 -72.79
C SER I 221 61.49 -70.35 -74.04
N GLN I 222 60.25 -69.89 -74.17
CA GLN I 222 59.48 -70.17 -75.38
C GLN I 222 60.05 -69.40 -76.57
N TYR I 223 60.58 -68.20 -76.31
CA TYR I 223 61.30 -67.44 -77.31
C TYR I 223 62.50 -68.21 -77.86
N ILE I 224 63.35 -68.72 -76.98
CA ILE I 224 64.53 -69.42 -77.48
C ILE I 224 64.19 -70.82 -77.95
N LYS I 225 63.03 -71.34 -77.53
CA LYS I 225 62.66 -72.70 -77.94
C LYS I 225 61.82 -72.69 -79.21
N ASN I 226 61.54 -71.53 -79.77
CA ASN I 226 61.39 -71.55 -81.22
C ASN I 226 62.44 -70.72 -81.96
N SER I 227 62.44 -69.38 -81.84
CA SER I 227 63.55 -68.45 -82.12
C SER I 227 63.08 -67.04 -81.82
N VAL I 228 63.91 -66.25 -81.13
CA VAL I 228 63.73 -64.80 -81.00
C VAL I 228 65.10 -64.17 -80.89
N THR I 229 65.39 -63.22 -81.76
CA THR I 229 66.54 -62.32 -81.66
C THR I 229 66.06 -60.94 -82.10
N PRO I 230 66.57 -59.87 -81.46
CA PRO I 230 65.94 -58.55 -81.56
C PRO I 230 65.82 -57.96 -82.96
N ASP I 231 66.85 -58.10 -83.79
CA ASP I 231 66.75 -57.70 -85.18
C ASP I 231 65.65 -58.47 -85.91
N MET I 232 65.49 -59.76 -85.61
CA MET I 232 64.42 -60.52 -86.21
C MET I 232 63.06 -60.09 -85.70
N MET I 233 62.98 -59.59 -84.46
CA MET I 233 61.69 -59.03 -84.01
C MET I 233 61.35 -57.75 -84.75
N GLU I 234 62.35 -56.86 -84.88
CA GLU I 234 62.12 -55.56 -85.48
C GLU I 234 61.84 -55.66 -86.97
N GLU I 235 62.31 -56.74 -87.60
CA GLU I 235 61.90 -56.96 -88.98
C GLU I 235 60.70 -57.90 -89.06
N MET I 236 60.44 -58.64 -87.98
CA MET I 236 59.37 -59.63 -87.96
C MET I 236 58.01 -58.97 -87.94
N TYR I 237 57.84 -57.98 -87.06
CA TYR I 237 56.56 -57.28 -87.04
C TYR I 237 56.39 -56.44 -88.30
N LYS I 238 57.49 -55.95 -88.87
CA LYS I 238 57.46 -55.25 -90.16
C LYS I 238 56.94 -56.17 -91.27
N LYS I 239 57.35 -57.44 -91.24
CA LYS I 239 56.77 -58.42 -92.16
C LYS I 239 55.31 -58.70 -91.81
N ALA I 240 54.99 -58.72 -90.52
CA ALA I 240 53.70 -59.21 -90.07
C ALA I 240 52.59 -58.23 -90.39
N HIS I 241 52.87 -56.92 -90.33
CA HIS I 241 51.84 -55.94 -90.66
C HIS I 241 51.46 -56.01 -92.13
N ALA I 242 52.44 -56.21 -93.01
CA ALA I 242 52.14 -56.38 -94.42
C ALA I 242 51.45 -57.72 -94.68
N ALA I 243 51.82 -58.76 -93.92
CA ALA I 243 51.18 -60.06 -94.07
C ALA I 243 49.71 -60.01 -93.65
N ILE I 244 49.39 -59.17 -92.67
CA ILE I 244 47.99 -58.97 -92.30
C ILE I 244 47.28 -58.12 -93.35
N ARG I 245 47.92 -57.04 -93.80
CA ARG I 245 47.24 -56.12 -94.70
C ARG I 245 47.12 -56.68 -96.12
N GLU I 246 47.74 -57.83 -96.39
CA GLU I 246 47.48 -58.47 -97.68
C GLU I 246 46.39 -59.54 -97.59
N ASN I 247 46.17 -60.15 -96.43
CA ASN I 247 45.25 -61.29 -96.32
C ASN I 247 44.61 -61.37 -94.94
N PRO I 248 43.60 -60.55 -94.66
CA PRO I 248 42.95 -60.60 -93.34
C PRO I 248 41.69 -61.47 -93.28
N VAL I 249 41.48 -62.36 -94.26
CA VAL I 249 40.13 -62.79 -94.60
C VAL I 249 39.53 -63.73 -93.56
N TYR I 250 40.38 -64.29 -92.72
CA TYR I 250 39.98 -65.22 -91.67
C TYR I 250 39.21 -66.42 -92.20
N GLU I 251 39.87 -67.57 -92.26
CA GLU I 251 39.24 -68.80 -92.75
C GLU I 251 38.67 -69.57 -91.57
N LYS I 252 37.35 -69.54 -91.43
CA LYS I 252 36.66 -70.23 -90.34
C LYS I 252 36.97 -71.73 -90.31
N LYS I 253 37.11 -72.27 -89.11
CA LYS I 253 37.41 -73.70 -88.95
C LYS I 253 36.19 -74.57 -89.23
N PRO I 254 36.42 -75.87 -89.44
CA PRO I 254 35.38 -76.85 -89.75
C PRO I 254 34.59 -77.35 -88.54
N LYS I 255 34.96 -76.89 -87.34
CA LYS I 255 34.29 -77.29 -86.10
C LYS I 255 34.14 -78.81 -86.00
N LYS I 256 33.00 -79.31 -86.49
CA LYS I 256 32.64 -80.74 -86.52
C LYS I 256 32.40 -81.48 -85.18
N GLU I 257 31.73 -82.63 -85.28
CA GLU I 257 31.46 -83.44 -84.10
C GLU I 257 32.71 -84.25 -83.78
N VAL I 258 32.75 -85.50 -84.25
CA VAL I 258 33.90 -86.34 -83.98
C VAL I 258 34.25 -86.20 -82.51
N LYS I 259 33.35 -86.61 -81.64
CA LYS I 259 33.56 -86.51 -80.20
C LYS I 259 32.67 -87.47 -79.42
N LYS I 260 33.04 -87.73 -78.16
CA LYS I 260 32.29 -88.62 -77.30
C LYS I 260 31.68 -87.84 -76.14
N LYS I 261 30.36 -87.78 -76.11
CA LYS I 261 29.64 -87.07 -75.06
C LYS I 261 29.77 -87.77 -73.70
N ARG I 262 29.69 -86.99 -72.63
CA ARG I 262 29.79 -87.54 -71.29
C ARG I 262 30.90 -86.83 -70.49
N TRP I 263 30.55 -85.76 -69.78
CA TRP I 263 31.54 -85.23 -68.86
C TRP I 263 30.98 -84.89 -67.48
N ASN I 264 29.71 -84.53 -67.40
CA ASN I 264 29.24 -83.81 -66.22
C ASN I 264 27.97 -84.44 -65.68
N ARG I 265 27.88 -84.49 -64.35
CA ARG I 265 26.78 -85.21 -63.70
C ARG I 265 25.47 -84.44 -63.86
N PRO I 266 24.40 -85.10 -64.30
CA PRO I 266 23.12 -84.41 -64.44
C PRO I 266 22.40 -84.30 -63.12
N LYS I 267 21.22 -83.70 -63.18
CA LYS I 267 20.42 -83.50 -61.98
C LYS I 267 19.69 -84.77 -61.60
N MET I 268 19.90 -85.24 -60.38
CA MET I 268 19.19 -86.43 -59.92
C MET I 268 17.75 -86.07 -59.58
N SER I 269 16.87 -87.03 -59.78
CA SER I 269 15.44 -86.77 -59.78
C SER I 269 14.85 -86.74 -58.38
N LEU I 270 13.55 -86.43 -58.34
CA LEU I 270 12.83 -86.27 -57.08
C LEU I 270 12.77 -87.57 -56.29
N ALA I 271 12.40 -88.66 -56.96
CA ALA I 271 12.27 -89.95 -56.26
C ALA I 271 13.62 -90.45 -55.77
N GLN I 272 14.67 -90.19 -56.55
CA GLN I 272 16.01 -90.64 -56.17
C GLN I 272 16.52 -89.85 -54.97
N LYS I 273 16.25 -88.55 -54.96
CA LYS I 273 16.58 -87.72 -53.80
C LYS I 273 15.82 -88.16 -52.54
N LYS I 274 14.53 -88.45 -52.70
CA LYS I 274 13.72 -88.84 -51.55
C LYS I 274 14.13 -90.22 -51.04
N ASP I 275 14.63 -91.08 -51.94
CA ASP I 275 15.08 -92.39 -51.48
C ASP I 275 16.46 -92.32 -50.85
N ARG I 276 17.28 -91.34 -51.25
CA ARG I 276 18.48 -91.03 -50.47
C ARG I 276 18.11 -90.64 -49.05
N VAL I 277 17.07 -89.82 -48.90
CA VAL I 277 16.57 -89.45 -47.58
C VAL I 277 16.10 -90.69 -46.81
N ALA I 278 15.41 -91.59 -47.50
CA ALA I 278 14.88 -92.79 -46.83
C ALA I 278 15.99 -93.73 -46.38
N GLN I 279 17.06 -93.86 -47.17
CA GLN I 279 18.18 -94.66 -46.76
C GLN I 279 18.93 -94.02 -45.58
N LYS I 280 19.03 -92.69 -45.59
CA LYS I 280 19.64 -91.99 -44.45
C LYS I 280 18.81 -92.15 -43.19
N LYS I 281 17.49 -92.30 -43.33
CA LYS I 281 16.66 -92.65 -42.18
C LYS I 281 16.97 -94.05 -41.68
N ALA I 282 16.89 -95.03 -42.58
CA ALA I 282 16.93 -96.44 -42.20
C ALA I 282 18.28 -96.86 -41.64
N SER I 283 19.37 -96.30 -42.18
CA SER I 283 20.69 -96.70 -41.69
C SER I 283 20.93 -96.19 -40.27
N PHE I 284 20.48 -94.97 -39.98
CA PHE I 284 20.64 -94.42 -38.64
C PHE I 284 19.74 -95.14 -37.64
N LEU I 285 18.55 -95.57 -38.08
CA LEU I 285 17.71 -96.37 -37.20
C LEU I 285 18.32 -97.73 -36.91
N ARG I 286 18.95 -98.34 -37.93
CA ARG I 286 19.64 -99.61 -37.74
C ARG I 286 20.81 -99.47 -36.77
N ALA I 287 21.53 -98.34 -36.87
CA ALA I 287 22.63 -98.06 -35.95
C ALA I 287 22.15 -97.87 -34.53
N GLN I 288 21.06 -97.10 -34.36
CA GLN I 288 20.43 -96.86 -33.07
C GLN I 288 19.98 -98.16 -32.42
N GLU I 289 19.47 -99.09 -33.22
CA GLU I 289 19.10 -100.40 -32.68
C GLU I 289 20.33 -101.21 -32.29
N ARG I 290 21.30 -101.32 -33.21
CA ARG I 290 22.35 -102.31 -33.06
C ARG I 290 23.42 -101.89 -32.07
N ALA I 291 24.01 -100.70 -32.26
CA ALA I 291 25.21 -100.34 -31.51
C ALA I 291 24.88 -99.97 -30.07
N ALA I 292 23.63 -99.58 -29.81
CA ALA I 292 23.21 -99.34 -28.43
C ALA I 292 23.06 -100.64 -27.68
N GLU I 293 22.72 -101.71 -28.38
CA GLU I 293 22.64 -103.03 -27.74
C GLU I 293 24.02 -103.64 -27.58
N SER I 294 24.84 -103.57 -28.62
CA SER I 294 26.18 -104.14 -28.58
C SER I 294 27.22 -103.13 -28.12
N PRO J 1 -87.27 -34.54 -121.28
CA PRO J 1 -88.42 -34.89 -122.11
C PRO J 1 -88.53 -34.10 -123.42
N VAL J 2 -89.73 -34.06 -123.99
CA VAL J 2 -90.04 -33.30 -125.20
C VAL J 2 -91.37 -32.59 -124.99
N GLY J 3 -91.42 -31.29 -125.25
CA GLY J 3 -92.67 -30.56 -125.04
C GLY J 3 -93.09 -29.83 -126.30
N GLY J 4 -94.25 -30.25 -126.83
CA GLY J 4 -94.86 -29.55 -127.94
C GLY J 4 -95.60 -28.32 -127.46
N ASP J 5 -95.91 -27.43 -128.41
CA ASP J 5 -96.54 -26.16 -128.09
C ASP J 5 -97.38 -25.68 -129.27
N LYS J 6 -97.78 -24.39 -129.20
CA LYS J 6 -98.72 -23.86 -130.18
C LYS J 6 -98.01 -23.08 -131.29
N ASN J 7 -97.25 -22.06 -130.94
CA ASN J 7 -96.65 -21.20 -131.95
C ASN J 7 -95.28 -20.76 -131.47
N GLY J 8 -94.42 -20.45 -132.43
CA GLY J 8 -93.01 -20.24 -132.14
C GLY J 8 -92.18 -21.49 -132.27
N GLY J 9 -92.78 -22.62 -132.65
CA GLY J 9 -92.09 -23.88 -132.78
C GLY J 9 -92.43 -24.82 -131.64
N THR J 10 -91.56 -25.80 -131.41
CA THR J 10 -91.73 -26.72 -130.28
C THR J 10 -90.57 -26.48 -129.33
N ARG J 11 -90.89 -25.97 -128.14
CA ARG J 11 -89.86 -25.50 -127.23
C ARG J 11 -89.19 -26.67 -126.52
N VAL J 12 -87.90 -26.50 -126.21
CA VAL J 12 -87.18 -27.54 -125.50
C VAL J 12 -87.54 -27.48 -124.02
N VAL J 13 -87.43 -28.63 -123.38
CA VAL J 13 -87.78 -28.80 -121.97
C VAL J 13 -86.63 -28.37 -121.08
N LYS J 14 -86.89 -28.32 -119.78
CA LYS J 14 -85.83 -28.40 -118.78
C LYS J 14 -86.38 -29.06 -117.53
N LEU J 15 -85.59 -29.95 -116.91
CA LEU J 15 -86.01 -30.60 -115.69
C LEU J 15 -84.90 -30.51 -114.65
N ARG J 16 -85.27 -30.57 -113.37
CA ARG J 16 -84.40 -30.32 -112.22
C ARG J 16 -83.73 -28.96 -112.39
N LYS J 17 -84.53 -27.90 -112.35
CA LYS J 17 -84.08 -26.57 -112.72
C LYS J 17 -83.12 -25.98 -111.69
N MET J 18 -82.48 -24.86 -112.04
CA MET J 18 -81.43 -24.33 -111.20
C MET J 18 -82.02 -23.62 -109.97
N PRO J 19 -81.50 -23.91 -108.78
CA PRO J 19 -82.10 -23.35 -107.55
C PRO J 19 -81.82 -21.87 -107.40
N ARG J 20 -82.73 -21.18 -106.71
CA ARG J 20 -82.77 -19.72 -106.77
C ARG J 20 -81.99 -19.08 -105.63
N TYR J 21 -82.45 -19.29 -104.40
CA TYR J 21 -81.83 -18.65 -103.25
C TYR J 21 -80.82 -19.60 -102.63
N TYR J 22 -79.58 -19.12 -102.56
CA TYR J 22 -78.55 -19.87 -101.87
C TYR J 22 -78.36 -19.32 -100.47
N PRO J 23 -78.13 -20.19 -99.50
CA PRO J 23 -77.66 -19.71 -98.19
C PRO J 23 -76.25 -19.20 -98.32
N THR J 24 -75.97 -18.11 -97.61
CA THR J 24 -74.76 -17.33 -97.82
C THR J 24 -73.62 -17.84 -96.94
N GLU J 25 -73.81 -19.04 -96.39
CA GLU J 25 -72.74 -19.81 -95.77
C GLU J 25 -73.18 -21.27 -95.78
N ASP J 26 -72.26 -22.20 -96.04
CA ASP J 26 -72.72 -23.55 -96.29
C ASP J 26 -71.90 -24.52 -95.46
N VAL J 27 -72.53 -25.64 -95.11
CA VAL J 27 -71.95 -26.66 -94.24
C VAL J 27 -71.16 -27.63 -95.10
N PRO J 28 -70.10 -28.23 -94.58
CA PRO J 28 -69.35 -29.19 -95.39
C PRO J 28 -69.93 -30.59 -95.34
N ARG J 29 -69.67 -31.36 -96.40
CA ARG J 29 -70.05 -32.76 -96.51
C ARG J 29 -69.42 -33.59 -95.40
N LYS J 30 -70.12 -34.61 -94.91
CA LYS J 30 -69.54 -35.52 -93.91
C LYS J 30 -68.59 -36.48 -94.62
N LEU J 31 -67.86 -37.24 -93.81
CA LEU J 31 -66.83 -38.14 -94.30
C LEU J 31 -67.31 -39.59 -94.34
N LEU J 32 -68.50 -39.84 -93.80
CA LEU J 32 -69.34 -41.04 -93.80
C LEU J 32 -68.81 -42.19 -92.96
N SER J 33 -67.51 -42.30 -92.82
CA SER J 33 -66.73 -43.09 -91.86
C SER J 33 -67.01 -44.60 -91.81
N HIS J 34 -68.24 -45.01 -92.07
CA HIS J 34 -68.60 -46.43 -92.05
C HIS J 34 -69.98 -46.67 -92.62
N GLY J 35 -71.00 -46.14 -91.94
CA GLY J 35 -72.36 -46.30 -92.41
C GLY J 35 -73.40 -46.66 -91.35
N LYS J 36 -73.00 -47.45 -90.36
CA LYS J 36 -73.89 -47.90 -89.29
C LYS J 36 -75.20 -48.50 -89.82
N LYS J 37 -76.31 -48.15 -89.18
CA LYS J 37 -77.62 -48.65 -89.59
C LYS J 37 -78.77 -47.79 -89.07
N PRO J 38 -79.71 -47.46 -89.95
CA PRO J 38 -80.87 -46.65 -89.60
C PRO J 38 -81.84 -47.44 -88.73
N PHE J 39 -81.71 -47.32 -87.42
CA PHE J 39 -82.57 -48.07 -86.50
C PHE J 39 -83.50 -48.99 -87.26
N SER J 40 -83.82 -48.67 -88.49
CA SER J 40 -84.73 -49.50 -89.27
C SER J 40 -84.22 -50.92 -89.41
N GLN J 41 -82.91 -51.05 -89.58
CA GLN J 41 -82.30 -52.36 -89.74
C GLN J 41 -81.95 -53.00 -88.40
N HIS J 42 -80.73 -52.78 -87.94
CA HIS J 42 -80.24 -53.32 -86.67
C HIS J 42 -80.42 -54.83 -86.53
N VAL J 43 -80.72 -55.27 -85.31
CA VAL J 43 -80.92 -56.70 -85.03
C VAL J 43 -81.71 -56.87 -83.74
N ARG J 44 -82.80 -57.64 -83.83
CA ARG J 44 -83.67 -57.87 -82.68
C ARG J 44 -83.19 -58.91 -81.67
N LYS J 45 -82.38 -58.47 -80.71
CA LYS J 45 -81.88 -59.33 -79.66
C LYS J 45 -82.96 -59.59 -78.62
N LEU J 46 -82.83 -60.71 -77.92
CA LEU J 46 -83.72 -61.09 -76.82
C LEU J 46 -82.92 -61.29 -75.55
N ARG J 47 -83.64 -61.41 -74.44
CA ARG J 47 -83.07 -62.10 -73.30
C ARG J 47 -83.45 -63.57 -73.37
N ALA J 48 -82.77 -64.38 -72.57
CA ALA J 48 -82.99 -65.81 -72.64
C ALA J 48 -84.24 -66.24 -71.90
N SER J 49 -84.45 -65.73 -70.70
CA SER J 49 -85.52 -66.21 -69.81
C SER J 49 -86.91 -65.80 -70.28
N ILE J 50 -87.03 -64.87 -71.22
CA ILE J 50 -88.35 -64.48 -71.71
C ILE J 50 -88.79 -65.41 -72.85
N THR J 51 -89.27 -66.58 -72.48
CA THR J 51 -89.89 -67.46 -73.44
C THR J 51 -91.27 -66.94 -73.79
N PRO J 52 -91.82 -67.32 -74.95
CA PRO J 52 -93.25 -67.09 -75.17
C PRO J 52 -94.09 -67.89 -74.17
N GLY J 53 -95.05 -67.22 -73.55
CA GLY J 53 -95.81 -67.82 -72.48
C GLY J 53 -95.31 -67.49 -71.09
N THR J 54 -94.69 -66.34 -70.91
CA THR J 54 -94.08 -66.00 -69.63
C THR J 54 -94.88 -64.89 -68.95
N ILE J 55 -95.03 -65.01 -67.65
CA ILE J 55 -95.63 -63.95 -66.85
C ILE J 55 -94.56 -62.93 -66.52
N LEU J 56 -94.72 -61.72 -67.02
CA LEU J 56 -93.78 -60.64 -66.76
C LEU J 56 -94.34 -59.74 -65.67
N ILE J 57 -93.47 -58.92 -65.10
CA ILE J 57 -93.86 -57.92 -64.10
C ILE J 57 -93.57 -56.55 -64.68
N ILE J 58 -94.62 -55.77 -64.91
CA ILE J 58 -94.45 -54.42 -65.46
C ILE J 58 -93.88 -53.55 -64.35
N LEU J 59 -92.63 -53.14 -64.51
CA LEU J 59 -91.95 -52.42 -63.43
C LEU J 59 -92.37 -50.97 -63.37
N THR J 60 -92.10 -50.20 -64.42
CA THR J 60 -92.26 -48.76 -64.37
C THR J 60 -93.03 -48.18 -65.55
N GLY J 61 -94.18 -48.75 -65.88
CA GLY J 61 -95.10 -48.06 -66.75
C GLY J 61 -96.05 -47.20 -65.94
N ARG J 62 -97.21 -46.96 -66.52
CA ARG J 62 -98.28 -46.33 -65.75
C ARG J 62 -99.04 -47.40 -64.96
N HIS J 63 -98.89 -48.65 -65.35
CA HIS J 63 -99.52 -49.74 -64.60
C HIS J 63 -98.62 -50.22 -63.46
N ARG J 64 -97.30 -50.26 -63.70
CA ARG J 64 -96.20 -50.36 -62.74
C ARG J 64 -96.38 -51.31 -61.55
N GLY J 65 -96.39 -52.61 -61.83
CA GLY J 65 -96.48 -53.56 -60.75
C GLY J 65 -97.38 -54.73 -61.01
N LYS J 66 -97.93 -54.85 -62.20
CA LYS J 66 -98.88 -55.90 -62.52
C LYS J 66 -98.19 -57.05 -63.23
N ARG J 67 -98.70 -58.25 -62.99
CA ARG J 67 -98.17 -59.47 -63.59
C ARG J 67 -98.97 -59.78 -64.84
N VAL J 68 -98.34 -59.64 -66.00
CA VAL J 68 -99.03 -59.53 -67.28
C VAL J 68 -98.46 -60.58 -68.22
N VAL J 69 -99.32 -61.20 -69.05
CA VAL J 69 -98.87 -62.34 -69.85
C VAL J 69 -98.14 -61.84 -71.08
N PHE J 70 -97.08 -62.53 -71.48
CA PHE J 70 -96.30 -62.19 -72.66
C PHE J 70 -96.81 -62.98 -73.87
N LEU J 71 -96.81 -62.35 -75.05
CA LEU J 71 -97.16 -63.12 -76.24
C LEU J 71 -96.00 -63.31 -77.20
N LYS J 72 -95.40 -62.23 -77.71
CA LYS J 72 -94.46 -62.38 -78.81
C LYS J 72 -93.54 -61.19 -78.88
N GLN J 73 -92.44 -61.37 -79.60
CA GLN J 73 -91.48 -60.32 -79.88
C GLN J 73 -91.83 -59.66 -81.20
N LEU J 74 -92.22 -58.38 -81.16
CA LEU J 74 -92.49 -57.67 -82.39
C LEU J 74 -91.20 -57.33 -83.12
N ALA J 75 -91.35 -56.82 -84.33
CA ALA J 75 -90.20 -56.53 -85.17
C ALA J 75 -89.45 -55.29 -84.69
N SER J 76 -90.16 -54.40 -83.97
CA SER J 76 -89.53 -53.17 -83.52
C SER J 76 -88.80 -53.34 -82.19
N GLY J 77 -88.61 -54.57 -81.74
CA GLY J 77 -87.88 -54.81 -80.52
C GLY J 77 -88.68 -54.64 -79.25
N LEU J 78 -89.97 -54.37 -79.35
CA LEU J 78 -90.80 -54.15 -78.19
C LEU J 78 -91.66 -55.39 -77.95
N LEU J 79 -91.79 -55.78 -76.70
CA LEU J 79 -92.57 -56.96 -76.36
C LEU J 79 -94.05 -56.64 -76.40
N LEU J 80 -94.84 -57.59 -76.93
CA LEU J 80 -96.29 -57.46 -76.95
C LEU J 80 -96.85 -58.24 -75.76
N VAL J 81 -97.29 -57.50 -74.75
CA VAL J 81 -97.55 -58.05 -73.43
C VAL J 81 -99.02 -57.83 -73.12
N THR J 82 -99.82 -58.87 -73.31
CA THR J 82 -101.27 -58.80 -73.16
C THR J 82 -101.65 -59.02 -71.72
N GLY J 83 -102.44 -58.10 -71.17
CA GLY J 83 -103.18 -58.39 -69.99
C GLY J 83 -104.53 -58.94 -70.38
N PRO J 84 -104.93 -60.04 -69.75
CA PRO J 84 -106.34 -60.39 -69.76
C PRO J 84 -107.15 -59.28 -69.12
N LEU J 85 -107.94 -58.57 -69.94
CA LEU J 85 -108.61 -57.37 -69.49
C LEU J 85 -109.75 -57.69 -68.53
N VAL J 86 -110.21 -58.93 -68.56
CA VAL J 86 -111.11 -59.38 -67.50
C VAL J 86 -110.37 -59.47 -66.18
N LEU J 87 -109.13 -59.97 -66.20
CA LEU J 87 -108.39 -60.16 -64.95
C LEU J 87 -107.75 -58.86 -64.47
N ASN J 88 -107.15 -58.09 -65.37
CA ASN J 88 -106.46 -56.87 -64.98
C ASN J 88 -106.98 -55.70 -65.79
N ARG J 89 -106.46 -54.51 -65.50
CA ARG J 89 -106.80 -53.35 -66.30
C ARG J 89 -106.00 -53.33 -67.60
N VAL J 90 -105.09 -54.28 -67.77
CA VAL J 90 -104.07 -54.17 -68.82
C VAL J 90 -104.66 -54.59 -70.16
N PRO J 91 -104.58 -53.75 -71.16
CA PRO J 91 -104.95 -54.12 -72.53
C PRO J 91 -103.86 -54.91 -73.23
N LEU J 92 -103.89 -54.88 -74.56
CA LEU J 92 -102.81 -55.37 -75.41
C LEU J 92 -101.67 -54.35 -75.56
N ARG J 93 -101.48 -53.52 -74.54
CA ARG J 93 -100.33 -52.65 -74.29
C ARG J 93 -99.00 -53.30 -74.66
N ARG J 94 -98.15 -52.54 -75.33
CA ARG J 94 -96.85 -53.00 -75.78
C ARG J 94 -95.78 -52.38 -74.90
N THR J 95 -94.90 -53.19 -74.32
CA THR J 95 -93.92 -52.68 -73.35
C THR J 95 -92.50 -53.03 -73.77
N HIS J 96 -91.53 -52.32 -73.20
CA HIS J 96 -90.14 -52.46 -73.63
C HIS J 96 -89.50 -53.68 -72.98
N GLN J 97 -88.45 -54.18 -73.62
CA GLN J 97 -87.78 -55.40 -73.17
C GLN J 97 -87.08 -55.20 -71.84
N LYS J 98 -86.40 -54.08 -71.66
CA LYS J 98 -85.46 -53.95 -70.55
C LYS J 98 -86.13 -53.38 -69.30
N PHE J 99 -87.43 -53.13 -69.32
CA PHE J 99 -88.13 -52.62 -68.16
C PHE J 99 -89.00 -53.68 -67.49
N VAL J 100 -88.79 -54.96 -67.80
CA VAL J 100 -89.60 -56.02 -67.20
C VAL J 100 -88.70 -57.11 -66.62
N ILE J 101 -89.21 -57.77 -65.59
CA ILE J 101 -88.54 -58.88 -64.93
C ILE J 101 -89.25 -60.17 -65.32
N ALA J 102 -88.50 -61.12 -65.86
CA ALA J 102 -89.08 -62.38 -66.27
C ALA J 102 -89.23 -63.32 -65.08
N THR J 103 -90.29 -64.11 -65.09
CA THR J 103 -90.56 -65.08 -64.04
C THR J 103 -90.45 -66.48 -64.64
N SER J 104 -90.12 -67.47 -63.81
CA SER J 104 -90.01 -68.83 -64.30
C SER J 104 -91.37 -69.46 -64.55
N THR J 105 -92.44 -68.83 -64.08
CA THR J 105 -93.79 -69.33 -64.30
C THR J 105 -94.17 -69.23 -65.77
N LYS J 106 -94.26 -70.37 -66.43
CA LYS J 106 -94.43 -70.43 -67.88
C LYS J 106 -95.76 -71.11 -68.19
N ILE J 107 -96.61 -70.42 -68.94
CA ILE J 107 -97.90 -70.95 -69.36
C ILE J 107 -97.71 -71.49 -70.78
N ASP J 108 -98.52 -72.48 -71.16
CA ASP J 108 -98.41 -73.05 -72.49
C ASP J 108 -99.02 -72.09 -73.52
N ILE J 109 -98.27 -71.84 -74.59
CA ILE J 109 -98.64 -70.84 -75.58
C ILE J 109 -98.44 -71.33 -77.01
N SER J 110 -97.83 -72.50 -77.20
CA SER J 110 -97.29 -72.97 -78.48
C SER J 110 -98.26 -73.02 -79.64
N ASN J 111 -99.57 -73.02 -79.36
CA ASN J 111 -100.57 -73.22 -80.40
C ASN J 111 -101.66 -72.18 -80.38
N VAL J 112 -101.39 -71.01 -79.81
CA VAL J 112 -102.37 -69.93 -79.74
C VAL J 112 -102.46 -69.22 -81.09
N LYS J 113 -103.35 -68.24 -81.17
CA LYS J 113 -103.53 -67.48 -82.40
C LYS J 113 -103.13 -66.03 -82.19
N ILE J 114 -102.81 -65.35 -83.30
CA ILE J 114 -102.41 -63.95 -83.25
C ILE J 114 -102.76 -63.25 -84.55
N PRO J 115 -103.49 -62.13 -84.45
CA PRO J 115 -103.93 -61.36 -85.61
C PRO J 115 -102.78 -60.98 -86.53
N LYS J 116 -102.92 -61.25 -87.83
CA LYS J 116 -101.89 -60.91 -88.80
C LYS J 116 -101.78 -59.40 -88.97
N HIS J 117 -102.84 -58.68 -88.64
CA HIS J 117 -102.93 -57.28 -89.04
C HIS J 117 -102.20 -56.35 -88.09
N LEU J 118 -102.11 -56.73 -86.81
CA LEU J 118 -101.54 -55.81 -85.83
C LEU J 118 -100.02 -55.80 -85.93
N THR J 119 -99.45 -54.61 -85.77
CA THR J 119 -98.02 -54.40 -85.90
C THR J 119 -97.68 -53.09 -85.22
N ASP J 120 -96.45 -52.61 -85.46
CA ASP J 120 -96.00 -51.36 -84.85
C ASP J 120 -96.79 -50.17 -85.38
N ALA J 121 -97.27 -50.26 -86.63
CA ALA J 121 -98.11 -49.20 -87.17
C ALA J 121 -99.48 -49.20 -86.52
N TYR J 122 -99.87 -50.32 -85.93
CA TYR J 122 -101.17 -50.40 -85.26
C TYR J 122 -101.09 -49.81 -83.86
N PHE J 123 -99.88 -49.62 -83.33
CA PHE J 123 -99.68 -49.08 -82.00
C PHE J 123 -98.77 -47.85 -82.10
N LYS J 124 -99.36 -46.68 -82.33
CA LYS J 124 -98.62 -45.44 -82.21
C LYS J 124 -99.61 -44.33 -81.88
N LYS J 125 -99.11 -43.32 -81.18
CA LYS J 125 -99.96 -42.23 -80.71
C LYS J 125 -100.04 -41.16 -81.78
N LYS J 126 -101.25 -40.63 -81.98
CA LYS J 126 -101.57 -39.79 -83.12
C LYS J 126 -102.26 -38.52 -82.65
N LYS J 127 -101.66 -37.37 -82.95
CA LYS J 127 -102.23 -36.08 -82.57
C LYS J 127 -102.37 -35.20 -83.79
N LEU J 128 -103.30 -34.26 -83.71
CA LEU J 128 -103.48 -33.24 -84.74
C LEU J 128 -104.10 -32.01 -84.10
N ARG J 129 -103.70 -30.83 -84.57
CA ARG J 129 -104.29 -29.57 -84.13
C ARG J 129 -104.74 -28.79 -85.36
N LYS J 130 -105.84 -28.05 -85.21
CA LYS J 130 -106.40 -27.31 -86.35
C LYS J 130 -105.71 -25.96 -86.60
N PRO J 131 -105.49 -25.07 -85.61
CA PRO J 131 -104.81 -23.82 -85.95
C PRO J 131 -103.30 -23.93 -85.81
N ARG J 132 -102.62 -22.83 -86.11
CA ARG J 132 -101.20 -22.73 -85.82
C ARG J 132 -100.94 -21.74 -84.70
N HIS J 133 -101.90 -20.86 -84.43
CA HIS J 133 -101.80 -19.86 -83.38
C HIS J 133 -102.13 -20.47 -82.02
N GLN J 134 -102.31 -19.60 -81.03
CA GLN J 134 -102.73 -20.01 -79.70
C GLN J 134 -104.22 -19.73 -79.51
N GLU J 135 -104.92 -20.66 -78.87
CA GLU J 135 -106.35 -20.58 -78.64
C GLU J 135 -106.72 -21.50 -77.49
N GLY J 136 -107.86 -21.23 -76.83
CA GLY J 136 -108.28 -21.86 -75.60
C GLY J 136 -108.37 -23.38 -75.53
N GLU J 137 -109.00 -24.03 -76.50
CA GLU J 137 -109.14 -25.48 -76.44
C GLU J 137 -107.81 -26.16 -76.75
N ILE J 138 -107.63 -27.36 -76.22
CA ILE J 138 -106.33 -28.01 -76.27
C ILE J 138 -106.24 -28.93 -77.49
N PHE J 139 -105.94 -28.32 -78.64
CA PHE J 139 -105.53 -28.96 -79.91
C PHE J 139 -106.67 -29.73 -80.59
N ASP J 140 -107.82 -29.85 -79.92
CA ASP J 140 -108.92 -30.78 -80.20
C ASP J 140 -108.40 -32.23 -80.27
N THR J 141 -107.31 -32.52 -79.57
CA THR J 141 -106.86 -33.89 -79.40
C THR J 141 -106.53 -34.17 -77.95
N GLU J 142 -106.06 -33.14 -77.21
CA GLU J 142 -105.62 -33.40 -75.85
C GLU J 142 -106.67 -32.95 -74.84
N LYS J 143 -107.83 -32.50 -75.32
CA LYS J 143 -108.94 -32.23 -74.42
C LYS J 143 -109.88 -33.44 -74.33
N GLU J 144 -110.13 -34.10 -75.46
CA GLU J 144 -110.91 -35.32 -75.49
C GLU J 144 -109.98 -36.49 -75.83
N LYS J 145 -109.96 -37.50 -74.97
CA LYS J 145 -109.08 -38.64 -75.16
C LYS J 145 -109.61 -39.54 -76.28
N TYR J 146 -108.78 -40.49 -76.69
CA TYR J 146 -109.03 -41.19 -77.94
C TYR J 146 -110.12 -42.25 -77.78
N GLU J 147 -110.80 -42.55 -78.89
CA GLU J 147 -111.87 -43.53 -78.92
C GLU J 147 -111.60 -44.69 -79.89
N ILE J 148 -110.35 -44.85 -80.34
CA ILE J 148 -110.01 -45.93 -81.28
C ILE J 148 -110.01 -47.29 -80.58
N THR J 149 -110.22 -47.30 -79.26
CA THR J 149 -110.64 -48.48 -78.51
C THR J 149 -111.85 -49.17 -79.14
N GLU J 150 -112.71 -48.41 -79.82
CA GLU J 150 -113.87 -49.01 -80.50
C GLU J 150 -113.44 -49.93 -81.65
N GLN J 151 -112.24 -49.72 -82.19
CA GLN J 151 -111.67 -50.71 -83.11
C GLN J 151 -111.03 -51.87 -82.35
N ARG J 152 -110.30 -51.56 -81.28
CA ARG J 152 -109.51 -52.60 -80.60
C ARG J 152 -110.39 -53.48 -79.72
N LYS J 153 -111.65 -53.09 -79.52
CA LYS J 153 -112.55 -53.84 -78.66
C LYS J 153 -112.83 -55.23 -79.22
N ILE J 154 -112.87 -55.35 -80.55
CA ILE J 154 -113.04 -56.65 -81.18
C ILE J 154 -111.75 -57.45 -81.07
N ASP J 155 -110.60 -56.78 -81.19
CA ASP J 155 -109.32 -57.49 -81.28
C ASP J 155 -108.87 -58.02 -79.93
N GLN J 156 -109.29 -57.36 -78.85
CA GLN J 156 -108.90 -57.83 -77.52
C GLN J 156 -109.60 -59.13 -77.16
N LYS J 157 -110.87 -59.27 -77.55
CA LYS J 157 -111.59 -60.52 -77.31
C LYS J 157 -111.01 -61.65 -78.12
N ALA J 158 -110.47 -61.34 -79.31
CA ALA J 158 -109.91 -62.37 -80.18
C ALA J 158 -108.62 -62.95 -79.61
N VAL J 159 -107.97 -62.21 -78.72
CA VAL J 159 -106.83 -62.77 -78.00
C VAL J 159 -107.28 -63.41 -76.70
N ASP J 160 -108.09 -62.70 -75.92
CA ASP J 160 -108.37 -63.12 -74.56
C ASP J 160 -109.28 -64.35 -74.52
N SER J 161 -110.08 -64.57 -75.56
CA SER J 161 -110.94 -65.76 -75.62
C SER J 161 -110.10 -67.02 -75.78
N GLN J 162 -108.87 -66.88 -76.28
CA GLN J 162 -108.00 -68.04 -76.40
C GLN J 162 -107.00 -68.08 -75.25
N ILE J 163 -106.75 -66.93 -74.61
CA ILE J 163 -105.76 -66.88 -73.54
C ILE J 163 -106.36 -67.33 -72.21
N LEU J 164 -107.57 -66.87 -71.88
CA LEU J 164 -108.20 -67.20 -70.60
C LEU J 164 -108.42 -68.69 -70.32
N PRO J 165 -108.82 -69.55 -71.29
CA PRO J 165 -108.88 -70.98 -70.95
C PRO J 165 -107.52 -71.62 -70.67
N LYS J 166 -106.44 -71.08 -71.24
CA LYS J 166 -105.11 -71.57 -70.89
C LYS J 166 -104.77 -71.20 -69.45
N ILE J 167 -105.16 -70.00 -69.01
CA ILE J 167 -104.89 -69.55 -67.66
C ILE J 167 -105.70 -70.34 -66.66
N LYS J 168 -106.95 -70.66 -67.02
CA LYS J 168 -107.93 -71.12 -66.05
C LYS J 168 -107.63 -72.54 -65.57
N ALA J 169 -106.80 -73.28 -66.33
CA ALA J 169 -106.46 -74.64 -65.94
C ALA J 169 -105.52 -74.66 -64.75
N ILE J 170 -104.53 -73.77 -64.73
CA ILE J 170 -103.54 -73.69 -63.65
C ILE J 170 -104.23 -73.19 -62.39
N PRO J 171 -104.09 -73.89 -61.26
CA PRO J 171 -105.10 -73.76 -60.18
C PRO J 171 -105.03 -72.47 -59.38
N GLN J 172 -104.07 -71.59 -59.60
CA GLN J 172 -104.01 -70.33 -58.87
C GLN J 172 -103.71 -69.13 -59.75
N LEU J 173 -103.67 -69.33 -61.07
CA LEU J 173 -102.97 -68.39 -61.93
C LEU J 173 -103.76 -67.11 -62.13
N GLN J 174 -105.10 -67.18 -62.09
CA GLN J 174 -105.88 -65.97 -62.34
C GLN J 174 -105.85 -65.04 -61.13
N GLY J 175 -105.85 -65.61 -59.92
CA GLY J 175 -105.61 -64.79 -58.75
C GLY J 175 -104.19 -64.27 -58.69
N TYR J 176 -103.25 -65.07 -59.20
CA TYR J 176 -101.86 -64.62 -59.27
C TYR J 176 -101.70 -63.46 -60.24
N LEU J 177 -102.46 -63.45 -61.33
CA LEU J 177 -102.40 -62.34 -62.26
C LEU J 177 -103.11 -61.12 -61.71
N ARG J 178 -104.15 -61.34 -60.91
CA ARG J 178 -104.83 -60.20 -60.29
C ARG J 178 -103.94 -59.54 -59.25
N SER J 179 -103.10 -60.34 -58.60
CA SER J 179 -102.15 -59.84 -57.61
C SER J 179 -101.14 -58.89 -58.25
N VAL J 180 -100.60 -57.99 -57.43
CA VAL J 180 -99.61 -57.03 -57.88
C VAL J 180 -98.35 -57.20 -57.04
N PHE J 181 -97.21 -56.81 -57.62
CA PHE J 181 -95.92 -57.08 -57.02
C PHE J 181 -95.49 -55.94 -56.12
N ALA J 182 -94.87 -56.29 -55.00
CA ALA J 182 -94.38 -55.31 -54.05
C ALA J 182 -93.34 -55.96 -53.14
N LEU J 183 -92.43 -55.14 -52.63
CA LEU J 183 -91.56 -55.58 -51.55
C LEU J 183 -92.21 -55.17 -50.24
N THR J 184 -91.95 -55.94 -49.18
CA THR J 184 -92.72 -55.61 -47.99
C THR J 184 -91.92 -55.09 -46.79
N ASN J 185 -91.00 -55.86 -46.20
CA ASN J 185 -90.11 -55.29 -45.20
C ASN J 185 -88.65 -55.60 -45.52
N GLY J 186 -88.30 -56.87 -45.67
CA GLY J 186 -86.94 -57.29 -45.84
C GLY J 186 -86.88 -58.40 -46.85
N ILE J 187 -87.93 -58.51 -47.65
CA ILE J 187 -87.93 -59.39 -48.82
C ILE J 187 -87.34 -58.57 -49.95
N TYR J 188 -86.02 -58.59 -50.05
CA TYR J 188 -85.26 -57.84 -51.03
C TYR J 188 -85.33 -58.57 -52.35
N PRO J 189 -84.80 -57.98 -53.42
CA PRO J 189 -84.31 -58.81 -54.53
C PRO J 189 -82.92 -59.35 -54.22
N HIS J 190 -82.28 -59.99 -55.20
CA HIS J 190 -80.93 -60.55 -55.20
C HIS J 190 -80.72 -61.70 -54.21
N LYS J 191 -81.72 -62.01 -53.39
CA LYS J 191 -81.78 -63.30 -52.73
C LYS J 191 -83.16 -63.92 -52.96
N LEU J 192 -84.11 -63.09 -53.34
CA LEU J 192 -85.31 -63.55 -54.00
C LEU J 192 -84.94 -64.19 -55.34
N VAL J 193 -85.70 -65.18 -55.75
CA VAL J 193 -85.53 -65.82 -57.05
C VAL J 193 -86.80 -65.60 -57.84
N PHE J 194 -86.71 -64.81 -58.90
CA PHE J 194 -87.84 -64.63 -59.79
C PHE J 194 -88.03 -65.87 -60.66
N PRO K 1 -65.48 -29.15 -131.16
CA PRO K 1 -64.38 -29.35 -132.08
C PRO K 1 -64.12 -30.83 -132.39
N GLU K 2 -63.72 -31.13 -133.62
CA GLU K 2 -63.37 -32.51 -133.96
C GLU K 2 -62.06 -32.90 -133.30
N THR K 3 -61.19 -31.92 -133.03
CA THR K 3 -60.00 -32.17 -132.24
C THR K 3 -60.38 -32.53 -130.81
N LEU K 4 -61.44 -31.92 -130.28
CA LEU K 4 -61.89 -32.29 -128.94
C LEU K 4 -62.63 -33.62 -128.95
N LYS K 5 -63.26 -33.99 -130.07
CA LYS K 5 -63.88 -35.31 -130.18
C LYS K 5 -62.82 -36.41 -130.22
N LYS K 6 -61.78 -36.19 -131.03
CA LYS K 6 -60.64 -37.10 -131.03
C LYS K 6 -59.91 -37.06 -129.69
N LYS K 7 -60.00 -35.93 -128.99
CA LYS K 7 -59.42 -35.87 -127.65
C LYS K 7 -60.22 -36.68 -126.64
N ARG K 8 -61.56 -36.72 -126.79
CA ARG K 8 -62.38 -37.64 -125.99
C ARG K 8 -62.00 -39.09 -126.27
N ARG K 9 -61.70 -39.41 -127.53
CA ARG K 9 -61.19 -40.74 -127.86
C ARG K 9 -59.81 -40.98 -127.24
N ASN K 10 -59.00 -39.93 -127.13
CA ASN K 10 -57.72 -40.05 -126.45
C ASN K 10 -57.91 -40.16 -124.94
N PHE K 11 -59.01 -39.60 -124.41
CA PHE K 11 -59.37 -39.86 -123.02
C PHE K 11 -59.76 -41.31 -122.83
N ALA K 12 -60.38 -41.92 -123.84
CA ALA K 12 -60.73 -43.33 -123.75
C ALA K 12 -59.48 -44.21 -123.71
N GLU K 13 -58.52 -43.94 -124.60
CA GLU K 13 -57.29 -44.74 -124.58
C GLU K 13 -56.41 -44.40 -123.37
N LEU K 14 -56.53 -43.17 -122.84
CA LEU K 14 -55.83 -42.80 -121.63
C LEU K 14 -56.41 -43.53 -120.43
N LYS K 15 -57.74 -43.70 -120.41
CA LYS K 15 -58.33 -44.48 -119.33
C LYS K 15 -58.00 -45.96 -119.46
N ILE K 16 -57.76 -46.42 -120.69
CA ILE K 16 -57.24 -47.79 -120.88
C ILE K 16 -55.86 -47.92 -120.22
N LYS K 17 -54.99 -46.92 -120.43
CA LYS K 17 -53.66 -46.96 -119.82
C LYS K 17 -53.74 -46.83 -118.30
N ARG K 18 -54.67 -46.01 -117.79
CA ARG K 18 -54.83 -45.85 -116.35
C ARG K 18 -55.38 -47.13 -115.71
N LEU K 19 -56.31 -47.81 -116.38
CA LEU K 19 -56.81 -49.07 -115.85
C LEU K 19 -55.75 -50.15 -115.89
N ARG K 20 -54.87 -50.11 -116.90
CA ARG K 20 -53.73 -51.03 -116.91
C ARG K 20 -52.78 -50.78 -115.75
N LYS K 21 -52.50 -49.51 -115.45
CA LYS K 21 -51.59 -49.18 -114.35
C LYS K 21 -52.19 -49.56 -113.00
N LYS K 22 -53.47 -49.22 -112.79
CA LYS K 22 -54.15 -49.58 -111.54
C LYS K 22 -54.27 -51.09 -111.40
N PHE K 23 -54.51 -51.78 -112.52
CA PHE K 23 -54.62 -53.23 -112.50
C PHE K 23 -53.30 -53.88 -112.14
N ALA K 24 -52.20 -53.30 -112.63
CA ALA K 24 -50.88 -53.81 -112.29
C ALA K 24 -50.57 -53.62 -110.81
N GLN K 25 -50.92 -52.44 -110.25
CA GLN K 25 -50.69 -52.23 -108.82
C GLN K 25 -51.55 -53.15 -107.97
N LYS K 26 -52.81 -53.37 -108.38
CA LYS K 26 -53.69 -54.29 -107.68
C LYS K 26 -53.16 -55.72 -107.72
N MET K 27 -52.63 -56.13 -108.87
CA MET K 27 -52.12 -57.49 -108.98
C MET K 27 -50.84 -57.67 -108.18
N LEU K 28 -50.01 -56.62 -108.08
CA LEU K 28 -48.81 -56.77 -107.26
C LEU K 28 -49.13 -56.74 -105.77
N ARG K 29 -50.20 -56.05 -105.37
CA ARG K 29 -50.62 -56.12 -103.97
C ARG K 29 -51.17 -57.51 -103.65
N LYS K 30 -51.95 -58.08 -104.58
CA LYS K 30 -52.48 -59.42 -104.40
C LYS K 30 -51.37 -60.47 -104.40
N ALA K 31 -50.32 -60.24 -105.19
CA ALA K 31 -49.21 -61.18 -105.19
C ALA K 31 -48.31 -60.95 -103.99
N ARG K 32 -48.37 -59.77 -103.37
CA ARG K 32 -47.61 -59.53 -102.16
C ARG K 32 -48.24 -60.25 -100.97
N ARG K 33 -49.57 -60.39 -100.98
CA ARG K 33 -50.23 -61.03 -99.83
C ARG K 33 -49.94 -62.53 -99.75
N LYS K 34 -49.71 -63.19 -100.89
CA LYS K 34 -49.41 -64.61 -100.87
C LYS K 34 -48.05 -64.89 -100.25
N LEU K 35 -47.13 -63.91 -100.37
CA LEU K 35 -45.85 -63.99 -99.67
C LEU K 35 -46.05 -64.05 -98.17
N ILE K 36 -46.95 -63.22 -97.64
CA ILE K 36 -47.20 -63.20 -96.21
C ILE K 36 -47.91 -64.48 -95.78
N TYR K 37 -48.76 -65.03 -96.67
CA TYR K 37 -49.38 -66.33 -96.42
C TYR K 37 -48.34 -67.44 -96.22
N GLU K 38 -47.43 -67.62 -97.19
CA GLU K 38 -46.50 -68.73 -97.05
C GLU K 38 -45.45 -68.46 -95.97
N LYS K 39 -45.14 -67.18 -95.71
CA LYS K 39 -44.17 -66.90 -94.66
C LYS K 39 -44.79 -67.10 -93.28
N ALA K 40 -46.10 -66.88 -93.15
CA ALA K 40 -46.72 -67.13 -91.85
C ALA K 40 -46.92 -68.62 -91.64
N LYS K 41 -47.17 -69.38 -92.71
CA LYS K 41 -47.16 -70.84 -92.60
C LYS K 41 -45.81 -71.35 -92.15
N HIS K 42 -44.73 -70.85 -92.77
CA HIS K 42 -43.39 -71.28 -92.42
C HIS K 42 -43.03 -70.87 -91.00
N TYR K 43 -43.53 -69.71 -90.57
CA TYR K 43 -43.26 -69.29 -89.19
C TYR K 43 -44.01 -70.13 -88.18
N HIS K 44 -45.27 -70.49 -88.46
CA HIS K 44 -46.02 -71.35 -87.57
C HIS K 44 -45.36 -72.72 -87.44
N LYS K 45 -44.88 -73.26 -88.57
CA LYS K 45 -44.14 -74.52 -88.54
C LYS K 45 -42.85 -74.38 -87.75
N GLU K 46 -42.21 -73.22 -87.84
CA GLU K 46 -40.94 -73.02 -87.14
C GLU K 46 -41.15 -72.87 -85.64
N TYR K 47 -42.27 -72.28 -85.21
CA TYR K 47 -42.51 -72.18 -83.78
C TYR K 47 -42.91 -73.54 -83.20
N ARG K 48 -43.64 -74.35 -83.98
CA ARG K 48 -43.86 -75.74 -83.58
C ARG K 48 -42.55 -76.48 -83.38
N GLN K 49 -41.62 -76.31 -84.33
CA GLN K 49 -40.31 -76.94 -84.25
C GLN K 49 -39.54 -76.48 -83.02
N MET K 50 -39.48 -75.17 -82.80
CA MET K 50 -38.67 -74.60 -81.73
C MET K 50 -39.25 -74.95 -80.37
N TYR K 51 -40.57 -75.10 -80.27
CA TYR K 51 -41.16 -75.46 -78.98
C TYR K 51 -40.97 -76.93 -78.70
N ARG K 52 -41.18 -77.80 -79.70
CA ARG K 52 -41.22 -79.21 -79.38
C ARG K 52 -39.84 -79.84 -79.37
N THR K 53 -38.83 -79.13 -79.90
CA THR K 53 -37.46 -79.64 -79.79
C THR K 53 -36.97 -79.57 -78.35
N GLU K 54 -37.41 -78.56 -77.60
CA GLU K 54 -36.96 -78.42 -76.22
C GLU K 54 -37.64 -79.44 -75.31
N ILE K 55 -38.82 -79.92 -75.72
CA ILE K 55 -39.41 -81.05 -75.01
C ILE K 55 -38.73 -82.34 -75.42
N ARG K 56 -38.38 -82.45 -76.71
CA ARG K 56 -37.80 -83.67 -77.24
C ARG K 56 -36.43 -83.96 -76.64
N MET K 57 -35.59 -82.92 -76.54
CA MET K 57 -34.26 -83.08 -75.97
C MET K 57 -34.32 -83.47 -74.51
N ALA K 58 -35.14 -82.77 -73.72
CA ALA K 58 -35.21 -83.05 -72.30
C ALA K 58 -35.92 -84.38 -72.05
N ARG K 59 -36.73 -84.84 -73.00
CA ARG K 59 -37.41 -86.11 -72.82
C ARG K 59 -36.47 -87.27 -73.11
N MET K 60 -35.72 -87.20 -74.22
CA MET K 60 -34.92 -88.37 -74.58
C MET K 60 -33.63 -88.46 -73.76
N ALA K 61 -33.22 -87.37 -73.12
CA ALA K 61 -32.13 -87.47 -72.15
C ALA K 61 -32.61 -88.12 -70.87
N ARG K 62 -33.84 -87.81 -70.48
CA ARG K 62 -34.38 -88.30 -69.21
C ARG K 62 -34.69 -89.79 -69.30
N LYS K 63 -35.02 -90.27 -70.50
CA LYS K 63 -35.16 -91.71 -70.70
C LYS K 63 -33.82 -92.41 -70.56
N ALA K 64 -32.76 -91.77 -71.02
CA ALA K 64 -31.41 -92.33 -70.87
C ALA K 64 -30.82 -92.03 -69.50
N GLY K 65 -31.56 -91.38 -68.61
CA GLY K 65 -31.13 -91.22 -67.24
C GLY K 65 -30.12 -90.14 -67.04
N ASN K 66 -30.10 -89.15 -67.91
CA ASN K 66 -29.08 -88.12 -67.87
C ASN K 66 -29.74 -86.75 -68.01
N PHE K 67 -29.16 -85.74 -67.37
CA PHE K 67 -29.81 -84.44 -67.28
C PHE K 67 -29.58 -83.65 -68.56
N TYR K 68 -30.52 -82.78 -68.89
CA TYR K 68 -30.42 -81.90 -70.04
C TYR K 68 -30.63 -80.45 -69.62
N VAL K 69 -29.61 -79.63 -69.78
CA VAL K 69 -29.73 -78.19 -69.56
C VAL K 69 -30.35 -77.59 -70.81
N PRO K 70 -31.22 -76.59 -70.69
CA PRO K 70 -31.64 -75.86 -71.89
C PRO K 70 -30.63 -74.79 -72.23
N ALA K 71 -30.72 -74.29 -73.46
CA ALA K 71 -29.89 -73.16 -73.85
C ALA K 71 -30.27 -71.94 -73.03
N GLU K 72 -29.27 -71.19 -72.61
CA GLU K 72 -29.54 -69.98 -71.84
C GLU K 72 -30.14 -68.94 -72.78
N PRO K 73 -31.38 -68.52 -72.55
CA PRO K 73 -32.13 -67.82 -73.59
C PRO K 73 -31.62 -66.40 -73.80
N LYS K 74 -31.75 -65.93 -75.03
CA LYS K 74 -30.97 -64.78 -75.48
C LYS K 74 -31.79 -63.53 -75.69
N LEU K 75 -33.08 -63.59 -75.43
CA LEU K 75 -33.95 -62.43 -75.54
C LEU K 75 -34.52 -62.12 -74.18
N ALA K 76 -34.38 -60.88 -73.73
CA ALA K 76 -34.91 -60.49 -72.44
C ALA K 76 -35.84 -59.30 -72.60
N PHE K 77 -36.84 -59.22 -71.74
CA PHE K 77 -37.73 -58.08 -71.69
C PHE K 77 -37.47 -57.35 -70.39
N VAL K 78 -37.27 -56.04 -70.49
CA VAL K 78 -36.96 -55.19 -69.34
C VAL K 78 -38.10 -54.20 -69.17
N ILE K 79 -38.63 -54.10 -67.96
CA ILE K 79 -39.63 -53.09 -67.62
C ILE K 79 -39.03 -52.24 -66.51
N ARG K 80 -39.39 -50.95 -66.44
CA ARG K 80 -38.83 -50.08 -65.40
C ARG K 80 -39.85 -49.91 -64.30
N ILE K 81 -39.38 -49.90 -63.04
CA ILE K 81 -40.28 -49.99 -61.90
C ILE K 81 -40.19 -48.73 -61.04
N ARG K 82 -38.98 -48.27 -60.74
CA ARG K 82 -38.83 -47.15 -59.82
C ARG K 82 -39.05 -45.82 -60.54
N GLY K 83 -38.98 -44.74 -59.77
CA GLY K 83 -39.40 -43.45 -60.29
C GLY K 83 -38.32 -42.74 -61.08
N ILE K 84 -38.32 -41.42 -60.96
CA ILE K 84 -37.39 -40.59 -61.71
C ILE K 84 -36.47 -39.81 -60.79
N ASN K 85 -37.03 -39.21 -59.76
CA ASN K 85 -36.25 -38.36 -58.88
C ASN K 85 -35.53 -39.16 -57.81
N GLY K 86 -34.27 -38.82 -57.60
CA GLY K 86 -33.45 -39.57 -56.67
C GLY K 86 -32.70 -40.70 -57.31
N VAL K 87 -32.02 -40.44 -58.41
CA VAL K 87 -31.40 -41.47 -59.23
C VAL K 87 -29.94 -41.09 -59.48
N SER K 88 -29.03 -42.01 -59.14
CA SER K 88 -27.60 -41.84 -59.38
C SER K 88 -27.32 -41.65 -60.87
N PRO K 89 -26.29 -40.88 -61.22
CA PRO K 89 -26.00 -40.69 -62.66
C PRO K 89 -25.50 -41.95 -63.31
N LYS K 90 -24.85 -42.82 -62.52
CA LYS K 90 -24.32 -44.08 -63.02
C LYS K 90 -25.42 -44.98 -63.54
N VAL K 91 -26.60 -44.91 -62.93
CA VAL K 91 -27.72 -45.73 -63.42
C VAL K 91 -28.61 -44.90 -64.33
N ARG K 92 -28.54 -43.57 -64.20
CA ARG K 92 -29.33 -42.70 -65.06
C ARG K 92 -28.89 -42.82 -66.52
N LYS K 93 -27.58 -42.90 -66.74
CA LYS K 93 -27.10 -43.02 -68.11
C LYS K 93 -27.43 -44.39 -68.69
N VAL K 94 -27.47 -45.42 -67.83
CA VAL K 94 -27.83 -46.76 -68.29
C VAL K 94 -29.30 -46.81 -68.69
N LEU K 95 -30.16 -46.15 -67.92
CA LEU K 95 -31.58 -46.13 -68.25
C LEU K 95 -31.83 -45.33 -69.53
N GLN K 96 -31.02 -44.29 -69.75
CA GLN K 96 -31.12 -43.56 -71.01
C GLN K 96 -30.63 -44.41 -72.18
N LEU K 97 -29.65 -45.30 -71.94
CA LEU K 97 -29.24 -46.21 -73.00
C LEU K 97 -30.29 -47.27 -73.27
N LEU K 98 -31.06 -47.64 -72.27
CA LEU K 98 -32.11 -48.63 -72.50
C LEU K 98 -33.46 -48.02 -72.83
N ARG K 99 -33.53 -46.68 -72.98
CA ARG K 99 -34.71 -45.96 -73.48
C ARG K 99 -35.89 -46.08 -72.51
N LEU K 100 -35.57 -46.07 -71.22
CA LEU K 100 -36.56 -46.23 -70.17
C LEU K 100 -36.78 -44.94 -69.40
N ARG K 101 -36.91 -43.83 -70.12
CA ARG K 101 -36.79 -42.50 -69.53
C ARG K 101 -37.92 -42.19 -68.56
N GLN K 102 -39.09 -42.79 -68.75
CA GLN K 102 -40.19 -42.63 -67.81
C GLN K 102 -40.40 -43.93 -67.06
N ILE K 103 -41.47 -43.98 -66.27
CA ILE K 103 -41.76 -45.14 -65.46
C ILE K 103 -42.74 -46.01 -66.20
N PHE K 104 -42.70 -47.32 -65.93
CA PHE K 104 -43.58 -48.34 -66.50
C PHE K 104 -43.55 -48.39 -68.02
N ASN K 105 -42.41 -48.12 -68.61
CA ASN K 105 -42.16 -48.49 -69.99
C ASN K 105 -41.11 -49.60 -70.03
N GLY K 106 -41.03 -50.27 -71.17
CA GLY K 106 -40.19 -51.43 -71.30
C GLY K 106 -39.69 -51.63 -72.71
N THR K 107 -38.61 -52.39 -72.81
CA THR K 107 -38.00 -52.70 -74.10
C THR K 107 -37.55 -54.16 -74.13
N PHE K 108 -37.01 -54.54 -75.27
CA PHE K 108 -36.35 -55.82 -75.44
C PHE K 108 -34.84 -55.59 -75.44
N VAL K 109 -34.10 -56.55 -74.88
CA VAL K 109 -32.65 -56.50 -74.85
C VAL K 109 -32.11 -57.83 -75.34
N LYS K 110 -31.32 -57.77 -76.41
CA LYS K 110 -30.46 -58.87 -76.80
C LYS K 110 -29.47 -59.17 -75.68
N LEU K 111 -29.61 -60.33 -75.06
CA LEU K 111 -28.76 -60.70 -73.94
C LEU K 111 -27.35 -61.00 -74.42
N ASN K 112 -26.40 -60.80 -73.52
CA ASN K 112 -24.99 -60.71 -73.82
C ASN K 112 -24.30 -60.54 -72.49
N LYS K 113 -22.99 -60.75 -72.45
CA LYS K 113 -22.27 -60.51 -71.20
C LYS K 113 -22.21 -59.03 -70.89
N ALA K 114 -22.08 -58.20 -71.93
CA ALA K 114 -22.12 -56.74 -71.73
C ALA K 114 -23.50 -56.28 -71.29
N SER K 115 -24.56 -56.91 -71.82
CA SER K 115 -25.91 -56.52 -71.41
C SER K 115 -26.21 -56.97 -69.98
N ILE K 116 -25.71 -58.15 -69.59
CA ILE K 116 -25.91 -58.61 -68.23
C ILE K 116 -25.14 -57.75 -67.24
N ASN K 117 -23.93 -57.32 -67.61
CA ASN K 117 -23.20 -56.43 -66.73
C ASN K 117 -23.75 -55.00 -66.77
N MET K 118 -24.56 -54.68 -67.78
CA MET K 118 -25.38 -53.48 -67.66
C MET K 118 -26.45 -53.68 -66.60
N LEU K 119 -27.18 -54.79 -66.68
CA LEU K 119 -28.38 -54.93 -65.84
C LEU K 119 -28.02 -55.17 -64.39
N ARG K 120 -26.81 -55.64 -64.11
CA ARG K 120 -26.37 -55.80 -62.72
C ARG K 120 -26.14 -54.44 -62.07
N ILE K 121 -25.93 -53.39 -62.86
CA ILE K 121 -25.81 -52.06 -62.29
C ILE K 121 -27.18 -51.54 -61.87
N VAL K 122 -28.21 -51.89 -62.63
CA VAL K 122 -29.53 -51.29 -62.45
C VAL K 122 -30.55 -52.32 -61.94
N GLU K 123 -30.09 -53.39 -61.29
CA GLU K 123 -30.99 -54.33 -60.60
C GLU K 123 -32.02 -53.71 -59.67
N PRO K 124 -31.75 -52.67 -58.87
CA PRO K 124 -32.85 -52.14 -58.03
C PRO K 124 -33.92 -51.39 -58.78
N TYR K 125 -33.68 -51.00 -60.04
CA TYR K 125 -34.64 -50.14 -60.71
C TYR K 125 -35.58 -50.92 -61.63
N ILE K 126 -35.09 -52.00 -62.24
CA ILE K 126 -35.80 -52.64 -63.34
C ILE K 126 -36.32 -54.00 -62.91
N ALA K 127 -37.11 -54.60 -63.77
CA ALA K 127 -37.50 -56.00 -63.65
C ALA K 127 -37.46 -56.63 -65.02
N TRP K 128 -36.70 -57.73 -65.16
CA TRP K 128 -36.44 -58.25 -66.48
C TRP K 128 -36.51 -59.76 -66.46
N GLY K 129 -36.96 -60.32 -67.57
CA GLY K 129 -37.17 -61.74 -67.63
C GLY K 129 -37.11 -62.27 -69.05
N TYR K 130 -37.36 -63.56 -69.16
CA TYR K 130 -37.38 -64.22 -70.47
C TYR K 130 -38.82 -64.36 -70.90
N PRO K 131 -39.35 -63.50 -71.77
CA PRO K 131 -40.79 -63.54 -72.06
C PRO K 131 -41.15 -64.71 -72.95
N ASN K 132 -42.45 -64.93 -73.08
CA ASN K 132 -42.97 -66.04 -73.84
C ASN K 132 -43.51 -65.51 -75.16
N LEU K 133 -44.11 -66.40 -75.94
CA LEU K 133 -44.52 -66.04 -77.29
C LEU K 133 -45.75 -65.16 -77.28
N LYS K 134 -46.73 -65.47 -76.43
CA LYS K 134 -47.87 -64.56 -76.26
C LYS K 134 -47.44 -63.25 -75.63
N SER K 135 -46.44 -63.30 -74.75
CA SER K 135 -45.92 -62.10 -74.14
C SER K 135 -45.32 -61.16 -75.17
N VAL K 136 -44.64 -61.71 -76.17
CA VAL K 136 -44.17 -60.86 -77.26
C VAL K 136 -45.32 -60.44 -78.15
N ASN K 137 -46.24 -61.38 -78.43
CA ASN K 137 -47.21 -61.18 -79.49
C ASN K 137 -48.26 -60.14 -79.11
N GLU K 138 -48.74 -60.18 -77.86
CA GLU K 138 -49.71 -59.18 -77.45
C GLU K 138 -49.08 -57.80 -77.34
N LEU K 139 -47.80 -57.72 -76.99
CA LEU K 139 -47.15 -56.42 -76.97
C LEU K 139 -47.00 -55.85 -78.37
N ILE K 140 -46.61 -56.67 -79.34
CA ILE K 140 -46.39 -56.16 -80.70
C ILE K 140 -47.71 -55.80 -81.35
N TYR K 141 -48.76 -56.60 -81.11
CA TYR K 141 -50.06 -56.27 -81.68
C TYR K 141 -50.70 -55.08 -80.98
N LYS K 142 -50.75 -55.09 -79.66
CA LYS K 142 -51.59 -54.16 -78.93
C LYS K 142 -50.89 -52.83 -78.73
N ARG K 143 -49.60 -52.85 -78.39
CA ARG K 143 -48.89 -51.61 -78.11
C ARG K 143 -47.80 -51.34 -79.14
N GLY K 144 -48.00 -51.79 -80.38
CA GLY K 144 -47.01 -51.58 -81.41
C GLY K 144 -47.03 -50.19 -81.99
N TYR K 145 -46.03 -49.41 -81.57
CA TYR K 145 -45.81 -48.06 -82.05
C TYR K 145 -44.43 -48.05 -82.69
N GLY K 146 -44.38 -47.81 -83.99
CA GLY K 146 -43.11 -47.66 -84.66
C GLY K 146 -42.73 -46.20 -84.70
N LYS K 147 -41.49 -45.90 -85.04
CA LYS K 147 -41.08 -44.52 -85.26
C LYS K 147 -40.40 -44.43 -86.61
N ILE K 148 -40.76 -43.41 -87.40
CA ILE K 148 -40.44 -43.42 -88.82
C ILE K 148 -39.28 -42.47 -89.08
N ASN K 149 -39.50 -41.17 -88.89
CA ASN K 149 -38.34 -40.30 -88.82
C ASN K 149 -38.06 -40.03 -87.36
N LYS K 150 -39.02 -39.35 -86.76
CA LYS K 150 -39.31 -39.27 -85.34
C LYS K 150 -40.80 -39.58 -85.37
N LYS K 151 -41.55 -39.13 -84.37
CA LYS K 151 -43.01 -39.10 -84.36
C LYS K 151 -43.61 -40.50 -84.50
N ARG K 152 -43.53 -41.27 -83.41
CA ARG K 152 -44.16 -42.58 -83.27
C ARG K 152 -45.58 -42.63 -83.80
N ILE K 153 -45.82 -43.59 -84.67
CA ILE K 153 -47.13 -43.87 -85.24
C ILE K 153 -47.49 -45.28 -84.81
N ALA K 154 -48.76 -45.50 -84.49
CA ALA K 154 -49.30 -46.84 -84.31
C ALA K 154 -49.13 -47.62 -85.60
N LEU K 155 -48.84 -48.92 -85.49
CA LEU K 155 -48.47 -49.70 -86.67
C LEU K 155 -49.61 -49.77 -87.69
N THR K 156 -50.68 -50.50 -87.36
CA THR K 156 -52.03 -50.39 -87.92
C THR K 156 -52.11 -50.78 -89.41
N ASP K 157 -50.98 -51.04 -90.06
CA ASP K 157 -50.90 -51.39 -91.46
C ASP K 157 -49.51 -51.94 -91.74
N ASN K 158 -49.41 -52.77 -92.76
CA ASN K 158 -48.11 -53.35 -93.10
C ASN K 158 -47.21 -52.36 -93.82
N ALA K 159 -47.79 -51.33 -94.44
CA ALA K 159 -47.01 -50.45 -95.31
C ALA K 159 -46.05 -49.58 -94.52
N LEU K 160 -46.37 -49.32 -93.25
CA LEU K 160 -45.45 -48.60 -92.38
C LEU K 160 -44.16 -49.37 -92.18
N ILE K 161 -44.28 -50.65 -91.79
CA ILE K 161 -43.11 -51.49 -91.60
C ILE K 161 -42.41 -51.74 -92.93
N ALA K 162 -43.18 -51.82 -94.02
CA ALA K 162 -42.60 -52.15 -95.31
C ALA K 162 -41.77 -50.99 -95.87
N ARG K 163 -42.23 -49.76 -95.70
CA ARG K 163 -41.47 -48.64 -96.26
C ARG K 163 -40.37 -48.20 -95.30
N SER K 164 -40.68 -48.11 -94.02
CA SER K 164 -39.73 -47.49 -93.09
C SER K 164 -38.67 -48.47 -92.64
N LEU K 165 -38.92 -49.76 -92.78
CA LEU K 165 -38.03 -50.76 -92.21
C LEU K 165 -37.76 -51.90 -93.18
N GLY K 166 -38.51 -52.01 -94.26
CA GLY K 166 -38.45 -53.16 -95.15
C GLY K 166 -37.21 -53.33 -95.98
N LYS K 167 -36.13 -52.60 -95.70
CA LYS K 167 -34.86 -52.84 -96.36
C LYS K 167 -34.29 -54.19 -95.96
N TYR K 168 -34.60 -54.64 -94.75
CA TYR K 168 -34.02 -55.85 -94.21
C TYR K 168 -34.88 -57.08 -94.46
N GLY K 169 -35.89 -56.98 -95.32
CA GLY K 169 -36.65 -58.12 -95.75
C GLY K 169 -37.87 -58.32 -94.88
N ILE K 170 -37.95 -57.55 -93.81
CA ILE K 170 -38.85 -57.85 -92.71
C ILE K 170 -40.19 -57.15 -92.82
N ILE K 171 -40.61 -56.90 -94.07
CA ILE K 171 -41.81 -56.13 -94.42
C ILE K 171 -43.12 -56.53 -93.75
N CYS K 172 -43.23 -57.74 -93.21
CA CYS K 172 -44.47 -58.10 -92.55
C CYS K 172 -44.29 -58.12 -91.05
N MET K 173 -45.42 -57.97 -90.36
CA MET K 173 -45.40 -57.88 -88.90
C MET K 173 -45.01 -59.22 -88.30
N GLU K 174 -45.26 -60.32 -89.01
CA GLU K 174 -44.80 -61.61 -88.50
C GLU K 174 -43.32 -61.81 -88.76
N ASP K 175 -42.75 -61.15 -89.76
CA ASP K 175 -41.29 -61.08 -89.81
C ASP K 175 -40.74 -60.31 -88.62
N LEU K 176 -41.43 -59.25 -88.21
CA LEU K 176 -41.00 -58.47 -87.05
C LEU K 176 -41.05 -59.33 -85.78
N ILE K 177 -42.16 -60.02 -85.57
CA ILE K 177 -42.32 -60.85 -84.38
C ILE K 177 -41.36 -62.03 -84.40
N HIS K 178 -41.08 -62.57 -85.59
CA HIS K 178 -40.13 -63.66 -85.70
C HIS K 178 -38.72 -63.22 -85.38
N GLU K 179 -38.34 -62.03 -85.83
CA GLU K 179 -37.03 -61.48 -85.50
C GLU K 179 -36.89 -61.25 -84.00
N ILE K 180 -37.92 -60.66 -83.39
CA ILE K 180 -37.86 -60.31 -81.97
C ILE K 180 -37.84 -61.56 -81.10
N TYR K 181 -38.65 -62.55 -81.42
CA TYR K 181 -38.65 -63.78 -80.63
C TYR K 181 -37.40 -64.60 -80.92
N THR K 182 -37.27 -65.10 -82.14
CA THR K 182 -36.01 -65.66 -82.56
C THR K 182 -35.07 -64.58 -83.07
N VAL K 183 -34.34 -63.93 -82.17
CA VAL K 183 -33.28 -62.98 -82.46
C VAL K 183 -32.34 -63.48 -83.54
N GLY K 184 -32.25 -62.72 -84.62
CA GLY K 184 -31.40 -63.07 -85.73
C GLY K 184 -30.24 -62.11 -85.84
N LYS K 185 -29.82 -61.88 -87.08
CA LYS K 185 -28.69 -60.99 -87.30
C LYS K 185 -29.15 -59.56 -87.53
N ARG K 186 -30.45 -59.30 -87.45
CA ARG K 186 -30.95 -57.95 -87.61
C ARG K 186 -31.82 -57.53 -86.44
N PHE K 187 -31.43 -57.91 -85.23
CA PHE K 187 -32.27 -57.60 -84.07
C PHE K 187 -32.20 -56.13 -83.70
N LYS K 188 -31.04 -55.51 -83.92
CA LYS K 188 -30.82 -54.13 -83.47
C LYS K 188 -31.72 -53.17 -84.22
N GLU K 189 -31.96 -53.43 -85.50
CA GLU K 189 -32.79 -52.52 -86.29
C GLU K 189 -34.25 -52.58 -85.88
N ALA K 190 -34.75 -53.78 -85.58
CA ALA K 190 -36.12 -53.91 -85.12
C ALA K 190 -36.30 -53.32 -83.73
N ASN K 191 -35.33 -53.55 -82.85
CA ASN K 191 -35.44 -53.05 -81.49
C ASN K 191 -35.29 -51.53 -81.46
N ASN K 192 -34.56 -50.97 -82.42
CA ASN K 192 -34.51 -49.52 -82.51
C ASN K 192 -35.77 -48.98 -83.15
N PHE K 193 -36.37 -49.75 -84.06
CA PHE K 193 -37.57 -49.30 -84.74
C PHE K 193 -38.75 -49.20 -83.79
N LEU K 194 -38.89 -50.16 -82.89
CA LEU K 194 -40.00 -50.11 -81.95
C LEU K 194 -39.76 -49.07 -80.88
N TRP K 195 -40.72 -48.17 -80.72
CA TRP K 195 -40.81 -47.21 -79.64
C TRP K 195 -40.94 -47.96 -78.32
N PRO K 196 -40.45 -47.39 -77.21
CA PRO K 196 -40.52 -48.10 -75.93
C PRO K 196 -41.95 -48.32 -75.47
N PHE K 197 -42.24 -49.55 -75.04
CA PHE K 197 -43.61 -49.94 -74.76
C PHE K 197 -44.09 -49.29 -73.50
N LYS K 198 -45.11 -48.45 -73.64
CA LYS K 198 -45.61 -47.62 -72.55
C LYS K 198 -46.76 -48.34 -71.87
N LEU K 199 -46.46 -49.14 -70.84
CA LEU K 199 -47.43 -50.04 -70.25
C LEU K 199 -48.09 -49.42 -69.03
N SER K 200 -49.28 -49.90 -68.71
CA SER K 200 -49.99 -49.43 -67.54
C SER K 200 -49.50 -50.14 -66.29
N SER K 201 -50.02 -49.71 -65.14
CA SER K 201 -49.78 -50.38 -63.89
C SER K 201 -50.48 -51.74 -63.89
N PRO K 202 -49.99 -52.71 -63.13
CA PRO K 202 -50.64 -54.02 -63.11
C PRO K 202 -51.99 -54.01 -62.41
N ARG K 203 -52.79 -55.03 -62.69
CA ARG K 203 -54.11 -55.13 -62.07
C ARG K 203 -53.99 -55.44 -60.59
N GLY K 204 -53.43 -56.61 -60.26
CA GLY K 204 -53.42 -57.05 -58.87
C GLY K 204 -52.35 -56.37 -58.04
N GLY K 205 -51.54 -55.54 -58.66
CA GLY K 205 -50.56 -54.75 -57.98
C GLY K 205 -49.16 -55.30 -58.05
N MET K 206 -48.29 -54.91 -57.13
CA MET K 206 -46.91 -55.39 -57.14
C MET K 206 -46.54 -55.82 -55.74
N LYS K 207 -45.40 -56.49 -55.59
CA LYS K 207 -44.95 -56.86 -54.26
C LYS K 207 -43.70 -56.05 -53.92
N LYS K 208 -43.95 -54.94 -53.25
CA LYS K 208 -43.04 -54.21 -52.35
C LYS K 208 -41.97 -53.38 -53.04
N LYS K 209 -41.71 -53.60 -54.34
CA LYS K 209 -40.98 -52.67 -55.22
C LYS K 209 -39.58 -52.23 -54.82
N THR K 210 -39.04 -52.70 -53.70
CA THR K 210 -37.82 -52.09 -53.20
C THR K 210 -36.76 -53.14 -52.90
N THR K 211 -37.08 -54.40 -53.18
CA THR K 211 -36.14 -55.48 -52.92
C THR K 211 -36.16 -56.43 -54.12
N HIS K 212 -35.19 -57.34 -54.14
CA HIS K 212 -35.13 -58.33 -55.21
C HIS K 212 -36.27 -59.33 -55.09
N PHE K 213 -36.57 -59.97 -56.23
CA PHE K 213 -37.68 -60.92 -56.29
C PHE K 213 -37.42 -62.14 -55.42
N VAL K 214 -36.15 -62.44 -55.16
CA VAL K 214 -35.80 -63.48 -54.21
C VAL K 214 -36.28 -63.12 -52.81
N GLU K 215 -36.23 -61.85 -52.44
CA GLU K 215 -36.72 -61.40 -51.15
C GLU K 215 -38.19 -61.01 -51.18
N GLY K 216 -38.97 -61.60 -52.07
CA GLY K 216 -40.37 -61.26 -52.18
C GLY K 216 -40.62 -59.89 -52.77
N GLY K 217 -39.60 -59.33 -53.41
CA GLY K 217 -39.74 -58.03 -54.01
C GLY K 217 -40.17 -58.16 -55.45
N ASP K 218 -40.11 -57.07 -56.21
CA ASP K 218 -40.57 -57.09 -57.57
C ASP K 218 -39.38 -56.83 -58.49
N ALA K 219 -38.49 -55.91 -58.14
CA ALA K 219 -37.44 -55.52 -59.06
C ALA K 219 -36.35 -56.59 -59.12
N GLY K 220 -35.96 -56.96 -60.31
CA GLY K 220 -34.88 -57.90 -60.48
C GLY K 220 -35.23 -58.92 -61.54
N ASN K 221 -34.51 -60.05 -61.49
CA ASN K 221 -34.71 -61.13 -62.44
C ASN K 221 -35.77 -62.08 -61.89
N ARG K 222 -36.62 -62.62 -62.76
CA ARG K 222 -37.56 -63.64 -62.37
C ARG K 222 -37.68 -64.77 -63.38
N GLU K 223 -37.14 -64.59 -64.57
CA GLU K 223 -36.75 -65.62 -65.53
C GLU K 223 -37.86 -66.40 -66.22
N ASP K 224 -39.05 -66.46 -65.66
CA ASP K 224 -40.22 -66.88 -66.43
C ASP K 224 -41.49 -66.22 -65.95
N GLN K 225 -41.49 -65.67 -64.74
CA GLN K 225 -42.68 -65.10 -64.14
C GLN K 225 -43.02 -63.74 -64.71
N ILE K 226 -42.21 -63.21 -65.62
CA ILE K 226 -42.52 -61.92 -66.21
C ILE K 226 -43.66 -62.04 -67.21
N ASN K 227 -43.99 -63.27 -67.62
CA ASN K 227 -45.24 -63.48 -68.35
C ASN K 227 -46.44 -63.18 -67.47
N ARG K 228 -46.39 -63.61 -66.20
CA ARG K 228 -47.50 -63.38 -65.29
C ARG K 228 -47.62 -61.89 -64.96
N LEU K 229 -46.51 -61.17 -65.02
CA LEU K 229 -46.55 -59.73 -64.79
C LEU K 229 -47.02 -59.01 -66.04
N ILE K 230 -46.68 -59.53 -67.22
CA ILE K 230 -46.99 -58.81 -68.45
C ILE K 230 -48.45 -59.01 -68.83
N ARG K 231 -49.07 -60.09 -68.35
CA ARG K 231 -50.50 -60.24 -68.58
C ARG K 231 -51.30 -59.26 -67.74
N ARG K 232 -50.74 -58.84 -66.60
CA ARG K 232 -51.41 -57.83 -65.79
C ARG K 232 -51.11 -56.44 -66.32
N MET K 233 -49.87 -56.19 -66.73
CA MET K 233 -49.51 -54.85 -67.17
C MET K 233 -49.83 -54.60 -68.63
N ASN K 234 -50.39 -55.61 -69.31
CA ASN K 234 -50.78 -55.44 -70.70
C ASN K 234 -51.98 -54.51 -70.81
N ASN L 1 5.48 113.21 -10.14
CA ASN L 1 6.23 113.90 -9.09
C ASN L 1 5.68 113.70 -7.65
N PRO L 2 4.35 113.80 -7.37
CA PRO L 2 3.92 113.56 -5.99
C PRO L 2 4.07 112.13 -5.50
N LEU L 3 3.46 111.15 -6.17
CA LEU L 3 3.40 109.83 -5.57
C LEU L 3 4.25 108.85 -6.36
N PHE L 4 3.82 108.57 -7.60
CA PHE L 4 4.59 108.19 -8.79
C PHE L 4 5.83 107.34 -8.53
N GLU L 5 5.65 106.23 -7.84
CA GLU L 5 6.76 105.40 -7.41
C GLU L 5 7.20 104.48 -8.54
N LYS L 6 8.34 103.84 -8.33
CA LYS L 6 8.75 102.71 -9.15
C LYS L 6 8.29 101.43 -8.48
N ARG L 7 7.60 100.60 -9.25
CA ARG L 7 7.16 99.27 -8.79
C ARG L 7 7.86 98.24 -9.64
N PRO L 8 9.09 97.87 -9.30
CA PRO L 8 9.79 96.86 -10.09
C PRO L 8 9.25 95.48 -9.79
N LYS L 9 9.34 94.60 -10.77
CA LYS L 9 9.02 93.20 -10.58
C LYS L 9 10.31 92.40 -10.53
N ASN L 10 10.24 91.22 -9.93
CA ASN L 10 11.39 90.34 -9.84
C ASN L 10 11.04 89.04 -10.57
N PHE L 11 11.73 88.79 -11.68
CA PHE L 11 11.44 87.65 -12.53
C PHE L 11 12.31 86.44 -12.21
N GLY L 12 12.70 86.28 -10.96
CA GLY L 12 13.46 85.12 -10.56
C GLY L 12 12.61 83.87 -10.52
N ILE L 13 13.26 82.73 -10.41
CA ILE L 13 12.58 81.45 -10.33
C ILE L 13 11.93 81.34 -8.96
N GLY L 14 10.68 80.88 -8.91
CA GLY L 14 10.00 80.71 -7.65
C GLY L 14 9.28 81.93 -7.15
N GLN L 15 9.18 82.97 -7.96
CA GLN L 15 8.48 84.19 -7.61
C GLN L 15 7.76 84.69 -8.86
N ASP L 16 7.42 85.98 -8.86
CA ASP L 16 6.51 86.67 -9.78
C ASP L 16 6.62 86.24 -11.24
N ILE L 17 5.47 86.13 -11.92
CA ILE L 17 5.29 85.32 -13.11
C ILE L 17 6.10 85.87 -14.28
N GLN L 18 6.45 84.98 -15.19
CA GLN L 18 7.31 85.32 -16.31
C GLN L 18 6.54 86.18 -17.31
N PRO L 19 7.19 87.10 -17.99
CA PRO L 19 6.51 87.83 -19.06
C PRO L 19 6.50 87.02 -20.34
N LYS L 20 5.78 87.53 -21.33
CA LYS L 20 5.74 86.88 -22.63
C LYS L 20 7.04 87.12 -23.38
N ARG L 21 7.83 86.07 -23.57
CA ARG L 21 9.06 86.15 -24.31
C ARG L 21 8.79 85.87 -25.78
N ASP L 22 9.88 85.75 -26.55
CA ASP L 22 9.75 85.72 -28.01
C ASP L 22 9.19 84.40 -28.52
N LEU L 23 9.67 83.28 -27.95
CA LEU L 23 9.18 81.93 -28.20
C LEU L 23 9.20 81.50 -29.66
N THR L 24 10.14 82.02 -30.44
CA THR L 24 10.21 81.65 -31.84
C THR L 24 10.73 80.23 -32.00
N ARG L 25 11.71 79.85 -31.18
CA ARG L 25 12.38 78.58 -31.37
C ARG L 25 11.64 77.39 -30.76
N PHE L 26 10.50 77.61 -30.12
CA PHE L 26 9.90 76.55 -29.32
C PHE L 26 8.46 76.28 -29.69
N VAL L 27 7.91 77.00 -30.64
CA VAL L 27 6.53 76.85 -31.04
C VAL L 27 6.39 75.58 -31.86
N LYS L 28 5.40 74.76 -31.52
CA LYS L 28 5.18 73.48 -32.17
C LYS L 28 4.67 73.72 -33.58
N TRP L 29 5.58 73.72 -34.52
CA TRP L 29 5.24 74.00 -35.89
C TRP L 29 4.46 72.84 -36.51
N PRO L 30 3.68 73.09 -37.55
CA PRO L 30 2.99 71.99 -38.23
C PRO L 30 3.92 71.20 -39.14
N ARG L 31 3.31 70.25 -39.87
CA ARG L 31 4.09 69.22 -40.54
C ARG L 31 4.90 69.76 -41.70
N TYR L 32 4.32 70.63 -42.52
CA TYR L 32 5.06 71.06 -43.71
C TYR L 32 6.15 72.04 -43.34
N ILE L 33 5.95 72.79 -42.26
CA ILE L 33 6.99 73.65 -41.72
C ILE L 33 8.18 72.82 -41.27
N ARG L 34 7.91 71.78 -40.46
CA ARG L 34 9.00 70.94 -39.99
C ARG L 34 9.63 70.15 -41.13
N LEU L 35 8.85 69.80 -42.15
CA LEU L 35 9.41 69.10 -43.31
C LEU L 35 10.39 69.95 -44.07
N GLN L 36 10.04 71.21 -44.38
CA GLN L 36 10.98 71.98 -45.18
C GLN L 36 12.19 72.43 -44.35
N ARG L 37 12.02 72.59 -43.04
CA ARG L 37 13.19 72.90 -42.22
C ARG L 37 14.12 71.70 -42.07
N GLN L 38 13.60 70.49 -41.80
CA GLN L 38 14.47 69.33 -41.76
C GLN L 38 14.98 68.96 -43.14
N ARG L 39 14.31 69.41 -44.20
CA ARG L 39 14.84 69.18 -45.54
C ARG L 39 16.10 70.01 -45.78
N ALA L 40 16.06 71.29 -45.40
CA ALA L 40 17.27 72.10 -45.49
C ALA L 40 18.39 71.58 -44.59
N ILE L 41 18.04 71.18 -43.37
CA ILE L 41 19.06 70.67 -42.45
C ILE L 41 19.62 69.34 -42.93
N LEU L 42 18.81 68.55 -43.64
CA LEU L 42 19.28 67.27 -44.15
C LEU L 42 20.22 67.45 -45.33
N TYR L 43 19.93 68.43 -46.20
CA TYR L 43 20.90 68.84 -47.21
C TYR L 43 22.21 69.29 -46.58
N LYS L 44 22.13 69.98 -45.44
CA LYS L 44 23.38 70.45 -44.84
C LYS L 44 24.12 69.32 -44.10
N ARG L 45 23.39 68.32 -43.62
CA ARG L 45 24.04 67.24 -42.89
C ARG L 45 24.74 66.26 -43.83
N LEU L 46 24.03 65.81 -44.88
CA LEU L 46 24.60 64.74 -45.69
C LEU L 46 25.72 65.24 -46.60
N LYS L 47 26.37 64.28 -47.24
CA LYS L 47 27.38 64.58 -48.25
C LYS L 47 26.70 64.61 -49.61
N VAL L 48 26.46 65.81 -50.12
CA VAL L 48 25.81 65.93 -51.42
C VAL L 48 26.83 65.54 -52.50
N PRO L 49 26.39 64.98 -53.61
CA PRO L 49 27.33 64.60 -54.64
C PRO L 49 27.85 65.82 -55.39
N PRO L 50 29.01 65.70 -56.04
CA PRO L 50 29.58 66.87 -56.73
C PRO L 50 28.81 67.29 -57.97
N ALA L 51 27.87 66.48 -58.45
CA ALA L 51 27.06 66.92 -59.56
C ALA L 51 26.06 67.98 -59.13
N ILE L 52 25.63 67.93 -57.86
CA ILE L 52 24.61 68.87 -57.38
C ILE L 52 25.14 69.84 -56.34
N ASN L 53 26.39 69.72 -55.90
CA ASN L 53 26.89 70.78 -55.03
C ASN L 53 27.26 72.03 -55.80
N GLN L 54 27.33 71.92 -57.14
CA GLN L 54 27.56 73.05 -58.03
C GLN L 54 26.55 74.16 -57.77
N PHE L 55 25.32 73.80 -57.50
CA PHE L 55 24.35 74.75 -57.01
C PHE L 55 24.59 74.94 -55.52
N THR L 56 24.41 76.18 -55.06
CA THR L 56 24.91 76.95 -53.88
C THR L 56 26.29 77.55 -54.18
N GLN L 57 26.89 77.23 -55.32
CA GLN L 57 28.02 77.99 -55.82
C GLN L 57 27.55 78.72 -57.07
N ALA L 58 27.19 79.98 -56.93
CA ALA L 58 26.51 80.68 -57.99
C ALA L 58 27.02 82.10 -58.12
N LEU L 59 26.53 82.79 -59.16
CA LEU L 59 26.98 84.13 -59.50
C LEU L 59 26.54 85.15 -58.46
N ASP L 60 27.41 86.10 -58.13
CA ASP L 60 27.13 87.08 -57.10
C ASP L 60 26.11 88.12 -57.57
N ARG L 61 25.77 89.01 -56.65
CA ARG L 61 24.60 89.87 -56.82
C ARG L 61 24.84 90.97 -57.84
N GLN L 62 26.04 91.54 -57.84
CA GLN L 62 26.36 92.63 -58.77
C GLN L 62 26.36 92.13 -60.21
N THR L 63 27.05 91.01 -60.46
CA THR L 63 27.13 90.49 -61.82
C THR L 63 25.79 89.93 -62.26
N ALA L 64 25.00 89.41 -61.31
CA ALA L 64 23.66 88.96 -61.64
C ALA L 64 22.76 90.12 -62.05
N THR L 65 22.91 91.27 -61.38
CA THR L 65 22.11 92.43 -61.74
C THR L 65 22.56 93.00 -63.09
N GLN L 66 23.86 92.93 -63.39
CA GLN L 66 24.33 93.39 -64.70
C GLN L 66 23.85 92.47 -65.82
N LEU L 67 23.85 91.16 -65.57
CA LEU L 67 23.32 90.20 -66.52
C LEU L 67 21.82 90.41 -66.72
N LEU L 68 21.11 90.79 -65.66
CA LEU L 68 19.68 91.02 -65.80
C LEU L 68 19.41 92.35 -66.52
N LYS L 69 20.29 93.34 -66.35
CA LYS L 69 20.18 94.56 -67.14
C LYS L 69 20.44 94.29 -68.61
N LEU L 70 21.31 93.32 -68.91
CA LEU L 70 21.45 92.88 -70.30
C LEU L 70 20.17 92.19 -70.78
N ALA L 71 19.67 91.22 -70.02
CA ALA L 71 18.59 90.37 -70.50
C ALA L 71 17.24 91.05 -70.43
N HIS L 72 17.17 92.24 -69.81
CA HIS L 72 15.88 92.92 -69.63
C HIS L 72 15.34 93.44 -70.95
N LYS L 73 16.23 93.76 -71.89
CA LYS L 73 15.84 94.37 -73.16
C LYS L 73 15.75 93.37 -74.30
N TYR L 74 16.15 92.11 -74.09
CA TYR L 74 15.89 91.04 -75.04
C TYR L 74 14.60 90.31 -74.72
N ARG L 75 13.62 91.02 -74.20
CA ARG L 75 12.40 90.45 -73.67
C ARG L 75 11.53 89.84 -74.76
N PRO L 76 11.17 88.57 -74.67
CA PRO L 76 10.23 87.99 -75.62
C PRO L 76 8.85 88.60 -75.43
N GLU L 77 8.12 88.72 -76.54
CA GLU L 77 6.86 89.44 -76.53
C GLU L 77 5.77 88.63 -75.86
N THR L 78 5.17 89.22 -74.82
CA THR L 78 4.00 88.65 -74.19
C THR L 78 2.77 88.91 -75.04
N LYS L 79 1.60 88.51 -74.52
CA LYS L 79 0.38 88.38 -75.32
C LYS L 79 -0.08 89.72 -75.91
N GLN L 80 0.01 90.80 -75.12
CA GLN L 80 -0.42 92.11 -75.58
C GLN L 80 0.47 92.62 -76.71
N GLU L 81 1.78 92.56 -76.51
CA GLU L 81 2.69 93.12 -77.50
C GLU L 81 2.89 92.18 -78.69
N LYS L 82 2.70 90.87 -78.50
CA LYS L 82 2.65 89.95 -79.64
C LYS L 82 1.42 90.23 -80.50
N LYS L 83 0.28 90.45 -79.84
CA LYS L 83 -0.94 90.85 -80.54
C LYS L 83 -0.74 92.17 -81.28
N GLN L 84 -0.03 93.10 -80.64
CA GLN L 84 0.25 94.40 -81.25
C GLN L 84 1.12 94.25 -82.49
N ARG L 85 2.17 93.43 -82.40
CA ARG L 85 3.06 93.25 -83.55
C ARG L 85 2.35 92.53 -84.69
N LEU L 86 1.56 91.50 -84.37
CA LEU L 86 0.81 90.78 -85.41
C LEU L 86 -0.18 91.69 -86.12
N LEU L 87 -1.03 92.39 -85.37
CA LEU L 87 -2.06 93.23 -85.97
C LEU L 87 -1.46 94.43 -86.68
N ALA L 88 -0.43 95.05 -86.08
CA ALA L 88 0.18 96.22 -86.69
C ALA L 88 0.99 95.86 -87.92
N ARG L 89 1.65 94.70 -87.90
CA ARG L 89 2.41 94.27 -89.06
C ARG L 89 1.48 93.90 -90.21
N ALA L 90 0.33 93.29 -89.89
CA ALA L 90 -0.67 93.00 -90.90
C ALA L 90 -1.26 94.27 -91.49
N GLU L 91 -1.50 95.28 -90.65
CA GLU L 91 -2.01 96.56 -91.14
C GLU L 91 -0.99 97.27 -92.02
N LYS L 92 0.28 97.27 -91.63
CA LYS L 92 1.29 97.98 -92.42
C LYS L 92 1.61 97.25 -93.71
N LYS L 93 1.57 95.91 -93.71
CA LYS L 93 1.80 95.19 -94.96
C LYS L 93 0.59 95.30 -95.88
N ALA L 94 -0.62 95.44 -95.30
CA ALA L 94 -1.80 95.63 -96.13
C ALA L 94 -1.87 97.05 -96.69
N ALA L 95 -1.27 98.01 -95.97
CA ALA L 95 -1.24 99.38 -96.49
C ALA L 95 -0.13 99.55 -97.53
N GLY L 96 1.12 99.35 -97.11
CA GLY L 96 2.26 99.56 -97.98
C GLY L 96 2.55 98.47 -98.98
N LYS L 97 1.87 97.32 -98.88
CA LYS L 97 1.97 96.19 -99.80
C LYS L 97 3.40 95.63 -99.88
N GLY L 98 4.12 95.70 -98.77
CA GLY L 98 5.51 95.27 -98.77
C GLY L 98 5.63 93.76 -98.64
N ASP L 99 6.83 93.27 -98.97
CA ASP L 99 7.12 91.84 -98.87
C ASP L 99 7.80 91.52 -97.54
N VAL L 100 8.98 92.08 -97.31
CA VAL L 100 9.75 91.77 -96.11
C VAL L 100 10.21 93.03 -95.37
N PRO L 101 9.31 93.75 -94.69
CA PRO L 101 9.75 94.89 -93.87
C PRO L 101 10.48 94.48 -92.60
N THR L 102 10.21 93.28 -92.07
CA THR L 102 10.84 92.82 -90.84
C THR L 102 12.28 92.40 -91.12
N LYS L 103 13.22 93.12 -90.52
CA LYS L 103 14.64 92.89 -90.80
C LYS L 103 15.15 91.61 -90.16
N ARG L 104 15.26 91.62 -88.83
CA ARG L 104 15.68 90.54 -87.94
C ARG L 104 15.24 90.89 -86.53
N PRO L 105 14.47 90.03 -85.88
CA PRO L 105 14.32 90.12 -84.43
C PRO L 105 15.34 89.26 -83.70
N PRO L 106 16.24 89.87 -82.93
CA PRO L 106 17.05 89.06 -82.00
C PRO L 106 16.36 88.90 -80.64
N VAL L 107 16.08 87.67 -80.26
CA VAL L 107 15.30 87.43 -79.04
C VAL L 107 15.90 86.22 -78.34
N LEU L 108 15.70 86.14 -77.02
CA LEU L 108 16.27 85.04 -76.25
C LEU L 108 15.32 83.86 -76.20
N ARG L 109 15.86 82.67 -76.37
CA ARG L 109 15.11 81.43 -76.29
C ARG L 109 15.07 80.99 -74.82
N ALA L 110 13.97 80.39 -74.41
CA ALA L 110 13.88 79.86 -73.07
C ALA L 110 13.28 78.45 -73.07
N GLY L 111 13.40 77.78 -71.94
CA GLY L 111 12.96 76.40 -71.84
C GLY L 111 14.10 75.43 -72.04
N VAL L 112 14.05 74.27 -71.36
CA VAL L 112 15.20 73.39 -71.32
C VAL L 112 15.41 72.69 -72.66
N ASN L 113 14.32 72.31 -73.33
CA ASN L 113 14.46 71.67 -74.63
C ASN L 113 14.95 72.65 -75.68
N THR L 114 14.53 73.91 -75.59
CA THR L 114 14.96 74.89 -76.56
C THR L 114 16.40 75.32 -76.31
N VAL L 115 16.84 75.29 -75.06
CA VAL L 115 18.24 75.58 -74.76
C VAL L 115 19.14 74.44 -75.21
N THR L 116 18.76 73.20 -74.88
CA THR L 116 19.64 72.06 -75.08
C THR L 116 19.89 71.78 -76.56
N THR L 117 18.88 72.02 -77.40
CA THR L 117 19.05 71.89 -78.85
C THR L 117 20.07 72.90 -79.38
N LEU L 118 20.01 74.14 -78.91
CA LEU L 118 20.95 75.16 -79.36
C LEU L 118 22.34 74.88 -78.84
N VAL L 119 22.46 74.29 -77.65
CA VAL L 119 23.78 74.01 -77.13
C VAL L 119 24.39 72.80 -77.84
N GLU L 120 23.56 71.83 -78.23
CA GLU L 120 24.06 70.71 -79.02
C GLU L 120 24.51 71.16 -80.40
N ASN L 121 23.71 71.98 -81.07
CA ASN L 121 24.06 72.44 -82.41
C ASN L 121 24.97 73.65 -82.38
N LYS L 122 25.43 74.06 -81.19
CA LYS L 122 26.45 75.11 -80.99
C LYS L 122 25.98 76.47 -81.51
N LYS L 123 24.73 76.82 -81.21
CA LYS L 123 24.24 78.15 -81.52
C LYS L 123 24.25 79.08 -80.33
N ALA L 124 24.40 78.55 -79.12
CA ALA L 124 24.25 79.33 -77.90
C ALA L 124 25.51 80.11 -77.60
N GLN L 125 25.37 81.41 -77.34
CA GLN L 125 26.51 82.21 -76.89
C GLN L 125 26.65 82.15 -75.38
N LEU L 126 25.54 82.14 -74.65
CA LEU L 126 25.59 82.24 -73.20
C LEU L 126 24.37 81.58 -72.57
N VAL L 127 24.60 80.62 -71.68
CA VAL L 127 23.52 79.83 -71.10
C VAL L 127 23.34 80.23 -69.64
N VAL L 128 22.15 80.70 -69.31
CA VAL L 128 21.79 81.09 -67.95
C VAL L 128 20.96 79.97 -67.33
N ILE L 129 21.44 79.41 -66.23
CA ILE L 129 20.79 78.31 -65.53
C ILE L 129 20.32 78.78 -64.17
N ALA L 130 19.05 78.58 -63.88
CA ALA L 130 18.48 78.96 -62.59
C ALA L 130 18.93 77.99 -61.51
N HIS L 131 18.92 78.47 -60.27
CA HIS L 131 19.41 77.73 -59.11
C HIS L 131 18.41 76.75 -58.51
N ASP L 132 17.13 77.09 -58.46
CA ASP L 132 16.21 76.50 -57.49
C ASP L 132 15.36 75.36 -58.04
N VAL L 133 15.86 74.61 -59.01
CA VAL L 133 15.02 73.60 -59.65
C VAL L 133 14.91 72.40 -58.75
N ASP L 134 13.68 72.12 -58.26
CA ASP L 134 13.50 71.18 -57.17
C ASP L 134 13.66 69.72 -57.59
N PRO L 135 13.20 69.28 -58.79
CA PRO L 135 13.83 68.07 -59.35
C PRO L 135 15.12 68.45 -60.04
N ILE L 136 16.27 68.14 -59.43
CA ILE L 136 17.52 68.64 -59.97
C ILE L 136 17.96 67.82 -61.18
N GLU L 137 17.30 66.68 -61.42
CA GLU L 137 17.52 65.87 -62.61
C GLU L 137 17.13 66.63 -63.87
N LEU L 138 16.27 67.64 -63.74
CA LEU L 138 15.90 68.47 -64.87
C LEU L 138 17.07 69.33 -65.34
N VAL L 139 18.12 69.48 -64.53
CA VAL L 139 19.23 70.34 -64.89
C VAL L 139 20.56 69.59 -65.02
N VAL L 140 20.86 68.63 -64.13
CA VAL L 140 22.25 68.26 -63.80
C VAL L 140 23.06 67.71 -64.98
N PHE L 141 22.43 67.50 -66.13
CA PHE L 141 23.22 67.21 -67.30
C PHE L 141 23.84 68.47 -67.90
N LEU L 142 23.18 69.62 -67.75
CA LEU L 142 23.59 70.86 -68.41
C LEU L 142 24.99 71.39 -68.10
N PRO L 143 25.54 71.33 -66.86
CA PRO L 143 26.92 71.84 -66.69
C PRO L 143 27.98 71.07 -67.44
N ALA L 144 27.96 69.74 -67.37
CA ALA L 144 28.96 68.96 -68.10
C ALA L 144 28.73 69.04 -69.60
N LEU L 145 27.47 69.22 -70.01
CA LEU L 145 27.16 69.31 -71.43
C LEU L 145 27.66 70.63 -72.01
N CYS L 146 27.44 71.73 -71.30
CA CYS L 146 27.97 73.02 -71.74
C CYS L 146 29.48 73.05 -71.64
N ARG L 147 30.05 72.31 -70.69
CA ARG L 147 31.50 72.18 -70.58
C ARG L 147 32.09 71.49 -71.80
N LYS L 148 31.47 70.39 -72.24
CA LYS L 148 31.94 69.73 -73.46
C LYS L 148 31.74 70.59 -74.69
N MET L 149 30.57 71.22 -74.82
CA MET L 149 30.28 71.93 -76.06
C MET L 149 30.86 73.34 -76.08
N GLY L 150 31.52 73.78 -75.00
CA GLY L 150 32.26 75.01 -75.02
C GLY L 150 31.44 76.27 -74.81
N VAL L 151 30.13 76.15 -74.68
CA VAL L 151 29.28 77.31 -74.47
C VAL L 151 29.40 77.71 -73.01
N PRO L 152 29.68 78.96 -72.69
CA PRO L 152 29.78 79.36 -71.28
C PRO L 152 28.42 79.47 -70.63
N TYR L 153 28.37 79.02 -69.38
CA TYR L 153 27.12 78.94 -68.64
C TYR L 153 27.32 79.55 -67.26
N CYS L 154 26.27 80.16 -66.75
CA CYS L 154 26.31 80.80 -65.45
C CYS L 154 25.08 80.42 -64.64
N ILE L 155 25.34 80.07 -63.39
CA ILE L 155 24.30 79.69 -62.44
C ILE L 155 23.87 80.95 -61.70
N ILE L 156 22.60 81.29 -61.80
CA ILE L 156 22.06 82.49 -61.19
C ILE L 156 20.98 82.08 -60.20
N LYS L 157 20.86 82.83 -59.11
CA LYS L 157 19.97 82.44 -58.03
C LYS L 157 18.59 83.03 -58.22
N GLY L 158 17.57 82.18 -58.13
CA GLY L 158 16.19 82.61 -58.21
C GLY L 158 15.54 82.25 -59.51
N LYS L 159 14.82 81.14 -59.53
CA LYS L 159 14.15 80.72 -60.76
C LYS L 159 12.90 81.55 -61.00
N ALA L 160 12.39 82.20 -59.97
CA ALA L 160 11.29 83.13 -60.17
C ALA L 160 11.79 84.44 -60.74
N ARG L 161 13.07 84.76 -60.51
CA ARG L 161 13.62 85.99 -61.04
C ARG L 161 13.86 85.89 -62.54
N LEU L 162 14.00 84.66 -63.06
CA LEU L 162 14.04 84.49 -64.51
C LEU L 162 12.65 84.55 -65.12
N GLY L 163 11.61 84.43 -64.29
CA GLY L 163 10.26 84.42 -64.82
C GLY L 163 9.75 85.82 -65.09
N ARG L 164 10.26 86.81 -64.36
CA ARG L 164 9.78 88.18 -64.54
C ARG L 164 10.29 88.80 -65.83
N LEU L 165 11.30 88.20 -66.46
CA LEU L 165 11.73 88.69 -67.75
C LEU L 165 11.09 87.91 -68.88
N VAL L 166 10.47 86.76 -68.58
CA VAL L 166 9.84 85.96 -69.62
C VAL L 166 8.33 85.91 -69.49
N HIS L 167 7.77 86.71 -68.57
CA HIS L 167 6.32 86.86 -68.34
C HIS L 167 5.68 85.54 -67.93
N ARG L 168 6.27 84.88 -66.95
CA ARG L 168 5.87 83.54 -66.57
C ARG L 168 6.36 83.30 -65.15
N LYS L 169 5.98 82.17 -64.56
CA LYS L 169 6.37 81.92 -63.18
C LYS L 169 7.77 81.36 -63.09
N THR L 170 8.00 80.17 -63.64
CA THR L 170 9.30 79.51 -63.59
C THR L 170 9.87 79.42 -65.00
N CYS L 171 11.17 79.60 -65.12
CA CYS L 171 11.77 79.69 -66.45
C CYS L 171 12.91 78.72 -66.67
N THR L 172 13.75 78.52 -65.64
CA THR L 172 14.74 77.44 -65.47
C THR L 172 15.97 77.57 -66.37
N THR L 173 15.89 78.33 -67.46
CA THR L 173 16.94 78.40 -68.47
C THR L 173 16.68 79.59 -69.39
N VAL L 174 17.77 80.28 -69.74
CA VAL L 174 17.73 81.39 -70.69
C VAL L 174 18.90 81.24 -71.65
N ALA L 175 18.62 81.26 -72.94
CA ALA L 175 19.64 81.13 -73.97
C ALA L 175 19.96 82.48 -74.57
N PHE L 176 21.25 82.73 -74.79
CA PHE L 176 21.70 83.85 -75.59
C PHE L 176 22.41 83.29 -76.81
N THR L 177 21.90 83.63 -77.99
CA THR L 177 22.48 83.23 -79.26
C THR L 177 22.81 84.39 -80.17
N GLN L 178 22.06 85.48 -80.09
CA GLN L 178 22.12 86.55 -81.09
C GLN L 178 22.08 87.87 -80.35
N VAL L 179 22.91 88.80 -80.79
CA VAL L 179 23.17 90.02 -80.04
C VAL L 179 22.90 91.21 -80.96
N ASN L 180 22.66 92.37 -80.37
CA ASN L 180 22.56 93.60 -81.15
C ASN L 180 23.93 94.19 -81.41
N SER L 181 23.93 95.41 -81.94
CA SER L 181 25.19 96.08 -82.26
C SER L 181 25.90 96.56 -81.01
N GLU L 182 25.18 97.21 -80.10
CA GLU L 182 25.83 97.79 -78.93
C GLU L 182 26.18 96.73 -77.91
N ASP L 183 25.37 95.68 -77.80
CA ASP L 183 25.45 94.80 -76.65
C ASP L 183 26.55 93.76 -76.78
N LYS L 184 27.27 93.76 -77.91
CA LYS L 184 28.30 92.75 -78.15
C LYS L 184 29.47 92.90 -77.17
N GLY L 185 29.91 94.13 -76.93
CA GLY L 185 31.01 94.35 -76.02
C GLY L 185 30.66 94.06 -74.57
N ALA L 186 29.41 94.35 -74.20
CA ALA L 186 28.95 94.01 -72.85
C ALA L 186 28.81 92.50 -72.68
N LEU L 187 28.35 91.82 -73.74
CA LEU L 187 28.19 90.38 -73.65
C LEU L 187 29.54 89.67 -73.55
N ALA L 188 30.53 90.14 -74.32
CA ALA L 188 31.86 89.54 -74.24
C ALA L 188 32.51 89.81 -72.89
N LYS L 189 32.27 91.00 -72.35
CA LYS L 189 32.75 91.36 -71.01
C LYS L 189 32.13 90.46 -69.94
N LEU L 190 30.87 90.06 -70.14
CA LEU L 190 30.26 89.10 -69.23
C LEU L 190 30.84 87.70 -69.42
N VAL L 191 31.05 87.28 -70.67
CA VAL L 191 31.48 85.93 -70.98
C VAL L 191 32.88 85.68 -70.45
N GLU L 192 33.72 86.72 -70.41
CA GLU L 192 35.07 86.57 -69.88
C GLU L 192 35.07 86.21 -68.40
N ALA L 193 34.30 86.94 -67.59
CA ALA L 193 34.25 86.64 -66.15
C ALA L 193 33.52 85.33 -65.88
N ILE L 194 32.55 84.98 -66.74
CA ILE L 194 31.85 83.72 -66.53
C ILE L 194 32.73 82.53 -66.88
N ARG L 195 33.57 82.64 -67.91
CA ARG L 195 34.55 81.60 -68.18
C ARG L 195 35.62 81.54 -67.09
N THR L 196 35.91 82.67 -66.46
CA THR L 196 36.82 82.66 -65.32
C THR L 196 36.21 81.90 -64.15
N ASN L 197 34.91 82.07 -63.94
CA ASN L 197 34.27 81.41 -62.79
C ASN L 197 34.02 79.93 -63.03
N TYR L 198 33.26 79.58 -64.08
CA TYR L 198 32.63 78.28 -64.16
C TYR L 198 33.39 77.27 -65.02
N ASN L 199 33.62 77.59 -66.29
CA ASN L 199 34.08 76.58 -67.24
C ASN L 199 35.53 76.17 -67.00
N ASP L 200 36.38 77.15 -66.70
CA ASP L 200 37.80 76.85 -66.57
C ASP L 200 38.13 76.27 -65.21
N ARG L 201 37.19 76.36 -64.27
CA ARG L 201 37.32 75.77 -62.96
C ARG L 201 36.45 74.52 -62.79
N TYR L 202 36.02 73.93 -63.90
CA TYR L 202 35.12 72.78 -63.83
C TYR L 202 35.82 71.56 -63.25
N ASP L 203 37.08 71.35 -63.62
CA ASP L 203 37.82 70.20 -63.10
C ASP L 203 38.13 70.37 -61.62
N GLU L 204 38.17 71.61 -61.16
CA GLU L 204 38.24 71.90 -59.73
C GLU L 204 36.92 71.58 -59.04
N ILE L 205 35.81 72.03 -59.62
CA ILE L 205 34.51 71.94 -58.97
C ILE L 205 34.00 70.51 -58.93
N ARG L 206 34.40 69.69 -59.92
CA ARG L 206 33.81 68.36 -60.07
C ARG L 206 34.27 67.38 -58.98
N ARG L 207 35.26 67.78 -58.18
CA ARG L 207 35.76 66.85 -57.16
C ARG L 207 35.39 67.30 -55.75
N HIS L 208 34.80 68.49 -55.61
CA HIS L 208 34.35 68.94 -54.30
C HIS L 208 33.10 68.19 -53.85
N TRP L 209 33.13 67.71 -52.62
CA TRP L 209 31.94 67.16 -51.97
C TRP L 209 31.37 68.21 -51.02
N GLY L 210 30.26 68.83 -51.41
CA GLY L 210 29.63 69.85 -50.61
C GLY L 210 28.92 69.26 -49.41
N GLY L 211 28.50 70.15 -48.52
CA GLY L 211 27.82 69.70 -47.32
C GLY L 211 28.80 69.08 -46.33
N ASN L 212 28.39 67.94 -45.76
CA ASN L 212 29.09 67.24 -44.68
C ASN L 212 29.38 68.18 -43.51
N VAL L 213 28.35 68.91 -43.08
CA VAL L 213 28.46 69.90 -42.02
C VAL L 213 27.63 69.41 -40.85
N LEU L 214 28.28 69.10 -39.74
CA LEU L 214 27.59 68.64 -38.55
C LEU L 214 26.84 69.79 -37.89
N GLY L 215 25.93 69.44 -36.99
CA GLY L 215 25.13 70.40 -36.28
C GLY L 215 25.97 71.28 -35.36
N PRO L 216 25.59 72.55 -35.21
CA PRO L 216 26.46 73.50 -34.50
C PRO L 216 26.58 73.20 -33.02
N LYS L 217 25.57 72.57 -32.43
CA LYS L 217 25.70 72.10 -31.06
C LYS L 217 26.76 71.02 -30.93
N SER L 218 26.76 70.06 -31.87
CA SER L 218 27.75 69.00 -31.85
C SER L 218 29.15 69.52 -32.17
N VAL L 219 29.24 70.51 -33.07
CA VAL L 219 30.51 71.12 -33.40
C VAL L 219 31.06 71.88 -32.19
N ALA L 220 30.17 72.55 -31.45
CA ALA L 220 30.58 73.25 -30.24
C ALA L 220 31.02 72.29 -29.15
N ARG L 221 30.36 71.13 -29.06
CA ARG L 221 30.77 70.14 -28.07
C ARG L 221 32.13 69.54 -28.41
N ILE L 222 32.37 69.24 -29.69
CA ILE L 222 33.67 68.70 -30.09
C ILE L 222 34.76 69.74 -29.94
N ALA L 223 34.44 71.02 -30.17
CA ALA L 223 35.43 72.07 -29.97
C ALA L 223 35.75 72.28 -28.49
N LYS L 224 34.73 72.12 -27.63
CA LYS L 224 34.97 72.22 -26.19
C LYS L 224 35.80 71.04 -25.70
N LEU L 225 35.57 69.85 -26.26
CA LEU L 225 36.42 68.71 -25.92
C LEU L 225 37.82 68.87 -26.51
N GLU L 226 37.95 69.64 -27.59
CA GLU L 226 39.28 69.91 -28.13
C GLU L 226 40.03 70.89 -27.23
N LYS L 227 39.31 71.84 -26.63
CA LYS L 227 39.93 72.68 -25.61
C LYS L 227 40.28 71.87 -24.36
N ALA L 228 39.49 70.84 -24.06
CA ALA L 228 39.84 69.93 -22.97
C ALA L 228 41.09 69.13 -23.30
N LYS L 229 41.25 68.74 -24.57
CA LYS L 229 42.48 68.10 -25.02
C LYS L 229 43.67 69.04 -24.92
N ALA L 230 43.45 70.32 -25.21
CA ALA L 230 44.51 71.31 -25.02
C ALA L 230 44.85 71.50 -23.54
N LYS L 231 43.86 71.35 -22.68
CA LYS L 231 44.10 71.41 -21.23
C LYS L 231 44.86 70.19 -20.75
N GLU L 232 44.62 69.03 -21.37
CA GLU L 232 45.37 67.83 -21.02
C GLU L 232 46.81 67.91 -21.50
N LEU L 233 47.02 68.40 -22.72
CA LEU L 233 48.37 68.44 -23.27
C LEU L 233 49.18 69.59 -22.69
N ALA L 234 48.73 70.83 -22.90
CA ALA L 234 49.45 71.99 -22.39
C ALA L 234 48.65 72.69 -21.30
N MET M 1 -48.68 -76.59 -23.43
CA MET M 1 -48.55 -77.09 -24.79
C MET M 1 -49.89 -77.57 -25.33
N LYS M 2 -50.96 -77.07 -24.69
CA LYS M 2 -52.35 -77.44 -24.98
C LYS M 2 -52.56 -78.95 -24.82
N THR M 3 -52.47 -79.41 -23.59
CA THR M 3 -52.64 -80.84 -23.26
C THR M 3 -54.08 -81.28 -23.49
N ILE M 4 -54.45 -82.44 -22.96
CA ILE M 4 -55.80 -82.95 -23.16
C ILE M 4 -56.40 -83.79 -22.03
N LEU M 5 -57.62 -83.42 -21.63
CA LEU M 5 -58.43 -84.10 -20.62
C LEU M 5 -57.85 -84.50 -19.27
N SER M 6 -56.92 -83.75 -18.70
CA SER M 6 -56.42 -84.13 -17.39
C SER M 6 -57.63 -84.44 -16.51
N ASN M 7 -57.50 -85.49 -15.70
CA ASN M 7 -58.60 -85.98 -14.89
C ASN M 7 -58.17 -86.35 -13.48
N GLN M 8 -58.89 -85.83 -12.49
CA GLN M 8 -58.62 -86.20 -11.12
C GLN M 8 -59.75 -87.06 -10.56
N THR M 9 -59.37 -87.97 -9.67
CA THR M 9 -60.24 -89.02 -9.15
C THR M 9 -60.56 -88.74 -7.70
N VAL M 10 -61.82 -88.42 -7.42
CA VAL M 10 -62.28 -88.11 -6.08
C VAL M 10 -63.21 -89.20 -5.62
N ASP M 11 -62.72 -90.06 -4.73
CA ASP M 11 -63.56 -91.01 -4.05
C ASP M 11 -64.57 -90.30 -3.16
N ILE M 12 -65.75 -90.90 -3.00
CA ILE M 12 -66.72 -90.39 -2.03
C ILE M 12 -67.13 -91.54 -1.11
N PRO M 13 -67.09 -91.36 0.21
CA PRO M 13 -67.47 -92.45 1.11
C PRO M 13 -68.98 -92.68 1.15
N GLU M 14 -69.38 -93.64 1.99
CA GLU M 14 -70.73 -94.19 1.91
C GLU M 14 -71.76 -93.28 2.58
N ASN M 15 -71.36 -92.48 3.56
CA ASN M 15 -72.34 -91.75 4.37
C ASN M 15 -72.86 -90.52 3.66
N VAL M 16 -72.00 -89.84 2.90
CA VAL M 16 -72.34 -88.56 2.29
C VAL M 16 -72.91 -88.79 0.90
N ASP M 17 -73.81 -87.92 0.50
CA ASP M 17 -74.53 -88.04 -0.76
C ASP M 17 -74.43 -86.72 -1.51
N ILE M 18 -73.83 -86.76 -2.70
CA ILE M 18 -73.44 -85.56 -3.41
C ILE M 18 -74.48 -85.30 -4.51
N THR M 19 -74.61 -84.04 -4.91
CA THR M 19 -75.57 -83.62 -5.91
C THR M 19 -75.13 -82.29 -6.50
N LEU M 20 -74.92 -82.26 -7.80
CA LEU M 20 -74.42 -81.06 -8.46
C LEU M 20 -75.42 -80.61 -9.52
N LYS M 21 -75.57 -79.30 -9.65
CA LYS M 21 -76.45 -78.73 -10.66
C LYS M 21 -75.68 -77.99 -11.75
N GLY M 22 -74.38 -78.21 -11.85
CA GLY M 22 -73.55 -77.51 -12.80
C GLY M 22 -72.12 -77.47 -12.30
N ARG M 23 -71.52 -76.29 -12.25
CA ARG M 23 -70.29 -76.13 -11.49
C ARG M 23 -70.56 -75.74 -10.05
N THR M 24 -71.81 -75.72 -9.63
CA THR M 24 -72.16 -75.48 -8.23
C THR M 24 -72.29 -76.83 -7.55
N VAL M 25 -71.50 -77.06 -6.51
CA VAL M 25 -71.44 -78.35 -5.85
C VAL M 25 -72.19 -78.24 -4.54
N ILE M 26 -73.14 -79.15 -4.33
CA ILE M 26 -73.91 -79.22 -3.09
C ILE M 26 -73.72 -80.60 -2.48
N VAL M 27 -73.22 -80.64 -1.25
CA VAL M 27 -72.89 -81.88 -0.56
C VAL M 27 -73.73 -81.94 0.71
N LYS M 28 -74.32 -83.11 0.97
CA LYS M 28 -75.08 -83.34 2.20
C LYS M 28 -74.36 -84.41 3.01
N GLY M 29 -74.42 -84.28 4.33
CA GLY M 29 -73.87 -85.28 5.22
C GLY M 29 -74.54 -85.28 6.58
N PRO M 30 -73.92 -85.94 7.55
CA PRO M 30 -74.51 -85.97 8.90
C PRO M 30 -74.43 -84.64 9.63
N ARG M 31 -73.31 -83.92 9.50
CA ARG M 31 -73.11 -82.66 10.19
C ARG M 31 -73.49 -81.54 9.22
N GLY M 32 -74.79 -81.33 9.05
CA GLY M 32 -75.30 -80.29 8.19
C GLY M 32 -75.05 -80.57 6.72
N THR M 33 -75.36 -79.55 5.91
CA THR M 33 -75.10 -79.60 4.48
C THR M 33 -74.14 -78.49 4.13
N LEU M 34 -73.70 -78.47 2.88
CA LEU M 34 -72.64 -77.57 2.46
C LEU M 34 -72.76 -77.36 0.96
N ARG M 35 -72.24 -76.24 0.46
CA ARG M 35 -72.23 -75.96 -0.96
C ARG M 35 -71.16 -74.95 -1.30
N ARG M 36 -70.62 -75.05 -2.51
CA ARG M 36 -69.78 -74.00 -3.05
C ARG M 36 -70.11 -73.75 -4.52
N ASP M 37 -69.56 -72.66 -5.03
CA ASP M 37 -69.81 -72.18 -6.37
C ASP M 37 -68.50 -72.12 -7.14
N PHE M 38 -68.31 -73.04 -8.07
CA PHE M 38 -67.06 -73.12 -8.82
C PHE M 38 -67.22 -72.54 -10.22
N ASN M 39 -67.97 -71.45 -10.35
CA ASN M 39 -68.47 -71.00 -11.64
C ASN M 39 -67.36 -70.50 -12.54
N HIS M 40 -66.31 -69.92 -11.95
CA HIS M 40 -65.36 -69.16 -12.74
C HIS M 40 -64.19 -70.02 -13.21
N ILE M 41 -64.37 -71.33 -13.25
CA ILE M 41 -63.22 -72.23 -13.32
C ILE M 41 -63.23 -73.03 -14.62
N ASN M 42 -64.43 -73.26 -15.18
CA ASN M 42 -64.65 -73.80 -16.54
C ASN M 42 -64.08 -75.21 -16.72
N VAL M 43 -64.43 -76.10 -15.78
CA VAL M 43 -63.92 -77.46 -15.76
C VAL M 43 -65.09 -78.43 -15.76
N GLU M 44 -65.02 -79.45 -16.62
CA GLU M 44 -66.01 -80.52 -16.65
C GLU M 44 -66.11 -81.23 -15.30
N LEU M 45 -67.33 -81.28 -14.76
CA LEU M 45 -67.62 -82.04 -13.56
C LEU M 45 -68.54 -83.18 -13.89
N SER M 46 -68.24 -84.37 -13.39
CA SER M 46 -69.06 -85.54 -13.65
C SER M 46 -68.85 -86.56 -12.57
N LEU M 47 -69.88 -87.36 -12.29
CA LEU M 47 -69.79 -88.42 -11.31
C LEU M 47 -70.28 -89.73 -11.92
N LEU M 48 -69.73 -90.84 -11.46
CA LEU M 48 -70.00 -92.15 -12.03
C LEU M 48 -70.02 -93.20 -10.93
N GLY M 49 -70.91 -94.18 -11.06
CA GLY M 49 -70.97 -95.27 -10.11
C GLY M 49 -72.27 -95.32 -9.33
N LYS M 50 -73.05 -96.38 -9.55
CA LYS M 50 -74.30 -96.60 -8.82
C LYS M 50 -73.96 -96.93 -7.38
N LYS M 51 -74.16 -95.93 -6.51
CA LYS M 51 -73.95 -96.00 -5.06
C LYS M 51 -72.49 -96.30 -4.68
N LYS M 52 -71.55 -96.12 -5.60
CA LYS M 52 -70.14 -96.15 -5.21
C LYS M 52 -69.61 -94.73 -5.08
N LYS M 53 -70.21 -93.79 -5.83
CA LYS M 53 -69.97 -92.35 -5.76
C LYS M 53 -68.50 -91.99 -6.00
N ARG M 54 -68.05 -92.31 -7.21
CA ARG M 54 -66.80 -91.82 -7.75
C ARG M 54 -67.08 -90.52 -8.46
N LEU M 55 -66.23 -89.53 -8.26
CA LEU M 55 -66.33 -88.24 -8.93
C LEU M 55 -65.07 -88.07 -9.77
N ARG M 56 -65.22 -87.59 -11.00
CA ARG M 56 -64.07 -87.26 -11.79
C ARG M 56 -64.14 -85.79 -12.18
N VAL M 57 -63.00 -85.12 -12.12
CA VAL M 57 -62.90 -83.71 -12.46
C VAL M 57 -62.00 -83.62 -13.67
N ASP M 58 -62.54 -83.13 -14.77
CA ASP M 58 -61.93 -83.31 -16.07
C ASP M 58 -61.80 -81.96 -16.77
N LYS M 59 -60.59 -81.61 -17.19
CA LYS M 59 -60.41 -80.41 -17.99
C LYS M 59 -59.66 -80.74 -19.26
N TRP M 60 -60.19 -80.27 -20.39
CA TRP M 60 -59.59 -80.52 -21.70
C TRP M 60 -58.78 -79.30 -22.14
N TRP M 61 -57.86 -79.53 -23.06
CA TRP M 61 -56.99 -78.48 -23.59
C TRP M 61 -56.32 -77.71 -22.46
N GLY M 62 -56.68 -76.44 -22.27
CA GLY M 62 -56.07 -75.70 -21.17
C GLY M 62 -54.69 -75.15 -21.44
N ASN M 63 -54.04 -74.74 -20.35
CA ASN M 63 -52.65 -74.37 -20.34
C ASN M 63 -51.99 -75.02 -19.13
N ARG M 64 -50.76 -74.60 -18.86
CA ARG M 64 -50.07 -75.12 -17.67
C ARG M 64 -50.72 -74.57 -16.40
N LYS M 65 -51.15 -73.31 -16.44
CA LYS M 65 -51.89 -72.74 -15.31
C LYS M 65 -53.21 -73.46 -15.09
N GLU M 66 -53.82 -73.96 -16.16
CA GLU M 66 -55.14 -74.56 -15.99
C GLU M 66 -55.01 -76.03 -15.63
N LEU M 67 -53.91 -76.67 -16.00
CA LEU M 67 -53.58 -77.96 -15.43
C LEU M 67 -53.25 -77.82 -13.95
N ALA M 68 -52.73 -76.67 -13.54
CA ALA M 68 -52.59 -76.41 -12.12
C ALA M 68 -53.96 -76.18 -11.47
N THR M 69 -54.89 -75.61 -12.23
CA THR M 69 -56.23 -75.34 -11.70
C THR M 69 -57.01 -76.62 -11.43
N VAL M 70 -56.83 -77.64 -12.28
CA VAL M 70 -57.72 -78.81 -12.24
C VAL M 70 -57.50 -79.66 -10.98
N ARG M 71 -56.39 -79.46 -10.27
CA ARG M 71 -56.19 -80.20 -9.03
C ARG M 71 -56.86 -79.48 -7.86
N THR M 72 -57.05 -78.17 -7.98
CA THR M 72 -57.58 -77.38 -6.88
C THR M 72 -59.06 -77.71 -6.63
N ILE M 73 -59.79 -78.06 -7.68
CA ILE M 73 -61.17 -78.51 -7.53
C ILE M 73 -61.22 -79.82 -6.77
N CYS M 74 -60.32 -80.75 -7.11
CA CYS M 74 -60.19 -82.01 -6.38
C CYS M 74 -59.90 -81.79 -4.92
N SER M 75 -58.99 -80.86 -4.61
CA SER M 75 -58.62 -80.66 -3.22
C SER M 75 -59.73 -79.99 -2.42
N HIS M 76 -60.47 -79.07 -3.05
CA HIS M 76 -61.57 -78.45 -2.32
C HIS M 76 -62.74 -79.41 -2.11
N VAL M 77 -62.98 -80.31 -3.07
CA VAL M 77 -64.02 -81.32 -2.85
C VAL M 77 -63.61 -82.29 -1.77
N GLN M 78 -62.31 -82.62 -1.70
CA GLN M 78 -61.78 -83.41 -0.59
C GLN M 78 -62.01 -82.73 0.76
N ASN M 79 -61.74 -81.42 0.84
CA ASN M 79 -61.90 -80.72 2.11
C ASN M 79 -63.37 -80.57 2.49
N MET M 80 -64.26 -80.42 1.50
CA MET M 80 -65.68 -80.37 1.81
C MET M 80 -66.18 -81.72 2.30
N ILE M 81 -65.65 -82.82 1.76
CA ILE M 81 -66.09 -84.14 2.19
C ILE M 81 -65.55 -84.46 3.58
N LYS M 82 -64.33 -84.01 3.89
CA LYS M 82 -63.83 -84.13 5.26
C LYS M 82 -64.66 -83.31 6.23
N GLY M 83 -65.09 -82.13 5.81
CA GLY M 83 -65.85 -81.26 6.71
C GLY M 83 -67.25 -81.77 6.98
N VAL M 84 -67.93 -82.24 5.94
CA VAL M 84 -69.34 -82.57 6.10
C VAL M 84 -69.51 -83.91 6.82
N THR M 85 -68.47 -84.73 6.81
CA THR M 85 -68.45 -85.88 7.70
C THR M 85 -68.06 -85.44 9.10
N LEU M 86 -66.85 -84.92 9.24
CA LEU M 86 -66.29 -84.70 10.57
C LEU M 86 -66.51 -83.28 11.04
N GLY M 87 -66.03 -82.31 10.28
CA GLY M 87 -65.94 -80.94 10.75
C GLY M 87 -64.57 -80.65 11.31
N PHE M 88 -64.19 -79.39 11.23
CA PHE M 88 -62.84 -78.98 11.54
C PHE M 88 -62.76 -78.31 12.90
N ARG M 89 -61.65 -78.56 13.58
CA ARG M 89 -61.43 -78.17 14.96
C ARG M 89 -60.03 -77.58 15.07
N TYR M 90 -59.95 -76.33 15.50
CA TYR M 90 -58.69 -75.63 15.64
C TYR M 90 -58.44 -75.36 17.12
N LYS M 91 -57.32 -75.88 17.63
CA LYS M 91 -56.94 -75.78 19.03
C LYS M 91 -55.84 -74.74 19.15
N MET M 92 -56.08 -73.73 19.99
CA MET M 92 -55.21 -72.57 20.10
C MET M 92 -54.84 -72.34 21.55
N ARG M 93 -53.58 -72.56 21.91
CA ARG M 93 -53.10 -72.23 23.24
C ARG M 93 -52.65 -70.78 23.24
N SER M 94 -53.23 -69.99 24.13
CA SER M 94 -52.82 -68.59 24.24
C SER M 94 -51.52 -68.49 25.01
N VAL M 95 -50.53 -67.84 24.42
CA VAL M 95 -49.20 -67.75 24.99
C VAL M 95 -49.03 -66.36 25.60
N TYR M 96 -48.94 -66.31 26.92
CA TYR M 96 -48.90 -65.01 27.58
C TYR M 96 -47.68 -64.90 28.48
N ALA M 97 -47.10 -63.71 28.48
CA ALA M 97 -46.01 -63.25 29.33
C ALA M 97 -46.53 -62.85 30.69
N HIS M 98 -45.80 -61.95 31.36
CA HIS M 98 -46.17 -61.40 32.68
C HIS M 98 -47.61 -60.88 32.74
N PHE M 99 -48.17 -60.41 31.64
CA PHE M 99 -49.59 -60.07 31.62
C PHE M 99 -50.42 -61.28 31.20
N PRO M 100 -51.55 -61.54 31.84
CA PRO M 100 -52.48 -62.54 31.32
C PRO M 100 -53.27 -62.00 30.15
N ILE M 101 -53.91 -62.90 29.42
CA ILE M 101 -54.94 -62.56 28.45
C ILE M 101 -56.23 -63.26 28.85
N ASN M 102 -57.28 -62.49 29.02
CA ASN M 102 -58.60 -63.04 29.32
C ASN M 102 -59.35 -63.13 28.00
N VAL M 103 -60.00 -64.26 27.74
CA VAL M 103 -60.80 -64.43 26.54
C VAL M 103 -62.18 -64.92 26.94
N VAL M 104 -63.21 -64.16 26.57
CA VAL M 104 -64.59 -64.58 26.82
C VAL M 104 -65.31 -64.69 25.49
N ILE M 105 -66.37 -65.50 25.48
CA ILE M 105 -67.28 -65.57 24.35
C ILE M 105 -68.54 -64.81 24.74
N GLN M 106 -68.83 -63.73 24.02
CA GLN M 106 -69.79 -62.77 24.55
C GLN M 106 -71.22 -63.21 24.27
N GLU M 107 -71.53 -63.56 23.02
CA GLU M 107 -72.90 -63.91 22.66
C GLU M 107 -72.92 -65.14 21.76
N ASN M 108 -73.44 -66.24 22.31
CA ASN M 108 -73.93 -67.40 21.55
C ASN M 108 -72.81 -68.13 20.81
N GLY M 109 -71.57 -67.92 21.23
CA GLY M 109 -70.46 -68.59 20.60
C GLY M 109 -69.84 -67.81 19.45
N SER M 110 -70.57 -66.81 18.94
CA SER M 110 -70.09 -66.07 17.78
C SER M 110 -69.02 -65.06 18.17
N LEU M 111 -69.36 -64.13 19.05
CA LEU M 111 -68.46 -63.03 19.34
C LEU M 111 -67.37 -63.48 20.31
N VAL M 112 -66.14 -63.09 20.04
CA VAL M 112 -65.00 -63.33 20.92
C VAL M 112 -64.49 -61.99 21.42
N GLU M 113 -64.29 -61.89 22.73
CA GLU M 113 -63.89 -60.64 23.35
C GLU M 113 -62.61 -60.88 24.13
N ILE M 114 -61.54 -60.20 23.73
CA ILE M 114 -60.19 -60.42 24.26
C ILE M 114 -59.83 -59.22 25.14
N ARG M 115 -59.30 -59.50 26.32
CA ARG M 115 -58.94 -58.45 27.27
C ARG M 115 -57.53 -58.64 27.81
N ASN M 116 -56.94 -57.49 28.16
CA ASN M 116 -55.82 -57.25 29.07
C ASN M 116 -54.46 -57.57 28.49
N PHE M 117 -54.39 -58.34 27.39
CA PHE M 117 -53.55 -58.15 26.21
C PHE M 117 -52.35 -57.20 26.39
N LEU M 118 -51.36 -57.60 27.20
CA LEU M 118 -50.16 -56.81 27.52
C LEU M 118 -50.47 -55.55 28.31
N GLY M 119 -51.58 -55.54 29.04
CA GLY M 119 -51.96 -54.38 29.82
C GLY M 119 -52.62 -53.27 29.04
N GLU M 120 -52.89 -53.47 27.75
CA GLU M 120 -53.70 -52.52 27.00
C GLU M 120 -55.12 -52.41 27.56
N LYS M 121 -55.61 -51.18 27.64
CA LYS M 121 -56.93 -50.93 28.18
C LYS M 121 -58.01 -51.20 27.14
N TYR M 122 -57.64 -51.18 25.86
CA TYR M 122 -58.63 -51.31 24.80
C TYR M 122 -59.21 -52.71 24.72
N ILE M 123 -60.51 -52.82 24.99
CA ILE M 123 -61.24 -54.06 24.85
C ILE M 123 -61.33 -54.38 23.37
N ARG M 124 -60.98 -55.61 23.01
CA ARG M 124 -60.82 -55.99 21.62
C ARG M 124 -61.95 -56.93 21.23
N ARG M 125 -62.98 -56.39 20.58
CA ARG M 125 -64.18 -57.12 20.21
C ARG M 125 -64.03 -57.60 18.78
N VAL M 126 -64.00 -58.92 18.60
CA VAL M 126 -63.74 -59.53 17.30
C VAL M 126 -64.95 -60.35 16.92
N ARG M 127 -65.44 -60.15 15.69
CA ARG M 127 -66.63 -60.83 15.20
C ARG M 127 -66.23 -61.96 14.27
N MET M 128 -66.63 -63.18 14.63
CA MET M 128 -66.29 -64.36 13.85
C MET M 128 -67.23 -64.53 12.66
N ARG M 129 -67.06 -65.65 11.98
CA ARG M 129 -67.79 -65.93 10.76
C ARG M 129 -69.15 -66.54 11.05
N PRO M 130 -70.07 -66.49 10.09
CA PRO M 130 -71.29 -67.30 10.21
C PRO M 130 -71.01 -68.75 9.89
N GLY M 131 -71.50 -69.63 10.75
CA GLY M 131 -71.31 -71.06 10.59
C GLY M 131 -70.14 -71.65 11.34
N VAL M 132 -69.73 -71.04 12.44
CA VAL M 132 -68.59 -71.53 13.21
C VAL M 132 -68.79 -71.14 14.67
N ALA M 133 -68.46 -72.05 15.58
CA ALA M 133 -68.62 -71.83 17.02
C ALA M 133 -67.25 -71.84 17.67
N CYS M 134 -67.15 -71.20 18.82
CA CYS M 134 -65.90 -71.06 19.56
C CYS M 134 -66.15 -71.31 21.04
N SER M 135 -65.26 -72.09 21.68
CA SER M 135 -65.40 -72.38 23.09
C SER M 135 -64.03 -72.41 23.77
N VAL M 136 -63.98 -71.86 24.97
CA VAL M 136 -62.82 -72.05 25.82
C VAL M 136 -62.80 -73.48 26.30
N SER M 137 -61.73 -74.20 25.98
CA SER M 137 -61.72 -75.63 26.27
C SER M 137 -61.36 -75.88 27.73
N GLN M 138 -61.69 -77.09 28.18
CA GLN M 138 -61.45 -77.50 29.55
C GLN M 138 -60.20 -78.36 29.61
N ALA M 139 -59.74 -78.64 30.84
CA ALA M 139 -58.60 -79.49 31.18
C ALA M 139 -57.29 -79.02 30.57
N GLN M 140 -57.16 -77.74 30.22
CA GLN M 140 -55.95 -77.20 29.62
C GLN M 140 -55.93 -75.70 29.87
N LYS M 141 -54.75 -75.17 30.16
CA LYS M 141 -54.58 -73.75 30.38
C LYS M 141 -54.80 -72.99 29.07
N ASP M 142 -55.75 -72.03 29.12
CA ASP M 142 -56.17 -71.07 28.06
C ASP M 142 -56.08 -71.62 26.63
N GLU M 143 -56.66 -72.79 26.44
CA GLU M 143 -56.83 -73.37 25.11
C GLU M 143 -58.21 -72.96 24.59
N LEU M 144 -58.26 -72.58 23.33
CA LEU M 144 -59.45 -72.06 22.70
C LEU M 144 -59.72 -72.89 21.45
N ILE M 145 -60.91 -73.46 21.35
CA ILE M 145 -61.23 -74.41 20.29
C ILE M 145 -62.32 -73.84 19.42
N LEU M 146 -62.03 -73.75 18.13
CA LEU M 146 -62.99 -73.30 17.13
C LEU M 146 -63.44 -74.50 16.31
N GLU M 147 -64.75 -74.69 16.21
CA GLU M 147 -65.31 -75.84 15.52
C GLU M 147 -66.27 -75.37 14.44
N GLY M 148 -66.19 -75.99 13.27
CA GLY M 148 -67.09 -75.60 12.20
C GLY M 148 -67.08 -76.58 11.05
N ASN M 149 -67.74 -76.17 9.97
CA ASN M 149 -67.90 -77.06 8.83
C ASN M 149 -67.05 -76.63 7.65
N ASP M 150 -67.11 -75.36 7.27
CA ASP M 150 -66.37 -74.85 6.13
C ASP M 150 -65.00 -74.39 6.58
N ILE M 151 -63.96 -75.02 6.02
CA ILE M 151 -62.60 -74.82 6.52
C ILE M 151 -62.09 -73.43 6.17
N GLU M 152 -62.59 -72.86 5.07
CA GLU M 152 -62.24 -71.48 4.72
C GLU M 152 -62.76 -70.51 5.76
N LEU M 153 -64.02 -70.67 6.18
CA LEU M 153 -64.60 -69.78 7.18
C LEU M 153 -63.94 -69.96 8.54
N VAL M 154 -63.67 -71.21 8.94
CA VAL M 154 -63.07 -71.47 10.25
C VAL M 154 -61.65 -70.93 10.31
N SER M 155 -60.87 -71.14 9.25
CA SER M 155 -59.50 -70.68 9.29
C SER M 155 -59.41 -69.18 9.06
N ASN M 156 -60.39 -68.58 8.38
CA ASN M 156 -60.45 -67.12 8.32
C ASN M 156 -60.75 -66.56 9.70
N SER M 157 -61.56 -67.25 10.48
CA SER M 157 -61.81 -66.82 11.84
C SER M 157 -60.55 -66.90 12.70
N ALA M 158 -59.80 -67.98 12.55
CA ALA M 158 -58.55 -68.14 13.30
C ALA M 158 -57.53 -67.08 12.90
N ALA M 159 -57.47 -66.75 11.61
CA ALA M 159 -56.60 -65.69 11.15
C ALA M 159 -57.04 -64.33 11.70
N LEU M 160 -58.35 -64.11 11.81
CA LEU M 160 -58.85 -62.87 12.40
C LEU M 160 -58.47 -62.76 13.86
N ILE M 161 -58.45 -63.87 14.58
CA ILE M 161 -58.02 -63.84 15.98
C ILE M 161 -56.53 -63.54 16.08
N GLN M 162 -55.71 -64.21 15.27
CA GLN M 162 -54.27 -64.03 15.43
C GLN M 162 -53.80 -62.71 14.86
N GLN M 163 -54.61 -62.07 14.01
CA GLN M 163 -54.26 -60.71 13.57
C GLN M 163 -54.98 -59.66 14.40
N ALA M 164 -55.90 -60.08 15.26
CA ALA M 164 -56.36 -59.18 16.30
C ALA M 164 -55.32 -59.06 17.39
N THR M 165 -54.65 -60.16 17.71
CA THR M 165 -53.57 -60.13 18.69
C THR M 165 -52.24 -59.94 17.95
N THR M 166 -51.85 -58.68 17.81
CA THR M 166 -50.62 -58.32 17.10
C THR M 166 -49.95 -57.16 17.82
N VAL M 167 -48.65 -57.30 18.10
CA VAL M 167 -47.91 -56.35 18.91
C VAL M 167 -47.37 -55.25 18.02
N LYS M 168 -47.65 -54.00 18.37
CA LYS M 168 -47.20 -52.84 17.61
C LYS M 168 -45.98 -52.21 18.26
N ASN M 169 -45.10 -51.66 17.41
CA ASN M 169 -44.01 -50.76 17.79
C ASN M 169 -42.98 -51.40 18.73
N LYS M 170 -42.90 -52.72 18.74
CA LYS M 170 -41.97 -53.41 19.60
C LYS M 170 -41.13 -54.36 18.76
N ASP M 171 -40.16 -55.00 19.40
CA ASP M 171 -39.61 -56.22 18.86
C ASP M 171 -40.70 -57.28 18.86
N ILE M 172 -40.73 -58.10 17.82
CA ILE M 172 -41.64 -59.23 17.83
C ILE M 172 -40.86 -60.53 17.89
N ARG M 173 -39.57 -60.45 18.25
CA ARG M 173 -38.82 -61.63 18.62
C ARG M 173 -38.78 -61.77 20.13
N LYS M 174 -38.70 -60.64 20.83
CA LYS M 174 -39.16 -60.48 22.21
C LYS M 174 -40.65 -60.13 22.09
N PHE M 175 -41.34 -60.04 23.23
CA PHE M 175 -42.78 -59.79 23.31
C PHE M 175 -43.59 -60.81 22.53
N LEU M 176 -43.23 -62.08 22.63
CA LEU M 176 -43.91 -63.13 21.89
C LEU M 176 -45.27 -63.37 22.55
N ASP M 177 -46.24 -62.54 22.18
CA ASP M 177 -47.56 -62.58 22.79
C ASP M 177 -48.60 -62.57 21.71
N GLY M 178 -49.68 -63.33 21.95
CA GLY M 178 -50.75 -63.44 20.98
C GLY M 178 -51.52 -64.72 21.23
N ILE M 179 -52.47 -64.97 20.35
CA ILE M 179 -53.26 -66.19 20.36
C ILE M 179 -53.03 -66.88 19.03
N TYR M 180 -52.34 -68.02 19.07
CA TYR M 180 -51.85 -68.64 17.84
C TYR M 180 -52.49 -70.00 17.65
N VAL M 181 -52.54 -70.44 16.40
CA VAL M 181 -53.12 -71.73 16.03
C VAL M 181 -52.09 -72.81 16.34
N SER M 182 -52.45 -73.73 17.23
CA SER M 182 -51.48 -74.74 17.67
C SER M 182 -51.74 -76.08 17.01
N GLU M 183 -53.00 -76.42 16.78
CA GLU M 183 -53.33 -77.75 16.25
C GLU M 183 -54.54 -77.68 15.34
N LYS M 184 -54.45 -78.34 14.20
CA LYS M 184 -55.57 -78.48 13.27
C LYS M 184 -56.04 -79.93 13.30
N GLY M 185 -57.34 -80.15 13.34
CA GLY M 185 -57.83 -81.51 13.40
C GLY M 185 -59.31 -81.60 13.12
N THR M 186 -59.89 -82.74 13.49
CA THR M 186 -61.28 -83.04 13.21
C THR M 186 -62.12 -82.87 14.46
N VAL M 187 -63.44 -82.82 14.27
CA VAL M 187 -64.33 -82.82 15.43
C VAL M 187 -64.33 -84.17 16.09
N GLN M 188 -64.73 -85.21 15.37
CA GLN M 188 -64.74 -86.55 15.90
C GLN M 188 -63.36 -87.17 15.73
N GLN M 189 -62.76 -87.60 16.83
CA GLN M 189 -61.42 -88.14 16.83
C GLN M 189 -61.40 -89.52 16.20
N ALA M 190 -60.19 -90.07 16.06
CA ALA M 190 -59.88 -91.41 15.54
C ALA M 190 -60.43 -91.65 14.15
N ASP M 191 -60.65 -90.62 13.35
CA ASP M 191 -61.22 -90.77 12.03
C ASP M 191 -60.37 -90.07 10.98
N ARG N 1 -10.51 -38.63 -13.09
CA ARG N 1 -10.93 -39.87 -13.74
C ARG N 1 -12.35 -39.75 -14.29
N ARG N 2 -12.46 -39.60 -15.60
CA ARG N 2 -13.77 -39.43 -16.20
C ARG N 2 -14.49 -40.78 -16.24
N PRO N 3 -15.83 -40.76 -16.18
CA PRO N 3 -16.58 -42.02 -16.22
C PRO N 3 -16.43 -42.72 -17.56
N ALA N 4 -16.31 -44.04 -17.50
CA ALA N 4 -15.93 -44.82 -18.67
C ALA N 4 -17.07 -44.99 -19.67
N ARG N 5 -18.24 -44.46 -19.36
CA ARG N 5 -19.35 -44.47 -20.31
C ARG N 5 -19.02 -43.72 -21.59
N CYS N 6 -18.31 -42.59 -21.47
CA CYS N 6 -18.02 -41.80 -22.66
C CYS N 6 -16.86 -42.39 -23.46
N TYR N 7 -15.79 -42.79 -22.79
CA TYR N 7 -14.68 -43.47 -23.45
C TYR N 7 -15.14 -44.90 -23.70
N ARG N 8 -15.73 -45.10 -24.87
CA ARG N 8 -16.37 -46.32 -25.28
C ARG N 8 -16.13 -46.36 -26.79
N TYR N 9 -17.12 -46.83 -27.55
CA TYR N 9 -17.09 -47.31 -28.94
C TYR N 9 -16.04 -46.68 -29.86
N CYS N 10 -15.34 -47.52 -30.62
CA CYS N 10 -14.09 -47.15 -31.29
C CYS N 10 -14.41 -46.18 -32.41
N LYS N 11 -14.33 -44.90 -32.09
CA LYS N 11 -14.62 -43.86 -33.06
C LYS N 11 -13.39 -43.37 -33.81
N ASN N 12 -12.37 -42.91 -33.11
CA ASN N 12 -11.22 -42.31 -33.77
C ASN N 12 -10.20 -43.38 -34.14
N LYS N 13 -9.25 -42.99 -34.96
CA LYS N 13 -8.20 -43.89 -35.42
C LYS N 13 -7.30 -44.30 -34.26
N PRO N 14 -6.65 -45.47 -34.34
CA PRO N 14 -5.76 -45.88 -33.26
C PRO N 14 -4.55 -44.97 -33.14
N TYR N 15 -4.29 -44.57 -31.91
CA TYR N 15 -3.29 -43.54 -31.57
C TYR N 15 -2.34 -44.14 -30.54
N PRO N 16 -1.29 -44.80 -30.99
CA PRO N 16 -0.46 -45.57 -30.06
C PRO N 16 0.54 -44.69 -29.33
N LYS N 17 0.93 -45.15 -28.15
CA LYS N 17 2.07 -44.58 -27.45
C LYS N 17 3.32 -44.72 -28.29
N SER N 18 3.82 -43.60 -28.79
CA SER N 18 4.80 -43.67 -29.87
C SER N 18 5.57 -42.35 -29.92
N ARG N 19 6.19 -42.12 -31.07
CA ARG N 19 7.05 -40.97 -31.30
C ARG N 19 6.28 -39.65 -31.21
N PHE N 20 4.97 -39.68 -31.45
CA PHE N 20 4.24 -38.44 -31.64
C PHE N 20 3.43 -38.07 -30.40
N CYS N 21 3.23 -38.99 -29.46
CA CYS N 21 2.43 -38.68 -28.28
C CYS N 21 3.26 -38.01 -27.20
N ARG N 22 4.26 -38.74 -26.67
CA ARG N 22 5.34 -38.26 -25.82
C ARG N 22 4.92 -37.78 -24.42
N GLY N 23 3.64 -37.84 -24.08
CA GLY N 23 3.22 -37.32 -22.79
C GLY N 23 2.18 -38.17 -22.08
N VAL N 24 1.90 -39.34 -22.62
CA VAL N 24 0.90 -40.25 -22.09
C VAL N 24 1.43 -40.86 -20.80
N PRO N 25 0.64 -40.88 -19.72
CA PRO N 25 1.10 -41.52 -18.49
C PRO N 25 1.11 -43.03 -18.63
N ASP N 26 1.55 -43.70 -17.57
CA ASP N 26 1.70 -45.14 -17.61
C ASP N 26 0.32 -45.82 -17.61
N ALA N 27 0.27 -46.98 -18.24
CA ALA N 27 -0.93 -47.80 -18.19
C ALA N 27 -1.13 -48.36 -16.79
N LYS N 28 -2.35 -48.81 -16.51
CA LYS N 28 -2.65 -49.27 -15.17
C LYS N 28 -2.06 -50.64 -14.90
N ILE N 29 -2.25 -51.58 -15.82
CA ILE N 29 -1.73 -52.94 -15.67
C ILE N 29 -0.25 -52.94 -16.04
N ARG N 30 0.52 -53.77 -15.35
CA ARG N 30 1.93 -53.97 -15.67
C ARG N 30 2.33 -55.41 -15.82
N ILE N 31 1.77 -56.33 -15.03
CA ILE N 31 2.04 -57.74 -15.17
C ILE N 31 0.82 -58.39 -15.78
N PHE N 32 0.98 -59.60 -16.31
CA PHE N 32 -0.08 -60.18 -17.14
C PHE N 32 -0.34 -61.63 -16.80
N ASP N 33 0.58 -62.28 -16.12
CA ASP N 33 0.42 -63.69 -15.74
C ASP N 33 0.51 -63.78 -14.23
N LEU N 34 -0.39 -64.55 -13.63
CA LEU N 34 -0.52 -64.50 -12.19
C LEU N 34 -0.31 -65.87 -11.54
N GLY N 35 -0.69 -66.92 -12.22
CA GLY N 35 -0.65 -68.26 -11.66
C GLY N 35 0.73 -68.86 -11.65
N ARG N 36 0.79 -70.17 -11.89
CA ARG N 36 2.07 -70.84 -12.04
C ARG N 36 2.65 -70.41 -13.38
N LYS N 37 3.50 -69.37 -13.34
CA LYS N 37 4.13 -68.86 -14.55
C LYS N 37 5.02 -69.91 -15.20
N LYS N 38 5.71 -70.70 -14.38
CA LYS N 38 6.69 -71.65 -14.89
C LYS N 38 6.06 -73.03 -15.08
N ALA N 39 4.77 -73.06 -15.39
CA ALA N 39 4.08 -74.32 -15.57
C ALA N 39 4.48 -74.97 -16.88
N LYS N 40 4.75 -76.27 -16.84
CA LYS N 40 5.00 -76.99 -18.06
C LYS N 40 3.68 -77.38 -18.72
N VAL N 41 3.78 -77.99 -19.91
CA VAL N 41 2.63 -78.06 -20.80
C VAL N 41 1.61 -79.08 -20.31
N ASP N 42 2.07 -80.27 -19.94
CA ASP N 42 1.12 -81.30 -19.51
C ASP N 42 0.63 -81.10 -18.08
N GLU N 43 1.10 -80.06 -17.40
CA GLU N 43 0.66 -79.82 -16.02
C GLU N 43 -0.74 -79.22 -16.00
N PHE N 44 -1.21 -78.67 -17.11
CA PHE N 44 -2.54 -78.06 -17.19
C PHE N 44 -3.18 -78.41 -18.52
N PRO N 45 -4.05 -79.42 -18.56
CA PRO N 45 -4.63 -79.85 -19.83
C PRO N 45 -5.59 -78.86 -20.46
N LEU N 46 -6.62 -78.41 -19.76
CA LEU N 46 -7.67 -77.66 -20.45
C LEU N 46 -7.40 -76.17 -20.29
N CYS N 47 -8.10 -75.38 -21.11
CA CYS N 47 -8.16 -73.95 -20.90
C CYS N 47 -9.55 -73.44 -21.24
N GLY N 48 -10.01 -72.50 -20.44
CA GLY N 48 -11.24 -71.79 -20.73
C GLY N 48 -10.89 -70.35 -21.03
N HIS N 49 -11.49 -69.77 -22.05
CA HIS N 49 -11.19 -68.41 -22.42
C HIS N 49 -12.45 -67.58 -22.54
N MET N 50 -12.28 -66.27 -22.71
CA MET N 50 -13.38 -65.32 -22.63
C MET N 50 -13.48 -64.55 -23.94
N VAL N 51 -14.55 -64.79 -24.70
CA VAL N 51 -14.71 -64.24 -26.04
C VAL N 51 -15.53 -62.98 -25.93
N SER N 52 -15.08 -61.91 -26.57
CA SER N 52 -15.85 -60.67 -26.63
C SER N 52 -16.92 -60.83 -27.69
N ASP N 53 -18.09 -60.27 -27.43
CA ASP N 53 -19.16 -60.33 -28.43
C ASP N 53 -19.30 -58.99 -29.13
N GLU N 54 -19.01 -57.90 -28.45
CA GLU N 54 -19.22 -56.57 -28.98
C GLU N 54 -17.91 -56.01 -29.54
N TYR N 55 -18.02 -54.93 -30.28
CA TYR N 55 -16.87 -54.18 -30.78
C TYR N 55 -16.80 -52.88 -29.99
N GLU N 56 -15.77 -52.73 -29.17
CA GLU N 56 -15.75 -51.68 -28.17
C GLU N 56 -14.33 -51.49 -27.66
N GLN N 57 -14.21 -50.61 -26.67
CA GLN N 57 -12.94 -50.38 -26.00
C GLN N 57 -13.02 -50.92 -24.58
N LEU N 58 -11.88 -51.32 -24.03
CA LEU N 58 -11.77 -51.71 -22.64
C LEU N 58 -10.68 -50.89 -22.00
N SER N 59 -10.91 -50.44 -20.77
CA SER N 59 -9.94 -49.58 -20.12
C SER N 59 -8.96 -50.40 -19.30
N SER N 60 -7.77 -49.82 -19.10
CA SER N 60 -6.70 -50.51 -18.42
C SER N 60 -7.03 -50.74 -16.95
N GLU N 61 -7.77 -49.80 -16.35
CA GLU N 61 -8.20 -49.98 -14.97
C GLU N 61 -9.22 -51.10 -14.85
N ALA N 62 -10.04 -51.27 -15.88
CA ALA N 62 -11.02 -52.35 -15.89
C ALA N 62 -10.32 -53.70 -16.01
N LEU N 63 -9.32 -53.79 -16.88
CA LEU N 63 -8.49 -54.99 -16.95
C LEU N 63 -7.78 -55.26 -15.63
N GLU N 64 -7.34 -54.18 -14.96
CA GLU N 64 -6.66 -54.31 -13.67
C GLU N 64 -7.58 -54.87 -12.60
N ALA N 65 -8.83 -54.41 -12.57
CA ALA N 65 -9.75 -54.92 -11.58
C ALA N 65 -10.16 -56.36 -11.90
N ALA N 66 -10.29 -56.67 -13.19
CA ALA N 66 -10.77 -57.98 -13.59
C ALA N 66 -9.75 -59.07 -13.31
N ARG N 67 -8.47 -58.81 -13.60
CA ARG N 67 -7.46 -59.84 -13.35
C ARG N 67 -7.27 -60.08 -11.86
N ILE N 68 -7.45 -59.04 -11.05
CA ILE N 68 -7.35 -59.19 -9.60
C ILE N 68 -8.50 -60.01 -9.06
N CYS N 69 -9.72 -59.77 -9.57
CA CYS N 69 -10.88 -60.55 -9.11
C CYS N 69 -10.74 -62.02 -9.49
N ALA N 70 -10.30 -62.29 -10.73
CA ALA N 70 -10.13 -63.67 -11.16
C ALA N 70 -9.01 -64.37 -10.40
N ASN N 71 -7.93 -63.65 -10.13
CA ASN N 71 -6.81 -64.18 -9.35
C ASN N 71 -7.27 -64.55 -7.94
N LYS N 72 -8.04 -63.67 -7.31
CA LYS N 72 -8.47 -63.91 -5.94
C LYS N 72 -9.41 -65.09 -5.86
N TYR N 73 -10.32 -65.22 -6.84
CA TYR N 73 -11.22 -66.36 -6.81
C TYR N 73 -10.49 -67.66 -7.10
N MET N 74 -9.46 -67.62 -7.95
CA MET N 74 -8.68 -68.83 -8.21
C MET N 74 -7.91 -69.28 -6.97
N VAL N 75 -7.25 -68.35 -6.28
CA VAL N 75 -6.42 -68.76 -5.14
C VAL N 75 -7.29 -69.08 -3.93
N LYS N 76 -8.55 -68.64 -3.92
CA LYS N 76 -9.46 -69.12 -2.89
C LYS N 76 -10.11 -70.44 -3.29
N SER N 77 -10.16 -70.73 -4.59
CA SER N 77 -10.94 -71.86 -5.05
C SER N 77 -10.11 -73.12 -5.20
N CYS N 78 -9.12 -73.11 -6.08
CA CYS N 78 -8.34 -74.31 -6.35
C CYS N 78 -6.89 -74.20 -5.94
N GLY N 79 -6.57 -73.33 -5.00
CA GLY N 79 -5.23 -73.24 -4.46
C GLY N 79 -4.27 -72.51 -5.36
N LYS N 80 -3.19 -72.04 -4.74
CA LYS N 80 -2.08 -71.43 -5.45
C LYS N 80 -1.43 -72.43 -6.38
N ASP N 81 -1.08 -71.95 -7.57
CA ASP N 81 -0.44 -72.74 -8.64
C ASP N 81 -1.31 -73.90 -9.09
N GLY N 82 -2.63 -73.68 -9.12
CA GLY N 82 -3.55 -74.63 -9.68
C GLY N 82 -4.18 -74.08 -10.94
N PHE N 83 -3.52 -73.08 -11.52
CA PHE N 83 -4.06 -72.34 -12.65
C PHE N 83 -2.94 -71.53 -13.27
N HIS N 84 -3.09 -71.23 -14.55
CA HIS N 84 -2.22 -70.25 -15.19
C HIS N 84 -3.10 -69.34 -16.02
N ILE N 85 -3.21 -68.08 -15.59
CA ILE N 85 -4.11 -67.12 -16.20
C ILE N 85 -3.26 -66.18 -17.05
N ARG N 86 -3.79 -65.79 -18.19
CA ARG N 86 -3.12 -64.84 -19.06
C ARG N 86 -4.14 -63.88 -19.65
N VAL N 87 -3.86 -62.60 -19.48
CA VAL N 87 -4.60 -61.55 -20.17
C VAL N 87 -3.96 -61.41 -21.54
N ARG N 88 -4.65 -61.88 -22.57
CA ARG N 88 -4.06 -61.89 -23.89
C ARG N 88 -4.12 -60.50 -24.54
N LEU N 89 -4.91 -59.60 -23.98
CA LEU N 89 -5.18 -58.32 -24.61
C LEU N 89 -4.41 -57.19 -23.92
N HIS N 90 -3.62 -56.45 -24.68
CA HIS N 90 -2.78 -55.41 -24.11
C HIS N 90 -3.31 -54.04 -24.51
N PRO N 91 -3.21 -53.04 -23.65
CA PRO N 91 -3.66 -51.69 -24.02
C PRO N 91 -2.58 -50.91 -24.75
N PHE N 92 -2.93 -50.37 -25.91
CA PHE N 92 -2.02 -49.50 -26.63
C PHE N 92 -2.66 -48.24 -27.16
N HIS N 93 -3.99 -48.18 -27.21
CA HIS N 93 -4.64 -46.97 -27.68
C HIS N 93 -4.60 -45.93 -26.58
N VAL N 94 -4.41 -44.67 -26.95
CA VAL N 94 -4.30 -43.59 -25.98
C VAL N 94 -5.44 -42.62 -26.22
N ILE N 95 -6.26 -42.41 -25.19
CA ILE N 95 -7.44 -41.56 -25.30
C ILE N 95 -7.07 -40.15 -24.88
N ARG N 96 -7.89 -39.20 -25.29
CA ARG N 96 -7.57 -37.79 -25.09
C ARG N 96 -8.61 -37.11 -24.20
N ILE N 97 -8.15 -36.14 -23.43
CA ILE N 97 -9.01 -35.34 -22.55
C ILE N 97 -8.76 -33.86 -22.82
N ASN N 98 -9.83 -33.14 -23.11
CA ASN N 98 -9.78 -31.69 -23.23
C ASN N 98 -10.53 -31.09 -22.05
N LYS N 99 -9.84 -30.94 -20.93
CA LYS N 99 -10.53 -30.62 -19.69
C LYS N 99 -10.65 -29.11 -19.55
N MET N 100 -11.69 -28.70 -18.84
CA MET N 100 -12.12 -27.31 -18.77
C MET N 100 -12.01 -26.82 -17.34
N LEU N 101 -12.58 -25.64 -17.11
CA LEU N 101 -12.42 -24.82 -15.91
C LEU N 101 -10.94 -24.61 -15.61
N SER N 102 -10.18 -24.30 -16.66
CA SER N 102 -8.75 -24.13 -16.54
C SER N 102 -8.32 -22.83 -17.19
N ALA N 106 -14.16 -21.23 -11.58
CA ALA N 106 -15.11 -21.61 -12.61
C ALA N 106 -15.67 -20.37 -13.31
N ASP N 107 -15.22 -20.13 -14.54
CA ASP N 107 -15.61 -18.93 -15.27
C ASP N 107 -15.54 -19.25 -16.77
N ARG N 108 -16.08 -18.33 -17.58
CA ARG N 108 -16.06 -18.51 -19.02
C ARG N 108 -14.69 -18.18 -19.61
N LEU N 109 -13.87 -17.48 -18.84
CA LEU N 109 -12.85 -16.60 -19.42
C LEU N 109 -11.53 -17.27 -19.81
N GLN N 110 -11.45 -18.60 -19.79
CA GLN N 110 -10.17 -19.20 -20.15
C GLN N 110 -10.00 -19.30 -21.68
N THR N 111 -10.85 -20.06 -22.39
CA THR N 111 -10.80 -20.34 -23.83
C THR N 111 -12.11 -21.07 -24.10
N GLY N 112 -12.60 -21.09 -25.34
CA GLY N 112 -13.76 -21.89 -25.69
C GLY N 112 -13.37 -23.26 -26.24
N MET N 113 -13.82 -23.54 -27.46
CA MET N 113 -13.37 -24.75 -28.15
C MET N 113 -12.27 -24.43 -29.13
N ARG N 114 -11.46 -23.41 -28.85
CA ARG N 114 -10.50 -22.91 -29.82
C ARG N 114 -9.33 -23.85 -30.01
N GLY N 115 -8.50 -24.03 -28.98
CA GLY N 115 -7.46 -25.02 -29.07
C GLY N 115 -7.98 -26.32 -28.49
N ALA N 116 -8.43 -27.23 -29.34
CA ALA N 116 -9.28 -28.32 -28.86
C ALA N 116 -8.73 -29.70 -29.25
N PHE N 117 -7.41 -29.82 -29.24
CA PHE N 117 -6.79 -31.13 -29.32
C PHE N 117 -6.36 -31.51 -27.91
N GLY N 118 -7.05 -32.48 -27.32
CA GLY N 118 -6.94 -32.76 -25.90
C GLY N 118 -5.60 -33.34 -25.49
N LYS N 119 -5.33 -33.26 -24.19
CA LYS N 119 -4.14 -33.87 -23.62
C LYS N 119 -4.37 -35.39 -23.49
N PRO N 120 -3.30 -36.18 -23.45
CA PRO N 120 -3.48 -37.63 -23.33
C PRO N 120 -3.97 -38.03 -21.94
N GLN N 121 -5.14 -38.66 -21.91
CA GLN N 121 -5.70 -39.12 -20.64
C GLN N 121 -5.02 -40.39 -20.16
N GLY N 122 -5.18 -41.47 -20.90
CA GLY N 122 -4.72 -42.77 -20.47
C GLY N 122 -4.82 -43.78 -21.57
N THR N 123 -4.76 -45.07 -21.21
CA THR N 123 -4.62 -46.13 -22.18
C THR N 123 -5.84 -47.03 -22.15
N VAL N 124 -6.36 -47.33 -23.33
CA VAL N 124 -7.40 -48.34 -23.49
C VAL N 124 -6.93 -49.38 -24.49
N ALA N 125 -7.63 -50.51 -24.49
CA ALA N 125 -7.34 -51.63 -25.37
C ALA N 125 -8.49 -51.84 -26.33
N ARG N 126 -8.19 -51.90 -27.62
CA ARG N 126 -9.22 -52.05 -28.64
C ARG N 126 -9.51 -53.52 -28.84
N VAL N 127 -10.79 -53.84 -29.04
CA VAL N 127 -11.25 -55.21 -29.09
C VAL N 127 -11.98 -55.41 -30.40
N HIS N 128 -11.65 -56.48 -31.12
CA HIS N 128 -12.49 -56.90 -32.23
C HIS N 128 -13.42 -58.02 -31.77
N ILE N 129 -14.50 -58.22 -32.53
CA ILE N 129 -15.51 -59.22 -32.20
C ILE N 129 -14.93 -60.61 -32.40
N GLY N 130 -14.98 -61.42 -31.35
CA GLY N 130 -14.40 -62.75 -31.41
C GLY N 130 -12.97 -62.83 -30.95
N GLN N 131 -12.45 -61.78 -30.35
CA GLN N 131 -11.09 -61.79 -29.82
C GLN N 131 -11.11 -62.16 -28.35
N VAL N 132 -10.14 -62.94 -27.93
CA VAL N 132 -10.08 -63.48 -26.58
C VAL N 132 -9.54 -62.41 -25.64
N ILE N 133 -10.20 -62.21 -24.50
CA ILE N 133 -9.66 -61.32 -23.48
C ILE N 133 -8.75 -62.08 -22.52
N MET N 134 -9.31 -63.05 -21.80
CA MET N 134 -8.56 -63.81 -20.82
C MET N 134 -8.56 -65.28 -21.21
N SER N 135 -7.50 -65.97 -20.78
CA SER N 135 -7.40 -67.41 -20.97
C SER N 135 -6.83 -68.03 -19.73
N ILE N 136 -7.55 -68.98 -19.16
CA ILE N 136 -7.15 -69.64 -17.92
C ILE N 136 -6.95 -71.10 -18.24
N ARG N 137 -5.72 -71.58 -18.12
CA ARG N 137 -5.42 -72.98 -18.35
C ARG N 137 -5.27 -73.69 -17.01
N THR N 138 -6.06 -74.76 -16.84
CA THR N 138 -6.18 -75.46 -15.57
C THR N 138 -6.22 -76.96 -15.80
N LYS N 139 -6.32 -77.69 -14.68
CA LYS N 139 -6.55 -79.12 -14.67
C LYS N 139 -7.94 -79.46 -15.21
N LEU N 140 -8.19 -80.76 -15.35
CA LEU N 140 -9.48 -81.21 -15.84
C LEU N 140 -10.55 -81.10 -14.75
N GLN N 141 -10.12 -81.08 -13.49
CA GLN N 141 -11.07 -81.05 -12.39
C GLN N 141 -11.60 -79.64 -12.15
N ASN N 142 -10.89 -78.63 -12.65
CA ASN N 142 -11.18 -77.24 -12.33
C ASN N 142 -12.15 -76.59 -13.30
N LYS N 143 -13.05 -77.37 -13.92
CA LYS N 143 -13.88 -76.84 -14.98
C LYS N 143 -14.92 -75.87 -14.46
N GLU N 144 -15.48 -76.14 -13.29
CA GLU N 144 -16.50 -75.26 -12.73
C GLU N 144 -15.88 -73.99 -12.18
N HIS N 145 -14.66 -74.09 -11.64
CA HIS N 145 -14.01 -72.93 -11.04
C HIS N 145 -13.64 -71.90 -12.09
N VAL N 146 -13.22 -72.35 -13.27
CA VAL N 146 -12.92 -71.45 -14.39
C VAL N 146 -14.18 -70.70 -14.82
N ILE N 147 -15.30 -71.42 -14.91
CA ILE N 147 -16.56 -70.80 -15.33
C ILE N 147 -17.01 -69.77 -14.30
N GLU N 148 -16.89 -70.10 -13.02
CA GLU N 148 -17.31 -69.16 -12.00
C GLU N 148 -16.39 -67.94 -11.95
N ALA N 149 -15.08 -68.12 -12.18
CA ALA N 149 -14.16 -67.00 -12.13
C ALA N 149 -14.39 -66.04 -13.29
N LEU N 150 -14.59 -66.58 -14.49
CA LEU N 150 -14.82 -65.70 -15.61
C LEU N 150 -16.23 -65.12 -15.58
N ARG N 151 -17.16 -65.76 -14.87
CA ARG N 151 -18.44 -65.12 -14.62
C ARG N 151 -18.26 -63.91 -13.71
N ARG N 152 -17.41 -64.03 -12.68
CA ARG N 152 -17.22 -62.91 -11.77
C ARG N 152 -16.38 -61.81 -12.40
N ALA N 153 -15.67 -62.10 -13.49
CA ALA N 153 -15.00 -61.04 -14.25
C ALA N 153 -15.92 -60.44 -15.32
N LYS N 154 -16.94 -61.20 -15.73
CA LYS N 154 -17.88 -60.74 -16.75
C LYS N 154 -18.68 -59.53 -16.28
N PHE N 155 -18.98 -59.45 -14.98
CA PHE N 155 -19.70 -58.30 -14.48
C PHE N 155 -18.82 -57.07 -14.42
N LYS N 156 -17.50 -57.27 -14.41
CA LYS N 156 -16.61 -56.15 -14.14
C LYS N 156 -16.05 -55.59 -15.45
N PHE N 157 -16.13 -56.36 -16.53
CA PHE N 157 -15.96 -55.74 -17.84
C PHE N 157 -17.25 -55.06 -18.26
N PRO N 158 -17.18 -54.05 -19.12
CA PRO N 158 -18.41 -53.48 -19.68
C PRO N 158 -18.96 -54.33 -20.80
N GLY N 159 -20.21 -54.07 -21.15
CA GLY N 159 -20.84 -54.72 -22.28
C GLY N 159 -21.15 -56.19 -22.01
N ARG N 160 -21.46 -56.89 -23.09
CA ARG N 160 -21.79 -58.30 -23.04
C ARG N 160 -20.75 -59.09 -23.80
N GLN N 161 -20.27 -60.17 -23.19
CA GLN N 161 -19.27 -61.03 -23.79
C GLN N 161 -19.44 -62.42 -23.17
N LYS N 162 -19.08 -63.45 -23.92
CA LYS N 162 -19.39 -64.78 -23.45
C LYS N 162 -18.13 -65.53 -23.03
N ILE N 163 -18.34 -66.76 -22.58
CA ILE N 163 -17.30 -67.59 -21.99
C ILE N 163 -17.29 -68.95 -22.69
N HIS N 164 -16.13 -69.31 -23.24
CA HIS N 164 -16.02 -70.53 -24.03
C HIS N 164 -14.96 -71.43 -23.39
N ILE N 165 -15.15 -72.73 -23.53
CA ILE N 165 -14.19 -73.72 -23.05
C ILE N 165 -13.56 -74.38 -24.26
N SER N 166 -12.25 -74.23 -24.38
CA SER N 166 -11.59 -74.43 -25.66
C SER N 166 -11.49 -75.89 -26.05
N LYS N 167 -11.36 -76.11 -27.36
CA LYS N 167 -11.10 -77.45 -27.86
C LYS N 167 -9.60 -77.72 -27.88
N LYS N 168 -8.80 -76.66 -27.77
CA LYS N 168 -7.37 -76.80 -27.89
C LYS N 168 -6.74 -77.18 -26.55
N TRP N 169 -5.72 -78.02 -26.61
CA TRP N 169 -4.87 -78.28 -25.46
C TRP N 169 -4.09 -77.01 -25.14
N GLY N 170 -3.85 -76.75 -23.84
CA GLY N 170 -2.94 -75.71 -23.38
C GLY N 170 -3.25 -74.31 -23.88
N PHE N 171 -2.24 -73.46 -24.02
CA PHE N 171 -2.44 -72.23 -24.77
C PHE N 171 -2.08 -72.40 -26.23
N THR N 172 -1.60 -73.57 -26.62
CA THR N 172 -1.18 -73.74 -28.00
C THR N 172 -2.38 -73.92 -28.91
N LYS N 173 -2.09 -74.05 -30.20
CA LYS N 173 -3.13 -74.01 -31.21
C LYS N 173 -3.49 -75.41 -31.71
N PHE N 174 -3.07 -76.45 -30.99
CA PHE N 174 -3.26 -77.82 -31.42
C PHE N 174 -4.42 -78.45 -30.67
N ASN N 175 -5.05 -79.44 -31.28
CA ASN N 175 -6.22 -80.08 -30.68
C ASN N 175 -5.85 -80.92 -29.47
N ALA N 176 -6.71 -80.91 -28.47
CA ALA N 176 -6.47 -81.70 -27.27
C ALA N 176 -6.68 -83.19 -27.52
N ASP N 177 -7.46 -83.52 -28.55
CA ASP N 177 -7.62 -84.92 -28.91
C ASP N 177 -6.40 -85.45 -29.65
N GLU N 178 -5.88 -84.67 -30.60
CA GLU N 178 -4.73 -85.09 -31.39
C GLU N 178 -3.44 -84.92 -30.59
N PHE N 179 -3.50 -84.20 -29.47
CA PHE N 179 -2.30 -83.71 -28.80
C PHE N 179 -1.53 -84.83 -28.16
N GLU N 180 -2.13 -85.58 -27.22
CA GLU N 180 -1.39 -86.62 -26.52
C GLU N 180 -1.04 -87.77 -27.45
N ASP N 181 -1.84 -87.98 -28.49
CA ASP N 181 -1.54 -89.04 -29.43
C ASP N 181 -0.37 -88.65 -30.32
N MET N 182 -0.11 -87.35 -30.46
CA MET N 182 0.90 -86.95 -31.41
C MET N 182 2.19 -86.49 -30.71
N VAL N 183 2.11 -86.12 -29.43
CA VAL N 183 3.34 -85.77 -28.71
C VAL N 183 4.08 -87.00 -28.26
N ALA N 184 3.39 -88.15 -28.23
CA ALA N 184 3.96 -89.33 -27.59
C ALA N 184 5.08 -89.93 -28.41
N GLU N 185 5.05 -89.70 -29.72
CA GLU N 185 6.11 -90.27 -30.56
C GLU N 185 6.97 -89.19 -31.20
N LYS N 186 6.37 -88.30 -31.98
CA LYS N 186 7.17 -87.72 -33.04
C LYS N 186 7.44 -86.22 -32.95
N ARG N 187 6.38 -85.41 -33.04
CA ARG N 187 6.57 -84.05 -33.55
C ARG N 187 6.78 -83.03 -32.45
N LEU N 188 5.79 -82.88 -31.58
CA LEU N 188 5.79 -81.76 -30.66
C LEU N 188 6.71 -82.01 -29.47
N ILE N 189 7.80 -81.26 -29.43
CA ILE N 189 8.71 -81.28 -28.29
C ILE N 189 8.24 -80.20 -27.32
N PRO N 190 8.12 -80.50 -26.02
CA PRO N 190 7.71 -79.48 -25.06
C PRO N 190 8.80 -78.45 -24.87
N ASP N 191 8.39 -77.19 -24.74
CA ASP N 191 9.33 -76.09 -24.54
C ASP N 191 8.74 -75.16 -23.48
N GLY N 192 9.02 -75.49 -22.22
CA GLY N 192 8.51 -74.68 -21.12
C GLY N 192 7.00 -74.73 -21.04
N CYS N 193 6.37 -73.57 -21.12
CA CYS N 193 4.92 -73.52 -21.25
C CYS N 193 4.50 -73.63 -22.71
N GLY N 194 5.43 -73.39 -23.61
CA GLY N 194 5.12 -73.46 -25.03
C GLY N 194 5.40 -74.82 -25.61
N VAL N 195 5.04 -74.97 -26.88
CA VAL N 195 5.23 -76.20 -27.63
C VAL N 195 5.84 -75.86 -28.98
N LYS N 196 7.01 -76.41 -29.27
CA LYS N 196 7.68 -76.22 -30.54
C LYS N 196 7.22 -77.28 -31.53
N TYR N 197 6.69 -76.84 -32.66
CA TYR N 197 6.33 -77.72 -33.75
C TYR N 197 7.58 -78.00 -34.56
N ILE N 198 7.66 -79.19 -35.15
CA ILE N 198 8.72 -79.44 -36.12
C ILE N 198 8.09 -79.85 -37.44
N PRO N 199 8.49 -79.24 -38.55
CA PRO N 199 8.23 -79.85 -39.85
C PRO N 199 9.28 -80.91 -40.12
N ASN N 200 9.07 -81.69 -41.17
CA ASN N 200 10.13 -82.59 -41.58
C ASN N 200 10.93 -82.05 -42.75
N ARG N 201 10.75 -80.78 -43.12
CA ARG N 201 11.59 -80.23 -44.17
C ARG N 201 12.80 -79.47 -43.61
N GLY N 202 13.49 -80.06 -42.65
CA GLY N 202 14.64 -79.40 -42.08
C GLY N 202 15.92 -80.05 -42.54
N PRO N 203 17.05 -79.60 -42.01
CA PRO N 203 18.28 -80.40 -42.14
C PRO N 203 18.15 -81.66 -41.30
N LEU N 204 18.97 -82.66 -41.62
CA LEU N 204 18.77 -83.98 -41.02
C LEU N 204 19.35 -84.02 -39.61
N ASP N 205 20.06 -82.96 -39.20
CA ASP N 205 20.64 -82.92 -37.87
C ASP N 205 19.57 -82.86 -36.78
N LYS N 206 18.40 -82.29 -37.09
CA LYS N 206 17.31 -82.28 -36.11
C LYS N 206 16.78 -83.69 -35.87
N TRP N 207 16.59 -84.45 -36.94
CA TRP N 207 16.08 -85.81 -36.78
C TRP N 207 17.14 -86.72 -36.18
N ARG N 208 18.41 -86.44 -36.44
CA ARG N 208 19.47 -87.25 -35.85
C ARG N 208 19.68 -86.90 -34.38
N ALA N 209 19.43 -85.63 -34.01
CA ALA N 209 19.50 -85.26 -32.61
C ALA N 209 18.31 -85.81 -31.85
N LEU N 210 17.17 -85.95 -32.51
CA LEU N 210 16.08 -86.71 -31.96
C LEU N 210 16.38 -88.21 -32.08
N HIS N 211 15.56 -89.00 -31.38
CA HIS N 211 15.63 -90.46 -31.32
C HIS N 211 16.98 -90.96 -30.83
N GLU O 1 53.35 -83.54 -50.23
CA GLU O 1 52.17 -84.22 -50.77
C GLU O 1 50.96 -83.29 -50.82
N ASN O 2 51.23 -81.99 -50.84
CA ASN O 2 50.17 -80.99 -50.95
C ASN O 2 50.55 -80.00 -52.05
N PRO O 3 49.68 -79.74 -53.02
CA PRO O 3 50.10 -78.95 -54.18
C PRO O 3 50.10 -77.46 -53.90
N MET O 4 51.31 -76.89 -53.92
CA MET O 4 51.64 -75.46 -53.90
C MET O 4 50.87 -74.61 -52.88
N ARG O 5 50.40 -75.22 -51.80
CA ARG O 5 49.66 -74.52 -50.76
C ARG O 5 50.61 -74.33 -49.59
N GLU O 6 51.34 -73.23 -49.59
CA GLU O 6 52.39 -72.99 -48.62
C GLU O 6 52.04 -71.75 -47.80
N LEU O 7 52.15 -71.87 -46.49
CA LEU O 7 52.03 -70.70 -45.65
C LEU O 7 53.28 -69.83 -45.79
N ARG O 8 53.08 -68.60 -46.22
CA ARG O 8 54.19 -67.68 -46.38
C ARG O 8 53.75 -66.32 -45.84
N ILE O 9 54.74 -65.51 -45.46
CA ILE O 9 54.49 -64.23 -44.84
C ILE O 9 53.97 -63.30 -45.90
N ARG O 10 52.67 -62.99 -45.82
CA ARG O 10 52.03 -62.17 -46.86
C ARG O 10 52.51 -60.72 -46.76
N LYS O 11 52.26 -60.08 -45.62
CA LYS O 11 52.85 -58.78 -45.37
C LYS O 11 53.14 -58.69 -43.88
N LEU O 12 54.00 -57.74 -43.53
CA LEU O 12 54.39 -57.52 -42.15
C LEU O 12 54.12 -56.07 -41.80
N CYS O 13 53.30 -55.85 -40.77
CA CYS O 13 52.87 -54.51 -40.40
C CYS O 13 53.68 -54.03 -39.21
N LEU O 14 54.19 -52.81 -39.30
CA LEU O 14 55.02 -52.23 -38.26
C LEU O 14 54.36 -50.95 -37.80
N ASN O 15 54.14 -50.81 -36.50
CA ASN O 15 53.37 -49.67 -36.01
C ASN O 15 54.10 -49.02 -34.85
N ILE O 16 54.00 -47.69 -34.78
CA ILE O 16 54.43 -46.91 -33.62
C ILE O 16 53.32 -45.91 -33.34
N CYS O 17 52.69 -46.03 -32.17
CA CYS O 17 51.65 -45.10 -31.76
C CYS O 17 52.21 -44.13 -30.72
N VAL O 18 52.74 -43.00 -31.20
CA VAL O 18 53.19 -41.92 -30.33
C VAL O 18 51.96 -41.17 -29.87
N GLY O 19 51.96 -40.74 -28.61
CA GLY O 19 50.80 -40.05 -28.07
C GLY O 19 50.58 -38.66 -28.64
N GLU O 20 51.61 -38.09 -29.25
CA GLU O 20 51.56 -36.70 -29.68
C GLU O 20 52.02 -36.58 -31.13
N SER O 21 51.88 -35.37 -31.67
CA SER O 21 52.37 -35.04 -32.99
C SER O 21 53.57 -34.11 -32.91
N GLY O 22 54.37 -34.11 -33.96
CA GLY O 22 55.50 -33.20 -34.02
C GLY O 22 56.86 -33.88 -33.91
N ASP O 23 57.59 -33.53 -32.85
CA ASP O 23 58.98 -33.96 -32.71
C ASP O 23 59.09 -35.46 -32.49
N ARG O 24 58.40 -36.00 -31.49
CA ARG O 24 58.54 -37.40 -31.16
C ARG O 24 57.96 -38.28 -32.26
N LEU O 25 56.90 -37.79 -32.90
CA LEU O 25 56.33 -38.50 -34.05
C LEU O 25 57.30 -38.52 -35.23
N THR O 26 58.01 -37.41 -35.46
CA THR O 26 58.97 -37.36 -36.55
C THR O 26 60.17 -38.26 -36.27
N ARG O 27 60.58 -38.34 -35.01
CA ARG O 27 61.67 -39.23 -34.66
C ARG O 27 61.24 -40.69 -34.76
N ALA O 28 59.97 -40.99 -34.49
CA ALA O 28 59.46 -42.34 -34.68
C ALA O 28 59.44 -42.72 -36.15
N ALA O 29 59.06 -41.77 -37.01
CA ALA O 29 59.14 -42.01 -38.45
C ALA O 29 60.58 -42.21 -38.89
N LYS O 30 61.52 -41.54 -38.23
CA LYS O 30 62.93 -41.74 -38.53
C LYS O 30 63.40 -43.13 -38.10
N VAL O 31 62.86 -43.64 -37.00
CA VAL O 31 63.15 -45.01 -36.56
C VAL O 31 62.67 -46.02 -37.58
N LEU O 32 61.40 -45.89 -38.02
CA LEU O 32 60.86 -46.83 -38.99
C LEU O 32 61.56 -46.70 -40.34
N GLU O 33 62.03 -45.50 -40.67
CA GLU O 33 62.82 -45.33 -41.88
C GLU O 33 64.15 -46.08 -41.78
N GLN O 34 64.78 -46.04 -40.61
CA GLN O 34 66.05 -46.74 -40.45
C GLN O 34 65.87 -48.25 -40.39
N LEU O 35 64.71 -48.72 -39.92
CA LEU O 35 64.44 -50.16 -40.00
C LEU O 35 64.17 -50.60 -41.42
N THR O 36 63.14 -50.03 -42.05
CA THR O 36 62.66 -50.54 -43.33
C THR O 36 63.50 -50.17 -44.52
N GLY O 37 64.16 -49.01 -44.52
CA GLY O 37 64.73 -48.53 -45.74
C GLY O 37 63.71 -47.95 -46.69
N GLN O 38 62.54 -47.57 -46.17
CA GLN O 38 61.53 -46.91 -46.95
C GLN O 38 60.76 -45.98 -46.02
N THR O 39 60.16 -44.95 -46.60
CA THR O 39 59.56 -43.91 -45.79
C THR O 39 58.25 -44.38 -45.19
N PRO O 40 57.94 -44.02 -43.94
CA PRO O 40 56.71 -44.52 -43.33
C PRO O 40 55.50 -43.76 -43.79
N VAL O 41 54.35 -44.11 -43.22
CA VAL O 41 53.08 -43.45 -43.54
C VAL O 41 52.34 -43.16 -42.25
N PHE O 42 51.75 -41.97 -42.17
CA PHE O 42 51.26 -41.42 -40.93
C PHE O 42 49.85 -41.89 -40.64
N SER O 43 49.29 -41.45 -39.52
CA SER O 43 47.94 -41.81 -39.11
C SER O 43 47.33 -40.64 -38.34
N LYS O 44 46.04 -40.75 -38.00
CA LYS O 44 45.35 -39.64 -37.36
C LYS O 44 44.10 -40.11 -36.61
N ALA O 45 43.23 -39.17 -36.27
CA ALA O 45 42.03 -39.53 -35.53
C ALA O 45 40.77 -38.91 -36.10
N ARG O 46 39.73 -39.74 -36.22
CA ARG O 46 38.45 -39.27 -36.74
C ARG O 46 37.82 -38.38 -35.67
N TYR O 47 38.00 -38.78 -34.41
CA TYR O 47 37.47 -38.05 -33.28
C TYR O 47 38.56 -37.94 -32.22
N THR O 48 38.60 -36.81 -31.52
CA THR O 48 39.60 -36.58 -30.49
C THR O 48 39.25 -37.21 -29.14
N VAL O 49 39.22 -36.41 -28.09
CA VAL O 49 38.86 -36.95 -26.78
C VAL O 49 38.99 -35.88 -25.69
N ARG O 50 40.15 -35.21 -25.65
CA ARG O 50 40.64 -34.20 -24.70
C ARG O 50 41.02 -34.83 -23.35
N SER O 51 40.73 -36.12 -23.15
CA SER O 51 41.11 -36.75 -21.90
C SER O 51 42.60 -37.09 -21.89
N PHE O 52 43.10 -37.65 -22.99
CA PHE O 52 44.54 -37.81 -23.19
C PHE O 52 45.09 -36.95 -24.31
N GLY O 53 44.38 -35.89 -24.70
CA GLY O 53 44.97 -34.83 -25.48
C GLY O 53 45.29 -35.13 -26.92
N ILE O 54 44.34 -35.64 -27.69
CA ILE O 54 44.47 -35.69 -29.14
C ILE O 54 43.31 -34.90 -29.75
N ARG O 55 43.57 -34.32 -30.92
CA ARG O 55 42.56 -33.53 -31.61
C ARG O 55 42.35 -34.11 -33.00
N ARG O 56 41.31 -33.64 -33.67
CA ARG O 56 40.99 -34.16 -34.99
C ARG O 56 42.05 -33.73 -36.01
N ASN O 57 42.43 -34.68 -36.86
CA ASN O 57 43.47 -34.52 -37.88
C ASN O 57 44.82 -34.13 -37.27
N GLU O 58 45.15 -34.75 -36.14
CA GLU O 58 46.50 -34.69 -35.59
C GLU O 58 47.27 -35.93 -36.02
N LYS O 59 48.52 -35.74 -36.41
CA LYS O 59 49.35 -36.84 -36.86
C LYS O 59 49.78 -37.66 -35.65
N ILE O 60 48.96 -38.62 -35.27
CA ILE O 60 49.18 -39.35 -34.03
C ILE O 60 50.27 -40.39 -34.18
N ALA O 61 50.15 -41.28 -35.14
CA ALA O 61 50.99 -42.47 -35.20
C ALA O 61 51.67 -42.59 -36.55
N VAL O 62 52.66 -43.46 -36.64
CA VAL O 62 53.26 -43.85 -37.91
C VAL O 62 53.21 -45.36 -38.04
N HIS O 63 53.25 -45.84 -39.28
CA HIS O 63 53.26 -47.26 -39.53
C HIS O 63 53.88 -47.52 -40.90
N CYS O 64 54.03 -48.79 -41.21
CA CYS O 64 54.65 -49.24 -42.46
C CYS O 64 54.24 -50.66 -42.74
N THR O 65 54.22 -51.02 -44.02
CA THR O 65 53.98 -52.39 -44.45
C THR O 65 55.18 -52.87 -45.25
N VAL O 66 55.72 -54.02 -44.85
CA VAL O 66 56.94 -54.55 -45.43
C VAL O 66 56.64 -55.92 -46.01
N ARG O 67 57.06 -56.17 -47.24
CA ARG O 67 56.68 -57.38 -47.96
C ARG O 67 57.91 -58.10 -48.49
N GLY O 68 57.99 -59.40 -48.21
CA GLY O 68 59.00 -60.25 -48.82
C GLY O 68 60.24 -60.48 -47.99
N ALA O 69 61.40 -60.17 -48.57
CA ALA O 69 62.68 -60.54 -47.97
C ALA O 69 62.96 -59.71 -46.73
N LYS O 70 62.77 -58.39 -46.82
CA LYS O 70 62.91 -57.53 -45.64
C LYS O 70 61.87 -57.87 -44.59
N ALA O 71 60.70 -58.33 -45.01
CA ALA O 71 59.65 -58.72 -44.07
C ALA O 71 60.07 -59.94 -43.26
N GLU O 72 60.61 -60.95 -43.93
CA GLU O 72 61.01 -62.15 -43.20
C GLU O 72 62.27 -61.88 -42.37
N GLU O 73 63.11 -60.95 -42.82
CA GLU O 73 64.28 -60.54 -42.03
C GLU O 73 63.88 -59.84 -40.74
N ILE O 74 62.93 -58.90 -40.82
CA ILE O 74 62.55 -58.16 -39.62
C ILE O 74 61.71 -59.03 -38.69
N LEU O 75 60.98 -60.01 -39.26
CA LEU O 75 60.32 -61.00 -38.42
C LEU O 75 61.34 -61.89 -37.72
N GLU O 76 62.43 -62.22 -38.41
CA GLU O 76 63.53 -62.96 -37.80
C GLU O 76 64.13 -62.21 -36.64
N LYS O 77 64.30 -60.89 -36.79
CA LYS O 77 64.82 -60.08 -35.69
C LYS O 77 63.84 -60.01 -34.52
N GLY O 78 62.55 -59.95 -34.83
CA GLY O 78 61.55 -59.89 -33.77
C GLY O 78 61.48 -61.17 -32.95
N LEU O 79 61.47 -62.32 -33.62
CA LEU O 79 61.49 -63.58 -32.89
C LEU O 79 62.84 -63.81 -32.22
N LYS O 80 63.91 -63.23 -32.77
CA LYS O 80 65.20 -63.29 -32.13
C LYS O 80 65.20 -62.53 -30.81
N VAL O 81 64.51 -61.39 -30.77
CA VAL O 81 64.42 -60.63 -29.53
C VAL O 81 63.54 -61.35 -28.52
N ARG O 82 62.33 -61.75 -28.92
CA ARG O 82 61.41 -62.34 -27.96
C ARG O 82 61.62 -63.85 -27.81
N GLU O 83 62.76 -64.37 -28.29
CA GLU O 83 63.27 -65.72 -27.95
C GLU O 83 62.32 -66.83 -28.39
N TYR O 84 61.59 -66.57 -29.48
CA TYR O 84 60.71 -67.52 -30.16
C TYR O 84 59.56 -68.01 -29.28
N GLU O 85 59.22 -67.26 -28.23
CA GLU O 85 58.22 -67.69 -27.25
C GLU O 85 56.99 -66.81 -27.39
N LEU O 86 55.94 -67.33 -28.02
CA LEU O 86 54.73 -66.56 -28.20
C LEU O 86 53.54 -67.30 -27.62
N ARG O 87 52.73 -66.59 -26.85
CA ARG O 87 51.60 -67.22 -26.16
C ARG O 87 50.49 -67.55 -27.15
N LYS O 88 49.58 -68.42 -26.72
CA LYS O 88 48.52 -68.91 -27.62
C LYS O 88 47.54 -67.81 -27.98
N ASN O 89 47.19 -66.95 -27.01
CA ASN O 89 46.25 -65.89 -27.31
C ASN O 89 46.90 -64.71 -28.04
N ASN O 90 48.16 -64.81 -28.43
CA ASN O 90 48.70 -63.84 -29.38
C ASN O 90 48.21 -64.13 -30.79
N PHE O 91 47.77 -65.35 -31.06
CA PHE O 91 47.21 -65.66 -32.36
C PHE O 91 45.73 -65.31 -32.39
N SER O 92 45.30 -64.69 -33.48
CA SER O 92 43.89 -64.44 -33.70
C SER O 92 43.23 -65.70 -34.27
N ASP O 93 41.91 -65.72 -34.23
CA ASP O 93 41.18 -66.90 -34.68
C ASP O 93 41.23 -67.04 -36.20
N THR O 94 41.40 -65.93 -36.90
CA THR O 94 41.41 -65.97 -38.36
C THR O 94 42.77 -66.31 -38.94
N GLY O 95 43.77 -66.56 -38.10
CA GLY O 95 45.04 -67.09 -38.55
C GLY O 95 46.20 -66.12 -38.52
N ASN O 96 45.98 -64.86 -38.16
CA ASN O 96 47.07 -63.90 -38.13
C ASN O 96 47.42 -63.58 -36.69
N PHE O 97 48.60 -62.99 -36.48
CA PHE O 97 48.97 -62.70 -35.11
C PHE O 97 49.76 -61.40 -35.04
N GLY O 98 50.14 -61.05 -33.82
CA GLY O 98 50.96 -59.87 -33.61
C GLY O 98 51.61 -59.98 -32.26
N PHE O 99 52.82 -59.50 -32.17
CA PHE O 99 53.47 -59.77 -30.90
C PHE O 99 54.12 -58.57 -30.24
N GLY O 100 54.72 -57.66 -31.01
CA GLY O 100 55.23 -56.43 -30.47
C GLY O 100 56.47 -56.50 -29.59
N ILE O 101 57.20 -55.40 -29.50
CA ILE O 101 58.38 -55.28 -28.65
C ILE O 101 58.42 -53.88 -28.08
N GLN O 102 59.14 -53.72 -26.97
CA GLN O 102 59.60 -52.42 -26.53
C GLN O 102 61.08 -52.32 -26.86
N GLU O 103 61.68 -51.16 -26.55
CA GLU O 103 63.12 -50.94 -26.59
C GLU O 103 63.72 -51.20 -27.97
N HIS O 104 63.41 -50.33 -28.95
CA HIS O 104 63.60 -50.58 -30.38
C HIS O 104 65.04 -50.87 -30.79
N ILE O 105 66.03 -50.65 -29.92
CA ILE O 105 67.41 -51.02 -30.24
C ILE O 105 67.75 -52.44 -29.83
N ASP O 106 66.75 -53.25 -29.48
CA ASP O 106 67.01 -54.68 -29.28
C ASP O 106 67.24 -55.38 -30.62
N LEU O 107 66.77 -54.76 -31.71
CA LEU O 107 66.80 -55.41 -33.01
C LEU O 107 68.19 -55.36 -33.63
N GLY O 108 69.04 -54.44 -33.17
CA GLY O 108 70.41 -54.42 -33.61
C GLY O 108 70.84 -53.16 -34.36
N ILE O 109 70.25 -52.02 -34.04
CA ILE O 109 70.56 -50.75 -34.67
C ILE O 109 71.15 -49.84 -33.60
N LYS O 110 72.12 -49.01 -33.99
CA LYS O 110 72.77 -48.09 -33.05
C LYS O 110 71.79 -47.08 -32.50
N TYR O 111 71.92 -46.79 -31.22
CA TYR O 111 71.08 -45.80 -30.54
C TYR O 111 71.68 -44.42 -30.69
N ASP O 112 70.84 -43.45 -30.96
CA ASP O 112 71.27 -42.05 -30.86
C ASP O 112 70.55 -41.39 -29.68
N PRO O 113 71.24 -40.53 -28.92
CA PRO O 113 70.55 -39.84 -27.81
C PRO O 113 69.55 -38.81 -28.28
N SER O 114 69.64 -38.39 -29.54
CA SER O 114 68.68 -37.42 -30.08
C SER O 114 67.29 -38.03 -30.22
N ILE O 115 67.21 -39.27 -30.71
CA ILE O 115 65.91 -39.84 -31.05
C ILE O 115 65.19 -40.36 -29.81
N GLY O 116 65.74 -41.40 -29.17
CA GLY O 116 65.11 -41.96 -28.00
C GLY O 116 64.70 -43.41 -28.15
N ILE O 117 63.85 -43.86 -27.22
CA ILE O 117 63.45 -45.25 -27.09
C ILE O 117 61.93 -45.34 -27.24
N TYR O 118 61.48 -46.16 -28.19
CA TYR O 118 60.08 -46.23 -28.58
C TYR O 118 59.59 -47.66 -28.46
N GLY O 119 58.26 -47.82 -28.41
CA GLY O 119 57.66 -49.14 -28.37
C GLY O 119 57.01 -49.51 -29.69
N LEU O 120 57.49 -50.59 -30.28
CA LEU O 120 57.27 -50.90 -31.68
C LEU O 120 56.42 -52.15 -31.84
N ASP O 121 55.31 -52.02 -32.56
CA ASP O 121 54.29 -53.05 -32.64
C ASP O 121 54.44 -53.82 -33.95
N PHE O 122 54.68 -55.12 -33.84
CA PHE O 122 54.79 -56.00 -35.00
C PHE O 122 53.51 -56.80 -35.16
N TYR O 123 52.99 -56.84 -36.38
CA TYR O 123 51.81 -57.63 -36.68
C TYR O 123 52.05 -58.40 -37.97
N VAL O 124 51.86 -59.72 -37.90
CA VAL O 124 52.13 -60.65 -38.99
C VAL O 124 50.80 -61.18 -39.50
N VAL O 125 50.60 -61.11 -40.81
CA VAL O 125 49.50 -61.84 -41.43
C VAL O 125 50.11 -63.04 -42.15
N LEU O 126 49.31 -64.07 -42.35
CA LEU O 126 49.81 -65.22 -43.07
C LEU O 126 49.12 -65.33 -44.43
N GLY O 127 49.86 -65.76 -45.42
CA GLY O 127 49.31 -65.83 -46.75
C GLY O 127 49.57 -67.14 -47.46
N ARG O 128 48.54 -67.64 -48.13
CA ARG O 128 48.67 -68.75 -49.06
C ARG O 128 48.53 -68.21 -50.46
N PRO O 129 49.13 -68.86 -51.46
CA PRO O 129 48.94 -68.41 -52.84
C PRO O 129 47.49 -68.58 -53.27
N GLY O 130 46.95 -67.53 -53.86
CA GLY O 130 45.53 -67.44 -54.12
C GLY O 130 44.82 -66.38 -53.31
N PHE O 131 45.46 -65.81 -52.30
CA PHE O 131 44.80 -64.77 -51.50
C PHE O 131 44.69 -63.45 -52.25
N SER O 132 45.37 -63.31 -53.38
CA SER O 132 45.32 -62.05 -54.08
C SER O 132 44.09 -61.93 -54.99
N ILE O 133 43.11 -62.81 -54.81
CA ILE O 133 41.86 -62.69 -55.54
C ILE O 133 41.03 -61.55 -54.96
N ALA O 134 40.96 -61.45 -53.64
CA ALA O 134 39.98 -60.58 -53.01
C ALA O 134 40.36 -59.10 -53.11
N ASP O 135 41.58 -58.81 -53.54
CA ASP O 135 42.02 -57.42 -53.52
C ASP O 135 41.95 -56.77 -54.89
N LYS O 136 42.01 -57.57 -55.96
CA LYS O 136 42.14 -57.01 -57.30
C LYS O 136 40.81 -56.47 -57.80
N LYS O 137 40.88 -55.62 -58.83
CA LYS O 137 39.69 -54.89 -59.27
C LYS O 137 38.68 -55.79 -59.95
N ARG O 138 39.08 -56.45 -61.04
CA ARG O 138 38.09 -56.91 -62.02
C ARG O 138 37.26 -58.07 -61.49
N ARG O 139 37.87 -59.21 -61.26
CA ARG O 139 37.10 -60.36 -60.79
C ARG O 139 37.45 -60.65 -59.34
N THR O 140 36.46 -60.57 -58.47
CA THR O 140 36.65 -60.70 -57.04
C THR O 140 35.63 -61.68 -56.51
N GLY O 141 36.09 -62.66 -55.76
CA GLY O 141 35.22 -63.66 -55.17
C GLY O 141 35.60 -63.94 -53.74
N CYS O 142 34.74 -64.70 -53.04
CA CYS O 142 35.03 -65.20 -51.71
C CYS O 142 36.20 -66.18 -51.84
N ILE O 143 36.97 -66.31 -50.78
CA ILE O 143 38.22 -67.07 -50.84
C ILE O 143 37.90 -68.56 -50.81
N GLY O 144 36.90 -68.94 -50.04
CA GLY O 144 36.59 -70.36 -49.92
C GLY O 144 36.81 -70.83 -48.51
N ALA O 145 36.60 -72.12 -48.29
CA ALA O 145 36.60 -72.63 -46.93
C ALA O 145 37.84 -73.46 -46.65
N LYS O 146 38.18 -74.38 -47.55
CA LYS O 146 39.32 -75.24 -47.31
C LYS O 146 40.63 -74.49 -47.50
N HIS O 147 40.60 -73.38 -48.22
CA HIS O 147 41.84 -72.70 -48.52
C HIS O 147 42.25 -71.74 -47.41
N ARG O 148 41.32 -71.32 -46.56
CA ARG O 148 41.65 -70.27 -45.60
C ARG O 148 42.44 -70.83 -44.42
N ILE O 149 42.98 -69.93 -43.63
CA ILE O 149 43.93 -70.28 -42.58
C ILE O 149 43.20 -70.35 -41.25
N SER O 150 43.54 -71.36 -40.44
CA SER O 150 42.93 -71.52 -39.14
C SER O 150 43.95 -71.20 -38.05
N LYS O 151 43.41 -71.05 -36.83
CA LYS O 151 44.19 -70.99 -35.61
C LYS O 151 45.18 -72.14 -35.53
N GLU O 152 44.70 -73.36 -35.79
CA GLU O 152 45.54 -74.55 -35.68
C GLU O 152 46.63 -74.56 -36.73
N GLU O 153 46.30 -74.17 -37.96
CA GLU O 153 47.31 -74.15 -39.02
C GLU O 153 48.38 -73.11 -38.74
N ALA O 154 47.99 -71.95 -38.22
CA ALA O 154 48.97 -70.91 -37.90
C ALA O 154 49.89 -71.35 -36.76
N MET O 155 49.32 -71.93 -35.70
CA MET O 155 50.15 -72.31 -34.57
C MET O 155 51.02 -73.51 -34.91
N ARG O 156 50.56 -74.39 -35.81
CA ARG O 156 51.42 -75.50 -36.23
C ARG O 156 52.53 -75.03 -37.16
N TRP O 157 52.26 -74.00 -37.96
CA TRP O 157 53.33 -73.43 -38.78
C TRP O 157 54.38 -72.75 -37.92
N PHE O 158 53.95 -72.07 -36.86
CA PHE O 158 54.90 -71.42 -35.98
C PHE O 158 55.61 -72.44 -35.09
N GLN O 159 55.03 -73.62 -34.92
CA GLN O 159 55.77 -74.71 -34.31
C GLN O 159 56.79 -75.29 -35.28
N GLN O 160 56.46 -75.33 -36.56
CA GLN O 160 57.34 -75.94 -37.55
C GLN O 160 58.55 -75.07 -37.83
N LYS O 161 58.33 -73.85 -38.31
CA LYS O 161 59.42 -72.92 -38.56
C LYS O 161 59.69 -72.16 -37.27
N TYR O 162 60.95 -71.77 -37.08
CA TYR O 162 61.51 -70.95 -36.00
C TYR O 162 61.56 -71.69 -34.66
N ASP O 163 60.98 -72.89 -34.56
CA ASP O 163 60.85 -73.69 -33.33
C ASP O 163 60.28 -72.86 -32.18
N GLY O 164 59.07 -72.39 -32.36
CA GLY O 164 58.45 -71.54 -31.36
C GLY O 164 57.88 -72.32 -30.20
N ILE O 165 57.76 -71.63 -29.07
CA ILE O 165 57.21 -72.18 -27.85
C ILE O 165 55.87 -71.49 -27.62
N ILE O 166 54.87 -72.27 -27.20
CA ILE O 166 53.48 -71.88 -27.44
C ILE O 166 52.86 -71.26 -26.19
N LEU O 167 53.33 -71.66 -25.00
CA LEU O 167 52.97 -71.09 -23.69
C LEU O 167 51.46 -71.03 -23.45
N PRO O 168 50.80 -72.15 -23.14
CA PRO O 168 49.33 -72.13 -23.04
C PRO O 168 48.81 -71.35 -21.83
N GLY O 169 49.66 -71.04 -20.86
CA GLY O 169 49.25 -70.24 -19.72
C GLY O 169 49.08 -68.78 -20.06
N MET P 1 -22.60 -99.55 -9.65
CA MET P 1 -23.14 -98.23 -9.97
C MET P 1 -22.90 -97.87 -11.46
N PRO P 2 -21.73 -98.27 -12.08
CA PRO P 2 -21.76 -98.48 -13.54
C PRO P 2 -22.16 -99.92 -13.89
N ARG P 3 -23.24 -100.38 -13.27
CA ARG P 3 -23.78 -101.71 -13.53
C ARG P 3 -23.14 -102.80 -12.70
N GLU P 4 -21.88 -103.08 -12.96
CA GLU P 4 -21.17 -104.12 -12.22
C GLU P 4 -19.79 -103.66 -11.76
N ASP P 5 -19.12 -102.84 -12.57
CA ASP P 5 -17.79 -102.38 -12.18
C ASP P 5 -16.83 -103.52 -11.75
N ARG P 6 -17.33 -104.76 -11.67
CA ARG P 6 -16.71 -105.90 -10.94
C ARG P 6 -16.35 -105.55 -9.49
N ALA P 7 -16.97 -104.50 -8.94
CA ALA P 7 -16.83 -104.05 -7.56
C ALA P 7 -18.10 -104.38 -6.78
N THR P 8 -18.20 -103.83 -5.57
CA THR P 8 -19.20 -104.25 -4.57
C THR P 8 -20.39 -103.30 -4.53
N TRP P 9 -20.88 -102.86 -5.68
CA TRP P 9 -21.93 -101.85 -5.70
C TRP P 9 -23.31 -102.38 -6.06
N LYS P 10 -23.44 -102.89 -7.29
CA LYS P 10 -24.74 -103.25 -7.82
C LYS P 10 -24.80 -104.70 -8.26
N SER P 11 -23.90 -105.08 -9.16
CA SER P 11 -23.92 -106.45 -9.67
C SER P 11 -22.95 -107.33 -8.91
N ASN P 12 -22.59 -106.91 -7.70
CA ASN P 12 -22.04 -107.83 -6.71
C ASN P 12 -23.12 -108.36 -5.79
N TYR P 13 -24.09 -107.52 -5.40
CA TYR P 13 -25.34 -108.06 -4.89
C TYR P 13 -26.05 -108.87 -5.96
N PHE P 14 -26.01 -108.39 -7.22
CA PHE P 14 -26.37 -109.26 -8.33
C PHE P 14 -25.15 -109.99 -8.86
N LEU P 15 -24.37 -110.55 -7.94
CA LEU P 15 -23.53 -111.72 -8.17
C LEU P 15 -23.81 -112.67 -7.02
N LYS P 16 -24.04 -112.12 -5.83
CA LYS P 16 -24.27 -112.93 -4.64
C LYS P 16 -25.63 -113.58 -4.68
N ILE P 17 -26.67 -112.85 -5.07
CA ILE P 17 -28.02 -113.40 -5.15
C ILE P 17 -28.10 -114.46 -6.25
N ILE P 18 -27.39 -114.22 -7.35
CA ILE P 18 -27.51 -115.09 -8.52
C ILE P 18 -26.35 -116.08 -8.62
N GLN P 19 -25.52 -116.15 -7.58
CA GLN P 19 -24.41 -117.09 -7.53
C GLN P 19 -24.53 -117.91 -6.24
N LEU P 20 -25.36 -117.42 -5.33
CA LEU P 20 -25.87 -118.21 -4.22
C LEU P 20 -27.28 -118.64 -4.61
N LEU P 21 -27.50 -118.80 -5.91
CA LEU P 21 -28.76 -119.23 -6.48
C LEU P 21 -28.80 -120.74 -6.66
N ASP P 22 -27.67 -121.35 -6.99
CA ASP P 22 -27.57 -122.81 -7.09
C ASP P 22 -27.03 -123.47 -5.82
N ASP P 23 -27.59 -123.15 -4.65
CA ASP P 23 -27.28 -123.94 -3.46
C ASP P 23 -28.49 -124.14 -2.57
N TYR P 24 -29.70 -123.83 -3.03
CA TYR P 24 -30.81 -123.96 -2.08
C TYR P 24 -32.24 -124.18 -2.59
N PRO P 25 -33.06 -124.79 -1.72
CA PRO P 25 -34.48 -125.13 -1.77
C PRO P 25 -35.05 -124.54 -0.49
N LYS P 26 -35.89 -123.51 -0.58
CA LYS P 26 -36.41 -122.88 0.64
C LYS P 26 -35.79 -121.55 1.06
N CYS P 27 -36.09 -120.48 0.32
CA CYS P 27 -35.93 -119.11 0.86
C CYS P 27 -36.82 -119.02 2.09
N PHE P 28 -36.24 -118.58 3.20
CA PHE P 28 -37.06 -118.27 4.37
C PHE P 28 -37.17 -116.75 4.54
N ILE P 29 -38.34 -116.31 4.99
CA ILE P 29 -38.89 -114.99 4.68
C ILE P 29 -38.87 -114.12 5.95
N VAL P 30 -37.81 -114.23 6.76
CA VAL P 30 -37.61 -113.46 7.99
C VAL P 30 -37.76 -111.96 7.76
N GLY P 31 -38.50 -111.29 8.65
CA GLY P 31 -38.73 -109.87 8.56
C GLY P 31 -38.88 -109.25 9.94
N ALA P 32 -38.12 -108.18 10.15
CA ALA P 32 -38.10 -107.48 11.43
C ALA P 32 -38.34 -105.99 11.21
N ASP P 33 -39.02 -105.34 12.15
CA ASP P 33 -39.36 -103.93 12.02
C ASP P 33 -38.13 -103.04 12.14
N ASN P 34 -37.31 -103.26 13.17
CA ASN P 34 -36.07 -102.50 13.31
C ASN P 34 -34.92 -103.36 13.80
N VAL P 35 -33.71 -103.09 13.30
CA VAL P 35 -32.54 -103.89 13.62
C VAL P 35 -31.36 -103.00 14.00
N GLY P 36 -31.64 -101.74 14.34
CA GLY P 36 -30.62 -100.73 14.57
C GLY P 36 -29.63 -100.95 15.69
N SER P 37 -30.09 -101.60 16.75
CA SER P 37 -29.24 -102.00 17.87
C SER P 37 -28.50 -103.29 17.52
N LYS P 38 -28.00 -104.01 18.54
CA LYS P 38 -27.32 -105.29 18.35
C LYS P 38 -28.19 -106.40 17.72
N GLN P 39 -29.46 -106.10 17.38
CA GLN P 39 -30.36 -106.99 16.65
C GLN P 39 -29.79 -107.53 15.33
N MET P 40 -28.89 -106.81 14.68
CA MET P 40 -28.16 -107.31 13.51
C MET P 40 -27.38 -108.58 13.84
N GLN P 41 -26.55 -108.48 14.88
CA GLN P 41 -25.80 -109.65 15.33
C GLN P 41 -26.72 -110.67 15.99
N GLN P 42 -27.86 -110.23 16.52
CA GLN P 42 -28.85 -111.19 17.03
C GLN P 42 -29.50 -111.98 15.89
N ILE P 43 -29.58 -111.38 14.69
CA ILE P 43 -30.02 -112.12 13.51
C ILE P 43 -28.95 -113.12 13.13
N ARG P 44 -27.70 -112.67 13.00
CA ARG P 44 -26.71 -113.58 12.41
C ARG P 44 -26.15 -114.60 13.40
N MET P 45 -25.63 -114.15 14.55
CA MET P 45 -24.86 -114.93 15.52
C MET P 45 -25.58 -116.16 16.05
N SER P 46 -26.87 -116.03 16.38
CA SER P 46 -27.63 -117.16 16.90
C SER P 46 -27.93 -118.18 15.80
N LEU P 47 -28.00 -117.72 14.55
CA LEU P 47 -28.30 -118.58 13.41
C LEU P 47 -27.04 -118.94 12.64
N ARG P 48 -25.86 -118.70 13.23
CA ARG P 48 -24.59 -119.07 12.58
C ARG P 48 -24.38 -120.57 12.50
N GLY P 49 -23.24 -120.98 11.96
CA GLY P 49 -23.18 -122.29 11.38
C GLY P 49 -23.66 -122.09 9.96
N LYS P 50 -24.95 -122.33 9.73
CA LYS P 50 -25.58 -121.90 8.49
C LYS P 50 -26.02 -120.43 8.58
N ALA P 51 -25.06 -119.52 8.55
CA ALA P 51 -25.37 -118.10 8.62
C ALA P 51 -25.46 -117.44 7.24
N VAL P 52 -26.66 -117.02 6.86
CA VAL P 52 -26.88 -116.39 5.57
C VAL P 52 -27.49 -114.99 5.70
N VAL P 53 -28.81 -114.92 5.61
CA VAL P 53 -29.57 -113.66 5.71
C VAL P 53 -29.11 -112.58 4.74
N LEU P 54 -29.46 -112.75 3.46
CA LEU P 54 -29.08 -111.79 2.42
C LEU P 54 -30.21 -111.45 1.48
N MET P 55 -30.75 -110.23 1.60
CA MET P 55 -31.57 -109.68 0.51
C MET P 55 -31.58 -108.15 0.53
N GLY P 56 -31.23 -107.55 -0.60
CA GLY P 56 -31.19 -106.10 -0.73
C GLY P 56 -32.56 -105.49 -0.98
N LYS P 57 -32.61 -104.58 -1.95
CA LYS P 57 -33.86 -103.95 -2.35
C LYS P 57 -34.82 -104.96 -2.98
N ASN P 58 -36.05 -105.00 -2.46
CA ASN P 58 -37.10 -105.71 -3.18
C ASN P 58 -37.48 -105.01 -4.47
N THR P 59 -37.20 -103.71 -4.60
CA THR P 59 -37.31 -103.02 -5.87
C THR P 59 -36.26 -103.52 -6.86
N MET P 60 -35.03 -103.79 -6.39
CA MET P 60 -34.03 -104.49 -7.19
C MET P 60 -34.47 -105.89 -7.57
N MET P 61 -35.20 -106.57 -6.68
CA MET P 61 -35.55 -107.97 -6.89
C MET P 61 -36.86 -108.18 -7.62
N ARG P 62 -37.33 -107.21 -8.40
CA ARG P 62 -38.59 -107.43 -9.11
C ARG P 62 -38.39 -108.32 -10.33
N LYS P 63 -37.58 -107.87 -11.29
CA LYS P 63 -37.39 -108.58 -12.54
C LYS P 63 -36.08 -109.36 -12.47
N ALA P 64 -35.43 -109.33 -11.29
CA ALA P 64 -34.09 -109.87 -11.11
C ALA P 64 -34.00 -111.37 -11.34
N ILE P 65 -34.70 -112.15 -10.51
CA ILE P 65 -34.70 -113.60 -10.66
C ILE P 65 -35.50 -114.04 -11.86
N ARG P 66 -36.41 -113.19 -12.35
CA ARG P 66 -37.12 -113.44 -13.59
C ARG P 66 -36.18 -113.48 -14.78
N GLY P 67 -35.44 -112.39 -14.99
CA GLY P 67 -34.48 -112.30 -16.08
C GLY P 67 -33.26 -113.17 -15.93
N HIS P 68 -32.85 -113.44 -14.70
CA HIS P 68 -31.71 -114.31 -14.45
C HIS P 68 -32.18 -115.51 -13.64
N LEU P 69 -33.22 -116.17 -14.13
CA LEU P 69 -33.80 -117.32 -13.46
C LEU P 69 -33.12 -118.65 -13.82
N GLU P 70 -33.45 -119.18 -15.00
CA GLU P 70 -32.91 -120.44 -15.48
C GLU P 70 -33.07 -121.54 -14.42
N ASN P 71 -33.96 -121.30 -13.47
CA ASN P 71 -34.24 -122.24 -12.39
C ASN P 71 -35.72 -122.63 -12.39
N ASN P 72 -36.43 -122.26 -13.45
CA ASN P 72 -37.85 -122.55 -13.61
C ASN P 72 -38.64 -122.15 -12.37
N PRO P 73 -38.84 -123.10 -11.45
CA PRO P 73 -39.57 -122.89 -10.18
C PRO P 73 -38.97 -121.78 -9.31
N ALA P 74 -39.56 -121.64 -8.12
CA ALA P 74 -39.21 -120.63 -7.10
C ALA P 74 -39.36 -119.20 -7.64
N LEU P 75 -40.30 -119.02 -8.57
CA LEU P 75 -40.73 -117.69 -8.98
C LEU P 75 -42.19 -117.56 -8.55
N GLU P 76 -42.68 -118.61 -7.87
CA GLU P 76 -43.93 -118.58 -7.13
C GLU P 76 -43.79 -117.91 -5.77
N LYS P 77 -42.61 -117.35 -5.49
CA LYS P 77 -42.38 -116.39 -4.41
C LYS P 77 -42.53 -114.96 -4.94
N LEU P 78 -43.53 -114.78 -5.81
CA LEU P 78 -43.91 -113.59 -6.59
C LEU P 78 -44.57 -112.58 -5.65
N LEU P 79 -45.46 -111.72 -6.18
CA LEU P 79 -45.91 -110.48 -5.53
C LEU P 79 -46.33 -110.53 -4.05
N PRO P 80 -46.71 -111.67 -3.44
CA PRO P 80 -46.50 -111.81 -1.97
C PRO P 80 -45.05 -111.57 -1.45
N HIS P 81 -44.10 -111.33 -2.35
CA HIS P 81 -42.70 -111.14 -2.00
C HIS P 81 -42.23 -109.70 -1.69
N ILE P 82 -42.36 -108.78 -2.66
CA ILE P 82 -41.93 -107.36 -2.54
C ILE P 82 -42.22 -106.74 -1.19
N ARG P 83 -43.50 -106.51 -0.91
CA ARG P 83 -43.94 -105.88 0.33
C ARG P 83 -43.29 -106.42 1.61
N GLY P 84 -43.10 -105.53 2.57
CA GLY P 84 -42.52 -105.86 3.86
C GLY P 84 -41.02 -106.03 3.93
N ASN P 85 -40.41 -105.50 4.99
CA ASN P 85 -38.97 -105.62 5.18
C ASN P 85 -38.65 -107.10 5.38
N VAL P 86 -38.18 -107.74 4.31
CA VAL P 86 -37.89 -109.15 4.31
C VAL P 86 -36.39 -109.35 4.15
N GLY P 87 -35.79 -110.22 4.97
CA GLY P 87 -34.36 -110.43 4.95
C GLY P 87 -33.85 -111.65 4.20
N PHE P 88 -34.68 -112.67 3.98
CA PHE P 88 -34.34 -113.86 3.19
C PHE P 88 -33.11 -114.63 3.65
N VAL P 89 -33.29 -115.47 4.68
CA VAL P 89 -32.33 -116.52 4.98
C VAL P 89 -32.67 -117.77 4.15
N PHE P 90 -32.13 -117.83 2.93
CA PHE P 90 -32.36 -118.98 2.07
C PHE P 90 -31.49 -120.16 2.51
N THR P 91 -32.13 -121.27 2.86
CA THR P 91 -31.41 -122.25 3.67
C THR P 91 -31.19 -123.60 3.00
N LYS P 92 -30.38 -124.43 3.64
CA LYS P 92 -30.35 -125.86 3.39
C LYS P 92 -30.03 -126.58 4.70
N GLU P 93 -31.09 -127.00 5.38
CA GLU P 93 -30.97 -127.62 6.70
C GLU P 93 -32.16 -128.55 6.83
N ASP P 94 -32.54 -128.93 8.04
CA ASP P 94 -33.71 -129.77 8.32
C ASP P 94 -34.96 -128.89 8.31
N LEU P 95 -36.06 -129.41 8.84
CA LEU P 95 -37.37 -128.76 8.77
C LEU P 95 -37.50 -127.57 9.71
N THR P 96 -38.74 -127.20 10.00
CA THR P 96 -39.27 -125.93 10.53
C THR P 96 -38.52 -125.35 11.74
N GLU P 97 -37.66 -126.14 12.39
CA GLU P 97 -36.75 -125.75 13.48
C GLU P 97 -36.03 -124.41 13.28
N ILE P 98 -35.67 -124.08 12.04
CA ILE P 98 -35.12 -122.77 11.69
C ILE P 98 -36.09 -121.66 12.05
N ARG P 99 -37.34 -121.77 11.58
CA ARG P 99 -38.37 -120.77 11.85
C ARG P 99 -38.74 -120.78 13.33
N ASP P 100 -38.67 -121.97 13.94
CA ASP P 100 -38.93 -122.18 15.37
C ASP P 100 -37.93 -121.42 16.25
N MET P 101 -36.68 -121.40 15.83
CA MET P 101 -35.66 -120.68 16.58
C MET P 101 -35.85 -119.18 16.40
N LEU P 102 -36.42 -118.79 15.26
CA LEU P 102 -36.65 -117.37 14.97
C LEU P 102 -38.02 -116.88 15.42
N LEU P 103 -38.91 -117.83 15.74
CA LEU P 103 -40.27 -117.48 16.19
C LEU P 103 -40.20 -116.53 17.38
N ALA P 104 -39.00 -116.01 17.63
CA ALA P 104 -38.79 -115.08 18.74
C ALA P 104 -37.31 -114.86 19.07
N ASN P 105 -36.37 -115.50 18.38
CA ASN P 105 -35.08 -115.64 19.05
C ASN P 105 -34.12 -114.46 18.82
N LYS P 106 -34.63 -113.30 18.41
CA LYS P 106 -33.72 -112.16 18.21
C LYS P 106 -34.16 -110.92 19.00
N VAL P 107 -35.44 -110.58 18.96
CA VAL P 107 -35.86 -109.30 19.54
C VAL P 107 -36.07 -109.43 21.06
N PRO P 108 -36.92 -110.38 21.61
CA PRO P 108 -36.98 -110.45 23.08
C PRO P 108 -36.06 -111.48 23.71
N ALA P 109 -35.46 -112.35 22.90
CA ALA P 109 -34.68 -113.48 23.41
C ALA P 109 -33.19 -113.30 23.15
N ALA Q 1 -16.52 -2.18 -60.82
CA ALA Q 1 -17.20 -1.43 -61.88
C ALA Q 1 -17.02 -1.94 -63.33
N PRO Q 2 -15.83 -2.37 -63.80
CA PRO Q 2 -15.79 -2.92 -65.16
C PRO Q 2 -16.34 -4.32 -65.24
N SER Q 3 -16.16 -4.93 -66.41
CA SER Q 3 -16.95 -6.07 -66.86
C SER Q 3 -16.08 -6.93 -67.74
N ARG Q 4 -16.73 -7.62 -68.69
CA ARG Q 4 -16.08 -8.37 -69.75
C ARG Q 4 -15.29 -7.47 -70.71
N ASN Q 5 -14.88 -8.03 -71.85
CA ASN Q 5 -13.90 -7.43 -72.74
C ASN Q 5 -14.49 -6.15 -73.34
N GLY Q 6 -14.25 -5.03 -72.67
CA GLY Q 6 -14.78 -3.75 -73.07
C GLY Q 6 -13.75 -2.67 -72.84
N MET Q 7 -13.84 -1.61 -73.63
CA MET Q 7 -12.77 -0.62 -73.69
C MET Q 7 -12.75 0.24 -72.44
N VAL Q 8 -11.55 0.66 -72.03
CA VAL Q 8 -11.39 1.52 -70.86
C VAL Q 8 -11.99 2.88 -71.14
N LEU Q 9 -12.90 3.31 -70.28
CA LEU Q 9 -13.58 4.57 -70.42
C LEU Q 9 -13.04 5.59 -69.43
N LYS Q 10 -12.66 6.75 -69.95
CA LYS Q 10 -12.33 7.88 -69.09
C LYS Q 10 -13.11 9.09 -69.56
N PRO Q 11 -14.40 9.18 -69.29
CA PRO Q 11 -15.17 10.33 -69.77
C PRO Q 11 -14.90 11.53 -68.87
N HIS Q 12 -15.05 12.72 -69.43
CA HIS Q 12 -14.74 13.94 -68.71
C HIS Q 12 -16.04 14.56 -68.21
N PHE Q 13 -16.60 13.96 -67.15
CA PHE Q 13 -17.89 14.37 -66.64
C PHE Q 13 -17.91 14.56 -65.13
N HIS Q 14 -16.75 14.47 -64.48
CA HIS Q 14 -16.72 14.64 -63.03
C HIS Q 14 -16.98 16.07 -62.63
N LYS Q 15 -16.64 17.02 -63.48
CA LYS Q 15 -16.91 18.42 -63.29
C LYS Q 15 -18.40 18.66 -63.51
N ASP Q 16 -19.01 19.57 -62.76
CA ASP Q 16 -20.47 19.72 -62.75
C ASP Q 16 -20.94 20.37 -64.06
N TRP Q 17 -21.01 19.54 -65.07
CA TRP Q 17 -21.24 19.99 -66.44
C TRP Q 17 -22.66 20.45 -66.67
N GLN Q 18 -23.63 19.95 -65.91
CA GLN Q 18 -25.03 20.27 -66.17
C GLN Q 18 -25.37 21.72 -65.85
N ARG Q 19 -24.49 22.40 -65.13
CA ARG Q 19 -24.69 23.82 -64.91
C ARG Q 19 -24.39 24.61 -66.18
N ARG Q 20 -23.22 24.38 -66.76
CA ARG Q 20 -22.73 25.19 -67.88
C ARG Q 20 -22.89 24.43 -69.19
N VAL Q 21 -24.14 24.21 -69.60
CA VAL Q 21 -24.43 23.70 -70.92
C VAL Q 21 -25.04 24.82 -71.74
N ALA Q 22 -24.33 25.25 -72.76
CA ALA Q 22 -24.86 26.17 -73.76
C ALA Q 22 -25.29 25.32 -74.93
N THR Q 23 -26.55 25.44 -75.31
CA THR Q 23 -27.15 24.50 -76.25
C THR Q 23 -27.57 25.24 -77.51
N TRP Q 24 -27.26 24.64 -78.66
CA TRP Q 24 -27.70 25.17 -79.94
C TRP Q 24 -29.20 24.94 -80.06
N PHE Q 25 -29.98 25.97 -79.72
CA PHE Q 25 -31.36 26.00 -80.16
C PHE Q 25 -31.65 27.24 -80.98
N ASN Q 26 -30.92 28.31 -80.72
CA ASN Q 26 -31.03 29.53 -81.49
C ASN Q 26 -30.22 29.49 -82.77
N GLN Q 27 -29.85 28.31 -83.25
CA GLN Q 27 -29.10 28.18 -84.50
C GLN Q 27 -29.88 28.57 -85.76
N PRO Q 28 -31.16 28.19 -85.96
CA PRO Q 28 -31.88 28.74 -87.12
C PRO Q 28 -32.15 30.22 -87.01
N ALA Q 29 -32.35 30.71 -85.78
CA ALA Q 29 -32.53 32.14 -85.59
C ALA Q 29 -31.26 32.91 -85.89
N ARG Q 30 -30.10 32.34 -85.56
CA ARG Q 30 -28.84 33.00 -85.94
C ARG Q 30 -28.60 32.93 -87.43
N LYS Q 31 -29.05 31.87 -88.09
CA LYS Q 31 -28.90 31.81 -89.54
C LYS Q 31 -29.77 32.86 -90.21
N ILE Q 32 -30.98 33.09 -89.68
CA ILE Q 32 -31.84 34.15 -90.22
C ILE Q 32 -31.28 35.53 -89.91
N ARG Q 33 -30.72 35.71 -88.70
CA ARG Q 33 -30.05 36.97 -88.34
C ARG Q 33 -28.92 37.30 -89.28
N ARG Q 34 -28.13 36.29 -89.64
CA ARG Q 34 -26.96 36.57 -90.44
C ARG Q 34 -27.33 36.75 -91.90
N ARG Q 35 -28.42 36.09 -92.36
CA ARG Q 35 -28.97 36.43 -93.67
C ARG Q 35 -29.45 37.87 -93.73
N LYS Q 36 -30.19 38.31 -92.71
CA LYS Q 36 -30.71 39.67 -92.72
C LYS Q 36 -29.58 40.67 -92.58
N ALA Q 37 -28.50 40.30 -91.89
CA ALA Q 37 -27.33 41.16 -91.82
C ALA Q 37 -26.64 41.30 -93.16
N ARG Q 38 -26.53 40.18 -93.92
CA ARG Q 38 -25.89 40.27 -95.22
C ARG Q 38 -26.74 41.02 -96.23
N GLN Q 39 -28.06 40.82 -96.21
CA GLN Q 39 -28.93 41.55 -97.11
C GLN Q 39 -28.99 43.03 -96.74
N ALA Q 40 -28.94 43.33 -95.44
CA ALA Q 40 -28.85 44.71 -95.00
C ALA Q 40 -27.53 45.34 -95.40
N LYS Q 41 -26.44 44.57 -95.36
CA LYS Q 41 -25.15 45.09 -95.82
C LYS Q 41 -25.18 45.39 -97.31
N ALA Q 42 -25.80 44.50 -98.09
CA ALA Q 42 -25.89 44.70 -99.54
C ALA Q 42 -26.73 45.92 -99.87
N ARG Q 43 -27.81 46.16 -99.11
CA ARG Q 43 -28.61 47.34 -99.40
C ARG Q 43 -27.98 48.60 -98.82
N ARG Q 44 -27.12 48.46 -97.80
CA ARG Q 44 -26.59 49.65 -97.14
C ARG Q 44 -25.36 50.19 -97.82
N ILE Q 45 -24.65 49.33 -98.56
CA ILE Q 45 -23.48 49.79 -99.28
C ILE Q 45 -24.01 50.59 -100.45
N ALA Q 46 -23.68 50.16 -101.66
CA ALA Q 46 -24.12 50.82 -102.89
C ALA Q 46 -23.89 49.86 -104.04
N PRO Q 47 -23.11 50.31 -105.04
CA PRO Q 47 -22.74 49.50 -106.21
C PRO Q 47 -21.62 48.55 -105.81
N ARG Q 48 -20.88 48.93 -104.77
CA ARG Q 48 -19.79 48.13 -104.23
C ARG Q 48 -20.28 46.71 -103.97
N PRO Q 49 -19.50 45.73 -104.41
CA PRO Q 49 -19.85 44.31 -104.29
C PRO Q 49 -19.84 43.85 -102.84
N ALA Q 50 -20.59 42.79 -102.59
CA ALA Q 50 -20.54 42.12 -101.30
C ALA Q 50 -19.25 41.29 -101.20
N SER Q 51 -18.80 41.08 -99.97
CA SER Q 51 -17.44 40.62 -99.68
C SER Q 51 -16.43 41.49 -100.41
N GLY Q 52 -16.59 42.81 -100.26
CA GLY Q 52 -16.00 43.82 -101.10
C GLY Q 52 -14.51 43.81 -101.34
N PRO Q 53 -13.67 43.75 -100.30
CA PRO Q 53 -12.24 43.74 -100.57
C PRO Q 53 -11.78 42.48 -101.27
N ILE Q 54 -10.87 42.64 -102.24
CA ILE Q 54 -10.28 41.54 -102.97
C ILE Q 54 -9.23 40.90 -102.07
N ARG Q 55 -8.97 39.63 -102.30
CA ARG Q 55 -8.07 38.85 -101.46
C ARG Q 55 -6.98 38.22 -102.33
N PRO Q 56 -5.78 38.02 -101.80
CA PRO Q 56 -4.67 37.54 -102.63
C PRO Q 56 -4.68 36.03 -102.86
N ILE Q 57 -3.59 35.59 -103.47
CA ILE Q 57 -3.32 34.19 -103.72
C ILE Q 57 -2.16 33.79 -102.81
N VAL Q 58 -2.41 32.81 -101.95
CA VAL Q 58 -1.57 32.52 -100.79
C VAL Q 58 -1.47 31.01 -100.61
N ARG Q 59 -0.26 30.50 -100.42
CA ARG Q 59 -0.03 29.07 -100.22
C ARG Q 59 0.11 28.76 -98.74
N CYS Q 60 -0.50 27.67 -98.30
CA CYS Q 60 -0.43 27.27 -96.89
C CYS Q 60 1.00 27.02 -96.42
N PRO Q 61 1.21 26.97 -95.10
CA PRO Q 61 2.55 26.78 -94.53
C PRO Q 61 2.77 25.52 -93.68
N THR Q 62 2.68 24.33 -94.26
CA THR Q 62 2.90 23.09 -93.52
C THR Q 62 3.23 21.97 -94.49
N VAL Q 63 4.28 21.19 -94.24
CA VAL Q 63 4.59 20.13 -95.19
C VAL Q 63 3.31 19.43 -95.63
N ARG Q 64 2.22 19.62 -94.90
CA ARG Q 64 0.97 18.96 -95.24
C ARG Q 64 0.19 19.73 -96.29
N TYR Q 65 0.09 21.05 -96.15
CA TYR Q 65 -0.84 21.83 -96.95
C TYR Q 65 -0.20 22.69 -98.02
N HIS Q 66 1.12 22.59 -98.26
CA HIS Q 66 1.74 23.55 -99.15
C HIS Q 66 1.46 23.27 -100.62
N THR Q 67 0.83 22.15 -100.95
CA THR Q 67 0.38 21.95 -102.31
C THR Q 67 -0.80 22.85 -102.64
N LYS Q 68 -1.64 23.12 -101.65
CA LYS Q 68 -2.88 23.84 -101.87
C LYS Q 68 -2.63 25.34 -102.03
N VAL Q 69 -3.72 26.09 -102.09
CA VAL Q 69 -3.66 27.53 -102.24
C VAL Q 69 -4.91 28.13 -101.59
N ARG Q 70 -4.75 29.30 -100.98
CA ARG Q 70 -5.74 29.85 -100.06
C ARG Q 70 -5.95 31.31 -100.37
N ALA Q 71 -7.18 31.78 -100.26
CA ALA Q 71 -7.45 33.21 -100.30
C ALA Q 71 -6.92 33.86 -99.03
N GLY Q 72 -5.83 34.61 -99.18
CA GLY Q 72 -5.11 35.16 -98.05
C GLY Q 72 -5.81 36.36 -97.43
N ARG Q 73 -5.00 37.29 -96.91
CA ARG Q 73 -5.60 38.48 -96.32
C ARG Q 73 -5.34 39.73 -97.16
N GLY Q 74 -4.08 40.07 -97.39
CA GLY Q 74 -3.79 41.35 -98.01
C GLY Q 74 -2.60 41.29 -98.94
N PHE Q 75 -2.29 42.43 -99.54
CA PHE Q 75 -1.44 42.42 -100.71
C PHE Q 75 0.00 42.87 -100.50
N SER Q 76 0.53 42.85 -99.28
CA SER Q 76 1.98 42.79 -99.08
C SER Q 76 2.81 43.91 -99.68
N LEU Q 77 2.85 45.09 -99.04
CA LEU Q 77 3.01 46.43 -99.65
C LEU Q 77 4.04 46.50 -100.79
N GLU Q 78 5.03 45.62 -100.81
CA GLU Q 78 5.93 45.52 -101.97
C GLU Q 78 5.14 45.24 -103.25
N GLU Q 79 4.22 44.28 -103.20
CA GLU Q 79 3.38 43.96 -104.35
C GLU Q 79 2.49 45.13 -104.72
N LEU Q 80 2.01 45.85 -103.71
CA LEU Q 80 1.09 46.95 -103.95
C LEU Q 80 1.83 48.17 -104.49
N ARG Q 81 3.13 48.24 -104.22
CA ARG Q 81 3.97 49.28 -104.84
C ARG Q 81 4.30 48.93 -106.27
N VAL Q 82 4.52 47.65 -106.56
CA VAL Q 82 4.75 47.21 -107.94
C VAL Q 82 3.48 47.42 -108.77
N ALA Q 83 2.31 47.35 -108.12
CA ALA Q 83 1.06 47.74 -108.77
C ALA Q 83 1.03 49.24 -109.08
N GLY Q 84 1.83 50.04 -108.36
CA GLY Q 84 1.96 51.44 -108.69
C GLY Q 84 0.84 52.30 -108.14
N ILE Q 85 0.37 51.97 -106.94
CA ILE Q 85 -0.75 52.67 -106.34
C ILE Q 85 -0.45 52.88 -104.86
N HIS Q 86 -0.99 53.96 -104.30
CA HIS Q 86 -0.66 54.36 -102.94
C HIS Q 86 -1.39 53.46 -101.94
N LYS Q 87 -1.02 53.58 -100.65
CA LYS Q 87 -1.46 52.61 -99.64
C LYS Q 87 -2.94 52.76 -99.31
N LYS Q 88 -3.35 53.90 -98.75
CA LYS Q 88 -4.74 54.01 -98.29
C LYS Q 88 -5.68 54.20 -99.48
N VAL Q 89 -5.14 54.63 -100.61
CA VAL Q 89 -5.93 54.67 -101.85
C VAL Q 89 -6.37 53.27 -102.23
N ALA Q 90 -5.54 52.26 -101.94
CA ALA Q 90 -5.93 50.88 -102.17
C ALA Q 90 -7.04 50.45 -101.22
N ARG Q 91 -7.02 50.94 -99.97
CA ARG Q 91 -8.10 50.61 -99.05
C ARG Q 91 -9.42 51.26 -99.48
N THR Q 92 -9.33 52.43 -100.12
CA THR Q 92 -10.55 53.06 -100.61
C THR Q 92 -11.06 52.40 -101.89
N ILE Q 93 -10.13 51.97 -102.75
CA ILE Q 93 -10.50 51.28 -103.98
C ILE Q 93 -11.09 49.91 -103.66
N GLY Q 94 -10.66 49.28 -102.58
CA GLY Q 94 -11.21 47.98 -102.24
C GLY Q 94 -10.16 46.92 -102.36
N ILE Q 95 -8.91 47.35 -102.28
CA ILE Q 95 -7.75 46.49 -102.38
C ILE Q 95 -7.19 46.31 -100.98
N SER Q 96 -7.12 45.05 -100.54
CA SER Q 96 -6.75 44.76 -99.16
C SER Q 96 -5.27 45.00 -98.92
N VAL Q 97 -4.96 45.71 -97.84
CA VAL Q 97 -3.60 46.09 -97.50
C VAL Q 97 -3.24 45.45 -96.17
N ASP Q 98 -2.24 44.57 -96.20
CA ASP Q 98 -1.75 43.92 -94.99
C ASP Q 98 -0.24 44.09 -94.93
N PRO Q 99 0.27 45.02 -94.11
CA PRO Q 99 1.69 45.39 -94.24
C PRO Q 99 2.66 44.39 -93.66
N ARG Q 100 2.18 43.36 -92.97
CA ARG Q 100 3.12 42.44 -92.33
C ARG Q 100 3.58 41.35 -93.30
N ARG Q 101 2.96 41.27 -94.47
CA ARG Q 101 3.22 40.13 -95.34
C ARG Q 101 4.47 40.36 -96.17
N ARG Q 102 5.34 39.36 -96.19
CA ARG Q 102 6.64 39.43 -96.83
C ARG Q 102 6.66 38.58 -98.08
N ASN Q 103 7.52 38.94 -99.03
CA ASN Q 103 7.56 38.20 -100.29
C ASN Q 103 8.91 37.58 -100.55
N LYS Q 104 9.05 36.29 -100.27
CA LYS Q 104 10.28 35.59 -100.65
C LYS Q 104 10.18 35.03 -102.05
N SER Q 105 8.97 34.73 -102.50
CA SER Q 105 8.75 34.03 -103.76
C SER Q 105 8.46 35.03 -104.88
N THR Q 106 9.32 35.03 -105.89
CA THR Q 106 9.09 35.87 -107.07
C THR Q 106 7.86 35.37 -107.83
N GLU Q 107 7.57 34.07 -107.75
CA GLU Q 107 6.42 33.51 -108.43
C GLU Q 107 5.11 34.02 -107.85
N SER Q 108 4.95 33.94 -106.52
CA SER Q 108 3.73 34.43 -105.89
C SER Q 108 3.67 35.94 -105.93
N LEU Q 109 4.84 36.60 -105.95
CA LEU Q 109 4.94 38.04 -106.21
C LEU Q 109 4.29 38.40 -107.55
N GLN Q 110 4.74 37.77 -108.63
CA GLN Q 110 4.20 38.07 -109.95
C GLN Q 110 2.75 37.63 -110.09
N ALA Q 111 2.35 36.57 -109.38
CA ALA Q 111 0.95 36.16 -109.44
C ALA Q 111 0.03 37.18 -108.76
N ASN Q 112 0.48 37.73 -107.63
CA ASN Q 112 -0.29 38.80 -107.00
C ASN Q 112 -0.30 40.06 -107.85
N VAL Q 113 0.79 40.32 -108.57
CA VAL Q 113 0.84 41.49 -109.45
C VAL Q 113 -0.14 41.33 -110.61
N GLN Q 114 -0.22 40.13 -111.18
CA GLN Q 114 -1.19 39.85 -112.25
C GLN Q 114 -2.61 39.99 -111.73
N ARG Q 115 -2.85 39.56 -110.50
CA ARG Q 115 -4.19 39.69 -109.93
C ARG Q 115 -4.55 41.16 -109.70
N LEU Q 116 -3.56 41.97 -109.31
CA LEU Q 116 -3.77 43.41 -109.18
C LEU Q 116 -4.08 44.06 -110.53
N LYS Q 117 -3.34 43.69 -111.57
CA LYS Q 117 -3.58 44.27 -112.89
C LYS Q 117 -4.95 43.87 -113.42
N GLU Q 118 -5.39 42.65 -113.12
CA GLU Q 118 -6.72 42.24 -113.54
C GLU Q 118 -7.81 42.97 -112.77
N TYR Q 119 -7.59 43.20 -111.47
CA TYR Q 119 -8.59 43.93 -110.70
C TYR Q 119 -8.68 45.39 -111.14
N ARG Q 120 -7.53 45.98 -111.44
CA ARG Q 120 -7.52 47.36 -111.91
C ARG Q 120 -8.10 47.47 -113.31
N SER Q 121 -8.04 46.38 -114.07
CA SER Q 121 -8.77 46.32 -115.34
C SER Q 121 -10.27 46.24 -115.11
N LYS Q 122 -10.71 45.40 -114.16
CA LYS Q 122 -12.14 45.18 -113.97
C LYS Q 122 -12.79 46.30 -113.17
N LEU Q 123 -12.00 47.25 -112.68
CA LEU Q 123 -12.56 48.28 -111.82
C LEU Q 123 -13.36 49.31 -112.60
N ILE Q 124 -14.56 49.62 -112.11
CA ILE Q 124 -15.42 50.68 -112.63
C ILE Q 124 -15.82 51.56 -111.47
N LEU Q 125 -15.35 52.80 -111.45
CA LEU Q 125 -15.56 53.71 -110.33
C LEU Q 125 -16.30 54.95 -110.78
N PHE Q 126 -16.89 55.67 -109.83
CA PHE Q 126 -17.66 56.86 -110.14
C PHE Q 126 -17.25 58.02 -109.24
N PRO Q 127 -16.64 59.07 -109.78
CA PRO Q 127 -16.43 60.28 -108.98
C PRO Q 127 -17.71 61.08 -108.83
N ARG Q 128 -17.69 62.01 -107.88
CA ARG Q 128 -18.90 62.79 -107.60
C ARG Q 128 -19.21 63.77 -108.73
N LYS Q 129 -18.33 64.75 -108.91
CA LYS Q 129 -18.51 65.76 -109.95
C LYS Q 129 -18.41 65.19 -111.36
N PRO Q 130 -18.40 66.08 -112.36
CA PRO Q 130 -18.31 65.72 -113.77
C PRO Q 130 -16.87 65.76 -114.27
N SER Q 131 -15.91 65.77 -113.34
CA SER Q 131 -14.49 65.79 -113.71
C SER Q 131 -14.16 64.51 -114.46
N ALA Q 132 -14.66 63.39 -113.95
CA ALA Q 132 -14.44 62.08 -114.55
C ALA Q 132 -12.99 61.78 -114.90
N PRO Q 133 -12.08 61.90 -113.91
CA PRO Q 133 -10.67 61.57 -114.16
C PRO Q 133 -10.56 60.10 -114.50
N LYS Q 134 -11.28 59.26 -113.75
CA LYS Q 134 -11.30 57.82 -113.98
C LYS Q 134 -12.75 57.37 -114.15
N LYS Q 135 -13.13 57.10 -115.40
CA LYS Q 135 -14.49 56.67 -115.71
C LYS Q 135 -14.74 56.79 -117.20
N GLY Q 136 -16.01 56.79 -117.62
CA GLY Q 136 -16.34 56.83 -119.03
C GLY Q 136 -17.77 57.21 -119.33
N ASP Q 137 -18.37 56.45 -120.24
CA ASP Q 137 -19.72 56.66 -120.74
C ASP Q 137 -20.77 56.22 -119.73
N SER Q 138 -21.98 55.95 -120.20
CA SER Q 138 -22.87 55.13 -119.39
C SER Q 138 -22.17 53.78 -119.23
N SER Q 139 -21.56 53.57 -118.07
CA SER Q 139 -20.53 52.57 -117.90
C SER Q 139 -21.12 51.17 -117.83
N ALA Q 140 -21.27 50.55 -119.01
CA ALA Q 140 -21.79 49.19 -119.20
C ALA Q 140 -23.13 48.97 -118.53
N GLU Q 141 -24.03 49.97 -118.64
CA GLU Q 141 -25.37 49.98 -118.06
C GLU Q 141 -25.33 49.70 -116.56
N GLU Q 142 -24.61 50.58 -115.84
CA GLU Q 142 -24.25 50.41 -114.42
C GLU Q 142 -23.52 49.08 -114.19
N LEU Q 143 -22.72 48.69 -115.19
CA LEU Q 143 -21.95 47.46 -115.28
C LEU Q 143 -22.85 46.21 -115.29
N LYS Q 144 -24.14 46.39 -115.60
CA LYS Q 144 -25.16 45.38 -115.89
C LYS Q 144 -25.53 44.51 -114.67
N LEU Q 145 -24.77 44.61 -113.59
CA LEU Q 145 -25.01 43.93 -112.33
C LEU Q 145 -24.39 44.77 -111.23
N ALA Q 146 -25.07 44.86 -110.10
CA ALA Q 146 -24.58 45.69 -109.02
C ALA Q 146 -23.63 44.93 -108.12
N THR Q 147 -24.01 43.73 -107.70
CA THR Q 147 -23.33 43.11 -106.56
C THR Q 147 -22.89 41.72 -106.96
N GLN Q 148 -21.69 41.35 -106.51
CA GLN Q 148 -21.10 40.06 -106.80
C GLN Q 148 -21.13 39.17 -105.57
N LEU Q 149 -20.76 37.91 -105.75
CA LEU Q 149 -20.83 36.92 -104.68
C LEU Q 149 -19.55 36.10 -104.61
N THR Q 150 -19.15 35.78 -103.38
CA THR Q 150 -18.13 34.76 -103.06
C THR Q 150 -16.78 35.08 -103.71
N GLY Q 151 -16.17 36.16 -103.24
CA GLY Q 151 -14.89 36.57 -103.77
C GLY Q 151 -15.02 37.31 -105.08
N PRO Q 152 -14.19 38.32 -105.27
CA PRO Q 152 -14.31 39.15 -106.49
C PRO Q 152 -13.91 38.43 -107.77
N VAL Q 153 -12.70 37.86 -107.83
CA VAL Q 153 -12.26 37.21 -109.06
C VAL Q 153 -12.12 35.70 -108.80
N MET Q 154 -12.94 35.16 -107.87
CA MET Q 154 -12.99 33.77 -107.44
C MET Q 154 -11.60 33.34 -106.96
N PRO Q 155 -11.20 33.77 -105.77
CA PRO Q 155 -9.78 33.79 -105.40
C PRO Q 155 -9.06 32.46 -105.29
N VAL Q 156 -9.78 31.34 -105.28
CA VAL Q 156 -9.08 30.06 -105.16
C VAL Q 156 -8.42 29.70 -106.48
N ARG Q 157 -9.23 29.31 -107.48
CA ARG Q 157 -8.85 28.83 -108.80
C ARG Q 157 -7.60 27.96 -108.75
N ASN Q 158 -7.69 26.82 -108.09
CA ASN Q 158 -6.53 25.98 -107.83
C ASN Q 158 -5.99 25.43 -109.14
N VAL Q 159 -4.81 25.91 -109.54
CA VAL Q 159 -4.30 25.69 -110.88
C VAL Q 159 -3.79 24.25 -111.01
N TYR Q 160 -4.15 23.63 -112.12
CA TYR Q 160 -3.88 22.21 -112.32
C TYR Q 160 -2.99 22.02 -113.54
N LYS Q 161 -1.83 21.43 -113.31
CA LYS Q 161 -0.85 21.18 -114.37
C LYS Q 161 -1.13 19.81 -114.97
N LYS Q 162 -0.79 19.66 -116.24
CA LYS Q 162 -1.06 18.43 -116.96
C LYS Q 162 0.04 17.38 -117.02
N GLU Q 163 1.21 17.76 -117.54
CA GLU Q 163 2.35 16.85 -117.73
C GLU Q 163 1.81 15.67 -118.52
N LYS Q 164 1.25 15.98 -119.68
CA LYS Q 164 0.58 15.03 -120.57
C LYS Q 164 1.30 13.74 -120.94
N ALA Q 165 2.19 13.81 -121.92
CA ALA Q 165 2.83 12.60 -122.40
C ALA Q 165 4.30 12.88 -122.69
N ARG Q 166 5.12 11.83 -122.54
CA ARG Q 166 6.54 11.91 -122.86
C ARG Q 166 7.05 10.49 -123.04
N VAL Q 167 8.06 10.36 -123.88
CA VAL Q 167 8.75 9.10 -124.08
C VAL Q 167 9.68 8.89 -122.91
N ILE Q 168 9.64 7.69 -122.32
CA ILE Q 168 10.61 7.31 -121.30
C ILE Q 168 11.98 7.30 -121.95
N THR Q 169 12.96 7.81 -121.21
CA THR Q 169 14.34 7.84 -121.69
C THR Q 169 15.19 6.93 -120.81
N GLU Q 170 16.51 7.06 -120.92
CA GLU Q 170 17.41 6.26 -120.11
C GLU Q 170 17.87 7.08 -118.91
N GLU Q 171 19.08 6.80 -118.43
CA GLU Q 171 19.66 7.50 -117.29
C GLU Q 171 18.71 7.57 -116.10
N GLU Q 172 17.52 8.10 -116.34
CA GLU Q 172 16.50 8.20 -115.30
C GLU Q 172 16.11 6.85 -114.73
N LYS Q 173 15.71 5.92 -115.60
CA LYS Q 173 15.26 4.62 -115.15
C LYS Q 173 16.42 3.69 -114.86
N ASN Q 174 17.65 4.18 -114.96
CA ASN Q 174 18.79 3.44 -114.45
C ASN Q 174 19.39 4.11 -113.23
N PHE Q 175 18.87 5.29 -112.88
CA PHE Q 175 19.58 6.15 -111.94
C PHE Q 175 18.75 6.48 -110.71
N LYS Q 176 17.45 6.69 -110.87
CA LYS Q 176 16.70 7.45 -109.85
C LYS Q 176 16.21 6.55 -108.72
N ALA Q 177 16.95 5.50 -108.42
CA ALA Q 177 16.63 4.48 -107.42
C ALA Q 177 16.35 5.02 -106.01
N PHE Q 178 15.73 4.15 -105.20
CA PHE Q 178 15.51 4.29 -103.77
C PHE Q 178 16.71 4.79 -102.98
N ALA Q 179 17.91 4.37 -103.38
CA ALA Q 179 19.11 4.61 -102.57
C ALA Q 179 19.49 6.09 -102.56
N SER Q 180 18.95 6.89 -103.48
CA SER Q 180 19.23 8.32 -103.49
C SER Q 180 18.71 8.99 -102.23
N LEU Q 181 17.49 8.67 -101.81
CA LEU Q 181 16.91 9.27 -100.62
C LEU Q 181 17.67 8.86 -99.36
N ARG Q 182 18.06 7.58 -99.27
CA ARG Q 182 18.75 7.11 -98.09
C ARG Q 182 20.15 7.69 -98.01
N MET Q 183 20.86 7.77 -99.14
CA MET Q 183 22.19 8.33 -99.16
C MET Q 183 22.16 9.82 -98.86
N ALA Q 184 21.14 10.52 -99.36
CA ALA Q 184 21.02 11.94 -99.05
C ALA Q 184 20.64 12.17 -97.60
N ARG Q 185 19.80 11.30 -97.04
CA ARG Q 185 19.40 11.45 -95.66
C ARG Q 185 20.57 11.19 -94.71
N ALA Q 186 21.38 10.17 -95.01
CA ALA Q 186 22.56 9.90 -94.20
C ALA Q 186 23.61 10.99 -94.39
N ASN Q 187 23.68 11.58 -95.58
CA ASN Q 187 24.57 12.71 -95.81
C ASN Q 187 24.15 13.91 -94.98
N ALA Q 188 22.85 14.16 -94.87
CA ALA Q 188 22.35 15.27 -94.08
C ALA Q 188 22.54 15.01 -92.59
N ARG Q 189 22.42 13.75 -92.16
CA ARG Q 189 22.63 13.44 -90.75
C ARG Q 189 24.11 13.53 -90.37
N LEU Q 190 25.00 13.16 -91.28
CA LEU Q 190 26.42 13.17 -90.98
C LEU Q 190 27.17 14.31 -91.65
N PHE Q 191 26.47 15.41 -91.97
CA PHE Q 191 27.13 16.57 -92.53
C PHE Q 191 28.09 17.22 -91.54
N GLY Q 192 27.80 17.14 -90.24
CA GLY Q 192 28.58 17.89 -89.27
C GLY Q 192 29.81 17.14 -88.79
N ILE Q 193 29.67 15.83 -88.56
CA ILE Q 193 30.76 15.07 -87.95
C ILE Q 193 31.90 14.90 -88.93
N ARG Q 194 31.61 14.87 -90.22
CA ARG Q 194 32.66 14.85 -91.23
C ARG Q 194 33.47 16.15 -91.21
N ALA Q 195 32.80 17.29 -91.01
CA ALA Q 195 33.52 18.55 -90.89
C ALA Q 195 34.34 18.60 -89.60
N LYS Q 196 33.82 18.02 -88.52
CA LYS Q 196 34.58 17.97 -87.28
C LYS Q 196 35.82 17.09 -87.42
N ARG Q 197 35.71 15.99 -88.14
CA ARG Q 197 36.89 15.14 -88.34
C ARG Q 197 37.85 15.78 -89.33
N ALA Q 198 37.35 16.61 -90.23
CA ALA Q 198 38.25 17.39 -91.09
C ALA Q 198 39.06 18.38 -90.26
N LYS Q 199 38.41 19.03 -89.30
CA LYS Q 199 39.12 19.96 -88.42
C LYS Q 199 40.10 19.21 -87.52
N GLU Q 200 39.74 17.99 -87.12
CA GLU Q 200 40.66 17.15 -86.35
C GLU Q 200 41.89 16.75 -87.18
N ALA Q 201 41.67 16.39 -88.45
CA ALA Q 201 42.78 16.01 -89.31
C ALA Q 201 43.67 17.21 -89.62
N ALA Q 202 43.09 18.40 -89.65
CA ALA Q 202 43.91 19.60 -89.79
C ALA Q 202 44.69 19.89 -88.52
N GLU Q 203 44.11 19.59 -87.36
CA GLU Q 203 44.79 19.87 -86.09
C GLU Q 203 45.93 18.89 -85.85
N GLN Q 204 45.79 17.64 -86.30
CA GLN Q 204 46.80 16.63 -86.00
C GLN Q 204 48.07 16.81 -86.80
N ASP Q 205 48.05 17.72 -87.78
CA ASP Q 205 49.24 18.33 -88.39
C ASP Q 205 50.09 17.32 -89.17
N VAL R 1 -72.06 -84.05 -19.82
CA VAL R 1 -71.73 -82.86 -20.60
C VAL R 1 -70.69 -83.32 -21.63
N PHE R 2 -70.65 -82.63 -22.77
CA PHE R 2 -69.89 -83.01 -23.96
C PHE R 2 -70.29 -84.40 -24.43
N ARG R 3 -71.54 -84.55 -24.85
CA ARG R 3 -72.05 -85.80 -25.40
C ARG R 3 -71.33 -86.21 -26.65
N ARG R 4 -70.90 -85.26 -27.48
CA ARG R 4 -70.24 -85.65 -28.72
C ARG R 4 -68.83 -85.07 -28.85
N PHE R 5 -67.85 -85.93 -28.62
CA PHE R 5 -66.44 -85.67 -28.81
C PHE R 5 -65.98 -86.41 -30.06
N VAL R 6 -64.90 -85.91 -30.69
CA VAL R 6 -64.41 -86.49 -31.93
C VAL R 6 -63.70 -87.79 -31.61
N GLU R 7 -63.44 -88.59 -32.64
CA GLU R 7 -62.94 -89.93 -32.43
C GLU R 7 -62.37 -90.40 -33.76
N VAL R 8 -61.74 -91.57 -33.76
CA VAL R 8 -61.38 -92.20 -35.01
C VAL R 8 -62.62 -92.85 -35.60
N GLY R 9 -63.19 -92.21 -36.62
CA GLY R 9 -64.33 -92.75 -37.33
C GLY R 9 -65.67 -92.14 -37.03
N ARG R 10 -65.72 -90.88 -36.58
CA ARG R 10 -66.98 -90.20 -36.37
C ARG R 10 -67.31 -89.29 -37.54
N VAL R 11 -68.55 -89.44 -38.07
CA VAL R 11 -69.02 -88.69 -39.22
C VAL R 11 -69.15 -87.22 -38.82
N ALA R 12 -69.07 -86.34 -39.81
CA ALA R 12 -69.04 -84.92 -39.55
C ALA R 12 -69.61 -84.16 -40.75
N TYR R 13 -70.24 -83.04 -40.44
CA TYR R 13 -70.81 -82.16 -41.45
C TYR R 13 -69.83 -81.03 -41.72
N VAL R 14 -69.80 -80.56 -42.96
CA VAL R 14 -68.88 -79.50 -43.35
C VAL R 14 -69.70 -78.25 -43.64
N SER R 15 -69.59 -77.27 -42.76
CA SER R 15 -70.48 -76.11 -42.84
C SER R 15 -69.97 -75.07 -43.83
N PHE R 16 -68.80 -74.51 -43.57
CA PHE R 16 -68.27 -73.43 -44.38
C PHE R 16 -67.01 -73.86 -45.11
N GLY R 17 -66.95 -73.56 -46.40
CA GLY R 17 -65.77 -73.83 -47.17
C GLY R 17 -66.09 -74.31 -48.56
N PRO R 18 -65.18 -75.07 -49.17
CA PRO R 18 -65.46 -75.61 -50.50
C PRO R 18 -66.33 -76.84 -50.50
N HIS R 19 -66.88 -77.23 -49.35
CA HIS R 19 -67.65 -78.47 -49.28
C HIS R 19 -68.91 -78.30 -48.43
N ALA R 20 -69.63 -77.20 -48.61
CA ALA R 20 -70.81 -76.92 -47.82
C ALA R 20 -71.96 -77.88 -48.14
N GLY R 21 -72.45 -78.59 -47.12
CA GLY R 21 -73.55 -79.50 -47.27
C GLY R 21 -73.18 -80.95 -47.48
N LYS R 22 -71.92 -81.32 -47.30
CA LYS R 22 -71.46 -82.66 -47.63
C LYS R 22 -70.90 -83.32 -46.38
N LEU R 23 -71.35 -84.53 -46.10
CA LEU R 23 -70.84 -85.30 -44.98
C LEU R 23 -69.42 -85.75 -45.24
N VAL R 24 -68.62 -85.86 -44.19
CA VAL R 24 -67.31 -86.49 -44.24
C VAL R 24 -67.19 -87.41 -43.03
N ALA R 25 -66.25 -88.33 -43.09
CA ALA R 25 -65.89 -89.17 -41.95
C ALA R 25 -64.47 -88.84 -41.54
N ILE R 26 -64.26 -88.72 -40.23
CA ILE R 26 -62.96 -88.33 -39.70
C ILE R 26 -62.08 -89.57 -39.65
N VAL R 27 -60.97 -89.53 -40.37
CA VAL R 27 -60.03 -90.64 -40.35
C VAL R 27 -59.16 -90.57 -39.12
N ASP R 28 -58.34 -89.52 -39.00
CA ASP R 28 -57.48 -89.35 -37.83
C ASP R 28 -57.18 -87.87 -37.64
N VAL R 29 -56.69 -87.55 -36.44
CA VAL R 29 -56.39 -86.18 -36.05
C VAL R 29 -54.92 -85.94 -36.30
N ILE R 30 -54.59 -84.88 -37.06
CA ILE R 30 -53.19 -84.60 -37.31
C ILE R 30 -52.57 -83.90 -36.12
N ASP R 31 -52.95 -82.64 -35.88
CA ASP R 31 -52.52 -81.94 -34.67
C ASP R 31 -53.48 -80.84 -34.26
N GLN R 32 -54.47 -81.19 -33.44
CA GLN R 32 -55.28 -80.28 -32.61
C GLN R 32 -56.17 -79.30 -33.38
N ASN R 33 -55.87 -79.05 -34.65
CA ASN R 33 -56.46 -77.90 -35.30
C ASN R 33 -56.96 -78.27 -36.68
N ARG R 34 -56.36 -79.28 -37.30
CA ARG R 34 -56.88 -79.87 -38.52
C ARG R 34 -56.91 -81.37 -38.34
N ALA R 35 -57.62 -82.05 -39.23
CA ALA R 35 -57.69 -83.49 -39.23
C ALA R 35 -57.96 -83.99 -40.64
N LEU R 36 -57.60 -85.25 -40.87
CA LEU R 36 -57.81 -85.86 -42.17
C LEU R 36 -59.22 -86.41 -42.21
N VAL R 37 -60.00 -85.97 -43.20
CA VAL R 37 -61.36 -86.45 -43.39
C VAL R 37 -61.46 -87.04 -44.79
N ASP R 38 -62.53 -87.80 -45.00
CA ASP R 38 -62.67 -88.57 -46.22
C ASP R 38 -64.14 -88.91 -46.43
N GLY R 39 -64.60 -88.86 -47.67
CA GLY R 39 -65.95 -89.26 -47.99
C GLY R 39 -66.01 -90.24 -49.13
N PRO R 40 -66.38 -91.49 -48.85
CA PRO R 40 -66.45 -92.46 -49.94
C PRO R 40 -67.65 -92.29 -50.84
N CYS R 41 -68.83 -92.01 -50.28
CA CYS R 41 -70.04 -91.99 -51.09
C CYS R 41 -70.60 -90.59 -51.22
N THR R 42 -70.23 -89.70 -50.30
CA THR R 42 -70.70 -88.33 -50.41
C THR R 42 -69.72 -87.46 -51.18
N GLN R 43 -68.94 -88.06 -52.07
CA GLN R 43 -68.37 -87.42 -53.25
C GLN R 43 -67.27 -86.43 -52.87
N VAL R 44 -66.67 -86.63 -51.69
CA VAL R 44 -65.62 -85.72 -51.25
C VAL R 44 -64.33 -86.48 -50.97
N ARG R 45 -63.25 -86.01 -51.58
CA ARG R 45 -61.99 -86.72 -51.70
C ARG R 45 -61.11 -86.43 -50.49
N ARG R 46 -60.30 -87.44 -50.13
CA ARG R 46 -59.56 -87.52 -48.88
C ARG R 46 -58.57 -86.38 -48.69
N GLN R 47 -58.83 -85.52 -47.69
CA GLN R 47 -58.03 -84.32 -47.53
C GLN R 47 -58.10 -83.87 -46.08
N ALA R 48 -57.28 -82.87 -45.74
CA ALA R 48 -57.19 -82.39 -44.37
C ALA R 48 -57.95 -81.08 -44.24
N MET R 49 -58.88 -81.02 -43.28
CA MET R 49 -59.72 -79.86 -43.07
C MET R 49 -59.67 -79.46 -41.60
N PRO R 50 -59.84 -78.18 -41.27
CA PRO R 50 -59.76 -77.77 -39.87
C PRO R 50 -61.00 -78.15 -39.07
N PHE R 51 -60.89 -78.00 -37.76
CA PHE R 51 -62.01 -78.40 -36.89
C PHE R 51 -63.08 -77.32 -36.84
N LYS R 52 -62.70 -76.05 -36.90
CA LYS R 52 -63.72 -75.00 -36.91
C LYS R 52 -64.44 -74.96 -38.25
N CYS R 53 -63.85 -75.57 -39.28
CA CYS R 53 -64.56 -75.79 -40.53
C CYS R 53 -65.71 -76.77 -40.33
N MET R 54 -65.46 -77.88 -39.65
CA MET R 54 -66.42 -78.96 -39.62
C MET R 54 -67.41 -78.83 -38.48
N GLN R 55 -68.59 -79.40 -38.69
CA GLN R 55 -69.68 -79.40 -37.73
C GLN R 55 -69.93 -80.83 -37.31
N LEU R 56 -69.94 -81.08 -36.01
CA LEU R 56 -70.04 -82.46 -35.53
C LEU R 56 -71.49 -82.89 -35.41
N THR R 57 -71.71 -84.18 -35.66
CA THR R 57 -72.98 -84.84 -35.42
C THR R 57 -72.72 -86.16 -34.70
N ASP R 58 -73.76 -87.00 -34.64
CA ASP R 58 -73.82 -87.99 -33.58
C ASP R 58 -73.62 -89.42 -34.04
N PHE R 59 -73.48 -89.66 -35.34
CA PHE R 59 -73.29 -91.03 -35.81
C PHE R 59 -71.81 -91.39 -35.77
N ILE R 60 -71.50 -92.60 -35.35
CA ILE R 60 -70.13 -93.08 -35.35
C ILE R 60 -70.05 -94.28 -36.28
N LEU R 61 -68.81 -94.70 -36.55
CA LEU R 61 -68.54 -95.91 -37.30
C LEU R 61 -67.55 -96.76 -36.53
N LYS R 62 -67.03 -97.79 -37.18
CA LYS R 62 -65.94 -98.57 -36.61
C LYS R 62 -64.83 -98.68 -37.65
N PHE R 63 -63.82 -97.82 -37.51
CA PHE R 63 -62.68 -97.80 -38.40
C PHE R 63 -61.48 -98.40 -37.69
N PRO R 64 -60.59 -99.07 -38.41
CA PRO R 64 -59.21 -99.11 -37.99
C PRO R 64 -58.62 -97.71 -38.06
N HIS R 65 -57.63 -97.45 -37.21
CA HIS R 65 -56.94 -96.17 -37.22
C HIS R 65 -56.20 -95.95 -38.53
N SER R 66 -56.60 -94.91 -39.26
CA SER R 66 -56.03 -94.51 -40.55
C SER R 66 -56.18 -95.60 -41.61
N ALA R 67 -57.41 -96.01 -41.85
CA ALA R 67 -57.67 -97.05 -42.84
C ALA R 67 -57.68 -96.48 -44.24
N HIS R 68 -57.92 -97.35 -45.21
CA HIS R 68 -58.01 -96.92 -46.61
C HIS R 68 -59.44 -96.52 -46.97
N GLN R 69 -59.54 -95.93 -48.16
CA GLN R 69 -60.81 -95.58 -48.78
C GLN R 69 -61.73 -96.78 -48.89
N LYS R 70 -61.15 -97.97 -49.11
CA LYS R 70 -61.92 -99.20 -49.22
C LYS R 70 -62.65 -99.55 -47.94
N TYR R 71 -61.94 -99.56 -46.82
CA TYR R 71 -62.55 -99.95 -45.56
C TYR R 71 -63.49 -98.86 -45.05
N VAL R 72 -63.19 -97.61 -45.38
CA VAL R 72 -64.13 -96.53 -45.09
C VAL R 72 -65.44 -96.74 -45.84
N ARG R 73 -65.35 -97.12 -47.12
CA ARG R 73 -66.54 -97.37 -47.92
C ARG R 73 -67.30 -98.59 -47.43
N GLN R 74 -66.57 -99.62 -46.99
CA GLN R 74 -67.21 -100.83 -46.45
C GLN R 74 -68.02 -100.51 -45.20
N ALA R 75 -67.42 -99.77 -44.25
CA ALA R 75 -68.14 -99.46 -43.03
C ALA R 75 -69.26 -98.46 -43.28
N TRP R 76 -69.08 -97.58 -44.27
CA TRP R 76 -70.11 -96.63 -44.66
C TRP R 76 -71.35 -97.35 -45.18
N GLN R 77 -71.15 -98.23 -46.16
CA GLN R 77 -72.29 -98.96 -46.73
C GLN R 77 -72.90 -99.93 -45.74
N LYS R 78 -72.09 -100.48 -44.84
CA LYS R 78 -72.63 -101.45 -43.89
C LYS R 78 -73.37 -100.74 -42.76
N ALA R 79 -73.07 -99.47 -42.52
CA ALA R 79 -73.80 -98.74 -41.50
C ALA R 79 -74.98 -97.94 -42.06
N ASP R 80 -75.03 -97.73 -43.40
CA ASP R 80 -76.11 -97.03 -44.09
C ASP R 80 -76.28 -95.59 -43.58
N ILE R 81 -75.27 -94.77 -43.83
CA ILE R 81 -75.23 -93.43 -43.23
C ILE R 81 -76.16 -92.48 -43.97
N ASN R 82 -76.35 -92.68 -45.27
CA ASN R 82 -77.05 -91.68 -46.08
C ASN R 82 -78.56 -91.66 -45.82
N THR R 83 -79.21 -92.84 -45.85
CA THR R 83 -80.64 -92.90 -45.59
C THR R 83 -80.97 -92.50 -44.16
N LYS R 84 -80.18 -92.99 -43.21
CA LYS R 84 -80.35 -92.64 -41.82
C LYS R 84 -80.04 -91.15 -41.59
N TRP R 85 -79.18 -90.58 -42.44
CA TRP R 85 -78.93 -89.14 -42.36
C TRP R 85 -80.11 -88.34 -42.84
N ALA R 86 -80.73 -88.76 -43.95
CA ALA R 86 -81.86 -88.01 -44.46
C ALA R 86 -83.07 -88.16 -43.56
N ALA R 87 -83.09 -89.23 -42.77
CA ALA R 87 -84.18 -89.41 -41.81
C ALA R 87 -83.80 -88.88 -40.43
N THR R 88 -83.39 -87.62 -40.40
CA THR R 88 -83.32 -86.90 -39.13
C THR R 88 -83.85 -85.50 -39.33
N ARG R 89 -84.19 -84.84 -38.23
CA ARG R 89 -84.80 -83.52 -38.32
C ARG R 89 -83.78 -82.48 -38.78
N TRP R 90 -82.50 -82.75 -38.57
CA TRP R 90 -81.44 -81.83 -38.97
C TRP R 90 -81.44 -81.63 -40.48
N ALA R 91 -81.49 -82.74 -41.21
CA ALA R 91 -81.52 -82.68 -42.67
C ALA R 91 -82.85 -82.16 -43.17
N LYS R 92 -83.92 -82.35 -42.40
CA LYS R 92 -85.20 -81.73 -42.74
C LYS R 92 -85.09 -80.21 -42.68
N LYS R 93 -84.40 -79.70 -41.66
CA LYS R 93 -84.16 -78.27 -41.55
C LYS R 93 -83.32 -77.74 -42.70
N ILE R 94 -82.27 -78.47 -43.07
CA ILE R 94 -81.43 -78.05 -44.21
C ILE R 94 -82.22 -78.07 -45.51
N GLU R 95 -83.05 -79.10 -45.69
CA GLU R 95 -83.88 -79.22 -46.88
C GLU R 95 -84.89 -78.08 -46.96
N ALA R 96 -85.49 -77.72 -45.82
CA ALA R 96 -86.46 -76.63 -45.82
C ALA R 96 -85.79 -75.30 -46.11
N ARG R 97 -84.58 -75.09 -45.59
CA ARG R 97 -83.87 -73.84 -45.86
C ARG R 97 -83.50 -73.73 -47.35
N GLU R 98 -83.13 -74.85 -47.96
CA GLU R 98 -82.83 -74.84 -49.39
C GLU R 98 -84.08 -74.61 -50.23
N ARG R 99 -85.22 -75.17 -49.82
CA ARG R 99 -86.46 -74.92 -50.56
C ARG R 99 -86.91 -73.48 -50.43
N LYS R 100 -86.71 -72.88 -49.26
CA LYS R 100 -87.09 -71.48 -49.05
C LYS R 100 -86.21 -70.56 -49.87
N ALA R 101 -84.94 -70.91 -50.02
CA ALA R 101 -84.07 -70.13 -50.91
C ALA R 101 -84.45 -70.35 -52.37
N LYS R 102 -84.94 -71.55 -52.70
CA LYS R 102 -85.22 -71.85 -54.10
C LYS R 102 -86.71 -71.75 -54.40
N MET R 103 -87.44 -70.95 -53.62
CA MET R 103 -88.80 -70.56 -54.00
C MET R 103 -88.85 -69.71 -55.26
N THR R 104 -90.04 -69.49 -55.78
CA THR R 104 -90.29 -68.45 -56.77
C THR R 104 -91.47 -67.59 -56.32
N ASP R 105 -91.87 -66.66 -57.19
CA ASP R 105 -92.93 -65.71 -56.83
C ASP R 105 -94.28 -66.40 -56.73
N PHE R 106 -94.55 -67.33 -57.65
CA PHE R 106 -95.81 -68.07 -57.59
C PHE R 106 -95.86 -68.97 -56.36
N ASP R 107 -94.70 -69.49 -55.97
CA ASP R 107 -94.60 -70.25 -54.73
C ASP R 107 -94.87 -69.36 -53.52
N ARG R 108 -94.35 -68.13 -53.51
CA ARG R 108 -94.60 -67.25 -52.38
C ARG R 108 -96.07 -66.83 -52.33
N PHE R 109 -96.70 -66.73 -53.50
CA PHE R 109 -98.13 -66.42 -53.55
C PHE R 109 -98.95 -67.55 -52.93
N LYS R 110 -98.63 -68.80 -53.28
CA LYS R 110 -99.32 -69.94 -52.68
C LYS R 110 -99.01 -70.05 -51.19
N VAL R 111 -97.79 -69.71 -50.79
CA VAL R 111 -97.41 -69.75 -49.38
C VAL R 111 -98.21 -68.74 -48.58
N MET R 112 -98.43 -67.56 -49.16
CA MET R 112 -99.16 -66.53 -48.42
C MET R 112 -100.65 -66.84 -48.34
N LYS R 113 -101.22 -67.45 -49.38
CA LYS R 113 -102.64 -67.81 -49.28
C LYS R 113 -102.85 -68.94 -48.26
N ALA R 114 -101.94 -69.93 -48.23
CA ALA R 114 -102.09 -71.01 -47.27
C ALA R 114 -101.79 -70.52 -45.86
N LYS R 115 -100.88 -69.55 -45.77
CA LYS R 115 -100.51 -68.95 -44.49
C LYS R 115 -101.68 -68.18 -43.89
N LYS R 116 -102.39 -67.39 -44.72
CA LYS R 116 -103.58 -66.68 -44.25
C LYS R 116 -104.66 -67.64 -43.81
N MET R 117 -104.89 -68.72 -44.57
CA MET R 117 -105.95 -69.65 -44.21
C MET R 117 -105.64 -70.37 -42.89
N ARG R 118 -104.38 -70.80 -42.73
CA ARG R 118 -103.98 -71.46 -41.49
C ARG R 118 -104.06 -70.52 -40.30
N ASN R 119 -103.58 -69.28 -40.45
CA ASN R 119 -103.58 -68.39 -39.30
C ASN R 119 -104.99 -67.94 -38.93
N ARG R 120 -105.90 -67.90 -39.90
CA ARG R 120 -107.29 -67.61 -39.54
C ARG R 120 -107.92 -68.76 -38.77
N ILE R 121 -107.65 -70.00 -39.20
CA ILE R 121 -108.19 -71.16 -38.47
C ILE R 121 -107.61 -71.23 -37.06
N ILE R 122 -106.31 -70.96 -36.93
CA ILE R 122 -105.66 -70.89 -35.63
C ILE R 122 -106.30 -69.83 -34.75
N LYS R 123 -106.53 -68.63 -35.31
CA LYS R 123 -107.06 -67.51 -34.54
C LYS R 123 -108.45 -67.82 -34.02
N ASN R 124 -109.32 -68.38 -34.87
CA ASN R 124 -110.66 -68.75 -34.45
C ASN R 124 -110.64 -69.83 -33.38
N GLU R 125 -109.87 -70.90 -33.58
CA GLU R 125 -109.95 -72.01 -32.63
C GLU R 125 -109.24 -71.67 -31.33
N VAL R 126 -108.19 -70.84 -31.38
CA VAL R 126 -107.53 -70.39 -30.15
C VAL R 126 -108.45 -69.48 -29.35
N LYS R 127 -109.16 -68.57 -30.02
CA LYS R 127 -110.08 -67.70 -29.31
C LYS R 127 -111.23 -68.50 -28.69
N LYS R 128 -111.72 -69.52 -29.42
CA LYS R 128 -112.77 -70.37 -28.87
C LYS R 128 -112.26 -71.19 -27.70
N LEU R 129 -111.03 -71.70 -27.76
CA LEU R 129 -110.53 -72.55 -26.68
C LEU R 129 -110.20 -71.74 -25.44
N GLN R 130 -109.72 -70.50 -25.59
CA GLN R 130 -109.43 -69.74 -24.38
C GLN R 130 -110.70 -69.15 -23.80
N LYS R 131 -111.72 -68.90 -24.64
CA LYS R 131 -113.03 -68.56 -24.11
C LYS R 131 -113.63 -69.74 -23.34
N ALA R 132 -113.41 -70.96 -23.84
CA ALA R 132 -113.89 -72.14 -23.14
C ALA R 132 -113.10 -72.38 -21.85
N ALA R 133 -111.82 -71.99 -21.83
CA ALA R 133 -111.04 -72.09 -20.60
C ALA R 133 -111.52 -71.10 -19.56
N LEU R 134 -111.89 -69.89 -19.99
CA LEU R 134 -112.51 -68.93 -19.08
C LEU R 134 -113.85 -69.44 -18.57
N LEU R 135 -114.63 -70.08 -19.44
CA LEU R 135 -115.93 -70.60 -19.02
C LEU R 135 -115.75 -71.83 -18.11
N LYS R 136 -114.62 -72.51 -18.24
CA LYS R 136 -114.32 -73.63 -17.35
C LYS R 136 -113.88 -73.15 -15.98
N ALA R 137 -113.08 -72.08 -15.94
CA ALA R 137 -112.60 -71.56 -14.66
C ALA R 137 -113.60 -70.62 -14.02
N SER R 138 -114.69 -70.31 -14.74
CA SER R 138 -115.73 -69.42 -14.20
C SER R 138 -116.53 -70.02 -13.04
N PRO R 139 -116.89 -71.32 -13.02
CA PRO R 139 -117.41 -71.78 -11.72
C PRO R 139 -116.31 -72.02 -10.70
N GLY S 1 14.28 67.70 -76.82
CA GLY S 1 15.72 67.75 -76.92
C GLY S 1 16.40 67.27 -75.63
N ALA S 2 15.82 67.65 -74.50
CA ALA S 2 16.48 67.39 -73.23
C ALA S 2 15.86 66.26 -72.44
N TYR S 3 14.65 65.82 -72.82
CA TYR S 3 14.02 64.72 -72.08
C TYR S 3 14.76 63.41 -72.28
N LYS S 4 15.53 63.30 -73.36
CA LYS S 4 16.41 62.16 -73.53
C LYS S 4 17.48 62.13 -72.45
N TYR S 5 18.05 63.29 -72.11
CA TYR S 5 19.01 63.35 -71.02
C TYR S 5 18.35 63.11 -69.68
N ILE S 6 17.09 63.57 -69.53
CA ILE S 6 16.34 63.30 -68.29
C ILE S 6 16.18 61.80 -68.10
N GLN S 7 15.77 61.12 -69.17
CA GLN S 7 15.48 59.70 -69.10
C GLN S 7 16.75 58.89 -68.90
N GLU S 8 17.86 59.33 -69.51
CA GLU S 8 19.09 58.58 -69.35
C GLU S 8 19.71 58.83 -67.98
N LEU S 9 19.51 60.03 -67.41
CA LEU S 9 20.01 60.29 -66.08
C LEU S 9 19.19 59.55 -65.04
N TRP S 10 17.93 59.31 -65.36
CA TRP S 10 17.11 58.53 -64.46
C TRP S 10 17.29 57.04 -64.72
N ARG S 11 17.93 56.70 -65.85
CA ARG S 11 18.00 55.31 -66.28
C ARG S 11 18.92 54.49 -65.39
N LYS S 12 20.18 54.90 -65.28
CA LYS S 12 21.13 54.19 -64.44
C LYS S 12 21.05 54.70 -63.00
N LYS S 13 19.96 54.26 -62.36
CA LYS S 13 19.53 54.83 -61.10
C LYS S 13 20.35 54.38 -59.90
N GLN S 14 21.37 53.56 -60.09
CA GLN S 14 22.15 53.11 -58.95
C GLN S 14 23.44 53.93 -58.80
N SER S 15 23.65 54.93 -59.65
CA SER S 15 24.84 55.74 -59.52
C SER S 15 24.72 56.72 -58.36
N ASP S 16 25.80 57.44 -58.09
CA ASP S 16 25.91 58.16 -56.83
C ASP S 16 25.23 59.52 -56.88
N VAL S 17 25.05 60.08 -58.08
CA VAL S 17 24.33 61.34 -58.19
C VAL S 17 22.84 61.13 -57.92
N MET S 18 22.27 60.07 -58.47
CA MET S 18 20.82 59.95 -58.45
C MET S 18 20.33 59.37 -57.14
N ARG S 19 21.11 58.47 -56.53
CA ARG S 19 20.61 57.76 -55.35
C ARG S 19 20.55 58.67 -54.14
N PHE S 20 21.30 59.77 -54.15
CA PHE S 20 21.13 60.78 -53.12
C PHE S 20 19.77 61.45 -53.25
N LEU S 21 19.40 61.82 -54.48
CA LEU S 21 18.08 62.40 -54.71
C LEU S 21 16.98 61.41 -54.38
N LEU S 22 17.22 60.14 -54.66
CA LEU S 22 16.25 59.10 -54.39
C LEU S 22 16.07 58.88 -52.89
N ARG S 23 17.18 58.95 -52.13
CA ARG S 23 17.10 58.79 -50.69
C ARG S 23 16.42 59.98 -50.03
N VAL S 24 16.72 61.19 -50.49
CA VAL S 24 16.06 62.39 -49.98
C VAL S 24 14.57 62.34 -50.28
N ARG S 25 14.19 61.91 -51.49
CA ARG S 25 12.77 61.85 -51.82
C ARG S 25 12.05 60.73 -51.09
N CYS S 26 12.75 59.62 -50.79
CA CYS S 26 12.12 58.57 -50.01
C CYS S 26 11.83 59.04 -48.59
N TRP S 27 12.77 59.75 -47.97
CA TRP S 27 12.50 60.31 -46.66
C TRP S 27 11.39 61.35 -46.72
N GLN S 28 11.40 62.18 -47.76
CA GLN S 28 10.40 63.22 -47.95
C GLN S 28 9.00 62.64 -48.09
N TYR S 29 8.87 61.55 -48.83
CA TYR S 29 7.55 61.01 -49.08
C TYR S 29 7.11 60.14 -47.92
N ARG S 30 8.05 59.65 -47.13
CA ARG S 30 7.68 58.84 -45.99
C ARG S 30 7.17 59.72 -44.85
N GLN S 31 7.68 60.94 -44.73
CA GLN S 31 7.24 61.80 -43.64
C GLN S 31 5.86 62.40 -43.89
N LEU S 32 5.39 62.40 -45.14
CA LEU S 32 4.06 62.92 -45.42
C LEU S 32 3.00 61.83 -45.25
N SER S 33 1.81 62.12 -45.76
CA SER S 33 0.67 61.24 -45.59
C SER S 33 0.70 60.09 -46.58
N ALA S 34 -0.40 59.35 -46.65
CA ALA S 34 -0.46 58.18 -47.50
C ALA S 34 -0.89 58.53 -48.92
N LEU S 35 -1.81 59.47 -49.05
CA LEU S 35 -2.34 59.88 -50.35
C LEU S 35 -2.44 61.39 -50.36
N HIS S 36 -1.71 62.05 -51.26
CA HIS S 36 -2.00 63.47 -51.44
C HIS S 36 -1.66 63.88 -52.85
N ARG S 37 -1.86 65.17 -53.11
CA ARG S 37 -1.87 65.70 -54.46
C ARG S 37 -0.59 66.48 -54.70
N ALA S 38 0.31 65.93 -55.48
CA ALA S 38 1.50 66.66 -55.84
C ALA S 38 1.11 67.69 -56.89
N PRO S 39 1.67 68.89 -56.88
CA PRO S 39 1.24 69.88 -57.87
C PRO S 39 1.81 69.63 -59.25
N ARG S 40 2.86 68.83 -59.36
CA ARG S 40 3.58 68.64 -60.61
C ARG S 40 4.41 67.37 -60.50
N PRO S 41 4.61 66.66 -61.61
CA PRO S 41 5.26 65.36 -61.54
C PRO S 41 6.74 65.47 -61.21
N THR S 42 7.25 64.42 -60.56
CA THR S 42 8.65 64.35 -60.19
C THR S 42 9.47 63.58 -61.20
N ARG S 43 8.83 62.88 -62.14
CA ARG S 43 9.49 62.33 -63.32
C ARG S 43 8.72 62.84 -64.52
N PRO S 44 9.13 63.99 -65.06
CA PRO S 44 8.30 64.65 -66.08
C PRO S 44 8.21 63.88 -67.38
N ASP S 45 9.33 63.37 -67.89
CA ASP S 45 9.31 62.62 -69.13
C ASP S 45 8.57 61.29 -68.99
N LYS S 46 8.85 60.55 -67.92
CA LYS S 46 8.24 59.24 -67.72
C LYS S 46 6.74 59.37 -67.46
N ALA S 47 6.33 60.42 -66.77
CA ALA S 47 4.91 60.69 -66.67
C ALA S 47 4.35 61.16 -68.01
N ARG S 48 5.17 61.82 -68.81
CA ARG S 48 4.68 62.36 -70.07
C ARG S 48 4.51 61.27 -71.12
N ARG S 49 5.37 60.26 -71.10
CA ARG S 49 5.21 59.16 -72.04
C ARG S 49 4.09 58.22 -71.65
N LEU S 50 3.54 58.37 -70.45
CA LEU S 50 2.30 57.68 -70.11
C LEU S 50 1.06 58.51 -70.42
N GLY S 51 1.22 59.76 -70.86
CA GLY S 51 0.10 60.56 -71.30
C GLY S 51 -0.09 61.90 -70.59
N TYR S 52 0.78 62.30 -69.68
CA TYR S 52 0.61 63.57 -69.01
C TYR S 52 1.01 64.73 -69.91
N LYS S 53 0.01 65.45 -70.42
CA LYS S 53 0.22 66.71 -71.12
C LYS S 53 -0.16 67.84 -70.18
N ALA S 54 0.82 68.66 -69.79
CA ALA S 54 0.66 69.59 -68.67
C ALA S 54 -0.27 70.73 -69.07
N LYS S 55 -1.56 70.47 -68.91
CA LYS S 55 -2.58 71.47 -69.14
C LYS S 55 -3.66 71.29 -68.09
N GLN S 56 -4.74 72.04 -68.24
CA GLN S 56 -5.75 72.12 -67.20
C GLN S 56 -6.59 70.85 -67.13
N GLY S 57 -6.33 70.04 -66.11
CA GLY S 57 -7.18 68.92 -65.82
C GLY S 57 -6.45 67.63 -65.52
N TYR S 58 -5.13 67.59 -65.62
CA TYR S 58 -4.39 66.35 -65.37
C TYR S 58 -3.78 66.43 -63.97
N VAL S 59 -4.32 65.63 -63.06
CA VAL S 59 -3.96 65.66 -61.65
C VAL S 59 -2.90 64.59 -61.41
N ILE S 60 -1.96 64.86 -60.50
CA ILE S 60 -0.96 63.89 -60.10
C ILE S 60 -1.11 63.58 -58.62
N TYR S 61 -1.43 62.34 -58.30
CA TYR S 61 -1.42 61.88 -56.92
C TYR S 61 -0.13 61.17 -56.61
N ARG S 62 0.35 61.37 -55.39
CA ARG S 62 1.39 60.53 -54.82
C ARG S 62 0.75 59.64 -53.77
N ILE S 63 1.07 58.36 -53.86
CA ILE S 63 0.42 57.35 -53.03
C ILE S 63 1.47 56.39 -52.49
N ARG S 64 1.23 55.90 -51.28
CA ARG S 64 2.17 55.10 -50.51
C ARG S 64 1.53 53.75 -50.19
N VAL S 65 2.28 52.67 -50.36
CA VAL S 65 1.79 51.34 -50.02
C VAL S 65 2.82 50.62 -49.17
N ARG S 66 2.37 49.61 -48.43
CA ARG S 66 3.29 48.79 -47.65
C ARG S 66 3.67 47.54 -48.43
N ARG S 67 4.94 47.15 -48.33
CA ARG S 67 5.45 45.98 -49.04
C ARG S 67 4.92 44.68 -48.45
N GLY S 68 5.38 43.59 -49.03
CA GLY S 68 5.19 42.27 -48.45
C GLY S 68 3.99 41.54 -49.03
N GLY S 69 4.20 40.25 -49.27
CA GLY S 69 3.13 39.37 -49.66
C GLY S 69 2.12 39.22 -48.54
N ARG S 70 0.89 38.95 -48.93
CA ARG S 70 -0.25 39.05 -48.02
C ARG S 70 -0.28 37.84 -47.10
N LYS S 71 -0.75 38.06 -45.89
CA LYS S 71 -0.94 37.01 -44.92
C LYS S 71 -2.39 36.57 -44.96
N ARG S 72 -2.61 35.26 -44.93
CA ARG S 72 -3.97 34.73 -45.09
C ARG S 72 -4.81 35.06 -43.86
N PRO S 73 -6.01 35.60 -44.03
CA PRO S 73 -6.70 36.24 -42.91
C PRO S 73 -7.34 35.30 -41.91
N VAL S 74 -7.01 34.02 -41.90
CA VAL S 74 -7.69 33.11 -40.95
C VAL S 74 -7.11 33.30 -39.55
N PRO S 75 -7.90 33.20 -38.49
CA PRO S 75 -7.38 33.46 -37.15
C PRO S 75 -6.61 32.28 -36.61
N LYS S 76 -5.51 32.58 -35.90
CA LYS S 76 -4.67 31.63 -35.17
C LYS S 76 -4.10 30.52 -36.06
N GLY S 77 -3.91 30.79 -37.35
CA GLY S 77 -3.36 29.79 -38.23
C GLY S 77 -4.27 28.61 -38.49
N ALA S 78 -5.57 28.82 -38.41
CA ALA S 78 -6.53 27.73 -38.55
C ALA S 78 -7.19 27.79 -39.93
N THR S 79 -6.71 26.94 -40.84
CA THR S 79 -7.26 26.95 -42.19
C THR S 79 -8.57 26.18 -42.27
N TYR S 80 -8.69 25.12 -41.47
CA TYR S 80 -9.75 24.11 -41.56
C TYR S 80 -9.81 23.50 -42.96
N GLY S 81 -8.74 22.84 -43.34
CA GLY S 81 -8.73 22.19 -44.64
C GLY S 81 -7.68 21.11 -44.73
N LYS S 82 -7.32 20.75 -45.95
CA LYS S 82 -6.34 19.72 -46.17
C LYS S 82 -4.94 20.28 -45.90
N PRO S 83 -3.91 19.43 -45.87
CA PRO S 83 -2.54 19.97 -45.80
C PRO S 83 -2.06 20.71 -47.05
N VAL S 84 -2.89 20.87 -48.08
CA VAL S 84 -2.56 21.79 -49.15
C VAL S 84 -2.56 23.22 -48.63
N HIS S 85 -3.51 23.54 -47.78
CA HIS S 85 -3.89 24.93 -47.58
C HIS S 85 -3.45 25.49 -46.23
N HIS S 86 -2.69 24.74 -45.43
CA HIS S 86 -2.28 25.23 -44.11
C HIS S 86 -1.27 26.37 -44.14
N GLY S 87 -0.86 26.82 -45.32
CA GLY S 87 0.20 27.79 -45.43
C GLY S 87 -0.22 29.22 -45.20
N VAL S 88 -0.32 29.65 -43.94
CA VAL S 88 -0.80 30.99 -43.64
C VAL S 88 0.22 32.04 -44.03
N ASN S 89 1.51 31.76 -43.82
CA ASN S 89 2.51 32.82 -43.87
C ASN S 89 2.92 33.15 -45.30
N GLN S 90 2.86 32.19 -46.21
CA GLN S 90 3.43 32.39 -47.55
C GLN S 90 2.33 32.33 -48.62
N LEU S 91 1.70 33.48 -48.86
CA LEU S 91 0.97 33.70 -50.10
C LEU S 91 1.43 35.02 -50.67
N LYS S 92 1.46 35.15 -52.00
CA LYS S 92 1.97 36.38 -52.61
C LYS S 92 0.95 37.36 -53.19
N PHE S 93 -0.31 36.95 -53.29
CA PHE S 93 -1.41 37.79 -53.82
C PHE S 93 -1.18 38.35 -55.23
N ALA S 94 -1.44 37.50 -56.23
CA ALA S 94 -1.29 37.77 -57.66
C ALA S 94 -1.15 39.20 -58.18
N ARG S 95 -2.07 40.08 -57.81
CA ARG S 95 -2.03 41.46 -58.29
C ARG S 95 -0.74 42.15 -57.89
N SER S 96 -0.29 43.09 -58.73
CA SER S 96 0.92 43.80 -58.39
C SER S 96 0.64 45.00 -57.49
N LEU S 97 1.68 45.40 -56.75
CA LEU S 97 1.55 46.49 -55.79
C LEU S 97 1.26 47.82 -56.49
N GLN S 98 1.71 47.95 -57.73
CA GLN S 98 1.37 49.13 -58.52
C GLN S 98 -0.12 49.21 -58.79
N SER S 99 -0.76 48.08 -59.09
CA SER S 99 -2.20 48.09 -59.29
C SER S 99 -2.94 48.24 -57.96
N VAL S 100 -2.32 47.82 -56.86
CA VAL S 100 -2.91 48.09 -55.54
C VAL S 100 -2.95 49.58 -55.27
N ALA S 101 -1.85 50.28 -55.58
CA ALA S 101 -1.82 51.72 -55.43
C ALA S 101 -2.81 52.41 -56.35
N GLU S 102 -2.98 51.88 -57.57
CA GLU S 102 -3.97 52.46 -58.48
C GLU S 102 -5.38 52.28 -57.96
N GLU S 103 -5.68 51.11 -57.38
CA GLU S 103 -6.99 50.87 -56.78
C GLU S 103 -7.28 51.83 -55.63
N ARG S 104 -6.30 52.02 -54.75
CA ARG S 104 -6.53 52.89 -53.59
C ARG S 104 -6.71 54.34 -54.01
N ALA S 105 -5.91 54.81 -54.96
CA ALA S 105 -6.05 56.19 -55.43
C ALA S 105 -7.39 56.42 -56.11
N GLY S 106 -7.80 55.47 -56.95
CA GLY S 106 -9.06 55.63 -57.67
C GLY S 106 -10.27 55.58 -56.76
N ARG S 107 -10.28 54.66 -55.79
CA ARG S 107 -11.49 54.52 -54.99
C ARG S 107 -11.50 55.53 -53.85
N HIS S 108 -10.35 56.12 -53.53
CA HIS S 108 -10.39 57.28 -52.66
C HIS S 108 -10.93 58.49 -53.39
N CYS S 109 -10.55 58.67 -54.64
CA CYS S 109 -11.15 59.72 -55.46
C CYS S 109 -11.83 59.04 -56.64
N GLY S 110 -13.06 58.58 -56.40
CA GLY S 110 -13.80 57.89 -57.44
C GLY S 110 -14.35 58.81 -58.51
N ALA S 111 -14.30 60.12 -58.28
CA ALA S 111 -14.79 61.06 -59.27
C ALA S 111 -13.87 61.15 -60.47
N LEU S 112 -12.63 60.70 -60.32
CA LEU S 112 -11.66 60.82 -61.39
C LEU S 112 -11.52 59.51 -62.14
N ARG S 113 -10.68 59.52 -63.17
CA ARG S 113 -10.36 58.33 -63.94
C ARG S 113 -8.86 58.13 -63.91
N VAL S 114 -8.42 56.88 -63.80
CA VAL S 114 -7.01 56.55 -63.65
C VAL S 114 -6.44 56.30 -65.05
N LEU S 115 -5.34 56.97 -65.38
CA LEU S 115 -4.71 56.71 -66.66
C LEU S 115 -3.58 55.70 -66.51
N ASN S 116 -2.55 56.03 -65.74
CA ASN S 116 -1.43 55.14 -65.45
C ASN S 116 -0.76 55.56 -64.15
N SER S 117 0.40 54.96 -63.93
CA SER S 117 1.16 55.15 -62.71
C SER S 117 2.59 54.72 -62.94
N TYR S 118 3.46 55.08 -62.00
CA TYR S 118 4.87 54.76 -62.10
C TYR S 118 5.54 54.81 -60.74
N TRP S 119 6.78 54.35 -60.71
CA TRP S 119 7.54 54.20 -59.49
C TRP S 119 8.30 55.48 -59.19
N VAL S 120 8.38 55.87 -57.91
CA VAL S 120 9.22 56.99 -57.52
C VAL S 120 10.12 56.68 -56.33
N GLY S 121 9.87 55.63 -55.56
CA GLY S 121 10.69 55.44 -54.39
C GLY S 121 10.40 54.23 -53.53
N GLU S 122 11.42 53.75 -52.82
CA GLU S 122 11.29 52.63 -51.89
C GLU S 122 12.44 52.69 -50.91
N ASP S 123 12.15 52.40 -49.64
CA ASP S 123 13.27 52.23 -48.73
C ASP S 123 13.33 50.87 -48.01
N SER S 124 12.38 50.59 -47.12
CA SER S 124 12.38 49.31 -46.43
C SER S 124 11.02 48.65 -46.55
N THR S 125 10.00 49.42 -46.23
CA THR S 125 8.68 48.87 -46.04
C THR S 125 7.67 49.56 -46.93
N TYR S 126 7.79 50.88 -47.07
CA TYR S 126 6.91 51.66 -47.90
C TYR S 126 7.46 51.73 -49.31
N LYS S 127 6.58 51.57 -50.28
CA LYS S 127 6.90 51.70 -51.69
C LYS S 127 6.01 52.80 -52.26
N PHE S 128 6.57 53.64 -53.11
CA PHE S 128 5.98 54.91 -53.46
C PHE S 128 5.67 54.99 -54.95
N PHE S 129 4.41 55.27 -55.28
CA PHE S 129 4.00 55.41 -56.65
C PHE S 129 3.39 56.77 -56.89
N GLU S 130 3.45 57.22 -58.14
CA GLU S 130 2.73 58.40 -58.57
C GLU S 130 1.75 58.00 -59.67
N VAL S 131 0.51 58.45 -59.52
CA VAL S 131 -0.60 58.05 -60.38
C VAL S 131 -1.12 59.29 -61.09
N ILE S 132 -1.20 59.23 -62.42
CA ILE S 132 -1.79 60.30 -63.21
C ILE S 132 -3.29 60.06 -63.27
N LEU S 133 -4.07 61.12 -63.04
CA LEU S 133 -5.52 61.06 -63.11
C LEU S 133 -6.02 62.07 -64.13
N ILE S 134 -6.94 61.64 -64.97
CA ILE S 134 -7.52 62.50 -66.00
C ILE S 134 -8.88 62.93 -65.50
N ASP S 135 -9.18 64.22 -65.62
CA ASP S 135 -10.49 64.68 -65.19
C ASP S 135 -11.52 64.36 -66.25
N PRO S 136 -12.67 63.82 -65.90
CA PRO S 136 -13.64 63.46 -66.94
C PRO S 136 -14.45 64.62 -67.45
N PHE S 137 -14.78 65.59 -66.58
CA PHE S 137 -15.74 66.59 -66.99
C PHE S 137 -15.18 67.99 -67.12
N HIS S 138 -13.87 68.13 -67.20
CA HIS S 138 -13.33 69.44 -67.51
C HIS S 138 -13.41 69.66 -69.01
N LYS S 139 -13.61 70.92 -69.41
CA LYS S 139 -13.89 71.21 -70.81
C LYS S 139 -12.67 71.05 -71.69
N ALA S 140 -11.48 71.16 -71.09
CA ALA S 140 -10.25 70.98 -71.85
C ALA S 140 -10.05 69.53 -72.28
N ILE S 141 -10.76 68.61 -71.63
CA ILE S 141 -10.66 67.20 -72.00
C ILE S 141 -11.94 66.75 -72.69
N ARG S 142 -13.05 67.46 -72.47
CA ARG S 142 -14.26 67.11 -73.20
C ARG S 142 -14.24 67.68 -74.60
N ARG S 143 -13.43 68.70 -74.85
CA ARG S 143 -13.06 69.04 -76.21
C ARG S 143 -11.82 68.23 -76.57
N ASN S 144 -11.16 68.62 -77.68
CA ASN S 144 -9.90 68.03 -78.15
C ASN S 144 -10.08 66.54 -78.40
N PRO S 145 -10.72 66.15 -79.51
CA PRO S 145 -11.34 64.82 -79.60
C PRO S 145 -10.38 63.65 -79.68
N ASP S 146 -9.07 63.86 -79.47
CA ASP S 146 -8.16 62.72 -79.32
C ASP S 146 -8.31 62.10 -77.94
N THR S 147 -8.94 62.80 -77.02
CA THR S 147 -8.92 62.45 -75.60
C THR S 147 -10.29 62.00 -75.11
N GLN S 148 -11.32 62.00 -75.96
CA GLN S 148 -12.69 61.81 -75.49
C GLN S 148 -12.99 60.37 -75.09
N TRP S 149 -12.04 59.46 -75.36
CA TRP S 149 -12.26 58.05 -75.07
C TRP S 149 -12.39 57.80 -73.58
N ILE S 150 -11.71 58.60 -72.75
CA ILE S 150 -11.81 58.39 -71.31
C ILE S 150 -13.05 59.08 -70.78
N THR S 151 -13.61 60.01 -71.55
CA THR S 151 -14.87 60.61 -71.14
C THR S 151 -16.03 59.69 -71.51
N LYS S 152 -15.81 58.83 -72.49
CA LYS S 152 -16.83 57.83 -72.84
C LYS S 152 -17.06 56.89 -71.66
N PRO S 153 -18.33 56.58 -71.37
CA PRO S 153 -18.67 56.09 -70.02
C PRO S 153 -18.36 54.63 -69.77
N VAL S 154 -17.70 53.93 -70.69
CA VAL S 154 -17.34 52.55 -70.41
C VAL S 154 -16.04 52.46 -69.63
N HIS S 155 -15.39 53.59 -69.36
CA HIS S 155 -14.14 53.61 -68.64
C HIS S 155 -14.26 54.17 -67.23
N LYS S 156 -15.40 53.99 -66.57
CA LYS S 156 -15.46 54.26 -65.15
C LYS S 156 -14.62 53.23 -64.42
N HIS S 157 -13.65 53.72 -63.64
CA HIS S 157 -12.83 52.90 -62.75
C HIS S 157 -12.06 51.81 -63.50
N ARG S 158 -11.13 52.24 -64.33
CA ARG S 158 -10.30 51.30 -65.08
C ARG S 158 -9.44 50.44 -64.16
N GLU S 159 -9.10 50.95 -62.99
CA GLU S 159 -8.12 50.28 -62.13
C GLU S 159 -8.70 49.02 -61.48
N MET S 160 -10.02 48.96 -61.34
CA MET S 160 -10.61 47.81 -60.67
C MET S 160 -11.02 46.75 -61.66
N ARG S 161 -11.16 47.11 -62.92
CA ARG S 161 -11.32 46.08 -63.95
C ARG S 161 -9.98 45.73 -64.56
N GLY S 162 -8.91 46.40 -64.15
CA GLY S 162 -7.57 46.01 -64.54
C GLY S 162 -7.26 46.30 -65.99
N LEU S 163 -7.53 47.52 -66.43
CA LEU S 163 -7.27 47.90 -67.81
C LEU S 163 -6.01 48.75 -67.95
N THR S 164 -5.29 49.01 -66.87
CA THR S 164 -4.13 49.87 -66.95
C THR S 164 -2.91 49.08 -67.41
N SER S 165 -1.76 49.75 -67.34
CA SER S 165 -0.50 49.11 -67.74
C SER S 165 -0.12 48.00 -66.78
N ALA S 166 -0.20 48.26 -65.48
CA ALA S 166 0.09 47.20 -64.52
C ALA S 166 -1.06 46.21 -64.46
N GLY S 167 -2.26 46.64 -64.80
CA GLY S 167 -3.40 45.75 -64.79
C GLY S 167 -3.32 44.66 -65.84
N ARG S 168 -2.94 45.04 -67.07
CA ARG S 168 -2.75 44.05 -68.13
C ARG S 168 -1.60 43.10 -67.78
N LYS S 169 -0.54 43.63 -67.19
CA LYS S 169 0.62 42.81 -66.88
C LYS S 169 0.32 41.87 -65.71
N SER S 170 -0.66 42.22 -64.88
CA SER S 170 -1.09 41.32 -63.82
C SER S 170 -2.04 40.26 -64.36
N ARG S 171 -2.94 40.64 -65.27
CA ARG S 171 -3.86 39.68 -65.86
C ARG S 171 -3.13 38.68 -66.74
N GLY S 172 -1.98 39.07 -67.27
CA GLY S 172 -1.17 38.15 -68.04
C GLY S 172 -1.71 37.86 -69.41
N LEU S 173 -1.74 38.84 -70.29
CA LEU S 173 -2.23 38.64 -71.65
C LEU S 173 -1.19 39.10 -72.66
N GLY S 174 -0.96 38.25 -73.66
CA GLY S 174 -0.10 38.59 -74.77
C GLY S 174 -0.57 37.84 -75.98
N LYS S 175 0.39 37.31 -76.73
CA LYS S 175 0.13 36.42 -77.85
C LYS S 175 1.12 35.27 -77.81
N GLY S 176 0.73 34.13 -78.33
CA GLY S 176 1.70 33.11 -78.70
C GLY S 176 1.62 31.88 -77.84
N HIS S 177 2.72 31.14 -77.82
CA HIS S 177 2.75 29.88 -77.10
C HIS S 177 2.88 30.07 -75.59
N LYS S 178 3.35 31.24 -75.15
CA LYS S 178 3.47 31.46 -73.72
C LYS S 178 2.17 31.98 -73.11
N PHE S 179 1.09 32.02 -73.86
CA PHE S 179 -0.17 32.56 -73.36
C PHE S 179 -1.37 31.75 -73.78
N HIS S 180 -1.24 30.43 -73.87
CA HIS S 180 -2.41 29.60 -74.13
C HIS S 180 -3.35 29.52 -72.94
N HIS S 181 -2.86 29.93 -71.76
CA HIS S 181 -3.64 29.82 -70.53
C HIS S 181 -4.87 30.70 -70.58
N THR S 182 -4.80 31.81 -71.28
CA THR S 182 -5.96 32.67 -71.52
C THR S 182 -6.08 32.93 -73.03
N ILE S 183 -6.93 32.14 -73.70
CA ILE S 183 -6.94 32.15 -75.16
C ILE S 183 -7.73 33.36 -75.68
N GLY S 184 -8.76 33.77 -74.97
CA GLY S 184 -9.52 34.93 -75.41
C GLY S 184 -10.17 35.70 -74.31
N GLY S 185 -9.80 36.98 -74.17
CA GLY S 185 -10.36 37.77 -73.11
C GLY S 185 -9.73 37.57 -71.75
N SER S 186 -10.02 36.46 -71.07
CA SER S 186 -9.47 36.23 -69.75
C SER S 186 -9.44 34.75 -69.45
N ARG S 187 -8.85 34.38 -68.32
CA ARG S 187 -8.75 32.95 -68.01
C ARG S 187 -10.11 32.37 -67.70
N ARG S 188 -11.03 33.18 -67.19
CA ARG S 188 -12.38 32.67 -66.96
C ARG S 188 -13.13 32.52 -68.26
N ALA S 189 -12.91 33.39 -69.24
CA ALA S 189 -13.59 33.22 -70.53
C ALA S 189 -13.03 32.00 -71.27
N ALA S 190 -11.73 31.78 -71.16
CA ALA S 190 -11.13 30.59 -71.74
C ALA S 190 -11.65 29.33 -71.06
N TRP S 191 -11.75 29.36 -69.73
CA TRP S 191 -12.28 28.24 -68.97
C TRP S 191 -13.73 27.97 -69.33
N ARG S 192 -14.49 29.03 -69.55
CA ARG S 192 -15.88 28.94 -69.95
C ARG S 192 -16.02 28.24 -71.30
N ARG S 193 -15.22 28.64 -72.30
CA ARG S 193 -15.39 28.02 -73.62
C ARG S 193 -14.80 26.61 -73.63
N ARG S 194 -13.87 26.31 -72.72
CA ARG S 194 -13.24 25.00 -72.81
C ARG S 194 -14.03 23.96 -72.04
N ASN S 195 -14.77 24.38 -71.01
CA ASN S 195 -15.51 23.37 -70.25
C ASN S 195 -17.01 23.53 -70.44
N THR S 196 -17.43 24.44 -71.31
CA THR S 196 -18.81 24.43 -71.74
C THR S 196 -19.00 23.33 -72.77
N LEU S 197 -19.65 22.25 -72.36
CA LEU S 197 -19.84 21.11 -73.25
C LEU S 197 -20.96 21.45 -74.24
N GLN S 198 -20.59 21.54 -75.51
CA GLN S 198 -21.43 22.13 -76.52
C GLN S 198 -22.26 21.05 -77.20
N LEU S 199 -23.56 21.31 -77.37
CA LEU S 199 -24.50 20.32 -77.91
C LEU S 199 -25.39 20.92 -78.98
N HIS S 200 -25.36 20.35 -80.18
CA HIS S 200 -26.23 20.82 -81.25
C HIS S 200 -27.49 19.95 -81.30
N ARG S 201 -28.52 20.53 -81.93
CA ARG S 201 -29.72 19.82 -82.39
C ARG S 201 -29.40 18.45 -82.98
N TYR S 202 -28.52 18.41 -83.96
CA TYR S 202 -28.05 17.17 -84.58
C TYR S 202 -26.71 16.82 -83.98
N ARG S 203 -26.52 15.56 -83.62
CA ARG S 203 -25.26 15.16 -83.01
C ARG S 203 -24.64 13.98 -83.74
N GLN T 1 -86.62 -48.74 -37.36
CA GLN T 1 -86.20 -47.36 -37.18
C GLN T 1 -85.35 -47.18 -35.95
N VAL T 2 -85.86 -47.62 -34.81
CA VAL T 2 -85.15 -47.56 -33.55
C VAL T 2 -84.54 -48.92 -33.27
N LEU T 3 -83.23 -48.94 -33.09
CA LEU T 3 -82.50 -50.14 -32.70
C LEU T 3 -82.33 -50.12 -31.20
N VAL T 4 -83.14 -50.90 -30.49
CA VAL T 4 -83.11 -50.93 -29.04
C VAL T 4 -82.16 -52.03 -28.62
N LEU T 5 -80.98 -51.64 -28.12
CA LEU T 5 -79.93 -52.59 -27.81
C LEU T 5 -79.86 -52.87 -26.32
N ASP T 6 -79.64 -54.13 -25.98
CA ASP T 6 -79.43 -54.57 -24.61
C ASP T 6 -77.98 -54.27 -24.23
N GLY T 7 -77.67 -54.34 -22.95
CA GLY T 7 -76.33 -54.04 -22.50
C GLY T 7 -75.67 -55.08 -21.63
N ARG T 8 -76.37 -56.13 -21.24
CA ARG T 8 -75.75 -57.16 -20.42
C ARG T 8 -74.78 -57.97 -21.27
N GLY T 9 -73.52 -58.00 -20.84
CA GLY T 9 -72.55 -58.87 -21.47
C GLY T 9 -71.99 -58.35 -22.77
N HIS T 10 -72.15 -57.07 -23.07
CA HIS T 10 -71.50 -56.47 -24.21
C HIS T 10 -70.18 -55.87 -23.78
N LEU T 11 -69.36 -55.50 -24.77
CA LEU T 11 -68.11 -54.83 -24.48
C LEU T 11 -68.20 -53.37 -24.88
N LEU T 12 -67.45 -52.56 -24.15
CA LEU T 12 -67.55 -51.10 -24.26
C LEU T 12 -67.10 -50.61 -25.62
N GLY T 13 -65.86 -50.93 -26.01
CA GLY T 13 -65.32 -50.40 -27.25
C GLY T 13 -66.00 -50.97 -28.48
N ARG T 14 -66.30 -52.27 -28.45
CA ARG T 14 -66.94 -52.92 -29.59
C ARG T 14 -68.35 -52.39 -29.82
N LEU T 15 -69.13 -52.27 -28.74
CA LEU T 15 -70.49 -51.77 -28.87
C LEU T 15 -70.49 -50.31 -29.25
N ALA T 16 -69.50 -49.55 -28.75
CA ALA T 16 -69.35 -48.16 -29.16
C ALA T 16 -69.06 -48.03 -30.65
N ALA T 17 -68.23 -48.94 -31.18
CA ALA T 17 -67.89 -48.90 -32.60
C ALA T 17 -69.09 -49.18 -33.49
N ILE T 18 -69.86 -50.20 -33.11
CA ILE T 18 -70.99 -50.59 -33.96
C ILE T 18 -72.12 -49.56 -33.89
N VAL T 19 -72.38 -49.03 -32.69
CA VAL T 19 -73.37 -47.96 -32.54
C VAL T 19 -72.92 -46.69 -33.26
N ALA T 20 -71.62 -46.39 -33.21
CA ALA T 20 -71.12 -45.17 -33.82
C ALA T 20 -71.17 -45.24 -35.34
N LYS T 21 -70.99 -46.43 -35.91
CA LYS T 21 -71.11 -46.50 -37.36
C LYS T 21 -72.57 -46.52 -37.77
N GLN T 22 -73.44 -47.16 -37.00
CA GLN T 22 -74.85 -47.20 -37.38
C GLN T 22 -75.54 -45.85 -37.19
N VAL T 23 -75.01 -45.00 -36.31
CA VAL T 23 -75.72 -43.77 -36.00
C VAL T 23 -75.44 -42.71 -37.06
N LEU T 24 -74.34 -42.86 -37.82
CA LEU T 24 -74.05 -41.88 -38.86
C LEU T 24 -74.88 -42.11 -40.11
N LEU T 25 -75.54 -43.27 -40.19
CA LEU T 25 -76.32 -43.56 -41.39
C LEU T 25 -77.78 -43.21 -41.20
N GLY T 26 -78.22 -43.07 -39.95
CA GLY T 26 -79.56 -42.57 -39.69
C GLY T 26 -80.45 -43.46 -38.85
N ARG T 27 -80.15 -44.74 -38.67
CA ARG T 27 -81.01 -45.60 -37.86
C ARG T 27 -80.87 -45.25 -36.40
N LYS T 28 -81.95 -44.75 -35.81
CA LYS T 28 -81.89 -44.16 -34.49
C LYS T 28 -81.77 -45.25 -33.44
N VAL T 29 -80.65 -45.27 -32.76
CA VAL T 29 -80.27 -46.39 -31.91
C VAL T 29 -80.32 -45.94 -30.45
N VAL T 30 -80.81 -46.81 -29.58
CA VAL T 30 -80.99 -46.52 -28.17
C VAL T 30 -80.36 -47.65 -27.37
N VAL T 31 -79.40 -47.31 -26.51
CA VAL T 31 -78.67 -48.27 -25.71
C VAL T 31 -79.28 -48.33 -24.31
N VAL T 32 -79.87 -49.47 -23.97
CA VAL T 32 -80.59 -49.64 -22.72
C VAL T 32 -79.77 -50.61 -21.87
N ARG T 33 -79.96 -50.56 -20.54
CA ARG T 33 -79.15 -51.29 -19.54
C ARG T 33 -77.67 -50.97 -19.70
N CYS T 34 -77.29 -49.74 -19.43
CA CYS T 34 -75.90 -49.38 -19.63
C CYS T 34 -75.03 -49.88 -18.48
N GLU T 35 -75.65 -50.17 -17.33
CA GLU T 35 -74.88 -50.56 -16.16
C GLU T 35 -74.32 -51.96 -16.28
N GLY T 36 -74.85 -52.77 -17.18
CA GLY T 36 -74.37 -54.12 -17.31
C GLY T 36 -73.33 -54.33 -18.38
N ILE T 37 -72.65 -53.29 -18.82
CA ILE T 37 -71.63 -53.43 -19.85
C ILE T 37 -70.33 -53.89 -19.21
N ASN T 38 -69.73 -54.94 -19.76
CA ASN T 38 -68.49 -55.44 -19.22
C ASN T 38 -67.31 -54.79 -19.95
N ILE T 39 -66.28 -54.43 -19.19
CA ILE T 39 -65.05 -53.87 -19.74
C ILE T 39 -63.97 -54.92 -19.60
N SER T 40 -63.26 -55.18 -20.70
CA SER T 40 -62.18 -56.16 -20.67
C SER T 40 -61.02 -55.65 -19.84
N GLY T 41 -60.23 -56.58 -19.32
CA GLY T 41 -59.13 -56.27 -18.43
C GLY T 41 -59.50 -56.43 -16.98
N ASN T 42 -58.49 -56.33 -16.13
CA ASN T 42 -58.75 -56.35 -14.71
C ASN T 42 -59.33 -55.02 -14.26
N PHE T 43 -60.34 -55.08 -13.39
CA PHE T 43 -61.07 -53.87 -13.07
C PHE T 43 -60.30 -52.98 -12.11
N TYR T 44 -59.24 -53.51 -11.49
CA TYR T 44 -58.36 -52.61 -10.76
C TYR T 44 -57.61 -51.70 -11.72
N ARG T 45 -57.17 -52.24 -12.85
CA ARG T 45 -56.60 -51.35 -13.86
C ARG T 45 -57.66 -50.47 -14.49
N ASN T 46 -58.91 -50.94 -14.57
CA ASN T 46 -59.94 -50.10 -15.15
C ASN T 46 -60.27 -48.91 -14.25
N LYS T 47 -60.36 -49.14 -12.94
CA LYS T 47 -60.55 -48.00 -12.03
C LYS T 47 -59.30 -47.16 -11.96
N LEU T 48 -58.12 -47.74 -12.20
CA LEU T 48 -56.90 -46.95 -12.21
C LEU T 48 -56.87 -46.01 -13.40
N LYS T 49 -57.25 -46.51 -14.58
CA LYS T 49 -57.33 -45.68 -15.77
C LYS T 49 -58.37 -44.58 -15.63
N TYR T 50 -59.55 -44.93 -15.13
CA TYR T 50 -60.59 -43.91 -15.02
C TYR T 50 -60.28 -42.93 -13.88
N LEU T 51 -59.52 -43.37 -12.89
CA LEU T 51 -59.18 -42.50 -11.78
C LEU T 51 -58.11 -41.50 -12.20
N ALA T 52 -57.16 -41.95 -13.03
CA ALA T 52 -56.21 -41.01 -13.61
C ALA T 52 -56.90 -40.06 -14.57
N PHE T 53 -57.93 -40.55 -15.25
CA PHE T 53 -58.75 -39.67 -16.08
C PHE T 53 -59.47 -38.61 -15.25
N LEU T 54 -59.89 -38.97 -14.04
CA LEU T 54 -60.42 -37.96 -13.12
C LEU T 54 -59.36 -36.96 -12.72
N ARG T 55 -58.12 -37.43 -12.55
CA ARG T 55 -57.02 -36.54 -12.19
C ARG T 55 -56.74 -35.52 -13.28
N LYS T 56 -56.93 -35.91 -14.55
CA LYS T 56 -56.75 -34.99 -15.67
C LYS T 56 -57.76 -33.85 -15.62
N ARG T 57 -57.33 -32.65 -15.28
CA ARG T 57 -58.26 -31.51 -15.24
C ARG T 57 -57.50 -30.21 -15.42
N MET T 58 -58.22 -29.16 -15.81
CA MET T 58 -57.61 -27.85 -16.00
C MET T 58 -57.35 -27.21 -14.65
N ASN T 59 -56.15 -26.63 -14.49
CA ASN T 59 -55.75 -26.12 -13.18
C ASN T 59 -56.14 -24.67 -13.00
N THR T 60 -56.66 -24.04 -14.05
CA THR T 60 -56.93 -22.61 -13.97
C THR T 60 -58.40 -22.35 -13.66
N ASN T 61 -59.30 -23.13 -14.26
CA ASN T 61 -60.72 -23.08 -13.91
C ASN T 61 -61.29 -24.45 -14.23
N PRO T 62 -61.62 -25.23 -13.20
CA PRO T 62 -62.14 -26.57 -13.47
C PRO T 62 -63.56 -26.60 -14.01
N SER T 63 -64.25 -25.45 -14.02
CA SER T 63 -65.56 -25.41 -14.66
C SER T 63 -65.42 -25.46 -16.17
N ARG T 64 -64.43 -24.78 -16.72
CA ARG T 64 -64.13 -24.82 -18.14
C ARG T 64 -63.08 -25.90 -18.39
N GLY T 65 -63.48 -26.98 -19.04
CA GLY T 65 -62.55 -28.05 -19.30
C GLY T 65 -63.16 -29.42 -19.18
N PRO T 66 -62.38 -30.40 -18.72
CA PRO T 66 -62.81 -31.79 -18.83
C PRO T 66 -63.91 -32.11 -17.85
N TYR T 67 -65.12 -32.22 -18.37
CA TYR T 67 -66.26 -32.68 -17.60
C TYR T 67 -66.15 -34.18 -17.44
N HIS T 68 -66.08 -34.65 -16.21
CA HIS T 68 -65.95 -36.06 -15.93
C HIS T 68 -67.31 -36.58 -15.50
N PHE T 69 -68.01 -37.24 -16.38
CA PHE T 69 -69.31 -37.79 -16.07
C PHE T 69 -69.13 -39.02 -15.20
N ARG T 70 -70.06 -39.25 -14.27
CA ARG T 70 -69.96 -40.40 -13.38
C ARG T 70 -71.02 -41.45 -13.63
N ALA T 71 -72.16 -41.06 -14.20
CA ALA T 71 -73.21 -42.02 -14.49
C ALA T 71 -72.77 -42.91 -15.65
N PRO T 72 -73.11 -44.21 -15.64
CA PRO T 72 -72.56 -45.11 -16.65
C PRO T 72 -73.11 -44.87 -18.05
N SER T 73 -74.37 -44.43 -18.14
CA SER T 73 -74.90 -44.02 -19.44
C SER T 73 -74.11 -42.86 -20.01
N ARG T 74 -73.72 -41.92 -19.17
CA ARG T 74 -72.92 -40.81 -19.63
C ARG T 74 -71.48 -41.24 -19.92
N ILE T 75 -71.00 -42.28 -19.24
CA ILE T 75 -69.69 -42.84 -19.57
C ILE T 75 -69.68 -43.39 -20.99
N PHE T 76 -70.69 -44.20 -21.31
CA PHE T 76 -70.81 -44.75 -22.65
C PHE T 76 -71.06 -43.65 -23.67
N TRP T 77 -71.77 -42.59 -23.26
CA TRP T 77 -72.03 -41.49 -24.17
C TRP T 77 -70.77 -40.70 -24.48
N ARG T 78 -69.89 -40.53 -23.48
CA ARG T 78 -68.62 -39.88 -23.73
C ARG T 78 -67.70 -40.74 -24.59
N THR T 79 -67.78 -42.06 -24.42
CA THR T 79 -67.00 -42.95 -25.27
C THR T 79 -67.46 -42.87 -26.73
N VAL T 80 -68.76 -42.69 -26.95
CA VAL T 80 -69.23 -42.55 -28.32
C VAL T 80 -68.93 -41.14 -28.86
N ARG T 81 -68.88 -40.13 -27.97
CA ARG T 81 -68.41 -38.80 -28.38
C ARG T 81 -66.98 -38.87 -28.91
N GLY T 82 -66.13 -39.64 -28.23
CA GLY T 82 -64.75 -39.76 -28.66
C GLY T 82 -64.57 -40.49 -29.99
N MET T 83 -65.65 -41.09 -30.50
CA MET T 83 -65.55 -41.83 -31.75
C MET T 83 -66.39 -41.20 -32.85
N LEU T 84 -67.22 -40.24 -32.50
CA LEU T 84 -67.90 -39.54 -33.57
C LEU T 84 -67.28 -38.16 -33.79
N PRO T 85 -67.27 -37.68 -35.04
CA PRO T 85 -66.73 -36.35 -35.29
C PRO T 85 -67.67 -35.25 -34.82
N HIS T 86 -67.60 -34.94 -33.52
CA HIS T 86 -68.63 -34.11 -32.91
C HIS T 86 -68.41 -32.63 -33.16
N LYS T 87 -67.17 -32.23 -33.45
CA LYS T 87 -66.92 -30.82 -33.71
C LYS T 87 -67.47 -30.39 -35.06
N THR T 88 -67.64 -31.34 -35.98
CA THR T 88 -68.34 -31.09 -37.21
C THR T 88 -69.84 -31.07 -36.94
N LYS T 89 -70.59 -30.39 -37.81
CA LYS T 89 -72.05 -30.35 -37.69
C LYS T 89 -72.65 -31.51 -38.50
N ARG T 90 -72.06 -32.68 -38.29
CA ARG T 90 -72.58 -33.96 -38.74
C ARG T 90 -72.72 -34.82 -37.51
N GLY T 91 -71.65 -34.85 -36.72
CA GLY T 91 -71.63 -35.68 -35.54
C GLY T 91 -72.50 -35.12 -34.42
N GLN T 92 -72.78 -33.82 -34.46
CA GLN T 92 -73.67 -33.26 -33.46
C GLN T 92 -75.10 -33.70 -33.70
N ALA T 93 -75.51 -33.78 -34.97
CA ALA T 93 -76.79 -34.39 -35.29
C ALA T 93 -76.76 -35.89 -35.00
N ALA T 94 -75.61 -36.52 -35.17
CA ALA T 94 -75.49 -37.94 -34.83
C ALA T 94 -75.69 -38.20 -33.34
N LEU T 95 -75.05 -37.39 -32.50
CA LEU T 95 -75.22 -37.54 -31.06
C LEU T 95 -76.63 -37.17 -30.63
N ASP T 96 -77.28 -36.27 -31.36
CA ASP T 96 -78.67 -35.98 -31.04
C ASP T 96 -79.59 -37.12 -31.49
N ARG T 97 -79.16 -37.91 -32.47
CA ARG T 97 -79.91 -39.11 -32.81
C ARG T 97 -79.70 -40.20 -31.76
N LEU T 98 -78.50 -40.29 -31.20
CA LEU T 98 -78.20 -41.30 -30.19
C LEU T 98 -78.86 -40.97 -28.86
N LYS T 99 -79.51 -41.95 -28.25
CA LYS T 99 -80.02 -41.85 -26.90
C LYS T 99 -79.48 -43.00 -26.06
N VAL T 100 -79.32 -42.77 -24.77
CA VAL T 100 -78.79 -43.78 -23.86
C VAL T 100 -79.54 -43.66 -22.54
N PHE T 101 -79.72 -44.79 -21.85
CA PHE T 101 -80.49 -44.82 -20.62
C PHE T 101 -79.92 -45.86 -19.66
N ASP T 102 -79.41 -45.39 -18.54
CA ASP T 102 -79.13 -46.27 -17.41
C ASP T 102 -80.45 -46.73 -16.81
N GLY T 103 -80.50 -48.00 -16.41
CA GLY T 103 -81.82 -48.53 -16.07
C GLY T 103 -82.63 -48.76 -17.33
N ILE T 104 -83.91 -49.04 -17.15
CA ILE T 104 -84.78 -49.19 -18.33
C ILE T 104 -85.98 -48.28 -18.24
N PRO T 105 -86.24 -47.47 -19.26
CA PRO T 105 -87.39 -46.56 -19.25
C PRO T 105 -88.69 -47.31 -19.47
N PRO T 106 -89.84 -46.66 -19.29
CA PRO T 106 -91.14 -47.33 -19.52
C PRO T 106 -91.48 -47.62 -20.97
N PRO T 107 -91.06 -46.83 -21.98
CA PRO T 107 -91.23 -47.38 -23.35
C PRO T 107 -90.38 -48.62 -23.62
N TYR T 108 -89.22 -48.70 -22.98
CA TYR T 108 -88.29 -49.73 -23.33
C TYR T 108 -88.44 -50.93 -22.40
N ASP T 109 -89.30 -50.81 -21.39
CA ASP T 109 -89.79 -52.00 -20.68
C ASP T 109 -90.47 -52.95 -21.65
N LYS T 110 -91.22 -52.40 -22.61
CA LYS T 110 -92.06 -53.24 -23.44
C LYS T 110 -91.55 -53.35 -24.86
N LYS T 111 -90.76 -52.38 -25.33
CA LYS T 111 -90.21 -52.55 -26.67
C LYS T 111 -89.11 -53.61 -26.68
N LYS T 112 -89.09 -54.40 -27.74
CA LYS T 112 -88.21 -55.55 -27.86
C LYS T 112 -86.76 -55.09 -28.03
N ARG T 113 -85.84 -55.85 -27.46
CA ARG T 113 -84.47 -55.40 -27.30
C ARG T 113 -83.48 -56.33 -28.02
N MET T 114 -82.70 -55.75 -28.92
CA MET T 114 -81.73 -56.48 -29.73
C MET T 114 -80.43 -56.66 -28.97
N VAL T 115 -79.63 -57.62 -29.41
CA VAL T 115 -78.35 -57.95 -28.80
C VAL T 115 -77.33 -58.10 -29.91
N VAL T 116 -76.28 -57.28 -29.86
CA VAL T 116 -75.23 -57.29 -30.87
C VAL T 116 -74.33 -58.50 -30.60
N PRO T 117 -74.15 -59.41 -31.55
CA PRO T 117 -73.33 -60.59 -31.28
C PRO T 117 -71.85 -60.35 -31.41
N ALA T 118 -71.44 -59.30 -32.12
CA ALA T 118 -70.02 -59.09 -32.36
C ALA T 118 -69.34 -58.42 -31.16
N ALA T 119 -70.12 -58.00 -30.18
CA ALA T 119 -69.58 -57.29 -29.04
C ALA T 119 -69.74 -58.07 -27.74
N LEU T 120 -70.19 -59.31 -27.81
CA LEU T 120 -70.45 -60.06 -26.60
C LEU T 120 -69.15 -60.52 -25.95
N LYS T 121 -69.18 -60.52 -24.62
CA LYS T 121 -68.12 -61.13 -23.81
C LYS T 121 -67.92 -62.60 -24.18
N VAL T 122 -69.03 -63.30 -24.43
CA VAL T 122 -69.01 -64.73 -24.73
C VAL T 122 -68.25 -65.00 -26.02
N VAL T 123 -68.35 -64.08 -26.96
CA VAL T 123 -67.65 -64.26 -28.23
C VAL T 123 -66.20 -63.79 -28.12
N ARG T 124 -65.98 -62.64 -27.48
CA ARG T 124 -64.66 -62.02 -27.58
C ARG T 124 -63.67 -62.56 -26.57
N LEU T 125 -64.07 -62.71 -25.31
CA LEU T 125 -63.09 -63.00 -24.28
C LEU T 125 -62.86 -64.48 -24.12
N LYS T 126 -61.60 -64.87 -24.32
CA LYS T 126 -61.11 -66.17 -23.90
C LYS T 126 -61.40 -66.34 -22.41
N PRO T 127 -61.99 -67.47 -22.00
CA PRO T 127 -62.77 -67.49 -20.74
C PRO T 127 -61.95 -67.33 -19.47
N THR T 128 -60.64 -67.52 -19.51
CA THR T 128 -59.83 -67.34 -18.31
C THR T 128 -59.32 -65.93 -18.14
N ARG T 129 -59.76 -64.99 -18.96
CA ARG T 129 -59.41 -63.59 -18.79
C ARG T 129 -60.37 -62.93 -17.82
N LYS T 130 -59.88 -61.88 -17.15
CA LYS T 130 -60.73 -61.16 -16.21
C LYS T 130 -61.37 -59.96 -16.89
N PHE T 131 -62.53 -59.57 -16.38
CA PHE T 131 -63.39 -58.57 -16.99
C PHE T 131 -63.72 -57.53 -15.92
N ALA T 132 -64.68 -56.68 -16.23
CA ALA T 132 -65.15 -55.69 -15.27
C ALA T 132 -66.65 -55.60 -15.30
N TYR T 133 -67.20 -54.86 -14.34
CA TYR T 133 -68.58 -54.42 -14.40
C TYR T 133 -68.58 -52.90 -14.37
N LEU T 134 -69.24 -52.29 -15.35
CA LEU T 134 -69.31 -50.83 -15.38
C LEU T 134 -70.19 -50.31 -14.26
N GLY T 135 -71.16 -51.12 -13.81
CA GLY T 135 -71.92 -50.77 -12.63
C GLY T 135 -71.07 -50.75 -11.37
N ARG T 136 -70.20 -51.76 -11.22
CA ARG T 136 -69.24 -51.78 -10.11
C ARG T 136 -68.30 -50.59 -10.16
N LEU T 137 -67.80 -50.28 -11.36
CA LEU T 137 -66.89 -49.15 -11.55
C LEU T 137 -67.57 -47.81 -11.24
N ALA T 138 -68.81 -47.66 -11.69
CA ALA T 138 -69.52 -46.41 -11.45
C ALA T 138 -69.91 -46.26 -9.99
N HIS T 139 -70.24 -47.37 -9.33
CA HIS T 139 -70.54 -47.26 -7.90
C HIS T 139 -69.31 -46.94 -7.09
N GLU T 140 -68.14 -47.40 -7.54
CA GLU T 140 -66.92 -47.03 -6.83
C GLU T 140 -66.58 -45.57 -7.10
N VAL T 141 -66.85 -45.08 -8.31
CA VAL T 141 -66.52 -43.71 -8.67
C VAL T 141 -67.79 -42.88 -8.82
N GLY T 142 -68.20 -42.26 -7.72
CA GLY T 142 -69.11 -41.13 -7.74
C GLY T 142 -70.54 -41.25 -8.26
N TRP T 143 -70.95 -42.38 -8.84
CA TRP T 143 -72.33 -42.55 -9.26
C TRP T 143 -73.08 -43.14 -8.08
N LYS T 144 -73.92 -42.32 -7.46
CA LYS T 144 -74.55 -42.64 -6.19
C LYS T 144 -75.90 -43.34 -6.35
N TYR T 145 -76.18 -43.90 -7.52
CA TYR T 145 -77.52 -44.40 -7.80
C TYR T 145 -77.55 -45.89 -8.08
N GLN T 146 -76.70 -46.70 -7.46
CA GLN T 146 -76.81 -48.13 -7.68
C GLN T 146 -78.01 -48.71 -6.94
N ALA T 147 -78.24 -48.23 -5.70
CA ALA T 147 -79.25 -48.84 -4.83
C ALA T 147 -80.65 -48.56 -5.32
N VAL T 148 -80.83 -47.51 -6.12
CA VAL T 148 -82.13 -47.27 -6.74
C VAL T 148 -82.30 -48.14 -7.97
N THR T 149 -81.23 -48.25 -8.77
CA THR T 149 -81.32 -48.96 -10.04
C THR T 149 -81.46 -50.45 -9.83
N ALA T 150 -80.82 -50.98 -8.79
CA ALA T 150 -80.97 -52.40 -8.45
C ALA T 150 -82.40 -52.72 -8.07
N THR T 151 -83.04 -51.85 -7.27
CA THR T 151 -84.41 -52.07 -6.85
C THR T 151 -85.37 -52.01 -8.04
N LEU T 152 -85.17 -51.02 -8.92
CA LEU T 152 -86.04 -50.90 -10.09
C LEU T 152 -85.84 -52.07 -11.05
N GLU T 153 -84.62 -52.59 -11.13
CA GLU T 153 -84.37 -53.71 -12.02
C GLU T 153 -84.99 -54.99 -11.47
N GLU T 154 -84.96 -55.18 -10.14
CA GLU T 154 -85.66 -56.31 -9.54
C GLU T 154 -87.16 -56.22 -9.78
N LYS T 155 -87.70 -55.00 -9.67
CA LYS T 155 -89.13 -54.78 -9.92
C LYS T 155 -89.51 -55.12 -11.35
N ARG T 156 -88.71 -54.66 -12.33
CA ARG T 156 -89.10 -54.88 -13.71
C ARG T 156 -88.86 -56.33 -14.15
N LYS T 157 -87.87 -57.00 -13.55
CA LYS T 157 -87.71 -58.42 -13.84
C LYS T 157 -88.86 -59.22 -13.27
N GLU T 158 -89.39 -58.79 -12.13
CA GLU T 158 -90.58 -59.41 -11.56
C GLU T 158 -91.79 -59.21 -12.47
N LYS T 159 -91.91 -58.05 -13.10
CA LYS T 159 -93.02 -57.83 -14.02
C LYS T 159 -92.85 -58.60 -15.33
N ALA T 160 -91.61 -58.75 -15.79
CA ALA T 160 -91.37 -59.52 -17.01
C ALA T 160 -91.64 -61.00 -16.79
N LYS T 161 -91.38 -61.49 -15.58
CA LYS T 161 -91.73 -62.87 -15.27
C LYS T 161 -93.23 -63.09 -15.24
N ILE T 162 -94.02 -62.05 -14.97
CA ILE T 162 -95.46 -62.25 -14.97
C ILE T 162 -96.00 -62.10 -16.38
N HIS T 163 -95.25 -61.44 -17.27
CA HIS T 163 -95.68 -61.38 -18.67
C HIS T 163 -95.34 -62.66 -19.43
N TYR T 164 -94.19 -63.26 -19.12
CA TYR T 164 -93.72 -64.39 -19.90
C TYR T 164 -94.58 -65.63 -19.69
N ARG T 165 -95.13 -65.80 -18.48
CA ARG T 165 -96.01 -66.93 -18.22
C ARG T 165 -97.30 -66.81 -19.03
N LYS T 166 -97.79 -65.59 -19.19
CA LYS T 166 -98.98 -65.35 -20.00
C LYS T 166 -98.71 -65.65 -21.47
N LYS T 167 -97.54 -65.24 -21.97
CA LYS T 167 -97.22 -65.49 -23.37
C LYS T 167 -97.02 -66.98 -23.63
N LYS T 168 -96.43 -67.69 -22.67
CA LYS T 168 -96.23 -69.12 -22.82
C LYS T 168 -97.56 -69.87 -22.72
N GLN T 169 -98.51 -69.30 -21.96
CA GLN T 169 -99.86 -69.84 -21.92
C GLN T 169 -100.54 -69.75 -23.28
N LEU T 170 -100.40 -68.59 -23.93
CA LEU T 170 -100.97 -68.44 -25.28
C LEU T 170 -100.33 -69.39 -26.27
N MET T 171 -99.03 -69.64 -26.15
CA MET T 171 -98.38 -70.54 -27.09
C MET T 171 -98.77 -72.00 -26.84
N ARG T 172 -98.99 -72.37 -25.57
CA ARG T 172 -99.54 -73.68 -25.26
C ARG T 172 -100.92 -73.86 -25.87
N LEU T 173 -101.76 -72.80 -25.81
CA LEU T 173 -103.08 -72.90 -26.42
C LEU T 173 -103.01 -73.03 -27.92
N ARG T 174 -102.07 -72.34 -28.57
CA ARG T 174 -102.04 -72.43 -30.03
C ARG T 174 -101.43 -73.74 -30.50
N LYS T 175 -100.57 -74.36 -29.69
CA LYS T 175 -100.07 -75.66 -30.11
C LYS T 175 -101.04 -76.78 -29.77
N GLN T 176 -101.91 -76.56 -28.78
CA GLN T 176 -103.07 -77.43 -28.62
C GLN T 176 -104.00 -77.32 -29.83
N ALA T 177 -104.17 -76.09 -30.33
CA ALA T 177 -104.99 -75.88 -31.51
C ALA T 177 -104.38 -76.52 -32.76
N GLU T 178 -103.06 -76.41 -32.93
CA GLU T 178 -102.43 -77.08 -34.07
C GLU T 178 -102.33 -78.59 -33.86
N LYS T 179 -102.49 -79.05 -32.63
CA LYS T 179 -102.64 -80.49 -32.42
C LYS T 179 -104.04 -80.94 -32.83
N ASN T 180 -104.99 -80.01 -32.81
CA ASN T 180 -106.29 -80.31 -33.41
C ASN T 180 -106.17 -80.22 -34.94
N VAL T 181 -107.25 -80.51 -35.68
CA VAL T 181 -107.15 -81.01 -37.05
C VAL T 181 -107.64 -79.92 -38.00
N GLU T 182 -107.62 -80.23 -39.31
CA GLU T 182 -108.21 -79.52 -40.45
C GLU T 182 -107.41 -78.31 -40.86
N LYS T 183 -106.15 -78.27 -40.45
CA LYS T 183 -105.21 -77.32 -41.03
C LYS T 183 -104.38 -78.00 -42.11
N LYS T 184 -104.61 -79.30 -42.31
CA LYS T 184 -103.69 -80.12 -43.10
C LYS T 184 -103.97 -80.05 -44.59
N ILE T 185 -105.00 -79.31 -45.00
CA ILE T 185 -105.19 -79.06 -46.43
C ILE T 185 -104.06 -78.20 -46.94
N ASP T 186 -103.64 -77.23 -46.14
CA ASP T 186 -102.64 -76.27 -46.55
C ASP T 186 -101.22 -76.74 -46.25
N LYS T 187 -101.07 -77.65 -45.30
CA LYS T 187 -99.74 -77.93 -44.78
C LYS T 187 -98.90 -78.78 -45.72
N TYR T 188 -99.53 -79.49 -46.66
CA TYR T 188 -98.73 -80.21 -47.65
C TYR T 188 -98.02 -79.24 -48.59
N THR T 189 -98.76 -78.26 -49.10
CA THR T 189 -98.16 -77.16 -49.87
C THR T 189 -97.14 -76.41 -49.03
N GLU T 190 -97.41 -76.26 -47.73
CA GLU T 190 -96.53 -75.50 -46.87
C GLU T 190 -95.21 -76.23 -46.62
N VAL T 191 -95.26 -77.55 -46.46
CA VAL T 191 -94.03 -78.32 -46.23
C VAL T 191 -93.25 -78.47 -47.54
N LEU T 192 -93.96 -78.59 -48.67
CA LEU T 192 -93.29 -78.54 -49.97
C LEU T 192 -92.57 -77.23 -50.19
N LYS T 193 -93.16 -76.14 -49.75
CA LYS T 193 -92.56 -74.83 -49.90
C LYS T 193 -92.14 -74.21 -48.58
N THR T 194 -91.49 -74.99 -47.70
CA THR T 194 -90.87 -74.52 -46.45
C THR T 194 -91.87 -73.98 -45.44
N HIS T 195 -92.56 -74.88 -44.78
CA HIS T 195 -93.17 -74.60 -43.50
C HIS T 195 -92.22 -73.90 -42.54
N VAL U 1 -85.01 19.12 -51.14
CA VAL U 1 -84.36 18.01 -50.47
C VAL U 1 -85.21 16.75 -50.56
N ARG U 2 -84.55 15.59 -50.60
CA ARG U 2 -85.25 14.33 -50.69
C ARG U 2 -85.30 13.64 -49.35
N TYR U 3 -85.88 12.45 -49.34
CA TYR U 3 -86.03 11.64 -48.15
C TYR U 3 -85.79 10.18 -48.49
N SER U 4 -85.13 9.48 -47.57
CA SER U 4 -85.14 8.04 -47.64
C SER U 4 -86.55 7.54 -47.37
N LEU U 5 -86.88 6.39 -47.99
CA LEU U 5 -88.20 5.77 -47.90
C LEU U 5 -89.29 6.71 -48.37
N ASP U 6 -89.35 6.94 -49.68
CA ASP U 6 -90.53 7.52 -50.31
C ASP U 6 -91.78 6.77 -49.84
N PRO U 7 -92.69 7.46 -49.14
CA PRO U 7 -93.77 6.76 -48.44
C PRO U 7 -94.80 6.18 -49.38
N GLU U 8 -95.80 5.52 -48.78
CA GLU U 8 -96.73 4.72 -49.56
C GLU U 8 -97.69 5.61 -50.36
N ASN U 9 -98.17 6.68 -49.74
CA ASN U 9 -98.87 7.73 -50.45
C ASN U 9 -98.63 9.07 -49.74
N PRO U 10 -98.25 10.12 -50.47
CA PRO U 10 -97.99 11.39 -49.80
C PRO U 10 -99.25 12.15 -49.42
N THR U 11 -100.42 11.64 -49.82
CA THR U 11 -101.67 12.27 -49.44
C THR U 11 -101.92 12.14 -47.95
N LYS U 12 -101.77 10.93 -47.40
CA LYS U 12 -102.01 10.73 -45.98
C LYS U 12 -100.76 10.97 -45.15
N SER U 13 -99.64 11.30 -45.81
CA SER U 13 -98.38 11.41 -45.10
C SER U 13 -97.97 12.86 -44.91
N CYS U 14 -97.36 13.13 -43.76
CA CYS U 14 -96.71 14.40 -43.51
C CYS U 14 -95.26 14.11 -43.16
N LYS U 15 -94.44 15.15 -43.09
CA LYS U 15 -93.01 14.91 -42.95
C LYS U 15 -92.35 16.07 -42.23
N SER U 16 -91.14 15.82 -41.73
CA SER U 16 -90.39 16.84 -41.03
C SER U 16 -88.90 16.56 -41.12
N ARG U 17 -88.13 17.63 -40.94
CA ARG U 17 -86.70 17.64 -41.19
C ARG U 17 -86.02 18.51 -40.13
N GLY U 18 -84.81 18.13 -39.75
CA GLY U 18 -83.96 18.95 -38.93
C GLY U 18 -82.53 18.93 -39.45
N SER U 19 -81.94 20.10 -39.63
CA SER U 19 -80.64 20.23 -40.28
C SER U 19 -79.66 20.90 -39.34
N ASN U 20 -78.56 20.20 -39.02
CA ASN U 20 -77.43 20.71 -38.23
C ASN U 20 -77.85 21.19 -36.84
N LEU U 21 -78.42 20.29 -36.06
CA LEU U 21 -78.79 20.71 -34.72
C LEU U 21 -77.91 20.02 -33.68
N ARG U 22 -77.45 20.81 -32.72
CA ARG U 22 -76.37 20.42 -31.81
C ARG U 22 -76.89 19.42 -30.79
N VAL U 23 -76.75 18.15 -31.11
CA VAL U 23 -77.07 17.06 -30.19
C VAL U 23 -75.96 16.05 -30.29
N HIS U 24 -76.13 14.93 -29.63
CA HIS U 24 -75.25 13.82 -29.90
C HIS U 24 -75.91 12.82 -30.83
N PHE U 25 -75.13 12.40 -31.83
CA PHE U 25 -75.61 11.43 -32.81
C PHE U 25 -76.01 10.12 -32.17
N LYS U 26 -75.23 9.65 -31.19
CA LYS U 26 -75.49 8.35 -30.62
C LYS U 26 -76.71 8.37 -29.72
N ASN U 27 -76.87 9.44 -28.94
CA ASN U 27 -78.07 9.57 -28.12
C ASN U 27 -79.32 9.73 -28.98
N THR U 28 -79.21 10.46 -30.08
CA THR U 28 -80.40 10.62 -30.92
C THR U 28 -80.74 9.34 -31.66
N ARG U 29 -79.74 8.53 -32.02
CA ARG U 29 -80.06 7.27 -32.67
C ARG U 29 -80.72 6.32 -31.69
N GLU U 30 -80.23 6.27 -30.46
CA GLU U 30 -80.81 5.34 -29.50
C GLU U 30 -82.18 5.80 -29.03
N THR U 31 -82.47 7.10 -29.09
CA THR U 31 -83.83 7.51 -28.74
C THR U 31 -84.76 7.41 -29.95
N ALA U 32 -84.22 7.47 -31.17
CA ALA U 32 -85.05 7.30 -32.35
C ALA U 32 -85.50 5.85 -32.49
N GLN U 33 -84.64 4.92 -32.12
CA GLN U 33 -85.07 3.51 -32.10
C GLN U 33 -86.10 3.25 -31.01
N ALA U 34 -86.08 4.07 -29.95
CA ALA U 34 -87.13 3.95 -28.95
C ALA U 34 -88.45 4.46 -29.47
N ILE U 35 -88.42 5.57 -30.21
CA ILE U 35 -89.67 6.18 -30.67
C ILE U 35 -90.30 5.38 -31.80
N LYS U 36 -89.48 4.84 -32.70
CA LYS U 36 -89.92 4.47 -34.06
C LYS U 36 -90.98 3.38 -34.08
N GLY U 37 -92.12 3.71 -34.67
CA GLY U 37 -93.24 2.80 -34.78
C GLY U 37 -94.31 2.98 -33.73
N MET U 38 -94.24 4.02 -32.92
CA MET U 38 -95.19 4.22 -31.84
C MET U 38 -96.16 5.32 -32.26
N HIS U 39 -97.36 5.29 -31.67
CA HIS U 39 -98.34 6.33 -31.90
C HIS U 39 -97.87 7.66 -31.30
N ILE U 40 -98.37 8.77 -31.85
CA ILE U 40 -97.75 10.08 -31.59
C ILE U 40 -98.11 10.58 -30.20
N ARG U 41 -99.29 10.24 -29.68
CA ARG U 41 -99.63 10.70 -28.34
C ARG U 41 -98.83 9.94 -27.28
N LYS U 42 -98.63 8.63 -27.50
CA LYS U 42 -97.73 7.87 -26.65
C LYS U 42 -96.31 8.41 -26.74
N ALA U 43 -95.89 8.82 -27.93
CA ALA U 43 -94.53 9.32 -28.09
C ALA U 43 -94.36 10.66 -27.38
N THR U 44 -95.39 11.49 -27.41
CA THR U 44 -95.31 12.79 -26.73
C THR U 44 -95.32 12.61 -25.22
N LYS U 45 -96.17 11.73 -24.70
CA LYS U 45 -96.16 11.39 -23.28
C LYS U 45 -94.83 10.78 -22.87
N TYR U 46 -94.25 9.98 -23.75
CA TYR U 46 -92.98 9.32 -23.48
C TYR U 46 -91.84 10.32 -23.40
N LEU U 47 -91.79 11.28 -24.33
CA LEU U 47 -90.69 12.24 -24.30
C LEU U 47 -90.93 13.36 -23.31
N LYS U 48 -92.15 13.47 -22.78
CA LYS U 48 -92.31 14.31 -21.59
C LYS U 48 -91.87 13.56 -20.35
N ASP U 49 -91.95 12.23 -20.37
CA ASP U 49 -91.55 11.48 -19.18
C ASP U 49 -90.05 11.18 -19.17
N VAL U 50 -89.41 11.25 -20.34
CA VAL U 50 -87.96 11.08 -20.40
C VAL U 50 -87.27 12.23 -19.69
N THR U 51 -87.69 13.46 -19.97
CA THR U 51 -87.05 14.63 -19.37
C THR U 51 -87.34 14.75 -17.88
N LEU U 52 -88.35 14.03 -17.37
CA LEU U 52 -88.55 13.97 -15.94
C LEU U 52 -88.09 12.65 -15.34
N GLN U 53 -87.50 11.76 -16.16
CA GLN U 53 -86.82 10.54 -15.75
C GLN U 53 -87.75 9.53 -15.10
N LYS U 54 -89.05 9.59 -15.39
CA LYS U 54 -89.94 8.56 -14.88
C LYS U 54 -89.87 7.31 -15.74
N GLN U 55 -89.46 7.44 -16.99
CA GLN U 55 -89.39 6.32 -17.91
C GLN U 55 -88.18 6.52 -18.80
N CYS U 56 -87.42 5.46 -19.04
CA CYS U 56 -86.11 5.62 -19.64
C CYS U 56 -86.13 5.29 -21.14
N VAL U 57 -84.96 5.40 -21.73
CA VAL U 57 -84.71 5.07 -23.14
C VAL U 57 -83.63 3.99 -23.17
N PRO U 58 -83.86 2.85 -23.80
CA PRO U 58 -82.83 1.82 -23.82
C PRO U 58 -81.72 2.19 -24.78
N PHE U 59 -80.50 1.78 -24.45
CA PHE U 59 -79.39 1.84 -25.39
C PHE U 59 -79.16 0.43 -25.91
N ARG U 60 -79.11 0.29 -27.22
CA ARG U 60 -78.94 -1.03 -27.80
C ARG U 60 -77.63 -1.17 -28.54
N ARG U 61 -77.35 -0.30 -29.50
CA ARG U 61 -76.12 -0.43 -30.28
C ARG U 61 -74.93 0.18 -29.53
N TYR U 62 -75.00 1.47 -29.24
CA TYR U 62 -73.88 2.18 -28.63
C TYR U 62 -73.89 1.98 -27.12
N ASN U 63 -73.68 0.73 -26.72
CA ASN U 63 -73.88 0.27 -25.37
C ASN U 63 -72.59 0.28 -24.55
N GLY U 64 -71.57 0.97 -25.02
CA GLY U 64 -70.27 0.89 -24.36
C GLY U 64 -70.24 1.74 -23.11
N GLY U 65 -70.03 1.09 -21.97
CA GLY U 65 -69.83 1.81 -20.72
C GLY U 65 -71.06 2.53 -20.20
N VAL U 66 -72.25 2.11 -20.61
CA VAL U 66 -73.49 2.71 -20.18
C VAL U 66 -74.06 1.89 -19.03
N GLY U 67 -74.24 2.54 -17.89
CA GLY U 67 -74.71 1.86 -16.70
C GLY U 67 -76.15 1.40 -16.81
N ARG U 68 -76.57 0.64 -15.80
CA ARG U 68 -77.85 -0.01 -15.78
C ARG U 68 -78.90 0.92 -15.19
N CYS U 69 -80.17 0.59 -15.43
CA CYS U 69 -81.27 1.23 -14.72
C CYS U 69 -82.39 0.21 -14.54
N ALA U 70 -83.23 0.48 -13.55
CA ALA U 70 -84.34 -0.42 -13.30
C ALA U 70 -85.42 -0.28 -14.37
N GLN U 71 -85.49 0.87 -15.03
CA GLN U 71 -86.62 1.16 -15.91
C GLN U 71 -86.44 0.52 -17.28
N ALA U 72 -85.31 -0.13 -17.51
CA ALA U 72 -85.04 -0.66 -18.85
C ALA U 72 -85.79 -1.96 -19.13
N LYS U 73 -86.46 -2.54 -18.13
CA LYS U 73 -87.05 -3.86 -18.34
C LYS U 73 -88.38 -3.78 -19.09
N GLN U 74 -88.89 -2.56 -19.32
CA GLN U 74 -89.99 -2.42 -20.28
C GLN U 74 -89.55 -2.78 -21.68
N TRP U 75 -88.29 -2.54 -22.00
CA TRP U 75 -87.83 -2.79 -23.36
C TRP U 75 -87.11 -4.11 -23.52
N GLY U 76 -87.13 -4.97 -22.51
CA GLY U 76 -86.44 -6.24 -22.58
C GLY U 76 -84.94 -6.13 -22.66
N TRP U 77 -84.36 -5.06 -22.16
CA TRP U 77 -82.95 -4.78 -22.25
C TRP U 77 -82.48 -4.33 -20.87
N THR U 78 -81.17 -4.32 -20.65
CA THR U 78 -80.68 -4.11 -19.29
C THR U 78 -80.00 -2.76 -19.12
N GLN U 79 -79.84 -2.01 -20.20
CA GLN U 79 -79.08 -0.77 -20.11
C GLN U 79 -79.93 0.43 -20.54
N GLY U 80 -79.91 1.46 -19.72
CA GLY U 80 -80.75 2.61 -19.97
C GLY U 80 -80.09 3.90 -19.52
N ARG U 81 -80.60 5.00 -20.06
CA ARG U 81 -80.06 6.32 -19.82
C ARG U 81 -81.15 7.30 -20.19
N TRP U 82 -81.09 8.52 -19.66
CA TRP U 82 -82.14 9.52 -19.82
C TRP U 82 -81.61 10.75 -20.54
N PRO U 83 -81.55 10.74 -21.87
CA PRO U 83 -81.07 11.92 -22.59
C PRO U 83 -82.07 13.07 -22.56
N LYS U 84 -81.70 14.19 -21.94
CA LYS U 84 -82.60 15.34 -21.89
C LYS U 84 -82.64 16.04 -23.24
N LYS U 85 -81.47 16.38 -23.78
CA LYS U 85 -81.39 17.33 -24.88
C LYS U 85 -81.86 16.72 -26.18
N SER U 86 -81.54 15.44 -26.41
CA SER U 86 -82.07 14.74 -27.57
C SER U 86 -83.59 14.64 -27.52
N ALA U 87 -84.13 14.39 -26.32
CA ALA U 87 -85.57 14.31 -26.19
C ALA U 87 -86.22 15.67 -26.41
N GLU U 88 -85.54 16.74 -26.04
CA GLU U 88 -86.09 18.08 -26.26
C GLU U 88 -86.12 18.43 -27.74
N PHE U 89 -85.03 18.15 -28.45
CA PHE U 89 -85.01 18.45 -29.89
C PHE U 89 -85.98 17.56 -30.66
N LEU U 90 -86.13 16.30 -30.27
CA LEU U 90 -87.08 15.45 -30.98
C LEU U 90 -88.52 15.79 -30.63
N LEU U 91 -88.75 16.32 -29.44
CA LEU U 91 -90.06 16.87 -29.11
C LEU U 91 -90.37 18.08 -29.99
N HIS U 92 -89.37 18.93 -30.23
CA HIS U 92 -89.60 20.09 -31.08
C HIS U 92 -89.86 19.69 -32.53
N MET U 93 -89.18 18.62 -32.98
CA MET U 93 -89.43 18.13 -34.33
C MET U 93 -90.81 17.48 -34.44
N LEU U 94 -91.27 16.83 -33.38
CA LEU U 94 -92.64 16.30 -33.40
C LEU U 94 -93.67 17.40 -33.39
N LYS U 95 -93.37 18.53 -32.75
CA LYS U 95 -94.30 19.66 -32.80
C LYS U 95 -94.33 20.27 -34.19
N ASN U 96 -93.18 20.30 -34.87
CA ASN U 96 -93.18 20.78 -36.25
C ASN U 96 -93.94 19.82 -37.16
N ALA U 97 -93.83 18.52 -36.92
CA ALA U 97 -94.60 17.55 -37.71
C ALA U 97 -96.09 17.68 -37.45
N GLU U 98 -96.46 17.97 -36.20
CA GLU U 98 -97.85 18.26 -35.86
C GLU U 98 -98.36 19.49 -36.60
N SER U 99 -97.53 20.53 -36.70
CA SER U 99 -97.96 21.73 -37.40
C SER U 99 -98.05 21.51 -38.90
N ASN U 100 -97.23 20.61 -39.45
CA ASN U 100 -97.36 20.34 -40.88
C ASN U 100 -98.57 19.47 -41.17
N ALA U 101 -98.94 18.59 -40.23
CA ALA U 101 -100.22 17.90 -40.35
C ALA U 101 -101.39 18.87 -40.25
N GLU U 102 -101.22 19.92 -39.44
CA GLU U 102 -102.24 20.96 -39.35
C GLU U 102 -102.37 21.74 -40.65
N LEU U 103 -101.23 22.04 -41.30
CA LEU U 103 -101.28 22.77 -42.57
C LEU U 103 -101.87 21.94 -43.69
N LYS U 104 -101.50 20.65 -43.77
CA LYS U 104 -102.07 19.83 -44.84
C LYS U 104 -103.50 19.41 -44.51
N GLY U 105 -103.92 19.56 -43.25
CA GLY U 105 -105.33 19.39 -42.92
C GLY U 105 -105.73 17.93 -42.81
N LEU U 106 -105.12 17.23 -41.87
CA LEU U 106 -105.34 15.80 -41.70
C LEU U 106 -106.01 15.49 -40.37
N ASP U 107 -106.21 14.20 -40.14
CA ASP U 107 -106.72 13.71 -38.87
C ASP U 107 -105.59 13.75 -37.85
N VAL U 108 -105.62 14.75 -36.96
CA VAL U 108 -104.48 15.02 -36.09
C VAL U 108 -104.32 13.98 -35.00
N ASP U 109 -105.35 13.17 -34.76
CA ASP U 109 -105.29 12.20 -33.68
C ASP U 109 -104.50 10.96 -34.07
N SER U 110 -104.81 10.38 -35.22
CA SER U 110 -104.38 9.03 -35.52
C SER U 110 -103.09 8.95 -36.33
N LEU U 111 -102.14 9.85 -36.09
CA LEU U 111 -100.85 9.71 -36.75
C LEU U 111 -100.00 8.68 -36.02
N VAL U 112 -99.20 7.94 -36.78
CA VAL U 112 -98.10 7.17 -36.23
C VAL U 112 -96.85 7.57 -36.97
N ILE U 113 -95.71 7.24 -36.41
CA ILE U 113 -94.42 7.52 -37.03
C ILE U 113 -94.03 6.27 -37.81
N GLU U 114 -94.27 6.32 -39.12
CA GLU U 114 -93.92 5.20 -39.97
C GLU U 114 -92.42 5.11 -40.15
N HIS U 115 -91.76 6.24 -40.34
CA HIS U 115 -90.33 6.23 -40.63
C HIS U 115 -89.64 7.33 -39.85
N ILE U 116 -88.47 7.04 -39.31
CA ILE U 116 -87.63 8.05 -38.69
C ILE U 116 -86.20 7.69 -39.06
N GLN U 117 -85.31 8.69 -39.03
CA GLN U 117 -83.95 8.52 -39.50
C GLN U 117 -83.09 9.60 -38.88
N VAL U 118 -81.88 9.24 -38.48
CA VAL U 118 -80.92 10.19 -37.97
C VAL U 118 -79.54 9.82 -38.52
N ASN U 119 -78.83 10.80 -39.06
CA ASN U 119 -77.53 10.52 -39.67
C ASN U 119 -76.59 11.68 -39.40
N LYS U 120 -75.30 11.42 -39.51
CA LYS U 120 -74.31 12.37 -39.02
C LYS U 120 -74.20 13.57 -39.94
N ALA U 121 -73.59 14.65 -39.43
CA ALA U 121 -73.58 15.96 -40.06
C ALA U 121 -72.14 16.49 -40.07
N PRO U 122 -71.79 17.52 -40.86
CA PRO U 122 -70.41 18.00 -40.82
C PRO U 122 -70.07 18.65 -39.49
N LYS U 123 -69.12 18.06 -38.80
CA LYS U 123 -68.86 18.35 -37.40
C LYS U 123 -67.93 19.55 -37.26
N MET U 124 -67.96 20.18 -36.09
CA MET U 124 -67.19 21.38 -35.85
C MET U 124 -66.09 21.09 -34.83
N ARG U 125 -64.94 21.76 -35.01
CA ARG U 125 -63.71 21.43 -34.32
C ARG U 125 -63.30 22.53 -33.35
N ARG U 126 -63.16 22.17 -32.08
CA ARG U 126 -62.46 22.97 -31.08
C ARG U 126 -61.18 22.24 -30.73
N ARG U 127 -60.46 22.72 -29.72
CA ARG U 127 -59.22 22.07 -29.35
C ARG U 127 -59.02 22.13 -27.84
N THR U 128 -58.26 21.16 -27.33
CA THR U 128 -57.88 21.12 -25.92
C THR U 128 -56.39 21.23 -25.78
N TYR U 129 -55.92 20.99 -24.56
CA TYR U 129 -54.51 21.08 -24.25
C TYR U 129 -54.11 19.88 -23.42
N ARG U 130 -53.41 18.95 -24.05
CA ARG U 130 -52.97 17.75 -23.38
C ARG U 130 -51.49 17.90 -23.10
N ALA U 131 -50.97 16.98 -22.28
CA ALA U 131 -49.68 17.13 -21.63
C ALA U 131 -48.53 17.14 -22.63
N HIS U 132 -47.37 17.57 -22.13
CA HIS U 132 -46.16 17.81 -22.91
C HIS U 132 -46.42 18.81 -24.03
N GLY U 133 -47.29 19.78 -23.76
CA GLY U 133 -47.61 20.83 -24.70
C GLY U 133 -48.24 20.38 -26.00
N ARG U 134 -49.09 19.37 -25.98
CA ARG U 134 -49.68 18.87 -27.20
C ARG U 134 -51.10 19.39 -27.37
N ILE U 135 -51.53 19.47 -28.62
CA ILE U 135 -52.89 19.86 -28.98
C ILE U 135 -53.62 18.61 -29.43
N ASN U 136 -54.84 18.44 -28.94
CA ASN U 136 -55.69 17.42 -29.54
C ASN U 136 -57.04 18.02 -29.85
N PRO U 137 -57.61 17.67 -31.00
CA PRO U 137 -58.89 18.24 -31.39
C PRO U 137 -60.03 17.75 -30.51
N TYR U 138 -61.11 18.49 -30.54
CA TYR U 138 -62.22 18.33 -29.63
C TYR U 138 -63.45 18.61 -30.48
N MET U 139 -64.01 17.57 -31.08
CA MET U 139 -64.96 17.81 -32.14
C MET U 139 -66.35 17.36 -31.73
N SER U 140 -67.35 18.07 -32.22
CA SER U 140 -68.74 17.68 -31.99
C SER U 140 -69.13 16.57 -32.94
N SER U 141 -70.42 16.23 -32.94
CA SER U 141 -70.98 15.31 -33.93
C SER U 141 -72.47 15.57 -34.04
N PRO U 142 -72.88 16.64 -34.74
CA PRO U 142 -74.30 16.90 -34.89
C PRO U 142 -74.91 15.98 -35.94
N CYS U 143 -76.23 16.03 -36.04
CA CYS U 143 -76.94 15.12 -36.91
C CYS U 143 -78.02 15.84 -37.71
N HIS U 144 -78.39 15.25 -38.83
CA HIS U 144 -79.61 15.57 -39.56
C HIS U 144 -80.66 14.54 -39.17
N ILE U 145 -81.91 14.96 -39.15
CA ILE U 145 -83.01 14.14 -38.67
C ILE U 145 -84.15 14.21 -39.68
N GLU U 146 -84.60 13.06 -40.15
CA GLU U 146 -85.78 13.01 -40.99
C GLU U 146 -86.86 12.23 -40.26
N MET U 147 -88.12 12.60 -40.47
CA MET U 147 -89.21 11.74 -40.03
C MET U 147 -90.37 11.86 -40.99
N ILE U 148 -90.99 10.72 -41.27
CA ILE U 148 -92.12 10.60 -42.18
C ILE U 148 -93.25 9.96 -41.39
N LEU U 149 -94.36 10.67 -41.25
CA LEU U 149 -95.49 10.23 -40.45
C LEU U 149 -96.68 9.95 -41.35
N THR U 150 -97.48 8.96 -40.96
CA THR U 150 -98.56 8.43 -41.78
C THR U 150 -99.79 8.25 -40.90
N GLU U 151 -100.98 8.42 -41.47
CA GLU U 151 -102.20 8.19 -40.73
C GLU U 151 -102.47 6.70 -40.52
N LYS U 152 -102.90 6.35 -39.32
CA LYS U 152 -103.33 5.00 -39.03
C LYS U 152 -104.76 4.79 -39.52
N GLU U 153 -105.04 3.58 -40.02
CA GLU U 153 -106.41 3.19 -40.31
C GLU U 153 -106.71 1.83 -39.70
N GLY V 1 -43.71 -37.67 -64.64
CA GLY V 1 -42.58 -37.14 -65.38
C GLY V 1 -42.22 -38.01 -66.55
N VAL V 2 -41.63 -37.42 -67.57
CA VAL V 2 -41.35 -38.18 -68.79
C VAL V 2 -39.85 -38.26 -69.04
N ASP V 3 -39.24 -37.11 -69.32
CA ASP V 3 -37.87 -37.12 -69.83
C ASP V 3 -36.91 -36.48 -68.85
N ILE V 4 -35.99 -37.29 -68.31
CA ILE V 4 -34.90 -36.81 -67.48
C ILE V 4 -33.86 -36.15 -68.38
N ARG V 5 -33.96 -36.36 -69.69
CA ARG V 5 -33.26 -35.54 -70.66
C ARG V 5 -33.66 -34.07 -70.51
N HIS V 6 -32.69 -33.19 -70.70
CA HIS V 6 -32.90 -31.74 -70.63
C HIS V 6 -33.80 -31.28 -71.77
N ASN V 7 -34.23 -30.03 -71.68
CA ASN V 7 -35.02 -29.41 -72.73
C ASN V 7 -34.15 -28.44 -73.53
N LYS V 8 -33.90 -28.80 -74.79
CA LYS V 8 -33.08 -28.01 -75.69
C LYS V 8 -33.36 -28.47 -77.10
N ASP V 9 -34.63 -28.72 -77.37
CA ASP V 9 -35.09 -29.20 -78.66
C ASP V 9 -35.34 -28.02 -79.59
N ARG V 10 -35.97 -26.98 -79.05
CA ARG V 10 -36.26 -25.79 -79.85
C ARG V 10 -34.97 -25.24 -80.41
N LYS V 11 -34.78 -25.40 -81.72
CA LYS V 11 -33.59 -24.90 -82.38
C LYS V 11 -33.72 -23.40 -82.54
N VAL V 12 -32.59 -22.71 -82.52
CA VAL V 12 -32.59 -21.25 -82.66
C VAL V 12 -32.37 -20.81 -84.10
N ARG V 13 -33.16 -21.35 -85.01
CA ARG V 13 -33.07 -21.01 -86.42
C ARG V 13 -33.88 -19.76 -86.69
N ARG V 14 -33.74 -19.23 -87.90
CA ARG V 14 -34.49 -18.05 -88.32
C ARG V 14 -35.59 -18.51 -89.25
N LYS V 15 -36.83 -18.57 -88.77
CA LYS V 15 -37.91 -19.03 -89.63
C LYS V 15 -38.36 -17.95 -90.59
N GLU V 16 -38.87 -16.84 -90.09
CA GLU V 16 -39.24 -15.75 -90.96
C GLU V 16 -38.11 -14.72 -90.99
N PRO V 17 -37.85 -14.11 -92.15
CA PRO V 17 -36.82 -13.07 -92.22
C PRO V 17 -37.20 -11.85 -91.42
N LYS V 18 -36.30 -11.37 -90.57
CA LYS V 18 -36.63 -10.40 -89.55
C LYS V 18 -36.82 -9.02 -90.14
N SER V 19 -36.32 -8.83 -91.36
CA SER V 19 -36.55 -7.58 -92.07
C SER V 19 -38.01 -7.45 -92.47
N GLN V 20 -38.46 -6.22 -92.63
CA GLN V 20 -39.83 -5.93 -93.06
C GLN V 20 -39.91 -5.62 -94.54
N ASP V 21 -38.84 -5.85 -95.29
CA ASP V 21 -38.74 -5.35 -96.65
C ASP V 21 -39.62 -6.16 -97.59
N ILE V 22 -40.44 -5.46 -98.38
CA ILE V 22 -41.48 -6.09 -99.18
C ILE V 22 -40.88 -6.95 -100.29
N TYR V 23 -39.86 -6.44 -100.97
CA TYR V 23 -39.23 -7.18 -102.05
C TYR V 23 -38.54 -8.44 -101.54
N LEU V 24 -37.96 -8.35 -100.34
CA LEU V 24 -37.35 -9.53 -99.75
C LEU V 24 -38.40 -10.53 -99.32
N ARG V 25 -39.57 -10.05 -98.88
CA ARG V 25 -40.66 -10.99 -98.54
C ARG V 25 -41.19 -11.70 -99.77
N LEU V 26 -41.24 -11.01 -100.91
CA LEU V 26 -41.72 -11.65 -102.13
C LEU V 26 -40.72 -12.67 -102.63
N LEU V 27 -39.42 -12.38 -102.51
CA LEU V 27 -38.41 -13.37 -102.85
C LEU V 27 -38.47 -14.56 -101.91
N VAL V 28 -38.80 -14.33 -100.63
CA VAL V 28 -38.97 -15.41 -99.68
C VAL V 28 -40.15 -16.30 -100.07
N LYS V 29 -41.25 -15.68 -100.49
CA LYS V 29 -42.43 -16.44 -100.95
C LYS V 29 -42.09 -17.32 -102.15
N LEU V 30 -41.43 -16.73 -103.14
CA LEU V 30 -41.09 -17.48 -104.36
C LEU V 30 -40.12 -18.61 -104.08
N TYR V 31 -39.04 -18.33 -103.34
CA TYR V 31 -38.04 -19.38 -103.16
C TYR V 31 -38.46 -20.41 -102.12
N ARG V 32 -39.36 -20.05 -101.20
CA ARG V 32 -39.94 -21.08 -100.35
C ARG V 32 -40.82 -22.02 -101.17
N PHE V 33 -41.57 -21.46 -102.12
CA PHE V 33 -42.35 -22.29 -103.04
C PHE V 33 -41.44 -23.22 -103.83
N LEU V 34 -40.33 -22.71 -104.32
CA LEU V 34 -39.44 -23.56 -105.12
C LEU V 34 -38.76 -24.62 -104.27
N ALA V 35 -38.44 -24.29 -103.01
CA ALA V 35 -37.74 -25.23 -102.16
C ALA V 35 -38.68 -26.32 -101.65
N ARG V 36 -39.99 -26.08 -101.70
CA ARG V 36 -40.89 -27.17 -101.34
C ARG V 36 -41.62 -27.76 -102.54
N ARG V 37 -41.33 -27.30 -103.76
CA ARG V 37 -41.97 -27.93 -104.91
C ARG V 37 -40.99 -28.45 -105.95
N THR V 38 -39.69 -28.27 -105.74
CA THR V 38 -38.72 -28.71 -106.74
C THR V 38 -37.79 -29.81 -106.26
N ASN V 39 -37.54 -29.88 -104.96
CA ASN V 39 -36.59 -30.81 -104.33
C ASN V 39 -35.19 -30.70 -104.93
N SER V 40 -34.70 -29.47 -105.01
CA SER V 40 -33.32 -29.20 -105.33
C SER V 40 -32.69 -28.45 -104.17
N THR V 41 -31.53 -28.93 -103.71
CA THR V 41 -30.93 -28.39 -102.50
C THR V 41 -30.38 -26.98 -102.72
N PHE V 42 -30.15 -26.62 -103.99
CA PHE V 42 -29.80 -25.24 -104.33
C PHE V 42 -30.89 -24.28 -103.89
N ASN V 43 -32.15 -24.67 -104.03
CA ASN V 43 -33.23 -23.81 -103.57
C ASN V 43 -33.27 -23.72 -102.05
N GLN V 44 -32.92 -24.80 -101.36
CA GLN V 44 -32.82 -24.78 -99.90
C GLN V 44 -31.77 -23.79 -99.43
N VAL V 45 -30.62 -23.78 -100.09
CA VAL V 45 -29.53 -22.91 -99.65
C VAL V 45 -29.83 -21.46 -99.99
N VAL V 46 -30.44 -21.21 -101.16
CA VAL V 46 -30.82 -19.84 -101.52
C VAL V 46 -31.90 -19.31 -100.58
N LEU V 47 -32.82 -20.19 -100.16
CA LEU V 47 -33.86 -19.77 -99.22
C LEU V 47 -33.29 -19.44 -97.85
N LYS V 48 -32.33 -20.24 -97.38
CA LYS V 48 -31.73 -19.93 -96.08
C LYS V 48 -30.88 -18.68 -96.13
N ARG V 49 -30.21 -18.44 -97.26
CA ARG V 49 -29.40 -17.23 -97.35
C ARG V 49 -30.26 -16.00 -97.61
N LEU V 50 -31.50 -16.19 -98.05
CA LEU V 50 -32.42 -15.06 -98.08
C LEU V 50 -32.97 -14.76 -96.70
N PHE V 51 -33.19 -15.80 -95.89
CA PHE V 51 -33.56 -15.56 -94.49
C PHE V 51 -32.46 -14.85 -93.73
N MET V 52 -31.20 -15.15 -94.07
CA MET V 52 -30.06 -14.79 -93.24
C MET V 52 -29.87 -13.28 -93.17
N SER V 53 -29.21 -12.82 -92.12
CA SER V 53 -29.31 -11.43 -91.72
C SER V 53 -28.40 -10.51 -92.53
N ARG V 54 -28.31 -9.27 -92.06
CA ARG V 54 -27.54 -8.24 -92.74
C ARG V 54 -26.05 -8.52 -92.64
N THR V 55 -25.62 -9.10 -91.54
CA THR V 55 -24.20 -9.39 -91.35
C THR V 55 -23.76 -10.59 -92.17
N ASN V 56 -24.52 -11.68 -92.11
CA ASN V 56 -24.09 -12.91 -92.74
C ASN V 56 -24.52 -13.02 -94.20
N ARG V 57 -24.78 -11.89 -94.86
CA ARG V 57 -24.80 -11.81 -96.32
C ARG V 57 -23.73 -10.80 -96.72
N PRO V 58 -22.46 -11.12 -96.54
CA PRO V 58 -21.43 -10.11 -96.69
C PRO V 58 -21.17 -9.82 -98.16
N PRO V 59 -20.70 -8.63 -98.50
CA PRO V 59 -20.59 -8.27 -99.91
C PRO V 59 -19.44 -8.98 -100.60
N LEU V 60 -19.74 -9.58 -101.74
CA LEU V 60 -18.73 -10.16 -102.62
C LEU V 60 -17.96 -9.05 -103.30
N SER V 61 -16.68 -9.30 -103.55
CA SER V 61 -15.93 -8.38 -104.36
C SER V 61 -15.74 -8.95 -105.76
N LEU V 62 -15.64 -8.01 -106.72
CA LEU V 62 -15.65 -8.35 -108.13
C LEU V 62 -14.43 -9.19 -108.52
N SER V 63 -13.29 -8.96 -107.86
CA SER V 63 -12.09 -9.72 -108.20
C SER V 63 -12.18 -11.16 -107.71
N ARG V 64 -12.76 -11.38 -106.52
CA ARG V 64 -12.93 -12.74 -106.05
C ARG V 64 -13.98 -13.46 -106.89
N MET V 65 -14.99 -12.74 -107.33
CA MET V 65 -16.02 -13.36 -108.14
C MET V 65 -15.52 -13.61 -109.55
N ILE V 66 -14.45 -12.93 -109.95
CA ILE V 66 -13.73 -13.29 -111.17
C ILE V 66 -12.87 -14.54 -110.94
N ARG V 67 -12.14 -14.59 -109.82
CA ARG V 67 -11.20 -15.69 -109.59
C ARG V 67 -11.92 -17.01 -109.41
N LYS V 68 -13.12 -16.98 -108.83
CA LYS V 68 -13.84 -18.24 -108.64
C LYS V 68 -14.52 -18.70 -109.92
N MET V 69 -14.62 -17.81 -110.92
CA MET V 69 -15.11 -18.25 -112.23
C MET V 69 -13.99 -18.50 -113.22
N LYS V 70 -12.76 -18.14 -112.87
CA LYS V 70 -11.62 -18.51 -113.71
C LYS V 70 -11.15 -19.94 -113.44
N LEU V 71 -11.81 -20.63 -112.51
CA LEU V 71 -11.48 -22.00 -112.20
C LEU V 71 -11.87 -22.91 -113.35
N PRO V 72 -11.20 -24.06 -113.50
CA PRO V 72 -11.50 -24.95 -114.64
C PRO V 72 -12.89 -25.58 -114.55
N GLY V 73 -13.73 -25.23 -115.51
CA GLY V 73 -15.03 -25.85 -115.64
C GLY V 73 -16.22 -24.97 -115.34
N ARG V 74 -16.01 -23.67 -115.11
CA ARG V 74 -17.11 -22.80 -114.74
C ARG V 74 -17.33 -21.64 -115.70
N GLU V 75 -17.01 -21.80 -116.99
CA GLU V 75 -17.14 -20.66 -117.89
C GLU V 75 -18.60 -20.35 -118.19
N ASN V 76 -19.37 -21.34 -118.61
CA ASN V 76 -20.77 -21.11 -118.95
C ASN V 76 -21.66 -21.04 -117.73
N LYS V 77 -21.17 -21.45 -116.56
CA LYS V 77 -21.97 -21.48 -115.36
C LYS V 77 -22.16 -20.07 -114.81
N THR V 78 -23.39 -19.74 -114.47
CA THR V 78 -23.65 -18.42 -113.93
C THR V 78 -23.31 -18.37 -112.45
N ALA V 79 -22.52 -17.37 -112.09
CA ALA V 79 -22.13 -17.15 -110.71
C ALA V 79 -23.28 -16.48 -109.99
N VAL V 80 -23.86 -17.16 -109.01
CA VAL V 80 -24.99 -16.64 -108.26
C VAL V 80 -24.50 -16.24 -106.89
N VAL V 81 -24.81 -15.00 -106.50
CA VAL V 81 -24.42 -14.44 -105.21
C VAL V 81 -25.68 -14.05 -104.48
N VAL V 82 -25.88 -14.60 -103.29
CA VAL V 82 -26.79 -14.01 -102.33
C VAL V 82 -25.98 -12.98 -101.57
N GLY V 83 -26.47 -11.76 -101.54
CA GLY V 83 -25.72 -10.64 -101.02
C GLY V 83 -25.43 -9.68 -102.15
N THR V 84 -24.60 -8.68 -101.85
CA THR V 84 -24.36 -7.61 -102.80
C THR V 84 -22.97 -7.73 -103.40
N ILE V 85 -22.78 -7.03 -104.52
CA ILE V 85 -21.51 -7.03 -105.23
C ILE V 85 -20.93 -5.64 -105.13
N THR V 86 -19.67 -5.54 -104.75
CA THR V 86 -18.96 -4.29 -104.77
C THR V 86 -18.01 -4.27 -105.95
N ASP V 87 -17.88 -3.12 -106.59
CA ASP V 87 -16.91 -3.00 -107.66
C ASP V 87 -15.52 -2.93 -107.05
N ASP V 88 -14.56 -3.59 -107.70
CA ASP V 88 -13.19 -3.60 -107.21
C ASP V 88 -12.35 -2.60 -107.98
N VAL V 89 -11.37 -2.06 -107.27
CA VAL V 89 -10.48 -1.07 -107.84
C VAL V 89 -9.14 -1.72 -108.18
N ARG V 90 -8.98 -2.98 -107.80
CA ARG V 90 -7.67 -3.62 -107.94
C ARG V 90 -7.44 -4.14 -109.35
N VAL V 91 -8.35 -4.96 -109.85
CA VAL V 91 -8.12 -5.66 -111.11
C VAL V 91 -8.53 -4.75 -112.26
N GLN V 92 -7.93 -4.98 -113.44
CA GLN V 92 -8.16 -4.12 -114.57
C GLN V 92 -9.22 -4.68 -115.50
N GLU V 93 -9.15 -5.98 -115.77
CA GLU V 93 -9.78 -6.58 -116.94
C GLU V 93 -10.78 -7.66 -116.52
N VAL V 94 -12.01 -7.54 -117.00
CA VAL V 94 -13.13 -8.34 -116.54
C VAL V 94 -13.66 -9.16 -117.72
N PRO V 95 -13.84 -10.47 -117.57
CA PRO V 95 -14.45 -11.26 -118.65
C PRO V 95 -15.98 -11.13 -118.68
N LYS V 96 -16.59 -11.96 -119.51
CA LYS V 96 -17.93 -11.70 -120.05
C LYS V 96 -19.03 -12.05 -119.04
N LEU V 97 -18.69 -12.77 -117.98
CA LEU V 97 -19.56 -13.62 -117.15
C LEU V 97 -20.92 -13.07 -116.69
N LYS V 98 -21.90 -13.97 -116.54
CA LYS V 98 -23.26 -13.67 -116.10
C LYS V 98 -23.36 -13.85 -114.60
N VAL V 99 -23.96 -12.87 -113.91
CA VAL V 99 -24.05 -12.87 -112.45
C VAL V 99 -25.49 -12.59 -112.05
N CYS V 100 -26.03 -13.39 -111.15
CA CYS V 100 -27.34 -13.14 -110.56
C CYS V 100 -27.16 -12.80 -109.10
N ALA V 101 -27.52 -11.57 -108.71
CA ALA V 101 -27.30 -11.15 -107.32
C ALA V 101 -28.26 -10.04 -106.95
N LEU V 102 -28.43 -9.88 -105.64
CA LEU V 102 -29.22 -8.80 -105.07
C LEU V 102 -28.37 -7.55 -104.97
N ARG V 103 -28.90 -6.43 -105.50
CA ARG V 103 -28.41 -5.08 -105.28
C ARG V 103 -26.94 -4.92 -105.69
N VAL V 104 -26.66 -5.00 -106.99
CA VAL V 104 -25.32 -4.75 -107.49
C VAL V 104 -25.13 -3.25 -107.53
N THR V 105 -23.98 -2.78 -107.06
CA THR V 105 -23.71 -1.35 -107.00
C THR V 105 -23.53 -0.76 -108.39
N SER V 106 -23.51 0.58 -108.43
CA SER V 106 -23.63 1.30 -109.69
C SER V 106 -22.39 1.13 -110.56
N ARG V 107 -21.20 1.31 -109.98
CA ARG V 107 -19.98 1.14 -110.75
C ARG V 107 -19.75 -0.31 -111.14
N ALA V 108 -20.22 -1.24 -110.32
CA ALA V 108 -20.07 -2.64 -110.66
C ALA V 108 -20.96 -3.03 -111.84
N ARG V 109 -22.22 -2.56 -111.84
CA ARG V 109 -23.08 -2.75 -113.01
C ARG V 109 -22.50 -2.06 -114.23
N SER V 110 -21.90 -0.88 -114.02
CA SER V 110 -21.28 -0.13 -115.11
C SER V 110 -20.17 -0.93 -115.77
N ARG V 111 -19.23 -1.46 -114.99
CA ARG V 111 -18.09 -2.10 -115.64
C ARG V 111 -18.41 -3.54 -116.06
N ILE V 112 -19.44 -4.15 -115.48
CA ILE V 112 -19.92 -5.41 -116.04
C ILE V 112 -20.53 -5.20 -117.42
N LEU V 113 -21.33 -4.14 -117.58
CA LEU V 113 -21.89 -3.90 -118.90
C LEU V 113 -20.85 -3.37 -119.88
N ARG V 114 -19.82 -2.67 -119.39
CA ARG V 114 -18.71 -2.28 -120.26
C ARG V 114 -17.93 -3.49 -120.75
N ALA V 115 -17.79 -4.51 -119.88
CA ALA V 115 -17.22 -5.76 -120.34
C ALA V 115 -18.18 -6.48 -121.28
N GLY V 116 -19.47 -6.21 -121.15
CA GLY V 116 -20.44 -6.73 -122.11
C GLY V 116 -21.26 -7.84 -121.52
N GLY V 117 -21.33 -7.89 -120.20
CA GLY V 117 -21.99 -8.98 -119.54
C GLY V 117 -23.49 -8.80 -119.47
N LYS V 118 -24.10 -9.68 -118.67
CA LYS V 118 -25.52 -9.60 -118.38
C LYS V 118 -25.73 -9.98 -116.93
N ILE V 119 -26.34 -9.09 -116.16
CA ILE V 119 -26.71 -9.37 -114.79
C ILE V 119 -28.20 -9.70 -114.77
N LEU V 120 -28.64 -10.33 -113.70
CA LEU V 120 -30.02 -10.74 -113.53
C LEU V 120 -30.40 -10.62 -112.07
N THR V 121 -31.69 -10.49 -111.82
CA THR V 121 -32.19 -10.60 -110.46
C THR V 121 -32.86 -11.95 -110.28
N PHE V 122 -33.30 -12.23 -109.05
CA PHE V 122 -33.63 -13.61 -108.69
C PHE V 122 -34.96 -14.05 -109.30
N ASP V 123 -35.82 -13.10 -109.66
CA ASP V 123 -37.00 -13.46 -110.44
C ASP V 123 -36.62 -13.96 -111.83
N GLN V 124 -35.65 -13.29 -112.47
CA GLN V 124 -35.17 -13.75 -113.77
C GLN V 124 -34.38 -15.05 -113.62
N LEU V 125 -33.70 -15.23 -112.48
CA LEU V 125 -32.98 -16.46 -112.22
C LEU V 125 -33.95 -17.62 -112.05
N ALA V 126 -35.10 -17.37 -111.43
CA ALA V 126 -36.10 -18.42 -111.30
C ALA V 126 -36.74 -18.73 -112.64
N LEU V 127 -36.98 -17.70 -113.46
CA LEU V 127 -37.58 -17.94 -114.77
C LEU V 127 -36.61 -18.62 -115.73
N ASP V 128 -35.31 -18.52 -115.46
CA ASP V 128 -34.37 -19.25 -116.31
C ASP V 128 -34.08 -20.65 -115.77
N SER V 129 -33.53 -20.75 -114.57
CA SER V 129 -33.04 -22.01 -114.03
C SER V 129 -33.73 -22.28 -112.70
N PRO V 130 -34.86 -22.98 -112.73
CA PRO V 130 -35.59 -23.23 -111.47
C PRO V 130 -34.88 -24.19 -110.54
N LYS V 131 -34.27 -25.26 -111.07
CA LYS V 131 -33.43 -26.10 -110.23
C LYS V 131 -32.03 -25.53 -110.08
N GLY V 132 -31.76 -24.40 -110.70
CA GLY V 132 -30.47 -23.76 -110.58
C GLY V 132 -29.40 -24.51 -111.34
N CYS V 133 -29.79 -25.10 -112.47
CA CYS V 133 -28.86 -25.87 -113.29
C CYS V 133 -27.81 -24.96 -113.92
N GLY V 134 -26.55 -25.38 -113.83
CA GLY V 134 -25.48 -24.57 -114.36
C GLY V 134 -25.18 -23.31 -113.58
N THR V 135 -25.44 -23.32 -112.27
CA THR V 135 -25.18 -22.17 -111.42
C THR V 135 -24.15 -22.54 -110.38
N VAL V 136 -23.24 -21.62 -110.10
CA VAL V 136 -22.26 -21.78 -109.03
C VAL V 136 -22.53 -20.76 -107.97
N LEU V 137 -22.85 -21.21 -106.77
CA LEU V 137 -23.15 -20.33 -105.66
C LEU V 137 -21.83 -19.85 -105.06
N LEU V 138 -21.73 -18.55 -104.81
CA LEU V 138 -20.56 -18.00 -104.15
C LEU V 138 -20.94 -17.42 -102.80
N SER V 139 -19.92 -17.11 -101.99
CA SER V 139 -20.12 -16.66 -100.63
C SER V 139 -19.09 -15.59 -100.30
N GLY V 140 -19.42 -14.72 -99.36
CA GLY V 140 -18.55 -13.62 -99.03
C GLY V 140 -17.65 -13.92 -97.84
N PRO V 141 -16.65 -13.07 -97.65
CA PRO V 141 -15.69 -13.30 -96.56
C PRO V 141 -16.26 -12.95 -95.19
N ARG V 142 -16.88 -13.94 -94.52
CA ARG V 142 -17.48 -13.69 -93.22
C ARG V 142 -16.44 -13.36 -92.15
N LYS V 143 -15.31 -14.09 -92.16
CA LYS V 143 -14.34 -13.86 -91.10
C LYS V 143 -13.48 -12.62 -91.34
N GLY V 144 -13.54 -12.03 -92.54
CA GLY V 144 -12.82 -10.79 -92.77
C GLY V 144 -13.45 -9.57 -92.13
N ARG V 145 -14.67 -9.71 -91.63
CA ARG V 145 -15.35 -8.64 -90.90
C ARG V 145 -14.55 -8.30 -89.65
N GLU V 146 -14.32 -7.00 -89.43
CA GLU V 146 -13.27 -6.54 -88.53
C GLU V 146 -13.55 -6.86 -87.07
N VAL V 147 -14.82 -7.09 -86.74
CA VAL V 147 -15.19 -7.46 -85.38
C VAL V 147 -14.64 -8.85 -85.03
N TYR V 148 -14.47 -9.70 -86.04
CA TYR V 148 -13.94 -11.04 -85.79
C TYR V 148 -12.44 -11.02 -85.50
N ARG V 149 -11.80 -9.85 -85.56
CA ARG V 149 -10.43 -9.77 -85.09
C ARG V 149 -10.37 -9.16 -83.69
N HIS V 150 -11.45 -9.27 -82.93
CA HIS V 150 -11.36 -9.06 -81.49
C HIS V 150 -11.63 -10.33 -80.71
N PHE V 151 -12.07 -11.38 -81.38
CA PHE V 151 -12.60 -12.56 -80.69
C PHE V 151 -11.52 -13.60 -80.55
N GLY V 152 -11.23 -13.97 -79.32
CA GLY V 152 -10.27 -15.02 -79.01
C GLY V 152 -10.50 -15.46 -77.59
N LYS V 153 -9.54 -16.22 -77.08
CA LYS V 153 -9.68 -16.68 -75.71
C LYS V 153 -9.32 -15.58 -74.72
N ALA V 154 -8.53 -14.62 -75.14
CA ALA V 154 -8.07 -13.50 -74.34
C ALA V 154 -7.52 -12.47 -75.31
N PRO V 155 -7.17 -11.28 -74.82
CA PRO V 155 -6.32 -10.42 -75.66
C PRO V 155 -4.84 -10.57 -75.40
N GLY V 156 -4.42 -11.22 -74.33
CA GLY V 156 -2.98 -11.33 -74.20
C GLY V 156 -2.29 -12.56 -73.61
N THR V 157 -3.02 -13.57 -73.13
CA THR V 157 -2.26 -14.47 -72.25
C THR V 157 -1.45 -15.62 -72.88
N PRO V 158 -1.99 -16.59 -73.71
CA PRO V 158 -1.04 -17.41 -74.47
C PRO V 158 -0.82 -16.93 -75.89
N HIS V 159 -0.29 -15.70 -75.99
CA HIS V 159 0.00 -14.84 -77.16
C HIS V 159 -1.25 -14.29 -77.83
N SER V 160 -2.35 -15.04 -77.77
CA SER V 160 -3.73 -14.66 -78.05
C SER V 160 -4.07 -14.07 -79.41
N HIS V 161 -3.11 -13.40 -80.07
CA HIS V 161 -3.23 -12.73 -81.37
C HIS V 161 -4.58 -12.06 -81.65
N THR V 162 -5.12 -11.32 -80.68
CA THR V 162 -6.48 -10.81 -80.81
C THR V 162 -6.74 -9.40 -80.30
N LYS V 163 -5.90 -8.41 -80.66
CA LYS V 163 -6.24 -6.98 -80.82
C LYS V 163 -7.11 -6.39 -79.72
N PRO V 164 -6.54 -6.02 -78.58
CA PRO V 164 -7.35 -5.49 -77.49
C PRO V 164 -8.00 -4.17 -77.85
N TYR V 165 -9.11 -3.86 -77.19
CA TYR V 165 -9.81 -2.61 -77.43
C TYR V 165 -9.02 -1.46 -76.84
N VAL V 166 -8.89 -0.38 -77.60
CA VAL V 166 -8.19 0.82 -77.17
C VAL V 166 -8.68 1.97 -78.04
N ARG V 167 -8.47 3.21 -77.59
CA ARG V 167 -8.90 4.35 -78.39
C ARG V 167 -7.99 4.57 -79.59
N SER V 168 -6.74 4.95 -79.33
CA SER V 168 -5.87 5.45 -80.39
C SER V 168 -4.57 4.66 -80.39
N LYS V 169 -4.28 4.03 -81.52
CA LYS V 169 -3.10 3.19 -81.67
C LYS V 169 -1.87 4.08 -81.76
N GLY V 170 -1.33 4.40 -80.58
CA GLY V 170 -0.08 5.13 -80.49
C GLY V 170 0.72 4.63 -79.32
N ARG V 171 1.77 5.38 -79.00
CA ARG V 171 2.50 5.16 -77.76
C ARG V 171 1.60 5.53 -76.58
N LYS V 172 1.91 4.97 -75.41
CA LYS V 172 1.41 5.31 -74.08
C LYS V 172 -0.02 4.77 -73.88
N PHE V 173 -0.65 4.20 -74.90
CA PHE V 173 -1.95 3.56 -74.78
C PHE V 173 -1.77 2.05 -74.88
N GLU V 174 -1.75 1.39 -73.73
CA GLU V 174 -1.75 -0.07 -73.60
C GLU V 174 -0.55 -0.72 -74.30
N ARG V 175 0.65 -0.41 -73.79
CA ARG V 175 1.89 -0.91 -74.37
C ARG V 175 2.91 -1.37 -73.34
N ALA V 176 2.65 -1.22 -72.04
CA ALA V 176 3.74 -1.13 -71.09
C ALA V 176 3.85 -2.37 -70.22
N ARG V 177 2.84 -2.71 -69.43
CA ARG V 177 3.01 -3.82 -68.50
C ARG V 177 2.48 -5.12 -69.08
N GLY V 178 3.37 -6.04 -69.40
CA GLY V 178 2.98 -7.31 -69.93
C GLY V 178 3.02 -7.39 -71.43
N ARG V 179 3.42 -6.32 -72.10
CA ARG V 179 3.63 -6.36 -73.53
C ARG V 179 5.11 -6.32 -73.88
N ARG V 180 5.98 -6.15 -72.88
CA ARG V 180 7.41 -6.13 -73.11
C ARG V 180 8.11 -6.58 -71.85
N ALA V 181 9.28 -7.20 -72.03
CA ALA V 181 9.87 -8.01 -70.96
C ALA V 181 10.53 -7.15 -69.90
N SER V 182 10.94 -5.93 -70.24
CA SER V 182 11.65 -5.11 -69.26
C SER V 182 10.71 -4.47 -68.27
N ARG V 183 9.41 -4.55 -68.53
CA ARG V 183 8.40 -3.98 -67.65
C ARG V 183 7.53 -5.11 -67.12
N GLY V 184 7.90 -5.67 -65.97
CA GLY V 184 7.12 -6.74 -65.38
C GLY V 184 7.33 -8.09 -66.06
N TYR V 185 6.31 -8.53 -66.80
CA TYR V 185 6.35 -9.85 -67.43
C TYR V 185 6.08 -9.69 -68.91
N LYS V 186 5.88 -10.81 -69.59
CA LYS V 186 5.56 -10.80 -71.00
C LYS V 186 4.62 -11.95 -71.33
N ASN V 187 3.31 -11.65 -71.35
CA ASN V 187 2.23 -12.56 -71.74
C ASN V 187 2.19 -13.88 -70.98
N SER W 1 -82.94 46.18 -17.16
CA SER W 1 -83.02 45.41 -15.92
C SER W 1 -81.66 44.94 -15.44
N MET W 2 -80.60 45.56 -15.96
CA MET W 2 -79.24 45.25 -15.58
C MET W 2 -78.65 46.45 -14.85
N LEU W 3 -78.37 46.28 -13.56
CA LEU W 3 -78.03 47.40 -12.70
C LEU W 3 -76.54 47.46 -12.36
N ARG W 4 -75.69 46.88 -13.20
CA ARG W 4 -74.26 46.87 -12.93
C ARG W 4 -73.66 48.27 -13.06
N LEU W 5 -74.13 49.02 -14.05
CA LEU W 5 -73.68 50.39 -14.26
C LEU W 5 -74.02 51.27 -13.06
N GLN W 6 -75.26 51.20 -12.58
CA GLN W 6 -75.66 52.03 -11.46
C GLN W 6 -75.01 51.54 -10.17
N LYS W 7 -74.73 50.24 -10.08
CA LYS W 7 -74.01 49.68 -8.94
C LYS W 7 -72.60 50.26 -8.85
N ARG W 8 -71.93 50.40 -10.00
CA ARG W 8 -70.62 51.04 -9.99
C ARG W 8 -70.74 52.54 -9.73
N LEU W 9 -71.77 53.16 -10.31
CA LEU W 9 -71.80 54.61 -10.36
C LEU W 9 -72.23 55.20 -9.03
N ALA W 10 -73.00 54.45 -8.25
CA ALA W 10 -73.39 54.90 -6.92
C ALA W 10 -72.17 54.97 -5.99
N SER W 11 -71.30 53.99 -6.07
CA SER W 11 -70.07 54.04 -5.28
C SER W 11 -69.14 55.11 -5.79
N SER W 12 -69.15 55.37 -7.11
CA SER W 12 -68.30 56.42 -7.66
C SER W 12 -68.79 57.81 -7.25
N VAL W 13 -70.08 57.95 -6.95
CA VAL W 13 -70.58 59.25 -6.49
C VAL W 13 -70.40 59.39 -4.98
N LEU W 14 -70.81 58.38 -4.22
CA LEU W 14 -70.80 58.51 -2.77
C LEU W 14 -69.40 58.33 -2.18
N ARG W 15 -68.46 57.84 -3.00
CA ARG W 15 -67.06 57.59 -2.60
C ARG W 15 -66.97 56.67 -1.40
N CYS W 16 -67.65 55.54 -1.47
CA CYS W 16 -67.47 54.46 -0.53
C CYS W 16 -67.30 53.18 -1.32
N GLY W 17 -67.35 52.05 -0.62
CA GLY W 17 -67.19 50.78 -1.29
C GLY W 17 -68.36 50.40 -2.15
N LYS W 18 -68.12 49.44 -3.03
CA LYS W 18 -69.17 49.02 -3.96
C LYS W 18 -70.15 48.09 -3.27
N LYS W 19 -69.74 47.47 -2.17
CA LYS W 19 -70.61 46.48 -1.55
C LYS W 19 -71.70 47.14 -0.71
N LYS W 20 -71.53 48.40 -0.35
CA LYS W 20 -72.41 49.00 0.64
C LYS W 20 -73.51 49.86 0.03
N VAL W 21 -73.46 50.17 -1.24
CA VAL W 21 -74.47 51.04 -1.81
C VAL W 21 -75.61 50.24 -2.42
N TRP W 22 -76.57 49.83 -1.56
CA TRP W 22 -77.95 49.52 -1.95
C TRP W 22 -78.94 49.35 -0.80
N LEU W 23 -80.19 49.61 -1.16
CA LEU W 23 -81.42 49.17 -0.50
C LEU W 23 -82.48 49.48 -1.57
N ASP W 24 -83.75 49.18 -1.33
CA ASP W 24 -84.81 49.23 -2.33
C ASP W 24 -84.54 48.35 -3.55
N PRO W 25 -84.68 47.03 -3.43
CA PRO W 25 -84.75 46.19 -4.63
C PRO W 25 -86.10 46.22 -5.31
N ASN W 26 -87.10 46.85 -4.69
CA ASN W 26 -88.45 46.85 -5.25
C ASN W 26 -88.53 47.76 -6.45
N GLU W 27 -87.86 48.89 -6.42
CA GLU W 27 -88.01 49.95 -7.42
C GLU W 27 -86.93 49.84 -8.49
N THR W 28 -86.93 48.70 -9.17
CA THR W 28 -85.86 48.37 -10.10
C THR W 28 -85.98 49.18 -11.39
N ASN W 29 -87.21 49.41 -11.85
CA ASN W 29 -87.43 50.14 -13.10
C ASN W 29 -87.01 51.60 -12.98
N GLU W 30 -87.21 52.19 -11.79
CA GLU W 30 -86.81 53.58 -11.57
C GLU W 30 -85.29 53.73 -11.63
N ILE W 31 -84.57 52.70 -11.20
CA ILE W 31 -83.11 52.74 -11.31
C ILE W 31 -82.67 52.48 -12.74
N ALA W 32 -83.35 51.54 -13.42
CA ALA W 32 -82.93 51.19 -14.77
C ALA W 32 -83.28 52.28 -15.78
N ASN W 33 -84.17 53.20 -15.39
CA ASN W 33 -84.33 54.45 -16.12
C ASN W 33 -83.02 55.23 -16.14
N ALA W 34 -82.38 55.37 -14.99
CA ALA W 34 -81.24 56.28 -14.86
C ALA W 34 -79.95 55.59 -15.31
N ASN W 35 -79.15 56.32 -16.09
CA ASN W 35 -77.82 55.85 -16.46
C ASN W 35 -76.79 56.97 -16.50
N SER W 36 -77.02 58.05 -15.76
CA SER W 36 -76.07 59.16 -15.70
C SER W 36 -75.71 59.45 -14.25
N ARG W 37 -74.60 60.15 -14.05
CA ARG W 37 -74.15 60.44 -12.69
C ARG W 37 -75.09 61.42 -12.01
N GLN W 38 -75.60 62.40 -12.75
CA GLN W 38 -76.49 63.36 -12.13
C GLN W 38 -77.88 62.74 -11.90
N GLN W 39 -78.27 61.80 -12.76
CA GLN W 39 -79.48 61.04 -12.53
C GLN W 39 -79.38 60.20 -11.27
N ILE W 40 -78.23 59.55 -11.06
CA ILE W 40 -78.08 58.73 -9.87
C ILE W 40 -77.90 59.62 -8.64
N ARG W 41 -77.43 60.86 -8.85
CA ARG W 41 -77.31 61.79 -7.74
C ARG W 41 -78.68 62.32 -7.34
N LYS W 42 -79.61 62.38 -8.29
CA LYS W 42 -81.00 62.64 -7.94
C LYS W 42 -81.63 61.44 -7.24
N LEU W 43 -81.25 60.23 -7.63
CA LEU W 43 -81.84 59.05 -6.99
C LEU W 43 -81.21 58.78 -5.63
N ILE W 44 -80.14 59.50 -5.28
CA ILE W 44 -79.64 59.41 -3.91
C ILE W 44 -80.60 60.06 -2.93
N LYS W 45 -81.00 61.31 -3.21
CA LYS W 45 -81.59 62.13 -2.15
C LYS W 45 -83.05 61.79 -1.87
N ASP W 46 -83.62 60.81 -2.57
CA ASP W 46 -84.97 60.39 -2.25
C ASP W 46 -85.04 59.00 -1.66
N GLY W 47 -83.96 58.50 -1.07
CA GLY W 47 -83.98 57.26 -0.35
C GLY W 47 -83.94 56.00 -1.19
N LEU W 48 -83.82 56.11 -2.51
CA LEU W 48 -83.73 54.91 -3.33
C LEU W 48 -82.36 54.25 -3.23
N ILE W 49 -81.34 55.02 -2.83
CA ILE W 49 -80.01 54.49 -2.57
C ILE W 49 -79.56 55.04 -1.23
N ILE W 50 -79.13 54.16 -0.32
CA ILE W 50 -78.66 54.59 0.99
C ILE W 50 -77.21 54.20 1.15
N ARG W 51 -76.68 54.49 2.34
CA ARG W 51 -75.27 54.28 2.61
C ARG W 51 -74.99 52.87 3.09
N LYS W 52 -75.95 52.25 3.83
CA LYS W 52 -75.79 50.99 4.58
C LYS W 52 -74.58 51.06 5.48
N PRO W 53 -74.71 51.62 6.68
CA PRO W 53 -73.54 51.93 7.52
C PRO W 53 -72.74 50.71 7.93
N VAL W 54 -71.57 51.00 8.50
CA VAL W 54 -70.47 50.05 8.60
C VAL W 54 -70.81 48.93 9.58
N THR W 55 -70.44 47.70 9.22
CA THR W 55 -70.59 46.55 10.11
C THR W 55 -69.78 46.75 11.37
N VAL W 56 -70.40 46.48 12.51
CA VAL W 56 -69.86 46.85 13.81
C VAL W 56 -68.64 45.99 14.13
N HIS W 57 -67.60 46.63 14.65
CA HIS W 57 -66.37 45.99 15.09
C HIS W 57 -66.05 46.41 16.52
N SER W 58 -67.03 46.18 17.41
CA SER W 58 -67.01 46.61 18.79
C SER W 58 -65.77 46.17 19.54
N ARG W 59 -65.04 47.13 20.07
CA ARG W 59 -63.80 46.87 20.79
C ARG W 59 -64.04 46.44 22.24
N ALA W 60 -65.23 46.74 22.78
CA ALA W 60 -65.56 46.70 24.21
C ALA W 60 -65.12 45.45 24.96
N ARG W 61 -65.14 44.32 24.25
CA ARG W 61 -64.51 43.09 24.71
C ARG W 61 -63.05 43.30 25.07
N CYS W 62 -62.30 43.94 24.16
CA CYS W 62 -60.88 44.18 24.43
C CYS W 62 -60.68 45.28 25.47
N ARG W 63 -61.61 46.24 25.57
CA ARG W 63 -61.49 47.25 26.62
C ARG W 63 -61.64 46.64 28.00
N LYS W 64 -62.61 45.73 28.15
CA LYS W 64 -62.75 44.99 29.40
C LYS W 64 -61.52 44.13 29.66
N ASN W 65 -61.00 43.49 28.62
CA ASN W 65 -59.83 42.63 28.80
C ASN W 65 -58.59 43.46 29.15
N THR W 66 -58.47 44.65 28.58
CA THR W 66 -57.29 45.48 28.82
C THR W 66 -57.37 46.15 30.19
N LEU W 67 -58.59 46.45 30.65
CA LEU W 67 -58.74 46.88 32.04
C LEU W 67 -58.39 45.77 33.00
N ALA W 68 -58.69 44.51 32.61
CA ALA W 68 -58.23 43.38 33.41
C ALA W 68 -56.71 43.22 33.35
N ARG W 69 -56.10 43.59 32.23
CA ARG W 69 -54.65 43.60 32.16
C ARG W 69 -54.05 44.66 33.07
N ARG W 70 -54.70 45.82 33.14
CA ARG W 70 -54.19 46.92 33.95
C ARG W 70 -54.38 46.64 35.43
N LYS W 71 -55.39 45.83 35.77
CA LYS W 71 -55.46 45.24 37.10
C LYS W 71 -54.24 44.39 37.40
N GLY W 72 -53.78 43.62 36.42
CA GLY W 72 -52.65 42.74 36.61
C GLY W 72 -53.05 41.29 36.40
N ARG W 73 -54.09 41.07 35.61
CA ARG W 73 -54.59 39.72 35.34
C ARG W 73 -54.10 39.30 33.96
N HIS W 74 -54.25 38.00 33.66
CA HIS W 74 -53.81 37.38 32.41
C HIS W 74 -52.32 37.57 32.14
N MET W 75 -51.51 37.74 33.18
CA MET W 75 -50.12 38.10 32.99
C MET W 75 -49.20 37.29 33.90
N GLY W 76 -49.46 36.00 34.06
CA GLY W 76 -48.61 35.16 34.87
C GLY W 76 -47.36 34.73 34.13
N ILE W 77 -46.96 33.50 34.41
CA ILE W 77 -45.92 32.86 33.61
C ILE W 77 -46.53 32.28 32.34
N GLY W 78 -47.69 31.65 32.45
CA GLY W 78 -48.19 30.81 31.38
C GLY W 78 -48.79 31.55 30.21
N LYS W 79 -48.83 32.87 30.25
CA LYS W 79 -49.23 33.65 29.09
C LYS W 79 -48.17 34.67 28.69
N ARG W 80 -46.91 34.38 28.96
CA ARG W 80 -45.80 35.07 28.35
C ARG W 80 -45.25 34.14 27.27
N LYS W 81 -44.76 34.69 26.18
CA LYS W 81 -44.14 33.88 25.14
C LYS W 81 -42.81 34.41 24.65
N GLY W 82 -42.52 35.68 24.87
CA GLY W 82 -41.19 36.17 24.57
C GLY W 82 -40.40 36.24 25.85
N THR W 83 -39.12 36.56 25.79
CA THR W 83 -38.36 36.68 27.02
C THR W 83 -38.69 37.99 27.72
N ALA W 84 -38.17 38.13 28.94
CA ALA W 84 -38.35 39.37 29.69
C ALA W 84 -37.62 40.52 28.99
N ASN W 85 -36.47 40.21 28.38
CA ASN W 85 -35.73 41.21 27.65
C ASN W 85 -36.44 41.58 26.35
N ALA W 86 -37.35 40.73 25.90
CA ALA W 86 -38.14 41.07 24.72
C ALA W 86 -39.40 41.85 25.11
N ARG W 87 -39.96 41.54 26.27
CA ARG W 87 -41.17 42.24 26.71
C ARG W 87 -40.85 43.66 27.16
N MET W 88 -39.94 43.80 28.12
CA MET W 88 -39.50 45.13 28.55
C MET W 88 -37.99 45.10 28.63
N PRO W 89 -37.30 45.74 27.69
CA PRO W 89 -35.88 45.45 27.50
C PRO W 89 -34.98 46.07 28.56
N GLU W 90 -33.80 45.46 28.71
CA GLU W 90 -32.83 45.89 29.70
C GLU W 90 -32.31 47.28 29.39
N LYS W 91 -32.08 47.58 28.12
CA LYS W 91 -31.58 48.89 27.73
C LYS W 91 -32.64 49.96 27.96
N VAL W 92 -33.91 49.59 27.84
CA VAL W 92 -35.00 50.54 28.09
C VAL W 92 -35.12 50.83 29.57
N THR W 93 -35.03 49.78 30.40
CA THR W 93 -34.97 49.94 31.85
C THR W 93 -33.81 50.84 32.25
N TRP W 94 -32.65 50.65 31.63
CA TRP W 94 -31.48 51.42 32.00
C TRP W 94 -31.61 52.87 31.57
N MET W 95 -32.15 53.12 30.38
CA MET W 95 -32.34 54.49 29.91
C MET W 95 -33.30 55.26 30.79
N ARG W 96 -34.47 54.66 31.11
CA ARG W 96 -35.43 55.37 31.94
C ARG W 96 -34.89 55.61 33.33
N ARG W 97 -34.31 54.56 33.94
CA ARG W 97 -33.78 54.62 35.29
C ARG W 97 -32.69 55.68 35.41
N MET W 98 -31.81 55.76 34.41
CA MET W 98 -30.67 56.63 34.61
C MET W 98 -30.96 58.03 34.12
N ARG W 99 -31.94 58.22 33.23
CA ARG W 99 -32.36 59.60 32.96
C ARG W 99 -33.09 60.19 34.16
N ILE W 100 -33.88 59.37 34.88
CA ILE W 100 -34.52 59.84 36.11
C ILE W 100 -33.47 60.20 37.16
N LEU W 101 -32.52 59.31 37.40
CA LEU W 101 -31.52 59.58 38.44
C LEU W 101 -30.54 60.66 38.03
N ARG W 102 -30.38 60.91 36.73
CA ARG W 102 -29.43 61.94 36.33
C ARG W 102 -30.12 63.27 36.06
N ARG W 103 -31.44 63.33 36.25
CA ARG W 103 -32.02 64.67 36.35
C ARG W 103 -32.42 65.02 37.77
N LEU W 104 -32.54 64.02 38.65
CA LEU W 104 -32.80 64.37 40.05
C LEU W 104 -31.57 65.04 40.68
N LEU W 105 -30.38 64.61 40.28
CA LEU W 105 -29.17 65.26 40.76
C LEU W 105 -29.06 66.69 40.25
N ARG W 106 -29.57 66.97 39.06
CA ARG W 106 -29.63 68.35 38.61
C ARG W 106 -30.64 69.15 39.39
N ARG W 107 -31.78 68.55 39.76
CA ARG W 107 -32.76 69.30 40.52
C ARG W 107 -32.27 69.61 41.93
N TYR W 108 -31.35 68.80 42.44
CA TYR W 108 -30.69 69.19 43.69
C TYR W 108 -29.63 70.25 43.47
N ARG W 109 -28.83 70.07 42.42
CA ARG W 109 -27.65 70.92 42.18
C ARG W 109 -28.06 72.34 41.79
N GLU W 110 -29.24 72.47 41.17
CA GLU W 110 -29.76 73.80 40.86
C GLU W 110 -30.02 74.59 42.13
N SER W 111 -30.76 73.99 43.06
CA SER W 111 -31.03 74.60 44.34
C SER W 111 -29.74 74.62 45.18
N LYS W 112 -29.65 73.71 46.15
CA LYS W 112 -28.47 73.62 47.02
C LYS W 112 -28.34 72.29 47.76
N LYS W 113 -29.25 71.36 47.49
CA LYS W 113 -29.26 70.05 48.16
C LYS W 113 -27.89 69.34 48.22
N ILE W 114 -27.01 69.63 47.28
CA ILE W 114 -25.70 69.03 47.24
C ILE W 114 -24.75 69.98 46.53
N ASP W 115 -23.52 70.08 47.02
CA ASP W 115 -22.58 70.99 46.42
C ASP W 115 -21.98 70.42 45.13
N ARG W 116 -21.15 71.25 44.51
CA ARG W 116 -20.61 70.98 43.19
C ARG W 116 -19.65 69.79 43.21
N HIS W 117 -18.94 69.62 44.32
CA HIS W 117 -17.93 68.57 44.37
C HIS W 117 -18.56 67.20 44.60
N MET W 118 -19.56 67.12 45.47
CA MET W 118 -20.16 65.81 45.74
C MET W 118 -21.16 65.43 44.67
N TYR W 119 -21.62 66.43 43.90
CA TYR W 119 -22.42 66.14 42.70
C TYR W 119 -21.69 65.21 41.75
N HIS W 120 -20.40 65.43 41.56
CA HIS W 120 -19.67 64.64 40.57
C HIS W 120 -19.42 63.23 41.07
N SER W 121 -19.17 63.08 42.38
CA SER W 121 -19.00 61.76 42.95
C SER W 121 -20.28 60.94 42.86
N LEU W 122 -21.42 61.55 43.18
CA LEU W 122 -22.65 60.79 43.07
C LEU W 122 -23.07 60.61 41.61
N TYR W 123 -22.60 61.47 40.72
CA TYR W 123 -22.85 61.28 39.30
C TYR W 123 -22.15 60.04 38.79
N LEU W 124 -20.88 59.87 39.15
CA LEU W 124 -20.16 58.66 38.76
C LEU W 124 -20.72 57.43 39.48
N LYS W 125 -21.22 57.60 40.70
CA LYS W 125 -21.70 56.45 41.44
C LYS W 125 -23.10 56.06 41.00
N VAL W 126 -23.78 56.95 40.27
CA VAL W 126 -25.05 56.57 39.64
C VAL W 126 -24.78 55.99 38.25
N LYS W 127 -23.75 56.48 37.57
CA LYS W 127 -23.35 55.86 36.31
C LYS W 127 -22.91 54.42 36.52
N GLY W 128 -22.12 54.17 37.54
CA GLY W 128 -21.94 52.82 38.01
C GLY W 128 -23.21 52.29 38.64
N ASN W 129 -23.43 50.99 38.48
CA ASN W 129 -24.66 50.37 38.99
C ASN W 129 -24.59 50.20 40.50
N VAL W 130 -24.84 51.31 41.20
CA VAL W 130 -24.88 51.26 42.66
C VAL W 130 -26.29 51.49 43.16
N PHE W 131 -26.97 52.48 42.61
CA PHE W 131 -28.27 52.90 43.12
C PHE W 131 -29.35 52.38 42.20
N LYS W 132 -30.41 51.83 42.80
CA LYS W 132 -31.45 51.20 41.99
C LYS W 132 -32.51 52.21 41.59
N ASN W 133 -32.83 53.16 42.46
CA ASN W 133 -33.96 54.02 42.23
C ASN W 133 -33.89 55.30 43.05
N LYS W 134 -34.89 56.15 42.79
CA LYS W 134 -34.93 57.51 43.30
C LYS W 134 -35.00 57.55 44.82
N ARG W 135 -35.71 56.60 45.42
CA ARG W 135 -35.89 56.62 46.86
C ARG W 135 -34.59 56.34 47.60
N ILE W 136 -33.85 55.31 47.17
CA ILE W 136 -32.63 55.00 47.89
C ILE W 136 -31.52 55.98 47.52
N LEU W 137 -31.65 56.62 46.35
CA LEU W 137 -30.75 57.72 46.04
C LEU W 137 -30.98 58.88 47.01
N MET W 138 -32.23 59.18 47.31
CA MET W 138 -32.51 60.27 48.24
C MET W 138 -32.11 59.89 49.66
N GLU W 139 -32.27 58.61 50.02
CA GLU W 139 -31.83 58.14 51.33
C GLU W 139 -30.32 58.22 51.48
N HIS W 140 -29.58 58.00 50.39
CA HIS W 140 -28.13 58.06 50.50
C HIS W 140 -27.63 59.50 50.49
N ILE W 141 -28.33 60.40 49.78
CA ILE W 141 -27.95 61.80 49.80
C ILE W 141 -28.22 62.42 51.17
N HIS W 142 -29.31 61.99 51.83
CA HIS W 142 -29.55 62.41 53.21
C HIS W 142 -28.41 61.98 54.13
N LYS W 143 -27.87 60.78 53.94
CA LYS W 143 -26.81 60.31 54.81
C LYS W 143 -25.51 61.05 54.55
N LEU W 144 -25.18 61.30 53.28
CA LEU W 144 -23.95 62.03 52.99
C LEU W 144 -24.04 63.48 53.45
N LYS W 145 -25.20 64.09 53.34
CA LYS W 145 -25.34 65.47 53.79
C LYS W 145 -25.28 65.55 55.31
N ALA W 146 -25.86 64.57 56.00
CA ALA W 146 -25.81 64.55 57.46
C ALA W 146 -24.42 64.19 57.97
N ASP W 147 -23.62 63.53 57.15
CA ASP W 147 -22.23 63.27 57.54
C ASP W 147 -21.36 64.51 57.32
N LYS W 148 -21.53 65.17 56.17
CA LYS W 148 -20.75 66.36 55.87
C LYS W 148 -21.04 67.49 56.86
N ALA W 149 -22.30 67.62 57.29
CA ALA W 149 -22.64 68.66 58.24
C ALA W 149 -21.97 68.45 59.60
N ARG W 150 -21.93 67.19 60.06
CA ARG W 150 -21.27 66.87 61.32
C ARG W 150 -19.77 67.11 61.24
N LYS W 151 -19.15 66.70 60.13
CA LYS W 151 -17.71 66.87 59.99
C LYS W 151 -17.33 68.34 59.84
N LYS W 152 -18.18 69.16 59.22
CA LYS W 152 -17.82 70.57 59.10
C LYS W 152 -18.07 71.31 60.40
N LEU W 153 -19.07 70.89 61.18
CA LEU W 153 -19.29 71.47 62.49
C LEU W 153 -18.12 71.21 63.42
N LEU W 154 -17.62 69.97 63.43
CA LEU W 154 -16.52 69.63 64.33
C LEU W 154 -15.22 70.33 63.92
N ALA W 155 -15.01 70.48 62.61
CA ALA W 155 -13.83 71.19 62.12
C ALA W 155 -13.89 72.68 62.44
N ASP W 156 -15.09 73.28 62.34
CA ASP W 156 -15.22 74.70 62.70
C ASP W 156 -15.02 74.92 64.19
N GLN W 157 -15.44 73.96 65.03
CA GLN W 157 -15.19 74.09 66.46
C GLN W 157 -13.69 73.99 66.77
N ALA W 158 -12.99 73.08 66.08
CA ALA W 158 -11.54 72.98 66.27
C ALA W 158 -10.83 74.24 65.79
N GLU W 159 -11.31 74.83 64.69
CA GLU W 159 -10.71 76.06 64.20
C GLU W 159 -10.99 77.23 65.14
N ALA W 160 -12.13 77.19 65.83
CA ALA W 160 -12.42 78.19 66.84
C ALA W 160 -11.46 78.09 68.02
N ARG W 161 -11.17 76.86 68.46
CA ARG W 161 -10.18 76.67 69.53
C ARG W 161 -8.79 77.15 69.10
N ARG W 162 -8.41 76.85 67.85
CA ARG W 162 -7.11 77.28 67.34
C ARG W 162 -7.03 78.80 67.24
N SER W 163 -8.14 79.44 66.88
CA SER W 163 -8.19 80.90 66.81
C SER W 163 -8.07 81.52 68.19
N LYS W 164 -8.69 80.90 69.20
CA LYS W 164 -8.56 81.40 70.58
C LYS W 164 -7.12 81.30 71.06
N THR W 165 -6.44 80.19 70.77
CA THR W 165 -5.08 80.01 71.25
C THR W 165 -4.10 80.93 70.54
N LYS W 166 -4.26 81.11 69.21
CA LYS W 166 -3.37 82.01 68.48
C LYS W 166 -3.63 83.47 68.86
N GLU W 167 -4.90 83.83 69.09
CA GLU W 167 -5.24 85.15 69.60
C GLU W 167 -4.59 85.42 70.95
N ALA W 168 -4.66 84.45 71.87
CA ALA W 168 -4.09 84.63 73.20
C ALA W 168 -2.57 84.71 73.14
N ARG W 169 -1.94 83.93 72.27
CA ARG W 169 -0.48 83.99 72.14
C ARG W 169 -0.02 85.32 71.57
N LYS W 170 -0.72 85.83 70.54
CA LYS W 170 -0.32 87.10 69.95
C LYS W 170 -0.60 88.27 70.89
N ARG W 171 -1.67 88.19 71.67
CA ARG W 171 -1.94 89.23 72.66
C ARG W 171 -0.93 89.19 73.79
N ARG W 172 -0.49 87.99 74.21
CA ARG W 172 0.57 87.91 75.21
C ARG W 172 1.88 88.48 74.69
N GLU W 173 2.18 88.25 73.41
CA GLU W 173 3.38 88.84 72.82
C GLU W 173 3.29 90.35 72.77
N GLU W 174 2.08 90.88 72.53
CA GLU W 174 1.89 92.33 72.58
C GLU W 174 2.01 92.87 74.00
N ARG W 175 1.53 92.10 75.00
CA ARG W 175 1.69 92.49 76.40
C ARG W 175 3.15 92.57 76.79
N LEU W 176 3.94 91.56 76.41
CA LEU W 176 5.37 91.57 76.73
C LEU W 176 6.12 92.65 75.94
N GLN W 177 5.64 92.97 74.74
CA GLN W 177 6.24 94.06 73.97
C GLN W 177 5.99 95.41 74.66
N ALA W 178 4.78 95.59 75.20
CA ALA W 178 4.46 96.81 75.93
C ALA W 178 5.19 96.88 77.26
N LYS W 179 5.46 95.72 77.88
CA LYS W 179 6.28 95.71 79.09
C LYS W 179 7.74 96.05 78.77
N LYS W 180 8.20 95.68 77.57
CA LYS W 180 9.54 96.10 77.15
C LYS W 180 9.60 97.61 76.91
N GLU W 181 8.83 98.10 75.94
CA GLU W 181 8.72 99.56 75.78
C GLU W 181 7.77 100.16 76.80
N MET X 1 -35.03 -65.32 -48.80
CA MET X 1 -36.39 -65.86 -48.74
C MET X 1 -37.35 -64.94 -48.05
N LYS X 2 -38.60 -65.00 -48.47
CA LYS X 2 -39.68 -64.35 -47.77
C LYS X 2 -40.69 -65.35 -47.22
N ALA X 3 -40.59 -66.61 -47.67
CA ALA X 3 -41.43 -67.73 -47.26
C ALA X 3 -42.91 -67.41 -47.41
N SER X 4 -43.28 -66.84 -48.54
CA SER X 4 -44.64 -66.37 -48.76
C SER X 4 -45.47 -67.57 -49.19
N GLY X 5 -46.73 -67.56 -48.78
CA GLY X 5 -47.67 -68.62 -49.14
C GLY X 5 -47.33 -69.93 -48.48
N THR X 6 -47.28 -71.00 -49.28
CA THR X 6 -46.88 -72.32 -48.81
C THR X 6 -45.57 -72.69 -49.48
N LEU X 7 -44.76 -73.48 -48.79
CA LEU X 7 -43.44 -73.82 -49.30
C LEU X 7 -43.52 -74.91 -50.35
N ARG X 8 -42.45 -75.09 -51.11
CA ARG X 8 -42.32 -76.19 -52.04
C ARG X 8 -40.90 -76.75 -51.95
N GLU X 9 -40.79 -78.05 -52.10
CA GLU X 9 -39.51 -78.73 -52.08
C GLU X 9 -38.98 -78.88 -53.49
N TYR X 10 -37.78 -78.39 -53.74
CA TYR X 10 -37.11 -78.54 -55.02
C TYR X 10 -35.87 -79.39 -54.85
N LYS X 11 -35.68 -80.33 -55.76
CA LYS X 11 -34.39 -80.99 -55.92
C LYS X 11 -33.63 -80.23 -56.98
N VAL X 12 -32.47 -79.69 -56.63
CA VAL X 12 -31.70 -78.86 -57.52
C VAL X 12 -30.29 -79.40 -57.61
N VAL X 13 -29.83 -79.70 -58.83
CA VAL X 13 -28.46 -80.14 -59.02
C VAL X 13 -27.72 -79.13 -59.89
N GLY X 14 -26.43 -79.01 -59.66
CA GLY X 14 -25.64 -78.03 -60.37
C GLY X 14 -24.16 -78.28 -60.17
N ARG X 15 -23.36 -77.63 -61.01
CA ARG X 15 -21.93 -77.90 -61.02
C ARG X 15 -21.17 -76.65 -61.39
N CYS X 16 -19.85 -76.73 -61.27
CA CYS X 16 -18.99 -75.67 -61.81
C CYS X 16 -18.86 -75.85 -63.31
N LEU X 17 -18.43 -74.79 -63.99
CA LEU X 17 -18.19 -74.91 -65.41
C LEU X 17 -16.94 -75.72 -65.68
N PRO X 18 -16.93 -76.50 -66.76
CA PRO X 18 -15.74 -77.29 -67.08
C PRO X 18 -14.61 -76.39 -67.58
N THR X 19 -13.47 -76.47 -66.92
CA THR X 19 -12.26 -75.78 -67.31
C THR X 19 -11.34 -76.82 -67.93
N PRO X 20 -10.28 -76.40 -68.63
CA PRO X 20 -9.23 -77.36 -68.97
C PRO X 20 -8.46 -77.86 -67.77
N LYS X 21 -8.51 -77.12 -66.66
CA LYS X 21 -7.86 -77.59 -65.44
C LYS X 21 -8.66 -78.68 -64.77
N CYS X 22 -9.97 -78.76 -65.04
CA CYS X 22 -10.82 -79.79 -64.48
C CYS X 22 -12.00 -80.04 -65.39
N HIS X 23 -11.99 -81.18 -66.08
CA HIS X 23 -13.15 -81.66 -66.83
C HIS X 23 -14.07 -82.41 -65.88
N THR X 24 -15.37 -82.34 -66.17
CA THR X 24 -16.42 -83.01 -65.40
C THR X 24 -16.39 -82.73 -63.90
N PRO X 25 -16.85 -81.56 -63.46
CA PRO X 25 -16.94 -81.27 -62.02
C PRO X 25 -17.94 -82.19 -61.33
N PRO X 26 -17.86 -82.34 -59.99
CA PRO X 26 -18.57 -83.45 -59.33
C PRO X 26 -20.09 -83.36 -59.31
N LEU X 27 -20.70 -82.28 -59.80
CA LEU X 27 -22.13 -82.17 -60.07
C LEU X 27 -22.99 -82.38 -58.83
N TYR X 28 -22.98 -81.41 -57.91
CA TYR X 28 -23.60 -81.57 -56.60
C TYR X 28 -25.12 -81.43 -56.64
N ARG X 29 -25.74 -81.78 -55.53
CA ARG X 29 -27.18 -81.94 -55.40
C ARG X 29 -27.64 -81.39 -54.06
N MET X 30 -28.73 -80.61 -54.05
CA MET X 30 -29.32 -80.15 -52.81
C MET X 30 -30.83 -80.19 -52.85
N ARG X 31 -31.40 -79.92 -51.68
CA ARG X 31 -32.83 -80.01 -51.42
C ARG X 31 -33.27 -78.69 -50.81
N ILE X 32 -33.94 -77.87 -51.59
CA ILE X 32 -34.22 -76.48 -51.23
C ILE X 32 -35.70 -76.31 -50.97
N PHE X 33 -36.05 -75.66 -49.87
CA PHE X 33 -37.44 -75.35 -49.56
C PHE X 33 -37.68 -73.88 -49.87
N ALA X 34 -38.52 -73.62 -50.87
CA ALA X 34 -38.61 -72.29 -51.45
C ALA X 34 -40.03 -72.04 -51.92
N PRO X 35 -40.46 -70.79 -51.97
CA PRO X 35 -41.80 -70.51 -52.51
C PRO X 35 -41.91 -70.74 -53.99
N ASN X 36 -40.82 -70.61 -54.75
CA ASN X 36 -40.83 -70.93 -56.17
C ASN X 36 -39.41 -71.27 -56.61
N HIS X 37 -39.31 -71.61 -57.90
CA HIS X 37 -38.03 -72.11 -58.41
C HIS X 37 -36.98 -71.02 -58.52
N VAL X 38 -37.39 -69.76 -58.60
CA VAL X 38 -36.40 -68.68 -58.68
C VAL X 38 -35.72 -68.49 -57.34
N VAL X 39 -36.51 -68.47 -56.27
CA VAL X 39 -35.95 -68.41 -54.92
C VAL X 39 -35.17 -69.70 -54.63
N ALA X 40 -35.59 -70.81 -55.23
CA ALA X 40 -34.83 -72.05 -55.10
C ALA X 40 -33.46 -71.94 -55.74
N LYS X 41 -33.40 -71.34 -56.94
CA LYS X 41 -32.12 -71.20 -57.63
C LYS X 41 -31.19 -70.24 -56.89
N SER X 42 -31.75 -69.20 -56.27
CA SER X 42 -30.88 -68.27 -55.54
C SER X 42 -30.40 -68.87 -54.22
N ARG X 43 -31.30 -69.52 -53.49
CA ARG X 43 -30.96 -70.12 -52.21
C ARG X 43 -29.99 -71.30 -52.40
N PHE X 44 -30.05 -71.96 -53.57
CA PHE X 44 -29.06 -72.98 -53.90
C PHE X 44 -27.66 -72.40 -53.98
N TRP X 45 -27.51 -71.26 -54.65
CA TRP X 45 -26.18 -70.64 -54.69
C TRP X 45 -25.78 -70.15 -53.32
N TYR X 46 -26.74 -69.75 -52.49
CA TYR X 46 -26.41 -69.29 -51.15
C TYR X 46 -25.86 -70.40 -50.29
N PHE X 47 -26.40 -71.61 -50.41
CA PHE X 47 -25.83 -72.70 -49.62
C PHE X 47 -24.52 -73.20 -50.21
N VAL X 48 -24.45 -73.31 -51.53
CA VAL X 48 -23.28 -73.94 -52.15
C VAL X 48 -22.08 -73.00 -52.08
N SER X 49 -22.33 -71.68 -52.00
CA SER X 49 -21.24 -70.76 -51.79
C SER X 49 -20.65 -70.88 -50.39
N GLN X 50 -21.46 -71.27 -49.41
CA GLN X 50 -20.89 -71.52 -48.09
C GLN X 50 -20.14 -72.84 -48.06
N LEU X 51 -20.64 -73.84 -48.79
CA LEU X 51 -20.03 -75.16 -48.65
C LEU X 51 -18.77 -75.31 -49.49
N LYS X 52 -18.82 -74.94 -50.78
CA LYS X 52 -17.68 -75.16 -51.65
C LYS X 52 -17.43 -73.94 -52.52
N LYS X 53 -16.31 -73.97 -53.25
CA LYS X 53 -15.86 -72.82 -54.05
C LYS X 53 -16.74 -72.70 -55.28
N MET X 54 -17.89 -72.08 -55.09
CA MET X 54 -18.88 -71.93 -56.16
C MET X 54 -19.52 -70.57 -56.05
N LYS X 55 -19.84 -70.00 -57.20
CA LYS X 55 -20.72 -68.84 -57.26
C LYS X 55 -21.42 -68.87 -58.60
N LYS X 56 -22.41 -67.98 -58.73
CA LYS X 56 -23.41 -68.11 -59.79
C LYS X 56 -22.80 -67.89 -61.17
N SER X 57 -21.79 -67.03 -61.26
CA SER X 57 -21.12 -66.83 -62.54
C SER X 57 -20.11 -67.94 -62.80
N SER X 58 -19.65 -68.60 -61.74
CA SER X 58 -18.64 -69.64 -61.88
C SER X 58 -19.21 -70.93 -62.44
N GLY X 59 -20.46 -71.26 -62.13
CA GLY X 59 -21.00 -72.52 -62.58
C GLY X 59 -22.38 -72.42 -63.18
N GLU X 60 -23.10 -73.54 -63.18
CA GLU X 60 -24.42 -73.62 -63.80
C GLU X 60 -25.30 -74.51 -62.95
N ILE X 61 -26.60 -74.22 -63.01
CA ILE X 61 -27.63 -75.06 -62.41
C ILE X 61 -28.18 -75.94 -63.52
N VAL X 62 -28.02 -77.25 -63.38
CA VAL X 62 -28.36 -78.13 -64.47
C VAL X 62 -29.85 -78.47 -64.45
N TYR X 63 -30.29 -79.12 -63.38
CA TYR X 63 -31.70 -79.51 -63.25
C TYR X 63 -32.30 -78.87 -62.01
N CYS X 64 -33.51 -78.37 -62.17
CA CYS X 64 -34.29 -77.79 -61.08
C CYS X 64 -35.69 -78.34 -61.16
N GLY X 65 -36.06 -79.19 -60.20
CA GLY X 65 -37.32 -79.90 -60.29
C GLY X 65 -38.11 -79.85 -59.00
N GLN X 66 -39.43 -79.88 -59.16
CA GLN X 66 -40.35 -80.03 -58.05
C GLN X 66 -40.28 -81.45 -57.51
N VAL X 67 -40.26 -81.59 -56.19
CA VAL X 67 -40.33 -82.88 -55.53
C VAL X 67 -41.76 -83.08 -55.08
N PHE X 68 -42.50 -83.91 -55.81
CA PHE X 68 -43.88 -84.23 -55.46
C PHE X 68 -43.85 -85.11 -54.22
N GLU X 69 -44.91 -85.05 -53.44
CA GLU X 69 -44.90 -85.74 -52.15
C GLU X 69 -45.07 -87.23 -52.35
N LYS X 70 -44.18 -87.99 -51.70
CA LYS X 70 -44.11 -89.44 -51.92
C LYS X 70 -45.30 -90.14 -51.27
N SER X 71 -45.82 -89.58 -50.18
CA SER X 71 -46.96 -90.18 -49.49
C SER X 71 -47.83 -89.06 -48.93
N PRO X 72 -48.76 -88.53 -49.71
CA PRO X 72 -49.51 -87.35 -49.27
C PRO X 72 -50.63 -87.65 -48.31
N LEU X 73 -51.24 -88.84 -48.41
CA LEU X 73 -52.42 -89.10 -47.59
C LEU X 73 -52.03 -89.60 -46.21
N ARG X 74 -50.75 -89.89 -46.01
CA ARG X 74 -50.25 -90.31 -44.71
C ARG X 74 -50.05 -89.12 -43.80
N VAL X 75 -50.21 -89.33 -42.50
CA VAL X 75 -49.89 -88.34 -41.47
C VAL X 75 -48.52 -88.69 -40.92
N LYS X 76 -47.54 -87.84 -41.21
CA LYS X 76 -46.15 -88.19 -40.94
C LYS X 76 -45.61 -87.35 -39.79
N ASN X 77 -44.45 -87.78 -39.29
CA ASN X 77 -43.75 -87.11 -38.21
C ASN X 77 -42.38 -86.68 -38.71
N PHE X 78 -42.10 -85.39 -38.63
CA PHE X 78 -40.91 -84.81 -39.21
C PHE X 78 -39.99 -84.26 -38.13
N GLY X 79 -38.70 -84.47 -38.30
CA GLY X 79 -37.71 -83.80 -37.50
C GLY X 79 -36.96 -82.82 -38.36
N ILE X 80 -36.80 -81.60 -37.88
CA ILE X 80 -36.14 -80.54 -38.62
C ILE X 80 -34.93 -80.10 -37.82
N TRP X 81 -33.81 -79.91 -38.49
CA TRP X 81 -32.62 -79.36 -37.84
C TRP X 81 -32.41 -77.91 -38.26
N LEU X 82 -32.57 -77.01 -37.29
CA LEU X 82 -32.58 -75.57 -37.50
C LEU X 82 -31.23 -74.97 -37.13
N ARG X 83 -30.86 -73.95 -37.90
CA ARG X 83 -29.67 -73.16 -37.64
C ARG X 83 -30.09 -71.69 -37.60
N TYR X 84 -31.07 -71.35 -36.76
CA TYR X 84 -31.51 -69.97 -36.70
C TYR X 84 -30.41 -69.10 -36.09
N ASP X 85 -30.52 -67.80 -36.33
CA ASP X 85 -29.52 -66.85 -35.83
C ASP X 85 -30.26 -65.77 -35.06
N SER X 86 -30.05 -65.74 -33.75
CA SER X 86 -30.73 -64.82 -32.86
C SER X 86 -30.08 -63.45 -32.86
N ARG X 87 -30.53 -62.57 -31.96
CA ARG X 87 -29.90 -61.28 -31.81
C ARG X 87 -28.50 -61.40 -31.24
N SER X 88 -28.34 -62.25 -30.23
CA SER X 88 -27.05 -62.43 -29.58
C SER X 88 -26.11 -63.23 -30.46
N GLY X 89 -26.48 -64.47 -30.76
CA GLY X 89 -25.64 -65.31 -31.58
C GLY X 89 -26.40 -66.50 -32.13
N THR X 90 -25.78 -67.23 -33.05
CA THR X 90 -26.46 -68.36 -33.67
C THR X 90 -26.53 -69.55 -32.73
N HIS X 91 -27.42 -70.48 -33.06
CA HIS X 91 -27.66 -71.65 -32.23
C HIS X 91 -27.95 -72.84 -33.13
N ASN X 92 -28.26 -73.96 -32.49
CA ASN X 92 -28.72 -75.16 -33.18
C ASN X 92 -30.05 -75.55 -32.57
N MET X 93 -30.89 -76.25 -33.33
CA MET X 93 -32.21 -76.59 -32.84
C MET X 93 -32.70 -77.87 -33.52
N TYR X 94 -33.41 -78.71 -32.76
CA TYR X 94 -34.08 -79.89 -33.30
C TYR X 94 -35.56 -79.83 -33.00
N ARG X 95 -36.37 -79.56 -34.01
CA ARG X 95 -37.80 -79.44 -33.77
C ARG X 95 -38.53 -80.61 -34.40
N GLU X 96 -39.74 -80.88 -33.89
CA GLU X 96 -40.57 -81.96 -34.38
C GLU X 96 -41.94 -81.42 -34.73
N TYR X 97 -42.50 -81.93 -35.82
CA TYR X 97 -43.83 -81.54 -36.26
C TYR X 97 -44.56 -82.74 -36.83
N ARG X 98 -45.83 -82.85 -36.48
CA ARG X 98 -46.69 -83.88 -37.03
C ARG X 98 -47.54 -83.24 -38.12
N ASP X 99 -47.33 -83.66 -39.36
CA ASP X 99 -47.96 -82.97 -40.48
C ASP X 99 -47.98 -83.90 -41.68
N LEU X 100 -48.69 -83.46 -42.74
CA LEU X 100 -48.91 -84.33 -43.90
C LEU X 100 -47.68 -84.43 -44.77
N THR X 101 -47.28 -83.32 -45.38
CA THR X 101 -46.24 -83.33 -46.40
C THR X 101 -45.01 -82.59 -45.87
N THR X 102 -43.90 -82.79 -46.57
CA THR X 102 -42.64 -82.15 -46.18
C THR X 102 -42.73 -80.64 -46.31
N ALA X 103 -43.39 -80.18 -47.37
CA ALA X 103 -43.56 -78.74 -47.58
C ALA X 103 -44.41 -78.12 -46.48
N GLY X 104 -45.46 -78.83 -46.07
CA GLY X 104 -46.27 -78.34 -44.96
C GLY X 104 -45.51 -78.33 -43.65
N ALA X 105 -44.63 -79.33 -43.45
CA ALA X 105 -43.85 -79.37 -42.23
C ALA X 105 -42.85 -78.23 -42.16
N VAL X 106 -42.20 -77.93 -43.28
CA VAL X 106 -41.23 -76.83 -43.29
C VAL X 106 -41.95 -75.49 -43.21
N THR X 107 -43.17 -75.41 -43.75
CA THR X 107 -43.96 -74.19 -43.58
C THR X 107 -44.33 -73.98 -42.12
N GLN X 108 -44.76 -75.05 -41.44
CA GLN X 108 -45.02 -74.96 -40.00
C GLN X 108 -43.77 -74.59 -39.22
N CYS X 109 -42.61 -75.05 -39.70
CA CYS X 109 -41.35 -74.70 -39.05
C CYS X 109 -41.06 -73.21 -39.16
N TYR X 110 -41.20 -72.65 -40.36
CA TYR X 110 -40.99 -71.21 -40.53
C TYR X 110 -41.98 -70.38 -39.74
N ARG X 111 -43.25 -70.79 -39.73
CA ARG X 111 -44.26 -70.03 -38.98
C ARG X 111 -44.02 -70.12 -37.49
N ASP X 112 -43.58 -71.29 -37.00
CA ASP X 112 -43.36 -71.43 -35.58
C ASP X 112 -42.07 -70.74 -35.14
N MET X 113 -41.07 -70.68 -36.02
CA MET X 113 -39.86 -69.93 -35.67
C MET X 113 -40.08 -68.44 -35.81
N GLY X 114 -41.06 -68.04 -36.61
CA GLY X 114 -41.45 -66.64 -36.60
C GLY X 114 -42.23 -66.30 -35.35
N ALA X 115 -43.01 -67.25 -34.85
CA ALA X 115 -43.89 -66.95 -33.72
C ALA X 115 -43.13 -67.01 -32.39
N ARG X 116 -42.32 -68.04 -32.19
CA ARG X 116 -41.69 -68.19 -30.88
C ARG X 116 -40.49 -67.27 -30.71
N HIS X 117 -39.47 -67.44 -31.53
CA HIS X 117 -38.17 -66.85 -31.26
C HIS X 117 -37.91 -65.57 -32.04
N ARG X 118 -38.92 -65.06 -32.74
CA ARG X 118 -38.84 -63.81 -33.52
C ARG X 118 -37.73 -63.85 -34.54
N ALA X 119 -37.48 -65.02 -35.10
CA ALA X 119 -36.46 -65.20 -36.12
C ALA X 119 -37.11 -65.07 -37.49
N ARG X 120 -36.64 -64.12 -38.27
CA ARG X 120 -37.26 -63.87 -39.57
C ARG X 120 -36.80 -64.92 -40.57
N ALA X 121 -37.22 -64.72 -41.83
CA ALA X 121 -36.81 -65.65 -42.89
C ALA X 121 -35.35 -65.48 -43.29
N HIS X 122 -34.69 -64.42 -42.81
CA HIS X 122 -33.26 -64.27 -43.06
C HIS X 122 -32.47 -65.37 -42.38
N SER X 123 -32.63 -65.49 -41.07
CA SER X 123 -31.66 -66.18 -40.23
C SER X 123 -31.83 -67.68 -40.22
N ILE X 124 -32.83 -68.21 -40.90
CA ILE X 124 -33.17 -69.63 -40.79
C ILE X 124 -32.53 -70.39 -41.93
N GLN X 125 -31.65 -71.32 -41.59
CA GLN X 125 -31.15 -72.31 -42.53
C GLN X 125 -31.65 -73.67 -42.09
N ILE X 126 -32.20 -74.43 -43.03
CA ILE X 126 -32.76 -75.75 -42.75
C ILE X 126 -31.68 -76.76 -43.06
N MET X 127 -31.12 -77.36 -42.01
CA MET X 127 -30.02 -78.30 -42.21
C MET X 127 -30.52 -79.62 -42.77
N LYS X 128 -31.45 -80.27 -42.08
CA LYS X 128 -31.86 -81.58 -42.55
C LYS X 128 -33.31 -81.81 -42.15
N VAL X 129 -34.08 -82.38 -43.07
CA VAL X 129 -35.46 -82.78 -42.83
C VAL X 129 -35.50 -84.29 -42.86
N GLU X 130 -35.96 -84.90 -41.78
CA GLU X 130 -35.97 -86.35 -41.70
C GLU X 130 -37.35 -86.83 -41.26
N GLU X 131 -37.99 -87.64 -42.10
CA GLU X 131 -39.18 -88.34 -41.66
C GLU X 131 -38.79 -89.35 -40.58
N ILE X 132 -39.11 -89.03 -39.34
CA ILE X 132 -38.74 -89.89 -38.23
C ILE X 132 -39.94 -90.76 -37.88
N ALA X 133 -39.64 -91.97 -37.41
CA ALA X 133 -40.70 -92.93 -37.14
C ALA X 133 -41.40 -92.58 -35.83
N ALA X 134 -42.53 -93.24 -35.60
CA ALA X 134 -43.25 -93.06 -34.35
C ALA X 134 -42.48 -93.69 -33.20
N SER X 135 -42.79 -93.25 -31.98
CA SER X 135 -42.24 -93.64 -30.69
C SER X 135 -40.78 -93.22 -30.50
N LYS X 136 -40.18 -92.53 -31.47
CA LYS X 136 -38.87 -91.92 -31.26
C LYS X 136 -38.93 -90.40 -31.31
N CYS X 137 -40.13 -89.84 -31.42
CA CYS X 137 -40.31 -88.40 -31.31
C CYS X 137 -40.04 -87.97 -29.87
N ARG X 138 -39.06 -87.09 -29.70
CA ARG X 138 -38.66 -86.68 -28.35
C ARG X 138 -39.69 -85.74 -27.73
N ARG X 139 -40.35 -84.93 -28.55
CA ARG X 139 -41.12 -83.81 -28.04
C ARG X 139 -42.44 -84.25 -27.42
N PRO X 140 -42.89 -83.60 -26.35
CA PRO X 140 -44.08 -84.11 -25.64
C PRO X 140 -45.38 -83.85 -26.37
N ALA X 141 -45.43 -82.84 -27.24
CA ALA X 141 -46.65 -82.58 -28.00
C ALA X 141 -46.93 -83.69 -29.00
N VAL X 142 -45.92 -84.03 -29.79
CA VAL X 142 -46.07 -85.11 -30.76
C VAL X 142 -46.15 -86.45 -30.04
N LYS X 143 -45.51 -86.55 -28.88
CA LYS X 143 -45.62 -87.76 -28.06
C LYS X 143 -47.05 -87.95 -27.53
N GLN X 144 -47.73 -86.87 -27.16
CA GLN X 144 -49.08 -87.03 -26.62
C GLN X 144 -50.07 -87.23 -27.75
N PHE X 145 -49.73 -86.78 -28.97
CA PHE X 145 -50.61 -87.12 -30.09
C PHE X 145 -50.39 -88.54 -30.59
N HIS X 146 -49.27 -89.17 -30.23
CA HIS X 146 -49.08 -90.59 -30.55
C HIS X 146 -50.00 -91.50 -29.71
N ASP X 147 -51.27 -91.55 -30.09
CA ASP X 147 -52.22 -92.47 -29.49
C ASP X 147 -53.32 -92.82 -30.48
N SER X 148 -53.69 -94.10 -30.51
CA SER X 148 -55.00 -94.45 -31.03
C SER X 148 -56.03 -94.27 -29.93
N LYS X 149 -57.31 -94.45 -30.30
CA LYS X 149 -58.46 -94.18 -29.43
C LYS X 149 -58.39 -92.79 -28.81
N ILE X 150 -58.11 -91.78 -29.63
CA ILE X 150 -57.95 -90.42 -29.14
C ILE X 150 -59.33 -89.78 -29.08
N LYS X 151 -59.65 -89.15 -27.95
CA LYS X 151 -60.94 -88.51 -27.74
C LYS X 151 -60.71 -87.08 -27.29
N PHE X 152 -61.37 -86.13 -27.96
CA PHE X 152 -61.49 -84.80 -27.40
C PHE X 152 -62.75 -84.15 -27.94
N PRO X 153 -63.45 -83.37 -27.15
CA PRO X 153 -64.53 -82.56 -27.68
C PRO X 153 -64.01 -81.25 -28.24
N LEU X 154 -64.92 -80.36 -28.64
CA LEU X 154 -64.57 -79.03 -29.12
C LEU X 154 -65.19 -78.02 -28.17
N PRO X 155 -64.49 -77.67 -27.09
CA PRO X 155 -65.10 -76.85 -26.06
C PRO X 155 -65.03 -75.38 -26.40
N HIS X 156 -66.14 -74.68 -26.10
CA HIS X 156 -66.23 -73.22 -26.16
C HIS X 156 -65.95 -72.70 -27.57
N ARG X 157 -66.40 -73.44 -28.57
CA ARG X 157 -66.09 -73.06 -29.94
C ARG X 157 -67.05 -71.95 -30.37
N VAL X 158 -66.50 -70.76 -30.56
CA VAL X 158 -67.29 -69.59 -30.95
C VAL X 158 -66.68 -69.04 -32.23
N LEU X 159 -67.55 -68.50 -33.09
CA LEU X 159 -67.19 -68.18 -34.46
C LEU X 159 -68.30 -67.33 -35.05
N ARG X 160 -68.14 -66.99 -36.33
CA ARG X 160 -69.07 -66.18 -37.12
C ARG X 160 -69.39 -64.84 -36.49
N ARG X 161 -68.37 -64.05 -36.23
CA ARG X 161 -68.54 -62.63 -35.94
C ARG X 161 -69.20 -61.99 -37.15
N GLN X 162 -70.41 -61.48 -36.96
CA GLN X 162 -71.17 -60.71 -37.95
C GLN X 162 -71.48 -61.47 -39.22
N HIS X 163 -71.50 -62.80 -39.20
CA HIS X 163 -72.04 -63.53 -40.35
C HIS X 163 -73.57 -63.47 -40.35
N LYS X 164 -74.15 -63.31 -39.18
CA LYS X 164 -75.50 -62.82 -39.02
C LYS X 164 -75.51 -61.34 -39.34
N PRO X 165 -76.68 -60.69 -39.34
CA PRO X 165 -76.67 -59.23 -39.23
C PRO X 165 -76.07 -58.79 -37.90
N ARG X 166 -75.70 -57.52 -37.84
CA ARG X 166 -75.06 -56.98 -36.64
C ARG X 166 -76.05 -56.82 -35.51
N PHE X 167 -77.33 -57.02 -35.77
CA PHE X 167 -78.39 -56.82 -34.80
C PHE X 167 -79.35 -57.99 -34.84
N THR X 168 -79.52 -58.64 -33.70
CA THR X 168 -80.37 -59.80 -33.58
C THR X 168 -80.86 -59.91 -32.14
N THR X 169 -81.89 -60.73 -31.93
CA THR X 169 -82.33 -60.98 -30.57
C THR X 169 -81.86 -62.34 -30.06
N LYS X 170 -81.06 -63.04 -30.85
CA LYS X 170 -80.45 -64.25 -30.35
C LYS X 170 -79.24 -63.91 -29.50
N ARG X 171 -79.00 -64.70 -28.46
CA ARG X 171 -77.71 -64.67 -27.81
C ARG X 171 -77.15 -66.07 -27.91
N PRO X 172 -75.95 -66.25 -28.47
CA PRO X 172 -75.58 -67.54 -29.05
C PRO X 172 -75.33 -68.62 -28.02
N ASN X 173 -75.88 -69.80 -28.28
CA ASN X 173 -75.62 -70.99 -27.48
C ASN X 173 -74.41 -71.75 -27.97
N THR X 174 -73.20 -71.24 -27.71
CA THR X 174 -71.97 -71.97 -27.98
C THR X 174 -71.98 -73.34 -27.31
N PHE X 175 -71.96 -74.39 -28.12
CA PHE X 175 -72.25 -75.77 -27.72
C PHE X 175 -73.58 -75.88 -26.98
N THR Y 1 -3.59 -24.93 -48.32
CA THR Y 1 -3.18 -25.37 -46.99
C THR Y 1 -2.61 -26.77 -47.04
N ASN Y 2 -2.71 -27.42 -48.19
CA ASN Y 2 -2.05 -28.71 -48.35
C ASN Y 2 -0.63 -28.57 -48.89
N THR Y 3 -0.06 -27.37 -48.80
CA THR Y 3 1.32 -27.07 -49.15
C THR Y 3 1.58 -27.42 -50.62
N LYS Y 4 0.97 -26.64 -51.50
CA LYS Y 4 0.83 -27.02 -52.90
C LYS Y 4 2.14 -26.78 -53.64
N GLY Y 5 3.08 -27.71 -53.44
CA GLY Y 5 4.28 -27.77 -54.24
C GLY Y 5 4.30 -29.03 -55.08
N LYS Y 6 5.41 -29.22 -55.78
CA LYS Y 6 5.55 -30.41 -56.58
C LYS Y 6 5.84 -31.62 -55.70
N ARG Y 7 5.20 -32.74 -56.02
CA ARG Y 7 5.53 -34.08 -55.52
C ARG Y 7 5.33 -34.17 -54.00
N ARG Y 8 4.06 -34.08 -53.57
CA ARG Y 8 3.77 -34.05 -52.15
C ARG Y 8 2.99 -35.27 -51.69
N GLY Y 9 2.33 -35.98 -52.60
CA GLY Y 9 1.51 -37.09 -52.19
C GLY Y 9 2.17 -38.40 -52.50
N THR Y 10 3.50 -38.41 -52.46
CA THR Y 10 4.31 -39.43 -53.12
C THR Y 10 5.28 -40.12 -52.19
N ARG Y 11 4.86 -40.52 -51.00
CA ARG Y 11 5.75 -41.31 -50.16
C ARG Y 11 5.89 -42.72 -50.73
N TYR Y 12 4.92 -43.15 -51.53
CA TYR Y 12 4.88 -44.49 -52.06
C TYR Y 12 4.93 -44.55 -53.57
N MET Y 13 4.52 -43.48 -54.25
CA MET Y 13 4.23 -43.60 -55.68
C MET Y 13 5.51 -43.57 -56.50
N PHE Y 14 6.46 -42.70 -56.16
CA PHE Y 14 7.74 -42.68 -56.85
C PHE Y 14 8.75 -43.66 -56.26
N SER Y 15 8.32 -44.56 -55.40
CA SER Y 15 9.27 -45.48 -54.80
C SER Y 15 9.51 -46.68 -55.70
N ARG Y 16 10.76 -47.12 -55.75
CA ARG Y 16 11.09 -48.40 -56.36
C ARG Y 16 10.59 -49.49 -55.44
N PRO Y 17 9.80 -50.46 -55.92
CA PRO Y 17 8.91 -51.22 -55.02
C PRO Y 17 9.60 -52.08 -53.98
N PHE Y 18 10.26 -53.18 -54.37
CA PHE Y 18 10.91 -54.06 -53.41
C PHE Y 18 11.77 -55.10 -54.12
N ARG Y 19 12.96 -55.33 -53.57
CA ARG Y 19 14.03 -56.07 -54.23
C ARG Y 19 14.28 -55.61 -55.66
N LYS Y 20 14.19 -54.31 -55.88
CA LYS Y 20 14.45 -53.70 -57.18
C LYS Y 20 15.19 -52.38 -57.06
N HIS Y 21 15.71 -52.06 -55.88
CA HIS Y 21 16.53 -50.87 -55.70
C HIS Y 21 17.82 -51.01 -56.49
N GLY Y 22 18.36 -49.89 -56.93
CA GLY Y 22 19.66 -49.91 -57.58
C GLY Y 22 19.66 -49.28 -58.94
N VAL Y 23 20.50 -49.79 -59.83
CA VAL Y 23 20.73 -49.24 -61.16
C VAL Y 23 19.51 -49.55 -62.02
N VAL Y 24 19.28 -48.70 -63.01
CA VAL Y 24 18.18 -48.94 -63.94
C VAL Y 24 18.59 -49.99 -64.96
N PRO Y 25 17.77 -50.99 -65.22
CA PRO Y 25 18.08 -51.94 -66.29
C PRO Y 25 17.97 -51.27 -67.65
N LEU Y 26 18.78 -51.74 -68.60
CA LEU Y 26 19.03 -50.99 -69.82
C LEU Y 26 18.03 -51.29 -70.92
N ALA Y 27 17.13 -52.25 -70.72
CA ALA Y 27 16.11 -52.51 -71.72
C ALA Y 27 15.07 -51.40 -71.74
N THR Y 28 14.98 -50.63 -70.65
CA THR Y 28 14.12 -49.45 -70.64
C THR Y 28 14.67 -48.39 -71.58
N TYR Y 29 16.00 -48.23 -71.59
CA TYR Y 29 16.62 -47.28 -72.49
C TYR Y 29 16.55 -47.73 -73.94
N MET Y 30 16.97 -48.97 -74.21
CA MET Y 30 17.09 -49.38 -75.60
C MET Y 30 15.75 -49.77 -76.19
N ARG Y 31 14.89 -48.77 -76.38
CA ARG Y 31 13.63 -48.96 -77.07
C ARG Y 31 13.43 -47.84 -78.06
N ILE Y 32 12.49 -48.01 -78.99
CA ILE Y 32 12.38 -47.11 -80.13
C ILE Y 32 11.06 -46.37 -80.00
N TYR Y 33 11.13 -45.05 -79.93
CA TYR Y 33 9.94 -44.23 -79.76
C TYR Y 33 9.73 -43.37 -81.00
N LYS Y 34 8.77 -43.75 -81.81
CA LYS Y 34 8.47 -43.03 -83.05
C LYS Y 34 7.28 -42.12 -82.81
N LYS Y 35 7.13 -41.14 -83.71
CA LYS Y 35 6.02 -40.20 -83.57
C LYS Y 35 4.70 -40.89 -83.92
N GLY Y 36 3.85 -41.02 -82.92
CA GLY Y 36 2.61 -41.73 -83.08
C GLY Y 36 2.47 -42.96 -82.21
N ASP Y 37 3.49 -43.29 -81.42
CA ASP Y 37 3.37 -44.39 -80.47
C ASP Y 37 2.44 -44.01 -79.33
N ILE Y 38 2.06 -45.01 -78.55
CA ILE Y 38 1.21 -44.83 -77.39
C ILE Y 38 1.94 -45.39 -76.18
N VAL Y 39 2.18 -44.53 -75.20
CA VAL Y 39 3.10 -44.85 -74.11
C VAL Y 39 2.40 -44.71 -72.76
N ASP Y 40 2.81 -45.54 -71.82
CA ASP Y 40 2.45 -45.37 -70.42
C ASP Y 40 3.51 -44.55 -69.71
N ILE Y 41 3.11 -43.90 -68.63
CA ILE Y 41 4.00 -43.07 -67.84
C ILE Y 41 3.99 -43.63 -66.43
N LYS Y 42 5.18 -43.94 -65.91
CA LYS Y 42 5.32 -44.54 -64.60
C LYS Y 42 6.54 -43.94 -63.93
N GLY Y 43 6.38 -43.52 -62.67
CA GLY Y 43 7.45 -42.81 -61.98
C GLY Y 43 8.58 -43.72 -61.54
N MET Y 44 9.80 -43.21 -61.66
CA MET Y 44 11.00 -43.91 -61.23
C MET Y 44 11.77 -42.96 -60.31
N GLY Y 45 11.99 -43.38 -59.07
CA GLY Y 45 12.63 -42.50 -58.11
C GLY Y 45 14.13 -42.41 -58.29
N THR Y 46 14.70 -43.30 -59.10
CA THR Y 46 16.15 -43.36 -59.23
C THR Y 46 16.68 -42.26 -60.15
N VAL Y 47 15.91 -41.87 -61.15
CA VAL Y 47 16.31 -40.82 -62.07
C VAL Y 47 15.48 -39.59 -61.75
N GLN Y 48 16.13 -38.55 -61.22
CA GLN Y 48 15.39 -37.46 -60.59
C GLN Y 48 15.34 -36.25 -61.48
N LYS Y 49 15.95 -36.30 -62.66
CA LYS Y 49 15.95 -35.14 -63.54
C LYS Y 49 14.56 -34.89 -64.12
N GLY Y 50 14.06 -35.82 -64.91
CA GLY Y 50 12.89 -35.54 -65.70
C GLY Y 50 11.64 -36.28 -65.30
N MET Y 51 11.37 -36.38 -64.00
CA MET Y 51 10.12 -36.98 -63.57
C MET Y 51 8.96 -36.07 -63.95
N PRO Y 52 7.84 -36.64 -64.42
CA PRO Y 52 6.81 -35.82 -65.05
C PRO Y 52 6.09 -34.87 -64.10
N HIS Y 53 5.37 -35.45 -63.14
CA HIS Y 53 4.64 -34.81 -62.06
C HIS Y 53 3.97 -35.95 -61.29
N LYS Y 54 3.32 -35.62 -60.17
CA LYS Y 54 2.49 -36.60 -59.52
C LYS Y 54 1.14 -36.75 -60.20
N CYS Y 55 0.79 -35.78 -61.06
CA CYS Y 55 -0.49 -35.84 -61.75
C CYS Y 55 -0.50 -36.90 -62.85
N TYR Y 56 0.59 -37.03 -63.58
CA TYR Y 56 0.59 -37.83 -64.79
C TYR Y 56 1.06 -39.25 -64.56
N HIS Y 57 1.11 -39.72 -63.33
CA HIS Y 57 1.50 -41.10 -63.08
C HIS Y 57 0.36 -42.03 -63.53
N GLY Y 58 0.69 -43.01 -64.36
CA GLY Y 58 -0.30 -43.95 -64.84
C GLY Y 58 -1.08 -43.52 -66.06
N LYS Y 59 -1.08 -42.23 -66.40
CA LYS Y 59 -1.77 -41.74 -67.59
C LYS Y 59 -1.06 -42.21 -68.84
N THR Y 60 -1.82 -42.42 -69.90
CA THR Y 60 -1.34 -43.02 -71.14
C THR Y 60 -1.56 -42.06 -72.30
N GLY Y 61 -0.48 -41.64 -72.94
CA GLY Y 61 -0.63 -40.62 -73.95
C GLY Y 61 0.03 -40.92 -75.28
N ARG Y 62 0.08 -39.92 -76.15
CA ARG Y 62 0.62 -40.02 -77.50
C ARG Y 62 1.95 -39.28 -77.55
N VAL Y 63 2.88 -39.83 -78.33
CA VAL Y 63 4.22 -39.28 -78.50
C VAL Y 63 4.19 -38.36 -79.71
N TYR Y 64 4.79 -37.17 -79.60
CA TYR Y 64 4.85 -36.30 -80.77
C TYR Y 64 6.23 -35.70 -81.01
N ASN Y 65 7.16 -35.81 -80.05
CA ASN Y 65 8.45 -35.15 -80.19
C ASN Y 65 9.53 -36.03 -79.62
N VAL Y 66 10.68 -36.04 -80.28
CA VAL Y 66 11.83 -36.83 -79.85
C VAL Y 66 13.06 -35.93 -79.87
N THR Y 67 13.85 -35.99 -78.80
CA THR Y 67 15.09 -35.25 -78.65
C THR Y 67 16.22 -36.23 -78.38
N GLN Y 68 17.37 -35.73 -77.91
CA GLN Y 68 18.52 -36.59 -77.61
C GLN Y 68 18.18 -37.70 -76.63
N HIS Y 69 17.84 -37.35 -75.40
CA HIS Y 69 17.53 -38.36 -74.41
C HIS Y 69 16.29 -38.01 -73.60
N ALA Y 70 15.24 -37.57 -74.26
CA ALA Y 70 13.92 -37.45 -73.66
C ALA Y 70 12.89 -37.54 -74.75
N VAL Y 71 11.64 -37.26 -74.40
CA VAL Y 71 10.52 -37.43 -75.30
C VAL Y 71 9.37 -36.54 -74.84
N GLY Y 72 8.67 -35.95 -75.80
CA GLY Y 72 7.53 -35.10 -75.49
C GLY Y 72 6.22 -35.81 -75.75
N ILE Y 73 5.33 -35.81 -74.76
CA ILE Y 73 4.11 -36.59 -74.78
C ILE Y 73 2.94 -35.62 -74.76
N VAL Y 74 1.83 -36.00 -75.38
CA VAL Y 74 0.56 -35.30 -75.19
C VAL Y 74 -0.37 -36.20 -74.36
N VAL Y 75 -0.89 -35.65 -73.28
CA VAL Y 75 -1.61 -36.41 -72.26
C VAL Y 75 -2.91 -35.68 -71.95
N ASN Y 76 -4.02 -36.41 -71.96
CA ASN Y 76 -5.29 -35.82 -71.59
C ASN Y 76 -5.42 -35.73 -70.08
N LYS Y 77 -5.31 -34.52 -69.55
CA LYS Y 77 -5.44 -34.27 -68.12
C LYS Y 77 -6.77 -33.59 -67.84
N GLN Y 78 -7.49 -34.10 -66.86
CA GLN Y 78 -8.72 -33.46 -66.43
C GLN Y 78 -8.41 -32.36 -65.42
N VAL Y 79 -8.89 -31.17 -65.71
CA VAL Y 79 -8.97 -30.08 -64.74
C VAL Y 79 -10.44 -29.80 -64.55
N LYS Y 80 -10.73 -28.77 -63.76
CA LYS Y 80 -12.00 -28.47 -63.10
C LYS Y 80 -13.26 -28.79 -63.92
N GLY Y 81 -13.47 -28.11 -65.04
CA GLY Y 81 -14.72 -28.32 -65.74
C GLY Y 81 -14.60 -28.95 -67.11
N LYS Y 82 -13.37 -29.22 -67.53
CA LYS Y 82 -13.10 -29.69 -68.88
C LYS Y 82 -11.76 -30.40 -68.88
N ILE Y 83 -11.56 -31.29 -69.85
CA ILE Y 83 -10.30 -32.01 -69.98
C ILE Y 83 -9.49 -31.32 -71.07
N LEU Y 84 -8.17 -31.32 -70.89
CA LEU Y 84 -7.26 -30.63 -71.79
C LEU Y 84 -6.14 -31.55 -72.22
N ALA Y 85 -5.66 -31.33 -73.43
CA ALA Y 85 -4.50 -32.06 -73.93
C ALA Y 85 -3.25 -31.24 -73.72
N LYS Y 86 -2.47 -31.60 -72.71
CA LYS Y 86 -1.26 -30.87 -72.37
C LYS Y 86 -0.06 -31.51 -73.05
N ARG Y 87 1.11 -30.89 -72.88
CA ARG Y 87 2.31 -31.26 -73.61
C ARG Y 87 3.46 -31.30 -72.60
N ILE Y 88 3.93 -32.51 -72.30
CA ILE Y 88 4.91 -32.74 -71.24
C ILE Y 88 6.22 -33.15 -71.89
N ASN Y 89 7.34 -32.88 -71.21
CA ASN Y 89 8.65 -33.35 -71.66
C ASN Y 89 9.23 -34.24 -70.56
N VAL Y 90 9.34 -35.52 -70.86
CA VAL Y 90 9.67 -36.56 -69.90
C VAL Y 90 10.89 -37.28 -70.42
N ARG Y 91 11.83 -37.61 -69.54
CA ARG Y 91 12.97 -38.42 -69.93
C ARG Y 91 12.53 -39.85 -70.20
N ILE Y 92 13.46 -40.65 -70.72
CA ILE Y 92 13.10 -41.96 -71.25
C ILE Y 92 12.88 -42.96 -70.13
N GLU Y 93 13.45 -42.71 -68.94
CA GLU Y 93 13.48 -43.72 -67.90
C GLU Y 93 12.11 -43.96 -67.28
N HIS Y 94 11.17 -43.07 -67.52
CA HIS Y 94 9.84 -43.19 -66.92
C HIS Y 94 8.82 -43.83 -67.84
N ILE Y 95 9.21 -44.28 -69.03
CA ILE Y 95 8.28 -44.53 -70.13
C ILE Y 95 8.35 -46.00 -70.50
N LYS Y 96 7.21 -46.58 -70.85
CA LYS Y 96 7.14 -47.87 -71.52
C LYS Y 96 5.97 -47.88 -72.49
N HIS Y 97 6.01 -48.82 -73.43
CA HIS Y 97 4.91 -48.94 -74.37
C HIS Y 97 3.68 -49.54 -73.69
N SER Y 98 2.50 -49.16 -74.19
CA SER Y 98 1.27 -49.86 -73.86
C SER Y 98 1.17 -51.06 -74.78
N LYS Y 99 0.82 -52.22 -74.21
CA LYS Y 99 0.70 -53.42 -75.03
C LYS Y 99 -0.64 -53.46 -75.76
N SER Y 100 -1.55 -52.56 -75.39
CA SER Y 100 -2.89 -52.54 -75.95
C SER Y 100 -2.88 -52.27 -77.45
N ARG Y 101 -2.10 -51.27 -77.87
CA ARG Y 101 -2.07 -50.92 -79.28
C ARG Y 101 -1.39 -52.01 -80.09
N ASP Y 102 -0.37 -52.67 -79.53
CA ASP Y 102 0.27 -53.78 -80.26
C ASP Y 102 -0.67 -54.97 -80.40
N SER Y 103 -1.48 -55.24 -79.37
CA SER Y 103 -2.51 -56.26 -79.50
C SER Y 103 -3.52 -55.89 -80.56
N PHE Y 104 -3.85 -54.61 -80.66
CA PHE Y 104 -4.80 -54.19 -81.69
C PHE Y 104 -4.18 -54.29 -83.08
N LEU Y 105 -2.88 -54.02 -83.20
CA LEU Y 105 -2.23 -54.18 -84.49
C LEU Y 105 -2.17 -55.66 -84.89
N LYS Y 106 -2.03 -56.55 -83.92
CA LYS Y 106 -2.14 -57.97 -84.23
C LYS Y 106 -3.55 -58.34 -84.68
N ARG Y 107 -4.57 -57.71 -84.06
CA ARG Y 107 -5.95 -57.90 -84.52
C ARG Y 107 -6.12 -57.43 -85.96
N VAL Y 108 -5.53 -56.28 -86.30
CA VAL Y 108 -5.69 -55.71 -87.63
C VAL Y 108 -5.00 -56.59 -88.67
N LYS Y 109 -3.84 -57.14 -88.33
CA LYS Y 109 -3.12 -57.97 -89.29
C LYS Y 109 -3.82 -59.31 -89.49
N GLU Y 110 -4.40 -59.87 -88.42
CA GLU Y 110 -5.21 -61.08 -88.57
C GLU Y 110 -6.46 -60.80 -89.39
N ASN Y 111 -7.04 -59.61 -89.22
CA ASN Y 111 -8.22 -59.25 -89.99
C ASN Y 111 -7.89 -59.08 -91.46
N ASP Y 112 -6.72 -58.53 -91.78
CA ASP Y 112 -6.33 -58.37 -93.17
C ASP Y 112 -6.04 -59.71 -93.83
N GLN Y 113 -5.39 -60.62 -93.10
CA GLN Y 113 -5.10 -61.93 -93.68
C GLN Y 113 -6.38 -62.74 -93.88
N LYS Y 114 -7.29 -62.69 -92.91
CA LYS Y 114 -8.58 -63.36 -93.07
C LYS Y 114 -9.40 -62.72 -94.18
N LYS Y 115 -9.28 -61.40 -94.37
CA LYS Y 115 -9.99 -60.73 -95.45
C LYS Y 115 -9.47 -61.15 -96.80
N LYS Y 116 -8.15 -61.30 -96.94
CA LYS Y 116 -7.59 -61.72 -98.21
C LYS Y 116 -7.93 -63.18 -98.51
N GLU Y 117 -7.84 -64.05 -97.50
CA GLU Y 117 -8.20 -65.45 -97.72
C GLU Y 117 -9.69 -65.62 -97.95
N ALA Y 118 -10.50 -64.74 -97.37
CA ALA Y 118 -11.95 -64.80 -97.56
C ALA Y 118 -12.34 -64.34 -98.95
N LYS Y 119 -11.72 -63.26 -99.44
CA LYS Y 119 -11.94 -62.83 -100.81
C LYS Y 119 -11.39 -63.85 -101.80
N GLU Y 120 -10.35 -64.59 -101.39
CA GLU Y 120 -9.85 -65.70 -102.21
C GLU Y 120 -10.87 -66.80 -102.36
N LYS Y 121 -11.29 -67.41 -101.25
CA LYS Y 121 -12.03 -68.66 -101.30
C LYS Y 121 -13.52 -68.51 -101.05
N GLY Y 122 -14.05 -67.29 -101.07
CA GLY Y 122 -15.48 -67.08 -100.96
C GLY Y 122 -16.09 -67.33 -99.60
N THR Y 123 -15.27 -67.49 -98.56
CA THR Y 123 -15.78 -67.81 -97.23
C THR Y 123 -16.12 -66.52 -96.50
N TRP Y 124 -17.17 -66.55 -95.66
CA TRP Y 124 -17.55 -65.39 -94.87
C TRP Y 124 -17.13 -65.52 -93.41
N VAL Y 125 -15.96 -65.01 -93.05
CA VAL Y 125 -15.26 -65.49 -91.86
C VAL Y 125 -15.73 -64.85 -90.55
N GLN Y 126 -16.55 -63.80 -90.64
CA GLN Y 126 -17.08 -63.04 -89.49
C GLN Y 126 -15.97 -62.50 -88.60
N LEU Y 127 -15.20 -61.55 -89.14
CA LEU Y 127 -13.96 -61.09 -88.53
C LEU Y 127 -14.16 -59.97 -87.51
N LYS Y 128 -15.39 -59.70 -87.10
CA LYS Y 128 -15.64 -58.78 -86.01
C LYS Y 128 -15.41 -59.49 -84.68
N ARG Y 129 -15.38 -58.72 -83.60
CA ARG Y 129 -15.36 -59.32 -82.27
C ARG Y 129 -16.77 -59.39 -81.71
N GLN Y 130 -17.27 -60.60 -81.55
CA GLN Y 130 -18.55 -60.80 -80.90
C GLN Y 130 -18.33 -60.93 -79.40
N PRO Y 131 -19.17 -60.29 -78.58
CA PRO Y 131 -19.03 -60.45 -77.13
C PRO Y 131 -19.53 -61.81 -76.70
N ALA Y 132 -19.30 -62.12 -75.42
CA ALA Y 132 -19.47 -63.46 -74.88
C ALA Y 132 -20.92 -63.92 -75.00
N PRO Y 133 -21.22 -64.88 -75.86
CA PRO Y 133 -22.59 -65.28 -76.10
C PRO Y 133 -23.12 -66.07 -74.92
N PRO Y 134 -24.44 -66.25 -74.81
CA PRO Y 134 -24.97 -67.18 -73.83
C PRO Y 134 -24.57 -68.61 -74.13
N ARG Y 135 -24.64 -69.45 -73.10
CA ARG Y 135 -24.20 -70.83 -73.22
C ARG Y 135 -25.14 -71.60 -74.12
N GLU Y 136 -24.57 -72.37 -75.04
CA GLU Y 136 -25.37 -73.18 -75.94
C GLU Y 136 -25.97 -74.34 -75.15
N ALA Y 137 -26.98 -74.98 -75.74
CA ALA Y 137 -27.65 -76.06 -75.06
C ALA Y 137 -26.77 -77.30 -75.04
N HIS Y 138 -25.91 -77.39 -74.04
CA HIS Y 138 -25.05 -78.55 -73.97
C HIS Y 138 -25.76 -79.69 -73.25
N PHE Y 139 -25.01 -80.73 -72.92
CA PHE Y 139 -25.62 -82.01 -72.60
C PHE Y 139 -24.74 -82.73 -71.59
N VAL Y 140 -25.10 -82.62 -70.31
CA VAL Y 140 -24.23 -83.04 -69.21
C VAL Y 140 -24.28 -84.56 -69.10
N ARG Y 141 -23.37 -85.11 -68.30
CA ARG Y 141 -23.23 -86.54 -68.10
C ARG Y 141 -23.25 -86.86 -66.61
N THR Y 142 -24.05 -87.86 -66.21
CA THR Y 142 -24.13 -88.30 -64.83
C THR Y 142 -23.91 -89.79 -64.66
N ASN Y 143 -23.06 -90.39 -65.50
CA ASN Y 143 -22.91 -91.84 -65.54
C ASN Y 143 -22.31 -92.40 -64.25
N GLY Y 144 -22.82 -93.56 -63.86
CA GLY Y 144 -22.22 -94.32 -62.77
C GLY Y 144 -22.64 -93.89 -61.37
N LYS Y 145 -22.67 -92.60 -61.10
CA LYS Y 145 -22.82 -92.13 -59.73
C LYS Y 145 -23.95 -91.12 -59.63
N GLU Y 146 -24.77 -91.30 -58.59
CA GLU Y 146 -25.74 -90.32 -58.17
C GLU Y 146 -25.04 -89.04 -57.75
N PRO Y 147 -25.70 -87.88 -57.87
CA PRO Y 147 -25.05 -86.62 -57.50
C PRO Y 147 -24.83 -86.53 -56.00
N GLU Y 148 -23.70 -85.93 -55.63
CA GLU Y 148 -23.31 -85.79 -54.24
C GLU Y 148 -24.27 -84.84 -53.52
N LEU Y 149 -24.69 -85.24 -52.32
CA LEU Y 149 -25.69 -84.48 -51.57
C LEU Y 149 -24.98 -83.55 -50.59
N LEU Y 150 -25.32 -82.27 -50.64
CA LEU Y 150 -24.74 -81.26 -49.78
C LEU Y 150 -25.79 -80.71 -48.85
N GLU Y 151 -25.42 -80.45 -47.61
CA GLU Y 151 -26.32 -79.85 -46.63
C GLU Y 151 -25.55 -78.83 -45.81
N PRO Y 152 -26.22 -77.79 -45.30
CA PRO Y 152 -25.52 -76.82 -44.44
C PRO Y 152 -25.11 -77.44 -43.10
N ILE Y 153 -23.93 -77.05 -42.65
CA ILE Y 153 -23.26 -77.70 -41.52
C ILE Y 153 -23.73 -77.14 -40.19
N PRO Y 154 -23.74 -77.93 -39.13
CA PRO Y 154 -24.12 -77.41 -37.81
C PRO Y 154 -23.07 -76.47 -37.25
N TYR Y 155 -23.54 -75.44 -36.58
CA TYR Y 155 -22.65 -74.42 -36.03
C TYR Y 155 -21.84 -74.97 -34.87
N GLU Y 156 -20.56 -74.67 -34.86
CA GLU Y 156 -19.71 -74.75 -33.70
C GLU Y 156 -18.88 -73.49 -33.64
N PHE Y 157 -18.17 -73.28 -32.54
CA PHE Y 157 -17.32 -72.11 -32.48
C PHE Y 157 -15.84 -72.48 -32.54
N VAL Z 1 -74.52 76.16 35.43
CA VAL Z 1 -75.87 75.60 35.35
C VAL Z 1 -76.20 75.29 33.90
N LEU Z 2 -76.60 74.06 33.64
CA LEU Z 2 -76.81 73.57 32.29
C LEU Z 2 -78.18 72.91 32.20
N LYS Z 3 -78.95 73.26 31.17
CA LYS Z 3 -80.30 72.74 31.03
C LYS Z 3 -80.46 72.08 29.68
N PHE Z 4 -81.48 71.22 29.57
CA PHE Z 4 -81.78 70.50 28.34
C PHE Z 4 -83.28 70.35 28.20
N THR Z 5 -83.71 70.00 26.99
CA THR Z 5 -85.12 70.02 26.64
C THR Z 5 -85.49 68.78 25.84
N LEU Z 6 -86.53 68.09 26.28
CA LEU Z 6 -87.17 67.05 25.48
C LEU Z 6 -88.54 67.57 25.05
N ASP Z 7 -88.65 68.01 23.80
CA ASP Z 7 -89.92 68.46 23.25
C ASP Z 7 -90.65 67.22 22.76
N CYS Z 8 -91.71 66.86 23.47
CA CYS Z 8 -92.50 65.68 23.15
C CYS Z 8 -93.94 66.09 22.81
N THR Z 9 -94.08 67.09 21.93
CA THR Z 9 -95.39 67.66 21.66
C THR Z 9 -96.23 66.73 20.80
N HIS Z 10 -95.62 66.11 19.80
CA HIS Z 10 -96.38 65.46 18.74
C HIS Z 10 -97.11 64.17 19.16
N PRO Z 11 -96.47 63.17 19.79
CA PRO Z 11 -97.23 61.92 20.02
C PRO Z 11 -98.24 62.02 21.15
N VAL Z 12 -98.16 63.07 21.98
CA VAL Z 12 -99.21 63.34 22.95
C VAL Z 12 -100.50 63.69 22.22
N GLU Z 13 -100.40 64.45 21.13
CA GLU Z 13 -101.58 64.76 20.34
C GLU Z 13 -102.07 63.55 19.58
N ASP Z 14 -101.17 62.66 19.18
CA ASP Z 14 -101.61 61.43 18.52
C ASP Z 14 -102.25 60.47 19.50
N GLY Z 15 -101.92 60.59 20.79
CA GLY Z 15 -102.51 59.80 21.84
C GLY Z 15 -101.74 58.56 22.19
N ILE Z 16 -100.52 58.43 21.69
CA ILE Z 16 -99.70 57.25 21.92
C ILE Z 16 -98.95 57.43 23.23
N MET Z 17 -98.53 58.66 23.50
CA MET Z 17 -97.53 59.02 24.48
C MET Z 17 -98.17 59.14 25.87
N ASP Z 18 -97.36 59.10 26.92
CA ASP Z 18 -97.82 59.44 28.26
C ASP Z 18 -96.70 60.17 29.00
N ALA Z 19 -96.83 61.49 29.12
CA ALA Z 19 -95.74 62.33 29.60
C ALA Z 19 -95.49 62.12 31.08
N ALA Z 20 -96.53 61.85 31.86
CA ALA Z 20 -96.35 61.58 33.28
C ALA Z 20 -95.63 60.25 33.47
N ASN Z 21 -95.95 59.27 32.64
CA ASN Z 21 -95.25 57.99 32.66
C ASN Z 21 -93.78 58.16 32.33
N PHE Z 22 -93.47 58.97 31.31
CA PHE Z 22 -92.07 59.14 30.94
C PHE Z 22 -91.31 59.99 31.95
N GLU Z 23 -92.00 60.90 32.64
CA GLU Z 23 -91.39 61.63 33.73
C GLU Z 23 -91.05 60.71 34.89
N GLN Z 24 -91.97 59.79 35.22
CA GLN Z 24 -91.69 58.78 36.25
C GLN Z 24 -90.53 57.89 35.85
N PHE Z 25 -90.43 57.58 34.55
CA PHE Z 25 -89.34 56.73 34.07
C PHE Z 25 -88.00 57.44 34.20
N LEU Z 26 -87.95 58.73 33.87
CA LEU Z 26 -86.70 59.47 34.03
C LEU Z 26 -86.33 59.62 35.50
N GLN Z 27 -87.32 59.90 36.35
CA GLN Z 27 -87.06 60.01 37.79
C GLN Z 27 -86.59 58.67 38.37
N GLU Z 28 -87.03 57.58 37.78
CA GLU Z 28 -86.59 56.27 38.23
C GLU Z 28 -85.17 55.95 37.74
N ARG Z 29 -84.82 56.36 36.51
CA ARG Z 29 -83.68 55.77 35.83
C ARG Z 29 -82.50 56.70 35.57
N ILE Z 30 -82.56 57.99 35.92
CA ILE Z 30 -81.42 58.85 35.65
C ILE Z 30 -80.27 58.57 36.62
N LYS Z 31 -79.09 58.25 36.08
CA LYS Z 31 -77.91 57.98 36.88
C LYS Z 31 -77.05 59.23 37.06
N VAL Z 32 -76.97 59.73 38.29
CA VAL Z 32 -76.16 60.91 38.55
C VAL Z 32 -74.92 60.53 39.35
N ASN Z 33 -73.75 60.91 38.81
CA ASN Z 33 -72.45 60.81 39.46
C ASN Z 33 -72.12 59.36 39.81
N GLY Z 34 -72.22 58.46 38.83
CA GLY Z 34 -72.02 57.05 39.07
C GLY Z 34 -73.26 56.35 39.59
N LYS Z 35 -73.79 56.84 40.70
CA LYS Z 35 -74.90 56.19 41.39
C LYS Z 35 -76.19 56.36 40.60
N ALA Z 36 -76.99 55.30 40.56
CA ALA Z 36 -78.34 55.35 40.00
C ALA Z 36 -79.32 55.84 41.05
N GLY Z 37 -80.61 55.62 40.81
CA GLY Z 37 -81.59 55.89 41.85
C GLY Z 37 -82.47 57.10 41.59
N ASN Z 38 -82.93 57.71 42.68
CA ASN Z 38 -83.80 58.87 42.59
C ASN Z 38 -83.04 60.18 42.69
N LEU Z 39 -81.89 60.25 42.02
CA LEU Z 39 -81.06 61.45 41.99
C LEU Z 39 -80.81 62.01 43.38
N GLY Z 40 -81.35 63.19 43.64
CA GLY Z 40 -81.22 63.85 44.92
C GLY Z 40 -79.89 64.57 45.13
N GLY Z 41 -78.83 63.79 45.25
CA GLY Z 41 -77.50 64.32 45.47
C GLY Z 41 -76.92 65.11 44.32
N GLY Z 42 -77.37 64.82 43.09
CA GLY Z 42 -76.88 65.51 41.92
C GLY Z 42 -77.73 66.69 41.49
N VAL Z 43 -78.34 67.35 42.46
CA VAL Z 43 -79.20 68.51 42.21
C VAL Z 43 -80.23 68.21 41.13
N VAL Z 44 -79.75 67.85 39.95
CA VAL Z 44 -80.62 67.51 38.83
C VAL Z 44 -82.07 67.78 39.21
N THR Z 45 -82.82 68.33 38.26
CA THR Z 45 -84.21 68.73 38.48
C THR Z 45 -84.97 68.57 37.18
N ILE Z 46 -86.14 67.94 37.25
CA ILE Z 46 -86.98 67.65 36.08
C ILE Z 46 -88.26 68.45 36.21
N GLU Z 47 -88.66 69.12 35.14
CA GLU Z 47 -89.89 69.90 35.11
C GLU Z 47 -90.71 69.49 33.89
N ARG Z 48 -92.03 69.48 34.05
CA ARG Z 48 -92.95 68.93 33.07
C ARG Z 48 -93.97 70.00 32.71
N SER Z 49 -94.33 70.08 31.43
CA SER Z 49 -95.24 71.10 30.94
C SER Z 49 -96.41 70.43 30.22
N LYS Z 50 -97.15 71.23 29.45
CA LYS Z 50 -98.21 70.67 28.62
C LYS Z 50 -97.63 69.70 27.59
N SER Z 51 -96.46 70.00 27.04
CA SER Z 51 -95.80 69.13 26.09
C SER Z 51 -94.35 68.86 26.41
N LYS Z 52 -93.61 69.85 26.92
CA LYS Z 52 -92.16 69.80 26.99
C LYS Z 52 -91.71 69.29 28.35
N ILE Z 53 -90.50 68.72 28.38
CA ILE Z 53 -89.88 68.26 29.61
C ILE Z 53 -88.49 68.87 29.70
N THR Z 54 -88.30 69.76 30.66
CA THR Z 54 -87.05 70.51 30.77
C THR Z 54 -86.28 70.03 32.00
N VAL Z 55 -85.03 69.62 31.79
CA VAL Z 55 -84.19 69.15 32.88
C VAL Z 55 -83.08 70.15 33.09
N THR Z 56 -82.56 70.20 34.31
CA THR Z 56 -81.53 71.16 34.71
C THR Z 56 -80.55 70.45 35.63
N SER Z 57 -79.27 70.77 35.50
CA SER Z 57 -78.21 70.11 36.25
C SER Z 57 -77.01 71.03 36.40
N GLU Z 58 -76.33 70.93 37.54
CA GLU Z 58 -75.12 71.72 37.76
C GLU Z 58 -73.87 70.91 37.48
N VAL Z 59 -73.86 69.65 37.91
CA VAL Z 59 -72.84 68.67 37.55
C VAL Z 59 -72.92 68.49 36.04
N PRO Z 60 -71.79 68.41 35.32
CA PRO Z 60 -71.84 68.15 33.89
C PRO Z 60 -72.55 66.84 33.55
N PHE Z 61 -73.34 66.90 32.50
CA PHE Z 61 -74.42 65.95 32.26
C PHE Z 61 -74.78 66.00 30.80
N SER Z 62 -74.56 64.87 30.12
CA SER Z 62 -74.59 64.83 28.67
C SER Z 62 -75.98 64.48 28.16
N LYS Z 63 -76.42 65.23 27.15
CA LYS Z 63 -77.74 65.00 26.56
C LYS Z 63 -77.79 63.73 25.73
N ARG Z 64 -76.63 63.18 25.38
CA ARG Z 64 -76.55 61.82 24.85
C ARG Z 64 -77.21 60.81 25.78
N TYR Z 65 -77.02 60.99 27.09
CA TYR Z 65 -77.64 60.06 28.04
C TYR Z 65 -79.14 60.22 28.08
N LEU Z 66 -79.65 61.44 27.88
CA LEU Z 66 -81.09 61.65 27.78
C LEU Z 66 -81.64 60.99 26.53
N LYS Z 67 -80.89 61.07 25.43
CA LYS Z 67 -81.31 60.41 24.20
C LYS Z 67 -81.31 58.89 24.37
N TYR Z 68 -80.36 58.39 25.15
CA TYR Z 68 -80.29 56.95 25.44
C TYR Z 68 -81.49 56.49 26.28
N LEU Z 69 -81.85 57.27 27.30
CA LEU Z 69 -82.99 56.91 28.13
C LEU Z 69 -84.30 57.05 27.36
N THR Z 70 -84.37 58.02 26.44
CA THR Z 70 -85.57 58.19 25.63
C THR Z 70 -85.75 57.01 24.69
N LYS Z 71 -84.66 56.54 24.08
CA LYS Z 71 -84.74 55.36 23.23
C LYS Z 71 -85.12 54.13 24.03
N LYS Z 72 -84.63 54.00 25.26
CA LYS Z 72 -84.99 52.84 26.07
C LYS Z 72 -86.47 52.89 26.47
N TYR Z 73 -86.99 54.09 26.72
CA TYR Z 73 -88.41 54.22 27.05
C TYR Z 73 -89.29 53.87 25.85
N LEU Z 74 -88.89 54.33 24.66
CA LEU Z 74 -89.67 54.02 23.47
C LEU Z 74 -89.60 52.55 23.12
N LYS Z 75 -88.48 51.89 23.43
CA LYS Z 75 -88.40 50.46 23.20
C LYS Z 75 -89.23 49.68 24.21
N LYS Z 76 -89.27 50.15 25.46
CA LYS Z 76 -90.09 49.45 26.46
C LYS Z 76 -91.57 49.66 26.21
N ASN Z 77 -91.94 50.75 25.54
CA ASN Z 77 -93.32 50.84 25.09
C ASN Z 77 -93.51 50.35 23.67
N ASN Z 78 -92.47 49.76 23.06
CA ASN Z 78 -92.50 49.17 21.72
C ASN Z 78 -92.85 50.21 20.67
N LEU Z 79 -92.34 51.42 20.83
CA LEU Z 79 -92.65 52.52 19.95
C LEU Z 79 -91.49 52.91 19.06
N ARG Z 80 -90.37 52.20 19.13
CA ARG Z 80 -89.17 52.61 18.41
C ARG Z 80 -89.34 52.37 16.91
N ASP Z 81 -90.25 51.48 16.53
CA ASP Z 81 -90.60 51.33 15.12
C ASP Z 81 -91.33 52.57 14.60
N TRP Z 82 -92.09 53.24 15.47
CA TRP Z 82 -92.84 54.40 15.02
C TRP Z 82 -91.97 55.65 14.99
N LEU Z 83 -91.50 56.09 16.15
CA LEU Z 83 -90.88 57.40 16.22
C LEU Z 83 -89.37 57.29 16.13
N ARG Z 84 -88.68 58.44 16.13
CA ARG Z 84 -87.24 58.45 16.32
C ARG Z 84 -86.86 59.71 17.08
N VAL Z 85 -85.71 59.69 17.74
CA VAL Z 85 -85.28 60.79 18.59
C VAL Z 85 -84.27 61.61 17.82
N VAL Z 86 -84.72 62.73 17.26
CA VAL Z 86 -83.82 63.61 16.54
C VAL Z 86 -83.62 64.87 17.37
N ALA Z 87 -82.60 65.63 17.01
CA ALA Z 87 -82.28 66.86 17.72
C ALA Z 87 -82.89 68.02 16.93
N ASN Z 88 -83.62 68.88 17.64
CA ASN Z 88 -84.23 70.03 16.99
C ASN Z 88 -83.24 71.19 16.93
N SER Z 89 -82.55 71.45 18.03
CA SER Z 89 -81.50 72.46 18.08
C SER Z 89 -80.46 72.00 19.07
N LYS Z 90 -79.64 72.94 19.54
CA LYS Z 90 -78.57 72.61 20.48
C LYS Z 90 -79.14 72.22 21.85
N GLU Z 91 -80.34 72.67 22.17
CA GLU Z 91 -80.85 72.49 23.52
C GLU Z 91 -81.86 71.34 23.61
N SER Z 92 -82.50 71.00 22.49
CA SER Z 92 -83.72 70.22 22.56
C SER Z 92 -83.65 68.98 21.67
N TYR Z 93 -84.51 68.03 21.99
CA TYR Z 93 -84.79 66.87 21.17
C TYR Z 93 -86.27 66.85 20.82
N GLU Z 94 -86.58 66.91 19.53
CA GLU Z 94 -87.94 66.83 19.04
C GLU Z 94 -88.25 65.39 18.64
N LEU Z 95 -89.35 64.86 19.13
CA LEU Z 95 -89.82 63.55 18.70
C LEU Z 95 -90.77 63.73 17.52
N ARG Z 96 -90.31 63.37 16.33
CA ARG Z 96 -91.18 63.25 15.18
C ARG Z 96 -91.00 61.85 14.63
N TYR Z 97 -92.06 61.33 14.01
CA TYR Z 97 -91.93 60.02 13.40
C TYR Z 97 -91.71 60.16 11.89
N PHE Z 98 -91.74 59.03 11.21
CA PHE Z 98 -91.24 58.98 9.84
C PHE Z 98 -92.09 58.02 9.01
N GLN Z 99 -92.44 58.48 7.81
CA GLN Z 99 -93.19 57.72 6.80
C GLN Z 99 -94.53 57.19 7.29
N ALA AA 1 -54.33 -28.29 32.91
CA ALA AA 1 -55.30 -27.64 32.05
C ALA AA 1 -55.15 -26.13 32.10
N LYS AA 2 -54.51 -25.55 31.09
CA LYS AA 2 -54.40 -24.12 30.95
C LYS AA 2 -55.27 -23.65 29.79
N PHE AA 3 -56.15 -22.70 30.06
CA PHE AA 3 -57.02 -22.14 29.06
C PHE AA 3 -56.25 -21.19 28.15
N ARG AA 4 -56.75 -21.02 26.94
CA ARG AA 4 -56.30 -19.91 26.13
C ARG AA 4 -56.71 -18.61 26.78
N ILE AA 5 -55.73 -17.74 27.00
CA ILE AA 5 -55.97 -16.39 27.47
C ILE AA 5 -55.45 -15.45 26.40
N SER AA 6 -55.59 -14.16 26.65
CA SER AA 6 -55.07 -13.18 25.71
C SER AA 6 -53.54 -13.18 25.76
N LEU AA 7 -52.93 -12.90 24.62
CA LEU AA 7 -51.49 -12.92 24.50
C LEU AA 7 -50.98 -11.49 24.43
N GLY AA 8 -50.10 -11.13 25.35
CA GLY AA 8 -49.73 -9.74 25.46
C GLY AA 8 -48.25 -9.45 25.31
N LEU AA 9 -47.42 -10.46 25.48
CA LEU AA 9 -45.98 -10.25 25.46
C LEU AA 9 -45.36 -10.98 24.27
N PRO AA 10 -45.08 -10.31 23.18
CA PRO AA 10 -44.36 -10.96 22.09
C PRO AA 10 -42.87 -10.91 22.31
N VAL AA 11 -42.11 -11.36 21.31
CA VAL AA 11 -40.65 -11.30 21.36
C VAL AA 11 -40.19 -9.85 21.35
N GLY AA 12 -39.27 -9.54 22.25
CA GLY AA 12 -38.78 -8.18 22.37
C GLY AA 12 -39.34 -7.43 23.55
N ALA AA 13 -40.28 -8.01 24.27
CA ALA AA 13 -40.83 -7.35 25.44
C ALA AA 13 -39.82 -7.34 26.57
N VAL AA 14 -39.93 -6.33 27.42
CA VAL AA 14 -39.09 -6.17 28.60
C VAL AA 14 -40.01 -6.12 29.80
N ILE AA 15 -39.94 -7.12 30.65
CA ILE AA 15 -40.82 -7.23 31.80
C ILE AA 15 -40.01 -7.03 33.07
N ASN AA 16 -40.68 -6.64 34.14
CA ASN AA 16 -40.01 -6.51 35.42
C ASN AA 16 -39.94 -7.86 36.11
N CYS AA 17 -38.80 -8.14 36.73
CA CYS AA 17 -38.57 -9.45 37.34
C CYS AA 17 -38.85 -9.34 38.83
N ALA AA 18 -39.84 -10.06 39.31
CA ALA AA 18 -40.34 -9.91 40.68
C ALA AA 18 -39.72 -10.98 41.58
N ASP AA 19 -38.46 -10.74 41.94
CA ASP AA 19 -37.75 -11.66 42.82
C ASP AA 19 -36.70 -10.90 43.62
N ASN AA 20 -36.13 -11.60 44.60
CA ASN AA 20 -35.05 -11.06 45.40
C ASN AA 20 -33.67 -11.44 44.86
N THR AA 21 -33.59 -11.91 43.61
CA THR AA 21 -32.32 -12.42 43.10
C THR AA 21 -31.37 -11.28 42.76
N GLY AA 22 -31.84 -10.31 41.97
CA GLY AA 22 -30.98 -9.21 41.59
C GLY AA 22 -31.00 -8.87 40.11
N ALA AA 23 -31.99 -9.40 39.40
CA ALA AA 23 -32.22 -9.05 38.01
C ALA AA 23 -33.41 -8.11 37.94
N LYS AA 24 -33.19 -6.90 37.40
CA LYS AA 24 -34.26 -5.93 37.35
C LYS AA 24 -35.29 -6.28 36.29
N ASN AA 25 -34.85 -6.46 35.05
CA ASN AA 25 -35.81 -6.71 33.97
C ASN AA 25 -35.38 -7.92 33.16
N LEU AA 26 -36.36 -8.51 32.49
CA LEU AA 26 -36.16 -9.67 31.65
C LEU AA 26 -36.56 -9.32 30.23
N TYR AA 27 -35.65 -9.55 29.30
CA TYR AA 27 -35.89 -9.37 27.88
C TYR AA 27 -36.25 -10.71 27.29
N ILE AA 28 -37.47 -10.84 26.79
CA ILE AA 28 -37.98 -12.11 26.27
C ILE AA 28 -37.37 -12.34 24.90
N ILE AA 29 -36.90 -13.56 24.62
CA ILE AA 29 -36.45 -13.89 23.28
C ILE AA 29 -37.37 -14.89 22.59
N SER AA 30 -37.95 -15.85 23.31
CA SER AA 30 -38.85 -16.81 22.72
C SER AA 30 -39.69 -17.49 23.79
N VAL AA 31 -40.73 -18.18 23.34
CA VAL AA 31 -41.71 -18.82 24.21
C VAL AA 31 -41.64 -20.32 23.98
N LYS AA 32 -41.64 -21.09 25.07
CA LYS AA 32 -41.69 -22.54 24.94
C LYS AA 32 -43.01 -23.00 24.37
N GLY AA 33 -42.94 -23.80 23.31
CA GLY AA 33 -44.12 -24.43 22.75
C GLY AA 33 -44.94 -23.59 21.80
N ILE AA 34 -44.33 -23.00 20.78
CA ILE AA 34 -45.10 -22.27 19.77
C ILE AA 34 -44.70 -22.72 18.37
N LYS AA 35 -45.70 -23.08 17.57
CA LYS AA 35 -45.55 -23.27 16.14
C LYS AA 35 -45.87 -21.94 15.50
N GLY AA 36 -45.25 -21.67 14.35
CA GLY AA 36 -45.20 -20.33 13.81
C GLY AA 36 -46.00 -20.16 12.53
N ARG AA 37 -45.66 -19.09 11.81
CA ARG AA 37 -46.38 -18.56 10.67
C ARG AA 37 -45.45 -17.54 10.02
N LEU AA 38 -45.64 -17.28 8.72
CA LEU AA 38 -44.84 -16.24 8.08
C LEU AA 38 -45.11 -14.88 8.68
N ASN AA 39 -44.08 -14.34 9.32
CA ASN AA 39 -44.08 -13.08 10.04
C ASN AA 39 -45.18 -13.06 11.10
N ARG AA 40 -45.10 -13.96 12.07
CA ARG AA 40 -45.91 -13.89 13.28
C ARG AA 40 -44.98 -13.99 14.48
N LEU AA 41 -45.06 -13.04 15.37
CA LEU AA 41 -44.21 -13.06 16.54
C LEU AA 41 -44.72 -14.11 17.52
N PRO AA 42 -43.85 -14.90 18.14
CA PRO AA 42 -44.29 -15.77 19.22
C PRO AA 42 -44.68 -14.95 20.44
N ALA AA 43 -45.80 -15.31 21.05
CA ALA AA 43 -46.44 -14.48 22.07
C ALA AA 43 -46.52 -15.22 23.40
N ALA AA 44 -46.32 -14.50 24.48
CA ALA AA 44 -46.26 -15.08 25.82
C ALA AA 44 -47.42 -14.56 26.66
N GLY AA 45 -48.33 -15.46 27.02
CA GLY AA 45 -49.36 -15.16 27.98
C GLY AA 45 -48.86 -15.40 29.40
N VAL AA 46 -49.78 -15.25 30.35
CA VAL AA 46 -49.51 -15.60 31.72
C VAL AA 46 -49.37 -17.11 31.82
N GLY AA 47 -48.23 -17.56 32.34
CA GLY AA 47 -48.02 -18.97 32.59
C GLY AA 47 -47.15 -19.68 31.59
N ASP AA 48 -47.00 -19.15 30.39
CA ASP AA 48 -46.08 -19.74 29.43
C ASP AA 48 -44.65 -19.48 29.88
N MET AA 49 -43.90 -20.55 30.09
CA MET AA 49 -42.49 -20.46 30.38
C MET AA 49 -41.77 -19.97 29.13
N VAL AA 50 -40.94 -18.95 29.29
CA VAL AA 50 -40.27 -18.32 28.17
C VAL AA 50 -38.77 -18.37 28.39
N MET AA 51 -38.03 -17.98 27.37
CA MET AA 51 -36.60 -17.80 27.49
C MET AA 51 -36.31 -16.32 27.59
N ALA AA 52 -35.48 -15.92 28.55
CA ALA AA 52 -35.23 -14.52 28.77
C ALA AA 52 -33.76 -14.28 29.07
N THR AA 53 -33.33 -13.06 28.77
CA THR AA 53 -32.04 -12.55 29.19
C THR AA 53 -32.30 -11.42 30.17
N VAL AA 54 -31.22 -10.89 30.74
CA VAL AA 54 -31.31 -9.81 31.72
C VAL AA 54 -30.63 -8.59 31.16
N LYS AA 55 -31.36 -7.48 31.07
CA LYS AA 55 -30.76 -6.25 30.56
C LYS AA 55 -29.97 -5.52 31.64
N LYS AA 56 -30.54 -5.37 32.83
CA LYS AA 56 -29.88 -4.61 33.88
C LYS AA 56 -29.86 -5.44 35.17
N GLY AA 57 -28.71 -5.42 35.85
CA GLY AA 57 -28.60 -6.14 37.10
C GLY AA 57 -27.18 -6.54 37.46
N LYS AA 58 -27.05 -7.61 38.24
CA LYS AA 58 -25.76 -8.08 38.68
C LYS AA 58 -24.99 -8.68 37.50
N PRO AA 59 -23.66 -8.67 37.52
CA PRO AA 59 -22.91 -9.15 36.35
C PRO AA 59 -22.99 -10.64 36.11
N GLU AA 60 -23.31 -11.43 37.14
CA GLU AA 60 -23.37 -12.88 36.96
C GLU AA 60 -24.63 -13.29 36.22
N LEU AA 61 -25.62 -12.41 36.15
CA LEU AA 61 -26.89 -12.79 35.56
C LEU AA 61 -27.05 -12.21 34.17
N ARG AA 62 -26.14 -11.35 33.75
CA ARG AA 62 -26.26 -10.77 32.43
C ARG AA 62 -25.59 -11.65 31.38
N LYS AA 63 -25.98 -11.43 30.12
CA LYS AA 63 -25.32 -11.96 28.93
C LYS AA 63 -25.36 -13.49 28.87
N LYS AA 64 -26.51 -14.06 29.21
CA LYS AA 64 -26.80 -15.45 28.91
C LYS AA 64 -28.31 -15.60 28.84
N VAL AA 65 -28.76 -16.80 28.49
CA VAL AA 65 -30.19 -17.10 28.42
C VAL AA 65 -30.54 -17.96 29.62
N HIS AA 66 -31.75 -17.80 30.13
CA HIS AA 66 -32.27 -18.66 31.17
C HIS AA 66 -33.79 -18.61 31.16
N PRO AA 67 -34.46 -19.68 31.59
CA PRO AA 67 -35.91 -19.70 31.52
C PRO AA 67 -36.54 -18.81 32.57
N ALA AA 68 -37.73 -18.32 32.23
CA ALA AA 68 -38.51 -17.49 33.13
C ALA AA 68 -39.98 -17.87 32.99
N VAL AA 69 -40.79 -17.41 33.93
CA VAL AA 69 -42.23 -17.61 33.91
C VAL AA 69 -42.90 -16.27 34.18
N VAL AA 70 -43.77 -15.85 33.27
CA VAL AA 70 -44.49 -14.58 33.39
C VAL AA 70 -45.58 -14.79 34.42
N ILE AA 71 -45.70 -13.85 35.37
CA ILE AA 71 -46.74 -14.00 36.39
C ILE AA 71 -47.78 -12.89 36.28
N ARG AA 72 -47.44 -11.74 35.71
CA ARG AA 72 -48.39 -10.64 35.60
C ARG AA 72 -48.32 -10.01 34.22
N GLN AA 73 -49.48 -9.64 33.70
CA GLN AA 73 -49.66 -9.14 32.35
C GLN AA 73 -50.51 -7.88 32.37
N ARG AA 74 -50.11 -6.87 31.63
CA ARG AA 74 -50.90 -5.63 31.64
C ARG AA 74 -51.97 -5.68 30.56
N LYS AA 75 -51.79 -6.51 29.55
CA LYS AA 75 -52.88 -6.81 28.63
C LYS AA 75 -53.97 -7.59 29.34
N SER AA 76 -55.19 -7.09 29.24
CA SER AA 76 -56.33 -7.74 29.88
C SER AA 76 -56.67 -9.04 29.19
N TYR AA 77 -57.11 -10.01 29.98
CA TYR AA 77 -57.51 -11.31 29.46
C TYR AA 77 -58.77 -11.76 30.17
N ARG AA 78 -59.34 -12.85 29.67
CA ARG AA 78 -60.63 -13.32 30.11
C ARG AA 78 -60.48 -14.61 30.91
N ARG AA 79 -61.21 -14.71 32.02
CA ARG AA 79 -61.38 -15.96 32.72
C ARG AA 79 -62.66 -16.64 32.28
N LYS AA 80 -62.83 -17.89 32.72
CA LYS AA 80 -64.10 -18.58 32.54
C LYS AA 80 -65.20 -17.96 33.40
N ASP AA 81 -64.82 -17.26 34.47
CA ASP AA 81 -65.78 -16.51 35.27
C ASP AA 81 -66.39 -15.38 34.45
N GLY AA 82 -65.58 -14.69 33.65
CA GLY AA 82 -66.04 -13.54 32.91
C GLY AA 82 -65.46 -12.23 33.38
N VAL AA 83 -64.63 -12.25 34.41
CA VAL AA 83 -64.00 -11.03 34.92
C VAL AA 83 -62.69 -10.78 34.18
N PHE AA 84 -62.69 -9.77 33.33
CA PHE AA 84 -61.49 -9.33 32.64
C PHE AA 84 -60.59 -8.63 33.64
N LEU AA 85 -59.61 -9.35 34.17
CA LEU AA 85 -58.71 -8.74 35.13
C LEU AA 85 -57.38 -8.47 34.47
N TYR AA 86 -56.74 -7.39 34.90
CA TYR AA 86 -55.42 -7.07 34.39
C TYR AA 86 -54.60 -6.40 35.47
N PHE AA 87 -53.29 -6.52 35.34
CA PHE AA 87 -52.37 -6.17 36.41
C PHE AA 87 -51.71 -4.83 36.11
N GLU AA 88 -51.08 -4.25 37.14
CA GLU AA 88 -50.46 -2.94 36.95
C GLU AA 88 -49.24 -3.00 36.03
N ASP AA 89 -48.42 -4.03 36.15
CA ASP AA 89 -47.18 -4.10 35.38
C ASP AA 89 -46.81 -5.51 35.01
N ASN AA 90 -46.09 -5.65 33.90
CA ASN AA 90 -45.67 -6.94 33.40
C ASN AA 90 -44.57 -7.51 34.29
N ALA AA 91 -44.79 -8.71 34.82
CA ALA AA 91 -43.86 -9.24 35.80
C ALA AA 91 -43.63 -10.74 35.57
N GLY AA 92 -42.40 -11.16 35.83
CA GLY AA 92 -42.00 -12.54 35.69
C GLY AA 92 -40.88 -12.90 36.64
N VAL AA 93 -40.65 -14.21 36.78
CA VAL AA 93 -39.61 -14.73 37.66
C VAL AA 93 -38.70 -15.69 36.90
N ILE AA 94 -37.43 -15.66 37.25
CA ILE AA 94 -36.44 -16.58 36.70
C ILE AA 94 -36.69 -17.96 37.29
N VAL AA 95 -36.51 -19.00 36.47
CA VAL AA 95 -36.85 -20.36 36.87
C VAL AA 95 -35.90 -21.31 36.15
N ASN AA 96 -35.72 -22.51 36.70
CA ASN AA 96 -34.93 -23.50 35.99
C ASN AA 96 -35.83 -24.34 35.09
N ASN AA 97 -35.27 -25.45 34.60
CA ASN AA 97 -36.02 -26.29 33.67
C ASN AA 97 -37.10 -27.08 34.38
N LYS AA 98 -36.81 -27.58 35.58
CA LYS AA 98 -37.78 -28.40 36.29
C LYS AA 98 -38.91 -27.54 36.86
N GLY AA 99 -38.65 -26.28 37.12
CA GLY AA 99 -39.67 -25.40 37.65
C GLY AA 99 -39.41 -24.92 39.07
N GLU AA 100 -38.14 -24.73 39.43
CA GLU AA 100 -37.77 -24.28 40.75
C GLU AA 100 -37.47 -22.79 40.72
N MET AA 101 -37.96 -22.08 41.73
CA MET AA 101 -37.68 -20.67 41.89
C MET AA 101 -36.19 -20.48 42.17
N LYS AA 102 -35.55 -19.66 41.33
CA LYS AA 102 -34.15 -19.30 41.57
C LYS AA 102 -34.02 -18.40 42.79
N GLY AA 103 -34.93 -17.44 42.93
CA GLY AA 103 -35.03 -16.62 44.11
C GLY AA 103 -35.87 -17.29 45.17
N SER AA 104 -36.33 -16.50 46.13
CA SER AA 104 -37.17 -17.04 47.20
C SER AA 104 -38.51 -16.36 47.34
N ALA AA 105 -38.60 -15.05 47.08
CA ALA AA 105 -39.83 -14.33 47.35
C ALA AA 105 -40.25 -13.57 46.11
N ILE AA 106 -41.54 -13.24 46.05
CA ILE AA 106 -42.13 -12.55 44.91
C ILE AA 106 -42.78 -11.27 45.40
N THR AA 107 -42.25 -10.14 44.94
CA THR AA 107 -42.74 -8.83 45.36
C THR AA 107 -44.00 -8.46 44.59
N GLY AA 108 -45.12 -9.08 44.97
CA GLY AA 108 -46.39 -8.76 44.38
C GLY AA 108 -47.29 -9.95 44.16
N PRO AA 109 -48.52 -9.70 43.72
CA PRO AA 109 -49.47 -10.79 43.55
C PRO AA 109 -49.19 -11.59 42.30
N VAL AA 110 -49.74 -12.80 42.26
CA VAL AA 110 -49.49 -13.77 41.21
C VAL AA 110 -50.84 -14.13 40.60
N ALA AA 111 -50.88 -14.27 39.28
CA ALA AA 111 -52.11 -14.64 38.60
C ALA AA 111 -52.44 -16.10 38.83
N LYS AA 112 -53.74 -16.41 38.75
CA LYS AA 112 -54.22 -17.73 39.13
C LYS AA 112 -53.83 -18.79 38.10
N GLU AA 113 -53.75 -18.38 36.83
CA GLU AA 113 -53.35 -19.33 35.79
C GLU AA 113 -51.89 -19.73 35.96
N CYS AA 114 -51.04 -18.82 36.43
CA CYS AA 114 -49.67 -19.21 36.74
C CYS AA 114 -49.61 -20.05 38.01
N ALA AA 115 -50.43 -19.68 39.00
CA ALA AA 115 -50.35 -20.33 40.31
C ALA AA 115 -50.90 -21.75 40.27
N ASP AA 116 -51.75 -22.07 39.30
CA ASP AA 116 -52.31 -23.41 39.26
C ASP AA 116 -51.51 -24.32 38.34
N LEU AA 117 -50.63 -23.77 37.52
CA LEU AA 117 -49.77 -24.61 36.71
C LEU AA 117 -48.41 -24.84 37.35
N TRP AA 118 -47.82 -23.81 37.95
CA TRP AA 118 -46.48 -23.99 38.50
C TRP AA 118 -46.54 -24.08 40.01
N PRO AA 119 -46.31 -25.25 40.59
CA PRO AA 119 -46.57 -25.40 42.03
C PRO AA 119 -45.53 -24.73 42.90
N ARG AA 120 -44.29 -24.65 42.45
CA ARG AA 120 -43.24 -24.05 43.26
C ARG AA 120 -43.40 -22.54 43.33
N ILE AA 121 -43.92 -21.94 42.26
CA ILE AA 121 -44.26 -20.53 42.30
C ILE AA 121 -45.47 -20.29 43.19
N ALA AA 122 -46.38 -21.27 43.23
CA ALA AA 122 -47.56 -21.17 44.08
C ALA AA 122 -47.19 -21.18 45.56
N SER AA 123 -46.09 -21.86 45.89
CA SER AA 123 -45.61 -21.82 47.27
C SER AA 123 -45.08 -20.44 47.62
N ASN AA 124 -44.24 -19.87 46.76
CA ASN AA 124 -43.65 -18.57 47.03
C ASN AA 124 -44.49 -17.41 46.54
N ALA AA 125 -45.77 -17.63 46.30
CA ALA AA 125 -46.68 -16.57 45.86
C ALA AA 125 -47.08 -15.75 47.08
N GLY AA 126 -47.06 -14.43 46.92
CA GLY AA 126 -47.46 -13.56 48.02
C GLY AA 126 -48.95 -13.64 48.31
N SER AA 127 -49.77 -13.32 47.32
CA SER AA 127 -51.22 -13.42 47.43
C SER AA 127 -51.79 -13.75 46.06
N ILE AA 128 -52.51 -14.86 45.98
CA ILE AA 128 -52.97 -15.42 44.71
C ILE AA 128 -54.11 -14.56 44.20
N ALA AA 129 -53.92 -13.96 43.03
CA ALA AA 129 -54.92 -13.19 42.28
C ALA AA 129 -55.54 -12.06 43.07
N LYS BA 1 -72.48 -14.24 42.15
CA LYS BA 1 -71.84 -13.36 43.12
C LYS BA 1 -71.96 -11.89 42.71
N VAL BA 2 -72.75 -11.14 43.44
CA VAL BA 2 -73.00 -9.72 43.16
C VAL BA 2 -71.90 -8.91 43.82
N GLU BA 3 -71.23 -8.08 43.02
CA GLU BA 3 -70.06 -7.36 43.50
C GLU BA 3 -70.20 -5.88 43.23
N LEU BA 4 -69.77 -5.06 44.18
CA LEU BA 4 -69.87 -3.60 44.09
C LEU BA 4 -68.61 -3.06 43.45
N CYS BA 5 -68.77 -2.06 42.57
CA CYS BA 5 -67.61 -1.48 41.92
C CYS BA 5 -66.85 -0.60 42.91
N SER BA 6 -65.60 -0.33 42.57
CA SER BA 6 -64.75 0.43 43.49
C SER BA 6 -64.93 1.92 43.31
N PHE BA 7 -65.16 2.36 42.07
CA PHE BA 7 -65.23 3.80 41.83
C PHE BA 7 -66.61 4.35 42.15
N SER BA 8 -67.63 3.90 41.44
CA SER BA 8 -68.92 4.56 41.58
C SER BA 8 -69.68 4.06 42.80
N GLY BA 9 -69.92 2.77 42.89
CA GLY BA 9 -70.80 2.23 43.90
C GLY BA 9 -71.97 1.47 43.35
N TYR BA 10 -72.09 1.35 42.03
CA TYR BA 10 -73.15 0.56 41.44
C TYR BA 10 -72.88 -0.92 41.61
N LYS BA 11 -73.90 -1.73 41.35
CA LYS BA 11 -73.76 -3.18 41.35
C LYS BA 11 -73.11 -3.63 40.06
N ILE BA 12 -72.23 -4.60 40.14
CA ILE BA 12 -71.70 -5.27 38.96
C ILE BA 12 -72.23 -6.69 38.93
N TYR BA 13 -72.97 -7.01 37.88
CA TYR BA 13 -73.40 -8.38 37.63
C TYR BA 13 -72.26 -9.13 36.96
N PRO BA 14 -72.11 -10.43 37.25
CA PRO BA 14 -71.06 -11.20 36.58
C PRO BA 14 -71.34 -11.33 35.10
N GLY BA 15 -70.32 -11.06 34.30
CA GLY BA 15 -70.50 -10.80 32.90
C GLY BA 15 -70.42 -9.34 32.53
N HIS BA 16 -69.77 -8.51 33.35
CA HIS BA 16 -69.66 -7.09 33.12
C HIS BA 16 -68.37 -6.56 33.70
N GLY BA 17 -67.92 -5.43 33.15
CA GLY BA 17 -66.88 -4.65 33.78
C GLY BA 17 -65.50 -5.28 33.69
N ARG BA 18 -64.55 -4.59 34.29
CA ARG BA 18 -63.17 -5.05 34.34
C ARG BA 18 -62.72 -5.08 35.79
N ARG BA 19 -61.56 -5.67 36.02
CA ARG BA 19 -61.00 -5.80 37.34
C ARG BA 19 -59.52 -5.47 37.28
N TYR BA 20 -59.06 -4.66 38.22
CA TYR BA 20 -57.69 -4.17 38.21
C TYR BA 20 -56.98 -4.75 39.41
N ALA BA 21 -55.75 -5.21 39.21
CA ALA BA 21 -54.95 -5.69 40.32
C ALA BA 21 -53.68 -4.87 40.40
N ARG BA 22 -53.55 -4.10 41.48
CA ARG BA 22 -52.45 -3.18 41.62
C ARG BA 22 -51.22 -3.95 42.10
N THR BA 23 -50.06 -3.28 42.07
CA THR BA 23 -48.81 -3.92 42.49
C THR BA 23 -48.82 -4.23 43.98
N ASP BA 24 -49.50 -3.42 44.78
CA ASP BA 24 -49.59 -3.67 46.22
C ASP BA 24 -50.47 -4.86 46.53
N GLY BA 25 -51.25 -5.34 45.56
CA GLY BA 25 -52.07 -6.50 45.78
C GLY BA 25 -53.50 -6.10 46.02
N LYS BA 26 -53.73 -4.79 46.17
CA LYS BA 26 -55.08 -4.29 46.31
C LYS BA 26 -55.81 -4.44 44.99
N VAL BA 27 -57.06 -4.89 45.07
CA VAL BA 27 -57.85 -5.25 43.90
C VAL BA 27 -59.02 -4.29 43.80
N PHE BA 28 -59.19 -3.70 42.62
CA PHE BA 28 -60.30 -2.81 42.33
C PHE BA 28 -61.20 -3.45 41.29
N GLN BA 29 -62.43 -2.95 41.21
CA GLN BA 29 -63.36 -3.38 40.17
C GLN BA 29 -63.89 -2.14 39.46
N PHE BA 30 -64.38 -2.35 38.24
CA PHE BA 30 -64.94 -1.25 37.46
C PHE BA 30 -66.14 -1.77 36.71
N LEU BA 31 -67.26 -1.07 36.83
CA LEU BA 31 -68.42 -1.39 36.03
C LEU BA 31 -68.20 -1.14 34.56
N ASN BA 32 -67.43 -0.12 34.19
CA ASN BA 32 -67.22 0.23 32.80
C ASN BA 32 -65.93 1.04 32.64
N ALA BA 33 -65.63 1.35 31.38
CA ALA BA 33 -64.43 2.11 31.07
C ALA BA 33 -64.55 3.57 31.51
N LYS BA 34 -65.77 4.04 31.73
CA LYS BA 34 -65.97 5.37 32.31
C LYS BA 34 -65.39 5.45 33.72
N CYS BA 35 -65.77 4.48 34.57
CA CYS BA 35 -65.20 4.40 35.91
C CYS BA 35 -63.71 4.07 35.86
N GLU BA 36 -63.29 3.26 34.90
CA GLU BA 36 -61.87 2.92 34.76
C GLU BA 36 -61.02 4.15 34.45
N SER BA 37 -61.42 4.93 33.45
CA SER BA 37 -60.65 6.12 33.09
C SER BA 37 -60.73 7.19 34.16
N ALA BA 38 -61.91 7.36 34.78
CA ALA BA 38 -62.05 8.37 35.81
C ALA BA 38 -61.28 7.98 37.07
N PHE BA 39 -61.01 6.70 37.26
CA PHE BA 39 -60.22 6.29 38.41
C PHE BA 39 -58.73 6.37 38.13
N LEU BA 40 -58.32 5.99 36.92
CA LEU BA 40 -56.90 6.09 36.58
C LEU BA 40 -56.45 7.53 36.42
N SER BA 41 -57.37 8.45 36.14
CA SER BA 41 -57.02 9.86 36.18
C SER BA 41 -57.11 10.46 37.57
N LYS BA 42 -57.17 9.62 38.61
CA LYS BA 42 -57.07 9.99 40.02
C LYS BA 42 -58.15 10.97 40.46
N ARG BA 43 -59.32 10.88 39.83
CA ARG BA 43 -60.43 11.72 40.25
C ARG BA 43 -61.15 11.07 41.42
N ASN BA 44 -61.13 11.74 42.56
CA ASN BA 44 -61.72 11.44 43.85
C ASN BA 44 -63.22 11.20 43.68
N PRO BA 45 -63.72 10.00 44.02
CA PRO BA 45 -65.16 9.73 43.84
C PRO BA 45 -66.06 10.50 44.78
N ARG BA 46 -65.50 11.20 45.77
CA ARG BA 46 -66.31 11.98 46.69
C ARG BA 46 -66.59 13.37 46.15
N GLN BA 47 -66.43 13.59 44.84
CA GLN BA 47 -66.60 14.91 44.25
C GLN BA 47 -67.30 14.86 42.91
N ILE BA 48 -67.46 13.67 42.32
CA ILE BA 48 -68.11 13.58 41.01
C ILE BA 48 -69.57 13.20 41.20
N ASN BA 49 -70.45 13.93 40.51
CA ASN BA 49 -71.84 14.07 40.95
C ASN BA 49 -72.66 12.81 40.76
N TRP BA 50 -72.25 11.93 39.85
CA TRP BA 50 -73.13 10.81 39.52
C TRP BA 50 -72.83 9.54 40.29
N THR BA 51 -71.91 9.57 41.24
CA THR BA 51 -71.56 8.36 41.96
C THR BA 51 -72.34 8.26 43.26
N VAL BA 52 -72.61 7.03 43.67
CA VAL BA 52 -73.34 6.74 44.91
C VAL BA 52 -72.57 7.25 46.13
N LEU BA 53 -71.24 7.18 46.08
CA LEU BA 53 -70.42 7.67 47.19
C LEU BA 53 -70.48 9.18 47.31
N TYR BA 54 -70.83 9.87 46.23
CA TYR BA 54 -71.11 11.30 46.32
C TYR BA 54 -72.47 11.57 46.93
N ARG BA 55 -73.44 10.69 46.68
CA ARG BA 55 -74.80 10.89 47.16
C ARG BA 55 -74.89 10.82 48.68
N ARG BA 56 -73.95 10.14 49.32
CA ARG BA 56 -74.02 9.94 50.75
C ARG BA 56 -73.31 11.04 51.53
N LYS BA 57 -72.55 11.90 50.85
CA LYS BA 57 -71.82 12.93 51.59
C LYS BA 57 -72.74 14.01 52.12
N HIS BA 58 -73.41 14.75 51.24
CA HIS BA 58 -74.16 15.92 51.68
C HIS BA 58 -75.38 15.59 52.52
N LYS BA 59 -76.46 15.21 51.83
CA LYS BA 59 -77.70 14.53 52.15
C LYS BA 59 -78.37 14.55 50.80
N LYS BA 60 -78.94 13.45 50.32
CA LYS BA 60 -79.67 13.55 49.06
C LYS BA 60 -81.05 12.93 49.20
N GLY BA 61 -81.76 12.75 48.07
CA GLY BA 61 -83.15 12.36 48.14
C GLY BA 61 -83.34 10.93 48.63
N GLN BA 62 -82.33 10.10 48.44
CA GLN BA 62 -82.39 8.75 48.98
C GLN BA 62 -81.73 8.69 50.36
N SER BA 63 -80.87 9.67 50.68
CA SER BA 63 -80.30 9.72 52.03
C SER BA 63 -81.31 10.23 53.03
N GLU BA 64 -82.34 10.96 52.55
CA GLU BA 64 -83.42 11.42 53.42
C GLU BA 64 -84.27 10.27 53.95
N GLU BA 65 -84.23 9.11 53.31
CA GLU BA 65 -84.96 7.96 53.81
C GLU BA 65 -84.25 7.33 55.01
N ILE BA 66 -82.92 7.36 55.01
CA ILE BA 66 -82.17 6.60 56.00
C ILE BA 66 -81.73 7.50 57.16
N GLN BA 67 -81.77 8.82 56.98
CA GLN BA 67 -81.26 9.71 58.03
C GLN BA 67 -82.24 9.83 59.21
N LYS BA 68 -81.67 9.90 60.42
CA LYS BA 68 -82.35 10.35 61.65
C LYS BA 68 -83.59 9.56 62.03
N LYS BA 69 -83.42 8.30 62.44
CA LYS BA 69 -84.57 7.42 62.56
C LYS BA 69 -85.50 7.72 63.74
N ARG BA 70 -85.12 7.43 64.99
CA ARG BA 70 -86.01 7.59 66.14
C ARG BA 70 -85.26 7.80 67.45
N THR BA 71 -86.00 7.91 68.56
CA THR BA 71 -85.43 8.01 69.89
C THR BA 71 -85.34 6.63 70.55
N ARG BA 72 -84.73 6.58 71.74
CA ARG BA 72 -84.35 5.34 72.40
C ARG BA 72 -84.44 5.42 73.92
N ARG BA 73 -83.75 4.51 74.62
CA ARG BA 73 -83.35 4.64 76.03
C ARG BA 73 -84.47 4.73 77.08
N ALA BA 74 -85.12 3.60 77.37
CA ALA BA 74 -86.13 3.51 78.42
C ALA BA 74 -85.45 3.37 79.79
N VAL BA 75 -86.20 3.02 80.83
CA VAL BA 75 -85.83 3.27 82.23
C VAL BA 75 -85.50 1.92 82.89
N LYS BA 76 -85.01 1.98 84.14
CA LYS BA 76 -84.38 0.87 84.85
C LYS BA 76 -85.29 0.40 86.00
N PHE BA 77 -84.94 -0.73 86.62
CA PHE BA 77 -85.75 -1.37 87.66
C PHE BA 77 -84.85 -2.09 88.65
N GLN BA 78 -85.31 -2.17 89.91
CA GLN BA 78 -84.54 -2.69 91.04
C GLN BA 78 -85.02 -4.06 91.49
N ARG BA 79 -84.10 -4.88 91.99
CA ARG BA 79 -84.39 -6.26 92.36
C ARG BA 79 -83.67 -6.68 93.65
N ALA BA 80 -83.61 -7.99 93.87
CA ALA BA 80 -83.20 -8.60 95.14
C ALA BA 80 -81.69 -8.59 95.38
N ILE BA 81 -81.26 -8.73 96.64
CA ILE BA 81 -79.92 -8.34 97.07
C ILE BA 81 -79.19 -9.51 97.75
N THR BA 82 -79.70 -10.74 97.56
CA THR BA 82 -79.26 -11.96 98.27
C THR BA 82 -79.28 -11.78 99.79
N GLY BA 83 -80.46 -11.62 100.35
CA GLY BA 83 -80.62 -11.29 101.75
C GLY BA 83 -81.78 -10.37 102.03
N ALA BA 84 -82.48 -9.91 100.99
CA ALA BA 84 -83.70 -9.13 101.15
C ALA BA 84 -84.54 -9.39 99.91
N SER BA 85 -85.73 -9.98 100.10
CA SER BA 85 -86.60 -10.28 98.99
C SER BA 85 -87.21 -9.01 98.42
N LEU BA 86 -87.81 -9.14 97.23
CA LEU BA 86 -88.58 -8.05 96.66
C LEU BA 86 -89.77 -7.68 97.53
N ALA BA 87 -90.35 -8.66 98.23
CA ALA BA 87 -91.41 -8.36 99.20
C ALA BA 87 -90.86 -7.51 100.34
N ASP BA 88 -89.64 -7.80 100.79
CA ASP BA 88 -89.02 -7.01 101.85
C ASP BA 88 -88.69 -5.60 101.38
N ILE BA 89 -88.19 -5.47 100.15
CA ILE BA 89 -87.84 -4.16 99.61
C ILE BA 89 -89.08 -3.31 99.38
N MET BA 90 -90.14 -3.90 98.81
CA MET BA 90 -91.39 -3.18 98.63
C MET BA 90 -92.06 -2.87 99.95
N ALA BA 91 -91.84 -3.72 100.97
CA ALA BA 91 -92.39 -3.44 102.30
C ALA BA 91 -91.66 -2.29 102.96
N LYS BA 92 -90.34 -2.19 102.75
CA LYS BA 92 -89.60 -1.07 103.32
C LYS BA 92 -89.89 0.22 102.55
N ARG BA 93 -90.17 0.11 101.25
CA ARG BA 93 -90.52 1.29 100.46
C ARG BA 93 -91.94 1.76 100.77
N ASN BA 94 -92.85 0.83 100.99
CA ASN BA 94 -94.27 1.17 101.09
C ASN BA 94 -94.67 1.53 102.52
N GLN BA 95 -93.69 1.62 103.42
CA GLN BA 95 -93.99 2.18 104.74
C GLN BA 95 -94.29 3.67 104.61
N LYS BA 96 -95.58 4.01 104.68
CA LYS BA 96 -96.21 5.32 104.67
C LYS BA 96 -95.76 6.11 105.89
N PRO BA 97 -95.65 7.49 105.78
CA PRO BA 97 -94.81 8.27 106.73
C PRO BA 97 -95.12 8.14 108.20
N GLU BA 98 -96.36 7.80 108.55
CA GLU BA 98 -96.72 7.57 109.95
C GLU BA 98 -95.95 6.40 110.55
N VAL BA 99 -95.87 5.28 109.82
CA VAL BA 99 -95.12 4.12 110.27
C VAL BA 99 -93.62 4.43 110.32
N ARG BA 100 -93.13 5.23 109.37
CA ARG BA 100 -91.72 5.61 109.35
C ARG BA 100 -91.34 6.46 110.56
N LYS BA 101 -92.16 7.49 110.85
CA LYS BA 101 -91.97 8.35 112.01
C LYS BA 101 -92.09 7.54 113.31
N ALA BA 102 -93.00 6.57 113.32
CA ALA BA 102 -93.19 5.68 114.45
C ALA BA 102 -91.93 4.86 114.74
N GLN BA 103 -91.40 4.19 113.72
CA GLN BA 103 -90.22 3.36 113.87
C GLN BA 103 -88.98 4.20 114.20
N ARG BA 104 -88.93 5.42 113.65
CA ARG BA 104 -87.87 6.36 113.99
C ARG BA 104 -87.92 6.79 115.44
N GLU BA 105 -89.11 7.17 115.94
CA GLU BA 105 -89.26 7.52 117.35
C GLU BA 105 -88.98 6.35 118.28
N GLN BA 106 -89.37 5.13 117.89
CA GLN BA 106 -89.06 3.94 118.69
C GLN BA 106 -87.56 3.71 118.79
N ALA BA 107 -86.85 3.80 117.66
CA ALA BA 107 -85.40 3.62 117.67
C ALA BA 107 -84.70 4.73 118.45
N ILE BA 108 -85.14 5.98 118.29
CA ILE BA 108 -84.56 7.12 118.99
C ILE BA 108 -84.76 7.01 120.49
N ARG BA 109 -86.00 6.83 120.94
CA ARG BA 109 -86.25 6.79 122.38
C ARG BA 109 -85.88 5.46 123.01
N ALA BA 110 -85.51 4.45 122.20
CA ALA BA 110 -84.85 3.29 122.77
C ALA BA 110 -83.35 3.55 122.94
N ALA BA 111 -82.74 4.25 121.98
CA ALA BA 111 -81.32 4.51 122.02
C ALA BA 111 -80.91 5.52 123.09
N LYS BA 112 -81.78 6.48 123.41
CA LYS BA 112 -81.36 7.63 124.23
C LYS BA 112 -81.05 7.26 125.67
N GLU BA 113 -81.73 6.25 126.20
CA GLU BA 113 -81.46 5.87 127.58
C GLU BA 113 -80.12 5.14 127.70
N ALA BA 114 -79.80 4.32 126.68
CA ALA BA 114 -78.48 3.71 126.61
C ALA BA 114 -77.40 4.77 126.39
N LYS BA 115 -77.74 5.83 125.64
CA LYS BA 115 -76.83 6.96 125.46
C LYS BA 115 -76.47 7.63 126.78
N LYS BA 116 -77.48 8.00 127.57
CA LYS BA 116 -77.22 8.64 128.85
C LYS BA 116 -76.60 7.69 129.88
N ALA BA 117 -76.92 6.39 129.83
CA ALA BA 117 -76.29 5.43 130.73
C ALA BA 117 -74.83 5.23 130.40
N LYS BA 118 -74.47 5.24 129.11
CA LYS BA 118 -73.08 5.14 128.73
C LYS BA 118 -72.33 6.45 128.92
N GLN BA 119 -73.05 7.58 128.97
CA GLN BA 119 -72.41 8.84 129.38
C GLN BA 119 -72.27 8.91 130.90
N ALA BA 120 -72.88 7.99 131.63
CA ALA BA 120 -72.82 8.04 133.09
C ALA BA 120 -71.88 7.00 133.67
N SER BA 121 -71.95 5.76 133.22
CA SER BA 121 -71.15 4.67 133.80
C SER BA 121 -69.72 4.67 133.28
N LYS CA 1 5.52 90.58 -35.72
CA LYS CA 1 4.90 89.44 -35.05
C LYS CA 1 5.83 88.76 -34.06
N ILE CA 2 5.43 88.79 -32.79
CA ILE CA 2 6.18 88.18 -31.71
C ILE CA 2 5.30 87.08 -31.12
N ARG CA 3 5.52 85.85 -31.58
CA ARG CA 3 4.60 84.76 -31.35
C ARG CA 3 4.75 84.26 -29.93
N THR CA 4 3.84 84.69 -29.05
CA THR CA 4 3.93 84.39 -27.63
C THR CA 4 3.62 82.95 -27.30
N SER CA 5 2.47 82.45 -27.73
CA SER CA 5 1.98 81.14 -27.35
C SER CA 5 2.80 80.05 -28.01
N PRO CA 6 3.06 78.94 -27.34
CA PRO CA 6 3.79 77.85 -27.98
C PRO CA 6 2.96 77.09 -28.98
N THR CA 7 1.64 77.26 -28.94
CA THR CA 7 0.78 76.57 -29.89
C THR CA 7 0.60 77.42 -31.14
N PHE CA 8 0.82 76.82 -32.29
CA PHE CA 8 0.58 77.50 -33.57
C PHE CA 8 -0.79 77.07 -34.08
N ARG CA 9 -1.64 78.04 -34.38
CA ARG CA 9 -2.99 77.77 -34.83
C ARG CA 9 -3.25 78.50 -36.14
N ARG CA 10 -4.43 78.28 -36.70
CA ARG CA 10 -4.77 78.88 -37.99
C ARG CA 10 -4.96 80.38 -37.85
N PRO CA 11 -4.66 81.14 -38.88
CA PRO CA 11 -5.14 82.52 -38.92
C PRO CA 11 -6.62 82.53 -39.27
N LYS CA 12 -7.37 83.38 -38.57
CA LYS CA 12 -8.75 83.61 -38.93
C LYS CA 12 -8.83 84.30 -40.28
N THR CA 13 -9.36 83.59 -41.28
CA THR CA 13 -9.29 84.03 -42.66
C THR CA 13 -10.68 84.44 -43.13
N LEU CA 14 -10.78 84.75 -44.43
CA LEU CA 14 -11.98 85.37 -44.99
C LEU CA 14 -12.88 84.30 -45.57
N ARG CA 15 -14.11 84.22 -45.07
CA ARG CA 15 -15.11 83.28 -45.56
C ARG CA 15 -16.22 84.04 -46.26
N LEU CA 16 -16.47 83.71 -47.53
CA LEU CA 16 -17.44 84.47 -48.31
C LEU CA 16 -18.87 84.09 -47.94
N ARG CA 17 -19.73 85.11 -47.86
CA ARG CA 17 -21.16 84.90 -47.91
C ARG CA 17 -21.53 84.27 -49.24
N ARG CA 18 -22.41 83.28 -49.21
CA ARG CA 18 -22.82 82.60 -50.43
C ARG CA 18 -23.63 83.53 -51.32
N GLN CA 19 -23.23 83.60 -52.59
CA GLN CA 19 -23.90 84.43 -53.58
C GLN CA 19 -24.00 83.62 -54.87
N PRO CA 20 -25.05 82.81 -55.00
CA PRO CA 20 -25.13 81.91 -56.16
C PRO CA 20 -25.53 82.66 -57.41
N LYS CA 21 -25.29 82.03 -58.56
CA LYS CA 21 -25.53 82.72 -59.82
C LYS CA 21 -26.91 82.36 -60.37
N TYR CA 22 -27.54 81.32 -59.82
CA TYR CA 22 -28.89 80.94 -60.19
C TYR CA 22 -29.61 80.32 -59.01
N PRO CA 23 -30.91 80.53 -58.89
CA PRO CA 23 -31.70 79.77 -57.92
C PRO CA 23 -31.73 78.30 -58.28
N ARG CA 24 -31.82 77.44 -57.26
CA ARG CA 24 -31.55 76.03 -57.50
C ARG CA 24 -32.80 75.17 -57.37
N LYS CA 25 -33.97 75.78 -57.18
CA LYS CA 25 -35.22 75.06 -57.35
C LYS CA 25 -36.33 75.89 -57.98
N SER CA 26 -35.98 76.98 -58.67
CA SER CA 26 -36.80 77.75 -59.62
C SER CA 26 -37.93 78.55 -59.00
N ALA CA 27 -38.24 78.31 -57.74
CA ALA CA 27 -39.48 78.77 -57.13
C ALA CA 27 -39.46 78.49 -55.65
N PRO CA 28 -40.15 79.29 -54.85
CA PRO CA 28 -40.43 78.86 -53.48
C PRO CA 28 -41.41 77.70 -53.51
N ARG CA 29 -41.02 76.63 -52.82
CA ARG CA 29 -41.89 75.50 -52.60
C ARG CA 29 -43.05 75.96 -51.73
N ARG CA 30 -44.22 76.08 -52.34
CA ARG CA 30 -45.38 76.74 -51.75
C ARG CA 30 -45.85 76.02 -50.49
N ASN CA 31 -46.43 76.78 -49.57
CA ASN CA 31 -46.92 76.23 -48.33
C ASN CA 31 -48.16 75.41 -48.64
N LYS CA 32 -48.03 74.09 -48.55
CA LYS CA 32 -49.20 73.23 -48.72
C LYS CA 32 -50.14 73.37 -47.54
N LEU CA 33 -49.60 73.76 -46.39
CA LEU CA 33 -50.37 73.84 -45.15
C LEU CA 33 -50.84 75.28 -44.97
N ASP CA 34 -51.90 75.62 -45.71
CA ASP CA 34 -52.59 76.88 -45.52
C ASP CA 34 -53.85 76.65 -44.70
N HIS CA 35 -54.64 77.72 -44.52
CA HIS CA 35 -55.65 77.76 -43.47
C HIS CA 35 -56.82 76.84 -43.76
N TYR CA 36 -57.12 76.62 -45.04
CA TYR CA 36 -58.22 75.72 -45.36
C TYR CA 36 -57.76 74.27 -45.30
N ALA CA 37 -56.45 74.04 -45.27
CA ALA CA 37 -55.94 72.67 -45.24
C ALA CA 37 -55.51 72.27 -43.84
N ILE CA 38 -55.43 73.24 -42.92
CA ILE CA 38 -55.10 72.89 -41.55
C ILE CA 38 -56.25 72.16 -40.88
N ILE CA 39 -57.42 72.77 -40.88
CA ILE CA 39 -58.52 72.37 -40.02
C ILE CA 39 -59.54 71.58 -40.84
N LYS CA 40 -59.56 70.26 -40.63
CA LYS CA 40 -60.40 69.40 -41.45
C LYS CA 40 -61.86 69.46 -41.03
N PHE CA 41 -62.14 68.97 -39.83
CA PHE CA 41 -63.51 68.73 -39.40
C PHE CA 41 -63.83 69.62 -38.22
N PRO CA 42 -65.10 69.95 -38.03
CA PRO CA 42 -65.62 70.09 -36.68
C PRO CA 42 -66.18 68.74 -36.26
N LEU CA 43 -66.41 68.59 -34.97
CA LEU CA 43 -66.72 67.28 -34.44
C LEU CA 43 -68.07 67.32 -33.72
N THR CA 44 -68.95 66.39 -34.05
CA THR CA 44 -70.31 66.38 -33.56
C THR CA 44 -70.62 65.16 -32.70
N THR CA 45 -69.65 64.68 -31.94
CA THR CA 45 -69.97 63.68 -30.94
C THR CA 45 -70.66 64.34 -29.76
N GLU CA 46 -71.31 63.53 -28.93
CA GLU CA 46 -72.07 64.10 -27.82
C GLU CA 46 -71.15 64.67 -26.75
N SER CA 47 -70.01 64.02 -26.52
CA SER CA 47 -69.07 64.52 -25.53
C SER CA 47 -68.41 65.82 -25.98
N ALA CA 48 -68.13 65.94 -27.28
CA ALA CA 48 -67.59 67.20 -27.79
C ALA CA 48 -68.66 68.25 -27.83
N MET CA 49 -69.91 67.85 -28.06
CA MET CA 49 -71.01 68.80 -28.13
C MET CA 49 -71.31 69.37 -26.76
N LYS CA 50 -71.10 68.58 -25.71
CA LYS CA 50 -71.36 69.04 -24.35
C LYS CA 50 -70.40 70.15 -23.94
N LYS CA 51 -69.17 70.11 -24.47
CA LYS CA 51 -68.18 71.13 -24.14
C LYS CA 51 -68.55 72.47 -24.75
N ILE CA 52 -69.35 72.47 -25.82
CA ILE CA 52 -69.72 73.70 -26.48
C ILE CA 52 -70.65 74.53 -25.59
N GLU CA 53 -71.64 73.88 -24.99
CA GLU CA 53 -72.47 74.61 -24.03
C GLU CA 53 -71.71 74.86 -22.73
N ASP CA 54 -71.09 73.83 -22.16
CA ASP CA 54 -70.62 73.93 -20.78
C ASP CA 54 -69.29 74.66 -20.63
N ASN CA 55 -68.49 74.78 -21.69
CA ASN CA 55 -67.14 75.25 -21.51
C ASN CA 55 -66.77 76.39 -22.46
N ASN CA 56 -67.69 76.79 -23.34
CA ASN CA 56 -67.47 77.83 -24.36
C ASN CA 56 -66.27 77.46 -25.24
N THR CA 57 -66.24 76.21 -25.67
CA THR CA 57 -65.06 75.61 -26.27
C THR CA 57 -65.45 74.81 -27.51
N LEU CA 58 -64.69 74.97 -28.58
CA LEU CA 58 -64.94 74.26 -29.83
C LEU CA 58 -63.98 73.09 -29.97
N VAL CA 59 -64.36 72.13 -30.80
CA VAL CA 59 -63.59 70.90 -31.02
C VAL CA 59 -63.35 70.77 -32.52
N PHE CA 60 -62.10 70.51 -32.91
CA PHE CA 60 -61.81 70.33 -34.32
C PHE CA 60 -60.85 69.16 -34.53
N ILE CA 61 -60.81 68.68 -35.76
CA ILE CA 61 -59.87 67.65 -36.18
C ILE CA 61 -58.86 68.27 -37.13
N VAL CA 62 -57.60 68.18 -36.77
CA VAL CA 62 -56.50 68.86 -37.45
C VAL CA 62 -55.52 67.80 -37.95
N ASP CA 63 -54.93 68.06 -39.13
CA ASP CA 63 -53.82 67.26 -39.62
C ASP CA 63 -52.64 67.37 -38.69
N VAL CA 64 -51.83 66.31 -38.61
CA VAL CA 64 -50.87 66.15 -37.55
C VAL CA 64 -49.64 67.04 -37.73
N LYS CA 65 -49.45 67.62 -38.90
CA LYS CA 65 -48.32 68.52 -39.10
C LYS CA 65 -48.47 69.83 -38.36
N ALA CA 66 -49.69 70.29 -38.13
CA ALA CA 66 -49.95 71.62 -37.62
C ALA CA 66 -49.76 71.65 -36.11
N ASN CA 67 -49.08 72.68 -35.62
CA ASN CA 67 -48.88 72.87 -34.21
C ASN CA 67 -49.86 73.90 -33.64
N LYS CA 68 -49.68 74.21 -32.36
CA LYS CA 68 -50.68 74.94 -31.62
C LYS CA 68 -50.76 76.40 -32.04
N HIS CA 69 -49.63 77.02 -32.37
CA HIS CA 69 -49.66 78.39 -32.85
C HIS CA 69 -50.34 78.50 -34.21
N GLN CA 70 -50.12 77.51 -35.08
CA GLN CA 70 -50.76 77.56 -36.38
C GLN CA 70 -52.26 77.29 -36.28
N ILE CA 71 -52.68 76.44 -35.34
CA ILE CA 71 -54.11 76.26 -35.12
C ILE CA 71 -54.72 77.54 -34.55
N LYS CA 72 -54.02 78.18 -33.63
CA LYS CA 72 -54.49 79.42 -33.02
C LYS CA 72 -54.59 80.55 -34.04
N GLN CA 73 -53.74 80.52 -35.06
CA GLN CA 73 -53.87 81.50 -36.13
C GLN CA 73 -54.95 81.14 -37.12
N ALA CA 74 -55.13 79.84 -37.39
CA ALA CA 74 -56.05 79.42 -38.43
C ALA CA 74 -57.50 79.60 -38.00
N VAL CA 75 -57.79 79.37 -36.72
CA VAL CA 75 -59.16 79.53 -36.23
C VAL CA 75 -59.57 80.99 -36.29
N LYS CA 76 -58.65 81.90 -35.94
CA LYS CA 76 -58.93 83.33 -36.10
C LYS CA 76 -59.10 83.69 -37.57
N LYS CA 77 -58.20 83.24 -38.44
CA LYS CA 77 -58.21 83.70 -39.81
C LYS CA 77 -59.27 83.01 -40.65
N LEU CA 78 -60.01 82.07 -40.06
CA LEU CA 78 -61.20 81.60 -40.77
C LEU CA 78 -62.49 82.10 -40.13
N TYR CA 79 -62.58 82.12 -38.81
CA TYR CA 79 -63.88 82.34 -38.19
C TYR CA 79 -64.01 83.69 -37.50
N ASP CA 80 -62.96 84.52 -37.55
CA ASP CA 80 -62.99 85.93 -37.09
C ASP CA 80 -63.34 86.05 -35.62
N ILE CA 81 -62.93 85.07 -34.83
CA ILE CA 81 -63.19 85.02 -33.39
C ILE CA 81 -61.87 84.75 -32.69
N ASP CA 82 -61.75 85.23 -31.45
CA ASP CA 82 -60.50 85.11 -30.72
C ASP CA 82 -60.29 83.69 -30.22
N VAL CA 83 -59.09 83.44 -29.70
CA VAL CA 83 -58.71 82.16 -29.13
C VAL CA 83 -58.15 82.43 -27.74
N ALA CA 84 -58.80 81.86 -26.72
CA ALA CA 84 -58.22 81.91 -25.38
C ALA CA 84 -56.97 81.05 -25.30
N LYS CA 85 -57.14 79.74 -25.48
CA LYS CA 85 -56.01 78.83 -25.57
C LYS CA 85 -56.44 77.58 -26.32
N VAL CA 86 -55.45 76.74 -26.61
CA VAL CA 86 -55.62 75.56 -27.44
C VAL CA 86 -55.00 74.37 -26.72
N ASN CA 87 -55.78 73.33 -26.52
CA ASN CA 87 -55.25 72.04 -26.10
C ASN CA 87 -55.28 71.12 -27.32
N THR CA 88 -54.28 70.27 -27.45
CA THR CA 88 -54.28 69.28 -28.51
C THR CA 88 -54.01 67.90 -27.95
N LEU CA 89 -54.46 66.90 -28.67
CA LEU CA 89 -54.10 65.52 -28.38
C LEU CA 89 -54.07 64.77 -29.69
N ILE CA 90 -53.42 63.62 -29.70
CA ILE CA 90 -53.45 62.74 -30.85
C ILE CA 90 -54.50 61.69 -30.60
N ARG CA 91 -55.59 61.76 -31.34
CA ARG CA 91 -56.65 60.78 -31.25
C ARG CA 91 -56.10 59.44 -31.73
N PRO CA 92 -56.38 58.34 -31.02
CA PRO CA 92 -55.68 57.08 -31.31
C PRO CA 92 -56.04 56.45 -32.64
N ASP CA 93 -57.05 56.95 -33.35
CA ASP CA 93 -57.24 56.53 -34.72
C ASP CA 93 -56.16 57.05 -35.65
N GLY CA 94 -55.60 58.23 -35.38
CA GLY CA 94 -54.48 58.77 -36.13
C GLY CA 94 -54.48 60.27 -36.35
N GLU CA 95 -55.62 60.94 -36.19
CA GLU CA 95 -55.68 62.38 -36.44
C GLU CA 95 -55.38 63.16 -35.17
N LYS CA 96 -55.43 64.50 -35.26
CA LYS CA 96 -55.20 65.33 -34.09
C LYS CA 96 -56.51 65.98 -33.68
N LYS CA 97 -56.87 65.83 -32.42
CA LYS CA 97 -58.06 66.45 -31.87
C LYS CA 97 -57.66 67.70 -31.10
N ALA CA 98 -58.18 68.84 -31.51
CA ALA CA 98 -57.79 70.11 -30.93
C ALA CA 98 -58.99 70.81 -30.32
N TYR CA 99 -58.89 71.08 -29.02
CA TYR CA 99 -59.86 71.85 -28.28
C TYR CA 99 -59.43 73.30 -28.30
N VAL CA 100 -60.35 74.20 -28.66
CA VAL CA 100 -60.06 75.62 -28.75
C VAL CA 100 -61.03 76.35 -27.84
N ARG CA 101 -60.52 76.93 -26.75
CA ARG CA 101 -61.35 77.73 -25.88
C ARG CA 101 -61.46 79.14 -26.46
N LEU CA 102 -62.68 79.67 -26.50
CA LEU CA 102 -62.86 80.99 -27.07
C LEU CA 102 -62.71 82.06 -26.00
N ALA CA 103 -62.71 83.31 -26.46
CA ALA CA 103 -62.69 84.46 -25.58
C ALA CA 103 -64.01 84.55 -24.81
N PRO CA 104 -64.00 85.17 -23.62
CA PRO CA 104 -65.26 85.28 -22.87
C PRO CA 104 -66.29 86.21 -23.49
N ASP CA 105 -65.92 87.01 -24.48
CA ASP CA 105 -66.90 87.87 -25.13
C ASP CA 105 -67.77 87.08 -26.09
N TYR CA 106 -67.20 86.13 -26.81
CA TYR CA 106 -67.89 85.43 -27.88
C TYR CA 106 -68.82 84.35 -27.34
N ASP CA 107 -69.50 83.65 -28.25
CA ASP CA 107 -70.46 82.63 -27.87
C ASP CA 107 -70.24 81.39 -28.71
N ALA CA 108 -69.96 80.27 -28.04
CA ALA CA 108 -69.75 79.01 -28.72
C ALA CA 108 -71.02 78.51 -29.39
N LEU CA 109 -72.18 78.83 -28.80
CA LEU CA 109 -73.44 78.42 -29.41
C LEU CA 109 -73.70 79.19 -30.71
N ASP CA 110 -73.38 80.49 -30.71
CA ASP CA 110 -73.54 81.27 -31.94
C ASP CA 110 -72.55 80.82 -33.00
N VAL CA 111 -71.31 80.51 -32.61
CA VAL CA 111 -70.32 80.06 -33.59
C VAL CA 111 -70.69 78.68 -34.13
N ALA CA 112 -71.28 77.83 -33.29
CA ALA CA 112 -71.75 76.52 -33.74
C ALA CA 112 -72.92 76.67 -34.70
N ASN CA 113 -73.81 77.62 -34.43
CA ASN CA 113 -74.93 77.86 -35.34
C ASN CA 113 -74.46 78.47 -36.66
N LYS CA 114 -73.33 79.18 -36.64
CA LYS CA 114 -72.89 79.86 -37.86
C LYS CA 114 -71.89 79.02 -38.64
N ILE CA 115 -71.38 77.94 -38.04
CA ILE CA 115 -70.63 76.99 -38.86
C ILE CA 115 -71.51 75.81 -39.26
N GLY CA 116 -72.66 75.65 -38.60
CA GLY CA 116 -73.64 74.70 -39.08
C GLY CA 116 -73.99 73.58 -38.13
N ILE CA 117 -73.08 73.25 -37.22
CA ILE CA 117 -73.29 72.13 -36.31
C ILE CA 117 -74.30 72.50 -35.23
N MET DA 1 -55.95 32.36 -93.02
CA MET DA 1 -54.93 31.87 -92.12
C MET DA 1 -54.06 33.03 -91.64
N LYS DA 2 -53.67 33.00 -90.37
CA LYS DA 2 -52.95 34.12 -89.77
C LYS DA 2 -51.55 34.27 -90.33
N PHE DA 3 -51.23 35.46 -90.82
CA PHE DA 3 -49.94 35.72 -91.43
C PHE DA 3 -49.13 36.79 -90.70
N ASN DA 4 -49.70 37.49 -89.74
CA ASN DA 4 -48.85 38.40 -88.99
C ASN DA 4 -48.07 37.64 -87.92
N PRO DA 5 -46.81 38.00 -87.69
CA PRO DA 5 -46.11 37.52 -86.50
C PRO DA 5 -46.36 38.35 -85.26
N PHE DA 6 -47.35 39.24 -85.27
CA PHE DA 6 -47.65 40.09 -84.13
C PHE DA 6 -49.11 40.10 -83.75
N VAL DA 7 -49.85 39.04 -84.06
CA VAL DA 7 -51.20 38.84 -83.55
C VAL DA 7 -51.31 37.38 -83.16
N THR DA 8 -52.11 37.09 -82.14
CA THR DA 8 -52.11 35.78 -81.51
C THR DA 8 -53.21 34.90 -82.06
N SER DA 9 -52.86 33.65 -82.33
CA SER DA 9 -53.85 32.59 -82.42
C SER DA 9 -54.18 32.01 -81.06
N ASP DA 10 -53.55 32.53 -80.01
CA ASP DA 10 -53.51 31.83 -78.74
C ASP DA 10 -54.81 32.05 -77.97
N ARG DA 11 -55.40 30.94 -77.52
CA ARG DA 11 -56.70 30.97 -76.85
C ARG DA 11 -56.63 31.72 -75.53
N SER DA 12 -55.56 31.48 -74.77
CA SER DA 12 -55.40 32.12 -73.47
C SER DA 12 -55.25 33.63 -73.61
N LYS DA 13 -54.38 34.07 -74.52
CA LYS DA 13 -54.16 35.50 -74.70
C LYS DA 13 -55.39 36.18 -75.29
N ASN DA 14 -56.14 35.48 -76.16
CA ASN DA 14 -57.34 36.08 -76.71
C ASN DA 14 -58.44 36.22 -75.67
N ARG DA 15 -58.65 35.19 -74.83
CA ARG DA 15 -59.64 35.31 -73.77
C ARG DA 15 -59.24 36.36 -72.75
N LYS DA 16 -57.93 36.50 -72.49
CA LYS DA 16 -57.48 37.45 -71.48
C LYS DA 16 -57.64 38.90 -71.97
N ARG DA 17 -57.27 39.16 -73.24
CA ARG DA 17 -57.46 40.49 -73.80
C ARG DA 17 -58.95 40.80 -73.96
N HIS DA 18 -59.76 39.77 -74.21
CA HIS DA 18 -61.20 39.96 -74.29
C HIS DA 18 -61.80 40.37 -72.95
N PHE DA 19 -61.57 39.56 -71.90
CA PHE DA 19 -62.21 39.84 -70.62
C PHE DA 19 -61.50 40.94 -69.84
N ASN DA 20 -60.40 41.47 -70.35
CA ASN DA 20 -59.81 42.62 -69.68
C ASN DA 20 -59.60 43.81 -70.60
N ALA DA 21 -60.26 43.86 -71.75
CA ALA DA 21 -60.17 45.03 -72.60
C ALA DA 21 -60.88 46.20 -71.96
N PRO DA 22 -60.36 47.42 -72.08
CA PRO DA 22 -61.01 48.57 -71.46
C PRO DA 22 -62.24 49.00 -72.23
N SER DA 23 -62.86 50.09 -71.76
CA SER DA 23 -64.22 50.44 -72.20
C SER DA 23 -64.26 50.88 -73.66
N HIS DA 24 -63.20 51.55 -74.12
CA HIS DA 24 -63.22 52.04 -75.50
C HIS DA 24 -62.86 50.94 -76.48
N ILE DA 25 -62.59 49.73 -75.99
CA ILE DA 25 -62.53 48.56 -76.86
C ILE DA 25 -63.79 47.73 -76.67
N ARG DA 26 -64.37 47.80 -75.47
CA ARG DA 26 -65.61 47.08 -75.21
C ARG DA 26 -66.76 47.66 -76.02
N ARG DA 27 -66.68 48.94 -76.36
CA ARG DA 27 -67.62 49.52 -77.31
C ARG DA 27 -67.54 48.82 -78.66
N LYS DA 28 -66.34 48.56 -79.16
CA LYS DA 28 -66.20 47.90 -80.44
C LYS DA 28 -66.63 46.45 -80.36
N ILE DA 29 -66.44 45.82 -79.21
CA ILE DA 29 -66.84 44.42 -79.07
C ILE DA 29 -68.36 44.31 -79.02
N MET DA 30 -69.01 45.16 -78.25
CA MET DA 30 -70.48 45.18 -78.20
C MET DA 30 -71.00 45.93 -79.41
N SER DA 31 -71.04 45.24 -80.53
CA SER DA 31 -71.43 45.83 -81.80
C SER DA 31 -72.59 45.05 -82.37
N SER DA 32 -73.44 45.73 -83.08
CA SER DA 32 -74.63 45.08 -83.58
C SER DA 32 -74.69 45.21 -85.09
N PRO DA 33 -75.32 44.27 -85.80
CA PRO DA 33 -75.53 44.47 -87.23
C PRO DA 33 -76.77 45.30 -87.47
N LEU DA 34 -76.77 45.98 -88.60
CA LEU DA 34 -77.91 46.78 -89.00
C LEU DA 34 -78.87 45.92 -89.80
N SER DA 35 -80.14 46.32 -89.82
CA SER DA 35 -81.11 45.61 -90.64
C SER DA 35 -80.79 45.82 -92.12
N LYS DA 36 -81.30 44.92 -92.95
CA LYS DA 36 -80.85 44.84 -94.34
C LYS DA 36 -81.34 46.03 -95.16
N GLU DA 37 -82.50 46.59 -94.79
CA GLU DA 37 -82.95 47.81 -95.46
C GLU DA 37 -82.06 49.00 -95.10
N LEU DA 38 -81.61 49.05 -93.85
CA LEU DA 38 -80.77 50.17 -93.44
C LEU DA 38 -79.35 50.01 -93.96
N ARG DA 39 -78.90 48.77 -94.14
CA ARG DA 39 -77.58 48.58 -94.73
C ARG DA 39 -77.62 48.84 -96.23
N GLN DA 40 -78.80 48.67 -96.85
CA GLN DA 40 -78.98 49.14 -98.22
C GLN DA 40 -78.94 50.65 -98.28
N LYS DA 41 -79.55 51.31 -97.30
CA LYS DA 41 -79.63 52.76 -97.32
C LYS DA 41 -78.28 53.41 -97.02
N TYR DA 42 -77.47 52.77 -96.18
CA TYR DA 42 -76.27 53.43 -95.67
C TYR DA 42 -74.96 52.79 -96.13
N ASN DA 43 -74.99 51.59 -96.70
CA ASN DA 43 -73.84 50.83 -97.18
C ASN DA 43 -72.80 50.57 -96.08
N VAL DA 44 -73.22 49.90 -95.01
CA VAL DA 44 -72.38 49.63 -93.85
C VAL DA 44 -72.91 48.37 -93.18
N ARG DA 45 -72.00 47.50 -92.73
CA ARG DA 45 -72.44 46.24 -92.17
C ARG DA 45 -72.83 46.39 -90.69
N SER DA 46 -71.96 46.96 -89.86
CA SER DA 46 -72.19 46.93 -88.43
C SER DA 46 -71.78 48.24 -87.79
N MET DA 47 -72.26 48.45 -86.57
CA MET DA 47 -72.06 49.68 -85.82
C MET DA 47 -71.92 49.36 -84.34
N PRO DA 48 -71.26 50.23 -83.58
CA PRO DA 48 -71.39 50.18 -82.12
C PRO DA 48 -72.77 50.64 -81.72
N ILE DA 49 -73.16 50.32 -80.49
CA ILE DA 49 -74.49 50.60 -79.98
C ILE DA 49 -74.39 51.76 -79.00
N ARG DA 50 -75.51 52.40 -78.69
CA ARG DA 50 -75.59 53.39 -77.64
C ARG DA 50 -76.93 53.32 -76.94
N LYS DA 51 -77.21 54.36 -76.15
CA LYS DA 51 -78.34 54.33 -75.22
C LYS DA 51 -79.68 54.48 -75.95
N ASP DA 52 -79.67 54.99 -77.18
CA ASP DA 52 -80.89 55.57 -77.73
C ASP DA 52 -81.31 54.99 -79.07
N ASP DA 53 -81.14 53.69 -79.29
CA ASP DA 53 -81.50 53.12 -80.58
C ASP DA 53 -82.88 52.50 -80.54
N GLU DA 54 -83.26 51.88 -81.65
CA GLU DA 54 -84.49 51.09 -81.74
C GLU DA 54 -84.10 49.69 -82.19
N VAL DA 55 -84.43 48.71 -81.35
CA VAL DA 55 -83.73 47.43 -81.33
C VAL DA 55 -84.73 46.29 -81.38
N GLN DA 56 -84.48 45.34 -82.28
CA GLN DA 56 -85.24 44.10 -82.38
C GLN DA 56 -84.33 42.92 -82.08
N VAL DA 57 -84.87 41.92 -81.40
CA VAL DA 57 -84.11 40.74 -80.97
C VAL DA 57 -84.33 39.66 -82.01
N VAL DA 58 -83.26 38.94 -82.37
CA VAL DA 58 -83.35 37.94 -83.42
C VAL DA 58 -83.45 36.52 -82.84
N ARG DA 59 -82.86 36.27 -81.68
CA ARG DA 59 -82.85 34.95 -81.06
C ARG DA 59 -82.85 35.07 -79.55
N GLY DA 60 -83.36 34.04 -78.89
CA GLY DA 60 -83.40 34.00 -77.45
C GLY DA 60 -84.69 33.35 -77.00
N HIS DA 61 -85.12 33.71 -75.79
CA HIS DA 61 -86.47 33.37 -75.38
C HIS DA 61 -87.45 34.46 -75.82
N TYR DA 62 -86.93 35.62 -76.17
CA TYR DA 62 -87.75 36.77 -76.49
C TYR DA 62 -87.46 37.20 -77.92
N LYS DA 63 -88.22 36.64 -78.86
CA LYS DA 63 -87.87 36.66 -80.27
C LYS DA 63 -88.91 37.41 -81.07
N GLY DA 64 -88.46 38.25 -82.00
CA GLY DA 64 -89.25 38.60 -83.16
C GLY DA 64 -90.21 39.75 -82.99
N GLN DA 65 -90.03 40.74 -83.88
CA GLN DA 65 -90.99 41.81 -84.21
C GLN DA 65 -91.43 42.65 -83.02
N GLN DA 66 -90.48 43.06 -82.20
CA GLN DA 66 -90.76 43.75 -80.94
C GLN DA 66 -89.89 44.99 -80.79
N ILE DA 67 -89.91 45.89 -81.78
CA ILE DA 67 -88.86 46.91 -81.89
C ILE DA 67 -88.94 47.91 -80.74
N GLY DA 68 -88.09 47.68 -79.75
CA GLY DA 68 -88.09 48.53 -78.58
C GLY DA 68 -86.80 49.32 -78.48
N LYS DA 69 -86.71 50.12 -77.42
CA LYS DA 69 -85.61 51.05 -77.23
C LYS DA 69 -84.70 50.46 -76.16
N VAL DA 70 -83.39 50.58 -76.38
CA VAL DA 70 -82.42 50.23 -75.36
C VAL DA 70 -82.44 51.30 -74.28
N VAL DA 71 -82.02 50.94 -73.07
CA VAL DA 71 -82.02 51.90 -71.98
C VAL DA 71 -80.65 51.97 -71.29
N GLN DA 72 -80.08 50.81 -70.92
CA GLN DA 72 -78.75 50.77 -70.33
C GLN DA 72 -77.87 49.82 -71.10
N VAL DA 73 -76.57 50.07 -71.01
CA VAL DA 73 -75.53 49.22 -71.59
C VAL DA 73 -74.49 48.96 -70.52
N TYR DA 74 -74.49 47.75 -69.97
CA TYR DA 74 -73.38 47.30 -69.13
C TYR DA 74 -72.31 46.78 -70.06
N ARG DA 75 -71.27 47.59 -70.25
CA ARG DA 75 -70.07 47.12 -70.92
C ARG DA 75 -69.28 46.20 -70.01
N LYS DA 76 -69.51 46.30 -68.71
CA LYS DA 76 -68.85 45.38 -67.78
C LYS DA 76 -69.40 43.98 -67.93
N LYS DA 77 -70.68 43.84 -68.25
CA LYS DA 77 -71.30 42.54 -68.40
C LYS DA 77 -71.48 42.11 -69.85
N TYR DA 78 -71.07 42.95 -70.81
CA TYR DA 78 -71.30 42.75 -72.25
C TYR DA 78 -72.79 42.53 -72.56
N VAL DA 79 -73.63 43.38 -71.99
CA VAL DA 79 -75.08 43.20 -72.01
C VAL DA 79 -75.73 44.57 -72.24
N ILE DA 80 -76.75 44.61 -73.10
CA ILE DA 80 -77.63 45.76 -73.19
C ILE DA 80 -78.96 45.38 -72.56
N TYR DA 81 -79.76 46.38 -72.23
CA TYR DA 81 -81.10 46.14 -71.70
C TYR DA 81 -82.14 46.85 -72.56
N ILE DA 82 -83.23 46.14 -72.86
CA ILE DA 82 -84.24 46.59 -73.80
C ILE DA 82 -85.51 46.87 -73.01
N GLU DA 83 -86.27 47.88 -73.45
CA GLU DA 83 -87.35 48.43 -72.62
C GLU DA 83 -88.55 47.50 -72.56
N ARG DA 84 -88.81 46.75 -73.62
CA ARG DA 84 -89.97 45.86 -73.62
C ARG DA 84 -89.67 44.56 -72.88
N VAL DA 85 -88.42 44.09 -72.96
CA VAL DA 85 -88.01 42.80 -72.41
C VAL DA 85 -87.94 42.92 -70.90
N GLN DA 86 -88.88 42.27 -70.21
CA GLN DA 86 -88.92 42.33 -68.76
C GLN DA 86 -89.06 40.92 -68.24
N ARG DA 87 -88.91 40.79 -66.92
CA ARG DA 87 -89.40 39.62 -66.19
C ARG DA 87 -89.59 40.00 -64.73
N GLU DA 88 -90.68 39.53 -64.13
CA GLU DA 88 -90.91 39.77 -62.72
C GLU DA 88 -90.05 38.80 -61.90
N LYS DA 89 -89.67 39.24 -60.70
CA LYS DA 89 -89.10 38.34 -59.71
C LYS DA 89 -90.20 37.54 -59.02
N ALA DA 90 -89.84 36.95 -57.89
CA ALA DA 90 -90.86 36.39 -57.01
C ALA DA 90 -91.70 37.49 -56.39
N ASN DA 91 -91.07 38.57 -55.93
CA ASN DA 91 -91.78 39.60 -55.19
C ASN DA 91 -92.47 40.63 -56.06
N GLY DA 92 -92.72 40.33 -57.34
CA GLY DA 92 -93.50 41.20 -58.18
C GLY DA 92 -92.81 42.46 -58.62
N THR DA 93 -91.48 42.50 -58.53
CA THR DA 93 -90.70 43.61 -59.04
C THR DA 93 -90.14 43.23 -60.40
N THR DA 94 -90.36 44.08 -61.39
CA THR DA 94 -89.85 43.79 -62.72
C THR DA 94 -88.35 44.04 -62.76
N VAL DA 95 -87.67 43.35 -63.66
CA VAL DA 95 -86.24 43.53 -63.86
C VAL DA 95 -85.94 43.28 -65.34
N HIS DA 96 -85.00 44.04 -65.88
CA HIS DA 96 -84.57 43.85 -67.24
C HIS DA 96 -83.84 42.53 -67.37
N VAL DA 97 -83.80 41.99 -68.58
CA VAL DA 97 -83.21 40.69 -68.85
C VAL DA 97 -82.01 40.92 -69.77
N GLY DA 98 -80.93 40.19 -69.52
CA GLY DA 98 -79.70 40.36 -70.26
C GLY DA 98 -79.68 39.83 -71.68
N ILE DA 99 -79.39 40.69 -72.65
CA ILE DA 99 -79.29 40.31 -74.05
C ILE DA 99 -77.93 40.73 -74.56
N HIS DA 100 -77.16 39.78 -75.06
CA HIS DA 100 -75.88 40.10 -75.69
C HIS DA 100 -76.12 40.75 -77.05
N PRO DA 101 -75.33 41.75 -77.43
CA PRO DA 101 -75.70 42.54 -78.62
C PRO DA 101 -75.37 41.88 -79.95
N SER DA 102 -74.83 40.66 -79.96
CA SER DA 102 -74.74 39.96 -81.23
C SER DA 102 -76.10 39.45 -81.68
N LYS DA 103 -77.02 39.25 -80.74
CA LYS DA 103 -78.38 38.78 -81.02
C LYS DA 103 -79.35 39.92 -81.24
N VAL DA 104 -78.89 41.04 -81.78
CA VAL DA 104 -79.60 42.30 -81.77
C VAL DA 104 -79.57 42.88 -83.17
N VAL DA 105 -80.74 43.28 -83.68
CA VAL DA 105 -80.83 43.94 -84.98
C VAL DA 105 -81.29 45.37 -84.76
N ILE DA 106 -80.53 46.33 -85.29
CA ILE DA 106 -80.85 47.74 -85.15
C ILE DA 106 -81.76 48.17 -86.28
N THR DA 107 -82.87 48.82 -85.95
CA THR DA 107 -83.82 49.26 -86.96
C THR DA 107 -83.75 50.77 -87.18
N ARG DA 108 -83.50 51.54 -86.13
CA ARG DA 108 -83.25 52.97 -86.23
C ARG DA 108 -82.05 53.33 -85.38
N LEU DA 109 -81.31 54.34 -85.83
CA LEU DA 109 -80.16 54.85 -85.11
C LEU DA 109 -80.57 56.11 -84.35
N LYS DA 110 -79.67 56.59 -83.50
CA LYS DA 110 -79.73 57.98 -83.07
C LYS DA 110 -78.73 58.77 -83.89
N LEU DA 111 -79.22 59.76 -84.61
CA LEU DA 111 -78.38 60.57 -85.46
C LEU DA 111 -77.68 61.64 -84.64
N ASP DA 112 -76.38 61.79 -84.85
CA ASP DA 112 -75.55 62.74 -84.16
C ASP DA 112 -74.37 63.01 -85.06
N LYS DA 113 -73.59 64.05 -84.72
CA LYS DA 113 -72.49 64.48 -85.58
C LYS DA 113 -71.40 63.41 -85.67
N ASP DA 114 -71.06 62.80 -84.54
CA ASP DA 114 -70.02 61.79 -84.57
C ASP DA 114 -70.53 60.51 -85.23
N ARG DA 115 -71.83 60.23 -85.13
CA ARG DA 115 -72.37 59.07 -85.84
C ARG DA 115 -72.41 59.30 -87.34
N LYS DA 116 -72.68 60.53 -87.78
CA LYS DA 116 -72.56 60.85 -89.20
C LYS DA 116 -71.13 60.68 -89.68
N LYS DA 117 -70.16 61.09 -88.86
CA LYS DA 117 -68.76 60.95 -89.25
C LYS DA 117 -68.33 59.49 -89.29
N ILE DA 118 -68.76 58.68 -88.32
CA ILE DA 118 -68.41 57.26 -88.32
C ILE DA 118 -69.05 56.55 -89.50
N LEU DA 119 -70.31 56.92 -89.81
CA LEU DA 119 -71.02 56.33 -90.92
C LEU DA 119 -70.36 56.68 -92.25
N GLU DA 120 -69.87 57.91 -92.36
CA GLU DA 120 -69.20 58.34 -93.58
C GLU DA 120 -67.82 57.69 -93.70
N ARG DA 121 -67.15 57.43 -92.57
CA ARG DA 121 -65.90 56.68 -92.61
C ARG DA 121 -66.12 55.25 -93.06
N LYS DA 122 -67.20 54.62 -92.58
CA LYS DA 122 -67.55 53.27 -93.00
C LYS DA 122 -67.83 53.21 -94.49
N ALA DA 123 -68.62 54.16 -95.01
CA ALA DA 123 -68.96 54.15 -96.42
C ALA DA 123 -67.74 54.46 -97.29
N LYS DA 124 -66.88 55.36 -96.81
CA LYS DA 124 -65.69 55.73 -97.59
C LYS DA 124 -64.69 54.59 -97.62
N SER DA 125 -64.61 53.82 -96.54
CA SER DA 125 -63.66 52.71 -96.52
C SER DA 125 -64.19 51.51 -97.28
N ARG DA 126 -65.51 51.28 -97.25
CA ARG DA 126 -66.08 50.20 -98.04
C ARG DA 126 -66.03 50.54 -99.53
N GLN DA 127 -66.05 51.84 -99.85
CA GLN DA 127 -65.68 52.38 -101.16
C GLN DA 127 -66.59 51.93 -102.30
N LYS EA 1 2.25 98.82 28.38
CA LYS EA 1 1.35 99.64 27.58
C LYS EA 1 2.06 100.20 26.37
N PHE EA 2 1.63 99.81 25.18
CA PHE EA 2 2.21 100.37 23.98
C PHE EA 2 1.15 100.95 23.05
N MET EA 3 -0.11 100.55 23.19
CA MET EA 3 -1.16 100.98 22.28
C MET EA 3 -1.52 102.43 22.53
N LYS EA 4 -0.86 103.32 21.80
CA LYS EA 4 -0.97 104.76 21.95
C LYS EA 4 -1.84 105.28 20.82
N PRO EA 5 -2.32 106.53 20.91
CA PRO EA 5 -3.12 107.06 19.79
C PRO EA 5 -2.36 107.33 18.50
N GLY EA 6 -1.05 107.11 18.45
CA GLY EA 6 -0.35 107.28 17.18
C GLY EA 6 -0.31 105.99 16.37
N LYS EA 7 -0.90 104.93 16.90
CA LYS EA 7 -0.65 103.59 16.38
C LYS EA 7 -1.57 103.28 15.21
N VAL EA 8 -1.09 102.44 14.30
CA VAL EA 8 -1.88 101.89 13.19
C VAL EA 8 -2.31 100.49 13.61
N VAL EA 9 -3.53 100.10 13.26
CA VAL EA 9 -4.03 98.79 13.63
C VAL EA 9 -4.67 98.11 12.43
N LEU EA 10 -4.62 96.79 12.43
CA LEU EA 10 -5.35 95.99 11.45
C LEU EA 10 -6.63 95.49 12.08
N VAL EA 11 -7.74 95.66 11.37
CA VAL EA 11 -9.04 95.22 11.85
C VAL EA 11 -9.25 93.78 11.39
N LEU EA 12 -9.62 92.90 12.31
CA LEU EA 12 -9.67 91.48 11.98
C LEU EA 12 -11.09 91.00 11.72
N ALA EA 13 -12.08 91.58 12.40
CA ALA EA 13 -13.39 90.95 12.38
C ALA EA 13 -14.47 91.99 12.13
N GLY EA 14 -15.20 91.78 11.03
CA GLY EA 14 -16.48 92.44 10.83
C GLY EA 14 -16.42 93.66 9.95
N ARG EA 15 -16.76 93.52 8.67
CA ARG EA 15 -17.15 94.58 7.75
C ARG EA 15 -16.00 95.52 7.37
N TYR EA 16 -14.87 95.41 8.07
CA TYR EA 16 -13.66 96.15 7.78
C TYR EA 16 -12.44 95.27 7.93
N SER EA 17 -12.63 93.96 7.78
CA SER EA 17 -11.62 92.98 8.13
C SER EA 17 -10.42 93.07 7.21
N GLY EA 18 -9.32 93.58 7.75
CA GLY EA 18 -8.13 93.80 6.97
C GLY EA 18 -8.06 95.13 6.28
N ARG EA 19 -8.47 96.21 6.93
CA ARG EA 19 -8.52 97.50 6.24
C ARG EA 19 -7.73 98.60 6.95
N LYS EA 20 -6.85 98.25 7.87
CA LYS EA 20 -5.69 99.06 8.27
C LYS EA 20 -6.05 100.44 8.83
N ALA EA 21 -6.66 100.47 10.01
CA ALA EA 21 -7.11 101.72 10.61
C ALA EA 21 -6.06 102.21 11.58
N VAL EA 22 -6.33 103.37 12.18
CA VAL EA 22 -5.47 103.93 13.22
C VAL EA 22 -6.32 104.24 14.44
N ILE EA 23 -5.65 104.36 15.58
CA ILE EA 23 -6.29 104.68 16.85
C ILE EA 23 -6.33 106.20 16.97
N VAL EA 24 -7.38 106.72 17.60
CA VAL EA 24 -7.39 108.13 17.98
C VAL EA 24 -7.55 108.30 19.48
N LYS EA 25 -8.15 107.32 20.16
CA LYS EA 25 -8.28 107.33 21.61
C LYS EA 25 -8.56 105.92 22.07
N ASN EA 26 -7.94 105.53 23.18
CA ASN EA 26 -8.19 104.23 23.76
C ASN EA 26 -8.68 104.39 25.19
N ILE EA 27 -9.49 103.43 25.63
CA ILE EA 27 -9.91 103.33 27.02
C ILE EA 27 -9.49 101.96 27.50
N ASP EA 28 -8.56 101.92 28.45
CA ASP EA 28 -7.90 100.66 28.77
C ASP EA 28 -8.83 99.75 29.56
N ASP EA 29 -9.63 100.31 30.47
CA ASP EA 29 -10.44 99.48 31.35
C ASP EA 29 -11.86 100.03 31.44
N GLY EA 30 -12.79 99.37 30.75
CA GLY EA 30 -14.20 99.50 31.05
C GLY EA 30 -14.89 100.82 30.73
N THR EA 31 -16.22 100.80 30.72
CA THR EA 31 -17.02 102.00 30.53
C THR EA 31 -18.16 102.10 31.53
N SER EA 32 -18.72 100.94 31.93
CA SER EA 32 -20.05 100.62 32.48
C SER EA 32 -21.11 100.63 31.38
N ASP EA 33 -20.76 101.10 30.18
CA ASP EA 33 -21.50 100.70 29.00
C ASP EA 33 -20.96 99.38 28.49
N ARG EA 34 -19.64 99.20 28.58
CA ARG EA 34 -18.99 97.98 28.18
C ARG EA 34 -17.87 97.65 29.16
N PRO EA 35 -17.85 96.43 29.70
CA PRO EA 35 -16.84 96.06 30.71
C PRO EA 35 -15.49 95.63 30.15
N TYR EA 36 -15.30 95.67 28.84
CA TYR EA 36 -14.06 95.22 28.24
C TYR EA 36 -13.22 96.40 27.77
N SER EA 37 -12.01 96.09 27.31
CA SER EA 37 -11.11 97.11 26.80
C SER EA 37 -11.51 97.49 25.39
N HIS EA 38 -11.51 98.79 25.08
CA HIS EA 38 -11.88 99.20 23.74
C HIS EA 38 -11.13 100.44 23.33
N ALA EA 39 -11.27 100.81 22.06
CA ALA EA 39 -10.60 101.98 21.53
C ALA EA 39 -11.37 102.51 20.33
N LEU EA 40 -11.57 103.83 20.31
CA LEU EA 40 -12.15 104.52 19.18
C LEU EA 40 -11.11 104.60 18.08
N VAL EA 41 -11.44 104.07 16.91
CA VAL EA 41 -10.50 104.03 15.80
C VAL EA 41 -11.10 104.76 14.61
N ALA EA 42 -10.23 105.35 13.79
CA ALA EA 42 -10.59 105.92 12.51
C ALA EA 42 -9.77 105.22 11.45
N GLY EA 43 -10.32 105.07 10.25
CA GLY EA 43 -9.56 104.34 9.26
C GLY EA 43 -10.07 104.46 7.85
N ILE EA 44 -9.34 103.80 6.96
CA ILE EA 44 -9.57 103.81 5.53
C ILE EA 44 -10.49 102.65 5.18
N ASP EA 45 -11.50 102.91 4.35
CA ASP EA 45 -12.38 101.84 3.93
C ASP EA 45 -12.09 101.43 2.48
N ARG EA 46 -12.13 102.38 1.56
CA ARG EA 46 -11.90 102.10 0.14
C ARG EA 46 -10.67 102.87 -0.29
N TYR EA 47 -9.58 102.14 -0.53
CA TYR EA 47 -8.28 102.72 -0.82
C TYR EA 47 -8.30 103.44 -2.17
N PRO EA 48 -7.44 104.44 -2.36
CA PRO EA 48 -7.27 104.99 -3.71
C PRO EA 48 -6.60 103.98 -4.61
N ARG EA 49 -6.87 104.10 -5.90
CA ARG EA 49 -6.36 103.11 -6.83
C ARG EA 49 -4.95 103.46 -7.25
N LYS EA 50 -4.49 102.79 -8.30
CA LYS EA 50 -3.17 103.05 -8.86
C LYS EA 50 -3.12 104.43 -9.49
N VAL EA 51 -1.91 104.98 -9.57
CA VAL EA 51 -1.65 106.29 -10.15
C VAL EA 51 -0.56 106.14 -11.19
N THR EA 52 -0.82 106.59 -12.42
CA THR EA 52 0.09 106.39 -13.53
C THR EA 52 0.55 107.74 -14.05
N ALA EA 53 1.55 107.69 -14.93
CA ALA EA 53 2.11 108.92 -15.49
C ALA EA 53 1.15 109.58 -16.47
N ALA EA 54 0.37 108.77 -17.19
CA ALA EA 54 -0.42 109.30 -18.30
C ALA EA 54 -1.85 109.60 -17.88
N MET EA 55 -2.06 110.08 -16.66
CA MET EA 55 -3.42 110.20 -16.16
C MET EA 55 -3.68 111.53 -15.45
N GLY EA 56 -2.66 112.39 -15.34
CA GLY EA 56 -2.68 113.42 -14.31
C GLY EA 56 -3.48 114.65 -14.68
N LYS EA 57 -4.76 114.61 -14.26
CA LYS EA 57 -5.79 115.62 -14.48
C LYS EA 57 -6.96 115.13 -13.63
N LYS EA 58 -8.18 115.62 -13.87
CA LYS EA 58 -9.44 115.12 -13.32
C LYS EA 58 -9.57 113.60 -13.33
N LYS EA 59 -8.95 112.95 -14.32
CA LYS EA 59 -8.75 111.50 -14.28
C LYS EA 59 -7.94 111.06 -13.07
N ILE EA 60 -6.86 111.74 -12.69
CA ILE EA 60 -6.09 111.25 -11.56
C ILE EA 60 -6.72 111.72 -10.25
N ALA EA 61 -7.53 112.78 -10.30
CA ALA EA 61 -8.23 113.20 -9.10
C ALA EA 61 -9.33 112.20 -8.73
N LYS EA 62 -10.01 111.67 -9.76
CA LYS EA 62 -11.00 110.62 -9.58
C LYS EA 62 -10.40 109.37 -8.95
N ARG EA 63 -9.18 109.03 -9.36
CA ARG EA 63 -8.46 107.94 -8.71
C ARG EA 63 -8.02 108.33 -7.31
N SER EA 64 -7.78 109.63 -7.08
CA SER EA 64 -7.25 110.04 -5.78
C SER EA 64 -8.34 110.38 -4.80
N LYS EA 65 -9.60 110.09 -5.14
CA LYS EA 65 -10.65 110.17 -4.13
C LYS EA 65 -10.50 109.02 -3.14
N ILE EA 66 -11.12 109.17 -1.97
CA ILE EA 66 -10.87 108.29 -0.84
C ILE EA 66 -12.14 108.24 0.02
N LYS EA 67 -12.22 107.26 0.93
CA LYS EA 67 -13.38 107.09 1.80
C LYS EA 67 -12.96 106.45 3.11
N SER EA 68 -13.47 106.98 4.22
CA SER EA 68 -13.04 106.59 5.54
C SER EA 68 -14.18 105.99 6.34
N PHE EA 69 -13.91 105.72 7.62
CA PHE EA 69 -14.90 105.24 8.56
C PHE EA 69 -14.36 105.47 9.97
N VAL EA 70 -15.26 105.46 10.95
CA VAL EA 70 -14.90 105.48 12.36
C VAL EA 70 -15.69 104.42 13.09
N LYS EA 71 -15.04 103.71 14.01
CA LYS EA 71 -15.68 102.63 14.74
C LYS EA 71 -15.10 102.55 16.14
N VAL EA 72 -15.68 101.66 16.93
CA VAL EA 72 -15.13 101.24 18.21
C VAL EA 72 -14.89 99.74 18.10
N TYR EA 73 -13.79 99.26 18.64
CA TYR EA 73 -13.52 97.82 18.66
C TYR EA 73 -12.92 97.40 19.99
N ASN EA 74 -13.14 96.14 20.34
CA ASN EA 74 -12.36 95.49 21.38
C ASN EA 74 -10.91 95.38 20.95
N TYR EA 75 -10.02 95.24 21.93
CA TYR EA 75 -8.63 94.94 21.61
C TYR EA 75 -8.49 93.57 20.98
N ASN EA 76 -9.36 92.62 21.32
CA ASN EA 76 -9.22 91.27 20.81
C ASN EA 76 -9.59 91.15 19.33
N HIS EA 77 -10.28 92.14 18.77
CA HIS EA 77 -10.60 92.10 17.36
C HIS EA 77 -9.62 92.87 16.51
N LEU EA 78 -8.57 93.41 17.08
CA LEU EA 78 -7.64 94.18 16.25
C LEU EA 78 -6.20 93.84 16.64
N MET EA 79 -5.31 93.97 15.67
CA MET EA 79 -3.91 93.65 15.84
C MET EA 79 -3.07 94.91 15.63
N PRO EA 80 -2.21 95.27 16.57
CA PRO EA 80 -1.36 96.45 16.37
C PRO EA 80 -0.21 96.14 15.44
N THR EA 81 0.46 97.20 14.99
CA THR EA 81 1.68 97.07 14.21
C THR EA 81 2.77 97.95 14.81
N ARG EA 82 3.92 98.00 14.13
CA ARG EA 82 5.01 98.82 14.63
C ARG EA 82 4.92 100.24 14.10
N TYR EA 83 4.08 100.48 13.10
CA TYR EA 83 4.06 101.75 12.40
C TYR EA 83 3.44 102.86 13.24
N SER EA 84 3.48 104.07 12.71
CA SER EA 84 2.95 105.24 13.41
C SER EA 84 2.42 106.24 12.40
N VAL EA 85 1.38 106.98 12.80
CA VAL EA 85 0.83 108.07 12.01
C VAL EA 85 0.76 109.30 12.91
N ASP EA 86 1.41 110.38 12.50
CA ASP EA 86 1.18 111.66 13.14
C ASP EA 86 -0.24 112.11 12.85
N ILE EA 87 -0.95 112.53 13.90
CA ILE EA 87 -2.38 112.75 13.80
C ILE EA 87 -2.76 114.22 14.02
N PRO EA 88 -3.08 114.94 12.95
CA PRO EA 88 -3.72 116.25 13.13
C PRO EA 88 -5.22 116.17 13.39
N LEU EA 89 -5.78 114.98 13.57
CA LEU EA 89 -7.22 114.77 13.69
C LEU EA 89 -7.68 115.22 15.08
N ASP EA 90 -8.60 116.19 15.07
CA ASP EA 90 -9.00 116.84 16.30
C ASP EA 90 -9.93 115.98 17.13
N LYS EA 91 -10.10 116.36 18.41
CA LYS EA 91 -10.81 115.54 19.38
C LYS EA 91 -12.29 115.85 19.46
N THR EA 92 -12.68 117.09 19.16
CA THR EA 92 -14.05 117.51 19.46
C THR EA 92 -15.00 117.21 18.31
N VAL EA 93 -14.51 116.51 17.30
CA VAL EA 93 -15.38 116.03 16.25
C VAL EA 93 -15.31 114.51 16.24
N VAL EA 94 -14.14 113.97 16.58
CA VAL EA 94 -13.95 112.53 16.69
C VAL EA 94 -13.95 112.18 18.15
N ASN EA 95 -15.12 111.85 18.68
CA ASN EA 95 -15.31 111.60 20.09
C ASN EA 95 -15.99 110.26 20.22
N LYS EA 96 -15.99 109.70 21.43
CA LYS EA 96 -16.73 108.46 21.67
C LYS EA 96 -18.23 108.71 21.65
N ASP EA 97 -18.64 109.97 21.83
CA ASP EA 97 -20.05 110.32 21.80
C ASP EA 97 -20.49 110.70 20.39
N VAL EA 98 -19.85 110.13 19.37
CA VAL EA 98 -20.19 110.39 17.98
C VAL EA 98 -21.46 109.62 17.62
N PHE EA 99 -21.79 108.61 18.43
CA PHE EA 99 -22.88 107.71 18.10
C PHE EA 99 -24.23 108.36 18.41
N ARG EA 100 -25.30 107.66 18.05
CA ARG EA 100 -26.70 108.07 18.15
C ARG EA 100 -27.01 109.37 17.40
N ASP EA 101 -26.18 109.73 16.43
CA ASP EA 101 -26.48 110.86 15.57
C ASP EA 101 -25.81 110.68 14.21
N PRO EA 102 -26.61 110.44 13.16
CA PRO EA 102 -26.03 110.28 11.82
C PRO EA 102 -25.33 111.52 11.31
N ALA EA 103 -25.78 112.71 11.70
CA ALA EA 103 -25.09 113.93 11.28
C ALA EA 103 -23.71 114.02 11.93
N LEU EA 104 -23.60 113.63 13.20
CA LEU EA 104 -22.31 113.62 13.86
C LEU EA 104 -21.38 112.58 13.26
N LYS EA 105 -21.92 111.41 12.89
CA LYS EA 105 -21.08 110.41 12.23
C LYS EA 105 -20.61 110.88 10.86
N ARG EA 106 -21.48 111.56 10.12
CA ARG EA 106 -21.08 112.11 8.83
C ARG EA 106 -20.03 113.20 8.98
N LYS EA 107 -20.13 113.99 10.04
CA LYS EA 107 -19.19 115.08 10.24
C LYS EA 107 -17.82 114.54 10.66
N ALA EA 108 -17.81 113.51 11.51
CA ALA EA 108 -16.55 112.87 11.90
C ALA EA 108 -15.91 112.15 10.73
N ARG EA 109 -16.73 111.52 9.88
CA ARG EA 109 -16.23 110.89 8.67
C ARG EA 109 -15.66 111.93 7.71
N ARG EA 110 -16.27 113.12 7.66
CA ARG EA 110 -15.77 114.17 6.79
C ARG EA 110 -14.42 114.68 7.27
N GLU EA 111 -14.26 114.84 8.59
CA GLU EA 111 -12.97 115.30 9.12
C GLU EA 111 -11.87 114.25 8.92
N ALA EA 112 -12.20 112.98 9.14
CA ALA EA 112 -11.22 111.92 8.92
C ALA EA 112 -10.86 111.79 7.45
N LYS EA 113 -11.81 112.05 6.55
CA LYS EA 113 -11.52 111.96 5.14
C LYS EA 113 -10.67 113.14 4.67
N VAL EA 114 -10.89 114.33 5.25
CA VAL EA 114 -10.03 115.48 4.97
C VAL EA 114 -8.59 115.20 5.40
N LYS EA 115 -8.42 114.66 6.61
CA LYS EA 115 -7.07 114.44 7.11
C LYS EA 115 -6.36 113.32 6.36
N PHE EA 116 -7.08 112.24 6.05
CA PHE EA 116 -6.47 111.15 5.27
C PHE EA 116 -6.13 111.58 3.86
N GLU EA 117 -6.98 112.41 3.23
CA GLU EA 117 -6.70 112.81 1.86
C GLU EA 117 -5.58 113.83 1.82
N GLU EA 118 -5.51 114.72 2.83
CA GLU EA 118 -4.38 115.63 2.98
C GLU EA 118 -3.08 114.88 3.18
N ARG EA 119 -3.12 113.76 3.92
CA ARG EA 119 -1.89 113.01 4.15
C ARG EA 119 -1.51 112.19 2.93
N TYR EA 120 -2.49 111.68 2.19
CA TYR EA 120 -2.16 110.89 1.00
C TYR EA 120 -1.64 111.76 -0.13
N LYS EA 121 -2.17 112.98 -0.25
CA LYS EA 121 -1.47 113.98 -1.05
C LYS EA 121 -0.17 114.34 -0.34
N THR EA 122 0.84 114.73 -1.11
CA THR EA 122 2.23 114.89 -0.63
C THR EA 122 2.69 113.62 0.09
N GLY EA 123 2.77 112.53 -0.66
CA GLY EA 123 2.82 111.19 -0.12
C GLY EA 123 3.98 110.84 0.79
N LYS EA 124 3.67 110.72 2.06
CA LYS EA 124 4.56 110.14 3.05
C LYS EA 124 3.83 108.98 3.68
N ASN EA 125 4.58 108.14 4.39
CA ASN EA 125 4.06 106.97 5.11
C ASN EA 125 3.37 106.01 4.15
N LYS EA 126 4.15 105.42 3.24
CA LYS EA 126 3.61 104.78 2.05
C LYS EA 126 2.87 103.49 2.38
N TRP EA 127 3.19 102.86 3.51
CA TRP EA 127 2.62 101.55 3.79
C TRP EA 127 1.15 101.65 4.18
N PHE EA 128 0.72 102.83 4.65
CA PHE EA 128 -0.63 102.96 5.19
C PHE EA 128 -1.67 102.94 4.09
N PHE EA 129 -1.55 103.79 3.10
CA PHE EA 129 -2.60 103.93 2.10
C PHE EA 129 -2.54 102.87 1.02
N GLN EA 130 -1.52 102.03 1.00
CA GLN EA 130 -1.41 100.98 0.00
C GLN EA 130 -2.21 99.78 0.48
N LYS EA 131 -3.05 99.23 -0.40
CA LYS EA 131 -4.05 98.25 -0.01
C LYS EA 131 -3.41 96.91 0.34
N LEU EA 132 -3.67 96.46 1.56
CA LEU EA 132 -3.15 95.20 2.06
C LEU EA 132 -3.88 94.05 1.37
N ARG EA 133 -3.17 93.37 0.48
CA ARG EA 133 -3.74 92.26 -0.27
C ARG EA 133 -3.47 90.97 0.49
N PHE EA 134 -4.50 90.16 0.68
CA PHE EA 134 -4.40 89.00 1.55
C PHE EA 134 -5.29 87.87 1.07
N PRO FA 1 -38.33 5.44 -77.29
CA PRO FA 1 -39.14 4.23 -77.42
C PRO FA 1 -39.32 3.54 -76.08
N SER FA 2 -40.01 4.22 -75.18
CA SER FA 2 -40.30 3.64 -73.87
C SER FA 2 -41.21 2.44 -73.99
N ARG FA 3 -42.04 2.41 -75.03
CA ARG FA 3 -42.94 1.29 -75.24
C ARG FA 3 -42.20 0.05 -75.70
N LEU FA 4 -41.01 0.23 -76.29
CA LEU FA 4 -40.23 -0.92 -76.71
C LEU FA 4 -39.12 -1.22 -75.70
N ARG FA 5 -38.92 -0.31 -74.74
CA ARG FA 5 -37.94 -0.49 -73.68
C ARG FA 5 -38.26 -1.72 -72.82
N LYS FA 6 -37.22 -2.30 -72.21
CA LYS FA 6 -37.42 -3.46 -71.33
C LYS FA 6 -38.17 -3.08 -70.06
N THR FA 7 -38.05 -1.82 -69.64
CA THR FA 7 -38.52 -1.41 -68.32
C THR FA 7 -40.04 -1.50 -68.21
N ARG FA 8 -40.75 -1.18 -69.29
CA ARG FA 8 -42.21 -1.28 -69.27
C ARG FA 8 -42.67 -2.72 -69.15
N LYS FA 9 -41.90 -3.66 -69.69
CA LYS FA 9 -42.29 -5.06 -69.54
C LYS FA 9 -41.94 -5.57 -68.14
N LEU FA 10 -40.93 -4.98 -67.50
CA LEU FA 10 -40.43 -5.53 -66.25
C LEU FA 10 -41.25 -5.13 -65.03
N ARG FA 11 -42.35 -4.40 -65.20
CA ARG FA 11 -43.18 -4.04 -64.07
C ARG FA 11 -43.86 -5.26 -63.49
N GLY FA 12 -44.31 -5.15 -62.24
CA GLY FA 12 -44.95 -6.26 -61.58
C GLY FA 12 -44.00 -7.25 -60.94
N HIS FA 13 -42.71 -7.15 -61.23
CA HIS FA 13 -41.71 -7.97 -60.58
C HIS FA 13 -41.05 -7.13 -59.50
N VAL FA 14 -40.68 -7.76 -58.39
CA VAL FA 14 -40.37 -6.99 -57.19
C VAL FA 14 -38.98 -6.38 -57.29
N SER FA 15 -38.04 -7.13 -57.82
CA SER FA 15 -36.66 -6.67 -57.81
C SER FA 15 -36.25 -5.97 -59.10
N HIS FA 16 -37.12 -5.97 -60.12
CA HIS FA 16 -36.98 -5.18 -61.33
C HIS FA 16 -35.73 -5.58 -62.12
N GLY FA 17 -35.38 -6.86 -62.03
CA GLY FA 17 -34.29 -7.39 -62.82
C GLY FA 17 -32.91 -7.15 -62.25
N HIS FA 18 -32.77 -7.10 -60.93
CA HIS FA 18 -31.46 -7.00 -60.31
C HIS FA 18 -31.34 -7.86 -59.07
N GLY FA 19 -32.18 -8.86 -58.91
CA GLY FA 19 -32.03 -9.82 -57.83
C GLY FA 19 -32.53 -9.29 -56.50
N ARG FA 20 -33.07 -10.22 -55.70
CA ARG FA 20 -33.43 -9.87 -54.34
C ARG FA 20 -32.22 -9.92 -53.43
N ILE FA 21 -31.30 -10.85 -53.68
CA ILE FA 21 -30.18 -11.04 -52.78
C ILE FA 21 -29.10 -9.99 -53.06
N GLY FA 22 -28.80 -9.76 -54.33
CA GLY FA 22 -27.70 -8.87 -54.69
C GLY FA 22 -27.97 -7.41 -54.40
N LYS FA 23 -29.16 -6.91 -54.81
CA LYS FA 23 -29.63 -5.56 -54.53
C LYS FA 23 -28.70 -4.47 -55.05
N HIS FA 24 -28.75 -4.18 -56.35
CA HIS FA 24 -28.00 -3.05 -56.91
C HIS FA 24 -28.22 -1.77 -56.11
N ARG FA 25 -27.20 -1.34 -55.36
CA ARG FA 25 -27.37 -0.27 -54.39
C ARG FA 25 -26.92 1.05 -54.98
N LYS FA 26 -25.62 1.36 -54.98
CA LYS FA 26 -25.16 2.59 -55.59
C LYS FA 26 -23.98 2.35 -56.51
N HIS FA 27 -22.90 1.83 -55.92
CA HIS FA 27 -21.59 1.71 -56.56
C HIS FA 27 -20.83 0.62 -55.83
N PRO FA 28 -20.97 -0.63 -56.28
CA PRO FA 28 -20.43 -1.74 -55.48
C PRO FA 28 -18.91 -1.81 -55.46
N GLY FA 29 -18.27 -1.85 -56.62
CA GLY FA 29 -16.82 -2.02 -56.62
C GLY FA 29 -16.10 -0.70 -56.37
N GLY FA 30 -16.61 0.36 -56.93
CA GLY FA 30 -15.97 1.65 -56.87
C GLY FA 30 -16.63 2.59 -57.85
N ARG FA 31 -15.83 3.42 -58.47
CA ARG FA 31 -16.30 4.28 -59.54
C ARG FA 31 -15.29 4.29 -60.67
N GLY FA 32 -15.79 4.15 -61.89
CA GLY FA 32 -14.92 4.27 -63.04
C GLY FA 32 -13.98 3.08 -63.15
N ASN FA 33 -12.72 3.32 -62.79
CA ASN FA 33 -11.68 2.32 -62.91
C ASN FA 33 -10.97 2.09 -61.59
N ALA FA 34 -11.73 1.93 -60.52
CA ALA FA 34 -11.14 1.77 -59.20
C ALA FA 34 -10.52 0.40 -59.05
N GLY FA 35 -9.37 0.35 -58.39
CA GLY FA 35 -8.74 -0.93 -58.14
C GLY FA 35 -7.98 -1.48 -59.31
N GLY FA 36 -7.30 -0.62 -60.08
CA GLY FA 36 -6.55 -1.10 -61.23
C GLY FA 36 -5.36 -1.96 -60.84
N LEU FA 37 -4.81 -1.72 -59.65
CA LEU FA 37 -3.77 -2.59 -59.16
C LEU FA 37 -4.30 -3.52 -58.08
N HIS FA 38 -5.33 -3.10 -57.37
CA HIS FA 38 -5.64 -3.73 -56.09
C HIS FA 38 -6.59 -4.91 -56.19
N HIS FA 39 -7.78 -4.74 -56.79
CA HIS FA 39 -8.73 -5.84 -56.77
C HIS FA 39 -9.47 -6.03 -58.09
N HIS FA 40 -9.12 -5.31 -59.14
CA HIS FA 40 -9.60 -5.62 -60.47
C HIS FA 40 -8.48 -6.01 -61.40
N ARG FA 41 -7.39 -6.57 -60.87
CA ARG FA 41 -6.26 -6.86 -61.73
C ARG FA 41 -6.54 -8.04 -62.63
N ILE FA 42 -7.47 -8.90 -62.24
CA ILE FA 42 -7.81 -10.06 -63.06
C ILE FA 42 -8.65 -9.62 -64.26
N ASN FA 43 -9.21 -8.41 -64.20
CA ASN FA 43 -9.79 -7.84 -65.41
C ASN FA 43 -8.75 -7.05 -66.18
N PHE FA 44 -7.99 -6.19 -65.50
CA PHE FA 44 -7.07 -5.29 -66.19
C PHE FA 44 -5.93 -6.06 -66.87
N ASP FA 45 -5.20 -6.87 -66.16
CA ASP FA 45 -4.47 -7.94 -66.84
C ASP FA 45 -5.51 -8.97 -67.25
N LYS FA 46 -5.23 -9.67 -68.36
CA LYS FA 46 -6.09 -10.61 -69.08
C LYS FA 46 -7.21 -9.90 -69.86
N TYR FA 47 -7.41 -8.60 -69.72
CA TYR FA 47 -8.30 -7.95 -70.68
C TYR FA 47 -7.78 -6.64 -71.24
N HIS FA 48 -6.74 -6.08 -70.63
CA HIS FA 48 -6.06 -4.89 -71.14
C HIS FA 48 -4.58 -5.02 -70.84
N PRO FA 49 -3.86 -5.83 -71.60
CA PRO FA 49 -2.44 -5.99 -71.31
C PRO FA 49 -1.66 -4.76 -71.71
N GLY FA 50 -0.93 -4.20 -70.75
CA GLY FA 50 -0.09 -3.07 -71.02
C GLY FA 50 -0.59 -1.75 -70.50
N TYR FA 51 -1.55 -1.74 -69.58
CA TYR FA 51 -2.22 -0.49 -69.25
C TYR FA 51 -1.37 0.38 -68.34
N PHE FA 52 -0.47 -0.21 -67.58
CA PHE FA 52 0.30 0.51 -66.58
C PHE FA 52 1.75 0.68 -67.01
N GLY FA 53 2.24 1.92 -67.01
CA GLY FA 53 3.66 2.17 -67.11
C GLY FA 53 4.02 3.08 -68.27
N LYS FA 54 5.30 3.44 -68.33
CA LYS FA 54 5.85 4.27 -69.38
C LYS FA 54 6.62 3.39 -70.35
N VAL FA 55 6.71 3.81 -71.61
CA VAL FA 55 7.54 3.05 -72.54
C VAL FA 55 8.56 3.94 -73.25
N GLY FA 56 8.13 5.06 -73.81
CA GLY FA 56 8.92 5.66 -74.86
C GLY FA 56 9.61 6.93 -74.42
N MET FA 57 10.33 7.53 -75.36
CA MET FA 57 10.87 8.86 -75.14
C MET FA 57 9.74 9.86 -75.05
N LYS FA 58 9.91 10.86 -74.19
CA LYS FA 58 8.90 11.88 -74.00
C LYS FA 58 9.13 12.96 -75.03
N HIS FA 59 8.15 13.15 -75.91
CA HIS FA 59 8.25 14.16 -76.96
C HIS FA 59 7.30 15.30 -76.65
N TYR FA 60 7.85 16.51 -76.57
CA TYR FA 60 7.07 17.65 -76.12
C TYR FA 60 6.66 18.46 -77.34
N HIS FA 61 5.46 19.03 -77.29
CA HIS FA 61 4.88 19.86 -78.35
C HIS FA 61 4.89 19.10 -79.68
N LEU FA 62 4.14 18.01 -79.71
CA LEU FA 62 4.09 17.22 -80.94
C LEU FA 62 3.05 17.81 -81.86
N LYS FA 63 3.40 17.88 -83.13
CA LYS FA 63 2.48 18.29 -84.18
C LYS FA 63 2.21 17.08 -85.03
N ARG FA 64 0.92 16.81 -85.29
CA ARG FA 64 0.53 15.78 -86.26
C ARG FA 64 0.45 16.43 -87.64
N ASN FA 65 1.49 17.19 -87.94
CA ASN FA 65 1.47 18.05 -89.09
C ASN FA 65 2.77 17.93 -89.87
N GLN FA 66 3.89 17.74 -89.15
CA GLN FA 66 5.16 17.51 -89.81
C GLN FA 66 5.30 16.07 -90.27
N SER FA 67 4.79 15.13 -89.49
CA SER FA 67 4.91 13.71 -89.79
C SER FA 67 3.83 13.21 -90.73
N PHE FA 68 3.23 14.09 -91.50
CA PHE FA 68 2.10 13.74 -92.35
C PHE FA 68 2.61 13.10 -93.63
N CYS FA 69 2.51 11.79 -93.72
CA CYS FA 69 2.92 11.05 -94.91
C CYS FA 69 1.90 9.96 -95.19
N PRO FA 70 0.83 10.27 -95.91
CA PRO FA 70 -0.13 9.24 -96.29
C PRO FA 70 0.49 8.30 -97.31
N THR FA 71 -0.10 7.12 -97.41
CA THR FA 71 0.41 6.09 -98.29
C THR FA 71 -0.57 5.84 -99.42
N VAL FA 72 -0.05 5.33 -100.53
CA VAL FA 72 -0.86 4.90 -101.65
C VAL FA 72 -0.23 3.65 -102.22
N ASN FA 73 -1.05 2.72 -102.66
CA ASN FA 73 -0.57 1.42 -103.08
C ASN FA 73 -0.55 1.32 -104.60
N LEU FA 74 0.19 0.33 -105.09
CA LEU FA 74 0.30 0.15 -106.54
C LEU FA 74 -0.98 -0.44 -107.11
N ASP FA 75 -1.84 -0.99 -106.26
CA ASP FA 75 -3.20 -1.29 -106.69
C ASP FA 75 -3.96 -0.01 -107.02
N LYS FA 76 -3.97 0.93 -106.08
CA LYS FA 76 -4.73 2.16 -106.23
C LYS FA 76 -4.10 3.12 -107.22
N LEU FA 77 -2.85 2.86 -107.61
CA LEU FA 77 -2.03 3.85 -108.32
C LEU FA 77 -2.61 4.21 -109.68
N TRP FA 78 -3.41 3.32 -110.28
CA TRP FA 78 -3.99 3.65 -111.57
C TRP FA 78 -5.16 4.59 -111.44
N THR FA 79 -6.05 4.36 -110.47
CA THR FA 79 -7.29 5.10 -110.46
C THR FA 79 -7.18 6.47 -109.80
N LEU FA 80 -5.96 6.98 -109.62
CA LEU FA 80 -5.81 8.41 -109.38
C LEU FA 80 -6.01 9.19 -110.66
N VAL FA 81 -5.79 8.54 -111.80
CA VAL FA 81 -5.96 9.13 -113.13
C VAL FA 81 -7.06 8.34 -113.81
N SER FA 82 -7.85 9.01 -114.66
CA SER FA 82 -8.98 8.42 -115.38
C SER FA 82 -8.52 7.26 -116.24
N GLU FA 83 -9.42 6.30 -116.45
CA GLU FA 83 -9.03 5.05 -117.09
C GLU FA 83 -8.95 5.20 -118.60
N GLN FA 84 -9.48 6.32 -119.13
CA GLN FA 84 -9.30 6.64 -120.53
C GLN FA 84 -7.83 6.83 -120.87
N THR FA 85 -7.05 7.34 -119.91
CA THR FA 85 -5.64 7.58 -120.13
C THR FA 85 -4.87 6.27 -120.22
N ARG FA 86 -5.18 5.32 -119.34
CA ARG FA 86 -4.45 4.06 -119.39
C ARG FA 86 -4.87 3.22 -120.59
N VAL FA 87 -6.13 3.36 -121.01
CA VAL FA 87 -6.56 2.68 -122.25
C VAL FA 87 -5.83 3.25 -123.47
N ASN FA 88 -5.84 4.58 -123.61
CA ASN FA 88 -5.17 5.19 -124.76
C ASN FA 88 -3.66 5.00 -124.71
N ALA FA 89 -3.06 5.00 -123.51
CA ALA FA 89 -1.63 4.83 -123.41
C ALA FA 89 -1.25 3.35 -123.47
N ALA FA 90 -2.25 2.47 -123.41
CA ALA FA 90 -2.01 1.05 -123.54
C ALA FA 90 -2.40 0.52 -124.89
N LYS FA 91 -2.97 1.36 -125.76
CA LYS FA 91 -3.41 0.90 -127.07
C LYS FA 91 -2.26 1.06 -128.07
N ASN FA 92 -1.11 0.49 -127.70
CA ASN FA 92 0.11 0.34 -128.50
C ASN FA 92 0.55 1.60 -129.24
N LYS FA 93 0.42 2.76 -128.59
CA LYS FA 93 0.52 4.03 -129.29
C LYS FA 93 1.94 4.30 -129.77
N THR FA 94 2.88 4.44 -128.83
CA THR FA 94 4.30 4.60 -129.11
C THR FA 94 5.08 4.22 -127.86
N GLY FA 95 6.35 4.64 -127.78
CA GLY FA 95 7.12 4.35 -126.58
C GLY FA 95 6.75 5.21 -125.39
N ALA FA 96 5.87 6.20 -125.60
CA ALA FA 96 5.58 7.18 -124.56
C ALA FA 96 4.74 6.59 -123.43
N ALA FA 97 4.67 7.34 -122.35
CA ALA FA 97 4.02 6.93 -121.10
C ALA FA 97 3.25 8.11 -120.53
N PRO FA 98 2.21 7.83 -119.73
CA PRO FA 98 1.55 8.91 -119.01
C PRO FA 98 2.27 9.19 -117.69
N ILE FA 99 2.11 10.42 -117.21
CA ILE FA 99 2.65 10.84 -115.93
C ILE FA 99 1.52 10.85 -114.92
N ILE FA 100 1.68 10.09 -113.84
CA ILE FA 100 0.73 10.06 -112.75
C ILE FA 100 1.37 10.74 -111.54
N ASP FA 101 0.77 11.83 -111.10
CA ASP FA 101 1.31 12.64 -110.02
C ASP FA 101 0.43 12.43 -108.79
N VAL FA 102 0.97 11.70 -107.80
CA VAL FA 102 0.15 11.37 -106.65
C VAL FA 102 0.04 12.54 -105.68
N VAL FA 103 0.91 13.54 -105.83
CA VAL FA 103 0.87 14.68 -104.94
C VAL FA 103 -0.34 15.56 -105.27
N ARG FA 104 -0.80 15.50 -106.52
CA ARG FA 104 -2.06 16.12 -106.89
C ARG FA 104 -3.23 15.49 -106.16
N SER FA 105 -3.25 14.16 -106.08
CA SER FA 105 -4.34 13.47 -105.40
C SER FA 105 -4.26 13.68 -103.90
N GLY FA 106 -3.05 13.88 -103.38
CA GLY FA 106 -2.85 14.12 -101.97
C GLY FA 106 -2.13 13.03 -101.24
N TYR FA 107 -1.29 12.27 -101.93
CA TYR FA 107 -0.59 11.13 -101.36
C TYR FA 107 0.90 11.40 -101.51
N TYR FA 108 1.66 11.17 -100.46
CA TYR FA 108 3.07 11.59 -100.50
C TYR FA 108 4.00 10.42 -100.79
N LYS FA 109 3.71 9.24 -100.26
CA LYS FA 109 4.62 8.13 -100.32
C LYS FA 109 3.96 6.96 -101.02
N VAL FA 110 4.66 6.41 -102.01
CA VAL FA 110 4.16 5.29 -102.80
C VAL FA 110 4.77 4.01 -102.25
N LEU FA 111 3.94 3.16 -101.67
CA LEU FA 111 4.36 1.88 -101.16
C LEU FA 111 4.16 0.81 -102.22
N GLY FA 112 4.84 -0.31 -102.06
CA GLY FA 112 4.73 -1.38 -103.02
C GLY FA 112 3.60 -2.33 -102.65
N LYS FA 113 2.93 -2.85 -103.66
CA LYS FA 113 2.03 -3.98 -103.54
C LYS FA 113 2.24 -4.87 -104.76
N GLY FA 114 1.28 -5.75 -105.01
CA GLY FA 114 1.37 -6.59 -106.19
C GLY FA 114 0.49 -6.11 -107.31
N LYS FA 115 0.54 -6.85 -108.42
CA LYS FA 115 -0.29 -6.67 -109.61
C LYS FA 115 -0.13 -5.27 -110.18
N LEU FA 116 1.05 -4.98 -110.69
CA LEU FA 116 1.19 -3.80 -111.53
C LEU FA 116 1.28 -4.25 -112.99
N PRO FA 117 0.35 -3.83 -113.83
CA PRO FA 117 0.36 -4.27 -115.24
C PRO FA 117 1.55 -3.70 -115.99
N LYS FA 118 1.86 -4.34 -117.12
CA LYS FA 118 3.18 -4.21 -117.74
C LYS FA 118 3.34 -2.84 -118.42
N GLN FA 119 2.24 -2.14 -118.64
CA GLN FA 119 2.13 -0.80 -119.21
C GLN FA 119 3.01 0.21 -118.48
N PRO FA 120 4.00 0.80 -119.14
CA PRO FA 120 4.95 1.65 -118.40
C PRO FA 120 4.40 3.05 -118.14
N VAL FA 121 4.71 3.55 -116.93
CA VAL FA 121 4.27 4.87 -116.48
C VAL FA 121 5.38 5.62 -115.77
N ILE FA 122 5.11 6.88 -115.50
CA ILE FA 122 6.03 7.75 -114.78
C ILE FA 122 5.30 8.29 -113.56
N VAL FA 123 5.85 8.02 -112.38
CA VAL FA 123 5.22 8.36 -111.11
C VAL FA 123 6.07 9.42 -110.43
N LYS FA 124 5.42 10.48 -109.94
CA LYS FA 124 6.11 11.51 -109.17
C LYS FA 124 5.59 11.50 -107.74
N ALA FA 125 6.49 11.34 -106.78
CA ALA FA 125 6.11 11.33 -105.38
C ALA FA 125 7.26 11.86 -104.55
N LYS FA 126 6.96 12.16 -103.29
CA LYS FA 126 7.99 12.68 -102.42
C LYS FA 126 8.87 11.56 -101.89
N PHE FA 127 8.34 10.37 -101.77
CA PHE FA 127 9.04 9.26 -101.16
C PHE FA 127 8.73 7.98 -101.92
N PHE FA 128 9.65 7.04 -101.87
CA PHE FA 128 9.45 5.75 -102.53
C PHE FA 128 10.04 4.65 -101.69
N SER FA 129 9.30 3.56 -101.58
CA SER FA 129 9.82 2.32 -101.05
C SER FA 129 10.50 1.54 -102.16
N ARG FA 130 11.55 0.80 -101.81
CA ARG FA 130 12.34 0.13 -102.83
C ARG FA 130 11.57 -1.02 -103.47
N ARG FA 131 10.56 -1.54 -102.78
CA ARG FA 131 9.60 -2.45 -103.39
C ARG FA 131 8.95 -1.83 -104.61
N ALA FA 132 8.30 -0.67 -104.43
CA ALA FA 132 7.59 -0.02 -105.52
C ALA FA 132 8.53 0.48 -106.59
N GLU FA 133 9.76 0.83 -106.19
CA GLU FA 133 10.74 1.25 -107.18
C GLU FA 133 11.17 0.06 -108.05
N GLU FA 134 11.32 -1.11 -107.42
CA GLU FA 134 11.59 -2.34 -108.18
C GLU FA 134 10.42 -2.70 -109.09
N LYS FA 135 9.18 -2.51 -108.61
CA LYS FA 135 8.03 -2.87 -109.42
C LYS FA 135 7.91 -1.97 -110.64
N ILE FA 136 8.20 -0.67 -110.48
CA ILE FA 136 8.13 0.24 -111.60
C ILE FA 136 9.25 -0.02 -112.59
N LYS FA 137 10.46 -0.34 -112.10
CA LYS FA 137 11.53 -0.68 -113.05
C LYS FA 137 11.34 -2.06 -113.65
N SER FA 138 10.52 -2.91 -113.03
CA SER FA 138 10.25 -4.22 -113.60
C SER FA 138 9.19 -4.12 -114.69
N VAL FA 139 8.17 -3.29 -114.49
CA VAL FA 139 7.20 -3.12 -115.55
C VAL FA 139 7.75 -2.22 -116.65
N GLY FA 140 8.82 -1.48 -116.38
CA GLY FA 140 9.46 -0.72 -117.43
C GLY FA 140 9.31 0.77 -117.32
N GLY FA 141 8.55 1.25 -116.35
CA GLY FA 141 8.47 2.67 -116.13
C GLY FA 141 9.65 3.20 -115.36
N ALA FA 142 9.54 4.44 -114.92
CA ALA FA 142 10.62 5.11 -114.22
C ALA FA 142 10.10 5.76 -112.94
N CYS FA 143 11.00 5.91 -111.98
CA CYS FA 143 10.74 6.62 -110.74
C CYS FA 143 11.23 8.05 -110.86
N VAL FA 144 10.42 9.01 -110.43
CA VAL FA 144 10.78 10.42 -110.45
C VAL FA 144 10.43 11.01 -109.09
N LEU FA 145 11.37 11.73 -108.49
CA LEU FA 145 11.12 12.44 -107.24
C LEU FA 145 10.71 13.88 -107.52
N VAL FA 146 10.11 14.53 -106.53
CA VAL FA 146 9.73 15.94 -106.59
C VAL FA 146 10.16 16.62 -105.31
N ALA FA 147 9.79 17.88 -105.17
CA ALA FA 147 10.12 18.68 -104.00
C ALA FA 147 9.06 19.74 -103.71
N ALA GA 1 -18.29 -14.67 -36.68
CA ALA GA 1 -18.10 -14.40 -38.11
C ALA GA 1 -17.33 -15.54 -38.74
N LYS GA 2 -17.96 -16.69 -38.89
CA LYS GA 2 -17.32 -17.87 -39.45
C LYS GA 2 -18.18 -18.43 -40.57
N SER GA 3 -17.52 -18.84 -41.65
CA SER GA 3 -18.21 -19.31 -42.85
C SER GA 3 -17.61 -20.63 -43.29
N LYS GA 4 -18.34 -21.34 -44.14
CA LYS GA 4 -17.85 -22.61 -44.68
C LYS GA 4 -16.71 -22.35 -45.66
N ASN GA 5 -15.57 -22.96 -45.40
CA ASN GA 5 -14.34 -22.48 -46.00
C ASN GA 5 -14.15 -23.01 -47.43
N HIS GA 6 -14.05 -24.33 -47.59
CA HIS GA 6 -13.86 -24.89 -48.91
C HIS GA 6 -14.63 -26.19 -49.04
N THR GA 7 -15.29 -26.37 -50.17
CA THR GA 7 -15.94 -27.64 -50.48
C THR GA 7 -15.88 -27.88 -51.97
N THR GA 8 -16.16 -29.11 -52.37
CA THR GA 8 -16.29 -29.49 -53.77
C THR GA 8 -17.64 -30.16 -54.05
N HIS GA 9 -18.60 -29.97 -53.16
CA HIS GA 9 -19.94 -30.48 -53.39
C HIS GA 9 -20.61 -29.69 -54.50
N ASN GA 10 -21.56 -30.32 -55.19
CA ASN GA 10 -22.36 -29.79 -56.30
C ASN GA 10 -21.45 -29.34 -57.45
N GLN GA 11 -20.31 -29.98 -57.64
CA GLN GA 11 -19.41 -29.55 -58.70
C GLN GA 11 -19.51 -30.48 -59.90
N SER GA 12 -19.59 -31.79 -59.67
CA SER GA 12 -19.72 -32.74 -60.76
C SER GA 12 -21.03 -32.54 -61.51
N ARG GA 13 -22.07 -32.17 -60.78
CA ARG GA 13 -23.37 -31.97 -61.41
C ARG GA 13 -23.38 -30.67 -62.22
N LYS GA 14 -22.51 -29.72 -61.87
CA LYS GA 14 -22.34 -28.56 -62.76
C LYS GA 14 -21.51 -28.91 -63.97
N TRP GA 15 -20.48 -29.74 -63.78
CA TRP GA 15 -19.54 -30.02 -64.87
C TRP GA 15 -20.20 -30.84 -65.95
N HIS GA 16 -21.08 -31.75 -65.58
CA HIS GA 16 -21.73 -32.58 -66.59
C HIS GA 16 -23.05 -32.01 -67.10
N ARG GA 17 -23.25 -30.70 -67.03
CA ARG GA 17 -24.40 -30.14 -67.71
C ARG GA 17 -24.16 -30.07 -69.20
N ASN GA 18 -23.17 -29.28 -69.62
CA ASN GA 18 -22.86 -29.20 -71.03
C ASN GA 18 -22.06 -30.40 -71.48
N GLY GA 19 -21.43 -31.09 -70.55
CA GLY GA 19 -20.70 -32.30 -70.86
C GLY GA 19 -19.20 -32.11 -70.86
N ILE GA 20 -18.49 -33.08 -70.29
CA ILE GA 20 -17.04 -33.03 -70.22
C ILE GA 20 -16.45 -33.72 -71.44
N LYS GA 21 -16.56 -33.08 -72.59
CA LYS GA 21 -16.05 -33.64 -73.84
C LYS GA 21 -14.54 -33.48 -73.98
N LYS GA 22 -13.99 -34.09 -75.03
CA LYS GA 22 -12.56 -34.02 -75.27
C LYS GA 22 -12.18 -32.73 -76.00
N PRO GA 23 -10.87 -32.50 -76.18
CA PRO GA 23 -10.37 -31.29 -76.83
C PRO GA 23 -10.30 -31.36 -78.36
N ARG GA 24 -11.36 -31.82 -79.00
CA ARG GA 24 -11.45 -31.93 -80.47
C ARG GA 24 -10.40 -32.79 -81.19
N SER GA 25 -9.15 -32.34 -81.21
CA SER GA 25 -8.01 -33.00 -81.85
C SER GA 25 -8.21 -33.23 -83.35
N GLN GA 26 -7.97 -32.17 -84.12
CA GLN GA 26 -8.12 -32.21 -85.56
C GLN GA 26 -6.91 -32.83 -86.25
N ARG GA 27 -6.98 -32.95 -87.57
CA ARG GA 27 -5.88 -33.51 -88.34
C ARG GA 27 -4.74 -32.51 -88.46
N TYR GA 28 -3.56 -33.01 -88.76
CA TYR GA 28 -2.36 -32.18 -88.88
C TYR GA 28 -2.19 -31.32 -87.64
N GLU GA 29 -1.87 -31.96 -86.51
CA GLU GA 29 -1.72 -31.29 -85.22
C GLU GA 29 -0.69 -30.17 -85.25
N SER GA 30 -0.80 -29.24 -84.30
CA SER GA 30 0.05 -28.06 -84.24
C SER GA 30 1.49 -28.48 -84.04
N LEU GA 31 2.40 -27.85 -84.78
CA LEU GA 31 3.72 -28.41 -84.93
C LEU GA 31 4.75 -27.56 -84.17
N LYS GA 32 4.28 -26.61 -83.38
CA LYS GA 32 5.18 -25.83 -82.54
C LYS GA 32 5.70 -26.69 -81.39
N GLY GA 33 6.85 -26.28 -80.84
CA GLY GA 33 7.45 -26.95 -79.71
C GLY GA 33 8.33 -28.14 -80.04
N VAL GA 34 8.34 -28.59 -81.29
CA VAL GA 34 9.13 -29.73 -81.73
C VAL GA 34 10.57 -29.25 -81.87
N ASP GA 35 11.54 -30.20 -81.77
CA ASP GA 35 12.99 -30.07 -81.90
C ASP GA 35 13.39 -29.11 -83.02
N PRO GA 36 14.12 -28.03 -82.69
CA PRO GA 36 14.47 -27.06 -83.72
C PRO GA 36 15.41 -27.59 -84.79
N LYS GA 37 16.27 -28.54 -84.47
CA LYS GA 37 17.14 -29.13 -85.49
C LYS GA 37 16.32 -29.92 -86.50
N PHE GA 38 15.37 -30.70 -86.01
CA PHE GA 38 14.46 -31.43 -86.89
C PHE GA 38 13.59 -30.49 -87.71
N LEU GA 39 13.20 -29.36 -87.12
CA LEU GA 39 12.37 -28.41 -87.85
C LEU GA 39 13.16 -27.72 -88.95
N ARG GA 40 14.42 -27.37 -88.66
CA ARG GA 40 15.30 -26.81 -89.68
C ARG GA 40 15.57 -27.82 -90.77
N ASN GA 41 15.55 -29.11 -90.45
CA ASN GA 41 15.63 -30.12 -91.49
C ASN GA 41 14.38 -30.09 -92.37
N MET GA 42 13.21 -30.12 -91.73
CA MET GA 42 11.98 -30.41 -92.44
C MET GA 42 11.55 -29.24 -93.32
N ARG GA 43 11.94 -28.01 -92.96
CA ARG GA 43 11.58 -26.88 -93.82
C ARG GA 43 12.32 -26.92 -95.15
N PHE GA 44 13.63 -27.17 -95.13
CA PHE GA 44 14.37 -27.28 -96.39
C PHE GA 44 13.94 -28.52 -97.15
N ALA GA 45 13.55 -29.56 -96.42
CA ALA GA 45 13.00 -30.77 -97.02
C ALA GA 45 11.75 -30.47 -97.83
N LYS GA 46 10.82 -29.72 -97.24
CA LYS GA 46 9.59 -29.36 -97.94
C LYS GA 46 9.82 -28.48 -99.16
N LYS GA 47 10.67 -27.45 -99.02
CA LYS GA 47 10.80 -26.54 -100.17
C LYS GA 47 11.60 -27.19 -101.30
N HIS GA 48 12.51 -28.12 -100.97
CA HIS GA 48 13.19 -28.81 -102.05
C HIS GA 48 12.39 -29.98 -102.61
N ASN GA 49 11.43 -30.51 -101.83
CA ASN GA 49 10.39 -31.38 -102.38
C ASN GA 49 9.67 -30.66 -103.50
N LYS GA 50 9.16 -29.47 -103.18
CA LYS GA 50 8.35 -28.72 -104.13
C LYS GA 50 9.20 -28.18 -105.28
N LYS GA 51 10.51 -28.05 -105.05
CA LYS GA 51 11.45 -27.73 -106.11
C LYS GA 51 11.69 -28.88 -107.08
N GLY GA 52 12.24 -29.99 -106.61
CA GLY GA 52 12.75 -31.02 -107.51
C GLY GA 52 11.80 -32.16 -107.78
N LEU GA 53 10.65 -32.19 -107.12
CA LEU GA 53 9.73 -33.33 -107.18
C LEU GA 53 8.85 -33.31 -108.43
N LYS GA 54 9.10 -32.42 -109.39
CA LYS GA 54 8.27 -32.39 -110.59
C LYS GA 54 8.64 -33.55 -111.51
N LYS GA 55 9.89 -33.53 -111.99
CA LYS GA 55 10.23 -34.26 -113.21
C LYS GA 55 10.26 -35.77 -112.98
N MET GA 56 10.94 -36.23 -111.92
CA MET GA 56 11.13 -37.67 -111.74
C MET GA 56 9.85 -38.32 -111.24
N GLN GA 57 9.04 -37.57 -110.48
CA GLN GA 57 7.76 -38.11 -110.04
C GLN GA 57 6.77 -38.15 -111.20
N ALA GA 58 6.86 -37.20 -112.13
CA ALA GA 58 6.04 -37.28 -113.34
C ALA GA 58 6.44 -38.45 -114.21
N ASN GA 59 7.76 -38.70 -114.33
CA ASN GA 59 8.25 -39.90 -115.01
C ASN GA 59 7.72 -41.17 -114.35
N ASN GA 60 7.74 -41.22 -113.02
CA ASN GA 60 7.34 -42.45 -112.34
C ASN GA 60 5.83 -42.64 -112.38
N ALA GA 61 5.08 -41.54 -112.46
CA ALA GA 61 3.64 -41.64 -112.67
C ALA GA 61 3.32 -42.17 -114.05
N LYS GA 62 4.06 -41.70 -115.06
CA LYS GA 62 3.90 -42.26 -116.41
C LYS GA 62 4.27 -43.74 -116.45
N ALA GA 63 5.32 -44.12 -115.71
CA ALA GA 63 5.77 -45.50 -115.71
C ALA GA 63 4.77 -46.42 -115.02
N MET GA 64 4.19 -45.95 -113.91
CA MET GA 64 3.22 -46.78 -113.21
C MET GA 64 1.88 -46.81 -113.94
N SER GA 65 1.59 -45.77 -114.74
CA SER GA 65 0.40 -45.82 -115.58
C SER GA 65 0.60 -46.76 -116.76
N ALA GA 66 1.82 -46.82 -117.28
CA ALA GA 66 2.12 -47.76 -118.37
C ALA GA 66 2.10 -49.20 -117.86
N ARG GA 67 2.60 -49.42 -116.65
CA ARG GA 67 2.50 -50.74 -116.03
C ARG GA 67 1.05 -51.10 -115.71
N ALA GA 68 0.28 -50.12 -115.24
CA ALA GA 68 -1.10 -50.35 -114.83
C ALA GA 68 -1.92 -49.08 -114.99
N THR HA 1 23.16 73.16 28.55
CA THR HA 1 22.01 72.59 27.86
C THR HA 1 21.09 71.89 28.84
N LYS HA 2 21.56 70.74 29.34
CA LYS HA 2 20.82 70.01 30.37
C LYS HA 2 20.75 70.81 31.67
N LYS HA 3 21.79 71.58 31.99
CA LYS HA 3 21.74 72.48 33.14
C LYS HA 3 20.76 73.61 32.90
N SER HA 4 20.63 74.04 31.63
CA SER HA 4 19.65 75.06 31.29
C SER HA 4 18.22 74.55 31.46
N LEU HA 5 17.93 73.33 31.00
CA LEU HA 5 16.58 72.80 31.15
C LEU HA 5 16.26 72.46 32.60
N GLU HA 6 17.25 71.99 33.37
CA GLU HA 6 17.02 71.77 34.79
C GLU HA 6 16.82 73.07 35.54
N SER HA 7 17.53 74.13 35.11
CA SER HA 7 17.28 75.47 35.64
C SER HA 7 15.86 75.92 35.32
N ILE HA 8 15.41 75.68 34.09
CA ILE HA 8 14.06 76.05 33.68
C ILE HA 8 13.02 75.33 34.52
N ASN HA 9 13.19 74.02 34.72
CA ASN HA 9 12.21 73.26 35.50
C ASN HA 9 12.20 73.66 36.98
N SER HA 10 13.38 73.89 37.58
CA SER HA 10 13.41 74.25 39.00
C SER HA 10 12.86 75.66 39.24
N ARG HA 11 13.18 76.60 38.35
CA ARG HA 11 12.66 77.94 38.52
C ARG HA 11 11.18 78.00 38.22
N LEU HA 12 10.70 77.14 37.32
CA LEU HA 12 9.25 77.04 37.11
C LEU HA 12 8.56 76.43 38.31
N GLN HA 13 9.22 75.50 39.00
CA GLN HA 13 8.68 74.97 40.25
C GLN HA 13 8.54 76.06 41.30
N LEU HA 14 9.51 76.99 41.36
CA LEU HA 14 9.38 78.08 42.32
C LEU HA 14 8.32 79.10 41.92
N VAL HA 15 8.22 79.40 40.62
CA VAL HA 15 7.21 80.37 40.15
C VAL HA 15 5.81 79.79 40.33
N MET HA 16 5.71 78.46 40.27
CA MET HA 16 4.44 77.75 40.45
C MET HA 16 3.79 78.07 41.78
N LYS HA 17 4.57 78.18 42.85
CA LYS HA 17 3.96 78.40 44.15
C LYS HA 17 4.16 79.82 44.66
N SER HA 18 5.20 80.52 44.19
CA SER HA 18 5.49 81.83 44.77
C SER HA 18 4.97 82.95 43.89
N GLY HA 19 5.38 82.98 42.64
CA GLY HA 19 5.04 84.08 41.76
C GLY HA 19 3.61 84.04 41.27
N LYS HA 20 3.29 84.98 40.40
CA LYS HA 20 1.96 85.10 39.82
C LYS HA 20 2.08 85.00 38.30
N TYR HA 21 1.20 84.22 37.68
CA TYR HA 21 1.29 83.92 36.27
C TYR HA 21 -0.10 83.65 35.72
N VAL HA 22 -0.25 83.80 34.41
CA VAL HA 22 -1.49 83.50 33.69
C VAL HA 22 -1.20 82.47 32.62
N LEU HA 23 -2.22 81.74 32.21
CA LEU HA 23 -2.06 80.66 31.26
C LEU HA 23 -3.03 80.81 30.10
N GLY HA 24 -2.63 80.34 28.94
CA GLY HA 24 -3.52 80.34 27.81
C GLY HA 24 -3.29 81.54 26.91
N TYR HA 25 -3.50 81.32 25.62
CA TYR HA 25 -3.18 82.33 24.61
C TYR HA 25 -4.04 83.59 24.75
N LYS HA 26 -5.36 83.40 24.90
CA LYS HA 26 -6.27 84.54 24.96
C LYS HA 26 -6.04 85.37 26.20
N GLN HA 27 -5.67 84.73 27.31
CA GLN HA 27 -5.46 85.47 28.54
C GLN HA 27 -4.08 86.13 28.56
N THR HA 28 -3.09 85.51 27.92
CA THR HA 28 -1.79 86.17 27.82
C THR HA 28 -1.82 87.35 26.86
N LEU HA 29 -2.76 87.38 25.92
CA LEU HA 29 -2.85 88.56 25.06
C LEU HA 29 -3.29 89.79 25.83
N LYS HA 30 -4.15 89.62 26.84
CA LYS HA 30 -4.49 90.74 27.73
C LYS HA 30 -3.26 91.26 28.45
N MET HA 31 -2.43 90.35 28.98
CA MET HA 31 -1.29 90.81 29.77
C MET HA 31 -0.21 91.42 28.88
N ILE HA 32 -0.09 90.94 27.63
CA ILE HA 32 0.94 91.51 26.78
C ILE HA 32 0.48 92.83 26.18
N ARG HA 33 -0.84 93.02 26.03
CA ARG HA 33 -1.31 94.33 25.58
C ARG HA 33 -1.30 95.34 26.72
N GLN HA 34 -1.42 94.87 27.95
CA GLN HA 34 -1.36 95.80 29.07
C GLN HA 34 0.06 95.99 29.58
N GLY HA 35 1.03 95.21 29.09
CA GLY HA 35 2.40 95.34 29.52
C GLY HA 35 2.69 94.75 30.88
N LYS HA 36 1.71 94.12 31.52
CA LYS HA 36 1.92 93.54 32.84
C LYS HA 36 2.84 92.33 32.77
N ALA HA 37 2.84 91.63 31.64
CA ALA HA 37 3.64 90.43 31.46
C ALA HA 37 5.10 90.82 31.26
N LYS HA 38 6.01 90.06 31.87
CA LYS HA 38 7.44 90.37 31.75
C LYS HA 38 8.13 89.43 30.77
N LEU HA 39 7.68 88.19 30.73
CA LEU HA 39 8.42 87.11 30.10
C LEU HA 39 7.42 86.06 29.65
N VAL HA 40 7.43 85.74 28.36
CA VAL HA 40 6.51 84.76 27.81
C VAL HA 40 7.29 83.52 27.41
N ILE HA 41 6.67 82.37 27.60
CA ILE HA 41 7.27 81.07 27.32
C ILE HA 41 6.34 80.31 26.39
N LEU HA 42 6.84 79.95 25.23
CA LEU HA 42 6.04 79.30 24.20
C LEU HA 42 6.50 77.86 24.05
N ALA HA 43 5.54 76.94 23.95
CA ALA HA 43 5.91 75.55 23.75
C ALA HA 43 6.48 75.33 22.34
N ASN HA 44 7.18 74.22 22.19
CA ASN HA 44 7.69 73.82 20.87
C ASN HA 44 6.57 73.70 19.83
N ASN HA 45 5.60 72.83 20.05
CA ASN HA 45 4.68 72.46 18.98
C ASN HA 45 3.45 73.35 18.87
N CYS HA 46 3.50 74.57 19.38
CA CYS HA 46 2.44 75.52 19.09
C CYS HA 46 2.48 75.87 17.61
N PRO HA 47 1.33 76.18 17.00
CA PRO HA 47 1.32 76.47 15.57
C PRO HA 47 2.07 77.76 15.25
N ALA HA 48 2.64 77.76 14.03
CA ALA HA 48 3.64 78.77 13.67
C ALA HA 48 3.03 80.14 13.59
N LEU HA 49 1.74 80.21 13.25
CA LEU HA 49 1.02 81.48 13.23
C LEU HA 49 0.95 82.09 14.63
N ARG HA 50 0.50 81.31 15.61
CA ARG HA 50 0.38 81.83 16.98
C ARG HA 50 1.75 82.14 17.56
N LYS HA 51 2.76 81.32 17.21
CA LYS HA 51 4.11 81.56 17.68
C LYS HA 51 4.67 82.87 17.12
N SER HA 52 4.46 83.10 15.82
CA SER HA 52 4.93 84.33 15.20
C SER HA 52 4.18 85.54 15.74
N GLU HA 53 2.90 85.37 16.07
CA GLU HA 53 2.13 86.50 16.57
C GLU HA 53 2.55 86.88 17.98
N ILE HA 54 2.77 85.89 18.85
CA ILE HA 54 3.17 86.19 20.22
C ILE HA 54 4.59 86.76 20.23
N GLU HA 55 5.47 86.25 19.36
CA GLU HA 55 6.81 86.80 19.28
C GLU HA 55 6.80 88.21 18.70
N TYR HA 56 5.84 88.51 17.82
CA TYR HA 56 5.72 89.85 17.29
C TYR HA 56 5.17 90.82 18.33
N TYR HA 57 4.22 90.37 19.15
CA TYR HA 57 3.73 91.23 20.22
C TYR HA 57 4.81 91.49 21.25
N ALA HA 58 5.68 90.51 21.49
CA ALA HA 58 6.75 90.72 22.46
C ALA HA 58 7.81 91.66 21.92
N MET HA 59 8.13 91.55 20.63
CA MET HA 59 9.11 92.48 20.06
C MET HA 59 8.52 93.87 19.89
N LEU HA 60 7.20 93.98 19.88
CA LEU HA 60 6.59 95.31 20.00
C LEU HA 60 6.70 95.84 21.42
N ALA HA 61 6.34 95.02 22.40
CA ALA HA 61 6.11 95.57 23.73
C ALA HA 61 7.30 95.41 24.66
N LYS HA 62 8.49 95.05 24.13
CA LYS HA 62 9.74 94.95 24.90
C LYS HA 62 9.59 93.95 26.05
N THR HA 63 9.45 92.67 25.69
CA THR HA 63 9.10 91.61 26.62
C THR HA 63 10.00 90.42 26.33
N GLY HA 64 10.45 89.73 27.38
CA GLY HA 64 11.33 88.60 27.18
C GLY HA 64 10.63 87.44 26.51
N VAL HA 65 11.33 86.82 25.56
CA VAL HA 65 10.80 85.72 24.77
C VAL HA 65 11.59 84.48 25.13
N HIS HA 66 10.91 83.36 25.33
CA HIS HA 66 11.59 82.09 25.46
C HIS HA 66 10.83 80.98 24.76
N HIS HA 67 11.56 80.13 24.06
CA HIS HA 67 11.00 78.93 23.46
C HIS HA 67 11.31 77.73 24.34
N TYR HA 68 10.30 77.20 25.02
CA TYR HA 68 10.43 75.97 25.77
C TYR HA 68 10.51 74.82 24.78
N SER HA 69 11.70 74.24 24.69
CA SER HA 69 11.95 73.10 23.82
C SER HA 69 11.22 71.91 24.41
N GLY HA 70 10.00 71.68 23.96
CA GLY HA 70 9.22 70.59 24.49
C GLY HA 70 7.77 70.70 24.09
N ASN HA 71 7.15 69.52 23.97
CA ASN HA 71 5.76 69.37 23.63
C ASN HA 71 4.87 69.97 24.71
N ASN HA 72 3.67 70.40 24.29
CA ASN HA 72 2.80 71.14 25.19
C ASN HA 72 2.21 70.28 26.30
N ILE HA 73 2.32 68.96 26.19
CA ILE HA 73 1.99 68.10 27.32
C ILE HA 73 2.99 68.32 28.44
N GLU HA 74 4.30 68.25 28.13
CA GLU HA 74 5.26 68.39 29.21
C GLU HA 74 5.50 69.85 29.58
N LEU HA 75 4.99 70.80 28.80
CA LEU HA 75 4.92 72.16 29.33
C LEU HA 75 3.94 72.22 30.49
N GLY HA 76 2.85 71.43 30.42
CA GLY HA 76 1.95 71.35 31.55
C GLY HA 76 2.57 70.64 32.74
N THR HA 77 3.42 69.66 32.47
CA THR HA 77 4.24 69.06 33.51
C THR HA 77 5.16 70.09 34.15
N ALA HA 78 5.74 70.97 33.33
CA ALA HA 78 6.63 72.00 33.84
C ALA HA 78 5.89 72.99 34.73
N CYS HA 79 4.74 73.48 34.28
CA CYS HA 79 3.95 74.39 35.09
C CYS HA 79 3.24 73.70 36.24
N GLY HA 80 3.20 72.36 36.24
CA GLY HA 80 2.65 71.64 37.37
C GLY HA 80 1.15 71.63 37.42
N LYS HA 81 0.47 71.55 36.28
CA LYS HA 81 -0.96 71.38 36.21
C LYS HA 81 -1.27 70.33 35.17
N TYR HA 82 -2.31 69.52 35.43
CA TYR HA 82 -2.48 68.27 34.70
C TYR HA 82 -2.91 68.49 33.26
N TYR HA 83 -3.64 69.56 32.99
CA TYR HA 83 -3.99 69.86 31.62
C TYR HA 83 -2.78 70.39 30.88
N ARG HA 84 -2.85 70.35 29.55
CA ARG HA 84 -1.78 70.83 28.69
C ARG HA 84 -1.87 72.33 28.56
N VAL HA 85 -0.78 72.96 28.12
CA VAL HA 85 -0.69 74.41 28.04
C VAL HA 85 0.37 74.77 27.01
N CYS HA 86 0.18 75.90 26.31
CA CYS HA 86 1.13 76.26 25.28
C CYS HA 86 1.88 77.54 25.61
N THR HA 87 1.33 78.39 26.48
CA THR HA 87 1.89 79.71 26.72
C THR HA 87 1.88 80.06 28.20
N LEU HA 88 3.07 80.29 28.74
CA LEU HA 88 3.25 80.80 30.10
C LEU HA 88 3.53 82.29 30.01
N ALA HA 89 3.11 83.03 31.03
CA ALA HA 89 3.45 84.44 31.15
C ALA HA 89 3.80 84.73 32.60
N ILE HA 90 5.07 85.02 32.86
CA ILE HA 90 5.50 85.28 34.23
C ILE HA 90 5.25 86.75 34.51
N ILE HA 91 4.04 87.09 34.97
CA ILE HA 91 3.69 88.49 35.09
C ILE HA 91 4.23 89.07 36.40
N ASP HA 92 4.67 88.21 37.31
CA ASP HA 92 5.26 88.66 38.58
C ASP HA 92 6.12 87.55 39.13
N PRO HA 93 7.40 87.51 38.75
CA PRO HA 93 8.30 86.50 39.32
C PRO HA 93 8.62 86.81 40.78
N GLY HA 94 8.16 85.90 41.65
CA GLY HA 94 8.25 86.18 43.08
C GLY HA 94 9.65 86.00 43.62
N ASP HA 95 10.20 84.80 43.50
CA ASP HA 95 11.51 84.49 44.06
C ASP HA 95 12.53 84.07 43.03
N SER HA 96 12.06 83.58 41.89
CA SER HA 96 12.92 83.07 40.83
C SER HA 96 13.98 84.01 40.28
N ASP HA 97 14.59 83.59 39.18
CA ASP HA 97 15.63 84.33 38.51
C ASP HA 97 15.66 83.90 37.05
N ILE HA 98 14.53 83.41 36.56
CA ILE HA 98 14.41 82.95 35.17
C ILE HA 98 14.70 84.05 34.17
N ILE HA 99 14.24 85.27 34.46
CA ILE HA 99 14.45 86.41 33.59
C ILE HA 99 15.86 86.99 33.80
N ARG HA 100 16.46 86.67 34.93
CA ARG HA 100 17.80 87.13 35.25
C ARG HA 100 18.81 86.01 35.03
N SER HA 101 18.49 85.11 34.09
CA SER HA 101 19.36 83.99 33.77
C SER HA 101 19.82 84.05 32.32
N MET HA 102 18.92 84.47 31.44
CA MET HA 102 19.21 84.58 30.01
C MET HA 102 19.12 86.01 29.47
N PRO HA 103 18.03 86.77 29.66
CA PRO HA 103 18.11 88.08 29.01
C PRO HA 103 18.82 89.13 29.87
N ASN IA 1 -109.21 21.29 -3.94
CA ASN IA 1 -110.15 22.39 -3.78
C ASN IA 1 -109.83 23.18 -2.53
N GLU IA 2 -109.09 22.57 -1.63
CA GLU IA 2 -108.86 23.18 -0.33
C GLU IA 2 -107.69 24.15 -0.39
N VAL IA 3 -107.70 25.12 0.51
CA VAL IA 3 -106.73 26.22 0.54
C VAL IA 3 -106.15 26.25 1.96
N VAL IA 4 -106.05 25.07 2.56
CA VAL IA 4 -105.87 24.92 4.01
C VAL IA 4 -104.46 25.29 4.45
N THR IA 5 -104.33 25.40 5.77
CA THR IA 5 -103.11 25.83 6.44
C THR IA 5 -102.93 25.05 7.73
N ARG IA 6 -101.82 24.32 7.82
CA ARG IA 6 -101.51 23.55 9.00
C ARG IA 6 -100.21 24.06 9.58
N GLU IA 7 -99.91 23.62 10.80
CA GLU IA 7 -98.58 23.83 11.36
C GLU IA 7 -97.96 22.48 11.67
N TYR IA 8 -96.68 22.33 11.37
CA TYR IA 8 -95.96 21.12 11.65
C TYR IA 8 -94.70 21.44 12.43
N THR IA 9 -94.16 20.43 13.09
CA THR IA 9 -92.77 20.42 13.49
C THR IA 9 -92.03 19.46 12.59
N ILE IA 10 -90.92 19.91 12.04
CA ILE IA 10 -90.07 19.06 11.20
C ILE IA 10 -88.80 18.80 11.99
N ASN IA 11 -88.33 17.54 11.94
CA ASN IA 11 -87.20 17.09 12.75
C ASN IA 11 -85.99 16.95 11.84
N ILE IA 12 -85.31 18.08 11.63
CA ILE IA 12 -84.20 18.11 10.70
C ILE IA 12 -83.00 17.34 11.24
N HIS IA 13 -82.92 17.21 12.57
CA HIS IA 13 -81.79 16.52 13.17
C HIS IA 13 -81.82 15.03 12.88
N LYS IA 14 -82.99 14.47 12.59
CA LYS IA 14 -83.00 13.07 12.17
C LYS IA 14 -83.18 12.95 10.67
N ARG IA 15 -83.68 14.00 10.00
CA ARG IA 15 -83.76 13.90 8.54
C ARG IA 15 -82.43 14.20 7.88
N ILE IA 16 -81.47 14.69 8.65
CA ILE IA 16 -80.10 14.81 8.21
C ILE IA 16 -79.25 13.96 9.14
N HIS IA 17 -78.61 12.94 8.59
CA HIS IA 17 -77.83 12.03 9.41
C HIS IA 17 -76.78 11.37 8.55
N GLY IA 18 -75.51 11.61 8.88
CA GLY IA 18 -74.42 11.10 8.07
C GLY IA 18 -74.09 11.94 6.87
N VAL IA 19 -74.41 13.23 6.91
CA VAL IA 19 -74.23 14.14 5.78
C VAL IA 19 -73.04 15.04 6.08
N GLY IA 20 -72.23 15.31 5.07
CA GLY IA 20 -71.03 16.12 5.22
C GLY IA 20 -71.27 17.55 5.65
N PHE IA 21 -70.21 18.22 6.10
CA PHE IA 21 -70.36 19.50 6.78
C PHE IA 21 -70.75 20.61 5.83
N LYS IA 22 -70.03 20.76 4.72
CA LYS IA 22 -70.24 21.94 3.89
C LYS IA 22 -71.42 21.75 2.94
N LYS IA 23 -72.09 20.61 3.01
CA LYS IA 23 -73.36 20.42 2.34
C LYS IA 23 -74.48 20.06 3.31
N ARG IA 24 -74.23 20.14 4.62
CA ARG IA 24 -75.21 19.71 5.61
C ARG IA 24 -76.42 20.63 5.63
N ALA IA 25 -76.20 21.94 5.76
CA ALA IA 25 -77.33 22.87 5.82
C ALA IA 25 -78.13 22.98 4.52
N PRO IA 26 -77.56 22.88 3.31
CA PRO IA 26 -78.45 22.82 2.14
C PRO IA 26 -79.29 21.57 2.05
N ARG IA 27 -78.92 20.47 2.71
CA ARG IA 27 -79.79 19.29 2.68
C ARG IA 27 -81.08 19.53 3.45
N ALA IA 28 -81.05 20.46 4.41
CA ALA IA 28 -82.29 20.84 5.09
C ALA IA 28 -83.27 21.50 4.15
N LEU IA 29 -82.78 22.23 3.16
CA LEU IA 29 -83.69 22.97 2.29
C LEU IA 29 -84.15 22.12 1.11
N LYS IA 30 -83.40 21.08 0.77
CA LYS IA 30 -83.99 20.05 -0.08
C LYS IA 30 -84.99 19.23 0.72
N GLU IA 31 -84.74 19.05 2.02
CA GLU IA 31 -85.58 18.16 2.81
C GLU IA 31 -86.92 18.79 3.13
N ILE IA 32 -86.93 20.11 3.35
CA ILE IA 32 -88.19 20.81 3.59
C ILE IA 32 -89.04 20.82 2.32
N ARG IA 33 -88.39 20.94 1.16
CA ARG IA 33 -89.14 20.87 -0.10
C ARG IA 33 -89.71 19.48 -0.34
N LYS IA 34 -88.92 18.43 -0.04
CA LYS IA 34 -89.43 17.08 -0.20
C LYS IA 34 -90.57 16.79 0.77
N PHE IA 35 -90.43 17.25 2.02
CA PHE IA 35 -91.46 17.02 3.03
C PHE IA 35 -92.75 17.74 2.70
N ALA IA 36 -92.65 19.02 2.31
CA ALA IA 36 -93.84 19.78 1.97
C ALA IA 36 -94.51 19.24 0.71
N MET IA 37 -93.71 18.81 -0.27
CA MET IA 37 -94.27 18.23 -1.48
C MET IA 37 -94.97 16.92 -1.18
N LYS IA 38 -94.42 16.13 -0.26
CA LYS IA 38 -95.07 14.87 0.13
C LYS IA 38 -96.37 15.13 0.87
N GLU IA 39 -96.39 16.13 1.75
CA GLU IA 39 -97.56 16.28 2.60
C GLU IA 39 -98.70 17.01 1.89
N MET IA 40 -98.39 18.00 1.07
CA MET IA 40 -99.47 18.73 0.42
C MET IA 40 -99.67 18.27 -1.02
N GLY IA 41 -98.84 17.35 -1.50
CA GLY IA 41 -99.06 16.73 -2.79
C GLY IA 41 -98.66 17.54 -4.00
N THR IA 42 -98.63 18.87 -3.89
CA THR IA 42 -98.36 19.66 -5.09
C THR IA 42 -96.85 19.72 -5.35
N PRO IA 43 -96.42 19.83 -6.61
CA PRO IA 43 -94.98 19.89 -6.86
C PRO IA 43 -94.35 21.22 -6.51
N ASP IA 44 -95.07 22.33 -6.64
CA ASP IA 44 -94.49 23.66 -6.46
C ASP IA 44 -94.48 24.00 -4.98
N VAL IA 45 -93.30 24.26 -4.45
CA VAL IA 45 -93.10 24.62 -3.04
C VAL IA 45 -92.23 25.87 -3.00
N ARG IA 46 -92.73 26.91 -2.35
CA ARG IA 46 -91.96 28.12 -2.11
C ARG IA 46 -91.78 28.29 -0.62
N ILE IA 47 -90.61 28.75 -0.20
CA ILE IA 47 -90.28 28.95 1.20
C ILE IA 47 -89.81 30.38 1.40
N ASP IA 48 -90.00 30.89 2.61
CA ASP IA 48 -89.83 32.32 2.84
C ASP IA 48 -88.44 32.65 3.38
N THR IA 49 -88.11 33.93 3.26
CA THR IA 49 -86.80 34.44 3.66
C THR IA 49 -86.59 34.31 5.17
N ARG IA 50 -87.67 34.45 5.94
CA ARG IA 50 -87.57 34.29 7.38
C ARG IA 50 -87.28 32.83 7.74
N LEU IA 51 -87.84 31.90 6.98
CA LEU IA 51 -87.50 30.49 7.16
C LEU IA 51 -86.06 30.23 6.75
N ASN IA 52 -85.58 30.95 5.76
CA ASN IA 52 -84.20 30.78 5.33
C ASN IA 52 -83.23 31.25 6.41
N LYS IA 53 -83.56 32.39 7.04
CA LYS IA 53 -82.78 32.85 8.19
C LYS IA 53 -82.83 31.86 9.34
N ALA IA 54 -84.01 31.29 9.59
CA ALA IA 54 -84.14 30.37 10.72
C ALA IA 54 -83.39 29.07 10.47
N VAL IA 55 -83.22 28.69 9.21
CA VAL IA 55 -82.39 27.52 8.92
C VAL IA 55 -80.91 27.87 9.05
N TRP IA 56 -80.47 28.94 8.42
CA TRP IA 56 -79.06 29.29 8.42
C TRP IA 56 -78.65 30.12 9.62
N ALA IA 57 -79.41 30.10 10.71
CA ALA IA 57 -79.11 30.96 11.85
C ALA IA 57 -77.82 30.54 12.55
N LYS IA 58 -77.51 29.26 12.56
CA LYS IA 58 -76.37 28.75 13.30
C LYS IA 58 -75.31 28.12 12.40
N GLY IA 59 -74.96 28.74 11.29
CA GLY IA 59 -73.89 28.23 10.47
C GLY IA 59 -74.30 27.05 9.61
N ILE IA 60 -73.35 26.62 8.78
CA ILE IA 60 -73.70 25.65 7.75
C ILE IA 60 -73.52 24.23 8.26
N ARG IA 61 -72.91 24.07 9.44
CA ARG IA 61 -72.70 22.71 9.91
C ARG IA 61 -73.29 22.48 11.29
N ASN IA 62 -74.03 23.44 11.82
CA ASN IA 62 -74.87 23.19 13.00
C ASN IA 62 -76.29 23.67 12.76
N VAL IA 63 -77.08 22.80 12.14
CA VAL IA 63 -78.48 23.13 11.84
C VAL IA 63 -79.30 23.02 13.13
N PRO IA 64 -80.21 23.94 13.41
CA PRO IA 64 -81.11 23.76 14.56
C PRO IA 64 -82.00 22.54 14.38
N TYR IA 65 -82.29 21.88 15.49
CA TYR IA 65 -82.60 20.46 15.42
C TYR IA 65 -84.05 20.21 15.01
N ARG IA 66 -84.90 21.21 15.16
CA ARG IA 66 -86.33 21.03 14.95
C ARG IA 66 -86.94 22.39 14.66
N ILE IA 67 -87.81 22.47 13.67
CA ILE IA 67 -88.36 23.76 13.25
C ILE IA 67 -89.88 23.65 13.16
N ARG IA 68 -90.58 24.62 13.77
CA ARG IA 68 -92.02 24.75 13.66
C ARG IA 68 -92.38 25.54 12.40
N VAL IA 69 -92.81 24.85 11.36
CA VAL IA 69 -93.16 25.47 10.10
C VAL IA 69 -94.67 25.57 9.98
N ARG IA 70 -95.14 26.47 9.14
CA ARG IA 70 -96.55 26.61 8.82
C ARG IA 70 -96.74 26.43 7.33
N LEU IA 71 -97.50 25.41 6.95
CA LEU IA 71 -97.76 25.08 5.56
C LEU IA 71 -99.08 25.68 5.14
N SER IA 72 -99.04 26.64 4.23
CA SER IA 72 -100.23 27.24 3.66
C SER IA 72 -100.28 26.90 2.18
N ARG IA 73 -101.32 26.18 1.76
CA ARG IA 73 -101.50 25.86 0.35
C ARG IA 73 -102.44 26.88 -0.28
N LYS IA 74 -101.97 27.59 -1.29
CA LYS IA 74 -102.76 28.60 -1.95
C LYS IA 74 -102.74 28.33 -3.45
N ARG IA 75 -103.72 28.89 -4.15
CA ARG IA 75 -103.89 28.59 -5.56
C ARG IA 75 -103.18 29.64 -6.42
N ASN IA 76 -102.60 29.18 -7.53
CA ASN IA 76 -101.83 30.07 -8.38
C ASN IA 76 -102.72 30.69 -9.44
N GLU IA 77 -102.27 31.83 -9.97
CA GLU IA 77 -103.03 32.68 -10.88
C GLU IA 77 -102.13 33.09 -12.04
N ASP IA 78 -102.62 34.04 -12.85
CA ASP IA 78 -101.78 34.98 -13.59
C ASP IA 78 -100.78 34.36 -14.55
N GLU IA 79 -101.25 33.89 -15.72
CA GLU IA 79 -100.50 33.03 -16.64
C GLU IA 79 -100.10 31.74 -15.94
N ASP IA 80 -101.11 30.91 -15.68
CA ASP IA 80 -101.00 29.70 -14.90
C ASP IA 80 -99.98 28.71 -15.47
N SER IA 81 -99.54 27.82 -14.60
CA SER IA 81 -98.45 26.88 -14.78
C SER IA 81 -99.08 25.50 -14.96
N PRO IA 82 -98.30 24.42 -15.16
CA PRO IA 82 -98.91 23.08 -15.00
C PRO IA 82 -99.40 22.75 -13.59
N ASN IA 83 -99.13 23.59 -12.60
CA ASN IA 83 -99.66 23.42 -11.26
C ASN IA 83 -100.57 24.60 -10.94
N LYS IA 84 -101.77 24.30 -10.47
CA LYS IA 84 -102.67 25.37 -10.02
C LYS IA 84 -102.47 25.66 -8.53
N LEU IA 85 -102.08 24.65 -7.77
CA LEU IA 85 -101.88 24.82 -6.34
C LEU IA 85 -100.39 24.81 -6.02
N TYR IA 86 -99.95 25.79 -5.23
CA TYR IA 86 -98.56 25.83 -4.79
C TYR IA 86 -98.55 25.96 -3.29
N THR IA 87 -97.55 25.36 -2.65
CA THR IA 87 -97.46 25.40 -1.19
C THR IA 87 -96.45 26.44 -0.76
N LEU IA 88 -96.90 27.42 0.01
CA LEU IA 88 -96.03 28.39 0.66
C LEU IA 88 -95.73 27.93 2.08
N VAL IA 89 -94.46 27.97 2.45
CA VAL IA 89 -94.00 27.56 3.77
C VAL IA 89 -93.44 28.78 4.48
N THR IA 90 -93.87 29.02 5.71
CA THR IA 90 -93.38 30.13 6.49
C THR IA 90 -93.01 29.69 7.89
N TYR IA 91 -92.38 30.58 8.63
CA TYR IA 91 -91.76 30.27 9.90
C TYR IA 91 -92.48 30.95 11.05
N VAL IA 92 -92.61 30.25 12.17
CA VAL IA 92 -93.04 30.86 13.41
C VAL IA 92 -92.07 30.46 14.51
N PRO IA 93 -91.56 31.41 15.28
CA PRO IA 93 -90.65 31.05 16.37
C PRO IA 93 -91.41 30.64 17.62
N VAL IA 94 -90.81 29.72 18.37
CA VAL IA 94 -91.36 29.24 19.63
C VAL IA 94 -90.20 28.70 20.46
N THR IA 95 -90.29 28.87 21.77
CA THR IA 95 -89.18 28.48 22.64
C THR IA 95 -89.15 26.97 22.85
N THR IA 96 -90.21 26.42 23.43
CA THR IA 96 -90.26 25.00 23.77
C THR IA 96 -90.78 24.23 22.58
N PHE IA 97 -90.51 22.92 22.57
CA PHE IA 97 -91.08 22.04 21.56
C PHE IA 97 -91.92 20.96 22.21
N LYS IA 98 -91.71 20.70 23.50
CA LYS IA 98 -92.33 19.58 24.18
C LYS IA 98 -93.82 19.81 24.37
N ASN IA 99 -94.59 18.76 24.10
CA ASN IA 99 -96.04 18.72 24.05
C ASN IA 99 -96.63 19.71 23.05
N LEU IA 100 -95.95 19.93 21.93
CA LEU IA 100 -96.52 20.61 20.78
C LEU IA 100 -96.82 19.56 19.72
N GLN IA 101 -97.86 19.80 18.91
CA GLN IA 101 -98.22 18.85 17.86
C GLN IA 101 -98.93 19.60 16.75
N THR IA 102 -99.25 18.87 15.68
CA THR IA 102 -99.72 19.49 14.45
C THR IA 102 -101.16 19.98 14.61
N VAL IA 103 -101.38 21.24 14.25
CA VAL IA 103 -102.66 21.90 14.46
C VAL IA 103 -103.10 22.53 13.13
N ASN IA 104 -104.35 22.28 12.75
CA ASN IA 104 -104.96 23.02 11.67
C ASN IA 104 -105.25 24.44 12.13
N VAL IA 105 -104.71 25.43 11.42
CA VAL IA 105 -104.73 26.82 11.87
C VAL IA 105 -105.36 27.68 10.78
N ASP IA 106 -106.38 28.45 11.15
CA ASP IA 106 -107.02 29.40 10.25
C ASP IA 106 -106.08 30.54 9.85
N ALA JA 1 -85.68 -17.77 -81.60
CA ALA JA 1 -86.61 -17.94 -82.72
C ALA JA 1 -86.40 -16.83 -83.74
N ALA JA 2 -85.27 -16.13 -83.63
CA ALA JA 2 -85.01 -15.03 -84.54
C ALA JA 2 -84.40 -15.51 -85.86
N LEU JA 3 -83.18 -16.02 -85.83
CA LEU JA 3 -82.50 -16.33 -87.08
C LEU JA 3 -81.90 -17.73 -87.12
N ARG JA 4 -81.59 -18.30 -85.95
CA ARG JA 4 -81.14 -19.68 -85.77
C ARG JA 4 -79.93 -20.02 -86.62
N PRO JA 5 -78.73 -19.62 -86.21
CA PRO JA 5 -77.52 -19.78 -87.04
C PRO JA 5 -77.08 -21.21 -87.28
N LEU JA 6 -75.92 -21.36 -87.91
CA LEU JA 6 -75.36 -22.68 -88.22
C LEU JA 6 -74.98 -23.50 -87.00
N VAL JA 7 -74.46 -24.70 -87.24
CA VAL JA 7 -74.38 -25.76 -86.25
C VAL JA 7 -73.40 -25.39 -85.14
N LYS JA 8 -73.92 -25.10 -83.97
CA LYS JA 8 -73.05 -24.75 -82.84
C LYS JA 8 -73.17 -25.80 -81.75
N PRO JA 9 -72.06 -26.41 -81.34
CA PRO JA 9 -72.13 -27.58 -80.47
C PRO JA 9 -72.32 -27.22 -79.02
N LYS JA 10 -72.37 -28.24 -78.16
CA LYS JA 10 -72.46 -28.05 -76.72
C LYS JA 10 -71.16 -27.47 -76.21
N ILE JA 11 -71.19 -26.17 -75.93
CA ILE JA 11 -69.97 -25.47 -75.55
C ILE JA 11 -69.58 -25.83 -74.12
N VAL JA 12 -68.30 -26.11 -73.92
CA VAL JA 12 -67.75 -26.34 -72.59
C VAL JA 12 -66.75 -25.22 -72.29
N LYS JA 13 -66.75 -24.75 -71.06
CA LYS JA 13 -65.99 -23.57 -70.69
C LYS JA 13 -64.82 -23.87 -69.77
N LYS JA 14 -64.79 -25.06 -69.17
CA LYS JA 14 -63.75 -25.63 -68.32
C LYS JA 14 -63.60 -24.99 -66.94
N ARG JA 15 -64.15 -23.78 -66.75
CA ARG JA 15 -64.50 -23.12 -65.49
C ARG JA 15 -65.18 -21.80 -65.81
N THR JA 16 -66.18 -21.43 -65.01
CA THR JA 16 -66.92 -20.21 -65.27
C THR JA 16 -66.84 -19.23 -64.10
N LYS JA 17 -65.63 -19.00 -63.57
CA LYS JA 17 -65.51 -18.34 -62.28
C LYS JA 17 -64.84 -16.97 -62.30
N LYS JA 18 -64.10 -16.66 -63.37
CA LYS JA 18 -63.37 -15.42 -63.60
C LYS JA 18 -62.47 -15.05 -62.40
N PHE JA 19 -61.36 -15.81 -62.32
CA PHE JA 19 -60.60 -16.11 -61.10
C PHE JA 19 -60.23 -14.86 -60.31
N ILE JA 20 -60.27 -14.97 -59.00
CA ILE JA 20 -60.22 -13.83 -58.11
C ILE JA 20 -58.77 -13.65 -57.67
N ARG JA 21 -58.42 -12.45 -57.21
CA ARG JA 21 -57.07 -12.18 -56.74
C ARG JA 21 -56.94 -12.59 -55.29
N HIS JA 22 -55.73 -13.03 -54.91
CA HIS JA 22 -55.49 -13.50 -53.55
C HIS JA 22 -55.57 -12.36 -52.56
N GLN JA 23 -56.27 -12.62 -51.45
CA GLN JA 23 -56.60 -11.65 -50.41
C GLN JA 23 -57.35 -10.44 -50.93
N SER JA 24 -58.17 -10.62 -51.98
CA SER JA 24 -59.06 -9.54 -52.39
C SER JA 24 -60.34 -9.55 -51.57
N ASP JA 25 -60.60 -10.66 -50.89
CA ASP JA 25 -61.75 -10.72 -49.98
C ASP JA 25 -61.48 -9.96 -48.70
N ARG JA 26 -60.22 -9.89 -48.29
CA ARG JA 26 -59.91 -9.36 -46.97
C ARG JA 26 -59.86 -7.83 -46.98
N TYR JA 27 -59.65 -7.24 -48.15
CA TYR JA 27 -59.53 -5.80 -48.28
C TYR JA 27 -60.46 -5.29 -49.36
N VAL JA 28 -60.62 -3.97 -49.40
CA VAL JA 28 -61.32 -3.35 -50.52
C VAL JA 28 -60.43 -2.38 -51.27
N LYS JA 29 -59.15 -2.28 -50.88
CA LYS JA 29 -58.19 -1.57 -51.71
C LYS JA 29 -57.55 -2.49 -52.74
N ILE JA 30 -57.99 -3.73 -52.81
CA ILE JA 30 -57.61 -4.66 -53.85
C ILE JA 30 -58.83 -4.95 -54.70
N LYS JA 31 -58.80 -4.50 -55.95
CA LYS JA 31 -59.92 -4.76 -56.83
C LYS JA 31 -59.84 -6.20 -57.33
N ARG JA 32 -60.89 -6.61 -58.05
CA ARG JA 32 -61.11 -8.04 -58.27
C ARG JA 32 -60.29 -8.56 -59.44
N ASN JA 33 -59.44 -7.73 -60.04
CA ASN JA 33 -58.71 -8.15 -61.23
C ASN JA 33 -57.59 -9.10 -60.85
N TRP JA 34 -57.33 -10.07 -61.73
CA TRP JA 34 -56.27 -11.03 -61.46
C TRP JA 34 -54.90 -10.40 -61.64
N ARG JA 35 -53.95 -10.84 -60.81
CA ARG JA 35 -52.59 -10.38 -60.85
C ARG JA 35 -51.69 -11.41 -60.23
N LYS JA 36 -50.63 -11.78 -60.93
CA LYS JA 36 -49.75 -12.89 -60.56
C LYS JA 36 -49.05 -12.62 -59.23
N PRO JA 37 -49.27 -13.45 -58.20
CA PRO JA 37 -48.61 -13.21 -56.92
C PRO JA 37 -47.15 -13.66 -56.98
N ARG JA 38 -46.25 -12.72 -56.76
CA ARG JA 38 -44.83 -13.00 -56.87
C ARG JA 38 -44.11 -12.92 -55.53
N GLY JA 39 -44.79 -13.28 -54.45
CA GLY JA 39 -44.14 -13.27 -53.15
C GLY JA 39 -43.20 -14.45 -53.00
N ILE JA 40 -42.36 -14.39 -51.97
CA ILE JA 40 -41.42 -15.49 -51.74
C ILE JA 40 -42.04 -16.55 -50.85
N ASP JA 41 -43.19 -16.24 -50.25
CA ASP JA 41 -43.83 -17.14 -49.30
C ASP JA 41 -45.23 -17.55 -49.71
N ASN JA 42 -45.71 -17.07 -50.86
CA ASN JA 42 -47.15 -17.02 -51.07
C ASN JA 42 -47.69 -18.38 -51.46
N ARG JA 43 -48.75 -18.79 -50.75
CA ARG JA 43 -49.29 -20.14 -50.89
C ARG JA 43 -49.93 -20.34 -52.25
N VAL JA 44 -50.38 -19.26 -52.88
CA VAL JA 44 -50.96 -19.35 -54.20
C VAL JA 44 -49.91 -19.74 -55.22
N ARG JA 45 -48.71 -19.15 -55.11
CA ARG JA 45 -47.64 -19.55 -56.01
C ARG JA 45 -47.14 -20.94 -55.69
N ARG JA 46 -47.07 -21.29 -54.40
CA ARG JA 46 -46.67 -22.65 -54.05
C ARG JA 46 -47.71 -23.69 -54.38
N ARG JA 47 -48.93 -23.28 -54.74
CA ARG JA 47 -50.02 -24.15 -55.20
C ARG JA 47 -50.44 -25.15 -54.13
N PHE JA 48 -50.62 -24.66 -52.90
CA PHE JA 48 -51.22 -25.50 -51.87
C PHE JA 48 -52.68 -25.75 -52.23
N LYS JA 49 -53.13 -26.97 -51.95
CA LYS JA 49 -54.53 -27.23 -52.22
C LYS JA 49 -55.39 -26.56 -51.17
N GLY JA 50 -56.59 -26.17 -51.57
CA GLY JA 50 -57.43 -25.37 -50.71
C GLY JA 50 -57.18 -23.89 -50.82
N GLN JA 51 -56.28 -23.47 -51.69
CA GLN JA 51 -56.10 -22.07 -52.01
C GLN JA 51 -56.65 -21.86 -53.42
N ILE JA 52 -56.59 -20.62 -53.89
CA ILE JA 52 -57.20 -20.27 -55.17
C ILE JA 52 -56.36 -20.82 -56.31
N LEU JA 53 -56.93 -20.87 -57.50
CA LEU JA 53 -56.26 -21.50 -58.63
C LEU JA 53 -55.74 -20.46 -59.60
N MET JA 54 -54.46 -20.56 -59.94
CA MET JA 54 -53.92 -19.59 -60.89
C MET JA 54 -54.39 -19.89 -62.30
N PRO JA 55 -54.79 -18.86 -63.05
CA PRO JA 55 -55.04 -19.05 -64.47
C PRO JA 55 -53.77 -19.37 -65.23
N ASN JA 56 -53.88 -20.32 -66.13
CA ASN JA 56 -52.79 -20.70 -67.01
C ASN JA 56 -53.39 -21.33 -68.26
N ILE JA 57 -52.51 -21.82 -69.13
CA ILE JA 57 -52.89 -22.09 -70.52
C ILE JA 57 -53.77 -23.33 -70.60
N GLY JA 58 -53.85 -24.11 -69.53
CA GLY JA 58 -54.66 -25.30 -69.55
C GLY JA 58 -56.15 -25.02 -69.56
N TYR JA 59 -56.56 -23.89 -68.97
CA TYR JA 59 -57.99 -23.60 -68.87
C TYR JA 59 -58.58 -23.05 -70.17
N GLY JA 60 -57.80 -22.98 -71.24
CA GLY JA 60 -58.25 -22.28 -72.42
C GLY JA 60 -59.38 -23.02 -73.13
N SER JA 61 -60.19 -22.26 -73.86
CA SER JA 61 -61.37 -22.82 -74.49
C SER JA 61 -61.03 -23.32 -75.89
N ASN JA 62 -61.98 -24.06 -76.46
CA ASN JA 62 -61.78 -24.68 -77.76
C ASN JA 62 -61.70 -23.63 -78.87
N LYS JA 63 -60.79 -23.84 -79.82
CA LYS JA 63 -60.61 -22.88 -80.90
C LYS JA 63 -61.77 -22.93 -81.88
N LYS JA 64 -62.49 -24.05 -81.91
CA LYS JA 64 -63.74 -24.10 -82.65
C LYS JA 64 -64.77 -23.17 -82.05
N THR JA 65 -64.85 -23.12 -80.72
CA THR JA 65 -65.89 -22.37 -80.04
C THR JA 65 -65.36 -21.23 -79.18
N LYS JA 66 -64.22 -20.65 -79.53
CA LYS JA 66 -63.76 -19.45 -78.83
C LYS JA 66 -64.63 -18.27 -79.24
N HIS JA 67 -64.92 -17.39 -78.27
CA HIS JA 67 -65.73 -16.18 -78.46
C HIS JA 67 -67.13 -16.50 -79.01
N MET JA 68 -67.85 -17.37 -78.31
CA MET JA 68 -69.18 -17.79 -78.73
C MET JA 68 -70.22 -17.34 -77.73
N LEU JA 69 -71.18 -16.57 -78.19
CA LEU JA 69 -72.36 -16.31 -77.38
C LEU JA 69 -73.20 -17.58 -77.27
N PRO JA 70 -74.02 -17.70 -76.23
CA PRO JA 70 -74.89 -18.89 -76.12
C PRO JA 70 -75.95 -18.98 -77.20
N SER JA 71 -76.28 -17.87 -77.87
CA SER JA 71 -77.23 -17.94 -78.97
C SER JA 71 -76.62 -18.67 -80.16
N GLY JA 72 -75.30 -18.61 -80.31
CA GLY JA 72 -74.61 -19.32 -81.36
C GLY JA 72 -73.85 -18.44 -82.33
N PHE JA 73 -73.81 -17.13 -82.09
CA PHE JA 73 -73.13 -16.21 -82.98
C PHE JA 73 -71.81 -15.76 -82.36
N ARG JA 74 -70.94 -15.20 -83.18
CA ARG JA 74 -69.82 -14.42 -82.66
C ARG JA 74 -70.15 -12.94 -82.79
N LYS JA 75 -69.85 -12.18 -81.75
CA LYS JA 75 -70.30 -10.80 -81.67
C LYS JA 75 -69.39 -9.89 -82.47
N PHE JA 76 -69.96 -8.80 -82.96
CA PHE JA 76 -69.21 -7.80 -83.71
C PHE JA 76 -69.90 -6.46 -83.55
N LEU JA 77 -69.15 -5.48 -83.05
CA LEU JA 77 -69.69 -4.16 -82.74
C LEU JA 77 -69.83 -3.34 -84.02
N VAL JA 78 -70.78 -2.41 -84.01
CA VAL JA 78 -71.11 -1.64 -85.20
C VAL JA 78 -71.53 -0.24 -84.77
N HIS JA 79 -71.16 0.76 -85.57
CA HIS JA 79 -71.57 2.14 -85.33
C HIS JA 79 -72.63 2.66 -86.31
N ASN JA 80 -72.56 2.28 -87.58
CA ASN JA 80 -73.46 2.86 -88.56
C ASN JA 80 -73.71 1.91 -89.72
N VAL JA 81 -74.26 2.47 -90.79
CA VAL JA 81 -74.94 1.67 -91.82
C VAL JA 81 -73.94 0.89 -92.65
N LYS JA 82 -72.80 1.50 -92.99
CA LYS JA 82 -71.80 0.85 -93.83
C LYS JA 82 -71.15 -0.33 -93.10
N GLU JA 83 -70.84 -0.12 -91.82
CA GLU JA 83 -70.26 -1.18 -91.03
C GLU JA 83 -71.31 -2.23 -90.66
N LEU JA 84 -72.59 -1.90 -90.82
CA LEU JA 84 -73.60 -2.95 -90.78
C LEU JA 84 -73.63 -3.71 -92.10
N GLU JA 85 -73.40 -3.01 -93.21
CA GLU JA 85 -73.52 -3.65 -94.52
C GLU JA 85 -72.30 -4.47 -94.86
N VAL JA 86 -71.25 -4.42 -94.03
CA VAL JA 86 -70.15 -5.35 -94.26
C VAL JA 86 -70.55 -6.78 -93.91
N LEU JA 87 -71.56 -6.96 -93.05
CA LEU JA 87 -72.01 -8.30 -92.70
C LEU JA 87 -73.09 -8.83 -93.62
N LEU JA 88 -73.24 -8.26 -94.82
CA LEU JA 88 -74.28 -8.72 -95.73
C LEU JA 88 -73.98 -10.10 -96.28
N MET JA 89 -72.70 -10.48 -96.28
CA MET JA 89 -72.24 -11.73 -96.84
C MET JA 89 -72.24 -12.87 -95.85
N CYS JA 90 -71.99 -12.60 -94.56
CA CYS JA 90 -71.74 -13.64 -93.57
C CYS JA 90 -72.66 -13.54 -92.35
N ASN JA 91 -73.98 -13.41 -92.56
CA ASN JA 91 -74.87 -13.10 -91.44
C ASN JA 91 -75.10 -14.30 -90.53
N LYS JA 92 -74.97 -15.51 -91.06
CA LYS JA 92 -75.33 -16.71 -90.30
C LYS JA 92 -74.25 -17.19 -89.34
N SER JA 93 -73.21 -16.39 -89.08
CA SER JA 93 -72.22 -16.75 -88.08
C SER JA 93 -71.84 -15.58 -87.18
N TYR JA 94 -72.06 -14.37 -87.65
CA TYR JA 94 -71.53 -13.18 -87.03
C TYR JA 94 -72.64 -12.18 -86.77
N CYS JA 95 -72.97 -11.98 -85.50
CA CYS JA 95 -74.04 -11.06 -85.18
C CYS JA 95 -73.49 -9.66 -84.95
N ALA JA 96 -74.34 -8.68 -85.20
CA ALA JA 96 -73.99 -7.28 -85.04
C ALA JA 96 -74.49 -6.80 -83.69
N GLU JA 97 -73.83 -5.78 -83.17
CA GLU JA 97 -74.20 -5.18 -81.90
C GLU JA 97 -73.91 -3.69 -81.92
N ILE JA 98 -74.94 -2.90 -81.72
CA ILE JA 98 -74.88 -1.46 -81.87
C ILE JA 98 -74.14 -0.88 -80.67
N ALA JA 99 -73.20 0.03 -80.94
CA ALA JA 99 -72.37 0.58 -79.87
C ALA JA 99 -73.20 1.43 -78.90
N HIS JA 100 -72.63 1.67 -77.71
CA HIS JA 100 -73.40 2.28 -76.64
C HIS JA 100 -73.62 3.77 -76.89
N ASN JA 101 -72.73 4.41 -77.63
CA ASN JA 101 -72.87 5.83 -77.85
C ASN JA 101 -73.63 6.17 -79.14
N VAL JA 102 -74.32 5.21 -79.72
CA VAL JA 102 -75.17 5.49 -80.87
C VAL JA 102 -76.51 6.00 -80.37
N SER JA 103 -76.95 7.14 -80.90
CA SER JA 103 -78.21 7.72 -80.47
C SER JA 103 -79.39 6.91 -80.99
N SER JA 104 -80.58 7.20 -80.44
CA SER JA 104 -81.77 6.44 -80.77
C SER JA 104 -82.25 6.70 -82.20
N LYS JA 105 -82.07 7.94 -82.68
CA LYS JA 105 -82.53 8.33 -84.00
C LYS JA 105 -81.84 7.54 -85.09
N ASN JA 106 -80.52 7.32 -84.94
CA ASN JA 106 -79.82 6.49 -85.90
C ASN JA 106 -79.91 5.01 -85.52
N ARG JA 107 -80.21 4.74 -84.26
CA ARG JA 107 -80.25 3.36 -83.78
C ARG JA 107 -81.44 2.62 -84.36
N LYS JA 108 -82.59 3.29 -84.48
CA LYS JA 108 -83.74 2.62 -85.08
C LYS JA 108 -83.55 2.42 -86.59
N ALA JA 109 -82.82 3.32 -87.25
CA ALA JA 109 -82.54 3.12 -88.66
C ALA JA 109 -81.58 1.96 -88.87
N ILE JA 110 -80.60 1.81 -87.97
CA ILE JA 110 -79.68 0.68 -88.03
C ILE JA 110 -80.43 -0.64 -87.80
N VAL JA 111 -81.33 -0.67 -86.82
CA VAL JA 111 -82.00 -1.95 -86.54
C VAL JA 111 -83.02 -2.26 -87.64
N GLU JA 112 -83.52 -1.23 -88.32
CA GLU JA 112 -84.43 -1.49 -89.44
C GLU JA 112 -83.67 -2.00 -90.66
N ARG JA 113 -82.49 -1.44 -90.92
CA ARG JA 113 -81.66 -1.95 -92.02
C ARG JA 113 -81.15 -3.36 -91.72
N ALA JA 114 -80.90 -3.64 -90.45
CA ALA JA 114 -80.49 -4.99 -90.07
C ALA JA 114 -81.64 -5.97 -90.21
N ALA JA 115 -82.86 -5.50 -89.95
CA ALA JA 115 -84.03 -6.37 -90.15
C ALA JA 115 -84.26 -6.64 -91.62
N GLN JA 116 -83.91 -5.69 -92.49
CA GLN JA 116 -83.98 -5.97 -93.92
C GLN JA 116 -82.92 -6.98 -94.34
N LEU JA 117 -81.68 -6.77 -93.91
CA LEU JA 117 -80.58 -7.64 -94.34
C LEU JA 117 -80.56 -8.98 -93.61
N ALA JA 118 -81.43 -9.16 -92.61
CA ALA JA 118 -81.49 -10.36 -91.76
C ALA JA 118 -80.16 -10.62 -91.07
N ILE JA 119 -79.76 -9.69 -90.23
CA ILE JA 119 -78.55 -9.79 -89.41
C ILE JA 119 -78.95 -9.64 -87.95
N ARG JA 120 -78.52 -10.59 -87.12
CA ARG JA 120 -78.89 -10.59 -85.71
C ARG JA 120 -78.27 -9.42 -84.98
N VAL JA 121 -79.12 -8.66 -84.29
CA VAL JA 121 -78.69 -7.58 -83.41
C VAL JA 121 -79.06 -7.95 -81.97
N THR JA 122 -78.05 -8.02 -81.09
CA THR JA 122 -78.26 -8.66 -79.80
C THR JA 122 -78.99 -7.76 -78.82
N ASN JA 123 -78.94 -6.45 -79.06
CA ASN JA 123 -79.69 -5.50 -78.23
C ASN JA 123 -80.56 -4.59 -79.10
N PRO JA 124 -81.66 -5.12 -79.65
CA PRO JA 124 -82.42 -4.35 -80.64
C PRO JA 124 -83.44 -3.41 -80.05
N ASN JA 125 -83.95 -3.68 -78.85
CA ASN JA 125 -85.10 -2.98 -78.32
C ASN JA 125 -84.78 -2.08 -77.14
N ALA JA 126 -83.54 -1.61 -77.05
CA ALA JA 126 -83.17 -0.72 -75.97
C ALA JA 126 -83.09 0.72 -76.47
N ARG JA 127 -83.26 1.67 -75.55
CA ARG JA 127 -83.19 3.11 -75.80
C ARG JA 127 -84.20 3.56 -76.86
N LEU JA 128 -85.47 3.32 -76.58
CA LEU JA 128 -86.56 3.77 -77.44
C LEU JA 128 -87.49 4.70 -76.67
N ARG JA 129 -88.47 5.26 -77.35
CA ARG JA 129 -89.40 6.19 -76.74
C ARG JA 129 -90.55 5.47 -76.04
N SER KA 1 -100.50 -50.17 -55.81
CA SER KA 1 -99.89 -49.96 -54.50
C SER KA 1 -98.61 -50.76 -54.38
N GLY KA 2 -97.87 -50.50 -53.32
CA GLY KA 2 -96.65 -51.23 -53.03
C GLY KA 2 -95.40 -50.52 -53.50
N ARG KA 3 -94.32 -50.79 -52.79
CA ARG KA 3 -93.02 -50.16 -53.05
C ARG KA 3 -92.27 -51.01 -54.06
N LEU KA 4 -91.76 -50.37 -55.11
CA LEU KA 4 -91.04 -51.11 -56.14
C LEU KA 4 -89.54 -50.92 -56.01
N TRP KA 5 -89.12 -49.90 -55.27
CA TRP KA 5 -87.71 -49.58 -55.19
C TRP KA 5 -87.07 -50.17 -53.94
N SER KA 6 -85.80 -50.53 -54.05
CA SER KA 6 -85.06 -51.02 -52.89
C SER KA 6 -84.44 -49.86 -52.13
N LYS KA 7 -84.25 -50.07 -50.84
CA LYS KA 7 -83.82 -49.02 -49.94
C LYS KA 7 -82.31 -48.97 -49.87
N ALA KA 8 -81.75 -47.76 -49.87
CA ALA KA 8 -80.31 -47.56 -49.81
C ALA KA 8 -80.00 -46.24 -49.12
N ILE KA 9 -78.97 -46.24 -48.29
CA ILE KA 9 -78.60 -45.09 -47.50
C ILE KA 9 -77.30 -44.52 -48.03
N PHE KA 10 -77.32 -43.23 -48.33
CA PHE KA 10 -76.16 -42.50 -48.84
C PHE KA 10 -75.10 -42.39 -47.75
N ALA KA 11 -73.93 -42.96 -48.00
CA ALA KA 11 -72.90 -43.04 -46.98
C ALA KA 11 -71.83 -41.97 -47.09
N GLY KA 12 -71.62 -41.39 -48.26
CA GLY KA 12 -70.59 -40.38 -48.42
C GLY KA 12 -70.04 -40.39 -49.83
N TYR KA 13 -68.95 -39.67 -50.00
CA TYR KA 13 -68.28 -39.55 -51.28
C TYR KA 13 -67.12 -40.53 -51.38
N LYS KA 14 -66.77 -40.87 -52.62
CA LYS KA 14 -65.46 -41.46 -52.88
C LYS KA 14 -64.40 -40.47 -52.46
N ARG KA 15 -63.45 -40.94 -51.66
CA ARG KA 15 -62.51 -40.02 -51.05
C ARG KA 15 -61.24 -40.75 -50.67
N GLY KA 16 -60.17 -39.97 -50.59
CA GLY KA 16 -59.03 -40.32 -49.78
C GLY KA 16 -59.26 -39.84 -48.36
N LEU KA 17 -58.19 -39.83 -47.57
CA LEU KA 17 -58.26 -39.26 -46.25
C LEU KA 17 -58.46 -37.75 -46.32
N ARG KA 18 -57.60 -37.06 -47.06
CA ARG KA 18 -57.67 -35.61 -47.08
C ARG KA 18 -58.70 -35.11 -48.08
N ASN KA 19 -58.49 -35.35 -49.36
CA ASN KA 19 -59.29 -34.75 -50.41
C ASN KA 19 -60.42 -35.67 -50.80
N GLN KA 20 -61.51 -35.08 -51.28
CA GLN KA 20 -62.65 -35.84 -51.76
C GLN KA 20 -62.63 -35.89 -53.27
N ARG KA 21 -63.53 -36.69 -53.83
CA ARG KA 21 -63.81 -36.71 -55.25
C ARG KA 21 -65.32 -36.60 -55.43
N GLU KA 22 -65.78 -35.40 -55.80
CA GLU KA 22 -67.19 -35.08 -55.61
C GLU KA 22 -68.03 -35.54 -56.80
N HIS KA 23 -67.40 -36.09 -57.83
CA HIS KA 23 -68.15 -36.52 -59.00
C HIS KA 23 -68.63 -37.96 -58.89
N THR KA 24 -68.46 -38.57 -57.73
CA THR KA 24 -68.84 -39.96 -57.50
C THR KA 24 -69.33 -40.05 -56.06
N ALA KA 25 -70.22 -40.99 -55.78
CA ALA KA 25 -70.79 -41.17 -54.46
C ALA KA 25 -70.70 -42.62 -54.04
N LEU KA 26 -70.85 -42.87 -52.74
CA LEU KA 26 -70.91 -44.23 -52.22
C LEU KA 26 -72.30 -44.48 -51.63
N LEU KA 27 -72.73 -45.73 -51.66
CA LEU KA 27 -74.04 -46.12 -51.18
C LEU KA 27 -73.94 -47.42 -50.41
N LYS KA 28 -74.17 -47.35 -49.12
CA LYS KA 28 -74.43 -48.54 -48.30
C LYS KA 28 -75.89 -48.93 -48.53
N ILE KA 29 -76.10 -50.12 -49.07
CA ILE KA 29 -77.41 -50.50 -49.58
C ILE KA 29 -77.90 -51.74 -48.83
N GLU KA 30 -79.08 -51.62 -48.23
CA GLU KA 30 -79.51 -52.59 -47.24
C GLU KA 30 -79.92 -53.91 -47.87
N GLY KA 31 -79.65 -55.00 -47.17
CA GLY KA 31 -79.81 -56.33 -47.72
C GLY KA 31 -78.58 -56.86 -48.41
N VAL KA 32 -77.59 -56.02 -48.66
CA VAL KA 32 -76.37 -56.42 -49.36
C VAL KA 32 -75.21 -56.32 -48.39
N TYR KA 33 -74.53 -57.44 -48.17
CA TYR KA 33 -73.41 -57.47 -47.23
C TYR KA 33 -72.23 -58.26 -47.74
N ALA KA 34 -72.09 -58.42 -49.05
CA ALA KA 34 -70.98 -59.17 -49.62
C ALA KA 34 -70.69 -58.68 -51.04
N ARG KA 35 -69.41 -58.80 -51.39
CA ARG KA 35 -68.95 -58.52 -52.75
C ARG KA 35 -69.68 -59.38 -53.78
N ASP KA 36 -69.95 -60.63 -53.43
CA ASP KA 36 -70.70 -61.50 -54.34
C ASP KA 36 -72.17 -61.09 -54.41
N GLU KA 37 -72.70 -60.52 -53.33
CA GLU KA 37 -74.10 -60.11 -53.34
C GLU KA 37 -74.30 -58.83 -54.16
N THR KA 38 -73.33 -57.93 -54.16
CA THR KA 38 -73.53 -56.70 -54.92
C THR KA 38 -73.20 -56.83 -56.41
N GLU KA 39 -73.74 -57.86 -57.05
CA GLU KA 39 -73.54 -58.04 -58.48
C GLU KA 39 -74.87 -57.93 -59.22
N PHE KA 40 -75.95 -58.24 -58.53
CA PHE KA 40 -77.28 -58.08 -59.10
C PHE KA 40 -77.62 -56.62 -59.30
N TYR KA 41 -77.04 -55.74 -58.48
CA TYR KA 41 -77.41 -54.34 -58.48
C TYR KA 41 -76.60 -53.49 -59.45
N LEU KA 42 -75.78 -54.09 -60.29
CA LEU KA 42 -75.05 -53.31 -61.28
C LEU KA 42 -75.97 -52.88 -62.40
N GLY KA 43 -75.78 -51.64 -62.88
CA GLY KA 43 -76.56 -51.14 -63.98
C GLY KA 43 -77.92 -50.60 -63.61
N LYS KA 44 -78.35 -50.78 -62.36
CA LYS KA 44 -79.62 -50.26 -61.90
C LYS KA 44 -79.55 -48.74 -61.78
N ARG KA 45 -80.71 -48.14 -61.59
CA ARG KA 45 -80.75 -46.70 -61.45
C ARG KA 45 -81.09 -46.27 -60.02
N CYS KA 46 -80.66 -45.06 -59.68
CA CYS KA 46 -80.80 -44.50 -58.35
C CYS KA 46 -81.39 -43.11 -58.49
N ALA KA 47 -82.17 -42.72 -57.51
CA ALA KA 47 -82.86 -41.45 -57.54
C ALA KA 47 -82.89 -40.86 -56.15
N TYR KA 48 -82.61 -39.57 -56.05
CA TYR KA 48 -82.71 -38.86 -54.79
C TYR KA 48 -83.96 -37.98 -54.85
N VAL KA 49 -84.72 -38.00 -53.76
CA VAL KA 49 -86.07 -37.44 -53.68
C VAL KA 49 -86.10 -36.45 -52.54
N TYR KA 50 -86.52 -35.21 -52.82
CA TYR KA 50 -86.57 -34.23 -51.76
C TYR KA 50 -87.66 -33.19 -52.04
N LYS KA 51 -87.80 -32.26 -51.11
CA LYS KA 51 -88.84 -31.24 -51.15
C LYS KA 51 -88.22 -29.86 -51.33
N ALA KA 52 -88.99 -28.96 -51.94
CA ALA KA 52 -88.58 -27.57 -52.13
C ALA KA 52 -89.84 -26.74 -52.25
N LYS KA 53 -89.77 -25.47 -51.84
CA LYS KA 53 -91.01 -24.73 -51.65
C LYS KA 53 -91.49 -24.07 -52.94
N ASN KA 54 -90.80 -24.30 -54.05
CA ASN KA 54 -91.37 -23.93 -55.34
C ASN KA 54 -92.01 -25.17 -55.97
N ASN KA 55 -92.78 -24.96 -57.03
CA ASN KA 55 -93.81 -25.91 -57.43
C ASN KA 55 -93.54 -26.34 -58.88
N THR KA 56 -92.71 -27.36 -59.05
CA THR KA 56 -92.17 -27.74 -60.36
C THR KA 56 -92.26 -29.25 -60.59
N VAL KA 57 -92.86 -29.69 -61.70
CA VAL KA 57 -92.87 -31.12 -62.01
C VAL KA 57 -92.62 -31.55 -63.44
N THR KA 58 -92.62 -32.88 -63.59
CA THR KA 58 -92.45 -33.86 -64.64
C THR KA 58 -93.87 -34.39 -64.91
N PRO KA 59 -94.15 -35.33 -65.87
CA PRO KA 59 -95.53 -35.83 -66.04
C PRO KA 59 -96.22 -36.55 -64.90
N GLY KA 60 -95.66 -36.57 -63.70
CA GLY KA 60 -96.38 -37.13 -62.56
C GLY KA 60 -97.57 -36.30 -62.09
N GLY KA 61 -98.51 -36.03 -62.98
CA GLY KA 61 -99.81 -35.45 -62.70
C GLY KA 61 -99.86 -33.94 -62.56
N LYS KA 62 -99.51 -33.42 -61.41
CA LYS KA 62 -99.76 -32.03 -61.04
C LYS KA 62 -98.49 -31.45 -60.44
N PRO KA 63 -98.33 -30.11 -60.35
CA PRO KA 63 -97.17 -29.54 -59.64
C PRO KA 63 -97.07 -29.94 -58.17
N ASN KA 64 -95.84 -30.26 -57.76
CA ASN KA 64 -95.54 -30.78 -56.43
C ASN KA 64 -94.40 -29.98 -55.81
N LYS KA 65 -94.12 -30.28 -54.54
CA LYS KA 65 -92.91 -29.76 -53.91
C LYS KA 65 -91.71 -30.62 -54.24
N THR KA 66 -91.93 -31.73 -54.96
CA THR KA 66 -90.93 -32.79 -55.04
C THR KA 66 -89.95 -32.54 -56.17
N ARG KA 67 -88.66 -32.69 -55.89
CA ARG KA 67 -87.61 -32.66 -56.89
C ARG KA 67 -86.75 -33.91 -56.77
N VAL KA 68 -86.16 -34.34 -57.88
CA VAL KA 68 -85.47 -35.62 -57.98
C VAL KA 68 -84.22 -35.44 -58.81
N ILE KA 69 -83.10 -35.95 -58.29
CA ILE KA 69 -81.85 -36.04 -59.03
C ILE KA 69 -81.62 -37.50 -59.40
N TRP KA 70 -81.35 -37.75 -60.68
CA TRP KA 70 -81.21 -39.12 -61.16
C TRP KA 70 -79.76 -39.55 -61.21
N GLY KA 71 -79.55 -40.85 -61.40
CA GLY KA 71 -78.22 -41.37 -61.65
C GLY KA 71 -78.29 -42.88 -61.69
N LYS KA 72 -77.12 -43.51 -61.78
CA LYS KA 72 -77.12 -44.95 -61.90
C LYS KA 72 -75.86 -45.57 -61.33
N VAL KA 73 -75.99 -46.84 -60.96
CA VAL KA 73 -74.95 -47.61 -60.30
C VAL KA 73 -73.82 -47.91 -61.28
N THR KA 74 -72.57 -47.65 -60.87
CA THR KA 74 -71.44 -48.01 -61.72
C THR KA 74 -70.87 -49.37 -61.36
N ARG KA 75 -70.39 -49.53 -60.14
CA ARG KA 75 -69.56 -50.69 -59.80
C ARG KA 75 -69.61 -50.93 -58.31
N ALA KA 76 -69.16 -52.12 -57.92
CA ALA KA 76 -69.09 -52.46 -56.50
C ALA KA 76 -67.87 -51.79 -55.87
N HIS KA 77 -67.88 -51.71 -54.54
CA HIS KA 77 -66.93 -50.89 -53.80
C HIS KA 77 -66.61 -51.56 -52.47
N GLY KA 78 -65.45 -52.19 -52.39
CA GLY KA 78 -65.06 -52.86 -51.17
C GLY KA 78 -65.69 -54.24 -51.04
N ASN KA 79 -65.48 -54.84 -49.87
CA ASN KA 79 -66.05 -56.15 -49.58
C ASN KA 79 -67.43 -56.07 -48.96
N SER KA 80 -67.79 -54.94 -48.37
CA SER KA 80 -68.98 -54.85 -47.53
C SER KA 80 -70.24 -54.52 -48.32
N GLY KA 81 -70.26 -54.82 -49.61
CA GLY KA 81 -71.44 -54.59 -50.40
C GLY KA 81 -71.74 -53.14 -50.73
N MET KA 82 -70.86 -52.23 -50.37
CA MET KA 82 -71.09 -50.82 -50.66
C MET KA 82 -70.86 -50.59 -52.14
N VAL KA 83 -71.58 -49.62 -52.72
CA VAL KA 83 -71.78 -49.49 -54.15
C VAL KA 83 -71.46 -48.06 -54.58
N ARG KA 84 -70.55 -47.90 -55.54
CA ARG KA 84 -70.29 -46.59 -56.11
C ARG KA 84 -71.45 -46.16 -56.99
N ALA KA 85 -71.64 -44.86 -57.15
CA ALA KA 85 -72.73 -44.36 -57.97
C ALA KA 85 -72.34 -43.02 -58.57
N LYS KA 86 -72.81 -42.78 -59.79
CA LYS KA 86 -72.61 -41.51 -60.47
C LYS KA 86 -73.96 -40.92 -60.84
N PHE KA 87 -74.17 -39.67 -60.47
CA PHE KA 87 -75.42 -38.99 -60.76
C PHE KA 87 -75.18 -37.97 -61.85
N ARG KA 88 -76.25 -37.40 -62.40
CA ARG KA 88 -76.10 -36.43 -63.47
C ARG KA 88 -75.59 -35.11 -62.94
N SER KA 89 -76.15 -34.64 -61.83
CA SER KA 89 -75.58 -33.53 -61.07
C SER KA 89 -75.10 -34.10 -59.75
N ASN KA 90 -74.03 -33.53 -59.20
CA ASN KA 90 -73.44 -34.09 -57.99
C ASN KA 90 -74.33 -33.80 -56.79
N LEU KA 91 -74.06 -34.54 -55.71
CA LEU KA 91 -74.94 -34.57 -54.57
C LEU KA 91 -74.96 -33.23 -53.85
N PRO KA 92 -76.04 -32.92 -53.14
CA PRO KA 92 -76.04 -31.68 -52.35
C PRO KA 92 -75.18 -31.76 -51.11
N ALA KA 93 -74.78 -32.97 -50.69
CA ALA KA 93 -74.07 -33.29 -49.46
C ALA KA 93 -74.85 -32.92 -48.21
N LYS KA 94 -76.12 -32.60 -48.39
CA LYS KA 94 -77.09 -32.55 -47.31
C LYS KA 94 -77.58 -33.93 -46.97
N ALA KA 95 -77.44 -34.87 -47.90
CA ALA KA 95 -78.14 -36.14 -47.81
C ALA KA 95 -77.30 -37.26 -47.20
N ILE KA 96 -76.25 -36.95 -46.46
CA ILE KA 96 -75.52 -37.99 -45.74
C ILE KA 96 -76.41 -38.58 -44.66
N GLY KA 97 -76.86 -39.80 -44.87
CA GLY KA 97 -77.83 -40.41 -44.00
C GLY KA 97 -79.27 -40.17 -44.38
N HIS KA 98 -79.58 -40.11 -45.67
CA HIS KA 98 -80.94 -39.94 -46.14
C HIS KA 98 -81.15 -40.86 -47.33
N ARG KA 99 -82.35 -41.40 -47.46
CA ARG KA 99 -82.51 -42.62 -48.24
C ARG KA 99 -82.64 -42.32 -49.73
N ILE KA 100 -81.81 -43.00 -50.51
CA ILE KA 100 -81.79 -42.87 -51.95
C ILE KA 100 -82.45 -44.11 -52.55
N ARG KA 101 -83.47 -43.89 -53.38
CA ARG KA 101 -84.20 -45.01 -53.96
C ARG KA 101 -83.36 -45.69 -55.03
N VAL KA 102 -83.27 -47.01 -54.94
CA VAL KA 102 -82.68 -47.82 -55.99
C VAL KA 102 -83.81 -48.56 -56.69
N MET KA 103 -84.05 -48.24 -57.95
CA MET KA 103 -85.23 -48.67 -58.66
C MET KA 103 -84.92 -49.98 -59.37
N LEU KA 104 -85.97 -50.64 -59.84
CA LEU KA 104 -85.84 -51.92 -60.52
C LEU KA 104 -85.76 -51.68 -62.02
N TYR KA 105 -85.17 -50.55 -62.37
CA TYR KA 105 -85.11 -50.16 -63.78
C TYR KA 105 -84.55 -51.26 -64.64
N PRO KA 106 -83.37 -51.04 -65.23
CA PRO KA 106 -82.74 -52.03 -66.11
C PRO KA 106 -82.60 -53.41 -65.46
N SER KA 107 -83.62 -54.23 -65.53
CA SER KA 107 -83.59 -55.57 -64.97
C SER KA 107 -82.93 -56.39 -66.05
N ARG KA 108 -82.04 -57.30 -65.67
CA ARG KA 108 -81.40 -58.05 -66.74
C ARG KA 108 -81.62 -59.55 -66.65
N ILE KA 109 -82.66 -60.01 -65.98
CA ILE KA 109 -82.92 -61.44 -65.92
C ILE KA 109 -83.47 -61.90 -67.27
N VAL LA 1 -55.79 55.68 8.20
CA VAL LA 1 -55.87 54.28 7.86
C VAL LA 1 -56.26 54.20 6.39
N GLN LA 2 -56.61 55.36 5.82
CA GLN LA 2 -56.81 55.43 4.39
C GLN LA 2 -55.49 55.18 3.67
N ARG LA 3 -55.42 54.09 2.93
CA ARG LA 3 -54.22 53.74 2.20
C ARG LA 3 -54.11 54.62 0.96
N LEU LA 4 -52.90 55.08 0.70
CA LEU LA 4 -52.67 56.18 -0.21
C LEU LA 4 -51.44 55.88 -1.07
N THR LA 5 -51.40 56.50 -2.24
CA THR LA 5 -50.61 56.00 -3.35
C THR LA 5 -49.80 57.16 -3.94
N TYR LA 6 -48.80 56.82 -4.77
CA TYR LA 6 -48.08 57.82 -5.54
C TYR LA 6 -49.02 58.56 -6.48
N ARG LA 7 -48.69 59.81 -6.77
CA ARG LA 7 -49.52 60.60 -7.68
C ARG LA 7 -48.95 60.60 -9.09
N ARG LA 8 -47.63 60.68 -9.23
CA ARG LA 8 -47.03 60.57 -10.54
C ARG LA 8 -47.01 59.13 -11.02
N ARG LA 9 -46.46 58.94 -12.22
CA ARG LA 9 -46.20 57.60 -12.71
C ARG LA 9 -44.75 57.20 -12.46
N LEU LA 10 -44.42 57.17 -11.17
CA LEU LA 10 -43.20 56.54 -10.66
C LEU LA 10 -43.64 55.38 -9.77
N SER LA 11 -42.71 54.48 -9.51
CA SER LA 11 -42.97 53.44 -8.53
C SER LA 11 -41.82 53.31 -7.54
N TYR LA 12 -40.61 53.50 -7.98
CA TYR LA 12 -39.42 53.15 -7.22
C TYR LA 12 -39.12 54.25 -6.21
N ASN LA 13 -38.82 53.85 -4.99
CA ASN LA 13 -38.52 54.78 -3.91
C ASN LA 13 -37.10 55.30 -4.08
N THR LA 14 -36.89 56.20 -5.04
CA THR LA 14 -35.57 56.71 -5.35
C THR LA 14 -35.23 57.84 -4.40
N ALA LA 15 -34.04 58.40 -4.60
CA ALA LA 15 -33.66 59.57 -3.82
C ALA LA 15 -34.38 60.81 -4.32
N SER LA 16 -34.79 60.81 -5.59
CA SER LA 16 -35.47 61.97 -6.14
C SER LA 16 -36.95 61.96 -5.79
N ASN LA 17 -37.53 60.77 -5.68
CA ASN LA 17 -38.96 60.64 -5.40
C ASN LA 17 -39.13 60.49 -3.89
N LYS LA 18 -38.83 61.57 -3.18
CA LYS LA 18 -38.85 61.56 -1.73
C LYS LA 18 -40.00 62.43 -1.25
N THR LA 19 -40.87 61.85 -0.44
CA THR LA 19 -42.23 62.33 -0.24
C THR LA 19 -42.54 62.60 1.22
N ARG LA 20 -43.56 63.41 1.45
CA ARG LA 20 -44.20 63.54 2.74
C ARG LA 20 -45.69 63.38 2.55
N LEU LA 21 -46.47 63.56 3.61
CA LEU LA 21 -47.91 63.40 3.54
C LEU LA 21 -48.61 64.48 4.35
N SER LA 22 -49.71 64.99 3.82
CA SER LA 22 -50.43 66.10 4.42
C SER LA 22 -51.91 65.78 4.49
N ARG LA 23 -52.71 66.79 4.82
CA ARG LA 23 -54.14 66.64 4.92
C ARG LA 23 -54.81 67.75 4.12
N THR LA 24 -55.73 67.37 3.24
CA THR LA 24 -56.38 68.33 2.35
C THR LA 24 -57.39 69.17 3.12
N PRO LA 25 -57.79 70.31 2.56
CA PRO LA 25 -59.00 70.97 3.07
C PRO LA 25 -60.24 70.16 2.85
N GLY LA 26 -60.29 69.36 1.79
CA GLY LA 26 -61.42 68.51 1.49
C GLY LA 26 -61.49 67.22 2.26
N ASN LA 27 -60.83 67.15 3.43
CA ASN LA 27 -60.95 66.06 4.40
C ASN LA 27 -60.47 64.74 3.81
N ARG LA 28 -59.24 64.73 3.33
CA ARG LA 28 -58.68 63.58 2.64
C ARG LA 28 -57.17 63.58 2.82
N ILE LA 29 -56.62 62.38 3.04
CA ILE LA 29 -55.18 62.21 3.24
C ILE LA 29 -54.53 62.01 1.89
N VAL LA 30 -53.70 62.96 1.49
CA VAL LA 30 -53.11 62.95 0.16
C VAL LA 30 -51.60 62.85 0.36
N TYR LA 31 -50.88 62.62 -0.74
CA TYR LA 31 -49.47 62.26 -0.65
C TYR LA 31 -48.66 63.28 -1.44
N LEU LA 32 -48.03 64.21 -0.74
CA LEU LA 32 -47.48 65.42 -1.34
C LEU LA 32 -45.96 65.33 -1.44
N TYR LA 33 -45.43 65.70 -2.60
CA TYR LA 33 -44.02 65.50 -2.86
C TYR LA 33 -43.19 66.59 -2.21
N THR LA 34 -41.89 66.40 -2.17
CA THR LA 34 -40.99 67.22 -1.38
C THR LA 34 -39.73 67.52 -2.17
N LYS LA 35 -39.37 68.80 -2.25
CA LYS LA 35 -38.07 69.17 -2.78
C LYS LA 35 -36.98 68.72 -1.82
N LYS LA 36 -35.86 68.28 -2.38
CA LYS LA 36 -34.79 67.74 -1.58
C LYS LA 36 -34.12 68.85 -0.77
N VAL LA 37 -33.46 68.46 0.32
CA VAL LA 37 -32.86 69.40 1.25
C VAL LA 37 -31.55 69.89 0.65
N GLY LA 38 -31.32 71.20 0.75
CA GLY LA 38 -30.10 71.77 0.22
C GLY LA 38 -29.14 72.14 1.34
N LYS LA 39 -28.02 71.43 1.40
CA LYS LA 39 -27.01 71.71 2.40
C LYS LA 39 -26.32 73.02 2.10
N ALA LA 40 -25.93 73.72 3.16
CA ALA LA 40 -25.33 75.03 3.04
C ALA LA 40 -23.92 74.91 2.45
N PRO LA 41 -23.41 75.98 1.83
CA PRO LA 41 -22.02 75.95 1.37
C PRO LA 41 -21.04 75.88 2.52
N LYS LA 42 -20.13 74.92 2.44
CA LYS LA 42 -19.19 74.70 3.53
C LYS LA 42 -17.92 75.48 3.26
N SER LA 43 -17.04 75.48 4.25
CA SER LA 43 -15.95 76.43 4.35
C SER LA 43 -14.92 76.29 3.26
N ALA LA 44 -14.15 77.34 3.04
CA ALA LA 44 -13.11 77.35 2.03
C ALA LA 44 -11.82 76.70 2.49
N CYS LA 45 -11.35 75.68 1.77
CA CYS LA 45 -9.96 75.24 1.77
C CYS LA 45 -9.44 74.70 3.11
N GLY LA 46 -9.97 73.55 3.54
CA GLY LA 46 -9.21 72.68 4.42
C GLY LA 46 -9.43 72.85 5.90
N VAL LA 47 -10.18 73.86 6.30
CA VAL LA 47 -10.34 74.18 7.72
C VAL LA 47 -11.33 73.18 8.33
N CYS LA 48 -11.45 73.26 9.65
CA CYS LA 48 -12.43 72.54 10.45
C CYS LA 48 -13.81 72.48 9.78
N PRO LA 49 -14.43 71.30 9.72
CA PRO LA 49 -15.67 71.15 8.97
C PRO LA 49 -16.83 71.79 9.69
N GLY LA 50 -17.77 72.27 8.89
CA GLY LA 50 -18.88 73.04 9.37
C GLY LA 50 -19.28 74.02 8.32
N ARG LA 51 -20.57 74.14 8.06
CA ARG LA 51 -21.04 74.98 6.97
C ARG LA 51 -20.89 76.45 7.31
N LEU LA 52 -20.94 77.29 6.29
CA LEU LA 52 -20.73 78.70 6.50
C LEU LA 52 -22.01 79.34 7.03
N ARG LA 53 -21.87 80.17 8.05
CA ARG LA 53 -23.02 80.67 8.78
C ARG LA 53 -23.73 81.75 7.97
N GLY LA 54 -25.00 81.98 8.30
CA GLY LA 54 -25.75 83.09 7.73
C GLY LA 54 -26.06 83.01 6.26
N VAL LA 55 -26.07 81.80 5.67
CA VAL LA 55 -26.33 81.61 4.26
C VAL LA 55 -27.61 80.81 4.10
N ARG LA 56 -28.51 81.31 3.26
CA ARG LA 56 -29.76 80.61 2.98
C ARG LA 56 -29.48 79.31 2.24
N ALA LA 57 -29.70 78.19 2.93
CA ALA LA 57 -29.20 76.89 2.48
C ALA LA 57 -30.23 76.22 1.59
N VAL LA 58 -29.93 76.13 0.30
CA VAL LA 58 -30.84 75.56 -0.69
C VAL LA 58 -30.10 74.77 -1.74
N ARG LA 59 -30.90 74.23 -2.67
CA ARG LA 59 -30.47 73.59 -3.90
C ARG LA 59 -29.81 74.65 -4.80
N PRO LA 60 -28.90 74.24 -5.70
CA PRO LA 60 -28.21 75.22 -6.57
C PRO LA 60 -29.05 76.14 -7.43
N LYS LA 61 -29.94 75.63 -8.27
CA LYS LA 61 -30.71 76.48 -9.17
C LYS LA 61 -31.72 77.37 -8.45
N VAL LA 62 -31.95 77.15 -7.15
CA VAL LA 62 -32.73 78.06 -6.33
C VAL LA 62 -32.03 79.41 -6.22
N LEU LA 63 -30.69 79.42 -6.32
CA LEU LA 63 -29.92 80.63 -6.01
C LEU LA 63 -30.10 81.72 -7.07
N MET LA 64 -30.76 81.42 -8.18
CA MET LA 64 -31.10 82.48 -9.12
C MET LA 64 -32.17 83.40 -8.57
N ARG LA 65 -33.11 82.85 -7.79
CA ARG LA 65 -34.22 83.65 -7.30
C ARG LA 65 -33.79 84.53 -6.15
N LEU LA 66 -32.73 84.15 -5.45
CA LEU LA 66 -32.40 84.77 -4.18
C LEU LA 66 -31.75 86.12 -4.36
N SER LA 67 -31.99 87.01 -3.40
CA SER LA 67 -31.42 88.35 -3.43
C SER LA 67 -29.97 88.34 -2.95
N LYS LA 68 -29.30 89.49 -3.15
CA LYS LA 68 -27.89 89.61 -2.85
C LYS LA 68 -27.71 90.06 -1.40
N THR LA 69 -28.39 89.41 -0.46
CA THR LA 69 -28.02 89.51 0.95
C THR LA 69 -27.94 88.11 1.52
N LYS LA 70 -28.85 87.26 1.09
CA LYS LA 70 -28.97 85.92 1.62
C LYS LA 70 -28.07 84.93 0.90
N LYS LA 71 -27.02 85.40 0.24
CA LYS LA 71 -26.01 84.54 -0.33
C LYS LA 71 -24.62 84.82 0.22
N HIS LA 72 -24.41 85.98 0.83
CA HIS LA 72 -23.07 86.31 1.32
C HIS LA 72 -23.19 86.99 2.67
N VAL LA 73 -22.09 87.01 3.40
CA VAL LA 73 -21.97 87.69 4.67
C VAL LA 73 -21.42 89.08 4.37
N SER LA 74 -21.72 90.05 5.23
CA SER LA 74 -21.35 91.45 4.99
C SER LA 74 -19.84 91.65 4.98
N ARG LA 75 -19.09 90.71 5.54
CA ARG LA 75 -17.64 90.80 5.61
C ARG LA 75 -17.01 90.63 4.24
N ALA LA 76 -15.76 91.05 4.10
CA ALA LA 76 -14.93 90.61 2.99
C ALA LA 76 -14.72 89.10 3.10
N TYR LA 77 -14.54 88.46 1.94
CA TYR LA 77 -14.63 87.00 1.80
C TYR LA 77 -15.94 86.47 2.38
N GLY LA 78 -17.05 86.88 1.78
CA GLY LA 78 -18.35 86.61 2.36
C GLY LA 78 -18.77 85.16 2.36
N GLY LA 79 -19.13 84.62 1.20
CA GLY LA 79 -19.68 83.28 1.16
C GLY LA 79 -18.66 82.21 0.87
N SER LA 80 -17.38 82.51 1.13
CA SER LA 80 -16.37 81.49 0.92
C SER LA 80 -15.67 81.11 2.22
N MET LA 81 -15.10 82.09 2.92
CA MET LA 81 -14.35 81.86 4.14
C MET LA 81 -15.27 81.87 5.34
N CYS LA 82 -14.90 81.11 6.37
CA CYS LA 82 -15.73 80.94 7.56
C CYS LA 82 -15.31 81.85 8.71
N ALA LA 83 -14.60 82.92 8.36
CA ALA LA 83 -14.19 84.08 9.16
C ALA LA 83 -13.12 83.79 10.21
N LYS LA 84 -12.99 82.53 10.61
CA LYS LA 84 -11.81 82.16 11.37
C LYS LA 84 -10.64 82.06 10.43
N CYS LA 85 -10.90 81.63 9.19
CA CYS LA 85 -9.88 81.68 8.15
C CYS LA 85 -9.51 83.11 7.80
N VAL LA 86 -10.47 84.04 7.86
CA VAL LA 86 -10.16 85.44 7.58
C VAL LA 86 -9.26 86.02 8.67
N ARG LA 87 -9.61 85.76 9.93
CA ARG LA 87 -8.80 86.31 11.01
C ARG LA 87 -7.53 85.50 11.23
N ASP LA 88 -7.35 84.39 10.50
CA ASP LA 88 -6.03 83.79 10.43
C ASP LA 88 -5.22 84.36 9.26
N ARG LA 89 -5.84 84.47 8.08
CA ARG LA 89 -5.11 84.85 6.87
C ARG LA 89 -4.62 86.28 6.93
N ILE LA 90 -5.37 87.17 7.60
CA ILE LA 90 -4.93 88.55 7.71
C ILE LA 90 -3.66 88.65 8.55
N LYS LA 91 -3.67 88.00 9.72
CA LYS LA 91 -2.49 88.00 10.57
C LYS LA 91 -1.33 87.28 9.91
N ARG LA 92 -1.61 86.20 9.17
CA ARG LA 92 -0.56 85.47 8.51
C ARG LA 92 0.10 86.29 7.41
N ALA LA 93 -0.70 86.97 6.60
CA ALA LA 93 -0.16 87.79 5.51
C ALA LA 93 0.63 88.96 6.05
N PHE LA 94 0.11 89.61 7.09
CA PHE LA 94 0.81 90.75 7.68
C PHE LA 94 2.14 90.34 8.31
N LEU LA 95 2.14 89.23 9.05
CA LEU LA 95 3.36 88.82 9.73
C LEU LA 95 4.41 88.33 8.75
N ILE LA 96 3.99 87.67 7.66
CA ILE LA 96 4.96 87.24 6.67
C ILE LA 96 5.54 88.44 5.92
N GLU LA 97 4.72 89.47 5.67
CA GLU LA 97 5.25 90.70 5.06
C GLU LA 97 6.26 91.39 5.97
N GLU LA 98 6.00 91.39 7.27
CA GLU LA 98 6.94 92.02 8.20
C GLU LA 98 8.24 91.22 8.30
N GLN LA 99 8.14 89.88 8.27
CA GLN LA 99 9.35 89.07 8.30
C GLN LA 99 10.16 89.24 7.02
N LYS LA 100 9.49 89.45 5.88
CA LYS LA 100 10.23 89.69 4.65
C LYS LA 100 10.93 91.04 4.68
N ILE LA 101 10.32 92.05 5.31
CA ILE LA 101 11.00 93.33 5.49
C ILE LA 101 12.22 93.18 6.38
N VAL LA 102 12.10 92.38 7.45
CA VAL LA 102 13.23 92.16 8.36
C VAL LA 102 14.36 91.42 7.68
N VAL LA 103 14.03 90.40 6.88
CA VAL LA 103 15.06 89.63 6.17
C VAL LA 103 15.73 90.49 5.09
N LYS LA 104 14.95 91.35 4.43
CA LYS LA 104 15.52 92.21 3.39
C LYS LA 104 16.45 93.27 3.98
N VAL LA 105 16.06 93.88 5.10
CA VAL LA 105 16.94 94.88 5.70
C VAL LA 105 18.13 94.20 6.39
N LEU LA 106 17.99 92.92 6.74
CA LEU LA 106 19.13 92.18 7.26
C LEU LA 106 20.14 91.90 6.17
N LYS LA 107 19.65 91.58 4.96
CA LYS LA 107 20.54 91.45 3.81
C LYS LA 107 21.23 92.77 3.48
N ALA LA 108 20.49 93.88 3.60
CA ALA LA 108 21.07 95.20 3.33
C ALA LA 108 22.14 95.54 4.36
N GLN LA 109 21.92 95.22 5.63
CA GLN LA 109 22.91 95.51 6.66
C GLN LA 109 24.11 94.58 6.55
N ALA LA 110 23.88 93.33 6.09
CA ALA LA 110 24.98 92.42 5.86
C ALA LA 110 25.87 92.89 4.71
N GLN LA 111 25.26 93.41 3.65
CA GLN LA 111 26.06 93.95 2.55
C GLN LA 111 26.73 95.27 2.95
N SER LA 112 26.12 96.00 3.88
CA SER LA 112 26.77 97.22 4.37
C SER LA 112 28.00 96.88 5.20
N GLN LA 113 27.90 95.84 6.04
CA GLN LA 113 29.06 95.33 6.77
C GLN LA 113 30.08 94.66 5.86
N LYS LA 114 29.67 94.22 4.67
CA LYS LA 114 30.57 93.55 3.73
C LYS LA 114 30.73 94.35 2.44
N ALA MA 1 -72.39 74.50 -61.85
CA ALA MA 1 -71.46 75.11 -62.79
C ALA MA 1 -70.25 74.23 -62.98
N LYS MA 2 -69.47 74.51 -64.01
CA LYS MA 2 -68.27 73.74 -64.30
C LYS MA 2 -67.08 74.69 -64.51
N ILE MA 3 -65.92 74.32 -63.98
CA ILE MA 3 -64.76 75.19 -64.00
C ILE MA 3 -63.75 74.55 -64.94
N LYS MA 4 -63.79 74.93 -66.22
CA LYS MA 4 -62.98 74.32 -67.25
C LYS MA 4 -61.64 75.04 -67.31
N ALA MA 5 -60.57 74.26 -67.52
CA ALA MA 5 -59.21 74.79 -67.60
C ALA MA 5 -59.06 75.73 -68.78
N ARG MA 6 -59.76 75.41 -69.88
CA ARG MA 6 -59.80 76.24 -71.06
C ARG MA 6 -60.36 77.62 -70.77
N ASP MA 7 -61.36 77.69 -69.89
CA ASP MA 7 -61.85 78.98 -69.42
C ASP MA 7 -60.81 79.62 -68.52
N LEU MA 8 -60.13 78.82 -67.71
CA LEU MA 8 -59.24 79.37 -66.70
C LEU MA 8 -57.93 79.94 -67.23
N ARG MA 9 -57.52 79.55 -68.44
CA ARG MA 9 -56.20 79.97 -68.92
C ARG MA 9 -56.11 81.45 -69.25
N GLY MA 10 -57.24 82.08 -69.55
CA GLY MA 10 -57.22 83.50 -69.83
C GLY MA 10 -57.25 84.36 -68.58
N LYS MA 11 -57.49 83.75 -67.43
CA LYS MA 11 -57.72 84.51 -66.21
C LYS MA 11 -56.43 85.11 -65.67
N LYS MA 12 -56.58 86.05 -64.74
CA LYS MA 12 -55.44 86.55 -63.98
C LYS MA 12 -55.29 85.74 -62.70
N LYS MA 13 -54.04 85.67 -62.21
CA LYS MA 13 -53.76 84.81 -61.06
C LYS MA 13 -54.37 85.37 -59.78
N GLU MA 14 -54.58 86.68 -59.72
CA GLU MA 14 -55.24 87.27 -58.57
C GLU MA 14 -56.72 86.92 -58.53
N GLU MA 15 -57.30 86.60 -59.68
CA GLU MA 15 -58.69 86.15 -59.68
C GLU MA 15 -58.76 84.64 -59.51
N LEU MA 16 -57.73 83.92 -59.99
CA LEU MA 16 -57.61 82.50 -59.71
C LEU MA 16 -57.50 82.25 -58.21
N LEU MA 17 -56.81 83.14 -57.50
CA LEU MA 17 -56.65 83.02 -56.07
C LEU MA 17 -58.00 83.15 -55.36
N LYS MA 18 -58.80 84.14 -55.73
CA LYS MA 18 -60.09 84.35 -55.09
C LYS MA 18 -61.08 83.25 -55.46
N GLN MA 19 -60.99 82.75 -56.69
CA GLN MA 19 -61.85 81.65 -57.11
C GLN MA 19 -61.48 80.37 -56.36
N LEU MA 20 -60.19 80.17 -56.11
CA LEU MA 20 -59.75 79.04 -55.30
C LEU MA 20 -60.16 79.19 -53.85
N ASP MA 21 -60.19 80.43 -53.35
CA ASP MA 21 -60.67 80.68 -51.99
C ASP MA 21 -62.13 80.31 -51.84
N ASP MA 22 -62.96 80.69 -52.83
CA ASP MA 22 -64.37 80.31 -52.80
C ASP MA 22 -64.55 78.80 -52.88
N LEU MA 23 -63.70 78.14 -53.67
CA LEU MA 23 -63.81 76.69 -53.78
C LEU MA 23 -63.40 76.00 -52.48
N LYS MA 24 -62.38 76.51 -51.79
CA LYS MA 24 -62.01 75.89 -50.51
C LYS MA 24 -63.05 76.19 -49.43
N VAL MA 25 -63.74 77.32 -49.54
CA VAL MA 25 -64.87 77.59 -48.65
C VAL MA 25 -65.98 76.55 -48.86
N GLU MA 26 -66.29 76.26 -50.13
CA GLU MA 26 -67.25 75.20 -50.44
C GLU MA 26 -66.78 73.85 -49.94
N LEU MA 27 -65.47 73.59 -50.05
CA LEU MA 27 -64.86 72.36 -49.55
C LEU MA 27 -65.10 72.19 -48.05
N SER MA 28 -64.81 73.25 -47.29
CA SER MA 28 -64.91 73.14 -45.83
C SER MA 28 -66.36 73.05 -45.38
N GLN MA 29 -67.27 73.80 -46.01
CA GLN MA 29 -68.67 73.75 -45.59
C GLN MA 29 -69.31 72.41 -45.93
N LEU MA 30 -68.99 71.87 -47.10
CA LEU MA 30 -69.52 70.56 -47.44
C LEU MA 30 -68.82 69.45 -46.67
N ARG MA 31 -67.64 69.72 -46.13
CA ARG MA 31 -67.01 68.72 -45.27
C ARG MA 31 -67.62 68.73 -43.87
N VAL MA 32 -68.07 69.90 -43.42
CA VAL MA 32 -68.94 69.97 -42.23
C VAL MA 32 -70.20 69.17 -42.48
N ALA MA 33 -70.76 69.28 -43.69
CA ALA MA 33 -71.93 68.47 -44.05
C ALA MA 33 -71.59 66.99 -44.12
N LYS MA 34 -70.36 66.67 -44.52
CA LYS MA 34 -69.89 65.29 -44.55
C LYS MA 34 -69.81 64.70 -43.15
N VAL MA 35 -69.43 65.51 -42.17
CA VAL MA 35 -69.40 65.04 -40.79
C VAL MA 35 -70.81 64.89 -40.24
N THR MA 36 -71.66 65.91 -40.42
CA THR MA 36 -73.00 65.84 -39.86
C THR MA 36 -73.90 64.94 -40.71
N GLY MA 37 -75.15 64.76 -40.27
CA GLY MA 37 -75.97 63.71 -40.85
C GLY MA 37 -76.52 64.02 -42.22
N GLY MA 38 -77.40 65.01 -42.31
CA GLY MA 38 -78.28 65.15 -43.47
C GLY MA 38 -77.66 65.64 -44.75
N ALA MA 39 -76.86 64.80 -45.38
CA ALA MA 39 -76.06 65.19 -46.53
C ALA MA 39 -76.12 64.11 -47.62
N ALA MA 40 -77.33 63.71 -48.00
CA ALA MA 40 -77.47 62.64 -48.99
C ALA MA 40 -77.03 63.10 -50.38
N SER MA 41 -77.11 64.39 -50.66
CA SER MA 41 -76.92 64.85 -52.03
C SER MA 41 -75.67 65.72 -52.19
N LYS MA 42 -75.05 66.12 -51.09
CA LYS MA 42 -73.96 67.09 -51.20
C LYS MA 42 -72.61 66.40 -51.38
N LEU MA 43 -72.60 65.08 -51.49
CA LEU MA 43 -71.34 64.37 -51.40
C LEU MA 43 -70.73 64.13 -52.78
N SER MA 44 -71.56 63.91 -53.79
CA SER MA 44 -71.06 64.03 -55.15
C SER MA 44 -70.65 65.46 -55.45
N LYS MA 45 -71.30 66.42 -54.79
CA LYS MA 45 -70.89 67.81 -54.89
C LYS MA 45 -69.51 68.04 -54.27
N ILE MA 46 -69.20 67.37 -53.15
CA ILE MA 46 -67.87 67.56 -52.57
C ILE MA 46 -66.80 66.89 -53.43
N ARG MA 47 -67.19 65.84 -54.15
CA ARG MA 47 -66.23 65.25 -55.09
C ARG MA 47 -65.95 66.19 -56.26
N VAL MA 48 -66.99 66.78 -56.86
CA VAL MA 48 -66.74 67.65 -58.00
C VAL MA 48 -66.09 68.96 -57.57
N VAL MA 49 -66.29 69.36 -56.31
CA VAL MA 49 -65.62 70.56 -55.80
C VAL MA 49 -64.14 70.30 -55.61
N ARG MA 50 -63.75 69.15 -55.06
CA ARG MA 50 -62.32 68.91 -54.88
C ARG MA 50 -61.61 68.68 -56.22
N LYS MA 51 -62.31 68.08 -57.19
CA LYS MA 51 -61.70 67.95 -58.52
C LYS MA 51 -61.64 69.29 -59.22
N SER MA 52 -62.52 70.23 -58.85
CA SER MA 52 -62.42 71.58 -59.38
C SER MA 52 -61.27 72.35 -58.72
N ILE MA 53 -61.00 72.04 -57.45
CA ILE MA 53 -59.87 72.65 -56.75
C ILE MA 53 -58.56 72.21 -57.39
N ALA MA 54 -58.50 70.95 -57.83
CA ALA MA 54 -57.28 70.45 -58.48
C ALA MA 54 -56.98 71.19 -59.78
N ARG MA 55 -58.02 71.54 -60.55
CA ARG MA 55 -57.83 72.15 -61.87
C ARG MA 55 -57.22 73.54 -61.77
N VAL MA 56 -57.60 74.29 -60.75
CA VAL MA 56 -57.16 75.68 -60.65
C VAL MA 56 -55.70 75.75 -60.24
N LEU MA 57 -55.30 74.90 -59.29
CA LEU MA 57 -53.89 74.79 -58.94
C LEU MA 57 -53.06 74.30 -60.12
N THR MA 58 -53.63 73.40 -60.92
CA THR MA 58 -52.94 72.95 -62.13
C THR MA 58 -52.71 74.10 -63.10
N VAL MA 59 -53.74 74.94 -63.31
CA VAL MA 59 -53.60 76.07 -64.22
C VAL MA 59 -52.60 77.09 -63.69
N ILE MA 60 -52.57 77.29 -62.36
CA ILE MA 60 -51.66 78.25 -61.75
C ILE MA 60 -50.21 77.81 -61.93
N ASN MA 61 -49.93 76.52 -61.67
CA ASN MA 61 -48.56 76.06 -61.83
C ASN MA 61 -48.16 75.98 -63.29
N GLN MA 62 -49.09 75.63 -64.18
CA GLN MA 62 -48.83 75.66 -65.62
C GLN MA 62 -48.48 77.07 -66.09
N THR MA 63 -49.11 78.08 -65.51
CA THR MA 63 -48.76 79.45 -65.89
C THR MA 63 -47.41 79.84 -65.32
N GLN MA 64 -47.16 79.55 -64.03
CA GLN MA 64 -45.94 80.01 -63.38
C GLN MA 64 -44.70 79.35 -63.93
N LYS MA 65 -44.78 78.08 -64.33
CA LYS MA 65 -43.61 77.38 -64.84
C LYS MA 65 -43.13 77.96 -66.16
N GLU MA 66 -44.04 78.12 -67.11
CA GLU MA 66 -43.62 78.66 -68.40
C GLU MA 66 -43.34 80.15 -68.30
N ASN MA 67 -43.94 80.85 -67.34
CA ASN MA 67 -43.60 82.24 -67.11
C ASN MA 67 -42.19 82.36 -66.53
N LEU MA 68 -41.75 81.35 -65.79
CA LEU MA 68 -40.35 81.29 -65.39
C LEU MA 68 -39.45 80.97 -66.58
N ARG MA 69 -39.91 80.12 -67.49
CA ARG MA 69 -39.11 79.78 -68.67
C ARG MA 69 -38.91 80.97 -69.59
N LYS MA 70 -39.89 81.88 -69.62
CA LYS MA 70 -39.84 82.97 -70.58
C LYS MA 70 -38.76 84.00 -70.26
N PHE MA 71 -38.23 84.00 -69.03
CA PHE MA 71 -37.11 84.91 -68.79
C PHE MA 71 -35.86 84.19 -68.33
N TYR MA 72 -35.83 82.86 -68.33
CA TYR MA 72 -34.57 82.12 -68.31
C TYR MA 72 -34.25 81.56 -69.69
N LYS MA 73 -35.09 81.81 -70.67
CA LYS MA 73 -34.88 81.32 -72.02
C LYS MA 73 -33.71 82.06 -72.64
N GLY MA 74 -32.92 81.36 -73.44
CA GLY MA 74 -31.76 81.96 -74.07
C GLY MA 74 -30.61 82.24 -73.14
N LYS MA 75 -30.64 81.71 -71.92
CA LYS MA 75 -29.65 82.01 -70.90
C LYS MA 75 -28.82 80.79 -70.55
N LYS MA 76 -27.54 81.04 -70.28
CA LYS MA 76 -26.75 80.09 -69.54
C LYS MA 76 -27.24 80.08 -68.09
N TYR MA 77 -27.07 78.92 -67.43
CA TYR MA 77 -27.28 78.75 -65.99
C TYR MA 77 -28.74 78.94 -65.59
N LYS MA 78 -29.64 78.30 -66.33
CA LYS MA 78 -31.03 78.25 -65.90
C LYS MA 78 -31.20 77.08 -64.93
N PRO MA 79 -32.20 77.14 -64.03
CA PRO MA 79 -32.21 76.21 -62.90
C PRO MA 79 -32.52 74.77 -63.27
N LEU MA 80 -32.57 73.94 -62.23
CA LEU MA 80 -32.33 72.51 -62.40
C LEU MA 80 -33.54 71.80 -62.98
N ASP MA 81 -34.74 72.13 -62.50
CA ASP MA 81 -35.94 71.52 -63.05
C ASP MA 81 -36.26 72.05 -64.43
N LEU MA 82 -35.79 73.26 -64.75
CA LEU MA 82 -36.01 73.79 -66.09
C LEU MA 82 -34.97 73.27 -67.07
N ARG MA 83 -33.84 72.76 -66.58
CA ARG MA 83 -32.93 72.01 -67.43
C ARG MA 83 -33.61 70.72 -67.89
N PRO MA 84 -33.17 70.15 -69.03
CA PRO MA 84 -33.77 68.90 -69.51
C PRO MA 84 -33.54 67.75 -68.54
N LYS MA 85 -34.61 67.00 -68.26
CA LYS MA 85 -34.52 65.88 -67.34
C LYS MA 85 -33.99 64.64 -68.03
N LYS MA 86 -34.75 64.12 -68.99
CA LYS MA 86 -34.40 62.91 -69.74
C LYS MA 86 -34.02 61.80 -68.78
N THR MA 87 -32.72 61.64 -68.55
CA THR MA 87 -32.20 60.65 -67.62
C THR MA 87 -30.71 60.81 -67.51
N ARG MA 88 -30.12 60.10 -66.54
CA ARG MA 88 -28.80 60.46 -66.06
C ARG MA 88 -27.71 60.15 -67.07
N ALA MA 89 -27.82 59.02 -67.76
CA ALA MA 89 -26.86 58.71 -68.82
C ALA MA 89 -26.98 59.69 -69.97
N MET MA 90 -28.19 60.15 -70.28
CA MET MA 90 -28.35 61.12 -71.37
C MET MA 90 -27.89 62.52 -70.95
N ARG MA 91 -27.91 62.83 -69.66
CA ARG MA 91 -27.23 64.04 -69.22
C ARG MA 91 -25.72 63.89 -69.36
N ARG MA 92 -25.20 62.70 -69.07
CA ARG MA 92 -23.74 62.61 -69.01
C ARG MA 92 -23.13 62.05 -70.29
N ARG MA 93 -23.91 61.98 -71.36
CA ARG MA 93 -23.28 61.80 -72.67
C ARG MA 93 -22.60 63.09 -73.09
N LEU MA 94 -21.78 62.98 -74.15
CA LEU MA 94 -20.83 64.05 -74.46
C LEU MA 94 -21.52 65.32 -74.93
N ASN MA 95 -21.93 65.34 -76.20
CA ASN MA 95 -22.59 66.44 -76.91
C ASN MA 95 -22.72 65.95 -78.34
N LYS MA 96 -23.64 66.50 -79.12
CA LYS MA 96 -23.58 66.25 -80.55
C LYS MA 96 -22.41 67.01 -81.16
N HIS MA 97 -22.07 68.17 -80.61
CA HIS MA 97 -20.99 68.95 -81.18
C HIS MA 97 -19.64 68.38 -80.78
N GLU MA 98 -19.52 67.89 -79.55
CA GLU MA 98 -18.29 67.19 -79.17
C GLU MA 98 -18.22 65.83 -79.83
N GLU MA 99 -19.36 65.26 -80.21
CA GLU MA 99 -19.35 64.03 -80.98
C GLU MA 99 -18.82 64.26 -82.39
N ASN MA 100 -19.28 65.32 -83.04
CA ASN MA 100 -18.92 65.54 -84.42
C ASN MA 100 -17.60 66.30 -84.56
N LEU MA 101 -16.99 66.68 -83.44
CA LEU MA 101 -15.77 67.46 -83.51
C LEU MA 101 -14.61 66.54 -83.85
N LYS MA 102 -13.79 66.96 -84.80
CA LYS MA 102 -12.76 66.11 -85.37
C LYS MA 102 -11.44 66.84 -85.33
N THR MA 103 -10.35 66.08 -85.23
CA THR MA 103 -9.04 66.69 -85.27
C THR MA 103 -8.62 67.01 -86.69
N LYS MA 104 -7.67 67.94 -86.82
CA LYS MA 104 -7.26 68.42 -88.12
C LYS MA 104 -6.53 67.33 -88.90
N LYS MA 105 -5.86 66.43 -88.19
CA LYS MA 105 -5.18 65.31 -88.85
C LYS MA 105 -6.18 64.37 -89.51
N GLN MA 106 -7.26 64.05 -88.79
CA GLN MA 106 -8.28 63.18 -89.36
C GLN MA 106 -9.03 63.89 -90.49
N GLN MA 107 -9.20 65.21 -90.36
CA GLN MA 107 -9.81 65.99 -91.44
C GLN MA 107 -8.99 65.95 -92.71
N ARG MA 108 -7.67 66.19 -92.59
CA ARG MA 108 -6.83 66.17 -93.78
C ARG MA 108 -6.70 64.76 -94.35
N LYS MA 109 -6.79 63.74 -93.47
CA LYS MA 109 -6.79 62.37 -93.95
C LYS MA 109 -8.04 62.08 -94.79
N GLU MA 110 -9.20 62.56 -94.35
CA GLU MA 110 -10.40 62.38 -95.13
C GLU MA 110 -10.39 63.22 -96.41
N ARG MA 111 -9.73 64.36 -96.39
CA ARG MA 111 -9.66 65.19 -97.59
C ARG MA 111 -8.75 64.57 -98.63
N LEU MA 112 -7.67 63.94 -98.20
CA LEU MA 112 -6.76 63.36 -99.17
C LEU MA 112 -7.29 62.02 -99.68
N TYR MA 113 -7.91 61.22 -98.81
CA TYR MA 113 -8.22 59.83 -99.12
C TYR MA 113 -9.71 59.57 -98.95
N PRO MA 114 -10.55 60.07 -99.86
CA PRO MA 114 -11.99 59.94 -99.65
C PRO MA 114 -12.46 58.54 -100.03
N LEU MA 115 -13.68 58.22 -99.61
CA LEU MA 115 -14.22 56.90 -99.91
C LEU MA 115 -15.01 56.94 -101.21
N ARG MA 116 -14.75 55.97 -102.08
CA ARG MA 116 -15.23 56.00 -103.45
C ARG MA 116 -16.43 55.09 -103.62
N LYS MA 117 -17.10 55.22 -104.76
CA LYS MA 117 -18.04 54.20 -105.23
C LYS MA 117 -17.39 53.43 -106.36
N TYR MA 118 -17.40 52.11 -106.27
CA TYR MA 118 -16.84 51.31 -107.35
C TYR MA 118 -17.73 50.10 -107.59
N ALA MA 119 -17.41 49.35 -108.64
CA ALA MA 119 -18.14 48.13 -108.99
C ALA MA 119 -17.25 47.30 -109.91
N VAL MA 120 -17.26 45.99 -109.70
CA VAL MA 120 -16.35 45.10 -110.40
C VAL MA 120 -17.09 43.87 -110.94
N LYS MA 121 -17.49 43.95 -112.21
CA LYS MA 121 -17.90 42.76 -112.95
C LYS MA 121 -17.20 42.75 -114.30
N ALA MA 122 -17.06 43.92 -114.91
CA ALA MA 122 -16.48 44.02 -116.24
C ALA MA 122 -15.86 45.41 -116.44
N TYR NA 1 18.03 16.87 -110.79
CA TYR NA 1 17.81 15.71 -109.93
C TYR NA 1 17.32 16.13 -108.53
N PRO NA 2 16.09 16.62 -108.43
CA PRO NA 2 15.64 17.23 -107.17
C PRO NA 2 15.19 16.16 -106.20
N MET NA 3 14.96 16.58 -104.95
CA MET NA 3 14.51 15.68 -103.91
C MET NA 3 13.84 16.46 -102.79
N ALA NA 4 13.00 15.77 -102.03
CA ALA NA 4 12.13 16.45 -101.07
C ALA NA 4 12.76 16.51 -99.69
N VAL NA 5 13.62 15.55 -99.35
CA VAL NA 5 14.37 15.58 -98.10
C VAL NA 5 15.84 15.48 -98.42
N GLY NA 6 16.66 15.75 -97.41
CA GLY NA 6 18.10 15.71 -97.61
C GLY NA 6 18.79 17.01 -97.24
N LEU NA 7 19.93 17.28 -97.87
CA LEU NA 7 20.69 18.47 -97.52
C LEU NA 7 20.04 19.72 -98.08
N ASN NA 8 19.94 19.83 -99.40
CA ASN NA 8 19.21 20.91 -100.04
C ASN NA 8 17.75 20.48 -100.16
N LYS NA 9 16.92 21.01 -99.28
CA LYS NA 9 15.55 20.56 -99.12
C LYS NA 9 14.61 21.57 -99.77
N GLY NA 10 13.60 21.06 -100.46
CA GLY NA 10 12.50 21.93 -100.87
C GLY NA 10 12.45 22.29 -102.33
N HIS NA 11 11.28 22.76 -102.77
CA HIS NA 11 11.04 23.24 -104.13
C HIS NA 11 11.95 24.40 -104.50
N LYS NA 12 12.49 24.38 -105.72
CA LYS NA 12 13.41 25.42 -106.15
C LYS NA 12 12.66 26.68 -106.54
N VAL NA 13 12.89 27.75 -105.79
CA VAL NA 13 12.34 29.06 -106.13
C VAL NA 13 13.46 30.09 -106.11
N THR NA 14 13.26 31.19 -106.85
CA THR NA 14 14.21 32.29 -106.86
C THR NA 14 13.95 33.24 -105.70
N LYS NA 15 14.91 33.35 -104.78
CA LYS NA 15 14.78 34.20 -103.61
C LYS NA 15 14.75 35.68 -103.99
N ASN NA 16 14.11 36.49 -103.16
CA ASN NA 16 13.68 37.83 -103.52
C ASN NA 16 14.41 38.89 -102.70
N VAL NA 17 15.74 38.78 -102.61
CA VAL NA 17 16.58 39.62 -101.76
C VAL NA 17 16.46 41.10 -102.11
N SER NA 18 16.14 41.92 -101.11
CA SER NA 18 15.99 43.36 -101.27
C SER NA 18 16.24 44.04 -99.93
N LYS NA 19 15.90 45.33 -99.87
CA LYS NA 19 16.09 46.10 -98.64
C LYS NA 19 15.11 45.63 -97.56
N PRO NA 20 15.58 45.49 -96.32
CA PRO NA 20 14.74 44.92 -95.27
C PRO NA 20 13.65 45.89 -94.80
N ARG NA 21 12.85 45.41 -93.86
CA ARG NA 21 11.91 46.26 -93.16
C ARG NA 21 12.64 47.27 -92.30
N HIS NA 22 11.94 48.34 -91.94
CA HIS NA 22 12.59 49.37 -91.13
C HIS NA 22 12.70 48.92 -89.68
N SER NA 23 11.90 47.93 -89.27
CA SER NA 23 11.91 47.57 -87.86
C SER NA 23 13.10 46.69 -87.49
N ARG NA 24 14.03 46.46 -88.42
CA ARG NA 24 15.32 45.92 -88.05
C ARG NA 24 16.19 47.00 -87.41
N ARG NA 25 15.93 48.26 -87.75
CA ARG NA 25 16.64 49.42 -87.22
C ARG NA 25 16.10 49.73 -85.83
N ARG NA 26 16.31 48.82 -84.87
CA ARG NA 26 15.81 49.07 -83.53
C ARG NA 26 16.94 49.31 -82.55
N GLY NA 27 17.82 48.33 -82.40
CA GLY NA 27 18.93 48.46 -81.49
C GLY NA 27 20.21 48.87 -82.20
N ARG NA 28 20.25 50.05 -82.80
CA ARG NA 28 21.42 50.44 -83.56
C ARG NA 28 22.18 51.58 -82.89
N LEU NA 29 23.25 52.00 -83.55
CA LEU NA 29 24.31 52.73 -82.88
C LEU NA 29 23.92 54.17 -82.55
N THR NA 30 23.53 54.94 -83.58
CA THR NA 30 22.90 56.26 -83.44
C THR NA 30 23.79 57.27 -82.71
N LYS NA 31 24.77 57.82 -83.45
CA LYS NA 31 25.89 58.61 -82.92
C LYS NA 31 25.47 59.68 -81.90
N HIS NA 32 24.30 60.28 -82.09
CA HIS NA 32 23.78 61.24 -81.10
C HIS NA 32 23.57 60.58 -79.75
N THR NA 33 23.04 59.36 -79.73
CA THR NA 33 22.85 58.68 -78.46
C THR NA 33 24.17 58.16 -77.90
N LYS NA 34 25.15 57.91 -78.76
CA LYS NA 34 26.52 57.66 -78.29
C LYS NA 34 27.03 58.86 -77.52
N PHE NA 35 26.81 60.07 -78.06
CA PHE NA 35 27.20 61.28 -77.37
C PHE NA 35 26.49 61.40 -76.02
N VAL NA 36 25.20 61.05 -76.00
CA VAL NA 36 24.40 61.10 -74.77
C VAL NA 36 24.98 60.19 -73.69
N ARG NA 37 25.15 58.91 -74.02
CA ARG NA 37 25.60 57.96 -73.00
C ARG NA 37 27.05 58.18 -72.62
N ASP NA 38 27.90 58.57 -73.59
CA ASP NA 38 29.30 58.79 -73.28
C ASP NA 38 29.50 60.05 -72.46
N MET NA 39 28.58 61.01 -72.54
CA MET NA 39 28.62 62.11 -71.61
C MET NA 39 28.14 61.68 -70.23
N ILE NA 40 27.04 60.94 -70.19
CA ILE NA 40 26.34 60.77 -68.93
C ILE NA 40 27.05 59.74 -68.06
N ARG NA 41 27.92 58.91 -68.65
CA ARG NA 41 28.78 58.04 -67.85
C ARG NA 41 29.72 58.84 -66.97
N GLU NA 42 30.38 59.85 -67.52
CA GLU NA 42 31.29 60.64 -66.70
C GLU NA 42 30.54 61.73 -65.94
N VAL NA 43 29.26 61.92 -66.25
CA VAL NA 43 28.43 62.72 -65.35
C VAL NA 43 28.15 61.95 -64.07
N CYS NA 44 27.70 60.70 -64.18
CA CYS NA 44 27.18 59.99 -63.03
C CYS NA 44 28.22 59.17 -62.27
N GLY NA 45 29.17 58.56 -62.97
CA GLY NA 45 30.09 57.66 -62.30
C GLY NA 45 29.81 56.22 -62.64
N PHE NA 46 30.09 55.34 -61.68
CA PHE NA 46 29.88 53.92 -61.84
C PHE NA 46 29.11 53.32 -60.68
N ALA NA 47 28.51 52.17 -60.93
CA ALA NA 47 27.80 51.42 -59.91
C ALA NA 47 28.82 50.77 -58.96
N PRO NA 48 28.38 50.32 -57.77
CA PRO NA 48 29.33 49.63 -56.87
C PRO NA 48 29.90 48.32 -57.41
N TYR NA 49 29.08 47.48 -58.05
CA TYR NA 49 29.61 46.25 -58.61
C TYR NA 49 30.52 46.56 -59.79
N GLU NA 50 30.23 47.64 -60.51
CA GLU NA 50 31.13 48.10 -61.57
C GLU NA 50 32.47 48.54 -61.00
N ARG NA 51 32.46 49.26 -59.88
CA ARG NA 51 33.71 49.75 -59.31
C ARG NA 51 34.57 48.61 -58.78
N ARG NA 52 33.95 47.62 -58.13
CA ARG NA 52 34.80 46.55 -57.61
C ARG NA 52 35.13 45.52 -58.70
N ALA NA 53 34.31 45.43 -59.73
CA ALA NA 53 34.65 44.59 -60.87
C ALA NA 53 35.79 45.19 -61.67
N MET NA 54 35.89 46.52 -61.70
CA MET NA 54 37.04 47.14 -62.36
C MET NA 54 38.32 46.84 -61.62
N GLU NA 55 38.27 46.77 -60.29
CA GLU NA 55 39.47 46.40 -59.53
C GLU NA 55 39.84 44.94 -59.76
N LEU NA 56 38.84 44.05 -59.74
CA LEU NA 56 39.14 42.62 -59.93
C LEU NA 56 39.62 42.33 -61.35
N LEU NA 57 39.06 42.98 -62.35
CA LEU NA 57 39.52 42.78 -63.72
C LEU NA 57 40.78 43.58 -63.99
N LYS NA 58 41.07 44.56 -63.14
CA LYS NA 58 42.32 45.30 -63.27
C LYS NA 58 43.49 44.43 -62.83
N VAL NA 59 43.40 43.80 -61.66
CA VAL NA 59 44.52 43.03 -61.14
C VAL NA 59 44.38 41.53 -61.36
N SER NA 60 43.31 40.89 -60.87
CA SER NA 60 43.42 39.47 -60.58
C SER NA 60 43.20 38.60 -61.81
N LYS NA 61 41.95 38.50 -62.28
CA LYS NA 61 41.63 37.45 -63.24
C LYS NA 61 40.26 37.62 -63.87
N ASP NA 62 40.21 37.46 -65.19
CA ASP NA 62 38.97 37.58 -65.94
C ASP NA 62 37.99 36.47 -65.57
N LYS NA 63 38.50 35.30 -65.15
CA LYS NA 63 37.62 34.19 -64.81
C LYS NA 63 36.83 34.50 -63.54
N ARG NA 64 37.51 34.97 -62.50
CA ARG NA 64 36.82 35.37 -61.28
C ARG NA 64 35.94 36.60 -61.52
N ALA NA 65 36.41 37.50 -62.39
CA ALA NA 65 35.63 38.70 -62.70
C ALA NA 65 34.31 38.36 -63.39
N LEU NA 66 34.36 37.49 -64.40
CA LEU NA 66 33.15 37.13 -65.12
C LEU NA 66 32.26 36.23 -64.27
N LYS NA 67 32.85 35.48 -63.33
CA LYS NA 67 32.00 34.71 -62.42
C LYS NA 67 31.24 35.64 -61.48
N PHE NA 68 31.88 36.72 -61.04
CA PHE NA 68 31.19 37.73 -60.24
C PHE NA 68 30.11 38.44 -61.05
N ILE NA 69 30.38 38.73 -62.32
CA ILE NA 69 29.39 39.40 -63.15
C ILE NA 69 28.23 38.47 -63.45
N LYS NA 70 28.50 37.16 -63.63
CA LYS NA 70 27.42 36.20 -63.82
C LYS NA 70 26.56 36.08 -62.58
N LYS NA 71 27.17 36.25 -61.40
CA LYS NA 71 26.34 36.27 -60.20
C LYS NA 71 25.51 37.53 -60.12
N ARG NA 72 26.07 38.68 -60.51
CA ARG NA 72 25.36 39.94 -60.27
C ARG NA 72 24.33 40.30 -61.33
N VAL NA 73 24.59 40.03 -62.60
CA VAL NA 73 23.59 40.27 -63.63
C VAL NA 73 23.12 38.90 -64.11
N GLY NA 74 22.23 38.92 -65.09
CA GLY NA 74 21.40 37.75 -65.37
C GLY NA 74 22.17 36.53 -65.84
N THR NA 75 22.70 36.56 -67.06
CA THR NA 75 23.27 35.36 -67.65
C THR NA 75 24.60 35.65 -68.34
N HIS NA 76 25.09 34.62 -69.02
CA HIS NA 76 26.46 34.59 -69.47
C HIS NA 76 26.70 35.53 -70.63
N ILE NA 77 25.68 35.77 -71.45
CA ILE NA 77 25.87 36.60 -72.64
C ILE NA 77 25.97 38.06 -72.25
N ARG NA 78 25.07 38.51 -71.37
CA ARG NA 78 25.14 39.85 -70.83
C ARG NA 78 26.39 40.03 -70.01
N ALA NA 79 26.83 38.97 -69.33
CA ALA NA 79 28.09 39.03 -68.61
C ALA NA 79 29.27 39.23 -69.54
N LYS NA 80 29.24 38.60 -70.72
CA LYS NA 80 30.29 38.80 -71.72
C LYS NA 80 30.34 40.24 -72.20
N ARG NA 81 29.17 40.81 -72.53
CA ARG NA 81 29.18 42.20 -73.01
C ARG NA 81 29.54 43.19 -71.91
N LYS NA 82 29.11 42.93 -70.69
CA LYS NA 82 29.44 43.80 -69.57
C LYS NA 82 30.94 43.73 -69.27
N ARG NA 83 31.52 42.53 -69.40
CA ARG NA 83 32.95 42.35 -69.22
C ARG NA 83 33.74 43.11 -70.28
N GLU NA 84 33.31 42.99 -71.53
CA GLU NA 84 34.03 43.66 -72.62
C GLU NA 84 33.90 45.17 -72.52
N GLU NA 85 32.75 45.65 -72.08
CA GLU NA 85 32.57 47.10 -71.90
C GLU NA 85 33.44 47.62 -70.77
N LEU NA 86 33.48 46.91 -69.64
CA LEU NA 86 34.33 47.34 -68.53
C LEU NA 86 35.80 47.23 -68.88
N SER NA 87 36.16 46.23 -69.69
CA SER NA 87 37.56 46.12 -70.13
C SER NA 87 37.93 47.27 -71.05
N ASN NA 88 37.03 47.67 -71.95
CA ASN NA 88 37.31 48.79 -72.83
C ASN NA 88 37.40 50.10 -72.05
N VAL NA 89 36.52 50.30 -71.06
CA VAL NA 89 36.54 51.52 -70.28
C VAL NA 89 37.79 51.60 -69.42
N LEU NA 90 38.17 50.48 -68.80
CA LEU NA 90 39.35 50.46 -67.94
C LEU NA 90 40.62 50.62 -68.77
N ALA NA 91 40.63 50.02 -69.97
CA ALA NA 91 41.79 50.16 -70.85
C ALA NA 91 41.93 51.59 -71.33
N ALA NA 92 40.83 52.24 -71.70
CA ALA NA 92 40.87 53.62 -72.15
C ALA NA 92 41.32 54.55 -71.02
N MET NA 93 40.79 54.34 -69.82
CA MET NA 93 41.16 55.19 -68.69
C MET NA 93 42.62 55.04 -68.31
N ARG NA 94 43.05 53.82 -67.99
CA ARG NA 94 44.40 53.68 -67.43
C ARG NA 94 45.39 53.20 -68.48
N LYS NA 95 45.09 53.44 -69.76
CA LYS NA 95 46.15 53.48 -70.76
C LYS NA 95 46.13 54.83 -71.49
N ALA NA 96 45.13 55.67 -71.22
CA ALA NA 96 45.22 57.06 -71.65
C ALA NA 96 46.10 57.83 -70.68
N ALA NA 97 47.32 58.12 -71.14
CA ALA NA 97 48.31 58.82 -70.31
C ALA NA 97 48.66 60.18 -70.89
N THR OA 1 -36.10 24.54 -13.67
CA THR OA 1 -36.69 25.82 -14.03
C THR OA 1 -36.17 26.32 -15.37
N LYS OA 2 -36.34 25.48 -16.39
CA LYS OA 2 -35.58 25.66 -17.63
C LYS OA 2 -36.50 26.07 -18.78
N GLY OA 3 -37.72 25.55 -18.79
CA GLY OA 3 -38.63 25.86 -19.87
C GLY OA 3 -39.70 26.87 -19.51
N THR OA 4 -40.91 26.37 -19.22
CA THR OA 4 -42.09 27.22 -19.13
C THR OA 4 -42.05 28.13 -17.91
N SER OA 5 -41.24 27.81 -16.92
CA SER OA 5 -41.11 28.71 -15.78
C SER OA 5 -40.22 29.89 -16.15
N SER OA 6 -39.20 29.65 -16.97
CA SER OA 6 -38.24 30.71 -17.25
C SER OA 6 -38.58 31.44 -18.53
N PHE OA 7 -39.59 31.00 -19.28
CA PHE OA 7 -40.08 31.84 -20.38
C PHE OA 7 -40.74 33.10 -19.87
N GLY OA 8 -41.21 33.10 -18.62
CA GLY OA 8 -41.97 34.23 -18.13
C GLY OA 8 -41.14 35.45 -17.83
N LYS OA 9 -39.82 35.35 -17.91
CA LYS OA 9 -38.98 36.49 -17.60
C LYS OA 9 -38.57 37.22 -18.88
N ARG OA 10 -39.40 37.15 -19.91
CA ARG OA 10 -39.14 37.88 -21.14
C ARG OA 10 -39.87 39.21 -21.15
N ARG OA 11 -39.12 40.29 -21.08
CA ARG OA 11 -39.76 41.58 -20.91
C ARG OA 11 -39.11 42.69 -21.73
N ASN OA 12 -37.89 42.47 -22.22
CA ASN OA 12 -37.09 43.50 -22.87
C ASN OA 12 -36.83 43.13 -24.32
N LYS OA 13 -37.34 43.92 -25.24
CA LYS OA 13 -37.19 43.62 -26.66
C LYS OA 13 -35.82 44.09 -27.13
N THR OA 14 -35.18 43.29 -27.97
CA THR OA 14 -33.89 43.67 -28.52
C THR OA 14 -33.96 43.96 -30.01
N HIS OA 15 -35.14 44.17 -30.55
CA HIS OA 15 -35.31 44.54 -31.95
C HIS OA 15 -36.48 45.50 -32.09
N THR OA 16 -36.22 46.60 -32.79
CA THR OA 16 -37.20 47.64 -33.00
C THR OA 16 -37.27 47.89 -34.51
N LEU OA 17 -38.31 48.58 -34.95
CA LEU OA 17 -38.48 48.84 -36.37
C LEU OA 17 -37.41 49.78 -36.89
N CYS OA 18 -36.56 49.27 -37.78
CA CYS OA 18 -35.50 50.07 -38.38
C CYS OA 18 -36.14 51.00 -39.39
N ARG OA 19 -35.47 52.11 -39.69
CA ARG OA 19 -36.14 53.18 -40.41
C ARG OA 19 -35.97 53.03 -41.91
N ARG OA 20 -35.20 52.03 -42.35
CA ARG OA 20 -34.93 51.95 -43.78
C ARG OA 20 -35.79 50.91 -44.47
N CYS OA 21 -35.84 49.68 -43.95
CA CYS OA 21 -36.64 48.66 -44.60
C CYS OA 21 -37.88 48.25 -43.81
N GLY OA 22 -38.10 48.80 -42.61
CA GLY OA 22 -39.34 48.58 -41.88
C GLY OA 22 -39.58 47.15 -41.42
N SER OA 23 -38.52 46.39 -41.24
CA SER OA 23 -38.64 44.94 -41.13
C SER OA 23 -38.21 44.39 -39.77
N LYS OA 24 -38.18 45.22 -38.74
CA LYS OA 24 -37.98 44.84 -37.34
C LYS OA 24 -36.66 44.10 -37.12
N ALA OA 25 -35.54 44.78 -37.31
CA ALA OA 25 -34.25 44.20 -36.97
C ALA OA 25 -33.28 45.20 -36.38
N TYR OA 26 -33.76 46.36 -35.94
CA TYR OA 26 -32.87 47.42 -35.47
C TYR OA 26 -32.44 47.08 -34.06
N HIS OA 27 -31.37 46.31 -33.96
CA HIS OA 27 -30.82 45.86 -32.69
C HIS OA 27 -30.27 47.07 -31.95
N LEU OA 28 -30.94 47.44 -30.85
CA LEU OA 28 -30.63 48.68 -30.15
C LEU OA 28 -29.29 48.60 -29.45
N GLN OA 29 -28.97 47.42 -28.89
CA GLN OA 29 -27.86 47.28 -27.98
C GLN OA 29 -26.54 47.26 -28.74
N LYS OA 30 -26.61 47.05 -30.06
CA LYS OA 30 -25.46 47.18 -30.95
C LYS OA 30 -25.63 48.42 -31.82
N SER OA 31 -26.82 49.02 -31.76
CA SER OA 31 -27.25 50.15 -32.58
C SER OA 31 -27.05 49.89 -34.06
N THR OA 32 -27.52 48.74 -34.52
CA THR OA 32 -27.38 48.38 -35.93
C THR OA 32 -28.68 47.77 -36.41
N CYS OA 33 -28.66 47.24 -37.63
CA CYS OA 33 -29.79 46.53 -38.17
C CYS OA 33 -29.38 45.12 -38.53
N GLY OA 34 -30.33 44.19 -38.49
CA GLY OA 34 -30.03 42.82 -38.83
C GLY OA 34 -30.26 42.52 -40.30
N LYS OA 35 -31.41 42.91 -40.83
CA LYS OA 35 -31.78 42.51 -42.18
C LYS OA 35 -31.05 43.35 -43.22
N CYS OA 36 -31.26 44.67 -43.21
CA CYS OA 36 -30.70 45.52 -44.25
C CYS OA 36 -29.32 46.09 -43.93
N GLY OA 37 -28.90 46.11 -42.67
CA GLY OA 37 -27.60 46.68 -42.35
C GLY OA 37 -27.55 48.18 -42.40
N TYR OA 38 -28.46 48.85 -41.69
CA TYR OA 38 -28.67 50.30 -41.76
C TYR OA 38 -27.49 51.21 -41.43
N PRO OA 39 -26.69 51.00 -40.37
CA PRO OA 39 -25.57 51.93 -40.17
C PRO OA 39 -24.46 51.77 -41.18
N ALA OA 40 -24.45 50.68 -41.95
CA ALA OA 40 -23.59 50.63 -43.13
C ALA OA 40 -24.21 51.45 -44.25
N LYS OA 41 -23.37 51.86 -45.20
CA LYS OA 41 -23.90 52.56 -46.36
C LYS OA 41 -24.70 51.61 -47.25
N ARG OA 42 -24.08 50.52 -47.68
CA ARG OA 42 -24.61 49.71 -48.75
C ARG OA 42 -25.60 48.69 -48.21
N LYS OA 43 -26.58 48.36 -49.04
CA LYS OA 43 -27.68 47.50 -48.64
C LYS OA 43 -27.19 46.06 -48.55
N ARG OA 44 -27.59 45.37 -47.49
CA ARG OA 44 -27.11 44.02 -47.23
C ARG OA 44 -27.89 43.04 -48.09
N LYS OA 45 -27.20 42.30 -48.94
CA LYS OA 45 -27.81 41.19 -49.65
C LYS OA 45 -26.76 40.10 -49.79
N TYR OA 46 -27.22 38.88 -50.02
CA TYR OA 46 -26.31 37.78 -50.17
C TYR OA 46 -26.83 36.81 -51.21
N ASN OA 47 -25.89 36.13 -51.87
CA ASN OA 47 -26.26 35.15 -52.86
C ASN OA 47 -26.64 33.82 -52.23
N TRP OA 48 -26.33 33.60 -50.95
CA TRP OA 48 -26.57 32.29 -50.37
C TRP OA 48 -28.01 32.13 -49.90
N SER OA 49 -28.86 33.13 -50.06
CA SER OA 49 -30.28 33.00 -49.76
C SER OA 49 -31.06 33.65 -50.89
N ALA OA 50 -31.57 32.82 -51.79
CA ALA OA 50 -32.25 33.34 -52.97
C ALA OA 50 -33.57 34.01 -52.61
N LYS OA 51 -34.19 33.59 -51.52
CA LYS OA 51 -35.51 34.12 -51.19
C LYS OA 51 -35.43 35.53 -50.62
N ALA OA 52 -34.28 35.89 -50.03
CA ALA OA 52 -34.11 37.27 -49.59
C ALA OA 52 -34.04 38.22 -50.78
N LYS OA 53 -33.34 37.81 -51.85
CA LYS OA 53 -33.36 38.55 -53.10
C LYS OA 53 -34.77 38.60 -53.68
N ARG OA 54 -35.49 37.48 -53.60
CA ARG OA 54 -36.82 37.41 -54.17
C ARG OA 54 -37.80 38.31 -53.42
N ARG OA 55 -37.51 38.60 -52.15
CA ARG OA 55 -38.39 39.48 -51.39
C ARG OA 55 -37.99 40.95 -51.54
N ASN OA 56 -36.71 41.25 -51.65
CA ASN OA 56 -36.29 42.65 -51.59
C ASN OA 56 -35.75 43.24 -52.87
N THR OA 57 -35.68 42.49 -53.97
CA THR OA 57 -35.26 43.15 -55.19
C THR OA 57 -36.39 43.97 -55.78
N THR OA 58 -36.07 44.68 -56.85
CA THR OA 58 -37.04 45.57 -57.48
C THR OA 58 -38.15 44.79 -58.15
N GLY OA 59 -39.29 45.45 -58.34
CA GLY OA 59 -40.48 44.84 -58.88
C GLY OA 59 -41.49 44.44 -57.82
N THR OA 60 -41.04 44.31 -56.58
CA THR OA 60 -41.96 43.92 -55.50
C THR OA 60 -42.81 45.09 -55.07
N GLY OA 61 -42.20 46.26 -54.90
CA GLY OA 61 -42.90 47.43 -54.40
C GLY OA 61 -43.72 48.11 -55.48
N ARG OA 62 -43.58 49.42 -55.53
CA ARG OA 62 -44.32 50.17 -56.55
C ARG OA 62 -43.55 50.25 -57.85
N MET OA 63 -42.24 50.50 -57.77
CA MET OA 63 -41.45 51.10 -58.85
C MET OA 63 -42.12 52.37 -59.36
N ARG OA 64 -42.41 53.29 -58.43
CA ARG OA 64 -43.32 54.39 -58.72
C ARG OA 64 -42.67 55.46 -59.60
N HIS OA 65 -41.36 55.38 -59.79
CA HIS OA 65 -40.73 56.24 -60.79
C HIS OA 65 -40.17 55.43 -61.94
N LEU OA 66 -39.83 54.17 -61.66
CA LEU OA 66 -39.21 53.32 -62.67
C LEU OA 66 -40.23 52.90 -63.72
N LYS OA 67 -41.52 52.88 -63.33
CA LYS OA 67 -42.62 52.76 -64.28
C LYS OA 67 -42.55 53.84 -65.35
N ILE OA 68 -42.48 55.11 -64.94
CA ILE OA 68 -42.56 56.17 -65.93
C ILE OA 68 -41.22 56.31 -66.65
N VAL OA 69 -40.15 55.74 -66.08
CA VAL OA 69 -38.92 55.56 -66.84
C VAL OA 69 -39.17 54.66 -68.05
N TYR OA 70 -39.84 53.51 -67.84
CA TYR OA 70 -40.17 52.65 -68.99
C TYR OA 70 -41.13 53.34 -69.95
N ARG OA 71 -42.12 54.06 -69.40
CA ARG OA 71 -43.15 54.66 -70.24
C ARG OA 71 -42.59 55.80 -71.07
N ARG OA 72 -41.56 56.48 -70.57
CA ARG OA 72 -40.90 57.48 -71.40
C ARG OA 72 -39.91 56.83 -72.36
N PHE OA 73 -39.38 55.65 -72.01
CA PHE OA 73 -38.49 54.97 -72.96
C PHE OA 73 -39.24 54.46 -74.17
N ARG OA 74 -40.53 54.16 -74.00
CA ARG OA 74 -41.32 53.61 -75.12
C ARG OA 74 -41.49 54.61 -76.26
N HIS OA 75 -41.25 55.90 -76.03
CA HIS OA 75 -41.28 56.85 -77.12
C HIS OA 75 -39.92 57.51 -77.33
N GLY OA 76 -39.13 57.63 -76.27
CA GLY OA 76 -37.80 58.17 -76.43
C GLY OA 76 -37.62 59.56 -75.90
N PHE OA 77 -38.32 59.88 -74.81
CA PHE OA 77 -38.11 61.08 -73.99
C PHE OA 77 -38.35 62.37 -74.77
N ARG OA 78 -39.60 62.59 -75.17
CA ARG OA 78 -39.99 63.82 -75.85
C ARG OA 78 -39.91 65.01 -74.91
N GLU OA 79 -39.89 66.23 -75.47
CA GLU OA 79 -39.83 67.44 -74.63
C GLU OA 79 -40.86 68.48 -75.07
N GLY OA 80 -41.39 68.36 -76.28
CA GLY OA 80 -42.53 69.17 -76.69
C GLY OA 80 -43.81 68.57 -76.17
N THR OA 81 -44.97 69.10 -76.56
CA THR OA 81 -46.16 68.58 -75.92
C THR OA 81 -47.10 67.79 -76.83
N THR OA 82 -47.69 68.42 -77.84
CA THR OA 82 -48.57 67.88 -78.89
C THR OA 82 -48.95 69.08 -79.75
N PRO OA 83 -49.53 68.87 -80.93
CA PRO OA 83 -50.29 69.96 -81.56
C PRO OA 83 -51.76 69.89 -81.18
N LYS OA 84 -52.47 71.02 -81.28
CA LYS OA 84 -53.90 71.03 -81.03
C LYS OA 84 -54.65 70.32 -82.14
N PRO PA 1 -51.10 84.97 -1.27
CA PRO PA 1 -52.13 85.74 -0.59
C PRO PA 1 -51.52 86.64 0.45
N ARG PA 2 -51.64 87.95 0.27
CA ARG PA 2 -50.93 88.88 1.12
C ARG PA 2 -51.93 89.67 1.94
N LYS PA 3 -51.47 90.13 3.11
CA LYS PA 3 -52.31 90.74 4.12
C LYS PA 3 -51.89 92.20 4.27
N ILE PA 4 -52.87 93.10 4.25
CA ILE PA 4 -52.60 94.52 4.42
C ILE PA 4 -53.15 94.92 5.79
N GLU PA 5 -52.47 95.84 6.47
CA GLU PA 5 -52.86 96.22 7.82
C GLU PA 5 -53.38 97.65 7.88
N GLU PA 6 -52.73 98.59 7.19
CA GLU PA 6 -53.22 99.96 7.18
C GLU PA 6 -54.38 100.12 6.20
N ILE PA 7 -55.32 101.01 6.53
CA ILE PA 7 -56.38 101.36 5.60
C ILE PA 7 -55.81 102.18 4.44
N LYS PA 8 -54.82 103.04 4.74
CA LYS PA 8 -54.22 103.93 3.75
C LYS PA 8 -53.56 103.17 2.61
N ASP PA 9 -52.71 102.21 2.95
CA ASP PA 9 -51.92 101.46 1.98
C ASP PA 9 -52.84 100.57 1.16
N PHE PA 10 -53.85 99.99 1.82
CA PHE PA 10 -54.91 99.23 1.17
C PHE PA 10 -55.65 100.06 0.13
N LEU PA 11 -56.01 101.28 0.51
CA LEU PA 11 -56.80 102.14 -0.36
C LEU PA 11 -55.99 102.59 -1.56
N LEU PA 12 -54.72 102.91 -1.33
CA LEU PA 12 -53.80 103.26 -2.42
C LEU PA 12 -53.61 102.08 -3.36
N THR PA 13 -53.53 100.88 -2.80
CA THR PA 13 -53.37 99.67 -3.58
C THR PA 13 -54.62 99.38 -4.39
N ALA PA 14 -55.78 99.74 -3.83
CA ALA PA 14 -57.06 99.54 -4.50
C ALA PA 14 -57.18 100.49 -5.68
N ARG PA 15 -56.69 101.72 -5.52
CA ARG PA 15 -56.70 102.63 -6.67
C ARG PA 15 -55.56 102.38 -7.63
N ARG PA 16 -54.58 101.57 -7.23
CA ARG PA 16 -53.51 101.17 -8.14
C ARG PA 16 -54.07 100.30 -9.25
N LYS PA 17 -54.10 100.82 -10.48
CA LYS PA 17 -54.83 100.26 -11.60
C LYS PA 17 -54.42 98.84 -11.99
N ASP PA 18 -55.27 98.22 -12.81
CA ASP PA 18 -55.30 96.81 -13.17
C ASP PA 18 -55.57 95.95 -11.95
N ALA PA 19 -56.23 96.53 -10.95
CA ALA PA 19 -56.94 95.79 -9.93
C ALA PA 19 -58.40 95.75 -10.34
N LYS PA 20 -58.89 94.57 -10.72
CA LYS PA 20 -60.19 94.55 -11.38
C LYS PA 20 -61.34 94.17 -10.45
N SER PA 21 -61.07 93.60 -9.29
CA SER PA 21 -62.16 93.08 -8.48
C SER PA 21 -61.94 93.28 -6.99
N VAL PA 22 -63.01 93.65 -6.29
CA VAL PA 22 -63.05 93.68 -4.83
C VAL PA 22 -64.23 92.85 -4.37
N LYS PA 23 -63.94 91.81 -3.60
CA LYS PA 23 -64.95 91.06 -2.88
C LYS PA 23 -65.04 91.58 -1.46
N ILE PA 24 -66.22 91.51 -0.87
CA ILE PA 24 -66.44 91.91 0.50
C ILE PA 24 -67.11 90.75 1.23
N LYS PA 25 -66.47 90.25 2.28
CA LYS PA 25 -67.01 89.11 3.01
C LYS PA 25 -67.24 89.49 4.46
N LYS PA 26 -68.45 89.25 4.94
CA LYS PA 26 -68.86 89.56 6.31
C LYS PA 26 -68.74 88.29 7.15
N ASN PA 27 -68.47 88.44 8.44
CA ASN PA 27 -68.25 87.27 9.27
C ASN PA 27 -68.84 87.54 10.65
N LYS PA 28 -68.74 86.54 11.53
CA LYS PA 28 -69.31 86.67 12.87
C LYS PA 28 -68.55 87.68 13.70
N ASP PA 29 -67.22 87.74 13.54
CA ASP PA 29 -66.39 88.57 14.40
C ASP PA 29 -65.52 89.56 13.63
N ASN PA 30 -65.50 89.49 12.31
CA ASN PA 30 -64.72 90.43 11.51
C ASN PA 30 -65.29 90.50 10.10
N VAL PA 31 -64.77 91.45 9.35
CA VAL PA 31 -65.13 91.63 7.96
C VAL PA 31 -63.86 91.83 7.15
N LYS PA 32 -63.82 91.19 5.98
CA LYS PA 32 -62.61 91.14 5.17
C LYS PA 32 -62.91 91.72 3.79
N PHE PA 33 -61.88 92.36 3.25
CA PHE PA 33 -61.89 92.94 1.91
C PHE PA 33 -60.87 92.22 1.05
N LYS PA 34 -61.34 91.66 -0.07
CA LYS PA 34 -60.50 90.97 -1.03
C LYS PA 34 -60.26 91.91 -2.19
N VAL PA 35 -59.00 92.10 -2.56
CA VAL PA 35 -58.63 92.82 -3.77
C VAL PA 35 -57.85 91.87 -4.65
N ARG PA 36 -58.33 91.64 -5.86
CA ARG PA 36 -57.65 90.77 -6.82
C ARG PA 36 -57.00 91.65 -7.87
N CYS PA 37 -55.76 92.07 -7.59
CA CYS PA 37 -55.10 92.94 -8.56
C CYS PA 37 -54.42 92.13 -9.67
N SER PA 38 -53.33 91.44 -9.30
CA SER PA 38 -52.56 90.57 -10.17
C SER PA 38 -51.51 89.89 -9.31
N ARG PA 39 -51.24 88.62 -9.61
CA ARG PA 39 -50.30 87.75 -8.90
C ARG PA 39 -50.59 87.51 -7.42
N TYR PA 40 -51.64 88.10 -6.87
CA TYR PA 40 -51.86 88.13 -5.43
C TYR PA 40 -53.34 88.33 -5.12
N LEU PA 41 -53.69 87.97 -3.89
CA LEU PA 41 -54.97 88.35 -3.30
C LEU PA 41 -54.71 89.15 -2.04
N TYR PA 42 -55.05 90.42 -2.08
CA TYR PA 42 -54.80 91.34 -0.98
C TYR PA 42 -56.00 91.33 -0.04
N THR PA 43 -55.80 90.80 1.16
CA THR PA 43 -56.84 90.72 2.16
C THR PA 43 -56.61 91.78 3.21
N LEU PA 44 -57.64 92.60 3.45
CA LEU PA 44 -57.69 93.49 4.60
C LEU PA 44 -58.73 92.95 5.57
N VAL PA 45 -58.28 92.56 6.75
CA VAL PA 45 -59.16 92.13 7.83
C VAL PA 45 -59.38 93.33 8.76
N ILE PA 46 -60.62 93.53 9.19
CA ILE PA 46 -60.93 94.62 10.09
C ILE PA 46 -62.13 94.20 10.94
N THR PA 47 -62.16 94.64 12.20
CA THR PA 47 -63.17 94.16 13.13
C THR PA 47 -64.24 95.20 13.38
N ASP PA 48 -63.98 96.45 13.05
CA ASP PA 48 -64.94 97.53 13.32
C ASP PA 48 -65.86 97.70 12.12
N LYS PA 49 -67.15 97.45 12.33
CA LYS PA 49 -68.10 97.49 11.23
C LYS PA 49 -68.34 98.92 10.75
N GLU PA 50 -68.23 99.89 11.66
CA GLU PA 50 -68.37 101.29 11.28
C GLU PA 50 -67.24 101.75 10.37
N LYS PA 51 -66.01 101.35 10.70
CA LYS PA 51 -64.87 101.65 9.84
C LYS PA 51 -65.00 100.98 8.49
N ALA PA 52 -65.54 99.76 8.47
CA ALA PA 52 -65.75 99.05 7.21
C ALA PA 52 -66.80 99.75 6.37
N GLU PA 53 -67.85 100.26 7.00
CA GLU PA 53 -68.91 100.93 6.25
C GLU PA 53 -68.41 102.26 5.69
N LYS PA 54 -67.60 102.99 6.46
CA LYS PA 54 -67.10 104.26 5.93
C LYS PA 54 -66.01 104.03 4.89
N LEU PA 55 -65.27 102.92 4.99
CA LEU PA 55 -64.28 102.58 3.98
C LEU PA 55 -64.96 102.21 2.67
N LYS PA 56 -66.03 101.42 2.75
CA LYS PA 56 -66.76 101.03 1.55
C LYS PA 56 -67.53 102.22 0.99
N GLN PA 57 -67.89 103.19 1.84
CA GLN PA 57 -68.44 104.44 1.37
C GLN PA 57 -67.41 105.23 0.57
N SER PA 58 -66.17 105.30 1.07
CA SER PA 58 -65.13 106.05 0.38
C SER PA 58 -64.38 105.22 -0.66
N LEU PA 59 -64.85 104.01 -0.95
CA LEU PA 59 -64.26 103.11 -1.93
C LEU PA 59 -64.41 103.72 -3.33
N PRO PA 60 -63.42 103.57 -4.21
CA PRO PA 60 -63.49 104.21 -5.55
C PRO PA 60 -64.58 103.60 -6.42
N PRO PA 61 -65.24 104.42 -7.24
CA PRO PA 61 -66.53 103.97 -7.81
C PRO PA 61 -66.41 103.17 -9.09
N GLY PA 62 -65.33 103.33 -9.85
CA GLY PA 62 -65.23 102.61 -11.11
C GLY PA 62 -64.88 101.14 -10.91
N LEU PA 63 -64.27 100.82 -9.78
CA LEU PA 63 -63.89 99.44 -9.48
C LEU PA 63 -65.10 98.61 -9.12
N ALA PA 64 -65.08 97.34 -9.55
CA ALA PA 64 -66.18 96.43 -9.29
C ALA PA 64 -66.25 96.06 -7.81
N VAL PA 65 -67.46 95.84 -7.32
CA VAL PA 65 -67.70 95.48 -5.92
C VAL PA 65 -68.63 94.27 -5.94
N LYS PA 66 -68.25 93.20 -5.27
CA LYS PA 66 -69.13 92.04 -5.10
C LYS PA 66 -69.19 91.63 -3.64
N GLU PA 67 -70.39 91.49 -3.11
CA GLU PA 67 -70.61 91.03 -1.75
C GLU PA 67 -70.78 89.52 -1.74
N LEU PA 68 -70.12 88.85 -0.80
CA LEU PA 68 -70.17 87.40 -0.71
C LEU PA 68 -71.10 86.99 0.43
N LYS PA 69 -72.34 86.64 0.07
CA LYS PA 69 -73.35 86.07 0.97
C LYS PA 69 -73.63 86.94 2.20
N SER QA 1 -48.12 50.29 -23.15
CA SER QA 1 -47.11 50.57 -22.15
C SER QA 1 -47.30 51.96 -21.57
N SER QA 2 -48.39 52.61 -21.98
CA SER QA 2 -48.95 53.81 -21.35
C SER QA 2 -48.11 55.07 -21.47
N HIS QA 3 -46.90 54.97 -21.99
CA HIS QA 3 -46.21 56.07 -22.64
C HIS QA 3 -45.18 55.51 -23.61
N LYS QA 4 -45.23 56.00 -24.84
CA LYS QA 4 -44.63 55.33 -25.97
C LYS QA 4 -44.33 56.37 -27.02
N THR QA 5 -43.36 56.07 -27.89
CA THR QA 5 -42.96 57.07 -28.87
C THR QA 5 -43.97 57.14 -30.02
N PHE QA 6 -43.71 58.05 -30.95
CA PHE QA 6 -44.76 58.49 -31.88
C PHE QA 6 -44.92 57.53 -33.05
N ARG QA 7 -43.82 56.88 -33.45
CA ARG QA 7 -43.89 55.90 -34.53
C ARG QA 7 -44.76 54.71 -34.14
N ILE QA 8 -44.72 54.35 -32.86
CA ILE QA 8 -45.53 53.24 -32.37
C ILE QA 8 -47.01 53.60 -32.40
N LYS QA 9 -47.35 54.86 -32.13
CA LYS QA 9 -48.75 55.24 -32.21
C LYS QA 9 -49.24 55.32 -33.65
N ARG QA 10 -48.36 55.72 -34.58
CA ARG QA 10 -48.77 55.69 -35.99
C ARG QA 10 -48.99 54.25 -36.46
N PHE QA 11 -48.15 53.33 -35.99
CA PHE QA 11 -48.29 51.93 -36.36
C PHE QA 11 -49.57 51.33 -35.79
N LEU QA 12 -49.84 51.59 -34.51
CA LEU QA 12 -51.05 51.08 -33.88
C LEU QA 12 -52.29 51.75 -34.44
N ALA QA 13 -52.16 52.99 -34.91
CA ALA QA 13 -53.27 53.68 -35.55
C ALA QA 13 -53.63 53.02 -36.87
N LYS QA 14 -52.63 52.65 -37.68
CA LYS QA 14 -52.94 51.98 -38.92
C LYS QA 14 -53.49 50.58 -38.67
N LYS QA 15 -53.05 49.93 -37.59
CA LYS QA 15 -53.60 48.61 -37.30
C LYS QA 15 -55.04 48.67 -36.83
N GLN QA 16 -55.41 49.71 -36.05
CA GLN QA 16 -56.82 49.90 -35.71
C GLN QA 16 -57.64 50.27 -36.94
N LYS QA 17 -57.03 50.97 -37.91
CA LYS QA 17 -57.73 51.21 -39.17
C LYS QA 17 -57.95 49.91 -39.93
N GLN QA 18 -56.99 48.99 -39.87
CA GLN QA 18 -57.12 47.72 -40.60
C GLN QA 18 -58.20 46.84 -39.99
N ASN QA 19 -58.27 46.81 -38.66
CA ASN QA 19 -59.10 45.82 -37.96
C ASN QA 19 -60.58 46.23 -38.02
N ARG QA 20 -61.23 45.94 -39.14
CA ARG QA 20 -62.66 46.14 -39.29
C ARG QA 20 -63.20 45.24 -40.39
N PRO QA 21 -64.46 44.83 -40.31
CA PRO QA 21 -64.96 43.82 -41.25
C PRO QA 21 -65.38 44.40 -42.59
N ILE QA 22 -65.96 43.53 -43.41
CA ILE QA 22 -66.28 43.88 -44.81
C ILE QA 22 -67.61 44.59 -44.87
N PRO QA 23 -67.72 45.74 -45.53
CA PRO QA 23 -69.04 46.33 -45.74
C PRO QA 23 -69.82 45.54 -46.76
N GLN QA 24 -71.14 45.70 -46.71
CA GLN QA 24 -72.02 44.72 -47.36
C GLN QA 24 -72.23 45.00 -48.84
N TRP QA 25 -72.01 46.25 -49.27
CA TRP QA 25 -72.27 46.56 -50.66
C TRP QA 25 -71.15 46.05 -51.57
N ILE QA 26 -70.01 45.69 -51.00
CA ILE QA 26 -68.95 45.10 -51.80
C ILE QA 26 -69.26 43.63 -52.09
N ARG QA 27 -70.01 43.00 -51.20
CA ARG QA 27 -70.25 41.56 -51.30
C ARG QA 27 -71.18 41.23 -52.45
N MET QA 28 -71.95 42.21 -52.92
CA MET QA 28 -72.90 41.96 -53.99
C MET QA 28 -72.45 42.57 -55.32
N LYS QA 29 -71.14 42.77 -55.52
CA LYS QA 29 -70.67 43.33 -56.77
C LYS QA 29 -70.61 42.28 -57.87
N THR QA 30 -70.02 42.64 -58.99
CA THR QA 30 -69.90 41.73 -60.11
C THR QA 30 -68.56 41.02 -60.08
N GLY QA 31 -68.58 39.69 -60.21
CA GLY QA 31 -67.37 38.91 -60.30
C GLY QA 31 -66.57 38.83 -59.02
N ASN QA 32 -67.19 39.16 -57.89
CA ASN QA 32 -66.49 39.20 -56.61
C ASN QA 32 -66.68 37.87 -55.90
N LYS QA 33 -65.58 37.33 -55.37
CA LYS QA 33 -65.63 36.14 -54.53
C LYS QA 33 -64.89 36.35 -53.21
N ILE QA 34 -64.93 37.58 -52.68
CA ILE QA 34 -64.45 37.88 -51.35
C ILE QA 34 -65.65 37.83 -50.41
N ARG QA 35 -65.52 37.09 -49.32
CA ARG QA 35 -66.66 36.87 -48.44
C ARG QA 35 -66.45 37.40 -47.03
N TYR QA 36 -65.20 37.69 -46.65
CA TYR QA 36 -64.84 38.08 -45.29
C TYR QA 36 -63.39 38.52 -45.28
N ASN QA 37 -63.03 39.26 -44.24
CA ASN QA 37 -61.64 39.62 -44.06
C ASN QA 37 -60.90 38.38 -43.55
N SER QA 38 -60.07 37.78 -44.41
CA SER QA 38 -59.21 36.71 -43.95
C SER QA 38 -58.07 37.25 -43.10
N LYS QA 39 -57.67 38.50 -43.33
CA LYS QA 39 -56.63 39.18 -42.59
C LYS QA 39 -57.11 39.75 -41.27
N ARG QA 40 -58.24 39.28 -40.77
CA ARG QA 40 -58.80 39.76 -39.52
C ARG QA 40 -57.91 39.32 -38.36
N ARG QA 41 -57.74 40.18 -37.38
CA ARG QA 41 -56.80 39.96 -36.29
C ARG QA 41 -57.50 40.05 -34.96
N HIS QA 42 -57.28 39.07 -34.10
CA HIS QA 42 -57.81 39.06 -32.75
C HIS QA 42 -56.67 39.27 -31.78
N TRP QA 43 -56.91 40.06 -30.74
CA TRP QA 43 -55.82 40.59 -29.94
C TRP QA 43 -55.36 39.59 -28.89
N ARG QA 44 -56.04 38.46 -28.77
CA ARG QA 44 -55.61 37.45 -27.81
C ARG QA 44 -54.77 36.37 -28.48
N ARG QA 45 -55.13 36.01 -29.71
CA ARG QA 45 -54.46 34.89 -30.36
C ARG QA 45 -53.21 35.32 -31.10
N THR QA 46 -53.26 36.47 -31.77
CA THR QA 46 -52.15 36.95 -32.58
C THR QA 46 -51.62 38.23 -31.94
N LYS QA 47 -50.31 38.32 -31.81
CA LYS QA 47 -49.65 39.55 -31.36
C LYS QA 47 -48.77 40.06 -32.48
N LEU QA 48 -48.87 41.35 -32.76
CA LEU QA 48 -48.15 41.94 -33.88
C LEU QA 48 -46.66 42.06 -33.59
N GLY QA 49 -46.31 42.32 -32.34
CA GLY QA 49 -44.90 42.45 -31.99
C GLY QA 49 -44.27 43.74 -32.50
N LEU QA 50 -44.70 44.86 -31.91
CA LEU QA 50 -44.35 46.24 -32.29
C LEU QA 50 -44.74 46.63 -33.71
N ILE RA 1 -43.23 -69.04 31.05
CA ILE RA 1 -42.88 -68.59 29.71
C ILE RA 1 -43.01 -69.78 28.75
N GLU RA 2 -42.93 -71.01 29.30
CA GLU RA 2 -43.29 -72.27 28.65
C GLU RA 2 -42.58 -72.53 27.32
N PRO RA 3 -41.35 -73.06 27.36
CA PRO RA 3 -40.51 -73.19 26.15
C PRO RA 3 -41.13 -73.91 24.95
N SER RA 4 -42.09 -74.81 25.15
CA SER RA 4 -42.82 -75.37 24.01
C SER RA 4 -43.69 -74.31 23.36
N LEU RA 5 -44.33 -73.48 24.16
CA LEU RA 5 -45.10 -72.37 23.61
C LEU RA 5 -44.17 -71.31 23.02
N ARG RA 6 -42.95 -71.20 23.55
CA ARG RA 6 -41.96 -70.33 22.92
C ARG RA 6 -41.56 -70.86 21.56
N GLN RA 7 -41.44 -72.18 21.44
CA GLN RA 7 -41.17 -72.82 20.15
C GLN RA 7 -42.30 -72.53 19.17
N LEU RA 8 -43.53 -72.54 19.67
CA LEU RA 8 -44.69 -72.27 18.82
C LEU RA 8 -44.70 -70.81 18.35
N ALA RA 9 -44.45 -69.88 19.26
CA ALA RA 9 -44.49 -68.46 18.90
C ALA RA 9 -43.31 -68.07 18.01
N GLN RA 10 -42.13 -68.66 18.26
CA GLN RA 10 -41.00 -68.44 17.38
C GLN RA 10 -41.23 -69.11 16.03
N LYS RA 11 -42.03 -70.18 15.99
CA LYS RA 11 -42.38 -70.79 14.72
C LYS RA 11 -43.26 -69.86 13.90
N TYR RA 12 -44.10 -69.07 14.58
CA TYR RA 12 -44.97 -68.16 13.84
C TYR RA 12 -44.33 -66.80 13.56
N ASN RA 13 -43.31 -66.40 14.32
CA ASN RA 13 -42.79 -65.06 14.14
C ASN RA 13 -41.27 -64.93 14.02
N CYS RA 14 -40.50 -66.01 14.09
CA CYS RA 14 -39.05 -65.88 14.04
C CYS RA 14 -38.41 -66.57 12.86
N ASP RA 15 -38.63 -67.87 12.67
CA ASP RA 15 -37.89 -68.61 11.64
C ASP RA 15 -38.54 -68.40 10.27
N LYS RA 16 -38.24 -67.23 9.71
CA LYS RA 16 -38.65 -66.87 8.37
C LYS RA 16 -37.41 -66.45 7.61
N MET RA 17 -37.50 -66.47 6.28
CA MET RA 17 -36.43 -65.93 5.45
C MET RA 17 -36.80 -64.53 5.01
N ILE RA 18 -35.84 -63.61 5.10
CA ILE RA 18 -36.03 -62.22 4.73
C ILE RA 18 -35.24 -61.95 3.47
N CYS RA 19 -35.88 -61.36 2.47
CA CYS RA 19 -35.21 -60.98 1.25
C CYS RA 19 -34.45 -59.67 1.42
N ARG RA 20 -33.24 -59.61 0.85
CA ARG RA 20 -32.42 -58.41 1.00
C ARG RA 20 -32.91 -57.29 0.11
N LYS RA 21 -33.74 -57.60 -0.88
CA LYS RA 21 -34.07 -56.59 -1.87
C LYS RA 21 -35.49 -56.05 -1.67
N CYS RA 22 -36.44 -56.91 -1.28
CA CYS RA 22 -37.81 -56.45 -1.11
C CYS RA 22 -38.21 -56.28 0.35
N TYR RA 23 -37.38 -56.77 1.29
CA TYR RA 23 -37.54 -56.72 2.75
C TYR RA 23 -38.81 -57.39 3.24
N ALA RA 24 -39.32 -58.41 2.54
CA ALA RA 24 -40.57 -59.02 2.96
C ALA RA 24 -40.32 -60.33 3.67
N ARG RA 25 -41.13 -60.63 4.67
CA ARG RA 25 -41.12 -61.90 5.36
C ARG RA 25 -41.74 -62.99 4.50
N LEU RA 26 -41.04 -64.11 4.33
CA LEU RA 26 -41.62 -65.09 3.43
C LEU RA 26 -42.02 -66.42 4.06
N HIS RA 27 -41.03 -67.25 4.40
CA HIS RA 27 -41.20 -68.66 4.72
C HIS RA 27 -39.83 -69.23 5.00
N PRO RA 28 -39.71 -70.26 5.84
CA PRO RA 28 -38.37 -70.81 6.10
C PRO RA 28 -37.81 -71.67 4.97
N ARG RA 29 -38.63 -72.10 4.01
CA ARG RA 29 -38.14 -72.92 2.91
C ARG RA 29 -38.08 -72.16 1.60
N ALA RA 30 -38.65 -70.96 1.55
CA ALA RA 30 -38.91 -70.27 0.28
C ALA RA 30 -37.60 -69.83 -0.35
N VAL RA 31 -37.61 -69.68 -1.67
CA VAL RA 31 -36.41 -69.30 -2.38
C VAL RA 31 -36.56 -67.90 -2.97
N ASN RA 32 -37.79 -67.46 -3.19
CA ASN RA 32 -38.04 -66.26 -3.95
C ASN RA 32 -39.04 -65.35 -3.24
N CYS RA 33 -38.69 -64.06 -3.19
CA CYS RA 33 -39.62 -63.02 -2.77
C CYS RA 33 -40.79 -62.99 -3.75
N ARG RA 34 -42.00 -63.16 -3.23
CA ARG RA 34 -43.16 -63.26 -4.10
C ARG RA 34 -43.63 -61.91 -4.63
N LYS RA 35 -43.04 -60.82 -4.15
CA LYS RA 35 -43.56 -59.49 -4.46
C LYS RA 35 -43.14 -59.08 -5.87
N LYS RA 36 -43.97 -58.22 -6.49
CA LYS RA 36 -43.58 -57.65 -7.78
C LYS RA 36 -42.58 -56.53 -7.62
N LYS RA 37 -42.45 -55.97 -6.41
CA LYS RA 37 -41.71 -54.72 -6.24
C LYS RA 37 -40.20 -54.94 -6.32
N CYS RA 38 -39.75 -56.19 -6.19
CA CYS RA 38 -38.37 -56.52 -6.51
C CYS RA 38 -38.29 -57.39 -7.74
N GLY RA 39 -39.26 -58.27 -7.94
CA GLY RA 39 -39.27 -59.10 -9.12
C GLY RA 39 -38.68 -60.48 -8.94
N HIS RA 40 -39.08 -61.19 -7.88
CA HIS RA 40 -38.87 -62.63 -7.72
C HIS RA 40 -37.38 -63.00 -7.67
N THR RA 41 -36.62 -62.25 -6.89
CA THR RA 41 -35.20 -62.54 -6.78
C THR RA 41 -34.94 -63.79 -5.97
N ASN RA 42 -33.75 -64.36 -6.12
CA ASN RA 42 -33.29 -65.44 -5.26
C ASN RA 42 -32.29 -64.97 -4.23
N ASN RA 43 -32.41 -63.73 -3.78
CA ASN RA 43 -31.45 -63.13 -2.86
C ASN RA 43 -32.09 -63.03 -1.49
N LEU RA 44 -31.70 -63.91 -0.57
CA LEU RA 44 -32.35 -63.98 0.73
C LEU RA 44 -31.31 -63.90 1.84
N ARG RA 45 -31.80 -63.92 3.08
CA ARG RA 45 -30.98 -64.03 4.28
C ARG RA 45 -31.87 -64.47 5.44
N PRO RA 46 -31.35 -65.28 6.36
CA PRO RA 46 -32.18 -65.74 7.49
C PRO RA 46 -32.50 -64.61 8.45
N LYS RA 47 -33.59 -64.79 9.19
CA LYS RA 47 -34.02 -63.77 10.13
C LYS RA 47 -33.23 -63.90 11.42
N LYS RA 48 -32.80 -62.77 11.96
CA LYS RA 48 -31.79 -62.76 12.99
C LYS RA 48 -32.36 -63.22 14.33
N LYS RA 49 -31.58 -64.01 15.06
CA LYS RA 49 -31.96 -64.49 16.37
C LYS RA 49 -31.56 -63.46 17.43
N VAL RA 50 -31.93 -63.71 18.67
CA VAL RA 50 -31.59 -62.79 19.75
C VAL RA 50 -30.14 -62.96 20.22
N MET SA 1 26.01 4.20 31.42
CA MET SA 1 25.16 5.20 30.80
C MET SA 1 25.14 6.48 31.61
N ARG SA 2 25.36 7.60 30.94
CA ARG SA 2 25.33 8.89 31.61
C ARG SA 2 23.92 9.22 32.11
N ALA SA 3 23.87 10.05 33.16
CA ALA SA 3 22.58 10.57 33.62
C ALA SA 3 21.96 11.47 32.57
N LYS SA 4 22.80 12.15 31.77
CA LYS SA 4 22.37 12.92 30.61
C LYS SA 4 21.49 12.11 29.67
N TRP SA 5 22.01 10.98 29.18
CA TRP SA 5 21.25 10.22 28.19
C TRP SA 5 20.16 9.39 28.85
N ARG SA 6 20.30 9.14 30.16
CA ARG SA 6 19.21 8.49 30.88
C ARG SA 6 18.00 9.42 30.97
N LYS SA 7 18.24 10.70 31.24
CA LYS SA 7 17.18 11.69 31.19
C LYS SA 7 16.63 11.84 29.78
N LYS SA 8 17.49 11.73 28.77
CA LYS SA 8 17.01 11.84 27.39
C LYS SA 8 16.10 10.67 27.01
N ARG SA 9 16.45 9.45 27.43
CA ARG SA 9 15.60 8.32 27.09
C ARG SA 9 14.30 8.34 27.88
N MET SA 10 14.33 8.77 29.14
CA MET SA 10 13.09 8.90 29.89
C MET SA 10 12.23 10.02 29.33
N ARG SA 11 12.86 11.07 28.80
CA ARG SA 11 12.13 12.18 28.21
C ARG SA 11 11.45 11.76 26.91
N ARG SA 12 12.16 10.97 26.10
CA ARG SA 12 11.57 10.48 24.86
C ARG SA 12 10.45 9.48 25.12
N LEU SA 13 10.62 8.64 26.16
CA LEU SA 13 9.55 7.74 26.56
C LEU SA 13 8.33 8.51 27.05
N LYS SA 14 8.56 9.61 27.77
CA LYS SA 14 7.46 10.45 28.24
C LYS SA 14 6.71 11.07 27.07
N ARG SA 15 7.44 11.48 26.02
CA ARG SA 15 6.75 12.05 24.86
C ARG SA 15 5.95 10.99 24.10
N LYS SA 16 6.48 9.76 24.04
CA LYS SA 16 5.74 8.67 23.41
C LYS SA 16 4.46 8.34 24.19
N ARG SA 17 4.55 8.33 25.51
CA ARG SA 17 3.38 8.00 26.32
C ARG SA 17 2.36 9.13 26.30
N ARG SA 18 2.83 10.38 26.16
CA ARG SA 18 1.90 11.50 25.99
C ARG SA 18 1.16 11.41 24.65
N LYS SA 19 1.86 10.99 23.59
CA LYS SA 19 1.17 10.78 22.32
C LYS SA 19 0.15 9.65 22.40
N MET SA 20 0.44 8.62 23.21
CA MET SA 20 -0.51 7.53 23.35
C MET SA 20 -1.75 7.97 24.12
N ARG SA 21 -1.56 8.79 25.16
CA ARG SA 21 -2.70 9.35 25.88
C ARG SA 21 -3.55 10.25 25.00
N GLN SA 22 -2.91 11.08 24.17
CA GLN SA 22 -3.67 11.97 23.31
C GLN SA 22 -4.32 11.22 22.15
N ARG SA 23 -3.77 10.05 21.81
CA ARG SA 23 -4.42 9.22 20.80
C ARG SA 23 -5.65 8.54 21.37
N SER SA 24 -5.60 8.14 22.63
CA SER SA 24 -6.81 7.73 23.33
C SER SA 24 -6.97 8.61 24.55
N LYS SA 25 -7.59 9.77 24.35
CA LYS SA 25 -7.97 10.73 25.39
C LYS SA 25 -8.75 10.12 26.56
N VAL TA 1 29.72 -15.61 -48.09
CA VAL TA 1 30.35 -16.61 -48.95
C VAL TA 1 31.74 -16.14 -49.35
N ASN TA 2 32.24 -16.66 -50.48
CA ASN TA 2 33.63 -16.45 -50.87
C ASN TA 2 33.77 -16.72 -52.37
N VAL TA 3 34.18 -15.70 -53.11
CA VAL TA 3 34.39 -15.83 -54.55
C VAL TA 3 35.87 -15.61 -54.84
N PRO TA 4 36.42 -16.07 -55.96
CA PRO TA 4 37.83 -15.81 -56.22
C PRO TA 4 38.02 -14.44 -56.85
N LYS TA 5 39.29 -14.03 -56.93
CA LYS TA 5 39.62 -12.78 -57.61
C LYS TA 5 39.49 -12.92 -59.11
N THR TA 6 40.28 -13.81 -59.72
CA THR TA 6 40.24 -14.03 -61.16
C THR TA 6 39.28 -15.17 -61.46
N ARG TA 7 38.52 -15.03 -62.53
CA ARG TA 7 37.48 -15.98 -62.88
C ARG TA 7 37.18 -15.86 -64.36
N ARG TA 8 37.62 -16.86 -65.13
CA ARG TA 8 37.46 -16.83 -66.58
C ARG TA 8 35.99 -17.02 -66.93
N THR TA 9 35.39 -16.00 -67.53
CA THR TA 9 33.96 -16.01 -67.82
C THR TA 9 33.76 -15.31 -69.16
N PHE TA 10 32.65 -15.65 -69.83
CA PHE TA 10 32.31 -15.06 -71.12
C PHE TA 10 32.01 -13.58 -71.01
N CYS TA 11 32.67 -12.78 -71.84
CA CYS TA 11 32.34 -11.37 -71.99
C CYS TA 11 31.89 -11.14 -73.42
N LYS TA 12 30.83 -10.33 -73.58
CA LYS TA 12 30.07 -10.38 -74.82
C LYS TA 12 30.75 -9.60 -75.94
N LYS TA 13 31.76 -8.79 -75.62
CA LYS TA 13 32.36 -7.96 -76.66
C LYS TA 13 33.22 -8.79 -77.60
N CYS TA 14 34.20 -9.51 -77.07
CA CYS TA 14 35.14 -10.23 -77.91
C CYS TA 14 34.81 -11.70 -78.05
N GLY TA 15 33.60 -12.11 -77.64
CA GLY TA 15 33.04 -13.39 -78.01
C GLY TA 15 33.73 -14.63 -77.48
N LYS TA 16 34.63 -14.49 -76.51
CA LYS TA 16 35.35 -15.63 -75.98
C LYS TA 16 35.38 -15.56 -74.46
N HIS TA 17 35.76 -16.67 -73.85
CA HIS TA 17 36.11 -16.65 -72.44
C HIS TA 17 37.40 -15.88 -72.26
N GLN TA 18 37.37 -14.87 -71.41
CA GLN TA 18 38.53 -14.08 -71.06
C GLN TA 18 38.59 -13.99 -69.55
N PRO TA 19 39.78 -13.87 -68.97
CA PRO TA 19 39.86 -13.70 -67.52
C PRO TA 19 39.33 -12.34 -67.08
N HIS TA 20 38.80 -12.32 -65.85
CA HIS TA 20 38.09 -11.17 -65.33
C HIS TA 20 38.57 -10.83 -63.93
N LYS TA 21 38.80 -9.55 -63.69
CA LYS TA 21 38.81 -9.05 -62.33
C LYS TA 21 37.39 -9.02 -61.78
N VAL TA 22 37.23 -9.50 -60.56
CA VAL TA 22 35.91 -9.59 -59.92
C VAL TA 22 35.93 -8.74 -58.66
N THR TA 23 35.15 -7.67 -58.67
CA THR TA 23 35.11 -6.74 -57.55
C THR TA 23 33.70 -6.59 -57.03
N GLN TA 24 33.58 -5.97 -55.88
CA GLN TA 24 32.30 -5.76 -55.22
C GLN TA 24 31.55 -4.59 -55.85
N TYR TA 25 30.26 -4.78 -56.08
CA TYR TA 25 29.42 -3.71 -56.59
C TYR TA 25 29.15 -2.66 -55.52
N LYS TA 26 29.33 -1.40 -55.90
CA LYS TA 26 28.91 -0.26 -55.10
C LYS TA 26 27.59 0.25 -55.67
N LYS TA 27 26.67 0.68 -54.80
CA LYS TA 27 25.39 1.21 -55.23
C LYS TA 27 25.52 2.50 -56.02
N GLY TA 28 26.53 3.31 -55.74
CA GLY TA 28 26.71 4.53 -56.50
C GLY TA 28 25.94 5.68 -55.88
N LYS TA 29 26.58 6.84 -55.81
CA LYS TA 29 25.97 8.01 -55.20
C LYS TA 29 24.86 8.55 -56.08
N ASP TA 30 23.63 8.52 -55.57
CA ASP TA 30 22.47 8.94 -56.34
C ASP TA 30 22.51 10.42 -56.62
N SER TA 31 21.86 10.85 -57.70
CA SER TA 31 22.17 12.15 -58.25
C SER TA 31 20.93 13.03 -58.26
N LEU TA 32 21.15 14.32 -58.08
CA LEU TA 32 20.16 15.33 -58.38
C LEU TA 32 20.09 15.51 -59.90
N TYR TA 33 19.05 16.21 -60.35
CA TYR TA 33 18.76 16.48 -61.76
C TYR TA 33 18.56 15.22 -62.57
N ALA TA 34 17.92 14.21 -62.01
CA ALA TA 34 17.30 13.17 -62.80
C ALA TA 34 15.81 13.49 -62.96
N GLN TA 35 15.12 12.65 -63.74
CA GLN TA 35 13.72 12.89 -64.03
C GLN TA 35 12.85 12.76 -62.78
N GLY TA 36 12.94 11.62 -62.11
CA GLY TA 36 12.13 11.41 -60.92
C GLY TA 36 12.53 12.31 -59.78
N LYS TA 37 13.81 12.67 -59.69
CA LYS TA 37 14.25 13.55 -58.62
C LYS TA 37 13.76 14.98 -58.84
N ARG TA 38 13.79 15.45 -60.08
CA ARG TA 38 13.25 16.77 -60.37
C ARG TA 38 11.74 16.81 -60.18
N ARG TA 39 11.05 15.73 -60.57
CA ARG TA 39 9.61 15.66 -60.33
C ARG TA 39 9.30 15.61 -58.84
N TYR TA 40 10.15 14.92 -58.08
CA TYR TA 40 9.94 14.81 -56.64
C TYR TA 40 10.14 16.14 -55.96
N ASP TA 41 11.13 16.93 -56.40
CA ASP TA 41 11.33 18.24 -55.78
C ASP TA 41 10.28 19.24 -56.22
N ARG TA 42 9.82 19.13 -57.48
CA ARG TA 42 8.76 20.00 -57.97
C ARG TA 42 7.45 19.74 -57.24
N LYS TA 43 7.20 18.48 -56.86
CA LYS TA 43 5.98 18.16 -56.15
C LYS TA 43 6.17 18.34 -54.64
N GLN TA 44 7.42 18.34 -54.19
CA GLN TA 44 7.72 18.48 -52.77
C GLN TA 44 7.67 19.93 -52.33
N SER TA 45 8.01 20.85 -53.23
CA SER TA 45 7.89 22.27 -52.93
C SER TA 45 6.43 22.66 -52.76
N GLY TA 46 6.22 23.78 -52.11
CA GLY TA 46 4.87 24.19 -51.78
C GLY TA 46 4.41 23.59 -50.48
N TYR TA 47 3.26 24.05 -50.02
CA TYR TA 47 2.66 23.56 -48.79
C TYR TA 47 1.90 22.28 -49.05
N GLY TA 48 2.61 21.16 -49.09
CA GLY TA 48 1.91 19.90 -49.30
C GLY TA 48 2.37 18.79 -48.38
N GLY TA 49 3.49 18.99 -47.72
CA GLY TA 49 4.03 17.92 -46.89
C GLY TA 49 4.54 16.78 -47.76
N GLN TA 50 4.52 15.57 -47.20
CA GLN TA 50 5.09 14.41 -47.85
C GLN TA 50 4.11 13.87 -48.89
N THR TA 51 4.47 14.00 -50.16
CA THR TA 51 3.56 13.54 -51.21
C THR TA 51 3.69 12.04 -51.45
N LYS TA 52 4.84 11.60 -51.95
CA LYS TA 52 5.06 10.20 -52.26
C LYS TA 52 5.42 9.46 -50.98
N PRO TA 53 5.06 8.18 -50.88
CA PRO TA 53 5.27 7.46 -49.63
C PRO TA 53 6.74 7.12 -49.40
N ILE TA 54 7.20 7.42 -48.20
CA ILE TA 54 8.47 6.91 -47.70
C ILE TA 54 8.21 5.54 -47.10
N PHE TA 55 9.26 4.72 -47.01
CA PHE TA 55 9.07 3.33 -46.63
C PHE TA 55 9.47 3.12 -45.17
N ARG TA 56 8.73 2.25 -44.49
CA ARG TA 56 8.98 1.95 -43.09
C ARG TA 56 9.34 0.49 -42.81
N LYS TA 57 8.50 -0.45 -43.23
CA LYS TA 57 8.50 -1.81 -42.70
C LYS TA 57 9.51 -2.67 -43.44
N LYS TA 58 10.80 -2.47 -43.16
CA LYS TA 58 11.85 -3.26 -43.78
C LYS TA 58 11.90 -4.62 -43.11
N ALA TA 59 11.78 -5.68 -43.90
CA ALA TA 59 11.75 -7.03 -43.37
C ALA TA 59 12.89 -7.91 -43.86
N LYS TA 60 13.25 -7.84 -45.13
CA LYS TA 60 14.39 -8.57 -45.67
C LYS TA 60 15.67 -7.98 -45.10
N THR TA 61 16.36 -8.73 -44.25
CA THR TA 61 17.59 -8.27 -43.64
C THR TA 61 18.81 -8.63 -44.44
N THR TA 62 18.64 -9.27 -45.59
CA THR TA 62 19.75 -9.67 -46.44
C THR TA 62 19.63 -8.96 -47.78
N LYS TA 63 20.76 -8.68 -48.39
CA LYS TA 63 20.80 -8.02 -49.69
C LYS TA 63 21.43 -8.96 -50.69
N LYS TA 64 20.88 -8.99 -51.91
CA LYS TA 64 21.52 -9.75 -52.97
C LYS TA 64 22.86 -9.13 -53.30
N ILE TA 65 23.83 -9.98 -53.63
CA ILE TA 65 25.19 -9.54 -53.90
C ILE TA 65 25.45 -9.69 -55.39
N VAL TA 66 25.78 -8.60 -56.04
CA VAL TA 66 26.13 -8.62 -57.44
C VAL TA 66 27.59 -8.22 -57.59
N LEU TA 67 28.21 -8.68 -58.66
CA LEU TA 67 29.64 -8.55 -58.85
C LEU TA 67 29.95 -7.72 -60.08
N ARG TA 68 30.91 -6.81 -59.95
CA ARG TA 68 31.46 -6.11 -61.09
C ARG TA 68 32.55 -6.97 -61.69
N LEU TA 69 32.53 -7.12 -63.01
CA LEU TA 69 33.52 -7.93 -63.71
C LEU TA 69 34.21 -7.07 -64.75
N GLU TA 70 35.52 -7.27 -64.92
CA GLU TA 70 36.27 -6.57 -65.95
C GLU TA 70 37.11 -7.56 -66.74
N CYS TA 71 37.10 -7.42 -68.06
CA CYS TA 71 38.02 -8.18 -68.90
C CYS TA 71 39.44 -7.69 -68.68
N VAL TA 72 40.35 -8.62 -68.38
CA VAL TA 72 41.69 -8.23 -67.99
C VAL TA 72 42.51 -7.84 -69.23
N GLU TA 73 42.08 -8.29 -70.41
CA GLU TA 73 42.77 -7.95 -71.64
C GLU TA 73 42.65 -6.46 -71.94
N PRO TA 74 43.73 -5.81 -72.37
CA PRO TA 74 43.69 -4.37 -72.64
C PRO TA 74 42.81 -4.07 -73.85
N ASN TA 75 42.27 -2.85 -73.86
CA ASN TA 75 41.43 -2.18 -74.86
C ASN TA 75 40.11 -2.90 -75.15
N CYS TA 76 39.81 -3.97 -74.42
CA CYS TA 76 38.48 -4.55 -74.47
C CYS TA 76 37.58 -3.88 -73.44
N ARG TA 77 37.95 -3.99 -72.16
CA ARG TA 77 37.43 -3.21 -71.03
C ARG TA 77 35.92 -3.28 -70.87
N SER TA 78 35.32 -4.41 -71.21
CA SER TA 78 33.88 -4.56 -71.08
C SER TA 78 33.52 -4.92 -69.66
N LYS TA 79 32.66 -4.13 -69.05
CA LYS TA 79 32.16 -4.39 -67.71
C LYS TA 79 30.75 -4.94 -67.80
N ARG TA 80 30.41 -5.90 -66.94
CA ARG TA 80 29.02 -6.32 -66.81
C ARG TA 80 28.79 -6.84 -65.42
N MET TA 81 27.51 -6.94 -65.05
CA MET TA 81 27.12 -7.34 -63.70
C MET TA 81 26.58 -8.75 -63.71
N LEU TA 82 26.77 -9.47 -62.60
CA LEU TA 82 26.26 -10.82 -62.44
C LEU TA 82 25.87 -11.02 -60.98
N ALA TA 83 24.79 -11.74 -60.75
CA ALA TA 83 24.19 -11.87 -59.43
C ALA TA 83 24.50 -13.23 -58.80
N ILE TA 84 24.51 -13.24 -57.46
CA ILE TA 84 24.61 -14.47 -56.68
C ILE TA 84 23.34 -14.52 -55.85
N LYS TA 85 23.13 -15.62 -55.13
CA LYS TA 85 22.02 -15.68 -54.19
C LYS TA 85 22.28 -14.82 -52.97
N ARG TA 86 21.31 -14.78 -52.07
CA ARG TA 86 21.41 -13.94 -50.88
C ARG TA 86 22.44 -14.50 -49.91
N CYS TA 87 23.03 -13.63 -49.12
CA CYS TA 87 23.96 -14.05 -48.07
C CYS TA 87 24.04 -12.97 -47.00
N LYS TA 88 24.15 -13.42 -45.74
CA LYS TA 88 24.29 -12.47 -44.65
C LYS TA 88 25.74 -12.04 -44.49
N HIS TA 89 26.67 -12.97 -44.59
CA HIS TA 89 28.09 -12.71 -44.37
C HIS TA 89 28.84 -12.90 -45.68
N PHE TA 90 29.73 -11.96 -46.00
CA PHE TA 90 30.44 -11.98 -47.27
C PHE TA 90 31.88 -11.54 -47.09
N GLU TA 91 32.80 -12.28 -47.69
CA GLU TA 91 34.19 -11.86 -47.84
C GLU TA 91 34.50 -11.85 -49.32
N LEU TA 92 35.46 -11.01 -49.72
CA LEU TA 92 35.69 -10.82 -51.15
C LEU TA 92 36.43 -12.00 -51.76
N GLY TA 93 37.68 -12.20 -51.36
CA GLY TA 93 38.47 -13.16 -52.12
C GLY TA 93 39.56 -13.96 -51.43
N GLY TA 94 39.58 -14.01 -50.11
CA GLY TA 94 40.71 -14.62 -49.43
C GLY TA 94 40.31 -15.82 -48.61
N ASP TA 95 41.34 -16.49 -48.06
CA ASP TA 95 41.20 -17.60 -47.09
C ASP TA 95 40.41 -18.79 -47.64
N LYS TA 96 40.98 -19.46 -48.63
CA LYS TA 96 40.45 -20.76 -49.00
C LYS TA 96 40.90 -21.81 -47.99
N LYS TA 97 40.08 -22.83 -47.79
CA LYS TA 97 40.31 -23.74 -46.68
C LYS TA 97 41.05 -25.00 -47.14
N ARG TA 98 41.57 -25.73 -46.15
CA ARG TA 98 42.20 -27.02 -46.37
C ARG TA 98 41.41 -28.08 -45.62
N LYS TA 99 41.61 -29.34 -46.01
CA LYS TA 99 40.99 -30.47 -45.35
C LYS TA 99 41.97 -31.28 -44.51
N GLY TA 100 43.27 -31.14 -44.77
CA GLY TA 100 44.30 -31.68 -43.90
C GLY TA 100 44.71 -30.75 -42.78
N GLN TA 101 43.78 -30.22 -42.01
CA GLN TA 101 44.10 -29.15 -41.07
C GLN TA 101 43.70 -29.53 -39.66
N VAL TA 102 44.59 -29.22 -38.70
CA VAL TA 102 44.24 -29.26 -37.29
C VAL TA 102 43.81 -27.89 -36.77
N ILE TA 103 42.76 -27.84 -35.96
CA ILE TA 103 42.02 -26.63 -35.64
C ILE TA 103 42.82 -25.60 -34.86
N GLN TA 104 43.23 -25.99 -33.64
CA GLN TA 104 43.93 -25.21 -32.61
C GLN TA 104 43.11 -24.07 -32.00
N PHE TA 105 41.87 -23.88 -32.48
CA PHE TA 105 40.79 -23.04 -31.93
C PHE TA 105 41.10 -21.80 -31.09
N ALA UA 1 -16.23 43.50 34.95
CA ALA UA 1 -15.33 42.40 35.23
C ALA UA 1 -14.38 42.18 34.06
N LYS UA 2 -13.58 41.12 34.15
CA LYS UA 2 -12.74 40.69 33.04
C LYS UA 2 -13.44 39.54 32.34
N ARG UA 3 -13.87 39.77 31.11
CA ARG UA 3 -14.83 38.87 30.49
C ARG UA 3 -14.15 37.80 29.68
N THR UA 4 -12.94 38.05 29.20
CA THR UA 4 -12.13 37.06 28.50
C THR UA 4 -10.72 37.10 29.05
N LYS UA 5 -10.03 35.96 29.01
CA LYS UA 5 -8.70 35.92 29.63
C LYS UA 5 -7.57 36.08 28.63
N LYS UA 6 -7.75 35.64 27.38
CA LYS UA 6 -6.60 35.60 26.47
C LYS UA 6 -6.88 36.32 25.17
N VAL UA 7 -8.09 36.17 24.63
CA VAL UA 7 -8.33 36.56 23.25
C VAL UA 7 -8.37 38.07 23.09
N GLY UA 8 -8.83 38.78 24.13
CA GLY UA 8 -8.81 40.23 24.09
C GLY UA 8 -9.79 40.78 23.06
N ILE UA 9 -9.25 41.46 22.05
CA ILE UA 9 -10.08 42.13 21.06
C ILE UA 9 -10.53 41.13 20.00
N VAL UA 10 -9.90 39.97 19.95
CA VAL UA 10 -10.09 39.08 18.81
C VAL UA 10 -11.27 38.15 19.07
N GLY UA 11 -11.85 38.23 20.26
CA GLY UA 11 -13.04 37.47 20.61
C GLY UA 11 -14.26 37.68 19.73
N LYS UA 12 -14.27 38.75 18.92
CA LYS UA 12 -15.36 38.97 17.99
C LYS UA 12 -15.38 37.96 16.86
N TYR UA 13 -14.27 37.25 16.63
CA TYR UA 13 -14.24 36.25 15.57
C TYR UA 13 -14.89 34.96 16.01
N GLY UA 14 -14.61 34.52 17.24
CA GLY UA 14 -15.20 33.29 17.71
C GLY UA 14 -14.25 32.11 17.63
N THR UA 15 -14.82 30.91 17.47
CA THR UA 15 -14.02 29.70 17.53
C THR UA 15 -13.36 29.35 16.22
N ARG UA 16 -13.54 30.17 15.20
CA ARG UA 16 -13.00 29.82 13.90
C ARG UA 16 -11.75 30.63 13.56
N TYR UA 17 -11.22 30.39 12.36
CA TYR UA 17 -10.11 31.07 11.69
C TYR UA 17 -8.73 30.72 12.26
N GLY UA 18 -8.64 30.01 13.37
CA GLY UA 18 -7.31 29.55 13.76
C GLY UA 18 -6.56 30.32 14.81
N ALA UA 19 -5.81 29.56 15.62
CA ALA UA 19 -5.21 30.10 16.84
C ALA UA 19 -4.09 31.08 16.53
N SER UA 20 -3.14 30.67 15.70
CA SER UA 20 -1.99 31.53 15.43
C SER UA 20 -2.38 32.73 14.59
N LEU UA 21 -3.40 32.57 13.75
CA LEU UA 21 -3.88 33.71 12.98
C LEU UA 21 -4.54 34.74 13.89
N ARG UA 22 -5.32 34.29 14.86
CA ARG UA 22 -5.88 35.24 15.81
C ARG UA 22 -4.80 35.86 16.69
N LYS UA 23 -3.77 35.07 17.04
CA LYS UA 23 -2.64 35.55 17.83
C LYS UA 23 -1.86 36.65 17.11
N MET UA 24 -1.76 36.54 15.78
CA MET UA 24 -0.97 37.52 15.05
C MET UA 24 -1.84 38.69 14.58
N VAL UA 25 -3.17 38.52 14.59
CA VAL UA 25 -4.04 39.63 14.22
C VAL UA 25 -4.33 40.52 15.43
N LYS UA 26 -4.20 39.95 16.64
CA LYS UA 26 -4.38 40.71 17.90
C LYS UA 26 -3.45 41.92 17.98
N LYS UA 27 -2.16 41.69 17.71
CA LYS UA 27 -1.12 42.65 18.03
C LYS UA 27 -1.14 43.83 17.07
N ILE UA 28 -1.91 43.74 15.99
CA ILE UA 28 -1.98 44.84 15.05
C ILE UA 28 -3.40 45.38 14.93
N GLU UA 29 -4.41 44.62 15.34
CA GLU UA 29 -5.73 45.23 15.47
C GLU UA 29 -5.78 46.21 16.63
N ILE UA 30 -5.08 45.88 17.73
CA ILE UA 30 -4.96 46.84 18.83
C ILE UA 30 -4.26 48.10 18.36
N SER UA 31 -3.27 47.94 17.48
CA SER UA 31 -2.55 49.09 16.96
C SER UA 31 -3.41 49.94 16.02
N GLN UA 32 -4.20 49.31 15.14
CA GLN UA 32 -4.95 50.12 14.20
C GLN UA 32 -6.22 50.71 14.81
N HIS UA 33 -6.67 50.17 15.94
CA HIS UA 33 -7.86 50.77 16.55
C HIS UA 33 -7.51 51.62 17.75
N ALA UA 34 -6.23 51.65 18.13
CA ALA UA 34 -5.84 52.49 19.25
C ALA UA 34 -5.81 53.96 18.86
N LYS UA 35 -6.31 54.80 19.76
CA LYS UA 35 -6.11 56.24 19.63
C LYS UA 35 -4.66 56.58 19.90
N TYR UA 36 -4.10 57.49 19.11
CA TYR UA 36 -2.72 57.90 19.29
C TYR UA 36 -2.66 59.37 19.66
N THR UA 37 -1.55 59.77 20.26
CA THR UA 37 -1.36 61.16 20.63
C THR UA 37 -0.80 61.93 19.45
N CYS UA 38 -1.53 62.95 19.01
CA CYS UA 38 -1.12 63.78 17.90
C CYS UA 38 0.12 64.57 18.27
N SER UA 39 1.12 64.57 17.40
CA SER UA 39 2.33 65.33 17.67
C SER UA 39 2.15 66.80 17.37
N PHE UA 40 1.05 67.16 16.71
CA PHE UA 40 0.84 68.55 16.35
C PHE UA 40 0.04 69.28 17.41
N CYS UA 41 -1.19 68.85 17.67
CA CYS UA 41 -2.06 69.52 18.61
C CYS UA 41 -1.84 69.07 20.04
N GLY UA 42 -1.18 67.93 20.26
CA GLY UA 42 -0.92 67.49 21.61
C GLY UA 42 -2.05 66.75 22.28
N LYS UA 43 -3.21 66.64 21.62
CA LYS UA 43 -4.30 65.84 22.15
C LYS UA 43 -4.07 64.38 21.80
N THR UA 44 -4.96 63.51 22.27
CA THR UA 44 -4.86 62.08 21.98
C THR UA 44 -5.95 61.62 21.02
N LYS UA 45 -6.25 62.41 20.00
CA LYS UA 45 -7.37 62.09 19.13
C LYS UA 45 -6.94 61.65 17.74
N MET UA 46 -5.83 60.93 17.59
CA MET UA 46 -5.55 60.31 16.30
C MET UA 46 -6.42 59.09 16.10
N LYS UA 47 -6.85 58.90 14.87
CA LYS UA 47 -7.67 57.78 14.47
C LYS UA 47 -7.29 57.40 13.05
N ARG UA 48 -7.28 56.10 12.78
CA ARG UA 48 -6.95 55.61 11.46
C ARG UA 48 -8.15 55.75 10.53
N ARG UA 49 -7.89 56.30 9.34
CA ARG UA 49 -8.80 56.34 8.21
C ARG UA 49 -8.62 55.07 7.41
N ALA UA 50 -8.94 55.15 6.11
CA ALA UA 50 -8.43 54.17 5.16
C ALA UA 50 -6.90 54.05 5.25
N VAL UA 51 -6.39 52.90 4.79
CA VAL UA 51 -5.03 52.45 5.06
C VAL UA 51 -3.98 53.44 4.59
N GLY UA 52 -3.10 53.84 5.51
CA GLY UA 52 -2.07 54.81 5.24
C GLY UA 52 -2.41 56.21 5.68
N ILE UA 53 -3.65 56.49 6.05
CA ILE UA 53 -4.11 57.83 6.35
C ILE UA 53 -4.46 57.91 7.83
N TRP UA 54 -3.90 58.90 8.51
CA TRP UA 54 -4.20 59.12 9.91
C TRP UA 54 -4.76 60.51 10.09
N HIS UA 55 -5.66 60.67 11.04
CA HIS UA 55 -6.41 61.91 11.16
C HIS UA 55 -6.61 62.24 12.62
N CYS UA 56 -6.49 63.52 12.95
CA CYS UA 56 -6.74 63.97 14.32
C CYS UA 56 -7.96 64.87 14.35
N GLY UA 57 -8.77 64.71 15.39
CA GLY UA 57 -10.06 65.40 15.43
C GLY UA 57 -9.92 66.89 15.60
N SER UA 58 -9.06 67.32 16.51
CA SER UA 58 -8.65 68.71 16.54
C SER UA 58 -7.78 69.02 15.32
N CYS UA 59 -7.88 70.25 14.85
CA CYS UA 59 -7.03 70.91 13.85
C CYS UA 59 -7.00 70.24 12.47
N MET UA 60 -7.72 69.12 12.28
CA MET UA 60 -8.00 68.49 10.97
C MET UA 60 -6.75 68.16 10.18
N LYS UA 61 -5.63 67.96 10.87
CA LYS UA 61 -4.34 67.83 10.22
C LYS UA 61 -4.06 66.37 9.94
N THR UA 62 -4.05 66.02 8.66
CA THR UA 62 -4.09 64.64 8.20
C THR UA 62 -2.70 64.20 7.78
N VAL UA 63 -2.18 63.17 8.42
CA VAL UA 63 -0.79 62.76 8.25
C VAL UA 63 -0.75 61.38 7.59
N ALA UA 64 0.08 61.26 6.56
CA ALA UA 64 0.32 59.96 5.95
C ALA UA 64 1.23 59.13 6.83
N GLY UA 65 0.70 58.02 7.33
CA GLY UA 65 1.43 57.20 8.28
C GLY UA 65 1.50 55.76 7.80
N GLY UA 66 1.85 54.89 8.73
CA GLY UA 66 1.91 53.48 8.43
C GLY UA 66 0.56 52.86 8.15
N ALA UA 67 0.59 51.60 7.73
CA ALA UA 67 -0.64 50.95 7.32
C ALA UA 67 -1.41 50.43 8.52
N TRP UA 68 -0.73 50.17 9.62
CA TRP UA 68 -1.37 49.60 10.80
C TRP UA 68 -1.00 50.32 12.07
N THR UA 69 0.17 50.96 12.12
CA THR UA 69 0.55 51.79 13.25
C THR UA 69 0.76 53.21 12.76
N TYR UA 70 1.19 54.08 13.67
CA TYR UA 70 1.36 55.49 13.31
C TYR UA 70 2.72 55.73 12.66
N ASN UA 71 3.72 54.96 13.05
CA ASN UA 71 5.04 55.05 12.45
C ASN UA 71 5.64 53.66 12.29
N THR UA 72 6.12 53.37 11.10
CA THR UA 72 6.95 52.19 10.90
C THR UA 72 8.33 52.47 11.48
N THR UA 73 8.87 51.49 12.20
CA THR UA 73 10.21 51.61 12.75
C THR UA 73 11.25 51.76 11.65
N SER UA 74 11.03 51.09 10.52
CA SER UA 74 11.86 51.29 9.34
C SER UA 74 11.76 52.73 8.83
N ALA UA 75 10.58 53.33 8.94
CA ALA UA 75 10.40 54.70 8.46
C ALA UA 75 11.08 55.70 9.38
N VAL UA 76 11.06 55.42 10.70
CA VAL UA 76 11.79 56.26 11.65
C VAL UA 76 13.29 56.15 11.40
N THR UA 77 13.76 54.94 11.09
CA THR UA 77 15.14 54.73 10.69
C THR UA 77 15.50 55.53 9.45
N VAL UA 78 14.61 55.54 8.46
CA VAL UA 78 14.87 56.27 7.22
C VAL UA 78 14.89 57.77 7.47
N LYS UA 79 14.03 58.27 8.36
CA LYS UA 79 14.02 59.70 8.65
C LYS UA 79 15.27 60.14 9.40
N SER UA 80 15.74 59.31 10.34
CA SER UA 80 17.00 59.61 11.01
C SER UA 80 18.19 59.54 10.05
N ALA UA 81 18.17 58.57 9.12
CA ALA UA 81 19.26 58.48 8.15
C ALA UA 81 19.23 59.65 7.17
N ILE UA 82 18.03 60.14 6.85
CA ILE UA 82 17.90 61.26 5.93
C ILE UA 82 18.39 62.55 6.55
N ARG UA 83 18.07 62.78 7.83
CA ARG UA 83 18.61 63.99 8.47
C ARG UA 83 20.12 63.90 8.69
N ARG UA 84 20.63 62.68 8.94
CA ARG UA 84 22.07 62.52 9.09
C ARG UA 84 22.80 62.77 7.78
N LEU UA 85 22.32 62.18 6.68
CA LEU UA 85 22.96 62.39 5.38
C LEU UA 85 22.66 63.78 4.83
N LYS UA 86 21.65 64.46 5.39
CA LYS UA 86 21.43 65.86 5.08
C LYS UA 86 22.55 66.73 5.64
N GLU UA 87 22.73 66.69 6.96
CA GLU UA 87 23.76 67.55 7.54
C GLU UA 87 25.15 66.96 7.41
N LEU UA 88 25.29 65.81 6.76
CA LEU UA 88 26.61 65.32 6.38
C LEU UA 88 27.17 66.17 5.26
N LYS UA 89 27.99 67.17 5.62
CA LYS UA 89 28.84 67.93 4.70
C LYS UA 89 28.06 68.73 3.66
N ASP UA 90 26.73 68.89 3.88
CA ASP UA 90 25.82 69.63 3.01
C ASP UA 90 25.86 69.11 1.57
N GLN UA 91 25.35 67.90 1.38
CA GLN UA 91 25.29 67.15 0.12
C GLN UA 91 26.71 66.82 -0.35
N PRO VA 1 -32.17 -109.87 47.11
CA PRO VA 1 -32.70 -108.90 48.05
C PRO VA 1 -32.16 -107.48 47.80
N ASN VA 2 -31.05 -107.16 48.46
CA ASN VA 2 -30.44 -105.84 48.35
C ASN VA 2 -29.30 -105.85 47.34
N GLU VA 3 -29.56 -106.24 46.09
CA GLU VA 3 -28.51 -106.38 45.10
C GLU VA 3 -28.77 -105.42 43.96
N ILE VA 4 -27.70 -105.08 43.23
CA ILE VA 4 -27.75 -104.05 42.20
C ILE VA 4 -26.74 -104.40 41.11
N LYS VA 5 -26.85 -103.77 39.94
CA LYS VA 5 -26.03 -104.07 38.77
C LYS VA 5 -24.90 -103.05 38.65
N VAL VA 6 -24.20 -103.10 37.52
CA VAL VA 6 -22.93 -102.40 37.31
C VAL VA 6 -23.12 -100.93 36.95
N VAL VA 7 -22.10 -100.12 37.23
CA VAL VA 7 -22.08 -98.70 36.90
C VAL VA 7 -20.86 -98.29 36.10
N TYR VA 8 -19.84 -99.16 35.97
CA TYR VA 8 -18.56 -98.96 35.27
C TYR VA 8 -17.87 -97.64 35.59
N LEU VA 9 -17.45 -97.46 36.85
CA LEU VA 9 -16.68 -96.27 37.23
C LEU VA 9 -15.18 -96.55 37.17
N ARG VA 10 -14.52 -96.00 36.15
CA ARG VA 10 -13.10 -96.18 35.92
C ARG VA 10 -12.63 -94.90 35.20
N CYS VA 11 -11.56 -94.96 34.39
CA CYS VA 11 -10.65 -93.90 33.93
C CYS VA 11 -9.82 -93.38 35.11
N THR VA 12 -9.07 -94.30 35.73
CA THR VA 12 -8.04 -93.96 36.70
C THR VA 12 -6.90 -94.96 36.62
N GLY VA 13 -5.73 -94.60 37.14
CA GLY VA 13 -4.55 -95.44 36.99
C GLY VA 13 -4.09 -96.11 38.26
N GLY VA 14 -4.63 -95.68 39.40
CA GLY VA 14 -4.26 -96.28 40.66
C GLY VA 14 -5.16 -97.47 40.91
N GLU VA 15 -5.35 -97.80 42.18
CA GLU VA 15 -6.21 -98.92 42.53
C GLU VA 15 -7.20 -98.42 43.57
N VAL VA 16 -7.60 -99.33 44.46
CA VAL VA 16 -8.55 -99.04 45.53
C VAL VA 16 -9.78 -98.20 45.11
N GLY VA 17 -9.68 -97.47 44.01
CA GLY VA 17 -10.84 -96.69 43.61
C GLY VA 17 -10.58 -95.20 43.47
N ALA VA 18 -9.38 -94.88 42.96
CA ALA VA 18 -8.91 -93.59 42.44
C ALA VA 18 -8.57 -92.59 43.54
N THR VA 19 -8.85 -92.97 44.79
CA THR VA 19 -8.55 -92.22 46.01
C THR VA 19 -8.80 -93.20 47.16
N SER VA 20 -8.79 -92.72 48.40
CA SER VA 20 -9.34 -93.52 49.49
C SER VA 20 -10.86 -93.53 49.46
N ALA VA 21 -11.47 -94.19 48.47
CA ALA VA 21 -12.91 -94.13 48.25
C ALA VA 21 -13.62 -95.26 48.98
N LEU VA 22 -12.90 -95.95 49.85
CA LEU VA 22 -13.47 -96.99 50.68
C LEU VA 22 -14.21 -96.46 51.89
N ALA VA 23 -14.10 -95.17 52.21
CA ALA VA 23 -14.98 -94.52 53.17
C ALA VA 23 -16.33 -94.05 52.60
N PRO VA 24 -16.43 -93.42 51.40
CA PRO VA 24 -17.78 -93.01 50.94
C PRO VA 24 -18.57 -94.12 50.25
N LYS VA 25 -18.25 -95.38 50.47
CA LYS VA 25 -18.97 -96.52 49.88
C LYS VA 25 -20.43 -96.57 50.30
N ILE VA 26 -20.75 -96.03 51.48
CA ILE VA 26 -22.12 -96.02 51.97
C ILE VA 26 -22.79 -94.78 51.37
N GLY VA 27 -24.12 -94.80 51.26
CA GLY VA 27 -24.82 -93.73 50.61
C GLY VA 27 -26.27 -94.09 50.37
N PRO VA 28 -26.74 -93.90 49.13
CA PRO VA 28 -28.09 -94.36 48.78
C PRO VA 28 -28.18 -95.84 48.47
N LEU VA 29 -27.58 -96.68 49.32
CA LEU VA 29 -27.66 -98.13 49.25
C LEU VA 29 -27.33 -98.63 50.65
N GLY VA 30 -27.17 -99.94 50.83
CA GLY VA 30 -26.81 -100.50 52.12
C GLY VA 30 -25.62 -101.43 52.06
N LEU VA 31 -24.63 -101.08 51.26
CA LEU VA 31 -23.52 -101.99 50.94
C LEU VA 31 -22.44 -101.82 52.01
N SER VA 32 -21.38 -102.63 51.91
CA SER VA 32 -20.35 -102.75 52.93
C SER VA 32 -19.02 -103.14 52.29
N PRO VA 33 -17.84 -102.81 52.91
CA PRO VA 33 -16.56 -103.06 52.23
C PRO VA 33 -16.13 -104.52 52.19
N LYS VA 34 -16.62 -105.26 51.19
CA LYS VA 34 -16.25 -106.65 50.97
C LYS VA 34 -15.24 -106.83 49.84
N LYS VA 35 -15.28 -106.00 48.79
CA LYS VA 35 -14.29 -106.10 47.73
C LYS VA 35 -13.60 -104.79 47.38
N VAL VA 36 -13.68 -103.77 48.25
CA VAL VA 36 -13.02 -102.50 47.91
C VAL VA 36 -11.59 -102.50 48.43
N GLY VA 37 -11.24 -103.45 49.30
CA GLY VA 37 -9.95 -103.39 49.97
C GLY VA 37 -9.15 -104.68 49.96
N ASP VA 38 -9.71 -105.76 49.42
CA ASP VA 38 -8.96 -107.00 49.32
C ASP VA 38 -8.80 -107.45 47.86
N ASP VA 39 -9.90 -107.57 47.13
CA ASP VA 39 -9.82 -108.02 45.75
C ASP VA 39 -9.30 -106.94 44.81
N ILE VA 40 -9.56 -105.66 45.07
CA ILE VA 40 -8.90 -104.60 44.33
C ILE VA 40 -7.45 -104.41 44.77
N ALA VA 41 -7.13 -104.63 46.04
CA ALA VA 41 -5.75 -104.63 46.50
C ALA VA 41 -4.93 -105.77 45.90
N LYS VA 42 -5.57 -106.86 45.49
CA LYS VA 42 -4.87 -107.89 44.73
C LYS VA 42 -4.95 -107.65 43.22
N ALA VA 43 -6.05 -107.06 42.73
CA ALA VA 43 -6.28 -106.85 41.31
C ALA VA 43 -5.34 -105.79 40.74
N THR VA 44 -5.02 -104.76 41.54
CA THR VA 44 -3.95 -103.85 41.13
C THR VA 44 -2.62 -104.57 41.10
N GLY VA 45 -2.36 -105.43 42.09
CA GLY VA 45 -1.17 -106.26 42.07
C GLY VA 45 -1.16 -107.32 41.00
N ASP VA 46 -2.31 -107.62 40.39
CA ASP VA 46 -2.38 -108.65 39.36
C ASP VA 46 -2.33 -108.03 37.95
N TRP VA 47 -3.22 -107.08 37.69
CA TRP VA 47 -3.34 -106.41 36.39
C TRP VA 47 -3.15 -104.91 36.57
N LYS VA 48 -2.09 -104.51 37.27
CA LYS VA 48 -1.82 -103.17 37.79
C LYS VA 48 -1.99 -102.00 36.81
N GLY VA 49 -2.89 -101.09 37.17
CA GLY VA 49 -3.08 -99.83 36.46
C GLY VA 49 -3.83 -99.93 35.14
N LEU VA 50 -3.77 -98.84 34.37
CA LEU VA 50 -4.22 -98.74 32.98
C LEU VA 50 -5.71 -98.98 32.80
N ARG VA 51 -6.52 -98.35 33.68
CA ARG VA 51 -7.95 -98.03 33.56
C ARG VA 51 -8.84 -99.11 32.91
N ILE VA 52 -8.86 -100.28 33.52
CA ILE VA 52 -9.67 -101.40 33.02
C ILE VA 52 -11.15 -101.18 33.32
N THR VA 53 -11.84 -102.25 33.70
CA THR VA 53 -13.28 -102.18 34.00
C THR VA 53 -13.58 -101.84 35.46
N VAL VA 54 -13.59 -102.86 36.32
CA VAL VA 54 -13.85 -102.71 37.75
C VAL VA 54 -15.16 -102.00 38.08
N LYS VA 55 -16.27 -102.71 37.90
CA LYS VA 55 -17.60 -102.15 38.16
C LYS VA 55 -18.13 -102.54 39.54
N LEU VA 56 -19.22 -101.91 39.96
CA LEU VA 56 -19.83 -102.21 41.26
C LEU VA 56 -20.99 -103.18 41.09
N THR VA 57 -20.84 -104.38 41.61
CA THR VA 57 -21.85 -105.43 41.38
C THR VA 57 -22.33 -106.03 42.71
N ILE VA 58 -22.79 -105.17 43.62
CA ILE VA 58 -23.26 -105.48 44.97
C ILE VA 58 -24.28 -106.61 45.00
N GLN VA 59 -24.05 -107.62 45.86
CA GLN VA 59 -24.87 -108.83 45.86
C GLN VA 59 -25.66 -109.07 47.15
N ASN VA 60 -25.06 -108.92 48.33
CA ASN VA 60 -25.78 -109.19 49.57
C ASN VA 60 -25.18 -108.41 50.74
N ARG VA 61 -25.71 -107.21 51.01
CA ARG VA 61 -25.31 -106.34 52.13
C ARG VA 61 -23.83 -105.99 52.10
N GLN VA 62 -23.23 -105.95 50.91
CA GLN VA 62 -21.79 -105.81 50.79
C GLN VA 62 -21.38 -105.40 49.38
N ALA VA 63 -20.22 -104.76 49.23
CA ALA VA 63 -19.76 -104.34 47.92
C ALA VA 63 -19.18 -105.52 47.14
N GLN VA 64 -19.06 -105.37 45.82
CA GLN VA 64 -18.44 -106.37 44.97
C GLN VA 64 -17.84 -105.69 43.75
N ILE VA 65 -16.52 -105.58 43.73
CA ILE VA 65 -15.80 -104.76 42.76
C ILE VA 65 -15.06 -105.73 41.83
N GLU VA 66 -15.68 -106.88 41.57
CA GLU VA 66 -15.12 -107.91 40.70
C GLU VA 66 -14.92 -107.41 39.28
N VAL VA 67 -13.72 -107.58 38.74
CA VAL VA 67 -13.31 -106.95 37.49
C VAL VA 67 -13.58 -107.86 36.28
N VAL VA 68 -14.35 -107.35 35.32
CA VAL VA 68 -14.61 -108.07 34.08
C VAL VA 68 -14.31 -107.19 32.86
N PRO VA 69 -13.07 -107.22 32.34
CA PRO VA 69 -12.71 -106.31 31.24
C PRO VA 69 -13.02 -106.84 29.85
N SER VA 70 -12.60 -106.08 28.85
CA SER VA 70 -12.69 -106.46 27.44
C SER VA 70 -11.51 -105.83 26.71
N ALA VA 71 -11.60 -105.72 25.39
CA ALA VA 71 -10.49 -105.23 24.58
C ALA VA 71 -10.23 -103.73 24.75
N SER VA 72 -9.07 -103.31 24.25
CA SER VA 72 -8.40 -102.00 24.28
C SER VA 72 -7.83 -101.66 25.65
N ALA VA 73 -8.36 -102.27 26.70
CA ALA VA 73 -7.77 -102.16 28.02
C ALA VA 73 -6.84 -103.35 28.15
N LEU VA 74 -7.29 -104.48 27.61
CA LEU VA 74 -6.49 -105.69 27.57
C LEU VA 74 -5.45 -105.65 26.45
N ILE VA 75 -5.44 -104.60 25.61
CA ILE VA 75 -4.35 -104.43 24.65
C ILE VA 75 -3.51 -103.20 25.01
N ILE VA 76 -4.05 -102.30 25.85
CA ILE VA 76 -3.14 -101.42 26.59
C ILE VA 76 -2.33 -102.19 27.62
N LYS VA 77 -2.86 -103.32 28.12
CA LYS VA 77 -2.16 -104.27 28.98
C LYS VA 77 -0.92 -104.90 28.31
N ALA VA 78 -0.69 -104.70 27.01
CA ALA VA 78 0.51 -105.22 26.37
C ALA VA 78 1.74 -104.44 26.79
N LEU VA 79 2.27 -104.75 27.99
CA LEU VA 79 3.50 -104.14 28.49
C LEU VA 79 4.31 -105.15 29.28
N LYS VA 80 5.51 -104.77 29.70
CA LYS VA 80 6.34 -105.63 30.52
C LYS VA 80 6.94 -104.86 31.69
N GLU VA 81 6.78 -103.53 31.68
CA GLU VA 81 7.16 -102.65 32.77
C GLU VA 81 6.33 -101.37 32.72
N PRO VA 82 5.71 -100.97 33.83
CA PRO VA 82 5.15 -99.60 33.94
C PRO VA 82 6.05 -98.63 34.69
N PRO VA 83 7.12 -98.05 34.08
CA PRO VA 83 7.89 -97.04 34.82
C PRO VA 83 7.14 -95.71 34.91
N ARG VA 84 6.31 -95.60 35.95
CA ARG VA 84 5.30 -94.55 36.13
C ARG VA 84 5.78 -93.12 35.97
N ASP VA 85 4.85 -92.24 35.59
CA ASP VA 85 5.12 -90.86 35.24
C ASP VA 85 4.55 -89.88 36.25
N ARG VA 86 3.40 -90.28 36.82
CA ARG VA 86 2.60 -89.67 37.89
C ARG VA 86 1.86 -88.40 37.46
N LYS VA 87 2.32 -87.75 36.39
CA LYS VA 87 1.62 -86.84 35.49
C LYS VA 87 2.63 -86.35 34.45
N LYS VA 88 2.12 -85.99 33.27
CA LYS VA 88 2.69 -84.98 32.39
C LYS VA 88 4.08 -85.30 31.83
N GLN VA 89 4.58 -86.52 31.97
CA GLN VA 89 5.94 -86.80 31.49
C GLN VA 89 5.99 -86.98 29.98
N LYS VA 90 5.83 -85.85 29.26
CA LYS VA 90 5.96 -85.76 27.80
C LYS VA 90 4.95 -86.65 27.07
N ASN VA 91 3.83 -86.96 27.74
CA ASN VA 91 2.76 -87.84 27.27
C ASN VA 91 3.34 -89.17 26.81
N ILE VA 92 3.88 -89.97 27.74
CA ILE VA 92 4.76 -91.10 27.49
C ILE VA 92 4.15 -92.13 26.54
N LYS VA 93 4.85 -92.40 25.45
CA LYS VA 93 4.31 -93.12 24.30
C LYS VA 93 4.70 -94.58 24.40
N HIS VA 94 3.80 -95.40 24.91
CA HIS VA 94 4.06 -96.83 25.06
C HIS VA 94 3.55 -97.54 23.81
N SER VA 95 4.07 -97.12 22.65
CA SER VA 95 3.81 -97.83 21.41
C SER VA 95 4.81 -98.98 21.34
N GLY VA 96 4.40 -100.16 21.81
CA GLY VA 96 5.32 -101.26 21.95
C GLY VA 96 4.98 -102.46 21.09
N ASN VA 97 6.02 -103.15 20.59
CA ASN VA 97 5.86 -104.35 19.79
C ASN VA 97 5.23 -105.48 20.61
N ILE VA 98 4.28 -106.18 20.00
CA ILE VA 98 3.63 -107.30 20.66
C ILE VA 98 4.12 -108.57 19.96
N THR VA 99 4.10 -109.69 20.68
CA THR VA 99 4.58 -110.95 20.15
C THR VA 99 3.61 -111.53 19.13
N PHE VA 100 4.06 -112.58 18.44
CA PHE VA 100 3.41 -113.23 17.32
C PHE VA 100 1.99 -113.70 17.61
N ASP VA 101 1.71 -114.02 18.87
CA ASP VA 101 0.37 -114.47 19.25
C ASP VA 101 -0.35 -113.47 20.13
N GLU VA 102 -1.13 -112.57 19.53
CA GLU VA 102 -2.19 -111.89 20.26
C GLU VA 102 -3.51 -112.50 19.80
N ILE VA 103 -3.44 -113.73 19.32
CA ILE VA 103 -4.53 -114.34 18.58
C ILE VA 103 -5.24 -115.41 19.39
N VAL VA 104 -4.52 -116.12 20.25
CA VAL VA 104 -5.09 -117.23 21.01
C VAL VA 104 -4.77 -117.06 22.49
N ASN VA 105 -3.81 -116.19 22.81
CA ASN VA 105 -3.36 -116.01 24.18
C ASN VA 105 -3.83 -114.69 24.78
N ILE VA 106 -4.04 -113.65 23.98
CA ILE VA 106 -4.44 -112.35 24.51
C ILE VA 106 -5.86 -112.09 24.01
N ALA VA 107 -6.58 -113.18 23.66
CA ALA VA 107 -7.93 -113.00 23.16
C ALA VA 107 -8.93 -114.00 23.74
N ARG VA 108 -8.45 -115.08 24.36
CA ARG VA 108 -9.33 -116.16 24.77
C ARG VA 108 -10.11 -115.86 26.05
N GLN VA 109 -9.49 -115.19 27.02
CA GLN VA 109 -10.21 -114.73 28.20
C GLN VA 109 -11.03 -113.48 27.92
N MET VA 110 -10.88 -112.91 26.72
CA MET VA 110 -11.49 -111.67 26.30
C MET VA 110 -12.69 -111.89 25.38
N ARG VA 111 -12.77 -113.04 24.73
CA ARG VA 111 -13.77 -113.29 23.70
C ARG VA 111 -15.16 -113.58 24.29
N HIS VA 112 -16.05 -114.09 23.41
CA HIS VA 112 -17.52 -114.24 23.48
C HIS VA 112 -18.22 -112.92 23.19
N ARG VA 113 -17.47 -111.83 23.03
CA ARG VA 113 -18.05 -110.60 22.48
C ARG VA 113 -17.20 -110.05 21.34
N SER VA 114 -17.42 -110.57 20.13
CA SER VA 114 -16.96 -109.94 18.90
C SER VA 114 -18.05 -110.13 17.86
N LEU VA 115 -18.93 -111.10 18.13
CA LEU VA 115 -20.11 -111.44 17.35
C LEU VA 115 -19.73 -111.84 15.92
N ALA VA 116 -18.91 -112.88 15.81
CA ALA VA 116 -18.41 -113.43 14.55
C ALA VA 116 -17.99 -114.87 14.77
N ARG VA 117 -17.21 -115.42 13.85
CA ARG VA 117 -16.49 -116.66 14.13
C ARG VA 117 -15.24 -116.36 14.95
N GLU VA 118 -14.48 -117.39 15.32
CA GLU VA 118 -13.26 -117.14 16.09
C GLU VA 118 -12.17 -116.49 15.24
N LEU VA 119 -11.70 -117.19 14.21
CA LEU VA 119 -10.46 -116.84 13.51
C LEU VA 119 -10.61 -115.59 12.65
N SER VA 120 -11.79 -115.38 12.07
CA SER VA 120 -12.02 -114.17 11.29
C SER VA 120 -12.60 -113.07 12.16
N GLY VA 121 -12.88 -113.37 13.41
CA GLY VA 121 -13.53 -112.42 14.30
C GLY VA 121 -12.59 -111.61 15.15
N THR VA 122 -12.50 -111.95 16.44
CA THR VA 122 -11.79 -111.24 17.51
C THR VA 122 -10.34 -110.91 17.15
N ILE VA 123 -9.68 -111.88 16.52
CA ILE VA 123 -8.29 -111.75 16.08
C ILE VA 123 -8.15 -110.59 15.10
N LYS VA 124 -9.05 -110.51 14.12
CA LYS VA 124 -8.95 -109.47 13.10
C LYS VA 124 -9.53 -108.16 13.62
N GLU VA 125 -10.44 -108.23 14.59
CA GLU VA 125 -11.04 -107.05 15.19
C GLU VA 125 -10.06 -106.29 16.07
N ILE VA 126 -9.21 -107.01 16.80
CA ILE VA 126 -8.29 -106.37 17.75
C ILE VA 126 -7.16 -105.69 16.99
N LEU VA 127 -6.87 -106.17 15.77
CA LEU VA 127 -5.83 -105.59 14.95
C LEU VA 127 -6.29 -104.24 14.40
N GLY VA 128 -7.58 -104.11 14.16
CA GLY VA 128 -8.16 -102.83 13.80
C GLY VA 128 -8.42 -101.95 15.01
N THR VA 129 -8.50 -102.55 16.19
CA THR VA 129 -8.79 -101.80 17.41
C THR VA 129 -7.54 -101.17 18.00
N ALA VA 130 -6.39 -101.83 17.90
CA ALA VA 130 -5.17 -101.39 18.56
C ALA VA 130 -4.60 -100.12 17.94
N GLN VA 131 -4.98 -98.96 18.49
CA GLN VA 131 -4.50 -97.68 18.01
C GLN VA 131 -3.42 -97.05 18.89
N SER VA 132 -3.12 -97.65 20.04
CA SER VA 132 -1.99 -97.26 20.86
C SER VA 132 -0.84 -98.25 20.78
N VAL VA 133 -1.08 -99.43 20.21
CA VAL VA 133 -0.15 -100.56 20.27
C VAL VA 133 0.71 -100.60 19.01
N GLY VA 134 0.18 -100.04 17.92
CA GLY VA 134 0.66 -100.34 16.57
C GLY VA 134 2.11 -100.06 16.27
N CYS VA 135 2.90 -101.13 16.29
CA CYS VA 135 4.32 -101.06 16.02
C CYS VA 135 4.73 -102.15 15.03
N ASN VA 136 3.73 -102.69 14.34
CA ASN VA 136 3.88 -103.75 13.33
C ASN VA 136 4.47 -105.07 13.82
N VAL VA 137 3.60 -105.99 14.27
CA VAL VA 137 4.00 -107.30 14.75
C VAL VA 137 4.85 -107.97 13.68
N ASP VA 138 4.29 -108.08 12.48
CA ASP VA 138 5.04 -108.63 11.34
C ASP VA 138 5.12 -110.16 11.35
N SER WA 1 -47.78 -5.95 -110.41
CA SER WA 1 -47.62 -5.12 -109.23
C SER WA 1 -48.72 -5.41 -108.23
N ALA WA 2 -49.48 -6.47 -108.51
CA ALA WA 2 -50.59 -6.85 -107.64
C ALA WA 2 -50.09 -7.28 -106.26
N HIS WA 3 -48.97 -7.99 -106.22
CA HIS WA 3 -48.45 -8.42 -104.93
C HIS WA 3 -47.77 -7.29 -104.19
N LEU WA 4 -47.18 -6.33 -104.91
CA LEU WA 4 -46.66 -5.12 -104.25
C LEU WA 4 -47.78 -4.33 -103.61
N GLN WA 5 -48.88 -4.15 -104.34
CA GLN WA 5 -50.03 -3.44 -103.80
C GLN WA 5 -50.64 -4.22 -102.65
N TRP WA 6 -50.60 -5.55 -102.70
CA TRP WA 6 -51.14 -6.32 -101.58
C TRP WA 6 -50.24 -6.22 -100.36
N MET WA 7 -48.92 -6.22 -100.55
CA MET WA 7 -48.02 -6.11 -99.40
C MET WA 7 -48.02 -4.71 -98.83
N VAL WA 8 -48.53 -3.73 -99.56
CA VAL WA 8 -48.72 -2.42 -98.95
C VAL WA 8 -50.10 -2.31 -98.29
N VAL WA 9 -51.12 -2.91 -98.88
CA VAL WA 9 -52.48 -2.61 -98.48
C VAL WA 9 -53.00 -3.60 -97.43
N ARG WA 10 -52.38 -4.78 -97.29
CA ARG WA 10 -52.94 -5.86 -96.46
C ARG WA 10 -52.98 -5.49 -94.99
N ASN WA 11 -52.13 -4.58 -94.58
CA ASN WA 11 -52.26 -3.88 -93.32
C ASN WA 11 -52.08 -2.42 -93.68
N CYS WA 12 -52.17 -1.53 -92.69
CA CYS WA 12 -51.89 -0.09 -92.75
C CYS WA 12 -52.62 0.67 -93.86
N SER WA 13 -53.63 0.09 -94.49
CA SER WA 13 -54.36 0.79 -95.52
C SER WA 13 -55.57 1.47 -94.91
N SER WA 14 -56.47 1.96 -95.77
CA SER WA 14 -57.69 2.59 -95.27
C SER WA 14 -58.70 1.47 -95.05
N PHE WA 15 -60.00 1.81 -95.08
CA PHE WA 15 -61.08 0.82 -94.87
C PHE WA 15 -60.85 -0.05 -93.64
N LEU WA 16 -60.15 -1.18 -93.86
CA LEU WA 16 -59.74 -2.19 -92.87
C LEU WA 16 -60.21 -2.06 -91.42
N ILE WA 17 -61.28 -2.77 -91.08
CA ILE WA 17 -61.83 -2.73 -89.73
C ILE WA 17 -61.44 -3.94 -88.89
N LYS WA 18 -60.80 -3.69 -87.76
CA LYS WA 18 -60.38 -4.73 -86.84
C LYS WA 18 -61.01 -4.42 -85.50
N ARG WA 19 -62.18 -4.98 -85.23
CA ARG WA 19 -62.94 -4.48 -84.10
C ARG WA 19 -63.60 -5.63 -83.36
N ASN WA 20 -63.06 -5.90 -82.16
CA ASN WA 20 -63.31 -6.96 -81.18
C ASN WA 20 -62.83 -8.33 -81.62
N LYS WA 21 -62.69 -8.53 -82.91
CA LYS WA 21 -62.26 -9.77 -83.56
C LYS WA 21 -61.88 -9.46 -84.99
N GLN WA 22 -62.00 -10.50 -85.83
CA GLN WA 22 -61.51 -10.64 -87.19
C GLN WA 22 -61.67 -9.44 -88.12
N THR WA 23 -60.80 -9.39 -89.13
CA THR WA 23 -60.67 -8.25 -90.02
C THR WA 23 -61.78 -8.27 -91.06
N TYR WA 24 -62.24 -7.07 -91.43
CA TYR WA 24 -63.25 -6.91 -92.46
C TYR WA 24 -62.73 -5.87 -93.45
N SER WA 25 -62.25 -6.33 -94.60
CA SER WA 25 -61.69 -5.46 -95.63
C SER WA 25 -62.51 -4.21 -95.96
N THR WA 26 -63.82 -4.39 -96.12
CA THR WA 26 -64.73 -3.28 -96.42
C THR WA 26 -64.27 -2.42 -97.59
N GLU WA 27 -63.85 -3.07 -98.68
CA GLU WA 27 -63.43 -2.33 -99.87
C GLU WA 27 -64.71 -1.91 -100.58
N PRO WA 28 -64.67 -0.80 -101.33
CA PRO WA 28 -65.96 -0.43 -101.96
C PRO WA 28 -66.33 -1.15 -103.26
N ASN WA 29 -65.48 -2.04 -103.77
CA ASN WA 29 -65.90 -2.99 -104.81
C ASN WA 29 -65.40 -4.37 -104.41
N ASN WA 30 -66.12 -5.05 -103.53
CA ASN WA 30 -65.66 -6.33 -103.00
C ASN WA 30 -66.81 -7.32 -103.00
N LEU WA 31 -66.46 -8.60 -103.08
CA LEU WA 31 -67.47 -9.64 -103.04
C LEU WA 31 -67.78 -10.07 -101.62
N LYS WA 32 -66.79 -10.60 -100.92
CA LYS WA 32 -66.98 -11.01 -99.54
C LYS WA 32 -66.48 -9.90 -98.63
N ALA WA 33 -66.55 -10.16 -97.33
CA ALA WA 33 -66.08 -9.15 -96.39
C ALA WA 33 -64.64 -9.38 -95.99
N ARG WA 34 -64.10 -10.57 -96.24
CA ARG WA 34 -62.78 -10.93 -95.74
C ARG WA 34 -61.69 -10.15 -96.43
N ASN WA 35 -60.81 -9.54 -95.64
CA ASN WA 35 -59.63 -8.87 -96.16
C ASN WA 35 -58.67 -9.96 -96.58
N SER WA 36 -58.77 -10.37 -97.84
CA SER WA 36 -57.98 -11.48 -98.33
C SER WA 36 -57.49 -11.14 -99.74
N PHE WA 37 -56.75 -12.08 -100.32
CA PHE WA 37 -56.09 -11.75 -101.58
C PHE WA 37 -56.93 -12.18 -102.77
N ARG WA 38 -57.58 -13.34 -102.70
CA ARG WA 38 -58.43 -13.77 -103.80
C ARG WA 38 -59.69 -12.91 -103.88
N TYR WA 39 -60.18 -12.44 -102.73
CA TYR WA 39 -61.38 -11.61 -102.68
C TYR WA 39 -61.00 -10.14 -102.55
N ASN WA 40 -60.31 -9.64 -103.57
CA ASN WA 40 -59.78 -8.27 -103.55
C ASN WA 40 -60.38 -7.53 -104.74
N GLY WA 41 -60.69 -6.24 -104.56
CA GLY WA 41 -61.34 -5.50 -105.62
C GLY WA 41 -60.53 -4.34 -106.15
N LEU WA 42 -59.70 -3.72 -105.30
CA LEU WA 42 -58.95 -2.56 -105.77
C LEU WA 42 -57.71 -2.99 -106.55
N ILE WA 43 -57.09 -4.09 -106.14
CA ILE WA 43 -55.71 -4.35 -106.54
C ILE WA 43 -55.64 -5.12 -107.84
N HIS WA 44 -56.50 -6.12 -108.02
CA HIS WA 44 -56.43 -7.01 -109.17
C HIS WA 44 -56.71 -6.28 -110.48
N ARG WA 45 -56.17 -6.82 -111.55
CA ARG WA 45 -56.34 -6.22 -112.87
C ARG WA 45 -57.72 -6.55 -113.43
N LYS WA 46 -58.36 -7.57 -112.87
CA LYS WA 46 -59.65 -8.06 -113.34
C LYS WA 46 -60.53 -8.38 -112.13
N THR WA 47 -61.61 -7.63 -111.94
CA THR WA 47 -62.42 -7.77 -110.74
C THR WA 47 -63.90 -7.79 -111.05
N VAL WA 48 -64.63 -8.49 -110.19
CA VAL WA 48 -66.07 -8.69 -110.27
C VAL WA 48 -66.67 -8.21 -108.96
N GLY WA 49 -67.77 -7.47 -109.04
CA GLY WA 49 -68.50 -7.13 -107.83
C GLY WA 49 -69.96 -6.85 -108.12
N VAL WA 50 -70.85 -7.00 -107.15
CA VAL WA 50 -72.24 -6.64 -107.32
C VAL WA 50 -72.62 -5.65 -106.23
N GLU WA 51 -73.64 -4.84 -106.49
CA GLU WA 51 -74.10 -3.76 -105.63
C GLU WA 51 -75.61 -3.58 -105.83
N PRO WA 52 -76.32 -2.96 -104.87
CA PRO WA 52 -77.74 -2.71 -105.11
C PRO WA 52 -77.93 -1.50 -106.02
N ALA WA 53 -78.96 -1.58 -106.85
CA ALA WA 53 -79.31 -0.42 -107.66
C ALA WA 53 -79.92 0.67 -106.78
N ALA WA 54 -79.62 1.92 -107.11
CA ALA WA 54 -80.14 3.03 -106.32
C ALA WA 54 -81.62 3.25 -106.57
N ASP WA 55 -82.15 2.66 -107.65
CA ASP WA 55 -83.59 2.67 -107.88
C ASP WA 55 -84.31 1.84 -106.83
N GLY WA 56 -83.65 0.80 -106.33
CA GLY WA 56 -84.27 -0.07 -105.37
C GLY WA 56 -84.59 -1.39 -106.02
N LYS WA 57 -84.67 -1.40 -107.35
CA LYS WA 57 -85.00 -2.61 -108.07
C LYS WA 57 -83.81 -3.11 -108.90
N GLY WA 58 -83.53 -4.41 -108.75
CA GLY WA 58 -82.47 -5.05 -109.48
C GLY WA 58 -81.13 -4.98 -108.79
N VAL WA 59 -80.16 -5.66 -109.41
CA VAL WA 59 -78.79 -5.75 -108.93
C VAL WA 59 -77.88 -5.20 -110.01
N VAL WA 60 -77.00 -4.27 -109.63
CA VAL WA 60 -76.02 -3.77 -110.57
C VAL WA 60 -74.75 -4.59 -110.41
N VAL WA 61 -74.06 -4.81 -111.52
CA VAL WA 61 -72.83 -5.59 -111.56
C VAL WA 61 -71.73 -4.69 -112.10
N VAL WA 62 -70.64 -4.60 -111.34
CA VAL WA 62 -69.47 -3.82 -111.72
C VAL WA 62 -68.38 -4.79 -112.12
N ILE WA 63 -67.92 -4.68 -113.36
CA ILE WA 63 -66.81 -5.48 -113.83
C ILE WA 63 -65.71 -4.55 -114.32
N LYS WA 64 -64.47 -4.86 -113.93
CA LYS WA 64 -63.36 -3.99 -114.28
C LYS WA 64 -63.06 -4.15 -115.77
N ARG WA 65 -62.58 -3.08 -116.40
CA ARG WA 65 -62.53 -3.03 -117.85
C ARG WA 65 -61.41 -3.89 -118.41
N ARG WA 66 -60.22 -3.83 -117.80
CA ARG WA 66 -58.92 -4.45 -118.16
C ARG WA 66 -58.29 -3.73 -119.35
N SER WA 67 -59.01 -2.87 -120.06
CA SER WA 67 -58.43 -2.22 -121.23
C SER WA 67 -57.44 -1.15 -120.83
N GLY WA 68 -57.74 -0.43 -119.74
CA GLY WA 68 -56.76 0.52 -119.25
C GLY WA 68 -56.90 0.70 -117.75
N GLN WA 69 -55.77 0.51 -117.08
CA GLN WA 69 -55.63 0.93 -115.70
C GLN WA 69 -55.11 2.34 -115.71
N ARG WA 70 -54.93 2.91 -114.51
CA ARG WA 70 -54.65 4.33 -114.27
C ARG WA 70 -55.70 5.22 -114.91
N LYS WA 71 -56.95 4.79 -114.97
CA LYS WA 71 -58.03 5.57 -115.57
C LYS WA 71 -59.34 5.13 -114.92
N PRO WA 72 -59.56 5.51 -113.66
CA PRO WA 72 -60.67 4.92 -112.91
C PRO WA 72 -62.02 5.52 -113.25
N ALA WA 73 -62.05 6.54 -114.09
CA ALA WA 73 -63.34 7.01 -114.60
C ALA WA 73 -63.97 5.98 -115.52
N THR WA 74 -63.15 5.31 -116.33
CA THR WA 74 -63.64 4.32 -117.25
C THR WA 74 -63.25 2.90 -116.87
N SER WA 75 -62.55 2.72 -115.75
CA SER WA 75 -62.03 1.39 -115.40
C SER WA 75 -63.14 0.43 -115.00
N TYR WA 76 -64.25 0.94 -114.47
CA TYR WA 76 -65.33 0.10 -114.00
C TYR WA 76 -66.54 0.29 -114.90
N VAL WA 77 -66.95 -0.77 -115.60
CA VAL WA 77 -68.15 -0.72 -116.41
C VAL WA 77 -69.27 -1.45 -115.67
N ARG WA 78 -70.45 -0.84 -115.66
CA ARG WA 78 -71.54 -1.24 -114.79
C ARG WA 78 -72.76 -1.61 -115.62
N THR WA 79 -73.47 -2.63 -115.17
CA THR WA 79 -74.73 -3.00 -115.79
C THR WA 79 -75.78 -3.19 -114.71
N THR WA 80 -77.05 -3.08 -115.10
CA THR WA 80 -78.17 -3.30 -114.20
C THR WA 80 -78.93 -4.52 -114.68
N ILE WA 81 -79.33 -5.39 -113.76
CA ILE WA 81 -80.11 -6.57 -114.11
C ILE WA 81 -81.29 -6.65 -113.15
N ASN WA 82 -82.50 -6.72 -113.70
CA ASN WA 82 -83.73 -6.88 -112.93
C ASN WA 82 -84.52 -8.05 -113.50
N LYS WA 83 -84.42 -9.21 -112.85
CA LYS WA 83 -85.02 -10.43 -113.37
C LYS WA 83 -85.70 -11.17 -112.23
N ASN WA 84 -86.02 -12.44 -112.49
CA ASN WA 84 -86.90 -13.24 -111.63
C ASN WA 84 -86.12 -14.03 -110.57
N ALA WA 85 -84.89 -13.56 -110.36
CA ALA WA 85 -83.78 -14.02 -109.52
C ALA WA 85 -83.10 -15.28 -110.05
N ARG WA 86 -83.82 -16.11 -110.81
CA ARG WA 86 -83.18 -17.31 -111.33
C ARG WA 86 -82.47 -16.99 -112.63
N ALA WA 87 -83.09 -16.17 -113.47
CA ALA WA 87 -82.44 -15.80 -114.72
C ALA WA 87 -81.26 -14.90 -114.48
N THR WA 88 -81.31 -14.06 -113.43
CA THR WA 88 -80.13 -13.23 -113.15
C THR WA 88 -79.04 -14.04 -112.47
N LEU WA 89 -79.40 -15.09 -111.73
CA LEU WA 89 -78.36 -15.92 -111.15
C LEU WA 89 -77.66 -16.74 -112.23
N SER WA 90 -78.44 -17.26 -113.18
CA SER WA 90 -77.85 -17.96 -114.32
C SER WA 90 -77.08 -16.99 -115.21
N SER WA 91 -77.54 -15.74 -115.31
CA SER WA 91 -76.86 -14.77 -116.14
C SER WA 91 -75.50 -14.41 -115.58
N ILE WA 92 -75.41 -14.25 -114.26
CA ILE WA 92 -74.09 -13.95 -113.69
C ILE WA 92 -73.20 -15.19 -113.72
N ARG WA 93 -73.81 -16.39 -113.70
CA ARG WA 93 -73.02 -17.60 -113.92
C ARG WA 93 -72.43 -17.66 -115.31
N HIS WA 94 -73.22 -17.30 -116.33
CA HIS WA 94 -72.69 -17.31 -117.70
C HIS WA 94 -71.62 -16.24 -117.88
N MET WA 95 -71.83 -15.07 -117.27
CA MET WA 95 -70.90 -13.96 -117.47
C MET WA 95 -69.59 -14.21 -116.75
N ILE WA 96 -69.61 -15.05 -115.71
CA ILE WA 96 -68.34 -15.42 -115.11
C ILE WA 96 -67.70 -16.59 -115.85
N ARG WA 97 -68.43 -17.70 -116.04
CA ARG WA 97 -67.81 -18.93 -116.52
C ARG WA 97 -67.45 -18.87 -117.99
N LYS WA 98 -68.35 -18.37 -118.85
CA LYS WA 98 -68.09 -18.49 -120.28
C LYS WA 98 -67.13 -17.41 -120.76
N ASN WA 99 -66.82 -16.44 -119.92
CA ASN WA 99 -65.65 -15.61 -120.11
C ASN WA 99 -64.47 -16.21 -119.35
N LYS WA 100 -63.27 -15.80 -119.76
CA LYS WA 100 -62.06 -16.11 -119.00
C LYS WA 100 -61.99 -15.28 -117.73
N TYR WA 101 -62.81 -14.24 -117.66
CA TYR WA 101 -62.70 -13.19 -116.66
C TYR WA 101 -63.03 -13.70 -115.28
N ARG WA 102 -61.97 -13.96 -114.48
CA ARG WA 102 -61.99 -14.47 -113.12
C ARG WA 102 -62.79 -15.76 -112.99
N PRO WA 103 -62.21 -16.91 -113.36
CA PRO WA 103 -62.94 -18.18 -113.16
C PRO WA 103 -63.13 -18.54 -111.70
N ASP WA 104 -62.35 -17.95 -110.81
CA ASP WA 104 -62.62 -18.03 -109.38
C ASP WA 104 -63.83 -17.14 -109.05
N LEU WA 105 -64.26 -17.17 -107.78
CA LEU WA 105 -65.22 -16.23 -107.17
C LEU WA 105 -66.58 -16.18 -107.88
N ARG WA 106 -66.86 -17.22 -108.68
CA ARG WA 106 -68.23 -17.53 -109.11
C ARG WA 106 -69.17 -17.48 -107.93
N MET WA 107 -68.91 -18.31 -106.93
CA MET WA 107 -69.84 -18.45 -105.82
C MET WA 107 -69.86 -17.21 -104.96
N ALA WA 108 -68.77 -16.44 -104.93
CA ALA WA 108 -68.80 -15.17 -104.23
C ALA WA 108 -69.81 -14.22 -104.84
N ALA WA 109 -69.77 -14.05 -106.16
CA ALA WA 109 -70.76 -13.22 -106.84
C ALA WA 109 -72.16 -13.78 -106.69
N ILE WA 110 -72.29 -15.11 -106.75
CA ILE WA 110 -73.60 -15.75 -106.72
C ILE WA 110 -74.25 -15.61 -105.35
N ARG WA 111 -73.50 -15.89 -104.27
CA ARG WA 111 -74.04 -15.78 -102.92
C ARG WA 111 -74.37 -14.34 -102.58
N ARG WA 112 -73.53 -13.39 -102.99
CA ARG WA 112 -73.83 -11.99 -102.68
C ARG WA 112 -75.07 -11.51 -103.42
N ALA WA 113 -75.23 -11.94 -104.67
CA ALA WA 113 -76.42 -11.58 -105.42
C ALA WA 113 -77.67 -12.24 -104.84
N SER WA 114 -77.52 -13.47 -104.35
CA SER WA 114 -78.65 -14.19 -103.78
C SER WA 114 -79.11 -13.54 -102.48
N ALA WA 115 -78.16 -13.14 -101.64
CA ALA WA 115 -78.48 -12.49 -100.38
C ALA WA 115 -79.11 -11.13 -100.62
N ILE WA 116 -78.61 -10.38 -101.60
CA ILE WA 116 -79.16 -9.06 -101.82
C ILE WA 116 -80.54 -9.14 -102.46
N LEU WA 117 -80.79 -10.21 -103.24
CA LEU WA 117 -82.13 -10.37 -103.80
C LEU WA 117 -83.13 -10.79 -102.73
N ARG WA 118 -82.73 -11.65 -101.78
CA ARG WA 118 -83.66 -11.98 -100.71
C ARG WA 118 -83.90 -10.78 -99.80
N SER WA 119 -82.87 -9.97 -99.56
CA SER WA 119 -83.07 -8.76 -98.76
C SER WA 119 -83.91 -7.73 -99.50
N GLN WA 120 -83.96 -7.82 -100.82
CA GLN WA 120 -84.65 -6.80 -101.59
C GLN WA 120 -86.15 -7.07 -101.73
N LYS WA 121 -86.58 -8.33 -101.55
CA LYS WA 121 -87.91 -8.73 -102.00
C LYS WA 121 -89.08 -8.29 -101.12
N PRO WA 122 -89.07 -8.43 -99.77
CA PRO WA 122 -90.32 -8.01 -99.12
C PRO WA 122 -90.41 -6.49 -98.95
N MET XA 1 50.03 36.15 -66.70
CA MET XA 1 49.86 34.75 -67.03
C MET XA 1 49.41 34.55 -68.47
N SER XA 2 50.35 34.13 -69.31
CA SER XA 2 50.05 33.78 -70.70
C SER XA 2 51.10 32.78 -71.15
N SER XA 3 50.66 31.78 -71.90
CA SER XA 3 51.57 30.72 -72.31
C SER XA 3 51.05 30.08 -73.58
N LYS XA 4 51.91 30.08 -74.59
CA LYS XA 4 51.66 29.35 -75.82
C LYS XA 4 52.72 28.27 -75.97
N VAL XA 5 52.57 27.45 -76.99
CA VAL XA 5 53.54 26.40 -77.31
C VAL XA 5 53.91 26.62 -78.78
N SER XA 6 53.81 27.87 -79.22
CA SER XA 6 53.97 28.25 -80.62
C SER XA 6 55.42 28.18 -81.09
N ARG XA 7 55.58 27.83 -82.37
CA ARG XA 7 56.87 27.48 -82.96
C ARG XA 7 57.86 28.64 -82.98
N ASP XA 8 57.41 29.81 -83.46
CA ASP XA 8 58.32 30.94 -83.59
C ASP XA 8 58.72 31.53 -82.24
N THR XA 9 57.84 31.47 -81.25
CA THR XA 9 58.21 31.88 -79.89
C THR XA 9 59.07 30.85 -79.18
N LEU XA 10 59.00 29.58 -79.58
CA LEU XA 10 60.00 28.61 -79.15
C LEU XA 10 61.37 28.91 -79.75
N TYR XA 11 61.41 29.12 -81.08
CA TYR XA 11 62.66 29.30 -81.80
C TYR XA 11 63.33 30.64 -81.45
N GLU XA 12 62.52 31.67 -81.19
CA GLU XA 12 63.06 32.97 -80.80
C GLU XA 12 63.67 32.91 -79.40
N ALA XA 13 63.05 32.16 -78.50
CA ALA XA 13 63.64 31.94 -77.17
C ALA XA 13 64.91 31.11 -77.25
N VAL XA 14 64.98 30.14 -78.19
CA VAL XA 14 66.23 29.42 -78.44
C VAL XA 14 67.32 30.37 -78.92
N ARG XA 15 67.00 31.27 -79.85
CA ARG XA 15 67.98 32.24 -80.34
C ARG XA 15 68.42 33.23 -79.26
N GLU XA 16 67.49 33.71 -78.43
CA GLU XA 16 67.83 34.57 -77.30
C GLU XA 16 68.72 33.87 -76.28
N VAL XA 17 68.44 32.61 -75.93
CA VAL XA 17 69.22 31.94 -74.91
C VAL XA 17 70.58 31.50 -75.47
N LEU XA 18 70.70 31.37 -76.79
CA LEU XA 18 72.02 31.16 -77.37
C LEU XA 18 72.83 32.45 -77.41
N HIS XA 19 72.18 33.57 -77.73
CA HIS XA 19 72.87 34.84 -77.90
C HIS XA 19 73.02 35.61 -76.58
N GLY XA 20 72.60 35.03 -75.46
CA GLY XA 20 72.80 35.64 -74.16
C GLY XA 20 74.25 35.79 -73.75
N ASN XA 21 74.60 36.99 -73.27
CA ASN XA 21 75.95 37.44 -72.90
C ASN XA 21 76.93 37.30 -74.07
N GLN XA 22 76.43 37.65 -75.26
CA GLN XA 22 77.22 37.61 -76.48
C GLN XA 22 77.20 36.22 -77.04
N ARG XA 23 77.91 35.33 -76.35
CA ARG XA 23 78.00 33.94 -76.76
C ARG XA 23 78.46 33.09 -75.59
N LYS XA 24 78.35 33.61 -74.36
CA LYS XA 24 78.80 32.77 -73.24
C LYS XA 24 79.61 31.57 -73.75
N ARG XA 25 80.78 31.85 -74.34
CA ARG XA 25 81.58 30.82 -74.98
C ARG XA 25 82.69 30.33 -74.06
N ARG XA 26 82.61 29.06 -73.66
CA ARG XA 26 83.64 28.40 -72.86
C ARG XA 26 84.07 27.12 -73.58
N LYS XA 27 85.05 26.44 -73.00
CA LYS XA 27 85.79 25.43 -73.77
C LYS XA 27 85.04 24.11 -73.86
N PHE XA 28 83.87 24.00 -73.24
CA PHE XA 28 83.07 22.80 -73.40
C PHE XA 28 81.97 23.03 -74.42
N LEU XA 29 81.55 21.96 -75.09
CA LEU XA 29 80.45 22.05 -76.05
C LEU XA 29 79.15 22.04 -75.27
N GLU XA 30 78.46 23.19 -75.30
CA GLU XA 30 77.33 23.48 -74.43
C GLU XA 30 76.13 22.61 -74.76
N THR XA 31 75.41 22.16 -73.74
CA THR XA 31 74.19 21.37 -73.92
C THR XA 31 72.98 22.24 -73.64
N VAL XA 32 71.81 21.83 -74.15
CA VAL XA 32 70.61 22.64 -74.06
C VAL XA 32 69.65 22.00 -73.05
N GLU XA 33 69.17 22.81 -72.10
CA GLU XA 33 68.36 22.33 -70.99
C GLU XA 33 66.93 22.83 -71.11
N LEU XA 34 65.99 21.97 -70.72
CA LEU XA 34 64.58 22.31 -70.71
C LEU XA 34 63.99 22.00 -69.34
N GLN XA 35 63.43 23.02 -68.69
CA GLN XA 35 62.71 22.83 -67.42
C GLN XA 35 61.22 22.98 -67.68
N ILE XA 36 60.44 22.01 -67.23
CA ILE XA 36 58.99 22.05 -67.28
C ILE XA 36 58.49 22.16 -65.85
N SER XA 37 57.82 23.27 -65.56
CA SER XA 37 57.14 23.51 -64.28
C SER XA 37 55.65 23.24 -64.50
N LEU XA 38 55.05 22.43 -63.63
CA LEU XA 38 53.70 21.96 -63.88
C LEU XA 38 52.76 22.42 -62.76
N LYS XA 39 51.46 22.48 -63.07
CA LYS XA 39 50.46 23.01 -62.17
C LYS XA 39 49.26 22.05 -62.15
N ASN XA 40 48.55 22.02 -61.01
CA ASN XA 40 47.32 21.28 -60.78
C ASN XA 40 47.52 19.78 -60.92
N TYR XA 41 48.57 19.24 -60.31
CA TYR XA 41 48.75 17.79 -60.24
C TYR XA 41 48.69 17.35 -58.79
N ASP XA 42 48.15 16.15 -58.60
CA ASP XA 42 48.28 15.44 -57.33
C ASP XA 42 48.91 14.07 -57.58
N PRO XA 43 50.24 13.98 -57.71
CA PRO XA 43 50.88 12.66 -57.77
C PRO XA 43 51.03 11.96 -56.43
N GLN XA 44 50.49 12.55 -55.36
CA GLN XA 44 50.36 11.87 -54.07
C GLN XA 44 49.49 10.63 -54.16
N LYS XA 45 48.53 10.59 -55.07
CA LYS XA 45 47.68 9.42 -55.20
C LYS XA 45 47.91 8.66 -56.50
N ASP XA 46 47.65 9.28 -57.66
CA ASP XA 46 47.61 8.55 -58.93
C ASP XA 46 48.11 9.36 -60.12
N LYS XA 47 49.00 10.34 -59.93
CA LYS XA 47 49.38 11.21 -61.04
C LYS XA 47 50.88 11.32 -61.28
N ARG XA 48 51.62 10.23 -61.32
CA ARG XA 48 53.05 10.31 -61.62
C ARG XA 48 53.28 10.11 -63.12
N PHE XA 49 54.20 10.88 -63.68
CA PHE XA 49 54.53 10.76 -65.10
C PHE XA 49 55.85 10.03 -65.29
N SER XA 50 55.80 8.94 -66.05
CA SER XA 50 56.99 8.17 -66.37
C SER XA 50 56.84 7.44 -67.71
N GLY XA 51 57.59 7.91 -68.71
CA GLY XA 51 57.57 7.30 -70.03
C GLY XA 51 58.89 7.39 -70.76
N THR XA 52 58.95 6.92 -72.01
CA THR XA 52 60.17 6.96 -72.82
C THR XA 52 59.96 7.91 -73.98
N VAL XA 53 60.69 9.03 -73.97
CA VAL XA 53 60.64 10.00 -75.04
C VAL XA 53 61.90 9.87 -75.88
N ARG XA 54 61.73 9.56 -77.16
CA ARG XA 54 62.85 9.34 -78.08
C ARG XA 54 63.08 10.62 -78.88
N LEU XA 55 64.10 11.38 -78.47
CA LEU XA 55 64.39 12.65 -79.12
C LEU XA 55 64.96 12.43 -80.51
N LYS XA 56 64.32 13.05 -81.49
CA LYS XA 56 64.48 12.64 -82.88
C LYS XA 56 65.80 13.13 -83.46
N SER XA 57 66.29 14.28 -83.01
CA SER XA 57 67.49 14.84 -83.60
C SER XA 57 68.77 14.22 -83.06
N THR XA 58 69.18 14.59 -81.85
CA THR XA 58 70.39 14.04 -81.24
C THR XA 58 70.41 14.23 -79.72
N PRO XA 59 70.74 13.16 -78.98
CA PRO XA 59 70.81 13.17 -77.52
C PRO XA 59 72.23 13.40 -77.02
N ARG XA 60 72.82 14.54 -77.37
CA ARG XA 60 74.18 14.89 -76.97
C ARG XA 60 75.17 13.76 -77.25
N PRO XA 61 75.38 12.88 -76.25
CA PRO XA 61 76.30 11.74 -76.38
C PRO XA 61 75.67 10.52 -77.04
N LYS XA 62 76.45 9.81 -77.84
CA LYS XA 62 76.08 8.44 -78.16
C LYS XA 62 76.20 7.61 -76.89
N PHE XA 63 75.04 7.25 -76.33
CA PHE XA 63 74.89 6.83 -74.94
C PHE XA 63 75.75 5.62 -74.58
N SER XA 64 76.35 5.68 -73.40
CA SER XA 64 77.12 4.58 -72.86
C SER XA 64 76.16 3.50 -72.38
N VAL XA 65 76.06 2.43 -73.16
CA VAL XA 65 75.07 1.37 -72.93
C VAL XA 65 75.82 0.10 -72.53
N CYS XA 66 75.37 -0.53 -71.45
CA CYS XA 66 75.92 -1.81 -71.01
C CYS XA 66 74.81 -2.84 -70.99
N VAL XA 67 75.10 -4.02 -71.53
CA VAL XA 67 74.13 -5.10 -71.67
C VAL XA 67 74.68 -6.31 -70.90
N LEU XA 68 73.81 -6.98 -70.15
CA LEU XA 68 74.19 -8.17 -69.39
C LEU XA 68 73.34 -9.37 -69.81
N GLY XA 69 74.02 -10.47 -70.17
CA GLY XA 69 73.38 -11.73 -70.53
C GLY XA 69 74.38 -12.74 -71.07
N ASP XA 70 73.92 -13.70 -71.90
CA ASP XA 70 74.77 -14.51 -72.77
C ASP XA 70 73.96 -15.22 -73.85
N GLN XA 71 74.24 -14.96 -75.14
CA GLN XA 71 74.03 -15.80 -76.33
C GLN XA 71 74.62 -15.17 -77.58
N GLN XA 72 74.13 -15.64 -78.76
CA GLN XA 72 74.23 -14.90 -80.02
C GLN XA 72 73.93 -13.40 -79.87
N HIS XA 73 72.97 -13.07 -78.99
CA HIS XA 73 72.82 -11.71 -78.46
C HIS XA 73 74.15 -11.12 -77.97
N CYS XA 74 74.93 -11.85 -77.15
CA CYS XA 74 76.18 -11.26 -76.70
C CYS XA 74 77.27 -11.30 -77.76
N ASP XA 75 77.14 -12.21 -78.73
CA ASP XA 75 78.04 -12.17 -79.88
C ASP XA 75 77.78 -10.93 -80.75
N GLU XA 76 76.52 -10.54 -80.92
CA GLU XA 76 76.22 -9.28 -81.60
C GLU XA 76 76.62 -8.09 -80.75
N ALA XA 77 76.56 -8.23 -79.42
CA ALA XA 77 77.08 -7.19 -78.53
C ALA XA 77 78.59 -6.98 -78.72
N LYS XA 78 79.35 -8.08 -78.85
CA LYS XA 78 80.77 -7.94 -79.15
C LYS XA 78 80.99 -7.50 -80.60
N ALA XA 79 80.02 -7.74 -81.48
CA ALA XA 79 80.13 -7.26 -82.86
C ALA XA 79 80.01 -5.75 -82.94
N VAL XA 80 79.01 -5.18 -82.26
CA VAL XA 80 78.85 -3.72 -82.18
C VAL XA 80 79.89 -3.10 -81.26
N ASP XA 81 80.53 -3.91 -80.41
CA ASP XA 81 81.48 -3.62 -79.32
C ASP XA 81 80.71 -2.92 -78.21
N ILE XA 82 79.47 -3.31 -77.97
CA ILE XA 82 78.77 -2.94 -76.74
C ILE XA 82 79.49 -3.59 -75.57
N PRO XA 83 79.82 -2.84 -74.51
CA PRO XA 83 80.55 -3.43 -73.37
C PRO XA 83 79.69 -4.44 -72.62
N HIS XA 84 80.08 -5.71 -72.75
CA HIS XA 84 79.28 -6.83 -72.29
C HIS XA 84 80.12 -7.68 -71.35
N MET XA 85 79.51 -8.12 -70.25
CA MET XA 85 80.23 -8.82 -69.19
C MET XA 85 79.46 -10.08 -68.79
N ASP XA 86 80.19 -11.15 -68.50
CA ASP XA 86 79.61 -12.49 -68.40
C ASP XA 86 79.17 -12.84 -66.98
N ILE XA 87 78.80 -14.11 -66.82
CA ILE XA 87 78.20 -14.67 -65.60
C ILE XA 87 79.19 -14.68 -64.45
N GLU XA 88 80.42 -15.13 -64.74
CA GLU XA 88 81.45 -15.24 -63.72
C GLU XA 88 81.83 -13.88 -63.17
N ALA XA 89 81.93 -12.88 -64.04
CA ALA XA 89 82.25 -11.54 -63.56
C ALA XA 89 81.03 -10.83 -62.98
N LEU XA 90 79.82 -11.30 -63.29
CA LEU XA 90 78.65 -10.86 -62.53
C LEU XA 90 78.69 -11.38 -61.10
N LYS XA 91 79.11 -12.63 -60.92
CA LYS XA 91 79.29 -13.17 -59.57
C LYS XA 91 80.53 -12.57 -58.90
N LYS XA 92 81.42 -11.95 -59.69
CA LYS XA 92 82.46 -11.10 -59.13
C LYS XA 92 81.92 -9.73 -58.71
N LEU XA 93 80.92 -9.22 -59.45
CA LEU XA 93 80.24 -7.98 -59.05
C LEU XA 93 79.41 -8.18 -57.79
N ASN XA 94 79.07 -9.42 -57.48
CA ASN XA 94 78.42 -9.77 -56.20
C ASN XA 94 79.26 -9.33 -55.00
N LYS XA 95 80.59 -9.34 -55.13
CA LYS XA 95 81.46 -9.35 -53.95
C LYS XA 95 81.64 -7.96 -53.33
N ASN XA 96 81.49 -6.89 -54.11
CA ASN XA 96 81.61 -5.54 -53.59
C ASN XA 96 80.41 -4.69 -53.97
N LYS XA 97 80.04 -3.76 -53.08
CA LYS XA 97 78.87 -2.92 -53.29
C LYS XA 97 79.21 -1.69 -54.14
N LYS XA 98 80.40 -1.11 -53.93
CA LYS XA 98 80.83 0.03 -54.73
C LYS XA 98 81.15 -0.39 -56.17
N LEU XA 99 81.44 -1.69 -56.37
CA LEU XA 99 81.75 -2.18 -57.71
C LEU XA 99 80.51 -2.19 -58.60
N VAL XA 100 79.32 -2.19 -57.99
CA VAL XA 100 78.07 -1.99 -58.73
C VAL XA 100 78.03 -0.61 -59.36
N LYS XA 101 78.34 0.41 -58.56
CA LYS XA 101 78.18 1.79 -59.03
C LYS XA 101 79.36 2.24 -59.88
N LYS XA 102 80.42 1.43 -59.93
CA LYS XA 102 81.53 1.75 -60.82
C LYS XA 102 81.17 1.45 -62.27
N LEU XA 103 80.33 0.43 -62.49
CA LEU XA 103 79.80 0.20 -63.83
C LEU XA 103 78.47 0.89 -64.07
N ALA XA 104 77.84 1.45 -63.03
CA ALA XA 104 76.56 2.13 -63.19
C ALA XA 104 76.73 3.58 -63.61
N LYS XA 105 77.77 4.25 -63.12
CA LYS XA 105 77.96 5.66 -63.45
C LYS XA 105 78.71 5.82 -64.76
N LYS XA 106 79.63 4.91 -65.07
CA LYS XA 106 80.42 5.03 -66.28
C LYS XA 106 79.61 4.66 -67.51
N TYR XA 107 78.58 3.84 -67.35
CA TYR XA 107 77.73 3.43 -68.45
C TYR XA 107 76.27 3.78 -68.14
N ASP XA 108 75.68 4.59 -69.00
CA ASP XA 108 74.42 5.27 -68.73
C ASP XA 108 73.20 4.33 -68.80
N ALA XA 109 72.97 3.76 -69.98
CA ALA XA 109 71.75 2.98 -70.20
C ALA XA 109 72.03 1.49 -70.12
N PHE XA 110 71.15 0.78 -69.42
CA PHE XA 110 71.34 -0.64 -69.12
C PHE XA 110 70.30 -1.51 -69.80
N LEU XA 111 70.79 -2.47 -70.57
CA LEU XA 111 69.95 -3.47 -71.20
C LEU XA 111 70.41 -4.85 -70.74
N ALA XA 112 69.48 -5.75 -70.52
CA ALA XA 112 69.77 -7.06 -69.97
C ALA XA 112 68.85 -8.10 -70.59
N SER XA 113 69.42 -9.29 -70.82
CA SER XA 113 68.67 -10.38 -71.42
C SER XA 113 67.58 -10.89 -70.48
N GLU XA 114 66.62 -11.63 -71.05
CA GLU XA 114 65.48 -12.14 -70.32
C GLU XA 114 65.89 -13.13 -69.22
N SER XA 115 66.94 -13.91 -69.49
CA SER XA 115 67.34 -14.98 -68.59
C SER XA 115 67.99 -14.49 -67.31
N LEU XA 116 68.48 -13.25 -67.26
CA LEU XA 116 69.30 -12.81 -66.15
C LEU XA 116 68.56 -11.87 -65.19
N ILE XA 117 67.30 -11.54 -65.47
CA ILE XA 117 66.58 -10.58 -64.64
C ILE XA 117 66.14 -11.23 -63.32
N LYS XA 118 66.21 -12.56 -63.23
CA LYS XA 118 66.04 -13.22 -61.94
C LYS XA 118 67.27 -13.00 -61.06
N GLN XA 119 68.45 -12.91 -61.67
CA GLN XA 119 69.68 -12.85 -60.89
C GLN XA 119 70.09 -11.41 -60.58
N ILE XA 120 69.83 -10.47 -61.48
CA ILE XA 120 70.36 -9.10 -61.41
C ILE XA 120 69.94 -8.30 -60.16
N PRO XA 121 68.70 -8.35 -59.65
CA PRO XA 121 68.46 -7.65 -58.36
C PRO XA 121 69.00 -8.36 -57.13
N ARG XA 122 69.79 -9.42 -57.28
CA ARG XA 122 70.52 -9.97 -56.14
C ARG XA 122 71.95 -9.42 -56.10
N ILE XA 123 72.63 -9.42 -57.24
CA ILE XA 123 73.99 -8.90 -57.35
C ILE XA 123 73.96 -7.38 -57.32
N LEU XA 124 73.26 -6.79 -58.28
CA LEU XA 124 73.23 -5.35 -58.45
C LEU XA 124 72.05 -4.70 -57.72
N GLY XA 125 71.66 -5.26 -56.57
CA GLY XA 125 70.47 -4.87 -55.84
C GLY XA 125 70.37 -3.44 -55.33
N PRO XA 126 71.27 -3.02 -54.41
CA PRO XA 126 71.13 -1.68 -53.81
C PRO XA 126 71.35 -0.52 -54.76
N GLY XA 127 72.03 -0.77 -55.87
CA GLY XA 127 72.35 0.31 -56.78
C GLY XA 127 71.18 0.72 -57.67
N LEU XA 128 70.72 -0.20 -58.51
CA LEU XA 128 70.01 0.21 -59.72
C LEU XA 128 68.56 0.57 -59.45
N ASN XA 129 67.86 -0.23 -58.64
CA ASN XA 129 66.45 0.03 -58.38
C ASN XA 129 66.26 1.27 -57.52
N LYS XA 130 67.18 1.49 -56.57
CA LYS XA 130 67.07 2.66 -55.70
C LYS XA 130 67.55 3.92 -56.41
N ALA XA 131 68.54 3.80 -57.30
CA ALA XA 131 69.02 4.97 -58.01
C ALA XA 131 68.15 5.29 -59.22
N GLY XA 132 67.34 4.32 -59.66
CA GLY XA 132 66.49 4.49 -60.83
C GLY XA 132 66.98 3.78 -62.07
N LYS XA 133 68.20 3.24 -62.07
CA LYS XA 133 68.80 2.71 -63.29
C LYS XA 133 68.68 1.20 -63.41
N PHE XA 134 67.56 0.62 -63.01
CA PHE XA 134 67.26 -0.80 -63.21
C PHE XA 134 67.22 -1.12 -64.70
N PRO XA 135 67.79 -2.24 -65.13
CA PRO XA 135 67.98 -2.48 -66.57
C PRO XA 135 66.68 -2.89 -67.24
N SER XA 136 66.67 -2.79 -68.57
CA SER XA 136 65.50 -3.17 -69.36
C SER XA 136 65.64 -4.61 -69.85
N LEU XA 137 64.57 -5.39 -69.70
CA LEU XA 137 64.55 -6.78 -70.14
C LEU XA 137 64.45 -6.87 -71.66
N LEU XA 138 65.14 -7.86 -72.23
CA LEU XA 138 65.27 -7.95 -73.68
C LEU XA 138 64.82 -9.32 -74.20
N THR XA 139 64.75 -9.42 -75.53
CA THR XA 139 64.47 -10.69 -76.19
C THR XA 139 65.77 -11.49 -76.29
N HIS XA 140 65.63 -12.82 -76.19
CA HIS XA 140 66.78 -13.72 -76.00
C HIS XA 140 67.74 -13.74 -77.19
N ASN XA 141 67.24 -13.58 -78.41
CA ASN XA 141 68.08 -13.48 -79.59
C ASN XA 141 67.75 -12.25 -80.44
N GLU XA 142 67.69 -11.07 -79.83
CA GLU XA 142 67.23 -9.86 -80.50
C GLU XA 142 68.32 -9.26 -81.39
N ASN XA 143 67.91 -8.68 -82.51
CA ASN XA 143 68.73 -7.77 -83.30
C ASN XA 143 69.06 -6.56 -82.43
N MET XA 144 70.33 -6.40 -82.09
CA MET XA 144 70.71 -5.30 -81.20
C MET XA 144 70.90 -3.99 -81.94
N VAL XA 145 70.86 -3.99 -83.27
CA VAL XA 145 71.09 -2.79 -84.05
C VAL XA 145 69.99 -1.76 -83.81
N ALA XA 146 68.72 -2.16 -83.98
CA ALA XA 146 67.61 -1.25 -83.78
C ALA XA 146 67.42 -0.90 -82.31
N LYS XA 147 67.75 -1.84 -81.42
CA LYS XA 147 67.65 -1.58 -79.98
C LYS XA 147 68.65 -0.52 -79.54
N VAL XA 148 69.92 -0.66 -79.91
CA VAL XA 148 70.92 0.35 -79.59
C VAL XA 148 70.63 1.66 -80.30
N ASP XA 149 70.08 1.59 -81.52
CA ASP XA 149 69.72 2.78 -82.28
C ASP XA 149 68.62 3.59 -81.58
N GLU XA 150 67.63 2.92 -81.00
CA GLU XA 150 66.58 3.63 -80.29
C GLU XA 150 67.04 4.07 -78.90
N VAL XA 151 67.92 3.28 -78.26
CA VAL XA 151 68.41 3.64 -76.92
C VAL XA 151 69.37 4.82 -76.98
N LYS XA 152 70.06 5.01 -78.11
CA LYS XA 152 70.89 6.21 -78.32
C LYS XA 152 70.09 7.50 -78.27
N SER XA 153 68.79 7.45 -78.58
CA SER XA 153 67.97 8.65 -78.67
C SER XA 153 66.87 8.68 -77.61
N THR XA 154 66.69 7.58 -76.87
CA THR XA 154 65.60 7.44 -75.91
C THR XA 154 66.04 7.96 -74.55
N ILE XA 155 65.42 9.05 -74.10
CA ILE XA 155 65.53 9.52 -72.73
C ILE XA 155 64.23 9.20 -72.01
N LYS XA 156 64.23 9.40 -70.70
CA LYS XA 156 63.11 8.99 -69.86
C LYS XA 156 62.45 10.23 -69.25
N PHE XA 157 61.14 10.36 -69.44
CA PHE XA 157 60.39 11.41 -68.80
C PHE XA 157 59.88 10.91 -67.45
N GLN XA 158 60.56 11.33 -66.37
CA GLN XA 158 60.36 10.86 -64.99
C GLN XA 158 60.13 12.12 -64.15
N MET XA 159 58.87 12.49 -63.95
CA MET XA 159 58.54 13.65 -63.14
C MET XA 159 58.50 13.27 -61.66
N LYS XA 160 58.67 11.98 -61.38
CA LYS XA 160 58.67 11.45 -60.02
C LYS XA 160 57.46 11.94 -59.21
N LYS XA 161 57.72 12.36 -57.98
CA LYS XA 161 56.67 12.85 -57.11
C LYS XA 161 56.75 14.37 -56.98
N VAL XA 162 57.87 14.92 -57.41
CA VAL XA 162 58.09 16.37 -57.35
C VAL XA 162 57.35 17.08 -58.49
N LEU XA 163 57.22 18.40 -58.37
CA LEU XA 163 56.54 19.19 -59.39
C LEU XA 163 57.53 19.97 -60.25
N CYS XA 164 58.12 19.31 -61.24
CA CYS XA 164 59.08 19.97 -62.11
C CYS XA 164 60.01 18.91 -62.68
N LEU XA 165 60.45 19.12 -63.92
CA LEU XA 165 61.36 18.17 -64.56
C LEU XA 165 62.21 18.87 -65.62
N ALA XA 166 63.52 18.71 -65.50
CA ALA XA 166 64.47 19.23 -66.47
C ALA XA 166 65.12 18.07 -67.21
N VAL XA 167 65.33 18.24 -68.52
CA VAL XA 167 66.00 17.25 -69.35
C VAL XA 167 66.94 17.97 -70.32
N ALA XA 168 68.01 17.28 -70.72
CA ALA XA 168 68.87 17.78 -71.78
C ALA XA 168 68.36 17.29 -73.13
N VAL XA 169 68.26 18.23 -74.09
CA VAL XA 169 67.64 17.91 -75.36
C VAL XA 169 68.65 17.95 -76.51
N GLY XA 170 69.93 18.00 -76.17
CA GLY XA 170 70.99 18.06 -77.16
C GLY XA 170 71.97 19.18 -76.87
N HIS XA 171 72.81 19.47 -77.86
CA HIS XA 171 73.89 20.43 -77.71
C HIS XA 171 73.71 21.60 -78.66
N VAL XA 172 74.50 22.66 -78.44
CA VAL XA 172 74.34 23.92 -79.15
C VAL XA 172 75.05 23.88 -80.48
N LYS XA 173 75.90 22.87 -80.69
CA LYS XA 173 76.59 22.76 -81.96
C LYS XA 173 75.75 22.09 -83.01
N MET XA 174 74.60 21.58 -82.57
CA MET XA 174 73.49 21.20 -83.43
C MET XA 174 72.92 22.42 -84.13
N THR XA 175 72.06 22.17 -85.11
CA THR XA 175 71.30 23.26 -85.67
C THR XA 175 70.13 23.60 -84.74
N ASP XA 176 69.75 24.87 -84.77
CA ASP XA 176 68.73 25.37 -83.86
C ASP XA 176 67.35 24.82 -84.23
N ASP XA 177 67.18 24.45 -85.49
CA ASP XA 177 65.96 23.77 -85.92
C ASP XA 177 65.84 22.39 -85.29
N GLU XA 178 66.95 21.64 -85.24
CA GLU XA 178 66.96 20.36 -84.54
C GLU XA 178 66.72 20.54 -83.05
N LEU XA 179 67.24 21.62 -82.45
CA LEU XA 179 66.98 21.91 -81.05
C LEU XA 179 65.49 22.20 -80.76
N VAL XA 180 64.86 23.05 -81.57
CA VAL XA 180 63.45 23.38 -81.33
C VAL XA 180 62.55 22.18 -81.68
N TYR XA 181 63.01 21.31 -82.58
CA TYR XA 181 62.28 20.08 -82.84
C TYR XA 181 62.38 19.09 -81.68
N ASN XA 182 63.53 19.05 -80.99
CA ASN XA 182 63.61 18.28 -79.75
C ASN XA 182 62.71 18.85 -78.66
N ILE XA 183 62.56 20.18 -78.62
CA ILE XA 183 61.69 20.78 -77.61
C ILE XA 183 60.21 20.46 -77.90
N HIS XA 184 59.84 20.43 -79.19
CA HIS XA 184 58.50 19.98 -79.55
C HIS XA 184 58.28 18.50 -79.24
N LEU XA 185 59.29 17.66 -79.46
CA LEU XA 185 59.16 16.25 -79.10
C LEU XA 185 59.15 16.05 -77.59
N ALA XA 186 59.65 17.02 -76.83
CA ALA XA 186 59.51 16.98 -75.38
C ALA XA 186 58.09 17.34 -74.93
N VAL XA 187 57.51 18.40 -75.51
CA VAL XA 187 56.22 18.89 -75.02
C VAL XA 187 55.07 18.06 -75.59
N ASN XA 188 55.35 17.27 -76.64
CA ASN XA 188 54.34 16.37 -77.19
C ASN XA 188 53.95 15.28 -76.20
N PHE XA 189 54.85 14.86 -75.32
CA PHE XA 189 54.52 13.88 -74.27
C PHE XA 189 53.59 14.49 -73.23
N LEU XA 190 53.77 15.78 -72.93
CA LEU XA 190 52.85 16.50 -72.04
C LEU XA 190 51.44 16.57 -72.63
N VAL XA 191 51.35 16.97 -73.92
CA VAL XA 191 50.02 17.12 -74.51
C VAL XA 191 49.40 15.77 -74.85
N SER XA 192 50.22 14.71 -74.89
CA SER XA 192 49.67 13.37 -75.07
C SER XA 192 49.17 12.77 -73.76
N LEU XA 193 49.87 13.03 -72.65
CA LEU XA 193 49.40 12.56 -71.35
C LEU XA 193 48.16 13.32 -70.91
N LEU XA 194 48.25 14.64 -70.78
CA LEU XA 194 47.25 15.41 -70.07
C LEU XA 194 45.98 15.52 -70.90
N LYS XA 195 44.82 15.43 -70.23
CA LYS XA 195 43.54 15.28 -70.91
C LYS XA 195 42.93 16.60 -71.35
N LYS XA 196 42.99 17.64 -70.51
CA LYS XA 196 42.31 18.89 -70.81
C LYS XA 196 43.03 19.74 -71.85
N ASN XA 197 44.24 20.24 -71.54
CA ASN XA 197 44.93 21.18 -72.41
C ASN XA 197 46.40 21.31 -71.99
N TRP XA 198 47.12 22.26 -72.58
CA TRP XA 198 48.47 22.54 -72.10
C TRP XA 198 48.52 23.61 -71.02
N GLN XA 199 47.40 23.87 -70.34
CA GLN XA 199 47.36 24.93 -69.34
C GLN XA 199 47.95 24.53 -68.00
N ASN XA 200 48.42 23.28 -67.85
CA ASN XA 200 49.22 22.90 -66.70
C ASN XA 200 50.58 23.59 -66.72
N VAL XA 201 51.03 24.00 -67.90
CA VAL XA 201 52.24 24.79 -68.06
C VAL XA 201 51.85 26.26 -68.09
N ARG XA 202 52.07 26.95 -66.96
CA ARG XA 202 52.03 28.40 -66.99
C ARG XA 202 53.34 28.96 -67.53
N ALA XA 203 54.46 28.35 -67.15
CA ALA XA 203 55.77 28.77 -67.64
C ALA XA 203 56.70 27.56 -67.70
N LEU XA 204 57.34 27.41 -68.86
CA LEU XA 204 58.43 26.44 -69.02
C LEU XA 204 59.68 27.20 -69.43
N TYR XA 205 60.82 26.80 -68.87
CA TYR XA 205 62.06 27.53 -69.06
C TYR XA 205 62.97 26.81 -70.05
N ILE XA 206 63.51 27.60 -70.97
CA ILE XA 206 64.52 27.17 -71.92
C ILE XA 206 65.84 27.76 -71.44
N LYS XA 207 66.87 26.91 -71.37
CA LYS XA 207 68.18 27.37 -70.89
C LYS XA 207 69.26 26.73 -71.73
N SER XA 208 70.45 27.32 -71.64
CA SER XA 208 71.69 26.68 -72.04
C SER XA 208 72.19 25.83 -70.89
N THR XA 209 73.45 25.42 -70.94
CA THR XA 209 74.03 24.61 -69.87
C THR XA 209 74.15 25.45 -68.61
N MET XA 210 74.51 26.72 -68.76
CA MET XA 210 74.61 27.66 -67.65
C MET XA 210 74.12 29.06 -68.02
N GLY XA 211 73.46 29.22 -69.18
CA GLY XA 211 72.98 30.52 -69.59
C GLY XA 211 71.77 30.98 -68.81
N LYS XA 212 71.31 32.20 -69.14
CA LYS XA 212 70.20 32.82 -68.42
C LYS XA 212 68.89 32.12 -68.77
N PRO XA 213 67.92 32.08 -67.84
CA PRO XA 213 66.67 31.37 -68.12
C PRO XA 213 65.73 32.17 -69.02
N GLN XA 214 65.02 31.51 -69.93
CA GLN XA 214 64.06 32.20 -70.79
C GLN XA 214 62.69 31.55 -70.62
N ARG XA 215 61.72 32.36 -70.25
CA ARG XA 215 60.34 31.90 -70.18
C ARG XA 215 59.78 31.71 -71.58
N LEU XA 216 59.06 30.61 -71.80
CA LEU XA 216 58.49 30.38 -73.12
C LEU XA 216 57.32 31.32 -73.38
N TYR XA 217 57.40 32.03 -74.50
CA TYR XA 217 56.34 32.91 -74.95
C TYR XA 217 55.37 32.17 -75.87
N ALA AB 1 93.55 -60.19 51.07
CA ALA AB 1 93.29 -60.44 49.66
C ALA AB 1 92.31 -59.43 49.09
N VAL AB 2 92.20 -58.28 49.76
CA VAL AB 2 91.22 -57.25 49.40
C VAL AB 2 91.90 -55.89 49.36
N GLN AB 3 91.64 -55.14 48.29
CA GLN AB 3 91.91 -53.71 48.20
C GLN AB 3 91.05 -53.14 47.09
N ILE AB 4 90.66 -51.87 47.23
CA ILE AB 4 89.92 -51.15 46.19
C ILE AB 4 90.67 -49.88 45.87
N SER AB 5 90.16 -49.11 44.90
CA SER AB 5 90.88 -47.95 44.41
C SER AB 5 90.78 -46.78 45.39
N LYS AB 6 91.72 -45.85 45.23
CA LYS AB 6 91.66 -44.61 46.00
C LYS AB 6 90.48 -43.75 45.56
N LYS AB 7 90.00 -43.96 44.33
CA LYS AB 7 88.86 -43.19 43.84
C LYS AB 7 87.57 -43.64 44.49
N ARG AB 8 87.49 -44.91 44.90
CA ARG AB 8 86.24 -45.44 45.41
C ARG AB 8 86.29 -45.59 46.93
N LYS AB 9 87.49 -45.61 47.50
CA LYS AB 9 87.60 -45.84 48.94
C LYS AB 9 87.17 -44.60 49.72
N PHE AB 10 87.40 -43.42 49.16
CA PHE AB 10 86.94 -42.19 49.79
C PHE AB 10 85.41 -42.10 49.83
N VAL AB 11 84.76 -42.47 48.73
CA VAL AB 11 83.31 -42.37 48.71
C VAL AB 11 82.68 -43.50 49.53
N ALA AB 12 83.38 -44.64 49.66
CA ALA AB 12 82.93 -45.67 50.58
C ALA AB 12 83.05 -45.21 52.04
N ASP AB 13 84.14 -44.52 52.36
CA ASP AB 13 84.30 -43.94 53.70
C ASP AB 13 83.23 -42.90 53.98
N GLY AB 14 82.90 -42.07 52.99
CA GLY AB 14 81.87 -41.07 53.19
C GLY AB 14 80.48 -41.65 53.38
N ILE AB 15 80.16 -42.71 52.63
CA ILE AB 15 78.89 -43.41 52.82
C ILE AB 15 78.86 -44.09 54.19
N PHE AB 16 80.01 -44.56 54.67
CA PHE AB 16 80.10 -45.09 56.02
C PHE AB 16 79.81 -44.04 57.07
N LYS AB 17 80.38 -42.83 56.90
CA LYS AB 17 80.14 -41.73 57.84
C LYS AB 17 78.66 -41.34 57.85
N ALA AB 18 78.04 -41.27 56.68
CA ALA AB 18 76.65 -40.85 56.59
C ALA AB 18 75.72 -41.90 57.19
N GLU AB 19 76.00 -43.18 56.91
CA GLU AB 19 75.22 -44.28 57.46
C GLU AB 19 75.28 -44.29 58.98
N LEU AB 20 76.50 -44.17 59.52
CA LEU AB 20 76.71 -44.16 60.97
C LEU AB 20 76.00 -42.98 61.62
N ASN AB 21 76.14 -41.79 61.03
CA ASN AB 21 75.59 -40.57 61.62
C ASN AB 21 74.07 -40.59 61.60
N GLU AB 22 73.47 -41.03 60.51
CA GLU AB 22 72.02 -40.97 60.47
C GLU AB 22 71.37 -42.15 61.18
N PHE AB 23 72.08 -43.27 61.35
CA PHE AB 23 71.55 -44.28 62.26
C PHE AB 23 71.61 -43.79 63.71
N LEU AB 24 72.67 -43.07 64.06
CA LEU AB 24 72.75 -42.54 65.41
C LEU AB 24 71.75 -41.41 65.65
N THR AB 25 71.37 -40.68 64.60
CA THR AB 25 70.34 -39.66 64.81
C THR AB 25 68.95 -40.25 64.70
N ARG AB 26 68.81 -41.44 64.12
CA ARG AB 26 67.49 -42.05 64.05
C ARG AB 26 67.17 -42.87 65.30
N GLU AB 27 68.18 -43.29 66.05
CA GLU AB 27 67.84 -43.96 67.31
C GLU AB 27 68.34 -43.24 68.56
N LEU AB 28 69.17 -42.21 68.44
CA LEU AB 28 69.54 -41.39 69.58
C LEU AB 28 68.80 -40.07 69.59
N ALA AB 29 67.56 -40.05 69.11
CA ALA AB 29 66.77 -38.84 69.13
C ALA AB 29 66.19 -38.54 70.50
N GLU AB 30 66.35 -39.46 71.46
CA GLU AB 30 65.76 -39.27 72.77
C GLU AB 30 66.50 -38.20 73.55
N ASP AB 31 67.79 -38.39 73.79
CA ASP AB 31 68.62 -37.36 74.37
C ASP AB 31 69.08 -36.39 73.29
N GLY AB 32 70.03 -35.52 73.66
CA GLY AB 32 70.56 -34.57 72.72
C GLY AB 32 71.73 -35.10 71.92
N TYR AB 33 71.46 -35.59 70.71
CA TYR AB 33 72.53 -36.06 69.84
C TYR AB 33 73.00 -34.96 68.89
N SER AB 34 74.31 -34.70 68.91
CA SER AB 34 74.87 -33.67 68.05
C SER AB 34 75.53 -34.32 66.86
N GLY AB 35 76.55 -35.17 67.05
CA GLY AB 35 77.27 -35.68 65.88
C GLY AB 35 78.33 -36.69 66.24
N VAL AB 36 79.18 -37.00 65.26
CA VAL AB 36 80.30 -37.92 65.47
C VAL AB 36 81.57 -37.36 64.83
N GLU AB 37 82.70 -37.77 65.38
CA GLU AB 37 83.99 -37.73 64.71
C GLU AB 37 84.55 -39.15 64.69
N VAL AB 38 84.82 -39.67 63.51
CA VAL AB 38 85.25 -41.05 63.34
C VAL AB 38 86.73 -41.07 63.05
N ARG AB 39 87.52 -41.59 64.00
CA ARG AB 39 88.97 -41.66 63.87
C ARG AB 39 89.35 -43.07 63.46
N VAL AB 40 90.33 -43.18 62.58
CA VAL AB 40 90.78 -44.47 62.06
C VAL AB 40 92.23 -44.66 62.50
N THR AB 41 92.55 -45.86 62.99
CA THR AB 41 93.85 -46.32 63.39
C THR AB 41 94.00 -47.75 62.92
N PRO AB 42 95.15 -48.13 62.34
CA PRO AB 42 95.28 -49.52 61.82
C PRO AB 42 95.25 -50.61 62.89
N THR AB 43 95.23 -50.26 64.18
CA THR AB 43 94.83 -51.24 65.18
C THR AB 43 93.37 -51.07 65.60
N ARG AB 44 92.89 -49.82 65.73
CA ARG AB 44 91.57 -49.57 66.29
C ARG AB 44 90.90 -48.37 65.64
N THR AB 45 89.58 -48.46 65.53
CA THR AB 45 88.75 -47.42 64.94
C THR AB 45 87.89 -46.79 66.02
N GLU AB 46 88.14 -45.52 66.33
CA GLU AB 46 87.42 -44.81 67.39
C GLU AB 46 86.20 -44.11 66.78
N ILE AB 47 85.10 -44.11 67.51
CA ILE AB 47 83.91 -43.33 67.15
C ILE AB 47 83.59 -42.43 68.33
N ILE AB 48 83.79 -41.12 68.15
CA ILE AB 48 83.43 -40.13 69.15
C ILE AB 48 82.02 -39.64 68.84
N ILE AB 49 81.11 -39.81 69.79
CA ILE AB 49 79.75 -39.33 69.67
C ILE AB 49 79.59 -38.09 70.54
N LEU AB 50 79.58 -36.93 69.90
CA LEU AB 50 79.27 -35.67 70.56
C LEU AB 50 77.79 -35.67 70.89
N ALA AB 51 77.46 -35.71 72.18
CA ALA AB 51 76.09 -35.79 72.64
C ALA AB 51 75.89 -34.87 73.85
N THR AB 52 74.63 -34.65 74.20
CA THR AB 52 74.32 -33.75 75.31
C THR AB 52 74.23 -34.50 76.63
N ARG AB 53 73.32 -35.45 76.75
CA ARG AB 53 73.12 -36.18 77.99
C ARG AB 53 73.90 -37.50 77.93
N THR AB 54 75.17 -37.44 78.35
CA THR AB 54 75.98 -38.64 78.46
C THR AB 54 75.53 -39.56 79.60
N GLN AB 55 74.75 -39.03 80.54
CA GLN AB 55 74.09 -39.88 81.52
C GLN AB 55 73.13 -40.86 80.85
N ASN AB 56 72.43 -40.40 79.83
CA ASN AB 56 71.52 -41.29 79.11
C ASN AB 56 72.29 -42.18 78.14
N VAL AB 57 73.54 -41.82 77.83
CA VAL AB 57 74.33 -42.64 76.92
C VAL AB 57 74.96 -43.81 77.69
N LEU AB 58 75.58 -43.51 78.84
CA LEU AB 58 76.08 -44.58 79.70
C LEU AB 58 74.93 -45.42 80.24
N GLY AB 59 73.89 -44.78 80.75
CA GLY AB 59 72.73 -45.50 81.20
C GLY AB 59 72.91 -46.13 82.56
N GLU AB 60 72.57 -47.42 82.61
CA GLU AB 60 72.54 -48.13 83.89
C GLU AB 60 73.95 -48.53 84.32
N LYS AB 61 74.60 -49.38 83.54
CA LYS AB 61 75.89 -49.95 83.91
C LYS AB 61 76.98 -49.62 82.89
N GLY AB 62 76.69 -48.76 81.92
CA GLY AB 62 77.56 -48.62 80.77
C GLY AB 62 77.04 -49.49 79.65
N ARG AB 63 75.72 -49.56 79.54
CA ARG AB 63 75.06 -50.62 78.78
C ARG AB 63 74.84 -50.23 77.33
N ARG AB 64 74.33 -49.02 77.10
CA ARG AB 64 73.89 -48.64 75.75
C ARG AB 64 75.06 -48.44 74.80
N ILE AB 65 76.18 -47.91 75.30
CA ILE AB 65 77.34 -47.70 74.44
C ILE AB 65 77.95 -49.04 74.04
N ARG AB 66 77.86 -50.05 74.92
CA ARG AB 66 78.39 -51.36 74.57
C ARG AB 66 77.44 -52.10 73.65
N GLU AB 67 76.14 -51.88 73.82
CA GLU AB 67 75.17 -52.44 72.88
C GLU AB 67 75.37 -51.89 71.48
N LEU AB 68 75.55 -50.58 71.36
CA LEU AB 68 75.76 -50.00 70.04
C LEU AB 68 77.15 -50.28 69.52
N THR AB 69 78.10 -50.55 70.42
CA THR AB 69 79.40 -51.05 70.01
C THR AB 69 79.30 -52.42 69.36
N ALA AB 70 78.47 -53.32 69.88
CA ALA AB 70 78.19 -54.57 69.19
C ALA AB 70 77.44 -54.36 67.89
N VAL AB 71 76.47 -53.43 67.89
CA VAL AB 71 75.71 -53.05 66.69
C VAL AB 71 76.59 -52.62 65.53
N VAL AB 72 77.50 -51.66 65.75
CA VAL AB 72 78.39 -51.17 64.70
C VAL AB 72 79.31 -52.26 64.17
N GLN AB 73 79.75 -53.18 65.02
CA GLN AB 73 80.52 -54.34 64.56
C GLN AB 73 79.73 -55.29 63.69
N LYS AB 74 78.47 -55.58 64.04
CA LYS AB 74 77.77 -56.67 63.37
C LYS AB 74 77.17 -56.33 62.01
N ARG AB 75 77.57 -55.22 61.39
CA ARG AB 75 77.17 -55.03 60.00
C ARG AB 75 78.38 -54.64 59.16
N PHE AB 76 79.40 -54.07 59.77
CA PHE AB 76 80.54 -53.62 58.99
C PHE AB 76 81.72 -54.56 59.14
N GLY AB 77 81.56 -55.56 60.00
CA GLY AB 77 82.53 -56.66 60.05
C GLY AB 77 83.89 -56.26 60.57
N PHE AB 78 83.93 -55.48 61.65
CA PHE AB 78 85.17 -55.11 62.31
C PHE AB 78 85.16 -55.77 63.68
N PRO AB 79 85.57 -57.02 63.76
CA PRO AB 79 85.32 -57.80 64.98
C PRO AB 79 86.33 -57.53 66.08
N GLU AB 80 86.23 -58.33 67.16
CA GLU AB 80 87.26 -58.49 68.19
C GLU AB 80 87.47 -57.21 69.00
N GLY AB 81 86.46 -56.33 69.02
CA GLY AB 81 86.59 -55.06 69.69
C GLY AB 81 87.50 -54.06 69.01
N SER AB 82 87.72 -54.18 67.69
CA SER AB 82 88.56 -53.26 66.95
C SER AB 82 87.94 -51.87 66.88
N VAL AB 83 86.62 -51.82 66.79
CA VAL AB 83 85.91 -50.56 66.84
C VAL AB 83 85.58 -50.23 68.30
N GLU AB 84 86.02 -49.07 68.76
CA GLU AB 84 85.76 -48.60 70.10
C GLU AB 84 84.97 -47.31 70.04
N LEU AB 85 83.90 -47.24 70.84
CA LEU AB 85 83.03 -46.08 70.88
C LEU AB 85 83.27 -45.30 72.16
N TYR AB 86 83.22 -43.98 72.06
CA TYR AB 86 83.25 -43.08 73.20
C TYR AB 86 82.20 -42.01 73.01
N ALA AB 87 81.72 -41.46 74.11
CA ALA AB 87 80.79 -40.34 74.08
C ALA AB 87 81.43 -39.11 74.71
N GLU AB 88 81.10 -37.94 74.18
CA GLU AB 88 81.63 -36.70 74.72
C GLU AB 88 80.50 -35.74 75.04
N LYS AB 89 80.64 -35.10 76.19
CA LYS AB 89 79.72 -34.11 76.70
C LYS AB 89 79.91 -32.81 75.93
N VAL AB 90 78.88 -32.37 75.22
CA VAL AB 90 78.91 -31.10 74.53
C VAL AB 90 78.76 -30.00 75.56
N ALA AB 91 79.73 -29.08 75.59
CA ALA AB 91 79.72 -28.04 76.63
C ALA AB 91 78.68 -26.95 76.34
N THR AB 92 78.61 -26.51 75.09
CA THR AB 92 77.67 -25.45 74.69
C THR AB 92 76.46 -26.11 74.06
N ARG AB 93 75.43 -26.35 74.87
CA ARG AB 93 74.23 -27.02 74.40
C ARG AB 93 73.45 -26.14 73.43
N GLY AB 94 73.38 -24.84 73.72
CA GLY AB 94 72.56 -23.96 72.90
C GLY AB 94 73.23 -23.54 71.61
N LEU AB 95 74.47 -23.97 71.40
CA LEU AB 95 75.20 -23.53 70.22
C LEU AB 95 75.01 -24.51 69.06
N CYS AB 96 74.83 -25.79 69.37
CA CYS AB 96 74.55 -26.80 68.35
C CYS AB 96 73.09 -26.69 67.93
N ALA AB 97 72.87 -26.28 66.67
CA ALA AB 97 71.52 -26.07 66.18
C ALA AB 97 70.78 -27.39 66.04
N ILE AB 98 71.51 -28.45 65.71
CA ILE AB 98 70.94 -29.79 65.68
C ILE AB 98 70.44 -30.19 67.07
N ALA AB 99 71.18 -29.79 68.11
CA ALA AB 99 70.74 -30.07 69.47
C ALA AB 99 69.52 -29.23 69.84
N GLN AB 100 69.47 -27.98 69.39
CA GLN AB 100 68.37 -27.11 69.82
C GLN AB 100 67.07 -27.44 69.11
N ALA AB 101 67.13 -27.82 67.83
CA ALA AB 101 65.90 -28.25 67.15
C ALA AB 101 65.41 -29.57 67.73
N GLU AB 102 66.34 -30.45 68.11
CA GLU AB 102 65.98 -31.72 68.72
C GLU AB 102 65.39 -31.52 70.11
N SER AB 103 65.83 -30.45 70.80
CA SER AB 103 65.21 -30.08 72.07
C SER AB 103 63.84 -29.45 71.84
N LEU AB 104 63.67 -28.77 70.71
CA LEU AB 104 62.39 -28.16 70.41
C LEU AB 104 61.34 -29.21 70.06
N ARG AB 105 61.77 -30.33 69.46
CA ARG AB 105 60.84 -31.36 69.00
C ARG AB 105 60.06 -31.98 70.15
N TYR AB 106 60.74 -32.38 71.23
CA TYR AB 106 60.05 -33.11 72.28
C TYR AB 106 59.18 -32.19 73.12
N LYS AB 107 59.45 -30.88 73.10
CA LYS AB 107 58.48 -29.97 73.67
C LYS AB 107 57.25 -29.85 72.77
N LEU AB 108 57.47 -29.71 71.45
CA LEU AB 108 56.36 -29.48 70.54
C LEU AB 108 55.49 -30.71 70.37
N LEU AB 109 55.97 -31.88 70.79
CA LEU AB 109 55.11 -33.06 70.79
C LEU AB 109 54.01 -32.97 71.85
N GLY AB 110 54.38 -32.75 73.10
CA GLY AB 110 53.43 -32.79 74.20
C GLY AB 110 52.77 -31.47 74.55
N GLY AB 111 51.89 -30.98 73.69
CA GLY AB 111 51.27 -29.69 73.94
C GLY AB 111 52.22 -28.59 73.53
N LEU AB 112 52.43 -27.62 74.43
CA LEU AB 112 53.51 -26.64 74.36
C LEU AB 112 53.49 -25.80 73.09
N ALA AB 113 52.54 -24.86 73.02
CA ALA AB 113 52.25 -24.03 71.85
C ALA AB 113 53.50 -23.42 71.21
N VAL AB 114 53.40 -23.22 69.90
CA VAL AB 114 54.54 -22.95 69.04
C VAL AB 114 55.18 -21.62 69.40
N ARG AB 115 54.35 -20.64 69.77
CA ARG AB 115 54.87 -19.33 70.18
C ARG AB 115 55.73 -19.43 71.43
N ARG AB 116 55.21 -20.08 72.48
CA ARG AB 116 55.95 -20.18 73.74
C ARG AB 116 57.23 -20.99 73.56
N ALA AB 117 57.14 -22.10 72.82
CA ALA AB 117 58.32 -22.94 72.62
C ALA AB 117 59.38 -22.25 71.76
N CYS AB 118 58.96 -21.53 70.72
CA CYS AB 118 59.93 -20.89 69.84
C CYS AB 118 60.58 -19.69 70.51
N TYR AB 119 59.83 -18.89 71.27
CA TYR AB 119 60.47 -17.79 71.98
C TYR AB 119 61.36 -18.31 73.10
N GLY AB 120 60.99 -19.44 73.70
CA GLY AB 120 61.83 -20.02 74.72
C GLY AB 120 63.15 -20.55 74.19
N VAL AB 121 63.13 -21.16 73.00
CA VAL AB 121 64.39 -21.64 72.46
C VAL AB 121 65.20 -20.49 71.87
N LEU AB 122 64.54 -19.44 71.38
CA LEU AB 122 65.28 -18.32 70.81
C LEU AB 122 65.98 -17.50 71.87
N ARG AB 123 65.30 -17.27 73.01
CA ARG AB 123 65.94 -16.53 74.09
C ARG AB 123 67.11 -17.32 74.66
N PHE AB 124 66.99 -18.65 74.67
CA PHE AB 124 68.08 -19.49 75.17
C PHE AB 124 69.26 -19.49 74.22
N ILE AB 125 69.00 -19.57 72.91
CA ILE AB 125 70.08 -19.54 71.93
C ILE AB 125 70.78 -18.20 71.92
N MET AB 126 70.00 -17.11 71.98
CA MET AB 126 70.60 -15.78 71.98
C MET AB 126 71.33 -15.48 73.29
N GLU AB 127 70.90 -16.10 74.38
CA GLU AB 127 71.65 -15.99 75.63
C GLU AB 127 72.94 -16.79 75.54
N SER AB 128 72.92 -17.90 74.81
CA SER AB 128 74.11 -18.76 74.71
C SER AB 128 75.12 -18.29 73.66
N GLY AB 129 75.51 -17.02 73.69
CA GLY AB 129 76.62 -16.52 72.91
C GLY AB 129 76.38 -16.32 71.42
N ALA AB 130 75.20 -16.65 70.90
CA ALA AB 130 74.92 -16.59 69.47
C ALA AB 130 74.84 -15.14 69.01
N LYS AB 131 75.40 -14.87 67.83
CA LYS AB 131 75.30 -13.53 67.27
C LYS AB 131 73.97 -13.33 66.56
N GLY AB 132 73.42 -14.41 66.01
CA GLY AB 132 72.14 -14.32 65.31
C GLY AB 132 71.58 -15.69 65.06
N CYS AB 133 70.26 -15.76 64.91
CA CYS AB 133 69.56 -17.04 64.86
C CYS AB 133 68.26 -16.87 64.08
N GLU AB 134 67.82 -17.97 63.46
CA GLU AB 134 66.56 -18.01 62.72
C GLU AB 134 65.91 -19.37 62.88
N VAL AB 135 64.63 -19.37 63.26
CA VAL AB 135 63.83 -20.57 63.43
C VAL AB 135 62.59 -20.44 62.57
N VAL AB 136 62.40 -21.39 61.65
CA VAL AB 136 61.27 -21.40 60.73
C VAL AB 136 60.48 -22.68 61.00
N VAL AB 137 59.18 -22.53 61.22
CA VAL AB 137 58.29 -23.67 61.46
C VAL AB 137 57.19 -23.64 60.41
N SER AB 138 57.09 -24.70 59.62
CA SER AB 138 56.04 -24.80 58.62
C SER AB 138 55.18 -26.02 58.91
N GLY AB 139 53.90 -25.89 58.70
CA GLY AB 139 53.00 -27.00 58.90
C GLY AB 139 51.60 -26.52 59.22
N LYS AB 140 50.71 -27.47 59.46
CA LYS AB 140 49.33 -27.20 59.78
C LYS AB 140 49.25 -26.68 61.20
N LEU AB 141 49.34 -25.36 61.36
CA LEU AB 141 49.24 -24.72 62.66
C LEU AB 141 48.01 -23.82 62.67
N ARG AB 142 46.99 -24.26 63.41
CA ARG AB 142 45.77 -23.48 63.68
C ARG AB 142 45.00 -23.18 62.40
N GLY AB 143 44.80 -24.21 61.59
CA GLY AB 143 44.03 -24.05 60.36
C GLY AB 143 44.20 -25.24 59.45
N GLN AB 144 43.60 -25.12 58.27
CA GLN AB 144 43.78 -26.14 57.24
C GLN AB 144 44.87 -25.73 56.26
N ARG AB 145 45.10 -24.43 56.11
CA ARG AB 145 46.07 -23.93 55.14
C ARG AB 145 47.44 -23.83 55.79
N ALA AB 146 48.48 -24.12 54.99
CA ALA AB 146 49.85 -24.22 55.48
C ALA AB 146 50.42 -22.82 55.68
N LYS AB 147 50.17 -22.27 56.87
CA LYS AB 147 50.72 -20.97 57.23
C LYS AB 147 52.09 -21.14 57.86
N SER AB 148 53.12 -20.73 57.13
CA SER AB 148 54.50 -20.87 57.58
C SER AB 148 54.85 -19.70 58.50
N MET AB 149 55.71 -19.98 59.48
CA MET AB 149 56.07 -19.02 60.51
C MET AB 149 57.58 -18.87 60.53
N LYS AB 150 58.05 -17.64 60.63
CA LYS AB 150 59.48 -17.34 60.65
C LYS AB 150 59.80 -16.53 61.89
N PHE AB 151 61.00 -16.73 62.43
CA PHE AB 151 61.41 -16.08 63.65
C PHE AB 151 62.88 -15.72 63.55
N VAL AB 152 63.18 -14.44 63.45
CA VAL AB 152 64.54 -13.97 63.23
C VAL AB 152 64.99 -13.13 64.42
N ASP AB 153 66.17 -13.45 64.96
CA ASP AB 153 66.75 -12.70 66.05
C ASP AB 153 68.20 -12.38 65.71
N GLY AB 154 68.48 -11.10 65.43
CA GLY AB 154 69.85 -10.68 65.35
C GLY AB 154 70.40 -10.58 63.94
N LEU AB 155 71.49 -11.31 63.71
CA LEU AB 155 72.35 -11.11 62.56
C LEU AB 155 72.57 -12.42 61.81
N MET AB 156 72.14 -12.47 60.56
CA MET AB 156 72.16 -13.70 59.77
C MET AB 156 72.85 -13.45 58.44
N ILE AB 157 73.66 -14.42 58.01
CA ILE AB 157 74.30 -14.38 56.71
C ILE AB 157 73.66 -15.46 55.83
N HIS AB 158 73.29 -15.09 54.61
CA HIS AB 158 72.67 -16.03 53.69
C HIS AB 158 73.51 -16.34 52.46
N SER AB 159 74.27 -15.39 51.94
CA SER AB 159 74.93 -15.56 50.66
C SER AB 159 76.43 -15.67 50.86
N GLY AB 160 77.14 -15.89 49.76
CA GLY AB 160 78.58 -15.96 49.79
C GLY AB 160 79.08 -17.30 50.30
N ASP AB 161 80.40 -17.44 50.28
CA ASP AB 161 81.05 -18.64 50.80
C ASP AB 161 80.83 -18.89 52.29
N PRO AB 162 81.14 -17.94 53.25
CA PRO AB 162 81.30 -18.39 54.66
C PRO AB 162 80.02 -18.76 55.39
N VAL AB 163 78.91 -18.90 54.65
CA VAL AB 163 77.76 -19.63 55.15
C VAL AB 163 78.15 -21.04 55.56
N ASN AB 164 79.00 -21.70 54.77
CA ASN AB 164 79.25 -23.12 54.97
C ASN AB 164 80.14 -23.39 56.19
N TYR AB 165 80.72 -22.34 56.78
CA TYR AB 165 81.35 -22.56 58.07
C TYR AB 165 80.98 -21.50 59.09
N TYR AB 166 79.93 -20.72 58.85
CA TYR AB 166 79.36 -19.83 59.86
C TYR AB 166 77.95 -20.20 60.25
N VAL AB 167 77.18 -20.85 59.38
CA VAL AB 167 75.77 -21.10 59.61
C VAL AB 167 75.57 -22.60 59.76
N ASP AB 168 75.07 -23.01 60.91
CA ASP AB 168 74.88 -24.41 61.23
C ASP AB 168 73.42 -24.76 60.96
N THR AB 169 73.18 -25.53 59.91
CA THR AB 169 71.85 -25.85 59.43
C THR AB 169 71.30 -27.02 60.23
N ALA AB 170 70.06 -26.89 60.69
CA ALA AB 170 69.35 -27.98 61.36
C ALA AB 170 67.96 -28.08 60.78
N VAL AB 171 67.67 -29.21 60.14
CA VAL AB 171 66.38 -29.44 59.48
C VAL AB 171 65.80 -30.73 60.05
N ARG AB 172 64.64 -30.63 60.71
CA ARG AB 172 64.01 -31.79 61.33
C ARG AB 172 62.51 -31.83 61.06
N HIS AB 173 61.95 -33.01 61.31
CA HIS AB 173 60.55 -33.31 61.11
C HIS AB 173 59.90 -33.57 62.46
N VAL AB 174 58.63 -33.21 62.60
CA VAL AB 174 57.84 -33.50 63.79
C VAL AB 174 56.53 -34.13 63.33
N LEU AB 175 56.23 -35.32 63.84
CA LEU AB 175 55.00 -36.01 63.52
C LEU AB 175 53.97 -35.70 64.61
N LEU AB 176 52.82 -35.16 64.20
CA LEU AB 176 51.72 -34.92 65.12
C LEU AB 176 50.43 -35.37 64.46
N ARG AB 177 49.33 -35.29 65.23
CA ARG AB 177 48.05 -35.73 64.71
C ARG AB 177 47.53 -34.80 63.63
N GLN AB 178 48.02 -33.56 63.60
CA GLN AB 178 47.68 -32.66 62.51
C GLN AB 178 48.37 -33.08 61.23
N GLY AB 179 49.51 -33.76 61.34
CA GLY AB 179 50.28 -34.10 60.17
C GLY AB 179 51.77 -34.05 60.49
N VAL AB 180 52.49 -33.23 59.73
CA VAL AB 180 53.92 -33.06 59.92
C VAL AB 180 54.23 -31.58 60.09
N LEU AB 181 55.28 -31.28 60.84
CA LEU AB 181 55.82 -29.95 61.01
C LEU AB 181 57.29 -29.98 60.66
N GLY AB 182 57.70 -29.13 59.72
CA GLY AB 182 59.10 -29.00 59.35
C GLY AB 182 59.70 -27.82 60.11
N ILE AB 183 60.84 -28.06 60.74
CA ILE AB 183 61.53 -27.02 61.48
C ILE AB 183 62.90 -26.80 60.83
N LYS AB 184 63.31 -25.54 60.77
CA LYS AB 184 64.63 -25.16 60.30
C LYS AB 184 65.24 -24.19 61.29
N VAL AB 185 66.38 -24.57 61.86
CA VAL AB 185 67.10 -23.73 62.80
C VAL AB 185 68.47 -23.47 62.21
N LYS AB 186 68.85 -22.20 62.10
CA LYS AB 186 70.18 -21.86 61.65
C LYS AB 186 70.76 -20.77 62.53
N ILE AB 187 71.97 -20.99 63.01
CA ILE AB 187 72.59 -20.17 64.05
C ILE AB 187 73.94 -19.71 63.54
N MET AB 188 74.15 -18.40 63.48
CA MET AB 188 75.43 -17.88 63.07
C MET AB 188 76.37 -17.93 64.26
N LEU AB 189 77.46 -18.67 64.13
CA LEU AB 189 78.40 -18.82 65.22
C LEU AB 189 79.21 -17.54 65.38
N PRO AB 190 79.52 -17.16 66.61
CA PRO AB 190 80.34 -15.97 66.82
C PRO AB 190 81.79 -16.23 66.45
N TRP AB 191 82.46 -15.17 66.01
CA TRP AB 191 83.88 -15.27 65.69
C TRP AB 191 84.69 -15.21 66.99
N ASP AB 192 85.27 -16.34 67.37
CA ASP AB 192 86.24 -16.38 68.47
C ASP AB 192 87.56 -16.83 67.87
N PRO AB 193 88.62 -16.03 68.06
CA PRO AB 193 89.88 -16.29 67.35
C PRO AB 193 90.61 -17.52 67.84
N THR AB 194 90.39 -17.92 69.10
CA THR AB 194 91.05 -19.09 69.67
C THR AB 194 90.02 -19.91 70.43
N GLY AB 195 89.93 -21.18 70.09
CA GLY AB 195 89.14 -22.13 70.84
C GLY AB 195 88.09 -22.83 69.99
N LYS AB 196 87.40 -23.75 70.66
CA LYS AB 196 86.39 -24.60 70.07
C LYS AB 196 85.03 -23.93 69.95
N ILE AB 197 84.91 -22.66 70.37
CA ILE AB 197 83.60 -22.05 70.49
C ILE AB 197 83.05 -21.71 69.11
N GLY AB 198 83.72 -20.81 68.39
CA GLY AB 198 83.31 -20.45 67.06
C GLY AB 198 84.45 -20.60 66.08
N PRO AB 199 84.22 -20.20 64.83
CA PRO AB 199 85.27 -20.34 63.81
C PRO AB 199 86.38 -19.33 64.03
N LYS AB 200 87.53 -19.65 63.46
CA LYS AB 200 88.75 -18.90 63.70
C LYS AB 200 89.09 -17.94 62.58
N LYS AB 201 88.39 -18.01 61.45
CA LYS AB 201 88.58 -17.03 60.40
C LYS AB 201 87.56 -15.91 60.57
N PRO AB 202 87.97 -14.66 60.56
CA PRO AB 202 87.00 -13.57 60.67
C PRO AB 202 86.21 -13.40 59.38
N LEU AB 203 85.16 -12.59 59.47
CA LEU AB 203 84.40 -12.23 58.28
C LEU AB 203 85.27 -11.36 57.38
N PRO AB 204 85.17 -11.50 56.06
CA PRO AB 204 85.92 -10.61 55.17
C PRO AB 204 85.37 -9.18 55.17
N ASP AB 205 84.11 -8.99 55.57
CA ASP AB 205 83.58 -7.63 55.71
C ASP AB 205 84.02 -7.01 57.02
N HIS AB 206 83.82 -7.73 58.12
CA HIS AB 206 84.20 -7.25 59.44
C HIS AB 206 85.71 -7.19 59.57
N VAL AB 207 86.28 -5.99 59.45
CA VAL AB 207 87.72 -5.79 59.46
C VAL AB 207 88.09 -5.07 60.75
N SER AB 208 89.03 -5.66 61.48
CA SER AB 208 89.51 -5.08 62.73
C SER AB 208 90.82 -4.36 62.48
N ILE AB 209 91.00 -3.24 63.17
CA ILE AB 209 92.23 -2.48 63.16
C ILE AB 209 92.77 -2.42 64.58
N VAL AB 210 93.97 -1.86 64.72
CA VAL AB 210 94.54 -1.66 66.05
C VAL AB 210 94.35 -0.21 66.46
N GLU AB 211 94.20 0.02 67.76
CA GLU AB 211 94.05 1.34 68.33
C GLU AB 211 95.37 2.12 68.21
N PRO AB 212 95.34 3.51 68.31
CA PRO AB 212 96.58 4.30 68.09
C PRO AB 212 97.79 3.92 68.94
N LYS AB 213 98.97 4.26 68.45
CA LYS AB 213 100.20 3.71 68.98
C LYS AB 213 100.72 4.42 70.23
N ASP AB 214 101.07 5.70 70.10
CA ASP AB 214 101.93 6.35 71.09
C ASP AB 214 101.59 7.83 71.21
N GLU AB 215 102.55 8.61 71.69
CA GLU AB 215 102.37 10.05 71.85
C GLU AB 215 103.69 10.80 71.77
N ILE AB 216 104.47 10.77 72.85
CA ILE AB 216 105.76 11.44 72.91
C ILE AB 216 106.65 11.10 71.73
N LEU AB 217 107.24 12.11 71.11
CA LEU AB 217 108.11 11.90 69.96
C LEU AB 217 109.03 13.11 69.69
N PRO AB 218 108.99 14.11 70.57
CA PRO AB 218 109.80 15.34 70.43
C PRO AB 218 111.30 15.08 70.46
N THR AB 219 112.07 15.98 69.84
CA THR AB 219 113.52 15.84 69.79
C THR AB 219 114.16 16.02 71.16
N THR AB 220 114.61 14.90 71.74
CA THR AB 220 115.42 14.80 72.97
C THR AB 220 114.78 15.48 74.19
N ALA BB 1 -27.86 12.13 79.68
CA ALA BB 1 -28.77 11.41 80.55
C ALA BB 1 -30.18 11.95 80.42
N ARG BB 2 -31.11 11.33 81.13
CA ARG BB 2 -32.51 11.69 81.08
C ARG BB 2 -33.01 12.00 82.49
N GLY BB 3 -33.16 13.28 82.79
CA GLY BB 3 -33.60 13.70 84.09
C GLY BB 3 -32.53 13.54 85.15
N PRO BB 4 -32.95 13.55 86.42
CA PRO BB 4 -31.97 13.55 87.50
C PRO BB 4 -31.34 12.20 87.72
N LYS BB 5 -30.14 12.21 88.29
CA LYS BB 5 -29.43 10.98 88.62
C LYS BB 5 -30.07 10.35 89.86
N LYS BB 6 -29.74 9.10 90.14
CA LYS BB 6 -30.31 8.41 91.29
C LYS BB 6 -29.31 7.48 91.96
N HIS BB 7 -28.03 7.58 91.65
CA HIS BB 7 -26.99 6.79 92.30
C HIS BB 7 -25.77 7.65 92.58
N LEU BB 8 -24.76 7.03 93.17
CA LEU BB 8 -23.48 7.67 93.46
C LEU BB 8 -22.43 6.59 93.67
N LYS BB 9 -21.32 6.69 92.95
CA LYS BB 9 -20.27 5.70 93.02
C LYS BB 9 -19.40 5.92 94.26
N ARG BB 10 -18.85 4.81 94.77
CA ARG BB 10 -18.01 4.89 95.97
C ARG BB 10 -16.73 5.68 95.70
N VAL BB 11 -16.18 5.53 94.49
CA VAL BB 11 -15.00 6.31 94.13
C VAL BB 11 -15.38 7.76 93.90
N ALA BB 12 -16.58 8.00 93.36
CA ALA BB 12 -17.04 9.35 93.08
C ALA BB 12 -17.56 10.07 94.30
N ALA BB 13 -17.64 9.39 95.44
CA ALA BB 13 -17.96 10.03 96.70
C ALA BB 13 -16.91 11.08 97.04
N PRO BB 14 -17.27 12.13 97.78
CA PRO BB 14 -16.26 13.10 98.21
C PRO BB 14 -15.30 12.51 99.22
N LYS BB 15 -14.18 13.19 99.41
CA LYS BB 15 -13.06 12.61 100.15
C LYS BB 15 -13.36 12.48 101.63
N HIS BB 16 -14.09 13.46 102.19
CA HIS BB 16 -14.15 13.59 103.64
C HIS BB 16 -15.13 12.62 104.30
N TRP BB 17 -15.72 11.72 103.53
CA TRP BB 17 -16.60 10.73 104.14
C TRP BB 17 -15.81 9.54 104.66
N MET BB 18 -14.50 9.48 104.36
CA MET BB 18 -13.56 8.46 104.86
C MET BB 18 -14.00 7.05 104.47
N LEU BB 19 -14.54 6.92 103.26
CA LEU BB 19 -15.05 5.67 102.75
C LEU BB 19 -13.92 4.81 102.20
N ASP BB 20 -14.20 3.53 102.02
CA ASP BB 20 -13.16 2.56 101.68
C ASP BB 20 -13.26 2.13 100.23
N LYS BB 21 -12.19 1.50 99.74
CA LYS BB 21 -12.16 1.07 98.35
C LYS BB 21 -12.77 -0.32 98.17
N LEU BB 22 -12.31 -1.28 98.97
CA LEU BB 22 -12.66 -2.67 98.70
C LEU BB 22 -14.07 -3.02 99.19
N THR BB 23 -14.75 -2.08 99.85
CA THR BB 23 -16.02 -2.39 100.51
C THR BB 23 -17.14 -2.64 99.49
N GLY BB 24 -17.46 -1.64 98.68
CA GLY BB 24 -18.57 -1.77 97.77
C GLY BB 24 -18.44 -0.80 96.62
N VAL BB 25 -19.28 -1.04 95.61
CA VAL BB 25 -19.24 -0.21 94.41
C VAL BB 25 -20.00 1.09 94.63
N PHE BB 26 -21.08 1.02 95.38
CA PHE BB 26 -21.99 2.15 95.53
C PHE BB 26 -21.73 2.89 96.83
N ALA BB 27 -21.56 4.16 96.73
CA ALA BB 27 -21.63 5.07 97.86
C ALA BB 27 -23.09 5.29 98.25
N PRO BB 28 -23.38 5.67 99.49
CA PRO BB 28 -24.74 6.10 99.79
C PRO BB 28 -25.00 7.46 99.18
N ARG BB 29 -25.95 7.51 98.24
CA ARG BB 29 -26.21 8.87 97.80
C ARG BB 29 -27.17 9.52 98.75
N PRO BB 30 -26.81 10.66 99.34
CA PRO BB 30 -27.69 11.28 100.32
C PRO BB 30 -28.93 11.83 99.63
N SER BB 31 -30.00 11.93 100.40
CA SER BB 31 -31.26 12.45 99.90
C SER BB 31 -31.10 13.93 99.58
N THR BB 32 -31.99 14.41 98.72
CA THR BB 32 -32.09 15.84 98.49
C THR BB 32 -32.52 16.51 99.79
N GLY BB 33 -31.78 17.53 100.21
CA GLY BB 33 -32.02 18.11 101.50
C GLY BB 33 -31.64 19.57 101.61
N PRO BB 34 -31.52 20.05 102.85
CA PRO BB 34 -31.17 21.46 103.05
C PRO BB 34 -29.69 21.75 102.95
N HIS BB 35 -28.89 20.79 102.49
CA HIS BB 35 -27.47 20.98 102.31
C HIS BB 35 -27.02 20.32 101.02
N LYS BB 36 -26.02 20.90 100.38
CA LYS BB 36 -25.53 20.36 99.13
C LYS BB 36 -24.75 19.08 99.38
N LEU BB 37 -24.62 18.25 98.34
CA LEU BB 37 -24.04 16.93 98.50
C LEU BB 37 -22.52 17.00 98.65
N ARG BB 38 -21.93 18.13 98.24
CA ARG BB 38 -20.49 18.28 98.37
C ARG BB 38 -20.09 18.63 99.80
N GLU BB 39 -21.05 19.10 100.60
CA GLU BB 39 -20.79 19.55 101.96
C GLU BB 39 -21.51 18.72 103.00
N CYS BB 40 -22.30 17.74 102.60
CA CYS BB 40 -23.21 17.05 103.51
C CYS BB 40 -22.48 15.91 104.20
N LEU BB 41 -23.26 15.16 104.98
CA LEU BB 41 -22.76 13.99 105.68
C LEU BB 41 -23.93 13.04 105.91
N PRO BB 42 -23.89 11.82 105.38
CA PRO BB 42 -25.04 10.93 105.51
C PRO BB 42 -25.15 10.34 106.90
N LEU BB 43 -26.39 10.05 107.31
CA LEU BB 43 -26.62 9.48 108.63
C LEU BB 43 -26.13 8.04 108.71
N ILE BB 44 -26.20 7.30 107.60
CA ILE BB 44 -25.73 5.93 107.60
C ILE BB 44 -24.21 5.89 107.74
N VAL BB 45 -23.52 6.90 107.21
CA VAL BB 45 -22.07 6.98 107.38
C VAL BB 45 -21.75 7.46 108.79
N PHE BB 46 -22.61 8.32 109.34
CA PHE BB 46 -22.36 8.89 110.66
C PHE BB 46 -22.52 7.83 111.75
N LEU BB 47 -23.59 7.04 111.68
CA LEU BB 47 -23.79 6.00 112.68
C LEU BB 47 -22.94 4.78 112.39
N ARG BB 48 -22.77 4.43 111.12
CA ARG BB 48 -22.15 3.16 110.75
C ARG BB 48 -20.63 3.24 110.80
N ASN BB 49 -20.05 4.18 110.07
CA ASN BB 49 -18.61 4.19 109.87
C ASN BB 49 -17.89 4.73 111.10
N ARG BB 50 -18.24 5.93 111.53
CA ARG BB 50 -17.37 6.67 112.44
C ARG BB 50 -17.65 6.32 113.89
N LEU BB 51 -18.92 6.26 114.27
CA LEU BB 51 -19.27 6.06 115.68
C LEU BB 51 -19.14 4.60 116.09
N LYS BB 52 -19.13 3.69 115.11
CA LYS BB 52 -19.15 2.23 115.27
C LYS BB 52 -20.38 1.82 116.06
N TYR BB 53 -21.52 2.47 115.83
CA TYR BB 53 -22.75 2.03 116.50
C TYR BB 53 -23.31 0.78 115.86
N ALA BB 54 -23.32 0.74 114.52
CA ALA BB 54 -23.88 -0.39 113.79
C ALA BB 54 -22.86 -0.90 112.80
N LEU BB 55 -22.68 -2.22 112.77
CA LEU BB 55 -21.73 -2.81 111.83
C LEU BB 55 -22.23 -2.72 110.40
N THR BB 56 -23.45 -3.19 110.14
CA THR BB 56 -24.01 -3.21 108.80
C THR BB 56 -24.79 -1.92 108.55
N GLY BB 57 -25.21 -1.76 107.30
CA GLY BB 57 -26.02 -0.59 106.97
C GLY BB 57 -27.47 -0.75 107.38
N ASP BB 58 -27.99 -1.97 107.35
CA ASP BB 58 -29.40 -2.22 107.61
C ASP BB 58 -29.77 -1.96 109.05
N GLU BB 59 -28.82 -2.09 109.98
CA GLU BB 59 -29.09 -1.86 111.38
C GLU BB 59 -29.40 -0.39 111.64
N VAL BB 60 -28.78 0.49 110.87
CA VAL BB 60 -29.07 1.92 110.94
C VAL BB 60 -30.50 2.18 110.49
N LYS BB 61 -30.93 1.50 109.42
CA LYS BB 61 -32.31 1.62 108.95
C LYS BB 61 -33.30 1.10 109.99
N LYS BB 62 -32.89 0.09 110.75
CA LYS BB 62 -33.74 -0.40 111.82
C LYS BB 62 -33.86 0.61 112.96
N ILE BB 63 -32.75 1.18 113.42
CA ILE BB 63 -32.81 2.04 114.60
C ILE BB 63 -33.45 3.39 114.27
N CYS BB 64 -33.19 3.93 113.07
CA CYS BB 64 -33.75 5.25 112.75
C CYS BB 64 -35.25 5.16 112.54
N MET BB 65 -35.73 4.05 111.97
CA MET BB 65 -37.16 3.89 111.82
C MET BB 65 -37.82 3.30 113.07
N GLN BB 66 -37.02 2.89 114.05
CA GLN BB 66 -37.53 2.74 115.41
C GLN BB 66 -37.24 3.96 116.27
N ARG BB 67 -36.96 5.10 115.63
CA ARG BB 67 -37.23 6.45 116.16
C ARG BB 67 -36.19 6.88 117.19
N PHE BB 68 -35.05 6.20 117.27
CA PHE BB 68 -34.07 6.53 118.31
C PHE BB 68 -33.35 7.83 117.98
N ILE BB 69 -33.18 8.14 116.71
CA ILE BB 69 -32.34 9.24 116.26
C ILE BB 69 -33.22 10.44 115.95
N LYS BB 70 -32.89 11.60 116.52
CA LYS BB 70 -33.56 12.83 116.13
C LYS BB 70 -32.52 13.81 115.62
N ILE BB 71 -32.95 14.66 114.69
CA ILE BB 71 -32.13 15.74 114.16
C ILE BB 71 -32.83 17.04 114.45
N ASP BB 72 -32.12 17.96 115.12
CA ASP BB 72 -32.62 19.28 115.50
C ASP BB 72 -33.87 19.19 116.37
N GLY BB 73 -33.92 18.18 117.22
CA GLY BB 73 -35.01 18.00 118.15
C GLY BB 73 -36.11 17.06 117.70
N LYS BB 74 -36.18 16.73 116.41
CA LYS BB 74 -37.25 15.87 115.91
C LYS BB 74 -36.68 14.74 115.05
N VAL BB 75 -37.44 13.65 114.98
CA VAL BB 75 -36.95 12.39 114.44
C VAL BB 75 -37.03 12.42 112.93
N ARG BB 76 -35.93 12.10 112.28
CA ARG BB 76 -35.90 11.89 110.84
C ARG BB 76 -36.05 10.41 110.53
N VAL BB 77 -37.06 10.09 109.74
CA VAL BB 77 -37.39 8.70 109.41
C VAL BB 77 -36.40 8.10 108.42
N ASP BB 78 -35.63 8.94 107.73
CA ASP BB 78 -34.78 8.52 106.62
C ASP BB 78 -33.52 7.86 107.18
N VAL BB 79 -32.95 6.95 106.40
CA VAL BB 79 -31.64 6.41 106.75
C VAL BB 79 -30.54 7.27 106.13
N THR BB 80 -30.86 7.99 105.06
CA THR BB 80 -29.90 8.86 104.38
C THR BB 80 -30.36 10.32 104.33
N TYR BB 81 -30.91 10.83 105.42
CA TYR BB 81 -31.20 12.25 105.47
C TYR BB 81 -29.90 13.04 105.59
N PRO BB 82 -29.65 14.00 104.71
CA PRO BB 82 -28.38 14.70 104.75
C PRO BB 82 -28.29 15.65 105.92
N ALA BB 83 -27.10 15.70 106.50
CA ALA BB 83 -26.78 16.64 107.55
C ALA BB 83 -26.14 17.85 106.91
N GLY BB 84 -25.56 18.72 107.74
CA GLY BB 84 -24.79 19.83 107.24
C GLY BB 84 -23.84 20.34 108.29
N PHE BB 85 -23.13 21.41 107.94
CA PHE BB 85 -22.33 22.10 108.93
C PHE BB 85 -23.22 22.73 109.98
N MET BB 86 -22.82 22.58 111.25
CA MET BB 86 -23.47 23.18 112.41
C MET BB 86 -24.92 22.73 112.54
N ASP BB 87 -25.12 21.42 112.76
CA ASP BB 87 -26.43 20.85 112.98
C ASP BB 87 -26.46 20.08 114.30
N VAL BB 88 -27.61 20.12 114.96
CA VAL BB 88 -27.79 19.38 116.20
C VAL BB 88 -28.16 17.93 115.90
N ILE BB 89 -27.40 17.00 116.48
CA ILE BB 89 -27.79 15.60 116.47
C ILE BB 89 -27.96 15.15 117.91
N SER BB 90 -29.19 14.83 118.26
CA SER BB 90 -29.48 14.38 119.62
C SER BB 90 -29.92 12.93 119.53
N ILE BB 91 -29.61 12.16 120.58
CA ILE BB 91 -29.97 10.75 120.66
C ILE BB 91 -30.71 10.55 121.98
N GLU BB 92 -31.89 9.95 121.91
CA GLU BB 92 -32.84 10.02 123.02
C GLU BB 92 -32.59 8.96 124.10
N LYS BB 93 -32.68 7.68 123.75
CA LYS BB 93 -32.74 6.61 124.75
C LYS BB 93 -31.41 6.40 125.44
N THR BB 94 -30.31 6.69 124.76
CA THR BB 94 -29.00 6.74 125.37
C THR BB 94 -28.66 8.20 125.57
N GLY BB 95 -28.22 8.57 126.77
CA GLY BB 95 -27.83 9.95 126.97
C GLY BB 95 -26.57 10.27 126.22
N GLU BB 96 -26.73 10.92 125.08
CA GLU BB 96 -25.67 11.25 124.13
C GLU BB 96 -26.15 12.42 123.31
N HIS BB 97 -25.23 13.33 122.97
CA HIS BB 97 -25.63 14.44 122.12
C HIS BB 97 -24.49 14.99 121.27
N PHE BB 98 -24.74 15.20 119.97
CA PHE BB 98 -23.66 15.46 119.02
C PHE BB 98 -23.84 16.81 118.31
N ARG BB 99 -22.70 17.36 117.91
CA ARG BB 99 -22.61 18.60 117.16
C ARG BB 99 -21.68 18.38 115.98
N LEU BB 100 -22.03 18.96 114.83
CA LEU BB 100 -21.24 18.79 113.61
C LEU BB 100 -20.40 20.04 113.39
N VAL BB 101 -19.10 19.91 113.59
CA VAL BB 101 -18.14 20.95 113.23
C VAL BB 101 -17.03 20.30 112.41
N TYR BB 102 -16.01 21.07 112.06
CA TYR BB 102 -14.93 20.59 111.20
C TYR BB 102 -13.66 20.36 112.00
N ASP BB 103 -12.96 19.28 111.66
CA ASP BB 103 -11.62 19.02 112.14
C ASP BB 103 -10.65 20.01 111.45
N THR BB 104 -9.44 20.11 112.00
CA THR BB 104 -8.42 20.95 111.39
C THR BB 104 -8.00 20.42 110.03
N LYS BB 105 -8.07 19.11 109.84
CA LYS BB 105 -7.65 18.52 108.57
C LYS BB 105 -8.69 18.75 107.49
N GLY BB 106 -9.96 18.90 107.86
CA GLY BB 106 -11.02 19.10 106.89
C GLY BB 106 -12.20 18.16 107.02
N ARG BB 107 -12.37 17.46 108.13
CA ARG BB 107 -13.35 16.39 108.24
C ARG BB 107 -14.34 16.67 109.35
N PHE BB 108 -15.45 15.93 109.33
CA PHE BB 108 -16.35 15.95 110.47
C PHE BB 108 -15.77 15.15 111.64
N ALA BB 109 -16.16 15.54 112.85
CA ALA BB 109 -15.64 14.94 114.06
C ALA BB 109 -16.77 14.68 115.03
N VAL BB 110 -16.44 14.10 116.18
CA VAL BB 110 -17.40 13.88 117.25
C VAL BB 110 -17.17 14.96 118.30
N HIS BB 111 -18.26 15.57 118.75
CA HIS BB 111 -18.21 16.66 119.71
C HIS BB 111 -19.40 16.52 120.65
N ARG BB 112 -19.18 15.92 121.82
CA ARG BB 112 -20.28 15.53 122.68
C ARG BB 112 -20.69 16.65 123.63
N ILE BB 113 -21.37 17.66 123.10
CA ILE BB 113 -21.81 18.80 123.89
C ILE BB 113 -23.15 18.46 124.53
N THR BB 114 -23.62 19.28 125.47
CA THR BB 114 -24.70 18.98 126.40
C THR BB 114 -26.04 19.45 125.83
N VAL BB 115 -27.13 19.19 126.58
CA VAL BB 115 -28.47 19.56 126.14
C VAL BB 115 -28.66 21.07 126.19
N GLU BB 116 -27.90 21.73 127.08
CA GLU BB 116 -27.86 23.19 127.15
C GLU BB 116 -27.43 23.82 125.84
N GLU BB 117 -26.57 23.13 125.08
CA GLU BB 117 -26.16 23.60 123.77
C GLU BB 117 -26.94 22.88 122.66
N ALA BB 118 -27.68 21.83 123.03
CA ALA BB 118 -28.64 21.24 122.08
C ALA BB 118 -29.73 22.24 121.77
N LYS BB 119 -30.08 23.04 122.78
CA LYS BB 119 -31.12 24.05 122.60
C LYS BB 119 -30.71 25.11 121.58
N TYR BB 120 -29.41 25.40 121.47
CA TYR BB 120 -28.92 26.55 120.72
C TYR BB 120 -28.15 26.13 119.47
N LYS BB 121 -28.50 26.72 118.34
CA LYS BB 121 -27.92 26.41 117.04
C LYS BB 121 -27.56 27.69 116.30
N LEU BB 122 -26.38 27.71 115.69
CA LEU BB 122 -25.98 28.82 114.83
C LEU BB 122 -26.33 28.52 113.38
N CYS BB 123 -26.43 29.56 112.57
CA CYS BB 123 -26.72 29.43 111.16
C CYS BB 123 -26.33 30.71 110.43
N LYS BB 124 -26.09 30.58 109.13
CA LYS BB 124 -25.67 31.69 108.28
C LYS BB 124 -26.83 32.18 107.44
N VAL BB 125 -26.95 33.50 107.34
CA VAL BB 125 -27.95 34.13 106.49
C VAL BB 125 -27.51 33.97 105.05
N ARG BB 126 -28.36 33.39 104.21
CA ARG BB 126 -28.07 33.35 102.78
C ARG BB 126 -28.47 34.65 102.11
N LYS BB 127 -29.76 34.99 102.15
CA LYS BB 127 -30.23 36.21 101.53
C LYS BB 127 -31.49 36.69 102.26
N ILE BB 128 -31.95 37.87 101.86
CA ILE BB 128 -33.04 38.56 102.52
C ILE BB 128 -33.95 39.15 101.45
N THR BB 129 -35.25 39.13 101.70
CA THR BB 129 -36.22 39.56 100.70
C THR BB 129 -37.48 40.03 101.42
N VAL BB 130 -38.45 40.49 100.64
CA VAL BB 130 -39.77 40.86 101.17
C VAL BB 130 -40.84 40.15 100.35
N GLY BB 131 -41.92 39.77 101.02
CA GLY BB 131 -42.99 38.99 100.43
C GLY BB 131 -44.30 39.75 100.37
N VAL BB 132 -45.38 39.03 100.65
CA VAL BB 132 -46.73 39.57 100.49
C VAL BB 132 -46.99 40.65 101.54
N LYS BB 133 -47.59 41.76 101.10
CA LYS BB 133 -48.07 42.86 101.94
C LYS BB 133 -46.94 43.61 102.64
N GLY BB 134 -45.70 43.43 102.17
CA GLY BB 134 -44.60 44.18 102.74
C GLY BB 134 -44.02 43.61 104.00
N ILE BB 135 -43.80 42.30 104.06
CA ILE BB 135 -43.23 41.64 105.23
C ILE BB 135 -41.85 41.12 104.86
N PRO BB 136 -40.91 41.08 105.80
CA PRO BB 136 -39.56 40.61 105.44
C PRO BB 136 -39.46 39.10 105.52
N HIS BB 137 -38.35 38.59 104.98
CA HIS BB 137 -38.03 37.16 104.96
C HIS BB 137 -36.52 37.00 104.95
N LEU BB 138 -36.04 36.06 105.74
CA LEU BB 138 -34.63 35.69 105.77
C LEU BB 138 -34.50 34.23 105.38
N VAL BB 139 -33.46 33.91 104.60
CA VAL BB 139 -33.21 32.57 104.11
C VAL BB 139 -31.87 32.11 104.67
N THR BB 140 -31.85 30.89 105.18
CA THR BB 140 -30.71 30.29 105.84
C THR BB 140 -30.02 29.31 104.88
N HIS BB 141 -28.71 29.10 105.07
CA HIS BB 141 -28.03 28.03 104.33
C HIS BB 141 -28.56 26.66 104.70
N ASP BB 142 -29.13 26.50 105.89
CA ASP BB 142 -29.85 25.32 106.32
C ASP BB 142 -31.28 25.30 105.77
N ALA BB 143 -31.59 26.19 104.80
CA ALA BB 143 -32.86 26.26 104.08
C ALA BB 143 -34.04 26.55 105.01
N ARG BB 144 -33.77 27.28 106.09
CA ARG BB 144 -34.83 27.81 106.93
C ARG BB 144 -35.30 29.13 106.33
N THR BB 145 -36.60 29.23 106.11
CA THR BB 145 -37.23 30.48 105.71
C THR BB 145 -37.97 31.03 106.91
N ILE BB 146 -37.58 32.21 107.37
CA ILE BB 146 -38.22 32.78 108.55
C ILE BB 146 -38.60 34.23 108.29
N ARG BB 147 -39.85 34.55 108.64
CA ARG BB 147 -40.38 35.88 108.40
C ARG BB 147 -40.38 36.69 109.68
N TYR BB 148 -40.44 38.02 109.50
CA TYR BB 148 -40.18 39.07 110.47
C TYR BB 148 -38.93 38.82 111.31
N PRO BB 149 -37.73 38.72 110.72
CA PRO BB 149 -36.55 38.46 111.56
C PRO BB 149 -36.13 39.65 112.41
N ASP BB 150 -35.74 40.75 111.75
CA ASP BB 150 -35.11 41.95 112.27
C ASP BB 150 -34.96 42.96 111.14
N PRO BB 151 -34.72 44.24 111.44
CA PRO BB 151 -34.34 45.16 110.36
C PRO BB 151 -32.83 45.32 110.20
N VAL BB 152 -32.02 44.83 111.14
CA VAL BB 152 -30.62 45.19 111.21
C VAL BB 152 -29.77 43.94 110.93
N ILE BB 153 -30.24 43.09 110.03
CA ILE BB 153 -29.48 41.90 109.65
C ILE BB 153 -28.97 42.10 108.23
N LYS BB 154 -27.65 42.20 108.09
CA LYS BB 154 -26.95 42.24 106.82
C LYS BB 154 -26.99 40.84 106.18
N VAL BB 155 -26.76 40.80 104.86
CA VAL BB 155 -26.89 39.57 104.07
C VAL BB 155 -25.93 38.49 104.55
N ASN BB 156 -24.68 38.84 104.80
CA ASN BB 156 -23.68 37.85 105.19
C ASN BB 156 -23.50 37.83 106.70
N ASP BB 157 -24.60 37.65 107.43
CA ASP BB 157 -24.52 37.61 108.89
C ASP BB 157 -24.78 36.21 109.40
N THR BB 158 -24.73 36.11 110.73
CA THR BB 158 -24.94 34.86 111.44
C THR BB 158 -26.07 35.05 112.45
N VAL BB 159 -27.04 34.15 112.42
CA VAL BB 159 -28.17 34.15 113.34
C VAL BB 159 -28.02 32.95 114.26
N GLN BB 160 -28.12 33.17 115.56
CA GLN BB 160 -28.32 32.05 116.47
C GLN BB 160 -29.79 31.67 116.47
N ILE BB 161 -30.07 30.41 116.17
CA ILE BB 161 -31.45 29.96 115.97
C ILE BB 161 -31.77 28.95 117.06
N ASP BB 162 -33.03 28.95 117.50
CA ASP BB 162 -33.50 28.05 118.54
C ASP BB 162 -34.23 26.91 117.87
N LEU BB 163 -34.11 25.70 118.41
CA LEU BB 163 -34.77 24.56 117.81
C LEU BB 163 -36.05 24.20 118.55
N GLY BB 164 -36.32 24.88 119.67
CA GLY BB 164 -37.61 24.73 120.31
C GLY BB 164 -38.72 25.37 119.51
N THR BB 165 -38.70 26.70 119.40
CA THR BB 165 -39.75 27.44 118.72
C THR BB 165 -39.41 27.78 117.28
N GLY BB 166 -38.15 27.66 116.88
CA GLY BB 166 -37.78 27.99 115.51
C GLY BB 166 -37.68 29.46 115.22
N LYS BB 167 -37.67 30.31 116.26
CA LYS BB 167 -37.58 31.75 116.10
C LYS BB 167 -36.18 32.20 116.49
N ILE BB 168 -35.72 33.31 115.93
CA ILE BB 168 -34.35 33.76 116.11
C ILE BB 168 -34.17 34.33 117.51
N ILE BB 169 -32.92 34.41 117.94
CA ILE BB 169 -32.52 35.07 119.17
C ILE BB 169 -31.03 35.38 119.08
N ASN BB 170 -30.67 36.63 119.41
CA ASN BB 170 -29.30 37.09 119.61
C ASN BB 170 -28.43 36.91 118.36
N PHE BB 171 -28.70 37.67 117.31
CA PHE BB 171 -27.94 37.67 116.07
C PHE BB 171 -26.55 38.25 116.30
N ILE BB 172 -25.70 38.12 115.28
CA ILE BB 172 -24.38 38.72 115.28
C ILE BB 172 -24.00 39.08 113.85
N LYS BB 173 -23.48 40.30 113.67
CA LYS BB 173 -23.28 40.83 112.32
C LYS BB 173 -21.87 40.53 111.81
N PHE BB 174 -21.58 41.07 110.63
CA PHE BB 174 -20.34 40.80 109.91
C PHE BB 174 -19.48 42.06 109.93
N ASP BB 175 -18.32 41.97 110.57
CA ASP BB 175 -17.54 43.17 110.86
C ASP BB 175 -16.08 42.76 111.04
N THR BB 176 -15.20 43.71 110.75
CA THR BB 176 -13.77 43.53 111.00
C THR BB 176 -13.49 43.36 112.48
N GLY BB 177 -12.92 42.22 112.83
CA GLY BB 177 -12.64 41.89 114.22
C GLY BB 177 -13.48 40.78 114.78
N ASN BB 178 -14.28 40.10 113.96
CA ASN BB 178 -15.09 38.99 114.41
C ASN BB 178 -14.40 37.66 114.14
N LEU BB 179 -14.69 36.68 114.98
CA LEU BB 179 -14.11 35.37 114.87
C LEU BB 179 -14.98 34.50 113.98
N CYS BB 180 -14.37 33.92 112.93
CA CYS BB 180 -15.11 33.14 111.96
C CYS BB 180 -14.45 31.79 111.76
N MET BB 181 -15.21 30.90 111.13
CA MET BB 181 -14.80 29.53 110.86
C MET BB 181 -15.04 29.22 109.39
N VAL BB 182 -14.11 28.53 108.76
CA VAL BB 182 -14.15 28.31 107.32
C VAL BB 182 -14.92 27.02 107.07
N ILE BB 183 -15.86 27.07 106.12
CA ILE BB 183 -16.70 25.89 105.85
C ILE BB 183 -16.40 25.29 104.49
N GLY BB 184 -15.55 25.92 103.71
CA GLY BB 184 -15.30 25.41 102.37
C GLY BB 184 -13.88 25.57 101.87
N GLY BB 185 -13.67 25.22 100.61
CA GLY BB 185 -12.39 25.41 99.96
C GLY BB 185 -11.30 24.51 100.50
N ALA BB 186 -10.07 24.90 100.19
CA ALA BB 186 -8.91 24.12 100.60
C ALA BB 186 -8.50 24.36 102.04
N ASN BB 187 -9.08 25.36 102.72
CA ASN BB 187 -8.69 25.72 104.07
C ASN BB 187 -9.82 25.55 105.06
N LEU BB 188 -10.71 24.60 104.84
CA LEU BB 188 -11.84 24.40 105.74
C LEU BB 188 -11.36 23.88 107.08
N GLY BB 189 -12.16 24.10 108.12
CA GLY BB 189 -11.73 23.77 109.46
C GLY BB 189 -10.71 24.72 110.04
N ARG BB 190 -10.61 25.93 109.50
CA ARG BB 190 -9.72 26.96 110.02
C ARG BB 190 -10.57 27.98 110.76
N VAL BB 191 -10.11 28.39 111.94
CA VAL BB 191 -10.85 29.31 112.78
C VAL BB 191 -9.97 30.52 113.06
N GLY BB 192 -10.44 31.70 112.65
CA GLY BB 192 -9.64 32.89 112.85
C GLY BB 192 -10.43 34.18 112.72
N VAL BB 193 -9.79 35.28 113.10
CA VAL BB 193 -10.41 36.59 113.17
C VAL BB 193 -10.34 37.22 111.78
N ILE BB 194 -11.45 37.80 111.33
CA ILE BB 194 -11.52 38.49 110.04
C ILE BB 194 -10.63 39.73 110.11
N THR BB 195 -9.65 39.80 109.21
CA THR BB 195 -8.73 40.94 109.23
C THR BB 195 -9.19 42.02 108.25
N ASN BB 196 -9.29 41.67 106.97
CA ASN BB 196 -9.55 42.67 105.95
C ASN BB 196 -10.26 42.00 104.80
N ARG BB 197 -11.40 42.57 104.40
CA ARG BB 197 -12.14 42.06 103.25
C ARG BB 197 -11.96 43.03 102.09
N GLU BB 198 -11.78 42.48 100.89
CA GLU BB 198 -11.74 43.26 99.67
C GLU BB 198 -12.99 42.97 98.86
N ARG BB 199 -13.64 44.03 98.40
CA ARG BB 199 -14.91 43.96 97.68
C ARG BB 199 -14.65 44.19 96.20
N HIS BB 200 -14.98 43.22 95.40
CA HIS BB 200 -14.85 43.46 93.98
C HIS BB 200 -16.23 43.60 93.36
N PRO BB 201 -16.36 44.37 92.29
CA PRO BB 201 -17.61 44.32 91.52
C PRO BB 201 -17.72 43.08 90.66
N GLY BB 202 -16.70 42.24 90.62
CA GLY BB 202 -16.75 40.98 89.90
C GLY BB 202 -17.32 39.83 90.71
N SER BB 203 -18.32 40.13 91.56
CA SER BB 203 -19.21 39.18 92.19
C SER BB 203 -18.56 38.19 93.16
N PHE BB 204 -17.26 38.33 93.42
CA PHE BB 204 -16.58 37.44 94.33
C PHE BB 204 -15.57 38.19 95.18
N ASP BB 205 -15.95 38.43 96.43
CA ASP BB 205 -15.15 39.21 97.36
C ASP BB 205 -14.22 38.27 98.10
N VAL BB 206 -13.11 38.80 98.61
CA VAL BB 206 -12.15 37.98 99.34
C VAL BB 206 -12.02 38.51 100.75
N VAL BB 207 -11.62 37.64 101.67
CA VAL BB 207 -11.49 37.94 103.09
C VAL BB 207 -10.19 37.33 103.59
N HIS BB 208 -9.37 38.15 104.26
CA HIS BB 208 -8.17 37.66 104.92
C HIS BB 208 -8.45 37.43 106.39
N VAL BB 209 -7.96 36.30 106.91
CA VAL BB 209 -8.17 35.93 108.30
C VAL BB 209 -6.83 35.72 108.97
N LYS BB 210 -6.75 36.11 110.24
CA LYS BB 210 -5.67 35.70 111.14
C LYS BB 210 -6.28 35.00 112.34
N ASP BB 211 -5.48 34.17 112.98
CA ASP BB 211 -5.92 33.53 114.21
C ASP BB 211 -4.92 33.76 115.34
N ALA BB 212 -5.02 32.97 116.41
CA ALA BB 212 -3.94 32.89 117.40
C ALA BB 212 -2.66 32.40 116.72
N ASN BB 213 -1.52 32.85 117.26
CA ASN BB 213 -0.15 32.78 116.71
C ASN BB 213 -0.06 33.28 115.25
N GLY BB 214 -0.94 34.21 114.89
CA GLY BB 214 -0.71 35.13 113.79
C GLY BB 214 -0.69 34.58 112.38
N ASN BB 215 -1.01 33.31 112.17
CA ASN BB 215 -1.01 32.79 110.81
C ASN BB 215 -2.25 33.25 110.05
N SER BB 216 -2.04 33.63 108.79
CA SER BB 216 -3.08 34.30 108.02
C SER BB 216 -3.42 33.52 106.75
N PHE BB 217 -4.71 33.37 106.51
CA PHE BB 217 -5.25 32.74 105.32
C PHE BB 217 -6.16 33.72 104.59
N ALA BB 218 -6.76 33.26 103.50
CA ALA BB 218 -7.66 34.08 102.69
C ALA BB 218 -8.65 33.17 101.99
N THR BB 219 -9.89 33.64 101.85
CA THR BB 219 -10.93 32.85 101.20
C THR BB 219 -12.05 33.74 100.68
N ARG BB 220 -13.16 33.10 100.30
CA ARG BB 220 -14.29 33.76 99.66
C ARG BB 220 -15.51 33.70 100.57
N LEU BB 221 -16.50 34.55 100.29
CA LEU BB 221 -17.54 34.88 101.28
C LEU BB 221 -18.44 33.70 101.62
N SER BB 222 -18.74 32.84 100.64
CA SER BB 222 -19.66 31.74 100.91
C SER BB 222 -18.98 30.63 101.71
N ASN BB 223 -17.66 30.70 101.85
CA ASN BB 223 -16.91 29.73 102.63
C ASN BB 223 -16.75 30.17 104.08
N ILE BB 224 -17.42 31.24 104.49
CA ILE BB 224 -17.15 31.92 105.75
C ILE BB 224 -18.38 31.81 106.65
N PHE BB 225 -18.16 31.39 107.89
CA PHE BB 225 -19.21 31.29 108.89
C PHE BB 225 -18.74 31.98 110.16
N VAL BB 226 -19.39 33.10 110.49
CA VAL BB 226 -18.99 33.91 111.63
C VAL BB 226 -19.38 33.16 112.90
N ILE BB 227 -18.41 32.95 113.79
CA ILE BB 227 -18.61 32.07 114.93
C ILE BB 227 -18.56 32.82 116.26
N GLY BB 228 -18.10 34.06 116.29
CA GLY BB 228 -17.92 34.74 117.56
C GLY BB 228 -18.11 36.24 117.46
N ASN BB 229 -17.91 36.89 118.60
CA ASN BB 229 -18.03 38.33 118.73
C ASN BB 229 -16.76 38.87 119.36
N GLY BB 230 -15.79 39.24 118.53
CA GLY BB 230 -14.57 39.83 119.03
C GLY BB 230 -13.70 38.88 119.82
N ASN BB 231 -13.27 37.78 119.18
CA ASN BB 231 -12.44 36.72 119.75
C ASN BB 231 -13.08 36.06 120.97
N LYS BB 232 -14.39 35.81 120.90
CA LYS BB 232 -15.12 35.09 121.94
C LYS BB 232 -16.10 34.14 121.27
N PRO BB 233 -15.85 32.83 121.28
CA PRO BB 233 -16.73 31.91 120.54
C PRO BB 233 -18.06 31.72 121.23
N TRP BB 234 -19.14 31.76 120.44
CA TRP BB 234 -20.46 31.44 120.97
C TRP BB 234 -20.56 29.97 121.32
N ILE BB 235 -19.95 29.11 120.52
CA ILE BB 235 -20.06 27.67 120.66
C ILE BB 235 -18.69 27.10 120.99
N SER BB 236 -18.68 26.17 121.93
CA SER BB 236 -17.48 25.40 122.26
C SER BB 236 -16.92 24.72 121.02
N LEU BB 237 -15.59 24.66 120.94
CA LEU BB 237 -14.95 24.22 119.73
C LEU BB 237 -13.93 23.13 120.07
N PRO BB 238 -13.86 22.05 119.29
CA PRO BB 238 -12.99 20.94 119.67
C PRO BB 238 -11.54 21.19 119.31
N ARG BB 239 -10.65 20.59 120.13
CA ARG BB 239 -9.19 20.64 119.96
C ARG BB 239 -8.67 22.07 119.96
N GLY BB 240 -8.79 22.72 121.13
CA GLY BB 240 -8.25 24.06 121.29
C GLY BB 240 -9.15 25.05 120.58
N LYS BB 241 -8.56 25.85 119.70
CA LYS BB 241 -9.36 26.66 118.80
C LYS BB 241 -9.43 26.03 117.42
N GLY BB 242 -9.05 24.76 117.31
CA GLY BB 242 -9.02 24.11 116.02
C GLY BB 242 -8.00 24.68 115.06
N ILE BB 243 -6.81 25.02 115.53
CA ILE BB 243 -5.79 25.56 114.66
C ILE BB 243 -5.11 24.42 113.91
N ARG BB 244 -4.86 24.63 112.62
CA ARG BB 244 -4.08 23.67 111.85
C ARG BB 244 -2.62 23.80 112.25
N LEU BB 245 -1.98 22.67 112.54
CA LEU BB 245 -0.70 22.77 113.23
C LEU BB 245 0.47 23.06 112.31
N THR BB 246 0.95 22.05 111.57
CA THR BB 246 1.88 22.05 110.43
C THR BB 246 2.02 20.54 110.17
N VAL BB 247 2.50 20.13 108.99
CA VAL BB 247 2.97 18.76 108.81
C VAL BB 247 4.06 18.42 109.82
N ALA BB 248 5.03 19.32 110.00
CA ALA BB 248 6.12 19.09 110.95
C ALA BB 248 5.61 19.08 112.39
N GLU BB 249 4.60 19.91 112.68
CA GLU BB 249 4.06 19.94 114.03
C GLU BB 249 3.24 18.70 114.33
N GLU BB 250 2.54 18.16 113.33
CA GLU BB 250 1.84 16.89 113.50
C GLU BB 250 2.83 15.76 113.74
N ARG BB 251 3.95 15.76 113.00
CA ARG BB 251 4.98 14.76 113.21
C ARG BB 251 5.60 14.86 114.59
N ASP BB 252 5.86 16.08 115.06
CA ASP BB 252 6.48 16.26 116.36
C ASP BB 252 5.50 15.93 117.49
N LYS BB 253 4.20 16.15 117.27
CA LYS BB 253 3.20 15.75 118.24
C LYS BB 253 3.12 14.23 118.35
N ARG BB 254 3.14 13.54 117.21
CA ARG BB 254 3.06 12.09 117.25
C ARG BB 254 4.36 11.47 117.73
N LEU BB 255 5.47 12.20 117.65
CA LEU BB 255 6.71 11.73 118.27
C LEU BB 255 6.73 12.03 119.77
N ALA BB 256 6.04 13.09 120.20
CA ALA BB 256 5.92 13.37 121.62
C ALA BB 256 5.00 12.36 122.29
N THR BB 257 4.04 11.82 121.54
CA THR BB 257 3.05 10.78 121.92
C THR BB 257 2.40 10.93 123.30
N PRO CB 1 115.10 -6.04 7.28
CA PRO CB 1 115.63 -5.22 6.17
C PRO CB 1 114.96 -5.56 4.84
N ASP CB 2 114.33 -6.73 4.77
CA ASP CB 2 113.59 -7.09 3.57
C ASP CB 2 112.29 -6.30 3.49
N ILE CB 3 111.73 -6.24 2.29
CA ILE CB 3 110.42 -5.62 2.09
C ILE CB 3 109.33 -6.62 2.45
N LYS CB 4 108.36 -6.17 3.23
CA LYS CB 4 107.35 -7.07 3.75
C LYS CB 4 106.36 -7.42 2.65
N LEU CB 5 106.40 -8.68 2.22
CA LEU CB 5 105.76 -9.10 0.99
C LEU CB 5 104.81 -10.25 1.26
N PHE CB 6 103.78 -10.36 0.42
CA PHE CB 6 102.74 -11.36 0.66
C PHE CB 6 103.20 -12.76 0.25
N GLY CB 7 103.38 -12.97 -1.05
CA GLY CB 7 103.95 -14.17 -1.62
C GLY CB 7 105.22 -13.89 -2.40
N LYS CB 8 105.05 -13.80 -3.73
CA LYS CB 8 106.06 -13.29 -4.65
C LYS CB 8 105.96 -11.79 -4.85
N TRP CB 9 105.35 -11.06 -3.94
CA TRP CB 9 104.83 -9.74 -4.29
C TRP CB 9 105.77 -8.63 -3.85
N SER CB 10 105.36 -7.39 -4.15
CA SER CB 10 106.08 -6.23 -3.63
C SER CB 10 105.38 -5.67 -2.40
N THR CB 11 104.04 -5.68 -2.41
CA THR CB 11 103.17 -5.16 -1.34
C THR CB 11 103.53 -3.71 -1.05
N ASP CB 12 103.64 -2.92 -2.12
CA ASP CB 12 104.24 -1.60 -2.03
C ASP CB 12 103.71 -0.76 -3.17
N ASP CB 13 103.67 0.55 -2.92
CA ASP CB 13 103.21 1.60 -3.85
C ASP CB 13 101.76 1.33 -4.20
N VAL CB 14 100.96 0.74 -3.31
CA VAL CB 14 99.52 0.64 -3.51
C VAL CB 14 98.89 1.93 -3.00
N GLN CB 15 98.47 2.80 -3.92
CA GLN CB 15 97.98 4.10 -3.52
C GLN CB 15 96.47 4.16 -3.61
N ILE CB 16 95.83 4.36 -2.45
CA ILE CB 16 94.42 4.67 -2.41
C ILE CB 16 94.21 6.02 -3.08
N ASN CB 17 93.40 6.05 -4.14
CA ASN CB 17 93.30 7.23 -4.99
C ASN CB 17 92.68 8.43 -4.30
N ASP CB 18 91.76 8.21 -3.36
CA ASP CB 18 91.14 9.32 -2.64
C ASP CB 18 91.38 9.16 -1.15
N ILE CB 19 90.98 10.19 -0.42
CA ILE CB 19 90.86 10.14 1.03
C ILE CB 19 89.38 9.86 1.29
N SER CB 20 89.01 9.67 2.57
CA SER CB 20 87.81 9.10 3.19
C SER CB 20 87.87 7.59 3.27
N LEU CB 21 88.94 6.99 2.76
CA LEU CB 21 89.20 5.58 3.08
C LEU CB 21 90.63 5.34 3.56
N GLN CB 22 91.42 6.39 3.74
CA GLN CB 22 92.71 6.24 4.39
C GLN CB 22 92.51 5.89 5.86
N ASP CB 23 93.45 5.11 6.39
CA ASP CB 23 93.55 4.65 7.78
C ASP CB 23 92.45 3.68 8.19
N TYR CB 24 91.55 3.31 7.27
CA TYR CB 24 90.64 2.19 7.48
C TYR CB 24 90.98 1.00 6.61
N ILE CB 25 91.90 1.19 5.67
CA ILE CB 25 92.49 0.11 4.91
C ILE CB 25 93.96 0.01 5.31
N ALA CB 26 94.36 -1.17 5.80
CA ALA CB 26 95.65 -1.33 6.45
C ALA CB 26 96.73 -1.79 5.47
N VAL CB 27 96.64 -1.32 4.22
CA VAL CB 27 97.53 -1.73 3.14
C VAL CB 27 98.94 -1.15 3.30
N LYS CB 28 99.11 -0.21 4.24
CA LYS CB 28 100.35 0.52 4.41
C LYS CB 28 101.45 -0.38 5.00
N GLU CB 29 102.65 0.20 5.18
CA GLU CB 29 103.84 -0.61 5.43
C GLU CB 29 103.88 -1.14 6.87
N LYS CB 30 103.25 -0.45 7.81
CA LYS CB 30 103.26 -0.87 9.20
C LYS CB 30 102.20 -1.92 9.49
N TYR CB 31 101.37 -2.25 8.50
CA TYR CB 31 100.38 -3.30 8.67
C TYR CB 31 100.32 -4.18 7.43
N ALA CB 32 101.47 -4.37 6.78
CA ALA CB 32 101.57 -5.30 5.65
C ALA CB 32 102.45 -6.46 6.12
N LYS CB 33 101.95 -7.67 5.99
CA LYS CB 33 102.65 -8.87 6.46
C LYS CB 33 102.54 -9.99 5.45
N TYR CB 34 103.15 -11.13 5.80
CA TYR CB 34 103.31 -12.21 4.84
C TYR CB 34 102.00 -12.91 4.54
N LEU CB 35 101.39 -13.53 5.53
CA LEU CB 35 100.16 -14.30 5.37
C LEU CB 35 99.01 -13.53 5.99
N PRO CB 36 97.79 -13.71 5.46
CA PRO CB 36 96.63 -13.06 6.08
C PRO CB 36 96.32 -13.59 7.46
N HIS CB 37 96.60 -14.86 7.71
CA HIS CB 37 96.28 -15.50 8.98
C HIS CB 37 97.18 -14.93 10.07
N SER CB 38 96.60 -14.12 10.95
CA SER CB 38 97.32 -13.57 12.09
C SER CB 38 96.51 -13.82 13.34
N ALA CB 39 97.11 -13.50 14.48
CA ALA CB 39 96.48 -13.70 15.79
C ALA CB 39 95.36 -12.68 15.93
N GLY CB 40 94.13 -13.15 15.73
CA GLY CB 40 92.97 -12.28 15.73
C GLY CB 40 92.57 -11.88 17.14
N ARG CB 41 92.75 -10.61 17.45
CA ARG CB 41 92.32 -10.02 18.72
C ARG CB 41 91.56 -8.73 18.47
N TYR CB 42 90.61 -8.77 17.53
CA TYR CB 42 90.10 -7.55 16.94
C TYR CB 42 88.69 -7.25 17.42
N ALA CB 43 88.29 -7.83 18.54
CA ALA CB 43 87.06 -7.44 19.19
C ALA CB 43 87.29 -6.81 20.56
N ALA CB 44 88.52 -6.39 20.86
CA ALA CB 44 88.80 -5.84 22.17
C ALA CB 44 88.27 -4.41 22.30
N LYS CB 45 88.59 -3.55 21.35
CA LYS CB 45 88.16 -2.17 21.36
C LYS CB 45 87.46 -1.90 20.04
N ARG CB 46 86.64 -0.84 20.02
CA ARG CB 46 85.73 -0.57 18.92
C ARG CB 46 86.48 -0.26 17.62
N PHE CB 47 87.38 0.70 17.65
CA PHE CB 47 88.07 1.15 16.46
C PHE CB 47 89.43 0.49 16.25
N ARG CB 48 89.75 -0.56 17.01
CA ARG CB 48 90.97 -1.28 16.69
C ARG CB 48 90.73 -2.35 15.64
N LYS CB 49 89.52 -2.41 15.09
CA LYS CB 49 89.25 -3.27 13.94
C LYS CB 49 89.98 -2.75 12.69
N ALA CB 50 90.33 -1.46 12.68
CA ALA CB 50 90.97 -0.86 11.52
C ALA CB 50 92.39 -1.36 11.29
N GLN CB 51 93.06 -1.85 12.33
CA GLN CB 51 94.44 -2.32 12.16
C GLN CB 51 94.53 -3.70 11.54
N CYS CB 52 93.42 -4.35 11.22
CA CYS CB 52 93.47 -5.61 10.51
C CYS CB 52 93.73 -5.35 9.03
N PRO CB 53 94.60 -6.10 8.38
CA PRO CB 53 94.77 -5.95 6.93
C PRO CB 53 93.54 -6.43 6.18
N ILE CB 54 93.28 -5.77 5.04
CA ILE CB 54 92.04 -6.02 4.32
C ILE CB 54 92.06 -7.38 3.65
N VAL CB 55 93.25 -7.95 3.42
CA VAL CB 55 93.31 -9.29 2.89
C VAL CB 55 92.87 -10.31 3.94
N GLU CB 56 93.23 -10.08 5.21
CA GLU CB 56 92.71 -10.90 6.29
C GLU CB 56 91.22 -10.68 6.47
N ARG CB 57 90.75 -9.45 6.26
CA ARG CB 57 89.33 -9.17 6.33
C ARG CB 57 88.56 -9.87 5.22
N LEU CB 58 89.17 -9.98 4.04
CA LEU CB 58 88.54 -10.67 2.92
C LEU CB 58 88.44 -12.17 3.19
N THR CB 59 89.50 -12.75 3.78
CA THR CB 59 89.43 -14.14 4.22
C THR CB 59 88.33 -14.35 5.27
N ASN CB 60 88.27 -13.43 6.24
CA ASN CB 60 87.34 -13.56 7.35
C ASN CB 60 85.90 -13.47 6.88
N SER CB 61 85.63 -12.61 5.92
CA SER CB 61 84.26 -12.53 5.41
C SER CB 61 84.00 -13.60 4.37
N MET CB 62 85.07 -14.19 3.82
CA MET CB 62 84.87 -15.28 2.87
C MET CB 62 84.41 -16.56 3.56
N MET CB 63 84.92 -16.85 4.75
CA MET CB 63 84.45 -18.04 5.47
C MET CB 63 83.06 -17.78 6.06
N MET CB 64 82.02 -18.36 5.45
CA MET CB 64 80.65 -18.18 5.93
C MET CB 64 79.83 -19.44 5.67
N HIS CB 65 78.57 -19.38 6.14
CA HIS CB 65 77.48 -20.29 5.79
C HIS CB 65 77.72 -21.73 6.26
N GLY CB 66 78.21 -21.88 7.48
CA GLY CB 66 78.17 -23.16 8.18
C GLY CB 66 79.11 -24.23 7.66
N ARG CB 67 78.94 -24.59 6.38
CA ARG CB 67 79.76 -25.61 5.76
C ARG CB 67 81.21 -25.16 5.62
N ASN CB 68 81.44 -23.86 5.57
CA ASN CB 68 82.77 -23.30 5.41
C ASN CB 68 83.19 -22.50 6.61
N ASN CB 69 82.57 -22.74 7.75
CA ASN CB 69 82.78 -21.89 8.92
C ASN CB 69 84.04 -22.31 9.64
N GLY CB 70 84.91 -21.34 9.95
CA GLY CB 70 86.29 -21.67 10.25
C GLY CB 70 87.06 -21.84 8.95
N LYS CB 71 88.06 -22.73 8.98
CA LYS CB 71 88.84 -23.15 7.82
C LYS CB 71 89.58 -21.97 7.18
N LYS CB 72 90.32 -21.24 8.02
CA LYS CB 72 91.08 -20.11 7.52
C LYS CB 72 92.21 -20.54 6.61
N LEU CB 73 92.69 -21.78 6.77
CA LEU CB 73 93.63 -22.35 5.81
C LEU CB 73 93.00 -22.45 4.43
N MET CB 74 91.73 -22.86 4.37
CA MET CB 74 91.03 -22.96 3.09
C MET CB 74 90.82 -21.60 2.46
N THR CB 75 90.44 -20.59 3.27
CA THR CB 75 90.15 -19.31 2.64
C THR CB 75 91.43 -18.54 2.29
N VAL CB 76 92.52 -18.77 3.02
CA VAL CB 76 93.80 -18.18 2.62
C VAL CB 76 94.30 -18.85 1.35
N ARG CB 77 94.01 -20.15 1.19
CA ARG CB 77 94.27 -20.84 -0.06
C ARG CB 77 93.50 -20.23 -1.22
N ILE CB 78 92.23 -19.90 -0.99
CA ILE CB 78 91.38 -19.25 -1.99
C ILE CB 78 91.94 -17.90 -2.42
N VAL CB 79 92.37 -17.09 -1.45
CA VAL CB 79 92.93 -15.77 -1.74
C VAL CB 79 94.25 -15.90 -2.48
N LYS CB 80 95.07 -16.90 -2.10
CA LYS CB 80 96.32 -17.17 -2.79
C LYS CB 80 96.09 -17.59 -4.23
N HIS CB 81 95.05 -18.38 -4.48
CA HIS CB 81 94.66 -18.68 -5.86
C HIS CB 81 94.17 -17.46 -6.62
N ALA CB 82 93.35 -16.62 -5.99
CA ALA CB 82 92.74 -15.47 -6.66
C ALA CB 82 93.73 -14.40 -7.05
N PHE CB 83 94.71 -14.11 -6.17
CA PHE CB 83 95.76 -13.16 -6.52
C PHE CB 83 96.61 -13.69 -7.66
N GLU CB 84 96.79 -15.01 -7.71
CA GLU CB 84 97.50 -15.63 -8.83
C GLU CB 84 96.71 -15.51 -10.13
N ILE CB 85 95.38 -15.46 -10.02
CA ILE CB 85 94.56 -15.24 -11.21
C ILE CB 85 94.69 -13.79 -11.68
N ILE CB 86 94.61 -12.85 -10.74
CA ILE CB 86 94.61 -11.43 -11.10
C ILE CB 86 96.00 -10.99 -11.57
N HIS CB 87 97.04 -11.71 -11.14
CA HIS CB 87 98.39 -11.42 -11.64
C HIS CB 87 98.51 -11.76 -13.11
N LEU CB 88 97.89 -12.85 -13.54
CA LEU CB 88 97.98 -13.26 -14.93
C LEU CB 88 97.00 -12.48 -15.80
N LEU CB 89 95.92 -11.99 -15.18
CA LEU CB 89 94.93 -11.24 -15.96
C LEU CB 89 95.15 -9.75 -15.79
N THR CB 90 95.70 -9.13 -16.85
CA THR CB 90 95.97 -7.69 -17.06
C THR CB 90 97.06 -7.10 -16.16
N GLY CB 91 97.68 -7.91 -15.30
CA GLY CB 91 98.72 -7.43 -14.41
C GLY CB 91 98.11 -6.50 -13.37
N GLU CB 92 98.82 -5.39 -13.13
CA GLU CB 92 98.33 -4.26 -12.35
C GLU CB 92 97.92 -4.66 -10.93
N ASN CB 93 98.92 -4.91 -10.06
CA ASN CB 93 99.00 -5.80 -8.89
C ASN CB 93 97.69 -5.99 -8.14
N PRO CB 94 97.37 -7.24 -7.78
CA PRO CB 94 96.00 -7.55 -7.30
C PRO CB 94 95.63 -6.87 -6.00
N LEU CB 95 96.62 -6.44 -5.22
CA LEU CB 95 96.37 -5.67 -4.02
C LEU CB 95 95.77 -4.31 -4.37
N GLN CB 96 96.30 -3.67 -5.42
CA GLN CB 96 95.80 -2.40 -5.94
C GLN CB 96 94.36 -2.51 -6.43
N VAL CB 97 94.04 -3.56 -7.20
CA VAL CB 97 92.68 -3.65 -7.71
C VAL CB 97 91.73 -4.15 -6.63
N LEU CB 98 92.26 -4.80 -5.59
CA LEU CB 98 91.44 -5.10 -4.42
C LEU CB 98 91.03 -3.82 -3.71
N VAL CB 99 91.98 -2.90 -3.52
CA VAL CB 99 91.68 -1.61 -2.91
C VAL CB 99 90.71 -0.82 -3.79
N ASN CB 100 90.90 -0.89 -5.10
CA ASN CB 100 90.00 -0.19 -6.04
C ASN CB 100 88.60 -0.79 -6.01
N ALA CB 101 88.50 -2.11 -5.84
CA ALA CB 101 87.20 -2.75 -5.71
C ALA CB 101 86.53 -2.38 -4.40
N ILE CB 102 87.31 -2.24 -3.33
CA ILE CB 102 86.75 -1.77 -2.06
C ILE CB 102 86.22 -0.35 -2.19
N ILE CB 103 86.92 0.49 -2.94
CA ILE CB 103 86.46 1.88 -3.13
C ILE CB 103 85.19 1.91 -3.98
N ASN CB 104 85.20 1.21 -5.10
CA ASN CB 104 84.06 1.17 -6.00
C ASN CB 104 83.12 0.01 -5.70
N SER CB 105 82.85 -0.23 -4.42
CA SER CB 105 81.98 -1.33 -4.02
C SER CB 105 80.93 -0.86 -3.01
N GLY CB 106 81.36 -0.68 -1.76
CA GLY CB 106 80.47 -0.26 -0.70
C GLY CB 106 79.70 1.02 -1.00
N PRO CB 107 78.44 1.07 -0.55
CA PRO CB 107 77.55 2.22 -0.74
C PRO CB 107 78.02 3.43 0.06
N ARG CB 108 77.65 4.63 -0.40
CA ARG CB 108 78.05 5.86 0.28
C ARG CB 108 76.88 6.57 0.94
N GLU CB 109 75.64 6.12 0.68
CA GLU CB 109 74.50 6.58 1.46
C GLU CB 109 73.42 5.50 1.45
N ASP CB 110 72.64 5.47 2.53
CA ASP CB 110 71.64 4.42 2.74
C ASP CB 110 70.36 5.02 3.29
N SER CB 111 69.44 4.14 3.67
CA SER CB 111 68.18 4.53 4.28
C SER CB 111 68.01 3.87 5.63
N THR CB 112 67.42 4.61 6.58
CA THR CB 112 67.21 4.06 7.91
C THR CB 112 66.10 4.83 8.63
N ARG CB 113 65.71 4.31 9.80
CA ARG CB 113 64.67 4.95 10.60
C ARG CB 113 65.24 6.12 11.40
N ILE CB 114 64.60 7.27 11.27
CA ILE CB 114 64.94 8.48 12.01
C ILE CB 114 63.71 8.83 12.83
N GLY CB 115 63.84 9.75 13.79
CA GLY CB 115 62.81 10.03 14.76
C GLY CB 115 61.65 10.86 14.28
N ARG CB 116 61.27 11.87 15.10
CA ARG CB 116 60.02 12.64 15.13
C ARG CB 116 58.86 11.83 15.73
N ALA CB 117 59.08 10.52 15.94
CA ALA CB 117 58.17 9.60 16.63
C ALA CB 117 56.81 9.52 15.95
N GLY CB 118 56.82 9.62 14.62
CA GLY CB 118 55.61 9.48 13.84
C GLY CB 118 55.78 8.39 12.80
N THR CB 119 55.27 8.61 11.60
CA THR CB 119 55.48 7.63 10.54
C THR CB 119 56.88 7.78 9.95
N VAL CB 120 57.60 6.66 9.91
CA VAL CB 120 59.00 6.64 9.50
C VAL CB 120 59.05 6.62 7.97
N ARG CB 121 59.71 7.63 7.40
CA ARG CB 121 59.82 7.80 5.96
C ARG CB 121 61.00 7.05 5.35
N ARG CB 122 61.71 6.24 6.17
CA ARG CB 122 62.97 5.57 5.78
C ARG CB 122 63.97 6.57 5.20
N GLN CB 123 64.44 7.49 6.04
CA GLN CB 123 65.17 8.66 5.57
C GLN CB 123 66.57 8.27 5.10
N ALA CB 124 67.01 8.93 4.02
CA ALA CB 124 68.34 8.72 3.49
C ALA CB 124 69.38 9.41 4.35
N VAL CB 125 70.30 8.63 4.89
CA VAL CB 125 71.40 9.13 5.70
C VAL CB 125 72.72 8.73 5.05
N ASP CB 126 73.80 9.23 5.64
CA ASP CB 126 75.15 8.91 5.21
C ASP CB 126 75.58 7.56 5.78
N VAL CB 127 76.87 7.30 5.72
CA VAL CB 127 77.40 6.03 6.17
C VAL CB 127 78.82 6.25 6.71
N SER CB 128 79.20 5.48 7.71
CA SER CB 128 80.57 5.49 8.18
C SER CB 128 81.47 4.88 7.11
N PRO CB 129 82.68 5.42 6.92
CA PRO CB 129 83.62 4.79 5.98
C PRO CB 129 84.14 3.44 6.44
N LEU CB 130 84.18 3.21 7.76
CA LEU CB 130 84.43 1.87 8.27
C LEU CB 130 83.34 0.91 7.81
N ARG CB 131 82.09 1.36 7.88
CA ARG CB 131 81.00 0.52 7.42
C ARG CB 131 81.02 0.38 5.90
N ARG CB 132 81.59 1.36 5.19
CA ARG CB 132 81.78 1.19 3.74
C ARG CB 132 82.76 0.08 3.43
N VAL CB 133 83.89 0.03 4.16
CA VAL CB 133 84.85 -1.05 3.97
C VAL CB 133 84.23 -2.40 4.32
N ASN CB 134 83.46 -2.44 5.43
CA ASN CB 134 82.83 -3.68 5.88
C ASN CB 134 81.81 -4.18 4.86
N GLN CB 135 80.90 -3.30 4.44
CA GLN CB 135 79.85 -3.68 3.53
C GLN CB 135 80.41 -3.98 2.14
N ALA CB 136 81.54 -3.35 1.79
CA ALA CB 136 82.24 -3.67 0.56
C ALA CB 136 82.72 -5.11 0.56
N ILE CB 137 83.41 -5.52 1.63
CA ILE CB 137 83.92 -6.88 1.71
C ILE CB 137 82.77 -7.89 1.77
N TRP CB 138 81.67 -7.51 2.44
CA TRP CB 138 80.53 -8.39 2.56
C TRP CB 138 79.83 -8.60 1.22
N LEU CB 139 79.65 -7.53 0.44
CA LEU CB 139 79.00 -7.67 -0.86
C LEU CB 139 79.89 -8.40 -1.85
N LEU CB 140 81.21 -8.21 -1.77
CA LEU CB 140 82.13 -8.94 -2.64
C LEU CB 140 82.08 -10.43 -2.38
N CYS CB 141 82.18 -10.84 -1.11
CA CYS CB 141 82.18 -12.26 -0.81
C CYS CB 141 80.81 -12.89 -1.05
N THR CB 142 79.73 -12.12 -0.85
CA THR CB 142 78.40 -12.62 -1.12
C THR CB 142 78.18 -12.86 -2.62
N GLY CB 143 78.61 -11.91 -3.44
CA GLY CB 143 78.49 -12.10 -4.89
C GLY CB 143 79.34 -13.24 -5.40
N ALA CB 144 80.57 -13.37 -4.87
CA ALA CB 144 81.44 -14.47 -5.28
C ALA CB 144 80.86 -15.83 -4.86
N ARG CB 145 80.32 -15.92 -3.64
CA ARG CB 145 79.76 -17.18 -3.16
C ARG CB 145 78.53 -17.60 -3.96
N GLU CB 146 77.58 -16.68 -4.15
CA GLU CB 146 76.36 -17.11 -4.83
C GLU CB 146 76.55 -17.12 -6.34
N ALA CB 147 77.68 -16.62 -6.84
CA ALA CB 147 78.02 -16.89 -8.23
C ALA CB 147 78.61 -18.28 -8.39
N ALA CB 148 79.48 -18.69 -7.46
CA ALA CB 148 80.11 -19.99 -7.57
C ALA CB 148 79.25 -21.13 -7.07
N PHE CB 149 78.11 -20.84 -6.46
CA PHE CB 149 77.16 -21.88 -6.11
C PHE CB 149 76.57 -22.51 -7.37
N ARG CB 150 76.72 -23.84 -7.49
CA ARG CB 150 76.19 -24.66 -8.58
C ARG CB 150 76.69 -24.25 -9.96
N ASN CB 151 78.01 -24.25 -10.15
CA ASN CB 151 78.57 -24.18 -11.50
C ASN CB 151 79.91 -24.89 -11.54
N ILE CB 152 80.48 -24.94 -12.74
CA ILE CB 152 81.79 -25.55 -12.91
C ILE CB 152 82.87 -24.62 -12.38
N LYS CB 153 82.55 -23.32 -12.25
CA LYS CB 153 83.48 -22.34 -11.72
C LYS CB 153 83.80 -22.62 -10.25
N THR CB 154 84.93 -22.08 -9.81
CA THR CB 154 85.41 -22.27 -8.46
C THR CB 154 85.23 -21.00 -7.64
N ILE CB 155 85.51 -21.13 -6.34
CA ILE CB 155 85.53 -19.97 -5.46
C ILE CB 155 86.64 -19.02 -5.88
N ALA CB 156 87.77 -19.60 -6.32
CA ALA CB 156 88.90 -18.80 -6.77
C ALA CB 156 88.55 -18.00 -8.02
N GLU CB 157 87.95 -18.66 -9.02
CA GLU CB 157 87.59 -17.98 -10.25
C GLU CB 157 86.52 -16.93 -10.03
N CYS CB 158 85.49 -17.27 -9.25
CA CYS CB 158 84.40 -16.31 -9.02
C CYS CB 158 84.84 -15.16 -8.14
N LEU CB 159 85.78 -15.40 -7.22
CA LEU CB 159 86.26 -14.31 -6.38
C LEU CB 159 87.15 -13.37 -7.18
N ALA CB 160 88.02 -13.92 -8.03
CA ALA CB 160 88.85 -13.07 -8.88
C ALA CB 160 88.00 -12.31 -9.90
N ASP CB 161 86.98 -12.97 -10.44
CA ASP CB 161 86.02 -12.33 -11.33
C ASP CB 161 85.30 -11.19 -10.65
N GLU CB 162 84.87 -11.39 -9.40
CA GLU CB 162 84.14 -10.35 -8.69
C GLU CB 162 85.04 -9.17 -8.34
N LEU CB 163 86.30 -9.46 -7.98
CA LEU CB 163 87.22 -8.36 -7.67
C LEU CB 163 87.58 -7.56 -8.91
N ILE CB 164 87.80 -8.23 -10.04
CA ILE CB 164 88.17 -7.50 -11.26
C ILE CB 164 86.97 -6.72 -11.81
N ASN CB 165 85.78 -7.32 -11.76
CA ASN CB 165 84.61 -6.62 -12.27
C ASN CB 165 84.05 -5.64 -11.26
N ALA CB 166 84.62 -5.59 -10.05
CA ALA CB 166 84.27 -4.52 -9.13
C ALA CB 166 85.27 -3.37 -9.23
N ALA CB 167 86.54 -3.67 -9.46
CA ALA CB 167 87.52 -2.61 -9.69
C ALA CB 167 87.27 -1.93 -11.02
N LYS CB 168 86.72 -2.65 -12.00
CA LYS CB 168 86.18 -2.07 -13.21
C LYS CB 168 84.66 -2.17 -13.15
N GLY CB 169 84.02 -1.15 -12.61
CA GLY CB 169 82.59 -1.19 -12.34
C GLY CB 169 81.72 -1.07 -13.58
N SER CB 170 81.73 -2.10 -14.43
CA SER CB 170 81.03 -2.07 -15.69
C SER CB 170 79.66 -2.73 -15.65
N SER CB 171 78.96 -2.64 -14.52
CA SER CB 171 77.57 -3.05 -14.32
C SER CB 171 77.32 -4.54 -14.52
N ASN CB 172 78.38 -5.35 -14.56
CA ASN CB 172 78.20 -6.80 -14.69
C ASN CB 172 78.32 -7.48 -13.33
N SER CB 173 78.88 -6.77 -12.35
CA SER CB 173 79.22 -7.40 -11.08
C SER CB 173 78.15 -7.15 -10.03
N TYR CB 174 78.05 -8.09 -9.09
CA TYR CB 174 77.00 -8.04 -8.08
C TYR CB 174 77.24 -6.91 -7.08
N ALA CB 175 78.50 -6.54 -6.89
CA ALA CB 175 78.82 -5.43 -5.99
C ALA CB 175 78.35 -4.10 -6.57
N ILE CB 176 78.54 -3.90 -7.88
CA ILE CB 176 78.03 -2.69 -8.53
C ILE CB 176 76.50 -2.74 -8.61
N LYS CB 177 75.93 -3.95 -8.74
CA LYS CB 177 74.48 -4.12 -8.68
C LYS CB 177 73.90 -3.62 -7.35
N LYS CB 178 74.47 -4.08 -6.24
CA LYS CB 178 73.91 -3.69 -4.94
C LYS CB 178 74.33 -2.26 -4.55
N LYS CB 179 75.49 -1.79 -5.05
CA LYS CB 179 75.84 -0.38 -4.97
C LYS CB 179 74.75 0.50 -5.59
N ASP CB 180 74.48 0.30 -6.89
CA ASP CB 180 73.50 1.12 -7.59
C ASP CB 180 72.12 0.94 -7.01
N GLU CB 181 71.79 -0.27 -6.54
CA GLU CB 181 70.47 -0.51 -5.96
C GLU CB 181 70.31 0.23 -4.64
N LEU CB 182 71.36 0.33 -3.84
CA LEU CB 182 71.22 1.09 -2.60
C LEU CB 182 71.21 2.59 -2.86
N GLU CB 183 71.98 3.08 -3.85
CA GLU CB 183 71.89 4.52 -4.10
C GLU CB 183 70.57 4.92 -4.76
N ARG CB 184 69.95 4.02 -5.53
CA ARG CB 184 68.65 4.37 -6.12
C ARG CB 184 67.56 4.41 -5.06
N VAL CB 185 67.63 3.52 -4.07
CA VAL CB 185 66.67 3.55 -2.96
C VAL CB 185 66.92 4.79 -2.10
N ALA CB 186 68.18 5.18 -1.93
CA ALA CB 186 68.48 6.40 -1.17
C ALA CB 186 68.02 7.65 -1.91
N LYS CB 187 68.14 7.67 -3.24
CA LYS CB 187 67.63 8.81 -4.01
C LYS CB 187 66.11 8.84 -4.04
N SER CB 188 65.48 7.67 -3.96
CA SER CB 188 64.01 7.63 -3.95
C SER CB 188 63.47 8.03 -2.58
N ASN CB 189 64.22 7.75 -1.53
CA ASN CB 189 63.86 8.19 -0.19
C ASN CB 189 64.47 9.54 0.17
N ARG CB 190 65.17 10.16 -0.77
CA ARG CB 190 65.71 11.49 -0.55
C ARG CB 190 64.57 12.50 -0.45
N MET DB 1 -74.91 -20.23 63.48
CA MET DB 1 -74.32 -19.05 64.08
C MET DB 1 -74.82 -18.95 65.53
N LYS DB 2 -74.03 -18.33 66.39
CA LYS DB 2 -74.31 -18.30 67.82
C LYS DB 2 -74.90 -16.97 68.24
N LEU DB 3 -75.89 -17.03 69.12
CA LEU DB 3 -76.48 -15.85 69.72
C LEU DB 3 -76.34 -15.93 71.23
N ASN DB 4 -75.76 -14.90 71.81
CA ASN DB 4 -75.57 -14.80 73.25
C ASN DB 4 -76.57 -13.76 73.78
N ILE DB 5 -77.62 -14.24 74.44
CA ILE DB 5 -78.81 -13.45 74.73
C ILE DB 5 -78.87 -13.23 76.24
N SER DB 6 -79.36 -12.07 76.66
CA SER DB 6 -79.34 -11.69 78.06
C SER DB 6 -80.54 -10.85 78.45
N PHE DB 7 -81.01 -11.05 79.68
CA PHE DB 7 -82.02 -10.19 80.29
C PHE DB 7 -81.31 -9.07 81.04
N PRO DB 8 -81.57 -7.80 80.73
CA PRO DB 8 -81.02 -6.73 81.56
C PRO DB 8 -81.75 -6.57 82.88
N ALA DB 9 -83.06 -6.84 82.89
CA ALA DB 9 -83.81 -6.74 84.14
C ALA DB 9 -83.48 -7.89 85.07
N THR DB 10 -83.74 -9.12 84.65
CA THR DB 10 -83.53 -10.27 85.52
C THR DB 10 -82.05 -10.55 85.73
N GLY DB 11 -81.27 -10.54 84.65
CA GLY DB 11 -79.85 -10.77 84.78
C GLY DB 11 -79.38 -12.15 84.37
N CYS DB 12 -79.99 -12.75 83.37
CA CYS DB 12 -79.65 -14.11 83.01
C CYS DB 12 -79.14 -14.21 81.59
N GLN DB 13 -78.41 -15.30 81.33
CA GLN DB 13 -77.56 -15.49 80.16
C GLN DB 13 -78.02 -16.72 79.38
N LYS DB 14 -77.73 -16.74 78.08
CA LYS DB 14 -78.08 -17.88 77.24
C LYS DB 14 -77.22 -17.88 75.99
N LEU DB 15 -76.85 -19.07 75.50
CA LEU DB 15 -76.35 -19.23 74.15
C LEU DB 15 -77.34 -20.10 73.38
N ILE DB 16 -77.70 -19.66 72.18
CA ILE DB 16 -78.51 -20.48 71.28
C ILE DB 16 -77.81 -20.51 69.92
N GLU DB 17 -78.24 -21.47 69.09
CA GLU DB 17 -77.68 -21.69 67.77
C GLU DB 17 -78.76 -21.59 66.70
N VAL DB 18 -78.53 -20.74 65.70
CA VAL DB 18 -79.43 -20.57 64.58
C VAL DB 18 -78.83 -21.29 63.39
N ASP DB 19 -79.64 -22.07 62.68
CA ASP DB 19 -79.15 -22.85 61.56
C ASP DB 19 -79.59 -22.29 60.21
N ASP DB 20 -80.73 -21.62 60.14
CA ASP DB 20 -81.33 -21.22 58.88
C ASP DB 20 -80.96 -19.79 58.49
N GLU DB 21 -81.50 -19.32 57.37
CA GLU DB 21 -81.23 -17.95 56.93
C GLU DB 21 -82.40 -17.02 57.25
N ARG DB 22 -83.64 -17.51 57.13
CA ARG DB 22 -84.82 -16.65 57.22
C ARG DB 22 -84.98 -16.07 58.61
N LYS DB 23 -84.53 -16.81 59.63
CA LYS DB 23 -84.52 -16.28 60.98
C LYS DB 23 -83.46 -15.19 61.13
N LEU DB 24 -82.44 -15.21 60.28
CA LEU DB 24 -81.34 -14.27 60.40
C LEU DB 24 -81.53 -13.00 59.59
N ARG DB 25 -82.15 -13.09 58.41
CA ARG DB 25 -81.99 -12.06 57.39
C ARG DB 25 -82.82 -10.80 57.68
N THR DB 26 -83.48 -10.73 58.83
CA THR DB 26 -83.96 -9.44 59.29
C THR DB 26 -82.88 -8.68 60.05
N PHE DB 27 -81.81 -9.36 60.47
CA PHE DB 27 -80.71 -8.72 61.16
C PHE DB 27 -79.60 -8.25 60.24
N TYR DB 28 -79.73 -8.44 58.93
CA TYR DB 28 -78.76 -7.90 57.99
C TYR DB 28 -78.93 -6.40 57.88
N GLU DB 29 -77.79 -5.69 57.74
CA GLU DB 29 -77.72 -4.23 57.72
C GLU DB 29 -78.37 -3.61 58.96
N LYS DB 30 -77.76 -3.83 60.11
CA LYS DB 30 -78.19 -3.19 61.34
C LYS DB 30 -77.02 -2.43 61.96
N ARG DB 31 -77.33 -1.45 62.78
CA ARG DB 31 -76.29 -0.79 63.54
C ARG DB 31 -76.27 -1.33 64.96
N MET DB 32 -75.30 -0.84 65.73
CA MET DB 32 -75.14 -1.34 67.08
C MET DB 32 -76.11 -0.62 68.01
N ALA DB 33 -76.65 -1.37 68.98
CA ALA DB 33 -77.68 -0.93 69.93
C ALA DB 33 -78.93 -0.41 69.25
N THR DB 34 -79.49 -1.16 68.31
CA THR DB 34 -80.73 -0.77 67.68
C THR DB 34 -81.90 -1.62 68.19
N GLU DB 35 -83.07 -1.00 68.26
CA GLU DB 35 -84.28 -1.60 68.79
C GLU DB 35 -84.97 -2.38 67.68
N VAL DB 36 -84.73 -3.69 67.61
CA VAL DB 36 -85.21 -4.50 66.49
C VAL DB 36 -86.24 -5.50 67.02
N ALA DB 37 -87.38 -5.59 66.33
CA ALA DB 37 -88.43 -6.51 66.73
C ALA DB 37 -88.06 -7.94 66.37
N ALA DB 38 -88.28 -8.85 67.31
CA ALA DB 38 -87.92 -10.25 67.16
C ALA DB 38 -89.07 -11.12 66.66
N ASP DB 39 -90.01 -10.55 65.91
CA ASP DB 39 -91.14 -11.33 65.40
C ASP DB 39 -90.68 -12.32 64.34
N ALA DB 40 -90.00 -11.82 63.30
CA ALA DB 40 -89.46 -12.71 62.28
C ALA DB 40 -88.18 -13.41 62.74
N LEU DB 41 -87.72 -13.13 63.95
CA LEU DB 41 -86.78 -14.02 64.60
C LEU DB 41 -87.54 -15.29 64.98
N GLY DB 42 -87.48 -16.28 64.09
CA GLY DB 42 -88.46 -17.35 64.09
C GLY DB 42 -88.31 -18.37 65.19
N GLU DB 43 -89.13 -18.20 66.23
CA GLU DB 43 -89.30 -19.11 67.35
C GLU DB 43 -90.54 -18.66 68.12
N GLU DB 44 -90.69 -19.13 69.35
CA GLU DB 44 -91.82 -18.77 70.21
C GLU DB 44 -91.86 -17.28 70.56
N TRP DB 45 -90.80 -16.53 70.29
CA TRP DB 45 -90.74 -15.10 70.60
C TRP DB 45 -91.52 -14.33 69.55
N LYS DB 46 -92.79 -14.05 69.82
CA LYS DB 46 -93.58 -13.24 68.91
C LYS DB 46 -93.85 -11.86 69.46
N GLY DB 47 -93.12 -11.44 70.49
CA GLY DB 47 -93.33 -10.10 71.02
C GLY DB 47 -92.11 -9.36 71.48
N TYR DB 48 -90.93 -9.95 71.36
CA TYR DB 48 -89.76 -9.38 72.02
C TYR DB 48 -89.13 -8.27 71.18
N VAL DB 49 -88.51 -7.33 71.87
CA VAL DB 49 -87.72 -6.27 71.25
C VAL DB 49 -86.30 -6.42 71.75
N VAL DB 50 -85.34 -6.38 70.83
CA VAL DB 50 -83.96 -6.80 71.09
C VAL DB 50 -83.01 -5.66 70.73
N ARG DB 51 -82.01 -5.43 71.58
CA ARG DB 51 -80.82 -4.67 71.25
C ARG DB 51 -79.70 -5.61 70.80
N ILE DB 52 -78.91 -5.13 69.85
CA ILE DB 52 -77.70 -5.80 69.42
C ILE DB 52 -76.52 -4.99 69.94
N SER DB 53 -75.80 -5.52 70.92
CA SER DB 53 -74.77 -4.73 71.59
C SER DB 53 -73.35 -5.18 71.31
N GLY DB 54 -73.13 -6.10 70.39
CA GLY DB 54 -71.75 -6.47 70.08
C GLY DB 54 -71.70 -7.75 69.27
N GLY DB 55 -70.63 -7.87 68.51
CA GLY DB 55 -70.44 -9.04 67.67
C GLY DB 55 -68.98 -9.41 67.53
N ASN DB 56 -68.70 -10.65 67.15
CA ASN DB 56 -67.34 -11.13 66.96
C ASN DB 56 -67.19 -11.66 65.55
N ASP DB 57 -65.99 -11.50 65.00
CA ASP DB 57 -65.71 -11.97 63.65
C ASP DB 57 -65.44 -13.48 63.68
N LYS DB 58 -65.04 -14.02 62.52
CA LYS DB 58 -64.82 -15.46 62.40
C LYS DB 58 -63.62 -15.90 63.24
N GLN DB 59 -62.54 -15.09 63.26
CA GLN DB 59 -61.52 -15.34 64.26
C GLN DB 59 -61.73 -14.55 65.55
N GLY DB 60 -62.93 -14.06 65.79
CA GLY DB 60 -63.22 -13.40 67.05
C GLY DB 60 -62.60 -12.03 67.18
N PHE DB 61 -62.59 -11.27 66.09
CA PHE DB 61 -62.28 -9.85 66.17
C PHE DB 61 -63.50 -9.12 66.69
N PRO DB 62 -63.43 -8.52 67.88
CA PRO DB 62 -64.63 -7.91 68.45
C PRO DB 62 -64.98 -6.60 67.76
N MET DB 63 -66.27 -6.29 67.77
CA MET DB 63 -66.77 -5.08 67.13
C MET DB 63 -66.74 -3.89 68.07
N LYS DB 64 -66.24 -2.77 67.55
CA LYS DB 64 -66.26 -1.48 68.22
C LYS DB 64 -67.42 -0.68 67.62
N GLN DB 65 -68.01 0.18 68.44
CA GLN DB 65 -69.08 1.06 67.98
C GLN DB 65 -68.59 2.00 66.89
N GLY DB 66 -69.40 2.13 65.84
CA GLY DB 66 -69.29 3.27 64.95
C GLY DB 66 -68.26 3.20 63.85
N VAL DB 67 -67.49 2.13 63.76
CA VAL DB 67 -66.67 1.90 62.58
C VAL DB 67 -67.59 1.38 61.48
N LEU DB 68 -67.99 2.29 60.60
CA LEU DB 68 -69.10 2.06 59.69
C LEU DB 68 -68.59 1.34 58.45
N THR DB 69 -68.17 0.09 58.62
CA THR DB 69 -67.44 -0.61 57.58
C THR DB 69 -67.92 -2.06 57.54
N HIS DB 70 -68.15 -2.54 56.32
CA HIS DB 70 -68.53 -3.93 56.09
C HIS DB 70 -67.43 -4.91 56.49
N GLY DB 71 -66.17 -4.49 56.51
CA GLY DB 71 -65.07 -5.40 56.75
C GLY DB 71 -64.19 -5.06 57.94
N ARG DB 72 -62.91 -5.42 57.85
CA ARG DB 72 -61.94 -5.24 58.92
C ARG DB 72 -61.09 -4.01 58.68
N VAL DB 73 -60.88 -3.21 59.71
CA VAL DB 73 -59.95 -2.10 59.68
C VAL DB 73 -58.90 -2.34 60.75
N ARG DB 74 -57.88 -1.49 60.78
CA ARG DB 74 -56.87 -1.50 61.82
C ARG DB 74 -56.70 -0.09 62.37
N LEU DB 75 -57.05 0.10 63.64
CA LEU DB 75 -57.14 1.42 64.24
C LEU DB 75 -56.18 1.54 65.42
N LEU DB 76 -55.83 2.78 65.75
CA LEU DB 76 -55.03 3.08 66.93
C LEU DB 76 -55.96 3.36 68.12
N LEU DB 77 -55.79 2.59 69.18
CA LEU DB 77 -56.70 2.66 70.33
C LEU DB 77 -55.99 3.20 71.54
N SER DB 78 -56.65 4.09 72.27
CA SER DB 78 -56.12 4.66 73.49
C SER DB 78 -57.05 4.31 74.65
N LYS DB 79 -56.71 4.83 75.84
CA LYS DB 79 -57.54 4.60 77.00
C LYS DB 79 -58.88 5.31 76.85
N GLY DB 80 -59.96 4.62 77.20
CA GLY DB 80 -61.30 5.15 77.04
C GLY DB 80 -62.10 4.44 75.97
N HIS DB 81 -61.58 3.36 75.42
CA HIS DB 81 -62.22 2.64 74.34
C HIS DB 81 -62.25 1.15 74.68
N SER DB 82 -63.22 0.45 74.12
CA SER DB 82 -63.25 -0.99 74.28
C SER DB 82 -62.35 -1.64 73.24
N CYS DB 83 -62.40 -2.98 73.22
CA CYS DB 83 -61.54 -3.84 72.40
C CYS DB 83 -60.05 -3.60 72.67
N TYR DB 84 -59.73 -3.14 73.88
CA TYR DB 84 -58.44 -2.55 74.18
C TYR DB 84 -58.34 -2.30 75.68
N ARG DB 85 -57.14 -2.49 76.22
CA ARG DB 85 -56.82 -2.01 77.57
C ARG DB 85 -55.49 -1.29 77.54
N PRO DB 86 -55.31 -0.25 78.33
CA PRO DB 86 -53.98 0.36 78.44
C PRO DB 86 -53.14 -0.39 79.45
N ARG DB 87 -51.82 -0.21 79.34
CA ARG DB 87 -50.85 -0.88 80.20
C ARG DB 87 -49.55 -0.14 80.03
N ARG DB 88 -48.87 0.21 81.13
CA ARG DB 88 -47.82 1.22 81.16
C ARG DB 88 -48.36 2.50 80.53
N THR DB 89 -49.15 3.22 81.33
CA THR DB 89 -50.03 4.34 80.96
C THR DB 89 -49.47 5.24 79.87
N GLY DB 90 -50.29 5.47 78.84
CA GLY DB 90 -49.88 6.18 77.66
C GLY DB 90 -49.62 5.30 76.46
N GLU DB 91 -49.50 4.00 76.64
CA GLU DB 91 -49.22 3.07 75.55
C GLU DB 91 -50.47 2.95 74.68
N ARG DB 92 -50.30 3.34 73.42
CA ARG DB 92 -51.34 3.18 72.42
C ARG DB 92 -50.95 2.09 71.43
N LYS DB 93 -51.92 1.28 71.02
CA LYS DB 93 -51.62 0.13 70.15
C LYS DB 93 -52.54 0.12 68.94
N ARG DB 94 -52.11 -0.61 67.91
CA ARG DB 94 -52.93 -0.89 66.73
C ARG DB 94 -53.59 -2.23 66.96
N LYS DB 95 -54.91 -2.27 67.00
CA LYS DB 95 -55.63 -3.52 67.06
C LYS DB 95 -56.70 -3.55 65.98
N SER DB 96 -56.73 -4.65 65.25
CA SER DB 96 -57.72 -4.85 64.19
C SER DB 96 -59.10 -4.96 64.81
N VAL DB 97 -60.08 -4.37 64.14
CA VAL DB 97 -61.45 -4.28 64.65
C VAL DB 97 -62.40 -4.67 63.52
N ARG DB 98 -63.35 -5.55 63.82
CA ARG DB 98 -64.45 -5.83 62.91
C ARG DB 98 -65.45 -4.68 62.92
N GLY DB 99 -65.90 -4.28 61.74
CA GLY DB 99 -66.77 -3.13 61.64
C GLY DB 99 -68.15 -3.39 62.21
N CYS DB 100 -68.92 -2.31 62.34
CA CYS DB 100 -70.25 -2.27 62.97
C CYS DB 100 -71.31 -3.05 62.19
N ILE DB 101 -71.14 -3.27 60.89
CA ILE DB 101 -72.17 -3.85 60.04
C ILE DB 101 -72.29 -5.35 60.34
N VAL DB 102 -73.49 -5.91 60.15
CA VAL DB 102 -73.90 -7.19 60.69
C VAL DB 102 -74.12 -8.13 59.49
N ASP DB 103 -73.18 -8.11 58.55
CA ASP DB 103 -73.22 -8.72 57.21
C ASP DB 103 -73.40 -10.25 57.20
N ALA DB 104 -73.63 -10.95 58.32
CA ALA DB 104 -73.77 -12.40 58.44
C ALA DB 104 -72.46 -13.10 58.11
N ASN DB 105 -71.35 -12.37 58.28
CA ASN DB 105 -70.05 -13.00 58.40
C ASN DB 105 -69.69 -13.22 59.86
N LEU DB 106 -70.67 -13.00 60.74
CA LEU DB 106 -70.51 -13.07 62.19
C LEU DB 106 -70.17 -14.45 62.72
N SER DB 107 -69.78 -14.50 64.00
CA SER DB 107 -69.70 -15.75 64.73
C SER DB 107 -70.61 -15.78 65.95
N VAL DB 108 -70.59 -14.72 66.77
CA VAL DB 108 -71.45 -14.61 67.95
C VAL DB 108 -72.07 -13.22 67.95
N LEU DB 109 -73.39 -13.14 68.06
CA LEU DB 109 -74.04 -11.85 68.23
C LEU DB 109 -74.58 -11.69 69.65
N ASN DB 110 -74.24 -10.59 70.28
CA ASN DB 110 -74.86 -10.23 71.55
C ASN DB 110 -76.29 -9.76 71.30
N LEU DB 111 -77.19 -10.22 72.16
CA LEU DB 111 -78.58 -9.82 72.10
C LEU DB 111 -79.05 -9.54 73.51
N VAL DB 112 -79.73 -8.41 73.69
CA VAL DB 112 -80.27 -7.98 74.97
C VAL DB 112 -81.76 -7.77 74.80
N ILE DB 113 -82.60 -8.36 75.66
CA ILE DB 113 -84.05 -8.14 75.53
C ILE DB 113 -84.36 -6.75 76.07
N VAL DB 114 -85.54 -6.23 75.77
CA VAL DB 114 -85.89 -4.91 76.29
C VAL DB 114 -87.01 -5.00 77.31
N LYS DB 115 -88.23 -5.35 76.88
CA LYS DB 115 -89.37 -5.18 77.77
C LYS DB 115 -90.17 -6.45 78.01
N LYS DB 116 -90.52 -7.16 76.96
CA LYS DB 116 -91.61 -8.12 77.06
C LYS DB 116 -91.11 -9.48 77.52
N GLY DB 117 -91.98 -10.20 78.23
CA GLY DB 117 -91.74 -11.60 78.52
C GLY DB 117 -93.05 -12.36 78.56
N GLU DB 118 -93.13 -13.40 77.74
CA GLU DB 118 -94.23 -14.36 77.80
C GLU DB 118 -93.82 -15.65 78.51
N LYS DB 119 -92.67 -15.66 79.19
CA LYS DB 119 -92.09 -16.79 79.91
C LYS DB 119 -91.89 -18.03 79.04
N ASP DB 120 -91.73 -17.84 77.72
CA ASP DB 120 -91.68 -18.96 76.79
C ASP DB 120 -90.30 -19.58 76.66
N ILE DB 121 -89.37 -19.25 77.56
CA ILE DB 121 -88.01 -19.74 77.44
C ILE DB 121 -87.75 -20.69 78.61
N PRO DB 122 -87.17 -21.87 78.40
CA PRO DB 122 -87.05 -22.83 79.52
C PRO DB 122 -85.95 -22.52 80.53
N GLY DB 123 -85.13 -21.48 80.31
CA GLY DB 123 -84.13 -21.18 81.31
C GLY DB 123 -83.83 -19.70 81.53
N LEU DB 124 -84.74 -18.82 81.10
CA LEU DB 124 -84.45 -17.39 81.08
C LEU DB 124 -85.36 -16.68 82.06
N THR DB 125 -86.68 -16.74 81.88
CA THR DB 125 -87.56 -15.94 82.74
C THR DB 125 -87.80 -16.65 84.07
N ASP DB 126 -87.79 -17.98 84.04
CA ASP DB 126 -88.18 -18.79 85.18
C ASP DB 126 -87.15 -18.88 86.29
N THR DB 127 -86.00 -18.20 86.15
CA THR DB 127 -84.97 -18.21 87.17
C THR DB 127 -84.59 -16.78 87.50
N THR DB 128 -84.63 -16.44 88.78
CA THR DB 128 -84.17 -15.15 89.28
C THR DB 128 -82.68 -15.23 89.52
N VAL DB 129 -81.94 -14.27 88.98
CA VAL DB 129 -80.48 -14.21 89.14
C VAL DB 129 -80.18 -13.01 90.04
N PRO DB 130 -80.00 -13.21 91.34
CA PRO DB 130 -79.84 -12.07 92.24
C PRO DB 130 -78.43 -11.52 92.20
N ARG DB 131 -78.32 -10.20 92.36
CA ARG DB 131 -77.04 -9.52 92.34
C ARG DB 131 -76.27 -9.82 93.62
N ARG DB 132 -74.94 -9.76 93.55
CA ARG DB 132 -74.14 -10.23 94.67
C ARG DB 132 -74.02 -9.19 95.77
N LEU DB 133 -73.46 -8.02 95.47
CA LEU DB 133 -73.13 -7.08 96.52
C LEU DB 133 -74.12 -5.92 96.53
N GLY DB 134 -74.58 -5.56 97.73
CA GLY DB 134 -75.53 -4.49 97.89
C GLY DB 134 -74.89 -3.13 97.86
N PRO DB 135 -75.62 -2.10 98.26
CA PRO DB 135 -75.06 -0.74 98.24
C PRO DB 135 -74.06 -0.52 99.36
N LYS DB 136 -72.98 0.21 99.07
CA LYS DB 136 -71.97 0.47 100.08
C LYS DB 136 -71.98 1.94 100.50
N ARG DB 137 -72.23 2.84 99.56
CA ARG DB 137 -72.33 4.25 99.89
C ARG DB 137 -73.62 4.53 100.66
N ALA DB 138 -73.50 5.36 101.71
CA ALA DB 138 -74.63 5.68 102.57
C ALA DB 138 -75.75 6.35 101.80
N SER DB 139 -75.41 7.20 100.84
CA SER DB 139 -76.44 7.85 100.03
C SER DB 139 -77.14 6.86 99.12
N ARG DB 140 -76.43 5.84 98.64
CA ARG DB 140 -77.09 4.83 97.82
C ARG DB 140 -77.99 3.95 98.68
N ILE DB 141 -77.60 3.71 99.94
CA ILE DB 141 -78.49 2.98 100.85
C ILE DB 141 -79.73 3.80 101.17
N ARG DB 142 -79.56 5.11 101.34
CA ARG DB 142 -80.69 6.00 101.62
C ARG DB 142 -81.63 6.09 100.43
N LYS DB 143 -81.08 6.07 99.21
CA LYS DB 143 -81.94 6.04 98.03
C LYS DB 143 -82.63 4.70 97.87
N LEU DB 144 -81.97 3.62 98.30
CA LEU DB 144 -82.57 2.29 98.13
C LEU DB 144 -83.69 2.05 99.14
N PHE DB 145 -83.54 2.56 100.36
CA PHE DB 145 -84.51 2.25 101.42
C PHE DB 145 -85.33 3.43 101.88
N ASN DB 146 -85.18 4.61 101.25
CA ASN DB 146 -86.12 5.73 101.31
C ASN DB 146 -86.26 6.28 102.73
N LEU DB 147 -85.16 6.28 103.48
CA LEU DB 147 -85.29 6.71 104.87
C LEU DB 147 -84.95 8.19 105.01
N SER DB 148 -84.85 8.64 106.26
CA SER DB 148 -85.04 10.03 106.59
C SER DB 148 -83.77 10.87 106.42
N LYS DB 149 -84.00 12.17 106.18
CA LYS DB 149 -82.96 13.16 106.36
C LYS DB 149 -82.53 13.24 107.81
N GLU DB 150 -83.48 13.04 108.74
CA GLU DB 150 -83.18 13.09 110.16
C GLU DB 150 -82.35 11.89 110.59
N ASP DB 151 -82.89 10.70 110.47
CA ASP DB 151 -82.26 9.47 110.93
C ASP DB 151 -81.60 8.79 109.74
N ASP DB 152 -80.31 8.49 109.89
CA ASP DB 152 -79.54 7.91 108.80
C ASP DB 152 -79.44 6.40 108.96
N VAL DB 153 -78.80 5.77 107.97
CA VAL DB 153 -78.61 4.32 107.97
C VAL DB 153 -77.54 3.98 109.00
N ARG DB 154 -77.90 3.15 109.97
CA ARG DB 154 -76.96 2.74 111.00
C ARG DB 154 -76.83 1.22 110.99
N GLN DB 155 -77.95 0.50 110.91
CA GLN DB 155 -77.94 -0.94 110.71
C GLN DB 155 -78.91 -1.38 109.61
N TYR DB 156 -79.26 -0.48 108.69
CA TYR DB 156 -80.21 -0.76 107.62
C TYR DB 156 -79.54 -1.35 106.39
N VAL DB 157 -78.40 -1.99 106.54
CA VAL DB 157 -77.63 -2.54 105.44
C VAL DB 157 -78.03 -4.00 105.29
N VAL DB 158 -78.08 -4.49 104.06
CA VAL DB 158 -78.37 -5.91 103.84
C VAL DB 158 -77.16 -6.73 104.24
N ARG DB 159 -77.24 -7.36 105.40
CA ARG DB 159 -76.19 -8.25 105.88
C ARG DB 159 -76.17 -9.51 105.03
N LYS DB 160 -74.98 -10.07 104.83
CA LYS DB 160 -74.81 -11.24 103.99
C LYS DB 160 -74.46 -12.45 104.86
N PRO DB 161 -75.41 -13.37 105.07
CA PRO DB 161 -75.10 -14.57 105.87
C PRO DB 161 -74.70 -15.72 104.95
N LEU DB 162 -73.80 -16.57 105.45
CA LEU DB 162 -73.45 -17.82 104.79
C LEU DB 162 -72.91 -18.81 105.81
N ASN DB 163 -73.37 -20.06 105.69
CA ASN DB 163 -72.68 -21.21 106.24
C ASN DB 163 -71.73 -21.70 105.15
N LYS DB 164 -70.42 -21.60 105.42
CA LYS DB 164 -69.41 -21.75 104.36
C LYS DB 164 -69.43 -23.15 103.75
N GLU DB 165 -68.94 -24.13 104.50
CA GLU DB 165 -69.03 -25.55 104.23
C GLU DB 165 -68.52 -26.26 105.48
N GLY DB 166 -69.25 -27.24 105.98
CA GLY DB 166 -68.85 -27.86 107.24
C GLY DB 166 -68.98 -26.95 108.44
N LYS DB 167 -70.19 -26.45 108.70
CA LYS DB 167 -70.59 -25.88 110.00
C LYS DB 167 -69.82 -24.61 110.37
N LYS DB 168 -69.83 -23.62 109.48
CA LYS DB 168 -69.26 -22.30 109.77
C LYS DB 168 -70.27 -21.20 109.44
N PRO DB 169 -71.20 -20.91 110.35
CA PRO DB 169 -72.19 -19.85 110.07
C PRO DB 169 -71.63 -18.46 110.42
N ARG DB 170 -71.52 -17.61 109.41
CA ARG DB 170 -71.05 -16.24 109.61
C ARG DB 170 -71.96 -15.29 108.85
N THR DB 171 -71.88 -14.02 109.20
CA THR DB 171 -72.65 -12.99 108.51
C THR DB 171 -71.83 -11.71 108.46
N LYS DB 172 -71.62 -11.20 107.25
CA LYS DB 172 -70.73 -10.07 107.03
C LYS DB 172 -71.54 -8.88 106.53
N ALA DB 173 -71.22 -7.71 107.06
CA ALA DB 173 -71.76 -6.44 106.60
C ALA DB 173 -70.62 -5.51 106.22
N PRO DB 174 -70.70 -4.89 105.05
CA PRO DB 174 -69.57 -4.07 104.57
C PRO DB 174 -69.45 -2.77 105.34
N LYS DB 175 -68.30 -2.11 105.26
CA LYS DB 175 -68.16 -0.78 105.84
C LYS DB 175 -68.95 0.21 105.02
N ILE DB 176 -69.32 1.31 105.66
CA ILE DB 176 -69.81 2.49 104.96
C ILE DB 176 -68.79 3.57 105.25
N GLN DB 177 -68.57 4.49 104.32
CA GLN DB 177 -67.61 5.55 104.61
C GLN DB 177 -68.29 6.93 104.57
N ARG DB 178 -69.40 7.06 103.85
CA ARG DB 178 -70.04 8.36 103.75
C ARG DB 178 -70.84 8.73 105.00
N LEU DB 179 -71.01 7.79 105.92
CA LEU DB 179 -71.75 8.08 107.14
C LEU DB 179 -70.93 8.97 108.05
N VAL DB 180 -71.62 9.75 108.89
CA VAL DB 180 -70.94 10.71 109.74
C VAL DB 180 -70.60 10.07 111.07
N THR DB 181 -69.32 10.05 111.39
CA THR DB 181 -68.80 9.46 112.62
C THR DB 181 -68.14 10.55 113.44
N PRO DB 182 -68.03 10.38 114.76
CA PRO DB 182 -67.33 11.39 115.58
C PRO DB 182 -65.85 11.47 115.28
N ARG DB 183 -65.26 10.42 114.70
CA ARG DB 183 -63.89 10.53 114.22
C ARG DB 183 -63.78 11.56 113.08
N VAL DB 184 -64.69 11.48 112.10
CA VAL DB 184 -64.75 12.47 111.03
C VAL DB 184 -65.07 13.85 111.60
N LEU DB 185 -65.91 13.90 112.63
CA LEU DB 185 -66.27 15.18 113.23
C LEU DB 185 -65.09 15.83 113.94
N GLN DB 186 -64.28 15.04 114.65
CA GLN DB 186 -63.12 15.62 115.32
C GLN DB 186 -62.01 15.93 114.32
N HIS DB 187 -62.00 15.23 113.18
CA HIS DB 187 -61.11 15.66 112.10
C HIS DB 187 -61.50 17.03 111.57
N LYS DB 188 -62.81 17.28 111.43
CA LYS DB 188 -63.25 18.60 111.00
C LYS DB 188 -62.97 19.66 112.05
N ARG DB 189 -63.10 19.30 113.33
CA ARG DB 189 -62.79 20.23 114.41
C ARG DB 189 -61.31 20.58 114.44
N ARG DB 190 -60.44 19.61 114.19
CA ARG DB 190 -59.00 19.91 114.14
C ARG DB 190 -58.66 20.73 112.90
N ARG DB 191 -59.36 20.47 111.79
CA ARG DB 191 -59.18 21.24 110.56
C ARG DB 191 -59.48 22.72 110.77
N ILE DB 192 -60.54 23.01 111.53
CA ILE DB 192 -60.86 24.42 111.79
C ILE DB 192 -59.92 25.00 112.85
N ALA DB 193 -59.54 24.18 113.84
CA ALA DB 193 -58.74 24.69 114.95
C ALA DB 193 -57.32 25.04 114.52
N LEU DB 194 -56.79 24.33 113.52
CA LEU DB 194 -55.47 24.69 113.00
C LEU DB 194 -55.51 26.04 112.30
N LYS DB 195 -56.60 26.33 111.59
CA LYS DB 195 -56.74 27.63 110.93
C LYS DB 195 -56.84 28.75 111.97
N LYS DB 196 -57.56 28.49 113.06
CA LYS DB 196 -57.64 29.50 114.11
C LYS DB 196 -56.29 29.70 114.80
N GLN DB 197 -55.52 28.61 114.95
CA GLN DB 197 -54.18 28.71 115.52
C GLN DB 197 -53.25 29.53 114.61
N ARG DB 198 -53.31 29.29 113.30
CA ARG DB 198 -52.48 30.04 112.37
C ARG DB 198 -52.86 31.52 112.35
N THR DB 199 -54.16 31.81 112.50
CA THR DB 199 -54.62 33.20 112.58
C THR DB 199 -54.06 33.90 113.81
N LYS DB 200 -54.10 33.22 114.95
CA LYS DB 200 -53.56 33.80 116.19
C LYS DB 200 -52.05 34.00 116.09
N LYS DB 201 -51.35 33.04 115.49
CA LYS DB 201 -49.90 33.15 115.29
C LYS DB 201 -49.57 34.33 114.39
N ASN DB 202 -50.38 34.54 113.35
CA ASN DB 202 -50.15 35.66 112.43
C ASN DB 202 -50.33 36.99 113.13
N LYS DB 203 -51.36 37.10 113.99
CA LYS DB 203 -51.57 38.33 114.74
C LYS DB 203 -50.42 38.60 115.72
N GLU DB 204 -49.92 37.53 116.36
CA GLU DB 204 -48.82 37.71 117.31
C GLU DB 204 -47.53 38.14 116.61
N GLU DB 205 -47.20 37.52 115.47
CA GLU DB 205 -46.03 37.91 114.71
C GLU DB 205 -46.14 39.34 114.21
N ALA DB 206 -47.33 39.73 113.76
CA ALA DB 206 -47.53 41.09 113.24
C ALA DB 206 -47.34 42.14 114.33
N ALA DB 207 -47.96 41.94 115.49
CA ALA DB 207 -47.82 42.90 116.58
C ALA DB 207 -46.39 42.97 117.11
N GLU DB 208 -45.71 41.81 117.15
CA GLU DB 208 -44.35 41.77 117.66
C GLU DB 208 -43.39 42.53 116.75
N TYR DB 209 -43.47 42.29 115.43
CA TYR DB 209 -42.53 42.99 114.55
C TYR DB 209 -42.92 44.46 114.39
N ALA DB 210 -44.20 44.79 114.56
CA ALA DB 210 -44.57 46.19 114.56
C ALA DB 210 -43.96 46.92 115.75
N LYS DB 211 -43.94 46.26 116.93
CA LYS DB 211 -43.28 46.86 118.08
C LYS DB 211 -41.78 47.02 117.84
N LEU DB 212 -41.13 45.99 117.27
CA LEU DB 212 -39.69 46.08 117.04
C LEU DB 212 -39.34 47.15 116.01
N LEU DB 213 -40.19 47.37 115.02
CA LEU DB 213 -39.91 48.41 114.05
C LEU DB 213 -40.19 49.80 114.63
N ALA DB 214 -41.13 49.90 115.57
CA ALA DB 214 -41.30 51.15 116.30
C ALA DB 214 -40.07 51.48 117.13
N LYS DB 215 -39.49 50.49 117.82
CA LYS DB 215 -38.24 50.71 118.54
C LYS DB 215 -37.08 51.03 117.60
N ARG DB 216 -37.09 50.45 116.39
CA ARG DB 216 -36.02 50.71 115.45
C ARG DB 216 -36.06 52.15 114.93
N MET DB 217 -37.25 52.64 114.56
CA MET DB 217 -37.32 54.04 114.14
C MET DB 217 -37.16 54.98 115.33
N LYS DB 218 -37.46 54.52 116.54
CA LYS DB 218 -37.16 55.30 117.73
C LYS DB 218 -35.65 55.47 117.91
N GLU DB 219 -34.89 54.38 117.75
CA GLU DB 219 -33.43 54.48 117.75
C GLU DB 219 -32.93 55.34 116.60
N ALA DB 220 -33.61 55.29 115.46
CA ALA DB 220 -33.24 56.14 114.33
C ALA DB 220 -33.44 57.63 114.67
N LYS DB 221 -34.54 57.96 115.33
CA LYS DB 221 -34.73 59.34 115.80
C LYS DB 221 -33.72 59.70 116.89
N GLU DB 222 -33.28 58.71 117.67
CA GLU DB 222 -32.24 58.98 118.68
C GLU DB 222 -30.91 59.32 118.01
N LYS DB 223 -30.58 58.64 116.91
CA LYS DB 223 -29.43 59.07 116.12
C LYS DB 223 -29.67 60.41 115.44
N ARG DB 224 -30.94 60.74 115.16
CA ARG DB 224 -31.23 62.08 114.64
C ARG DB 224 -30.98 63.16 115.70
N GLN DB 225 -31.30 62.86 116.97
CA GLN DB 225 -30.93 63.80 118.02
C GLN DB 225 -29.42 63.80 118.27
N GLU DB 226 -28.74 62.70 117.93
CA GLU DB 226 -27.28 62.73 117.94
C GLU DB 226 -26.74 63.69 116.89
N GLN DB 227 -27.34 63.68 115.69
CA GLN DB 227 -27.04 64.70 114.69
C GLN DB 227 -27.35 66.10 115.21
N ILE DB 228 -28.44 66.26 115.95
CA ILE DB 228 -28.79 67.56 116.53
C ILE DB 228 -27.71 68.05 117.49
N ALA DB 229 -27.21 67.15 118.34
CA ALA DB 229 -26.21 67.55 119.33
C ALA DB 229 -24.83 67.76 118.68
N LYS DB 230 -24.57 67.10 117.55
CA LYS DB 230 -23.31 67.37 116.85
C LYS DB 230 -23.37 68.69 116.09
N ARG DB 231 -24.52 69.02 115.50
CA ARG DB 231 -24.66 70.29 114.80
C ARG DB 231 -24.66 71.47 115.77
N ARG DB 232 -25.39 71.34 116.88
CA ARG DB 232 -25.47 72.42 117.84
C ARG DB 232 -24.27 72.41 118.79
N ASN EB 1 10.50 82.21 96.69
CA ASN EB 1 9.59 83.15 97.35
C ASN EB 1 9.33 82.80 98.80
N GLY EB 2 9.27 81.50 99.09
CA GLY EB 2 9.11 81.06 100.47
C GLY EB 2 10.38 81.24 101.29
N GLU EB 3 11.50 81.40 100.61
CA GLU EB 3 12.78 81.67 101.24
C GLU EB 3 12.83 83.12 101.71
N LYS EB 4 13.29 83.31 102.93
CA LYS EB 4 13.80 84.63 103.26
C LYS EB 4 15.32 84.62 103.19
N PRO EB 5 15.95 85.74 102.88
CA PRO EB 5 17.43 85.76 102.86
C PRO EB 5 18.02 85.63 104.26
N ASP EB 6 18.84 84.60 104.43
CA ASP EB 6 19.52 84.39 105.69
C ASP EB 6 20.88 85.10 105.68
N GLU EB 7 21.74 84.68 106.61
CA GLU EB 7 22.86 85.49 107.13
C GLU EB 7 23.82 85.93 106.04
N PHE EB 8 24.19 85.02 105.13
CA PHE EB 8 25.21 85.38 104.15
C PHE EB 8 24.65 85.40 102.74
N GLU EB 9 23.47 84.82 102.53
CA GLU EB 9 22.79 85.04 101.24
C GLU EB 9 22.35 86.48 101.11
N SER EB 10 21.90 87.09 102.23
CA SER EB 10 21.61 88.51 102.22
C SER EB 10 22.89 89.33 102.01
N GLY EB 11 24.02 88.83 102.50
CA GLY EB 11 25.29 89.51 102.26
C GLY EB 11 25.72 89.45 100.81
N ILE EB 12 25.47 88.32 100.16
CA ILE EB 12 25.73 88.21 98.72
C ILE EB 12 24.78 89.12 97.94
N SER EB 13 23.52 89.18 98.40
CA SER EB 13 22.52 89.99 97.70
C SER EB 13 22.80 91.47 97.86
N GLN EB 14 23.47 91.86 98.96
CA GLN EB 14 23.87 93.26 99.08
C GLN EB 14 25.23 93.52 98.44
N ALA EB 15 26.09 92.51 98.34
CA ALA EB 15 27.38 92.70 97.70
C ALA EB 15 27.23 92.89 96.21
N LEU EB 16 26.35 92.11 95.58
CA LEU EB 16 26.10 92.33 94.15
C LEU EB 16 25.31 93.61 93.92
N LEU EB 17 24.48 93.99 94.90
CA LEU EB 17 23.77 95.28 94.88
C LEU EB 17 24.75 96.44 94.90
N GLU EB 18 25.85 96.29 95.62
CA GLU EB 18 26.84 97.36 95.66
C GLU EB 18 27.82 97.24 94.50
N LEU EB 19 27.88 96.07 93.87
CA LEU EB 19 28.72 95.94 92.68
C LEU EB 19 28.04 96.48 91.43
N GLU EB 20 26.70 96.50 91.42
CA GLU EB 20 26.01 96.88 90.19
C GLU EB 20 26.07 98.38 89.93
N MET EB 21 26.29 99.19 90.97
CA MET EB 21 26.43 100.63 90.77
C MET EB 21 27.84 100.95 90.30
N ASN EB 22 27.92 101.76 89.24
CA ASN EB 22 29.17 102.34 88.71
C ASN EB 22 30.17 101.28 88.27
N SER EB 23 29.77 100.49 87.27
CA SER EB 23 30.67 99.53 86.63
C SER EB 23 30.15 99.25 85.24
N ASP EB 24 30.70 98.20 84.63
CA ASP EB 24 30.18 97.67 83.38
C ASP EB 24 29.04 96.70 83.59
N LEU EB 25 28.78 96.33 84.84
CA LEU EB 25 27.85 95.27 85.19
C LEU EB 25 26.41 95.75 85.31
N LYS EB 26 26.14 97.01 84.97
CA LYS EB 26 24.88 97.62 85.40
C LYS EB 26 23.70 97.11 84.58
N ALA EB 27 23.89 96.94 83.26
CA ALA EB 27 22.87 96.28 82.46
C ALA EB 27 22.80 94.80 82.78
N GLN EB 28 23.92 94.21 83.17
CA GLN EB 28 23.99 92.78 83.46
C GLN EB 28 23.36 92.48 84.81
N LEU EB 29 23.86 93.12 85.88
CA LEU EB 29 23.27 92.91 87.21
C LEU EB 29 21.93 93.63 87.36
N ARG EB 30 21.55 94.46 86.37
CA ARG EB 30 20.19 95.00 86.36
C ARG EB 30 19.18 93.91 86.05
N GLU EB 31 19.43 93.11 85.01
CA GLU EB 31 18.49 92.06 84.65
C GLU EB 31 18.70 90.81 85.47
N LEU EB 32 19.85 90.70 86.15
CA LEU EB 32 20.24 89.43 86.75
C LEU EB 32 19.44 89.15 88.02
N ASN EB 33 19.38 87.86 88.41
CA ASN EB 33 18.71 87.41 89.62
C ASN EB 33 19.63 86.50 90.43
N ILE EB 34 19.17 86.19 91.64
CA ILE EB 34 19.82 85.23 92.54
C ILE EB 34 18.73 84.33 93.10
N THR EB 35 18.97 83.02 93.10
CA THR EB 35 18.00 82.12 93.71
C THR EB 35 18.40 81.76 95.14
N ALA EB 36 19.56 81.15 95.32
CA ALA EB 36 20.04 80.78 96.65
C ALA EB 36 21.56 80.68 96.58
N ALA EB 37 22.16 80.35 97.73
CA ALA EB 37 23.61 80.23 97.82
C ALA EB 37 23.98 79.28 98.95
N LYS EB 38 25.00 78.46 98.71
CA LYS EB 38 25.47 77.50 99.70
C LYS EB 38 26.97 77.62 99.88
N GLU EB 39 27.39 77.71 101.13
CA GLU EB 39 28.79 77.88 101.50
C GLU EB 39 29.28 76.55 102.06
N ILE EB 40 30.18 75.90 101.33
CA ILE EB 40 30.51 74.50 101.57
C ILE EB 40 31.99 74.41 101.90
N GLU EB 41 32.30 73.77 103.03
CA GLU EB 41 33.69 73.54 103.39
C GLU EB 41 34.26 72.35 102.61
N VAL EB 42 35.41 72.57 101.99
CA VAL EB 42 36.10 71.55 101.21
C VAL EB 42 37.51 71.40 101.76
N GLY EB 43 37.81 70.21 102.30
CA GLY EB 43 39.14 69.90 102.75
C GLY EB 43 39.41 70.17 104.22
N GLY EB 44 38.98 71.32 104.71
CA GLY EB 44 39.27 71.70 106.08
C GLY EB 44 40.14 72.94 106.13
N GLY EB 45 39.65 73.99 106.79
CA GLY EB 45 40.29 75.28 106.74
C GLY EB 45 40.10 76.02 105.44
N ARG EB 46 39.11 75.62 104.64
CA ARG EB 46 38.92 76.11 103.29
C ARG EB 46 37.49 75.84 102.86
N LYS EB 47 36.86 76.82 102.21
CA LYS EB 47 35.48 76.68 101.82
C LYS EB 47 35.21 77.52 100.57
N ALA EB 48 34.13 77.17 99.87
CA ALA EB 48 33.77 77.83 98.64
C ALA EB 48 32.26 78.07 98.58
N ILE EB 49 31.87 79.09 97.83
CA ILE EB 49 30.50 79.54 97.76
C ILE EB 49 29.93 79.21 96.37
N ILE EB 50 28.74 78.62 96.35
CA ILE EB 50 28.03 78.38 95.10
C ILE EB 50 26.76 79.22 95.14
N ILE EB 51 26.41 79.76 93.98
CA ILE EB 51 25.17 80.52 93.88
C ILE EB 51 24.32 79.94 92.75
N PHE EB 52 23.02 79.89 93.01
CA PHE EB 52 22.06 79.27 92.11
C PHE EB 52 21.61 80.30 91.09
N VAL EB 53 21.29 79.80 89.90
CA VAL EB 53 21.08 80.61 88.71
C VAL EB 53 19.74 80.22 88.09
N PRO EB 54 18.83 81.17 87.87
CA PRO EB 54 17.66 80.87 87.04
C PRO EB 54 18.06 80.62 85.59
N VAL EB 55 17.39 79.64 84.99
CA VAL EB 55 17.82 79.11 83.68
C VAL EB 55 17.71 80.14 82.54
N PRO EB 56 16.67 80.99 82.46
CA PRO EB 56 16.76 82.08 81.48
C PRO EB 56 17.81 83.13 81.82
N GLN EB 57 18.18 83.29 83.09
CA GLN EB 57 19.22 84.24 83.46
C GLN EB 57 20.62 83.70 83.24
N LEU EB 58 20.74 82.39 82.96
CA LEU EB 58 22.06 81.80 82.77
C LEU EB 58 22.74 82.32 81.52
N LYS EB 59 21.97 82.79 80.54
CA LYS EB 59 22.58 83.38 79.35
C LYS EB 59 23.22 84.71 79.67
N SER EB 60 22.59 85.52 80.52
CA SER EB 60 23.21 86.77 80.94
C SER EB 60 24.39 86.52 81.87
N PHE EB 61 24.33 85.44 82.66
CA PHE EB 61 25.52 85.00 83.39
C PHE EB 61 26.64 84.60 82.45
N GLN EB 62 26.30 83.97 81.34
CA GLN EB 62 27.31 83.53 80.38
C GLN EB 62 27.94 84.70 79.64
N LYS EB 63 27.15 85.75 79.38
CA LYS EB 63 27.63 86.85 78.55
C LYS EB 63 28.73 87.64 79.24
N ILE EB 64 28.62 87.83 80.56
CA ILE EB 64 29.62 88.53 81.36
C ILE EB 64 29.90 87.69 82.60
N GLN EB 65 31.06 87.05 82.65
CA GLN EB 65 31.36 86.21 83.80
C GLN EB 65 32.77 86.37 84.35
N VAL EB 66 33.71 86.84 83.53
CA VAL EB 66 35.08 87.06 84.00
C VAL EB 66 35.13 88.26 84.93
N ARG EB 67 34.42 89.33 84.57
CA ARG EB 67 34.37 90.54 85.38
C ARG EB 67 33.61 90.30 86.68
N LEU EB 68 32.72 89.31 86.70
CA LEU EB 68 31.88 89.09 87.88
C LEU EB 68 32.65 88.40 88.98
N VAL EB 69 33.39 87.35 88.64
CA VAL EB 69 33.98 86.49 89.68
C VAL EB 69 35.22 87.14 90.28
N ARG EB 70 35.87 88.04 89.53
CA ARG EB 70 37.04 88.72 90.08
C ARG EB 70 36.65 89.72 91.15
N GLU EB 71 35.44 90.28 91.06
CA GLU EB 71 34.99 91.24 92.06
C GLU EB 71 34.59 90.54 93.35
N LEU EB 72 34.13 89.29 93.25
CA LEU EB 72 33.73 88.58 94.46
C LEU EB 72 34.92 87.99 95.18
N GLU EB 73 35.91 87.47 94.44
CA GLU EB 73 37.06 86.81 95.07
C GLU EB 73 37.93 87.82 95.81
N LYS EB 74 37.88 89.09 95.42
CA LYS EB 74 38.52 90.13 96.21
C LYS EB 74 37.70 90.45 97.46
N LYS EB 75 36.40 90.61 97.31
CA LYS EB 75 35.56 91.16 98.38
C LYS EB 75 34.91 90.12 99.27
N PHE EB 76 35.02 88.84 98.96
CA PHE EB 76 34.39 87.82 99.80
C PHE EB 76 35.44 86.82 100.27
N SER EB 77 36.23 87.24 101.26
CA SER EB 77 37.12 86.41 102.08
C SER EB 77 38.13 85.57 101.29
N GLY EB 78 38.40 85.92 100.04
CA GLY EB 78 39.26 85.10 99.20
C GLY EB 78 38.73 83.72 98.91
N LYS EB 79 37.46 83.61 98.51
CA LYS EB 79 36.83 82.30 98.32
C LYS EB 79 36.52 82.05 96.85
N HIS EB 80 36.12 80.82 96.55
CA HIS EB 80 35.83 80.43 95.17
C HIS EB 80 34.33 80.51 94.90
N VAL EB 81 33.96 81.19 93.82
CA VAL EB 81 32.58 81.44 93.46
C VAL EB 81 32.21 80.54 92.29
N VAL EB 82 31.16 79.74 92.45
CA VAL EB 82 30.76 78.77 91.44
C VAL EB 82 29.29 78.95 91.10
N PHE EB 83 28.99 79.03 89.80
CA PHE EB 83 27.64 79.13 89.27
C PHE EB 83 27.09 77.74 88.99
N ILE EB 84 25.91 77.45 89.51
CA ILE EB 84 25.12 76.30 89.08
C ILE EB 84 23.69 76.74 88.86
N ALA EB 85 22.99 76.01 88.01
CA ALA EB 85 21.65 76.42 87.59
C ALA EB 85 20.59 75.89 88.53
N GLN EB 86 19.39 76.45 88.42
CA GLN EB 86 18.23 76.03 89.20
C GLN EB 86 17.32 75.18 88.31
N ARG EB 87 17.45 73.86 88.40
CA ARG EB 87 16.64 72.94 87.61
C ARG EB 87 15.90 71.98 88.52
N ARG EB 88 14.59 71.86 88.27
CA ARG EB 88 13.76 70.92 89.01
C ARG EB 88 13.92 69.54 88.40
N ILE EB 89 14.15 68.55 89.24
CA ILE EB 89 14.33 67.16 88.81
C ILE EB 89 12.98 66.47 88.95
N LEU EB 90 12.31 66.28 87.84
CA LEU EB 90 11.00 65.66 87.87
C LEU EB 90 11.15 64.15 87.98
N PRO EB 91 10.48 63.53 88.95
CA PRO EB 91 10.62 62.08 89.12
C PRO EB 91 9.90 61.32 88.01
N LYS EB 92 10.45 60.19 87.57
CA LYS EB 92 9.82 59.47 86.47
C LYS EB 92 8.57 58.75 86.98
N PRO EB 93 7.49 58.71 86.20
CA PRO EB 93 6.30 58.02 86.67
C PRO EB 93 6.49 56.52 86.65
N THR EB 94 6.42 55.92 87.84
CA THR EB 94 6.31 54.47 87.95
C THR EB 94 4.85 54.11 87.78
N ARG EB 95 4.57 52.81 87.82
CA ARG EB 95 3.25 52.35 87.43
C ARG EB 95 2.20 52.68 88.48
N LYS EB 96 2.38 52.22 89.71
CA LYS EB 96 1.35 52.37 90.72
C LYS EB 96 1.70 53.41 91.77
N SER EB 97 2.64 54.31 91.47
CA SER EB 97 2.65 55.57 92.21
C SER EB 97 1.38 56.36 91.96
N ARG EB 98 1.19 56.85 90.74
CA ARG EB 98 -0.09 57.11 90.09
C ARG EB 98 0.18 57.47 88.63
N THR EB 99 -0.71 57.09 87.72
CA THR EB 99 -0.82 57.74 86.42
C THR EB 99 -1.47 59.09 86.70
N LYS EB 100 -0.63 60.10 86.96
CA LYS EB 100 -1.08 61.29 87.67
C LYS EB 100 -1.80 62.29 86.77
N ASN EB 101 -2.14 61.89 85.53
CA ASN EB 101 -2.76 62.74 84.50
C ASN EB 101 -1.94 64.01 84.27
N LYS EB 102 -0.70 63.85 83.85
CA LYS EB 102 0.23 64.95 83.77
C LYS EB 102 0.81 65.09 82.37
N GLN EB 103 1.62 66.13 82.22
CA GLN EB 103 2.53 66.23 81.10
C GLN EB 103 3.53 65.09 81.14
N LYS EB 104 4.12 64.79 79.98
CA LYS EB 104 4.86 63.54 79.79
C LYS EB 104 6.08 63.44 80.68
N ARG EB 105 7.18 64.08 80.28
CA ARG EB 105 8.30 64.71 80.98
C ARG EB 105 9.23 65.14 79.87
N PRO EB 106 9.86 66.29 79.94
CA PRO EB 106 10.99 66.54 79.05
C PRO EB 106 12.21 65.85 79.61
N ARG EB 107 13.07 65.33 78.72
CA ARG EB 107 14.27 64.65 79.22
C ARG EB 107 15.36 65.65 79.56
N SER EB 108 15.11 66.94 79.31
CA SER EB 108 15.96 67.97 79.89
C SER EB 108 15.64 68.19 81.37
N ARG EB 109 14.50 67.69 81.83
CA ARG EB 109 14.13 67.86 83.23
C ARG EB 109 14.62 66.71 84.08
N THR EB 110 14.98 65.60 83.45
CA THR EB 110 15.21 64.38 84.20
C THR EB 110 16.64 64.33 84.73
N LEU EB 111 16.89 63.33 85.58
CA LEU EB 111 18.04 63.35 86.50
C LEU EB 111 19.36 63.26 85.76
N THR EB 112 19.40 62.47 84.68
CA THR EB 112 20.65 62.23 83.96
C THR EB 112 21.18 63.50 83.31
N ALA EB 113 20.29 64.30 82.73
CA ALA EB 113 20.71 65.54 82.11
C ALA EB 113 21.08 66.59 83.15
N VAL EB 114 20.48 66.51 84.33
CA VAL EB 114 20.65 67.56 85.35
C VAL EB 114 22.06 67.56 85.91
N HIS EB 115 22.52 66.44 86.46
CA HIS EB 115 23.84 66.48 87.09
C HIS EB 115 24.95 66.43 86.05
N ASP EB 116 24.64 65.98 84.84
CA ASP EB 116 25.62 66.10 83.75
C ASP EB 116 25.77 67.55 83.29
N ALA EB 117 24.68 68.34 83.30
CA ALA EB 117 24.82 69.74 82.98
C ALA EB 117 25.42 70.52 84.14
N ILE EB 118 25.23 70.02 85.36
CA ILE EB 118 25.95 70.56 86.51
C ILE EB 118 27.46 70.34 86.35
N LEU EB 119 27.86 69.16 85.89
CA LEU EB 119 29.27 68.92 85.61
C LEU EB 119 29.77 69.74 84.42
N GLU EB 120 28.86 70.24 83.60
CA GLU EB 120 29.26 71.14 82.52
C GLU EB 120 29.42 72.57 83.03
N ASP EB 121 28.57 72.99 83.95
CA ASP EB 121 28.58 74.40 84.35
C ASP EB 121 29.33 74.64 85.65
N LEU EB 122 29.92 73.59 86.24
CA LEU EB 122 30.94 73.83 87.27
C LEU EB 122 32.17 74.48 86.65
N VAL EB 123 32.73 73.86 85.62
CA VAL EB 123 33.86 74.41 84.90
C VAL EB 123 33.28 75.34 83.85
N PHE EB 124 32.99 76.56 84.23
CA PHE EB 124 32.46 77.49 83.25
C PHE EB 124 33.48 78.16 82.31
N PRO EB 125 34.70 78.57 82.74
CA PRO EB 125 35.61 79.21 81.76
C PRO EB 125 36.10 78.30 80.63
N SER EB 126 35.96 76.99 80.76
CA SER EB 126 36.31 76.08 79.67
C SER EB 126 35.30 74.96 79.61
N GLU EB 127 34.84 74.66 78.39
CA GLU EB 127 33.93 73.53 78.25
C GLU EB 127 34.70 72.21 78.32
N ILE EB 128 33.94 71.12 78.36
CA ILE EB 128 34.50 69.80 78.66
C ILE EB 128 35.05 69.17 77.39
N VAL EB 129 35.91 68.18 77.56
CA VAL EB 129 36.51 67.49 76.41
C VAL EB 129 35.96 66.08 76.30
N GLY EB 130 35.88 65.37 77.42
CA GLY EB 130 35.37 64.02 77.40
C GLY EB 130 35.24 63.47 78.81
N LYS EB 131 34.49 62.39 78.92
CA LYS EB 131 34.24 61.75 80.21
C LYS EB 131 34.68 60.29 80.14
N ARG EB 132 35.23 59.81 81.25
CA ARG EB 132 35.55 58.41 81.40
C ARG EB 132 35.02 57.98 82.75
N ILE EB 133 34.37 56.82 82.79
CA ILE EB 133 33.67 56.36 83.98
C ILE EB 133 34.37 55.10 84.45
N ARG EB 134 35.24 55.23 85.44
CA ARG EB 134 36.02 54.10 85.91
C ARG EB 134 35.26 53.40 87.03
N VAL EB 135 35.21 52.06 86.94
CA VAL EB 135 34.56 51.21 87.92
C VAL EB 135 35.60 50.26 88.49
N LYS EB 136 35.99 50.51 89.74
CA LYS EB 136 36.84 49.67 90.57
C LYS EB 136 36.00 48.54 91.14
N LEU EB 137 36.63 47.64 91.92
CA LEU EB 137 36.06 46.34 92.26
C LEU EB 137 34.95 46.41 93.29
N ASP EB 138 33.94 47.23 93.00
CA ASP EB 138 32.74 47.42 93.80
C ASP EB 138 31.73 48.14 92.91
N GLY EB 139 30.70 48.70 93.53
CA GLY EB 139 29.78 49.54 92.79
C GLY EB 139 30.12 51.01 92.86
N SER EB 140 31.39 51.36 92.79
CA SER EB 140 31.83 52.74 92.91
C SER EB 140 32.03 53.34 91.53
N ARG EB 141 31.93 54.68 91.44
CA ARG EB 141 32.07 55.40 90.18
C ARG EB 141 33.04 56.56 90.34
N LEU EB 142 34.22 56.42 89.73
CA LEU EB 142 35.13 57.54 89.54
C LEU EB 142 34.82 58.15 88.19
N ILE EB 143 34.75 59.46 88.13
CA ILE EB 143 34.41 60.19 86.92
C ILE EB 143 35.65 60.96 86.52
N LYS EB 144 36.49 60.36 85.70
CA LYS EB 144 37.70 61.01 85.23
C LYS EB 144 37.30 61.84 84.03
N VAL EB 145 37.20 63.15 84.23
CA VAL EB 145 36.70 64.04 83.19
C VAL EB 145 37.83 64.95 82.73
N HIS EB 146 37.99 65.08 81.41
CA HIS EB 146 39.07 65.84 80.85
C HIS EB 146 38.65 67.29 80.60
N LEU EB 147 39.60 68.20 80.71
CA LEU EB 147 39.38 69.58 80.34
C LEU EB 147 40.42 70.01 79.31
N ASP EB 148 40.11 71.09 78.61
CA ASP EB 148 41.00 71.61 77.60
C ASP EB 148 42.25 72.19 78.25
N LYS EB 149 43.34 72.24 77.48
CA LYS EB 149 44.55 72.94 77.87
C LYS EB 149 44.48 74.42 77.47
N ALA EB 150 43.27 74.94 77.19
CA ALA EB 150 43.12 76.37 76.90
C ALA EB 150 43.40 77.20 78.13
N GLN EB 151 42.85 76.83 79.28
CA GLN EB 151 43.08 77.53 80.54
C GLN EB 151 43.44 76.50 81.61
N GLN EB 152 44.67 76.57 82.09
CA GLN EB 152 45.17 75.66 83.12
C GLN EB 152 45.50 76.38 84.41
N ASN EB 153 46.01 77.61 84.31
CA ASN EB 153 46.29 78.41 85.49
C ASN EB 153 45.00 78.80 86.23
N ASN EB 154 43.92 79.00 85.49
CA ASN EB 154 42.66 79.42 86.09
C ASN EB 154 42.00 78.27 86.83
N VAL EB 155 42.18 77.03 86.34
CA VAL EB 155 41.28 75.95 86.70
C VAL EB 155 41.94 74.99 87.68
N GLU EB 156 43.27 75.03 87.78
CA GLU EB 156 43.98 74.15 88.70
C GLU EB 156 43.70 74.53 90.15
N HIS EB 157 43.38 75.79 90.40
CA HIS EB 157 42.94 76.19 91.74
C HIS EB 157 41.44 75.95 91.92
N LYS EB 158 40.78 75.42 90.89
CA LYS EB 158 39.38 75.06 91.01
C LYS EB 158 39.22 73.54 91.08
N VAL EB 159 40.29 72.81 90.78
CA VAL EB 159 40.27 71.34 90.84
C VAL EB 159 39.97 70.85 92.25
N GLU EB 160 40.65 71.42 93.24
CA GLU EB 160 40.37 71.08 94.63
C GLU EB 160 38.97 71.52 95.04
N THR EB 161 38.48 72.60 94.46
CA THR EB 161 37.18 73.16 94.83
C THR EB 161 36.03 72.30 94.34
N PHE EB 162 36.08 71.89 93.07
CA PHE EB 162 34.91 71.31 92.40
C PHE EB 162 34.56 69.93 92.96
N SER EB 163 35.55 69.23 93.50
CA SER EB 163 35.36 67.86 93.95
C SER EB 163 34.41 67.79 95.13
N GLY EB 164 34.50 68.75 96.06
CA GLY EB 164 33.58 68.77 97.18
C GLY EB 164 32.20 69.23 96.77
N VAL EB 165 32.13 70.13 95.77
CA VAL EB 165 30.86 70.69 95.33
C VAL EB 165 30.00 69.63 94.69
N TYR EB 166 30.60 68.81 93.82
CA TYR EB 166 29.80 67.78 93.17
C TYR EB 166 29.46 66.65 94.13
N LYS EB 167 30.31 66.41 95.13
CA LYS EB 167 29.99 65.43 96.16
C LYS EB 167 28.80 65.87 97.01
N LYS EB 168 28.67 67.18 97.25
CA LYS EB 168 27.52 67.62 98.01
C LYS EB 168 26.27 67.70 97.13
N LEU EB 169 26.43 68.02 95.85
CA LEU EB 169 25.26 68.11 94.97
C LEU EB 169 24.70 66.75 94.60
N THR EB 170 25.50 65.89 93.97
CA THR EB 170 24.95 64.65 93.45
C THR EB 170 25.54 63.43 94.17
N GLY EB 171 26.86 63.28 94.16
CA GLY EB 171 27.48 62.29 95.00
C GLY EB 171 28.40 61.28 94.31
N LYS EB 172 28.61 61.40 93.01
CA LYS EB 172 29.54 60.51 92.32
C LYS EB 172 30.96 61.02 92.52
N ASP EB 173 31.93 60.10 92.65
CA ASP EB 173 33.27 60.54 92.93
C ASP EB 173 33.92 61.00 91.64
N VAL EB 174 34.50 62.19 91.65
CA VAL EB 174 35.02 62.76 90.40
C VAL EB 174 36.52 62.99 90.51
N ASN EB 175 37.13 63.28 89.36
CA ASN EB 175 38.55 63.57 89.25
C ASN EB 175 38.75 64.27 87.92
N PHE EB 176 39.25 65.51 87.97
CA PHE EB 176 39.55 66.22 86.75
C PHE EB 176 40.92 65.85 86.24
N GLU EB 177 41.13 66.06 84.96
CA GLU EB 177 42.45 65.86 84.35
C GLU EB 177 42.62 66.89 83.24
N PHE EB 178 43.87 67.30 83.03
CA PHE EB 178 44.25 68.20 81.95
C PHE EB 178 45.12 67.42 80.97
N PRO EB 179 44.52 66.70 80.03
CA PRO EB 179 45.33 65.99 79.03
C PRO EB 179 45.81 66.96 77.96
N GLU EB 180 46.67 66.44 77.10
CA GLU EB 180 47.00 67.18 75.90
C GLU EB 180 45.79 67.19 74.97
N PHE EB 181 45.38 68.40 74.56
CA PHE EB 181 44.23 68.54 73.70
C PHE EB 181 44.57 68.04 72.30
N GLN EB 182 43.86 67.00 71.86
CA GLN EB 182 44.12 66.40 70.56
C GLN EB 182 43.64 67.36 69.49
N LEU EB 183 44.54 68.21 69.01
CA LEU EB 183 44.21 69.32 68.13
C LEU EB 183 43.89 68.87 66.71
N GLY FB 1 -43.05 17.86 65.45
CA GLY FB 1 -42.24 17.68 64.26
C GLY FB 1 -41.25 18.81 64.07
N ILE FB 2 -41.74 20.03 64.17
CA ILE FB 2 -40.91 21.23 64.09
C ILE FB 2 -40.02 21.27 65.32
N SER FB 3 -38.71 21.36 65.09
CA SER FB 3 -37.77 21.68 66.16
C SER FB 3 -37.13 23.00 65.80
N ARG FB 4 -36.83 23.80 66.83
CA ARG FB 4 -36.22 25.10 66.65
C ARG FB 4 -34.77 25.09 67.11
N ASP FB 5 -34.12 23.95 66.93
CA ASP FB 5 -32.73 23.75 67.32
C ASP FB 5 -31.78 24.67 66.58
N ASN FB 6 -30.74 25.10 67.28
CA ASN FB 6 -29.71 25.94 66.67
C ASN FB 6 -28.58 25.13 66.05
N TRP FB 7 -28.60 23.82 66.21
CA TRP FB 7 -27.46 23.04 65.76
C TRP FB 7 -27.62 22.55 64.33
N HIS FB 8 -28.78 22.76 63.70
CA HIS FB 8 -28.83 22.46 62.28
C HIS FB 8 -28.39 23.64 61.43
N LYS FB 9 -28.00 24.74 62.06
CA LYS FB 9 -27.46 25.90 61.37
C LYS FB 9 -26.04 25.66 60.87
N ARG FB 10 -25.52 26.66 60.18
CA ARG FB 10 -24.09 26.69 59.88
C ARG FB 10 -23.33 27.30 61.05
N ARG FB 11 -22.04 27.53 60.84
CA ARG FB 11 -21.22 28.05 61.92
C ARG FB 11 -21.15 29.58 61.85
N LYS FB 12 -20.21 30.13 62.64
CA LYS FB 12 -19.81 31.53 62.46
C LYS FB 12 -19.28 31.76 61.06
N THR FB 13 -18.46 30.84 60.57
CA THR FB 13 -17.88 30.97 59.24
C THR FB 13 -18.91 30.64 58.17
N GLY FB 14 -19.50 29.45 58.25
CA GLY FB 14 -20.39 28.96 57.21
C GLY FB 14 -20.16 27.53 56.82
N GLY FB 15 -19.22 26.83 57.46
CA GLY FB 15 -19.08 25.40 57.23
C GLY FB 15 -20.27 24.64 57.75
N LYS FB 16 -20.57 23.53 57.06
CA LYS FB 16 -21.68 22.69 57.45
C LYS FB 16 -21.38 21.99 58.76
N ARG FB 17 -22.31 22.07 59.70
CA ARG FB 17 -22.18 21.44 61.00
C ARG FB 17 -22.80 20.05 60.92
N LYS FB 18 -22.06 19.06 61.39
CA LYS FB 18 -22.57 17.69 61.32
C LYS FB 18 -23.64 17.48 62.38
N PRO FB 19 -24.74 16.80 62.05
CA PRO FB 19 -25.72 16.44 63.07
C PRO FB 19 -25.22 15.27 63.91
N TYR FB 20 -25.51 15.33 65.21
CA TYR FB 20 -25.23 14.22 66.11
C TYR FB 20 -26.34 13.93 67.11
N HIS FB 21 -27.33 14.81 67.25
CA HIS FB 21 -28.53 14.50 67.99
C HIS FB 21 -29.59 13.92 67.08
N LYS FB 22 -30.80 13.78 67.61
CA LYS FB 22 -31.99 13.46 66.83
C LYS FB 22 -33.18 14.32 67.18
N LYS FB 23 -33.00 15.64 67.25
CA LYS FB 23 -34.05 16.62 67.53
C LYS FB 23 -34.74 16.32 68.84
N ARG FB 24 -34.03 16.49 69.96
CA ARG FB 24 -34.47 15.99 71.25
C ARG FB 24 -35.70 16.71 71.80
N LYS FB 25 -36.11 16.27 72.99
CA LYS FB 25 -37.43 16.62 73.53
C LYS FB 25 -37.53 18.09 73.90
N TYR FB 26 -36.46 18.66 74.46
CA TYR FB 26 -36.59 19.98 75.08
C TYR FB 26 -36.59 21.11 74.07
N GLU FB 27 -36.55 20.81 72.78
CA GLU FB 27 -36.62 21.82 71.73
C GLU FB 27 -37.81 21.62 70.81
N LEU FB 28 -38.97 21.35 71.44
CA LEU FB 28 -40.25 21.32 70.74
C LEU FB 28 -40.57 22.65 70.07
N GLY FB 29 -41.09 22.57 68.87
CA GLY FB 29 -41.67 23.73 68.22
C GLY FB 29 -43.07 23.37 67.78
N ARG FB 30 -44.06 24.01 68.38
CA ARG FB 30 -45.43 23.65 68.09
C ARG FB 30 -45.98 24.54 66.97
N PRO FB 31 -46.95 24.05 66.20
CA PRO FB 31 -47.51 24.89 65.13
C PRO FB 31 -48.30 26.05 65.69
N ALA FB 32 -48.30 27.14 64.96
CA ALA FB 32 -48.78 28.42 65.45
C ALA FB 32 -50.29 28.53 65.28
N ALA FB 33 -50.97 28.95 66.35
CA ALA FB 33 -52.38 29.27 66.23
C ALA FB 33 -52.57 30.70 65.78
N ASN FB 34 -53.02 30.86 64.54
CA ASN FB 34 -53.30 32.17 63.98
C ASN FB 34 -54.59 32.69 64.61
N THR FB 35 -54.46 33.62 65.55
CA THR FB 35 -55.59 34.02 66.36
C THR FB 35 -56.55 34.90 65.59
N LYS FB 36 -57.73 34.37 65.29
CA LYS FB 36 -58.75 35.09 64.55
C LYS FB 36 -59.52 36.01 65.51
N ILE FB 37 -60.59 36.61 64.99
CA ILE FB 37 -61.35 37.60 65.76
C ILE FB 37 -62.75 37.12 66.12
N GLY FB 38 -63.01 35.81 65.99
CA GLY FB 38 -64.33 35.28 66.25
C GLY FB 38 -64.69 35.17 67.72
N PRO FB 39 -65.79 34.46 68.03
CA PRO FB 39 -66.18 34.27 69.42
C PRO FB 39 -65.25 33.30 70.13
N ARG FB 40 -65.14 33.45 71.45
CA ARG FB 40 -63.99 33.03 72.23
C ARG FB 40 -63.78 31.51 72.18
N ARG FB 41 -62.55 31.10 71.84
CA ARG FB 41 -62.21 29.69 71.71
C ARG FB 41 -60.73 29.51 72.02
N ILE FB 42 -60.45 28.79 73.11
CA ILE FB 42 -59.10 28.63 73.64
C ILE FB 42 -58.86 27.16 73.97
N HIS FB 43 -57.79 26.61 73.42
CA HIS FB 43 -57.34 25.26 73.72
C HIS FB 43 -56.18 25.33 74.71
N THR FB 44 -55.92 24.23 75.39
CA THR FB 44 -54.78 24.14 76.29
C THR FB 44 -53.67 23.31 75.67
N VAL FB 45 -52.45 23.53 76.14
CA VAL FB 45 -51.27 22.79 75.70
C VAL FB 45 -50.44 22.44 76.92
N ARG FB 46 -50.18 21.14 77.12
CA ARG FB 46 -49.24 20.74 78.15
C ARG FB 46 -47.82 21.15 77.77
N VAL FB 47 -47.12 21.76 78.72
CA VAL FB 47 -45.87 22.44 78.50
C VAL FB 47 -44.90 21.94 79.57
N ARG FB 48 -43.60 21.90 79.23
CA ARG FB 48 -42.54 21.48 80.14
C ARG FB 48 -42.60 22.19 81.48
N GLY FB 49 -42.58 21.41 82.55
CA GLY FB 49 -42.83 21.91 83.88
C GLY FB 49 -44.27 21.78 84.31
N GLY FB 50 -45.14 21.23 83.46
CA GLY FB 50 -46.53 21.04 83.78
C GLY FB 50 -47.36 22.31 83.78
N ASN FB 51 -46.78 23.44 83.38
CA ASN FB 51 -47.47 24.71 83.37
C ASN FB 51 -48.47 24.74 82.22
N LYS FB 52 -49.69 25.14 82.53
CA LYS FB 52 -50.73 25.18 81.51
C LYS FB 52 -50.62 26.45 80.68
N LYS FB 53 -50.48 26.27 79.36
CA LYS FB 53 -50.35 27.38 78.42
C LYS FB 53 -51.52 27.31 77.44
N TYR FB 54 -51.94 28.47 76.95
CA TYR FB 54 -53.21 28.58 76.25
C TYR FB 54 -53.03 29.04 74.81
N ARG FB 55 -53.54 28.25 73.87
CA ARG FB 55 -53.68 28.69 72.49
C ARG FB 55 -55.05 29.33 72.33
N ALA FB 56 -55.08 30.44 71.60
CA ALA FB 56 -56.34 31.15 71.38
C ALA FB 56 -56.59 31.16 69.87
N LEU FB 57 -57.59 30.38 69.45
CA LEU FB 57 -57.85 30.30 68.02
C LEU FB 57 -58.57 31.55 67.54
N ARG FB 58 -59.53 32.04 68.33
CA ARG FB 58 -60.17 33.30 68.01
C ARG FB 58 -60.70 33.93 69.29
N LEU FB 59 -60.43 35.24 69.43
CA LEU FB 59 -60.79 36.01 70.61
C LEU FB 59 -61.70 37.14 70.17
N ASP FB 60 -62.57 37.59 71.08
CA ASP FB 60 -63.42 38.72 70.78
C ASP FB 60 -63.20 39.87 71.75
N VAL FB 61 -63.28 39.60 73.04
CA VAL FB 61 -63.10 40.62 74.07
C VAL FB 61 -61.62 40.83 74.31
N GLY FB 62 -61.29 41.88 75.04
CA GLY FB 62 -59.92 42.17 75.37
C GLY FB 62 -59.85 43.25 76.43
N ASN FB 63 -58.74 43.26 77.15
CA ASN FB 63 -58.54 44.21 78.24
C ASN FB 63 -57.63 45.32 77.75
N PHE FB 64 -58.14 46.53 77.70
CA PHE FB 64 -57.43 47.64 77.10
C PHE FB 64 -57.40 48.84 78.04
N SER FB 65 -56.32 49.61 77.95
CA SER FB 65 -56.09 50.72 78.86
C SER FB 65 -55.94 52.01 78.09
N TRP FB 66 -56.80 52.96 78.40
CA TRP FB 66 -56.65 54.36 78.03
C TRP FB 66 -55.34 54.88 78.61
N GLY FB 67 -54.68 55.76 77.89
CA GLY FB 67 -53.37 56.23 78.31
C GLY FB 67 -53.39 57.23 79.44
N SER FB 68 -53.94 58.42 79.18
CA SER FB 68 -53.70 59.55 80.07
C SER FB 68 -54.60 59.49 81.31
N GLU FB 69 -55.90 59.32 81.10
CA GLU FB 69 -56.85 59.42 82.20
C GLU FB 69 -56.90 58.14 83.03
N CYS FB 70 -56.15 57.11 82.62
CA CYS FB 70 -56.01 55.84 83.33
C CYS FB 70 -57.35 55.13 83.50
N CYS FB 71 -57.94 54.70 82.38
CA CYS FB 71 -59.15 53.90 82.38
C CYS FB 71 -58.83 52.54 81.79
N THR FB 72 -59.49 51.50 82.29
CA THR FB 72 -59.21 50.14 81.85
C THR FB 72 -60.51 49.35 81.76
N ARG FB 73 -60.95 49.02 80.55
CA ARG FB 73 -62.26 48.41 80.37
C ARG FB 73 -62.23 47.20 79.45
N LYS FB 74 -63.02 46.20 79.84
CA LYS FB 74 -63.34 45.03 79.01
C LYS FB 74 -64.05 45.48 77.74
N THR FB 75 -63.45 45.26 76.57
CA THR FB 75 -64.02 45.82 75.35
C THR FB 75 -63.89 44.83 74.19
N ARG FB 76 -64.87 44.87 73.30
CA ARG FB 76 -64.90 44.06 72.09
C ARG FB 76 -63.91 44.58 71.06
N ILE FB 77 -63.31 43.65 70.32
CA ILE FB 77 -62.40 43.95 69.22
C ILE FB 77 -63.18 43.94 67.91
N ILE FB 78 -63.05 45.01 67.12
CA ILE FB 78 -63.80 45.12 65.88
C ILE FB 78 -62.93 44.79 64.67
N ASP FB 79 -61.88 45.57 64.44
CA ASP FB 79 -61.17 45.49 63.16
C ASP FB 79 -59.68 45.65 63.40
N VAL FB 80 -58.89 45.10 62.48
CA VAL FB 80 -57.44 45.03 62.60
C VAL FB 80 -56.82 45.71 61.40
N VAL FB 81 -55.98 46.72 61.64
CA VAL FB 81 -55.33 47.48 60.59
C VAL FB 81 -53.84 47.54 60.92
N TYR FB 82 -52.99 47.39 59.90
CA TYR FB 82 -51.56 47.75 59.92
C TYR FB 82 -50.76 46.96 60.94
N ASN FB 83 -50.57 45.66 60.68
CA ASN FB 83 -49.76 44.82 61.54
C ASN FB 83 -48.31 45.26 61.55
N ALA FB 84 -47.84 45.85 60.44
CA ALA FB 84 -46.54 46.49 60.25
C ALA FB 84 -45.36 45.52 60.31
N SER FB 85 -45.62 44.22 60.47
CA SER FB 85 -44.55 43.25 60.35
C SER FB 85 -44.79 42.32 59.15
N ASN FB 86 -46.05 42.00 58.89
CA ASN FB 86 -46.44 41.19 57.73
C ASN FB 86 -47.83 41.61 57.31
N ASN FB 87 -47.97 42.06 56.06
CA ASN FB 87 -49.26 42.58 55.61
C ASN FB 87 -50.23 41.48 55.23
N GLU FB 88 -49.77 40.22 55.23
CA GLU FB 88 -50.68 39.09 55.06
C GLU FB 88 -51.64 38.99 56.25
N LEU FB 89 -51.14 39.27 57.45
CA LEU FB 89 -51.95 39.04 58.64
C LEU FB 89 -53.00 40.13 58.82
N VAL FB 90 -52.85 41.25 58.11
CA VAL FB 90 -53.90 42.26 58.10
C VAL FB 90 -55.14 41.72 57.41
N ARG FB 91 -54.98 41.17 56.21
CA ARG FB 91 -56.09 40.57 55.50
C ARG FB 91 -56.54 39.27 56.15
N THR FB 92 -55.62 38.61 56.85
CA THR FB 92 -55.97 37.37 57.55
C THR FB 92 -56.71 37.65 58.84
N LYS FB 93 -56.62 38.90 59.34
CA LYS FB 93 -57.18 39.34 60.63
C LYS FB 93 -56.64 38.50 61.78
N THR FB 94 -55.34 38.59 61.99
CA THR FB 94 -54.65 37.82 63.01
C THR FB 94 -54.09 38.75 64.08
N LEU FB 95 -54.29 38.39 65.34
CA LEU FB 95 -53.85 39.19 66.46
C LEU FB 95 -52.50 38.69 66.98
N VAL FB 96 -51.50 39.57 67.02
CA VAL FB 96 -50.19 39.24 67.54
C VAL FB 96 -49.83 40.28 68.60
N LYS FB 97 -48.59 40.17 69.10
CA LYS FB 97 -48.17 41.00 70.23
C LYS FB 97 -48.09 42.47 69.87
N ASN FB 98 -47.58 42.79 68.69
CA ASN FB 98 -47.59 44.17 68.22
C ASN FB 98 -48.52 44.23 67.03
N CYS FB 99 -49.76 44.61 67.29
CA CYS FB 99 -50.76 44.71 66.23
C CYS FB 99 -51.77 45.76 66.64
N ILE FB 100 -52.34 46.43 65.65
CA ILE FB 100 -53.12 47.63 65.88
C ILE FB 100 -54.57 47.34 65.56
N VAL FB 101 -55.46 47.67 66.50
CA VAL FB 101 -56.81 47.15 66.57
C VAL FB 101 -57.77 48.32 66.68
N LEU FB 102 -58.83 48.30 65.86
CA LEU FB 102 -59.95 49.19 66.10
C LEU FB 102 -60.87 48.62 67.18
N ILE FB 103 -61.32 49.50 68.06
CA ILE FB 103 -62.01 49.15 69.29
C ILE FB 103 -63.26 50.02 69.40
N ASP FB 104 -64.37 49.41 69.83
CA ASP FB 104 -65.63 50.11 70.03
C ASP FB 104 -65.48 51.18 71.10
N SER FB 105 -65.87 52.41 70.75
CA SER FB 105 -65.62 53.55 71.62
C SER FB 105 -66.65 53.67 72.73
N THR FB 106 -67.67 52.82 72.73
CA THR FB 106 -68.77 52.93 73.69
C THR FB 106 -68.36 52.71 75.15
N PRO FB 107 -67.56 51.69 75.54
CA PRO FB 107 -67.25 51.57 76.97
C PRO FB 107 -66.27 52.59 77.51
N TYR FB 108 -65.88 53.60 76.73
CA TYR FB 108 -65.22 54.76 77.33
C TYR FB 108 -66.16 55.96 77.39
N ARG FB 109 -67.23 55.96 76.60
CA ARG FB 109 -68.23 57.01 76.67
C ARG FB 109 -68.87 57.09 78.05
N GLN FB 110 -69.30 55.94 78.58
CA GLN FB 110 -70.02 55.95 79.84
C GLN FB 110 -69.08 56.22 81.01
N TRP FB 111 -67.80 55.83 80.88
CA TRP FB 111 -66.84 56.19 81.92
C TRP FB 111 -66.56 57.67 81.92
N TYR FB 112 -66.36 58.24 80.72
CA TYR FB 112 -66.06 59.66 80.60
C TYR FB 112 -67.26 60.49 81.04
N GLU FB 113 -68.46 59.98 80.81
CA GLU FB 113 -69.66 60.53 81.43
C GLU FB 113 -69.58 60.47 82.95
N SER FB 114 -69.42 59.26 83.51
CA SER FB 114 -69.71 59.04 84.92
C SER FB 114 -68.66 59.67 85.81
N HIS FB 115 -67.49 59.97 85.26
CA HIS FB 115 -66.49 60.66 86.06
C HIS FB 115 -66.30 62.09 85.58
N TYR FB 116 -66.72 62.38 84.35
CA TYR FB 116 -66.29 63.56 83.63
C TYR FB 116 -67.40 64.27 82.85
N ALA FB 117 -68.52 64.62 83.49
CA ALA FB 117 -69.76 65.08 82.86
C ALA FB 117 -69.59 66.26 81.90
N LEU FB 118 -70.61 66.50 81.05
CA LEU FB 118 -70.58 67.13 79.73
C LEU FB 118 -69.66 66.33 78.82
N PRO FB 119 -70.08 65.14 78.38
CA PRO FB 119 -69.19 64.29 77.59
C PRO FB 119 -69.17 64.71 76.14
N LEU FB 120 -68.51 63.88 75.33
CA LEU FB 120 -68.21 64.20 73.94
C LEU FB 120 -68.54 63.04 73.01
N GLY FB 121 -68.82 63.39 71.76
CA GLY FB 121 -69.06 62.41 70.73
C GLY FB 121 -70.50 62.03 70.52
N ARG FB 122 -71.44 62.91 70.83
CA ARG FB 122 -72.84 62.55 70.69
C ARG FB 122 -73.42 63.11 69.40
N LYS FB 123 -72.62 63.11 68.32
CA LYS FB 123 -73.00 63.42 66.92
C LYS FB 123 -73.68 64.79 66.74
N LYS FB 124 -73.52 65.66 67.74
CA LYS FB 124 -74.23 66.93 67.87
C LYS FB 124 -75.74 66.79 67.68
N GLY FB 125 -76.33 65.87 68.44
CA GLY FB 125 -77.75 65.60 68.28
C GLY FB 125 -78.62 66.49 69.13
N ALA FB 126 -78.32 66.57 70.43
CA ALA FB 126 -78.80 67.55 71.40
C ALA FB 126 -80.27 67.39 71.81
N LYS FB 127 -81.01 66.50 71.16
CA LYS FB 127 -82.30 66.10 71.70
C LYS FB 127 -82.32 64.60 71.98
N LEU FB 128 -81.32 63.90 71.47
CA LEU FB 128 -81.23 62.45 71.61
C LEU FB 128 -80.83 61.93 72.99
N THR FB 129 -81.54 60.89 73.42
CA THR FB 129 -81.33 60.15 74.69
C THR FB 129 -81.55 60.87 76.02
N PRO FB 130 -81.69 60.07 77.09
CA PRO FB 130 -81.87 60.46 78.49
C PRO FB 130 -80.53 60.27 79.18
N GLU FB 131 -79.64 61.25 79.03
CA GLU FB 131 -78.31 61.15 79.61
C GLU FB 131 -78.16 61.53 81.08
N GLU FB 132 -78.97 60.92 81.93
CA GLU FB 132 -78.83 61.21 83.39
C GLU FB 132 -77.77 62.28 83.65
N GLU FB 133 -77.34 62.97 82.58
CA GLU FB 133 -76.36 64.06 82.69
C GLU FB 133 -76.79 65.14 83.66
N GLU FB 134 -77.87 65.84 83.33
CA GLU FB 134 -78.31 67.01 84.07
C GLU FB 134 -79.35 66.69 85.13
N ILE FB 135 -79.81 65.44 85.20
CA ILE FB 135 -80.95 65.09 86.04
C ILE FB 135 -80.55 65.09 87.51
N LEU FB 136 -79.31 64.68 87.81
CA LEU FB 136 -78.88 64.51 89.20
C LEU FB 136 -78.68 65.87 89.88
N ASN FB 137 -78.33 66.88 89.08
CA ASN FB 137 -78.32 68.31 89.38
C ASN FB 137 -77.18 68.73 90.32
N LYS FB 138 -76.48 67.77 90.92
CA LYS FB 138 -75.19 67.94 91.59
C LYS FB 138 -75.24 68.97 92.72
N LYS FB 139 -75.94 68.62 93.81
CA LYS FB 139 -76.39 69.62 94.78
C LYS FB 139 -75.24 70.21 95.59
N ARG FB 140 -74.50 69.37 96.29
CA ARG FB 140 -73.51 69.79 97.28
C ARG FB 140 -72.23 70.26 96.58
N SER FB 141 -71.13 70.31 97.35
CA SER FB 141 -69.80 70.65 96.85
C SER FB 141 -69.25 69.67 95.81
N LYS FB 142 -69.93 68.54 95.58
CA LYS FB 142 -69.50 67.57 94.58
C LYS FB 142 -69.56 68.16 93.17
N LYS FB 143 -70.42 69.15 92.95
CA LYS FB 143 -70.47 69.83 91.65
C LYS FB 143 -69.19 70.61 91.41
N ILE FB 144 -68.73 71.35 92.42
CA ILE FB 144 -67.49 72.10 92.28
C ILE FB 144 -66.31 71.15 92.18
N GLN FB 145 -66.39 70.00 92.89
CA GLN FB 145 -65.39 68.95 92.78
C GLN FB 145 -65.28 68.41 91.35
N LYS FB 146 -66.42 68.17 90.70
CA LYS FB 146 -66.38 67.68 89.33
C LYS FB 146 -66.02 68.79 88.35
N LYS FB 147 -66.28 70.04 88.71
CA LYS FB 147 -65.94 71.14 87.81
C LYS FB 147 -64.44 71.39 87.80
N TYR FB 148 -63.77 71.22 88.94
CA TYR FB 148 -62.30 71.30 88.92
C TYR FB 148 -61.68 70.15 88.14
N ASP FB 149 -62.33 68.98 88.16
CA ASP FB 149 -61.88 67.88 87.33
C ASP FB 149 -62.09 68.18 85.85
N GLU FB 150 -63.20 68.84 85.53
CA GLU FB 150 -63.67 68.86 84.16
C GLU FB 150 -63.12 70.04 83.38
N ARG FB 151 -62.95 71.19 84.02
CA ARG FB 151 -62.55 72.36 83.27
C ARG FB 151 -61.26 72.99 83.76
N LYS FB 152 -60.86 72.74 85.00
CA LYS FB 152 -59.56 73.24 85.45
C LYS FB 152 -58.44 72.35 84.93
N LYS FB 153 -58.62 71.03 85.03
CA LYS FB 153 -57.72 70.12 84.32
C LYS FB 153 -58.10 70.04 82.85
N ASN FB 154 -59.32 70.48 82.53
CA ASN FB 154 -59.86 70.85 81.22
C ASN FB 154 -60.18 69.62 80.35
N ALA FB 155 -59.75 68.42 80.80
CA ALA FB 155 -60.13 67.11 80.30
C ALA FB 155 -60.08 66.95 78.79
N LYS FB 156 -59.19 67.66 78.11
CA LYS FB 156 -59.19 67.63 76.66
C LYS FB 156 -58.38 66.44 76.14
N ILE FB 157 -58.80 65.92 74.99
CA ILE FB 157 -58.17 64.73 74.42
C ILE FB 157 -57.27 64.94 73.20
N SER FB 158 -56.73 66.15 73.07
CA SER FB 158 -55.83 66.48 71.96
C SER FB 158 -56.34 66.07 70.57
N SER FB 159 -57.42 66.69 70.13
CA SER FB 159 -58.02 66.44 68.82
C SER FB 159 -58.18 64.97 68.40
N LEU FB 160 -57.09 64.39 67.89
CA LEU FB 160 -56.97 63.01 67.41
C LEU FB 160 -57.98 61.99 67.93
N LEU FB 161 -58.48 62.23 69.13
CA LEU FB 161 -59.46 61.35 69.75
C LEU FB 161 -60.88 61.92 69.64
N GLU FB 162 -61.00 63.24 69.49
CA GLU FB 162 -62.28 63.85 69.13
C GLU FB 162 -62.79 63.32 67.79
N GLU FB 163 -61.91 63.29 66.79
CA GLU FB 163 -62.32 62.84 65.47
C GLU FB 163 -62.52 61.33 65.44
N GLN FB 164 -61.86 60.60 66.33
CA GLN FB 164 -62.16 59.17 66.41
C GLN FB 164 -63.48 58.92 67.12
N PHE FB 165 -63.78 59.68 68.17
CA PHE FB 165 -64.98 59.42 68.95
C PHE FB 165 -66.23 59.93 68.26
N GLN FB 166 -66.10 60.93 67.40
CA GLN FB 166 -67.29 61.31 66.64
C GLN FB 166 -67.52 60.40 65.46
N GLN FB 167 -66.56 59.53 65.14
CA GLN FB 167 -66.79 58.41 64.25
C GLN FB 167 -66.93 57.09 65.01
N GLY FB 168 -66.66 57.09 66.32
CA GLY FB 168 -66.95 55.96 67.19
C GLY FB 168 -66.09 54.73 66.98
N LYS FB 169 -64.79 54.91 67.09
CA LYS FB 169 -63.80 53.84 66.92
C LYS FB 169 -62.53 54.31 67.61
N LEU FB 170 -61.66 53.38 67.94
CA LEU FB 170 -60.48 53.76 68.71
C LEU FB 170 -59.30 52.87 68.35
N LEU FB 171 -58.11 53.45 68.23
CA LEU FB 171 -56.93 52.70 67.81
C LEU FB 171 -56.11 52.29 69.01
N ALA FB 172 -55.90 50.99 69.19
CA ALA FB 172 -55.09 50.53 70.30
C ALA FB 172 -54.11 49.47 69.85
N CYS FB 173 -52.93 49.51 70.45
CA CYS FB 173 -51.87 48.55 70.19
C CYS FB 173 -51.98 47.43 71.21
N ILE FB 174 -51.86 46.19 70.74
CA ILE FB 174 -51.83 45.04 71.64
C ILE FB 174 -50.51 45.07 72.39
N ALA FB 175 -50.49 44.52 73.61
CA ALA FB 175 -49.28 44.46 74.41
C ALA FB 175 -49.11 43.12 75.12
N SER FB 176 -49.83 42.10 74.68
CA SER FB 176 -49.65 40.76 75.21
C SER FB 176 -49.64 39.79 74.05
N ARG FB 177 -49.32 38.53 74.35
CA ARG FB 177 -49.25 37.52 73.31
C ARG FB 177 -50.51 36.66 73.33
N PRO FB 178 -51.38 36.76 72.32
CA PRO FB 178 -52.60 35.94 72.34
C PRO FB 178 -52.34 34.45 72.17
N GLY FB 179 -51.24 34.10 71.52
CA GLY FB 179 -50.92 32.69 71.36
C GLY FB 179 -50.35 32.08 72.63
N GLN FB 180 -49.93 32.92 73.57
CA GLN FB 180 -49.28 32.40 74.76
C GLN FB 180 -50.19 32.46 75.98
N CYS FB 181 -50.69 33.66 76.31
CA CYS FB 181 -51.46 33.83 77.53
C CYS FB 181 -52.96 33.80 77.32
N GLY FB 182 -53.44 33.80 76.08
CA GLY FB 182 -54.86 33.72 75.83
C GLY FB 182 -55.65 34.98 76.12
N ARG FB 183 -54.97 36.10 76.32
CA ARG FB 183 -55.64 37.36 76.61
C ARG FB 183 -55.15 38.42 75.63
N ALA FB 184 -56.09 39.13 75.01
CA ALA FB 184 -55.70 40.19 74.10
C ALA FB 184 -55.62 41.52 74.83
N ASP FB 185 -54.57 41.71 75.63
CA ASP FB 185 -54.40 42.93 76.39
C ASP FB 185 -53.78 44.01 75.52
N GLY FB 186 -54.02 45.27 75.87
CA GLY FB 186 -53.45 46.34 75.05
C GLY FB 186 -53.74 47.72 75.58
N TYR FB 187 -53.08 48.70 74.98
CA TYR FB 187 -53.17 50.09 75.39
C TYR FB 187 -53.53 50.97 74.21
N VAL FB 188 -54.24 52.05 74.50
CA VAL FB 188 -54.82 52.93 73.49
C VAL FB 188 -53.75 53.90 73.02
N LEU FB 189 -53.66 54.09 71.70
CA LEU FB 189 -52.67 55.00 71.14
C LEU FB 189 -53.02 56.44 71.49
N GLU FB 190 -51.98 57.25 71.76
CA GLU FB 190 -52.16 58.61 72.21
C GLU FB 190 -51.13 59.52 71.56
N GLY FB 191 -51.62 60.60 70.94
CA GLY FB 191 -50.77 61.67 70.47
C GLY FB 191 -49.82 61.36 69.33
N LYS FB 192 -48.52 61.29 69.66
CA LYS FB 192 -47.44 61.16 68.67
C LYS FB 192 -47.52 59.86 67.88
N GLU FB 193 -47.58 58.74 68.59
CA GLU FB 193 -47.70 57.44 67.92
C GLU FB 193 -49.03 57.31 67.20
N LEU FB 194 -50.06 57.97 67.72
CA LEU FB 194 -51.38 57.92 67.10
C LEU FB 194 -51.36 58.60 65.74
N GLU FB 195 -50.79 59.81 65.66
CA GLU FB 195 -50.72 60.49 64.38
C GLU FB 195 -49.69 59.84 63.45
N PHE FB 196 -48.68 59.18 64.03
CA PHE FB 196 -47.74 58.39 63.22
C PHE FB 196 -48.43 57.22 62.52
N TYR FB 197 -49.16 56.40 63.29
CA TYR FB 197 -49.84 55.27 62.68
C TYR FB 197 -50.98 55.71 61.77
N LEU FB 198 -51.60 56.85 62.08
CA LEU FB 198 -52.64 57.36 61.20
C LEU FB 198 -52.04 57.82 59.87
N ARG FB 199 -50.81 58.35 59.92
CA ARG FB 199 -50.10 58.70 58.70
C ARG FB 199 -49.75 57.46 57.89
N LYS FB 200 -49.35 56.39 58.57
CA LYS FB 200 -49.04 55.15 57.85
C LYS FB 200 -50.29 54.52 57.24
N ILE FB 201 -51.43 54.62 57.92
CA ILE FB 201 -52.67 54.08 57.39
C ILE FB 201 -53.16 54.91 56.20
N LYS FB 202 -52.97 56.24 56.26
CA LYS FB 202 -53.32 57.07 55.12
C LYS FB 202 -52.38 56.81 53.95
N ALA FB 203 -51.12 56.49 54.23
CA ALA FB 203 -50.20 56.10 53.15
C ALA FB 203 -50.57 54.73 52.59
N ARG FB 204 -51.16 53.87 53.41
CA ARG FB 204 -51.65 52.58 52.93
C ARG FB 204 -52.85 52.76 52.00
N LYS FB 205 -53.75 53.69 52.35
CA LYS FB 205 -54.89 53.99 51.48
C LYS FB 205 -54.43 54.74 50.23
N GLY FB 206 -53.29 55.43 50.32
CA GLY FB 206 -52.73 56.07 49.14
C GLY FB 206 -52.11 55.07 48.17
N LYS FB 207 -51.03 54.41 48.60
CA LYS FB 207 -50.37 53.41 47.77
C LYS FB 207 -50.22 52.09 48.50
N PRO GB 1 -19.74 -1.09 87.30
CA PRO GB 1 -19.20 -2.45 87.26
C PRO GB 1 -18.41 -2.76 88.51
N VAL GB 2 -17.54 -3.77 88.42
CA VAL GB 2 -16.81 -4.31 89.57
C VAL GB 2 -15.86 -3.27 90.13
N ALA GB 3 -15.59 -3.34 91.43
CA ALA GB 3 -14.62 -2.46 92.05
C ALA GB 3 -13.97 -3.14 93.24
N ARG GB 4 -12.80 -3.73 93.04
CA ARG GB 4 -12.11 -4.34 94.16
C ARG GB 4 -10.77 -3.65 94.42
N SER GB 5 -9.87 -3.71 93.43
CA SER GB 5 -8.58 -3.03 93.42
C SER GB 5 -7.90 -3.31 92.09
N TRP GB 6 -7.09 -2.37 91.63
CA TRP GB 6 -6.24 -2.55 90.46
C TRP GB 6 -4.98 -1.73 90.67
N VAL GB 7 -3.95 -2.37 91.19
CA VAL GB 7 -2.68 -1.71 91.46
C VAL GB 7 -1.60 -2.77 91.46
N CYS GB 8 -0.46 -2.45 90.86
CA CYS GB 8 0.53 -3.45 90.49
C CYS GB 8 1.91 -2.78 90.42
N ARG GB 9 2.79 -3.16 91.33
CA ARG GB 9 4.14 -2.63 91.39
C ARG GB 9 5.12 -3.76 91.16
N LYS GB 10 6.06 -3.57 90.25
CA LYS GB 10 7.11 -4.54 90.00
C LYS GB 10 8.32 -4.15 90.83
N THR GB 11 8.58 -4.91 91.90
CA THR GB 11 9.80 -4.73 92.68
C THR GB 11 10.92 -5.55 92.04
N TYR GB 12 11.26 -5.14 90.82
CA TYR GB 12 11.86 -6.03 89.85
C TYR GB 12 12.31 -5.21 88.65
N VAL GB 13 13.58 -5.32 88.28
CA VAL GB 13 14.13 -4.60 87.14
C VAL GB 13 15.03 -5.54 86.35
N THR GB 14 14.71 -5.75 85.09
CA THR GB 14 15.65 -6.40 84.19
C THR GB 14 16.73 -5.40 83.85
N PRO GB 15 18.00 -5.72 84.09
CA PRO GB 15 19.07 -4.82 83.66
C PRO GB 15 19.19 -4.82 82.14
N ARG GB 16 19.83 -3.78 81.61
CA ARG GB 16 19.81 -3.59 80.16
C ARG GB 16 20.66 -4.61 79.43
N ARG GB 17 21.96 -4.64 79.70
CA ARG GB 17 22.87 -5.51 78.97
C ARG GB 17 22.66 -6.95 79.42
N PRO GB 18 22.40 -7.87 78.50
CA PRO GB 18 22.09 -9.25 78.93
C PRO GB 18 23.30 -10.01 79.43
N PHE GB 19 24.44 -9.92 78.74
CA PHE GB 19 25.55 -10.85 78.93
C PHE GB 19 26.82 -10.06 79.22
N GLU GB 20 27.02 -9.68 80.48
CA GLU GB 20 28.23 -8.99 80.89
C GLU GB 20 29.00 -9.85 81.86
N LYS GB 21 30.29 -10.06 81.56
CA LYS GB 21 31.12 -10.97 82.33
C LYS GB 21 31.36 -10.43 83.73
N SER GB 22 31.49 -9.11 83.87
CA SER GB 22 31.73 -8.54 85.19
C SER GB 22 30.45 -8.52 86.02
N ARG GB 23 29.32 -8.19 85.38
CA ARG GB 23 28.04 -8.12 86.09
C ARG GB 23 27.63 -9.50 86.58
N LEU GB 24 27.82 -10.53 85.74
CA LEU GB 24 27.49 -11.88 86.14
C LEU GB 24 28.34 -12.37 87.30
N ASP GB 25 29.64 -12.04 87.29
CA ASP GB 25 30.50 -12.44 88.40
C ASP GB 25 30.14 -11.70 89.68
N GLN GB 26 29.76 -10.43 89.57
CA GLN GB 26 29.42 -9.66 90.76
C GLN GB 26 28.13 -10.19 91.39
N GLU GB 27 27.13 -10.46 90.56
CA GLU GB 27 25.87 -10.97 91.11
C GLU GB 27 26.01 -12.42 91.57
N LEU GB 28 26.91 -13.19 90.94
CA LEU GB 28 27.13 -14.56 91.39
C LEU GB 28 27.83 -14.61 92.74
N LYS GB 29 28.83 -13.76 92.95
CA LYS GB 29 29.49 -13.76 94.25
C LYS GB 29 28.56 -13.18 95.31
N LEU GB 30 27.64 -12.31 94.90
CA LEU GB 30 26.66 -11.78 95.83
C LEU GB 30 25.67 -12.86 96.28
N ILE GB 31 25.19 -13.66 95.32
CA ILE GB 31 24.33 -14.82 95.56
C ILE GB 31 25.02 -15.82 96.46
N GLY GB 32 26.26 -16.17 96.13
CA GLY GB 32 26.98 -17.17 96.89
C GLY GB 32 27.30 -16.73 98.31
N GLU GB 33 27.52 -15.43 98.51
CA GLU GB 33 27.73 -14.95 99.87
C GLU GB 33 26.44 -14.97 100.66
N TYR GB 34 25.43 -14.22 100.24
CA TYR GB 34 24.28 -14.04 101.10
C TYR GB 34 23.19 -15.08 100.91
N GLY GB 35 23.45 -16.12 100.12
CA GLY GB 35 22.56 -17.25 99.94
C GLY GB 35 21.16 -16.94 99.45
N LEU GB 36 21.03 -16.51 98.21
CA LEU GB 36 19.71 -16.15 97.70
C LEU GB 36 19.18 -17.26 96.80
N ARG GB 37 18.00 -17.06 96.22
CA ARG GB 37 17.37 -18.05 95.37
C ARG GB 37 17.77 -17.89 93.91
N ASN GB 38 17.48 -16.73 93.35
CA ASN GB 38 17.71 -16.43 91.95
C ASN GB 38 17.90 -14.93 91.84
N LYS GB 39 18.15 -14.45 90.63
CA LYS GB 39 18.60 -13.08 90.52
C LYS GB 39 17.44 -12.09 90.59
N ARG GB 40 16.20 -12.57 90.57
CA ARG GB 40 15.08 -11.64 90.76
C ARG GB 40 15.08 -11.06 92.17
N GLU GB 41 15.41 -11.87 93.17
CA GLU GB 41 15.46 -11.30 94.51
C GLU GB 41 16.81 -10.67 94.82
N VAL GB 42 17.75 -10.72 93.86
CA VAL GB 42 18.89 -9.81 93.91
C VAL GB 42 18.47 -8.45 93.36
N TRP GB 43 17.70 -8.46 92.29
CA TRP GB 43 17.33 -7.22 91.61
C TRP GB 43 16.27 -6.45 92.39
N ARG GB 44 15.56 -7.15 93.31
CA ARG GB 44 14.71 -6.47 94.28
C ARG GB 44 15.47 -5.42 95.06
N VAL GB 45 16.65 -5.80 95.57
CA VAL GB 45 17.47 -4.91 96.39
C VAL GB 45 17.97 -3.75 95.56
N LYS GB 46 18.31 -4.01 94.29
CA LYS GB 46 18.76 -2.95 93.40
C LYS GB 46 17.63 -1.97 93.09
N PHE GB 47 16.41 -2.45 92.93
CA PHE GB 47 15.29 -1.56 92.68
C PHE GB 47 14.95 -0.72 93.91
N THR GB 48 15.05 -1.32 95.10
CA THR GB 48 14.81 -0.56 96.32
C THR GB 48 15.89 0.50 96.54
N LEU GB 49 17.14 0.14 96.26
CA LEU GB 49 18.23 1.11 96.37
C LEU GB 49 18.08 2.23 95.35
N ALA GB 50 17.63 1.90 94.14
CA ALA GB 50 17.43 2.92 93.13
C ALA GB 50 16.29 3.85 93.49
N LYS GB 51 15.23 3.32 94.09
CA LYS GB 51 14.12 4.15 94.55
C LYS GB 51 14.56 5.10 95.66
N ILE GB 52 15.35 4.59 96.60
CA ILE GB 52 15.83 5.43 97.70
C ILE GB 52 16.83 6.46 97.17
N ARG GB 53 17.62 6.11 96.15
CA ARG GB 53 18.55 7.08 95.58
C ARG GB 53 17.83 8.17 94.81
N LYS GB 54 16.72 7.83 94.13
CA LYS GB 54 15.97 8.87 93.43
C LYS GB 54 15.28 9.80 94.40
N ALA GB 55 14.76 9.25 95.50
CA ALA GB 55 14.22 10.10 96.56
C ALA GB 55 15.31 10.97 97.19
N ALA GB 56 16.50 10.41 97.35
CA ALA GB 56 17.61 11.15 97.96
C ALA GB 56 18.10 12.27 97.06
N ARG GB 57 18.15 12.04 95.75
CA ARG GB 57 18.62 13.09 94.85
C ARG GB 57 17.55 14.16 94.69
N GLU GB 58 16.27 13.76 94.73
CA GLU GB 58 15.20 14.76 94.69
C GLU GB 58 15.19 15.60 95.97
N LEU GB 59 15.61 15.02 97.10
CA LEU GB 59 15.72 15.82 98.30
C LEU GB 59 16.96 16.71 98.29
N LEU GB 60 18.08 16.21 97.75
CA LEU GB 60 19.30 17.02 97.69
C LEU GB 60 19.19 18.12 96.65
N THR GB 61 18.24 18.01 95.74
CA THR GB 61 18.02 19.05 94.74
C THR GB 61 17.54 20.35 95.38
N LEU GB 62 16.58 20.26 96.29
CA LEU GB 62 15.92 21.46 96.80
C LEU GB 62 16.78 22.19 97.83
N ASP GB 63 16.34 23.38 98.20
CA ASP GB 63 17.03 24.23 99.15
C ASP GB 63 16.90 23.67 100.57
N GLU GB 64 17.88 24.01 101.41
CA GLU GB 64 18.01 23.41 102.74
C GLU GB 64 16.85 23.78 103.65
N LYS GB 65 16.37 25.02 103.57
CA LYS GB 65 15.32 25.49 104.45
C LYS GB 65 13.92 25.02 104.03
N ASP GB 66 13.82 24.23 102.97
CA ASP GB 66 12.52 23.87 102.43
C ASP GB 66 11.81 22.85 103.32
N PRO GB 67 10.52 23.05 103.61
CA PRO GB 67 9.82 22.15 104.53
C PRO GB 67 9.63 20.74 104.00
N ARG GB 68 9.45 20.59 102.69
CA ARG GB 68 9.32 19.25 102.12
C ARG GB 68 10.64 18.50 102.21
N ARG GB 69 11.76 19.21 101.96
CA ARG GB 69 13.08 18.61 102.12
C ARG GB 69 13.33 18.18 103.55
N LEU GB 70 13.01 19.05 104.52
CA LEU GB 70 13.20 18.71 105.93
C LEU GB 70 12.35 17.51 106.34
N PHE GB 71 11.06 17.53 106.00
CA PHE GB 71 10.14 16.48 106.42
C PHE GB 71 10.48 15.15 105.78
N GLU GB 72 10.66 15.12 104.46
CA GLU GB 72 10.92 13.85 103.79
C GLU GB 72 12.33 13.35 104.06
N GLY GB 73 13.28 14.26 104.31
CA GLY GB 73 14.60 13.83 104.69
C GLY GB 73 14.61 13.15 106.05
N ASN GB 74 13.94 13.76 107.04
CA ASN GB 74 13.85 13.16 108.37
C ASN GB 74 13.05 11.87 108.32
N ALA GB 75 12.05 11.79 107.44
CA ALA GB 75 11.26 10.57 107.33
C ALA GB 75 12.07 9.43 106.71
N LEU GB 76 12.84 9.72 105.66
CA LEU GB 76 13.64 8.69 105.03
C LEU GB 76 14.76 8.24 105.96
N LEU GB 77 15.32 9.18 106.73
CA LEU GB 77 16.32 8.82 107.72
C LEU GB 77 15.72 7.95 108.83
N ARG GB 78 14.50 8.25 109.26
CA ARG GB 78 13.88 7.42 110.30
C ARG GB 78 13.58 6.02 109.77
N ARG GB 79 13.15 5.92 108.51
CA ARG GB 79 12.94 4.62 107.90
C ARG GB 79 14.23 3.81 107.82
N LEU GB 80 15.34 4.47 107.45
CA LEU GB 80 16.60 3.73 107.34
C LEU GB 80 17.15 3.36 108.72
N VAL GB 81 16.89 4.20 109.73
CA VAL GB 81 17.31 3.86 111.09
C VAL GB 81 16.51 2.68 111.63
N ARG GB 82 15.19 2.68 111.38
CA ARG GB 82 14.35 1.57 111.82
C ARG GB 82 14.69 0.29 111.08
N ILE GB 83 15.13 0.38 109.83
CA ILE GB 83 15.62 -0.81 109.14
C ILE GB 83 16.93 -1.29 109.76
N GLY GB 84 17.90 -0.40 109.89
CA GLY GB 84 19.20 -0.78 110.40
C GLY GB 84 20.31 -0.69 109.39
N VAL GB 85 20.15 0.11 108.34
CA VAL GB 85 21.23 0.31 107.38
C VAL GB 85 22.15 1.41 107.86
N LEU GB 86 21.60 2.48 108.41
CA LEU GB 86 22.39 3.60 108.88
C LEU GB 86 22.72 3.45 110.36
N ASP GB 87 23.56 4.36 110.82
CA ASP GB 87 23.79 4.55 112.25
C ASP GB 87 22.71 5.47 112.83
N GLU GB 88 22.92 5.88 114.07
CA GLU GB 88 22.10 6.94 114.65
C GLU GB 88 22.89 8.23 114.60
N GLY GB 89 23.88 8.27 113.71
CA GLY GB 89 24.82 9.35 113.55
C GLY GB 89 24.51 10.23 112.37
N LYS GB 90 25.13 9.92 111.23
CA LYS GB 90 25.21 10.82 110.09
C LYS GB 90 23.88 11.01 109.40
N MET GB 91 23.12 12.00 109.87
CA MET GB 91 21.78 12.30 109.35
C MET GB 91 21.82 13.25 108.17
N LYS GB 92 22.93 13.33 107.44
CA LYS GB 92 22.91 14.05 106.19
C LYS GB 92 22.31 13.17 105.09
N LEU GB 93 21.92 13.82 103.99
CA LEU GB 93 21.30 13.07 102.90
C LEU GB 93 22.36 12.38 102.05
N ASP GB 94 23.59 12.89 102.07
CA ASP GB 94 24.59 12.40 101.14
C ASP GB 94 25.16 11.05 101.59
N TYR GB 95 24.99 10.72 102.86
CA TYR GB 95 25.49 9.44 103.36
C TYR GB 95 24.63 8.28 102.84
N ILE GB 96 23.34 8.57 102.56
CA ILE GB 96 22.40 7.65 101.95
C ILE GB 96 22.90 7.26 100.58
N LEU GB 97 23.46 8.23 99.86
CA LEU GB 97 24.12 7.92 98.60
C LEU GB 97 25.42 7.16 98.84
N GLY GB 98 26.00 7.32 100.03
CA GLY GB 98 27.22 6.60 100.38
C GLY GB 98 26.99 5.13 100.68
N LEU GB 99 25.73 4.77 100.88
CA LEU GB 99 25.34 3.38 101.11
C LEU GB 99 25.61 2.52 99.89
N LYS GB 100 26.01 1.26 100.12
CA LYS GB 100 26.23 0.28 99.07
C LYS GB 100 25.04 -0.68 98.95
N ILE GB 101 25.21 -1.75 98.17
CA ILE GB 101 24.14 -2.72 97.93
C ILE GB 101 24.01 -3.68 99.10
N GLU GB 102 25.14 -4.23 99.55
CA GLU GB 102 25.19 -5.36 100.47
C GLU GB 102 24.55 -5.15 101.83
N ASP GB 103 24.25 -3.90 102.19
CA ASP GB 103 23.68 -3.59 103.49
C ASP GB 103 22.28 -4.17 103.68
N PHE GB 104 21.47 -4.17 102.62
CA PHE GB 104 20.13 -4.71 102.73
C PHE GB 104 20.15 -6.22 102.86
N LEU GB 105 21.07 -6.88 102.14
CA LEU GB 105 21.24 -8.30 102.28
C LEU GB 105 21.78 -8.68 103.65
N GLU GB 106 22.66 -7.85 104.19
CA GLU GB 106 23.16 -7.98 105.56
C GLU GB 106 22.06 -7.78 106.59
N ARG GB 107 21.08 -6.92 106.31
CA ARG GB 107 19.95 -6.71 107.19
C ARG GB 107 18.71 -7.51 106.80
N ARG GB 108 18.84 -8.54 105.97
CA ARG GB 108 17.75 -9.48 105.76
C ARG GB 108 17.49 -10.33 107.01
N LEU GB 109 16.55 -11.27 106.88
CA LEU GB 109 16.26 -12.15 108.01
C LEU GB 109 17.39 -13.13 108.24
N GLN GB 110 17.68 -13.98 107.26
CA GLN GB 110 18.50 -15.17 107.52
C GLN GB 110 19.96 -14.81 107.74
N THR GB 111 20.42 -13.69 107.19
CA THR GB 111 21.79 -13.25 107.44
C THR GB 111 21.96 -12.78 108.87
N GLN GB 112 21.00 -12.03 109.39
CA GLN GB 112 21.04 -11.62 110.79
C GLN GB 112 20.82 -12.82 111.70
N VAL GB 113 20.06 -13.82 111.24
CA VAL GB 113 19.95 -15.08 111.96
C VAL GB 113 21.30 -15.78 112.05
N PHE GB 114 22.02 -15.84 110.93
CA PHE GB 114 23.32 -16.51 110.89
C PHE GB 114 24.35 -15.78 111.74
N LYS GB 115 24.24 -14.47 111.85
CA LYS GB 115 25.12 -13.75 112.78
C LYS GB 115 24.70 -13.99 114.22
N LEU GB 116 23.40 -14.13 114.48
CA LEU GB 116 22.91 -14.36 115.83
C LEU GB 116 22.79 -15.83 116.20
N GLY GB 117 23.40 -16.72 115.43
CA GLY GB 117 23.49 -18.10 115.86
C GLY GB 117 22.20 -18.85 115.60
N LEU GB 118 22.17 -20.12 116.03
CA LEU GB 118 21.03 -21.03 115.92
C LEU GB 118 20.72 -21.32 114.45
N ALA GB 119 21.70 -21.10 113.57
CA ALA GB 119 21.41 -21.08 112.15
C ALA GB 119 22.18 -22.16 111.40
N LYS GB 120 23.52 -22.18 111.56
CA LYS GB 120 24.40 -23.21 111.00
C LYS GB 120 24.36 -23.26 109.48
N SER GB 121 25.11 -22.37 108.79
CA SER GB 121 25.25 -22.38 107.32
C SER GB 121 24.03 -21.93 106.54
N ILE GB 122 24.10 -20.68 106.05
CA ILE GB 122 23.07 -19.92 105.30
C ILE GB 122 22.14 -20.80 104.48
N HIS GB 123 22.67 -21.79 103.76
CA HIS GB 123 21.81 -22.65 102.97
C HIS GB 123 20.95 -23.57 103.84
N HIS GB 124 21.40 -23.85 105.06
CA HIS GB 124 20.54 -24.55 106.02
C HIS GB 124 19.63 -23.56 106.74
N ALA GB 125 20.07 -22.31 106.85
CA ALA GB 125 19.19 -21.28 107.39
C ALA GB 125 17.99 -21.02 106.49
N ARG GB 126 18.18 -21.20 105.17
CA ARG GB 126 17.08 -21.20 104.21
C ARG GB 126 16.00 -22.20 104.56
N VAL GB 127 16.38 -23.43 104.86
CA VAL GB 127 15.42 -24.43 105.33
C VAL GB 127 14.81 -24.05 106.67
N LEU GB 128 15.62 -23.50 107.59
CA LEU GB 128 15.12 -23.19 108.93
C LEU GB 128 14.12 -22.03 108.94
N ILE GB 129 14.17 -21.16 107.94
CA ILE GB 129 13.20 -20.06 107.91
C ILE GB 129 11.99 -20.46 107.09
N ARG GB 130 12.15 -21.44 106.22
CA ARG GB 130 11.00 -21.90 105.44
C ARG GB 130 10.14 -22.85 106.22
N GLN GB 131 10.73 -23.97 106.60
CA GLN GB 131 10.09 -24.87 107.53
C GLN GB 131 10.02 -24.10 108.83
N ARG GB 132 8.88 -24.17 109.52
CA ARG GB 132 8.58 -23.21 110.59
C ARG GB 132 9.49 -23.51 111.77
N HIS GB 133 10.63 -22.84 111.82
CA HIS GB 133 11.61 -23.09 112.86
C HIS GB 133 12.32 -21.85 113.36
N ILE GB 134 11.94 -20.65 112.93
CA ILE GB 134 12.54 -19.41 113.39
C ILE GB 134 11.43 -18.38 113.52
N ARG GB 135 11.33 -17.74 114.69
CA ARG GB 135 10.23 -16.81 114.91
C ARG GB 135 10.61 -15.39 115.29
N VAL GB 136 9.59 -14.56 115.38
CA VAL GB 136 9.73 -13.15 115.73
C VAL GB 136 8.61 -12.78 116.70
N ARG GB 137 8.99 -12.49 117.95
CA ARG GB 137 8.03 -12.12 118.99
C ARG GB 137 6.85 -13.10 119.13
N LYS GB 138 5.69 -12.68 118.65
CA LYS GB 138 4.47 -13.48 118.74
C LYS GB 138 3.79 -13.85 117.39
N GLN GB 139 4.32 -13.40 116.26
CA GLN GB 139 3.85 -13.74 114.93
C GLN GB 139 4.90 -14.57 114.21
N VAL GB 140 4.68 -15.88 114.11
CA VAL GB 140 5.65 -16.84 113.58
C VAL GB 140 5.86 -16.56 112.09
N VAL GB 141 7.10 -16.65 111.63
CA VAL GB 141 7.53 -16.13 110.33
C VAL GB 141 7.77 -17.28 109.38
N ASN GB 142 7.33 -17.12 108.12
CA ASN GB 142 7.57 -18.11 107.08
C ASN GB 142 8.52 -17.57 106.02
N ILE GB 143 8.60 -16.25 105.88
CA ILE GB 143 9.09 -15.65 104.64
C ILE GB 143 10.56 -15.32 104.77
N PRO GB 144 11.41 -15.74 103.82
CA PRO GB 144 12.85 -15.45 103.92
C PRO GB 144 13.22 -13.99 103.85
N SER GB 145 12.84 -13.30 102.79
CA SER GB 145 13.27 -11.92 102.58
C SER GB 145 12.48 -11.01 103.50
N PHE GB 146 12.84 -11.03 104.78
CA PHE GB 146 12.20 -10.23 105.80
C PHE GB 146 13.18 -9.14 106.21
N ILE GB 147 12.65 -7.96 106.47
CA ILE GB 147 13.47 -6.85 106.94
C ILE GB 147 13.38 -6.83 108.46
N VAL GB 148 14.45 -7.25 109.11
CA VAL GB 148 14.55 -7.25 110.56
C VAL GB 148 14.67 -5.80 110.99
N ARG GB 149 13.64 -5.30 111.67
CA ARG GB 149 13.72 -3.96 112.23
C ARG GB 149 14.68 -3.95 113.41
N LEU GB 150 15.51 -2.89 113.48
CA LEU GB 150 16.58 -2.78 114.46
C LEU GB 150 16.06 -2.70 115.89
N ASP GB 151 14.84 -2.20 116.07
CA ASP GB 151 14.34 -2.10 117.44
C ASP GB 151 13.88 -3.44 117.99
N SER GB 152 13.65 -4.43 117.12
CA SER GB 152 13.36 -5.75 117.66
C SER GB 152 14.63 -6.59 117.71
N GLN GB 153 15.12 -7.04 116.56
CA GLN GB 153 16.49 -7.46 116.29
C GLN GB 153 16.98 -8.69 117.08
N LYS GB 154 16.25 -9.10 118.11
CA LYS GB 154 16.79 -10.04 119.09
C LYS GB 154 15.86 -11.21 119.31
N HIS GB 155 14.56 -10.95 119.26
CA HIS GB 155 13.56 -11.93 119.64
C HIS GB 155 13.38 -13.00 118.58
N ILE GB 156 14.33 -13.92 118.47
CA ILE GB 156 14.21 -15.05 117.55
C ILE GB 156 14.17 -16.36 118.32
N ASP GB 157 12.97 -16.82 118.61
CA ASP GB 157 12.69 -17.90 119.55
C ASP GB 157 11.32 -18.48 119.24
N PHE GB 158 11.26 -19.80 119.09
CA PHE GB 158 10.22 -20.47 118.30
C PHE GB 158 9.63 -21.66 119.06
N SER GB 159 8.35 -21.52 119.43
CA SER GB 159 7.69 -22.50 120.27
C SER GB 159 6.89 -23.49 119.42
N LEU GB 160 6.65 -24.67 120.03
CA LEU GB 160 5.88 -25.78 119.48
C LEU GB 160 6.51 -26.30 118.18
N ARG GB 161 7.84 -26.22 118.14
CA ARG GB 161 8.58 -26.63 116.95
C ARG GB 161 9.62 -27.67 117.32
N SER GB 162 9.77 -28.64 116.43
CA SER GB 162 10.48 -29.90 116.57
C SER GB 162 11.85 -29.89 117.23
N PRO GB 163 12.73 -28.89 117.05
CA PRO GB 163 13.96 -28.87 117.86
C PRO GB 163 13.85 -28.09 119.17
N TYR GB 164 12.75 -27.38 119.42
CA TYR GB 164 12.67 -26.59 120.64
C TYR GB 164 11.36 -26.81 121.40
N GLY GB 165 10.29 -27.14 120.68
CA GLY GB 165 9.00 -27.28 121.34
C GLY GB 165 8.70 -28.70 121.77
N GLY GB 166 8.84 -29.65 120.86
CA GLY GB 166 8.54 -31.03 121.18
C GLY GB 166 7.51 -31.62 120.23
N GLY GB 167 7.56 -32.93 120.08
CA GLY GB 167 6.67 -33.64 119.17
C GLY GB 167 7.44 -34.71 118.44
N ARG GB 168 6.71 -35.68 117.86
CA ARG GB 168 7.34 -36.72 117.05
C ARG GB 168 6.88 -36.57 115.60
N PRO GB 169 7.52 -35.68 114.83
CA PRO GB 169 7.02 -35.40 113.48
C PRO GB 169 7.33 -36.48 112.45
N GLY GB 170 8.56 -37.00 112.48
CA GLY GB 170 8.93 -38.11 111.64
C GLY GB 170 9.82 -39.10 112.36
N ARG GB 171 10.19 -38.77 113.60
CA ARG GB 171 10.86 -39.77 114.44
C ARG GB 171 9.86 -40.79 114.96
N VAL GB 172 8.56 -40.47 114.82
CA VAL GB 172 7.47 -41.40 115.05
C VAL GB 172 7.61 -42.60 114.12
N LYS GB 173 8.08 -42.39 112.88
CA LYS GB 173 8.38 -43.50 111.98
C LYS GB 173 9.49 -44.38 112.53
N ARG GB 174 10.58 -43.77 112.98
CA ARG GB 174 11.73 -44.54 113.43
C ARG GB 174 11.42 -45.29 114.71
N LYS GB 175 10.65 -44.68 115.61
CA LYS GB 175 10.37 -45.36 116.87
C LYS GB 175 9.25 -46.37 116.74
N ASN GB 176 8.35 -46.20 115.76
CA ASN GB 176 7.43 -47.29 115.42
C ASN GB 176 8.17 -48.44 114.75
N ALA GB 177 9.28 -48.15 114.06
CA ALA GB 177 10.11 -49.23 113.54
C ALA GB 177 10.91 -49.90 114.65
N LYS GB 178 11.28 -49.14 115.69
CA LYS GB 178 11.99 -49.74 116.81
C LYS GB 178 11.04 -50.45 117.77
N LYS GB 179 9.74 -50.25 117.61
CA LYS GB 179 8.76 -51.07 118.34
C LYS GB 179 8.83 -52.53 117.90
N MET HB 1 53.97 -73.49 57.98
CA MET HB 1 54.16 -72.06 57.95
C MET HB 1 55.35 -71.77 58.87
N LEU HB 2 55.87 -72.84 59.44
CA LEU HB 2 56.98 -72.75 60.38
C LEU HB 2 58.32 -72.80 59.66
N MET HB 3 59.36 -72.45 60.40
CA MET HB 3 60.79 -72.67 60.20
C MET HB 3 61.12 -74.15 60.39
N PRO HB 4 62.36 -74.59 60.24
CA PRO HB 4 62.75 -75.83 60.91
C PRO HB 4 62.87 -75.60 62.42
N LYS HB 5 62.90 -76.70 63.17
CA LYS HB 5 62.85 -76.59 64.62
C LYS HB 5 64.19 -76.10 65.18
N LYS HB 6 65.29 -76.45 64.50
CA LYS HB 6 66.59 -75.93 64.91
C LYS HB 6 66.71 -74.43 64.64
N ASN HB 7 65.91 -73.91 63.72
CA ASN HB 7 66.03 -72.52 63.29
C ASN HB 7 65.65 -71.55 64.42
N ARG HB 8 64.51 -71.80 65.06
CA ARG HB 8 64.07 -70.92 66.14
C ARG HB 8 65.05 -70.92 67.30
N ILE HB 9 65.48 -72.09 67.75
CA ILE HB 9 66.40 -72.15 68.87
C ILE HB 9 67.77 -71.61 68.50
N ALA HB 10 68.17 -71.72 67.22
CA ALA HB 10 69.45 -71.18 66.80
C ALA HB 10 69.43 -69.66 66.73
N ILE HB 11 68.33 -69.08 66.26
CA ILE HB 11 68.33 -67.63 66.13
C ILE HB 11 68.09 -66.98 67.49
N TYR HB 12 67.38 -67.66 68.39
CA TYR HB 12 67.33 -67.13 69.75
C TYR HB 12 68.64 -67.35 70.47
N GLU HB 13 69.40 -68.39 70.08
CA GLU HB 13 70.74 -68.59 70.62
C GLU HB 13 71.68 -67.46 70.21
N LEU HB 14 71.57 -67.01 68.96
CA LEU HB 14 72.40 -65.90 68.48
C LEU HB 14 72.06 -64.61 69.21
N LEU HB 15 70.78 -64.39 69.46
CA LEU HB 15 70.34 -63.21 70.20
C LEU HB 15 70.79 -63.28 71.65
N PHE HB 16 70.77 -64.48 72.23
CA PHE HB 16 71.19 -64.63 73.62
C PHE HB 16 72.71 -64.59 73.76
N LYS HB 17 73.42 -64.88 72.67
CA LYS HB 17 74.87 -64.68 72.68
C LYS HB 17 75.22 -63.21 72.63
N GLU HB 18 74.80 -62.52 71.56
CA GLU HB 18 75.31 -61.17 71.38
C GLU HB 18 74.45 -60.10 72.05
N GLY HB 19 73.13 -60.20 71.97
CA GLY HB 19 72.25 -59.13 72.38
C GLY HB 19 71.91 -58.17 71.27
N VAL HB 20 72.44 -58.39 70.07
CA VAL HB 20 72.24 -57.54 68.91
C VAL HB 20 71.89 -58.41 67.72
N MET HB 21 70.74 -58.14 67.11
CA MET HB 21 70.33 -58.80 65.87
C MET HB 21 70.21 -57.75 64.77
N VAL HB 22 70.65 -58.12 63.57
CA VAL HB 22 70.73 -57.20 62.45
C VAL HB 22 70.40 -57.94 61.16
N ALA HB 23 69.54 -57.34 60.35
CA ALA HB 23 69.16 -57.92 59.07
C ALA HB 23 68.81 -56.79 58.12
N LYS HB 24 68.37 -57.12 56.93
CA LYS HB 24 67.93 -56.09 56.00
C LYS HB 24 66.57 -56.46 55.43
N LYS HB 25 65.90 -55.44 54.87
CA LYS HB 25 64.49 -55.51 54.48
C LYS HB 25 64.25 -56.40 53.25
N ASP HB 26 65.31 -56.90 52.62
CA ASP HB 26 65.22 -57.65 51.37
C ASP HB 26 64.54 -59.00 51.58
N VAL HB 27 63.26 -59.09 51.24
CA VAL HB 27 62.44 -60.21 51.68
C VAL HB 27 62.53 -61.41 50.74
N HIS HB 28 63.72 -62.00 50.60
CA HIS HB 28 63.96 -63.39 50.19
C HIS HB 28 63.43 -63.83 48.82
N MET HB 29 62.47 -63.10 48.23
CA MET HB 29 61.82 -63.58 47.01
C MET HB 29 62.49 -63.14 45.69
N PRO HB 30 62.97 -61.91 45.50
CA PRO HB 30 63.67 -61.65 44.23
C PRO HB 30 65.14 -62.03 44.29
N LYS HB 31 65.67 -62.20 45.49
CA LYS HB 31 67.09 -62.47 45.72
C LYS HB 31 67.17 -63.14 47.08
N HIS HB 32 68.28 -63.81 47.34
CA HIS HB 32 68.41 -64.64 48.53
C HIS HB 32 69.49 -64.12 49.47
N PRO HB 33 69.21 -63.13 50.31
CA PRO HB 33 70.23 -62.67 51.25
C PRO HB 33 70.38 -63.65 52.40
N GLU HB 34 71.62 -63.99 52.72
CA GLU HB 34 71.90 -64.81 53.90
C GLU HB 34 72.59 -63.98 54.96
N LEU HB 35 72.21 -64.23 56.21
CA LEU HB 35 72.95 -63.68 57.33
C LEU HB 35 74.32 -64.34 57.38
N ALA HB 36 75.35 -63.53 57.60
CA ALA HB 36 76.72 -64.06 57.66
C ALA HB 36 76.96 -64.83 58.94
N ASP HB 37 76.06 -64.65 59.93
CA ASP HB 37 76.22 -65.36 61.20
C ASP HB 37 75.64 -66.77 61.13
N LYS HB 38 74.56 -66.96 60.38
CA LYS HB 38 73.81 -68.21 60.41
C LYS HB 38 73.69 -68.86 59.03
N ASN HB 39 72.90 -69.93 58.96
CA ASN HB 39 72.64 -70.63 57.71
C ASN HB 39 71.36 -70.13 57.06
N VAL HB 40 70.29 -69.98 57.84
CA VAL HB 40 68.96 -69.60 57.35
C VAL HB 40 69.00 -68.18 56.80
N PRO HB 41 68.33 -67.90 55.67
CA PRO HB 41 68.63 -66.66 54.94
C PRO HB 41 68.24 -65.33 55.58
N ASN HB 42 66.97 -64.92 55.46
CA ASN HB 42 66.52 -63.67 56.08
C ASN HB 42 65.03 -63.64 56.42
N LEU HB 43 64.20 -64.42 55.69
CA LEU HB 43 62.76 -64.42 55.91
C LEU HB 43 62.43 -64.89 57.31
N HIS HB 44 63.11 -65.94 57.74
CA HIS HB 44 62.81 -66.53 59.03
C HIS HB 44 63.38 -65.67 60.15
N VAL HB 45 64.42 -64.89 59.85
CA VAL HB 45 64.90 -63.88 60.77
C VAL HB 45 63.83 -62.83 61.02
N MET HB 46 63.20 -62.38 59.94
CA MET HB 46 62.12 -61.39 60.06
C MET HB 46 60.93 -61.96 60.83
N LYS HB 47 60.54 -63.18 60.52
CA LYS HB 47 59.36 -63.75 61.15
C LYS HB 47 59.62 -64.09 62.62
N ALA HB 48 60.88 -64.37 62.96
CA ALA HB 48 61.22 -64.61 64.35
C ALA HB 48 61.28 -63.31 65.15
N MET HB 49 61.80 -62.23 64.55
CA MET HB 49 61.95 -61.01 65.32
C MET HB 49 60.67 -60.18 65.35
N GLN HB 50 59.75 -60.42 64.41
CA GLN HB 50 58.49 -59.69 64.46
C GLN HB 50 57.62 -60.18 65.61
N SER HB 51 57.78 -61.44 66.01
CA SER HB 51 57.09 -61.95 67.19
C SER HB 51 57.60 -61.30 68.46
N LEU HB 52 58.87 -60.89 68.47
CA LEU HB 52 59.40 -60.21 69.64
C LEU HB 52 58.98 -58.75 69.68
N LYS HB 53 59.05 -58.07 68.53
CA LYS HB 53 58.71 -56.65 68.51
C LYS HB 53 57.20 -56.43 68.65
N SER HB 54 56.41 -57.45 68.32
CA SER HB 54 54.97 -57.34 68.50
C SER HB 54 54.58 -57.44 69.96
N ARG HB 55 55.05 -58.47 70.64
CA ARG HB 55 54.79 -58.66 72.06
C ARG HB 55 55.53 -57.66 72.93
N GLY HB 56 56.51 -56.94 72.38
CA GLY HB 56 57.27 -56.00 73.17
C GLY HB 56 58.51 -56.59 73.78
N TYR HB 57 59.03 -57.68 73.21
CA TYR HB 57 60.17 -58.33 73.83
C TYR HB 57 61.49 -57.71 73.36
N VAL HB 58 61.52 -57.23 72.12
CA VAL HB 58 62.72 -56.65 71.52
C VAL HB 58 62.31 -55.42 70.71
N LYS HB 59 62.93 -54.27 71.01
CA LYS HB 59 62.63 -53.04 70.29
C LYS HB 59 63.31 -53.03 68.92
N GLU HB 60 62.87 -52.12 68.06
CA GLU HB 60 63.19 -52.14 66.64
C GLU HB 60 63.72 -50.78 66.22
N GLN HB 61 64.72 -50.77 65.34
CA GLN HB 61 65.15 -49.57 64.64
C GLN HB 61 65.39 -49.91 63.19
N PHE HB 62 65.24 -48.91 62.31
CA PHE HB 62 65.34 -49.11 60.88
C PHE HB 62 66.33 -48.11 60.30
N ALA HB 63 67.17 -48.56 59.37
CA ALA HB 63 68.19 -47.69 58.79
C ALA HB 63 68.56 -48.15 57.39
N TRP HB 64 68.03 -47.44 56.40
CA TRP HB 64 68.50 -47.30 55.02
C TRP HB 64 68.33 -48.53 54.15
N ARG HB 65 68.42 -49.72 54.72
CA ARG HB 65 67.80 -50.94 54.23
C ARG HB 65 67.55 -51.90 55.37
N HIS HB 66 68.07 -51.58 56.56
CA HIS HB 66 68.38 -52.59 57.55
C HIS HB 66 67.54 -52.42 58.80
N PHE HB 67 67.39 -53.53 59.49
CA PHE HB 67 66.79 -53.59 60.81
C PHE HB 67 67.89 -53.82 61.81
N TYR HB 68 67.89 -53.02 62.87
CA TYR HB 68 68.70 -53.26 64.06
C TYR HB 68 67.74 -53.56 65.21
N TRP HB 69 68.09 -54.53 66.04
CA TRP HB 69 67.22 -54.91 67.13
C TRP HB 69 67.85 -54.60 68.48
N TYR HB 70 67.05 -53.99 69.32
CA TYR HB 70 67.46 -53.30 70.54
C TYR HB 70 66.80 -53.98 71.71
N LEU HB 71 67.44 -53.97 72.86
CA LEU HB 71 66.97 -54.76 73.99
C LEU HB 71 66.88 -53.89 75.24
N THR HB 72 65.71 -53.88 75.87
CA THR HB 72 65.42 -53.07 77.05
C THR HB 72 65.52 -53.96 78.29
N ASN HB 73 65.36 -53.38 79.48
CA ASN HB 73 65.27 -54.18 80.70
C ASN HB 73 63.97 -54.97 80.75
N GLU HB 74 62.89 -54.43 80.17
CA GLU HB 74 61.73 -55.25 79.87
C GLU HB 74 62.09 -56.34 78.88
N GLY HB 75 62.99 -56.01 77.94
CA GLY HB 75 63.57 -57.02 77.07
C GLY HB 75 64.33 -58.09 77.81
N ILE HB 76 64.93 -57.75 78.95
CA ILE HB 76 65.62 -58.74 79.77
C ILE HB 76 64.62 -59.55 80.58
N GLN HB 77 63.53 -58.89 81.00
CA GLN HB 77 62.41 -59.59 81.64
C GLN HB 77 61.78 -60.62 80.72
N TYR HB 78 61.92 -60.42 79.41
CA TYR HB 78 61.48 -61.49 78.52
C TYR HB 78 62.66 -62.18 77.82
N LEU HB 79 63.89 -61.82 78.18
CA LEU HB 79 65.02 -62.74 78.01
C LEU HB 79 64.94 -63.85 79.03
N ARG HB 80 64.22 -63.61 80.12
CA ARG HB 80 63.83 -64.68 81.03
C ARG HB 80 63.04 -65.78 80.31
N ASP HB 81 62.28 -65.40 79.27
CA ASP HB 81 61.59 -66.40 78.46
C ASP HB 81 62.56 -67.25 77.67
N TYR HB 82 63.71 -66.69 77.28
CA TYR HB 82 64.73 -67.56 76.71
C TYR HB 82 65.43 -68.35 77.81
N LEU HB 83 65.64 -67.73 78.97
CA LEU HB 83 66.28 -68.37 80.13
C LEU HB 83 65.42 -69.45 80.77
N HIS HB 84 64.21 -69.67 80.24
CA HIS HB 84 63.51 -70.95 80.40
C HIS HB 84 64.45 -72.14 80.13
N LEU HB 85 65.19 -72.12 79.02
CA LEU HB 85 65.99 -73.29 78.66
C LEU HB 85 67.33 -73.39 79.42
N PRO HB 86 68.25 -72.42 79.38
CA PRO HB 86 69.58 -72.67 79.97
C PRO HB 86 69.59 -72.28 81.44
N PRO HB 87 70.71 -72.49 82.15
CA PRO HB 87 70.86 -71.86 83.46
C PRO HB 87 71.10 -70.37 83.34
N GLU HB 88 71.12 -69.70 84.49
CA GLU HB 88 71.08 -68.23 84.57
C GLU HB 88 72.34 -67.59 84.00
N ILE HB 89 72.22 -67.07 82.79
CA ILE HB 89 73.31 -66.41 82.08
C ILE HB 89 72.76 -65.11 81.50
N VAL HB 90 73.50 -64.03 81.67
CA VAL HB 90 73.18 -62.75 81.02
C VAL HB 90 73.96 -62.67 79.71
N PRO HB 91 73.37 -62.19 78.61
CA PRO HB 91 74.15 -61.94 77.40
C PRO HB 91 75.23 -60.89 77.63
N ALA HB 92 76.36 -61.07 76.93
CA ALA HB 92 77.59 -60.36 77.27
C ALA HB 92 77.60 -58.91 76.79
N THR HB 93 76.57 -58.14 77.16
CA THR HB 93 76.56 -56.70 76.97
C THR HB 93 76.30 -56.03 78.31
N LEU HB 94 75.31 -56.54 79.04
CA LEU HB 94 74.88 -55.92 80.28
C LEU HB 94 75.88 -56.15 81.40
N ARG HB 95 76.57 -57.30 81.37
CA ARG HB 95 77.08 -57.92 82.60
C ARG HB 95 78.21 -57.13 83.24
N ARG HB 96 79.33 -56.98 82.55
CA ARG HB 96 80.54 -56.49 83.19
C ARG HB 96 81.10 -55.29 82.42
N SER HB 97 81.98 -54.56 83.09
CA SER HB 97 82.76 -53.49 82.50
C SER HB 97 84.13 -53.47 83.16
N ARG HB 98 85.17 -53.36 82.35
CA ARG HB 98 86.54 -53.42 82.86
C ARG HB 98 86.98 -52.06 83.40
N THR IB 1 -34.91 59.73 65.87
CA THR IB 1 -36.03 59.63 64.94
C THR IB 1 -36.41 58.18 64.74
N GLU IB 2 -37.68 57.95 64.38
CA GLU IB 2 -38.14 56.63 63.97
C GLU IB 2 -38.41 56.61 62.48
N ARG IB 3 -37.60 55.85 61.75
CA ARG IB 3 -37.80 55.65 60.33
C ARG IB 3 -37.93 54.15 60.09
N ALA IB 4 -38.66 53.51 61.00
CA ALA IB 4 -38.96 52.10 60.95
C ALA IB 4 -40.44 52.00 61.33
N TYR IB 5 -40.90 50.82 61.75
CA TYR IB 5 -42.32 50.67 62.00
C TYR IB 5 -42.75 51.13 63.39
N GLN IB 6 -41.91 50.98 64.42
CA GLN IB 6 -42.07 51.66 65.72
C GLN IB 6 -40.81 51.57 66.57
N LYS IB 7 -40.45 52.66 67.25
CA LYS IB 7 -39.45 52.63 68.31
C LYS IB 7 -39.88 53.49 69.48
N GLN IB 8 -40.10 52.89 70.66
CA GLN IB 8 -40.46 53.62 71.89
C GLN IB 8 -40.16 52.73 73.10
N PRO IB 9 -39.17 53.10 73.95
CA PRO IB 9 -38.58 52.11 74.88
C PRO IB 9 -39.47 51.57 75.99
N THR IB 10 -39.73 52.38 77.02
CA THR IB 10 -40.59 51.95 78.13
C THR IB 10 -41.41 53.12 78.68
N ILE IB 11 -40.86 54.33 78.58
CA ILE IB 11 -41.32 55.48 79.36
C ILE IB 11 -42.60 56.03 78.74
N PHE IB 12 -43.60 56.27 79.59
CA PHE IB 12 -44.93 56.64 79.12
C PHE IB 12 -44.94 58.05 78.54
N GLN IB 13 -45.32 58.13 77.26
CA GLN IB 13 -45.18 59.32 76.44
C GLN IB 13 -46.11 60.45 76.82
N ASN IB 14 -47.32 60.13 77.30
CA ASN IB 14 -48.40 61.10 77.18
C ASN IB 14 -48.90 61.48 78.57
N LYS IB 15 -48.27 62.51 79.13
CA LYS IB 15 -48.51 62.95 80.51
C LYS IB 15 -49.60 64.02 80.53
N LYS IB 16 -50.50 63.98 79.52
CA LYS IB 16 -51.56 64.95 79.21
C LYS IB 16 -51.07 66.39 79.32
N ARG IB 17 -50.12 66.76 78.46
CA ARG IB 17 -49.40 68.02 78.53
C ARG IB 17 -50.25 69.24 78.19
N VAL IB 18 -51.50 69.04 77.76
CA VAL IB 18 -52.40 70.16 77.62
C VAL IB 18 -53.10 70.38 78.97
N LEU IB 19 -52.40 71.03 79.89
CA LEU IB 19 -52.97 71.44 81.16
C LEU IB 19 -53.09 72.95 81.14
N LEU IB 20 -52.23 73.59 80.35
CA LEU IB 20 -52.47 74.98 79.97
C LEU IB 20 -52.54 75.10 78.45
N GLY IB 21 -51.81 74.24 77.74
CA GLY IB 21 -51.73 74.29 76.29
C GLY IB 21 -50.52 75.08 75.86
N GLU IB 22 -49.46 74.38 75.45
CA GLU IB 22 -48.17 75.01 75.27
C GLU IB 22 -47.28 74.10 74.44
N THR IB 23 -46.27 74.70 73.79
CA THR IB 23 -45.39 73.94 72.92
C THR IB 23 -44.42 73.07 73.71
N GLY IB 24 -43.55 73.69 74.50
CA GLY IB 24 -42.67 72.98 75.41
C GLY IB 24 -41.58 72.11 74.81
N LYS IB 25 -40.62 71.75 75.66
CA LYS IB 25 -39.69 70.69 75.33
C LYS IB 25 -40.40 69.34 75.48
N GLU IB 26 -40.00 68.38 74.65
CA GLU IB 26 -40.57 67.05 74.74
C GLU IB 26 -39.53 65.93 74.78
N LYS IB 27 -38.25 66.24 74.98
CA LYS IB 27 -37.21 65.24 75.15
C LYS IB 27 -37.16 64.69 76.57
N LEU IB 28 -37.91 65.27 77.50
CA LEU IB 28 -37.99 64.86 78.90
C LEU IB 28 -38.27 63.37 79.15
N PRO IB 29 -39.19 62.68 78.42
CA PRO IB 29 -39.35 61.24 78.72
C PRO IB 29 -38.25 60.38 78.14
N ARG IB 30 -37.03 60.44 78.68
CA ARG IB 30 -35.97 59.55 78.24
C ARG IB 30 -35.53 58.66 79.39
N TYR IB 31 -35.52 57.34 79.12
CA TYR IB 31 -35.04 56.35 80.05
C TYR IB 31 -33.54 56.47 80.14
N TYR IB 32 -33.00 56.27 81.34
CA TYR IB 32 -31.58 56.51 81.61
C TYR IB 32 -31.11 55.52 82.65
N LYS IB 33 -30.15 54.68 82.27
CA LYS IB 33 -29.71 53.57 83.11
C LYS IB 33 -28.21 53.66 83.34
N ASN IB 34 -27.79 53.50 84.59
CA ASN IB 34 -26.38 53.33 84.91
C ASN IB 34 -26.06 51.84 84.89
N ILE IB 35 -24.96 51.48 84.23
CA ILE IB 35 -24.49 50.11 84.24
C ILE IB 35 -23.75 49.80 85.54
N GLY IB 36 -23.36 50.85 86.28
CA GLY IB 36 -22.50 50.63 87.41
C GLY IB 36 -21.10 50.25 86.96
N LEU IB 37 -20.43 49.46 87.80
CA LEU IB 37 -19.08 48.92 87.58
C LEU IB 37 -18.02 50.03 87.46
N GLY IB 38 -18.34 51.24 87.89
CA GLY IB 38 -17.43 52.35 87.81
C GLY IB 38 -17.15 52.86 86.42
N PHE IB 39 -18.01 52.56 85.46
CA PHE IB 39 -17.83 53.00 84.09
C PHE IB 39 -18.89 54.03 83.75
N LYS IB 40 -18.44 55.23 83.40
CA LYS IB 40 -19.33 56.39 83.32
C LYS IB 40 -20.24 56.30 82.12
N THR IB 41 -21.51 56.63 82.34
CA THR IB 41 -22.48 56.76 81.26
C THR IB 41 -22.20 58.03 80.47
N PRO IB 42 -22.03 57.93 79.16
CA PRO IB 42 -21.77 59.14 78.36
C PRO IB 42 -23.02 59.97 78.20
N LYS IB 43 -22.81 61.26 77.92
CA LYS IB 43 -23.91 62.22 77.88
C LYS IB 43 -24.73 62.13 76.60
N GLU IB 44 -24.29 61.35 75.62
CA GLU IB 44 -25.15 61.06 74.47
C GLU IB 44 -26.36 60.24 74.89
N ALA IB 45 -26.21 59.41 75.92
CA ALA IB 45 -27.37 58.72 76.47
C ALA IB 45 -28.27 59.69 77.23
N ILE IB 46 -27.72 60.81 77.68
CA ILE IB 46 -28.54 61.79 78.38
C ILE IB 46 -29.38 62.58 77.39
N GLU IB 47 -28.73 63.20 76.40
CA GLU IB 47 -29.46 64.04 75.44
C GLU IB 47 -29.48 63.48 74.03
N GLY IB 48 -29.65 62.17 73.87
CA GLY IB 48 -29.79 61.61 72.55
C GLY IB 48 -31.20 61.68 72.00
N THR IB 49 -31.33 61.24 70.75
CA THR IB 49 -32.61 61.13 70.07
C THR IB 49 -32.93 59.68 69.74
N TYR IB 50 -31.93 58.82 69.74
CA TYR IB 50 -32.05 57.44 69.30
C TYR IB 50 -32.79 56.60 70.32
N ILE IB 51 -33.53 55.62 69.81
CA ILE IB 51 -34.18 54.62 70.63
C ILE IB 51 -33.64 53.27 70.19
N ASP IB 52 -32.95 52.59 71.11
CA ASP IB 52 -32.23 51.36 70.77
C ASP IB 52 -32.66 50.25 71.73
N LYS IB 53 -33.04 49.11 71.15
CA LYS IB 53 -33.48 47.98 71.95
C LYS IB 53 -32.30 47.29 72.63
N LYS IB 54 -31.10 47.50 72.11
CA LYS IB 54 -29.93 46.73 72.51
C LYS IB 54 -28.81 47.60 73.07
N CYS IB 55 -29.05 48.89 73.26
CA CYS IB 55 -28.06 49.75 73.87
C CYS IB 55 -27.89 49.40 75.34
N PRO IB 56 -26.66 49.37 75.87
CA PRO IB 56 -26.50 49.09 77.31
C PRO IB 56 -26.92 50.24 78.19
N PHE IB 57 -27.06 51.44 77.63
CA PHE IB 57 -27.39 52.60 78.45
C PHE IB 57 -28.82 53.05 78.20
N THR IB 58 -29.54 52.38 77.32
CA THR IB 58 -30.94 52.68 77.08
C THR IB 58 -31.85 51.47 77.16
N GLY IB 59 -31.42 50.32 76.66
CA GLY IB 59 -32.24 49.13 76.64
C GLY IB 59 -32.14 48.33 77.93
N ASN IB 60 -32.73 47.14 77.89
CA ASN IB 60 -32.72 46.24 79.03
C ASN IB 60 -31.54 45.28 79.02
N VAL IB 61 -30.50 45.57 78.25
CA VAL IB 61 -29.36 44.68 78.13
C VAL IB 61 -28.49 44.85 79.37
N SER IB 62 -28.52 43.87 80.26
CA SER IB 62 -27.66 43.92 81.43
C SER IB 62 -26.24 43.53 81.05
N ILE IB 63 -25.30 43.86 81.93
CA ILE IB 63 -23.89 43.58 81.71
C ILE IB 63 -23.36 42.82 82.92
N ARG IB 64 -22.73 41.67 82.66
CA ARG IB 64 -22.30 40.77 83.71
C ARG IB 64 -21.10 39.97 83.20
N GLY IB 65 -20.44 39.29 84.12
CA GLY IB 65 -19.44 38.31 83.72
C GLY IB 65 -18.11 38.92 83.35
N ARG IB 66 -17.67 38.67 82.12
CA ARG IB 66 -16.31 39.00 81.72
C ARG IB 66 -16.21 40.35 81.05
N ILE IB 67 -15.01 40.93 81.12
CA ILE IB 67 -14.69 42.22 80.52
C ILE IB 67 -13.43 42.03 79.70
N LEU IB 68 -13.55 42.14 78.38
CA LEU IB 68 -12.43 41.89 77.49
C LEU IB 68 -12.08 43.16 76.73
N SER IB 69 -11.04 43.06 75.89
CA SER IB 69 -10.54 44.20 75.14
C SER IB 69 -10.14 43.76 73.75
N GLY IB 70 -10.37 44.64 72.77
CA GLY IB 70 -10.01 44.36 71.39
C GLY IB 70 -9.70 45.61 70.60
N VAL IB 71 -9.63 45.49 69.28
CA VAL IB 71 -9.35 46.61 68.39
C VAL IB 71 -10.30 46.53 67.20
N VAL IB 72 -10.81 47.68 66.77
CA VAL IB 72 -11.90 47.75 65.81
C VAL IB 72 -11.37 47.45 64.40
N THR IB 73 -11.97 46.46 63.74
CA THR IB 73 -11.59 46.13 62.38
C THR IB 73 -12.49 46.78 61.35
N LYS IB 74 -13.79 46.47 61.36
CA LYS IB 74 -14.69 46.92 60.32
C LYS IB 74 -15.95 47.52 60.94
N MET IB 75 -16.64 48.35 60.17
CA MET IB 75 -17.85 49.02 60.63
C MET IB 75 -19.02 48.86 59.67
N LYS IB 76 -18.96 47.89 58.76
CA LYS IB 76 -19.90 47.85 57.65
C LYS IB 76 -21.28 47.41 58.11
N MET IB 77 -21.38 46.82 59.30
CA MET IB 77 -22.61 46.17 59.72
C MET IB 77 -23.38 47.09 60.67
N GLN IB 78 -24.72 47.08 60.53
CA GLN IB 78 -25.56 48.12 61.13
C GLN IB 78 -25.62 48.00 62.65
N ARG IB 79 -25.10 49.03 63.32
CA ARG IB 79 -25.07 49.18 64.78
C ARG IB 79 -24.31 48.07 65.48
N THR IB 80 -23.41 47.39 64.77
CA THR IB 80 -22.57 46.36 65.37
C THR IB 80 -21.32 46.17 64.53
N ILE IB 81 -20.18 46.12 65.22
CA ILE IB 81 -18.87 46.10 64.58
C ILE IB 81 -18.10 44.86 65.03
N VAL IB 82 -16.92 44.68 64.43
CA VAL IB 82 -16.14 43.46 64.57
C VAL IB 82 -14.78 43.81 65.16
N ILE IB 83 -14.49 43.27 66.33
CA ILE IB 83 -13.24 43.52 67.03
C ILE IB 83 -12.35 42.29 66.95
N ARG IB 84 -11.06 42.50 67.22
CA ARG IB 84 -10.04 41.48 67.04
C ARG IB 84 -9.16 41.43 68.27
N ARG IB 85 -9.11 40.27 68.93
CA ARG IB 85 -8.31 40.12 70.13
C ARG IB 85 -7.10 39.25 69.83
N ASP IB 86 -5.92 39.86 69.87
CA ASP IB 86 -4.65 39.14 69.75
C ASP IB 86 -4.23 38.65 71.12
N TYR IB 87 -3.46 37.57 71.16
CA TYR IB 87 -2.93 37.01 72.39
C TYR IB 87 -1.78 36.08 72.04
N LEU IB 88 -1.17 35.51 73.08
CA LEU IB 88 0.00 34.66 72.91
C LEU IB 88 -0.27 33.29 73.53
N HIS IB 89 -0.38 32.27 72.67
CA HIS IB 89 -0.63 30.91 73.10
C HIS IB 89 0.67 30.17 73.35
N TYR IB 90 0.76 29.51 74.49
CA TYR IB 90 2.00 28.86 74.89
C TYR IB 90 2.01 27.41 74.44
N ILE IB 91 3.19 26.91 74.12
CA ILE IB 91 3.38 25.50 73.80
C ILE IB 91 4.41 24.95 74.77
N ARG IB 92 4.08 23.83 75.40
CA ARG IB 92 4.97 23.28 76.42
C ARG IB 92 6.20 22.63 75.79
N LYS IB 93 6.05 22.09 74.59
CA LYS IB 93 7.16 21.39 73.94
C LYS IB 93 8.29 22.34 73.57
N TYR IB 94 8.01 23.28 72.68
CA TYR IB 94 9.01 24.23 72.20
C TYR IB 94 9.35 25.29 73.23
N ASN IB 95 8.46 25.50 74.20
CA ASN IB 95 8.65 26.40 75.35
C ASN IB 95 8.75 27.86 74.90
N ARG IB 96 8.01 28.21 73.84
CA ARG IB 96 7.75 29.60 73.51
C ARG IB 96 6.47 29.73 72.69
N PHE IB 97 6.09 30.97 72.44
CA PHE IB 97 4.71 31.33 72.14
C PHE IB 97 4.45 31.42 70.64
N GLU IB 98 3.17 31.66 70.31
CA GLU IB 98 2.74 31.98 68.95
C GLU IB 98 1.53 32.90 69.04
N LYS IB 99 1.29 33.66 67.98
CA LYS IB 99 0.15 34.56 67.93
C LYS IB 99 -1.07 33.84 67.41
N ARG IB 100 -2.23 34.13 67.99
CA ARG IB 100 -3.52 33.67 67.50
C ARG IB 100 -4.55 34.76 67.75
N HIS IB 101 -5.65 34.72 67.02
CA HIS IB 101 -6.69 35.70 67.20
C HIS IB 101 -8.02 35.08 66.80
N LYS IB 102 -9.08 35.56 67.44
CA LYS IB 102 -10.44 35.12 67.16
C LYS IB 102 -11.33 36.35 67.08
N ASN IB 103 -11.83 36.63 65.87
CA ASN IB 103 -12.60 37.84 65.62
C ASN IB 103 -13.96 37.76 66.31
N MET IB 104 -14.26 38.79 67.09
CA MET IB 104 -15.50 38.88 67.84
C MET IB 104 -16.34 39.97 67.22
N SER IB 105 -17.59 39.65 66.90
CA SER IB 105 -18.52 40.65 66.41
C SER IB 105 -19.36 41.15 67.58
N VAL IB 106 -19.39 42.47 67.77
CA VAL IB 106 -19.88 43.06 69.00
C VAL IB 106 -20.88 44.16 68.65
N HIS IB 107 -21.91 44.31 69.48
CA HIS IB 107 -22.95 45.29 69.24
C HIS IB 107 -22.50 46.68 69.69
N LEU IB 108 -22.54 47.62 68.76
CA LEU IB 108 -22.02 48.97 68.97
C LEU IB 108 -23.19 49.91 69.25
N SER IB 109 -23.22 50.47 70.45
CA SER IB 109 -24.24 51.46 70.76
C SER IB 109 -23.96 52.76 70.02
N PRO IB 110 -24.99 53.41 69.48
CA PRO IB 110 -24.74 54.61 68.66
C PRO IB 110 -24.41 55.85 69.49
N CYS IB 111 -24.41 55.75 70.81
CA CYS IB 111 -23.92 56.85 71.63
C CYS IB 111 -22.42 57.05 71.45
N PHE IB 112 -21.65 55.97 71.29
CA PHE IB 112 -20.22 56.08 71.09
C PHE IB 112 -19.90 56.57 69.69
N ARG IB 113 -20.06 57.87 69.46
CA ARG IB 113 -19.77 58.47 68.17
C ARG IB 113 -18.28 58.60 67.94
N ASP IB 114 -17.89 58.73 66.66
CA ASP IB 114 -16.52 58.98 66.19
C ASP IB 114 -15.57 57.90 66.67
N VAL IB 115 -15.76 56.67 66.19
CA VAL IB 115 -15.23 55.47 66.81
C VAL IB 115 -14.17 54.80 65.93
N GLN IB 116 -13.42 55.61 65.16
CA GLN IB 116 -12.51 55.29 64.05
C GLN IB 116 -11.70 54.00 64.15
N ILE IB 117 -11.55 53.31 63.02
CA ILE IB 117 -10.93 51.98 62.91
C ILE IB 117 -9.50 52.03 63.42
N GLY IB 118 -9.20 51.20 64.41
CA GLY IB 118 -7.85 51.11 64.96
C GLY IB 118 -7.75 51.33 66.44
N ASP IB 119 -8.83 51.76 67.09
CA ASP IB 119 -8.79 52.10 68.49
C ASP IB 119 -8.95 50.87 69.39
N ILE IB 120 -8.31 50.93 70.54
CA ILE IB 120 -8.49 49.92 71.59
C ILE IB 120 -9.86 50.16 72.20
N VAL IB 121 -10.67 49.11 72.29
CA VAL IB 121 -12.03 49.20 72.77
C VAL IB 121 -12.25 48.12 73.82
N THR IB 122 -13.15 48.37 74.75
CA THR IB 122 -13.44 47.46 75.86
C THR IB 122 -14.85 46.93 75.70
N VAL IB 123 -15.05 45.65 75.95
CA VAL IB 123 -16.33 44.99 75.75
C VAL IB 123 -16.71 44.23 77.01
N GLY IB 124 -18.01 44.00 77.18
CA GLY IB 124 -18.53 43.25 78.30
C GLY IB 124 -19.46 42.14 77.84
N GLU IB 125 -19.48 41.05 78.60
CA GLU IB 125 -20.35 39.92 78.30
C GLU IB 125 -21.80 40.29 78.57
N CYS IB 126 -22.72 39.76 77.75
CA CYS IB 126 -24.14 39.97 77.95
C CYS IB 126 -24.90 38.67 77.69
N ARG IB 127 -26.23 38.79 77.65
CA ARG IB 127 -27.08 37.73 77.13
C ARG IB 127 -26.96 37.70 75.62
N PRO IB 128 -27.36 36.60 74.95
CA PRO IB 128 -27.19 36.55 73.50
C PRO IB 128 -28.08 37.52 72.74
N LEU IB 129 -27.49 38.60 72.23
CA LEU IB 129 -28.25 39.61 71.51
C LEU IB 129 -28.66 39.12 70.13
N SER IB 130 -27.81 38.34 69.48
CA SER IB 130 -28.12 37.80 68.17
C SER IB 130 -27.43 36.46 68.01
N LYS IB 131 -27.31 36.02 66.76
CA LYS IB 131 -26.78 34.68 66.51
C LYS IB 131 -25.29 34.60 66.79
N THR IB 132 -24.52 35.59 66.34
CA THR IB 132 -23.07 35.54 66.50
C THR IB 132 -22.54 36.57 67.47
N VAL IB 133 -23.35 37.53 67.90
CA VAL IB 133 -22.92 38.60 68.79
C VAL IB 133 -23.33 38.24 70.20
N ARG IB 134 -22.37 38.21 71.11
CA ARG IB 134 -22.66 37.97 72.51
C ARG IB 134 -22.03 39.00 73.43
N PHE IB 135 -21.32 39.99 72.90
CA PHE IB 135 -20.66 41.01 73.71
C PHE IB 135 -21.28 42.37 73.44
N ASN IB 136 -20.88 43.37 74.20
CA ASN IB 136 -21.40 44.71 74.04
C ASN IB 136 -20.30 45.73 74.28
N VAL IB 137 -20.31 46.81 73.50
CA VAL IB 137 -19.25 47.82 73.56
C VAL IB 137 -19.42 48.62 74.84
N LEU IB 138 -18.51 48.41 75.78
CA LEU IB 138 -18.64 48.99 77.11
C LEU IB 138 -18.06 50.38 77.16
N LYS IB 139 -16.80 50.54 76.75
CA LYS IB 139 -16.11 51.82 76.83
C LYS IB 139 -15.06 51.90 75.72
N VAL IB 140 -15.19 52.92 74.89
CA VAL IB 140 -14.21 53.24 73.86
C VAL IB 140 -13.09 54.03 74.51
N THR IB 141 -11.87 53.56 74.35
CA THR IB 141 -10.72 54.12 75.06
C THR IB 141 -10.00 55.22 74.30
N LYS IB 142 -9.51 54.92 73.10
CA LYS IB 142 -8.54 55.78 72.43
C LYS IB 142 -9.13 56.23 71.11
N ALA IB 143 -8.51 57.25 70.49
CA ALA IB 143 -8.85 57.61 69.12
C ALA IB 143 -7.87 57.01 68.14
N ALA IB 144 -6.84 56.31 68.64
CA ALA IB 144 -5.80 55.61 67.84
C ALA IB 144 -5.02 56.56 66.95
N GLY IB 145 -4.25 57.45 67.56
CA GLY IB 145 -3.40 58.34 66.79
C GLY IB 145 -3.47 59.74 67.35
N THR IB 146 -3.65 60.68 66.44
CA THR IB 146 -3.82 62.10 66.79
C THR IB 146 -5.21 62.55 66.37
N LYS IB 147 -5.93 63.13 67.33
CA LYS IB 147 -7.14 63.87 67.00
C LYS IB 147 -6.79 65.17 66.29
N LYS IB 148 -5.63 65.73 66.63
CA LYS IB 148 -5.36 67.15 66.44
C LYS IB 148 -5.10 67.51 64.98
N GLN IB 149 -4.66 66.55 64.18
CA GLN IB 149 -4.20 66.83 62.82
C GLN IB 149 -5.35 67.23 61.90
N PHE IB 150 -5.05 68.13 60.97
CA PHE IB 150 -6.01 68.55 59.95
C PHE IB 150 -5.31 68.78 58.63
N GLN IB 151 -5.98 68.37 57.56
CA GLN IB 151 -5.47 68.45 56.20
C GLN IB 151 -6.24 69.50 55.42
N LYS IB 152 -6.00 69.54 54.11
CA LYS IB 152 -6.70 70.49 53.26
C LYS IB 152 -8.13 70.02 53.01
N PHE IB 153 -9.08 70.96 53.15
CA PHE IB 153 -10.52 70.79 52.89
C PHE IB 153 -11.15 69.62 53.66
N VAL JB 1 52.61 -93.83 97.64
CA VAL JB 1 54.00 -94.06 97.27
C VAL JB 1 54.47 -92.90 96.39
N MET JB 2 55.56 -92.25 96.80
CA MET JB 2 55.85 -90.90 96.32
C MET JB 2 56.69 -90.92 95.05
N ASP JB 3 57.57 -91.92 94.91
CA ASP JB 3 58.54 -91.92 93.81
C ASP JB 3 57.86 -92.15 92.46
N VAL JB 4 56.70 -92.82 92.49
CA VAL JB 4 55.86 -93.11 91.32
C VAL JB 4 55.55 -91.84 90.56
N ASN JB 5 55.29 -90.75 91.28
CA ASN JB 5 55.06 -89.44 90.69
C ASN JB 5 56.31 -88.58 90.63
N THR JB 6 57.18 -88.69 91.64
CA THR JB 6 58.31 -87.77 91.76
C THR JB 6 59.38 -88.06 90.71
N ALA JB 7 59.84 -89.31 90.63
CA ALA JB 7 60.86 -89.66 89.66
C ALA JB 7 60.32 -89.54 88.24
N LEU JB 8 59.01 -89.77 88.08
CA LEU JB 8 58.34 -89.63 86.81
C LEU JB 8 58.32 -88.18 86.32
N GLN JB 9 57.94 -87.24 87.21
CA GLN JB 9 57.91 -85.83 86.80
C GLN JB 9 59.30 -85.31 86.55
N GLU JB 10 60.30 -85.84 87.27
CA GLU JB 10 61.67 -85.41 87.06
C GLU JB 10 62.18 -85.86 85.68
N VAL JB 11 61.96 -87.14 85.35
CA VAL JB 11 62.51 -87.66 84.10
C VAL JB 11 61.70 -87.15 82.91
N LEU JB 12 60.40 -86.86 83.10
CA LEU JB 12 59.62 -86.35 81.98
C LEU JB 12 59.88 -84.86 81.74
N LYS JB 13 60.16 -84.10 82.80
CA LYS JB 13 60.59 -82.72 82.61
C LYS JB 13 61.94 -82.66 81.90
N THR JB 14 62.87 -83.53 82.30
CA THR JB 14 64.18 -83.59 81.68
C THR JB 14 64.09 -84.03 80.22
N ALA JB 15 63.13 -84.91 79.91
CA ALA JB 15 62.97 -85.37 78.54
C ALA JB 15 62.27 -84.34 77.67
N LEU JB 16 61.28 -83.63 78.23
CA LEU JB 16 60.44 -82.76 77.41
C LEU JB 16 61.11 -81.41 77.18
N ILE JB 17 61.98 -80.98 78.10
CA ILE JB 17 62.76 -79.76 77.85
C ILE JB 17 63.73 -79.99 76.69
N HIS JB 18 64.35 -81.15 76.63
CA HIS JB 18 65.15 -81.48 75.47
C HIS JB 18 64.23 -81.85 74.31
N ASP JB 19 64.80 -81.89 73.10
CA ASP JB 19 64.05 -82.26 71.90
C ASP JB 19 63.64 -83.74 71.92
N GLY JB 20 64.36 -84.56 72.68
CA GLY JB 20 64.17 -86.00 72.60
C GLY JB 20 63.03 -86.61 73.39
N LEU JB 21 61.82 -86.09 73.22
CA LEU JB 21 60.63 -86.67 73.85
C LEU JB 21 59.55 -86.82 72.79
N ALA JB 22 59.46 -88.02 72.21
CA ALA JB 22 58.52 -88.32 71.15
C ALA JB 22 57.11 -88.40 71.71
N ARG JB 23 56.20 -87.64 71.11
CA ARG JB 23 54.80 -87.57 71.50
C ARG JB 23 53.93 -88.05 70.37
N GLY JB 24 53.08 -89.03 70.64
CA GLY JB 24 52.06 -89.43 69.69
C GLY JB 24 52.26 -90.83 69.13
N ILE JB 25 51.26 -91.24 68.35
CA ILE JB 25 51.18 -92.62 67.89
C ILE JB 25 52.21 -92.90 66.80
N ARG JB 26 52.15 -92.13 65.70
CA ARG JB 26 53.06 -92.36 64.58
C ARG JB 26 54.49 -92.00 64.93
N GLU JB 27 54.69 -90.93 65.71
CA GLU JB 27 56.02 -90.55 66.15
C GLU JB 27 56.60 -91.58 67.10
N ALA JB 28 55.76 -92.13 67.99
CA ALA JB 28 56.18 -93.18 68.89
C ALA JB 28 56.58 -94.45 68.13
N ALA JB 29 55.77 -94.83 67.14
CA ALA JB 29 56.07 -96.03 66.35
C ALA JB 29 57.33 -95.82 65.50
N LYS JB 30 57.55 -94.60 65.01
CA LYS JB 30 58.75 -94.32 64.23
C LYS JB 30 60.00 -94.38 65.11
N ALA JB 31 59.90 -93.89 66.35
CA ALA JB 31 61.04 -93.97 67.26
C ALA JB 31 61.34 -95.41 67.65
N LEU JB 32 60.30 -96.22 67.89
CA LEU JB 32 60.52 -97.61 68.27
C LEU JB 32 61.03 -98.44 67.10
N ASP JB 33 60.70 -98.04 65.87
CA ASP JB 33 61.24 -98.73 64.70
C ASP JB 33 62.67 -98.30 64.42
N LYS JB 34 63.01 -97.03 64.69
CA LYS JB 34 64.38 -96.59 64.57
C LYS JB 34 65.25 -97.06 65.73
N ARG JB 35 64.63 -97.64 66.77
CA ARG JB 35 65.30 -98.27 67.91
C ARG JB 35 66.10 -97.26 68.73
N GLN JB 36 65.72 -95.99 68.63
CA GLN JB 36 66.35 -94.89 69.34
C GLN JB 36 65.62 -94.56 70.63
N ALA JB 37 65.10 -95.55 71.34
CA ALA JB 37 64.26 -95.33 72.50
C ALA JB 37 64.85 -96.05 73.69
N HIS JB 38 64.69 -95.45 74.88
CA HIS JB 38 65.12 -96.12 76.11
C HIS JB 38 63.92 -96.53 76.95
N LEU JB 39 62.86 -95.72 76.92
CA LEU JB 39 61.69 -95.93 77.77
C LEU JB 39 60.45 -95.52 77.00
N CYS JB 40 59.35 -96.24 77.24
CA CYS JB 40 58.05 -95.92 76.64
C CYS JB 40 56.96 -95.97 77.69
N VAL JB 41 55.96 -95.11 77.54
CA VAL JB 41 54.79 -95.02 78.40
C VAL JB 41 53.57 -95.16 77.51
N LEU JB 42 52.63 -96.01 77.91
CA LEU JB 42 51.36 -96.15 77.21
C LEU JB 42 50.20 -96.00 78.18
N ALA JB 43 49.10 -95.43 77.67
CA ALA JB 43 47.85 -95.34 78.41
C ALA JB 43 47.11 -96.66 78.29
N SER JB 44 46.35 -97.01 79.34
CA SER JB 44 45.72 -98.33 79.41
C SER JB 44 44.27 -98.27 78.96
N ASN JB 45 43.50 -97.33 79.51
CA ASN JB 45 42.10 -97.17 79.13
C ASN JB 45 42.04 -96.47 77.77
N CYS JB 46 42.11 -97.26 76.70
CA CYS JB 46 42.11 -96.74 75.34
C CYS JB 46 40.96 -97.37 74.57
N ASP JB 47 40.13 -96.52 73.96
CA ASP JB 47 38.92 -96.95 73.28
C ASP JB 47 39.18 -97.60 71.93
N GLU JB 48 40.29 -97.28 71.27
CA GLU JB 48 40.60 -97.83 69.95
C GLU JB 48 40.93 -99.31 70.08
N PRO JB 49 40.53 -100.14 69.10
CA PRO JB 49 40.71 -101.59 69.26
C PRO JB 49 42.17 -102.01 69.15
N MET JB 50 42.55 -102.96 70.00
CA MET JB 50 43.88 -103.58 70.08
C MET JB 50 44.98 -102.56 70.32
N TYR JB 51 44.85 -101.72 71.34
CA TYR JB 51 45.77 -100.59 71.46
C TYR JB 51 47.12 -101.02 72.03
N VAL JB 52 47.13 -101.55 73.25
CA VAL JB 52 48.37 -101.62 74.02
C VAL JB 52 49.25 -102.76 73.55
N LYS JB 53 48.66 -103.78 72.91
CA LYS JB 53 49.42 -104.91 72.40
C LYS JB 53 50.38 -104.48 71.31
N LEU JB 54 49.95 -103.52 70.47
CA LEU JB 54 50.80 -102.99 69.40
C LEU JB 54 52.06 -102.34 69.97
N VAL JB 55 51.89 -101.42 70.91
CA VAL JB 55 53.01 -100.63 71.42
C VAL JB 55 53.94 -101.50 72.25
N GLU JB 56 53.39 -102.37 73.12
CA GLU JB 56 54.27 -103.18 73.94
C GLU JB 56 54.90 -104.30 73.13
N ALA JB 57 54.28 -104.71 72.01
CA ALA JB 57 54.91 -105.69 71.14
C ALA JB 57 56.07 -105.07 70.40
N LEU JB 58 55.93 -103.81 69.95
CA LEU JB 58 57.04 -103.07 69.37
C LEU JB 58 58.18 -102.92 70.36
N CYS JB 59 57.86 -102.54 71.60
CA CYS JB 59 58.86 -102.37 72.64
C CYS JB 59 59.58 -103.67 72.95
N ALA JB 60 58.85 -104.79 73.03
CA ALA JB 60 59.46 -106.05 73.40
C ALA JB 60 60.29 -106.63 72.26
N GLU JB 61 59.82 -106.50 71.02
CA GLU JB 61 60.55 -107.09 69.91
C GLU JB 61 61.73 -106.23 69.51
N HIS JB 62 61.70 -104.94 69.82
CA HIS JB 62 62.89 -104.13 69.66
C HIS JB 62 63.67 -104.01 70.97
N GLN JB 63 63.25 -104.76 72.01
CA GLN JB 63 63.91 -104.84 73.31
C GLN JB 63 64.00 -103.47 73.98
N ILE JB 64 62.89 -102.73 73.90
CA ILE JB 64 62.75 -101.42 74.49
C ILE JB 64 61.80 -101.55 75.68
N ASN JB 65 62.06 -100.79 76.74
CA ASN JB 65 61.34 -100.99 77.98
C ASN JB 65 60.06 -100.15 78.03
N LEU JB 66 59.08 -100.62 78.81
CA LEU JB 66 57.72 -100.10 78.74
C LEU JB 66 57.09 -100.04 80.13
N ILE JB 67 56.32 -98.98 80.38
CA ILE JB 67 55.51 -98.83 81.60
C ILE JB 67 54.08 -98.57 81.15
N LYS JB 68 53.12 -98.71 82.06
CA LYS JB 68 51.75 -98.35 81.75
C LYS JB 68 51.20 -97.35 82.76
N VAL JB 69 50.42 -96.40 82.24
CA VAL JB 69 49.62 -95.49 83.04
C VAL JB 69 48.18 -95.66 82.58
N ASP JB 70 47.24 -95.68 83.53
CA ASP JB 70 45.85 -96.00 83.20
C ASP JB 70 45.19 -94.92 82.34
N ASP JB 71 45.48 -93.65 82.61
CA ASP JB 71 44.85 -92.55 81.88
C ASP JB 71 45.89 -91.68 81.21
N ASN JB 72 45.46 -90.96 80.17
CA ASN JB 72 46.33 -89.99 79.53
C ASN JB 72 46.01 -88.55 79.91
N LYS JB 73 44.95 -88.33 80.71
CA LYS JB 73 44.66 -86.99 81.23
C LYS JB 73 45.79 -86.49 82.10
N LYS JB 74 46.33 -87.34 82.97
CA LYS JB 74 47.46 -86.93 83.79
C LYS JB 74 48.74 -86.90 82.96
N LEU JB 75 48.84 -87.75 81.92
CA LEU JB 75 49.99 -87.72 81.03
C LEU JB 75 50.08 -86.40 80.28
N GLY JB 76 48.92 -85.78 80.00
CA GLY JB 76 48.90 -84.46 79.39
C GLY JB 76 49.57 -83.40 80.25
N GLU JB 77 49.46 -83.53 81.58
CA GLU JB 77 50.13 -82.55 82.43
C GLU JB 77 51.51 -83.02 82.85
N TRP JB 78 51.82 -84.31 82.68
CA TRP JB 78 53.20 -84.74 82.87
C TRP JB 78 54.07 -84.21 81.73
N VAL JB 79 53.54 -84.23 80.51
CA VAL JB 79 54.34 -83.81 79.35
C VAL JB 79 54.11 -82.33 79.05
N GLY JB 80 52.86 -81.91 78.88
CA GLY JB 80 52.55 -80.59 78.40
C GLY JB 80 51.60 -80.54 77.22
N LEU JB 81 50.82 -81.59 77.00
CA LEU JB 81 49.88 -81.63 75.87
C LEU JB 81 48.55 -81.00 76.28
N CYS JB 82 48.62 -79.70 76.53
CA CYS JB 82 47.46 -78.86 76.86
C CYS JB 82 47.87 -77.41 76.66
N LYS JB 83 46.97 -76.65 76.04
CA LYS JB 83 47.26 -75.28 75.63
C LYS JB 83 47.32 -74.38 76.85
N ILE JB 84 48.53 -74.10 77.32
CA ILE JB 84 48.76 -73.48 78.62
C ILE JB 84 49.46 -72.14 78.47
N ASP JB 85 49.24 -71.30 79.48
CA ASP JB 85 49.94 -70.04 79.65
C ASP JB 85 51.22 -70.27 80.42
N ARG JB 86 51.79 -69.18 80.94
CA ARG JB 86 52.97 -69.30 81.78
C ARG JB 86 52.56 -69.58 83.24
N GLU JB 87 51.27 -69.47 83.54
CA GLU JB 87 50.79 -69.86 84.86
C GLU JB 87 50.39 -71.34 84.88
N GLY JB 88 50.13 -71.93 83.72
CA GLY JB 88 50.06 -73.37 83.61
C GLY JB 88 48.69 -74.02 83.56
N LYS JB 89 47.61 -73.22 83.59
CA LYS JB 89 46.27 -73.76 83.59
C LYS JB 89 45.90 -74.30 82.21
N PRO JB 90 45.40 -75.52 82.10
CA PRO JB 90 45.11 -76.10 80.79
C PRO JB 90 43.78 -75.65 80.22
N ARG JB 91 43.63 -75.85 78.91
CA ARG JB 91 42.39 -75.60 78.19
C ARG JB 91 42.01 -76.88 77.46
N LYS JB 92 41.13 -77.67 78.08
CA LYS JB 92 40.66 -78.98 77.59
C LYS JB 92 41.86 -79.91 77.38
N VAL JB 93 42.49 -80.32 78.48
CA VAL JB 93 43.69 -81.17 78.44
C VAL JB 93 43.36 -82.52 77.80
N VAL JB 94 44.21 -82.96 76.89
CA VAL JB 94 44.07 -84.23 76.18
C VAL JB 94 45.41 -84.94 76.24
N GLY JB 95 45.42 -86.22 75.86
CA GLY JB 95 46.63 -87.01 75.89
C GLY JB 95 46.82 -87.88 74.67
N CYS JB 96 48.02 -87.82 74.07
CA CYS JB 96 48.31 -88.60 72.86
C CYS JB 96 48.52 -90.07 73.20
N SER JB 97 48.63 -90.40 74.49
CA SER JB 97 48.58 -91.71 75.12
C SER JB 97 49.83 -92.54 74.91
N CYS JB 98 50.82 -92.05 74.15
CA CYS JB 98 52.05 -92.78 73.87
C CYS JB 98 53.22 -91.83 73.97
N VAL JB 99 54.12 -92.10 74.93
CA VAL JB 99 55.26 -91.26 75.21
C VAL JB 99 56.53 -92.10 75.03
N VAL JB 100 57.52 -91.55 74.31
CA VAL JB 100 58.77 -92.26 74.03
C VAL JB 100 59.93 -91.34 74.36
N VAL JB 101 60.92 -91.84 75.10
CA VAL JB 101 62.13 -91.08 75.40
C VAL JB 101 63.18 -91.40 74.35
N LYS JB 102 63.50 -90.40 73.51
CA LYS JB 102 64.49 -90.61 72.45
C LYS JB 102 65.90 -90.69 73.01
N ASP JB 103 66.19 -89.94 74.05
CA ASP JB 103 67.48 -90.02 74.72
C ASP JB 103 67.30 -89.65 76.19
N TYR JB 104 67.94 -90.44 77.05
CA TYR JB 104 67.72 -90.35 78.49
C TYR JB 104 68.47 -89.14 79.04
N GLY JB 105 67.92 -88.55 80.10
CA GLY JB 105 68.45 -87.33 80.64
C GLY JB 105 69.76 -87.48 81.38
N LYS JB 106 70.80 -86.77 80.93
CA LYS JB 106 72.09 -86.86 81.60
C LYS JB 106 72.13 -85.97 82.83
N GLU JB 107 71.41 -84.84 82.80
CA GLU JB 107 71.42 -83.93 83.94
C GLU JB 107 70.58 -84.45 85.10
N SER JB 108 69.52 -85.21 84.84
CA SER JB 108 68.63 -85.66 85.90
C SER JB 108 69.27 -86.78 86.71
N GLN JB 109 68.99 -86.78 88.00
CA GLN JB 109 69.58 -87.74 88.92
C GLN JB 109 68.52 -88.76 89.33
N ALA JB 110 68.91 -89.60 90.29
CA ALA JB 110 68.10 -90.71 90.80
C ALA JB 110 67.71 -91.67 89.67
N LYS JB 111 68.64 -91.90 88.75
CA LYS JB 111 68.45 -92.87 87.68
C LYS JB 111 68.30 -94.27 88.24
N ASP JB 112 69.01 -94.56 89.33
CA ASP JB 112 68.82 -95.80 90.05
C ASP JB 112 67.40 -95.91 90.59
N VAL JB 113 66.84 -94.82 91.11
CA VAL JB 113 65.48 -94.85 91.63
C VAL JB 113 64.47 -95.02 90.49
N ILE JB 114 64.78 -94.42 89.33
CA ILE JB 114 64.01 -94.62 88.10
C ILE JB 114 63.92 -96.10 87.75
N GLU JB 115 65.06 -96.76 87.60
CA GLU JB 115 65.03 -98.14 87.14
C GLU JB 115 64.61 -99.12 88.24
N GLU JB 116 64.78 -98.75 89.51
CA GLU JB 116 64.40 -99.64 90.60
C GLU JB 116 62.90 -99.59 90.88
N TYR JB 117 62.25 -98.45 90.62
CA TYR JB 117 60.79 -98.49 90.63
C TYR JB 117 60.27 -99.13 89.35
N PHE JB 118 60.91 -98.82 88.21
CA PHE JB 118 60.44 -99.30 86.92
C PHE JB 118 60.50 -100.82 86.77
N LYS JB 119 61.72 -101.39 86.77
CA LYS JB 119 61.85 -102.83 86.60
C LYS JB 119 62.94 -103.31 87.56
N CYS JB 120 62.80 -102.90 88.82
CA CYS JB 120 63.63 -103.29 89.98
C CYS JB 120 65.14 -103.29 89.77
N GLY KB 1 26.24 48.55 55.65
CA GLY KB 1 25.71 47.86 54.49
C GLY KB 1 24.55 48.57 53.84
N ARG KB 2 24.76 48.99 52.59
CA ARG KB 2 23.71 49.63 51.81
C ARG KB 2 22.61 48.62 51.47
N MET KB 3 21.44 49.11 51.08
CA MET KB 3 20.31 48.22 50.87
C MET KB 3 20.43 47.46 49.57
N HIS KB 4 20.33 48.19 48.45
CA HIS KB 4 20.20 47.60 47.12
C HIS KB 4 21.56 47.60 46.45
N ALA KB 5 22.55 47.03 47.14
CA ALA KB 5 23.93 46.96 46.70
C ALA KB 5 24.69 46.02 47.61
N PRO KB 6 25.71 45.32 47.10
CA PRO KB 6 26.62 44.61 48.01
C PRO KB 6 27.55 45.54 48.75
N GLY KB 7 27.72 46.76 48.25
CA GLY KB 7 28.66 47.72 48.80
C GLY KB 7 28.36 48.15 50.22
N LYS KB 8 29.18 47.70 51.15
CA LYS KB 8 28.97 47.93 52.57
C LYS KB 8 29.98 48.94 53.12
N GLY KB 9 30.34 49.95 52.34
CA GLY KB 9 31.36 50.87 52.74
C GLY KB 9 30.92 51.85 53.81
N LEU KB 10 31.80 52.79 54.11
CA LEU KB 10 31.56 53.78 55.14
C LEU KB 10 31.94 55.16 54.60
N SER KB 11 30.93 55.91 54.17
CA SER KB 11 31.11 57.29 53.72
C SER KB 11 30.17 58.14 54.55
N GLN KB 12 30.62 58.54 55.72
CA GLN KB 12 29.73 59.22 56.66
C GLN KB 12 30.37 60.51 57.13
N SER KB 13 29.65 61.20 58.00
CA SER KB 13 30.14 62.37 58.70
C SER KB 13 30.13 62.08 60.19
N ALA KB 14 30.99 62.76 60.94
CA ALA KB 14 31.10 62.53 62.36
C ALA KB 14 31.10 63.84 63.12
N LEU KB 15 30.01 64.09 63.86
CA LEU KB 15 29.93 65.24 64.72
C LEU KB 15 30.93 65.13 65.87
N PRO KB 16 31.59 66.22 66.25
CA PRO KB 16 32.52 66.17 67.37
C PRO KB 16 31.78 66.05 68.69
N TYR KB 17 32.55 65.78 69.76
CA TYR KB 17 31.93 65.68 71.07
C TYR KB 17 31.49 67.02 71.63
N ARG KB 18 32.15 68.10 71.25
CA ARG KB 18 31.95 69.40 71.86
C ARG KB 18 30.60 69.96 71.41
N ARG KB 19 29.86 70.51 72.37
CA ARG KB 19 28.60 71.21 72.14
C ARG KB 19 28.88 72.65 71.69
N SER KB 20 27.88 73.53 71.85
CA SER KB 20 27.65 74.78 71.12
C SER KB 20 28.85 75.70 70.88
N VAL KB 21 28.74 76.50 69.82
CA VAL KB 21 29.80 77.20 69.06
C VAL KB 21 30.89 77.83 69.91
N PRO KB 22 32.17 77.63 69.54
CA PRO KB 22 33.26 77.86 70.49
C PRO KB 22 33.56 79.30 70.91
N THR KB 23 34.07 80.15 70.01
CA THR KB 23 34.44 81.49 70.45
C THR KB 23 34.01 82.57 69.47
N TRP KB 24 34.26 82.34 68.18
CA TRP KB 24 34.05 83.38 67.18
C TRP KB 24 32.62 83.33 66.68
N LEU KB 25 32.39 83.98 65.53
CA LEU KB 25 31.11 84.01 64.83
C LEU KB 25 30.04 84.62 65.72
N LYS KB 26 30.16 85.91 66.00
CA LYS KB 26 29.20 86.63 66.83
C LYS KB 26 27.92 86.75 66.00
N LEU KB 27 27.12 85.70 66.06
CA LEU KB 27 25.97 85.49 65.18
C LEU KB 27 24.91 84.76 65.99
N THR KB 28 23.98 85.52 66.57
CA THR KB 28 22.97 84.93 67.43
C THR KB 28 21.89 84.23 66.64
N SER KB 29 20.90 83.67 67.33
CA SER KB 29 19.84 82.86 66.74
C SER KB 29 18.98 83.63 65.77
N ASP KB 30 18.74 84.92 66.04
CA ASP KB 30 17.86 85.76 65.23
C ASP KB 30 18.43 85.96 63.83
N ASP KB 31 19.73 86.27 63.76
CA ASP KB 31 20.38 86.49 62.47
C ASP KB 31 20.44 85.20 61.67
N VAL KB 32 20.66 84.07 62.35
CA VAL KB 32 20.69 82.76 61.69
C VAL KB 32 19.33 82.41 61.13
N LYS KB 33 18.27 82.66 61.90
CA LYS KB 33 16.93 82.36 61.42
C LYS KB 33 16.54 83.29 60.28
N GLU KB 34 16.98 84.55 60.31
CA GLU KB 34 16.69 85.45 59.20
C GLU KB 34 17.42 85.01 57.94
N GLN KB 35 18.68 84.56 58.07
CA GLN KB 35 19.39 83.96 56.95
C GLN KB 35 18.66 82.75 56.40
N ILE KB 36 18.11 81.91 57.28
CA ILE KB 36 17.53 80.67 56.79
C ILE KB 36 16.15 80.94 56.17
N TYR KB 37 15.47 82.02 56.59
CA TYR KB 37 14.24 82.39 55.89
C TYR KB 37 14.55 82.97 54.52
N LYS KB 38 15.59 83.81 54.43
CA LYS KB 38 15.94 84.39 53.14
C LYS KB 38 16.47 83.35 52.17
N LEU KB 39 17.03 82.26 52.69
CA LEU KB 39 17.45 81.18 51.79
C LEU KB 39 16.28 80.28 51.42
N ALA KB 40 15.37 80.03 52.36
CA ALA KB 40 14.27 79.13 52.06
C ALA KB 40 13.22 79.80 51.19
N LYS KB 41 13.18 81.13 51.16
CA LYS KB 41 12.35 81.80 50.17
C LYS KB 41 12.94 81.61 48.77
N LYS KB 42 14.27 81.55 48.68
CA LYS KB 42 14.91 81.19 47.41
C LYS KB 42 14.75 79.69 47.13
N GLY KB 43 14.36 78.92 48.14
CA GLY KB 43 13.73 77.64 47.89
C GLY KB 43 14.65 76.46 47.79
N LEU KB 44 15.77 76.51 48.48
CA LEU KB 44 16.74 75.44 48.46
C LEU KB 44 16.30 74.34 49.43
N THR KB 45 16.75 73.13 49.14
CA THR KB 45 16.57 71.99 50.03
C THR KB 45 17.26 72.28 51.36
N PRO KB 46 16.66 71.87 52.49
CA PRO KB 46 17.34 72.00 53.79
C PRO KB 46 18.70 71.32 53.86
N SER KB 47 18.86 70.20 53.14
CA SER KB 47 20.17 69.58 52.95
C SER KB 47 21.15 70.54 52.30
N GLN KB 48 20.67 71.34 51.34
CA GLN KB 48 21.53 72.32 50.69
C GLN KB 48 21.80 73.51 51.61
N ILE KB 49 20.80 73.90 52.40
CA ILE KB 49 20.90 75.08 53.25
C ILE KB 49 21.93 74.85 54.36
N GLY KB 50 22.00 73.62 54.87
CA GLY KB 50 23.07 73.27 55.79
C GLY KB 50 24.45 73.45 55.20
N VAL KB 51 24.62 73.10 53.92
CA VAL KB 51 25.91 73.24 53.26
C VAL KB 51 26.22 74.71 53.01
N ILE KB 52 25.21 75.50 52.67
CA ILE KB 52 25.39 76.93 52.44
C ILE KB 52 25.84 77.63 53.71
N LEU KB 53 25.19 77.32 54.83
CA LEU KB 53 25.59 77.93 56.10
C LEU KB 53 26.91 77.37 56.61
N ARG KB 54 27.26 76.14 56.20
CA ARG KB 54 28.54 75.58 56.59
C ARG KB 54 29.69 76.26 55.85
N ASP KB 55 29.51 76.52 54.55
CA ASP KB 55 30.64 76.96 53.76
C ASP KB 55 30.75 78.48 53.73
N SER KB 56 29.63 79.17 53.55
CA SER KB 56 29.70 80.62 53.43
C SER KB 56 29.76 81.28 54.80
N HIS KB 57 28.72 81.11 55.61
CA HIS KB 57 28.56 81.86 56.84
C HIS KB 57 29.28 81.24 58.02
N GLY KB 58 29.95 80.11 57.82
CA GLY KB 58 30.73 79.50 58.89
C GLY KB 58 29.91 78.91 60.02
N VAL KB 59 28.64 78.60 59.75
CA VAL KB 59 27.74 78.05 60.75
C VAL KB 59 28.02 76.56 60.87
N ALA KB 60 28.15 76.08 62.11
CA ALA KB 60 28.30 74.66 62.38
C ALA KB 60 26.95 73.96 62.30
N GLN KB 61 26.90 72.78 62.90
CA GLN KB 61 25.63 72.10 63.17
C GLN KB 61 24.66 73.04 63.89
N VAL KB 62 23.53 73.32 63.24
CA VAL KB 62 22.69 74.45 63.63
C VAL KB 62 21.91 74.13 64.90
N ARG KB 63 21.82 72.84 65.23
CA ARG KB 63 21.29 72.38 66.51
C ARG KB 63 22.03 72.97 67.70
N PHE KB 64 23.30 73.32 67.51
CA PHE KB 64 24.10 73.87 68.60
C PHE KB 64 23.89 75.38 68.72
N VAL KB 65 23.89 76.10 67.61
CA VAL KB 65 23.86 77.56 67.65
C VAL KB 65 22.44 78.05 67.92
N THR KB 66 21.43 77.31 67.49
CA THR KB 66 20.06 77.77 67.69
C THR KB 66 19.38 76.98 68.81
N GLY KB 67 19.78 75.73 69.00
CA GLY KB 67 19.08 74.88 69.94
C GLY KB 67 17.99 74.07 69.30
N ASN KB 68 17.72 74.29 68.01
CA ASN KB 68 16.56 73.72 67.37
C ASN KB 68 16.95 73.27 65.96
N LYS KB 69 16.34 72.19 65.51
CA LYS KB 69 16.64 71.59 64.21
C LYS KB 69 16.06 72.48 63.11
N ILE KB 70 16.67 72.41 61.91
CA ILE KB 70 16.42 73.47 60.92
C ILE KB 70 15.06 73.28 60.26
N LEU KB 71 14.57 72.06 60.17
CA LEU KB 71 13.24 71.88 59.59
C LEU KB 71 12.16 72.28 60.59
N ARG KB 72 12.46 72.19 61.89
CA ARG KB 72 11.54 72.73 62.87
C ARG KB 72 11.55 74.26 62.87
N ILE KB 73 12.72 74.86 62.63
CA ILE KB 73 12.79 76.31 62.41
C ILE KB 73 11.98 76.69 61.19
N LEU KB 74 12.00 75.83 60.17
CA LEU KB 74 11.31 76.09 58.93
C LEU KB 74 9.80 75.99 59.09
N LYS KB 75 9.32 74.93 59.75
CA LYS KB 75 7.89 74.67 59.83
C LYS KB 75 7.19 75.62 60.79
N SER KB 76 7.91 76.12 61.81
CA SER KB 76 7.26 76.91 62.85
C SER KB 76 6.86 78.28 62.35
N LYS KB 77 7.46 78.74 61.25
CA LYS KB 77 6.93 79.88 60.53
C LYS KB 77 6.36 79.49 59.19
N GLY KB 78 6.44 78.22 58.81
CA GLY KB 78 5.60 77.74 57.73
C GLY KB 78 6.08 78.09 56.34
N LEU KB 79 7.35 77.85 56.04
CA LEU KB 79 7.87 77.92 54.68
C LEU KB 79 7.96 76.55 54.06
N ALA KB 80 6.99 75.67 54.35
CA ALA KB 80 7.12 74.23 54.21
C ALA KB 80 7.26 73.80 52.75
N PRO KB 81 7.91 72.66 52.50
CA PRO KB 81 7.87 72.10 51.15
C PRO KB 81 6.53 71.49 50.79
N ASP KB 82 5.86 70.91 51.79
CA ASP KB 82 4.55 70.20 51.80
C ASP KB 82 4.67 68.83 51.14
N LEU KB 83 5.79 68.54 50.48
CA LEU KB 83 6.16 67.24 49.99
C LEU KB 83 7.59 67.08 50.44
N PRO KB 84 7.86 66.18 51.38
CA PRO KB 84 9.19 66.13 52.00
C PRO KB 84 10.27 65.67 51.04
N GLU KB 85 11.50 66.11 51.33
CA GLU KB 85 12.58 66.03 50.36
C GLU KB 85 13.01 64.60 50.12
N ASP KB 86 12.93 63.78 51.17
CA ASP KB 86 13.44 62.42 51.12
C ASP KB 86 12.57 61.55 50.23
N LEU KB 87 11.31 61.94 50.07
CA LEU KB 87 10.47 61.32 49.05
C LEU KB 87 10.59 62.05 47.73
N TYR KB 88 10.88 63.35 47.80
CA TYR KB 88 10.84 64.21 46.61
C TYR KB 88 11.94 63.85 45.63
N HIS KB 89 13.13 63.55 46.13
CA HIS KB 89 14.23 63.22 45.23
C HIS KB 89 14.04 61.87 44.58
N LEU KB 90 13.45 60.91 45.30
CA LEU KB 90 13.17 59.60 44.71
C LEU KB 90 12.10 59.70 43.65
N ILE KB 91 11.06 60.51 43.88
CA ILE KB 91 10.06 60.71 42.83
C ILE KB 91 10.66 61.44 41.64
N LYS KB 92 11.56 62.40 41.90
CA LYS KB 92 12.17 63.18 40.84
C LYS KB 92 13.05 62.34 39.93
N LYS KB 93 13.75 61.35 40.51
CA LYS KB 93 14.51 60.47 39.63
C LYS KB 93 13.64 59.38 39.02
N ALA KB 94 12.55 58.98 39.69
CA ALA KB 94 11.69 57.96 39.13
C ALA KB 94 10.96 58.45 37.89
N VAL KB 95 10.62 59.74 37.86
CA VAL KB 95 10.03 60.35 36.66
C VAL KB 95 10.98 60.26 35.49
N ALA KB 96 12.25 60.59 35.72
CA ALA KB 96 13.24 60.57 34.65
C ALA KB 96 13.50 59.15 34.15
N VAL KB 97 13.47 58.18 35.05
CA VAL KB 97 13.73 56.80 34.62
C VAL KB 97 12.54 56.23 33.85
N ARG KB 98 11.32 56.62 34.24
CA ARG KB 98 10.14 56.26 33.44
C ARG KB 98 10.21 56.85 32.04
N LYS KB 99 10.57 58.13 31.95
CA LYS KB 99 10.70 58.77 30.64
C LYS KB 99 11.80 58.12 29.81
N HIS KB 100 12.91 57.74 30.46
CA HIS KB 100 14.01 57.11 29.75
C HIS KB 100 13.63 55.73 29.22
N LEU KB 101 12.84 54.98 29.98
CA LEU KB 101 12.33 53.71 29.45
C LEU KB 101 11.39 53.94 28.28
N GLU KB 102 10.62 55.03 28.32
CA GLU KB 102 9.71 55.33 27.21
C GLU KB 102 10.46 55.61 25.92
N ARG KB 103 11.50 56.44 25.96
CA ARG KB 103 12.17 56.73 24.68
C ARG KB 103 13.25 55.69 24.39
N ASN KB 104 13.59 54.82 25.34
CA ASN KB 104 14.42 53.65 25.09
C ASN KB 104 13.74 52.48 25.76
N ARG KB 105 12.79 51.86 25.05
CA ARG KB 105 11.95 50.79 25.56
C ARG KB 105 12.64 49.44 25.31
N LYS KB 106 13.92 49.37 25.69
CA LYS KB 106 14.65 48.12 25.61
C LYS KB 106 15.62 48.00 26.79
N ASP KB 107 15.72 49.06 27.59
CA ASP KB 107 16.79 49.18 28.58
C ASP KB 107 16.39 48.41 29.83
N LYS KB 108 16.79 47.13 29.87
CA LYS KB 108 16.39 46.23 30.94
C LYS KB 108 17.03 46.63 32.26
N ASP KB 109 18.25 47.15 32.20
CA ASP KB 109 18.94 47.63 33.39
C ASP KB 109 18.21 48.81 34.02
N ALA KB 110 17.76 49.76 33.19
CA ALA KB 110 17.01 50.89 33.69
C ALA KB 110 15.65 50.46 34.21
N LYS KB 111 15.07 49.42 33.60
CA LYS KB 111 13.81 48.86 34.09
C LYS KB 111 13.98 48.29 35.51
N PHE KB 112 15.07 47.55 35.72
CA PHE KB 112 15.34 46.96 37.03
C PHE KB 112 15.61 48.04 38.08
N ARG KB 113 16.35 49.09 37.69
CA ARG KB 113 16.62 50.16 38.64
C ARG KB 113 15.37 50.98 38.94
N LEU KB 114 14.44 51.04 37.98
CA LEU KB 114 13.15 51.67 38.25
C LEU KB 114 12.37 50.88 39.28
N ILE KB 115 12.43 49.55 39.21
CA ILE KB 115 11.73 48.72 40.20
C ILE KB 115 12.33 48.93 41.59
N LEU KB 116 13.66 49.03 41.68
CA LEU KB 116 14.30 49.28 42.97
C LEU KB 116 13.92 50.65 43.54
N ILE KB 117 13.86 51.67 42.67
CA ILE KB 117 13.53 53.02 43.11
C ILE KB 117 12.08 53.10 43.58
N GLU KB 118 11.16 52.44 42.89
CA GLU KB 118 9.78 52.40 43.35
C GLU KB 118 9.65 51.65 44.68
N SER KB 119 10.48 50.63 44.88
CA SER KB 119 10.48 49.93 46.17
C SER KB 119 10.90 50.86 47.31
N ARG KB 120 11.93 51.66 47.07
CA ARG KB 120 12.36 52.64 48.08
C ARG KB 120 11.26 53.67 48.34
N ILE KB 121 10.53 54.06 47.29
CA ILE KB 121 9.44 55.02 47.44
C ILE KB 121 8.33 54.45 48.32
N HIS KB 122 7.97 53.18 48.12
CA HIS KB 122 6.91 52.59 48.94
C HIS KB 122 7.35 52.42 50.38
N ARG KB 123 8.64 52.12 50.60
CA ARG KB 123 9.15 52.06 51.98
C ARG KB 123 9.01 53.40 52.70
N LEU KB 124 9.49 54.48 52.08
CA LEU KB 124 9.42 55.78 52.73
C LEU KB 124 7.99 56.28 52.85
N ALA KB 125 7.11 55.85 51.94
CA ALA KB 125 5.72 56.26 52.02
C ALA KB 125 5.00 55.58 53.18
N ARG KB 126 5.32 54.30 53.43
CA ARG KB 126 4.77 53.64 54.61
C ARG KB 126 5.31 54.26 55.89
N TYR KB 127 6.56 54.71 55.88
CA TYR KB 127 7.10 55.41 57.04
C TYR KB 127 6.36 56.72 57.30
N TYR KB 128 6.10 57.49 56.24
CA TYR KB 128 5.45 58.78 56.44
C TYR KB 128 3.97 58.62 56.79
N LYS KB 129 3.32 57.57 56.30
CA LYS KB 129 1.95 57.31 56.71
C LYS KB 129 1.88 56.84 58.15
N THR KB 130 2.92 56.14 58.61
CA THR KB 130 2.98 55.78 60.03
C THR KB 130 3.20 57.01 60.90
N LYS KB 131 4.09 57.90 60.49
CA LYS KB 131 4.41 59.05 61.34
C LYS KB 131 3.50 60.23 61.07
N ARG KB 132 2.46 60.05 60.25
CA ARG KB 132 1.30 60.94 60.12
C ARG KB 132 1.63 62.31 59.55
N VAL KB 133 2.79 62.48 58.91
CA VAL KB 133 3.11 63.76 58.29
C VAL KB 133 2.34 63.92 56.98
N LEU KB 134 1.87 62.82 56.42
CA LEU KB 134 1.22 62.79 55.12
C LEU KB 134 -0.21 62.29 55.30
N PRO KB 135 -1.14 62.65 54.41
CA PRO KB 135 -2.49 62.07 54.46
C PRO KB 135 -2.46 60.57 54.24
N PRO KB 136 -3.32 59.82 54.93
CA PRO KB 136 -3.21 58.36 54.90
C PRO KB 136 -3.61 57.74 53.57
N ASN KB 137 -4.44 58.42 52.80
CA ASN KB 137 -4.84 57.95 51.49
C ASN KB 137 -3.94 58.45 50.37
N TRP KB 138 -2.67 58.76 50.68
CA TRP KB 138 -1.74 59.21 49.66
C TRP KB 138 -1.36 58.06 48.75
N LYS KB 139 -1.34 58.30 47.45
CA LYS KB 139 -0.93 57.24 46.53
C LYS KB 139 0.07 57.78 45.54
N TYR KB 140 0.66 56.86 44.80
CA TYR KB 140 1.74 57.15 43.86
C TYR KB 140 1.64 56.16 42.70
N GLU KB 141 1.09 56.60 41.56
CA GLU KB 141 1.15 55.67 40.44
C GLU KB 141 1.94 56.21 39.23
N SER KB 142 1.42 57.21 38.55
CA SER KB 142 2.18 57.86 37.50
C SER KB 142 1.95 59.36 37.50
N SER KB 143 0.72 59.75 37.75
CA SER KB 143 0.29 61.11 37.45
C SER KB 143 0.72 62.06 38.55
N THR KB 144 0.73 61.59 39.80
CA THR KB 144 1.30 62.35 40.91
C THR KB 144 2.79 62.59 40.69
N ALA KB 145 3.48 61.60 40.14
CA ALA KB 145 4.88 61.75 39.79
C ALA KB 145 5.08 62.80 38.71
N SER KB 146 4.25 62.75 37.67
CA SER KB 146 4.42 63.71 36.57
C SER KB 146 4.01 65.12 36.98
N ALA KB 147 3.14 65.25 37.99
CA ALA KB 147 2.78 66.58 38.45
C ALA KB 147 3.85 67.14 39.38
N LEU KB 148 4.13 66.45 40.47
CA LEU KB 148 4.92 67.00 41.57
C LEU KB 148 6.40 66.70 41.31
N VAL KB 149 6.92 67.25 40.22
CA VAL KB 149 8.30 67.01 39.83
C VAL KB 149 9.24 67.74 40.75
N SER LB 1 67.40 36.62 -22.41
CA SER LB 1 67.61 37.83 -23.19
C SER LB 1 68.70 38.69 -22.55
N LEU LB 2 68.90 39.89 -23.10
CA LEU LB 2 69.73 40.87 -22.43
C LEU LB 2 69.08 41.36 -21.16
N GLY LB 3 67.75 41.41 -21.18
CA GLY LB 3 66.96 41.81 -20.03
C GLY LB 3 67.09 43.24 -19.56
N PRO LB 4 67.47 43.41 -18.29
CA PRO LB 4 67.64 44.70 -17.61
C PRO LB 4 68.89 45.49 -17.98
N GLN LB 5 69.50 46.11 -16.98
CA GLN LB 5 70.69 46.93 -17.17
C GLN LB 5 71.99 46.14 -16.97
N VAL LB 6 73.06 46.65 -17.56
CA VAL LB 6 74.38 46.04 -17.46
C VAL LB 6 75.15 46.76 -16.35
N ALA LB 7 76.32 47.29 -16.69
CA ALA LB 7 77.15 48.01 -15.70
C ALA LB 7 77.08 47.36 -14.33
N GLU LB 8 77.75 46.20 -14.21
CA GLU LB 8 77.80 45.38 -13.00
C GLU LB 8 78.20 46.15 -11.75
N GLY LB 9 77.79 45.61 -10.60
CA GLY LB 9 77.74 46.34 -9.36
C GLY LB 9 76.36 46.88 -9.04
N GLU LB 10 75.53 47.07 -10.06
CA GLU LB 10 74.13 47.42 -9.92
C GLU LB 10 73.32 46.14 -9.87
N ASN LB 11 72.32 46.09 -8.99
CA ASN LB 11 71.46 44.92 -8.84
C ASN LB 11 70.09 45.20 -9.42
N VAL LB 12 69.50 44.16 -10.01
CA VAL LB 12 68.12 44.21 -10.48
C VAL LB 12 67.27 43.44 -9.48
N PHE LB 13 66.29 44.12 -8.90
CA PHE LB 13 65.55 43.58 -7.76
C PHE LB 13 64.29 42.87 -8.21
N GLY LB 14 63.95 41.78 -7.51
CA GLY LB 14 62.67 41.12 -7.64
C GLY LB 14 62.16 40.73 -6.26
N VAL LB 15 60.84 40.60 -6.17
CA VAL LB 15 60.18 40.25 -4.92
C VAL LB 15 59.87 38.77 -4.97
N CYS LB 16 60.30 38.04 -3.94
CA CYS LB 16 60.05 36.62 -3.85
C CYS LB 16 59.02 36.35 -2.77
N HIS LB 17 57.84 35.91 -3.19
CA HIS LB 17 56.78 35.50 -2.28
C HIS LB 17 56.97 34.03 -1.94
N ILE LB 18 57.21 33.73 -0.67
CA ILE LB 18 57.36 32.36 -0.21
C ILE LB 18 56.15 32.05 0.66
N PHE LB 19 55.47 30.96 0.36
CA PHE LB 19 54.21 30.58 0.97
C PHE LB 19 54.37 29.20 1.57
N ALA LB 20 54.65 29.13 2.87
CA ALA LB 20 54.97 27.88 3.52
C ALA LB 20 53.75 27.36 4.27
N SER LB 21 53.20 26.25 3.80
CA SER LB 21 52.04 25.65 4.43
C SER LB 21 52.44 24.29 4.99
N PHE LB 22 51.56 23.71 5.79
CA PHE LB 22 51.87 22.42 6.41
C PHE LB 22 51.56 21.26 5.47
N ASN LB 23 51.06 21.55 4.27
CA ASN LB 23 50.91 20.46 3.31
C ASN LB 23 51.26 20.91 1.89
N ASP LB 24 51.94 22.06 1.75
CA ASP LB 24 52.52 22.48 0.48
C ASP LB 24 53.54 23.58 0.75
N THR LB 25 54.32 23.91 -0.28
CA THR LB 25 55.30 25.00 -0.23
C THR LB 25 55.39 25.68 -1.59
N PHE LB 26 55.20 27.00 -1.61
CA PHE LB 26 55.34 27.79 -2.83
C PHE LB 26 56.55 28.70 -2.74
N VAL LB 27 57.31 28.78 -3.83
CA VAL LB 27 58.26 29.86 -4.03
C VAL LB 27 57.87 30.57 -5.32
N HIS LB 28 57.88 31.90 -5.29
CA HIS LB 28 57.31 32.69 -6.36
C HIS LB 28 58.19 33.91 -6.57
N VAL LB 29 58.58 34.19 -7.81
CA VAL LB 29 59.42 35.33 -8.12
C VAL LB 29 58.65 36.26 -9.03
N THR LB 30 58.52 37.51 -8.59
CA THR LB 30 57.74 38.52 -9.29
C THR LB 30 58.60 39.78 -9.36
N ASP LB 31 58.17 40.75 -10.15
CA ASP LB 31 58.82 42.06 -10.15
C ASP LB 31 58.47 42.83 -8.88
N LEU LB 32 58.98 44.07 -8.80
CA LEU LB 32 58.74 44.90 -7.61
C LEU LB 32 57.27 45.27 -7.49
N SER LB 33 56.55 45.33 -8.60
CA SER LB 33 55.12 45.62 -8.51
C SER LB 33 54.33 44.44 -7.98
N GLY LB 34 54.27 43.35 -8.73
CA GLY LB 34 53.48 42.21 -8.32
C GLY LB 34 52.66 41.57 -9.40
N LYS LB 35 52.55 42.18 -10.58
CA LYS LB 35 51.75 41.56 -11.63
C LYS LB 35 52.53 40.51 -12.38
N GLU LB 36 53.78 40.80 -12.73
CA GLU LB 36 54.50 40.00 -13.70
C GLU LB 36 55.23 38.84 -13.02
N THR LB 37 54.57 37.69 -12.98
CA THR LB 37 55.14 36.46 -12.47
C THR LB 37 56.29 36.04 -13.37
N ILE LB 38 57.50 35.98 -12.81
CA ILE LB 38 58.67 35.63 -13.62
C ILE LB 38 58.82 34.11 -13.68
N CYS LB 39 58.98 33.46 -12.54
CA CYS LB 39 59.04 32.01 -12.50
C CYS LB 39 58.33 31.54 -11.26
N ARG LB 40 57.61 30.42 -11.39
CA ARG LB 40 56.69 29.96 -10.35
C ARG LB 40 56.75 28.44 -10.29
N VAL LB 41 57.38 27.91 -9.24
CA VAL LB 41 57.54 26.47 -9.06
C VAL LB 41 57.11 26.14 -7.64
N THR LB 42 56.27 25.12 -7.49
CA THR LB 42 55.78 24.70 -6.18
C THR LB 42 56.68 23.58 -5.65
N GLY LB 43 56.22 22.94 -4.58
CA GLY LB 43 56.91 21.76 -4.09
C GLY LB 43 56.43 20.48 -4.76
N GLY LB 44 55.12 20.40 -5.00
CA GLY LB 44 54.57 19.21 -5.64
C GLY LB 44 54.95 19.09 -7.09
N MET LB 45 55.37 20.19 -7.71
CA MET LB 45 55.93 20.14 -9.05
C MET LB 45 57.28 19.43 -9.05
N LYS LB 46 58.05 19.60 -7.97
CA LYS LB 46 59.40 19.05 -7.97
C LYS LB 46 59.43 17.65 -7.40
N VAL LB 47 58.52 17.30 -6.50
CA VAL LB 47 58.53 15.99 -5.87
C VAL LB 47 57.29 15.23 -6.32
N LYS LB 48 57.48 13.97 -6.72
CA LYS LB 48 56.37 13.18 -7.26
C LYS LB 48 55.36 12.80 -6.18
N ALA LB 49 55.85 12.34 -5.03
CA ALA LB 49 54.97 11.79 -3.99
C ALA LB 49 54.13 12.88 -3.36
N ASP LB 50 53.00 12.48 -2.77
CA ASP LB 50 52.02 13.47 -2.32
C ASP LB 50 52.37 14.00 -0.93
N ARG LB 51 52.90 13.13 -0.07
CA ARG LB 51 53.15 13.55 1.31
C ARG LB 51 54.44 14.34 1.48
N ASP LB 52 55.35 14.29 0.52
CA ASP LB 52 56.62 14.99 0.63
C ASP LB 52 56.55 16.46 0.22
N GLU LB 53 55.37 16.95 -0.17
CA GLU LB 53 55.33 18.30 -0.73
C GLU LB 53 55.33 19.38 0.35
N SER LB 54 55.36 18.99 1.62
CA SER LB 54 55.66 19.90 2.71
C SER LB 54 56.99 19.59 3.37
N SER LB 55 57.67 18.53 2.94
CA SER LB 55 58.98 18.19 3.46
C SER LB 55 60.00 19.22 3.01
N PRO LB 56 61.05 19.47 3.80
CA PRO LB 56 62.04 20.47 3.40
C PRO LB 56 62.86 20.12 2.17
N TYR LB 57 62.81 18.87 1.70
CA TYR LB 57 63.51 18.54 0.47
C TYR LB 57 62.83 19.13 -0.75
N ALA LB 58 61.50 19.31 -0.68
CA ALA LB 58 60.77 19.89 -1.81
C ALA LB 58 61.15 21.35 -2.03
N ALA LB 59 61.34 22.09 -0.93
CA ALA LB 59 61.68 23.50 -1.03
C ALA LB 59 63.06 23.70 -1.60
N MET LB 60 63.98 22.75 -1.37
CA MET LB 60 65.30 22.84 -1.96
C MET LB 60 65.26 22.71 -3.48
N LEU LB 61 64.49 21.75 -3.99
CA LEU LB 61 64.46 21.57 -5.44
C LEU LB 61 63.68 22.68 -6.12
N ALA LB 62 62.60 23.16 -5.48
CA ALA LB 62 61.90 24.33 -6.00
C ALA LB 62 62.81 25.55 -6.01
N ALA LB 63 63.63 25.70 -4.97
CA ALA LB 63 64.54 26.82 -4.88
C ALA LB 63 65.65 26.73 -5.91
N GLN LB 64 66.19 25.53 -6.13
CA GLN LB 64 67.23 25.36 -7.15
C GLN LB 64 66.70 25.66 -8.54
N ASP LB 65 65.48 25.21 -8.84
CA ASP LB 65 64.96 25.41 -10.19
C ASP LB 65 64.59 26.87 -10.43
N VAL LB 66 64.06 27.54 -9.41
CA VAL LB 66 63.71 28.96 -9.56
C VAL LB 66 64.97 29.82 -9.59
N ALA LB 67 65.99 29.45 -8.81
CA ALA LB 67 67.25 30.18 -8.87
C ALA LB 67 67.96 29.95 -10.19
N GLN LB 68 67.69 28.82 -10.84
CA GLN LB 68 68.17 28.62 -12.21
C GLN LB 68 67.46 29.56 -13.17
N ARG LB 69 66.13 29.61 -13.09
CA ARG LB 69 65.36 30.39 -14.07
C ARG LB 69 65.53 31.89 -13.88
N CYS LB 70 65.79 32.34 -12.66
CA CYS LB 70 66.01 33.76 -12.42
C CYS LB 70 67.35 34.20 -12.98
N LYS LB 71 68.36 33.34 -12.86
CA LYS LB 71 69.65 33.60 -13.52
C LYS LB 71 69.50 33.55 -15.03
N GLU LB 72 68.61 32.70 -15.52
CA GLU LB 72 68.32 32.65 -16.95
C GLU LB 72 67.69 33.94 -17.45
N LEU LB 73 66.77 34.51 -16.68
CA LEU LB 73 66.12 35.75 -17.09
C LEU LB 73 66.80 36.98 -16.52
N GLY LB 74 67.98 36.81 -15.92
CA GLY LB 74 68.87 37.90 -15.60
C GLY LB 74 68.44 38.88 -14.54
N ILE LB 75 67.86 38.40 -13.45
CA ILE LB 75 67.59 39.27 -12.31
C ILE LB 75 68.47 38.83 -11.15
N THR LB 76 69.15 39.78 -10.53
CA THR LB 76 70.16 39.46 -9.52
C THR LB 76 69.59 39.30 -8.12
N ALA LB 77 69.02 40.38 -7.58
CA ALA LB 77 68.72 40.42 -6.16
C ALA LB 77 67.25 40.21 -5.89
N LEU LB 78 66.94 39.80 -4.67
CA LEU LB 78 65.58 39.50 -4.26
C LEU LB 78 65.30 40.07 -2.89
N HIS LB 79 64.24 40.87 -2.78
CA HIS LB 79 63.60 41.09 -1.51
C HIS LB 79 62.69 39.91 -1.26
N ILE LB 80 62.48 39.56 0.01
CA ILE LB 80 61.79 38.31 0.31
C ILE LB 80 60.59 38.59 1.20
N LYS LB 81 59.40 38.33 0.69
CA LYS LB 81 58.17 38.34 1.47
C LYS LB 81 57.86 36.90 1.86
N LEU LB 82 57.57 36.69 3.13
CA LEU LB 82 57.32 35.35 3.66
C LEU LB 82 55.93 35.29 4.28
N ARG LB 83 55.25 34.16 4.12
CA ARG LB 83 53.90 34.04 4.65
C ARG LB 83 53.48 32.59 4.84
N ALA LB 84 52.39 32.43 5.57
CA ALA LB 84 51.66 31.18 5.71
C ALA LB 84 50.17 31.49 5.66
N THR LB 85 49.35 30.44 5.81
CA THR LB 85 47.90 30.59 5.87
C THR LB 85 47.54 31.23 7.20
N GLY LB 86 47.12 32.49 7.17
CA GLY LB 86 47.02 33.25 8.41
C GLY LB 86 45.63 33.70 8.81
N GLY LB 87 44.60 33.28 8.08
CA GLY LB 87 43.26 33.76 8.38
C GLY LB 87 42.72 33.20 9.68
N ASN LB 88 42.53 31.89 9.74
CA ASN LB 88 42.06 31.26 10.96
C ASN LB 88 43.07 30.20 11.34
N ARG LB 89 43.99 29.95 10.42
CA ARG LB 89 44.87 28.80 10.51
C ARG LB 89 46.09 29.14 11.34
N THR LB 90 47.10 28.27 11.22
CA THR LB 90 48.32 28.43 11.97
C THR LB 90 49.09 29.65 11.50
N LYS LB 91 49.28 30.60 12.40
CA LYS LB 91 49.99 31.82 12.07
C LYS LB 91 51.48 31.61 11.84
N THR LB 92 52.03 30.52 12.37
CA THR LB 92 53.43 30.21 12.15
C THR LB 92 53.67 29.74 10.72
N PRO LB 93 54.84 30.00 10.15
CA PRO LB 93 55.14 29.46 8.82
C PRO LB 93 55.39 27.97 8.88
N GLY LB 94 55.34 27.34 7.72
CA GLY LB 94 55.59 25.93 7.60
C GLY LB 94 57.06 25.59 7.72
N PRO LB 95 57.39 24.32 7.52
CA PRO LB 95 58.82 23.94 7.56
C PRO LB 95 59.57 24.33 6.32
N GLY LB 96 58.88 24.67 5.23
CA GLY LB 96 59.55 24.88 3.97
C GLY LB 96 60.32 26.18 3.88
N ALA LB 97 60.00 27.15 4.75
CA ALA LB 97 60.62 28.48 4.66
C ALA LB 97 62.08 28.45 5.08
N GLN LB 98 62.37 27.70 6.14
CA GLN LB 98 63.74 27.46 6.59
C GLN LB 98 64.59 26.86 5.48
N SER LB 99 63.99 25.96 4.69
CA SER LB 99 64.70 25.36 3.57
C SER LB 99 64.86 26.34 2.41
N ALA LB 100 63.81 27.13 2.14
CA ALA LB 100 63.77 27.92 0.92
C ALA LB 100 64.65 29.16 1.03
N LEU LB 101 64.84 29.69 2.23
CA LEU LB 101 65.78 30.80 2.36
C LEU LB 101 67.21 30.34 2.17
N ARG LB 102 67.55 29.17 2.74
CA ARG LB 102 68.88 28.60 2.60
C ARG LB 102 69.19 28.27 1.15
N ALA LB 103 68.25 27.65 0.45
CA ALA LB 103 68.56 27.17 -0.89
C ALA LB 103 68.31 28.25 -1.94
N LEU LB 104 67.86 29.44 -1.52
CA LEU LB 104 67.99 30.61 -2.37
C LEU LB 104 69.32 31.30 -2.16
N ALA LB 105 69.74 31.46 -0.89
CA ALA LB 105 70.97 32.19 -0.63
C ALA LB 105 72.20 31.37 -0.97
N ARG LB 106 72.03 30.06 -1.16
CA ARG LB 106 73.20 29.21 -1.37
C ARG LB 106 73.74 29.33 -2.79
N SER LB 107 72.87 29.42 -3.78
CA SER LB 107 73.27 29.42 -5.18
C SER LB 107 72.87 30.74 -5.83
N GLY LB 108 73.78 31.71 -5.77
CA GLY LB 108 73.50 33.05 -6.30
C GLY LB 108 72.40 33.72 -5.52
N MET LB 109 71.66 34.59 -6.22
CA MET LB 109 70.41 35.20 -5.73
C MET LB 109 70.63 36.00 -4.45
N LYS LB 110 71.37 37.09 -4.58
CA LYS LB 110 71.67 37.94 -3.44
C LYS LB 110 70.40 38.55 -2.87
N ILE LB 111 70.36 38.70 -1.55
CA ILE LB 111 69.13 38.96 -0.81
C ILE LB 111 69.19 40.35 -0.22
N GLY LB 112 68.15 41.14 -0.46
CA GLY LB 112 67.98 42.41 0.21
C GLY LB 112 67.33 42.20 1.55
N ARG LB 113 66.21 42.88 1.79
CA ARG LB 113 65.56 42.74 3.08
C ARG LB 113 64.36 41.79 3.00
N ILE LB 114 63.99 41.29 4.17
CA ILE LB 114 63.02 40.21 4.30
C ILE LB 114 61.92 40.69 5.23
N GLU LB 115 60.68 40.53 4.80
CA GLU LB 115 59.53 40.84 5.64
C GLU LB 115 58.63 39.62 5.74
N ASP LB 116 57.82 39.57 6.78
CA ASP LB 116 56.89 38.46 6.99
C ASP LB 116 55.48 39.00 6.84
N VAL LB 117 54.99 39.05 5.61
CA VAL LB 117 53.66 39.58 5.39
C VAL LB 117 52.72 38.38 5.46
N THR LB 118 52.42 37.95 6.68
CA THR LB 118 51.47 36.88 6.90
C THR LB 118 50.14 37.55 7.19
N PRO LB 119 49.06 37.18 6.50
CA PRO LB 119 47.82 37.93 6.67
C PRO LB 119 47.19 37.65 8.03
N ILE LB 120 47.34 38.62 8.93
CA ILE LB 120 46.79 38.52 10.27
C ILE LB 120 45.46 39.24 10.27
N PRO LB 121 44.38 38.60 10.67
CA PRO LB 121 43.08 39.27 10.68
C PRO LB 121 42.99 40.18 11.87
N SER LB 122 41.98 41.04 11.91
CA SER LB 122 41.65 41.70 13.16
C SER LB 122 41.04 40.70 14.13
N ASP LB 123 39.88 40.15 13.80
CA ASP LB 123 39.14 39.43 14.82
C ASP LB 123 38.47 38.14 14.41
N SER LB 124 39.16 37.31 13.62
CA SER LB 124 39.00 35.86 13.60
C SER LB 124 37.59 35.33 13.33
N THR LB 125 37.09 35.47 12.10
CA THR LB 125 35.88 34.74 11.69
C THR LB 125 36.05 33.24 11.90
N ARG LB 126 34.93 32.54 12.15
CA ARG LB 126 34.87 31.24 12.82
C ARG LB 126 35.82 30.17 12.30
N ARG LB 127 36.28 29.32 13.20
CA ARG LB 127 37.37 28.39 12.93
C ARG LB 127 36.82 27.13 12.27
N LYS LB 128 37.66 26.41 11.53
CA LYS LB 128 37.21 25.26 10.75
C LYS LB 128 36.84 24.08 11.65
N GLY LB 129 37.41 24.02 12.85
CA GLY LB 129 37.30 22.83 13.68
C GLY LB 129 35.95 22.54 14.32
N GLY LB 130 35.27 23.56 14.81
CA GLY LB 130 34.05 23.32 15.56
C GLY LB 130 34.21 23.71 17.02
N ARG LB 131 33.28 23.28 17.87
CA ARG LB 131 33.36 23.52 19.31
C ARG LB 131 34.57 22.84 19.89
N ARG LB 132 34.59 21.51 19.84
CA ARG LB 132 35.70 20.77 20.44
C ARG LB 132 36.72 20.42 19.38
N GLY LB 133 36.37 20.60 18.10
CA GLY LB 133 37.38 20.72 17.06
C GLY LB 133 37.96 19.41 16.58
N ARG LB 134 39.29 19.35 16.55
CA ARG LB 134 40.00 18.18 16.08
C ARG LB 134 40.16 17.17 17.21
N ARG LB 135 39.85 15.92 16.93
CA ARG LB 135 40.00 14.84 17.90
C ARG LB 135 40.89 13.80 17.24
N LEU LB 136 42.04 13.53 17.85
CA LEU LB 136 43.10 12.64 17.34
C LEU LB 136 43.59 13.09 15.96
N PHE MB 1 51.92 -79.12 -7.81
CA PHE MB 1 52.69 -78.54 -6.71
C PHE MB 1 54.17 -78.84 -6.82
N ARG MB 2 54.87 -78.65 -5.69
CA ARG MB 2 56.27 -78.99 -5.54
C ARG MB 2 56.52 -79.37 -4.09
N LYS MB 3 57.39 -80.34 -3.87
CA LYS MB 3 57.81 -80.67 -2.52
C LYS MB 3 58.72 -79.56 -1.98
N PHE MB 4 58.45 -79.13 -0.75
CA PHE MB 4 59.21 -78.03 -0.17
C PHE MB 4 60.60 -78.50 0.26
N THR MB 5 61.62 -77.94 -0.37
CA THR MB 5 62.98 -78.03 0.11
C THR MB 5 63.30 -76.73 0.84
N TYR MB 6 63.92 -76.83 2.00
CA TYR MB 6 64.14 -75.63 2.81
C TYR MB 6 65.36 -74.86 2.32
N ARG MB 7 66.52 -75.51 2.26
CA ARG MB 7 67.72 -74.90 1.71
C ARG MB 7 68.39 -75.90 0.78
N GLY MB 8 67.58 -76.74 0.14
CA GLY MB 8 68.08 -77.75 -0.75
C GLY MB 8 67.96 -79.17 -0.24
N VAL MB 9 67.44 -79.38 0.96
CA VAL MB 9 67.25 -80.71 1.53
C VAL MB 9 65.77 -80.98 1.68
N ASP MB 10 65.38 -82.24 1.61
CA ASP MB 10 63.98 -82.60 1.63
C ASP MB 10 63.44 -82.64 3.06
N LEU MB 11 62.12 -82.80 3.17
CA LEU MB 11 61.48 -82.76 4.48
C LEU MB 11 61.77 -84.03 5.26
N ASP MB 12 61.78 -85.18 4.59
CA ASP MB 12 62.15 -86.42 5.28
C ASP MB 12 63.65 -86.47 5.56
N GLN MB 13 64.43 -85.70 4.79
CA GLN MB 13 65.82 -85.47 5.17
C GLN MB 13 65.91 -84.64 6.45
N LEU MB 14 65.01 -83.65 6.59
CA LEU MB 14 64.97 -82.86 7.82
C LEU MB 14 64.52 -83.70 9.01
N LEU MB 15 63.60 -84.63 8.77
CA LEU MB 15 63.07 -85.47 9.85
C LEU MB 15 64.12 -86.42 10.39
N ASP MB 16 64.80 -87.16 9.49
CA ASP MB 16 65.82 -88.10 9.94
C ASP MB 16 67.14 -87.40 10.24
N MET MB 17 67.25 -86.13 9.86
CA MET MB 17 68.45 -85.37 10.18
C MET MB 17 68.37 -84.87 11.61
N SER MB 18 69.44 -85.11 12.37
CA SER MB 18 69.47 -84.70 13.77
C SER MB 18 69.62 -83.20 13.89
N TYR MB 19 69.16 -82.66 15.03
CA TYR MB 19 69.15 -81.21 15.17
C TYR MB 19 70.56 -80.67 15.39
N GLU MB 20 71.48 -81.51 15.84
CA GLU MB 20 72.88 -81.12 15.87
C GLU MB 20 73.47 -81.02 14.47
N GLN MB 21 72.76 -81.51 13.45
CA GLN MB 21 73.19 -81.32 12.08
C GLN MB 21 72.40 -80.22 11.38
N LEU MB 22 71.11 -80.05 11.71
CA LEU MB 22 70.31 -79.08 10.95
C LEU MB 22 70.36 -77.69 11.57
N MET MB 23 70.71 -77.59 12.86
CA MET MB 23 70.92 -76.29 13.46
C MET MB 23 72.32 -75.77 13.16
N GLN MB 24 73.10 -76.52 12.38
CA GLN MB 24 74.20 -75.92 11.63
C GLN MB 24 73.68 -75.23 10.38
N LEU MB 25 72.50 -75.64 9.90
CA LEU MB 25 72.08 -75.25 8.57
C LEU MB 25 71.01 -74.17 8.59
N TYR MB 26 70.42 -73.89 9.75
CA TYR MB 26 69.49 -72.75 9.79
C TYR MB 26 70.23 -71.41 9.77
N SER MB 27 69.43 -70.34 9.91
CA SER MB 27 69.93 -68.98 9.89
C SER MB 27 70.76 -68.67 11.12
N ALA MB 28 71.44 -67.52 11.09
CA ALA MB 28 72.43 -67.19 12.12
C ALA MB 28 71.80 -66.99 13.49
N ARG MB 29 70.60 -66.41 13.53
CA ARG MB 29 69.89 -66.21 14.79
C ARG MB 29 69.54 -67.55 15.44
N GLN MB 30 69.08 -68.51 14.64
CA GLN MB 30 68.68 -69.78 15.22
C GLN MB 30 69.88 -70.67 15.48
N ARG MB 31 70.97 -70.46 14.75
CA ARG MB 31 72.22 -71.13 15.09
C ARG MB 31 72.76 -70.65 16.41
N ARG MB 32 72.59 -69.36 16.72
CA ARG MB 32 72.92 -68.89 18.05
C ARG MB 32 71.96 -69.45 19.09
N ARG MB 33 70.69 -69.58 18.72
CA ARG MB 33 69.69 -70.08 19.65
C ARG MB 33 69.95 -71.53 20.03
N LEU MB 34 70.51 -72.33 19.11
CA LEU MB 34 70.83 -73.68 19.54
C LEU MB 34 72.34 -73.88 19.76
N ASN MB 35 73.13 -72.82 19.65
CA ASN MB 35 74.36 -72.75 20.41
C ASN MB 35 74.06 -72.63 21.89
N ARG MB 36 73.00 -71.89 22.23
CA ARG MB 36 72.63 -71.70 23.63
C ARG MB 36 71.13 -71.78 23.88
N GLY MB 37 70.35 -71.97 22.82
CA GLY MB 37 68.90 -72.05 22.94
C GLY MB 37 68.37 -73.46 23.16
N LEU MB 38 68.34 -73.88 24.43
CA LEU MB 38 67.85 -75.21 24.79
C LEU MB 38 67.51 -75.30 26.28
N ARG MB 39 66.28 -75.71 26.57
CA ARG MB 39 65.81 -75.87 27.96
C ARG MB 39 64.56 -76.74 28.01
N ARG MB 40 64.03 -76.96 29.21
CA ARG MB 40 62.82 -77.76 29.40
C ARG MB 40 61.71 -77.20 28.54
N LYS MB 41 61.32 -75.96 28.84
CA LYS MB 41 60.31 -75.26 28.03
C LYS MB 41 60.40 -75.60 26.55
N GLN MB 42 61.60 -75.86 26.05
CA GLN MB 42 61.74 -76.40 24.71
C GLN MB 42 61.66 -77.93 24.72
N HIS MB 43 61.95 -78.53 25.87
CA HIS MB 43 62.13 -79.98 25.92
C HIS MB 43 60.82 -80.68 26.27
N SER MB 44 59.91 -80.01 26.97
CA SER MB 44 58.65 -80.60 27.39
C SER MB 44 57.48 -80.25 26.49
N LEU MB 45 57.49 -79.04 25.92
CA LEU MB 45 56.46 -78.67 24.97
C LEU MB 45 56.56 -79.53 23.72
N LEU MB 46 57.77 -79.93 23.34
CA LEU MB 46 57.90 -80.78 22.17
C LEU MB 46 57.49 -82.21 22.49
N LYS MB 47 57.63 -82.63 23.76
CA LYS MB 47 57.06 -83.90 24.19
C LYS MB 47 55.54 -83.91 24.11
N ARG MB 48 54.91 -82.84 24.63
CA ARG MB 48 53.46 -82.69 24.52
C ARG MB 48 53.01 -82.63 23.07
N LEU MB 49 53.83 -82.02 22.20
CA LEU MB 49 53.50 -81.95 20.79
C LEU MB 49 53.65 -83.33 20.14
N ARG MB 50 54.63 -84.13 20.59
CA ARG MB 50 54.74 -85.50 20.10
C ARG MB 50 53.53 -86.33 20.48
N LYS MB 51 53.04 -86.16 21.71
CA LYS MB 51 51.87 -86.93 22.14
C LYS MB 51 50.63 -86.53 21.37
N ALA MB 52 50.42 -85.22 21.17
CA ALA MB 52 49.25 -84.76 20.43
C ALA MB 52 49.40 -85.07 18.94
N LYS MB 53 50.64 -85.24 18.47
CA LYS MB 53 50.85 -85.66 17.09
C LYS MB 53 50.56 -87.14 16.93
N LYS MB 54 50.85 -87.94 17.97
CA LYS MB 54 50.70 -89.39 17.85
C LYS MB 54 49.26 -89.82 18.05
N GLU MB 55 48.56 -89.16 18.95
CA GLU MB 55 47.17 -89.50 19.23
C GLU MB 55 46.28 -89.32 18.01
N ALA MB 56 46.88 -89.40 16.82
CA ALA MB 56 46.14 -89.24 15.57
C ALA MB 56 46.22 -90.50 14.70
N PRO MB 57 45.31 -91.45 14.93
CA PRO MB 57 45.25 -92.71 14.18
C PRO MB 57 44.98 -92.50 12.69
N PRO MB 58 43.74 -92.12 12.34
CA PRO MB 58 43.31 -91.87 10.96
C PRO MB 58 43.53 -90.43 10.48
N MET MB 59 44.63 -89.82 10.90
CA MET MB 59 44.97 -88.45 10.50
C MET MB 59 43.82 -87.45 10.60
N GLU MB 60 43.32 -87.24 11.80
CA GLU MB 60 42.24 -86.29 12.03
C GLU MB 60 42.88 -84.99 12.47
N LYS MB 61 42.20 -83.86 12.29
CA LYS MB 61 42.79 -82.59 12.68
C LYS MB 61 43.43 -82.77 14.05
N PRO MB 62 44.75 -82.58 14.18
CA PRO MB 62 45.43 -82.87 15.45
C PRO MB 62 45.03 -81.92 16.57
N GLU MB 63 45.25 -82.34 17.81
CA GLU MB 63 44.78 -81.63 18.99
C GLU MB 63 45.52 -80.32 19.14
N VAL MB 64 44.80 -79.26 19.50
CA VAL MB 64 45.43 -77.96 19.69
C VAL MB 64 46.26 -77.98 20.98
N VAL MB 65 47.54 -77.69 20.83
CA VAL MB 65 48.46 -77.56 21.96
C VAL MB 65 48.61 -76.09 22.27
N LYS MB 66 48.12 -75.68 23.43
CA LYS MB 66 48.14 -74.29 23.84
C LYS MB 66 49.49 -73.99 24.45
N THR MB 67 50.03 -72.81 24.16
CA THR MB 67 51.35 -72.44 24.64
C THR MB 67 51.43 -70.94 24.86
N HIS MB 68 52.26 -70.56 25.82
CA HIS MB 68 52.72 -69.19 26.04
C HIS MB 68 54.05 -68.93 25.38
N LEU MB 69 54.72 -69.98 24.93
CA LEU MB 69 56.09 -69.89 24.43
C LEU MB 69 56.05 -69.38 23.00
N ARG MB 70 55.89 -68.05 22.86
CA ARG MB 70 56.04 -67.42 21.56
C ARG MB 70 57.49 -67.47 21.10
N ASP MB 71 58.42 -67.66 22.04
CA ASP MB 71 59.84 -67.54 21.73
C ASP MB 71 60.46 -68.88 21.37
N MET MB 72 59.64 -69.82 20.92
CA MET MB 72 60.16 -71.08 20.39
C MET MB 72 60.67 -70.85 18.97
N ILE MB 73 61.25 -71.88 18.35
CA ILE MB 73 61.41 -71.90 16.90
C ILE MB 73 60.65 -73.09 16.32
N ILE MB 74 60.24 -72.96 15.06
CA ILE MB 74 59.61 -74.09 14.38
C ILE MB 74 60.67 -74.97 13.75
N LEU MB 75 60.75 -76.20 14.23
CA LEU MB 75 61.69 -77.21 13.79
C LEU MB 75 60.87 -78.41 13.37
N PRO MB 76 61.47 -79.36 12.63
CA PRO MB 76 60.77 -80.62 12.36
C PRO MB 76 60.53 -81.42 13.63
N GLU MB 77 59.67 -82.43 13.51
CA GLU MB 77 58.84 -83.10 14.53
C GLU MB 77 57.78 -82.16 15.08
N MET MB 78 57.50 -81.04 14.41
CA MET MB 78 56.39 -80.16 14.73
C MET MB 78 55.66 -79.73 13.47
N VAL MB 79 56.11 -80.18 12.30
CA VAL MB 79 55.55 -79.72 11.05
C VAL MB 79 54.20 -80.38 10.79
N GLY MB 80 53.21 -79.54 10.51
CA GLY MB 80 51.87 -80.04 10.30
C GLY MB 80 51.08 -80.24 11.57
N SER MB 81 51.30 -79.39 12.56
CA SER MB 81 50.71 -79.56 13.88
C SER MB 81 49.71 -78.43 14.14
N MET MB 82 49.01 -78.53 15.27
CA MET MB 82 48.01 -77.54 15.61
C MET MB 82 48.39 -76.88 16.92
N VAL MB 83 48.81 -75.62 16.86
CA VAL MB 83 49.37 -74.92 18.02
C VAL MB 83 48.53 -73.69 18.30
N GLY MB 84 47.94 -73.63 19.50
CA GLY MB 84 47.33 -72.42 19.98
C GLY MB 84 48.41 -71.59 20.66
N VAL MB 85 48.55 -70.35 20.23
CA VAL MB 85 49.60 -69.45 20.69
C VAL MB 85 48.94 -68.34 21.48
N TYR MB 86 49.53 -68.02 22.64
CA TYR MB 86 49.01 -67.00 23.53
C TYR MB 86 49.50 -65.63 23.08
N ASN MB 87 48.60 -64.65 23.12
CA ASN MB 87 48.91 -63.25 22.86
C ASN MB 87 48.38 -62.34 23.96
N GLY MB 88 47.70 -62.91 24.96
CA GLY MB 88 47.03 -62.17 26.00
C GLY MB 88 45.67 -62.74 26.36
N LYS MB 89 44.92 -63.23 25.36
CA LYS MB 89 43.59 -63.76 25.52
C LYS MB 89 43.22 -64.46 24.22
N THR MB 90 42.50 -65.59 24.36
CA THR MB 90 41.94 -66.35 23.24
C THR MB 90 43.05 -66.82 22.27
N PHE MB 91 43.80 -67.83 22.72
CA PHE MB 91 44.86 -68.50 21.96
C PHE MB 91 44.53 -68.66 20.48
N ASN MB 92 45.43 -68.19 19.63
CA ASN MB 92 45.22 -68.27 18.19
C ASN MB 92 45.68 -69.63 17.68
N GLN MB 93 44.82 -70.30 16.93
CA GLN MB 93 45.01 -71.70 16.58
C GLN MB 93 45.62 -71.78 15.20
N VAL MB 94 46.90 -72.15 15.14
CA VAL MB 94 47.72 -72.07 13.94
C VAL MB 94 48.00 -73.48 13.46
N GLU MB 95 47.73 -73.71 12.18
CA GLU MB 95 48.13 -74.95 11.52
C GLU MB 95 49.52 -74.78 10.92
N ILE MB 96 50.44 -75.63 11.33
CA ILE MB 96 51.83 -75.53 10.92
C ILE MB 96 51.95 -76.02 9.49
N LYS MB 97 52.75 -75.34 8.70
CA LYS MB 97 53.08 -75.69 7.32
C LYS MB 97 54.58 -75.90 7.20
N PRO MB 98 55.04 -76.67 6.19
CA PRO MB 98 56.49 -76.94 6.08
C PRO MB 98 57.35 -75.72 5.79
N GLU MB 99 56.80 -74.68 5.17
CA GLU MB 99 57.56 -73.46 4.93
C GLU MB 99 57.63 -72.55 6.15
N MET MB 100 56.97 -72.92 7.25
CA MET MB 100 57.03 -72.14 8.49
C MET MB 100 58.27 -72.42 9.31
N ILE MB 101 59.18 -73.25 8.81
CA ILE MB 101 60.49 -73.48 9.43
C ILE MB 101 61.30 -72.20 9.39
N GLY MB 102 61.78 -71.78 10.55
CA GLY MB 102 62.49 -70.53 10.66
C GLY MB 102 61.70 -69.41 11.28
N HIS MB 103 60.41 -69.62 11.53
CA HIS MB 103 59.55 -68.65 12.18
C HIS MB 103 59.22 -69.18 13.57
N TYR MB 104 58.93 -68.33 14.53
CA TYR MB 104 58.69 -68.89 15.85
C TYR MB 104 57.23 -69.20 16.06
N LEU MB 105 56.83 -69.14 17.32
CA LEU MB 105 55.44 -69.30 17.71
C LEU MB 105 54.91 -67.92 18.10
N GLY MB 106 55.52 -66.88 17.50
CA GLY MB 106 55.18 -65.50 17.72
C GLY MB 106 54.82 -64.82 16.43
N GLU MB 107 55.55 -65.05 15.32
CA GLU MB 107 55.08 -64.32 14.16
C GLU MB 107 53.65 -64.70 13.79
N PHE MB 108 53.13 -65.76 14.41
CA PHE MB 108 51.86 -66.31 13.95
C PHE MB 108 50.69 -65.60 14.60
N SER MB 109 50.71 -65.49 15.92
CA SER MB 109 49.63 -64.85 16.64
C SER MB 109 49.80 -63.33 16.60
N ILE MB 110 48.66 -62.64 16.64
CA ILE MB 110 48.60 -61.20 16.48
C ILE MB 110 48.24 -60.60 17.83
N THR MB 111 48.93 -59.52 18.20
CA THR MB 111 48.77 -58.98 19.54
C THR MB 111 47.92 -57.73 19.59
N TYR MB 112 47.34 -57.29 18.47
CA TYR MB 112 46.53 -56.09 18.46
C TYR MB 112 45.51 -56.18 17.34
N LYS MB 113 44.65 -55.15 17.30
CA LYS MB 113 43.62 -54.97 16.28
C LYS MB 113 44.11 -53.88 15.32
N PRO MB 114 44.54 -54.29 14.12
CA PRO MB 114 45.11 -53.65 12.93
C PRO MB 114 45.02 -52.12 12.69
N VAL MB 115 43.84 -51.54 12.50
CA VAL MB 115 43.75 -50.13 12.14
C VAL MB 115 42.51 -49.40 12.69
N LYS MB 116 41.33 -49.67 12.12
CA LYS MB 116 40.03 -49.09 12.49
C LYS MB 116 40.04 -47.59 12.82
N HIS MB 117 40.88 -46.81 12.14
CA HIS MB 117 41.18 -45.48 12.65
C HIS MB 117 40.22 -44.40 12.14
N GLY MB 118 39.64 -43.68 13.09
CA GLY MB 118 39.20 -42.33 12.83
C GLY MB 118 38.43 -41.69 13.96
N ARG MB 119 38.84 -40.49 14.37
CA ARG MB 119 37.99 -39.63 15.20
C ARG MB 119 37.03 -38.80 14.36
N PRO MB 120 37.48 -38.07 13.30
CA PRO MB 120 36.39 -37.35 12.61
C PRO MB 120 35.71 -38.21 11.55
N GLN NB 1 126.45 -24.91 27.58
CA GLN NB 1 125.90 -23.59 27.27
C GLN NB 1 124.65 -23.68 26.40
N SER NB 2 123.48 -23.61 27.04
CA SER NB 2 122.21 -23.76 26.32
C SER NB 2 121.10 -23.13 27.16
N VAL NB 3 120.06 -22.67 26.47
CA VAL NB 3 118.89 -22.09 27.14
C VAL NB 3 117.65 -22.74 26.53
N GLN NB 4 116.71 -23.13 27.39
CA GLN NB 4 115.41 -23.63 26.96
C GLN NB 4 114.32 -22.61 27.31
N VAL NB 5 113.58 -22.18 26.29
CA VAL NB 5 112.45 -21.25 26.46
C VAL NB 5 111.22 -21.98 25.93
N PHE NB 6 110.03 -21.41 26.10
CA PHE NB 6 108.82 -22.11 25.67
C PHE NB 6 107.93 -21.33 24.71
N GLY NB 7 106.95 -22.04 24.15
CA GLY NB 7 106.02 -21.46 23.20
C GLY NB 7 104.78 -20.81 23.77
N ARG NB 8 104.00 -21.54 24.55
CA ARG NB 8 102.76 -20.96 25.08
C ARG NB 8 101.90 -20.23 24.06
N LYS NB 9 101.40 -21.01 23.11
CA LYS NB 9 100.13 -20.73 22.44
C LYS NB 9 99.05 -21.39 23.32
N LYS NB 10 97.83 -21.55 22.81
CA LYS NB 10 96.62 -21.80 23.59
C LYS NB 10 96.71 -23.08 24.42
N THR NB 11 96.97 -24.22 23.80
CA THR NB 11 97.34 -25.42 24.56
C THR NB 11 98.46 -26.10 23.77
N ALA NB 12 99.38 -25.28 23.30
CA ALA NB 12 100.52 -25.80 22.54
C ALA NB 12 101.78 -25.15 23.07
N THR NB 13 102.74 -25.98 23.43
CA THR NB 13 103.97 -25.52 24.06
C THR NB 13 105.16 -26.11 23.33
N ALA NB 14 106.08 -25.25 22.92
CA ALA NB 14 107.29 -25.65 22.22
C ALA NB 14 108.49 -25.35 23.10
N VAL NB 15 109.11 -26.40 23.62
CA VAL NB 15 110.41 -26.30 24.28
C VAL NB 15 111.43 -25.99 23.20
N ALA NB 16 112.03 -24.82 23.29
CA ALA NB 16 113.05 -24.37 22.35
C ALA NB 16 114.39 -24.42 23.06
N HIS NB 17 115.29 -25.25 22.53
CA HIS NB 17 116.63 -25.46 23.07
C HIS NB 17 117.62 -24.81 22.14
N CYS NB 18 118.25 -23.74 22.60
CA CYS NB 18 119.19 -22.98 21.78
C CYS NB 18 120.60 -23.20 22.29
N LYS NB 19 121.43 -23.80 21.45
CA LYS NB 19 122.82 -24.11 21.75
C LYS NB 19 123.68 -23.36 20.75
N ARG NB 20 124.89 -23.00 21.17
CA ARG NB 20 125.80 -22.30 20.27
C ARG NB 20 126.28 -23.22 19.15
N GLY NB 21 126.22 -22.72 17.92
CA GLY NB 21 126.71 -23.49 16.78
C GLY NB 21 126.28 -22.86 15.48
N ASN NB 22 126.48 -23.61 14.40
CA ASN NB 22 126.36 -23.10 13.03
C ASN NB 22 124.94 -22.72 12.63
N GLY NB 23 123.93 -23.30 13.27
CA GLY NB 23 122.56 -23.05 12.85
C GLY NB 23 121.88 -24.29 12.32
N LEU NB 24 121.01 -24.85 13.16
CA LEU NB 24 120.19 -25.99 12.80
C LEU NB 24 118.78 -25.72 13.31
N ILE NB 25 117.79 -26.34 12.66
CA ILE NB 25 116.41 -26.32 13.15
C ILE NB 25 115.89 -27.75 13.17
N LYS NB 26 115.62 -28.25 14.37
CA LYS NB 26 114.96 -29.53 14.57
C LYS NB 26 113.58 -29.28 15.15
N VAL NB 27 112.55 -29.44 14.34
CA VAL NB 27 111.16 -29.37 14.78
C VAL NB 27 110.61 -30.79 14.75
N ASN NB 28 110.60 -31.43 15.94
CA ASN NB 28 110.15 -32.80 16.14
C ASN NB 28 110.93 -33.77 15.25
N GLY NB 29 112.21 -33.51 15.09
CA GLY NB 29 113.04 -34.33 14.23
C GLY NB 29 113.13 -33.86 12.79
N ARG NB 30 112.43 -32.79 12.45
CA ARG NB 30 112.24 -32.42 11.06
C ARG NB 30 112.59 -30.96 10.85
N PRO NB 31 113.28 -30.61 9.76
CA PRO NB 31 113.78 -29.23 9.63
C PRO NB 31 112.69 -28.21 9.33
N LEU NB 32 113.15 -26.99 9.06
CA LEU NB 32 112.29 -25.80 9.06
C LEU NB 32 111.34 -25.81 7.88
N GLU NB 33 111.81 -26.24 6.71
CA GLU NB 33 111.05 -26.05 5.49
C GLU NB 33 109.90 -27.04 5.38
N MET NB 34 109.92 -28.08 6.20
CA MET NB 34 108.84 -29.06 6.22
C MET NB 34 108.04 -28.96 7.50
N ILE NB 35 106.89 -28.30 7.43
CA ILE NB 35 105.96 -28.21 8.56
C ILE NB 35 104.66 -28.84 8.06
N GLU NB 36 103.71 -29.06 8.97
CA GLU NB 36 102.51 -29.82 8.61
C GLU NB 36 101.51 -29.04 7.75
N PRO NB 37 101.18 -27.74 8.00
CA PRO NB 37 100.39 -27.02 7.00
C PRO NB 37 101.22 -26.33 5.91
N ARG NB 38 100.90 -26.67 4.66
CA ARG NB 38 101.61 -26.06 3.53
C ARG NB 38 101.29 -24.58 3.41
N THR NB 39 100.07 -24.19 3.79
CA THR NB 39 99.68 -22.78 3.78
C THR NB 39 100.44 -21.99 4.83
N LEU NB 40 100.52 -22.52 6.04
CA LEU NB 40 101.29 -21.84 7.07
C LEU NB 40 102.74 -22.28 7.08
N GLN NB 41 103.24 -22.81 5.96
CA GLN NB 41 104.69 -22.95 5.76
C GLN NB 41 105.25 -21.67 5.12
N TYR NB 42 104.77 -20.54 5.61
CA TYR NB 42 105.41 -19.23 5.52
C TYR NB 42 105.29 -18.44 6.81
N LYS NB 43 104.31 -18.74 7.66
CA LYS NB 43 104.06 -17.97 8.86
C LYS NB 43 105.14 -18.22 9.90
N LEU NB 44 105.63 -19.45 9.93
CA LEU NB 44 106.63 -19.85 10.91
C LEU NB 44 107.99 -19.32 10.45
N LEU NB 45 108.09 -18.96 9.16
CA LEU NB 45 109.31 -18.41 8.59
C LEU NB 45 109.55 -16.97 9.02
N GLU NB 46 108.50 -16.30 9.52
CA GLU NB 46 108.53 -14.88 9.86
C GLU NB 46 109.62 -14.49 10.86
N PRO NB 47 109.92 -15.25 11.93
CA PRO NB 47 111.12 -14.90 12.71
C PRO NB 47 112.41 -15.08 11.94
N VAL NB 48 112.52 -16.13 11.12
CA VAL NB 48 113.76 -16.36 10.39
C VAL NB 48 113.92 -15.33 9.29
N LEU NB 49 112.86 -15.10 8.51
CA LEU NB 49 112.95 -14.12 7.43
C LEU NB 49 112.90 -12.70 7.96
N LEU NB 50 112.63 -12.51 9.25
CA LEU NB 50 112.63 -11.17 9.81
C LEU NB 50 113.96 -10.85 10.47
N LEU NB 51 114.63 -11.87 11.03
CA LEU NB 51 115.94 -11.64 11.61
C LEU NB 51 117.04 -11.68 10.56
N GLY NB 52 117.09 -12.75 9.78
CA GLY NB 52 118.02 -12.80 8.66
C GLY NB 52 119.10 -13.86 8.81
N LYS NB 53 120.33 -13.44 8.49
CA LYS NB 53 121.39 -14.40 8.20
C LYS NB 53 122.22 -14.74 9.43
N GLU NB 54 122.95 -13.75 9.98
CA GLU NB 54 124.05 -14.06 10.88
C GLU NB 54 123.58 -14.40 12.30
N ARG NB 55 122.27 -14.45 12.50
CA ARG NB 55 121.74 -14.64 13.85
C ARG NB 55 121.32 -16.08 14.07
N PHE NB 56 120.49 -16.61 13.16
CA PHE NB 56 120.34 -18.06 13.09
C PHE NB 56 121.64 -18.73 12.63
N ALA NB 57 122.47 -18.02 11.86
CA ALA NB 57 123.77 -18.57 11.50
C ALA NB 57 124.72 -18.66 12.70
N GLY NB 58 124.39 -17.96 13.79
CA GLY NB 58 125.11 -18.07 15.04
C GLY NB 58 124.48 -18.95 16.09
N VAL NB 59 123.19 -19.24 16.02
CA VAL NB 59 122.52 -20.02 17.07
C VAL NB 59 121.92 -21.29 16.47
N ASP NB 60 122.21 -22.43 17.09
CA ASP NB 60 121.46 -23.66 16.88
C ASP NB 60 120.18 -23.59 17.70
N ILE NB 61 119.04 -23.89 17.08
CA ILE NB 61 117.74 -23.86 17.76
C ILE NB 61 116.97 -25.11 17.38
N ARG NB 62 116.72 -25.98 18.35
CA ARG NB 62 115.88 -27.16 18.13
C ARG NB 62 114.60 -27.07 18.96
N VAL NB 63 113.51 -27.57 18.41
CA VAL NB 63 112.17 -27.34 18.94
C VAL NB 63 111.50 -28.69 19.16
N ARG NB 64 110.95 -28.90 20.36
CA ARG NB 64 110.17 -30.09 20.66
C ARG NB 64 108.78 -29.68 21.13
N VAL NB 65 107.76 -30.29 20.53
CA VAL NB 65 106.38 -29.86 20.70
C VAL NB 65 105.54 -31.06 21.12
N LYS NB 66 104.80 -30.92 22.22
CA LYS NB 66 103.73 -31.83 22.60
C LYS NB 66 102.41 -31.08 22.68
N GLY NB 67 102.10 -30.31 21.63
CA GLY NB 67 101.06 -29.32 21.64
C GLY NB 67 99.65 -29.87 21.56
N GLY NB 68 98.71 -28.98 21.22
CA GLY NB 68 97.31 -29.32 21.22
C GLY NB 68 96.65 -29.41 19.86
N GLY NB 69 97.08 -28.58 18.90
CA GLY NB 69 96.46 -28.58 17.60
C GLY NB 69 97.41 -28.07 16.54
N HIS NB 70 96.98 -28.23 15.28
CA HIS NB 70 97.83 -27.91 14.13
C HIS NB 70 98.22 -26.44 14.09
N VAL NB 71 97.22 -25.56 14.07
CA VAL NB 71 97.49 -24.14 13.94
C VAL NB 71 98.09 -23.59 15.23
N ALA NB 72 97.74 -24.20 16.36
CA ALA NB 72 98.30 -23.78 17.64
C ALA NB 72 99.79 -24.11 17.73
N GLN NB 73 100.21 -25.22 17.11
CA GLN NB 73 101.63 -25.57 17.08
C GLN NB 73 102.44 -24.55 16.30
N ILE NB 74 101.85 -23.97 15.25
CA ILE NB 74 102.58 -23.02 14.43
C ILE NB 74 102.92 -21.77 15.22
N TYR NB 75 101.93 -21.19 15.90
CA TYR NB 75 102.18 -20.02 16.73
C TYR NB 75 103.02 -20.36 17.95
N ALA NB 76 102.92 -21.59 18.47
CA ALA NB 76 103.73 -21.99 19.60
C ALA NB 76 105.21 -22.05 19.22
N ILE NB 77 105.50 -22.68 18.08
CA ILE NB 77 106.88 -22.75 17.58
C ILE NB 77 107.40 -21.36 17.24
N ARG NB 78 106.55 -20.54 16.62
CA ARG NB 78 106.88 -19.16 16.24
C ARG NB 78 107.30 -18.33 17.44
N GLN NB 79 106.46 -18.32 18.47
CA GLN NB 79 106.76 -17.53 19.66
C GLN NB 79 107.92 -18.14 20.45
N SER NB 80 108.11 -19.46 20.34
CA SER NB 80 109.24 -20.09 21.03
C SER NB 80 110.56 -19.69 20.39
N ILE NB 81 110.60 -19.58 19.07
CA ILE NB 81 111.78 -19.03 18.39
C ILE NB 81 112.04 -17.60 18.84
N SER NB 82 110.98 -16.77 18.84
CA SER NB 82 111.16 -15.35 19.11
C SER NB 82 111.51 -15.08 20.58
N LYS NB 83 111.18 -16.02 21.47
CA LYS NB 83 111.63 -15.89 22.86
C LYS NB 83 112.99 -16.53 23.06
N ALA NB 84 113.33 -17.55 22.26
CA ALA NB 84 114.61 -18.21 22.38
C ALA NB 84 115.74 -17.26 22.02
N LEU NB 85 115.53 -16.42 21.02
CA LEU NB 85 116.54 -15.40 20.69
C LEU NB 85 116.71 -14.41 21.84
N VAL NB 86 115.60 -14.06 22.50
CA VAL NB 86 115.63 -13.10 23.60
C VAL NB 86 116.45 -13.63 24.77
N ALA NB 87 116.20 -14.88 25.16
CA ALA NB 87 116.91 -15.41 26.31
C ALA NB 87 118.36 -15.75 25.97
N TYR NB 88 118.63 -16.15 24.73
CA TYR NB 88 120.02 -16.42 24.35
C TYR NB 88 120.81 -15.13 24.26
N TYR NB 89 120.14 -14.02 23.94
CA TYR NB 89 120.83 -12.73 24.00
C TYR NB 89 121.01 -12.26 25.43
N GLN NB 90 120.08 -12.58 26.33
CA GLN NB 90 120.33 -12.22 27.74
C GLN NB 90 121.47 -13.03 28.33
N LYS NB 91 121.75 -14.22 27.79
CA LYS NB 91 122.87 -14.98 28.32
C LYS NB 91 124.18 -14.67 27.59
N TYR NB 92 124.14 -14.35 26.30
CA TYR NB 92 125.37 -14.44 25.52
C TYR NB 92 125.81 -13.16 24.80
N VAL NB 93 124.90 -12.42 24.15
CA VAL NB 93 125.29 -11.19 23.44
C VAL NB 93 124.42 -10.04 23.93
N ASP NB 94 125.06 -8.98 24.38
CA ASP NB 94 124.56 -7.99 25.33
C ASP NB 94 123.27 -7.23 25.02
N GLU NB 95 122.83 -6.46 26.01
CA GLU NB 95 121.54 -5.78 25.96
C GLU NB 95 121.48 -4.74 24.85
N ALA NB 96 122.65 -4.21 24.44
CA ALA NB 96 122.68 -3.21 23.37
C ALA NB 96 122.30 -3.81 22.03
N SER NB 97 122.41 -5.13 21.88
CA SER NB 97 121.82 -5.81 20.73
C SER NB 97 120.44 -6.34 21.07
N LYS NB 98 120.27 -6.83 22.30
CA LYS NB 98 119.04 -7.54 22.69
C LYS NB 98 117.82 -6.63 22.67
N LYS NB 99 117.91 -5.46 23.31
CA LYS NB 99 116.74 -4.58 23.39
C LYS NB 99 116.43 -3.97 22.03
N GLU NB 100 117.44 -3.79 21.18
CA GLU NB 100 117.19 -3.25 19.85
C GLU NB 100 116.48 -4.26 18.96
N ILE NB 101 116.94 -5.52 18.96
CA ILE NB 101 116.30 -6.54 18.14
C ILE NB 101 114.93 -6.89 18.70
N LYS NB 102 114.77 -6.75 20.02
CA LYS NB 102 113.48 -6.95 20.66
C LYS NB 102 112.51 -5.83 20.32
N ASP NB 103 113.01 -4.60 20.22
CA ASP NB 103 112.18 -3.49 19.77
C ASP NB 103 111.73 -3.67 18.33
N ILE NB 104 112.61 -4.21 17.48
CA ILE NB 104 112.21 -4.47 16.10
C ILE NB 104 111.11 -5.53 16.03
N LEU NB 105 111.26 -6.62 16.81
CA LEU NB 105 110.26 -7.67 16.81
C LEU NB 105 108.93 -7.20 17.41
N ILE NB 106 108.97 -6.38 18.46
CA ILE NB 106 107.74 -5.94 19.11
C ILE NB 106 107.05 -4.87 18.27
N GLN NB 107 107.80 -3.96 17.66
CA GLN NB 107 107.18 -2.96 16.78
C GLN NB 107 106.66 -3.59 15.51
N TYR NB 108 107.15 -4.78 15.15
CA TYR NB 108 106.46 -5.55 14.13
C TYR NB 108 105.17 -6.16 14.67
N ASP NB 109 105.26 -6.88 15.79
CA ASP NB 109 104.11 -7.60 16.34
C ASP NB 109 104.36 -7.86 17.83
N ARG NB 110 103.31 -7.64 18.64
CA ARG NB 110 103.45 -7.86 20.08
C ARG NB 110 103.39 -9.35 20.41
N THR NB 111 102.68 -10.13 19.59
CA THR NB 111 102.42 -11.53 19.94
C THR NB 111 103.63 -12.42 19.72
N LEU NB 112 104.73 -11.87 19.17
CA LEU NB 112 105.94 -12.66 19.05
C LEU NB 112 106.64 -12.80 20.40
N LEU NB 113 106.39 -11.85 21.31
CA LEU NB 113 107.07 -11.91 22.60
C LEU NB 113 106.08 -12.12 23.74
N VAL NB 114 104.83 -11.71 23.54
CA VAL NB 114 103.83 -11.68 24.59
C VAL NB 114 102.82 -12.79 24.35
N ALA NB 115 102.65 -13.67 25.34
CA ALA NB 115 101.70 -14.76 25.24
C ALA NB 115 100.29 -14.25 25.57
N ASP NB 116 99.31 -14.73 24.83
CA ASP NB 116 97.96 -14.20 24.96
C ASP NB 116 97.11 -15.11 25.84
N PRO NB 117 96.66 -14.64 27.01
CA PRO NB 117 95.86 -15.50 27.89
C PRO NB 117 94.44 -15.72 27.42
N ARG NB 118 94.27 -16.57 26.41
CA ARG NB 118 92.94 -16.82 25.87
C ARG NB 118 92.69 -18.31 25.79
N ARG NB 119 92.14 -18.87 26.86
CA ARG NB 119 91.78 -20.27 26.90
C ARG NB 119 90.30 -20.40 26.61
N CYS NB 120 89.80 -21.62 26.72
CA CYS NB 120 88.39 -21.86 26.45
C CYS NB 120 87.53 -21.42 27.62
N GLU NB 121 86.27 -21.13 27.32
CA GLU NB 121 85.25 -20.99 28.35
C GLU NB 121 84.60 -22.34 28.62
N SER NB 122 84.30 -22.60 29.88
CA SER NB 122 83.67 -23.85 30.27
C SER NB 122 82.24 -23.90 29.75
N LYS NB 123 81.86 -25.07 29.24
CA LYS NB 123 80.57 -25.23 28.59
C LYS NB 123 79.45 -25.20 29.62
N LYS NB 124 78.66 -24.14 29.60
CA LYS NB 124 77.61 -23.90 30.57
C LYS NB 124 76.50 -24.92 30.43
N PHE NB 125 75.77 -25.14 31.54
CA PHE NB 125 74.88 -26.29 31.61
C PHE NB 125 73.62 -26.11 30.81
N GLY NB 126 73.11 -24.88 30.69
CA GLY NB 126 71.78 -24.71 30.13
C GLY NB 126 71.71 -24.92 28.63
N GLY NB 127 72.76 -24.53 27.92
CA GLY NB 127 72.76 -24.61 26.48
C GLY NB 127 73.83 -25.53 25.92
N PRO NB 128 73.78 -25.81 24.62
CA PRO NB 128 74.74 -26.76 24.03
C PRO NB 128 76.12 -26.18 23.81
N GLY NB 129 76.29 -24.86 23.93
CA GLY NB 129 77.60 -24.26 23.79
C GLY NB 129 78.09 -23.62 25.07
N ALA NB 130 78.98 -22.64 24.96
CA ALA NB 130 79.42 -21.91 26.14
C ALA NB 130 78.52 -20.71 26.41
N ARG NB 131 77.87 -20.19 25.37
CA ARG NB 131 77.01 -19.03 25.54
C ARG NB 131 75.60 -19.28 25.05
N ALA NB 132 75.45 -20.04 23.96
CA ALA NB 132 74.14 -20.24 23.35
C ALA NB 132 73.25 -21.10 24.22
N ARG NB 133 71.95 -21.08 23.90
CA ARG NB 133 70.96 -21.90 24.59
C ARG NB 133 70.14 -22.66 23.57
N TYR NB 134 69.32 -23.57 24.07
CA TYR NB 134 68.39 -24.29 23.19
C TYR NB 134 67.22 -23.39 22.82
N GLN NB 135 66.42 -23.86 21.86
CA GLN NB 135 65.25 -23.11 21.44
C GLN NB 135 64.15 -23.20 22.49
N LYS NB 136 63.49 -22.08 22.74
CA LYS NB 136 62.32 -22.07 23.62
C LYS NB 136 61.12 -22.58 22.84
N SER NB 137 59.99 -22.76 23.53
CA SER NB 137 58.80 -23.26 22.86
C SER NB 137 57.55 -22.57 23.40
N TYR NB 138 56.95 -21.71 22.58
CA TYR NB 138 55.78 -20.96 23.01
C TYR NB 138 54.57 -21.52 22.30
N ARG NB 139 53.42 -20.88 22.45
CA ARG NB 139 52.32 -21.05 21.52
C ARG NB 139 51.51 -19.77 21.46
N GLY OB 1 84.02 1.09 37.38
CA GLY OB 1 83.30 0.68 38.58
C GLY OB 1 84.17 0.66 39.82
N ARG OB 2 84.83 1.78 40.11
CA ARG OB 2 85.63 1.89 41.33
C ARG OB 2 84.84 2.57 42.45
N VAL OB 3 83.55 2.29 42.51
CA VAL OB 3 82.55 2.98 43.33
C VAL OB 3 82.67 2.69 44.83
N ARG OB 4 83.86 2.30 45.28
CA ARG OB 4 84.26 1.44 46.40
C ARG OB 4 83.35 1.42 47.64
N THR OB 5 83.19 0.21 48.17
CA THR OB 5 82.22 -0.20 49.18
C THR OB 5 82.37 0.64 50.46
N LYS OB 6 81.24 0.71 51.19
CA LYS OB 6 81.18 1.43 52.47
C LYS OB 6 82.21 0.93 53.46
N THR OB 7 82.43 -0.40 53.51
CA THR OB 7 83.40 -0.94 54.45
C THR OB 7 84.83 -0.60 54.04
N VAL OB 8 85.08 -0.50 52.73
CA VAL OB 8 86.42 -0.15 52.26
C VAL OB 8 86.73 1.30 52.56
N LYS OB 9 85.80 2.21 52.23
CA LYS OB 9 86.05 3.62 52.52
C LYS OB 9 86.03 3.90 54.01
N LYS OB 10 85.24 3.13 54.77
CA LYS OB 10 85.20 3.27 56.22
C LYS OB 10 86.52 2.87 56.85
N ALA OB 11 87.04 1.69 56.48
CA ALA OB 11 88.33 1.25 57.01
C ALA OB 11 89.47 2.14 56.51
N ALA OB 12 89.35 2.69 55.30
CA ALA OB 12 90.42 3.55 54.78
C ALA OB 12 90.47 4.87 55.54
N ARG OB 13 89.30 5.46 55.83
CA ARG OB 13 89.28 6.70 56.60
C ARG OB 13 89.71 6.47 58.03
N VAL OB 14 89.36 5.31 58.61
CA VAL OB 14 89.86 4.96 59.93
C VAL OB 14 91.38 4.81 59.93
N ILE OB 15 91.94 4.18 58.87
CA ILE OB 15 93.38 3.99 58.77
C ILE OB 15 94.12 5.33 58.67
N ILE OB 16 93.64 6.23 57.80
CA ILE OB 16 94.35 7.49 57.63
C ILE OB 16 94.17 8.38 58.87
N GLU OB 17 93.00 8.29 59.52
CA GLU OB 17 92.70 9.15 60.66
C GLU OB 17 93.48 8.72 61.89
N LYS OB 18 93.66 7.40 62.06
CA LYS OB 18 94.53 6.96 63.15
C LYS OB 18 95.99 7.22 62.82
N TYR OB 19 96.50 6.65 61.73
CA TYR OB 19 97.92 6.72 61.40
C TYR OB 19 98.09 7.48 60.09
N TYR OB 20 98.03 8.81 60.16
CA TYR OB 20 98.50 9.62 59.05
C TYR OB 20 100.02 9.55 58.89
N THR OB 21 100.74 9.28 59.98
CA THR OB 21 102.18 9.53 60.01
C THR OB 21 102.97 8.54 59.16
N ARG OB 22 102.64 7.25 59.23
CA ARG OB 22 103.44 6.24 58.55
C ARG OB 22 103.19 6.25 57.06
N LEU OB 23 102.00 6.65 56.64
CA LEU OB 23 101.61 6.54 55.25
C LEU OB 23 102.26 7.64 54.42
N GLY OB 24 102.82 7.24 53.28
CA GLY OB 24 103.42 8.17 52.35
C GLY OB 24 102.68 8.21 51.04
N ASN OB 25 103.29 8.84 50.03
CA ASN OB 25 102.67 8.95 48.72
C ASN OB 25 103.11 7.85 47.76
N ASP OB 26 103.63 6.73 48.27
CA ASP OB 26 104.08 5.63 47.45
C ASP OB 26 103.17 4.43 47.70
N PHE OB 27 102.54 3.93 46.64
CA PHE OB 27 101.46 2.95 46.77
C PHE OB 27 101.97 1.62 47.31
N HIS OB 28 103.11 1.16 46.82
CA HIS OB 28 103.59 -0.16 47.22
C HIS OB 28 104.09 -0.16 48.66
N THR OB 29 104.61 0.97 49.12
CA THR OB 29 104.96 1.08 50.53
C THR OB 29 103.72 1.14 51.40
N ASN OB 30 102.72 1.94 50.99
CA ASN OB 30 101.51 2.10 51.78
C ASN OB 30 100.71 0.81 51.89
N LYS OB 31 100.79 -0.02 50.84
CA LYS OB 31 100.18 -1.33 50.85
C LYS OB 31 100.73 -2.21 51.96
N ARG OB 32 102.04 -2.20 52.15
CA ARG OB 32 102.63 -3.03 53.18
C ARG OB 32 102.49 -2.39 54.55
N VAL OB 33 102.35 -1.06 54.60
CA VAL OB 33 102.10 -0.39 55.88
C VAL OB 33 100.71 -0.73 56.39
N CYS OB 34 99.76 -0.95 55.46
CA CYS OB 34 98.41 -1.35 55.86
C CYS OB 34 98.38 -2.72 56.55
N GLU OB 35 99.22 -3.65 56.10
CA GLU OB 35 99.28 -4.94 56.79
C GLU OB 35 99.98 -4.85 58.14
N GLU OB 36 100.80 -3.82 58.33
CA GLU OB 36 101.43 -3.66 59.64
C GLU OB 36 100.46 -3.01 60.62
N ILE OB 37 99.62 -2.10 60.14
CA ILE OB 37 98.79 -1.35 61.09
C ILE OB 37 97.37 -1.85 61.11
N ALA OB 38 97.08 -2.93 60.38
CA ALA OB 38 95.71 -3.42 60.37
C ALA OB 38 95.71 -4.92 60.14
N ILE OB 39 94.51 -5.51 60.26
CA ILE OB 39 94.31 -6.90 59.91
C ILE OB 39 93.32 -7.00 58.76
N ILE OB 40 93.83 -7.29 57.57
CA ILE OB 40 92.99 -7.36 56.39
C ILE OB 40 92.89 -8.82 55.98
N PRO OB 41 91.69 -9.39 55.87
CA PRO OB 41 91.57 -10.83 55.62
C PRO OB 41 91.96 -11.26 54.22
N SER OB 42 92.04 -10.35 53.25
CA SER OB 42 92.27 -10.76 51.88
C SER OB 42 93.08 -9.74 51.11
N LYS OB 43 93.73 -10.24 50.04
CA LYS OB 43 94.74 -9.47 49.32
C LYS OB 43 94.09 -8.46 48.38
N LYS OB 44 92.94 -8.83 47.81
CA LYS OB 44 92.15 -7.89 47.02
C LYS OB 44 91.66 -6.74 47.86
N LEU OB 45 91.28 -7.02 49.10
CA LEU OB 45 90.86 -5.96 50.02
C LEU OB 45 92.04 -5.10 50.43
N ARG OB 46 93.23 -5.72 50.59
CA ARG OB 46 94.46 -4.96 50.82
C ARG OB 46 94.70 -3.97 49.71
N ASN OB 47 94.58 -4.43 48.46
CA ASN OB 47 94.88 -3.58 47.31
C ASN OB 47 93.86 -2.46 47.16
N LYS OB 48 92.58 -2.76 47.42
CA LYS OB 48 91.54 -1.74 47.31
C LYS OB 48 91.72 -0.66 48.38
N ILE OB 49 91.97 -1.10 49.63
CA ILE OB 49 92.22 -0.18 50.74
C ILE OB 49 93.43 0.69 50.45
N ALA OB 50 94.53 0.09 49.99
CA ALA OB 50 95.75 0.85 49.77
C ALA OB 50 95.62 1.82 48.60
N GLY OB 51 94.85 1.45 47.57
CA GLY OB 51 94.61 2.36 46.46
C GLY OB 51 93.82 3.58 46.87
N TYR OB 52 92.74 3.38 47.65
CA TYR OB 52 91.98 4.55 48.06
C TYR OB 52 92.71 5.33 49.15
N VAL OB 53 93.58 4.68 49.91
CA VAL OB 53 94.40 5.38 50.88
C VAL OB 53 95.41 6.30 50.19
N THR OB 54 96.01 5.83 49.10
CA THR OB 54 96.90 6.71 48.34
C THR OB 54 96.14 7.83 47.64
N HIS OB 55 94.91 7.55 47.18
CA HIS OB 55 94.14 8.63 46.57
C HIS OB 55 93.68 9.65 47.62
N LEU OB 56 93.49 9.23 48.87
CA LEU OB 56 93.22 10.19 49.93
C LEU OB 56 94.47 10.95 50.32
N MET OB 57 95.64 10.30 50.25
CA MET OB 57 96.90 10.98 50.55
C MET OB 57 97.19 12.07 49.53
N LYS OB 58 96.80 11.85 48.28
CA LYS OB 58 97.00 12.89 47.27
C LYS OB 58 95.98 14.01 47.38
N ARG OB 59 95.02 13.89 48.31
CA ARG OB 59 94.16 15.01 48.64
C ARG OB 59 94.61 15.71 49.92
N ILE OB 60 94.99 14.93 50.94
CA ILE OB 60 95.38 15.51 52.22
C ILE OB 60 96.72 16.25 52.09
N GLN OB 61 97.66 15.69 51.31
CA GLN OB 61 98.89 16.40 51.01
C GLN OB 61 98.61 17.66 50.19
N ARG OB 62 97.55 17.64 49.38
CA ARG OB 62 97.16 18.83 48.63
C ARG OB 62 96.51 19.86 49.55
N GLY OB 63 95.40 19.50 50.19
CA GLY OB 63 94.67 20.42 51.03
C GLY OB 63 93.90 19.73 52.13
N PRO OB 64 93.19 20.51 52.95
CA PRO OB 64 92.35 19.90 53.98
C PRO OB 64 91.07 19.35 53.39
N VAL OB 65 90.57 18.29 54.02
CA VAL OB 65 89.46 17.50 53.51
C VAL OB 65 88.28 17.69 54.45
N ARG OB 66 87.06 17.73 53.91
CA ARG OB 66 85.86 17.85 54.73
C ARG OB 66 85.61 16.58 55.54
N GLY OB 67 86.21 15.45 55.12
CA GLY OB 67 86.04 14.20 55.85
C GLY OB 67 86.63 14.24 57.25
N ILE OB 68 87.96 14.34 57.34
CA ILE OB 68 88.62 14.41 58.63
C ILE OB 68 89.95 15.15 58.45
N SER OB 69 90.34 15.89 59.48
CA SER OB 69 91.60 16.63 59.48
C SER OB 69 92.58 15.99 60.43
N ILE OB 70 93.85 15.98 60.05
CA ILE OB 70 94.92 15.53 60.91
C ILE OB 70 95.21 16.59 61.99
N LYS OB 71 96.09 16.20 62.93
CA LYS OB 71 96.44 17.09 64.04
C LYS OB 71 97.11 18.36 63.57
N LEU OB 72 97.86 18.30 62.47
CA LEU OB 72 98.50 19.51 61.93
C LEU OB 72 97.47 20.48 61.39
N GLN OB 73 96.48 19.97 60.67
CA GLN OB 73 95.40 20.83 60.18
C GLN OB 73 94.56 21.36 61.35
N GLU OB 74 94.44 20.57 62.42
CA GLU OB 74 93.76 21.04 63.63
C GLU OB 74 94.49 22.22 64.26
N GLU OB 75 95.83 22.12 64.39
CA GLU OB 75 96.60 23.20 64.98
C GLU OB 75 96.58 24.45 64.09
N GLU OB 76 96.58 24.26 62.77
CA GLU OB 76 96.55 25.42 61.88
C GLU OB 76 95.18 26.08 61.88
N ARG OB 77 94.10 25.30 61.97
CA ARG OB 77 92.78 25.91 62.06
C ARG OB 77 92.58 26.59 63.41
N GLU OB 78 93.19 26.06 64.47
CA GLU OB 78 93.11 26.74 65.76
C GLU OB 78 93.89 28.06 65.73
N ARG OB 79 95.04 28.07 65.04
CA ARG OB 79 95.79 29.32 64.83
C ARG OB 79 94.97 30.34 64.05
N ARG OB 80 94.31 29.90 62.98
CA ARG OB 80 93.48 30.80 62.19
C ARG OB 80 92.26 31.27 62.97
N ASP OB 81 91.82 30.48 63.94
CA ASP OB 81 90.79 30.95 64.86
C ASP OB 81 91.33 32.04 65.78
N ASN OB 82 92.44 31.78 66.47
CA ASN OB 82 92.81 32.69 67.54
C ASN OB 82 93.86 33.73 67.15
N TYR OB 83 94.07 33.98 65.87
CA TYR OB 83 94.98 35.05 65.45
C TYR OB 83 94.38 36.42 65.79
N VAL OB 84 95.10 37.21 66.58
CA VAL OB 84 94.60 38.51 67.03
C VAL OB 84 95.59 39.63 66.70
N PRO OB 85 95.29 40.49 65.72
CA PRO OB 85 96.02 41.76 65.64
C PRO OB 85 95.26 42.86 66.35
N GLU OB 86 95.93 43.98 66.57
CA GLU OB 86 95.30 45.17 67.15
C GLU OB 86 95.06 46.20 66.05
N VAL OB 87 93.95 46.04 65.34
CA VAL OB 87 93.70 46.96 64.24
C VAL OB 87 92.33 47.65 64.25
N SER OB 88 91.22 46.89 64.14
CA SER OB 88 89.98 47.50 63.67
C SER OB 88 88.73 47.03 64.40
N ALA OB 89 88.83 46.60 65.66
CA ALA OB 89 87.63 46.53 66.48
C ALA OB 89 87.03 47.91 66.65
N LEU OB 90 87.89 48.92 66.80
CA LEU OB 90 87.52 50.31 66.72
C LEU OB 90 88.28 50.97 65.57
N ASP OB 91 87.61 51.90 64.88
CA ASP OB 91 88.25 52.75 63.87
C ASP OB 91 88.98 53.90 64.56
N GLN OB 92 89.29 54.92 63.77
CA GLN OB 92 89.52 56.24 64.35
C GLN OB 92 88.24 56.56 65.12
N GLU OB 93 88.35 57.01 66.37
CA GLU OB 93 87.25 56.86 67.33
C GLU OB 93 86.23 57.98 67.16
N ILE OB 94 85.87 58.25 65.90
CA ILE OB 94 84.67 58.95 65.43
C ILE OB 94 84.32 58.28 64.11
N ILE OB 95 83.09 57.77 64.01
CA ILE OB 95 82.60 57.16 62.77
C ILE OB 95 81.30 57.86 62.41
N GLU OB 96 81.24 58.40 61.21
CA GLU OB 96 80.08 59.16 60.76
C GLU OB 96 79.21 58.28 59.88
N VAL OB 97 77.93 58.15 60.25
CA VAL OB 97 76.98 57.35 59.51
C VAL OB 97 75.71 58.13 59.15
N ASP OB 98 74.93 58.55 60.15
CA ASP OB 98 73.52 58.94 59.88
C ASP OB 98 72.94 60.10 60.67
N PRO OB 99 72.09 60.93 60.05
CA PRO OB 99 71.35 61.93 60.82
C PRO OB 99 70.30 61.30 61.73
N ASP OB 100 69.78 60.13 61.38
CA ASP OB 100 68.80 59.49 62.25
C ASP OB 100 69.45 58.94 63.51
N THR OB 101 70.66 58.40 63.39
CA THR OB 101 71.35 58.01 64.62
C THR OB 101 71.91 59.23 65.35
N LYS OB 102 72.09 60.36 64.65
CA LYS OB 102 72.36 61.60 65.36
C LYS OB 102 71.18 62.02 66.23
N GLU OB 103 69.96 61.89 65.70
CA GLU OB 103 68.76 62.13 66.49
C GLU OB 103 68.65 61.13 67.64
N MET OB 104 69.03 59.87 67.40
CA MET OB 104 69.03 58.85 68.43
C MET OB 104 70.00 59.17 69.56
N LEU OB 105 71.17 59.70 69.23
CA LEU OB 105 72.14 59.97 70.28
C LEU OB 105 71.93 61.36 70.88
N LYS OB 106 71.08 62.17 70.25
CA LYS OB 106 70.51 63.31 70.96
C LYS OB 106 69.54 62.82 72.03
N LEU OB 107 68.72 61.82 71.67
CA LEU OB 107 67.74 61.28 72.62
C LEU OB 107 68.43 60.60 73.80
N LEU OB 108 69.23 59.59 73.53
CA LEU OB 108 69.93 58.89 74.59
C LEU OB 108 71.09 59.74 75.11
N ASP OB 109 71.31 59.68 76.43
CA ASP OB 109 72.16 60.63 77.14
C ASP OB 109 73.63 60.36 76.82
N PHE OB 110 74.13 61.02 75.78
CA PHE OB 110 75.54 60.94 75.45
C PHE OB 110 76.07 62.29 74.99
N GLY OB 111 77.36 62.30 74.63
CA GLY OB 111 78.09 63.55 74.56
C GLY OB 111 77.91 64.29 73.25
N SER OB 112 77.36 63.61 72.24
CA SER OB 112 77.25 64.08 70.86
C SER OB 112 78.62 64.49 70.32
N LEU OB 113 79.51 63.51 70.15
CA LEU OB 113 80.94 63.77 70.02
C LEU OB 113 81.28 64.49 68.72
N SER OB 114 81.04 63.85 67.57
CA SER OB 114 81.42 64.49 66.31
C SER OB 114 80.50 64.09 65.16
N ASN OB 115 80.97 64.33 63.93
CA ASN OB 115 80.11 64.48 62.76
C ASN OB 115 79.42 63.18 62.37
N LEU OB 116 78.29 63.34 61.68
CA LEU OB 116 77.41 62.28 61.18
C LEU OB 116 76.59 62.90 60.06
N GLN OB 117 76.83 62.57 58.78
CA GLN OB 117 76.21 63.35 57.71
C GLN OB 117 76.05 62.52 56.43
N VAL OB 118 74.82 62.08 56.17
CA VAL OB 118 74.33 61.72 54.83
C VAL OB 118 72.93 62.29 54.68
N THR OB 119 72.53 62.60 53.44
CA THR OB 119 71.15 62.95 53.11
C THR OB 119 70.78 62.22 51.84
N GLN OB 120 69.64 61.53 51.84
CA GLN OB 120 69.36 60.64 50.71
C GLN OB 120 68.00 60.88 50.06
N PRO OB 121 67.89 60.58 48.74
CA PRO OB 121 66.57 60.45 48.11
C PRO OB 121 65.84 59.15 48.49
N THR OB 122 64.73 58.85 47.82
CA THR OB 122 63.77 57.87 48.32
C THR OB 122 63.57 56.75 47.31
N VAL OB 123 64.67 56.12 46.90
CA VAL OB 123 64.65 55.08 45.86
C VAL OB 123 65.07 53.76 46.53
N GLY OB 124 64.67 53.57 47.78
CA GLY OB 124 64.91 52.34 48.51
C GLY OB 124 64.32 51.11 47.84
N MET OB 125 65.16 50.12 47.56
CA MET OB 125 64.98 49.08 46.52
C MET OB 125 64.68 49.77 45.19
N VAL PB 1 95.50 -40.72 -27.91
CA VAL PB 1 94.83 -40.02 -26.82
C VAL PB 1 93.35 -40.36 -26.82
N ILE PB 2 92.97 -41.31 -27.67
CA ILE PB 2 91.60 -41.76 -27.94
C ILE PB 2 90.73 -40.56 -28.34
N PRO PB 3 90.84 -40.08 -29.59
CA PRO PB 3 90.04 -38.91 -30.01
C PRO PB 3 88.54 -39.13 -29.99
N GLU PB 4 88.04 -40.14 -30.69
CA GLU PB 4 86.61 -40.40 -30.72
C GLU PB 4 86.35 -41.86 -31.05
N LYS PB 5 85.49 -42.50 -30.27
CA LYS PB 5 85.01 -43.84 -30.53
C LYS PB 5 83.49 -43.84 -30.58
N PHE PB 6 82.93 -44.58 -31.53
CA PHE PB 6 81.54 -44.41 -31.96
C PHE PB 6 80.63 -45.32 -31.15
N GLN PB 7 80.14 -44.79 -30.02
CA GLN PB 7 79.26 -45.55 -29.14
C GLN PB 7 78.54 -44.59 -28.19
N HIS PB 8 77.24 -44.80 -28.00
CA HIS PB 8 76.50 -44.03 -27.02
C HIS PB 8 75.97 -44.89 -25.89
N ILE PB 9 75.17 -45.91 -26.20
CA ILE PB 9 74.41 -46.68 -25.22
C ILE PB 9 74.37 -48.14 -25.61
N LEU PB 10 74.66 -49.02 -24.64
CA LEU PB 10 74.56 -50.47 -24.82
C LEU PB 10 73.20 -50.97 -24.36
N ARG PB 11 72.86 -52.18 -24.82
CA ARG PB 11 71.72 -52.94 -24.30
C ARG PB 11 72.24 -54.13 -23.52
N VAL PB 12 72.11 -54.07 -22.20
CA VAL PB 12 72.66 -55.08 -21.30
C VAL PB 12 71.53 -55.71 -20.53
N LEU PB 13 71.52 -57.05 -20.49
CA LEU PB 13 70.60 -57.87 -19.69
C LEU PB 13 69.13 -57.63 -20.07
N ASN PB 14 68.91 -57.27 -21.33
CA ASN PB 14 67.63 -57.27 -22.05
C ASN PB 14 66.63 -56.24 -21.52
N THR PB 15 66.97 -55.51 -20.45
CA THR PB 15 66.07 -54.53 -19.87
C THR PB 15 66.78 -53.20 -19.58
N ASN PB 16 68.06 -53.24 -19.22
CA ASN PB 16 68.69 -52.06 -18.68
C ASN PB 16 69.43 -51.29 -19.77
N ILE PB 17 69.87 -50.08 -19.41
CA ILE PB 17 70.53 -49.17 -20.33
C ILE PB 17 71.79 -48.63 -19.66
N ASP PB 18 72.93 -48.81 -20.31
CA ASP PB 18 74.17 -48.20 -19.85
C ASP PB 18 74.45 -46.97 -20.69
N GLY PB 19 74.81 -45.87 -20.03
CA GLY PB 19 75.14 -44.64 -20.71
C GLY PB 19 76.57 -44.64 -21.23
N ARG PB 20 77.23 -43.51 -21.02
CA ARG PB 20 78.61 -43.34 -21.47
C ARG PB 20 79.50 -42.66 -20.43
N ARG PB 21 79.00 -42.46 -19.20
CA ARG PB 21 79.67 -41.59 -18.24
C ARG PB 21 81.00 -42.18 -17.77
N LYS PB 22 80.96 -43.39 -17.20
CA LYS PB 22 82.15 -44.18 -16.91
C LYS PB 22 81.79 -45.61 -17.25
N ILE PB 23 82.59 -46.55 -16.80
CA ILE PB 23 82.18 -47.95 -16.90
C ILE PB 23 81.69 -48.46 -15.55
N ALA PB 24 82.44 -48.18 -14.48
CA ALA PB 24 82.16 -48.79 -13.19
C ALA PB 24 80.98 -48.11 -12.52
N PHE PB 25 80.68 -46.87 -12.91
CA PHE PB 25 79.54 -46.18 -12.32
C PHE PB 25 78.35 -46.15 -13.29
N ALA PB 26 78.51 -46.74 -14.47
CA ALA PB 26 77.38 -46.85 -15.39
C ALA PB 26 76.87 -48.28 -15.47
N ILE PB 27 77.63 -49.24 -14.96
CA ILE PB 27 77.07 -50.57 -14.74
C ILE PB 27 76.11 -50.55 -13.55
N THR PB 28 76.23 -49.53 -12.70
CA THR PB 28 75.35 -49.25 -11.56
C THR PB 28 73.86 -49.23 -11.91
N ALA PB 29 73.54 -48.85 -13.14
CA ALA PB 29 72.15 -48.72 -13.57
C ALA PB 29 71.41 -50.05 -13.66
N ILE PB 30 72.13 -51.17 -13.72
CA ILE PB 30 71.50 -52.48 -13.68
C ILE PB 30 70.99 -52.75 -12.26
N LYS PB 31 69.73 -53.18 -12.15
CA LYS PB 31 69.16 -53.55 -10.86
C LYS PB 31 69.88 -54.76 -10.29
N GLY PB 32 70.00 -54.79 -8.96
CA GLY PB 32 70.71 -55.86 -8.29
C GLY PB 32 72.20 -55.70 -8.24
N VAL PB 33 72.76 -54.69 -8.91
CA VAL PB 33 74.18 -54.43 -8.97
C VAL PB 33 74.40 -52.95 -8.67
N GLY PB 34 75.27 -52.66 -7.71
CA GLY PB 34 75.44 -51.32 -7.20
C GLY PB 34 76.87 -50.88 -7.15
N ARG PB 35 77.30 -50.49 -5.95
CA ARG PB 35 78.56 -49.76 -5.79
C ARG PB 35 79.77 -50.66 -5.98
N ARG PB 36 79.84 -51.74 -5.19
CA ARG PB 36 81.12 -52.45 -5.05
C ARG PB 36 81.14 -53.71 -5.91
N TYR PB 37 79.97 -54.26 -6.24
CA TYR PB 37 79.93 -55.45 -7.08
C TYR PB 37 80.46 -55.16 -8.48
N ALA PB 38 80.24 -53.93 -8.97
CA ALA PB 38 80.82 -53.54 -10.25
C ALA PB 38 82.33 -53.46 -10.17
N HIS PB 39 82.86 -52.90 -9.09
CA HIS PB 39 84.32 -52.80 -8.93
C HIS PB 39 84.95 -54.17 -8.72
N VAL PB 40 84.17 -55.13 -8.24
CA VAL PB 40 84.65 -56.51 -8.27
C VAL PB 40 84.67 -57.04 -9.70
N VAL PB 41 83.57 -56.83 -10.44
CA VAL PB 41 83.43 -57.35 -11.81
C VAL PB 41 84.43 -56.67 -12.74
N LEU PB 42 84.67 -55.37 -12.55
CA LEU PB 42 85.63 -54.65 -13.39
C LEU PB 42 87.05 -55.12 -13.15
N ARG PB 43 87.45 -55.28 -11.89
CA ARG PB 43 88.83 -55.69 -11.61
C ARG PB 43 89.02 -57.18 -11.88
N LYS PB 44 87.94 -57.95 -11.98
CA LYS PB 44 88.10 -59.32 -12.48
C LYS PB 44 88.10 -59.35 -14.01
N ALA PB 45 87.52 -58.33 -14.65
CA ALA PB 45 87.54 -58.26 -16.09
C ALA PB 45 88.80 -57.58 -16.60
N ASP PB 46 89.61 -57.05 -15.68
CA ASP PB 46 90.92 -56.42 -15.91
C ASP PB 46 90.81 -55.17 -16.77
N ILE PB 47 89.64 -54.52 -16.78
CA ILE PB 47 89.44 -53.35 -17.61
C ILE PB 47 90.10 -52.15 -16.96
N ASP PB 48 90.78 -51.33 -17.76
CA ASP PB 48 91.23 -50.03 -17.31
C ASP PB 48 90.02 -49.15 -16.98
N LEU PB 49 89.97 -48.66 -15.73
CA LEU PB 49 88.77 -47.99 -15.25
C LEU PB 49 88.72 -46.53 -15.69
N THR PB 50 89.73 -46.06 -16.42
CA THR PB 50 89.70 -44.68 -16.89
C THR PB 50 88.81 -44.57 -18.14
N LYS PB 51 88.60 -45.68 -18.82
CA LYS PB 51 87.89 -45.66 -20.09
C LYS PB 51 86.38 -45.49 -19.89
N ARG PB 52 85.75 -44.79 -20.82
CA ARG PB 52 84.32 -44.58 -20.78
C ARG PB 52 83.57 -45.84 -21.15
N ALA PB 53 82.24 -45.79 -21.04
CA ALA PB 53 81.43 -46.89 -21.56
C ALA PB 53 81.35 -46.84 -23.07
N GLY PB 54 81.56 -45.66 -23.65
CA GLY PB 54 81.45 -45.53 -25.10
C GLY PB 54 82.75 -45.84 -25.82
N GLU PB 55 83.72 -46.41 -25.11
CA GLU PB 55 85.02 -46.68 -25.72
C GLU PB 55 85.44 -48.13 -25.52
N LEU PB 56 84.50 -48.99 -25.13
CA LEU PB 56 84.88 -50.32 -24.68
C LEU PB 56 84.48 -51.39 -25.68
N THR PB 57 85.22 -52.50 -25.70
CA THR PB 57 85.07 -53.54 -26.71
C THR PB 57 83.90 -54.47 -26.36
N GLU PB 58 83.13 -54.85 -27.39
CA GLU PB 58 81.91 -55.64 -27.20
C GLU PB 58 82.21 -57.05 -26.72
N ASP PB 59 83.36 -57.61 -27.14
CA ASP PB 59 83.84 -58.87 -26.57
C ASP PB 59 84.06 -58.74 -25.08
N GLU PB 60 84.64 -57.62 -24.66
CA GLU PB 60 84.87 -57.39 -23.24
C GLU PB 60 83.56 -57.16 -22.51
N VAL PB 61 82.56 -56.60 -23.20
CA VAL PB 61 81.22 -56.46 -22.65
C VAL PB 61 80.60 -57.83 -22.38
N GLU PB 62 80.76 -58.75 -23.34
CA GLU PB 62 80.22 -60.10 -23.16
C GLU PB 62 80.93 -60.84 -22.04
N ARG PB 63 82.23 -60.60 -21.89
CA ARG PB 63 82.98 -61.20 -20.79
C ARG PB 63 82.51 -60.63 -19.44
N VAL PB 64 82.25 -59.32 -19.39
CA VAL PB 64 81.69 -58.70 -18.20
C VAL PB 64 80.34 -59.30 -17.85
N ILE PB 65 79.46 -59.46 -18.83
CA ILE PB 65 78.14 -60.04 -18.61
C ILE PB 65 78.25 -61.49 -18.13
N THR PB 66 79.28 -62.20 -18.58
CA THR PB 66 79.54 -63.54 -18.06
C THR PB 66 79.93 -63.52 -16.59
N ILE PB 67 80.81 -62.59 -16.21
CA ILE PB 67 81.16 -62.37 -14.79
C ILE PB 67 79.91 -62.01 -13.99
N MET PB 68 79.03 -61.20 -14.58
CA MET PB 68 77.79 -60.76 -13.92
C MET PB 68 76.87 -61.93 -13.66
N GLN PB 69 76.68 -62.79 -14.66
CA GLN PB 69 75.69 -63.85 -14.53
C GLN PB 69 76.23 -65.02 -13.71
N ASN PB 70 77.54 -65.18 -13.65
CA ASN PB 70 78.10 -66.27 -12.83
C ASN PB 70 79.39 -65.83 -12.19
N PRO PB 71 79.38 -65.45 -10.90
CA PRO PB 71 80.63 -65.10 -10.24
C PRO PB 71 81.42 -66.31 -9.74
N ARG PB 72 80.73 -67.36 -9.30
CA ARG PB 72 81.37 -68.41 -8.51
C ARG PB 72 82.27 -69.32 -9.35
N GLN PB 73 82.13 -69.27 -10.67
CA GLN PB 73 83.01 -70.04 -11.54
C GLN PB 73 84.44 -69.52 -11.46
N TYR PB 74 84.59 -68.20 -11.27
CA TYR PB 74 85.91 -67.62 -11.25
C TYR PB 74 86.42 -67.50 -9.82
N LYS PB 75 85.76 -66.68 -9.01
CA LYS PB 75 86.20 -66.27 -7.69
C LYS PB 75 84.96 -65.66 -7.05
N ILE PB 76 85.13 -64.60 -6.24
CA ILE PB 76 84.06 -63.76 -5.70
C ILE PB 76 83.24 -64.58 -4.71
N PRO PB 77 83.73 -64.73 -3.47
CA PRO PB 77 83.16 -65.71 -2.53
C PRO PB 77 81.71 -65.42 -2.14
N ASP PB 78 81.17 -66.36 -1.37
CA ASP PB 78 79.73 -66.48 -1.18
C ASP PB 78 79.17 -65.36 -0.31
N TRP PB 79 80.00 -64.77 0.54
CA TRP PB 79 79.53 -63.74 1.45
C TRP PB 79 79.21 -62.44 0.71
N PHE PB 80 79.76 -62.27 -0.48
CA PHE PB 80 79.67 -60.98 -1.16
C PHE PB 80 78.37 -60.87 -1.95
N LEU PB 81 77.69 -61.99 -2.19
CA LEU PB 81 76.59 -62.01 -3.15
C LEU PB 81 75.31 -61.40 -2.57
N ASN PB 82 74.28 -61.35 -3.41
CA ASN PB 82 73.01 -60.77 -3.00
C ASN PB 82 72.05 -61.85 -2.48
N ARG PB 83 71.92 -62.94 -3.22
CA ARG PB 83 71.08 -64.05 -2.80
C ARG PB 83 71.91 -65.03 -1.99
N GLN PB 84 71.85 -64.88 -0.67
CA GLN PB 84 72.60 -65.75 0.23
C GLN PB 84 72.31 -67.23 -0.05
N LYS PB 85 72.91 -68.10 0.75
CA LYS PB 85 72.75 -69.53 0.60
C LYS PB 85 71.33 -70.05 0.85
N ASP PB 86 70.96 -70.14 2.13
CA ASP PB 86 69.65 -70.63 2.52
C ASP PB 86 68.47 -70.02 1.75
N VAL PB 87 68.15 -70.62 0.61
CA VAL PB 87 67.05 -70.16 -0.23
C VAL PB 87 66.19 -71.37 -0.62
N LYS PB 88 65.05 -71.10 -1.24
CA LYS PB 88 64.15 -72.18 -1.67
C LYS PB 88 64.91 -73.15 -2.56
N ASP PB 89 66.23 -73.08 -2.51
CA ASP PB 89 67.11 -73.93 -3.29
C ASP PB 89 68.48 -74.06 -2.64
N GLY PB 90 68.87 -73.08 -1.82
CA GLY PB 90 70.13 -73.16 -1.12
C GLY PB 90 71.30 -72.78 -2.00
N LYS PB 91 71.04 -71.94 -2.99
CA LYS PB 91 72.07 -71.62 -3.96
C LYS PB 91 72.73 -70.29 -3.63
N TYR PB 92 74.04 -70.33 -3.42
CA TYR PB 92 74.84 -69.14 -3.25
C TYR PB 92 74.93 -68.46 -4.61
N SER PB 93 74.02 -67.53 -4.87
CA SER PB 93 73.86 -66.98 -6.21
C SER PB 93 73.72 -65.46 -6.14
N GLN PB 94 73.78 -64.84 -7.32
CA GLN PB 94 73.53 -63.41 -7.47
C GLN PB 94 72.28 -63.23 -8.32
N VAL PB 95 71.30 -62.50 -7.78
CA VAL PB 95 70.03 -62.30 -8.49
C VAL PB 95 70.27 -61.40 -9.70
N LEU PB 96 69.41 -61.56 -10.70
CA LEU PB 96 69.59 -60.86 -11.96
C LEU PB 96 68.85 -59.53 -11.95
N ALA PB 97 68.73 -58.95 -13.15
CA ALA PB 97 67.97 -57.71 -13.28
C ALA PB 97 66.47 -57.97 -13.18
N ASN PB 98 65.92 -58.75 -14.11
CA ASN PB 98 64.49 -58.98 -14.11
C ASN PB 98 64.10 -59.98 -13.03
N GLY PB 99 65.06 -60.80 -12.58
CA GLY PB 99 64.75 -61.80 -11.58
C GLY PB 99 64.59 -61.23 -10.20
N LEU PB 100 65.07 -59.99 -9.99
CA LEU PB 100 65.07 -59.39 -8.65
C LEU PB 100 63.65 -59.11 -8.16
N ASP PB 101 62.83 -58.47 -8.99
CA ASP PB 101 61.44 -58.21 -8.61
C ASP PB 101 60.64 -59.49 -8.51
N ASN PB 102 61.03 -60.51 -9.29
CA ASN PB 102 60.41 -61.81 -9.16
C ASN PB 102 60.73 -62.47 -7.83
N LYS PB 103 61.98 -62.34 -7.37
CA LYS PB 103 62.32 -62.87 -6.05
C LYS PB 103 61.64 -62.09 -4.94
N LEU PB 104 61.44 -60.79 -5.15
CA LEU PB 104 60.71 -59.99 -4.17
C LEU PB 104 59.24 -60.41 -4.10
N ARG PB 105 58.63 -60.70 -5.25
CA ARG PB 105 57.25 -61.17 -5.25
C ARG PB 105 57.16 -62.57 -4.66
N GLU PB 106 58.20 -63.40 -4.82
CA GLU PB 106 58.22 -64.70 -4.16
C GLU PB 106 58.37 -64.56 -2.65
N ASP PB 107 59.17 -63.58 -2.21
CA ASP PB 107 59.28 -63.28 -0.78
C ASP PB 107 57.93 -62.89 -0.19
N LEU PB 108 57.23 -61.97 -0.85
CA LEU PB 108 55.95 -61.53 -0.32
C LEU PB 108 54.90 -62.62 -0.42
N GLU PB 109 54.95 -63.43 -1.48
CA GLU PB 109 54.02 -64.53 -1.66
C GLU PB 109 54.19 -65.60 -0.58
N ARG PB 110 55.43 -65.95 -0.26
CA ARG PB 110 55.60 -67.00 0.75
C ARG PB 110 55.44 -66.46 2.16
N LEU PB 111 55.58 -65.15 2.35
CA LEU PB 111 55.22 -64.60 3.66
C LEU PB 111 53.71 -64.51 3.83
N LYS PB 112 52.98 -64.33 2.74
CA LYS PB 112 51.53 -64.30 2.83
C LYS PB 112 50.94 -65.69 3.07
N LYS PB 113 51.64 -66.76 2.63
CA LYS PB 113 51.20 -68.11 2.96
C LYS PB 113 51.35 -68.40 4.44
N ILE PB 114 52.49 -68.01 5.01
CA ILE PB 114 52.79 -68.26 6.42
C ILE PB 114 51.92 -67.38 7.30
N ARG PB 115 51.51 -66.21 6.79
CA ARG PB 115 50.89 -65.11 7.55
C ARG PB 115 51.78 -64.70 8.72
N ALA PB 116 53.08 -64.68 8.49
CA ALA PB 116 53.97 -63.98 9.39
C ALA PB 116 53.64 -62.50 9.35
N HIS PB 117 53.66 -61.84 10.51
CA HIS PB 117 53.16 -60.48 10.56
C HIS PB 117 54.14 -59.50 9.92
N ARG PB 118 55.39 -59.92 9.71
CA ARG PB 118 56.31 -59.16 8.87
C ARG PB 118 55.71 -58.96 7.48
N GLY PB 119 55.32 -60.05 6.83
CA GLY PB 119 54.68 -59.94 5.53
C GLY PB 119 53.28 -59.36 5.61
N LEU PB 120 52.61 -59.55 6.75
CA LEU PB 120 51.29 -58.96 6.92
C LEU PB 120 51.36 -57.44 6.97
N ARG PB 121 52.23 -56.88 7.81
CA ARG PB 121 52.39 -55.44 7.88
C ARG PB 121 53.06 -54.89 6.63
N HIS PB 122 53.75 -55.75 5.88
CA HIS PB 122 54.21 -55.35 4.56
C HIS PB 122 53.04 -55.22 3.59
N PHE PB 123 52.06 -56.10 3.70
CA PHE PB 123 50.87 -56.01 2.86
C PHE PB 123 49.94 -54.88 3.30
N TRP PB 124 49.94 -54.57 4.60
CA TRP PB 124 49.30 -53.36 5.07
C TRP PB 124 50.11 -52.14 4.63
N GLY PB 125 49.51 -50.97 4.74
CA GLY PB 125 50.25 -49.76 4.46
C GLY PB 125 51.07 -49.30 5.64
N LEU PB 126 52.05 -50.11 6.05
CA LEU PB 126 52.77 -49.91 7.30
C LEU PB 126 54.26 -50.14 7.09
N ARG PB 127 55.02 -49.91 8.15
CA ARG PB 127 56.46 -50.14 8.17
C ARG PB 127 56.77 -51.34 9.07
N VAL PB 128 57.67 -52.20 8.61
CA VAL PB 128 57.97 -53.42 9.36
C VAL PB 128 58.89 -53.09 10.54
N ARG PB 129 60.09 -52.58 10.24
CA ARG PB 129 61.04 -52.27 11.30
C ARG PB 129 60.81 -50.88 11.87
N GLY PB 130 59.85 -50.14 11.32
CA GLY PB 130 59.57 -48.78 11.73
C GLY PB 130 58.94 -48.70 13.09
N GLN PB 131 59.78 -48.80 14.13
CA GLN PB 131 59.42 -48.87 15.53
C GLN PB 131 58.46 -47.78 16.00
N HIS PB 132 58.55 -46.59 15.46
CA HIS PB 132 57.63 -45.51 15.78
C HIS PB 132 56.97 -45.05 14.48
N THR PB 133 55.65 -44.89 14.50
CA THR PB 133 54.89 -44.54 13.31
C THR PB 133 53.85 -43.44 13.59
N LYS PB 134 54.00 -42.69 14.68
CA LYS PB 134 53.19 -41.50 14.88
C LYS PB 134 53.50 -40.45 13.82
N THR PB 135 54.78 -40.25 13.56
CA THR PB 135 55.26 -39.17 12.71
C THR PB 135 56.02 -39.70 11.50
N THR PB 136 56.54 -40.92 11.58
CA THR PB 136 57.33 -41.50 10.50
C THR PB 136 56.42 -41.88 9.34
N GLY PB 137 56.72 -41.36 8.16
CA GLY PB 137 56.01 -41.76 6.97
C GLY PB 137 54.58 -41.29 6.90
N ARG PB 138 54.33 -40.00 7.16
CA ARG PB 138 52.99 -39.45 7.03
C ARG PB 138 52.60 -39.32 5.57
N ARG PB 139 51.34 -38.97 5.34
CA ARG PB 139 50.77 -38.67 4.01
C ARG PB 139 50.87 -39.84 3.04
N PRO QB 1 126.21 -35.46 2.12
CA PRO QB 1 125.94 -35.24 3.53
C PRO QB 1 124.88 -36.19 4.09
N GLY QB 2 124.60 -36.07 5.38
CA GLY QB 2 123.65 -36.94 6.03
C GLY QB 2 122.21 -36.69 5.65
N VAL QB 3 121.52 -37.72 5.18
CA VAL QB 3 120.11 -37.66 4.86
C VAL QB 3 119.38 -38.70 5.69
N THR QB 4 118.50 -38.24 6.56
CA THR QB 4 117.63 -39.11 7.34
C THR QB 4 116.23 -38.96 6.78
N VAL QB 5 115.33 -39.89 7.14
CA VAL QB 5 114.03 -39.97 6.47
C VAL QB 5 113.11 -38.82 6.85
N LYS QB 6 113.41 -38.14 7.97
CA LYS QB 6 112.59 -36.99 8.35
C LYS QB 6 112.96 -35.76 7.54
N ASP QB 7 114.14 -35.77 6.92
CA ASP QB 7 114.66 -34.57 6.27
C ASP QB 7 114.15 -34.39 4.85
N VAL QB 8 113.24 -35.25 4.41
CA VAL QB 8 112.77 -35.27 3.03
C VAL QB 8 111.30 -34.86 3.05
N ASN QB 9 110.80 -34.34 1.92
CA ASN QB 9 109.37 -34.23 1.73
C ASN QB 9 108.73 -35.61 1.84
N GLN QB 10 107.52 -35.67 2.37
CA GLN QB 10 107.08 -36.92 2.97
C GLN QB 10 106.25 -37.74 1.99
N GLN QB 11 105.30 -37.11 1.29
CA GLN QB 11 104.55 -37.84 0.28
C GLN QB 11 105.43 -38.16 -0.93
N GLU QB 12 106.49 -37.37 -1.14
CA GLU QB 12 107.49 -37.72 -2.14
C GLU QB 12 108.24 -38.98 -1.75
N PHE QB 13 108.46 -39.18 -0.44
CA PHE QB 13 109.22 -40.33 0.06
C PHE QB 13 108.46 -41.63 -0.14
N VAL QB 14 107.18 -41.65 0.21
CA VAL QB 14 106.38 -42.87 0.07
C VAL QB 14 106.13 -43.17 -1.41
N ARG QB 15 106.15 -42.13 -2.26
CA ARG QB 15 105.96 -42.31 -3.70
C ARG QB 15 107.08 -43.16 -4.30
N ALA QB 16 108.29 -43.06 -3.74
CA ALA QB 16 109.38 -43.88 -4.23
C ALA QB 16 109.54 -45.15 -3.39
N LEU QB 17 109.10 -45.12 -2.13
CA LEU QB 17 109.22 -46.31 -1.31
C LEU QB 17 108.28 -47.42 -1.79
N ALA QB 18 107.10 -47.04 -2.26
CA ALA QB 18 106.20 -48.04 -2.85
C ALA QB 18 106.76 -48.60 -4.15
N ALA QB 19 107.56 -47.80 -4.86
CA ALA QB 19 108.17 -48.28 -6.09
C ALA QB 19 109.33 -49.22 -5.79
N PHE QB 20 110.12 -48.92 -4.77
CA PHE QB 20 111.26 -49.78 -4.44
C PHE QB 20 110.83 -50.98 -3.62
N LEU QB 21 109.57 -51.03 -3.18
CA LEU QB 21 109.01 -52.31 -2.78
C LEU QB 21 108.67 -53.16 -3.99
N LYS QB 22 108.15 -52.54 -5.06
CA LYS QB 22 107.81 -53.28 -6.27
C LYS QB 22 109.04 -53.76 -7.01
N LYS QB 23 110.15 -53.05 -6.86
CA LYS QB 23 111.40 -53.47 -7.51
C LYS QB 23 111.92 -54.78 -6.91
N SER QB 24 111.94 -54.88 -5.58
CA SER QB 24 112.41 -56.10 -4.95
C SER QB 24 111.38 -57.22 -5.08
N GLY QB 25 110.11 -56.92 -4.86
CA GLY QB 25 109.13 -57.98 -4.83
C GLY QB 25 109.06 -58.58 -3.44
N LYS QB 26 109.41 -57.79 -2.43
CA LYS QB 26 109.36 -58.18 -1.03
C LYS QB 26 107.92 -58.17 -0.56
N LEU QB 27 107.10 -59.11 -1.02
CA LEU QB 27 105.70 -59.07 -0.64
C LEU QB 27 105.03 -60.44 -0.71
N LYS QB 28 104.25 -60.75 0.32
CA LYS QB 28 103.41 -61.95 0.36
C LYS QB 28 101.96 -61.49 0.51
N VAL QB 29 101.31 -61.24 -0.63
CA VAL QB 29 99.94 -60.73 -0.64
C VAL QB 29 99.01 -61.85 -1.11
N PRO QB 30 98.38 -62.58 -0.16
CA PRO QB 30 97.96 -63.97 -0.46
C PRO QB 30 96.85 -64.20 -1.48
N GLU QB 31 95.58 -63.97 -1.13
CA GLU QB 31 94.52 -64.21 -2.12
C GLU QB 31 93.36 -63.23 -2.07
N TRP QB 32 92.85 -62.99 -0.86
CA TRP QB 32 91.57 -62.30 -0.72
C TRP QB 32 91.75 -60.80 -0.94
N VAL QB 33 92.90 -60.30 -0.50
CA VAL QB 33 93.26 -58.91 -0.71
C VAL QB 33 93.51 -58.62 -2.18
N ASP QB 34 94.16 -59.55 -2.88
CA ASP QB 34 94.29 -59.46 -4.33
C ASP QB 34 92.92 -59.52 -5.01
N THR QB 35 91.99 -60.29 -4.43
CA THR QB 35 90.66 -60.35 -5.01
C THR QB 35 89.96 -59.01 -4.90
N VAL QB 36 89.48 -58.67 -3.70
CA VAL QB 36 88.79 -57.41 -3.34
C VAL QB 36 88.73 -57.37 -1.82
N LYS QB 37 89.04 -56.21 -1.24
CA LYS QB 37 88.85 -55.99 0.18
C LYS QB 37 88.76 -54.50 0.44
N LEU QB 38 87.78 -54.11 1.23
CA LEU QB 38 87.56 -52.73 1.60
C LEU QB 38 88.53 -52.35 2.70
N ALA QB 39 88.60 -51.07 3.00
CA ALA QB 39 89.35 -50.56 4.14
C ALA QB 39 88.53 -50.74 5.42
N LYS QB 40 88.84 -49.90 6.40
CA LYS QB 40 88.24 -49.83 7.74
C LYS QB 40 86.72 -49.97 7.69
N HIS QB 41 85.98 -49.02 7.15
CA HIS QB 41 84.56 -49.12 6.80
C HIS QB 41 84.39 -48.14 5.65
N LYS QB 42 84.48 -48.67 4.44
CA LYS QB 42 84.50 -47.87 3.22
C LYS QB 42 83.60 -48.48 2.16
N GLU QB 43 83.37 -47.72 1.10
CA GLU QB 43 82.31 -48.06 0.16
C GLU QB 43 82.88 -48.61 -1.15
N LEU QB 44 84.10 -48.22 -1.48
CA LEU QB 44 84.73 -48.68 -2.71
C LEU QB 44 86.13 -49.18 -2.40
N ALA QB 45 86.65 -49.99 -3.30
CA ALA QB 45 88.04 -50.37 -3.25
C ALA QB 45 88.91 -49.20 -3.73
N PRO QB 46 90.14 -49.09 -3.22
CA PRO QB 46 91.01 -47.99 -3.67
C PRO QB 46 91.44 -48.15 -5.11
N TYR QB 47 91.71 -47.02 -5.76
CA TYR QB 47 91.96 -47.00 -7.20
C TYR QB 47 93.37 -47.47 -7.54
N ASP QB 48 94.36 -46.95 -6.83
CA ASP QB 48 95.77 -47.25 -7.11
C ASP QB 48 96.02 -48.71 -6.76
N GLU QB 49 96.31 -49.51 -7.78
CA GLU QB 49 96.20 -50.97 -7.66
C GLU QB 49 97.31 -51.56 -6.80
N ASN QB 50 98.38 -50.81 -6.60
CA ASN QB 50 99.51 -51.27 -5.80
C ASN QB 50 99.35 -50.83 -4.35
N TRP QB 51 98.10 -50.79 -3.85
CA TRP QB 51 97.88 -50.18 -2.56
C TRP QB 51 98.35 -51.06 -1.41
N PHE QB 52 98.68 -52.32 -1.67
CA PHE QB 52 99.32 -53.11 -0.64
C PHE QB 52 100.78 -52.72 -0.49
N TYR QB 53 101.43 -52.39 -1.61
CA TYR QB 53 102.74 -51.76 -1.55
C TYR QB 53 102.67 -50.42 -0.84
N THR QB 54 101.57 -49.68 -1.06
CA THR QB 54 101.40 -48.39 -0.40
C THR QB 54 101.22 -48.53 1.11
N ARG QB 55 100.33 -49.43 1.54
CA ARG QB 55 100.14 -49.72 2.96
C ARG QB 55 101.41 -50.25 3.60
N ALA QB 56 102.19 -51.05 2.87
CA ALA QB 56 103.43 -51.57 3.41
C ALA QB 56 104.46 -50.46 3.59
N ALA QB 57 104.47 -49.50 2.68
CA ALA QB 57 105.36 -48.35 2.81
C ALA QB 57 104.98 -47.50 4.01
N SER QB 58 103.68 -47.28 4.20
CA SER QB 58 103.21 -46.49 5.33
C SER QB 58 103.46 -47.20 6.66
N THR QB 59 103.23 -48.51 6.70
CA THR QB 59 103.53 -49.33 7.88
C THR QB 59 105.01 -49.29 8.21
N ALA QB 60 105.88 -49.40 7.20
CA ALA QB 60 107.32 -49.35 7.43
C ALA QB 60 107.75 -48.00 7.98
N ARG QB 61 107.15 -46.92 7.45
CA ARG QB 61 107.46 -45.59 7.94
C ARG QB 61 107.03 -45.42 9.40
N HIS QB 62 105.79 -45.79 9.72
CA HIS QB 62 105.29 -45.58 11.08
C HIS QB 62 105.99 -46.49 12.09
N LEU QB 63 106.42 -47.69 11.66
CA LEU QB 63 107.13 -48.54 12.59
C LEU QB 63 108.56 -48.05 12.81
N TYR QB 64 109.11 -47.37 11.80
CA TYR QB 64 110.40 -46.71 12.02
C TYR QB 64 110.25 -45.57 13.02
N LEU QB 65 109.16 -44.80 12.92
CA LEU QB 65 109.07 -43.64 13.80
C LEU QB 65 108.60 -44.03 15.20
N ARG QB 66 107.36 -44.51 15.33
CA ARG QB 66 106.80 -44.91 16.61
C ARG QB 66 106.94 -46.42 16.68
N GLY QB 67 108.01 -46.88 17.31
CA GLY QB 67 108.29 -48.29 17.37
C GLY QB 67 107.45 -49.01 18.40
N GLY QB 68 107.49 -50.33 18.37
CA GLY QB 68 106.81 -51.13 19.36
C GLY QB 68 105.31 -51.20 19.23
N ALA QB 69 104.76 -50.79 18.09
CA ALA QB 69 103.32 -50.85 17.90
C ALA QB 69 102.90 -52.28 17.54
N GLY QB 70 101.59 -52.50 17.52
CA GLY QB 70 101.05 -53.79 17.15
C GLY QB 70 99.96 -53.69 16.10
N VAL QB 71 99.17 -54.77 16.04
CA VAL QB 71 98.08 -54.86 15.06
C VAL QB 71 97.01 -53.81 15.37
N GLY QB 72 96.49 -53.83 16.58
CA GLY QB 72 95.46 -52.87 16.97
C GLY QB 72 96.00 -51.45 17.07
N SER QB 73 97.29 -51.32 17.38
CA SER QB 73 97.90 -50.01 17.43
C SER QB 73 97.99 -49.37 16.05
N MET QB 74 98.43 -50.13 15.05
CA MET QB 74 98.48 -49.58 13.69
C MET QB 74 97.09 -49.45 13.10
N THR QB 75 96.17 -50.32 13.53
CA THR QB 75 94.76 -50.21 13.22
C THR QB 75 94.18 -48.88 13.68
N LYS QB 76 94.62 -48.38 14.83
CA LYS QB 76 94.17 -47.07 15.28
C LYS QB 76 95.05 -45.95 14.74
N ILE QB 77 96.24 -46.30 14.23
CA ILE QB 77 97.04 -45.31 13.50
C ILE QB 77 96.33 -44.90 12.21
N TYR QB 78 95.76 -45.88 11.49
CA TYR QB 78 95.14 -45.55 10.20
C TYR QB 78 93.93 -44.64 10.37
N GLY QB 79 93.15 -44.84 11.42
CA GLY QB 79 92.16 -43.85 11.78
C GLY QB 79 90.84 -43.97 11.05
N GLY QB 80 89.75 -44.19 11.76
CA GLY QB 80 88.47 -44.37 11.11
C GLY QB 80 87.45 -43.29 11.36
N ARG QB 81 86.96 -42.64 10.29
CA ARG QB 81 85.75 -41.84 10.36
C ARG QB 81 84.65 -42.57 9.61
N GLN QB 82 83.69 -43.14 10.34
CA GLN QB 82 82.64 -43.96 9.74
C GLN QB 82 81.33 -43.19 9.74
N ARG QB 83 80.99 -42.58 8.61
CA ARG QB 83 79.70 -41.92 8.44
C ARG QB 83 78.65 -43.02 8.40
N ASN QB 84 77.86 -43.12 9.46
CA ASN QB 84 76.84 -44.16 9.53
C ASN QB 84 75.59 -43.80 8.73
N GLY QB 85 75.46 -42.55 8.31
CA GLY QB 85 74.30 -42.12 7.56
C GLY QB 85 73.56 -41.00 8.26
N VAL QB 86 72.28 -41.23 8.58
CA VAL QB 86 71.52 -40.28 9.37
C VAL QB 86 72.10 -40.18 10.77
N MET QB 87 72.35 -41.31 11.39
CA MET QB 87 73.05 -41.35 12.65
C MET QB 87 74.49 -40.88 12.42
N PRO QB 88 75.02 -39.97 13.25
CA PRO QB 88 76.27 -39.29 12.90
C PRO QB 88 77.49 -40.20 13.00
N SER QB 89 78.64 -39.63 12.66
CA SER QB 89 79.83 -40.44 12.48
C SER QB 89 80.60 -40.63 13.78
N HIS QB 90 81.51 -41.60 13.76
CA HIS QB 90 82.37 -41.89 14.89
C HIS QB 90 83.74 -42.36 14.40
N PHE QB 91 84.64 -42.50 15.37
CA PHE QB 91 85.95 -43.09 15.10
C PHE QB 91 85.83 -44.61 15.11
N SER QB 92 85.97 -45.19 13.92
CA SER QB 92 85.95 -46.64 13.73
C SER QB 92 87.35 -47.10 13.36
N ARG QB 93 87.66 -48.32 13.78
CA ARG QB 93 88.99 -48.89 13.66
C ARG QB 93 89.23 -49.41 12.26
N GLY QB 94 90.50 -49.55 11.90
CA GLY QB 94 90.89 -50.20 10.66
C GLY QB 94 90.58 -51.69 10.67
N SER QB 95 90.84 -52.31 9.53
CA SER QB 95 90.66 -53.75 9.42
C SER QB 95 91.87 -54.47 9.97
N LYS QB 96 91.63 -55.56 10.70
CA LYS QB 96 92.71 -56.19 11.46
C LYS QB 96 93.51 -57.15 10.60
N SER QB 97 92.88 -57.76 9.60
CA SER QB 97 93.56 -58.80 8.83
C SER QB 97 94.63 -58.20 7.93
N VAL QB 98 94.38 -57.03 7.35
CA VAL QB 98 95.43 -56.36 6.58
C VAL QB 98 96.52 -55.82 7.50
N ALA QB 99 96.14 -55.43 8.72
CA ALA QB 99 97.12 -54.91 9.67
C ALA QB 99 98.11 -55.97 10.10
N ARG QB 100 97.63 -57.20 10.35
CA ARG QB 100 98.57 -58.27 10.65
C ARG QB 100 99.13 -58.88 9.37
N ARG QB 101 98.51 -58.64 8.23
CA ARG QB 101 99.04 -59.14 6.97
C ARG QB 101 100.34 -58.43 6.61
N VAL QB 102 100.35 -57.11 6.75
CA VAL QB 102 101.55 -56.34 6.41
C VAL QB 102 102.67 -56.68 7.38
N LEU QB 103 102.31 -56.94 8.65
CA LEU QB 103 103.29 -57.40 9.62
C LEU QB 103 103.85 -58.77 9.25
N GLN QB 104 102.99 -59.68 8.80
CA GLN QB 104 103.44 -61.01 8.42
C GLN QB 104 104.27 -60.95 7.15
N ALA QB 105 103.99 -59.97 6.29
CA ALA QB 105 104.76 -59.81 5.06
C ALA QB 105 106.15 -59.27 5.35
N LEU QB 106 106.25 -58.26 6.22
CA LEU QB 106 107.55 -57.65 6.47
C LEU QB 106 108.38 -58.49 7.43
N GLU QB 107 107.73 -59.30 8.27
CA GLU QB 107 108.45 -60.23 9.13
C GLU QB 107 109.07 -61.37 8.31
N GLY QB 108 108.34 -61.87 7.33
CA GLY QB 108 108.90 -62.88 6.45
C GLY QB 108 109.93 -62.30 5.50
N LEU QB 109 109.88 -60.99 5.27
CA LEU QB 109 110.84 -60.34 4.40
C LEU QB 109 111.85 -59.51 5.17
N LYS QB 110 112.03 -59.81 6.46
CA LYS QB 110 113.23 -59.47 7.22
C LYS QB 110 113.35 -57.97 7.48
N MET QB 111 112.22 -57.32 7.72
CA MET QB 111 112.20 -55.91 8.08
C MET QB 111 111.45 -55.65 9.38
N VAL QB 112 111.19 -56.68 10.17
CA VAL QB 112 110.51 -56.54 11.46
C VAL QB 112 111.34 -57.24 12.53
N GLU QB 113 111.87 -56.46 13.45
CA GLU QB 113 112.43 -56.96 14.70
C GLU QB 113 111.29 -56.95 15.72
N LYS QB 114 111.39 -57.77 16.75
CA LYS QB 114 110.32 -57.87 17.73
C LYS QB 114 110.70 -57.20 19.04
N ASP QB 115 109.94 -56.18 19.42
CA ASP QB 115 109.90 -55.73 20.81
C ASP QB 115 108.94 -56.65 21.54
N GLN QB 116 109.46 -57.36 22.54
CA GLN QB 116 108.82 -58.60 23.01
C GLN QB 116 107.57 -58.33 23.83
N ASP QB 117 107.54 -57.22 24.56
CA ASP QB 117 106.29 -56.83 25.22
C ASP QB 117 105.26 -56.36 24.21
N GLY QB 118 105.71 -55.69 23.16
CA GLY QB 118 104.84 -55.23 22.11
C GLY QB 118 104.93 -56.06 20.86
N GLY QB 119 105.42 -55.47 19.78
CA GLY QB 119 105.27 -56.03 18.45
C GLY QB 119 106.40 -55.73 17.51
N ARG QB 120 106.04 -55.19 16.34
CA ARG QB 120 106.98 -54.77 15.31
C ARG QB 120 107.95 -53.70 15.81
N LYS QB 121 109.11 -53.63 15.16
CA LYS QB 121 110.04 -52.51 15.19
C LYS QB 121 111.04 -52.68 14.06
N LEU QB 122 111.94 -51.71 13.95
CA LEU QB 122 112.86 -51.62 12.82
C LEU QB 122 113.96 -52.68 12.90
N THR QB 123 114.42 -53.13 11.74
CA THR QB 123 115.65 -53.90 11.62
C THR QB 123 116.77 -53.02 11.09
N PRO QB 124 118.03 -53.41 11.31
CA PRO QB 124 119.13 -52.69 10.61
C PRO QB 124 119.09 -52.86 9.10
N GLN QB 125 118.57 -53.99 8.63
CA GLN QB 125 118.35 -54.21 7.20
C GLN QB 125 117.39 -53.18 6.63
N GLY QB 126 116.21 -53.05 7.27
CA GLY QB 126 115.26 -52.05 6.83
C GLY QB 126 115.75 -50.64 7.07
N GLN QB 127 116.62 -50.47 8.09
CA GLN QB 127 117.25 -49.18 8.33
C GLN QB 127 118.08 -48.74 7.13
N ARG QB 128 118.96 -49.62 6.65
CA ARG QB 128 119.76 -49.34 5.46
C ARG QB 128 118.89 -49.11 4.23
N ASP QB 129 117.82 -49.92 4.08
CA ASP QB 129 116.93 -49.81 2.93
C ASP QB 129 116.22 -48.46 2.89
N LEU QB 130 115.48 -48.15 3.95
CA LEU QB 130 114.73 -46.91 4.09
C LEU QB 130 115.64 -45.69 4.06
N ASP QB 131 116.90 -45.86 4.49
CA ASP QB 131 117.79 -44.73 4.57
C ASP QB 131 118.43 -44.41 3.22
N ARG QB 132 118.82 -45.42 2.45
CA ARG QB 132 119.34 -45.23 1.10
C ARG QB 132 118.25 -44.68 0.19
N ILE QB 133 117.01 -45.14 0.39
CA ILE QB 133 115.89 -44.61 -0.38
C ILE QB 133 115.65 -43.13 -0.06
N ALA QB 134 115.76 -42.75 1.21
CA ALA QB 134 115.61 -41.35 1.58
C ALA QB 134 116.73 -40.50 1.00
N GLY QB 135 117.95 -41.06 0.94
CA GLY QB 135 119.05 -40.32 0.35
C GLY QB 135 118.89 -40.07 -1.14
N GLN QB 136 118.42 -41.09 -1.87
CA GLN QB 136 118.24 -40.90 -3.31
C GLN QB 136 117.01 -40.03 -3.63
N VAL QB 137 116.01 -40.03 -2.74
CA VAL QB 137 114.88 -39.12 -2.95
C VAL QB 137 115.29 -37.68 -2.63
N ALA QB 138 116.21 -37.50 -1.66
CA ALA QB 138 116.73 -36.16 -1.41
C ALA QB 138 117.59 -35.67 -2.57
N ALA QB 139 118.35 -36.57 -3.19
CA ALA QB 139 119.11 -36.21 -4.38
C ALA QB 139 118.19 -35.89 -5.55
N ALA QB 140 117.06 -36.58 -5.65
CA ALA QB 140 116.09 -36.26 -6.71
C ALA QB 140 115.34 -34.96 -6.39
N ASN QB 141 115.23 -34.61 -5.11
CA ASN QB 141 114.64 -33.33 -4.72
C ASN QB 141 115.53 -32.17 -5.13
N LYS QB 142 116.82 -32.26 -4.80
CA LYS QB 142 117.74 -31.19 -5.19
C LYS QB 142 118.00 -31.20 -6.70
N LYS QB 143 117.81 -32.35 -7.34
CA LYS QB 143 118.06 -32.48 -8.77
C LYS QB 143 116.75 -32.62 -9.55
N ILE RB 1 111.83 -47.85 51.09
CA ILE RB 1 110.55 -47.77 51.75
C ILE RB 1 109.92 -46.41 51.51
N ARG RB 2 108.73 -46.43 50.91
CA ARG RB 2 108.00 -45.20 50.62
C ARG RB 2 106.74 -45.11 51.47
N ILE RB 3 106.27 -43.88 51.63
CA ILE RB 3 105.06 -43.56 52.37
C ILE RB 3 104.16 -42.74 51.45
N THR RB 4 102.93 -43.19 51.28
CA THR RB 4 101.93 -42.49 50.50
C THR RB 4 100.93 -41.83 51.43
N LEU RB 5 100.88 -40.51 51.39
CA LEU RB 5 99.88 -39.73 52.10
C LEU RB 5 98.80 -39.32 51.12
N THR RB 6 97.61 -39.90 51.28
CA THR RB 6 96.46 -39.52 50.47
C THR RB 6 95.39 -38.96 51.39
N SER RB 7 95.06 -37.70 51.23
CA SER RB 7 94.34 -36.94 52.23
C SER RB 7 93.04 -36.38 51.67
N ARG RB 8 92.25 -35.80 52.57
CA ARG RB 8 90.94 -35.30 52.17
C ARG RB 8 91.00 -33.80 51.92
N ASN RB 9 91.82 -33.07 52.69
CA ASN RB 9 91.99 -31.63 52.46
C ASN RB 9 93.45 -31.22 52.56
N VAL RB 10 93.71 -30.10 51.88
CA VAL RB 10 95.08 -29.70 51.55
C VAL RB 10 95.83 -29.23 52.79
N LYS RB 11 95.12 -28.61 53.74
CA LYS RB 11 95.80 -28.03 54.89
C LYS RB 11 96.26 -29.10 55.86
N SER RB 12 95.42 -30.09 56.12
CA SER RB 12 95.84 -31.21 56.95
C SER RB 12 96.89 -32.06 56.27
N LEU RB 13 96.82 -32.16 54.93
CA LEU RB 13 97.88 -32.81 54.15
C LEU RB 13 99.22 -32.13 54.36
N GLU RB 14 99.26 -30.80 54.20
CA GLU RB 14 100.49 -30.05 54.37
C GLU RB 14 101.00 -30.11 55.80
N LYS RB 15 100.10 -30.13 56.77
CA LYS RB 15 100.53 -30.14 58.17
C LYS RB 15 101.11 -31.49 58.56
N VAL RB 16 100.51 -32.60 58.10
CA VAL RB 16 101.07 -33.90 58.44
C VAL RB 16 102.36 -34.15 57.66
N CYS RB 17 102.49 -33.57 56.46
CA CYS RB 17 103.74 -33.72 55.72
C CYS RB 17 104.86 -32.92 56.36
N ALA RB 18 104.57 -31.71 56.84
CA ALA RB 18 105.56 -30.90 57.54
C ALA RB 18 105.98 -31.56 58.84
N ASP RB 19 105.02 -32.17 59.55
CA ASP RB 19 105.36 -32.90 60.77
C ASP RB 19 106.23 -34.11 60.47
N LEU RB 20 105.98 -34.79 59.34
CA LEU RB 20 106.77 -35.97 59.01
C LEU RB 20 108.19 -35.56 58.64
N ILE RB 21 108.35 -34.46 57.91
CA ILE RB 21 109.69 -34.00 57.53
C ILE RB 21 110.45 -33.51 58.75
N ARG RB 22 109.75 -32.85 59.68
CA ARG RB 22 110.39 -32.36 60.89
C ARG RB 22 110.76 -33.51 61.82
N GLY RB 23 109.98 -34.59 61.81
CA GLY RB 23 110.34 -35.76 62.59
C GLY RB 23 111.31 -36.68 61.86
N ALA RB 24 111.56 -36.39 60.59
CA ALA RB 24 112.50 -37.21 59.82
C ALA RB 24 113.91 -36.64 59.84
N LYS RB 25 114.07 -35.34 59.63
CA LYS RB 25 115.38 -34.83 59.24
C LYS RB 25 116.34 -34.65 60.43
N GLU RB 26 115.88 -34.89 61.66
CA GLU RB 26 116.83 -34.80 62.77
C GLU RB 26 117.71 -36.06 62.83
N LYS RB 27 117.18 -37.18 62.32
CA LYS RB 27 117.95 -38.39 62.21
C LYS RB 27 118.84 -38.33 60.98
N ASN RB 28 119.69 -39.34 60.79
CA ASN RB 28 120.47 -39.42 59.56
C ASN RB 28 119.66 -40.22 58.52
N LEU RB 29 118.58 -39.59 58.06
CA LEU RB 29 117.70 -40.19 57.07
C LEU RB 29 117.79 -39.37 55.79
N LYS RB 30 118.21 -40.01 54.70
CA LYS RB 30 118.18 -39.35 53.41
C LYS RB 30 116.76 -39.34 52.88
N VAL RB 31 116.22 -38.14 52.68
CA VAL RB 31 114.81 -37.94 52.44
C VAL RB 31 114.60 -37.48 51.00
N LYS RB 32 113.71 -38.15 50.29
CA LYS RB 32 113.22 -37.68 49.01
C LYS RB 32 111.99 -36.82 49.25
N GLY RB 33 111.82 -35.80 48.42
CA GLY RB 33 110.87 -34.74 48.67
C GLY RB 33 109.42 -35.15 48.61
N PRO RB 34 108.54 -34.28 49.11
CA PRO RB 34 107.10 -34.55 49.01
C PRO RB 34 106.58 -34.37 47.60
N VAL RB 35 106.71 -35.41 46.77
CA VAL RB 35 106.33 -35.30 45.37
C VAL RB 35 104.83 -35.27 45.25
N ARG RB 36 104.33 -34.33 44.45
CA ARG RB 36 102.90 -34.06 44.29
C ARG RB 36 102.32 -34.88 43.16
N MET RB 37 101.53 -35.90 43.50
CA MET RB 37 100.73 -36.57 42.49
C MET RB 37 99.60 -35.65 42.03
N PRO RB 38 99.17 -35.76 40.78
CA PRO RB 38 98.15 -34.83 40.28
C PRO RB 38 96.79 -35.09 40.90
N THR RB 39 95.97 -34.05 40.93
CA THR RB 39 94.70 -34.12 41.64
C THR RB 39 93.65 -34.85 40.83
N LYS RB 40 93.11 -35.92 41.39
CA LYS RB 40 91.95 -36.60 40.84
C LYS RB 40 90.71 -35.84 41.28
N THR RB 41 89.71 -35.77 40.40
CA THR RB 41 88.48 -35.06 40.67
C THR RB 41 87.31 -35.95 40.31
N LEU RB 42 86.63 -36.48 41.32
CA LEU RB 42 85.44 -37.31 41.11
C LEU RB 42 84.22 -36.40 41.08
N ARG RB 43 83.59 -36.28 39.92
CA ARG RB 43 82.49 -35.35 39.71
C ARG RB 43 81.18 -36.11 39.58
N ILE RB 44 80.12 -35.59 40.19
CA ILE RB 44 78.77 -36.11 40.06
C ILE RB 44 77.84 -34.95 39.74
N THR RB 45 77.07 -35.08 38.68
CA THR RB 45 76.17 -34.03 38.22
C THR RB 45 74.74 -34.53 38.36
N THR RB 46 73.87 -33.70 38.94
CA THR RB 46 72.58 -34.17 39.43
C THR RB 46 71.47 -33.22 38.96
N ARG RB 47 70.29 -33.80 38.69
CA ARG RB 47 69.16 -33.08 38.09
C ARG RB 47 68.55 -32.05 39.05
N LYS RB 48 68.89 -32.14 40.35
CA LYS RB 48 68.48 -31.28 41.46
C LYS RB 48 67.03 -31.40 41.90
N THR RB 49 66.19 -32.06 41.14
CA THR RB 49 64.77 -31.98 41.45
C THR RB 49 64.11 -33.34 41.37
N PRO RB 50 63.19 -33.68 42.27
CA PRO RB 50 62.56 -35.00 42.23
C PRO RB 50 61.62 -35.18 41.05
N CYS RB 51 60.98 -34.12 40.58
CA CYS RB 51 60.13 -34.19 39.40
C CYS RB 51 60.59 -33.16 38.39
N GLY RB 52 60.37 -33.47 37.12
CA GLY RB 52 60.89 -32.64 36.05
C GLY RB 52 60.02 -31.45 35.70
N GLU RB 53 60.04 -30.44 36.55
CA GLU RB 53 59.35 -29.19 36.28
C GLU RB 53 60.39 -28.07 36.35
N GLY RB 54 60.15 -27.01 35.60
CA GLY RB 54 60.98 -25.84 35.72
C GLY RB 54 62.17 -25.87 34.80
N SER RB 55 63.06 -24.91 35.03
CA SER RB 55 64.28 -24.81 34.25
C SER RB 55 65.21 -25.96 34.57
N LYS RB 56 65.92 -26.43 33.54
CA LYS RB 56 66.89 -27.51 33.68
C LYS RB 56 68.04 -27.00 34.53
N THR RB 57 68.16 -27.52 35.74
CA THR RB 57 69.04 -26.94 36.74
C THR RB 57 69.91 -28.04 37.34
N TRP RB 58 71.22 -27.96 37.11
CA TRP RB 58 72.12 -29.05 37.42
C TRP RB 58 73.05 -28.68 38.57
N ASP RB 59 73.21 -29.61 39.51
CA ASP RB 59 74.29 -29.57 40.49
C ASP RB 59 75.62 -29.78 39.79
N ARG RB 60 76.71 -29.45 40.48
CA ARG RB 60 78.04 -29.79 40.01
C ARG RB 60 78.94 -30.06 41.21
N PHE RB 61 79.01 -31.31 41.63
CA PHE RB 61 79.73 -31.71 42.83
C PHE RB 61 81.16 -32.08 42.48
N GLN RB 62 82.08 -31.82 43.41
CA GLN RB 62 83.48 -32.17 43.24
C GLN RB 62 84.03 -32.68 44.56
N MET RB 63 84.99 -33.60 44.46
CA MET RB 63 85.93 -33.85 45.53
C MET RB 63 87.32 -33.74 44.95
N ARG RB 64 88.24 -33.21 45.74
CA ARG RB 64 89.64 -33.14 45.35
C ARG RB 64 90.41 -34.18 46.14
N ILE RB 65 91.12 -35.04 45.42
CA ILE RB 65 91.97 -36.05 46.04
C ILE RB 65 93.41 -35.61 45.89
N HIS RB 66 94.09 -35.47 47.01
CA HIS RB 66 95.47 -35.00 47.03
C HIS RB 66 96.36 -36.14 47.48
N LYS RB 67 97.59 -36.17 46.98
CA LYS RB 67 98.48 -37.31 47.18
C LYS RB 67 99.94 -36.86 47.14
N ARG RB 68 100.69 -37.20 48.18
CA ARG RB 68 102.10 -36.88 48.27
C ARG RB 68 102.89 -38.15 48.51
N LEU RB 69 103.97 -38.32 47.76
CA LEU RB 69 104.86 -39.46 47.93
C LEU RB 69 106.17 -39.00 48.55
N ILE RB 70 106.66 -39.78 49.51
CA ILE RB 70 107.93 -39.53 50.18
C ILE RB 70 108.67 -40.86 50.31
N ASP RB 71 109.93 -40.87 49.91
CA ASP RB 71 110.74 -42.08 49.91
C ASP RB 71 111.74 -42.02 51.05
N LEU RB 72 111.73 -43.03 51.90
CA LEU RB 72 112.64 -43.13 53.03
C LEU RB 72 113.30 -44.50 53.03
N HIS RB 73 114.43 -44.61 52.34
CA HIS RB 73 115.17 -45.86 52.24
C HIS RB 73 116.00 -46.04 53.51
N SER RB 74 115.72 -47.11 54.25
CA SER RB 74 116.25 -47.30 55.59
C SER RB 74 116.03 -48.75 55.97
N PRO RB 75 116.58 -49.19 57.11
CA PRO RB 75 115.99 -50.37 57.78
C PRO RB 75 114.60 -50.04 58.29
N SER RB 76 113.76 -51.07 58.33
CA SER RB 76 112.35 -50.88 58.68
C SER RB 76 112.15 -50.63 60.17
N GLU RB 77 113.21 -50.79 60.98
CA GLU RB 77 113.11 -50.57 62.42
C GLU RB 77 112.88 -49.10 62.74
N ILE RB 78 113.45 -48.21 61.93
CA ILE RB 78 113.24 -46.77 62.12
C ILE RB 78 111.83 -46.39 61.68
N VAL RB 79 111.32 -47.08 60.66
CA VAL RB 79 110.01 -46.78 60.08
C VAL RB 79 108.91 -47.10 61.09
N LYS RB 80 109.14 -48.09 61.96
CA LYS RB 80 108.20 -48.40 63.03
C LYS RB 80 108.09 -47.24 64.01
N GLN RB 81 109.20 -46.56 64.29
CA GLN RB 81 109.17 -45.36 65.13
C GLN RB 81 108.50 -44.20 64.40
N ILE RB 82 108.77 -44.08 63.10
CA ILE RB 82 108.19 -43.01 62.27
C ILE RB 82 106.68 -43.15 62.18
N THR RB 83 106.17 -44.38 62.21
CA THR RB 83 104.73 -44.64 62.09
C THR RB 83 103.95 -44.05 63.26
N SER RB 84 104.56 -44.04 64.45
CA SER RB 84 103.87 -43.63 65.68
C SER RB 84 103.79 -42.11 65.75
N ILE RB 85 102.75 -41.54 65.13
CA ILE RB 85 102.45 -40.11 65.21
C ILE RB 85 100.95 -39.96 65.45
N SER RB 86 100.56 -39.08 66.36
CA SER RB 86 99.16 -38.71 66.55
C SER RB 86 98.71 -37.94 65.31
N ILE RB 87 98.10 -38.68 64.40
CA ILE RB 87 97.87 -38.20 63.05
C ILE RB 87 96.44 -37.71 62.90
N GLU RB 88 96.22 -36.82 61.94
CA GLU RB 88 94.91 -36.24 61.72
C GLU RB 88 93.98 -37.27 61.10
N PRO RB 89 92.70 -37.31 61.50
CA PRO RB 89 91.79 -38.34 60.98
C PRO RB 89 91.40 -38.22 59.51
N GLY RB 90 91.87 -37.20 58.79
CA GLY RB 90 91.52 -37.08 57.39
C GLY RB 90 92.63 -37.48 56.44
N VAL RB 91 93.62 -38.22 56.94
CA VAL RB 91 94.83 -38.54 56.19
C VAL RB 91 94.98 -40.07 56.16
N GLU RB 92 95.34 -40.61 54.99
CA GLU RB 92 95.57 -42.04 54.83
C GLU RB 92 97.03 -42.30 54.50
N VAL RB 93 97.60 -43.33 55.13
CA VAL RB 93 99.02 -43.64 55.04
C VAL RB 93 99.18 -45.03 54.46
N GLU RB 94 99.99 -45.14 53.40
CA GLU RB 94 100.49 -46.42 52.94
C GLU RB 94 101.99 -46.47 53.15
N VAL RB 95 102.49 -47.64 53.53
CA VAL RB 95 103.93 -47.89 53.60
C VAL RB 95 104.26 -49.05 52.68
N THR RB 96 105.38 -48.93 51.97
CA THR RB 96 105.77 -49.93 51.00
C THR RB 96 107.26 -50.18 51.12
N ILE RB 97 107.63 -51.45 51.28
CA ILE RB 97 109.02 -51.84 51.40
C ILE RB 97 109.59 -52.29 50.05
N MET SB 1 41.58 23.72 96.66
CA MET SB 1 40.34 22.98 96.85
C MET SB 1 40.32 22.23 98.17
N GLN SB 2 39.45 22.64 99.08
CA GLN SB 2 39.33 22.02 100.40
C GLN SB 2 37.95 21.41 100.56
N ASN SB 3 37.91 20.29 101.27
CA ASN SB 3 36.68 19.62 101.64
C ASN SB 3 36.07 20.27 102.87
N ASP SB 4 35.05 19.63 103.45
CA ASP SB 4 34.49 20.13 104.70
C ASP SB 4 35.41 19.81 105.87
N ALA SB 5 36.28 18.83 105.71
CA ALA SB 5 37.28 18.54 106.73
C ALA SB 5 38.43 19.53 106.72
N GLY SB 6 38.47 20.44 105.76
CA GLY SB 6 39.58 21.37 105.64
C GLY SB 6 40.85 20.75 105.14
N GLU SB 7 40.80 19.54 104.59
CA GLU SB 7 41.97 18.86 104.07
C GLU SB 7 42.27 19.40 102.69
N PHE SB 8 43.56 19.54 102.39
CA PHE SB 8 44.02 19.94 101.07
C PHE SB 8 43.89 18.71 100.17
N VAL SB 9 42.85 18.72 99.34
CA VAL SB 9 42.38 17.49 98.70
C VAL SB 9 43.29 17.07 97.57
N ASP SB 10 43.67 18.01 96.71
CA ASP SB 10 44.20 17.67 95.40
C ASP SB 10 45.66 17.22 95.50
N LEU SB 11 46.12 16.50 94.48
CA LEU SB 11 47.44 15.90 94.52
C LEU SB 11 48.53 16.95 94.35
N TYR SB 12 48.40 17.82 93.37
CA TYR SB 12 49.38 18.87 93.15
C TYR SB 12 48.66 20.11 92.68
N VAL SB 13 49.28 21.26 92.93
CA VAL SB 13 48.76 22.54 92.48
C VAL SB 13 49.52 22.92 91.22
N PRO SB 14 48.87 22.98 90.06
CA PRO SB 14 49.58 23.27 88.82
C PRO SB 14 50.07 24.70 88.77
N ARG SB 15 51.08 24.92 87.93
CA ARG SB 15 51.60 26.27 87.76
C ARG SB 15 50.65 27.10 86.92
N LYS SB 16 50.03 28.08 87.54
CA LYS SB 16 49.33 29.13 86.82
C LYS SB 16 50.39 30.00 86.17
N CYS SB 17 50.35 30.09 84.85
CA CYS SB 17 51.38 30.77 84.06
C CYS SB 17 51.39 32.26 84.38
N SER SB 18 52.58 32.81 84.54
CA SER SB 18 52.69 34.20 84.97
C SER SB 18 52.41 35.15 83.82
N ALA SB 19 52.38 34.64 82.59
CA ALA SB 19 52.08 35.48 81.44
C ALA SB 19 50.61 35.85 81.39
N SER SB 20 49.73 34.84 81.26
CA SER SB 20 48.32 35.08 80.99
C SER SB 20 47.40 34.31 81.92
N ASN SB 21 47.88 33.88 83.09
CA ASN SB 21 47.07 33.34 84.19
C ASN SB 21 46.30 32.08 83.78
N ARG SB 22 46.93 31.23 82.98
CA ARG SB 22 46.29 30.00 82.52
C ARG SB 22 47.14 28.81 82.98
N ILE SB 23 46.50 27.67 83.19
CA ILE SB 23 47.17 26.53 83.78
C ILE SB 23 48.16 25.91 82.80
N ILE SB 24 49.38 25.68 83.27
CA ILE SB 24 50.34 24.84 82.57
C ILE SB 24 49.93 23.38 82.79
N GLY SB 25 49.72 22.66 81.71
CA GLY SB 25 49.24 21.30 81.80
C GLY SB 25 50.30 20.32 82.25
N ALA SB 26 49.87 19.07 82.44
CA ALA SB 26 50.78 18.03 82.90
C ALA SB 26 51.69 17.56 81.78
N LYS SB 27 51.30 17.79 80.54
CA LYS SB 27 52.12 17.42 79.39
C LYS SB 27 52.38 18.59 78.45
N ASP SB 28 52.13 19.82 78.87
CA ASP SB 28 52.34 20.99 78.03
C ASP SB 28 53.85 21.27 77.98
N HIS SB 29 54.54 20.51 77.13
CA HIS SB 29 56.00 20.49 77.18
C HIS SB 29 56.62 21.71 76.55
N ALA SB 30 55.82 22.59 75.95
CA ALA SB 30 56.36 23.84 75.45
C ALA SB 30 56.57 24.84 76.59
N SER SB 31 55.94 24.60 77.73
CA SER SB 31 56.02 25.52 78.85
C SER SB 31 57.40 25.47 79.50
N ILE SB 32 57.84 26.62 80.04
CA ILE SB 32 59.17 26.76 80.60
C ILE SB 32 59.09 27.55 81.90
N GLN SB 33 59.92 27.16 82.87
CA GLN SB 33 60.11 27.94 84.08
C GLN SB 33 61.40 28.75 83.95
N MET SB 34 61.30 29.90 83.29
CA MET SB 34 62.39 30.86 83.14
C MET SB 34 62.87 31.33 84.51
N ASN SB 35 64.18 31.46 84.64
CA ASN SB 35 64.79 31.99 85.85
C ASN SB 35 65.68 33.15 85.50
N VAL SB 36 65.56 34.26 86.22
CA VAL SB 36 66.44 35.40 86.06
C VAL SB 36 67.03 35.77 87.41
N ALA SB 37 68.31 36.13 87.42
CA ALA SB 37 69.03 36.25 88.67
C ALA SB 37 68.89 37.65 89.26
N GLU SB 38 69.04 37.75 90.58
CA GLU SB 38 69.10 39.06 91.21
C GLU SB 38 70.51 39.62 91.12
N VAL SB 39 70.60 40.94 91.03
CA VAL SB 39 71.85 41.67 91.01
C VAL SB 39 71.90 42.51 92.29
N ASP SB 40 73.09 42.74 92.83
CA ASP SB 40 73.27 43.66 93.94
C ASP SB 40 72.97 45.10 93.54
N LYS SB 41 73.19 45.99 94.50
CA LYS SB 41 73.27 47.42 94.28
C LYS SB 41 74.64 47.77 93.69
N VAL SB 42 75.02 49.05 93.78
CA VAL SB 42 76.15 49.73 93.12
C VAL SB 42 77.44 48.92 93.04
N THR SB 43 77.66 48.04 94.04
CA THR SB 43 78.72 47.03 93.97
C THR SB 43 78.61 46.14 92.74
N GLY SB 44 77.39 45.83 92.29
CA GLY SB 44 77.18 45.14 91.04
C GLY SB 44 77.52 43.67 91.03
N ARG SB 45 77.67 43.05 92.20
CA ARG SB 45 78.05 41.65 92.28
C ARG SB 45 76.80 40.77 92.24
N PHE SB 46 77.00 39.49 91.93
CA PHE SB 46 75.93 38.51 91.83
C PHE SB 46 75.31 38.25 93.19
N ASN SB 47 73.99 38.13 93.22
CA ASN SB 47 73.28 37.57 94.36
C ASN SB 47 72.86 36.13 94.06
N GLY SB 48 72.92 35.30 95.10
CA GLY SB 48 72.59 33.88 94.92
C GLY SB 48 71.11 33.61 94.80
N GLN SB 49 70.29 34.66 94.83
CA GLN SB 49 68.83 34.54 94.80
C GLN SB 49 68.33 34.90 93.41
N PHE SB 50 67.24 34.25 93.00
CA PHE SB 50 66.73 34.44 91.66
C PHE SB 50 65.20 34.49 91.68
N LYS SB 51 64.65 35.01 90.58
CA LYS SB 51 63.22 35.20 90.41
C LYS SB 51 62.75 34.30 89.28
N THR SB 52 61.50 33.84 89.39
CA THR SB 52 60.97 32.77 88.56
C THR SB 52 59.79 33.28 87.74
N TYR SB 53 59.87 33.12 86.42
CA TYR SB 53 58.80 33.50 85.51
C TYR SB 53 58.39 32.26 84.72
N ALA SB 54 57.10 31.96 84.70
CA ALA SB 54 56.61 30.79 83.97
C ALA SB 54 55.97 31.24 82.66
N ILE SB 55 56.28 30.54 81.58
CA ILE SB 55 55.72 30.84 80.26
C ILE SB 55 55.06 29.57 79.73
N CYS SB 56 53.80 29.69 79.33
CA CYS SB 56 53.08 28.50 78.89
C CYS SB 56 53.14 28.32 77.37
N GLY SB 57 52.51 27.25 76.92
CA GLY SB 57 52.83 26.70 75.61
C GLY SB 57 52.30 27.54 74.46
N ALA SB 58 51.01 27.87 74.49
CA ALA SB 58 50.42 28.59 73.36
C ALA SB 58 50.93 30.02 73.30
N ILE SB 59 51.24 30.60 74.45
CA ILE SB 59 51.86 31.93 74.49
C ILE SB 59 53.24 31.88 73.84
N ARG SB 60 54.01 30.83 74.14
CA ARG SB 60 55.30 30.67 73.50
C ARG SB 60 55.18 30.44 72.00
N ARG SB 61 54.14 29.71 71.58
CA ARG SB 61 53.98 29.42 70.16
C ARG SB 61 53.54 30.65 69.38
N MET SB 62 52.70 31.49 70.00
CA MET SB 62 52.22 32.67 69.28
C MET SB 62 53.29 33.75 69.24
N GLY SB 63 53.95 34.02 70.36
CA GLY SB 63 54.91 35.09 70.41
C GLY SB 63 54.55 36.19 71.38
N GLU SB 64 53.65 35.91 72.32
CA GLU SB 64 53.38 36.85 73.42
C GLU SB 64 54.46 36.72 74.50
N SER SB 65 55.43 35.82 74.30
CA SER SB 65 56.50 35.63 75.26
C SER SB 65 57.48 36.80 75.26
N ASP SB 66 57.81 37.32 74.07
CA ASP SB 66 58.75 38.42 73.97
C ASP SB 66 58.21 39.70 74.59
N ASP SB 67 56.93 39.99 74.34
CA ASP SB 67 56.27 41.09 75.04
C ASP SB 67 56.12 40.75 76.52
N SER SB 68 55.87 39.48 76.83
CA SER SB 68 55.38 39.13 78.15
C SER SB 68 56.51 39.13 79.18
N ILE SB 69 57.71 38.75 78.77
CA ILE SB 69 58.81 38.70 79.72
C ILE SB 69 59.25 40.11 80.09
N LEU SB 70 59.26 41.03 79.13
CA LEU SB 70 59.59 42.40 79.47
C LEU SB 70 58.46 43.07 80.26
N ARG SB 71 57.21 42.74 79.94
CA ARG SB 71 56.10 43.35 80.69
C ARG SB 71 55.94 42.71 82.07
N LEU SB 72 56.53 41.53 82.27
CA LEU SB 72 56.53 40.92 83.58
C LEU SB 72 57.75 41.36 84.38
N ALA SB 73 58.83 41.72 83.70
CA ALA SB 73 60.01 42.24 84.37
C ALA SB 73 59.86 43.72 84.67
N LYS SB 74 59.00 44.40 83.93
CA LYS SB 74 58.86 45.85 84.08
C LYS SB 74 57.96 46.18 85.25
N ALA SB 75 56.93 45.38 85.47
CA ALA SB 75 56.11 45.53 86.66
C ALA SB 75 56.88 45.11 87.90
N ASP SB 76 57.87 44.23 87.74
CA ASP SB 76 58.70 43.84 88.87
C ASP SB 76 59.85 44.83 89.04
N GLY SB 77 60.11 45.66 88.03
CA GLY SB 77 61.09 46.72 88.13
C GLY SB 77 62.53 46.33 87.83
N ILE SB 78 62.76 45.14 87.29
CA ILE SB 78 64.13 44.63 87.21
C ILE SB 78 64.77 45.03 85.89
N VAL SB 79 64.01 45.67 84.99
CA VAL SB 79 64.58 45.99 83.69
C VAL SB 79 64.82 47.50 83.53
N SER SB 80 63.81 48.33 83.78
CA SER SB 80 63.94 49.76 83.54
C SER SB 80 62.92 50.53 84.38
N LYS SB 81 62.80 51.81 84.06
CA LYS SB 81 61.87 52.69 84.74
C LYS SB 81 60.46 52.44 84.21
N VAL TB 1 20.10 43.38 61.81
CA VAL TB 1 21.45 43.88 61.73
C VAL TB 1 22.03 43.83 63.14
N ARG TB 2 21.88 44.91 63.89
CA ARG TB 2 22.39 45.03 65.24
C ARG TB 2 21.26 44.70 66.21
N MET TB 3 21.32 43.53 66.82
CA MET TB 3 20.29 43.15 67.77
C MET TB 3 20.91 42.22 68.80
N ASN TB 4 20.44 42.38 70.04
CA ASN TB 4 20.96 41.68 71.22
C ASN TB 4 22.45 41.95 71.37
N VAL TB 5 22.78 43.23 71.66
CA VAL TB 5 24.18 43.69 71.69
C VAL TB 5 24.94 43.10 72.86
N LEU TB 6 24.25 42.52 73.82
CA LEU TB 6 24.89 41.72 74.86
C LEU TB 6 25.66 40.55 74.26
N ALA TB 7 25.11 39.93 73.21
CA ALA TB 7 25.82 38.85 72.52
C ALA TB 7 27.04 39.37 71.79
N ASP TB 8 26.93 40.54 71.16
CA ASP TB 8 28.07 41.16 70.50
C ASP TB 8 29.17 41.51 71.48
N ALA TB 9 28.81 41.90 72.70
CA ALA TB 9 29.81 42.17 73.71
C ALA TB 9 30.48 40.87 74.16
N LEU TB 10 29.68 39.85 74.46
CA LEU TB 10 30.24 38.68 75.13
C LEU TB 10 30.98 37.77 74.17
N LYS TB 11 30.68 37.82 72.87
CA LYS TB 11 31.51 37.08 71.93
C LYS TB 11 32.87 37.75 71.76
N SER TB 12 32.92 39.07 71.88
CA SER TB 12 34.22 39.73 71.88
C SER TB 12 35.01 39.38 73.13
N ILE TB 13 34.33 39.30 74.27
CA ILE TB 13 34.97 38.86 75.51
C ILE TB 13 35.50 37.43 75.38
N ASN TB 14 34.71 36.57 74.73
CA ASN TB 14 35.10 35.18 74.54
C ASN TB 14 36.31 35.05 73.63
N ASN TB 15 36.32 35.79 72.51
CA ASN TB 15 37.45 35.72 71.59
C ASN TB 15 38.70 36.29 72.22
N ALA TB 16 38.56 37.33 73.04
CA ALA TB 16 39.73 37.89 73.70
C ALA TB 16 40.26 36.95 74.79
N GLU TB 17 39.37 36.21 75.44
CA GLU TB 17 39.84 35.24 76.43
C GLU TB 17 40.52 34.04 75.77
N LYS TB 18 39.98 33.57 74.65
CA LYS TB 18 40.59 32.44 73.96
C LYS TB 18 41.92 32.84 73.33
N ARG TB 19 42.03 34.08 72.85
CA ARG TB 19 43.31 34.53 72.31
C ARG TB 19 44.32 34.76 73.42
N GLY TB 20 43.89 35.41 74.50
CA GLY TB 20 44.77 35.66 75.63
C GLY TB 20 45.20 37.11 75.75
N LYS TB 21 44.41 38.03 75.20
CA LYS TB 21 44.77 39.44 75.23
C LYS TB 21 44.32 40.06 76.54
N ARG TB 22 44.64 41.34 76.71
CA ARG TB 22 44.55 41.95 78.04
C ARG TB 22 43.24 42.70 78.21
N GLN TB 23 42.83 43.48 77.22
CA GLN TB 23 41.64 44.30 77.38
C GLN TB 23 40.92 44.46 76.04
N VAL TB 24 39.60 44.57 76.13
CA VAL TB 24 38.69 44.40 75.01
C VAL TB 24 38.00 45.73 74.78
N LEU TB 25 37.63 46.01 73.54
CA LEU TB 25 36.78 47.15 73.22
C LEU TB 25 35.42 46.61 72.84
N ILE TB 26 34.37 47.27 73.32
CA ILE TB 26 32.98 46.91 73.01
C ILE TB 26 32.26 48.18 72.57
N ARG TB 27 31.87 48.24 71.31
CA ARG TB 27 31.33 49.51 70.81
C ARG TB 27 29.90 49.87 71.27
N PRO TB 28 28.97 48.97 71.62
CA PRO TB 28 27.73 49.49 72.22
C PRO TB 28 27.82 49.54 73.73
N CYS TB 29 26.82 50.13 74.37
CA CYS TB 29 26.69 50.14 75.82
C CYS TB 29 25.24 50.01 76.22
N SER TB 30 24.99 49.12 77.18
CA SER TB 30 23.68 49.01 77.78
C SER TB 30 23.84 48.97 79.29
N LYS TB 31 22.80 49.39 79.99
CA LYS TB 31 22.71 49.18 81.44
C LYS TB 31 22.74 47.69 81.76
N VAL TB 32 22.19 46.88 80.85
CA VAL TB 32 22.31 45.43 80.92
C VAL TB 32 23.77 45.00 80.93
N ILE TB 33 24.57 45.55 80.03
CA ILE TB 33 25.97 45.16 79.94
C ILE TB 33 26.74 45.63 81.16
N VAL TB 34 26.43 46.84 81.63
CA VAL TB 34 27.14 47.40 82.79
C VAL TB 34 26.83 46.61 84.05
N ARG TB 35 25.57 46.24 84.27
CA ARG TB 35 25.24 45.47 85.46
C ARG TB 35 25.71 44.02 85.34
N PHE TB 36 25.79 43.53 84.10
CA PHE TB 36 26.32 42.19 83.86
C PHE TB 36 27.80 42.13 84.24
N LEU TB 37 28.57 43.13 83.81
CA LEU TB 37 29.98 43.18 84.16
C LEU TB 37 30.16 43.53 85.63
N THR TB 38 29.17 44.20 86.24
CA THR TB 38 29.22 44.46 87.67
C THR TB 38 29.09 43.16 88.46
N VAL TB 39 28.21 42.26 88.04
CA VAL TB 39 28.08 40.96 88.68
C VAL TB 39 29.37 40.14 88.48
N MET TB 40 29.91 40.18 87.26
CA MET TB 40 31.15 39.44 86.97
C MET TB 40 32.33 39.98 87.78
N MET TB 41 32.38 41.30 87.96
CA MET TB 41 33.43 41.93 88.75
C MET TB 41 33.28 41.60 90.22
N LYS TB 42 32.06 41.69 90.76
CA LYS TB 42 31.83 41.45 92.17
C LYS TB 42 32.09 39.99 92.53
N HIS TB 43 31.92 39.10 91.56
CA HIS TB 43 32.29 37.71 91.80
C HIS TB 43 33.73 37.44 91.40
N GLY TB 44 34.39 38.42 90.79
CA GLY TB 44 35.83 38.41 90.70
C GLY TB 44 36.42 37.82 89.44
N TYR TB 45 35.61 37.58 88.41
CA TYR TB 45 36.13 36.85 87.26
C TYR TB 45 36.82 37.80 86.29
N ILE TB 46 36.55 39.09 86.37
CA ILE TB 46 37.22 40.08 85.55
C ILE TB 46 37.97 41.04 86.45
N GLY TB 47 38.61 42.02 85.84
CA GLY TB 47 39.26 43.09 86.55
C GLY TB 47 38.48 44.38 86.50
N GLU TB 48 39.16 45.47 86.84
CA GLU TB 48 38.59 46.82 86.81
C GLU TB 48 38.21 47.20 85.38
N PHE TB 49 37.17 48.04 85.22
CA PHE TB 49 36.90 48.46 83.84
C PHE TB 49 36.59 49.94 83.78
N GLU TB 50 36.35 50.43 82.57
CA GLU TB 50 36.24 51.85 82.32
C GLU TB 50 35.38 52.13 81.09
N ILE TB 51 34.47 53.08 81.22
CA ILE TB 51 33.48 53.41 80.19
C ILE TB 51 33.87 54.73 79.56
N ILE TB 52 34.32 54.68 78.31
CA ILE TB 52 34.55 55.88 77.53
C ILE TB 52 33.19 56.44 77.15
N ASP TB 53 32.89 57.64 77.64
CA ASP TB 53 31.56 58.24 77.43
C ASP TB 53 31.58 58.99 76.11
N ASP TB 54 31.30 58.27 75.04
CA ASP TB 54 30.89 58.94 73.82
C ASP TB 54 29.54 59.62 74.05
N HIS TB 55 29.32 60.71 73.31
CA HIS TB 55 28.03 61.39 73.40
C HIS TB 55 26.94 60.54 72.78
N ARG TB 56 27.29 59.73 71.78
CA ARG TB 56 26.31 58.90 71.08
C ARG TB 56 26.06 57.60 71.82
N ALA TB 57 27.08 56.74 71.91
CA ALA TB 57 27.02 55.50 72.64
C ALA TB 57 28.44 55.11 73.01
N GLY TB 58 28.67 54.84 74.29
CA GLY TB 58 30.02 54.75 74.80
C GLY TB 58 30.73 53.47 74.38
N LYS TB 59 31.92 53.28 74.94
CA LYS TB 59 32.73 52.10 74.67
C LYS TB 59 33.37 51.61 75.97
N ILE TB 60 33.18 50.33 76.28
CA ILE TB 60 33.62 49.75 77.54
C ILE TB 60 34.95 49.05 77.30
N VAL TB 61 35.93 49.32 78.18
CA VAL TB 61 37.24 48.67 78.13
C VAL TB 61 37.45 47.97 79.46
N VAL TB 62 37.68 46.66 79.41
CA VAL TB 62 37.67 45.79 80.60
C VAL TB 62 39.04 45.15 80.76
N ASN TB 63 39.68 45.36 81.91
CA ASN TB 63 40.90 44.61 82.19
C ASN TB 63 40.53 43.18 82.54
N LEU TB 64 41.31 42.23 82.02
CA LEU TB 64 40.97 40.82 82.14
C LEU TB 64 41.91 40.10 83.11
N THR TB 65 41.32 39.34 84.02
CA THR TB 65 42.12 38.50 84.91
C THR TB 65 42.77 37.36 84.13
N GLY TB 66 41.96 36.55 83.46
CA GLY TB 66 42.43 35.38 82.75
C GLY TB 66 41.76 34.11 83.20
N ARG TB 67 40.78 34.18 84.09
CA ARG TB 67 40.09 33.01 84.59
C ARG TB 67 38.95 32.56 83.69
N LEU TB 68 38.36 33.47 82.91
CA LEU TB 68 37.11 33.22 82.18
C LEU TB 68 37.27 32.11 81.13
N ASN TB 69 36.70 30.95 81.47
CA ASN TB 69 36.59 29.87 80.48
C ASN TB 69 35.63 30.26 79.37
N LYS TB 70 34.42 30.67 79.72
CA LYS TB 70 33.34 30.81 78.76
C LYS TB 70 32.26 31.71 79.31
N CYS TB 71 31.90 32.73 78.54
CA CYS TB 71 30.74 33.56 78.83
C CYS TB 71 29.87 33.58 77.59
N GLY TB 72 28.57 33.80 77.78
CA GLY TB 72 27.68 33.76 76.64
C GLY TB 72 26.28 34.15 77.02
N VAL TB 73 25.42 34.19 75.99
CA VAL TB 73 24.05 34.67 76.09
C VAL TB 73 23.12 33.55 75.65
N ILE TB 74 22.05 33.31 76.41
CA ILE TB 74 20.94 32.53 75.90
C ILE TB 74 20.10 33.45 75.03
N SER TB 75 19.80 33.01 73.80
CA SER TB 75 19.37 33.92 72.75
C SER TB 75 17.99 34.57 72.98
N PRO TB 76 16.89 33.83 73.13
CA PRO TB 76 15.59 34.53 73.08
C PRO TB 76 15.17 35.16 74.41
N ARG TB 77 16.02 35.12 75.44
CA ARG TB 77 15.70 35.57 76.80
C ARG TB 77 14.46 34.87 77.36
N PHE TB 78 14.61 33.58 77.62
CA PHE TB 78 13.51 32.79 78.17
C PHE TB 78 13.09 33.26 79.55
N ASP TB 79 11.79 33.14 79.81
CA ASP TB 79 11.27 33.21 81.16
C ASP TB 79 11.77 32.00 81.94
N VAL TB 80 11.99 32.18 83.24
CA VAL TB 80 12.25 31.09 84.16
C VAL TB 80 11.42 31.33 85.41
N GLN TB 81 10.42 30.49 85.59
CA GLN TB 81 9.69 30.38 86.83
C GLN TB 81 10.56 29.63 87.82
N LEU TB 82 10.42 29.93 89.11
CA LEU TB 82 11.20 29.22 90.10
C LEU TB 82 10.71 27.78 90.22
N LYS TB 83 11.57 26.92 90.76
CA LYS TB 83 11.51 25.46 90.70
C LYS TB 83 11.53 24.97 89.26
N ASP TB 84 12.11 25.77 88.37
CA ASP TB 84 12.55 25.35 87.05
C ASP TB 84 13.97 25.78 86.76
N LEU TB 85 14.72 26.15 87.80
CA LEU TB 85 16.11 26.51 87.60
C LEU TB 85 16.99 25.29 87.36
N GLU TB 86 16.62 24.14 87.93
CA GLU TB 86 17.55 23.01 88.01
C GLU TB 86 17.78 22.39 86.65
N LYS TB 87 16.80 22.48 85.75
CA LYS TB 87 17.01 22.19 84.34
C LYS TB 87 18.16 23.01 83.78
N TRP TB 88 18.12 24.33 83.99
CA TRP TB 88 19.16 25.20 83.45
C TRP TB 88 20.48 24.99 84.17
N GLN TB 89 20.42 24.60 85.45
CA GLN TB 89 21.61 24.26 86.21
C GLN TB 89 22.34 23.07 85.61
N ASN TB 90 21.63 21.94 85.45
CA ASN TB 90 22.23 20.75 84.88
C ASN TB 90 22.59 20.93 83.41
N ASN TB 91 21.89 21.84 82.72
CA ASN TB 91 22.12 21.96 81.28
C ASN TB 91 23.25 22.93 80.98
N LEU TB 92 23.54 23.86 81.89
CA LEU TB 92 24.46 24.93 81.55
C LEU TB 92 25.69 24.94 82.43
N LEU TB 93 25.53 24.70 83.73
CA LEU TB 93 26.68 24.92 84.57
C LEU TB 93 27.61 23.72 84.50
N PRO TB 94 28.92 23.92 84.38
CA PRO TB 94 29.83 22.79 84.17
C PRO TB 94 29.94 21.87 85.36
N SER TB 95 29.65 22.38 86.55
CA SER TB 95 29.72 21.56 87.76
C SER TB 95 28.83 22.13 88.86
N ARG TB 96 28.84 21.47 90.02
CA ARG TB 96 28.06 21.93 91.15
C ARG TB 96 28.93 22.67 92.15
N GLN TB 97 30.13 23.05 91.70
CA GLN TB 97 31.08 23.76 92.55
C GLN TB 97 31.22 25.22 92.13
N PHE TB 98 31.07 25.48 90.84
CA PHE TB 98 31.18 26.84 90.31
C PHE TB 98 30.16 27.08 89.22
N GLY TB 99 30.30 28.19 88.51
CA GLY TB 99 29.39 28.54 87.43
C GLY TB 99 28.27 29.43 87.95
N PHE TB 100 27.82 30.38 87.12
CA PHE TB 100 26.76 31.29 87.52
C PHE TB 100 25.77 31.60 86.42
N ILE TB 101 24.56 31.97 86.81
CA ILE TB 101 23.50 32.33 85.88
C ILE TB 101 23.01 33.74 86.21
N VAL TB 102 22.79 34.54 85.17
CA VAL TB 102 22.36 35.92 85.35
C VAL TB 102 20.88 36.04 84.99
N LEU TB 103 20.05 36.03 86.02
CA LEU TB 103 18.61 36.23 85.88
C LEU TB 103 18.33 37.71 85.79
N THR TB 104 17.15 38.06 85.29
CA THR TB 104 16.67 39.43 85.31
C THR TB 104 15.44 39.51 86.19
N THR TB 105 15.62 39.92 87.44
CA THR TB 105 14.53 40.00 88.38
C THR TB 105 13.95 41.40 88.35
N SER TB 106 12.80 41.55 89.00
CA SER TB 106 12.17 42.85 89.11
C SER TB 106 12.94 43.79 90.02
N ALA TB 107 13.76 43.27 90.91
CA ALA TB 107 14.58 44.10 91.78
C ALA TB 107 16.03 44.20 91.31
N GLY TB 108 16.27 44.19 90.00
CA GLY TB 108 17.61 44.41 89.48
C GLY TB 108 18.15 43.22 88.74
N ILE TB 109 19.32 43.39 88.12
CA ILE TB 109 20.04 42.31 87.47
C ILE TB 109 20.73 41.50 88.54
N MET TB 110 20.21 40.32 88.82
CA MET TB 110 20.67 39.53 89.93
C MET TB 110 21.44 38.31 89.44
N ASP TB 111 21.87 37.53 90.42
CA ASP TB 111 22.66 36.32 90.22
C ASP TB 111 21.80 35.09 90.47
N HIS TB 112 22.28 33.94 89.99
CA HIS TB 112 21.64 32.66 90.26
C HIS TB 112 21.59 32.35 91.75
N GLU TB 113 22.60 32.79 92.50
CA GLU TB 113 22.61 32.48 93.92
C GLU TB 113 21.78 33.48 94.72
N GLU TB 114 21.77 34.74 94.30
CA GLU TB 114 20.95 35.72 95.01
C GLU TB 114 19.47 35.53 94.67
N ALA TB 115 19.19 34.99 93.48
CA ALA TB 115 17.81 34.84 93.03
C ALA TB 115 17.06 33.79 93.83
N ARG TB 116 17.74 32.70 94.20
CA ARG TB 116 17.07 31.64 94.94
C ARG TB 116 16.78 32.06 96.37
N ARG TB 117 17.54 33.03 96.90
CA ARG TB 117 17.27 33.53 98.24
C ARG TB 117 16.22 34.62 98.21
N LYS TB 118 16.29 35.48 97.19
CA LYS TB 118 15.36 36.60 97.07
C LYS TB 118 13.99 36.12 96.63
N HIS TB 119 13.93 34.90 96.07
CA HIS TB 119 12.70 34.17 95.74
C HIS TB 119 11.88 34.93 94.70
N THR TB 120 12.51 35.23 93.56
CA THR TB 120 11.89 36.04 92.53
C THR TB 120 11.78 35.28 91.21
N GLY TB 121 12.87 34.77 90.67
CA GLY TB 121 12.85 34.26 89.30
C GLY TB 121 12.80 35.38 88.29
N GLY TB 122 12.62 34.99 87.03
CA GLY TB 122 12.56 36.02 86.00
C GLY TB 122 13.22 35.54 84.72
N LYS TB 123 13.72 36.49 83.94
CA LYS TB 123 14.21 36.15 82.61
C LYS TB 123 15.72 35.94 82.62
N ILE TB 124 16.20 35.03 81.78
CA ILE TB 124 17.62 34.73 81.69
C ILE TB 124 18.26 35.67 80.67
N LEU TB 125 19.31 36.39 81.10
CA LEU TB 125 20.18 37.05 80.14
C LEU TB 125 21.23 36.09 79.59
N GLY TB 126 22.08 35.54 80.47
CA GLY TB 126 23.16 34.71 79.98
C GLY TB 126 23.80 33.93 81.13
N PHE TB 127 25.00 33.45 80.85
CA PHE TB 127 25.70 32.58 81.77
C PHE TB 127 27.19 32.81 81.61
N PHE TB 128 27.94 32.52 82.68
CA PHE TB 128 29.39 32.64 82.64
C PHE TB 128 29.99 31.76 83.72
N PHE TB 129 31.19 31.27 83.43
CA PHE TB 129 31.94 30.41 84.35
C PHE TB 129 33.41 30.36 83.98
N GLY UB 1 21.35 27.47 60.40
CA GLY UB 1 20.48 28.62 60.28
C GLY UB 1 19.08 28.36 60.78
N LYS UB 2 18.94 28.17 62.08
CA LYS UB 2 17.63 27.90 62.66
C LYS UB 2 16.89 29.19 62.97
N CYS UB 3 15.71 29.04 63.56
CA CYS UB 3 14.88 30.15 63.99
C CYS UB 3 14.68 30.04 65.49
N ARG UB 4 14.88 31.14 66.22
CA ARG UB 4 14.99 31.08 67.67
C ARG UB 4 14.25 32.19 68.39
N GLY UB 5 13.35 32.91 67.72
CA GLY UB 5 12.58 33.95 68.40
C GLY UB 5 11.53 33.36 69.32
N LEU UB 6 10.98 34.21 70.19
CA LEU UB 6 9.98 33.73 71.13
C LEU UB 6 8.63 33.49 70.46
N ARG UB 7 8.39 34.14 69.33
CA ARG UB 7 7.07 34.01 68.73
C ARG UB 7 7.07 33.12 67.50
N THR UB 8 7.98 32.15 67.42
CA THR UB 8 8.21 31.37 66.21
C THR UB 8 7.76 29.93 66.35
N ALA UB 9 6.92 29.64 67.34
CA ALA UB 9 6.53 28.26 67.62
C ALA UB 9 5.70 27.68 66.50
N ARG UB 10 4.93 28.53 65.81
CA ARG UB 10 4.16 28.06 64.67
C ARG UB 10 5.06 27.65 63.52
N LYS UB 11 6.07 28.47 63.22
CA LYS UB 11 7.00 28.14 62.15
C LYS UB 11 7.76 26.87 62.45
N LEU UB 12 8.19 26.71 63.71
CA LEU UB 12 8.91 25.50 64.10
C LEU UB 12 8.02 24.27 64.01
N ARG UB 13 6.78 24.35 64.52
CA ARG UB 13 5.89 23.20 64.49
C ARG UB 13 5.49 22.82 63.08
N SER UB 14 5.23 23.82 62.23
CA SER UB 14 4.82 23.52 60.87
C SER UB 14 5.98 22.95 60.05
N HIS UB 15 7.19 23.46 60.26
CA HIS UB 15 8.32 22.94 59.53
C HIS UB 15 8.68 21.54 59.98
N ARG UB 16 8.57 21.27 61.28
CA ARG UB 16 8.85 19.93 61.78
C ARG UB 16 7.78 18.94 61.36
N ARG UB 17 6.54 19.40 61.29
CA ARG UB 17 5.45 18.54 60.87
C ARG UB 17 5.54 18.24 59.38
N ASP UB 18 6.13 19.15 58.61
CA ASP UB 18 6.39 18.84 57.21
C ASP UB 18 7.58 17.91 57.06
N GLN UB 19 8.65 18.16 57.82
CA GLN UB 19 9.88 17.39 57.61
C GLN UB 19 9.85 16.05 58.32
N LYS UB 20 8.78 15.75 59.04
CA LYS UB 20 8.69 14.43 59.65
C LYS UB 20 8.31 13.37 58.63
N TRP UB 21 7.77 13.77 57.47
CA TRP UB 21 7.24 12.79 56.52
C TRP UB 21 8.34 12.06 55.77
N HIS UB 22 9.53 12.64 55.68
CA HIS UB 22 10.54 12.01 54.85
C HIS UB 22 11.23 10.84 55.52
N ASP UB 23 10.99 10.62 56.81
CA ASP UB 23 11.45 9.41 57.45
C ASP UB 23 10.62 8.24 56.96
N LYS UB 24 11.28 7.13 56.63
CA LYS UB 24 10.58 5.99 56.04
C LYS UB 24 9.68 5.30 57.05
N GLN UB 25 10.15 5.18 58.30
CA GLN UB 25 9.37 4.50 59.32
C GLN UB 25 8.09 5.28 59.66
N TYR UB 26 8.19 6.60 59.73
CA TYR UB 26 7.00 7.41 60.02
C TYR UB 26 6.02 7.39 58.86
N LYS UB 27 6.53 7.41 57.62
CA LYS UB 27 5.62 7.49 56.48
C LYS UB 27 4.94 6.16 56.24
N LYS UB 28 5.58 5.04 56.58
CA LYS UB 28 4.86 3.77 56.47
C LYS UB 28 4.11 3.46 57.74
N ALA UB 29 4.32 4.23 58.79
CA ALA UB 29 3.50 4.09 59.98
C ALA UB 29 2.18 4.84 59.82
N HIS UB 30 2.21 6.01 59.20
CA HIS UB 30 1.03 6.85 59.13
C HIS UB 30 0.67 7.26 57.71
N LEU UB 31 1.06 6.47 56.73
CA LEU UB 31 0.51 6.58 55.39
C LEU UB 31 -0.20 5.27 55.10
N GLY UB 32 -1.39 5.35 54.54
CA GLY UB 32 -2.29 4.21 54.51
C GLY UB 32 -1.89 3.06 53.61
N THR UB 33 -0.99 3.34 52.65
CA THR UB 33 -0.69 2.35 51.62
C THR UB 33 0.10 1.18 52.18
N ALA UB 34 0.85 1.40 53.26
CA ALA UB 34 1.58 0.31 53.89
C ALA UB 34 0.63 -0.65 54.58
N LEU UB 35 -0.46 -0.12 55.15
CA LEU UB 35 -1.43 -1.00 55.80
C LEU UB 35 -2.30 -1.71 54.77
N LYS UB 36 -2.82 -0.98 53.79
CA LYS UB 36 -3.75 -1.59 52.85
C LYS UB 36 -3.08 -2.13 51.60
N ALA UB 37 -1.76 -2.30 51.61
CA ALA UB 37 -1.09 -2.93 50.49
C ALA UB 37 -0.61 -4.35 50.79
N ASN UB 38 -0.06 -4.56 51.98
CA ASN UB 38 0.50 -5.84 52.34
C ASN UB 38 -0.59 -6.82 52.77
N PRO UB 39 -0.27 -8.12 52.86
CA PRO UB 39 -1.18 -9.03 53.57
C PRO UB 39 -1.01 -8.91 55.08
N PHE UB 40 -1.71 -9.81 55.79
CA PHE UB 40 -1.91 -9.89 57.25
C PHE UB 40 -2.79 -8.80 57.82
N GLY UB 41 -3.12 -7.77 57.04
CA GLY UB 41 -3.90 -6.65 57.53
C GLY UB 41 -3.28 -5.89 58.68
N GLY UB 42 -1.96 -5.99 58.87
CA GLY UB 42 -1.30 -5.43 60.02
C GLY UB 42 -1.34 -6.29 61.26
N ALA UB 43 -1.73 -7.56 61.15
CA ALA UB 43 -1.81 -8.42 62.33
C ALA UB 43 -0.58 -9.32 62.43
N SER UB 44 -0.48 -10.03 63.54
CA SER UB 44 0.67 -10.91 63.75
C SER UB 44 0.60 -12.14 62.87
N HIS UB 45 -0.51 -12.88 62.93
CA HIS UB 45 -0.62 -14.17 62.27
C HIS UB 45 -1.81 -14.13 61.32
N ALA UB 46 -1.88 -15.14 60.45
CA ALA UB 46 -3.10 -15.36 59.68
C ALA UB 46 -3.23 -16.84 59.33
N LYS UB 47 -4.48 -17.28 59.20
CA LYS UB 47 -4.78 -18.62 58.71
C LYS UB 47 -4.84 -18.62 57.19
N GLY UB 48 -4.65 -19.79 56.61
CA GLY UB 48 -4.78 -19.94 55.18
C GLY UB 48 -4.89 -21.40 54.78
N ILE UB 49 -5.12 -21.60 53.50
CA ILE UB 49 -5.28 -22.93 52.92
C ILE UB 49 -4.11 -23.18 51.98
N VAL UB 50 -3.49 -24.36 52.10
CA VAL UB 50 -2.38 -24.79 51.26
C VAL UB 50 -2.88 -24.87 49.83
N LEU UB 51 -2.20 -24.17 48.92
CA LEU UB 51 -2.59 -24.25 47.51
C LEU UB 51 -1.67 -25.21 46.75
N GLU UB 52 -0.36 -25.10 47.00
CA GLU UB 52 0.63 -25.97 46.36
C GLU UB 52 1.93 -25.87 47.14
N LYS UB 53 2.82 -26.83 46.88
CA LYS UB 53 4.13 -26.89 47.52
C LYS UB 53 5.20 -26.49 46.52
N VAL UB 54 5.90 -25.40 46.82
CA VAL UB 54 6.78 -24.75 45.86
C VAL UB 54 8.22 -24.76 46.39
N GLY UB 55 9.13 -25.27 45.57
CA GLY UB 55 10.54 -25.06 45.84
C GLY UB 55 11.09 -23.88 45.06
N VAL UB 56 11.85 -23.03 45.74
CA VAL UB 56 12.39 -21.82 45.14
C VAL UB 56 13.90 -21.82 45.28
N GLU UB 57 14.55 -20.98 44.48
CA GLU UB 57 16.00 -20.89 44.44
C GLU UB 57 16.52 -20.16 45.67
N ALA UB 58 17.82 -20.17 45.86
CA ALA UB 58 18.44 -19.26 46.81
C ALA UB 58 19.33 -18.26 46.07
N LYS UB 59 20.05 -17.45 46.85
CA LYS UB 59 20.92 -16.43 46.27
C LYS UB 59 22.20 -17.03 45.73
N GLN UB 60 23.09 -16.14 45.28
CA GLN UB 60 24.32 -16.60 44.63
C GLN UB 60 25.48 -16.98 45.55
N PRO UB 61 25.80 -16.26 46.64
CA PRO UB 61 26.88 -16.79 47.50
C PRO UB 61 26.52 -18.05 48.25
N ASN UB 62 25.23 -18.37 48.39
CA ASN UB 62 24.78 -19.60 49.00
C ASN UB 62 23.63 -20.18 48.19
N SER UB 63 23.88 -21.30 47.52
CA SER UB 63 22.93 -21.89 46.58
C SER UB 63 22.24 -23.09 47.24
N ALA UB 64 20.91 -23.03 47.29
CA ALA UB 64 20.08 -24.13 47.74
C ALA UB 64 18.68 -23.93 47.20
N ILE UB 65 17.79 -24.87 47.50
CA ILE UB 65 16.38 -24.78 47.11
C ILE UB 65 15.53 -24.83 48.38
N ARG UB 66 14.86 -23.74 48.67
CA ARG UB 66 14.05 -23.61 49.87
C ARG UB 66 12.65 -24.10 49.60
N LYS UB 67 11.99 -24.55 50.66
CA LYS UB 67 10.72 -25.24 50.54
C LYS UB 67 9.62 -24.39 51.17
N CYS UB 68 8.59 -24.09 50.38
CA CYS UB 68 7.59 -23.11 50.74
C CYS UB 68 6.22 -23.63 50.34
N VAL UB 69 5.19 -22.97 50.84
CA VAL UB 69 3.80 -23.33 50.58
C VAL UB 69 3.08 -22.09 50.06
N ARG UB 70 2.43 -22.22 48.91
CA ARG UB 70 1.58 -21.15 48.43
C ARG UB 70 0.22 -21.24 49.10
N VAL UB 71 -0.28 -20.10 49.56
CA VAL UB 71 -1.39 -20.03 50.51
C VAL UB 71 -2.40 -19.01 49.99
N GLN UB 72 -3.65 -19.45 49.86
CA GLN UB 72 -4.82 -18.57 49.77
C GLN UB 72 -5.16 -18.13 51.19
N LEU UB 73 -5.28 -16.82 51.40
CA LEU UB 73 -5.62 -16.35 52.73
C LEU UB 73 -7.11 -16.43 53.00
N ILE UB 74 -7.45 -16.77 54.24
CA ILE UB 74 -8.84 -16.75 54.69
C ILE UB 74 -9.33 -15.31 54.79
N LYS UB 75 -8.54 -14.45 55.41
CA LYS UB 75 -8.92 -13.10 55.77
C LYS UB 75 -8.99 -12.18 54.55
N ASN UB 76 -7.85 -12.00 53.87
CA ASN UB 76 -7.78 -11.02 52.80
C ASN UB 76 -8.15 -11.63 51.45
N GLY UB 77 -7.51 -12.74 51.11
CA GLY UB 77 -7.69 -13.32 49.79
C GLY UB 77 -6.53 -13.12 48.86
N LYS UB 78 -5.32 -12.92 49.39
CA LYS UB 78 -4.13 -12.76 48.58
C LYS UB 78 -3.27 -14.01 48.68
N LYS UB 79 -2.55 -14.32 47.61
CA LYS UB 79 -1.75 -15.53 47.58
C LYS UB 79 -0.33 -15.24 48.06
N ILE UB 80 0.22 -16.16 48.85
CA ILE UB 80 1.45 -15.95 49.61
C ILE UB 80 2.31 -17.20 49.51
N THR UB 81 3.59 -17.03 49.19
CA THR UB 81 4.57 -18.08 49.40
C THR UB 81 5.10 -17.94 50.83
N ALA UB 82 5.06 -19.01 51.61
CA ALA UB 82 5.48 -19.00 52.99
C ALA UB 82 6.50 -20.12 53.23
N PHE UB 83 7.57 -19.80 53.92
CA PHE UB 83 8.69 -20.72 54.09
C PHE UB 83 8.40 -21.72 55.20
N VAL UB 84 8.76 -22.98 54.97
CA VAL UB 84 8.51 -24.05 55.92
C VAL UB 84 9.84 -24.43 56.57
N PRO UB 85 9.98 -24.28 57.89
CA PRO UB 85 11.32 -24.16 58.49
C PRO UB 85 12.25 -25.35 58.41
N ASN UB 86 11.91 -26.47 59.04
CA ASN UB 86 12.95 -27.39 59.46
C ASN UB 86 13.21 -28.48 58.41
N ASP UB 87 13.93 -29.52 58.83
CA ASP UB 87 14.36 -30.58 57.92
C ASP UB 87 13.19 -31.31 57.29
N GLY UB 88 12.26 -31.78 58.10
CA GLY UB 88 11.07 -32.34 57.55
C GLY UB 88 10.07 -31.26 57.24
N CYS UB 89 8.83 -31.49 57.68
CA CYS UB 89 7.68 -30.57 57.70
C CYS UB 89 7.11 -30.28 56.31
N LEU UB 90 7.85 -30.55 55.25
CA LEU UB 90 7.24 -30.61 53.94
C LEU UB 90 6.43 -31.90 53.83
N ASN UB 91 6.88 -32.94 54.51
CA ASN UB 91 6.09 -34.16 54.62
C ASN UB 91 4.93 -33.98 55.58
N PHE UB 92 5.11 -33.16 56.61
CA PHE UB 92 4.04 -32.88 57.56
C PHE UB 92 2.96 -31.97 56.99
N ILE UB 93 3.26 -31.17 55.98
CA ILE UB 93 2.25 -30.38 55.29
C ILE UB 93 1.69 -31.18 54.13
N GLU UB 94 0.37 -31.33 54.09
CA GLU UB 94 -0.31 -31.90 52.93
C GLU UB 94 -1.10 -30.81 52.21
N GLU UB 95 -1.76 -31.25 51.14
CA GLU UB 95 -2.55 -30.35 50.31
C GLU UB 95 -3.84 -29.92 51.02
N ASN UB 96 -4.14 -28.62 50.94
CA ASN UB 96 -5.36 -28.00 51.47
C ASN UB 96 -5.53 -28.21 52.97
N ASP UB 97 -4.63 -27.61 53.76
CA ASP UB 97 -4.68 -27.68 55.21
C ASP UB 97 -4.78 -26.27 55.78
N GLU UB 98 -5.39 -26.15 56.97
CA GLU UB 98 -5.40 -24.86 57.65
C GLU UB 98 -4.06 -24.59 58.29
N VAL UB 99 -3.41 -23.51 57.85
CA VAL UB 99 -2.04 -23.22 58.18
C VAL UB 99 -1.95 -21.82 58.76
N LEU UB 100 -1.35 -21.69 59.94
CA LEU UB 100 -1.13 -20.42 60.58
C LEU UB 100 0.27 -19.91 60.21
N VAL UB 101 0.38 -18.66 59.79
CA VAL UB 101 1.65 -18.11 59.34
C VAL UB 101 1.91 -16.76 59.98
N ALA UB 102 3.20 -16.40 60.04
CA ALA UB 102 3.70 -15.17 60.64
C ALA UB 102 4.85 -14.62 59.80
N GLY UB 103 5.47 -13.55 60.29
CA GLY UB 103 6.59 -12.91 59.61
C GLY UB 103 7.94 -13.45 60.07
N PHE UB 104 9.01 -12.91 59.50
CA PHE UB 104 10.33 -13.38 59.92
C PHE UB 104 11.11 -12.47 60.86
N GLY UB 105 11.61 -11.34 60.36
CA GLY UB 105 12.41 -10.49 61.22
C GLY UB 105 12.03 -9.03 61.13
N ARG UB 106 11.44 -8.66 59.99
CA ARG UB 106 10.84 -7.37 59.75
C ARG UB 106 10.01 -7.49 58.49
N LYS UB 107 8.79 -6.96 58.49
CA LYS UB 107 7.81 -7.38 57.51
C LYS UB 107 8.09 -6.78 56.14
N GLY UB 108 8.92 -5.73 56.09
CA GLY UB 108 9.24 -5.12 54.81
C GLY UB 108 10.33 -5.85 54.05
N HIS UB 109 10.99 -6.80 54.70
CA HIS UB 109 12.16 -7.45 54.11
C HIS UB 109 12.07 -8.95 54.29
N ALA UB 110 12.68 -9.68 53.37
CA ALA UB 110 12.80 -11.10 53.53
C ALA UB 110 14.07 -11.45 54.30
N VAL UB 111 14.32 -12.74 54.46
CA VAL UB 111 15.57 -13.21 55.03
C VAL UB 111 16.63 -13.16 53.93
N GLY UB 112 17.91 -13.23 54.33
CA GLY UB 112 19.00 -13.00 53.38
C GLY UB 112 19.11 -14.06 52.30
N ASP UB 113 19.00 -15.33 52.69
CA ASP UB 113 19.26 -16.40 51.72
C ASP UB 113 18.05 -16.60 50.80
N ILE UB 114 16.91 -16.04 51.15
CA ILE UB 114 15.67 -16.34 50.43
C ILE UB 114 15.27 -15.13 49.58
N PRO UB 115 14.92 -15.32 48.28
CA PRO UB 115 14.62 -14.17 47.40
C PRO UB 115 13.38 -13.35 47.75
N GLY UB 116 12.22 -13.98 47.80
CA GLY UB 116 10.99 -13.20 47.91
C GLY UB 116 9.93 -13.77 48.81
N VAL UB 117 10.30 -14.69 49.69
CA VAL UB 117 9.36 -15.32 50.62
C VAL UB 117 9.51 -14.61 51.95
N ARG UB 118 8.39 -14.09 52.47
CA ARG UB 118 8.40 -13.25 53.64
C ARG UB 118 7.77 -13.90 54.85
N PHE UB 119 7.39 -15.17 54.77
CA PHE UB 119 6.44 -15.71 55.74
C PHE UB 119 6.84 -17.09 56.22
N LYS UB 120 6.50 -17.36 57.47
CA LYS UB 120 6.96 -18.51 58.24
C LYS UB 120 5.76 -19.28 58.76
N VAL UB 121 5.78 -20.60 58.60
CA VAL UB 121 4.67 -21.46 59.00
C VAL UB 121 4.85 -21.82 60.47
N VAL UB 122 3.81 -21.62 61.28
CA VAL UB 122 3.87 -21.94 62.70
C VAL UB 122 3.13 -23.23 62.98
N LYS UB 123 1.86 -23.29 62.59
CA LYS UB 123 1.02 -24.46 62.85
C LYS UB 123 0.49 -25.05 61.54
N VAL UB 124 0.18 -26.34 61.59
CA VAL UB 124 -0.62 -27.01 60.57
C VAL UB 124 -1.67 -27.83 61.28
N ALA UB 125 -2.94 -27.55 60.99
CA ALA UB 125 -4.11 -28.15 61.65
C ALA UB 125 -4.02 -27.99 63.17
N ASN UB 126 -3.73 -26.76 63.60
CA ASN UB 126 -3.70 -26.32 64.99
C ASN UB 126 -2.65 -27.08 65.81
N VAL UB 127 -1.62 -27.60 65.15
CA VAL UB 127 -0.51 -28.28 65.82
C VAL UB 127 0.78 -27.67 65.27
N SER UB 128 1.67 -27.25 66.17
CA SER UB 128 2.88 -26.57 65.76
C SER UB 128 3.87 -27.52 65.11
N LEU UB 129 4.71 -26.96 64.23
CA LEU UB 129 5.78 -27.74 63.63
C LEU UB 129 6.86 -28.06 64.65
N LEU UB 130 6.93 -27.29 65.73
CA LEU UB 130 7.80 -27.62 66.85
C LEU UB 130 7.40 -28.96 67.48
N ALA UB 131 6.10 -29.13 67.72
CA ALA UB 131 5.60 -30.40 68.25
C ALA UB 131 5.68 -31.50 67.20
N LEU UB 132 5.48 -31.15 65.93
CA LEU UB 132 5.63 -32.15 64.87
C LEU UB 132 7.08 -32.55 64.67
N TYR UB 133 8.01 -31.70 65.12
CA TYR UB 133 9.42 -31.96 64.90
C TYR UB 133 10.02 -32.79 66.02
N LYS UB 134 9.91 -32.34 67.26
CA LYS UB 134 10.52 -33.11 68.34
C LYS UB 134 9.50 -34.01 69.01
N GLY UB 135 9.06 -35.04 68.28
CA GLY UB 135 8.10 -36.01 68.77
C GLY UB 135 7.01 -35.49 69.69
N LYS UB 136 5.99 -34.88 69.10
CA LYS UB 136 4.88 -34.32 69.88
C LYS UB 136 3.58 -34.47 69.11
N LYS UB 137 2.62 -35.19 69.71
CA LYS UB 137 1.31 -35.41 69.11
C LYS UB 137 1.39 -35.91 67.66
N GLU UB 138 0.52 -35.37 66.81
CA GLU UB 138 0.49 -35.76 65.40
C GLU UB 138 -0.15 -34.68 64.53
N ARG UB 139 -0.29 -34.97 63.25
CA ARG UB 139 -0.88 -34.04 62.29
C ARG UB 139 -2.17 -33.41 62.81
N THR VB 1 -7.27 -23.47 129.74
CA THR VB 1 -6.34 -23.89 128.69
C THR VB 1 -6.38 -22.90 127.53
N VAL VB 2 -7.59 -22.56 127.10
CA VAL VB 2 -7.80 -21.53 126.09
C VAL VB 2 -8.26 -20.26 126.81
N THR VB 3 -7.91 -19.11 126.26
CA THR VB 3 -8.14 -17.84 126.93
C THR VB 3 -8.86 -16.88 125.99
N ILE VB 4 -10.02 -16.41 126.44
CA ILE VB 4 -10.82 -15.44 125.70
C ILE VB 4 -10.71 -14.11 126.41
N ARG VB 5 -10.24 -13.08 125.69
CA ARG VB 5 -10.25 -11.73 126.21
C ARG VB 5 -11.10 -10.84 125.33
N THR VB 6 -11.62 -9.78 125.91
CA THR VB 6 -12.34 -8.75 125.18
C THR VB 6 -11.48 -7.50 125.06
N ARG VB 7 -11.21 -7.09 123.83
CA ARG VB 7 -10.46 -5.86 123.66
C ARG VB 7 -11.41 -4.68 123.76
N LYS VB 8 -12.22 -4.52 122.73
CA LYS VB 8 -12.96 -3.30 122.52
C LYS VB 8 -14.43 -3.58 122.76
N PHE VB 9 -15.04 -2.80 123.66
CA PHE VB 9 -16.32 -3.13 124.26
C PHE VB 9 -17.26 -1.94 124.14
N MET VB 10 -18.18 -2.02 123.19
CA MET VB 10 -19.16 -0.97 122.95
C MET VB 10 -20.44 -1.28 123.71
N THR VB 11 -21.01 -0.23 124.27
CA THR VB 11 -22.33 -0.28 124.91
C THR VB 11 -23.33 0.32 123.93
N ASN VB 12 -24.44 -0.36 123.70
CA ASN VB 12 -25.39 0.10 122.70
C ASN VB 12 -26.78 -0.11 123.30
N ARG VB 13 -27.25 0.89 124.06
CA ARG VB 13 -28.59 0.79 124.61
C ARG VB 13 -29.62 1.30 123.62
N LEU VB 14 -29.19 1.72 122.43
CA LEU VB 14 -30.12 1.89 121.32
C LEU VB 14 -30.70 0.55 120.91
N LEU VB 15 -29.88 -0.49 120.90
CA LEU VB 15 -30.32 -1.82 120.55
C LEU VB 15 -30.45 -2.75 121.75
N GLN VB 16 -30.13 -2.25 122.95
CA GLN VB 16 -30.00 -3.05 124.16
C GLN VB 16 -29.04 -4.22 123.93
N ARG VB 17 -27.79 -3.90 123.60
CA ARG VB 17 -26.77 -4.91 123.38
C ARG VB 17 -25.41 -4.36 123.75
N LYS VB 18 -24.45 -5.27 123.83
CA LYS VB 18 -23.06 -4.95 124.14
C LYS VB 18 -22.15 -5.71 123.20
N GLN VB 19 -21.36 -4.96 122.44
CA GLN VB 19 -20.51 -5.53 121.40
C GLN VB 19 -19.10 -5.66 121.94
N MET VB 20 -18.38 -6.68 121.50
CA MET VB 20 -16.99 -6.81 121.88
C MET VB 20 -16.17 -7.43 120.76
N VAL VB 21 -14.90 -7.05 120.74
CA VAL VB 21 -13.88 -7.71 119.94
C VAL VB 21 -13.28 -8.81 120.81
N ILE VB 22 -13.32 -10.05 120.31
CA ILE VB 22 -12.95 -11.21 121.08
C ILE VB 22 -11.63 -11.75 120.55
N ASP VB 23 -10.62 -11.83 121.41
CA ASP VB 23 -9.39 -12.53 121.09
C ASP VB 23 -9.40 -13.89 121.77
N VAL VB 24 -9.37 -14.95 120.97
CA VAL VB 24 -9.24 -16.31 121.46
C VAL VB 24 -7.79 -16.73 121.26
N LEU VB 25 -7.15 -17.17 122.33
CA LEU VB 25 -5.72 -17.45 122.32
C LEU VB 25 -5.51 -18.93 122.05
N HIS VB 26 -4.40 -19.26 121.39
CA HIS VB 26 -4.06 -20.63 121.10
C HIS VB 26 -2.56 -20.84 121.22
N PRO VB 27 -2.09 -21.39 122.33
CA PRO VB 27 -0.75 -21.99 122.31
C PRO VB 27 -0.81 -23.44 121.91
N GLY VB 28 -1.99 -24.02 121.90
CA GLY VB 28 -2.21 -25.45 121.76
C GLY VB 28 -3.10 -25.81 120.60
N LYS VB 29 -4.29 -26.28 120.95
CA LYS VB 29 -5.30 -26.84 120.06
C LYS VB 29 -5.75 -25.95 118.91
N ALA VB 30 -6.51 -26.55 118.01
CA ALA VB 30 -7.05 -25.91 116.81
C ALA VB 30 -8.07 -24.84 117.16
N THR VB 31 -8.66 -24.23 116.12
CA THR VB 31 -9.65 -23.19 116.31
C THR VB 31 -10.91 -23.73 116.98
N VAL VB 32 -11.25 -23.12 118.11
CA VAL VB 32 -12.32 -23.61 118.98
C VAL VB 32 -13.67 -23.43 118.31
N PRO VB 33 -14.58 -24.40 118.37
CA PRO VB 33 -15.86 -24.25 117.70
C PRO VB 33 -16.80 -23.27 118.39
N LYS VB 34 -18.03 -23.22 117.87
CA LYS VB 34 -19.01 -22.23 118.29
C LYS VB 34 -19.48 -22.47 119.72
N THR VB 35 -19.40 -23.72 120.18
CA THR VB 35 -19.99 -24.06 121.48
C THR VB 35 -19.14 -23.56 122.64
N GLU VB 36 -17.85 -23.89 122.64
CA GLU VB 36 -17.04 -23.70 123.82
C GLU VB 36 -16.68 -22.23 124.02
N ILE VB 37 -16.51 -21.49 122.92
CA ILE VB 37 -16.33 -20.03 122.99
C ILE VB 37 -17.54 -19.38 123.63
N ARG VB 38 -18.72 -19.81 123.22
CA ARG VB 38 -19.98 -19.29 123.73
C ARG VB 38 -20.14 -19.60 125.21
N GLU VB 39 -19.77 -20.81 125.63
CA GLU VB 39 -19.87 -21.16 127.05
C GLU VB 39 -18.84 -20.40 127.88
N LYS VB 40 -17.60 -20.27 127.39
CA LYS VB 40 -16.59 -19.57 128.17
C LYS VB 40 -16.89 -18.08 128.30
N LEU VB 41 -17.48 -17.48 127.26
CA LEU VB 41 -17.82 -16.07 127.36
C LEU VB 41 -19.05 -15.88 128.23
N ALA VB 42 -19.99 -16.82 128.17
CA ALA VB 42 -21.20 -16.73 128.98
C ALA VB 42 -20.88 -16.92 130.45
N LYS VB 43 -19.86 -17.71 130.77
CA LYS VB 43 -19.47 -17.86 132.17
C LYS VB 43 -18.72 -16.63 132.67
N MET VB 44 -17.83 -16.08 131.85
CA MET VB 44 -17.02 -14.95 132.31
C MET VB 44 -17.82 -13.65 132.30
N TYR VB 45 -18.97 -13.63 131.64
CA TYR VB 45 -19.87 -12.51 131.80
C TYR VB 45 -21.05 -12.83 132.72
N LYS VB 46 -21.22 -14.11 133.07
CA LYS VB 46 -22.28 -14.63 133.97
C LYS VB 46 -23.68 -14.31 133.45
N THR VB 47 -23.94 -14.73 132.21
CA THR VB 47 -25.27 -14.69 131.64
C THR VB 47 -25.56 -15.98 130.89
N THR VB 48 -26.72 -16.00 130.23
CA THR VB 48 -27.24 -17.20 129.62
C THR VB 48 -26.59 -17.44 128.26
N PRO VB 49 -26.26 -18.69 127.93
CA PRO VB 49 -25.52 -18.94 126.68
C PRO VB 49 -26.35 -18.82 125.43
N ASP VB 50 -27.66 -18.96 125.52
CA ASP VB 50 -28.53 -18.98 124.35
C ASP VB 50 -28.82 -17.58 123.79
N VAL VB 51 -28.12 -16.55 124.23
CA VAL VB 51 -28.43 -15.18 123.86
C VAL VB 51 -27.18 -14.43 123.40
N ILE VB 52 -26.01 -15.05 123.50
CA ILE VB 52 -24.73 -14.45 123.09
C ILE VB 52 -24.36 -15.02 121.73
N PHE VB 53 -24.07 -14.14 120.78
CA PHE VB 53 -23.72 -14.54 119.42
C PHE VB 53 -22.28 -14.12 119.14
N VAL VB 54 -21.61 -14.85 118.26
CA VAL VB 54 -20.23 -14.54 117.91
C VAL VB 54 -20.00 -14.99 116.46
N PHE VB 55 -19.20 -14.21 115.73
CA PHE VB 55 -19.02 -14.50 114.31
C PHE VB 55 -17.71 -13.92 113.81
N GLY VB 56 -17.19 -14.56 112.77
CA GLY VB 56 -16.11 -14.03 111.95
C GLY VB 56 -14.77 -14.32 112.58
N PHE VB 57 -13.90 -15.07 111.91
CA PHE VB 57 -12.63 -15.44 112.52
C PHE VB 57 -11.54 -15.61 111.49
N ARG VB 58 -10.37 -15.07 111.83
CA ARG VB 58 -9.13 -15.33 111.12
C ARG VB 58 -8.27 -16.24 111.97
N THR VB 59 -7.02 -16.43 111.55
CA THR VB 59 -6.02 -17.13 112.34
C THR VB 59 -4.66 -16.55 111.99
N HIS VB 60 -3.89 -16.19 113.01
CA HIS VB 60 -2.62 -15.49 112.82
C HIS VB 60 -1.43 -16.43 112.75
N PHE VB 61 -1.54 -17.44 111.87
CA PHE VB 61 -0.40 -18.14 111.27
C PHE VB 61 0.47 -18.89 112.29
N GLY VB 62 -0.13 -19.84 112.98
CA GLY VB 62 0.60 -20.70 113.90
C GLY VB 62 0.20 -20.42 115.34
N GLY VB 63 -0.68 -21.27 115.87
CA GLY VB 63 -1.28 -21.04 117.17
C GLY VB 63 -2.06 -19.73 117.19
N GLY VB 64 -1.51 -18.78 117.94
CA GLY VB 64 -1.86 -17.38 117.78
C GLY VB 64 -3.25 -16.99 118.24
N LYS VB 65 -3.70 -15.86 117.75
CA LYS VB 65 -4.96 -15.27 118.18
C LYS VB 65 -5.97 -15.30 117.03
N THR VB 66 -7.19 -15.69 117.35
CA THR VB 66 -8.30 -15.56 116.42
C THR VB 66 -9.20 -14.44 116.92
N THR VB 67 -9.55 -13.53 116.01
CA THR VB 67 -10.26 -12.31 116.34
C THR VB 67 -11.69 -12.40 115.84
N GLY VB 68 -12.65 -12.08 116.71
CA GLY VB 68 -14.05 -12.22 116.38
C GLY VB 68 -14.89 -11.06 116.86
N PHE VB 69 -16.12 -11.00 116.37
CA PHE VB 69 -17.07 -10.00 116.80
C PHE VB 69 -18.18 -10.69 117.59
N GLY VB 70 -18.43 -10.20 118.81
CA GLY VB 70 -19.36 -10.83 119.73
C GLY VB 70 -20.46 -9.87 120.13
N MET VB 71 -21.70 -10.32 119.95
CA MET VB 71 -22.89 -9.63 120.38
C MET VB 71 -23.35 -10.25 121.69
N ILE VB 72 -23.57 -9.42 122.72
CA ILE VB 72 -24.17 -9.85 123.95
C ILE VB 72 -25.52 -9.18 124.07
N TYR VB 73 -26.56 -9.98 124.17
CA TYR VB 73 -27.94 -9.53 124.19
C TYR VB 73 -28.51 -9.72 125.58
N ASP VB 74 -29.37 -8.80 126.00
CA ASP VB 74 -30.09 -8.97 127.26
C ASP VB 74 -31.33 -9.85 127.06
N SER VB 75 -32.20 -9.46 126.13
CA SER VB 75 -33.52 -10.06 126.01
C SER VB 75 -33.64 -10.87 124.72
N LEU VB 76 -34.47 -11.91 124.76
CA LEU VB 76 -34.62 -12.77 123.59
C LEU VB 76 -35.43 -12.09 122.50
N ASP VB 77 -36.39 -11.23 122.89
CA ASP VB 77 -37.14 -10.46 121.90
C ASP VB 77 -36.22 -9.50 121.14
N TYR VB 78 -35.32 -8.84 121.87
CA TYR VB 78 -34.34 -7.97 121.24
C TYR VB 78 -33.36 -8.76 120.39
N ALA VB 79 -33.04 -9.99 120.81
CA ALA VB 79 -32.22 -10.89 120.00
C ALA VB 79 -32.89 -11.23 118.69
N LYS VB 80 -34.18 -11.59 118.75
CA LYS VB 80 -34.91 -11.97 117.54
C LYS VB 80 -35.15 -10.77 116.63
N LYS VB 81 -35.23 -9.57 117.21
CA LYS VB 81 -35.62 -8.43 116.40
C LYS VB 81 -34.41 -7.71 115.80
N ASN VB 82 -33.27 -7.72 116.51
CA ASN VB 82 -32.14 -6.89 116.08
C ASN VB 82 -31.16 -7.67 115.23
N GLU VB 83 -31.31 -8.98 115.16
CA GLU VB 83 -30.38 -9.79 114.40
C GLU VB 83 -30.81 -9.98 112.95
N PRO VB 84 -29.85 -10.21 112.06
CA PRO VB 84 -30.19 -10.71 110.74
C PRO VB 84 -30.58 -12.19 110.81
N LYS VB 85 -31.48 -12.57 109.91
CA LYS VB 85 -32.11 -13.88 109.96
C LYS VB 85 -31.10 -14.99 109.64
N HIS VB 86 -30.02 -14.65 108.95
CA HIS VB 86 -28.99 -15.66 108.70
C HIS VB 86 -28.21 -15.97 109.96
N ARG VB 87 -28.06 -15.00 110.86
CA ARG VB 87 -27.46 -15.33 112.15
C ARG VB 87 -28.48 -15.92 113.11
N LEU VB 88 -29.77 -15.74 112.82
CA LEU VB 88 -30.74 -16.62 113.47
C LEU VB 88 -30.63 -18.06 113.00
N ALA VB 89 -30.17 -18.27 111.76
CA ALA VB 89 -30.24 -19.60 111.15
C ALA VB 89 -29.27 -20.60 111.80
N ARG VB 90 -28.26 -20.11 112.53
CA ARG VB 90 -27.39 -21.04 113.24
C ARG VB 90 -28.11 -21.67 114.43
N HIS VB 91 -29.07 -20.94 115.00
CA HIS VB 91 -29.82 -21.47 116.12
C HIS VB 91 -31.21 -21.95 115.70
N GLY VB 92 -31.55 -21.78 114.42
CA GLY VB 92 -32.72 -22.43 113.85
C GLY VB 92 -34.03 -21.71 114.05
N LEU VB 93 -34.00 -20.46 114.50
CA LEU VB 93 -35.24 -19.75 114.82
C LEU VB 93 -35.97 -19.32 113.57
N TYR VB 94 -35.23 -19.00 112.49
CA TYR VB 94 -35.81 -18.60 111.23
C TYR VB 94 -35.45 -19.60 110.15
N GLU VB 95 -36.44 -19.94 109.30
CA GLU VB 95 -36.23 -20.78 108.13
C GLU VB 95 -37.15 -20.34 107.01
N LYS VB 96 -36.71 -20.55 105.79
CA LYS VB 96 -37.52 -20.39 104.58
C LYS VB 96 -37.82 -21.73 103.93
N LYS VB 97 -37.01 -22.75 104.26
CA LYS VB 97 -37.20 -24.19 104.11
C LYS VB 97 -37.05 -24.70 102.68
N LYS VB 98 -37.09 -23.82 101.68
CA LYS VB 98 -36.79 -24.15 100.29
C LYS VB 98 -36.25 -22.92 99.57
N THR VB 99 -34.92 -22.82 99.48
CA THR VB 99 -34.25 -21.66 98.90
C THR VB 99 -33.78 -21.92 97.47
N SER VB 100 -34.74 -22.12 96.58
CA SER VB 100 -34.40 -22.38 95.19
C SER VB 100 -34.65 -21.15 94.31
N ARG VB 101 -33.82 -20.96 93.28
CA ARG VB 101 -34.16 -20.01 92.23
C ARG VB 101 -35.04 -20.70 91.21
N LYS VB 102 -35.52 -19.89 90.27
CA LYS VB 102 -36.50 -20.13 89.22
C LYS VB 102 -37.89 -20.27 89.83
N GLN VB 103 -38.01 -20.38 91.16
CA GLN VB 103 -39.31 -20.49 91.78
C GLN VB 103 -39.95 -19.12 91.87
N ARG VB 104 -39.27 -18.16 92.50
CA ARG VB 104 -39.77 -16.79 92.57
C ARG VB 104 -39.92 -16.17 91.18
N LYS VB 105 -38.95 -16.39 90.30
CA LYS VB 105 -38.98 -15.74 89.00
C LYS VB 105 -40.00 -16.40 88.07
N GLU VB 106 -40.15 -17.72 88.13
CA GLU VB 106 -41.15 -18.35 87.29
C GLU VB 106 -42.55 -18.10 87.83
N ARG VB 107 -42.72 -17.91 89.15
CA ARG VB 107 -44.00 -17.40 89.64
C ARG VB 107 -44.26 -15.99 89.14
N LYS VB 108 -43.22 -15.15 89.07
CA LYS VB 108 -43.37 -13.79 88.55
C LYS VB 108 -43.81 -13.80 87.09
N ASN VB 109 -43.19 -14.64 86.26
CA ASN VB 109 -43.59 -14.64 84.86
C ASN VB 109 -44.91 -15.33 84.62
N ARG VB 110 -45.26 -16.35 85.42
CA ARG VB 110 -46.59 -16.94 85.24
C ARG VB 110 -47.68 -16.03 85.75
N MET VB 111 -47.38 -15.20 86.76
CA MET VB 111 -48.35 -14.19 87.17
C MET VB 111 -48.37 -13.02 86.19
N LYS VB 112 -47.31 -12.85 85.41
CA LYS VB 112 -47.29 -11.76 84.44
C LYS VB 112 -47.97 -12.20 83.15
N LYS VB 113 -48.05 -13.51 82.92
CA LYS VB 113 -48.79 -14.02 81.77
C LYS VB 113 -50.29 -13.84 81.95
N VAL VB 114 -50.87 -14.46 82.97
CA VAL VB 114 -52.32 -14.48 83.15
C VAL VB 114 -52.70 -13.58 84.30
N ARG VB 115 -54.00 -13.40 84.49
CA ARG VB 115 -54.51 -12.37 85.39
C ARG VB 115 -55.67 -12.92 86.23
N GLY VB 116 -55.66 -12.59 87.52
CA GLY VB 116 -56.83 -12.77 88.35
C GLY VB 116 -56.88 -14.12 89.04
N THR VB 117 -58.01 -14.82 88.84
CA THR VB 117 -58.30 -16.01 89.61
C THR VB 117 -57.40 -17.18 89.20
N ALA VB 118 -57.27 -17.42 87.90
CA ALA VB 118 -56.39 -18.48 87.43
C ALA VB 118 -54.92 -18.11 87.65
N LYS VB 119 -54.63 -16.81 87.70
CA LYS VB 119 -53.30 -16.37 88.13
C LYS VB 119 -53.02 -16.80 89.56
N ALA VB 120 -53.98 -16.57 90.46
CA ALA VB 120 -53.83 -17.02 91.84
C ALA VB 120 -53.74 -18.54 91.92
N ASN VB 121 -54.47 -19.23 91.02
CA ASN VB 121 -54.46 -20.68 90.98
C ASN VB 121 -53.09 -21.24 90.61
N VAL VB 122 -52.51 -20.75 89.51
CA VAL VB 122 -51.22 -21.26 89.06
C VAL VB 122 -50.11 -20.79 89.99
N GLY VB 123 -50.19 -19.56 90.48
CA GLY VB 123 -49.14 -19.04 91.34
C GLY VB 123 -49.18 -19.59 92.76
N ALA VB 124 -50.33 -20.13 93.17
CA ALA VB 124 -50.40 -20.73 94.50
C ALA VB 124 -50.28 -22.24 94.42
N GLY VB 125 -50.49 -22.81 93.24
CA GLY VB 125 -50.38 -24.24 93.06
C GLY VB 125 -50.49 -24.64 91.59
N GLY WB 1 52.65 -39.67 -0.69
CA GLY WB 1 51.89 -38.58 -0.11
C GLY WB 1 51.67 -37.42 -1.06
N LYS WB 2 50.92 -36.41 -0.60
CA LYS WB 2 50.66 -35.23 -1.42
C LYS WB 2 51.91 -34.38 -1.52
N ALA WB 3 52.12 -33.80 -2.69
CA ALA WB 3 53.31 -33.02 -2.99
C ALA WB 3 53.05 -31.55 -2.68
N LYS WB 4 53.45 -31.11 -1.50
CA LYS WB 4 53.34 -29.72 -1.11
C LYS WB 4 54.73 -29.16 -0.87
N LYS WB 5 55.00 -28.00 -1.47
CA LYS WB 5 56.27 -27.34 -1.25
C LYS WB 5 56.03 -25.84 -1.09
N LYS WB 6 56.72 -25.26 -0.12
CA LYS WB 6 56.44 -23.92 0.37
C LYS WB 6 57.09 -22.81 -0.46
N LYS WB 7 58.01 -23.15 -1.35
CA LYS WB 7 58.64 -22.15 -2.20
C LYS WB 7 58.46 -22.55 -3.65
N TRP WB 8 58.51 -21.57 -4.54
CA TRP WB 8 58.35 -21.79 -5.98
C TRP WB 8 59.37 -20.91 -6.71
N SER WB 9 60.56 -21.46 -6.94
CA SER WB 9 61.56 -20.81 -7.77
C SER WB 9 62.12 -21.86 -8.72
N LYS WB 10 61.51 -21.98 -9.89
CA LYS WB 10 61.91 -22.94 -10.91
C LYS WB 10 62.84 -22.26 -11.89
N GLY WB 11 63.16 -22.95 -12.98
CA GLY WB 11 64.01 -22.34 -13.99
C GLY WB 11 65.45 -22.25 -13.56
N LYS WB 12 66.12 -23.41 -13.44
CA LYS WB 12 67.50 -23.44 -12.98
C LYS WB 12 68.47 -22.99 -14.07
N VAL WB 13 69.77 -23.22 -13.82
CA VAL WB 13 70.91 -22.51 -14.39
C VAL WB 13 70.86 -22.37 -15.91
N ARG WB 14 70.88 -23.51 -16.63
CA ARG WB 14 70.25 -23.60 -17.95
C ARG WB 14 69.81 -25.04 -18.14
N ASP WB 15 68.60 -25.33 -17.65
CA ASP WB 15 67.66 -26.38 -18.09
C ASP WB 15 68.31 -27.65 -18.64
N LYS WB 16 69.28 -28.17 -17.87
CA LYS WB 16 70.04 -29.38 -18.21
C LYS WB 16 70.79 -29.20 -19.54
N LEU WB 17 71.80 -28.35 -19.49
CA LEU WB 17 72.66 -28.15 -20.65
C LEU WB 17 73.40 -29.43 -20.99
N ASN WB 18 73.37 -29.79 -22.28
CA ASN WB 18 74.06 -30.97 -22.77
C ASN WB 18 75.55 -30.72 -22.80
N ASN WB 19 76.33 -31.79 -22.67
CA ASN WB 19 77.78 -31.67 -22.61
C ASN WB 19 78.39 -32.94 -23.20
N LEU WB 20 79.50 -32.78 -23.92
CA LEU WB 20 80.10 -33.90 -24.63
C LEU WB 20 81.17 -34.56 -23.77
N VAL WB 21 81.06 -35.88 -23.61
CA VAL WB 21 81.99 -36.64 -22.79
C VAL WB 21 83.31 -36.81 -23.55
N LEU WB 22 83.25 -36.76 -24.87
CA LEU WB 22 84.40 -37.01 -25.71
C LEU WB 22 84.46 -35.97 -26.81
N PHE WB 23 85.65 -35.41 -27.02
CA PHE WB 23 85.85 -34.30 -27.95
C PHE WB 23 85.79 -34.81 -29.39
N ASP WB 24 85.02 -34.13 -30.23
CA ASP WB 24 85.05 -34.41 -31.66
C ASP WB 24 86.27 -33.75 -32.27
N LYS WB 25 86.54 -34.06 -33.54
CA LYS WB 25 87.77 -33.60 -34.15
C LYS WB 25 87.68 -32.12 -34.52
N ALA WB 26 86.47 -31.64 -34.83
CA ALA WB 26 86.28 -30.21 -35.06
C ALA WB 26 86.53 -29.41 -33.78
N THR WB 27 85.99 -29.90 -32.66
CA THR WB 27 86.21 -29.27 -31.37
C THR WB 27 87.68 -29.38 -30.96
N TYR WB 28 88.34 -30.48 -31.35
CA TYR WB 28 89.74 -30.65 -31.00
C TYR WB 28 90.64 -29.73 -31.81
N ASP WB 29 90.29 -29.50 -33.08
CA ASP WB 29 91.07 -28.54 -33.86
C ASP WB 29 90.80 -27.13 -33.40
N LYS WB 30 89.58 -26.87 -32.91
CA LYS WB 30 89.29 -25.57 -32.30
C LYS WB 30 90.11 -25.36 -31.03
N LEU WB 31 90.28 -26.43 -30.23
CA LEU WB 31 91.23 -26.41 -29.13
C LEU WB 31 92.63 -26.06 -29.60
N CYS WB 32 93.15 -26.83 -30.56
CA CYS WB 32 94.54 -26.67 -31.01
C CYS WB 32 94.79 -25.32 -31.68
N LYS WB 33 93.72 -24.62 -32.09
CA LYS WB 33 93.92 -23.35 -32.77
C LYS WB 33 93.58 -22.14 -31.89
N GLU WB 34 92.85 -22.32 -30.77
CA GLU WB 34 92.65 -21.12 -29.96
C GLU WB 34 92.86 -21.27 -28.45
N VAL WB 35 92.93 -22.49 -27.90
CA VAL WB 35 93.33 -22.63 -26.49
C VAL WB 35 94.75 -22.16 -26.19
N PRO WB 36 95.70 -22.04 -27.15
CA PRO WB 36 96.86 -21.17 -26.84
C PRO WB 36 96.48 -19.73 -26.60
N ASN WB 37 95.54 -19.22 -27.39
CA ASN WB 37 95.36 -17.78 -27.51
C ASN WB 37 94.61 -17.20 -26.32
N TYR WB 38 94.00 -18.07 -25.49
CA TYR WB 38 93.45 -17.61 -24.24
C TYR WB 38 94.55 -17.23 -23.26
N LYS WB 39 94.20 -16.34 -22.33
CA LYS WB 39 95.22 -15.81 -21.42
C LYS WB 39 95.39 -16.71 -20.21
N LEU WB 40 94.28 -17.19 -19.65
CA LEU WB 40 94.32 -18.06 -18.47
C LEU WB 40 93.52 -19.32 -18.77
N ILE WB 41 94.11 -20.48 -18.47
CA ILE WB 41 93.51 -21.77 -18.74
C ILE WB 41 93.22 -22.45 -17.41
N THR WB 42 91.96 -22.47 -17.01
CA THR WB 42 91.52 -23.35 -15.95
C THR WB 42 90.56 -24.36 -16.55
N PRO WB 43 90.39 -25.54 -15.91
CA PRO WB 43 89.35 -26.48 -16.39
C PRO WB 43 87.95 -25.89 -16.40
N ALA WB 44 87.65 -25.01 -15.45
CA ALA WB 44 86.33 -24.38 -15.40
C ALA WB 44 86.13 -23.43 -16.58
N VAL WB 45 87.14 -22.59 -16.89
CA VAL WB 45 87.03 -21.66 -18.01
C VAL WB 45 86.92 -22.42 -19.33
N VAL WB 46 87.79 -23.43 -19.52
CA VAL WB 46 87.76 -24.22 -20.74
C VAL WB 46 86.44 -24.97 -20.89
N SER WB 47 85.92 -25.49 -19.79
CA SER WB 47 84.67 -26.25 -19.82
C SER WB 47 83.48 -25.36 -20.15
N GLU WB 48 83.33 -24.23 -19.44
CA GLU WB 48 82.14 -23.41 -19.64
C GLU WB 48 82.24 -22.58 -20.92
N ARG WB 49 83.44 -22.46 -21.51
CA ARG WB 49 83.54 -21.67 -22.73
C ARG WB 49 83.51 -22.57 -23.97
N LEU WB 50 83.92 -23.83 -23.84
CA LEU WB 50 83.97 -24.72 -25.00
C LEU WB 50 83.06 -25.93 -24.89
N LYS WB 51 82.16 -25.97 -23.89
CA LYS WB 51 81.17 -27.02 -23.68
C LYS WB 51 81.85 -28.39 -23.53
N ILE WB 52 82.62 -28.54 -22.46
CA ILE WB 52 83.46 -29.70 -22.21
C ILE WB 52 83.14 -30.22 -20.81
N ARG WB 53 83.07 -31.55 -20.67
CA ARG WB 53 83.01 -32.12 -19.33
C ARG WB 53 84.38 -31.98 -18.65
N GLY WB 54 84.36 -31.74 -17.33
CA GLY WB 54 85.56 -31.29 -16.64
C GLY WB 54 86.69 -32.29 -16.60
N SER WB 55 86.36 -33.59 -16.57
CA SER WB 55 87.41 -34.61 -16.62
C SER WB 55 88.07 -34.63 -17.99
N LEU WB 56 87.28 -34.42 -19.04
CA LEU WB 56 87.82 -34.33 -20.38
C LEU WB 56 88.67 -33.08 -20.53
N ALA WB 57 88.28 -32.01 -19.82
CA ALA WB 57 89.06 -30.79 -19.79
C ALA WB 57 90.41 -31.01 -19.12
N ARG WB 58 90.43 -31.73 -18.00
CA ARG WB 58 91.69 -32.02 -17.32
C ARG WB 58 92.56 -32.93 -18.17
N ALA WB 59 91.94 -33.85 -18.92
CA ALA WB 59 92.70 -34.71 -19.83
C ALA WB 59 93.35 -33.90 -20.95
N ALA WB 60 92.61 -32.97 -21.54
CA ALA WB 60 93.17 -32.16 -22.63
C ALA WB 60 94.24 -31.19 -22.13
N LEU WB 61 94.04 -30.66 -20.92
CA LEU WB 61 95.03 -29.76 -20.34
C LEU WB 61 96.31 -30.49 -19.98
N GLN WB 62 96.19 -31.69 -19.43
CA GLN WB 62 97.39 -32.48 -19.13
C GLN WB 62 98.03 -33.02 -20.40
N GLU WB 63 97.27 -33.07 -21.50
CA GLU WB 63 97.88 -33.36 -22.79
C GLU WB 63 98.75 -32.20 -23.26
N LEU WB 64 98.17 -31.01 -23.36
CA LEU WB 64 98.90 -29.94 -24.04
C LEU WB 64 99.95 -29.30 -23.12
N LEU WB 65 99.82 -29.50 -21.81
CA LEU WB 65 100.93 -29.14 -20.92
C LEU WB 65 102.12 -30.06 -21.16
N SER WB 66 101.86 -31.32 -21.53
CA SER WB 66 102.95 -32.22 -21.88
C SER WB 66 103.55 -31.87 -23.24
N LYS WB 67 102.77 -31.20 -24.10
CA LYS WB 67 103.37 -30.56 -25.26
C LYS WB 67 104.23 -29.38 -24.84
N GLY WB 68 103.89 -28.75 -23.72
CA GLY WB 68 104.68 -27.63 -23.23
C GLY WB 68 104.34 -26.31 -23.87
N LEU WB 69 103.30 -26.27 -24.69
CA LEU WB 69 102.74 -25.01 -25.16
C LEU WB 69 102.25 -24.15 -24.00
N ILE WB 70 101.64 -24.78 -23.00
CA ILE WB 70 101.04 -24.10 -21.88
C ILE WB 70 102.09 -24.03 -20.78
N LYS WB 71 101.99 -23.03 -19.91
CA LYS WB 71 102.92 -22.87 -18.80
C LYS WB 71 102.13 -22.95 -17.51
N LEU WB 72 102.48 -23.92 -16.67
CA LEU WB 72 101.82 -24.13 -15.39
C LEU WB 72 102.33 -23.09 -14.40
N VAL WB 73 101.43 -22.56 -13.57
CA VAL WB 73 101.88 -21.62 -12.55
C VAL WB 73 101.90 -22.29 -11.19
N SER WB 74 100.81 -22.97 -10.84
CA SER WB 74 100.75 -23.80 -9.65
C SER WB 74 99.65 -24.83 -9.85
N LYS WB 75 99.70 -25.89 -9.05
CA LYS WB 75 98.60 -26.85 -8.98
C LYS WB 75 98.32 -27.18 -7.52
N HIS WB 76 97.04 -27.42 -7.23
CA HIS WB 76 96.57 -27.70 -5.89
C HIS WB 76 95.36 -28.62 -5.97
N ARG WB 77 94.59 -28.63 -4.89
CA ARG WB 77 93.40 -29.43 -4.67
C ARG WB 77 92.42 -29.43 -5.84
N ALA WB 78 91.86 -28.26 -6.17
CA ALA WB 78 90.76 -28.17 -7.11
C ALA WB 78 90.94 -27.04 -8.12
N GLN WB 79 92.10 -26.40 -8.16
CA GLN WB 79 92.36 -25.31 -9.08
C GLN WB 79 93.65 -25.59 -9.85
N VAL WB 80 93.61 -25.42 -11.16
CA VAL WB 80 94.74 -25.66 -12.05
C VAL WB 80 94.96 -24.41 -12.88
N ILE WB 81 96.09 -23.73 -12.64
CA ILE WB 81 96.29 -22.36 -13.11
C ILE WB 81 97.40 -22.35 -14.15
N TYR WB 82 97.08 -21.84 -15.35
CA TYR WB 82 97.94 -21.90 -16.52
C TYR WB 82 98.08 -20.54 -17.18
N THR WB 83 99.08 -20.42 -18.07
CA THR WB 83 99.35 -19.24 -18.88
C THR WB 83 99.88 -19.72 -20.22
N ARG WB 84 100.03 -18.81 -21.19
CA ARG WB 84 100.87 -19.08 -22.36
C ARG WB 84 102.00 -18.07 -22.39
N ASN WB 85 103.20 -18.55 -22.73
CA ASN WB 85 104.29 -17.66 -23.10
C ASN WB 85 103.89 -16.83 -24.31
N THR WB 86 103.93 -15.50 -24.15
CA THR WB 86 103.63 -14.50 -25.19
C THR WB 86 102.24 -14.68 -25.82
N THR XB 1 37.38 16.28 45.24
CA THR XB 1 38.10 17.34 45.94
C THR XB 1 38.56 18.44 45.00
N LYS XB 2 39.02 19.54 45.57
CA LYS XB 2 39.74 20.56 44.83
C LYS XB 2 41.13 20.03 44.57
N LYS XB 3 41.51 19.97 43.30
CA LYS XB 3 42.90 19.69 42.97
C LYS XB 3 43.70 20.98 43.00
N ARG XB 4 43.03 22.10 42.75
CA ARG XB 4 43.65 23.42 42.67
C ARG XB 4 42.77 24.39 43.42
N ARG XB 5 43.37 25.43 44.00
CA ARG XB 5 42.57 26.47 44.63
C ARG XB 5 41.94 27.36 43.57
N ASN XB 6 42.67 27.65 42.50
CA ASN XB 6 42.20 28.60 41.50
C ASN XB 6 41.31 27.96 40.45
N ASN XB 7 40.99 26.67 40.61
CA ASN XB 7 40.26 25.86 39.63
C ASN XB 7 40.94 25.90 38.26
N GLY XB 8 42.26 25.83 38.26
CA GLY XB 8 42.97 25.92 36.99
C GLY XB 8 43.15 27.30 36.42
N ARG XB 9 42.06 27.98 36.08
CA ARG XB 9 42.15 29.27 35.42
C ARG XB 9 42.41 30.39 36.42
N ALA XB 10 42.28 31.62 35.94
CA ALA XB 10 42.54 32.80 36.76
C ALA XB 10 41.33 33.73 36.84
N LYS XB 11 40.13 33.27 36.50
CA LYS XB 11 38.92 34.06 36.63
C LYS XB 11 38.48 34.05 38.09
N LYS XB 12 38.45 35.23 38.70
CA LYS XB 12 37.86 35.37 40.03
C LYS XB 12 36.81 36.45 40.15
N GLY XB 13 37.04 37.63 39.59
CA GLY XB 13 36.06 38.70 39.69
C GLY XB 13 34.95 38.53 38.68
N ARG XB 14 35.33 38.09 37.48
CA ARG XB 14 34.46 37.99 36.32
C ARG XB 14 33.34 36.98 36.53
N GLY XB 15 32.38 37.03 35.61
CA GLY XB 15 31.41 35.95 35.51
C GLY XB 15 31.59 35.13 34.25
N HIS XB 16 32.19 35.72 33.22
CA HIS XB 16 32.39 35.06 31.94
C HIS XB 16 33.46 35.78 31.14
N VAL XB 17 34.41 35.00 30.61
CA VAL XB 17 35.52 35.51 29.82
C VAL XB 17 35.31 34.99 28.41
N GLN XB 18 35.83 35.71 27.40
CA GLN XB 18 35.69 35.26 26.01
C GLN XB 18 36.46 33.96 25.81
N PRO XB 19 36.00 33.09 24.92
CA PRO XB 19 36.84 31.98 24.49
C PRO XB 19 37.74 32.39 23.34
N ILE XB 20 38.90 31.74 23.27
CA ILE XB 20 39.81 31.86 22.14
C ILE XB 20 40.14 30.45 21.68
N ARG XB 21 40.21 30.26 20.36
CA ARG XB 21 40.56 28.99 19.77
C ARG XB 21 41.98 28.57 20.14
N CYS XB 22 42.20 27.27 20.28
CA CYS XB 22 43.55 26.72 20.34
C CYS XB 22 44.10 26.59 18.94
N THR XB 23 45.42 26.47 18.84
CA THR XB 23 46.03 26.37 17.53
C THR XB 23 45.95 24.95 16.98
N ASN XB 24 46.22 23.96 17.83
CA ASN XB 24 46.30 22.58 17.34
C ASN XB 24 44.93 22.01 17.02
N CYS XB 25 44.10 21.80 18.03
CA CYS XB 25 42.84 21.10 17.84
C CYS XB 25 41.65 22.03 17.75
N ALA XB 26 41.90 23.34 17.77
CA ALA XB 26 40.93 24.38 17.41
C ALA XB 26 39.72 24.40 18.35
N ARG XB 27 39.91 24.01 19.60
CA ARG XB 27 38.85 24.06 20.60
C ARG XB 27 38.87 25.43 21.25
N CYS XB 28 37.70 26.01 21.48
CA CYS XB 28 37.61 27.27 22.21
C CYS XB 28 37.82 27.03 23.70
N VAL XB 29 38.66 27.87 24.31
CA VAL XB 29 39.02 27.77 25.73
C VAL XB 29 39.00 29.19 26.29
N PRO XB 30 38.48 29.40 27.50
CA PRO XB 30 38.57 30.73 28.14
C PRO XB 30 40.02 31.18 28.30
N LYS XB 31 40.25 32.46 28.04
CA LYS XB 31 41.60 32.89 27.65
C LYS XB 31 42.54 33.08 28.83
N ASP XB 32 42.07 32.78 30.04
CA ASP XB 32 43.02 32.65 31.14
C ASP XB 32 43.33 31.18 31.42
N LYS XB 33 42.36 30.30 31.14
CA LYS XB 33 42.54 28.87 31.32
C LYS XB 33 43.52 28.28 30.33
N ALA XB 34 43.66 28.90 29.17
CA ALA XB 34 44.51 28.38 28.11
C ALA XB 34 45.98 28.53 28.47
N ILE XB 35 46.81 27.65 27.91
CA ILE XB 35 48.25 27.72 28.07
C ILE XB 35 48.77 28.75 27.08
N LYS XB 36 49.31 29.85 27.58
CA LYS XB 36 49.72 30.95 26.73
C LYS XB 36 51.24 31.02 26.69
N LYS XB 37 51.80 31.16 25.49
CA LYS XB 37 53.21 31.44 25.37
C LYS XB 37 53.42 32.41 24.23
N PHE XB 38 54.68 32.77 24.00
CA PHE XB 38 54.99 33.81 23.04
C PHE XB 38 56.32 33.53 22.39
N VAL XB 39 56.28 33.06 21.14
CA VAL XB 39 57.49 32.67 20.44
C VAL XB 39 58.06 33.90 19.75
N ILE XB 40 59.24 34.31 20.22
CA ILE XB 40 60.10 35.27 19.55
C ILE XB 40 61.13 34.44 18.80
N ARG XB 41 61.12 34.53 17.47
CA ARG XB 41 62.07 33.75 16.70
C ARG XB 41 62.79 34.64 15.71
N ASN XB 42 64.08 34.39 15.55
CA ASN XB 42 64.74 34.77 14.32
C ASN XB 42 64.07 34.02 13.19
N ILE XB 43 63.78 34.73 12.09
CA ILE XB 43 62.94 34.16 11.04
C ILE XB 43 63.74 33.18 10.21
N VAL XB 44 65.06 33.20 10.35
CA VAL XB 44 65.95 32.25 9.70
C VAL XB 44 66.30 31.22 10.75
N GLU XB 45 66.63 30.00 10.31
CA GLU XB 45 67.40 29.11 11.16
C GLU XB 45 68.68 29.80 11.62
N ALA XB 46 68.99 29.67 12.91
CA ALA XB 46 70.17 30.32 13.46
C ALA XB 46 71.45 29.71 12.90
N ALA XB 47 71.38 28.46 12.45
CA ALA XB 47 72.47 27.89 11.68
C ALA XB 47 72.50 28.45 10.25
N ALA XB 48 71.33 28.79 9.70
CA ALA XB 48 71.28 29.31 8.33
C ALA XB 48 71.41 30.82 8.27
N VAL XB 49 71.72 31.49 9.38
CA VAL XB 49 72.01 32.92 9.35
C VAL XB 49 73.24 33.20 8.50
N ARG XB 50 74.24 32.33 8.57
CA ARG XB 50 75.55 32.64 8.00
C ARG XB 50 75.54 32.56 6.48
N ASP XB 51 74.68 31.69 5.91
CA ASP XB 51 74.56 31.60 4.46
C ASP XB 51 74.00 32.88 3.87
N ILE XB 52 73.03 33.48 4.54
CA ILE XB 52 72.47 34.75 4.08
C ILE XB 52 73.41 35.89 4.43
N SER XB 53 74.21 35.70 5.49
CA SER XB 53 75.21 36.69 5.85
C SER XB 53 76.33 36.76 4.82
N GLU XB 54 76.58 35.64 4.11
CA GLU XB 54 77.53 35.66 3.01
C GLU XB 54 77.02 36.53 1.86
N ALA XB 55 75.88 36.17 1.28
CA ALA XB 55 75.40 36.80 0.06
C ALA XB 55 74.37 37.90 0.31
N SER XB 56 74.35 38.47 1.51
CA SER XB 56 73.43 39.56 1.78
C SER XB 56 73.90 40.83 1.09
N VAL XB 57 72.95 41.58 0.54
CA VAL XB 57 73.30 42.80 -0.20
C VAL XB 57 73.79 43.87 0.76
N PHE XB 58 73.05 44.12 1.84
CA PHE XB 58 73.42 45.18 2.75
C PHE XB 58 74.48 44.72 3.72
N ASP XB 59 74.82 45.59 4.68
CA ASP XB 59 75.90 45.30 5.62
C ASP XB 59 75.37 44.69 6.91
N ALA XB 60 74.53 43.65 6.79
CA ALA XB 60 73.98 42.86 7.89
C ALA XB 60 73.25 43.72 8.92
N TYR XB 61 72.55 44.74 8.44
CA TYR XB 61 71.74 45.59 9.31
C TYR XB 61 70.29 45.18 9.38
N VAL XB 62 69.80 44.40 8.41
CA VAL XB 62 68.44 43.91 8.41
C VAL XB 62 68.41 42.58 9.18
N LEU XB 63 67.71 42.58 10.31
CA LEU XB 63 67.61 41.40 11.17
C LEU XB 63 66.16 41.21 11.56
N PRO XB 64 65.36 40.55 10.72
CA PRO XB 64 63.93 40.46 10.98
C PRO XB 64 63.61 39.43 12.04
N LYS XB 65 62.61 39.72 12.86
CA LYS XB 65 62.13 38.80 13.88
C LYS XB 65 60.66 38.50 13.64
N LEU XB 66 60.25 37.29 13.98
CA LEU XB 66 58.88 36.83 13.85
C LEU XB 66 58.32 36.62 15.26
N TYR XB 67 57.23 37.32 15.55
CA TYR XB 67 56.64 37.32 16.88
C TYR XB 67 55.25 36.71 16.77
N VAL XB 68 55.01 35.63 17.50
CA VAL XB 68 53.68 35.02 17.50
C VAL XB 68 53.21 34.78 18.94
N LYS XB 69 52.10 35.40 19.29
CA LYS XB 69 51.32 34.99 20.45
C LYS XB 69 50.83 33.57 20.20
N LEU XB 70 51.42 32.60 20.89
CA LEU XB 70 51.09 31.21 20.65
C LEU XB 70 50.17 30.75 21.76
N HIS XB 71 49.15 29.97 21.41
CA HIS XB 71 47.98 29.84 22.26
C HIS XB 71 47.48 28.40 22.23
N TYR XB 72 47.74 27.66 23.31
CA TYR XB 72 47.42 26.24 23.43
C TYR XB 72 46.22 26.03 24.35
N CYS XB 73 45.52 24.92 24.13
CA CYS XB 73 44.60 24.40 25.14
C CYS XB 73 45.29 23.27 25.89
N VAL XB 74 44.84 22.99 27.10
CA VAL XB 74 45.53 22.07 27.98
C VAL XB 74 45.43 20.61 27.53
N SER XB 75 44.42 20.27 26.74
CA SER XB 75 44.20 18.87 26.41
C SER XB 75 45.17 18.40 25.35
N CYS XB 76 45.74 19.33 24.59
CA CYS XB 76 46.74 18.99 23.59
C CYS XB 76 48.12 19.56 23.92
N ALA XB 77 48.21 20.53 24.84
CA ALA XB 77 49.53 21.08 25.17
C ALA XB 77 50.36 20.08 25.95
N ILE XB 78 49.71 19.29 26.81
CA ILE XB 78 50.41 18.26 27.57
C ILE XB 78 50.94 17.18 26.64
N HIS XB 79 50.16 16.83 25.62
CA HIS XB 79 50.66 15.94 24.58
C HIS XB 79 51.76 16.60 23.77
N SER XB 80 51.69 17.92 23.60
CA SER XB 80 52.72 18.61 22.84
C SER XB 80 53.85 19.14 23.72
N LYS XB 81 54.01 18.58 24.92
CA LYS XB 81 55.23 18.65 25.73
C LYS XB 81 55.51 20.07 26.22
N VAL XB 82 54.56 20.72 26.88
CA VAL XB 82 54.85 22.04 27.41
C VAL XB 82 54.68 22.05 28.93
N VAL XB 83 53.54 21.55 29.38
CA VAL XB 83 53.01 21.90 30.70
C VAL XB 83 53.17 20.70 31.64
N ARG XB 84 54.31 20.01 31.56
CA ARG XB 84 54.53 18.71 32.18
C ARG XB 84 54.27 18.72 33.69
N ASN XB 85 53.75 17.59 34.19
CA ASN XB 85 53.12 17.51 35.50
C ASN XB 85 54.13 17.64 36.63
N ARG XB 86 53.63 17.89 37.83
CA ARG XB 86 54.44 18.12 39.03
C ARG XB 86 53.82 17.45 40.25
N SER XB 87 54.34 17.82 41.42
CA SER XB 87 53.89 17.21 42.67
C SER XB 87 52.93 18.14 43.43
N ARG XB 88 52.51 17.68 44.61
CA ARG XB 88 51.58 18.46 45.44
C ARG XB 88 52.17 19.80 45.86
N GLU XB 89 53.35 19.78 46.49
CA GLU XB 89 54.01 21.02 46.84
C GLU XB 89 54.69 21.67 45.64
N ALA XB 90 54.77 20.98 44.51
CA ALA XB 90 55.39 21.57 43.33
C ALA XB 90 54.36 22.28 42.46
N ARG XB 91 53.07 22.12 42.77
CA ARG XB 91 52.07 22.90 42.06
C ARG XB 91 52.03 24.35 42.55
N LYS XB 92 52.65 24.65 43.70
CA LYS XB 92 52.60 25.99 44.26
C LYS XB 92 53.64 26.93 43.64
N ASP XB 93 54.29 26.50 42.57
CA ASP XB 93 55.45 27.18 42.04
C ASP XB 93 54.99 28.28 41.07
N ARG XB 94 55.93 29.11 40.60
CA ARG XB 94 55.72 30.07 39.53
C ARG XB 94 56.91 30.01 38.60
N THR XB 95 57.06 31.04 37.73
CA THR XB 95 57.75 31.10 36.44
C THR XB 95 59.03 30.27 36.33
N PRO XB 96 59.14 29.44 35.30
CA PRO XB 96 60.33 28.61 35.14
C PRO XB 96 61.47 29.41 34.54
N PRO XB 97 62.72 29.09 34.91
CA PRO XB 97 63.88 29.84 34.40
C PRO XB 97 64.21 29.50 32.95
N ALA YB 1 49.38 42.77 74.56
CA ALA YB 1 48.66 43.77 75.35
C ALA YB 1 48.94 45.18 74.85
N LYS YB 2 47.86 45.95 74.69
CA LYS YB 2 47.92 47.30 74.12
C LYS YB 2 47.02 48.22 74.93
N ASP YB 3 47.53 49.39 75.30
CA ASP YB 3 46.80 50.33 76.12
C ASP YB 3 45.74 51.01 75.27
N LEU YB 4 44.53 50.45 75.27
CA LEU YB 4 43.41 51.09 74.59
C LEU YB 4 42.86 52.25 75.40
N LEU YB 5 43.19 52.31 76.69
CA LEU YB 5 42.74 53.43 77.51
C LEU YB 5 43.52 54.69 77.18
N HIS YB 6 44.82 54.57 76.96
CA HIS YB 6 45.67 55.70 76.59
C HIS YB 6 46.51 55.34 75.38
N PRO YB 7 45.96 55.53 74.20
CA PRO YB 7 46.68 55.18 72.98
C PRO YB 7 47.69 56.26 72.61
N SER YB 8 48.52 55.91 71.62
CA SER YB 8 49.56 56.81 71.17
C SER YB 8 48.96 57.89 70.26
N PRO YB 9 49.36 59.15 70.41
CA PRO YB 9 48.82 60.20 69.52
C PRO YB 9 49.24 60.06 68.07
N GLU YB 10 50.37 59.41 67.81
CA GLU YB 10 50.75 59.07 66.44
C GLU YB 10 49.74 58.10 65.84
N GLU YB 11 49.25 57.15 66.64
CA GLU YB 11 48.17 56.28 66.19
C GLU YB 11 46.86 57.04 66.05
N GLU YB 12 46.62 57.99 66.95
CA GLU YB 12 45.34 58.69 66.96
C GLU YB 12 45.21 59.64 65.78
N LYS YB 13 46.33 60.15 65.29
CA LYS YB 13 46.27 60.96 64.07
C LYS YB 13 46.14 60.07 62.84
N ARG YB 14 46.79 58.90 62.85
CA ARG YB 14 46.78 58.02 61.69
C ARG YB 14 45.43 57.34 61.48
N LYS YB 15 44.72 57.00 62.57
CA LYS YB 15 43.50 56.22 62.44
C LYS YB 15 42.38 57.01 61.76
N HIS YB 16 41.33 56.28 61.42
CA HIS YB 16 40.25 56.85 60.62
C HIS YB 16 39.43 57.84 61.43
N LYS YB 17 38.65 58.64 60.70
CA LYS YB 17 37.64 59.55 61.20
C LYS YB 17 36.81 59.00 62.36
N LYS YB 18 36.42 57.73 62.31
CA LYS YB 18 35.48 57.26 63.30
C LYS YB 18 35.97 55.99 64.02
N LYS YB 19 37.16 55.49 63.69
CA LYS YB 19 37.67 54.32 64.40
C LYS YB 19 38.10 54.66 65.82
N ARG YB 20 38.58 55.87 66.04
CA ARG YB 20 39.17 56.21 67.33
C ARG YB 20 38.11 56.45 68.40
N LEU YB 21 38.57 56.90 69.56
CA LEU YB 21 37.74 56.79 70.76
C LEU YB 21 36.78 57.97 70.90
N VAL YB 22 37.23 59.19 70.58
CA VAL YB 22 36.37 60.35 70.77
C VAL YB 22 35.62 60.68 69.48
N GLN YB 23 36.13 60.19 68.35
CA GLN YB 23 35.50 60.28 67.03
C GLN YB 23 35.27 61.72 66.57
N SER YB 24 36.23 62.59 66.87
CA SER YB 24 36.18 63.94 66.34
C SER YB 24 36.53 63.90 64.85
N PRO YB 25 36.01 64.81 64.03
CA PRO YB 25 36.29 64.72 62.60
C PRO YB 25 37.67 65.23 62.25
N ASN YB 26 37.98 65.19 60.95
CA ASN YB 26 39.29 65.64 60.47
C ASN YB 26 39.22 67.02 59.82
N SER YB 27 38.02 67.55 59.60
CA SER YB 27 37.89 68.85 58.96
C SER YB 27 38.24 69.97 59.93
N TYR YB 28 38.25 71.18 59.40
CA TYR YB 28 38.57 72.36 60.20
C TYR YB 28 37.92 73.58 59.57
N PHE YB 29 37.98 74.69 60.29
CA PHE YB 29 37.50 75.97 59.81
C PHE YB 29 38.69 76.88 59.58
N MET YB 30 38.75 77.47 58.39
CA MET YB 30 39.89 78.27 57.97
C MET YB 30 39.43 79.67 57.62
N ASP YB 31 40.20 80.66 58.05
CA ASP YB 31 39.89 82.05 57.76
C ASP YB 31 40.75 82.53 56.61
N VAL YB 32 40.10 82.92 55.52
CA VAL YB 32 40.78 83.31 54.29
C VAL YB 32 40.85 84.82 54.20
N LYS YB 33 42.06 85.35 54.16
CA LYS YB 33 42.29 86.77 53.95
C LYS YB 33 42.29 87.04 52.46
N CYS YB 34 41.24 87.73 51.99
CA CYS YB 34 40.97 87.89 50.57
C CYS YB 34 42.03 88.74 49.92
N PRO YB 35 42.47 88.44 48.69
CA PRO YB 35 43.46 89.29 48.04
C PRO YB 35 42.88 90.60 47.57
N GLY YB 36 41.60 90.63 47.22
CA GLY YB 36 41.03 91.81 46.63
C GLY YB 36 40.84 92.98 47.58
N CYS YB 37 39.85 92.94 48.46
CA CYS YB 37 39.62 94.16 49.25
C CYS YB 37 40.43 94.16 50.56
N TYR YB 38 39.90 93.53 51.60
CA TYR YB 38 40.63 93.30 52.84
C TYR YB 38 40.10 92.08 53.56
N LYS YB 39 38.90 91.63 53.17
CA LYS YB 39 37.99 90.97 54.08
C LYS YB 39 38.45 89.56 54.45
N ILE YB 40 38.41 89.26 55.75
CA ILE YB 40 38.61 87.91 56.26
C ILE YB 40 37.28 87.18 56.18
N THR YB 41 37.28 86.05 55.48
CA THR YB 41 36.07 85.28 55.22
C THR YB 41 36.20 83.90 55.86
N THR YB 42 35.31 83.60 56.79
CA THR YB 42 35.30 82.27 57.40
C THR YB 42 34.75 81.27 56.42
N VAL YB 43 35.50 80.19 56.17
CA VAL YB 43 35.11 79.18 55.20
C VAL YB 43 35.47 77.81 55.75
N PHE YB 44 34.67 76.82 55.38
CA PHE YB 44 34.87 75.43 55.80
C PHE YB 44 35.96 74.82 54.94
N SER YB 45 36.62 73.79 55.46
CA SER YB 45 37.74 73.18 54.76
C SER YB 45 37.26 72.35 53.56
N HIS YB 46 36.38 71.40 53.81
CA HIS YB 46 35.88 70.50 52.76
C HIS YB 46 34.59 71.11 52.20
N ALA YB 47 34.71 72.31 51.63
CA ALA YB 47 33.56 73.06 51.13
C ALA YB 47 33.06 72.40 49.86
N GLN YB 48 31.74 72.46 49.65
CA GLN YB 48 31.17 71.78 48.49
C GLN YB 48 30.69 72.77 47.44
N THR YB 49 30.35 73.98 47.85
CA THR YB 49 29.92 74.99 46.90
C THR YB 49 31.11 75.89 46.56
N VAL YB 50 30.96 76.65 45.48
CA VAL YB 50 31.91 77.72 45.22
C VAL YB 50 31.72 78.80 46.27
N VAL YB 51 32.80 79.47 46.63
CA VAL YB 51 32.76 80.49 47.66
C VAL YB 51 33.05 81.83 47.00
N LEU YB 52 32.03 82.66 46.90
CA LEU YB 52 32.17 84.01 46.35
C LEU YB 52 32.20 84.99 47.50
N CYS YB 53 33.25 85.80 47.55
CA CYS YB 53 33.25 86.93 48.48
C CYS YB 53 32.27 87.96 47.96
N VAL YB 54 31.46 88.51 48.86
CA VAL YB 54 30.29 89.29 48.44
C VAL YB 54 30.68 90.63 47.83
N GLY YB 55 31.83 91.18 48.22
CA GLY YB 55 32.27 92.40 47.61
C GLY YB 55 32.96 92.21 46.29
N CYS YB 56 34.10 91.53 46.30
CA CYS YB 56 35.07 91.58 45.21
C CYS YB 56 34.67 90.78 43.98
N SER YB 57 33.72 89.85 44.11
CA SER YB 57 33.21 89.00 43.03
C SER YB 57 34.33 88.18 42.37
N THR YB 58 35.25 87.70 43.21
CA THR YB 58 36.29 86.78 42.79
C THR YB 58 36.13 85.41 43.41
N VAL YB 59 36.27 84.34 42.63
CA VAL YB 59 36.09 82.97 43.11
C VAL YB 59 37.18 82.59 44.11
N LEU YB 60 36.77 82.26 45.34
CA LEU YB 60 37.76 81.84 46.34
C LEU YB 60 38.12 80.39 46.17
N CYS YB 61 37.14 79.49 46.20
CA CYS YB 61 37.43 78.07 46.26
C CYS YB 61 36.75 77.34 45.11
N GLN YB 62 37.55 76.59 44.37
CA GLN YB 62 37.03 75.57 43.48
C GLN YB 62 36.79 74.33 44.31
N PRO YB 63 35.55 73.90 44.51
CA PRO YB 63 35.31 72.74 45.37
C PRO YB 63 35.69 71.45 44.66
N THR YB 64 36.33 70.57 45.41
CA THR YB 64 36.89 69.34 44.88
C THR YB 64 36.51 68.24 45.86
N GLY YB 65 36.39 67.02 45.33
CA GLY YB 65 36.28 65.84 46.16
C GLY YB 65 37.46 65.76 47.11
N GLY YB 66 37.18 65.69 48.41
CA GLY YB 66 38.22 65.85 49.39
C GLY YB 66 38.15 67.22 50.01
N LYS YB 67 39.19 68.03 49.84
CA LYS YB 67 39.18 69.40 50.31
C LYS YB 67 39.44 70.34 49.15
N ALA YB 68 38.88 71.54 49.25
CA ALA YB 68 38.92 72.48 48.13
C ALA YB 68 40.29 73.13 48.04
N ARG YB 69 40.68 73.46 46.81
CA ARG YB 69 41.90 74.21 46.57
C ARG YB 69 41.54 75.68 46.42
N LEU YB 70 42.49 76.55 46.77
CA LEU YB 70 42.19 77.96 46.80
C LEU YB 70 42.46 78.61 45.46
N THR YB 71 42.39 79.94 45.45
CA THR YB 71 42.62 80.70 44.23
C THR YB 71 44.10 81.02 44.05
N GLU YB 72 44.58 82.02 44.77
CA GLU YB 72 45.98 82.41 44.68
C GLU YB 72 46.45 83.20 45.90
N GLY YB 73 47.47 82.67 46.57
CA GLY YB 73 48.05 83.30 47.74
C GLY YB 73 47.04 83.76 48.79
N CYS YB 74 46.38 82.80 49.43
CA CYS YB 74 45.41 83.09 50.48
C CYS YB 74 45.72 82.22 51.69
N SER YB 75 46.25 82.82 52.75
CA SER YB 75 46.61 82.05 53.93
C SER YB 75 45.36 81.52 54.61
N PHE YB 76 45.57 80.85 55.74
CA PHE YB 76 44.50 80.29 56.55
C PHE YB 76 45.06 79.98 57.94
N ARG YB 77 44.14 79.78 58.88
CA ARG YB 77 44.53 79.46 60.25
C ARG YB 77 43.63 78.37 60.80
N ARG YB 78 44.06 77.80 61.91
CA ARG YB 78 43.30 76.78 62.63
C ARG YB 78 42.74 77.41 63.90
N LYS YB 79 41.43 77.31 64.08
CA LYS YB 79 40.78 77.86 65.26
C LYS YB 79 39.75 76.88 65.77
N GLN YB 80 39.76 76.64 67.08
CA GLN YB 80 38.69 75.91 67.75
C GLN YB 80 38.40 76.56 69.10
N GLN ZB 1 75.47 18.15 -10.08
CA GLN ZB 1 75.38 17.59 -8.74
C GLN ZB 1 76.77 17.27 -8.20
N PRO ZB 2 77.48 18.27 -7.70
CA PRO ZB 2 78.84 18.03 -7.22
C PRO ZB 2 78.85 17.28 -5.89
N ILE ZB 3 79.96 16.58 -5.65
CA ILE ZB 3 80.14 15.75 -4.46
C ILE ZB 3 81.21 16.40 -3.59
N LYS ZB 4 80.89 16.59 -2.32
CA LYS ZB 4 81.79 17.26 -1.39
C LYS ZB 4 82.24 16.31 -0.29
N LEU ZB 5 83.38 16.64 0.31
CA LEU ZB 5 84.00 15.82 1.35
C LEU ZB 5 84.14 16.66 2.61
N ALA ZB 6 83.99 16.02 3.77
CA ALA ZB 6 83.84 16.72 5.04
C ALA ZB 6 84.41 15.87 6.17
N ARG ZB 7 85.15 16.51 7.08
CA ARG ZB 7 85.83 15.76 8.14
C ARG ZB 7 85.24 16.11 9.51
N VAL ZB 8 85.17 15.10 10.36
CA VAL ZB 8 84.42 15.16 11.61
C VAL ZB 8 85.16 16.05 12.61
N THR ZB 9 84.44 17.00 13.20
CA THR ZB 9 85.00 17.77 14.31
C THR ZB 9 84.51 17.24 15.65
N LYS ZB 10 83.20 17.14 15.84
CA LYS ZB 10 82.63 16.76 17.12
C LYS ZB 10 81.64 15.63 16.92
N VAL ZB 11 81.13 15.11 18.04
CA VAL ZB 11 80.04 14.14 18.05
C VAL ZB 11 78.94 14.71 18.93
N LEU ZB 12 77.77 14.98 18.34
CA LEU ZB 12 76.70 15.57 19.12
C LEU ZB 12 75.90 14.53 19.88
N GLY ZB 13 75.98 13.28 19.45
CA GLY ZB 13 75.31 12.21 20.18
C GLY ZB 13 74.79 11.15 19.22
N ARG ZB 14 74.18 10.13 19.82
CA ARG ZB 14 73.58 9.03 19.07
C ARG ZB 14 72.07 9.11 19.19
N THR ZB 15 71.42 9.21 18.03
CA THR ZB 15 69.99 9.42 17.94
C THR ZB 15 69.44 8.40 16.95
N GLY ZB 16 68.13 8.31 16.85
CA GLY ZB 16 67.44 7.33 16.03
C GLY ZB 16 66.43 6.54 16.85
N SER ZB 17 65.64 5.73 16.13
CA SER ZB 17 64.72 4.83 16.80
C SER ZB 17 65.47 3.77 17.59
N GLN ZB 18 66.59 3.31 17.05
CA GLN ZB 18 67.35 2.24 17.67
C GLN ZB 18 68.59 2.75 18.39
N GLY ZB 19 68.84 4.05 18.36
CA GLY ZB 19 70.12 4.59 18.77
C GLY ZB 19 71.22 4.35 17.76
N GLN ZB 20 70.89 3.93 16.55
CA GLN ZB 20 71.87 3.53 15.56
C GLN ZB 20 72.61 4.71 14.95
N CYS ZB 21 71.97 5.87 14.77
CA CYS ZB 21 72.56 6.97 14.03
C CYS ZB 21 73.35 7.87 14.96
N THR ZB 22 74.27 8.64 14.40
CA THR ZB 22 75.10 9.54 15.17
C THR ZB 22 75.09 10.91 14.53
N GLN ZB 23 74.49 11.88 15.21
CA GLN ZB 23 74.43 13.24 14.70
C GLN ZB 23 75.81 13.88 14.82
N VAL ZB 24 76.43 14.22 13.69
CA VAL ZB 24 77.77 14.78 13.73
C VAL ZB 24 78.02 15.90 12.74
N ARG ZB 25 79.13 16.61 12.96
CA ARG ZB 25 79.54 17.71 12.09
C ARG ZB 25 80.81 17.31 11.37
N VAL ZB 26 80.83 17.46 10.06
CA VAL ZB 26 81.99 17.10 9.26
C VAL ZB 26 82.76 18.34 8.79
N GLU ZB 27 82.28 19.50 9.22
CA GLU ZB 27 82.90 20.78 8.86
C GLU ZB 27 82.89 20.79 7.34
N PHE ZB 28 83.44 21.81 6.68
CA PHE ZB 28 83.73 21.73 5.25
C PHE ZB 28 85.16 22.13 4.95
N MET ZB 29 85.86 21.29 4.17
CA MET ZB 29 87.26 21.53 3.86
C MET ZB 29 87.43 22.56 2.76
N ASP ZB 30 86.45 22.64 1.85
CA ASP ZB 30 86.65 23.36 0.58
C ASP ZB 30 86.75 24.86 0.79
N ASP ZB 31 85.94 25.41 1.69
CA ASP ZB 31 85.90 26.84 1.96
C ASP ZB 31 86.08 27.03 3.45
N THR ZB 32 85.74 28.23 3.94
CA THR ZB 32 85.81 28.59 5.35
C THR ZB 32 84.92 27.74 6.26
N SER ZB 33 84.92 28.05 7.55
CA SER ZB 33 84.41 27.18 8.60
C SER ZB 33 82.89 27.10 8.50
N ARG ZB 34 82.43 26.26 7.58
CA ARG ZB 34 81.02 25.93 7.40
C ARG ZB 34 80.84 24.50 7.87
N SER ZB 35 79.81 24.25 8.67
CA SER ZB 35 79.61 22.92 9.24
C SER ZB 35 78.12 22.66 9.40
N ILE ZB 36 77.64 21.59 8.79
CA ILE ZB 36 76.25 21.17 8.90
C ILE ZB 36 76.21 19.88 9.72
N ILE ZB 37 75.00 19.53 10.15
CA ILE ZB 37 74.78 18.39 11.04
C ILE ZB 37 74.16 17.26 10.24
N ARG ZB 38 74.91 16.17 10.08
CA ARG ZB 38 74.48 15.05 9.26
C ARG ZB 38 74.48 13.76 10.07
N ASN ZB 39 73.66 12.81 9.63
CA ASN ZB 39 73.47 11.55 10.31
C ASN ZB 39 74.40 10.50 9.71
N VAL ZB 40 75.07 9.76 10.58
CA VAL ZB 40 75.99 8.70 10.19
C VAL ZB 40 75.65 7.45 11.00
N LYS ZB 41 75.40 6.35 10.30
CA LYS ZB 41 75.33 5.04 10.95
C LYS ZB 41 76.67 4.35 10.78
N GLY ZB 42 77.02 3.52 11.75
CA GLY ZB 42 78.33 2.93 11.77
C GLY ZB 42 79.29 3.72 12.64
N PRO ZB 43 80.40 3.12 13.02
CA PRO ZB 43 81.31 3.77 13.98
C PRO ZB 43 82.07 4.92 13.35
N VAL ZB 44 82.23 6.01 14.10
CA VAL ZB 44 82.87 7.22 13.59
C VAL ZB 44 83.60 7.94 14.72
N ARG ZB 45 84.89 8.23 14.49
CA ARG ZB 45 85.73 8.98 15.41
C ARG ZB 45 85.84 10.43 14.94
N GLU ZB 46 86.64 11.19 15.67
CA GLU ZB 46 87.12 12.46 15.13
C GLU ZB 46 88.13 12.20 14.03
N GLY ZB 47 88.22 13.14 13.10
CA GLY ZB 47 89.17 13.01 12.01
C GLY ZB 47 88.76 12.06 10.91
N ASP ZB 48 87.50 11.66 10.87
CA ASP ZB 48 86.99 10.84 9.79
C ASP ZB 48 86.43 11.72 8.68
N VAL ZB 49 87.11 11.74 7.54
CA VAL ZB 49 86.66 12.49 6.38
C VAL ZB 49 85.49 11.71 5.79
N LEU ZB 50 84.36 12.38 5.63
CA LEU ZB 50 83.10 11.75 5.29
C LEU ZB 50 82.72 12.11 3.86
N THR ZB 51 82.12 11.16 3.15
CA THR ZB 51 81.66 11.43 1.80
C THR ZB 51 80.21 11.90 1.81
N LEU ZB 52 79.99 13.13 1.36
CA LEU ZB 52 78.65 13.70 1.28
C LEU ZB 52 78.15 13.67 -0.15
N LEU ZB 53 76.90 13.24 -0.32
CA LEU ZB 53 76.24 13.29 -1.61
C LEU ZB 53 75.33 14.49 -1.74
N GLU ZB 54 75.12 15.25 -0.67
CA GLU ZB 54 74.50 16.56 -0.72
C GLU ZB 54 74.97 17.37 0.47
N SER ZB 55 75.44 18.59 0.20
CA SER ZB 55 75.87 19.51 1.25
C SER ZB 55 74.77 20.48 1.64
N GLU ZB 56 73.53 20.19 1.27
CA GLU ZB 56 72.43 21.11 1.53
C GLU ZB 56 71.44 20.57 2.56
N ARG ZB 57 71.67 19.38 3.08
CA ARG ZB 57 70.83 18.83 4.14
C ARG ZB 57 71.17 19.47 5.48
N GLU ZB 58 70.16 19.55 6.35
CA GLU ZB 58 70.38 19.78 7.78
C GLU ZB 58 69.17 19.24 8.52
N ALA ZB 59 69.32 18.07 9.13
CA ALA ZB 59 68.27 17.48 9.96
C ALA ZB 59 68.67 17.56 11.42
N ARG ZB 60 68.48 18.74 12.02
CA ARG ZB 60 69.02 19.05 13.33
C ARG ZB 60 68.10 18.49 14.41
N ARG ZB 61 68.69 18.18 15.56
CA ARG ZB 61 67.97 17.91 16.81
C ARG ZB 61 68.80 18.42 17.97
N LEU ZB 62 68.12 18.66 19.09
CA LEU ZB 62 68.76 19.22 20.28
C LEU ZB 62 69.37 18.13 21.15
N GLN AC 1 57.97 -75.08 45.25
CA GLN AC 1 57.56 -73.70 45.13
C GLN AC 1 58.43 -72.91 44.17
N LEU AC 2 57.82 -71.92 43.53
CA LEU AC 2 58.52 -71.02 42.63
C LEU AC 2 58.15 -69.58 43.03
N TYR AC 3 58.87 -69.06 44.04
CA TYR AC 3 58.80 -67.63 44.30
C TYR AC 3 59.71 -66.89 43.36
N TRP AC 4 60.89 -67.44 43.09
CA TRP AC 4 61.94 -66.75 42.37
C TRP AC 4 62.22 -67.46 41.06
N SER AC 5 62.04 -66.73 39.97
CA SER AC 5 62.50 -67.09 38.64
C SER AC 5 63.39 -65.96 38.20
N HIS AC 6 63.68 -65.92 36.88
CA HIS AC 6 64.08 -64.69 36.21
C HIS AC 6 65.38 -64.10 36.76
N PRO AC 7 66.56 -64.65 36.35
CA PRO AC 7 67.82 -64.58 37.13
C PRO AC 7 68.19 -63.30 37.86
N ARG AC 8 67.83 -62.14 37.29
CA ARG AC 8 67.88 -60.82 37.93
C ARG AC 8 69.33 -60.47 38.27
N LYS AC 9 70.26 -61.00 37.49
CA LYS AC 9 71.68 -60.81 37.79
C LYS AC 9 72.18 -59.51 37.18
N PHE AC 10 71.33 -58.84 36.40
CA PHE AC 10 71.69 -57.70 35.60
C PHE AC 10 70.42 -56.94 35.26
N GLY AC 11 70.59 -55.77 34.67
CA GLY AC 11 69.45 -54.99 34.25
C GLY AC 11 68.89 -54.15 35.36
N GLN AC 12 67.65 -53.68 35.13
CA GLN AC 12 67.07 -52.67 36.00
C GLN AC 12 66.61 -53.28 37.32
N GLY AC 13 66.32 -54.59 37.32
CA GLY AC 13 65.82 -55.22 38.53
C GLY AC 13 66.90 -55.42 39.57
N SER AC 14 68.13 -55.72 39.13
CA SER AC 14 69.22 -55.93 40.06
C SER AC 14 69.70 -54.65 40.70
N ARG AC 15 69.44 -53.51 40.08
CA ARG AC 15 69.85 -52.23 40.64
C ARG AC 15 68.90 -51.84 41.75
N SER AC 16 69.44 -51.64 42.94
CA SER AC 16 68.64 -51.26 44.09
C SER AC 16 69.37 -50.18 44.86
N CYS AC 17 68.62 -49.14 45.24
CA CYS AC 17 69.20 -48.01 45.96
C CYS AC 17 69.58 -48.41 47.37
N ARG AC 18 70.64 -47.79 47.88
CA ARG AC 18 71.14 -48.14 49.20
C ARG AC 18 70.36 -47.39 50.29
N VAL AC 19 69.47 -46.48 49.90
CA VAL AC 19 68.89 -45.57 50.88
C VAL AC 19 67.44 -45.91 51.14
N CYS AC 20 66.68 -46.17 50.09
CA CYS AC 20 65.25 -46.40 50.29
C CYS AC 20 64.70 -47.52 49.43
N SER AC 21 65.55 -48.45 48.98
CA SER AC 21 65.18 -49.61 48.17
C SER AC 21 64.49 -49.20 46.87
N ASN AC 22 64.89 -48.07 46.30
CA ASN AC 22 64.33 -47.56 45.06
C ASN AC 22 65.08 -48.20 43.92
N ARG AC 23 64.39 -48.40 42.79
CA ARG AC 23 65.03 -48.98 41.63
C ARG AC 23 64.68 -48.23 40.35
N HIS AC 24 63.70 -47.32 40.41
CA HIS AC 24 63.14 -46.76 39.19
C HIS AC 24 64.02 -45.66 38.62
N GLY AC 25 64.20 -44.56 39.37
CA GLY AC 25 65.17 -43.55 38.98
C GLY AC 25 66.57 -44.14 39.00
N LEU AC 26 67.40 -43.68 38.06
CA LEU AC 26 68.63 -44.42 37.80
C LEU AC 26 69.62 -44.22 38.93
N ILE AC 27 70.46 -45.22 39.09
CA ILE AC 27 71.39 -45.32 40.19
C ILE AC 27 72.79 -45.31 39.60
N ARG AC 28 73.67 -44.52 40.20
CA ARG AC 28 74.99 -44.34 39.61
C ARG AC 28 75.92 -45.48 40.00
N LYS AC 29 77.13 -45.46 39.44
CA LYS AC 29 78.15 -46.46 39.74
C LYS AC 29 79.50 -45.77 39.85
N TYR AC 30 79.83 -45.29 41.06
CA TYR AC 30 81.15 -44.82 41.43
C TYR AC 30 81.64 -45.48 42.70
N GLY AC 31 81.25 -46.72 42.94
CA GLY AC 31 81.28 -47.28 44.27
C GLY AC 31 80.12 -46.83 45.13
N LEU AC 32 79.13 -46.17 44.54
CA LEU AC 32 78.05 -45.49 45.23
C LEU AC 32 76.73 -45.89 44.61
N ASN AC 33 75.68 -45.96 45.43
CA ASN AC 33 74.33 -46.26 44.97
C ASN AC 33 73.34 -45.37 45.71
N MET AC 34 72.66 -44.50 44.96
CA MET AC 34 71.73 -43.52 45.52
C MET AC 34 70.48 -43.45 44.67
N CYS AC 35 69.74 -42.35 44.82
CA CYS AC 35 68.54 -42.14 44.00
C CYS AC 35 68.78 -41.08 42.91
N ARG AC 36 69.58 -40.06 43.24
CA ARG AC 36 69.70 -38.64 42.80
C ARG AC 36 68.65 -37.78 43.50
N GLN AC 37 67.69 -38.38 44.18
CA GLN AC 37 66.83 -37.59 45.06
C GLN AC 37 67.42 -37.44 46.44
N CYS AC 38 67.91 -38.54 47.01
CA CYS AC 38 68.47 -38.49 48.37
C CYS AC 38 69.97 -38.27 48.34
N PHE AC 39 70.56 -38.19 47.14
CA PHE AC 39 71.96 -37.84 47.05
C PHE AC 39 72.20 -36.40 47.46
N ARG AC 40 71.24 -35.52 47.17
CA ARG AC 40 71.37 -34.12 47.54
C ARG AC 40 71.27 -33.94 49.05
N GLN AC 41 70.58 -34.85 49.72
CA GLN AC 41 70.50 -34.79 51.17
C GLN AC 41 71.83 -35.15 51.79
N TYR AC 42 72.59 -36.04 51.14
CA TYR AC 42 73.68 -36.74 51.81
C TYR AC 42 75.05 -36.35 51.26
N ALA AC 43 75.10 -35.49 50.23
CA ALA AC 43 76.38 -35.03 49.71
C ALA AC 43 77.13 -34.20 50.73
N LYS AC 44 76.41 -33.46 51.58
CA LYS AC 44 77.04 -32.68 52.64
C LYS AC 44 77.63 -33.57 53.72
N ASP AC 45 77.15 -34.81 53.85
CA ASP AC 45 77.77 -35.74 54.78
C ASP AC 45 78.94 -36.46 54.13
N ILE AC 46 78.73 -37.02 52.93
CA ILE AC 46 79.76 -37.84 52.29
C ILE AC 46 80.88 -37.02 51.68
N GLY AC 47 80.76 -35.69 51.65
CA GLY AC 47 81.92 -34.86 51.43
C GLY AC 47 82.08 -34.26 50.06
N PHE AC 48 80.99 -34.05 49.32
CA PHE AC 48 81.05 -33.34 48.06
C PHE AC 48 80.77 -31.87 48.28
N ILE AC 49 81.42 -31.03 47.48
CA ILE AC 49 81.24 -29.58 47.53
C ILE AC 49 80.93 -29.10 46.13
N LYS AC 50 80.27 -27.94 46.04
CA LYS AC 50 79.85 -27.44 44.73
C LYS AC 50 80.99 -26.75 43.98
N LEU AC 51 81.54 -25.69 44.57
CA LEU AC 51 82.48 -24.76 43.94
C LEU AC 51 81.96 -24.22 42.61
N HIS BC 1 10.34 -25.44 40.74
CA HIS BC 1 11.36 -25.64 39.73
C HIS BC 1 12.18 -26.89 40.00
N GLY BC 2 13.01 -26.83 41.04
CA GLY BC 2 13.85 -27.97 41.38
C GLY BC 2 13.05 -29.09 42.01
N SER BC 3 13.72 -30.22 42.25
CA SER BC 3 13.04 -31.39 42.77
C SER BC 3 12.62 -31.18 44.21
N LEU BC 4 11.39 -31.56 44.52
CA LEU BC 4 10.90 -31.56 45.89
C LEU BC 4 10.95 -32.95 46.51
N ALA BC 5 11.86 -33.81 46.02
CA ALA BC 5 11.91 -35.17 46.52
C ALA BC 5 12.60 -35.24 47.87
N ARG BC 6 13.83 -34.73 47.96
CA ARG BC 6 14.60 -34.84 49.19
C ARG BC 6 14.03 -33.88 50.24
N ALA BC 7 13.56 -34.47 51.33
CA ALA BC 7 12.98 -33.69 52.42
C ALA BC 7 13.20 -34.44 53.73
N GLY BC 8 13.94 -33.86 54.65
CA GLY BC 8 14.30 -34.58 55.86
C GLY BC 8 15.30 -35.67 55.57
N LYS BC 9 16.15 -35.43 54.56
CA LYS BC 9 17.18 -36.38 54.16
C LYS BC 9 18.16 -36.64 55.28
N VAL BC 10 18.73 -35.57 55.85
CA VAL BC 10 19.77 -35.71 56.85
C VAL BC 10 19.20 -36.26 58.15
N ARG BC 11 18.00 -35.79 58.53
CA ARG BC 11 17.40 -36.24 59.77
C ARG BC 11 16.91 -37.69 59.66
N GLY BC 12 16.58 -38.12 58.44
CA GLY BC 12 16.27 -39.53 58.25
C GLY BC 12 17.52 -40.40 58.28
N GLN BC 13 18.57 -39.97 57.59
CA GLN BC 13 19.80 -40.77 57.52
C GLN BC 13 20.62 -40.70 58.79
N THR BC 14 20.28 -39.81 59.72
CA THR BC 14 20.99 -39.68 60.99
C THR BC 14 20.79 -40.95 61.81
N PRO BC 15 21.87 -41.61 62.25
CA PRO BC 15 21.70 -42.75 63.14
C PRO BC 15 21.31 -42.31 64.54
N LYS BC 16 20.35 -43.02 65.10
CA LYS BC 16 19.85 -42.66 66.43
C LYS BC 16 20.84 -43.10 67.50
N VAL BC 17 20.86 -42.35 68.60
CA VAL BC 17 21.68 -42.66 69.76
C VAL BC 17 20.76 -42.70 70.97
N ALA BC 18 20.90 -43.75 71.78
CA ALA BC 18 20.06 -43.89 72.97
C ALA BC 18 20.35 -42.78 73.97
N LYS BC 19 19.31 -42.11 74.42
CA LYS BC 19 19.46 -41.02 75.37
C LYS BC 19 19.76 -41.56 76.76
N GLN BC 20 21.04 -41.74 77.09
CA GLN BC 20 21.44 -42.42 78.32
C GLN BC 20 21.11 -41.59 79.56
N GLU BC 21 21.06 -42.27 80.71
CA GLU BC 21 20.55 -41.70 81.95
C GLU BC 21 21.47 -40.64 82.50
N LYS BC 22 20.90 -39.52 82.88
CA LYS BC 22 21.58 -38.42 83.55
C LYS BC 22 21.08 -38.40 84.98
N LYS BC 23 21.95 -38.03 85.91
CA LYS BC 23 21.48 -37.76 87.28
C LYS BC 23 20.64 -36.50 87.28
N LYS BC 24 19.78 -36.36 88.28
CA LYS BC 24 18.97 -35.16 88.35
C LYS BC 24 19.84 -33.97 88.73
N LYS BC 25 19.79 -32.92 87.92
CA LYS BC 25 20.49 -31.70 88.26
C LYS BC 25 19.78 -31.00 89.39
N LYS BC 26 20.53 -30.49 90.34
CA LYS BC 26 19.94 -29.75 91.44
C LYS BC 26 19.37 -28.44 90.91
N THR BC 27 18.27 -28.00 91.51
CA THR BC 27 17.43 -26.96 90.94
C THR BC 27 17.46 -25.70 91.79
N GLY BC 28 17.46 -24.54 91.11
CA GLY BC 28 17.30 -23.26 91.76
C GLY BC 28 18.40 -22.84 92.70
N ARG BC 29 18.08 -22.81 94.00
CA ARG BC 29 19.01 -22.34 95.02
C ARG BC 29 20.26 -23.21 95.09
N ALA BC 30 20.09 -24.53 95.08
CA ALA BC 30 21.23 -25.46 95.14
C ALA BC 30 22.06 -25.38 93.88
N LYS BC 31 21.40 -25.16 92.73
CA LYS BC 31 22.13 -24.98 91.49
C LYS BC 31 23.00 -23.75 91.53
N ARG BC 32 22.45 -22.61 91.98
CA ARG BC 32 23.25 -21.39 92.09
C ARG BC 32 24.35 -21.55 93.14
N ARG BC 33 24.10 -22.37 94.15
CA ARG BC 33 25.11 -22.64 95.17
C ARG BC 33 26.30 -23.39 94.58
N MET BC 34 26.05 -24.43 93.78
CA MET BC 34 27.20 -25.09 93.19
C MET BC 34 27.79 -24.30 92.02
N GLN BC 35 27.01 -23.41 91.39
CA GLN BC 35 27.57 -22.45 90.43
C GLN BC 35 28.60 -21.55 91.10
N TYR BC 36 28.28 -21.05 92.30
CA TYR BC 36 29.23 -20.25 93.06
C TYR BC 36 30.43 -21.06 93.50
N ASN BC 37 30.18 -22.25 94.04
CA ASN BC 37 31.27 -23.01 94.66
C ASN BC 37 32.14 -23.70 93.62
N ARG BC 38 31.67 -23.77 92.38
CA ARG BC 38 32.45 -24.45 91.35
C ARG BC 38 33.56 -23.55 90.83
N ARG BC 39 33.40 -22.23 90.93
CA ARG BC 39 34.35 -21.33 90.32
C ARG BC 39 34.86 -20.19 91.18
N PHE BC 40 34.22 -19.87 92.31
CA PHE BC 40 34.64 -18.71 93.09
C PHE BC 40 35.44 -19.04 94.34
N VAL BC 41 35.53 -20.30 94.75
CA VAL BC 41 36.04 -20.56 96.08
C VAL BC 41 37.20 -21.56 96.06
N ASN BC 42 37.32 -22.34 94.99
CA ASN BC 42 38.44 -23.26 94.85
C ASN BC 42 39.11 -23.18 93.48
N VAL BC 43 38.91 -22.09 92.74
CA VAL BC 43 39.62 -21.83 91.49
C VAL BC 43 40.68 -20.75 91.68
N VAL BC 44 40.63 -20.01 92.78
CA VAL BC 44 41.74 -19.14 93.21
C VAL BC 44 43.09 -19.83 93.44
N PRO BC 45 43.23 -21.16 93.69
CA PRO BC 45 44.58 -21.75 93.55
C PRO BC 45 45.13 -21.74 92.14
N THR BC 46 44.29 -21.85 91.12
CA THR BC 46 44.76 -21.83 89.75
C THR BC 46 45.14 -20.41 89.33
N PHE BC 47 45.94 -20.31 88.27
CA PHE BC 47 46.59 -19.05 87.92
C PHE BC 47 45.76 -18.31 86.86
N GLY BC 48 46.03 -17.02 86.70
CA GLY BC 48 45.09 -16.15 86.01
C GLY BC 48 45.38 -15.93 84.54
N LYS BC 49 46.14 -16.84 83.92
CA LYS BC 49 46.44 -16.70 82.50
C LYS BC 49 45.47 -17.48 81.62
N LYS BC 50 45.32 -18.77 81.91
CA LYS BC 50 44.56 -19.68 81.06
C LYS BC 50 43.11 -19.71 81.54
N LYS BC 51 42.20 -20.13 80.66
CA LYS BC 51 40.81 -20.29 80.99
C LYS BC 51 40.31 -21.62 80.43
N GLY BC 52 39.54 -22.33 81.25
CA GLY BC 52 39.09 -23.66 80.88
C GLY BC 52 37.64 -24.04 81.17
N PRO BC 53 36.64 -23.16 80.95
CA PRO BC 53 35.29 -23.47 81.47
C PRO BC 53 34.61 -24.63 80.76
N ASN BC 54 35.00 -24.93 79.52
CA ASN BC 54 34.63 -26.17 78.85
C ASN BC 54 35.65 -26.45 77.76
N ALA BC 55 35.97 -27.73 77.58
CA ALA BC 55 36.94 -28.15 76.58
C ALA BC 55 36.67 -29.58 76.11
N LYS CC 1 42.62 -44.14 37.05
CA LYS CC 1 41.45 -43.35 36.70
C LYS CC 1 40.39 -43.45 37.78
N ARG CC 2 39.15 -43.77 37.38
CA ARG CC 2 38.08 -44.12 38.28
C ARG CC 2 37.47 -45.47 37.92
N LYS CC 3 38.31 -46.48 37.66
CA LYS CC 3 37.83 -47.78 37.23
C LYS CC 3 37.13 -48.50 38.38
N LYS CC 4 36.17 -49.36 38.03
CA LYS CC 4 35.38 -50.12 38.99
C LYS CC 4 35.48 -51.60 38.65
N LYS CC 5 35.70 -52.42 39.69
CA LYS CC 5 35.93 -53.84 39.51
C LYS CC 5 34.74 -54.64 40.04
N SER CC 6 34.65 -55.90 39.57
CA SER CC 6 33.67 -56.85 40.06
C SER CC 6 34.15 -58.25 39.72
N TYR CC 7 33.52 -59.25 40.34
CA TYR CC 7 33.79 -60.62 39.98
C TYR CC 7 32.96 -61.04 38.77
N THR CC 8 33.64 -61.55 37.74
CA THR CC 8 32.97 -62.03 36.54
C THR CC 8 32.49 -63.47 36.77
N THR CC 9 33.12 -64.14 37.72
CA THR CC 9 32.80 -65.52 38.11
C THR CC 9 32.86 -66.61 37.03
N PRO CC 10 34.02 -66.73 36.35
CA PRO CC 10 34.31 -67.73 35.33
C PRO CC 10 35.41 -68.61 35.91
N LYS CC 11 35.53 -68.49 37.23
CA LYS CC 11 36.53 -69.15 38.04
C LYS CC 11 36.09 -69.23 39.49
N LYS CC 12 35.25 -70.22 39.82
CA LYS CC 12 34.56 -70.31 41.10
C LYS CC 12 35.49 -70.57 42.28
N ASN CC 13 34.93 -70.64 43.49
CA ASN CC 13 35.69 -70.83 44.71
C ASN CC 13 36.27 -72.24 44.74
N LYS CC 14 37.52 -72.37 44.35
CA LYS CC 14 38.26 -73.62 44.49
C LYS CC 14 38.94 -73.61 45.86
N HIS CC 15 38.59 -74.58 46.68
CA HIS CC 15 39.01 -74.58 48.07
C HIS CC 15 40.46 -75.01 48.22
N LYS CC 16 41.10 -74.47 49.25
CA LYS CC 16 42.40 -74.98 49.67
C LYS CC 16 42.20 -76.33 50.33
N ARG CC 17 43.28 -77.10 50.44
CA ARG CC 17 43.15 -78.53 50.72
C ARG CC 17 42.75 -78.79 52.17
N LYS CC 18 41.65 -79.51 52.33
CA LYS CC 18 41.17 -79.97 53.62
C LYS CC 18 41.64 -81.41 53.77
N LYS CC 19 42.69 -81.60 54.56
CA LYS CC 19 43.38 -82.88 54.66
C LYS CC 19 42.47 -83.95 55.27
N VAL CC 20 42.23 -85.01 54.50
CA VAL CC 20 41.29 -86.06 54.90
C VAL CC 20 42.09 -87.28 55.36
N LYS CC 21 41.71 -87.80 56.53
CA LYS CC 21 42.23 -89.05 57.06
C LYS CC 21 41.09 -89.80 57.73
N LEU CC 22 41.40 -90.96 58.30
CA LEU CC 22 40.52 -91.65 59.21
C LEU CC 22 40.68 -91.05 60.59
N ALA CC 23 39.85 -91.47 61.55
CA ALA CC 23 39.85 -90.94 62.91
C ALA CC 23 41.20 -91.17 63.57
N VAL CC 24 41.66 -92.42 63.58
CA VAL CC 24 43.06 -92.77 63.78
C VAL CC 24 43.45 -93.66 62.61
N LEU CC 25 44.73 -93.92 62.45
CA LEU CC 25 45.21 -94.78 61.39
C LEU CC 25 45.96 -95.95 62.00
N LYS CC 26 45.37 -97.14 61.90
CA LYS CC 26 45.90 -98.36 62.50
C LYS CC 26 46.76 -99.08 61.47
N TYR CC 27 48.03 -99.27 61.79
CA TYR CC 27 48.99 -99.79 60.83
C TYR CC 27 49.49 -101.19 61.12
N TYR CC 28 49.78 -101.51 62.38
CA TYR CC 28 50.57 -102.68 62.75
C TYR CC 28 49.67 -103.89 63.02
N LYS CC 29 50.16 -105.05 62.64
CA LYS CC 29 49.43 -106.29 62.81
C LYS CC 29 50.17 -107.18 63.79
N VAL CC 30 49.46 -107.64 64.81
CA VAL CC 30 50.00 -108.58 65.78
C VAL CC 30 49.53 -109.99 65.41
N ASP CC 31 50.47 -110.90 65.28
CA ASP CC 31 50.16 -112.32 65.07
C ASP CC 31 50.54 -113.09 66.31
N GLU CC 32 49.71 -114.09 66.65
CA GLU CC 32 49.96 -115.05 67.74
C GLU CC 32 50.03 -114.38 69.11
N ASN CC 33 49.47 -113.18 69.22
CA ASN CC 33 49.49 -112.33 70.42
C ASN CC 33 50.91 -112.10 70.93
N GLY CC 34 51.74 -111.44 70.11
CA GLY CC 34 53.10 -111.13 70.50
C GLY CC 34 54.10 -111.04 69.36
N LYS CC 35 53.75 -111.56 68.18
CA LYS CC 35 54.62 -111.42 67.02
C LYS CC 35 54.13 -110.28 66.13
N ILE CC 36 55.07 -109.51 65.60
CA ILE CC 36 54.76 -108.31 64.83
C ILE CC 36 54.67 -108.68 63.35
N SER CC 37 53.60 -108.25 62.69
CA SER CC 37 53.46 -108.32 61.24
C SER CC 37 53.31 -106.92 60.68
N ARG CC 38 54.13 -106.59 59.69
CA ARG CC 38 54.05 -105.31 58.99
C ARG CC 38 53.50 -105.54 57.59
N LEU CC 39 52.41 -104.85 57.26
CA LEU CC 39 51.69 -105.15 56.03
C LEU CC 39 52.28 -104.39 54.84
N ARG CC 40 52.97 -103.29 55.09
CA ARG CC 40 53.36 -102.37 54.03
C ARG CC 40 54.87 -102.31 53.86
N ARG CC 41 55.28 -101.94 52.65
CA ARG CC 41 56.68 -102.06 52.23
C ARG CC 41 57.51 -100.93 52.83
N GLU CC 42 58.80 -101.20 53.04
CA GLU CC 42 59.71 -100.22 53.62
C GLU CC 42 60.60 -99.59 52.55
N CYS CC 43 60.89 -98.31 52.75
CA CYS CC 43 61.75 -97.55 51.86
C CYS CC 43 63.20 -98.03 51.99
N PRO CC 44 63.97 -97.99 50.89
CA PRO CC 44 65.40 -98.34 50.99
C PRO CC 44 66.19 -97.33 51.81
N SER CC 45 67.40 -97.75 52.18
CA SER CC 45 68.24 -96.95 53.07
C SER CC 45 68.93 -95.84 52.28
N ASP CC 46 68.33 -94.66 52.35
CA ASP CC 46 68.98 -93.40 52.00
C ASP CC 46 68.83 -92.40 53.12
N GLU CC 47 69.02 -92.86 54.36
CA GLU CC 47 68.70 -92.20 55.63
C GLU CC 47 67.25 -91.80 55.75
N CYS CC 48 66.34 -92.52 55.10
CA CYS CC 48 64.90 -92.33 55.27
C CYS CC 48 64.19 -93.59 55.75
N GLY CC 49 64.42 -94.73 55.09
CA GLY CC 49 63.65 -95.94 55.30
C GLY CC 49 63.89 -96.70 56.58
N ALA CC 50 64.63 -96.15 57.54
CA ALA CC 50 64.82 -96.84 58.81
C ALA CC 50 63.55 -96.81 59.64
N GLY CC 51 62.82 -95.70 59.62
CA GLY CC 51 61.58 -95.59 60.36
C GLY CC 51 60.47 -94.98 59.55
N VAL CC 52 60.73 -94.76 58.26
CA VAL CC 52 59.79 -94.14 57.35
C VAL CC 52 59.40 -95.16 56.29
N PHE CC 53 58.11 -95.36 56.10
CA PHE CC 53 57.59 -96.39 55.21
C PHE CC 53 57.21 -95.79 53.87
N MET CC 54 56.84 -96.67 52.95
CA MET CC 54 56.43 -96.27 51.61
C MET CC 54 54.94 -96.02 51.56
N ALA CC 55 54.49 -95.41 50.46
CA ALA CC 55 53.08 -95.27 50.19
C ALA CC 55 52.61 -96.34 49.22
N SER CC 56 51.37 -96.77 49.37
CA SER CC 56 50.78 -97.67 48.40
C SER CC 56 50.13 -96.86 47.27
N HIS CC 57 50.15 -97.43 46.06
CA HIS CC 57 49.63 -96.74 44.89
C HIS CC 57 49.26 -97.79 43.87
N PHE CC 58 48.78 -97.35 42.70
CA PHE CC 58 48.43 -98.27 41.63
C PHE CC 58 49.66 -98.97 41.07
N ASP CC 59 50.77 -98.23 40.95
CA ASP CC 59 52.01 -98.83 40.52
C ASP CC 59 53.24 -98.26 41.22
N ARG CC 60 53.10 -97.23 42.06
CA ARG CC 60 54.24 -96.46 42.56
C ARG CC 60 54.53 -96.83 43.99
N HIS CC 61 55.65 -96.33 44.50
CA HIS CC 61 56.12 -96.56 45.86
C HIS CC 61 56.87 -95.32 46.32
N TYR CC 62 56.22 -94.49 47.12
CA TYR CC 62 56.69 -93.14 47.42
C TYR CC 62 57.22 -93.03 48.83
N CYS CC 63 58.37 -92.35 48.99
CA CYS CC 63 58.97 -92.09 50.30
C CYS CC 63 58.56 -90.72 50.80
N GLY CC 64 58.19 -90.63 52.08
CA GLY CC 64 57.59 -89.41 52.58
C GLY CC 64 58.60 -88.28 52.76
N LYS CC 65 59.72 -88.56 53.42
CA LYS CC 65 60.69 -87.49 53.71
C LYS CC 65 61.44 -87.04 52.46
N CYS CC 66 62.23 -87.94 51.87
CA CYS CC 66 63.23 -87.51 50.90
C CYS CC 66 62.79 -87.76 49.46
N CYS CC 67 61.49 -88.03 49.27
CA CYS CC 67 60.83 -88.14 47.96
C CYS CC 67 61.46 -89.19 47.05
N LEU CC 68 61.92 -90.30 47.62
CA LEU CC 68 62.42 -91.39 46.80
C LEU CC 68 61.25 -92.19 46.23
N THR CC 69 61.27 -92.37 44.92
CA THR CC 69 60.21 -93.09 44.22
C THR CC 69 60.77 -94.35 43.59
N TYR CC 70 60.19 -95.49 43.95
CA TYR CC 70 60.43 -96.73 43.23
C TYR CC 70 59.15 -97.10 42.50
N CYS CC 71 59.30 -97.70 41.32
CA CYS CC 71 58.16 -98.14 40.54
C CYS CC 71 58.61 -99.28 39.64
N PHE CC 72 57.76 -100.30 39.51
CA PHE CC 72 58.12 -101.47 38.74
C PHE CC 72 57.00 -101.88 37.80
N ASN CC 73 57.38 -102.37 36.62
CA ASN CC 73 56.46 -102.93 35.66
C ASN CC 73 55.91 -104.25 36.19
N THR DC 1 131.56 29.35 42.52
CA THR DC 1 132.76 29.12 41.71
C THR DC 1 132.70 27.73 41.08
N GLU DC 2 131.73 26.94 41.51
CA GLU DC 2 131.54 25.59 40.99
C GLU DC 2 130.10 25.17 41.20
N GLN DC 3 129.56 24.47 40.21
CA GLN DC 3 128.17 24.05 40.26
C GLN DC 3 128.01 22.80 39.42
N MET DC 4 126.99 22.01 39.74
CA MET DC 4 126.72 20.80 38.96
C MET DC 4 125.82 21.12 37.78
N THR DC 5 126.09 20.45 36.68
CA THR DC 5 125.30 20.55 35.47
C THR DC 5 124.82 19.17 35.06
N LEU DC 6 123.65 19.14 34.43
CA LEU DC 6 123.01 17.91 33.99
C LEU DC 6 123.70 17.44 32.71
N ARG DC 7 124.47 16.35 32.81
CA ARG DC 7 125.26 15.90 31.67
C ARG DC 7 124.40 15.22 30.62
N GLY DC 8 123.44 14.41 31.03
CA GLY DC 8 122.60 13.71 30.08
C GLY DC 8 121.61 12.82 30.79
N THR DC 9 121.20 11.77 30.08
CA THR DC 9 120.18 10.84 30.55
C THR DC 9 120.66 9.40 30.41
N LEU DC 10 120.04 8.51 31.17
CA LEU DC 10 120.17 7.07 30.98
C LEU DC 10 118.77 6.44 31.03
N LYS DC 11 118.52 5.50 30.14
CA LYS DC 11 117.20 4.90 30.05
C LYS DC 11 117.31 3.41 29.74
N GLY DC 12 116.25 2.68 30.08
CA GLY DC 12 116.28 1.23 29.97
C GLY DC 12 115.49 0.53 31.06
N HIS DC 13 114.97 1.29 32.02
CA HIS DC 13 114.19 0.71 33.10
C HIS DC 13 112.71 1.02 32.93
N ASN DC 14 111.86 0.11 33.41
CA ASN DC 14 110.42 0.34 33.49
C ASN DC 14 109.96 0.61 34.91
N GLY DC 15 110.88 0.65 35.87
CA GLY DC 15 110.50 0.89 37.25
C GLY DC 15 111.28 2.03 37.87
N TRP DC 16 111.03 2.29 39.16
CA TRP DC 16 111.74 3.35 39.85
C TRP DC 16 113.10 2.86 40.30
N VAL DC 17 114.14 3.58 39.90
CA VAL DC 17 115.52 3.25 40.21
C VAL DC 17 115.76 3.54 41.68
N THR DC 18 115.80 2.49 42.49
CA THR DC 18 115.90 2.65 43.94
C THR DC 18 117.33 2.68 44.45
N GLN DC 19 118.28 2.06 43.76
CA GLN DC 19 119.67 2.06 44.18
C GLN DC 19 120.59 2.18 42.97
N ILE DC 20 121.67 2.92 43.14
CA ILE DC 20 122.75 3.01 42.16
C ILE DC 20 124.05 2.79 42.91
N ALA DC 21 124.89 1.88 42.40
CA ALA DC 21 126.13 1.53 43.09
C ALA DC 21 127.30 1.59 42.13
N THR DC 22 128.44 2.01 42.67
CA THR DC 22 129.71 2.03 41.96
C THR DC 22 130.71 1.18 42.73
N THR DC 23 131.92 1.08 42.19
CA THR DC 23 132.97 0.40 42.93
C THR DC 23 134.03 1.40 43.32
N PRO DC 24 134.79 1.18 44.39
CA PRO DC 24 135.97 2.04 44.62
C PRO DC 24 137.07 1.80 43.62
N GLN DC 25 137.15 0.58 43.08
CA GLN DC 25 138.35 0.17 42.37
C GLN DC 25 138.26 0.43 40.87
N PHE DC 26 137.08 0.25 40.28
CA PHE DC 26 136.89 0.47 38.84
C PHE DC 26 135.57 1.20 38.60
N PRO DC 27 135.61 2.51 38.42
CA PRO DC 27 134.36 3.27 38.30
C PRO DC 27 133.75 3.27 36.91
N ASP DC 28 134.16 2.34 36.04
CA ASP DC 28 133.59 2.31 34.70
C ASP DC 28 132.23 1.59 34.69
N MET DC 29 131.93 0.85 35.76
CA MET DC 29 130.71 0.06 35.87
C MET DC 29 129.69 0.79 36.73
N ILE DC 30 128.44 0.79 36.31
CA ILE DC 30 127.35 1.36 37.09
C ILE DC 30 126.30 0.29 37.30
N LEU DC 31 126.04 -0.08 38.55
CA LEU DC 31 125.08 -1.13 38.82
C LEU DC 31 123.80 -0.50 39.36
N SER DC 32 122.73 -0.56 38.59
CA SER DC 32 121.49 0.12 38.92
C SER DC 32 120.40 -0.90 39.20
N ALA DC 33 119.83 -0.82 40.39
CA ALA DC 33 118.65 -1.59 40.76
C ALA DC 33 117.43 -0.72 40.56
N SER DC 34 116.31 -1.36 40.21
CA SER DC 34 115.11 -0.61 39.89
C SER DC 34 113.88 -1.40 40.31
N ARG DC 35 112.72 -0.79 40.11
CA ARG DC 35 111.46 -1.46 40.40
C ARG DC 35 110.87 -2.15 39.19
N ASP DC 36 111.70 -2.68 38.30
CA ASP DC 36 111.23 -3.54 37.23
C ASP DC 36 111.72 -4.98 37.39
N LYS DC 37 111.94 -5.41 38.64
CA LYS DC 37 112.38 -6.75 39.04
C LYS DC 37 113.75 -7.14 38.48
N THR DC 38 114.53 -6.16 37.99
CA THR DC 38 115.80 -6.44 37.36
C THR DC 38 116.89 -5.60 37.99
N ILE DC 39 118.14 -5.98 37.74
CA ILE DC 39 119.29 -5.13 37.97
C ILE DC 39 119.99 -4.98 36.63
N ILE DC 40 120.53 -3.80 36.35
CA ILE DC 40 121.21 -3.55 35.08
C ILE DC 40 122.63 -3.10 35.38
N MET DC 41 123.60 -3.77 34.76
CA MET DC 41 124.96 -3.29 34.78
C MET DC 41 125.16 -2.40 33.56
N TRP DC 42 125.86 -1.30 33.74
CA TRP DC 42 126.11 -0.31 32.71
C TRP DC 42 127.62 -0.17 32.54
N LYS DC 43 128.07 -0.04 31.30
CA LYS DC 43 129.43 0.42 31.05
C LYS DC 43 129.39 1.88 30.65
N LEU DC 44 130.34 2.65 31.17
CA LEU DC 44 130.41 4.08 30.90
C LEU DC 44 131.37 4.33 29.75
N THR DC 45 131.19 5.47 29.07
CA THR DC 45 132.09 5.87 27.99
C THR DC 45 132.59 7.31 28.14
N ARG DC 46 131.92 8.13 28.97
CA ARG DC 46 132.05 9.59 28.97
C ARG DC 46 131.85 10.16 27.56
N ASP DC 47 130.64 10.02 27.04
CA ASP DC 47 130.25 10.69 25.80
C ASP DC 47 129.08 11.62 26.09
N GLU DC 48 128.85 12.56 25.18
CA GLU DC 48 127.93 13.68 25.38
C GLU DC 48 126.48 13.21 25.39
N THR DC 49 126.18 12.20 24.56
CA THR DC 49 124.79 11.77 24.42
C THR DC 49 124.48 10.61 25.36
N ASN DC 50 125.21 9.50 25.23
CA ASN DC 50 125.02 8.32 26.08
C ASN DC 50 126.25 8.19 26.98
N TYR DC 51 126.08 8.56 28.25
CA TYR DC 51 127.19 8.46 29.18
C TYR DC 51 127.48 7.00 29.53
N GLY DC 52 126.46 6.15 29.43
CA GLY DC 52 126.64 4.72 29.63
C GLY DC 52 125.65 3.94 28.78
N ILE DC 53 125.88 2.64 28.73
CA ILE DC 53 125.03 1.71 27.97
C ILE DC 53 124.82 0.45 28.81
N PRO DC 54 123.65 -0.17 28.68
CA PRO DC 54 123.39 -1.40 29.45
C PRO DC 54 124.04 -2.62 28.83
N GLN DC 55 124.65 -3.45 29.68
CA GLN DC 55 125.36 -4.65 29.24
C GLN DC 55 124.70 -5.94 29.70
N ARG DC 56 124.55 -6.13 31.01
CA ARG DC 56 124.02 -7.39 31.52
C ARG DC 56 122.83 -7.12 32.42
N ALA DC 57 121.80 -7.93 32.26
CA ALA DC 57 120.62 -7.89 33.09
C ALA DC 57 120.71 -9.02 34.12
N LEU DC 58 120.74 -8.64 35.39
CA LEU DC 58 120.65 -9.59 36.49
C LEU DC 58 119.18 -9.76 36.82
N ARG DC 59 118.62 -10.88 36.37
CA ARG DC 59 117.23 -11.23 36.60
C ARG DC 59 117.21 -12.44 37.52
N GLY DC 60 116.15 -12.57 38.33
CA GLY DC 60 116.15 -13.64 39.31
C GLY DC 60 115.38 -13.39 40.58
N HIS DC 61 114.98 -12.15 40.87
CA HIS DC 61 114.16 -11.90 42.04
C HIS DC 61 112.68 -12.07 41.74
N SER DC 62 111.88 -12.13 42.80
CA SER DC 62 110.43 -12.27 42.70
C SER DC 62 109.71 -10.94 42.75
N HIS DC 63 110.37 -9.88 43.18
CA HIS DC 63 109.76 -8.57 43.31
C HIS DC 63 110.84 -7.54 43.05
N PHE DC 64 110.62 -6.32 43.51
CA PHE DC 64 111.54 -5.20 43.23
C PHE DC 64 112.86 -5.44 43.96
N VAL DC 65 113.94 -4.91 43.40
CA VAL DC 65 115.25 -5.04 44.01
C VAL DC 65 115.46 -3.83 44.91
N SER DC 66 115.37 -4.05 46.22
CA SER DC 66 115.39 -2.95 47.17
C SER DC 66 116.77 -2.32 47.27
N ASP DC 67 117.78 -3.12 47.65
CA ASP DC 67 119.11 -2.59 47.90
C ASP DC 67 120.13 -3.44 47.18
N VAL DC 68 121.05 -2.77 46.48
CA VAL DC 68 122.15 -3.44 45.78
C VAL DC 68 123.45 -2.76 46.22
N VAL DC 69 124.52 -3.55 46.26
CA VAL DC 69 125.85 -3.04 46.59
C VAL DC 69 126.87 -3.94 45.92
N ILE DC 70 128.03 -3.37 45.56
CA ILE DC 70 129.07 -4.09 44.83
C ILE DC 70 130.20 -4.37 45.81
N SER DC 71 130.86 -5.52 45.64
CA SER DC 71 131.88 -5.97 46.59
C SER DC 71 133.14 -5.13 46.49
N SER DC 72 134.12 -5.48 47.33
CA SER DC 72 135.35 -4.70 47.45
C SER DC 72 136.22 -4.83 46.20
N ASP DC 73 136.06 -5.93 45.47
CA ASP DC 73 136.88 -6.17 44.29
C ASP DC 73 136.33 -5.51 43.04
N GLY DC 74 135.02 -5.25 42.99
CA GLY DC 74 134.35 -5.03 41.73
C GLY DC 74 133.92 -6.31 41.05
N GLN DC 75 133.74 -7.39 41.81
CA GLN DC 75 133.47 -8.69 41.23
C GLN DC 75 132.03 -9.11 41.44
N PHE DC 76 131.57 -9.12 42.69
CA PHE DC 76 130.25 -9.64 43.06
C PHE DC 76 129.34 -8.52 43.51
N ALA DC 77 128.07 -8.84 43.68
CA ALA DC 77 127.07 -7.86 44.06
C ALA DC 77 126.01 -8.46 44.97
N LEU DC 78 125.78 -7.83 46.12
CA LEU DC 78 124.70 -8.22 47.02
C LEU DC 78 123.44 -7.48 46.61
N SER DC 79 122.31 -8.19 46.60
CA SER DC 79 121.03 -7.60 46.29
C SER DC 79 119.96 -8.22 47.16
N GLY DC 80 119.24 -7.38 47.91
CA GLY DC 80 118.09 -7.87 48.68
C GLY DC 80 116.78 -7.49 48.04
N SER DC 81 115.72 -8.29 48.23
CA SER DC 81 114.48 -7.99 47.55
C SER DC 81 113.28 -8.02 48.48
N TRP DC 82 112.12 -7.68 47.89
CA TRP DC 82 110.88 -7.64 48.65
C TRP DC 82 110.29 -9.03 48.85
N ASP DC 83 110.89 -10.05 48.22
CA ASP DC 83 110.40 -11.39 48.49
C ASP DC 83 110.81 -11.88 49.87
N GLY DC 84 111.87 -11.29 50.43
CA GLY DC 84 112.41 -11.72 51.70
C GLY DC 84 113.74 -12.43 51.59
N THR DC 85 114.40 -12.36 50.42
CA THR DC 85 115.64 -13.08 50.21
C THR DC 85 116.72 -12.12 49.74
N LEU DC 86 117.97 -12.52 49.99
CA LEU DC 86 119.15 -11.85 49.47
C LEU DC 86 119.78 -12.75 48.43
N ARG DC 87 120.59 -12.16 47.55
CA ARG DC 87 121.23 -12.92 46.49
C ARG DC 87 122.54 -12.26 46.09
N LEU DC 88 123.60 -13.07 45.98
CA LEU DC 88 124.91 -12.61 45.55
C LEU DC 88 125.09 -12.94 44.07
N TRP DC 89 125.49 -11.94 43.29
CA TRP DC 89 125.53 -12.00 41.85
C TRP DC 89 126.97 -11.95 41.37
N ASP DC 90 127.27 -12.74 40.35
CA ASP DC 90 128.53 -12.65 39.62
C ASP DC 90 128.33 -11.70 38.45
N LEU DC 91 129.03 -10.56 38.47
CA LEU DC 91 128.78 -9.52 37.48
C LEU DC 91 129.32 -9.90 36.11
N THR DC 92 130.25 -10.86 36.08
CA THR DC 92 130.89 -11.22 34.81
C THR DC 92 129.98 -12.09 33.95
N THR DC 93 129.03 -12.81 34.56
CA THR DC 93 128.29 -13.83 33.84
C THR DC 93 126.79 -13.75 34.11
N GLY DC 94 126.40 -13.22 35.27
CA GLY DC 94 125.00 -13.08 35.62
C GLY DC 94 124.39 -14.29 36.28
N THR DC 95 125.21 -15.26 36.65
CA THR DC 95 124.71 -16.47 37.30
C THR DC 95 124.71 -16.33 38.81
N THR DC 96 123.58 -16.70 39.43
CA THR DC 96 123.42 -16.63 40.88
C THR DC 96 124.41 -17.48 41.65
N THR DC 97 125.20 -16.84 42.52
CA THR DC 97 126.21 -17.54 43.29
C THR DC 97 125.60 -18.20 44.52
N ARG DC 98 124.99 -17.40 45.39
CA ARG DC 98 124.43 -17.93 46.62
C ARG DC 98 123.25 -17.08 47.05
N ARG DC 99 122.19 -17.74 47.53
CA ARG DC 99 120.99 -17.09 48.01
C ARG DC 99 120.93 -17.18 49.52
N PHE DC 100 120.44 -16.12 50.15
CA PHE DC 100 120.39 -15.99 51.60
C PHE DC 100 118.92 -15.92 51.99
N VAL DC 101 118.43 -16.98 52.63
CA VAL DC 101 117.00 -17.13 52.95
C VAL DC 101 116.87 -17.21 54.45
N GLY DC 102 115.81 -16.62 55.01
CA GLY DC 102 115.63 -16.59 56.44
C GLY DC 102 114.93 -15.33 56.93
N HIS DC 103 114.70 -14.40 56.02
CA HIS DC 103 113.88 -13.24 56.34
C HIS DC 103 112.46 -13.49 55.87
N THR DC 104 111.49 -12.95 56.61
CA THR DC 104 110.10 -13.33 56.40
C THR DC 104 109.47 -12.56 55.25
N LYS DC 105 109.33 -11.24 55.41
CA LYS DC 105 108.40 -10.50 54.57
C LYS DC 105 109.18 -9.80 53.46
N ASP DC 106 110.08 -8.87 53.77
CA ASP DC 106 110.86 -8.18 52.76
C ASP DC 106 112.31 -8.16 53.21
N VAL DC 107 113.19 -7.63 52.36
CA VAL DC 107 114.54 -7.24 52.73
C VAL DC 107 114.75 -5.82 52.24
N LEU DC 108 114.85 -4.87 53.16
CA LEU DC 108 114.93 -3.47 52.80
C LEU DC 108 116.35 -2.98 52.56
N SER DC 109 117.34 -3.49 53.28
CA SER DC 109 118.69 -3.01 53.05
C SER DC 109 119.70 -4.13 53.29
N VAL DC 110 120.77 -4.11 52.51
CA VAL DC 110 121.83 -5.09 52.60
C VAL DC 110 123.17 -4.39 52.40
N ALA DC 111 124.07 -4.56 53.35
CA ALA DC 111 125.43 -4.06 53.20
C ALA DC 111 126.38 -5.14 53.69
N PHE DC 112 127.68 -4.84 53.60
CA PHE DC 112 128.70 -5.79 53.96
C PHE DC 112 129.89 -5.04 54.54
N SER DC 113 130.59 -5.69 55.46
CA SER DC 113 131.68 -5.06 56.17
C SER DC 113 132.89 -4.83 55.25
N SER DC 114 133.85 -4.04 55.75
CA SER DC 114 134.94 -3.56 54.91
C SER DC 114 135.93 -4.68 54.59
N ASP DC 115 135.90 -5.76 55.34
CA ASP DC 115 136.73 -6.93 55.06
C ASP DC 115 136.05 -7.95 54.16
N ASN DC 116 134.81 -7.66 53.72
CA ASN DC 116 133.98 -8.52 52.89
C ASN DC 116 133.76 -9.89 53.53
N ARG DC 117 133.43 -9.89 54.82
CA ARG DC 117 133.20 -11.13 55.56
C ARG DC 117 131.83 -11.13 56.22
N GLN DC 118 131.38 -9.98 56.69
CA GLN DC 118 130.10 -9.82 57.36
C GLN DC 118 129.10 -9.28 56.35
N ILE DC 119 127.89 -9.84 56.32
CA ILE DC 119 126.81 -9.28 55.51
C ILE DC 119 125.64 -8.92 56.42
N VAL DC 120 125.38 -7.63 56.56
CA VAL DC 120 124.28 -7.13 57.36
C VAL DC 120 123.05 -7.02 56.47
N SER DC 121 121.94 -7.59 56.94
CA SER DC 121 120.68 -7.55 56.20
C SER DC 121 119.56 -7.08 57.12
N GLY DC 122 118.99 -5.93 56.79
CA GLY DC 122 117.88 -5.38 57.53
C GLY DC 122 116.59 -5.57 56.76
N SER DC 123 115.61 -6.18 57.44
CA SER DC 123 114.43 -6.73 56.79
C SER DC 123 113.17 -6.03 57.25
N ARG DC 124 112.02 -6.61 56.89
CA ARG DC 124 110.74 -5.98 57.17
C ARG DC 124 110.16 -6.47 58.49
N ASP DC 125 110.61 -7.64 58.96
CA ASP DC 125 110.08 -8.21 60.19
C ASP DC 125 110.87 -7.73 61.40
N LYS DC 126 111.41 -6.51 61.31
CA LYS DC 126 112.15 -5.81 62.36
C LYS DC 126 113.42 -6.57 62.76
N THR DC 127 114.10 -7.15 61.77
CA THR DC 127 115.25 -8.00 62.03
C THR DC 127 116.48 -7.50 61.28
N ILE DC 128 117.63 -7.67 61.94
CA ILE DC 128 118.94 -7.43 61.35
C ILE DC 128 119.75 -8.70 61.53
N LYS DC 129 120.05 -9.38 60.42
CA LYS DC 129 120.82 -10.61 60.48
C LYS DC 129 122.23 -10.39 59.96
N LEU DC 130 123.16 -11.18 60.49
CA LEU DC 130 124.55 -11.18 60.06
C LEU DC 130 124.81 -12.49 59.33
N TRP DC 131 124.95 -12.40 58.01
CA TRP DC 131 125.17 -13.55 57.15
C TRP DC 131 126.65 -13.75 56.90
N ASN DC 132 127.04 -15.02 56.88
CA ASN DC 132 128.31 -15.45 56.32
C ASN DC 132 128.23 -15.30 54.80
N THR DC 133 129.38 -15.01 54.20
CA THR DC 133 129.41 -14.72 52.77
C THR DC 133 129.16 -15.96 51.92
N LEU DC 134 129.33 -17.15 52.50
CA LEU DC 134 129.11 -18.35 51.72
C LEU DC 134 127.69 -18.87 51.88
N GLY DC 135 126.88 -18.21 52.70
CA GLY DC 135 125.48 -18.55 52.77
C GLY DC 135 124.91 -18.69 54.17
N VAL DC 136 125.64 -19.37 55.06
CA VAL DC 136 125.14 -19.69 56.39
C VAL DC 136 126.33 -19.83 57.32
N CYS DC 137 126.14 -19.46 58.59
CA CYS DC 137 127.10 -19.72 59.64
C CYS DC 137 126.33 -19.99 60.93
N LYS DC 138 127.04 -20.53 61.91
CA LYS DC 138 126.47 -20.62 63.25
C LYS DC 138 126.46 -19.24 63.91
N TYR DC 139 127.31 -18.34 63.44
CA TYR DC 139 127.24 -16.93 63.79
C TYR DC 139 126.30 -16.26 62.79
N THR DC 140 125.00 -16.47 62.99
CA THR DC 140 123.97 -15.73 62.30
C THR DC 140 123.04 -15.17 63.37
N VAL DC 141 123.22 -13.90 63.69
CA VAL DC 141 122.61 -13.28 64.85
C VAL DC 141 121.39 -12.49 64.42
N GLN DC 142 120.24 -12.85 64.97
CA GLN DC 142 118.98 -12.19 64.67
C GLN DC 142 118.62 -11.28 65.85
N ASP DC 143 118.42 -10.00 65.56
CA ASP DC 143 118.26 -8.98 66.59
C ASP DC 143 116.83 -8.47 66.61
N GLU DC 144 116.35 -8.11 67.80
CA GLU DC 144 115.04 -7.51 67.99
C GLU DC 144 115.13 -6.50 69.13
N SER DC 145 115.37 -5.24 68.80
CA SER DC 145 115.23 -4.16 69.76
C SER DC 145 114.49 -3.01 69.08
N HIS DC 146 114.19 -3.19 67.81
CA HIS DC 146 113.37 -2.27 67.04
C HIS DC 146 111.91 -2.66 67.22
N SER DC 147 111.12 -1.76 67.79
CA SER DC 147 109.70 -2.01 67.92
C SER DC 147 108.95 -1.73 66.62
N GLU DC 148 109.60 -1.07 65.66
CA GLU DC 148 109.04 -0.86 64.33
C GLU DC 148 110.12 -1.19 63.31
N TRP DC 149 109.88 -0.80 62.07
CA TRP DC 149 110.62 -1.36 60.93
C TRP DC 149 112.06 -0.88 60.87
N VAL DC 150 112.86 -1.60 60.07
CA VAL DC 150 114.26 -1.29 59.84
C VAL DC 150 114.43 -0.95 58.36
N SER DC 151 114.74 0.30 58.07
CA SER DC 151 114.67 0.74 56.68
C SER DC 151 116.05 0.85 56.03
N CYS DC 152 117.09 1.07 56.83
CA CYS DC 152 118.43 1.21 56.26
C CYS DC 152 119.46 0.76 57.28
N VAL DC 153 120.42 -0.04 56.81
CA VAL DC 153 121.55 -0.49 57.63
C VAL DC 153 122.83 -0.19 56.88
N ARG DC 154 123.84 0.28 57.62
CA ARG DC 154 125.17 0.54 57.08
C ARG DC 154 126.21 0.04 58.08
N PHE DC 155 127.48 0.12 57.68
CA PHE DC 155 128.57 -0.55 58.38
C PHE DC 155 129.71 0.44 58.59
N SER DC 156 130.46 0.26 59.68
CA SER DC 156 131.69 1.01 59.90
C SER DC 156 132.64 0.30 60.88
N PRO DC 157 133.39 -0.70 60.45
CA PRO DC 157 134.56 -1.11 61.24
C PRO DC 157 135.75 -0.20 60.95
N ASN DC 158 136.05 0.68 61.92
CA ASN DC 158 137.07 1.69 61.69
C ASN DC 158 138.42 1.02 61.85
N SER DC 159 138.81 0.63 63.07
CA SER DC 159 139.94 -0.28 63.23
C SER DC 159 139.51 -1.50 64.04
N SER DC 160 138.95 -1.26 65.22
CA SER DC 160 138.66 -2.29 66.20
C SER DC 160 137.19 -2.36 66.59
N ASN DC 161 136.33 -1.58 65.96
CA ASN DC 161 134.93 -1.45 66.38
C ASN DC 161 133.97 -2.05 65.36
N PRO DC 162 133.51 -3.29 65.56
CA PRO DC 162 132.50 -3.85 64.65
C PRO DC 162 131.14 -3.20 64.83
N ILE DC 163 130.99 -2.01 64.25
CA ILE DC 163 129.80 -1.19 64.42
C ILE DC 163 128.96 -1.30 63.16
N ILE DC 164 127.67 -1.61 63.34
CA ILE DC 164 126.71 -1.40 62.25
C ILE DC 164 125.61 -0.48 62.75
N VAL DC 165 125.20 0.43 61.88
CA VAL DC 165 124.27 1.51 62.24
C VAL DC 165 122.97 1.27 61.48
N SER DC 166 121.84 1.53 62.14
CA SER DC 166 120.55 1.13 61.61
C SER DC 166 119.48 2.16 61.92
N CYS DC 167 118.52 2.26 61.01
CA CYS DC 167 117.32 3.07 61.19
C CYS DC 167 116.27 2.23 61.89
N GLY DC 168 115.64 2.79 62.92
CA GLY DC 168 114.47 2.19 63.52
C GLY DC 168 113.31 3.18 63.47
N TRP DC 169 112.16 2.69 63.02
CA TRP DC 169 110.97 3.55 62.95
C TRP DC 169 110.24 3.65 64.28
N ASP DC 170 110.92 3.34 65.38
CA ASP DC 170 110.53 3.79 66.71
C ASP DC 170 111.23 5.10 67.04
N LYS DC 171 111.48 5.90 66.00
CA LYS DC 171 112.13 7.21 66.06
C LYS DC 171 113.56 7.09 66.59
N LEU DC 172 114.29 6.10 66.10
CA LEU DC 172 115.60 5.81 66.68
C LEU DC 172 116.65 5.55 65.62
N VAL DC 173 117.89 5.82 65.99
CA VAL DC 173 119.06 5.31 65.28
C VAL DC 173 119.80 4.38 66.25
N LYS DC 174 120.06 3.15 65.83
CA LYS DC 174 120.66 2.18 66.74
C LYS DC 174 122.01 1.71 66.23
N VAL DC 175 122.95 1.55 67.16
CA VAL DC 175 124.31 1.13 66.88
C VAL DC 175 124.49 -0.25 67.50
N TRP DC 176 124.96 -1.20 66.70
CA TRP DC 176 125.15 -2.57 67.13
C TRP DC 176 126.63 -2.92 67.14
N ASN DC 177 127.07 -3.46 68.27
CA ASN DC 177 128.40 -4.04 68.40
C ASN DC 177 128.29 -5.51 68.00
N LEU DC 178 129.06 -5.91 66.98
CA LEU DC 178 128.90 -7.26 66.45
C LEU DC 178 129.65 -8.28 67.27
N ALA DC 179 130.65 -7.86 68.02
CA ALA DC 179 131.34 -8.79 68.92
C ALA DC 179 130.47 -9.12 70.13
N ASN DC 180 129.88 -8.09 70.74
CA ASN DC 180 128.95 -8.26 71.84
C ASN DC 180 127.60 -8.80 71.38
N CYS DC 181 127.29 -8.67 70.08
CA CYS DC 181 125.98 -8.98 69.48
C CYS DC 181 124.86 -8.17 70.14
N LYS DC 182 125.20 -6.96 70.61
CA LYS DC 182 124.28 -6.21 71.45
C LYS DC 182 124.20 -4.75 71.00
N LEU DC 183 123.09 -4.14 71.41
CA LEU DC 183 122.83 -2.73 71.19
C LEU DC 183 123.80 -1.91 72.04
N LYS DC 184 124.80 -1.31 71.40
CA LYS DC 184 125.74 -0.49 72.13
C LYS DC 184 125.16 0.89 72.43
N THR DC 185 124.52 1.50 71.43
CA THR DC 185 124.15 2.91 71.55
C THR DC 185 122.80 3.17 70.89
N ASN DC 186 121.93 3.88 71.61
CA ASN DC 186 120.69 4.42 71.06
C ASN DC 186 120.92 5.87 70.69
N HIS DC 187 120.11 6.38 69.76
CA HIS DC 187 120.13 7.78 69.37
C HIS DC 187 118.71 8.26 69.13
N ILE DC 188 118.31 9.29 69.87
CA ILE DC 188 116.91 9.65 70.08
C ILE DC 188 116.69 11.05 69.52
N GLY DC 189 115.56 11.26 68.82
CA GLY DC 189 115.19 12.62 68.48
C GLY DC 189 114.45 12.89 67.19
N HIS DC 190 114.30 11.89 66.32
CA HIS DC 190 113.51 12.08 65.11
C HIS DC 190 112.03 12.25 65.44
N THR DC 191 111.46 13.40 65.03
CA THR DC 191 110.03 13.59 65.20
C THR DC 191 109.24 12.75 64.21
N GLY DC 192 109.76 12.58 63.00
CA GLY DC 192 109.11 11.72 62.04
C GLY DC 192 109.70 10.33 62.04
N TYR DC 193 109.52 9.60 60.95
CA TYR DC 193 110.08 8.27 60.78
C TYR DC 193 111.12 8.32 59.66
N LEU DC 194 112.34 7.97 60.00
CA LEU DC 194 113.50 8.22 59.15
C LEU DC 194 113.65 7.07 58.15
N ASN DC 195 114.19 7.37 56.97
CA ASN DC 195 114.37 6.33 55.97
C ASN DC 195 115.81 5.85 55.92
N THR DC 196 116.77 6.77 55.84
CA THR DC 196 118.14 6.41 55.53
C THR DC 196 119.10 6.89 56.61
N VAL DC 197 120.23 6.19 56.70
CA VAL DC 197 121.35 6.57 57.54
C VAL DC 197 122.62 6.31 56.75
N THR DC 198 123.60 7.21 56.89
CA THR DC 198 124.84 7.11 56.16
C THR DC 198 125.98 7.65 57.02
N VAL DC 199 127.20 7.23 56.71
CA VAL DC 199 128.34 7.49 57.57
C VAL DC 199 129.43 8.22 56.79
N SER DC 200 130.23 8.97 57.52
CA SER DC 200 131.49 9.47 57.01
C SER DC 200 132.48 8.32 56.94
N PRO DC 201 133.47 8.40 56.03
CA PRO DC 201 134.40 7.26 55.88
C PRO DC 201 135.31 7.00 57.07
N ASP DC 202 135.47 7.98 57.96
CA ASP DC 202 136.25 7.74 59.17
C ASP DC 202 135.39 7.27 60.33
N GLY DC 203 134.07 7.20 60.15
CA GLY DC 203 133.17 6.84 61.21
C GLY DC 203 132.89 7.95 62.19
N SER DC 204 133.30 9.19 61.88
CA SER DC 204 133.14 10.28 62.82
C SER DC 204 131.75 10.90 62.74
N LEU DC 205 131.25 11.14 61.53
CA LEU DC 205 130.00 11.86 61.34
C LEU DC 205 128.95 10.90 60.79
N CYS DC 206 127.70 11.08 61.22
CA CYS DC 206 126.64 10.17 60.82
C CYS DC 206 125.38 10.97 60.53
N ALA DC 207 124.86 10.82 59.32
CA ALA DC 207 123.69 11.56 58.88
C ALA DC 207 122.47 10.64 58.84
N SER DC 208 121.35 11.16 59.32
CA SER DC 208 120.10 10.40 59.34
C SER DC 208 118.98 11.27 58.81
N GLY DC 209 118.22 10.72 57.87
CA GLY DC 209 117.20 11.49 57.19
C GLY DC 209 115.90 10.74 57.03
N GLY DC 210 114.83 11.49 56.83
CA GLY DC 210 113.52 10.88 56.63
C GLY DC 210 112.37 11.80 56.30
N LYS DC 211 111.20 11.53 56.91
CA LYS DC 211 109.98 12.21 56.51
C LYS DC 211 109.93 13.63 57.05
N ASP DC 212 110.35 13.83 58.30
CA ASP DC 212 110.13 15.09 58.98
C ASP DC 212 111.07 16.22 58.53
N GLY DC 213 111.93 15.97 57.54
CA GLY DC 213 112.83 16.99 57.09
C GLY DC 213 113.94 17.33 58.05
N GLN DC 214 114.18 16.48 59.03
CA GLN DC 214 115.15 16.73 60.08
C GLN DC 214 116.41 15.93 59.80
N ALA DC 215 117.31 16.53 59.02
CA ALA DC 215 118.60 15.93 58.72
C ALA DC 215 119.40 15.96 60.01
N MET DC 216 119.38 14.85 60.74
CA MET DC 216 119.87 14.80 62.10
C MET DC 216 121.25 14.16 62.10
N LEU DC 217 122.21 14.85 62.71
CA LEU DC 217 123.61 14.46 62.65
C LEU DC 217 124.03 13.91 64.00
N TRP DC 218 124.89 12.91 63.98
CA TRP DC 218 125.32 12.21 65.17
C TRP DC 218 126.83 12.02 65.11
N ASP DC 219 127.51 12.37 66.20
CA ASP DC 219 128.94 12.12 66.31
C ASP DC 219 129.07 10.63 66.61
N LEU DC 220 129.24 9.85 65.54
CA LEU DC 220 129.13 8.39 65.64
C LEU DC 220 130.28 7.79 66.44
N ASN DC 221 131.45 8.45 66.39
CA ASN DC 221 132.57 8.02 67.21
C ASN DC 221 132.28 8.24 68.69
N GLU DC 222 131.70 9.39 69.03
CA GLU DC 222 131.42 9.68 70.43
C GLU DC 222 130.10 9.07 70.86
N GLY DC 223 129.18 8.84 69.92
CA GLY DC 223 127.85 8.43 70.29
C GLY DC 223 126.99 9.55 70.83
N LYS DC 224 127.30 10.80 70.49
CA LYS DC 224 126.54 11.95 70.92
C LYS DC 224 126.04 12.74 69.71
N HIS DC 225 125.15 13.67 69.98
CA HIS DC 225 124.49 14.45 68.94
C HIS DC 225 125.25 15.73 68.66
N LEU DC 226 125.28 16.15 67.40
CA LEU DC 226 125.81 17.47 67.10
C LEU DC 226 124.71 18.49 66.82
N TYR DC 227 123.91 18.28 65.78
CA TYR DC 227 122.90 19.25 65.36
C TYR DC 227 121.94 18.61 64.38
N THR DC 228 120.84 19.33 64.12
CA THR DC 228 119.76 18.87 63.24
C THR DC 228 119.36 19.99 62.30
N LEU DC 229 119.17 19.66 61.03
CA LEU DC 229 118.80 20.61 59.99
C LEU DC 229 117.34 20.44 59.62
N ASP DC 230 116.69 21.55 59.28
CA ASP DC 230 115.30 21.53 58.80
C ASP DC 230 115.32 21.72 57.29
N GLY DC 231 115.32 20.59 56.56
CA GLY DC 231 115.29 20.67 55.12
C GLY DC 231 113.92 21.05 54.58
N GLY DC 232 112.87 20.70 55.30
CA GLY DC 232 111.52 21.07 54.94
C GLY DC 232 110.73 20.00 54.20
N ASP DC 233 111.40 19.04 53.56
CA ASP DC 233 110.73 18.02 52.78
C ASP DC 233 111.27 16.64 53.14
N ILE DC 234 110.63 15.63 52.58
CA ILE DC 234 110.95 14.24 52.90
C ILE DC 234 112.31 13.88 52.34
N ILE DC 235 113.08 13.11 53.10
CA ILE DC 235 114.45 12.77 52.77
C ILE DC 235 114.51 11.29 52.46
N ASN DC 236 114.62 10.93 51.19
CA ASN DC 236 114.69 9.53 50.83
C ASN DC 236 116.12 9.00 50.95
N ALA DC 237 117.11 9.82 50.61
CA ALA DC 237 118.48 9.34 50.60
C ALA DC 237 119.47 10.46 50.90
N LEU DC 238 120.47 10.14 51.71
CA LEU DC 238 121.57 11.03 52.06
C LEU DC 238 122.87 10.40 51.60
N CYS DC 239 123.83 11.24 51.25
CA CYS DC 239 125.08 10.75 50.69
C CYS DC 239 126.22 11.66 51.10
N PHE DC 240 127.38 11.05 51.33
CA PHE DC 240 128.60 11.75 51.71
C PHE DC 240 129.62 11.75 50.59
N SER DC 241 130.03 12.93 50.18
CA SER DC 241 131.25 13.08 49.41
C SER DC 241 132.44 12.76 50.31
N PRO DC 242 133.25 11.76 49.97
CA PRO DC 242 134.36 11.39 50.85
C PRO DC 242 135.53 12.37 50.83
N ASN DC 243 135.62 13.22 49.81
CA ASN DC 243 136.71 14.18 49.72
C ASN DC 243 136.36 15.57 50.26
N ARG DC 244 135.09 15.82 50.57
CA ARG DC 244 134.65 17.12 51.02
C ARG DC 244 133.82 16.98 52.28
N TYR DC 245 133.42 18.12 52.83
CA TYR DC 245 132.52 18.13 53.99
C TYR DC 245 131.07 18.35 53.58
N TRP DC 246 130.70 17.83 52.41
CA TRP DC 246 129.39 18.04 51.84
C TRP DC 246 128.43 16.95 52.25
N LEU DC 247 127.25 17.35 52.70
CA LEU DC 247 126.12 16.45 52.91
C LEU DC 247 125.19 16.61 51.71
N CYS DC 248 125.21 15.65 50.80
CA CYS DC 248 124.40 15.72 49.59
C CYS DC 248 123.08 15.00 49.88
N ALA DC 249 121.97 15.66 49.62
CA ALA DC 249 120.67 15.16 50.02
C ALA DC 249 119.75 15.06 48.82
N ALA DC 250 119.31 13.85 48.53
CA ALA DC 250 118.25 13.62 47.58
C ALA DC 250 116.92 13.76 48.33
N THR DC 251 116.41 14.98 48.41
CA THR DC 251 115.21 15.27 49.19
C THR DC 251 113.97 15.02 48.33
N GLY DC 252 112.84 15.52 48.81
CA GLY DC 252 111.55 15.27 48.22
C GLY DC 252 111.42 15.71 46.77
N PRO DC 253 111.45 17.01 46.52
CA PRO DC 253 111.40 17.46 45.12
C PRO DC 253 112.74 17.46 44.42
N SER DC 254 113.83 17.76 45.14
CA SER DC 254 115.08 18.13 44.49
C SER DC 254 116.32 17.76 45.30
N ILE DC 255 117.49 18.26 44.91
CA ILE DC 255 118.76 17.93 45.55
C ILE DC 255 119.27 19.15 46.32
N LYS DC 256 119.62 18.95 47.59
CA LYS DC 256 120.19 20.01 48.41
C LYS DC 256 121.50 19.54 49.04
N ILE DC 257 122.56 20.33 48.88
CA ILE DC 257 123.85 20.01 49.48
C ILE DC 257 124.13 21.04 50.58
N TRP DC 258 124.46 20.53 51.76
CA TRP DC 258 124.65 21.35 52.95
C TRP DC 258 126.09 21.25 53.41
N ASP DC 259 126.61 22.34 53.95
CA ASP DC 259 127.97 22.38 54.46
C ASP DC 259 128.00 21.85 55.89
N LEU DC 260 129.19 21.41 56.32
CA LEU DC 260 129.36 20.79 57.63
C LEU DC 260 129.24 21.79 58.78
N GLU DC 261 130.14 22.76 58.84
CA GLU DC 261 130.04 23.77 59.88
C GLU DC 261 129.58 25.10 59.29
N GLY DC 262 129.67 25.24 57.96
CA GLY DC 262 129.11 26.39 57.29
C GLY DC 262 127.61 26.49 57.34
N LYS DC 263 126.92 25.34 57.47
CA LYS DC 263 125.47 25.24 57.69
C LYS DC 263 124.69 25.94 56.58
N ILE DC 264 125.22 25.86 55.36
CA ILE DC 264 124.77 26.71 54.27
C ILE DC 264 124.45 25.82 53.07
N ILE DC 265 123.53 26.30 52.25
CA ILE DC 265 123.13 25.62 51.02
C ILE DC 265 124.31 25.71 50.05
N VAL DC 266 125.00 24.59 49.83
CA VAL DC 266 126.12 24.59 48.90
C VAL DC 266 125.61 24.62 47.46
N ASP DC 267 124.65 23.76 47.13
CA ASP DC 267 124.01 23.77 45.83
C ASP DC 267 122.66 23.06 45.95
N GLU DC 268 121.62 23.66 45.36
CA GLU DC 268 120.31 23.04 45.27
C GLU DC 268 119.97 22.83 43.81
N LEU DC 269 120.11 21.60 43.35
CA LEU DC 269 119.81 21.23 41.97
C LEU DC 269 118.33 20.94 41.84
N LYS DC 270 117.67 21.68 40.95
CA LYS DC 270 116.30 21.41 40.52
C LYS DC 270 116.30 21.36 39.01
N GLN DC 271 115.56 20.42 38.44
CA GLN DC 271 115.58 20.20 37.00
C GLN DC 271 114.51 21.04 36.30
N GLU DC 272 114.48 20.93 34.98
CA GLU DC 272 113.47 21.62 34.19
C GLU DC 272 112.20 20.77 34.06
N VAL DC 273 111.05 21.38 34.34
CA VAL DC 273 109.78 20.68 34.51
C VAL DC 273 108.85 21.11 33.40
N ILE DC 274 108.06 20.17 32.87
CA ILE DC 274 107.13 20.42 31.78
C ILE DC 274 105.70 20.31 32.31
N SER DC 275 105.14 21.46 32.71
CA SER DC 275 103.70 21.70 32.85
C SER DC 275 102.95 20.78 33.81
N THR DC 276 103.62 20.29 34.84
CA THR DC 276 102.93 19.43 35.81
C THR DC 276 102.15 20.32 36.78
N SER DC 277 101.36 19.71 37.66
CA SER DC 277 100.60 20.44 38.66
C SER DC 277 101.50 20.80 39.83
N SER DC 278 100.86 21.24 40.93
CA SER DC 278 101.60 21.82 42.04
C SER DC 278 102.42 20.77 42.79
N LYS DC 279 101.88 19.56 42.95
CA LYS DC 279 102.58 18.50 43.66
C LYS DC 279 102.66 17.21 42.86
N ALA DC 280 102.74 17.29 41.53
CA ALA DC 280 102.89 16.12 40.67
C ALA DC 280 104.22 16.13 39.93
N GLU DC 281 105.29 16.57 40.58
CA GLU DC 281 106.58 16.70 39.91
C GLU DC 281 107.27 15.34 39.80
N PRO DC 282 108.08 15.12 38.76
CA PRO DC 282 108.78 13.84 38.60
C PRO DC 282 109.76 13.52 39.72
N PRO DC 283 110.79 14.42 40.06
CA PRO DC 283 111.93 13.89 40.82
C PRO DC 283 111.61 13.58 42.27
N GLN DC 284 110.93 12.47 42.53
CA GLN DC 284 110.90 11.90 43.88
C GLN DC 284 112.24 11.21 44.10
N CYS DC 285 113.21 12.02 44.53
CA CYS DC 285 114.62 11.65 44.48
C CYS DC 285 114.90 10.56 45.51
N THR DC 286 114.97 9.31 45.05
CA THR DC 286 115.06 8.17 45.93
C THR DC 286 116.41 7.47 45.89
N SER DC 287 117.33 7.90 45.04
CA SER DC 287 118.60 7.20 44.89
C SER DC 287 119.64 8.14 44.33
N LEU DC 288 120.70 8.36 45.10
CA LEU DC 288 121.82 9.16 44.60
C LEU DC 288 123.11 8.50 45.09
N ALA DC 289 124.15 8.66 44.30
CA ALA DC 289 125.43 8.02 44.57
C ALA DC 289 126.54 8.75 43.83
N TRP DC 290 127.62 9.05 44.56
CA TRP DC 290 128.81 9.64 43.96
C TRP DC 290 129.48 8.62 43.06
N SER DC 291 130.31 9.10 42.15
CA SER DC 291 131.28 8.23 41.53
C SER DC 291 132.47 8.07 42.46
N ALA DC 292 133.46 7.29 42.03
CA ALA DC 292 134.61 7.01 42.88
C ALA DC 292 135.50 8.22 43.04
N ASP DC 293 135.52 9.11 42.05
CA ASP DC 293 136.32 10.33 42.11
C ASP DC 293 135.59 11.51 42.72
N GLY DC 294 134.27 11.42 42.90
CA GLY DC 294 133.48 12.52 43.40
C GLY DC 294 133.15 13.60 42.39
N GLN DC 295 133.44 13.37 41.11
CA GLN DC 295 133.25 14.42 40.11
C GLN DC 295 131.84 14.38 39.53
N THR DC 296 131.18 13.25 39.62
CA THR DC 296 129.85 13.07 39.07
C THR DC 296 128.94 12.46 40.13
N LEU DC 297 127.72 12.99 40.23
CA LEU DC 297 126.66 12.40 41.03
C LEU DC 297 125.67 11.71 40.10
N PHE DC 298 125.35 10.48 40.41
CA PHE DC 298 124.30 9.71 39.75
C PHE DC 298 123.05 9.80 40.59
N ALA DC 299 121.89 9.90 39.94
CA ALA DC 299 120.64 9.91 40.68
C ALA DC 299 119.53 9.28 39.85
N GLY DC 300 118.97 8.22 40.39
CA GLY DC 300 117.88 7.51 39.75
C GLY DC 300 116.55 8.03 40.27
N TYR DC 301 115.69 8.44 39.34
CA TYR DC 301 114.45 9.10 39.74
C TYR DC 301 113.26 8.23 39.38
N THR DC 302 112.10 8.63 39.88
CA THR DC 302 110.88 7.83 39.74
C THR DC 302 110.21 8.01 38.39
N ASP DC 303 110.86 8.68 37.45
CA ASP DC 303 110.38 8.75 36.08
C ASP DC 303 111.04 7.73 35.17
N ASN DC 304 111.52 6.62 35.76
CA ASN DC 304 112.13 5.47 35.06
C ASN DC 304 113.48 5.85 34.41
N LEU DC 305 114.10 6.95 34.83
CA LEU DC 305 115.35 7.41 34.25
C LEU DC 305 116.43 7.59 35.32
N VAL DC 306 117.66 7.71 34.85
CA VAL DC 306 118.83 7.98 35.68
C VAL DC 306 119.50 9.23 35.13
N ARG DC 307 119.73 10.21 35.98
CA ARG DC 307 120.34 11.48 35.61
C ARG DC 307 121.75 11.58 36.18
N VAL DC 308 122.59 12.34 35.48
CA VAL DC 308 124.00 12.52 35.82
C VAL DC 308 124.29 14.01 35.94
N TRP DC 309 124.88 14.40 37.07
CA TRP DC 309 125.33 15.77 37.26
C TRP DC 309 126.83 15.79 37.49
N GLN DC 310 127.54 16.54 36.65
CA GLN DC 310 128.98 16.68 36.78
C GLN DC 310 129.29 18.03 37.40
N VAL DC 311 130.26 18.04 38.30
CA VAL DC 311 130.69 19.29 38.93
C VAL DC 311 131.56 20.06 37.94
N THR DC 312 131.00 21.13 37.37
CA THR DC 312 131.73 22.03 36.51
C THR DC 312 132.30 23.17 37.34
N ILE DC 313 133.45 23.67 36.89
CA ILE DC 313 134.26 24.65 37.60
C ILE DC 313 134.27 25.92 36.78
N GLY DC 314 134.21 27.08 37.44
CA GLY DC 314 134.31 28.34 36.75
C GLY DC 314 135.74 28.80 36.54
N GLY GC 1 -75.87 44.41 -39.46
CA GLY GC 1 -77.25 43.96 -39.46
C GLY GC 1 -77.42 42.56 -38.90
N VAL GC 2 -78.69 42.13 -38.80
CA VAL GC 2 -78.98 40.80 -38.26
C VAL GC 2 -78.53 39.72 -39.23
N CYS GC 3 -78.85 39.89 -40.51
CA CYS GC 3 -78.46 38.91 -41.52
C CYS GC 3 -76.96 38.90 -41.74
N ARG GC 4 -76.33 40.08 -41.69
CA ARG GC 4 -74.89 40.18 -41.83
C ARG GC 4 -74.16 39.54 -40.64
N LYS GC 5 -74.68 39.78 -39.43
CA LYS GC 5 -74.07 39.19 -38.24
C LYS GC 5 -74.26 37.69 -38.21
N ALA GC 6 -75.44 37.21 -38.63
CA ALA GC 6 -75.69 35.77 -38.67
C ALA GC 6 -74.86 35.11 -39.77
N ALA GC 7 -74.55 35.85 -40.83
CA ALA GC 7 -73.66 35.33 -41.85
C ALA GC 7 -72.23 35.24 -41.34
N GLN GC 8 -71.81 36.25 -40.57
CA GLN GC 8 -70.40 36.50 -40.23
C GLN GC 8 -69.64 35.34 -39.59
N PRO GC 9 -70.27 34.45 -38.82
CA PRO GC 9 -69.50 33.28 -38.34
C PRO GC 9 -69.21 32.26 -39.41
N GLU GC 10 -70.12 32.11 -40.38
CA GLU GC 10 -69.98 31.08 -41.40
C GLU GC 10 -68.81 31.41 -42.32
N GLU GC 11 -68.52 32.70 -42.50
CA GLU GC 11 -67.33 33.10 -43.24
C GLU GC 11 -66.15 33.42 -42.34
N ALA GC 12 -66.35 33.69 -41.05
CA ALA GC 12 -65.29 34.25 -40.19
C ALA GC 12 -64.25 33.19 -39.86
N GLY GC 13 -63.36 32.96 -40.82
CA GLY GC 13 -62.14 32.20 -40.59
C GLY GC 13 -62.27 30.69 -40.57
N LEU GC 14 -62.74 30.15 -39.44
CA LEU GC 14 -63.01 28.74 -39.13
C LEU GC 14 -61.74 27.90 -38.99
N GLN GC 15 -60.59 28.45 -39.33
CA GLN GC 15 -59.32 27.72 -39.36
C GLN GC 15 -58.14 28.58 -38.91
N ILE GC 16 -58.41 29.56 -38.07
CA ILE GC 16 -57.34 30.18 -37.28
C ILE GC 16 -56.84 29.32 -36.12
N PRO GC 17 -57.66 28.41 -35.50
CA PRO GC 17 -57.03 27.32 -34.73
C PRO GC 17 -56.51 26.17 -35.59
N ALA GC 18 -56.41 26.37 -36.91
CA ALA GC 18 -55.69 25.44 -37.78
C ALA GC 18 -54.26 25.94 -37.99
N ILE GC 19 -53.69 26.48 -36.91
CA ILE GC 19 -52.25 26.70 -36.71
C ILE GC 19 -51.56 25.34 -36.53
N LEU GC 20 -52.39 24.30 -36.39
CA LEU GC 20 -52.17 22.86 -36.51
C LEU GC 20 -51.51 22.28 -35.26
N GLY GC 21 -50.91 23.10 -34.41
CA GLY GC 21 -50.52 22.63 -33.10
C GLY GC 21 -49.35 21.65 -33.01
N ILE GC 22 -49.36 20.65 -33.90
CA ILE GC 22 -48.74 19.35 -33.66
C ILE GC 22 -47.47 19.26 -34.50
N LEU GC 23 -46.75 20.39 -34.58
CA LEU GC 23 -45.31 20.34 -34.79
C LEU GC 23 -44.69 19.43 -33.73
N GLY GC 24 -45.22 19.48 -32.51
CA GLY GC 24 -44.74 18.65 -31.42
C GLY GC 24 -43.36 19.02 -30.92
N GLY GC 25 -42.34 18.77 -31.76
CA GLY GC 25 -40.97 19.09 -31.39
C GLY GC 25 -40.10 17.85 -31.32
N ILE GC 26 -39.46 17.65 -30.17
CA ILE GC 26 -38.58 16.51 -29.96
C ILE GC 26 -39.08 15.60 -28.85
N LEU GC 27 -38.57 14.37 -28.81
CA LEU GC 27 -38.97 13.41 -27.80
C LEU GC 27 -38.13 13.59 -26.54
N ALA GC 28 -37.01 12.87 -26.47
CA ALA GC 28 -36.10 12.92 -25.33
C ALA GC 28 -36.82 12.77 -23.99
N LEU GC 29 -37.53 11.66 -23.83
CA LEU GC 29 -38.27 11.39 -22.61
C LEU GC 29 -38.58 9.91 -22.47
N LEU GC 30 -39.00 9.29 -23.58
CA LEU GC 30 -39.33 7.88 -23.59
C LEU GC 30 -38.10 7.02 -23.29
N ILE GC 31 -36.98 7.38 -23.92
CA ILE GC 31 -35.73 6.66 -23.72
C ILE GC 31 -35.03 7.10 -22.44
N LEU GC 32 -35.41 8.26 -21.93
CA LEU GC 32 -34.82 8.80 -20.72
C LEU GC 32 -34.89 7.80 -19.57
N ILE GC 33 -36.07 7.22 -19.37
CA ILE GC 33 -36.27 6.26 -18.32
C ILE GC 33 -35.14 5.26 -18.48
N LEU GC 34 -34.08 5.43 -17.70
CA LEU GC 34 -32.94 4.53 -17.83
C LEU GC 34 -33.28 3.18 -17.24
N LEU GC 35 -33.71 2.27 -18.11
CA LEU GC 35 -33.85 0.87 -17.75
C LEU GC 35 -32.50 0.16 -17.70
N LEU GC 36 -31.47 0.79 -18.25
CA LEU GC 36 -30.12 0.24 -18.23
C LEU GC 36 -29.83 -0.72 -19.38
N LEU GC 37 -30.79 -1.59 -19.68
CA LEU GC 37 -30.62 -2.56 -20.75
C LEU GC 37 -29.23 -3.18 -20.67
N LEU GC 38 -29.05 -4.11 -19.73
CA LEU GC 38 -27.79 -4.81 -19.52
C LEU GC 38 -26.59 -3.87 -19.37
N PHE GC 39 -26.53 -3.18 -18.23
CA PHE GC 39 -25.44 -2.25 -17.94
C PHE GC 39 -24.07 -2.91 -18.12
#